data_3ZIF
#
_entry.id   3ZIF
#
_cell.length_a   1.000
_cell.length_b   1.000
_cell.length_c   1.000
_cell.angle_alpha   90.00
_cell.angle_beta   90.00
_cell.angle_gamma   90.00
#
_symmetry.space_group_name_H-M   'P 1'
#
loop_
_entity.id
_entity.type
_entity.pdbx_description
1 polymer 'HEXON PROTEIN'
2 polymer 'PENTON PROTEIN'
3 polymer PIX
4 polymer PVIII
#
loop_
_entity_poly.entity_id
_entity_poly.type
_entity_poly.pdbx_seq_one_letter_code
_entity_poly.pdbx_strand_id
1 'polypeptide(L)'
;MATPSMLPQWSYMHIAGQDASEYLSPGLVQFAQATESYFNIGNKFRNPTVAPTHDVTTERSQRLQLRFVPVDREDTQYSY
KTRFQLAVGDNRVLDMASTYFDIRGTLDRGASFKPYSGTAYNSFAPKSAPNNTQFRQANNGHPAQTIAQASYVATIGGAN
NDLQMGVDERQLPVYANTTYQPEPQLGIEGWTAGSMAVIDQAGGRVLRNPTQTPCYGSYAKPTNEHGGITKANTQVEKKY
YRTGDNGNPETVFYTEEADVLTPDTHLVHAVPAADRAKVEGLSQHAAPNRPNFIGFRDCFVGLMYYNSGGNLGVLAGQSS
QLNAVVDLQDRNTELSYQMLLANTTDRSRYFSMWNQAMDSYDPEVRVIDNVGVEDEMPNYCFPLSGVQIGNRSHEVQRNQ
QQWQNVANSDNNYIGKGNLPAMEINLAANLWRSFLYSNVALYLPDNLKFTPHNIQLPPNTNTYEYMNGRIPVSGLIDTYV
NIGTRWSPDVMDNVNPFNHHRNSGLRYRSQLLGNGRFCDFHIQVPQKFFAIRNLLLLPGTYTYEWSFRKDVNMILQSTLG
NDLRVDGATVNITSVNLYASFFPMSHNTASTLEAMLRNDTNDQSFNDYLSAANMLYPIPPNATQLPIPSRNWAAFRGWSL
TRLKQRETPALGSPFDPYFTYSGTIPYLDGTFYLSHTFRKVAIQFDSSVTWPGNDRLLTPNEFEIKISVDGEGYNVAQSN
MTKDWFLVQMLANYNIGYQGYHLPPDYKDRTFSFLHNFIPMCRQVPNPATEGYFGLGIVNHRTTPAYWFRFCRAPREGHP
YPQLALPPHWDPRHALRDPERKFLCDRTLWRIPFSSNFMSMGSLTDLGQNLLYANAAHALDMTFEMDPINEPTLLYVLFE
VFDVARVHQPHRGVIEVVYLRTPFSAGNATT
;
A,B,C,D,E,F,G,H,I,J,K,L
2 'polypeptide(L)'
;MLQPELQPIPLSRRRLMRRWWLGPSRRFLFDEIHVPPRYAAASAGRNSIRYSMLPPLYDTTKIYLIDNKSSDIQTLNYQN
DHSDYLTTIVQNSDFTPLEASNHSIELDERSRWGGNLKTILYTNLPNITQHMFSNSFRVKMMASKKDGVPQYEWFPLRLP
EGNFSETMVIDLMNNAIVELYLALGRQEGVKEEDIGVKIDTRNFSLGYDPQTQLVTPGVYTNEAMHADIVLLPGCAIDFT
HSRLNNLLGIRKRFPYQEGFVISYEDLKGGNIPALMDVEEFNKSKTVRALREDPKGRSYHVGEDPEARENETAYRSWYLA
YNYGDPEKGVRATTLLTTGDVTCGVEQIYWSLPDMALDPVTFKASLKTSNYPVVGTELLPLVPRSFYNAQAVYSQWIQEK
TNQTHVFNRFPENQILVRPPAPTITSISENKPSLTDHGIVPLRNRLGGVQRVTLTDARRRSCPYVYKSLGIVTPQVLSSR
TF
;
M
3 'polypeptide(L)'
;MAEEGRIYVPYVTARLPKWSGSVQDKTGSNMLGGVVLPPNSQAHRTETVGTEATRDNLHAEGARRPEDQTPYMILVEDSL
GGLKRRMDLLEESNQQLLATLNRLRTGLAAYVQANLVGGQVNPFV
;
N,O,P,Q
4 'polypeptide(L)'
;MSKEIPTPYVWTFQPQMGAAAGASQDYSTRMNWFSAGPDMIHDVNNIRDAQNRILMTQSAITATPRNLIDPRQWAAHLIK
QPVVGTTHVEMPRNEVLEQHLTSHGAQIAGGGAAGDYFKSPTSARTLIPLTASCLRPDGVFQLGGGSRSSFNPLQTDFAF
HALPSRPRHGGIGSRQFVEEFVPAVYLNPYSGPPDSYPDQFIRHYNVYSNSVSGYS
;
R
#
# COMPACT_ATOMS: atom_id res chain seq x y z
N LEU A 7 -49.67 -68.12 49.36
CA LEU A 7 -49.36 -67.87 50.80
C LEU A 7 -48.29 -66.79 50.95
N PRO A 8 -48.18 -66.18 52.16
CA PRO A 8 -47.21 -65.13 52.45
C PRO A 8 -45.80 -65.40 51.94
N GLN A 9 -45.51 -66.66 51.65
CA GLN A 9 -44.19 -67.03 51.15
C GLN A 9 -44.11 -66.63 49.67
N TRP A 10 -45.19 -66.86 48.93
CA TRP A 10 -45.22 -66.51 47.52
C TRP A 10 -45.55 -65.03 47.36
N SER A 11 -46.57 -64.57 48.08
CA SER A 11 -46.99 -63.18 48.02
C SER A 11 -45.81 -62.22 48.16
N TYR A 12 -44.89 -62.56 49.04
CA TYR A 12 -43.72 -61.71 49.27
C TYR A 12 -42.78 -61.77 48.06
N MET A 13 -42.57 -62.98 47.55
CA MET A 13 -41.70 -63.18 46.39
C MET A 13 -42.43 -62.89 45.08
N HIS A 14 -43.70 -62.49 45.19
CA HIS A 14 -44.51 -62.18 44.04
C HIS A 14 -44.75 -63.36 43.11
N ILE A 15 -44.59 -64.57 43.65
CA ILE A 15 -44.81 -65.78 42.86
C ILE A 15 -46.28 -65.78 42.46
N ALA A 16 -47.09 -65.10 43.26
CA ALA A 16 -48.53 -65.00 43.02
C ALA A 16 -49.09 -63.82 43.80
N GLY A 17 -50.16 -63.22 43.29
CA GLY A 17 -50.75 -62.08 43.95
C GLY A 17 -50.91 -60.88 43.05
N GLN A 18 -50.89 -59.69 43.65
CA GLN A 18 -51.03 -58.44 42.89
C GLN A 18 -49.83 -58.20 41.98
N ASP A 19 -50.01 -57.31 41.01
CA ASP A 19 -48.95 -56.98 40.06
C ASP A 19 -48.18 -55.74 40.50
N ALA A 20 -47.06 -55.48 39.82
CA ALA A 20 -46.23 -54.33 40.13
C ALA A 20 -47.05 -53.06 40.18
N SER A 21 -48.01 -52.93 39.26
CA SER A 21 -48.87 -51.77 39.19
C SER A 21 -49.81 -51.68 40.38
N GLU A 22 -49.61 -52.56 41.37
CA GLU A 22 -50.45 -52.58 42.55
C GLU A 22 -49.65 -52.68 43.84
N TYR A 23 -48.68 -53.60 43.86
CA TYR A 23 -47.87 -53.77 45.07
C TYR A 23 -46.80 -52.70 45.19
N LEU A 24 -46.68 -51.86 44.17
CA LEU A 24 -45.70 -50.78 44.16
C LEU A 24 -46.36 -49.47 44.55
N SER A 25 -45.56 -48.53 45.04
CA SER A 25 -46.08 -47.23 45.44
C SER A 25 -46.57 -46.47 44.21
N PRO A 26 -47.81 -45.95 44.27
CA PRO A 26 -48.41 -45.21 43.17
C PRO A 26 -47.44 -44.27 42.44
N GLY A 27 -46.64 -43.55 43.21
CA GLY A 27 -45.68 -42.64 42.61
C GLY A 27 -44.71 -43.31 41.66
N LEU A 28 -44.05 -44.36 42.14
CA LEU A 28 -43.08 -45.09 41.34
C LEU A 28 -43.71 -45.69 40.09
N VAL A 29 -44.96 -46.10 40.18
CA VAL A 29 -45.66 -46.68 39.05
C VAL A 29 -45.71 -45.74 37.86
N GLN A 30 -46.44 -44.63 38.03
CA GLN A 30 -46.58 -43.64 36.97
C GLN A 30 -45.23 -43.14 36.44
N PHE A 31 -44.25 -43.03 37.33
CA PHE A 31 -42.93 -42.57 36.93
C PHE A 31 -42.38 -43.44 35.80
N ALA A 32 -42.46 -44.75 35.99
CA ALA A 32 -41.98 -45.70 34.99
C ALA A 32 -42.76 -45.52 33.70
N GLN A 33 -44.07 -45.36 33.83
CA GLN A 33 -44.95 -45.19 32.68
C GLN A 33 -44.55 -43.96 31.87
N ALA A 34 -44.13 -42.91 32.56
CA ALA A 34 -43.72 -41.67 31.92
C ALA A 34 -42.34 -41.79 31.26
N THR A 35 -41.42 -42.44 31.97
CA THR A 35 -40.06 -42.62 31.45
C THR A 35 -39.95 -43.85 30.56
N GLU A 36 -41.09 -44.30 30.03
CA GLU A 36 -41.11 -45.46 29.16
C GLU A 36 -40.49 -45.13 27.80
N SER A 37 -39.55 -44.20 27.81
CA SER A 37 -38.88 -43.78 26.58
C SER A 37 -37.37 -43.83 26.76
N TYR A 38 -36.86 -43.03 27.70
CA TYR A 38 -35.43 -42.98 27.98
C TYR A 38 -35.00 -43.98 29.03
N PHE A 39 -35.46 -43.80 30.26
CA PHE A 39 -35.09 -44.71 31.34
C PHE A 39 -36.23 -45.68 31.67
N ASN A 40 -35.96 -46.97 31.48
CA ASN A 40 -36.96 -48.01 31.75
C ASN A 40 -36.67 -48.76 33.04
N ILE A 41 -37.72 -49.02 33.81
CA ILE A 41 -37.59 -49.73 35.08
C ILE A 41 -38.71 -50.75 35.22
N GLY A 42 -39.30 -51.14 34.09
CA GLY A 42 -40.38 -52.09 34.10
C GLY A 42 -39.96 -53.53 34.30
N ASN A 43 -38.73 -53.85 33.90
CA ASN A 43 -38.20 -55.21 34.04
C ASN A 43 -37.69 -55.44 35.46
N LYS A 44 -37.49 -54.35 36.19
CA LYS A 44 -36.98 -54.43 37.55
C LYS A 44 -38.03 -55.00 38.50
N PHE A 45 -39.29 -54.92 38.12
CA PHE A 45 -40.38 -55.43 38.95
C PHE A 45 -41.10 -56.57 38.26
N ARG A 46 -41.20 -57.70 38.95
CA ARG A 46 -41.86 -58.89 38.41
C ARG A 46 -43.36 -58.87 38.61
N ASN A 47 -44.09 -59.38 37.63
CA ASN A 47 -45.54 -59.45 37.68
C ASN A 47 -45.95 -60.93 37.71
N PRO A 48 -46.62 -61.36 38.78
CA PRO A 48 -47.07 -62.75 38.91
C PRO A 48 -48.21 -63.12 37.96
N THR A 49 -48.14 -64.34 37.43
CA THR A 49 -49.16 -64.84 36.51
C THR A 49 -49.67 -66.19 36.99
N VAL A 50 -50.78 -66.18 37.72
CA VAL A 50 -51.35 -67.42 38.24
C VAL A 50 -52.44 -67.95 37.31
N ALA A 51 -52.56 -69.27 37.28
CA ALA A 51 -53.56 -69.93 36.43
C ALA A 51 -54.77 -70.32 37.27
N PRO A 52 -55.95 -70.49 36.64
CA PRO A 52 -57.17 -70.86 37.34
C PRO A 52 -57.12 -72.28 37.93
N THR A 53 -57.77 -72.47 39.07
CA THR A 53 -57.77 -73.77 39.74
C THR A 53 -59.16 -74.36 39.89
N HIS A 54 -60.07 -74.01 38.98
CA HIS A 54 -61.43 -74.51 39.03
C HIS A 54 -62.24 -73.99 37.84
N ASP A 55 -63.21 -74.78 37.40
CA ASP A 55 -64.05 -74.42 36.28
C ASP A 55 -63.27 -74.34 34.98
N VAL A 56 -62.26 -75.19 34.86
CA VAL A 56 -61.42 -75.23 33.67
C VAL A 56 -61.23 -76.67 33.21
N THR A 57 -60.55 -77.47 34.04
CA THR A 57 -60.31 -78.86 33.73
C THR A 57 -61.10 -79.78 34.66
N THR A 58 -61.43 -80.96 34.16
CA THR A 58 -62.19 -81.93 34.94
C THR A 58 -61.25 -82.79 35.80
N GLU A 59 -61.78 -83.30 36.91
CA GLU A 59 -60.99 -84.12 37.82
C GLU A 59 -61.17 -85.61 37.52
N ARG A 60 -62.32 -85.98 37.00
CA ARG A 60 -62.59 -87.39 36.67
C ARG A 60 -61.86 -87.84 35.42
N SER A 61 -61.65 -89.16 35.32
CA SER A 61 -60.97 -89.76 34.18
C SER A 61 -61.67 -89.39 32.88
N GLN A 62 -60.89 -89.25 31.81
CA GLN A 62 -61.43 -88.90 30.49
C GLN A 62 -60.31 -88.76 29.46
N ARG A 63 -60.44 -89.51 28.36
CA ARG A 63 -59.44 -89.47 27.29
C ARG A 63 -59.33 -88.08 26.68
N LEU A 64 -58.17 -87.79 26.10
CA LEU A 64 -57.93 -86.51 25.46
C LEU A 64 -58.26 -86.61 23.98
N GLN A 65 -57.93 -87.76 23.39
CA GLN A 65 -58.21 -88.00 21.98
C GLN A 65 -58.68 -89.43 21.78
N LEU A 66 -59.93 -89.57 21.32
CA LEU A 66 -60.50 -90.89 21.08
C LEU A 66 -60.16 -91.38 19.68
N ARG A 67 -60.41 -92.66 19.45
CA ARG A 67 -60.15 -93.27 18.15
C ARG A 67 -61.37 -94.06 17.74
N PHE A 68 -61.89 -93.82 16.54
CA PHE A 68 -63.08 -94.52 16.06
C PHE A 68 -62.79 -95.45 14.90
N VAL A 69 -63.45 -96.60 14.92
CA VAL A 69 -63.29 -97.60 13.85
C VAL A 69 -64.50 -97.64 12.95
N PRO A 70 -64.29 -97.82 11.63
CA PRO A 70 -65.36 -97.87 10.64
C PRO A 70 -66.44 -98.90 10.98
N VAL A 71 -67.69 -98.43 11.06
CA VAL A 71 -68.80 -99.32 11.37
C VAL A 71 -69.24 -100.00 10.08
N ASP A 72 -68.72 -99.50 8.96
CA ASP A 72 -69.03 -100.04 7.64
C ASP A 72 -68.09 -99.43 6.62
N ARG A 73 -67.53 -100.27 5.75
CA ARG A 73 -66.62 -99.82 4.72
C ARG A 73 -66.79 -100.58 3.41
N GLU A 74 -66.86 -99.82 2.31
CA GLU A 74 -67.04 -100.39 0.99
C GLU A 74 -65.88 -100.02 0.07
N ASP A 75 -65.14 -101.03 -0.38
CA ASP A 75 -64.01 -100.79 -1.27
C ASP A 75 -64.44 -100.95 -2.72
N THR A 76 -64.80 -99.83 -3.34
CA THR A 76 -65.24 -99.83 -4.73
C THR A 76 -64.02 -99.85 -5.65
N GLN A 77 -64.23 -100.22 -6.90
CA GLN A 77 -63.16 -100.30 -7.89
C GLN A 77 -62.35 -99.01 -8.02
N TYR A 78 -63.00 -97.87 -7.81
CA TYR A 78 -62.33 -96.57 -7.92
C TYR A 78 -62.67 -95.60 -6.80
N SER A 79 -63.24 -96.11 -5.73
CA SER A 79 -63.59 -95.27 -4.59
C SER A 79 -63.64 -96.08 -3.30
N TYR A 80 -63.47 -95.42 -2.18
CA TYR A 80 -63.50 -96.07 -0.88
C TYR A 80 -64.36 -95.27 0.08
N LYS A 81 -65.41 -95.91 0.61
CA LYS A 81 -66.32 -95.23 1.52
C LYS A 81 -66.36 -95.91 2.89
N THR A 82 -66.35 -95.09 3.94
CA THR A 82 -66.40 -95.58 5.30
C THR A 82 -67.28 -94.68 6.16
N ARG A 83 -68.05 -95.28 7.06
CA ARG A 83 -68.92 -94.50 7.94
C ARG A 83 -68.55 -94.73 9.40
N PHE A 84 -68.48 -93.65 10.16
CA PHE A 84 -68.14 -93.73 11.58
C PHE A 84 -69.30 -93.19 12.41
N GLN A 85 -69.38 -93.63 13.66
CA GLN A 85 -70.45 -93.16 14.55
C GLN A 85 -69.90 -92.19 15.59
N LEU A 86 -69.26 -91.13 15.11
CA LEU A 86 -68.69 -90.10 15.97
C LEU A 86 -69.61 -89.80 17.15
N ALA A 87 -69.25 -90.28 18.33
CA ALA A 87 -70.05 -90.06 19.52
C ALA A 87 -69.38 -89.08 20.49
N VAL A 88 -70.07 -87.98 20.77
CA VAL A 88 -69.56 -86.98 21.69
C VAL A 88 -70.17 -87.17 23.08
N GLY A 89 -69.39 -87.78 23.98
CA GLY A 89 -69.87 -88.01 25.33
C GLY A 89 -70.48 -86.78 25.95
N ASP A 90 -71.35 -86.98 26.95
CA ASP A 90 -72.00 -85.87 27.62
C ASP A 90 -70.98 -85.00 28.35
N ASN A 91 -71.35 -83.76 28.62
CA ASN A 91 -70.48 -82.82 29.31
C ASN A 91 -69.18 -82.59 28.55
N ARG A 92 -69.20 -82.84 27.24
CA ARG A 92 -68.02 -82.65 26.41
C ARG A 92 -68.36 -81.78 25.20
N VAL A 93 -67.31 -81.29 24.54
CA VAL A 93 -67.48 -80.46 23.35
C VAL A 93 -66.35 -80.78 22.37
N LEU A 94 -66.72 -81.16 21.15
CA LEU A 94 -65.72 -81.51 20.14
C LEU A 94 -65.58 -80.43 19.08
N ASP A 95 -64.34 -80.06 18.79
CA ASP A 95 -64.04 -79.04 17.79
C ASP A 95 -63.52 -79.75 16.54
N MET A 96 -64.41 -79.97 15.58
CA MET A 96 -64.07 -80.64 14.33
C MET A 96 -62.64 -80.41 13.85
N ALA A 97 -62.19 -79.16 13.93
CA ALA A 97 -60.84 -78.82 13.49
C ALA A 97 -59.78 -79.77 14.04
N SER A 98 -60.06 -80.38 15.19
CA SER A 98 -59.12 -81.30 15.81
C SER A 98 -59.29 -82.74 15.34
N THR A 99 -60.19 -82.95 14.39
CA THR A 99 -60.43 -84.29 13.86
C THR A 99 -59.77 -84.47 12.49
N TYR A 100 -59.39 -85.71 12.20
CA TYR A 100 -58.75 -86.02 10.93
C TYR A 100 -58.85 -87.52 10.66
N PHE A 101 -58.63 -87.91 9.40
CA PHE A 101 -58.70 -89.31 9.02
C PHE A 101 -57.33 -89.95 8.92
N ASP A 102 -57.06 -90.92 9.79
CA ASP A 102 -55.78 -91.62 9.79
C ASP A 102 -55.85 -92.74 8.76
N ILE A 103 -55.10 -92.58 7.67
CA ILE A 103 -55.08 -93.58 6.61
C ILE A 103 -53.78 -94.36 6.54
N ARG A 104 -53.90 -95.66 6.29
CA ARG A 104 -52.74 -96.55 6.19
C ARG A 104 -52.92 -97.43 4.96
N GLY A 105 -51.83 -97.70 4.24
CA GLY A 105 -51.92 -98.53 3.06
C GLY A 105 -50.62 -98.69 2.31
N THR A 106 -50.69 -99.34 1.16
CA THR A 106 -49.52 -99.58 0.32
C THR A 106 -49.58 -98.72 -0.94
N LEU A 107 -48.41 -98.25 -1.38
CA LEU A 107 -48.33 -97.41 -2.57
C LEU A 107 -47.29 -97.94 -3.55
N ASP A 108 -47.58 -97.82 -4.85
CA ASP A 108 -46.67 -98.26 -5.88
C ASP A 108 -46.46 -97.14 -6.89
N ARG A 109 -45.41 -96.35 -6.67
CA ARG A 109 -45.08 -95.24 -7.55
C ARG A 109 -44.87 -95.67 -9.00
N GLY A 110 -44.91 -96.97 -9.24
CA GLY A 110 -44.71 -97.47 -10.58
C GLY A 110 -43.25 -97.49 -10.95
N ALA A 111 -42.95 -97.80 -12.22
CA ALA A 111 -41.57 -97.85 -12.68
C ALA A 111 -41.11 -96.48 -13.16
N SER A 112 -42.06 -95.58 -13.37
CA SER A 112 -41.74 -94.23 -13.82
C SER A 112 -41.25 -93.33 -12.69
N PHE A 113 -41.02 -93.92 -11.52
CA PHE A 113 -40.55 -93.15 -10.37
C PHE A 113 -39.04 -93.10 -10.26
N LYS A 114 -38.47 -91.92 -10.47
CA LYS A 114 -37.02 -91.71 -10.39
C LYS A 114 -36.76 -90.43 -9.60
N PRO A 115 -36.72 -90.54 -8.26
CA PRO A 115 -36.48 -89.40 -7.37
C PRO A 115 -35.08 -88.79 -7.37
N TYR A 116 -34.55 -88.50 -8.56
CA TYR A 116 -33.22 -87.90 -8.65
C TYR A 116 -32.72 -87.75 -10.09
N SER A 117 -31.73 -86.88 -10.27
CA SER A 117 -31.15 -86.64 -11.58
C SER A 117 -29.89 -87.48 -11.72
N GLY A 118 -29.38 -87.56 -12.94
CA GLY A 118 -28.18 -88.33 -13.18
C GLY A 118 -28.38 -89.82 -12.97
N THR A 119 -27.32 -90.49 -12.52
CA THR A 119 -27.37 -91.91 -12.27
C THR A 119 -26.70 -92.29 -10.96
N ALA A 120 -26.87 -93.54 -10.56
CA ALA A 120 -26.29 -94.06 -9.34
C ALA A 120 -25.43 -95.26 -9.71
N TYR A 121 -24.87 -95.23 -10.92
CA TYR A 121 -24.04 -96.32 -11.41
C TYR A 121 -22.94 -95.78 -12.33
N ASN A 122 -21.72 -95.74 -11.82
CA ASN A 122 -20.57 -95.26 -12.59
C ASN A 122 -20.84 -93.85 -13.13
N SER A 123 -21.24 -92.95 -12.23
CA SER A 123 -21.54 -91.57 -12.59
C SER A 123 -20.33 -90.79 -13.08
N PHE A 124 -19.13 -91.32 -12.82
CA PHE A 124 -17.91 -90.65 -13.25
C PHE A 124 -17.39 -91.26 -14.55
N ALA A 125 -18.05 -92.32 -14.99
CA ALA A 125 -17.66 -92.99 -16.23
C ALA A 125 -18.14 -92.20 -17.43
N PRO A 126 -17.25 -91.96 -18.40
CA PRO A 126 -17.63 -91.21 -19.60
C PRO A 126 -18.89 -91.80 -20.22
N LYS A 127 -19.83 -90.93 -20.58
CA LYS A 127 -21.09 -91.35 -21.18
C LYS A 127 -20.88 -91.98 -22.55
N SER A 128 -19.64 -92.34 -22.85
CA SER A 128 -19.30 -92.95 -24.13
C SER A 128 -18.44 -94.19 -23.90
N ALA A 129 -17.61 -94.14 -22.85
CA ALA A 129 -16.73 -95.25 -22.52
C ALA A 129 -17.53 -96.50 -22.15
N PRO A 130 -17.33 -97.59 -22.89
CA PRO A 130 -18.01 -98.88 -22.67
C PRO A 130 -17.27 -99.74 -21.66
N ASN A 131 -17.94 -100.77 -21.16
CA ASN A 131 -17.33 -101.70 -20.21
C ASN A 131 -16.48 -102.69 -20.99
N ASN A 132 -16.12 -103.80 -20.36
CA ASN A 132 -15.33 -104.82 -21.02
C ASN A 132 -16.16 -105.58 -22.05
N THR A 133 -16.21 -105.07 -23.27
CA THR A 133 -16.98 -105.73 -24.32
C THR A 133 -16.05 -106.53 -25.24
N GLN A 134 -16.54 -107.69 -25.65
CA GLN A 134 -15.78 -108.56 -26.53
C GLN A 134 -16.53 -108.63 -27.85
N PHE A 135 -16.48 -107.55 -28.62
CA PHE A 135 -17.16 -107.50 -29.91
C PHE A 135 -16.62 -108.51 -30.91
N ARG A 136 -17.01 -108.31 -32.16
CA ARG A 136 -16.60 -109.15 -33.28
C ARG A 136 -16.03 -108.21 -34.34
N GLN A 137 -15.00 -108.68 -35.03
CA GLN A 137 -14.35 -107.88 -36.04
C GLN A 137 -15.12 -107.93 -37.36
N ALA A 138 -15.97 -106.94 -37.59
CA ALA A 138 -16.78 -106.83 -38.81
C ALA A 138 -17.14 -108.14 -39.53
N ASN A 139 -17.24 -109.23 -38.76
CA ASN A 139 -17.59 -110.55 -39.30
C ASN A 139 -16.49 -110.93 -40.32
N ASN A 140 -16.66 -112.08 -40.96
CA ASN A 140 -15.73 -112.63 -41.95
C ASN A 140 -15.37 -113.99 -41.36
N GLY A 141 -14.14 -114.13 -40.89
CA GLY A 141 -13.70 -115.36 -40.27
C GLY A 141 -12.84 -115.00 -39.06
N HIS A 142 -13.29 -113.96 -38.36
CA HIS A 142 -12.61 -113.39 -37.20
C HIS A 142 -13.49 -113.49 -35.95
N PRO A 143 -13.55 -114.67 -35.32
CA PRO A 143 -14.38 -114.82 -34.12
C PRO A 143 -13.89 -114.07 -32.91
N ALA A 144 -14.83 -113.45 -32.20
CA ALA A 144 -14.52 -112.70 -30.99
C ALA A 144 -13.46 -111.62 -31.17
N GLN A 145 -13.22 -110.88 -30.10
CA GLN A 145 -12.26 -109.79 -30.09
C GLN A 145 -12.39 -109.06 -28.76
N THR A 146 -11.30 -108.94 -28.01
CA THR A 146 -11.36 -108.28 -26.71
C THR A 146 -10.80 -106.86 -26.62
N ILE A 147 -11.55 -106.01 -25.94
CA ILE A 147 -11.20 -104.62 -25.71
C ILE A 147 -11.40 -104.40 -24.21
N ALA A 148 -10.31 -104.24 -23.48
CA ALA A 148 -10.42 -104.05 -22.04
C ALA A 148 -9.20 -103.39 -21.40
N GLN A 149 -8.70 -104.01 -20.34
CA GLN A 149 -7.56 -103.50 -19.60
C GLN A 149 -7.24 -104.39 -18.40
N ALA A 150 -5.97 -104.73 -18.24
CA ALA A 150 -5.55 -105.56 -17.13
C ALA A 150 -4.87 -104.68 -16.08
N SER A 151 -5.66 -104.20 -15.12
CA SER A 151 -5.14 -103.35 -14.07
C SER A 151 -5.31 -103.96 -12.68
N TYR A 152 -4.37 -104.83 -12.31
CA TYR A 152 -4.40 -105.47 -11.00
C TYR A 152 -3.06 -105.30 -10.30
N VAL A 153 -3.11 -105.15 -8.97
CA VAL A 153 -1.91 -104.97 -8.16
C VAL A 153 -0.83 -106.00 -8.52
N ALA A 154 0.23 -105.51 -9.16
CA ALA A 154 1.35 -106.34 -9.56
C ALA A 154 0.97 -107.71 -10.13
N THR A 155 1.10 -108.74 -9.27
CA THR A 155 0.83 -110.14 -9.57
C THR A 155 2.12 -110.91 -9.87
N ILE A 156 2.63 -111.61 -8.86
CA ILE A 156 3.87 -112.37 -9.03
C ILE A 156 3.99 -113.02 -10.40
N GLY A 157 3.09 -113.95 -10.69
CA GLY A 157 3.14 -114.62 -11.97
C GLY A 157 1.78 -114.99 -12.55
N GLY A 158 1.78 -115.94 -13.47
CA GLY A 158 0.55 -116.38 -14.09
C GLY A 158 0.73 -117.69 -14.83
N ALA A 159 0.21 -118.76 -14.23
CA ALA A 159 0.31 -120.10 -14.84
C ALA A 159 -1.06 -120.61 -15.28
N ASN A 160 -1.09 -121.86 -15.75
CA ASN A 160 -2.33 -122.51 -16.20
C ASN A 160 -3.46 -122.29 -15.21
N ASN A 161 -3.09 -122.33 -13.93
CA ASN A 161 -4.05 -122.13 -12.85
C ASN A 161 -4.73 -120.79 -13.05
N ASP A 162 -3.94 -119.71 -13.03
CA ASP A 162 -4.45 -118.35 -13.23
C ASP A 162 -3.49 -117.29 -12.69
N LEU A 163 -4.06 -116.14 -12.36
CA LEU A 163 -3.30 -115.00 -11.84
C LEU A 163 -2.89 -115.25 -10.39
N GLN A 164 -1.58 -115.38 -10.16
CA GLN A 164 -1.07 -115.62 -8.81
C GLN A 164 -1.13 -114.35 -7.97
N MET A 165 -1.82 -114.45 -6.83
CA MET A 165 -1.97 -113.32 -5.92
C MET A 165 -0.95 -113.37 -4.78
N GLY A 166 -0.06 -114.35 -4.85
CA GLY A 166 0.95 -114.49 -3.81
C GLY A 166 1.37 -115.94 -3.59
N VAL A 167 1.63 -116.29 -2.34
CA VAL A 167 2.03 -117.65 -2.00
C VAL A 167 1.24 -118.21 -0.83
N ASP A 168 -0.04 -117.87 -0.78
CA ASP A 168 -0.95 -118.33 0.28
C ASP A 168 -0.19 -118.71 1.55
N GLU A 169 0.50 -117.74 2.13
CA GLU A 169 1.30 -117.92 3.34
C GLU A 169 2.18 -119.17 3.31
N ARG A 170 3.47 -118.95 3.11
CA ARG A 170 4.50 -120.00 3.06
C ARG A 170 5.05 -120.27 1.67
N GLN A 171 5.16 -121.55 1.31
CA GLN A 171 5.71 -121.96 0.02
C GLN A 171 4.71 -122.08 -1.14
N LEU A 172 3.53 -122.61 -0.86
CA LEU A 172 2.52 -122.80 -1.90
C LEU A 172 1.95 -121.50 -2.46
N PRO A 173 2.16 -121.26 -3.76
CA PRO A 173 1.68 -120.07 -4.46
C PRO A 173 0.15 -120.02 -4.54
N VAL A 174 -0.43 -118.92 -4.05
CA VAL A 174 -1.88 -118.75 -4.06
C VAL A 174 -2.35 -118.17 -5.40
N TYR A 175 -3.56 -118.55 -5.81
CA TYR A 175 -4.13 -118.07 -7.05
C TYR A 175 -5.46 -117.37 -6.82
N ALA A 176 -5.69 -116.31 -7.59
CA ALA A 176 -6.92 -115.53 -7.50
C ALA A 176 -8.16 -116.39 -7.67
N ASN A 177 -9.17 -116.13 -6.84
CA ASN A 177 -10.42 -116.87 -6.90
C ASN A 177 -11.28 -116.34 -8.05
N THR A 178 -11.35 -117.14 -9.11
CA THR A 178 -12.11 -116.79 -10.30
C THR A 178 -13.40 -116.03 -10.08
N THR A 179 -14.19 -116.48 -9.11
CA THR A 179 -15.50 -115.86 -8.81
C THR A 179 -15.50 -114.36 -8.51
N TYR A 180 -14.35 -113.78 -8.19
CA TYR A 180 -14.33 -112.36 -7.89
C TYR A 180 -12.95 -111.70 -8.03
N GLN A 181 -11.92 -112.52 -8.20
CA GLN A 181 -10.57 -112.00 -8.34
C GLN A 181 -10.05 -112.14 -9.77
N PRO A 182 -9.41 -111.09 -10.31
CA PRO A 182 -9.15 -109.82 -9.62
C PRO A 182 -10.40 -108.94 -9.54
N GLU A 183 -10.40 -108.01 -8.60
CA GLU A 183 -11.53 -107.10 -8.42
C GLU A 183 -11.31 -105.81 -9.19
N PRO A 184 -12.29 -105.40 -10.03
CA PRO A 184 -12.22 -104.18 -10.83
C PRO A 184 -12.10 -102.91 -9.99
N GLN A 185 -11.62 -103.07 -8.76
CA GLN A 185 -11.45 -101.94 -7.85
C GLN A 185 -9.96 -101.78 -7.59
N LEU A 186 -9.28 -102.91 -7.48
CA LEU A 186 -7.85 -102.96 -7.23
C LEU A 186 -7.00 -102.46 -8.40
N GLY A 187 -5.70 -102.32 -8.14
CA GLY A 187 -4.78 -101.85 -9.16
C GLY A 187 -3.53 -101.28 -8.51
N ILE A 188 -2.57 -100.92 -9.34
CA ILE A 188 -1.31 -100.34 -8.86
C ILE A 188 -1.61 -99.08 -8.04
N GLU A 189 -0.71 -98.73 -7.14
CA GLU A 189 -0.91 -97.54 -6.30
C GLU A 189 -0.16 -96.33 -6.84
N GLY A 190 0.93 -96.58 -7.56
CA GLY A 190 1.73 -95.50 -8.11
C GLY A 190 1.30 -94.95 -9.46
N TRP A 191 1.22 -93.63 -9.54
CA TRP A 191 0.85 -92.94 -10.76
C TRP A 191 1.91 -93.20 -11.82
N THR A 192 3.13 -92.74 -11.57
CA THR A 192 4.22 -92.96 -12.52
C THR A 192 4.97 -94.19 -12.07
N ALA A 193 5.14 -94.34 -10.76
CA ALA A 193 5.85 -95.47 -10.19
C ALA A 193 5.21 -96.78 -10.66
N GLY A 194 3.90 -96.76 -10.87
CA GLY A 194 3.20 -97.95 -11.31
C GLY A 194 3.34 -98.22 -12.80
N SER A 195 3.25 -97.17 -13.61
CA SER A 195 3.36 -97.30 -15.06
C SER A 195 4.81 -97.39 -15.53
N MET A 196 5.67 -96.55 -14.94
CA MET A 196 7.08 -96.52 -15.28
C MET A 196 7.79 -97.81 -14.89
N ALA A 197 7.22 -98.51 -13.92
CA ALA A 197 7.77 -99.78 -13.45
C ALA A 197 7.39 -100.90 -14.40
N VAL A 198 6.27 -100.71 -15.09
CA VAL A 198 5.76 -101.69 -16.05
C VAL A 198 5.25 -102.93 -15.32
N ILE A 199 4.17 -103.52 -15.84
CA ILE A 199 3.59 -104.72 -15.24
C ILE A 199 3.80 -105.90 -16.18
N ASP A 200 4.59 -106.87 -15.75
CA ASP A 200 4.86 -108.05 -16.56
C ASP A 200 3.63 -108.97 -16.54
N GLN A 201 3.09 -109.19 -15.35
CA GLN A 201 1.92 -110.03 -15.18
C GLN A 201 0.73 -109.19 -14.75
N ALA A 202 -0.15 -108.88 -15.70
CA ALA A 202 -1.34 -108.08 -15.42
C ALA A 202 -2.59 -108.96 -15.49
N GLY A 203 -3.64 -108.52 -14.80
CA GLY A 203 -4.87 -109.29 -14.80
C GLY A 203 -6.13 -108.44 -14.85
N GLY A 204 -7.16 -108.95 -15.52
CA GLY A 204 -8.41 -108.22 -15.63
C GLY A 204 -9.62 -109.12 -15.71
N ARG A 205 -10.80 -108.52 -15.74
CA ARG A 205 -12.05 -109.26 -15.84
C ARG A 205 -12.84 -108.69 -17.01
N VAL A 206 -13.42 -109.56 -17.84
CA VAL A 206 -14.16 -109.09 -19.00
C VAL A 206 -15.41 -109.89 -19.34
N LEU A 207 -16.40 -109.21 -19.91
CA LEU A 207 -17.65 -109.84 -20.33
C LEU A 207 -17.46 -110.40 -21.72
N ARG A 208 -18.15 -111.50 -22.03
CA ARG A 208 -18.03 -112.11 -23.36
C ARG A 208 -19.37 -112.18 -24.08
N ASN A 209 -19.40 -111.63 -25.29
CA ASN A 209 -20.58 -111.61 -26.17
C ASN A 209 -21.89 -110.99 -25.64
N PRO A 210 -21.81 -110.02 -24.70
CA PRO A 210 -23.08 -109.46 -24.23
C PRO A 210 -23.47 -108.25 -25.08
N THR A 211 -24.70 -107.78 -24.93
CA THR A 211 -25.15 -106.62 -25.71
C THR A 211 -24.53 -105.34 -25.16
N GLN A 212 -23.54 -104.81 -25.88
CA GLN A 212 -22.84 -103.60 -25.49
C GLN A 212 -23.76 -102.51 -24.98
N THR A 213 -23.32 -101.85 -23.91
CA THR A 213 -24.07 -100.76 -23.29
C THR A 213 -23.05 -99.86 -22.63
N PRO A 214 -23.17 -98.55 -22.83
CA PRO A 214 -22.21 -97.60 -22.22
C PRO A 214 -22.03 -97.87 -20.75
N CYS A 215 -20.77 -97.90 -20.30
CA CYS A 215 -20.47 -98.14 -18.89
C CYS A 215 -21.27 -97.22 -17.99
N TYR A 216 -21.70 -96.08 -18.54
CA TYR A 216 -22.47 -95.11 -17.78
C TYR A 216 -23.81 -95.69 -17.36
N GLY A 217 -23.94 -96.01 -16.08
CA GLY A 217 -25.19 -96.56 -15.58
C GLY A 217 -25.32 -98.06 -15.73
N SER A 218 -24.20 -98.74 -15.94
CA SER A 218 -24.22 -100.19 -16.10
C SER A 218 -24.34 -100.85 -14.73
N TYR A 219 -25.29 -101.77 -14.61
CA TYR A 219 -25.52 -102.47 -13.35
C TYR A 219 -25.89 -103.93 -13.57
N ALA A 220 -25.57 -104.77 -12.60
CA ALA A 220 -25.87 -106.19 -12.66
C ALA A 220 -26.15 -106.67 -11.25
N LYS A 221 -26.71 -107.87 -11.13
CA LYS A 221 -27.03 -108.42 -9.81
C LYS A 221 -25.97 -109.41 -9.33
N PRO A 222 -25.66 -109.38 -8.02
CA PRO A 222 -24.66 -110.26 -7.40
C PRO A 222 -25.10 -111.72 -7.37
N THR A 223 -24.13 -112.62 -7.22
CA THR A 223 -24.41 -114.05 -7.19
C THR A 223 -23.63 -114.79 -6.11
N ASN A 224 -22.71 -114.10 -5.44
CA ASN A 224 -21.92 -114.72 -4.39
C ASN A 224 -21.59 -113.78 -3.23
N GLU A 225 -21.00 -114.35 -2.20
CA GLU A 225 -20.59 -113.60 -1.02
C GLU A 225 -19.45 -112.69 -1.45
N HIS A 226 -18.86 -113.06 -2.59
CA HIS A 226 -17.75 -112.32 -3.16
C HIS A 226 -18.28 -111.17 -4.01
N GLY A 227 -19.60 -111.10 -4.12
CA GLY A 227 -20.21 -110.04 -4.91
C GLY A 227 -20.30 -110.39 -6.38
N GLY A 228 -19.19 -110.87 -6.94
CA GLY A 228 -19.12 -111.24 -8.34
C GLY A 228 -20.43 -111.52 -9.04
N ILE A 229 -20.56 -111.02 -10.26
CA ILE A 229 -21.75 -111.23 -11.06
C ILE A 229 -21.47 -112.29 -12.12
N THR A 230 -21.16 -113.49 -11.65
CA THR A 230 -20.86 -114.61 -12.52
C THR A 230 -22.06 -115.05 -13.35
N LYS A 231 -23.25 -114.81 -12.83
CA LYS A 231 -24.49 -115.18 -13.52
C LYS A 231 -24.81 -116.67 -13.47
N ALA A 232 -25.92 -117.04 -14.08
CA ALA A 232 -26.38 -118.43 -14.12
C ALA A 232 -25.37 -119.35 -14.80
N ASN A 233 -24.90 -118.95 -15.98
CA ASN A 233 -23.93 -119.76 -16.72
C ASN A 233 -22.67 -119.99 -15.89
N THR A 234 -22.46 -121.24 -15.52
CA THR A 234 -21.31 -121.62 -14.72
C THR A 234 -19.97 -121.43 -15.42
N GLN A 235 -19.98 -121.41 -16.75
CA GLN A 235 -18.75 -121.25 -17.50
C GLN A 235 -17.98 -119.96 -17.27
N VAL A 236 -16.67 -120.11 -17.10
CA VAL A 236 -15.74 -119.01 -16.88
C VAL A 236 -14.47 -119.40 -17.62
N GLU A 237 -13.95 -118.51 -18.47
CA GLU A 237 -12.76 -118.83 -19.23
C GLU A 237 -11.57 -117.89 -18.98
N LYS A 238 -10.46 -118.47 -18.51
CA LYS A 238 -9.25 -117.72 -18.25
C LYS A 238 -8.47 -117.60 -19.55
N LYS A 239 -8.71 -116.53 -20.30
CA LYS A 239 -8.05 -116.31 -21.58
C LYS A 239 -6.67 -115.69 -21.41
N TYR A 240 -5.65 -116.41 -21.86
CA TYR A 240 -4.26 -115.96 -21.76
C TYR A 240 -3.82 -115.21 -23.01
N TYR A 241 -3.35 -113.99 -22.84
CA TYR A 241 -2.90 -113.17 -23.96
C TYR A 241 -1.40 -112.89 -23.92
N ARG A 242 -0.81 -112.69 -25.09
CA ARG A 242 0.61 -112.39 -25.20
C ARG A 242 0.76 -111.03 -25.87
N THR A 243 1.95 -110.76 -26.41
CA THR A 243 2.21 -109.50 -27.08
C THR A 243 2.36 -109.72 -28.58
N GLY A 244 2.56 -110.98 -28.97
CA GLY A 244 2.71 -111.32 -30.36
C GLY A 244 3.98 -112.09 -30.69
N ASP A 245 4.98 -111.97 -29.83
CA ASP A 245 6.26 -112.65 -30.06
C ASP A 245 6.81 -113.27 -28.79
N ASN A 246 6.25 -112.88 -27.65
CA ASN A 246 6.69 -113.41 -26.37
C ASN A 246 5.83 -114.63 -26.04
N GLY A 247 6.37 -115.54 -25.23
CA GLY A 247 5.63 -116.72 -24.87
C GLY A 247 5.34 -116.72 -23.39
N ASN A 248 4.41 -115.87 -22.98
CA ASN A 248 4.08 -115.78 -21.56
C ASN A 248 2.80 -114.96 -21.39
N PRO A 249 1.97 -115.30 -20.40
CA PRO A 249 0.73 -114.56 -20.16
C PRO A 249 0.96 -113.22 -19.50
N GLU A 250 1.12 -112.18 -20.31
CA GLU A 250 1.35 -110.83 -19.81
C GLU A 250 0.05 -110.27 -19.23
N THR A 251 -1.07 -110.82 -19.66
CA THR A 251 -2.38 -110.37 -19.18
C THR A 251 -3.42 -111.50 -19.17
N VAL A 252 -3.90 -111.83 -17.97
CA VAL A 252 -4.90 -112.87 -17.82
C VAL A 252 -6.30 -112.27 -17.64
N PHE A 253 -7.28 -112.80 -18.37
CA PHE A 253 -8.64 -112.31 -18.27
C PHE A 253 -9.63 -113.39 -17.90
N TYR A 254 -10.54 -113.06 -16.98
CA TYR A 254 -11.56 -114.00 -16.53
C TYR A 254 -12.90 -113.59 -17.13
N THR A 255 -13.17 -114.08 -18.33
CA THR A 255 -14.43 -113.75 -19.02
C THR A 255 -15.63 -114.31 -18.28
N GLU A 256 -16.76 -113.60 -18.35
CA GLU A 256 -17.98 -114.02 -17.69
C GLU A 256 -19.18 -113.28 -18.25
N GLU A 257 -20.37 -113.82 -17.99
CA GLU A 257 -21.60 -113.20 -18.46
C GLU A 257 -22.28 -112.55 -17.27
N ALA A 258 -22.88 -111.39 -17.48
CA ALA A 258 -23.54 -110.68 -16.40
C ALA A 258 -24.99 -110.33 -16.72
N ASP A 259 -25.80 -110.13 -15.69
CA ASP A 259 -27.20 -109.78 -15.84
C ASP A 259 -27.25 -108.26 -16.06
N VAL A 260 -26.34 -107.77 -16.91
CA VAL A 260 -26.25 -106.35 -17.21
C VAL A 260 -27.57 -105.73 -17.67
N LEU A 261 -27.89 -104.56 -17.12
CA LEU A 261 -29.11 -103.84 -17.46
C LEU A 261 -28.87 -102.35 -17.21
N THR A 262 -29.91 -101.55 -17.39
CA THR A 262 -29.79 -100.11 -17.18
C THR A 262 -31.14 -99.52 -16.73
N PRO A 263 -31.24 -99.13 -15.45
CA PRO A 263 -32.47 -98.56 -14.90
C PRO A 263 -32.63 -97.05 -15.11
N ASP A 264 -31.68 -96.28 -14.59
CA ASP A 264 -31.73 -94.83 -14.71
C ASP A 264 -31.01 -94.28 -15.94
N THR A 265 -30.89 -95.10 -16.97
CA THR A 265 -30.21 -94.66 -18.19
C THR A 265 -30.79 -95.27 -19.46
N HIS A 266 -30.70 -94.53 -20.56
CA HIS A 266 -31.19 -94.97 -21.86
C HIS A 266 -30.17 -94.61 -22.92
N LEU A 267 -30.34 -95.14 -24.13
CA LEU A 267 -29.41 -94.86 -25.21
C LEU A 267 -29.69 -93.52 -25.87
N VAL A 268 -28.75 -92.59 -25.74
CA VAL A 268 -28.89 -91.26 -26.32
C VAL A 268 -28.48 -91.32 -27.80
N HIS A 269 -27.50 -92.19 -28.08
CA HIS A 269 -27.01 -92.35 -29.44
C HIS A 269 -26.80 -93.81 -29.78
N ALA A 270 -27.73 -94.38 -30.55
CA ALA A 270 -27.64 -95.78 -30.96
C ALA A 270 -27.17 -95.82 -32.40
N VAL A 271 -25.90 -96.17 -32.59
CA VAL A 271 -25.33 -96.23 -33.93
C VAL A 271 -26.01 -97.26 -34.84
N PRO A 272 -25.92 -98.56 -34.50
CA PRO A 272 -26.59 -99.48 -35.42
C PRO A 272 -27.80 -100.22 -34.84
N ALA A 273 -28.84 -100.36 -35.66
CA ALA A 273 -30.04 -101.08 -35.26
C ALA A 273 -29.73 -102.51 -35.71
N ALA A 274 -29.55 -103.41 -34.75
CA ALA A 274 -29.19 -104.80 -35.05
C ALA A 274 -27.72 -104.74 -35.47
N ASP A 275 -27.02 -105.87 -35.40
CA ASP A 275 -25.59 -105.87 -35.77
C ASP A 275 -24.92 -104.92 -34.79
N ARG A 276 -25.65 -104.64 -33.71
CA ARG A 276 -25.22 -103.73 -32.64
C ARG A 276 -23.94 -104.18 -31.93
N ALA A 277 -23.91 -105.44 -31.51
CA ALA A 277 -22.77 -105.99 -30.79
C ALA A 277 -21.45 -105.97 -31.56
N LYS A 278 -21.41 -105.30 -32.70
CA LYS A 278 -20.18 -105.23 -33.48
C LYS A 278 -19.37 -104.00 -33.11
N VAL A 279 -18.13 -103.93 -33.58
CA VAL A 279 -17.23 -102.82 -33.29
C VAL A 279 -17.86 -101.44 -33.40
N GLU A 280 -18.67 -101.24 -34.44
CA GLU A 280 -19.33 -99.96 -34.67
C GLU A 280 -20.42 -99.68 -33.64
N GLY A 281 -20.73 -100.67 -32.82
CA GLY A 281 -21.77 -100.52 -31.81
C GLY A 281 -21.32 -99.84 -30.53
N LEU A 282 -20.10 -100.16 -30.08
CA LEU A 282 -19.57 -99.58 -28.86
C LEU A 282 -19.62 -98.05 -28.89
N SER A 283 -19.85 -97.51 -30.08
CA SER A 283 -19.93 -96.06 -30.26
C SER A 283 -21.16 -95.46 -29.60
N GLN A 284 -22.07 -96.32 -29.15
CA GLN A 284 -23.30 -95.88 -28.51
C GLN A 284 -23.04 -95.14 -27.20
N HIS A 285 -23.83 -94.09 -26.95
CA HIS A 285 -23.69 -93.32 -25.73
C HIS A 285 -24.94 -93.44 -24.86
N ALA A 286 -24.81 -93.07 -23.60
CA ALA A 286 -25.92 -93.16 -22.66
C ALA A 286 -26.21 -91.81 -22.00
N ALA A 287 -27.39 -91.70 -21.43
CA ALA A 287 -27.82 -90.48 -20.75
C ALA A 287 -28.81 -90.83 -19.65
N PRO A 288 -28.73 -90.12 -18.51
CA PRO A 288 -29.63 -90.38 -17.38
C PRO A 288 -31.08 -90.04 -17.71
N ASN A 289 -32.01 -90.83 -17.19
CA ASN A 289 -33.43 -90.60 -17.43
C ASN A 289 -33.90 -89.38 -16.65
N ARG A 290 -34.84 -88.64 -17.23
CA ARG A 290 -35.37 -87.44 -16.58
C ARG A 290 -35.90 -87.74 -15.19
N PRO A 291 -35.58 -86.88 -14.21
CA PRO A 291 -36.03 -87.06 -12.83
C PRO A 291 -37.54 -86.88 -12.73
N ASN A 292 -38.21 -87.85 -12.10
CA ASN A 292 -39.65 -87.79 -11.94
C ASN A 292 -40.08 -88.11 -10.52
N PHE A 293 -40.43 -87.07 -9.76
CA PHE A 293 -40.88 -87.24 -8.39
C PHE A 293 -42.37 -87.57 -8.34
N ILE A 294 -42.74 -88.48 -7.44
CA ILE A 294 -44.14 -88.88 -7.30
C ILE A 294 -44.53 -88.95 -5.83
N GLY A 295 -45.72 -88.45 -5.51
CA GLY A 295 -46.18 -88.46 -4.14
C GLY A 295 -47.56 -87.83 -4.00
N PHE A 296 -48.04 -87.73 -2.76
CA PHE A 296 -49.35 -87.15 -2.49
C PHE A 296 -49.32 -85.64 -2.70
N ARG A 297 -50.37 -85.13 -3.33
CA ARG A 297 -50.46 -83.69 -3.60
C ARG A 297 -50.38 -82.86 -2.33
N ASP A 298 -50.36 -81.54 -2.50
CA ASP A 298 -50.28 -80.62 -1.37
C ASP A 298 -51.57 -80.69 -0.56
N CYS A 299 -51.43 -80.83 0.75
CA CYS A 299 -52.59 -80.91 1.63
C CYS A 299 -53.50 -82.08 1.25
N PHE A 300 -52.92 -83.07 0.58
CA PHE A 300 -53.66 -84.25 0.14
C PHE A 300 -54.90 -83.88 -0.66
N VAL A 301 -54.81 -82.81 -1.45
CA VAL A 301 -55.93 -82.37 -2.25
C VAL A 301 -56.32 -83.44 -3.27
N GLY A 302 -57.60 -83.81 -3.29
CA GLY A 302 -58.06 -84.82 -4.22
C GLY A 302 -58.16 -86.21 -3.63
N LEU A 303 -57.54 -86.41 -2.47
CA LEU A 303 -57.58 -87.72 -1.83
C LEU A 303 -58.95 -87.93 -1.22
N MET A 304 -59.69 -86.83 -1.06
CA MET A 304 -61.03 -86.89 -0.49
C MET A 304 -62.03 -86.17 -1.38
N TYR A 305 -63.19 -86.79 -1.58
CA TYR A 305 -64.23 -86.23 -2.43
C TYR A 305 -64.81 -84.91 -1.91
N TYR A 306 -64.92 -83.94 -2.82
CA TYR A 306 -65.47 -82.62 -2.50
C TYR A 306 -66.20 -82.08 -3.71
N ASN A 307 -67.28 -81.35 -3.46
CA ASN A 307 -68.07 -80.74 -4.54
C ASN A 307 -68.52 -81.78 -5.56
N SER A 308 -68.93 -82.95 -5.08
CA SER A 308 -69.39 -84.02 -5.95
C SER A 308 -70.64 -84.67 -5.38
N GLY A 309 -71.80 -84.34 -5.94
CA GLY A 309 -73.04 -84.91 -5.46
C GLY A 309 -73.05 -86.42 -5.54
N GLY A 310 -72.16 -86.97 -6.35
CA GLY A 310 -72.08 -88.41 -6.51
C GLY A 310 -71.56 -89.10 -5.26
N ASN A 311 -70.65 -88.43 -4.56
CA ASN A 311 -70.06 -88.98 -3.34
C ASN A 311 -70.05 -87.95 -2.22
N LEU A 312 -71.19 -87.29 -2.01
CA LEU A 312 -71.31 -86.27 -0.97
C LEU A 312 -71.17 -86.87 0.42
N GLY A 313 -70.35 -86.25 1.25
CA GLY A 313 -70.13 -86.72 2.61
C GLY A 313 -71.32 -86.52 3.53
N VAL A 314 -71.45 -87.42 4.51
CA VAL A 314 -72.57 -87.34 5.45
C VAL A 314 -72.13 -87.04 6.88
N LEU A 315 -72.92 -86.22 7.57
CA LEU A 315 -72.65 -85.86 8.96
C LEU A 315 -73.93 -85.38 9.63
N ALA A 316 -74.74 -86.34 10.09
CA ALA A 316 -76.00 -86.01 10.75
C ALA A 316 -76.21 -86.85 12.00
N GLY A 317 -77.05 -86.37 12.90
CA GLY A 317 -77.32 -87.11 14.12
C GLY A 317 -78.17 -88.33 13.82
N GLN A 318 -77.85 -89.46 14.46
CA GLN A 318 -78.60 -90.69 14.24
C GLN A 318 -80.10 -90.48 14.42
N SER A 319 -80.47 -89.64 15.37
CA SER A 319 -81.88 -89.36 15.63
C SER A 319 -82.47 -88.45 14.57
N SER A 320 -81.67 -87.47 14.12
CA SER A 320 -82.12 -86.52 13.11
C SER A 320 -82.20 -87.17 11.73
N GLN A 321 -81.15 -87.90 11.37
CA GLN A 321 -81.08 -88.58 10.07
C GLN A 321 -81.00 -87.61 8.91
N LEU A 322 -81.08 -86.32 9.21
CA LEU A 322 -81.02 -85.28 8.19
C LEU A 322 -79.59 -84.79 8.01
N ASN A 323 -78.97 -85.19 6.89
CA ASN A 323 -77.60 -84.81 6.59
C ASN A 323 -77.40 -83.29 6.67
N ALA A 324 -76.38 -82.88 7.42
CA ALA A 324 -76.08 -81.47 7.59
C ALA A 324 -75.08 -80.97 6.56
N VAL A 325 -74.60 -81.87 5.71
CA VAL A 325 -73.63 -81.51 4.68
C VAL A 325 -74.28 -81.41 3.31
N VAL A 326 -74.50 -80.19 2.85
CA VAL A 326 -75.11 -79.95 1.54
C VAL A 326 -74.06 -79.34 0.61
N ASP A 327 -73.49 -80.15 -0.27
CA ASP A 327 -72.47 -79.67 -1.19
C ASP A 327 -73.02 -79.46 -2.60
N LEU A 328 -72.33 -78.63 -3.37
CA LEU A 328 -72.72 -78.33 -4.74
C LEU A 328 -71.48 -78.36 -5.62
N GLN A 329 -71.56 -79.05 -6.75
CA GLN A 329 -70.41 -79.15 -7.66
C GLN A 329 -70.05 -77.80 -8.26
N ASP A 330 -70.73 -76.75 -7.79
CA ASP A 330 -70.49 -75.40 -8.26
C ASP A 330 -69.42 -74.75 -7.38
N ARG A 331 -69.36 -75.20 -6.13
CA ARG A 331 -68.38 -74.69 -5.16
C ARG A 331 -67.04 -75.40 -5.36
N ASN A 332 -65.98 -74.83 -4.81
CA ASN A 332 -64.64 -75.42 -4.93
C ASN A 332 -63.95 -75.37 -3.57
N THR A 333 -64.12 -76.42 -2.79
CA THR A 333 -63.51 -76.49 -1.47
C THR A 333 -61.99 -76.53 -1.54
N GLU A 334 -61.46 -77.41 -2.37
CA GLU A 334 -60.01 -77.56 -2.52
C GLU A 334 -59.28 -76.22 -2.62
N LEU A 335 -59.54 -75.48 -3.69
CA LEU A 335 -58.90 -74.19 -3.90
C LEU A 335 -59.16 -73.26 -2.71
N SER A 336 -60.41 -73.26 -2.24
CA SER A 336 -60.78 -72.42 -1.11
C SER A 336 -59.84 -72.63 0.07
N TYR A 337 -59.60 -73.89 0.40
CA TYR A 337 -58.71 -74.23 1.51
C TYR A 337 -57.32 -73.64 1.29
N GLN A 338 -56.79 -73.84 0.08
CA GLN A 338 -55.47 -73.32 -0.27
C GLN A 338 -55.34 -71.85 0.11
N MET A 339 -56.10 -71.01 -0.59
CA MET A 339 -56.07 -69.58 -0.35
C MET A 339 -56.21 -69.23 1.13
N LEU A 340 -57.05 -69.98 1.84
CA LEU A 340 -57.27 -69.74 3.26
C LEU A 340 -55.96 -69.81 4.05
N LEU A 341 -55.15 -70.83 3.79
CA LEU A 341 -53.89 -71.00 4.49
C LEU A 341 -52.91 -69.87 4.20
N ALA A 342 -52.86 -69.45 2.94
CA ALA A 342 -51.96 -68.40 2.52
C ALA A 342 -52.34 -67.03 3.10
N ASN A 343 -53.43 -66.98 3.85
CA ASN A 343 -53.87 -65.73 4.43
C ASN A 343 -53.74 -65.71 5.95
N THR A 344 -53.63 -66.89 6.56
CA THR A 344 -53.52 -66.99 8.01
C THR A 344 -52.11 -67.37 8.47
N THR A 345 -51.34 -67.99 7.58
CA THR A 345 -49.99 -68.40 7.92
C THR A 345 -49.01 -68.19 6.78
N ASP A 346 -47.73 -68.45 7.05
CA ASP A 346 -46.69 -68.30 6.04
C ASP A 346 -46.63 -69.58 5.21
N ARG A 347 -47.20 -69.51 4.01
CA ARG A 347 -47.25 -70.66 3.11
C ARG A 347 -45.89 -71.06 2.53
N SER A 348 -44.81 -70.78 3.25
CA SER A 348 -43.48 -71.12 2.78
C SER A 348 -42.88 -72.27 3.60
N ARG A 349 -43.30 -72.37 4.86
CA ARG A 349 -42.80 -73.44 5.73
C ARG A 349 -43.47 -74.76 5.38
N TYR A 350 -42.96 -75.85 5.95
CA TYR A 350 -43.50 -77.18 5.70
C TYR A 350 -44.02 -77.82 6.98
N PHE A 351 -45.01 -78.69 6.84
CA PHE A 351 -45.60 -79.36 7.99
C PHE A 351 -46.05 -80.76 7.58
N SER A 352 -45.13 -81.72 7.72
CA SER A 352 -45.37 -83.12 7.35
C SER A 352 -46.77 -83.65 7.64
N MET A 353 -47.23 -83.47 8.88
CA MET A 353 -48.56 -83.95 9.27
C MET A 353 -49.61 -83.78 8.19
N TRP A 354 -49.77 -82.55 7.71
CA TRP A 354 -50.76 -82.27 6.67
C TRP A 354 -50.16 -82.36 5.28
N ASN A 355 -48.91 -82.80 5.21
CA ASN A 355 -48.22 -82.91 3.93
C ASN A 355 -48.29 -81.54 3.27
N GLN A 356 -48.47 -80.53 4.10
CA GLN A 356 -48.59 -79.14 3.66
C GLN A 356 -47.25 -78.62 3.16
N ALA A 357 -47.08 -78.64 1.85
CA ALA A 357 -45.84 -78.16 1.22
C ALA A 357 -46.16 -77.56 -0.14
N MET A 358 -46.82 -76.41 -0.13
CA MET A 358 -47.21 -75.71 -1.35
C MET A 358 -46.20 -75.87 -2.49
N ASP A 359 -46.73 -75.99 -3.70
CA ASP A 359 -45.89 -76.15 -4.88
C ASP A 359 -45.30 -74.81 -5.28
N SER A 360 -44.08 -74.85 -5.82
CA SER A 360 -43.40 -73.64 -6.25
C SER A 360 -42.35 -74.00 -7.28
N TYR A 361 -41.72 -72.99 -7.87
CA TYR A 361 -40.70 -73.22 -8.88
C TYR A 361 -39.48 -72.35 -8.62
N ASP A 362 -38.35 -72.73 -9.20
CA ASP A 362 -37.11 -71.99 -9.02
C ASP A 362 -37.17 -70.72 -9.88
N PRO A 363 -37.19 -69.54 -9.24
CA PRO A 363 -37.25 -68.24 -9.91
C PRO A 363 -36.32 -68.12 -11.12
N GLU A 364 -35.12 -68.67 -11.00
CA GLU A 364 -34.14 -68.61 -12.08
C GLU A 364 -34.52 -69.48 -13.28
N VAL A 365 -35.43 -70.42 -13.05
CA VAL A 365 -35.89 -71.32 -14.10
C VAL A 365 -37.03 -70.67 -14.88
N ARG A 366 -37.99 -70.13 -14.13
CA ARG A 366 -39.15 -69.48 -14.75
C ARG A 366 -38.68 -68.32 -15.62
N VAL A 367 -37.87 -67.44 -15.05
CA VAL A 367 -37.35 -66.28 -15.78
C VAL A 367 -35.82 -66.32 -15.83
N ILE A 368 -35.31 -66.70 -17.00
CA ILE A 368 -33.86 -66.78 -17.20
C ILE A 368 -33.18 -65.42 -17.06
N ASP A 369 -32.19 -65.35 -16.19
CA ASP A 369 -31.44 -64.12 -15.97
C ASP A 369 -30.02 -64.34 -16.45
N ASN A 370 -29.86 -64.54 -17.75
CA ASN A 370 -28.54 -64.77 -18.33
C ASN A 370 -27.64 -63.55 -18.13
N VAL A 371 -26.90 -63.56 -17.03
CA VAL A 371 -26.00 -62.46 -16.72
C VAL A 371 -24.61 -62.75 -17.28
N GLY A 372 -24.48 -63.91 -17.95
CA GLY A 372 -23.21 -64.29 -18.52
C GLY A 372 -22.47 -65.29 -17.66
N VAL A 373 -21.16 -65.36 -17.84
CA VAL A 373 -20.34 -66.29 -17.08
C VAL A 373 -18.99 -65.68 -16.71
N GLU A 374 -18.56 -65.84 -15.47
CA GLU A 374 -17.30 -65.30 -15.01
C GLU A 374 -16.18 -66.30 -15.27
N ASP A 375 -15.63 -66.26 -16.48
CA ASP A 375 -14.56 -67.18 -16.87
C ASP A 375 -13.32 -66.45 -17.35
N GLU A 376 -13.03 -65.28 -16.77
CA GLU A 376 -11.86 -64.51 -17.16
C GLU A 376 -10.59 -65.34 -17.07
N MET A 377 -10.56 -66.26 -16.11
CA MET A 377 -9.41 -67.12 -15.90
C MET A 377 -9.59 -68.47 -16.57
N PRO A 378 -8.55 -68.95 -17.28
CA PRO A 378 -8.63 -70.24 -17.95
C PRO A 378 -8.37 -71.37 -16.95
N ASN A 379 -9.06 -72.49 -17.11
CA ASN A 379 -8.90 -73.63 -16.22
C ASN A 379 -8.14 -74.74 -16.93
N TYR A 380 -7.16 -75.33 -16.24
CA TYR A 380 -6.36 -76.39 -16.84
C TYR A 380 -6.27 -77.64 -15.97
N CYS A 381 -6.14 -78.78 -16.64
CA CYS A 381 -6.00 -80.08 -15.99
C CYS A 381 -4.63 -80.62 -16.36
N PHE A 382 -3.80 -80.87 -15.37
CA PHE A 382 -2.45 -81.37 -15.60
C PHE A 382 -2.27 -82.85 -15.28
N PRO A 383 -1.38 -83.54 -16.00
CA PRO A 383 -1.12 -84.96 -15.78
C PRO A 383 -0.81 -85.26 -14.32
N LEU A 384 -1.10 -86.49 -13.90
CA LEU A 384 -0.86 -86.91 -12.53
C LEU A 384 0.64 -86.93 -12.22
N SER A 385 1.44 -86.55 -13.20
CA SER A 385 2.89 -86.53 -13.04
C SER A 385 3.42 -85.11 -12.87
N GLY A 386 2.79 -84.17 -13.55
CA GLY A 386 3.23 -82.78 -13.48
C GLY A 386 4.21 -82.54 -14.61
N VAL A 387 4.29 -83.50 -15.52
CA VAL A 387 5.17 -83.43 -16.68
C VAL A 387 5.26 -84.81 -17.32
N GLN A 388 4.88 -84.88 -18.60
CA GLN A 388 4.90 -86.14 -19.33
C GLN A 388 6.29 -86.70 -19.57
N ILE A 389 6.46 -87.98 -19.25
CA ILE A 389 7.75 -88.66 -19.43
C ILE A 389 7.82 -89.38 -20.77
N GLY A 390 8.89 -89.12 -21.51
CA GLY A 390 9.04 -89.75 -22.82
C GLY A 390 10.47 -89.80 -23.31
N ASN A 391 11.31 -88.88 -22.83
CA ASN A 391 12.71 -88.83 -23.23
C ASN A 391 13.62 -88.73 -22.00
N ARG A 392 14.86 -89.18 -22.16
CA ARG A 392 15.84 -89.14 -21.09
C ARG A 392 16.98 -88.18 -21.43
N SER A 393 17.47 -87.48 -20.42
CA SER A 393 18.56 -86.52 -20.59
C SER A 393 19.92 -87.20 -20.44
N HIS A 394 20.91 -86.46 -19.96
CA HIS A 394 22.27 -86.96 -19.77
C HIS A 394 23.23 -85.83 -19.38
N GLU A 395 23.47 -85.66 -18.09
CA GLU A 395 24.37 -84.62 -17.61
C GLU A 395 25.80 -84.92 -18.06
N VAL A 396 26.27 -84.14 -19.04
CA VAL A 396 27.59 -84.33 -19.62
C VAL A 396 28.52 -83.12 -19.45
N GLN A 397 29.82 -83.39 -19.31
CA GLN A 397 30.81 -82.34 -19.13
C GLN A 397 31.41 -81.88 -20.45
N ARG A 398 31.70 -80.58 -20.52
CA ARG A 398 32.27 -79.98 -21.72
C ARG A 398 33.79 -80.03 -21.64
N ASN A 399 34.43 -79.36 -22.59
CA ASN A 399 35.88 -79.26 -22.66
C ASN A 399 36.56 -80.61 -22.89
N GLN A 400 37.72 -80.55 -23.55
CA GLN A 400 38.51 -81.74 -23.88
C GLN A 400 37.94 -82.41 -25.12
N GLN A 401 36.66 -82.13 -25.37
CA GLN A 401 35.96 -82.70 -26.50
C GLN A 401 34.75 -81.87 -26.91
N GLN A 402 33.69 -82.56 -27.31
CA GLN A 402 32.44 -81.96 -27.73
C GLN A 402 31.47 -81.98 -26.54
N TRP A 403 31.79 -82.85 -25.57
CA TRP A 403 31.01 -83.04 -24.35
C TRP A 403 30.98 -84.54 -24.01
N GLN A 404 31.74 -84.93 -22.99
CA GLN A 404 31.84 -86.33 -22.57
C GLN A 404 30.76 -86.80 -21.62
N ASN A 405 30.26 -88.01 -21.89
CA ASN A 405 29.23 -88.63 -21.08
C ASN A 405 29.54 -88.51 -19.58
N VAL A 406 28.54 -88.83 -18.76
CA VAL A 406 28.71 -88.76 -17.33
C VAL A 406 29.00 -90.13 -16.75
N ALA A 407 28.36 -91.15 -17.32
CA ALA A 407 28.52 -92.53 -16.89
C ALA A 407 27.78 -92.80 -15.58
N ASN A 408 27.71 -91.79 -14.71
CA ASN A 408 27.04 -91.91 -13.42
C ASN A 408 25.54 -92.13 -13.60
N SER A 409 25.15 -93.38 -13.89
CA SER A 409 23.75 -93.71 -14.09
C SER A 409 23.21 -92.91 -15.27
N ASP A 410 22.19 -93.45 -15.93
CA ASP A 410 21.61 -92.77 -17.08
C ASP A 410 20.11 -92.92 -17.14
N ASN A 411 19.51 -92.30 -18.14
CA ASN A 411 18.07 -92.36 -18.34
C ASN A 411 17.26 -91.58 -17.32
N ASN A 412 17.18 -90.27 -17.52
CA ASN A 412 16.42 -89.39 -16.64
C ASN A 412 15.13 -89.01 -17.34
N TYR A 413 14.50 -87.93 -16.89
CA TYR A 413 13.25 -87.47 -17.49
C TYR A 413 13.10 -85.96 -17.32
N ILE A 414 13.22 -85.22 -18.42
CA ILE A 414 13.10 -83.77 -18.39
C ILE A 414 12.31 -83.23 -19.59
N GLY A 415 11.24 -82.49 -19.29
CA GLY A 415 10.43 -81.93 -20.35
C GLY A 415 10.85 -80.52 -20.74
N LYS A 416 11.38 -80.38 -21.95
CA LYS A 416 11.82 -79.08 -22.45
C LYS A 416 10.60 -78.21 -22.79
N GLY A 417 10.19 -77.38 -21.84
CA GLY A 417 9.04 -76.52 -22.06
C GLY A 417 8.07 -76.59 -20.89
N ASN A 418 6.82 -76.19 -21.11
CA ASN A 418 5.82 -76.22 -20.05
C ASN A 418 5.14 -77.58 -19.94
N LEU A 419 4.20 -77.69 -19.02
CA LEU A 419 3.49 -78.95 -18.80
C LEU A 419 2.31 -79.07 -19.77
N PRO A 420 2.17 -80.24 -20.43
CA PRO A 420 1.07 -80.44 -21.37
C PRO A 420 -0.27 -80.44 -20.64
N ALA A 421 -1.09 -79.43 -20.91
CA ALA A 421 -2.38 -79.32 -20.24
C ALA A 421 -3.56 -79.15 -21.21
N MET A 422 -4.75 -79.52 -20.73
CA MET A 422 -5.97 -79.42 -21.49
C MET A 422 -6.84 -78.34 -20.85
N GLU A 423 -7.42 -77.47 -21.66
CA GLU A 423 -8.25 -76.40 -21.14
C GLU A 423 -9.74 -76.74 -21.15
N ILE A 424 -10.49 -76.06 -20.28
CA ILE A 424 -11.92 -76.27 -20.15
C ILE A 424 -12.56 -75.11 -19.41
N ASN A 425 -13.52 -74.46 -20.06
CA ASN A 425 -14.19 -73.31 -19.45
C ASN A 425 -15.18 -73.79 -18.40
N LEU A 426 -14.66 -74.11 -17.21
CA LEU A 426 -15.47 -74.59 -16.11
C LEU A 426 -16.81 -73.86 -15.97
N ALA A 427 -16.75 -72.64 -15.43
CA ALA A 427 -17.94 -71.83 -15.22
C ALA A 427 -18.92 -71.90 -16.39
N ALA A 428 -18.40 -72.03 -17.60
CA ALA A 428 -19.24 -72.11 -18.79
C ALA A 428 -20.10 -73.36 -18.78
N ASN A 429 -19.46 -74.51 -18.58
CA ASN A 429 -20.17 -75.79 -18.55
C ASN A 429 -21.34 -75.76 -17.58
N LEU A 430 -21.06 -75.49 -16.31
CA LEU A 430 -22.09 -75.45 -15.29
C LEU A 430 -23.31 -74.65 -15.73
N TRP A 431 -23.07 -73.50 -16.36
CA TRP A 431 -24.16 -72.64 -16.83
C TRP A 431 -24.99 -73.37 -17.88
N ARG A 432 -24.32 -73.99 -18.85
CA ARG A 432 -24.98 -74.73 -19.91
C ARG A 432 -25.72 -75.95 -19.38
N SER A 433 -25.07 -76.70 -18.50
CA SER A 433 -25.69 -77.89 -17.92
C SER A 433 -26.94 -77.47 -17.17
N PHE A 434 -26.90 -76.32 -16.52
CA PHE A 434 -28.04 -75.80 -15.77
C PHE A 434 -29.20 -75.61 -16.73
N LEU A 435 -29.00 -74.78 -17.74
CA LEU A 435 -30.03 -74.48 -18.73
C LEU A 435 -30.66 -75.74 -19.32
N TYR A 436 -29.87 -76.52 -20.04
CA TYR A 436 -30.36 -77.74 -20.67
C TYR A 436 -31.18 -78.67 -19.76
N SER A 437 -30.75 -78.80 -18.50
CA SER A 437 -31.44 -79.67 -17.55
C SER A 437 -32.65 -79.06 -16.85
N ASN A 438 -32.78 -77.74 -16.93
CA ASN A 438 -33.90 -77.06 -16.27
C ASN A 438 -34.88 -76.39 -17.21
N VAL A 439 -34.51 -76.21 -18.48
CA VAL A 439 -35.41 -75.57 -19.43
C VAL A 439 -35.43 -76.22 -20.81
N ALA A 440 -34.34 -76.89 -21.18
CA ALA A 440 -34.27 -77.54 -22.48
C ALA A 440 -35.10 -78.81 -22.55
N LEU A 441 -34.98 -79.65 -21.52
CA LEU A 441 -35.72 -80.90 -21.48
C LEU A 441 -37.20 -80.70 -21.19
N TYR A 442 -37.57 -79.48 -20.81
CA TYR A 442 -38.97 -79.17 -20.50
C TYR A 442 -39.67 -78.41 -21.61
N LEU A 443 -38.97 -78.15 -22.70
CA LEU A 443 -39.56 -77.44 -23.83
C LEU A 443 -40.69 -78.27 -24.44
N PRO A 444 -41.69 -77.61 -25.03
CA PRO A 444 -42.82 -78.31 -25.65
C PRO A 444 -42.37 -79.45 -26.55
N ASP A 445 -43.12 -80.54 -26.55
CA ASP A 445 -42.78 -81.71 -27.36
C ASP A 445 -42.58 -81.36 -28.84
N ASN A 446 -43.28 -80.33 -29.29
CA ASN A 446 -43.19 -79.89 -30.69
C ASN A 446 -41.77 -79.49 -31.09
N LEU A 447 -40.98 -79.02 -30.13
CA LEU A 447 -39.61 -78.60 -30.42
C LEU A 447 -38.61 -79.74 -30.30
N LYS A 448 -39.11 -80.94 -30.01
CA LYS A 448 -38.24 -82.10 -29.88
C LYS A 448 -38.39 -83.04 -31.08
N PHE A 449 -37.54 -84.05 -31.14
CA PHE A 449 -37.57 -85.03 -32.22
C PHE A 449 -37.13 -86.38 -31.69
N THR A 450 -37.87 -87.42 -32.05
CA THR A 450 -37.55 -88.78 -31.62
C THR A 450 -36.10 -89.12 -31.95
N PRO A 451 -35.40 -89.77 -31.02
CA PRO A 451 -34.00 -90.15 -31.24
C PRO A 451 -33.86 -91.07 -32.45
N HIS A 452 -32.62 -91.42 -32.79
CA HIS A 452 -32.38 -92.28 -33.94
C HIS A 452 -32.37 -93.76 -33.56
N ASN A 453 -33.01 -94.58 -34.38
CA ASN A 453 -33.09 -96.03 -34.16
C ASN A 453 -33.52 -96.38 -32.75
N ILE A 454 -34.74 -95.99 -32.38
CA ILE A 454 -35.26 -96.27 -31.04
C ILE A 454 -36.77 -96.50 -31.03
N GLN A 455 -37.18 -97.69 -30.60
CA GLN A 455 -38.59 -98.03 -30.52
C GLN A 455 -39.24 -97.13 -29.46
N LEU A 456 -40.37 -96.52 -29.81
CA LEU A 456 -41.05 -95.63 -28.87
C LEU A 456 -42.56 -95.88 -28.83
N PRO A 457 -43.16 -95.77 -27.64
CA PRO A 457 -44.60 -95.96 -27.44
C PRO A 457 -45.44 -94.86 -28.08
N PRO A 458 -46.72 -95.16 -28.39
CA PRO A 458 -47.63 -94.20 -29.01
C PRO A 458 -48.11 -93.09 -28.07
N ASN A 459 -48.47 -93.47 -26.85
CA ASN A 459 -48.96 -92.52 -25.86
C ASN A 459 -47.93 -91.44 -25.55
N THR A 460 -48.27 -90.19 -25.83
CA THR A 460 -47.38 -89.08 -25.55
C THR A 460 -47.53 -88.67 -24.08
N ASN A 461 -48.26 -89.49 -23.33
CA ASN A 461 -48.50 -89.24 -21.92
C ASN A 461 -47.70 -90.23 -21.06
N THR A 462 -46.92 -91.06 -21.73
CA THR A 462 -46.11 -92.06 -21.03
C THR A 462 -44.73 -91.50 -20.67
N TYR A 463 -44.15 -92.04 -19.60
CA TYR A 463 -42.84 -91.61 -19.14
C TYR A 463 -41.77 -91.87 -20.20
N GLU A 464 -41.81 -93.07 -20.78
CA GLU A 464 -40.84 -93.46 -21.80
C GLU A 464 -40.76 -92.44 -22.93
N TYR A 465 -41.92 -92.02 -23.41
CA TYR A 465 -41.98 -91.04 -24.49
C TYR A 465 -41.30 -89.74 -24.09
N MET A 466 -41.74 -89.16 -22.97
CA MET A 466 -41.17 -87.92 -22.47
C MET A 466 -39.70 -88.08 -22.10
N ASN A 467 -39.26 -89.34 -21.99
CA ASN A 467 -37.87 -89.62 -21.64
C ASN A 467 -37.07 -89.98 -22.89
N GLY A 468 -37.77 -90.25 -23.99
CA GLY A 468 -37.10 -90.60 -25.22
C GLY A 468 -36.91 -89.41 -26.14
N ARG A 469 -37.92 -88.55 -26.23
CA ARG A 469 -37.86 -87.36 -27.06
C ARG A 469 -36.55 -86.61 -26.79
N ILE A 470 -35.88 -86.20 -27.84
CA ILE A 470 -34.60 -85.50 -27.71
C ILE A 470 -34.69 -84.02 -28.09
N PRO A 471 -34.48 -83.11 -27.13
CA PRO A 471 -34.55 -81.68 -27.44
C PRO A 471 -33.20 -81.17 -27.93
N VAL A 472 -33.21 -80.08 -28.69
CA VAL A 472 -31.98 -79.48 -29.20
C VAL A 472 -31.43 -78.43 -28.25
N SER A 473 -30.24 -78.68 -27.69
CA SER A 473 -29.59 -77.76 -26.76
C SER A 473 -29.33 -76.40 -27.42
N GLY A 474 -29.53 -76.34 -28.73
CA GLY A 474 -29.32 -75.10 -29.46
C GLY A 474 -30.36 -74.05 -29.12
N LEU A 475 -31.60 -74.49 -28.93
CA LEU A 475 -32.72 -73.61 -28.63
C LEU A 475 -32.58 -72.86 -27.29
N ILE A 476 -31.63 -73.29 -26.46
CA ILE A 476 -31.42 -72.63 -25.17
C ILE A 476 -29.99 -72.84 -24.68
N ASP A 477 -29.04 -72.24 -25.39
CA ASP A 477 -27.63 -72.35 -25.04
C ASP A 477 -27.19 -71.15 -24.21
N THR A 478 -25.99 -71.25 -23.62
CA THR A 478 -25.44 -70.19 -22.77
C THR A 478 -25.40 -68.79 -23.39
N TYR A 479 -25.84 -68.67 -24.64
CA TYR A 479 -25.83 -67.37 -25.32
C TYR A 479 -27.23 -66.86 -25.68
N VAL A 480 -28.25 -67.54 -25.18
CA VAL A 480 -29.63 -67.15 -25.45
C VAL A 480 -30.00 -65.86 -24.72
N ASN A 481 -30.44 -64.86 -25.46
CA ASN A 481 -30.84 -63.58 -24.90
C ASN A 481 -29.83 -63.09 -23.85
N ILE A 482 -28.57 -63.10 -24.23
CA ILE A 482 -27.49 -62.66 -23.36
C ILE A 482 -27.71 -61.24 -22.84
N GLY A 483 -27.84 -61.11 -21.52
CA GLY A 483 -28.03 -59.79 -20.93
C GLY A 483 -29.44 -59.43 -20.55
N THR A 484 -30.33 -60.42 -20.49
CA THR A 484 -31.72 -60.14 -20.14
C THR A 484 -32.28 -61.06 -19.07
N ARG A 485 -33.36 -60.58 -18.45
CA ARG A 485 -34.06 -61.31 -17.40
C ARG A 485 -35.37 -61.76 -18.04
N TRP A 486 -35.26 -62.10 -19.33
CA TRP A 486 -36.39 -62.53 -20.14
C TRP A 486 -36.54 -64.05 -20.15
N SER A 487 -37.78 -64.52 -20.20
CA SER A 487 -38.08 -65.95 -20.22
C SER A 487 -38.53 -66.37 -21.62
N PRO A 488 -38.08 -67.55 -22.09
CA PRO A 488 -38.45 -68.07 -23.41
C PRO A 488 -39.95 -68.07 -23.69
N ASP A 489 -40.34 -67.41 -24.77
CA ASP A 489 -41.75 -67.32 -25.16
C ASP A 489 -42.38 -68.68 -25.39
N VAL A 490 -41.54 -69.69 -25.57
CA VAL A 490 -42.03 -71.05 -25.81
C VAL A 490 -42.36 -71.75 -24.50
N MET A 491 -42.00 -71.12 -23.39
CA MET A 491 -42.25 -71.70 -22.07
C MET A 491 -43.28 -70.92 -21.26
N ASP A 492 -43.67 -69.74 -21.75
CA ASP A 492 -44.66 -68.93 -21.05
C ASP A 492 -45.98 -69.67 -20.87
N ASN A 493 -46.25 -70.61 -21.78
CA ASN A 493 -47.49 -71.37 -21.70
C ASN A 493 -47.23 -72.81 -21.29
N VAL A 494 -46.16 -73.02 -20.52
CA VAL A 494 -45.81 -74.35 -20.04
C VAL A 494 -45.77 -74.35 -18.52
N ASN A 495 -46.63 -75.16 -17.91
CA ASN A 495 -46.73 -75.25 -16.46
C ASN A 495 -45.35 -75.30 -15.79
N PRO A 496 -44.96 -74.20 -15.13
CA PRO A 496 -43.67 -74.09 -14.44
C PRO A 496 -43.62 -74.89 -13.14
N PHE A 497 -44.76 -75.43 -12.73
CA PHE A 497 -44.83 -76.20 -11.49
C PHE A 497 -44.51 -77.67 -11.72
N ASN A 498 -44.59 -78.11 -12.98
CA ASN A 498 -44.27 -79.48 -13.32
C ASN A 498 -42.79 -79.52 -13.66
N HIS A 499 -41.97 -79.19 -12.67
CA HIS A 499 -40.51 -79.16 -12.83
C HIS A 499 -39.87 -79.91 -11.67
N HIS A 500 -38.74 -80.56 -11.92
CA HIS A 500 -38.07 -81.33 -10.87
C HIS A 500 -37.41 -80.44 -9.82
N ARG A 501 -37.59 -79.13 -9.96
CA ARG A 501 -37.02 -78.20 -8.98
C ARG A 501 -38.13 -77.66 -8.09
N ASN A 502 -39.29 -78.31 -8.15
CA ASN A 502 -40.43 -77.92 -7.34
C ASN A 502 -40.18 -78.38 -5.92
N SER A 503 -39.53 -77.53 -5.13
CA SER A 503 -39.21 -77.84 -3.74
C SER A 503 -40.41 -78.45 -3.03
N GLY A 504 -41.59 -77.89 -3.29
CA GLY A 504 -42.79 -78.39 -2.66
C GLY A 504 -43.02 -79.87 -2.93
N LEU A 505 -43.20 -80.22 -4.20
CA LEU A 505 -43.43 -81.60 -4.59
C LEU A 505 -42.26 -82.50 -4.20
N ARG A 506 -41.05 -82.04 -4.47
CA ARG A 506 -39.85 -82.80 -4.14
C ARG A 506 -39.81 -83.17 -2.66
N TYR A 507 -40.33 -82.29 -1.82
CA TYR A 507 -40.35 -82.52 -0.38
C TYR A 507 -41.27 -83.69 -0.04
N ARG A 508 -42.55 -83.56 -0.43
CA ARG A 508 -43.53 -84.60 -0.17
C ARG A 508 -43.05 -85.96 -0.71
N SER A 509 -42.36 -85.91 -1.84
CA SER A 509 -41.85 -87.13 -2.45
C SER A 509 -40.96 -87.86 -1.46
N GLN A 510 -39.83 -87.24 -1.11
CA GLN A 510 -38.90 -87.82 -0.17
C GLN A 510 -39.56 -88.08 1.18
N LEU A 511 -40.71 -87.45 1.40
CA LEU A 511 -41.45 -87.61 2.65
C LEU A 511 -42.03 -89.02 2.74
N LEU A 512 -42.01 -89.73 1.62
CA LEU A 512 -42.53 -91.10 1.56
C LEU A 512 -41.36 -92.07 1.39
N GLY A 513 -40.30 -91.60 0.76
CA GLY A 513 -39.13 -92.44 0.54
C GLY A 513 -38.61 -92.36 -0.88
N ASN A 514 -37.62 -93.19 -1.19
CA ASN A 514 -37.03 -93.23 -2.53
C ASN A 514 -37.39 -94.51 -3.26
N GLY A 515 -37.96 -95.47 -2.53
CA GLY A 515 -38.32 -96.73 -3.13
C GLY A 515 -39.65 -96.71 -3.86
N ARG A 516 -39.76 -97.52 -4.91
CA ARG A 516 -40.98 -97.62 -5.70
C ARG A 516 -42.13 -98.04 -4.79
N PHE A 517 -41.91 -99.09 -4.01
CA PHE A 517 -42.91 -99.59 -3.09
C PHE A 517 -42.74 -98.85 -1.76
N CYS A 518 -43.86 -98.50 -1.12
CA CYS A 518 -43.80 -97.79 0.15
C CYS A 518 -45.12 -97.88 0.91
N ASP A 519 -45.04 -98.27 2.17
CA ASP A 519 -46.21 -98.37 3.02
C ASP A 519 -46.40 -97.03 3.71
N PHE A 520 -47.33 -96.22 3.20
CA PHE A 520 -47.58 -94.91 3.75
C PHE A 520 -48.49 -94.93 4.98
N HIS A 521 -48.71 -93.75 5.54
CA HIS A 521 -49.55 -93.57 6.71
C HIS A 521 -49.69 -92.07 6.93
N ILE A 522 -50.83 -91.52 6.53
CA ILE A 522 -51.06 -90.09 6.63
C ILE A 522 -52.32 -89.69 7.40
N GLN A 523 -52.47 -88.39 7.64
CA GLN A 523 -53.62 -87.85 8.33
C GLN A 523 -54.28 -86.79 7.45
N VAL A 524 -55.50 -87.06 7.01
CA VAL A 524 -56.22 -86.13 6.15
C VAL A 524 -57.20 -85.30 6.97
N PRO A 525 -57.07 -83.97 6.91
CA PRO A 525 -57.95 -83.05 7.64
C PRO A 525 -59.27 -82.78 6.91
N GLN A 526 -60.22 -82.16 7.60
CA GLN A 526 -61.50 -81.83 7.03
C GLN A 526 -61.42 -80.43 6.42
N LYS A 527 -61.83 -80.30 5.16
CA LYS A 527 -61.76 -79.01 4.48
C LYS A 527 -63.10 -78.33 4.25
N PHE A 528 -64.20 -79.08 4.32
CA PHE A 528 -65.52 -78.47 4.10
C PHE A 528 -65.79 -77.41 5.17
N PHE A 529 -65.93 -76.17 4.72
CA PHE A 529 -66.18 -75.04 5.62
C PHE A 529 -67.35 -75.21 6.57
N ALA A 530 -68.47 -75.71 6.05
CA ALA A 530 -69.67 -75.90 6.86
C ALA A 530 -69.45 -76.72 8.12
N ILE A 531 -68.35 -77.49 8.16
CA ILE A 531 -68.07 -78.31 9.33
C ILE A 531 -66.63 -78.27 9.81
N ARG A 532 -65.79 -77.49 9.14
CA ARG A 532 -64.39 -77.41 9.53
C ARG A 532 -64.23 -76.96 10.98
N ASN A 533 -64.61 -75.71 11.24
CA ASN A 533 -64.50 -75.15 12.58
C ASN A 533 -65.78 -75.28 13.39
N LEU A 534 -66.63 -76.25 13.03
CA LEU A 534 -67.88 -76.45 13.75
C LEU A 534 -67.60 -76.98 15.16
N LEU A 535 -68.51 -76.69 16.08
CA LEU A 535 -68.35 -77.13 17.47
C LEU A 535 -69.53 -77.99 17.90
N LEU A 536 -69.49 -79.27 17.54
CA LEU A 536 -70.55 -80.20 17.89
C LEU A 536 -70.78 -80.28 19.39
N LEU A 537 -71.99 -80.64 19.77
CA LEU A 537 -72.36 -80.77 21.18
C LEU A 537 -72.62 -82.24 21.49
N PRO A 538 -72.80 -82.59 22.78
CA PRO A 538 -73.05 -83.98 23.17
C PRO A 538 -74.08 -84.67 22.27
N GLY A 539 -73.89 -85.97 22.06
CA GLY A 539 -74.80 -86.74 21.24
C GLY A 539 -74.04 -87.63 20.28
N THR A 540 -74.76 -88.45 19.52
CA THR A 540 -74.13 -89.34 18.56
C THR A 540 -74.46 -88.91 17.13
N TYR A 541 -73.45 -88.97 16.25
CA TYR A 541 -73.65 -88.57 14.87
C TYR A 541 -72.99 -89.55 13.90
N THR A 542 -73.56 -89.65 12.71
CA THR A 542 -73.01 -90.53 11.68
C THR A 542 -72.12 -89.70 10.76
N TYR A 543 -70.82 -89.97 10.82
CA TYR A 543 -69.85 -89.24 10.01
C TYR A 543 -69.24 -90.16 8.96
N GLU A 544 -69.71 -90.01 7.73
CA GLU A 544 -69.23 -90.83 6.61
C GLU A 544 -68.60 -89.97 5.53
N TRP A 545 -67.74 -90.57 4.71
CA TRP A 545 -67.08 -89.85 3.64
C TRP A 545 -66.35 -90.81 2.71
N SER A 546 -66.28 -90.46 1.43
CA SER A 546 -65.61 -91.29 0.43
C SER A 546 -64.21 -90.81 0.10
N PHE A 547 -63.39 -91.71 -0.43
CA PHE A 547 -62.02 -91.38 -0.80
C PHE A 547 -61.68 -91.96 -2.18
N ARG A 548 -61.15 -91.13 -3.07
CA ARG A 548 -60.78 -91.58 -4.40
C ARG A 548 -59.66 -92.61 -4.31
N LYS A 549 -59.27 -93.14 -5.48
CA LYS A 549 -58.20 -94.12 -5.56
C LYS A 549 -57.46 -93.91 -6.88
N ASP A 550 -57.96 -92.98 -7.68
CA ASP A 550 -57.34 -92.66 -8.96
C ASP A 550 -55.96 -92.07 -8.74
N VAL A 551 -54.93 -92.85 -9.07
CA VAL A 551 -53.55 -92.41 -8.91
C VAL A 551 -53.30 -91.03 -9.50
N ASN A 552 -53.96 -90.74 -10.62
CA ASN A 552 -53.80 -89.46 -11.30
C ASN A 552 -54.43 -88.27 -10.58
N MET A 553 -55.07 -88.52 -9.44
CA MET A 553 -55.68 -87.45 -8.68
C MET A 553 -55.18 -87.42 -7.24
N ILE A 554 -54.76 -88.56 -6.73
CA ILE A 554 -54.25 -88.63 -5.37
C ILE A 554 -52.74 -88.43 -5.40
N LEU A 555 -52.12 -88.80 -6.51
CA LEU A 555 -50.68 -88.68 -6.68
C LEU A 555 -50.33 -87.57 -7.66
N GLN A 556 -49.08 -87.13 -7.61
CA GLN A 556 -48.60 -86.07 -8.49
C GLN A 556 -47.19 -86.40 -8.98
N SER A 557 -46.88 -86.03 -10.22
CA SER A 557 -45.57 -86.29 -10.78
C SER A 557 -45.00 -85.02 -11.42
N THR A 558 -43.69 -84.90 -11.41
CA THR A 558 -43.02 -83.74 -11.99
C THR A 558 -43.26 -83.59 -13.48
N LEU A 559 -43.27 -84.73 -14.20
CA LEU A 559 -43.49 -84.70 -15.64
C LEU A 559 -44.97 -84.68 -15.99
N GLY A 560 -45.81 -85.12 -15.06
CA GLY A 560 -47.24 -85.14 -15.32
C GLY A 560 -47.66 -86.27 -16.24
N ASN A 561 -46.81 -87.29 -16.35
CA ASN A 561 -47.10 -88.44 -17.20
C ASN A 561 -48.29 -89.20 -16.66
N ASP A 562 -48.98 -89.93 -17.53
CA ASP A 562 -50.14 -90.71 -17.12
C ASP A 562 -49.73 -91.87 -16.22
N LEU A 563 -49.89 -91.68 -14.92
CA LEU A 563 -49.53 -92.69 -13.92
C LEU A 563 -50.35 -93.96 -14.09
N ARG A 564 -51.62 -93.80 -14.46
CA ARG A 564 -52.51 -94.94 -14.63
C ARG A 564 -52.01 -95.95 -15.67
N VAL A 565 -51.21 -95.47 -16.61
CA VAL A 565 -50.66 -96.34 -17.65
C VAL A 565 -49.24 -96.78 -17.31
N ASP A 566 -48.56 -96.00 -16.47
CA ASP A 566 -47.20 -96.31 -16.08
C ASP A 566 -47.14 -97.25 -14.87
N GLY A 567 -48.20 -98.04 -14.70
CA GLY A 567 -48.25 -98.98 -13.59
C GLY A 567 -48.30 -98.35 -12.21
N ALA A 568 -49.06 -97.28 -12.07
CA ALA A 568 -49.18 -96.60 -10.78
C ALA A 568 -50.41 -97.16 -10.06
N THR A 569 -50.20 -97.69 -8.86
CA THR A 569 -51.28 -98.27 -8.09
C THR A 569 -51.23 -97.90 -6.60
N VAL A 570 -52.40 -97.77 -5.99
CA VAL A 570 -52.51 -97.45 -4.58
C VAL A 570 -53.48 -98.42 -3.93
N ASN A 571 -53.36 -98.62 -2.62
CA ASN A 571 -54.25 -99.53 -1.92
C ASN A 571 -54.46 -99.11 -0.47
N ILE A 572 -55.73 -98.96 -0.10
CA ILE A 572 -56.08 -98.57 1.25
C ILE A 572 -56.39 -99.80 2.09
N THR A 573 -55.70 -99.94 3.23
CA THR A 573 -55.91 -101.08 4.11
C THR A 573 -56.90 -100.78 5.23
N SER A 574 -56.67 -99.69 5.95
CA SER A 574 -57.54 -99.30 7.04
C SER A 574 -57.64 -97.79 7.18
N VAL A 575 -58.76 -97.32 7.74
CA VAL A 575 -58.98 -95.89 7.93
C VAL A 575 -59.69 -95.66 9.26
N ASN A 576 -59.11 -94.78 10.09
CA ASN A 576 -59.69 -94.49 11.38
C ASN A 576 -59.95 -93.00 11.52
N LEU A 577 -60.75 -92.64 12.53
CA LEU A 577 -61.08 -91.24 12.77
C LEU A 577 -60.70 -90.82 14.18
N TYR A 578 -59.81 -89.83 14.28
CA TYR A 578 -59.37 -89.34 15.58
C TYR A 578 -60.00 -87.98 15.88
N ALA A 579 -60.24 -87.73 17.16
CA ALA A 579 -60.84 -86.47 17.59
C ALA A 579 -60.36 -86.13 19.00
N SER A 580 -59.80 -84.93 19.16
CA SER A 580 -59.30 -84.49 20.45
C SER A 580 -60.31 -83.63 21.18
N PHE A 581 -60.61 -83.99 22.43
CA PHE A 581 -61.56 -83.25 23.25
C PHE A 581 -60.83 -82.52 24.37
N PHE A 582 -61.22 -81.27 24.60
CA PHE A 582 -60.62 -80.49 25.67
C PHE A 582 -61.13 -81.03 27.01
N PRO A 583 -60.22 -81.34 27.94
CA PRO A 583 -60.61 -81.87 29.25
C PRO A 583 -61.28 -80.78 30.08
N MET A 584 -62.33 -80.20 29.52
CA MET A 584 -63.09 -79.14 30.17
C MET A 584 -63.97 -79.68 31.28
N SER A 585 -64.00 -78.97 32.41
CA SER A 585 -64.82 -79.38 33.55
C SER A 585 -66.26 -79.60 33.12
N HIS A 586 -66.84 -80.69 33.60
CA HIS A 586 -68.22 -81.04 33.27
C HIS A 586 -69.16 -79.92 33.65
N ASN A 587 -68.86 -79.23 34.75
CA ASN A 587 -69.70 -78.13 35.20
C ASN A 587 -69.72 -77.01 34.15
N THR A 588 -68.54 -76.58 33.72
CA THR A 588 -68.44 -75.53 32.72
C THR A 588 -68.99 -76.01 31.39
N ALA A 589 -68.52 -77.19 30.96
CA ALA A 589 -68.95 -77.77 29.70
C ALA A 589 -70.47 -77.83 29.61
N SER A 590 -71.12 -78.17 30.71
CA SER A 590 -72.57 -78.26 30.75
C SER A 590 -73.21 -76.90 30.49
N THR A 591 -72.65 -75.86 31.10
CA THR A 591 -73.17 -74.51 30.94
C THR A 591 -73.01 -74.05 29.49
N LEU A 592 -71.81 -74.27 28.94
CA LEU A 592 -71.52 -73.89 27.56
C LEU A 592 -72.54 -74.49 26.61
N GLU A 593 -72.82 -75.77 26.77
CA GLU A 593 -73.79 -76.47 25.93
C GLU A 593 -75.15 -75.80 25.99
N ALA A 594 -75.63 -75.53 27.21
CA ALA A 594 -76.92 -74.91 27.42
C ALA A 594 -77.08 -73.64 26.59
N MET A 595 -76.02 -72.85 26.51
CA MET A 595 -76.06 -71.60 25.74
C MET A 595 -75.98 -71.83 24.24
N LEU A 596 -75.09 -72.71 23.80
CA LEU A 596 -74.93 -72.99 22.39
C LEU A 596 -76.14 -73.68 21.76
N ARG A 597 -77.08 -74.11 22.60
CA ARG A 597 -78.27 -74.78 22.09
C ARG A 597 -79.42 -73.81 21.87
N ASN A 598 -79.15 -72.52 22.00
CA ASN A 598 -80.18 -71.51 21.78
C ASN A 598 -80.02 -70.88 20.40
N ASP A 599 -81.11 -70.85 19.64
CA ASP A 599 -81.10 -70.30 18.30
C ASP A 599 -80.44 -68.93 18.22
N THR A 600 -80.42 -68.21 19.32
CA THR A 600 -79.82 -66.89 19.37
C THR A 600 -78.29 -66.96 19.35
N ASN A 601 -77.76 -68.17 19.54
CA ASN A 601 -76.32 -68.38 19.55
C ASN A 601 -75.88 -69.46 18.57
N ASP A 602 -76.53 -69.50 17.41
CA ASP A 602 -76.17 -70.50 16.41
C ASP A 602 -74.87 -70.14 15.72
N GLN A 603 -74.00 -71.14 15.55
CA GLN A 603 -72.71 -70.94 14.90
C GLN A 603 -72.93 -70.69 13.42
N SER A 604 -72.05 -69.89 12.82
CA SER A 604 -72.16 -69.59 11.39
C SER A 604 -70.79 -69.50 10.74
N PHE A 605 -70.64 -70.17 9.60
CA PHE A 605 -69.38 -70.17 8.86
C PHE A 605 -69.62 -69.74 7.42
N ASN A 606 -68.54 -69.56 6.68
CA ASN A 606 -68.64 -69.16 5.28
C ASN A 606 -67.35 -69.50 4.55
N ASP A 607 -67.47 -70.28 3.48
CA ASP A 607 -66.31 -70.68 2.68
C ASP A 607 -65.44 -69.46 2.43
N TYR A 608 -64.12 -69.63 2.61
CA TYR A 608 -63.20 -68.53 2.40
C TYR A 608 -63.25 -67.97 0.99
N LEU A 609 -63.32 -68.86 0.00
CA LEU A 609 -63.37 -68.44 -1.40
C LEU A 609 -64.68 -67.72 -1.69
N SER A 610 -65.79 -68.30 -1.25
CA SER A 610 -67.11 -67.72 -1.46
C SER A 610 -67.30 -67.26 -2.90
N ALA A 611 -67.53 -68.21 -3.80
CA ALA A 611 -67.73 -67.88 -5.20
C ALA A 611 -68.17 -69.09 -6.00
N ALA A 612 -69.02 -68.84 -7.00
CA ALA A 612 -69.52 -69.91 -7.86
C ALA A 612 -68.49 -70.18 -8.94
N ASN A 613 -68.09 -71.43 -9.07
CA ASN A 613 -67.09 -71.82 -10.06
C ASN A 613 -67.73 -72.17 -11.40
N MET A 614 -67.30 -71.50 -12.45
CA MET A 614 -67.83 -71.75 -13.78
C MET A 614 -66.69 -72.13 -14.73
N LEU A 615 -66.98 -72.95 -15.72
CA LEU A 615 -65.97 -73.38 -16.68
C LEU A 615 -66.51 -73.36 -18.10
N TYR A 616 -65.92 -72.53 -18.95
CA TYR A 616 -66.34 -72.41 -20.33
C TYR A 616 -65.20 -72.85 -21.22
N PRO A 617 -65.47 -73.75 -22.19
CA PRO A 617 -64.44 -74.24 -23.11
C PRO A 617 -63.93 -73.17 -24.06
N ILE A 618 -62.63 -73.22 -24.34
CA ILE A 618 -62.00 -72.27 -25.25
C ILE A 618 -61.34 -73.05 -26.38
N PRO A 619 -62.03 -73.20 -27.52
CA PRO A 619 -61.50 -73.94 -28.67
C PRO A 619 -60.08 -73.52 -29.00
N PRO A 620 -59.28 -74.44 -29.58
CA PRO A 620 -57.89 -74.13 -29.93
C PRO A 620 -57.77 -72.99 -30.93
N ASN A 621 -56.86 -72.06 -30.62
CA ASN A 621 -56.61 -70.89 -31.46
C ASN A 621 -57.72 -69.85 -31.37
N ALA A 622 -58.72 -70.11 -30.53
CA ALA A 622 -59.82 -69.18 -30.36
C ALA A 622 -59.29 -67.89 -29.74
N THR A 623 -59.92 -66.77 -30.07
CA THR A 623 -59.50 -65.48 -29.54
C THR A 623 -60.61 -64.82 -28.72
N GLN A 624 -61.81 -64.79 -29.30
CA GLN A 624 -62.96 -64.20 -28.63
C GLN A 624 -63.75 -65.27 -27.89
N LEU A 625 -64.32 -64.90 -26.75
CA LEU A 625 -65.09 -65.85 -25.94
C LEU A 625 -66.18 -65.16 -25.15
N PRO A 626 -67.42 -65.16 -25.67
CA PRO A 626 -68.56 -64.55 -25.00
C PRO A 626 -69.21 -65.51 -24.00
N ILE A 627 -69.81 -64.96 -22.95
CA ILE A 627 -70.46 -65.78 -21.94
C ILE A 627 -71.73 -65.12 -21.38
N PRO A 628 -72.90 -65.67 -21.73
CA PRO A 628 -74.19 -65.13 -21.28
C PRO A 628 -74.68 -65.77 -19.98
N SER A 629 -75.13 -64.93 -19.05
CA SER A 629 -75.65 -65.37 -17.76
C SER A 629 -76.31 -64.16 -17.11
N ARG A 630 -77.19 -64.39 -16.13
CA ARG A 630 -77.86 -63.28 -15.46
C ARG A 630 -78.08 -63.49 -13.97
N ASN A 631 -77.78 -62.44 -13.19
CA ASN A 631 -77.94 -62.48 -11.73
C ASN A 631 -79.14 -61.63 -11.33
N TRP A 632 -79.99 -62.19 -10.47
CA TRP A 632 -81.18 -61.50 -10.01
C TRP A 632 -80.86 -60.56 -8.84
N ALA A 633 -79.68 -60.75 -8.25
CA ALA A 633 -79.28 -59.94 -7.12
C ALA A 633 -77.92 -59.28 -7.33
N ALA A 634 -77.28 -58.90 -6.22
CA ALA A 634 -75.97 -58.27 -6.30
C ALA A 634 -74.96 -59.05 -5.49
N PHE A 635 -73.87 -59.41 -6.16
CA PHE A 635 -72.81 -60.18 -5.53
C PHE A 635 -71.71 -59.30 -4.94
N ARG A 636 -70.47 -59.78 -5.05
CA ARG A 636 -69.29 -59.09 -4.51
C ARG A 636 -68.33 -58.62 -5.60
N GLY A 637 -68.05 -59.49 -6.55
CA GLY A 637 -67.15 -59.13 -7.64
C GLY A 637 -66.77 -60.30 -8.54
N TRP A 638 -65.91 -60.05 -9.51
CA TRP A 638 -65.45 -61.09 -10.43
C TRP A 638 -64.02 -61.49 -10.13
N SER A 639 -63.65 -62.68 -10.58
CA SER A 639 -62.30 -63.21 -10.40
C SER A 639 -62.16 -64.27 -11.48
N LEU A 640 -61.05 -64.24 -12.20
CA LEU A 640 -60.88 -65.20 -13.27
C LEU A 640 -59.44 -65.50 -13.70
N THR A 641 -59.29 -66.58 -14.47
CA THR A 641 -57.99 -67.01 -14.97
C THR A 641 -58.20 -67.86 -16.22
N ARG A 642 -57.22 -68.71 -16.53
CA ARG A 642 -57.29 -69.58 -17.69
C ARG A 642 -56.60 -70.89 -17.38
N LEU A 643 -57.23 -72.01 -17.71
CA LEU A 643 -56.67 -73.32 -17.45
C LEU A 643 -56.66 -74.21 -18.69
N LYS A 644 -55.77 -75.19 -18.69
CA LYS A 644 -55.67 -76.13 -19.82
C LYS A 644 -56.61 -77.31 -19.58
N GLN A 645 -57.42 -77.61 -20.58
CA GLN A 645 -58.38 -78.71 -20.48
C GLN A 645 -57.75 -80.02 -20.02
N ARG A 646 -56.61 -80.37 -20.60
CA ARG A 646 -55.92 -81.61 -20.25
C ARG A 646 -55.54 -81.65 -18.77
N GLU A 647 -55.20 -80.49 -18.22
CA GLU A 647 -54.80 -80.41 -16.82
C GLU A 647 -55.96 -80.18 -15.88
N THR A 648 -57.18 -80.20 -16.42
CA THR A 648 -58.37 -79.99 -15.60
C THR A 648 -59.29 -81.21 -15.62
N PRO A 649 -59.30 -81.98 -14.53
CA PRO A 649 -60.14 -83.18 -14.43
C PRO A 649 -61.61 -82.82 -14.31
N ALA A 650 -62.44 -83.50 -15.10
CA ALA A 650 -63.88 -83.25 -15.07
C ALA A 650 -64.46 -83.72 -13.74
N LEU A 651 -64.77 -82.76 -12.86
CA LEU A 651 -65.33 -83.08 -11.56
C LEU A 651 -66.83 -83.35 -11.64
N GLY A 652 -67.42 -83.74 -10.51
CA GLY A 652 -68.84 -84.03 -10.48
C GLY A 652 -69.07 -85.52 -10.59
N SER A 653 -68.34 -86.16 -11.49
CA SER A 653 -68.46 -87.59 -11.70
C SER A 653 -67.41 -88.32 -10.86
N PRO A 654 -67.76 -89.49 -10.30
CA PRO A 654 -66.86 -90.28 -9.48
C PRO A 654 -65.66 -90.86 -10.21
N PHE A 655 -65.46 -90.47 -11.46
CA PHE A 655 -64.34 -90.97 -12.25
C PHE A 655 -64.23 -90.33 -13.63
N ASP A 656 -63.01 -89.96 -14.02
CA ASP A 656 -62.76 -89.34 -15.31
C ASP A 656 -61.93 -90.29 -16.17
N PRO A 657 -62.54 -90.88 -17.21
CA PRO A 657 -61.83 -91.81 -18.10
C PRO A 657 -60.88 -91.12 -19.08
N TYR A 658 -61.10 -89.83 -19.31
CA TYR A 658 -60.27 -89.07 -20.24
C TYR A 658 -59.22 -88.21 -19.54
N PHE A 659 -58.97 -88.49 -18.26
CA PHE A 659 -57.99 -87.72 -17.50
C PHE A 659 -56.64 -88.41 -17.47
N THR A 660 -55.80 -88.10 -18.46
CA THR A 660 -54.47 -88.69 -18.56
C THR A 660 -53.40 -87.68 -18.16
N TYR A 661 -53.54 -87.11 -16.96
CA TYR A 661 -52.59 -86.13 -16.47
C TYR A 661 -52.37 -86.34 -14.98
N SER A 662 -51.15 -86.06 -14.50
CA SER A 662 -50.85 -86.25 -13.09
C SER A 662 -50.06 -85.07 -12.50
N GLY A 663 -49.92 -84.01 -13.28
CA GLY A 663 -49.20 -82.84 -12.80
C GLY A 663 -50.08 -82.01 -11.88
N THR A 664 -49.61 -80.84 -11.49
CA THR A 664 -50.38 -79.97 -10.62
C THR A 664 -51.69 -79.55 -11.31
N ILE A 665 -52.77 -79.50 -10.54
CA ILE A 665 -54.06 -79.12 -11.06
C ILE A 665 -54.40 -77.70 -10.63
N PRO A 666 -54.11 -76.71 -11.49
CA PRO A 666 -54.39 -75.30 -11.18
C PRO A 666 -55.79 -75.07 -10.64
N TYR A 667 -56.73 -75.92 -11.06
CA TYR A 667 -58.11 -75.81 -10.62
C TYR A 667 -58.31 -76.17 -9.16
N LEU A 668 -57.34 -76.84 -8.57
CA LEU A 668 -57.43 -77.24 -7.17
C LEU A 668 -56.37 -76.60 -6.28
N ASP A 669 -55.10 -76.93 -6.54
CA ASP A 669 -54.00 -76.38 -5.75
C ASP A 669 -53.83 -74.88 -5.99
N GLY A 670 -54.38 -74.38 -7.08
CA GLY A 670 -54.27 -72.96 -7.39
C GLY A 670 -52.94 -72.57 -7.99
N THR A 671 -52.40 -73.43 -8.86
CA THR A 671 -51.12 -73.15 -9.50
C THR A 671 -51.33 -72.57 -10.90
N PHE A 672 -52.11 -71.49 -10.97
CA PHE A 672 -52.41 -70.83 -12.23
C PHE A 672 -51.13 -70.25 -12.82
N TYR A 673 -51.11 -70.04 -14.13
CA TYR A 673 -49.94 -69.50 -14.80
C TYR A 673 -50.25 -69.07 -16.23
N LEU A 674 -51.50 -68.69 -16.48
CA LEU A 674 -51.89 -68.26 -17.82
C LEU A 674 -52.70 -66.97 -17.77
N SER A 675 -52.43 -66.15 -16.77
CA SER A 675 -53.14 -64.89 -16.62
C SER A 675 -52.55 -63.85 -17.56
N HIS A 676 -51.37 -64.15 -18.09
CA HIS A 676 -50.68 -63.25 -19.01
C HIS A 676 -51.11 -63.49 -20.45
N THR A 677 -52.20 -64.24 -20.62
CA THR A 677 -52.69 -64.55 -21.95
C THR A 677 -54.04 -63.88 -22.25
N PHE A 678 -54.36 -62.84 -21.48
CA PHE A 678 -55.60 -62.11 -21.67
C PHE A 678 -55.34 -60.74 -22.28
N ARG A 679 -56.24 -60.31 -23.16
CA ARG A 679 -56.11 -59.01 -23.81
C ARG A 679 -57.04 -57.99 -23.19
N LYS A 680 -58.35 -58.28 -23.24
CA LYS A 680 -59.34 -57.36 -22.70
C LYS A 680 -60.61 -58.09 -22.24
N VAL A 681 -61.38 -57.42 -21.41
CA VAL A 681 -62.63 -57.96 -20.89
C VAL A 681 -63.72 -56.89 -20.95
N ALA A 682 -64.89 -57.27 -21.44
CA ALA A 682 -66.00 -56.33 -21.56
C ALA A 682 -67.23 -56.83 -20.80
N ILE A 683 -67.69 -56.03 -19.85
CA ILE A 683 -68.85 -56.39 -19.04
C ILE A 683 -70.02 -55.45 -19.37
N GLN A 684 -71.21 -56.02 -19.50
CA GLN A 684 -72.39 -55.23 -19.82
C GLN A 684 -73.65 -55.85 -19.22
N PHE A 685 -74.51 -55.00 -18.67
CA PHE A 685 -75.76 -55.44 -18.08
C PHE A 685 -76.94 -55.15 -18.98
N ASP A 686 -77.85 -56.13 -19.09
CA ASP A 686 -79.04 -55.99 -19.92
C ASP A 686 -78.62 -55.80 -21.38
N SER A 687 -77.41 -56.27 -21.71
CA SER A 687 -76.87 -56.18 -23.06
C SER A 687 -76.98 -54.77 -23.65
N SER A 688 -76.53 -53.78 -22.88
CA SER A 688 -76.57 -52.38 -23.33
C SER A 688 -75.76 -51.51 -22.39
N VAL A 689 -76.10 -51.54 -21.11
CA VAL A 689 -75.42 -50.74 -20.11
C VAL A 689 -74.06 -51.35 -19.77
N THR A 690 -72.99 -50.74 -20.28
CA THR A 690 -71.65 -51.23 -20.02
C THR A 690 -71.24 -50.89 -18.60
N TRP A 691 -70.46 -51.78 -17.98
CA TRP A 691 -70.01 -51.58 -16.61
C TRP A 691 -68.50 -51.44 -16.59
N PRO A 692 -67.97 -50.53 -15.76
CA PRO A 692 -68.72 -49.65 -14.85
C PRO A 692 -69.30 -48.45 -15.57
N GLY A 693 -68.84 -48.20 -16.78
CA GLY A 693 -69.33 -47.06 -17.54
C GLY A 693 -68.98 -45.76 -16.84
N ASN A 694 -69.88 -44.79 -16.91
CA ASN A 694 -69.66 -43.49 -16.28
C ASN A 694 -68.30 -42.91 -16.65
N ASP A 695 -67.70 -43.41 -17.73
CA ASP A 695 -66.41 -42.93 -18.19
C ASP A 695 -65.39 -42.98 -17.05
N ARG A 696 -65.29 -44.13 -16.40
CA ARG A 696 -64.37 -44.33 -15.30
C ARG A 696 -62.93 -44.55 -15.77
N LEU A 697 -62.76 -45.46 -16.71
CA LEU A 697 -61.43 -45.79 -17.23
C LEU A 697 -61.04 -44.96 -18.46
N LEU A 698 -59.76 -45.00 -18.80
CA LEU A 698 -59.25 -44.29 -19.95
C LEU A 698 -59.93 -44.87 -21.19
N THR A 699 -60.35 -46.12 -21.06
CA THR A 699 -61.06 -46.83 -22.12
C THR A 699 -62.35 -47.33 -21.47
N PRO A 700 -63.29 -46.40 -21.21
CA PRO A 700 -64.60 -46.63 -20.59
C PRO A 700 -65.46 -47.76 -21.15
N ASN A 701 -65.12 -48.28 -22.32
CA ASN A 701 -65.91 -49.34 -22.92
C ASN A 701 -65.37 -50.74 -22.67
N GLU A 702 -64.32 -50.86 -21.85
CA GLU A 702 -63.74 -52.15 -21.55
C GLU A 702 -62.50 -52.08 -20.66
N PHE A 703 -62.03 -53.23 -20.21
CA PHE A 703 -60.85 -53.33 -19.37
C PHE A 703 -59.71 -53.93 -20.17
N GLU A 704 -58.86 -53.08 -20.74
CA GLU A 704 -57.73 -53.56 -21.52
C GLU A 704 -56.63 -54.01 -20.58
N ILE A 705 -56.40 -55.32 -20.50
CA ILE A 705 -55.36 -55.86 -19.62
C ILE A 705 -53.97 -55.55 -20.16
N LYS A 706 -53.83 -55.58 -21.48
CA LYS A 706 -52.53 -55.31 -22.11
C LYS A 706 -52.70 -54.88 -23.57
N ILE A 707 -51.86 -53.95 -24.01
CA ILE A 707 -51.91 -53.46 -25.38
C ILE A 707 -50.64 -53.87 -26.12
N SER A 708 -50.77 -54.18 -27.41
CA SER A 708 -49.64 -54.58 -28.23
C SER A 708 -48.97 -53.34 -28.84
N VAL A 709 -49.77 -52.50 -29.47
CA VAL A 709 -49.27 -51.26 -30.07
C VAL A 709 -49.39 -50.12 -29.08
N ASP A 710 -48.25 -49.57 -28.65
CA ASP A 710 -48.26 -48.48 -27.69
C ASP A 710 -49.24 -47.35 -27.98
N GLY A 711 -49.13 -46.75 -29.16
CA GLY A 711 -50.01 -45.65 -29.50
C GLY A 711 -49.76 -44.50 -28.54
N GLU A 712 -50.51 -44.47 -27.43
CA GLU A 712 -50.34 -43.42 -26.43
C GLU A 712 -49.38 -43.92 -25.35
N GLY A 713 -49.31 -45.24 -25.22
CA GLY A 713 -48.44 -45.83 -24.21
C GLY A 713 -49.21 -45.90 -22.91
N TYR A 714 -50.39 -46.50 -22.97
CA TYR A 714 -51.23 -46.66 -21.81
C TYR A 714 -50.67 -47.79 -20.96
N ASN A 715 -49.42 -48.15 -21.24
CA ASN A 715 -48.74 -49.21 -20.52
C ASN A 715 -47.94 -48.61 -19.37
N VAL A 716 -47.70 -49.41 -18.34
CA VAL A 716 -46.94 -48.95 -17.18
C VAL A 716 -45.97 -50.00 -16.68
N ALA A 717 -45.32 -49.70 -15.55
CA ALA A 717 -44.36 -50.61 -14.95
C ALA A 717 -43.33 -51.08 -15.97
N GLN A 718 -43.14 -50.28 -17.01
CA GLN A 718 -42.19 -50.62 -18.07
C GLN A 718 -42.52 -51.98 -18.67
N SER A 719 -43.81 -52.24 -18.84
CA SER A 719 -44.27 -53.49 -19.42
C SER A 719 -45.32 -53.22 -20.48
N ASN A 720 -46.16 -54.22 -20.75
CA ASN A 720 -47.22 -54.07 -21.75
C ASN A 720 -48.59 -54.02 -21.09
N MET A 721 -48.60 -53.82 -19.77
CA MET A 721 -49.85 -53.76 -19.02
C MET A 721 -50.36 -52.32 -19.00
N THR A 722 -51.63 -52.14 -19.35
CA THR A 722 -52.23 -50.81 -19.36
C THR A 722 -52.16 -50.15 -18.00
N LYS A 723 -52.43 -48.85 -17.96
CA LYS A 723 -52.40 -48.10 -16.71
C LYS A 723 -53.70 -48.35 -15.97
N ASP A 724 -54.78 -48.52 -16.73
CA ASP A 724 -56.10 -48.77 -16.16
C ASP A 724 -56.12 -50.08 -15.39
N TRP A 725 -55.63 -51.14 -16.02
CA TRP A 725 -55.61 -52.45 -15.39
C TRP A 725 -54.76 -52.45 -14.13
N PHE A 726 -53.53 -51.97 -14.26
CA PHE A 726 -52.62 -51.92 -13.12
C PHE A 726 -53.30 -51.25 -11.93
N LEU A 727 -53.97 -50.13 -12.19
CA LEU A 727 -54.66 -49.39 -11.14
C LEU A 727 -55.73 -50.27 -10.48
N VAL A 728 -56.56 -50.90 -11.30
CA VAL A 728 -57.62 -51.76 -10.80
C VAL A 728 -57.06 -52.83 -9.86
N GLN A 729 -56.05 -53.55 -10.32
CA GLN A 729 -55.44 -54.60 -9.53
C GLN A 729 -54.92 -54.09 -8.19
N MET A 730 -54.25 -52.94 -8.22
CA MET A 730 -53.71 -52.35 -7.01
C MET A 730 -54.80 -52.02 -5.99
N LEU A 731 -55.92 -51.50 -6.47
CA LEU A 731 -57.02 -51.13 -5.60
C LEU A 731 -57.73 -52.35 -5.02
N ALA A 732 -58.01 -53.33 -5.87
CA ALA A 732 -58.70 -54.55 -5.45
C ALA A 732 -57.87 -55.43 -4.54
N ASN A 733 -56.58 -55.14 -4.43
CA ASN A 733 -55.70 -55.95 -3.59
C ASN A 733 -55.15 -55.21 -2.38
N TYR A 734 -54.77 -53.95 -2.56
CA TYR A 734 -54.20 -53.18 -1.46
C TYR A 734 -54.84 -51.80 -1.28
N ASN A 735 -55.91 -51.55 -2.02
CA ASN A 735 -56.60 -50.26 -1.94
C ASN A 735 -55.61 -49.13 -2.19
N ILE A 736 -54.56 -49.45 -2.93
CA ILE A 736 -53.52 -48.47 -3.25
C ILE A 736 -53.65 -47.99 -4.69
N GLY A 737 -53.71 -46.68 -4.88
CA GLY A 737 -53.82 -46.14 -6.22
C GLY A 737 -54.34 -44.71 -6.25
N TYR A 738 -55.26 -44.41 -5.34
CA TYR A 738 -55.84 -43.07 -5.26
C TYR A 738 -54.90 -42.08 -4.58
N GLN A 739 -53.87 -42.59 -3.93
CA GLN A 739 -52.93 -41.73 -3.23
C GLN A 739 -51.49 -42.21 -3.39
N GLY A 740 -51.08 -42.40 -4.64
CA GLY A 740 -49.72 -42.84 -4.91
C GLY A 740 -49.55 -44.35 -4.97
N TYR A 741 -48.64 -44.80 -5.83
CA TYR A 741 -48.36 -46.22 -5.98
C TYR A 741 -47.10 -46.58 -5.21
N HIS A 742 -47.24 -47.45 -4.21
CA HIS A 742 -46.10 -47.88 -3.40
C HIS A 742 -46.21 -49.34 -3.01
N LEU A 743 -45.06 -49.98 -2.81
CA LEU A 743 -45.03 -51.38 -2.43
C LEU A 743 -45.81 -51.57 -1.14
N PRO A 744 -46.95 -52.27 -1.21
CA PRO A 744 -47.80 -52.51 -0.03
C PRO A 744 -47.03 -53.26 1.05
N PRO A 745 -47.54 -53.22 2.28
CA PRO A 745 -46.89 -53.91 3.41
C PRO A 745 -46.79 -55.42 3.19
N ASP A 746 -45.71 -56.01 3.68
CA ASP A 746 -45.46 -57.44 3.51
C ASP A 746 -46.59 -58.38 3.90
N TYR A 747 -47.21 -58.15 5.06
CA TYR A 747 -48.29 -59.03 5.51
C TYR A 747 -49.42 -59.15 4.49
N LYS A 748 -49.55 -58.17 3.60
CA LYS A 748 -50.60 -58.21 2.58
C LYS A 748 -50.11 -58.81 1.26
N ASP A 749 -48.82 -59.11 1.19
CA ASP A 749 -48.25 -59.70 -0.01
C ASP A 749 -48.00 -61.19 0.17
N ARG A 750 -49.05 -61.99 -0.05
CA ARG A 750 -48.94 -63.43 0.09
C ARG A 750 -48.71 -64.04 -1.30
N THR A 751 -48.50 -65.35 -1.34
CA THR A 751 -48.26 -66.05 -2.60
C THR A 751 -49.42 -65.90 -3.59
N PHE A 752 -50.57 -65.48 -3.10
CA PHE A 752 -51.74 -65.31 -3.96
C PHE A 752 -52.06 -63.86 -4.26
N SER A 753 -51.09 -62.98 -4.03
CA SER A 753 -51.27 -61.56 -4.27
C SER A 753 -50.84 -61.21 -5.69
N PHE A 754 -51.16 -60.00 -6.11
CA PHE A 754 -50.81 -59.55 -7.46
C PHE A 754 -49.34 -59.16 -7.56
N LEU A 755 -49.01 -57.99 -7.02
CA LEU A 755 -47.66 -57.47 -7.05
C LEU A 755 -46.58 -58.52 -6.75
N HIS A 756 -46.86 -59.38 -5.77
CA HIS A 756 -45.91 -60.42 -5.39
C HIS A 756 -45.47 -61.28 -6.57
N ASN A 757 -46.39 -61.52 -7.51
CA ASN A 757 -46.07 -62.36 -8.66
C ASN A 757 -45.85 -61.58 -9.95
N PHE A 758 -46.12 -60.27 -9.92
CA PHE A 758 -45.93 -59.44 -11.09
C PHE A 758 -44.44 -59.28 -11.39
N ILE A 759 -44.03 -59.67 -12.59
CA ILE A 759 -42.63 -59.58 -12.99
C ILE A 759 -42.46 -59.16 -14.45
N PRO A 760 -42.29 -57.85 -14.69
CA PRO A 760 -42.11 -57.32 -16.05
C PRO A 760 -40.73 -57.65 -16.60
N MET A 761 -40.64 -57.75 -17.91
CA MET A 761 -39.38 -58.06 -18.57
C MET A 761 -39.36 -57.54 -20.00
N CYS A 762 -38.18 -57.14 -20.46
CA CYS A 762 -38.02 -56.63 -21.81
C CYS A 762 -36.78 -57.23 -22.45
N ARG A 763 -36.62 -57.00 -23.76
CA ARG A 763 -35.48 -57.50 -24.48
C ARG A 763 -35.48 -56.93 -25.89
N GLN A 764 -34.30 -56.82 -26.49
CA GLN A 764 -34.20 -56.30 -27.84
C GLN A 764 -33.85 -57.46 -28.75
N VAL A 765 -34.34 -57.41 -29.99
CA VAL A 765 -34.07 -58.47 -30.95
C VAL A 765 -33.77 -57.85 -32.30
N PRO A 766 -32.91 -58.50 -33.10
CA PRO A 766 -32.55 -57.98 -34.42
C PRO A 766 -33.78 -57.78 -35.32
N ASN A 767 -34.20 -56.53 -35.46
CA ASN A 767 -35.36 -56.21 -36.28
C ASN A 767 -35.21 -56.84 -37.67
N PRO A 768 -36.20 -57.65 -38.09
CA PRO A 768 -36.23 -58.34 -39.38
C PRO A 768 -36.28 -57.47 -40.63
N ALA A 769 -36.75 -56.23 -40.49
CA ALA A 769 -36.85 -55.34 -41.64
C ALA A 769 -35.84 -54.20 -41.59
N THR A 770 -34.65 -54.49 -41.06
CA THR A 770 -33.58 -53.51 -40.97
C THR A 770 -32.67 -53.63 -42.18
N GLU A 771 -31.68 -54.51 -42.08
CA GLU A 771 -30.74 -54.73 -43.17
C GLU A 771 -30.60 -56.20 -43.55
N GLY A 772 -29.78 -56.47 -44.56
CA GLY A 772 -29.58 -57.83 -45.00
C GLY A 772 -28.85 -58.65 -43.96
N TYR A 773 -29.60 -59.16 -42.99
CA TYR A 773 -29.04 -59.98 -41.92
C TYR A 773 -29.49 -61.41 -42.14
N PHE A 774 -30.47 -61.57 -43.02
CA PHE A 774 -31.02 -62.89 -43.35
C PHE A 774 -31.64 -63.59 -42.15
N GLY A 775 -32.13 -64.80 -42.38
CA GLY A 775 -32.73 -65.57 -41.31
C GLY A 775 -31.79 -66.61 -40.75
N LEU A 776 -31.47 -66.49 -39.46
CA LEU A 776 -30.59 -67.42 -38.79
C LEU A 776 -31.24 -68.80 -38.74
N GLY A 777 -31.03 -69.60 -39.78
CA GLY A 777 -31.62 -70.92 -39.81
C GLY A 777 -31.10 -71.79 -38.68
N ILE A 778 -32.02 -72.33 -37.88
CA ILE A 778 -31.62 -73.17 -36.75
C ILE A 778 -30.84 -74.40 -37.20
N VAL A 779 -30.92 -74.71 -38.49
CA VAL A 779 -30.21 -75.85 -39.03
C VAL A 779 -28.79 -75.44 -39.46
N ASN A 780 -28.56 -74.13 -39.50
CA ASN A 780 -27.25 -73.61 -39.88
C ASN A 780 -26.59 -72.93 -38.68
N HIS A 781 -27.35 -72.79 -37.60
CA HIS A 781 -26.84 -72.17 -36.38
C HIS A 781 -25.60 -72.90 -35.89
N ARG A 782 -24.47 -72.21 -35.90
CA ARG A 782 -23.23 -72.80 -35.43
C ARG A 782 -22.58 -71.91 -34.39
N THR A 783 -22.36 -72.47 -33.20
CA THR A 783 -21.73 -71.74 -32.10
C THR A 783 -20.89 -72.72 -31.29
N THR A 784 -19.65 -72.35 -31.01
CA THR A 784 -18.76 -73.22 -30.26
C THR A 784 -18.68 -74.58 -30.97
N PRO A 785 -18.41 -74.57 -32.29
CA PRO A 785 -18.32 -75.80 -33.06
C PRO A 785 -17.21 -76.73 -32.56
N ALA A 786 -17.28 -77.99 -32.95
CA ALA A 786 -16.30 -79.00 -32.55
C ALA A 786 -16.43 -79.28 -31.06
N TYR A 787 -17.06 -78.35 -30.34
CA TYR A 787 -17.29 -78.50 -28.92
C TYR A 787 -18.80 -78.58 -28.74
N TRP A 788 -19.52 -78.22 -29.80
CA TRP A 788 -20.98 -78.24 -29.81
C TRP A 788 -21.42 -79.44 -30.64
N PHE A 789 -22.73 -79.52 -30.92
CA PHE A 789 -23.28 -80.59 -31.73
C PHE A 789 -24.65 -80.18 -32.29
N ARG A 790 -24.93 -80.55 -33.53
CA ARG A 790 -26.18 -80.23 -34.20
C ARG A 790 -27.41 -80.78 -33.45
N PHE A 791 -27.31 -82.01 -32.98
CA PHE A 791 -28.38 -82.65 -32.21
C PHE A 791 -28.06 -82.41 -30.75
N CYS A 792 -27.18 -81.46 -30.53
CA CYS A 792 -26.74 -81.04 -29.20
C CYS A 792 -27.18 -81.90 -28.04
N ARG A 793 -26.25 -82.77 -27.63
CA ARG A 793 -26.40 -83.72 -26.53
C ARG A 793 -25.25 -84.74 -26.53
N ALA A 794 -25.01 -85.33 -27.69
CA ALA A 794 -23.93 -86.30 -27.87
C ALA A 794 -22.58 -85.64 -27.58
N PRO A 795 -21.45 -86.25 -27.99
CA PRO A 795 -20.18 -85.55 -27.69
C PRO A 795 -19.93 -84.33 -28.55
N ARG A 796 -18.66 -83.96 -28.68
CA ARG A 796 -18.28 -82.81 -29.44
C ARG A 796 -18.12 -83.18 -30.91
N GLU A 797 -18.54 -82.29 -31.79
CA GLU A 797 -18.44 -82.55 -33.22
C GLU A 797 -18.27 -81.28 -34.02
N GLY A 798 -17.41 -81.34 -35.03
CA GLY A 798 -17.20 -80.17 -35.86
C GLY A 798 -15.76 -79.74 -35.96
N HIS A 799 -15.53 -78.43 -35.94
CA HIS A 799 -14.19 -77.87 -36.06
C HIS A 799 -14.22 -76.39 -35.67
N PRO A 800 -13.36 -75.98 -34.72
CA PRO A 800 -13.29 -74.58 -34.27
C PRO A 800 -13.41 -73.61 -35.45
N TYR A 801 -14.41 -72.74 -35.38
CA TYR A 801 -14.66 -71.79 -36.45
C TYR A 801 -15.48 -70.62 -35.94
N PRO A 802 -15.25 -69.41 -36.48
CA PRO A 802 -16.01 -68.25 -36.02
C PRO A 802 -17.51 -68.49 -36.23
N GLN A 803 -18.24 -68.66 -35.13
CA GLN A 803 -19.68 -68.92 -35.18
C GLN A 803 -20.44 -67.79 -35.87
N LEU A 804 -21.76 -67.90 -35.93
CA LEU A 804 -22.60 -66.92 -36.63
C LEU A 804 -23.96 -66.66 -35.97
N ALA A 805 -24.54 -67.70 -35.37
CA ALA A 805 -25.84 -67.56 -34.73
C ALA A 805 -25.83 -66.46 -33.68
N LEU A 806 -27.03 -65.95 -33.38
CA LEU A 806 -27.20 -64.91 -32.38
C LEU A 806 -26.42 -63.65 -32.74
N PRO A 807 -27.10 -62.66 -33.35
CA PRO A 807 -26.48 -61.40 -33.74
C PRO A 807 -26.21 -60.49 -32.54
N PRO A 808 -25.13 -59.70 -32.60
CA PRO A 808 -24.79 -58.79 -31.49
C PRO A 808 -25.88 -57.78 -31.18
N HIS A 809 -26.04 -57.49 -29.89
CA HIS A 809 -27.03 -56.53 -29.41
C HIS A 809 -26.37 -55.41 -28.64
N TRP A 810 -25.14 -55.08 -29.06
CA TRP A 810 -24.36 -54.02 -28.45
C TRP A 810 -23.03 -53.93 -29.18
N ASP A 811 -22.15 -53.05 -28.72
CA ASP A 811 -20.84 -52.87 -29.35
C ASP A 811 -20.98 -52.19 -30.71
N PRO A 812 -19.91 -51.57 -31.22
CA PRO A 812 -19.98 -50.89 -32.52
C PRO A 812 -20.49 -51.80 -33.65
N ARG A 813 -20.43 -53.10 -33.43
CA ARG A 813 -20.88 -54.07 -34.44
C ARG A 813 -22.37 -54.33 -34.32
N HIS A 814 -23.00 -53.77 -33.29
CA HIS A 814 -24.43 -53.94 -33.05
C HIS A 814 -25.27 -53.59 -34.28
N ALA A 815 -26.24 -54.43 -34.59
CA ALA A 815 -27.13 -54.22 -35.72
C ALA A 815 -28.46 -53.70 -35.22
N LEU A 816 -29.16 -52.93 -36.06
CA LEU A 816 -30.45 -52.36 -35.68
C LEU A 816 -31.40 -53.43 -35.15
N ARG A 817 -31.94 -53.19 -33.97
CA ARG A 817 -32.86 -54.14 -33.34
C ARG A 817 -34.29 -53.61 -33.17
N ASP A 818 -34.97 -54.09 -32.14
CA ASP A 818 -36.34 -53.69 -31.85
C ASP A 818 -36.76 -54.19 -30.47
N PRO A 819 -37.33 -53.30 -29.63
CA PRO A 819 -37.78 -53.63 -28.27
C PRO A 819 -39.02 -54.53 -28.24
N GLU A 820 -39.16 -55.29 -27.16
CA GLU A 820 -40.29 -56.20 -27.00
C GLU A 820 -40.58 -56.36 -25.52
N ARG A 821 -41.79 -55.97 -25.11
CA ARG A 821 -42.19 -56.06 -23.70
C ARG A 821 -43.28 -57.08 -23.43
N LYS A 822 -43.31 -57.58 -22.20
CA LYS A 822 -44.30 -58.56 -21.76
C LYS A 822 -44.18 -58.74 -20.25
N PHE A 823 -44.98 -59.65 -19.68
CA PHE A 823 -44.93 -59.89 -18.25
C PHE A 823 -45.52 -61.24 -17.88
N LEU A 824 -45.34 -61.62 -16.62
CA LEU A 824 -45.85 -62.88 -16.09
C LEU A 824 -46.41 -62.67 -14.70
N CYS A 825 -47.50 -63.36 -14.39
CA CYS A 825 -48.14 -63.27 -13.09
C CYS A 825 -48.81 -64.60 -12.80
N ASP A 826 -48.07 -65.49 -12.15
CA ASP A 826 -48.58 -66.83 -11.85
C ASP A 826 -49.26 -66.92 -10.49
N ARG A 827 -49.77 -68.11 -10.19
CA ARG A 827 -50.45 -68.40 -8.93
C ARG A 827 -51.27 -67.21 -8.42
N THR A 828 -51.93 -66.52 -9.35
CA THR A 828 -52.73 -65.36 -9.01
C THR A 828 -54.04 -65.35 -9.79
N LEU A 829 -54.98 -64.53 -9.34
CA LEU A 829 -56.29 -64.43 -9.99
C LEU A 829 -56.63 -62.98 -10.29
N TRP A 830 -57.02 -62.70 -11.52
CA TRP A 830 -57.41 -61.36 -11.93
C TRP A 830 -58.65 -60.97 -11.13
N ARG A 831 -58.66 -59.75 -10.59
CA ARG A 831 -59.79 -59.28 -9.80
C ARG A 831 -60.47 -58.06 -10.39
N ILE A 832 -61.79 -57.99 -10.20
CA ILE A 832 -62.60 -56.88 -10.67
C ILE A 832 -63.74 -56.70 -9.68
N PRO A 833 -63.42 -56.18 -8.48
CA PRO A 833 -64.42 -55.97 -7.44
C PRO A 833 -65.64 -55.21 -7.95
N PHE A 834 -66.80 -55.52 -7.39
CA PHE A 834 -68.03 -54.86 -7.80
C PHE A 834 -68.30 -53.64 -6.94
N SER A 835 -67.31 -52.77 -6.83
CA SER A 835 -67.44 -51.55 -6.04
C SER A 835 -67.39 -50.32 -6.95
N SER A 836 -67.97 -49.22 -6.48
CA SER A 836 -68.00 -47.99 -7.27
C SER A 836 -66.60 -47.42 -7.46
N ASN A 837 -65.71 -47.69 -6.51
CA ASN A 837 -64.34 -47.20 -6.59
C ASN A 837 -63.33 -48.34 -6.61
N PHE A 838 -63.83 -49.55 -6.77
CA PHE A 838 -62.97 -50.74 -6.84
C PHE A 838 -62.27 -51.08 -5.52
N MET A 839 -62.40 -50.22 -4.52
CA MET A 839 -61.77 -50.46 -3.23
C MET A 839 -62.61 -51.40 -2.38
N SER A 840 -61.99 -52.00 -1.37
CA SER A 840 -62.69 -52.92 -0.47
C SER A 840 -63.08 -52.18 0.80
N MET A 841 -64.36 -51.85 0.92
CA MET A 841 -64.85 -51.13 2.08
C MET A 841 -65.80 -52.03 2.88
N GLY A 842 -65.61 -53.33 2.76
CA GLY A 842 -66.46 -54.27 3.47
C GLY A 842 -66.82 -55.44 2.58
N SER A 843 -67.10 -56.58 3.18
CA SER A 843 -67.46 -57.77 2.43
C SER A 843 -68.63 -57.45 1.50
N LEU A 844 -69.68 -56.87 2.06
CA LEU A 844 -70.86 -56.50 1.28
C LEU A 844 -70.63 -55.13 0.64
N THR A 845 -70.11 -55.14 -0.58
CA THR A 845 -69.83 -53.90 -1.30
C THR A 845 -71.01 -52.94 -1.32
N ASP A 846 -70.74 -51.71 -1.73
CA ASP A 846 -71.77 -50.67 -1.80
C ASP A 846 -72.72 -50.96 -2.96
N LEU A 847 -72.15 -51.28 -4.11
CA LEU A 847 -72.97 -51.59 -5.29
C LEU A 847 -73.77 -52.85 -5.05
N GLY A 848 -73.18 -53.78 -4.31
CA GLY A 848 -73.88 -55.02 -4.02
C GLY A 848 -75.04 -54.80 -3.08
N GLN A 849 -75.26 -53.55 -2.71
CA GLN A 849 -76.34 -53.20 -1.80
C GLN A 849 -77.19 -52.08 -2.39
N ASN A 850 -76.91 -51.74 -3.64
CA ASN A 850 -77.64 -50.69 -4.34
C ASN A 850 -79.00 -51.20 -4.80
N LEU A 851 -80.03 -50.37 -4.68
CA LEU A 851 -81.39 -50.74 -5.06
C LEU A 851 -81.52 -51.18 -6.51
N LEU A 852 -80.79 -50.52 -7.41
CA LEU A 852 -80.85 -50.85 -8.83
C LEU A 852 -80.68 -52.34 -9.11
N TYR A 853 -80.02 -53.04 -8.21
CA TYR A 853 -79.79 -54.47 -8.40
C TYR A 853 -80.68 -55.36 -7.53
N ALA A 854 -80.94 -54.94 -6.31
CA ALA A 854 -81.78 -55.72 -5.40
C ALA A 854 -83.26 -55.64 -5.77
N ASN A 855 -83.64 -54.54 -6.40
CA ASN A 855 -85.04 -54.33 -6.80
C ASN A 855 -85.42 -55.14 -8.04
N ALA A 856 -84.72 -54.93 -9.14
CA ALA A 856 -85.00 -55.63 -10.38
C ALA A 856 -83.86 -56.55 -10.79
N ALA A 857 -84.17 -57.53 -11.65
CA ALA A 857 -83.17 -58.48 -12.13
C ALA A 857 -82.62 -58.01 -13.48
N HIS A 858 -81.38 -58.37 -13.75
CA HIS A 858 -80.73 -57.99 -15.00
C HIS A 858 -80.07 -59.18 -15.68
N ALA A 859 -79.45 -58.93 -16.83
CA ALA A 859 -78.76 -59.96 -17.58
C ALA A 859 -77.31 -59.53 -17.75
N LEU A 860 -76.39 -60.49 -17.64
CA LEU A 860 -74.97 -60.19 -17.77
C LEU A 860 -74.36 -60.82 -19.01
N ASP A 861 -73.39 -60.14 -19.59
CA ASP A 861 -72.71 -60.62 -20.78
C ASP A 861 -71.27 -60.15 -20.80
N MET A 862 -70.34 -61.09 -20.72
CA MET A 862 -68.92 -60.76 -20.72
C MET A 862 -68.24 -61.30 -21.98
N THR A 863 -67.26 -60.56 -22.47
CA THR A 863 -66.52 -60.96 -23.67
C THR A 863 -65.02 -60.90 -23.38
N PHE A 864 -64.40 -62.07 -23.32
CA PHE A 864 -62.97 -62.14 -23.05
C PHE A 864 -62.14 -62.38 -24.31
N GLU A 865 -61.23 -61.46 -24.58
CA GLU A 865 -60.35 -61.56 -25.74
C GLU A 865 -58.98 -62.00 -25.22
N MET A 866 -58.52 -63.16 -25.64
CA MET A 866 -57.24 -63.68 -25.17
C MET A 866 -56.34 -64.17 -26.29
N ASP A 867 -55.07 -64.40 -25.97
CA ASP A 867 -54.10 -64.87 -26.94
C ASP A 867 -54.42 -66.30 -27.38
N PRO A 868 -54.24 -66.61 -28.66
CA PRO A 868 -54.52 -67.94 -29.20
C PRO A 868 -53.50 -68.99 -28.78
N ILE A 869 -54.00 -70.17 -28.40
CA ILE A 869 -53.14 -71.26 -27.98
C ILE A 869 -53.48 -72.51 -28.79
N ASN A 870 -52.46 -73.28 -29.16
CA ASN A 870 -52.64 -74.48 -29.96
C ASN A 870 -53.14 -75.69 -29.16
N GLU A 871 -54.08 -75.46 -28.26
CA GLU A 871 -54.64 -76.54 -27.45
C GLU A 871 -55.87 -76.08 -26.68
N PRO A 872 -56.81 -77.01 -26.42
CA PRO A 872 -58.05 -76.71 -25.69
C PRO A 872 -57.79 -76.15 -24.30
N THR A 873 -58.43 -75.02 -24.00
CA THR A 873 -58.28 -74.38 -22.70
C THR A 873 -59.65 -74.08 -22.11
N LEU A 874 -59.67 -73.46 -20.94
CA LEU A 874 -60.93 -73.12 -20.27
C LEU A 874 -60.86 -71.76 -19.60
N LEU A 875 -61.99 -71.06 -19.56
CA LEU A 875 -62.08 -69.74 -18.94
C LEU A 875 -62.67 -69.87 -17.54
N TYR A 876 -61.80 -70.03 -16.55
CA TYR A 876 -62.22 -70.18 -15.16
C TYR A 876 -62.68 -68.87 -14.56
N VAL A 877 -64.00 -68.72 -14.41
CA VAL A 877 -64.57 -67.51 -13.83
C VAL A 877 -64.96 -67.76 -12.37
N LEU A 878 -64.99 -66.69 -11.58
CA LEU A 878 -65.33 -66.81 -10.17
C LEU A 878 -66.26 -65.69 -9.69
N PHE A 879 -67.56 -65.94 -9.76
CA PHE A 879 -68.54 -64.96 -9.32
C PHE A 879 -68.55 -64.91 -7.79
N GLU A 880 -67.69 -64.07 -7.23
CA GLU A 880 -67.60 -63.92 -5.78
C GLU A 880 -68.98 -63.64 -5.20
N VAL A 881 -69.39 -64.47 -4.25
CA VAL A 881 -70.69 -64.32 -3.62
C VAL A 881 -70.61 -64.56 -2.13
N PHE A 882 -71.78 -64.78 -1.51
CA PHE A 882 -71.84 -65.02 -0.08
C PHE A 882 -72.31 -66.44 0.20
N ASP A 883 -71.37 -67.35 0.42
CA ASP A 883 -71.68 -68.74 0.70
C ASP A 883 -71.63 -68.93 2.22
N VAL A 884 -72.75 -68.62 2.88
CA VAL A 884 -72.82 -68.74 4.33
C VAL A 884 -73.83 -69.79 4.77
N ALA A 885 -73.61 -70.37 5.95
CA ALA A 885 -74.50 -71.38 6.48
C ALA A 885 -74.54 -71.34 8.01
N ARG A 886 -75.74 -71.35 8.57
CA ARG A 886 -75.91 -71.34 10.02
C ARG A 886 -76.17 -72.75 10.53
N VAL A 887 -75.58 -73.08 11.67
CA VAL A 887 -75.75 -74.40 12.27
C VAL A 887 -76.55 -74.28 13.56
N HIS A 888 -77.68 -74.96 13.61
CA HIS A 888 -78.54 -74.92 14.79
C HIS A 888 -78.63 -76.28 15.46
N GLN A 889 -78.32 -76.33 16.74
CA GLN A 889 -78.37 -77.58 17.50
C GLN A 889 -79.32 -77.45 18.69
N PRO A 890 -80.60 -77.77 18.48
CA PRO A 890 -81.62 -77.69 19.53
C PRO A 890 -81.47 -78.75 20.62
N HIS A 891 -81.46 -80.02 20.22
CA HIS A 891 -81.35 -81.11 21.17
C HIS A 891 -80.14 -82.02 20.98
N ARG A 892 -79.99 -82.97 21.89
CA ARG A 892 -78.88 -83.92 21.85
C ARG A 892 -78.91 -84.73 20.57
N GLY A 893 -77.79 -84.79 19.87
CA GLY A 893 -77.71 -85.54 18.63
C GLY A 893 -78.66 -85.05 17.55
N VAL A 894 -78.70 -83.74 17.34
CA VAL A 894 -79.57 -83.15 16.32
C VAL A 894 -78.90 -81.92 15.70
N ILE A 895 -78.53 -82.04 14.44
CA ILE A 895 -77.88 -80.93 13.73
C ILE A 895 -78.72 -80.41 12.57
N GLU A 896 -79.18 -79.17 12.69
CA GLU A 896 -79.98 -78.55 11.65
C GLU A 896 -79.19 -77.38 11.08
N VAL A 897 -78.85 -77.47 9.79
CA VAL A 897 -78.10 -76.41 9.14
C VAL A 897 -78.91 -75.76 8.03
N VAL A 898 -78.62 -74.49 7.74
CA VAL A 898 -79.33 -73.75 6.71
C VAL A 898 -78.33 -72.99 5.83
N TYR A 899 -78.11 -73.49 4.62
CA TYR A 899 -77.18 -72.86 3.69
C TYR A 899 -77.85 -71.71 2.95
N LEU A 900 -77.04 -70.87 2.31
CA LEU A 900 -77.56 -69.74 1.54
C LEU A 900 -76.47 -69.04 0.76
N ARG A 901 -76.41 -69.29 -0.54
CA ARG A 901 -75.42 -68.67 -1.40
C ARG A 901 -76.09 -67.68 -2.33
N THR A 902 -75.97 -66.39 -2.03
CA THR A 902 -76.58 -65.35 -2.85
C THR A 902 -75.52 -64.36 -3.36
N PRO A 903 -75.53 -64.06 -4.66
CA PRO A 903 -76.46 -64.56 -5.68
C PRO A 903 -76.21 -66.03 -6.01
N PHE A 904 -76.77 -66.50 -7.12
CA PHE A 904 -76.60 -67.89 -7.54
C PHE A 904 -77.03 -68.87 -6.45
N SER A 905 -78.28 -68.76 -6.02
CA SER A 905 -78.81 -69.64 -4.98
C SER A 905 -78.65 -71.11 -5.35
N ALA A 906 -79.23 -71.50 -6.47
CA ALA A 906 -79.15 -72.88 -6.94
C ALA A 906 -79.07 -72.91 -8.47
N GLY A 907 -77.94 -72.45 -9.00
CA GLY A 907 -77.77 -72.42 -10.44
C GLY A 907 -78.54 -71.26 -11.04
N ASN A 908 -78.52 -71.15 -12.37
CA ASN A 908 -79.22 -70.07 -13.06
C ASN A 908 -80.07 -70.61 -14.20
N ALA A 909 -81.35 -70.24 -14.20
CA ALA A 909 -82.28 -70.68 -15.23
C ALA A 909 -83.51 -69.77 -15.26
N LEU B 7 -81.90 -57.32 4.58
CA LEU B 7 -83.25 -57.91 4.79
C LEU B 7 -83.17 -59.16 5.65
N PRO B 8 -84.31 -59.57 6.25
CA PRO B 8 -84.41 -60.76 7.11
C PRO B 8 -83.66 -61.99 6.58
N GLN B 9 -83.38 -61.99 5.29
CA GLN B 9 -82.68 -63.12 4.69
C GLN B 9 -81.20 -63.02 5.04
N TRP B 10 -80.66 -61.81 4.98
CA TRP B 10 -79.26 -61.60 5.30
C TRP B 10 -79.07 -61.51 6.81
N SER B 11 -79.93 -60.73 7.46
CA SER B 11 -79.87 -60.55 8.91
C SER B 11 -79.78 -61.89 9.64
N TYR B 12 -80.50 -62.89 9.13
CA TYR B 12 -80.48 -64.21 9.75
C TYR B 12 -79.15 -64.88 9.50
N MET B 13 -78.68 -64.82 8.26
CA MET B 13 -77.41 -65.43 7.89
C MET B 13 -76.23 -64.55 8.27
N HIS B 14 -76.52 -63.44 8.93
CA HIS B 14 -75.50 -62.49 9.37
C HIS B 14 -74.69 -61.91 8.22
N ILE B 15 -75.25 -61.92 7.01
CA ILE B 15 -74.56 -61.35 5.86
C ILE B 15 -74.41 -59.86 6.12
N ALA B 16 -75.33 -59.33 6.92
CA ALA B 16 -75.32 -57.91 7.27
C ALA B 16 -76.10 -57.70 8.56
N GLY B 17 -75.70 -56.72 9.35
CA GLY B 17 -76.38 -56.45 10.59
C GLY B 17 -75.45 -56.38 11.79
N GLN B 18 -75.98 -56.65 12.97
CA GLN B 18 -75.20 -56.62 14.20
C GLN B 18 -74.09 -57.66 14.19
N ASP B 19 -73.13 -57.50 15.10
CA ASP B 19 -72.01 -58.44 15.21
C ASP B 19 -72.26 -59.49 16.28
N ALA B 20 -71.40 -60.50 16.32
CA ALA B 20 -71.51 -61.58 17.29
C ALA B 20 -71.64 -61.03 18.71
N SER B 21 -70.87 -59.99 19.00
CA SER B 21 -70.90 -59.36 20.32
C SER B 21 -72.21 -58.64 20.59
N GLU B 22 -73.18 -58.86 19.71
CA GLU B 22 -74.48 -58.21 19.87
C GLU B 22 -75.64 -59.17 19.63
N TYR B 23 -75.55 -59.99 18.58
CA TYR B 23 -76.61 -60.93 18.27
C TYR B 23 -76.51 -62.19 19.13
N LEU B 24 -75.45 -62.29 19.90
CA LEU B 24 -75.23 -63.44 20.77
C LEU B 24 -75.67 -63.10 22.20
N SER B 25 -75.93 -64.13 22.98
CA SER B 25 -76.35 -63.93 24.37
C SER B 25 -75.18 -63.36 25.17
N PRO B 26 -75.42 -62.28 25.91
CA PRO B 26 -74.40 -61.62 26.73
C PRO B 26 -73.48 -62.60 27.46
N GLY B 27 -74.08 -63.64 28.03
CA GLY B 27 -73.29 -64.63 28.75
C GLY B 27 -72.22 -65.29 27.91
N LEU B 28 -72.63 -65.81 26.75
CA LEU B 28 -71.71 -66.49 25.85
C LEU B 28 -70.60 -65.56 25.36
N VAL B 29 -70.94 -64.28 25.16
CA VAL B 29 -69.97 -63.31 24.69
C VAL B 29 -68.75 -63.24 25.61
N GLN B 30 -68.97 -62.76 26.83
CA GLN B 30 -67.90 -62.64 27.82
C GLN B 30 -67.14 -63.94 28.04
N PHE B 31 -67.85 -65.06 27.96
CA PHE B 31 -67.23 -66.36 28.15
C PHE B 31 -66.06 -66.54 27.18
N ALA B 32 -66.31 -66.26 25.91
CA ALA B 32 -65.29 -66.39 24.88
C ALA B 32 -64.13 -65.45 25.18
N GLN B 33 -64.46 -64.22 25.54
CA GLN B 33 -63.46 -63.21 25.86
C GLN B 33 -62.55 -63.68 26.99
N ALA B 34 -63.13 -64.41 27.94
CA ALA B 34 -62.37 -64.91 29.09
C ALA B 34 -61.52 -66.12 28.71
N THR B 35 -62.08 -67.00 27.88
CA THR B 35 -61.36 -68.20 27.45
C THR B 35 -60.52 -67.94 26.21
N GLU B 36 -60.22 -66.67 25.95
CA GLU B 36 -59.43 -66.28 24.79
C GLU B 36 -57.98 -66.74 24.95
N SER B 37 -57.77 -67.79 25.74
CA SER B 37 -56.43 -68.32 25.97
C SER B 37 -56.38 -69.81 25.64
N TYR B 38 -57.16 -70.60 26.38
CA TYR B 38 -57.20 -72.04 26.18
C TYR B 38 -58.22 -72.46 25.15
N PHE B 39 -59.50 -72.24 25.43
CA PHE B 39 -60.56 -72.62 24.50
C PHE B 39 -61.11 -71.40 23.75
N ASN B 40 -60.97 -71.41 22.44
CA ASN B 40 -61.44 -70.31 21.61
C ASN B 40 -62.71 -70.67 20.84
N ILE B 41 -63.65 -69.73 20.77
CA ILE B 41 -64.90 -69.96 20.07
C ILE B 41 -65.28 -68.71 19.27
N GLY B 42 -64.28 -67.86 19.02
CA GLY B 42 -64.53 -66.64 18.29
C GLY B 42 -64.70 -66.81 16.79
N ASN B 43 -64.16 -67.91 16.26
CA ASN B 43 -64.25 -68.19 14.84
C ASN B 43 -65.57 -68.89 14.51
N LYS B 44 -66.22 -69.39 15.56
CA LYS B 44 -67.48 -70.10 15.40
C LYS B 44 -68.63 -69.14 15.06
N PHE B 45 -68.46 -67.88 15.39
CA PHE B 45 -69.48 -66.87 15.10
C PHE B 45 -68.97 -65.86 14.10
N ARG B 46 -69.73 -65.66 13.02
CA ARG B 46 -69.36 -64.72 11.97
C ARG B 46 -69.81 -63.29 12.27
N ASN B 47 -68.96 -62.33 11.90
CA ASN B 47 -69.25 -60.92 12.10
C ASN B 47 -69.42 -60.25 10.73
N PRO B 48 -70.61 -59.72 10.45
CA PRO B 48 -70.89 -59.06 9.17
C PRO B 48 -70.16 -57.74 9.00
N THR B 49 -69.72 -57.47 7.77
CA THR B 49 -69.01 -56.23 7.46
C THR B 49 -69.64 -55.59 6.22
N VAL B 50 -70.49 -54.60 6.45
CA VAL B 50 -71.16 -53.90 5.34
C VAL B 50 -70.43 -52.61 4.99
N ALA B 51 -70.51 -52.23 3.72
CA ALA B 51 -69.86 -51.02 3.24
C ALA B 51 -70.91 -49.91 3.11
N PRO B 52 -70.48 -48.65 3.16
CA PRO B 52 -71.39 -47.50 3.05
C PRO B 52 -72.03 -47.40 1.67
N THR B 53 -73.28 -46.95 1.63
CA THR B 53 -74.01 -46.82 0.37
C THR B 53 -74.43 -45.39 0.05
N HIS B 54 -73.64 -44.42 0.54
CA HIS B 54 -73.94 -43.02 0.30
C HIS B 54 -72.87 -42.14 0.92
N ASP B 55 -72.66 -40.97 0.33
CA ASP B 55 -71.66 -40.02 0.82
C ASP B 55 -70.25 -40.60 0.73
N VAL B 56 -70.02 -41.38 -0.32
CA VAL B 56 -68.71 -41.99 -0.54
C VAL B 56 -68.30 -41.84 -2.00
N THR B 57 -69.05 -42.47 -2.89
CA THR B 57 -68.76 -42.40 -4.32
C THR B 57 -69.86 -41.63 -5.06
N THR B 58 -69.49 -41.02 -6.18
CA THR B 58 -70.42 -40.26 -6.98
C THR B 58 -71.16 -41.15 -7.97
N GLU B 59 -72.37 -40.76 -8.33
CA GLU B 59 -73.18 -41.51 -9.28
C GLU B 59 -72.99 -41.03 -10.71
N ARG B 60 -72.68 -39.75 -10.87
CA ARG B 60 -72.48 -39.18 -12.20
C ARG B 60 -71.14 -39.58 -12.82
N SER B 61 -71.08 -39.56 -14.14
CA SER B 61 -69.87 -39.92 -14.87
C SER B 61 -68.68 -39.08 -14.42
N GLN B 62 -67.49 -39.67 -14.43
CA GLN B 62 -66.27 -38.98 -14.02
C GLN B 62 -65.06 -39.90 -14.13
N ARG B 63 -64.03 -39.45 -14.84
CA ARG B 63 -62.81 -40.24 -15.00
C ARG B 63 -62.13 -40.52 -13.66
N LEU B 64 -61.35 -41.59 -13.63
CA LEU B 64 -60.62 -41.97 -12.42
C LEU B 64 -59.23 -41.37 -12.48
N GLN B 65 -58.66 -41.33 -13.69
CA GLN B 65 -57.34 -40.77 -13.89
C GLN B 65 -57.26 -40.05 -15.23
N LEU B 66 -56.99 -38.75 -15.17
CA LEU B 66 -56.90 -37.93 -16.37
C LEU B 66 -55.49 -37.94 -16.94
N ARG B 67 -55.37 -37.49 -18.18
CA ARG B 67 -54.07 -37.42 -18.85
C ARG B 67 -53.91 -36.02 -19.43
N PHE B 68 -52.82 -35.35 -19.07
CA PHE B 68 -52.58 -33.99 -19.54
C PHE B 68 -51.44 -33.89 -20.55
N VAL B 69 -51.62 -33.04 -21.55
CA VAL B 69 -50.62 -32.83 -22.58
C VAL B 69 -49.94 -31.47 -22.41
N PRO B 70 -48.61 -31.42 -22.66
CA PRO B 70 -47.82 -30.20 -22.53
C PRO B 70 -48.38 -29.03 -23.33
N VAL B 71 -48.64 -27.92 -22.64
CA VAL B 71 -49.18 -26.73 -23.30
C VAL B 71 -48.01 -25.96 -23.90
N ASP B 72 -46.80 -26.35 -23.52
CA ASP B 72 -45.58 -25.72 -24.01
C ASP B 72 -44.38 -26.58 -23.61
N ARG B 73 -43.50 -26.84 -24.55
CA ARG B 73 -42.32 -27.65 -24.30
C ARG B 73 -41.09 -27.15 -25.05
N GLU B 74 -39.99 -26.99 -24.32
CA GLU B 74 -38.74 -26.49 -24.89
C GLU B 74 -37.63 -27.52 -24.76
N ASP B 75 -37.12 -27.98 -25.90
CA ASP B 75 -36.05 -28.97 -25.90
C ASP B 75 -34.70 -28.27 -26.03
N THR B 76 -34.07 -28.01 -24.89
CA THR B 76 -32.77 -27.36 -24.85
C THR B 76 -31.68 -28.39 -25.11
N GLN B 77 -30.49 -27.89 -25.45
CA GLN B 77 -29.35 -28.75 -25.75
C GLN B 77 -29.01 -29.73 -24.62
N TYR B 78 -29.31 -29.35 -23.38
CA TYR B 78 -29.00 -30.20 -22.23
C TYR B 78 -30.10 -30.22 -21.17
N SER B 79 -31.30 -29.81 -21.57
CA SER B 79 -32.42 -29.80 -20.64
C SER B 79 -33.75 -29.82 -21.40
N TYR B 80 -34.79 -30.33 -20.74
CA TYR B 80 -36.10 -30.40 -21.35
C TYR B 80 -37.14 -29.86 -20.37
N LYS B 81 -37.86 -28.83 -20.79
CA LYS B 81 -38.87 -28.21 -19.94
C LYS B 81 -40.26 -28.29 -20.56
N THR B 82 -41.25 -28.61 -19.74
CA THR B 82 -42.63 -28.72 -20.18
C THR B 82 -43.57 -28.18 -19.12
N ARG B 83 -44.61 -27.45 -19.55
CA ARG B 83 -45.57 -26.90 -18.62
C ARG B 83 -46.96 -27.45 -18.89
N PHE B 84 -47.65 -27.86 -17.82
CA PHE B 84 -49.00 -28.42 -17.95
C PHE B 84 -49.97 -27.53 -17.20
N GLN B 85 -51.25 -27.60 -17.56
CA GLN B 85 -52.27 -26.81 -16.89
C GLN B 85 -53.15 -27.70 -16.03
N LEU B 86 -52.52 -28.42 -15.10
CA LEU B 86 -53.22 -29.32 -14.19
C LEU B 86 -54.50 -28.67 -13.69
N ALA B 87 -55.64 -29.15 -14.21
CA ALA B 87 -56.94 -28.61 -13.81
C ALA B 87 -57.72 -29.59 -12.96
N VAL B 88 -58.08 -29.17 -11.75
CA VAL B 88 -58.84 -30.01 -10.83
C VAL B 88 -60.31 -29.61 -10.88
N GLY B 89 -61.11 -30.38 -11.61
CA GLY B 89 -62.52 -30.09 -11.72
C GLY B 89 -63.19 -29.83 -10.38
N ASP B 90 -64.29 -29.12 -10.40
CA ASP B 90 -65.01 -28.79 -9.16
C ASP B 90 -65.52 -30.06 -8.50
N ASN B 91 -65.77 -29.98 -7.19
CA ASN B 91 -66.26 -31.11 -6.42
C ASN B 91 -65.29 -32.29 -6.46
N ARG B 92 -64.02 -32.00 -6.73
CA ARG B 92 -63.00 -33.03 -6.79
C ARG B 92 -61.81 -32.67 -5.92
N VAL B 93 -61.00 -33.67 -5.60
CA VAL B 93 -59.80 -33.47 -4.78
C VAL B 93 -58.67 -34.32 -5.32
N LEU B 94 -57.56 -33.69 -5.66
CA LEU B 94 -56.41 -34.41 -6.19
C LEU B 94 -55.28 -34.55 -5.18
N ASP B 95 -54.77 -35.77 -5.05
CA ASP B 95 -53.67 -36.05 -4.13
C ASP B 95 -52.40 -36.23 -4.94
N MET B 96 -51.60 -35.17 -5.03
CA MET B 96 -50.35 -35.19 -5.78
C MET B 96 -49.64 -36.54 -5.81
N ALA B 97 -49.60 -37.22 -4.67
CA ALA B 97 -48.94 -38.52 -4.59
C ALA B 97 -49.36 -39.47 -5.73
N SER B 98 -50.57 -39.28 -6.24
CA SER B 98 -51.08 -40.12 -7.32
C SER B 98 -50.71 -39.60 -8.70
N THR B 99 -49.88 -38.57 -8.75
CA THR B 99 -49.46 -37.99 -10.03
C THR B 99 -48.02 -38.34 -10.34
N TYR B 100 -47.73 -38.47 -11.64
CA TYR B 100 -46.39 -38.81 -12.09
C TYR B 100 -46.20 -38.39 -13.55
N PHE B 101 -44.96 -38.33 -13.99
CA PHE B 101 -44.67 -37.94 -15.36
C PHE B 101 -44.37 -39.14 -16.26
N ASP B 102 -45.24 -39.38 -17.22
CA ASP B 102 -45.09 -40.48 -18.15
C ASP B 102 -44.14 -40.05 -19.27
N ILE B 103 -42.94 -40.61 -19.27
CA ILE B 103 -41.94 -40.26 -20.27
C ILE B 103 -41.71 -41.37 -21.30
N ARG B 104 -41.55 -40.96 -22.55
CA ARG B 104 -41.31 -41.89 -23.65
C ARG B 104 -40.17 -41.35 -24.52
N GLY B 105 -39.30 -42.23 -24.98
CA GLY B 105 -38.20 -41.79 -25.82
C GLY B 105 -37.26 -42.90 -26.24
N THR B 106 -36.18 -42.52 -26.92
CA THR B 106 -35.19 -43.47 -27.38
C THR B 106 -33.92 -43.37 -26.56
N LEU B 107 -33.27 -44.51 -26.32
CA LEU B 107 -32.05 -44.54 -25.54
C LEU B 107 -30.93 -45.28 -26.27
N ASP B 108 -29.70 -44.78 -26.11
CA ASP B 108 -28.55 -45.40 -26.75
C ASP B 108 -27.46 -45.64 -25.70
N ARG B 109 -27.49 -46.83 -25.11
CA ARG B 109 -26.52 -47.20 -24.08
C ARG B 109 -25.08 -47.08 -24.56
N GLY B 110 -24.90 -46.81 -25.85
CA GLY B 110 -23.56 -46.67 -26.39
C GLY B 110 -22.95 -48.02 -26.69
N ALA B 111 -21.69 -48.02 -27.12
CA ALA B 111 -21.00 -49.26 -27.44
C ALA B 111 -20.35 -49.87 -26.20
N SER B 112 -20.34 -49.12 -25.12
CA SER B 112 -19.75 -49.58 -23.86
C SER B 112 -20.74 -50.39 -23.03
N PHE B 113 -21.86 -50.76 -23.64
CA PHE B 113 -22.87 -51.54 -22.93
C PHE B 113 -22.72 -53.04 -23.12
N LYS B 114 -22.31 -53.73 -22.07
CA LYS B 114 -22.14 -55.18 -22.11
C LYS B 114 -22.84 -55.78 -20.89
N PRO B 115 -24.14 -56.07 -21.03
CA PRO B 115 -24.95 -56.64 -19.94
C PRO B 115 -24.67 -58.10 -19.59
N TYR B 116 -23.39 -58.48 -19.50
CA TYR B 116 -23.05 -59.85 -19.16
C TYR B 116 -21.55 -60.11 -19.11
N SER B 117 -21.17 -61.21 -18.48
CA SER B 117 -19.77 -61.60 -18.36
C SER B 117 -19.46 -62.67 -19.39
N GLY B 118 -18.16 -62.91 -19.61
CA GLY B 118 -17.76 -63.92 -20.56
C GLY B 118 -18.03 -63.53 -22.00
N THR B 119 -18.49 -64.49 -22.80
CA THR B 119 -18.79 -64.24 -24.20
C THR B 119 -19.98 -65.05 -24.67
N ALA B 120 -20.46 -64.74 -25.87
CA ALA B 120 -21.58 -65.42 -26.47
C ALA B 120 -21.14 -65.97 -27.82
N TYR B 121 -19.84 -66.26 -27.92
CA TYR B 121 -19.27 -66.77 -29.16
C TYR B 121 -18.15 -67.76 -28.85
N ASN B 122 -18.43 -69.05 -29.01
CA ASN B 122 -17.44 -70.09 -28.76
C ASN B 122 -16.92 -70.00 -27.32
N SER B 123 -17.85 -69.97 -26.37
CA SER B 123 -17.49 -69.86 -24.96
C SER B 123 -16.75 -71.08 -24.42
N PHE B 124 -16.86 -72.21 -25.11
CA PHE B 124 -16.17 -73.42 -24.69
C PHE B 124 -14.85 -73.57 -25.42
N ALA B 125 -14.61 -72.66 -26.37
CA ALA B 125 -13.38 -72.68 -27.14
C ALA B 125 -12.21 -72.18 -26.30
N PRO B 126 -11.12 -72.95 -26.24
CA PRO B 126 -9.95 -72.53 -25.46
C PRO B 126 -9.56 -71.11 -25.81
N LYS B 127 -9.28 -70.31 -24.79
CA LYS B 127 -8.90 -68.91 -24.98
C LYS B 127 -7.52 -68.78 -25.62
N SER B 128 -7.11 -69.81 -26.36
CA SER B 128 -5.82 -69.81 -27.04
C SER B 128 -5.96 -70.48 -28.41
N ALA B 129 -6.86 -71.45 -28.50
CA ALA B 129 -7.09 -72.17 -29.74
C ALA B 129 -7.64 -71.24 -30.82
N PRO B 130 -6.94 -71.15 -31.96
CA PRO B 130 -7.33 -70.30 -33.10
C PRO B 130 -8.28 -71.03 -34.03
N ASN B 131 -8.86 -70.29 -34.97
CA ASN B 131 -9.77 -70.88 -35.95
C ASN B 131 -8.94 -71.40 -37.12
N ASN B 132 -9.60 -71.67 -38.24
CA ASN B 132 -8.91 -72.16 -39.43
C ASN B 132 -8.05 -71.06 -40.03
N THR B 133 -6.86 -70.84 -39.49
CA THR B 133 -5.99 -69.80 -40.03
C THR B 133 -4.97 -70.39 -40.98
N GLN B 134 -4.71 -69.65 -42.05
CA GLN B 134 -3.74 -70.06 -43.06
C GLN B 134 -2.59 -69.08 -43.01
N PHE B 135 -1.75 -69.20 -41.98
CA PHE B 135 -0.61 -68.31 -41.83
C PHE B 135 0.42 -68.48 -42.94
N ARG B 136 1.60 -67.93 -42.68
CA ARG B 136 2.74 -67.97 -43.60
C ARG B 136 3.92 -68.50 -42.81
N GLN B 137 4.75 -69.29 -43.47
CA GLN B 137 5.90 -69.88 -42.84
C GLN B 137 7.08 -68.92 -42.79
N ALA B 138 7.25 -68.23 -41.66
CA ALA B 138 8.33 -67.25 -41.45
C ALA B 138 8.89 -66.54 -42.71
N ASN B 139 8.07 -66.38 -43.74
CA ASN B 139 8.48 -65.74 -44.98
C ASN B 139 9.64 -66.55 -45.57
N ASN B 140 10.15 -66.10 -46.72
CA ASN B 140 11.24 -66.73 -47.46
C ASN B 140 10.65 -66.93 -48.84
N GLY B 141 10.37 -68.17 -49.20
CA GLY B 141 9.76 -68.48 -50.48
C GLY B 141 8.74 -69.57 -50.25
N HIS B 142 8.03 -69.45 -49.12
CA HIS B 142 7.02 -70.40 -48.67
C HIS B 142 5.64 -69.75 -48.57
N PRO B 143 4.95 -69.59 -49.72
CA PRO B 143 3.63 -68.97 -49.68
C PRO B 143 2.57 -69.80 -48.99
N ALA B 144 1.72 -69.11 -48.21
CA ALA B 144 0.63 -69.76 -47.51
C ALA B 144 1.05 -70.92 -46.62
N GLN B 145 0.07 -71.46 -45.89
CA GLN B 145 0.31 -72.58 -44.97
C GLN B 145 -0.98 -72.83 -44.18
N THR B 146 -1.58 -73.99 -44.36
CA THR B 146 -2.82 -74.31 -43.66
C THR B 146 -2.69 -75.10 -42.36
N ILE B 147 -3.53 -74.72 -41.40
CA ILE B 147 -3.60 -75.35 -40.09
C ILE B 147 -5.09 -75.45 -39.76
N ALA B 148 -5.62 -76.66 -39.77
CA ALA B 148 -7.03 -76.84 -39.49
C ALA B 148 -7.43 -78.24 -39.04
N GLN B 149 -8.37 -78.83 -39.77
CA GLN B 149 -8.89 -80.16 -39.45
C GLN B 149 -10.12 -80.46 -40.29
N ALA B 150 -10.08 -81.56 -41.04
CA ALA B 150 -11.22 -81.96 -41.86
C ALA B 150 -12.06 -82.95 -41.07
N SER B 151 -13.15 -82.47 -40.47
CA SER B 151 -14.02 -83.32 -39.69
C SER B 151 -15.45 -83.32 -40.22
N TYR B 152 -15.69 -84.11 -41.27
CA TYR B 152 -17.01 -84.22 -41.87
C TYR B 152 -17.48 -85.67 -41.91
N VAL B 153 -18.78 -85.87 -41.73
CA VAL B 153 -19.36 -87.20 -41.75
C VAL B 153 -18.93 -88.02 -42.96
N ALA B 154 -18.08 -89.01 -42.71
CA ALA B 154 -17.58 -89.89 -43.75
C ALA B 154 -17.14 -89.19 -45.03
N THR B 155 -18.02 -89.27 -46.05
CA THR B 155 -17.82 -88.71 -47.38
C THR B 155 -17.37 -89.76 -48.38
N ILE B 156 -18.31 -90.32 -49.13
CA ILE B 156 -17.99 -91.35 -50.11
C ILE B 156 -16.66 -91.14 -50.80
N GLY B 157 -16.56 -90.04 -51.55
CA GLY B 157 -15.33 -89.76 -52.26
C GLY B 157 -14.99 -88.29 -52.37
N GLY B 158 -14.15 -87.96 -53.34
CA GLY B 158 -13.75 -86.58 -53.55
C GLY B 158 -13.08 -86.38 -54.90
N ALA B 159 -13.81 -85.78 -55.84
CA ALA B 159 -13.29 -85.52 -57.18
C ALA B 159 -13.08 -84.03 -57.42
N ASN B 160 -12.69 -83.69 -58.65
CA ASN B 160 -12.46 -82.30 -59.07
C ASN B 160 -13.61 -81.42 -58.62
N ASN B 161 -14.81 -81.97 -58.69
CA ASN B 161 -16.01 -81.26 -58.29
C ASN B 161 -15.86 -80.80 -56.85
N ASP B 162 -15.69 -81.76 -55.93
CA ASP B 162 -15.51 -81.47 -54.51
C ASP B 162 -15.80 -82.69 -53.64
N LEU B 163 -16.20 -82.42 -52.40
CA LEU B 163 -16.52 -83.44 -51.42
C LEU B 163 -17.88 -84.05 -51.71
N GLN B 164 -17.90 -85.34 -52.04
CA GLN B 164 -19.16 -86.03 -52.34
C GLN B 164 -19.95 -86.35 -51.07
N MET B 165 -21.18 -85.85 -51.01
CA MET B 165 -22.05 -86.05 -49.85
C MET B 165 -23.01 -87.23 -50.07
N GLY B 166 -22.87 -87.90 -51.22
CA GLY B 166 -23.74 -89.02 -51.51
C GLY B 166 -23.97 -89.19 -53.01
N VAL B 167 -25.18 -89.60 -53.37
CA VAL B 167 -25.53 -89.80 -54.78
C VAL B 167 -26.85 -89.13 -55.14
N ASP B 168 -27.08 -87.95 -54.58
CA ASP B 168 -28.30 -87.17 -54.83
C ASP B 168 -29.44 -88.05 -55.33
N GLU B 169 -29.85 -88.99 -54.49
CA GLU B 169 -30.93 -89.93 -54.81
C GLU B 169 -30.80 -90.55 -56.20
N ARG B 170 -30.39 -91.81 -56.24
CA ARG B 170 -30.23 -92.61 -57.45
C ARG B 170 -28.77 -92.87 -57.84
N GLN B 171 -28.45 -92.69 -59.11
CA GLN B 171 -27.12 -92.94 -59.64
C GLN B 171 -26.15 -91.75 -59.60
N LEU B 172 -26.64 -90.56 -59.92
CA LEU B 172 -25.81 -89.37 -59.93
C LEU B 172 -25.28 -88.96 -58.56
N PRO B 173 -23.94 -88.98 -58.39
CA PRO B 173 -23.27 -88.60 -57.13
C PRO B 173 -23.44 -87.12 -56.81
N VAL B 174 -23.94 -86.83 -55.60
CA VAL B 174 -24.14 -85.45 -55.19
C VAL B 174 -22.88 -84.87 -54.55
N TYR B 175 -22.68 -83.57 -54.72
CA TYR B 175 -21.52 -82.89 -54.17
C TYR B 175 -21.91 -81.77 -53.21
N ALA B 176 -21.13 -81.60 -52.17
CA ALA B 176 -21.38 -80.58 -51.16
C ALA B 176 -21.45 -79.18 -51.76
N ASN B 177 -22.43 -78.40 -51.34
CA ASN B 177 -22.62 -77.05 -51.82
C ASN B 177 -21.59 -76.13 -51.16
N THR B 178 -20.60 -75.73 -51.96
CA THR B 178 -19.52 -74.85 -51.49
C THR B 178 -19.92 -73.77 -50.50
N THR B 179 -21.02 -73.08 -50.78
CA THR B 179 -21.50 -71.99 -49.93
C THR B 179 -21.70 -72.30 -48.45
N TYR B 180 -21.89 -73.57 -48.10
CA TYR B 180 -22.11 -73.89 -46.69
C TYR B 180 -21.69 -75.31 -46.30
N GLN B 181 -21.35 -76.13 -47.29
CA GLN B 181 -20.96 -77.50 -47.03
C GLN B 181 -19.47 -77.72 -47.30
N PRO B 182 -18.78 -78.46 -46.41
CA PRO B 182 -19.34 -79.06 -45.20
C PRO B 182 -19.56 -78.05 -44.09
N GLU B 183 -20.47 -78.36 -43.17
CA GLU B 183 -20.77 -77.47 -42.05
C GLU B 183 -19.90 -77.79 -40.84
N PRO B 184 -19.21 -76.78 -40.29
CA PRO B 184 -18.32 -76.93 -39.12
C PRO B 184 -19.04 -77.45 -37.88
N GLN B 185 -20.25 -77.96 -38.07
CA GLN B 185 -21.05 -78.50 -36.97
C GLN B 185 -21.02 -80.01 -37.08
N LEU B 186 -21.17 -80.49 -38.31
CA LEU B 186 -21.18 -81.92 -38.62
C LEU B 186 -19.88 -82.63 -38.27
N GLY B 187 -19.91 -83.96 -38.38
CA GLY B 187 -18.74 -84.76 -38.08
C GLY B 187 -19.13 -86.18 -37.75
N ILE B 188 -18.14 -87.06 -37.63
CA ILE B 188 -18.41 -88.46 -37.31
C ILE B 188 -19.17 -88.56 -35.99
N GLU B 189 -19.90 -89.66 -35.80
CA GLU B 189 -20.67 -89.83 -34.58
C GLU B 189 -19.95 -90.69 -33.54
N GLY B 190 -19.06 -91.55 -34.01
CA GLY B 190 -18.32 -92.43 -33.11
C GLY B 190 -17.03 -91.90 -32.53
N TRP B 191 -16.90 -92.05 -31.21
CA TRP B 191 -15.70 -91.61 -30.51
C TRP B 191 -14.49 -92.42 -30.98
N THR B 192 -14.55 -93.73 -30.76
CA THR B 192 -13.47 -94.60 -31.19
C THR B 192 -13.85 -95.19 -32.53
N ALA B 193 -15.13 -95.55 -32.68
CA ALA B 193 -15.63 -96.14 -33.91
C ALA B 193 -15.36 -95.19 -35.08
N GLY B 194 -15.37 -93.90 -34.81
CA GLY B 194 -15.13 -92.93 -35.87
C GLY B 194 -13.66 -92.73 -36.18
N SER B 195 -12.82 -92.72 -35.15
CA SER B 195 -11.38 -92.54 -35.34
C SER B 195 -10.67 -93.83 -35.70
N MET B 196 -11.04 -94.92 -35.04
CA MET B 196 -10.45 -96.23 -35.26
C MET B 196 -10.78 -96.75 -36.66
N ALA B 197 -11.88 -96.24 -37.23
CA ALA B 197 -12.31 -96.64 -38.56
C ALA B 197 -11.49 -95.90 -39.61
N VAL B 198 -11.00 -94.72 -39.24
CA VAL B 198 -10.21 -93.90 -40.13
C VAL B 198 -11.06 -93.30 -41.24
N ILE B 199 -10.76 -92.07 -41.63
CA ILE B 199 -11.50 -91.40 -42.69
C ILE B 199 -10.61 -91.21 -43.91
N ASP B 200 -10.93 -91.88 -45.00
CA ASP B 200 -10.15 -91.78 -46.23
C ASP B 200 -10.42 -90.43 -46.88
N GLN B 201 -11.69 -90.06 -46.96
CA GLN B 201 -12.10 -88.79 -47.56
C GLN B 201 -12.66 -87.86 -46.48
N ALA B 202 -11.85 -86.91 -46.04
CA ALA B 202 -12.28 -85.95 -45.02
C ALA B 202 -12.47 -84.58 -45.64
N GLY B 203 -13.29 -83.73 -45.01
CA GLY B 203 -13.52 -82.41 -45.54
C GLY B 203 -13.63 -81.34 -44.47
N GLY B 204 -13.15 -80.14 -44.79
CA GLY B 204 -13.20 -79.04 -43.85
C GLY B 204 -13.36 -77.69 -44.53
N ARG B 205 -13.52 -76.65 -43.72
CA ARG B 205 -13.69 -75.28 -44.23
C ARG B 205 -12.64 -74.43 -43.53
N VAL B 206 -11.92 -73.62 -44.30
CA VAL B 206 -10.87 -72.78 -43.73
C VAL B 206 -10.79 -71.37 -44.29
N LEU B 207 -10.34 -70.43 -43.46
CA LEU B 207 -10.18 -69.03 -43.84
C LEU B 207 -8.80 -68.87 -44.48
N ARG B 208 -8.67 -67.98 -45.45
CA ARG B 208 -7.38 -67.77 -46.10
C ARG B 208 -6.88 -66.33 -45.93
N ASN B 209 -5.67 -66.20 -45.39
CA ASN B 209 -4.99 -64.92 -45.17
C ASN B 209 -5.70 -63.85 -44.32
N PRO B 210 -6.54 -64.26 -43.36
CA PRO B 210 -7.19 -63.21 -42.55
C PRO B 210 -6.35 -62.91 -41.32
N THR B 211 -6.66 -61.81 -40.63
CA THR B 211 -5.92 -61.45 -39.43
C THR B 211 -6.30 -62.37 -38.28
N GLN B 212 -5.40 -63.29 -37.94
CA GLN B 212 -5.63 -64.25 -36.86
C GLN B 212 -6.22 -63.63 -35.61
N THR B 213 -7.15 -64.35 -35.01
CA THR B 213 -7.82 -63.93 -33.79
C THR B 213 -8.26 -65.20 -33.07
N PRO B 214 -8.02 -65.28 -31.76
CA PRO B 214 -8.41 -66.47 -30.99
C PRO B 214 -9.86 -66.86 -31.27
N CYS B 215 -10.09 -68.14 -31.51
CA CYS B 215 -11.43 -68.64 -31.78
C CYS B 215 -12.42 -68.18 -30.71
N TYR B 216 -11.89 -67.88 -29.53
CA TYR B 216 -12.70 -67.43 -28.41
C TYR B 216 -13.37 -66.10 -28.72
N GLY B 217 -14.67 -66.12 -28.98
CA GLY B 217 -15.39 -64.90 -29.27
C GLY B 217 -15.33 -64.46 -30.71
N SER B 218 -15.01 -65.38 -31.61
CA SER B 218 -14.93 -65.06 -33.04
C SER B 218 -16.33 -65.04 -33.64
N TYR B 219 -16.65 -63.97 -34.35
CA TYR B 219 -17.96 -63.83 -34.96
C TYR B 219 -17.87 -63.19 -36.35
N ALA B 220 -18.82 -63.54 -37.21
CA ALA B 220 -18.88 -63.01 -38.56
C ALA B 220 -20.34 -62.92 -38.97
N LYS B 221 -20.64 -62.12 -39.99
CA LYS B 221 -22.01 -61.96 -40.46
C LYS B 221 -22.33 -62.89 -41.62
N PRO B 222 -23.54 -63.46 -41.63
CA PRO B 222 -24.02 -64.38 -42.68
C PRO B 222 -24.19 -63.70 -44.03
N THR B 223 -24.28 -64.50 -45.09
CA THR B 223 -24.46 -63.97 -46.44
C THR B 223 -25.46 -64.76 -47.26
N ASN B 224 -25.93 -65.89 -46.74
CA ASN B 224 -26.88 -66.72 -47.47
C ASN B 224 -27.91 -67.40 -46.58
N GLU B 225 -28.88 -68.05 -47.24
CA GLU B 225 -29.93 -68.78 -46.55
C GLU B 225 -29.25 -69.98 -45.91
N HIS B 226 -28.05 -70.27 -46.40
CA HIS B 226 -27.24 -71.38 -45.92
C HIS B 226 -26.44 -70.93 -44.70
N GLY B 227 -26.57 -69.65 -44.36
CA GLY B 227 -25.85 -69.12 -43.21
C GLY B 227 -24.41 -68.77 -43.52
N GLY B 228 -23.75 -69.63 -44.30
CA GLY B 228 -22.36 -69.41 -44.66
C GLY B 228 -21.89 -67.97 -44.69
N ILE B 229 -20.65 -67.75 -44.30
CA ILE B 229 -20.06 -66.41 -44.29
C ILE B 229 -19.03 -66.31 -45.40
N THR B 230 -19.50 -66.46 -46.64
CA THR B 230 -18.64 -66.41 -47.81
C THR B 230 -18.04 -65.02 -48.04
N LYS B 231 -18.73 -63.99 -47.57
CA LYS B 231 -18.27 -62.61 -47.71
C LYS B 231 -18.45 -62.03 -49.11
N ALA B 232 -18.08 -60.76 -49.26
CA ALA B 232 -18.19 -60.05 -50.52
C ALA B 232 -17.41 -60.74 -51.63
N ASN B 233 -16.16 -61.09 -51.36
CA ASN B 233 -15.31 -61.76 -52.34
C ASN B 233 -15.95 -63.07 -52.80
N THR B 234 -16.33 -63.12 -54.06
CA THR B 234 -16.95 -64.30 -54.63
C THR B 234 -16.03 -65.52 -54.70
N GLN B 235 -14.73 -65.29 -54.70
CA GLN B 235 -13.77 -66.39 -54.79
C GLN B 235 -13.81 -67.39 -53.65
N VAL B 236 -13.74 -68.66 -54.03
CA VAL B 236 -13.75 -69.79 -53.10
C VAL B 236 -12.84 -70.82 -53.74
N GLU B 237 -11.90 -71.38 -52.98
CA GLU B 237 -10.97 -72.36 -53.53
C GLU B 237 -10.98 -73.71 -52.84
N LYS B 238 -11.30 -74.76 -53.61
CA LYS B 238 -11.34 -76.11 -53.10
C LYS B 238 -9.92 -76.67 -53.18
N LYS B 239 -9.16 -76.50 -52.10
CA LYS B 239 -7.78 -76.97 -52.05
C LYS B 239 -7.68 -78.44 -51.68
N TYR B 240 -7.10 -79.22 -52.58
CA TYR B 240 -6.95 -80.66 -52.40
C TYR B 240 -5.60 -81.00 -51.78
N TYR B 241 -5.62 -81.76 -50.68
CA TYR B 241 -4.40 -82.14 -49.99
C TYR B 241 -4.19 -83.65 -49.98
N ARG B 242 -2.92 -84.06 -49.88
CA ARG B 242 -2.58 -85.47 -49.84
C ARG B 242 -1.84 -85.75 -48.54
N THR B 243 -1.07 -86.84 -48.51
CA THR B 243 -0.30 -87.20 -47.33
C THR B 243 1.18 -87.03 -47.62
N GLY B 244 1.53 -86.99 -48.90
CA GLY B 244 2.92 -86.83 -49.29
C GLY B 244 3.40 -87.86 -50.30
N ASP B 245 2.71 -88.99 -50.37
CA ASP B 245 3.10 -90.06 -51.30
C ASP B 245 1.90 -90.71 -51.96
N ASN B 246 0.72 -90.42 -51.44
CA ASN B 246 -0.51 -90.98 -52.00
C ASN B 246 -1.04 -89.99 -53.04
N GLY B 247 -1.85 -90.51 -53.96
CA GLY B 247 -2.40 -89.64 -54.99
C GLY B 247 -3.90 -89.61 -54.90
N ASN B 248 -4.42 -88.88 -53.93
CA ASN B 248 -5.86 -88.82 -53.75
C ASN B 248 -6.20 -87.75 -52.71
N PRO B 249 -7.34 -87.05 -52.88
CA PRO B 249 -7.74 -86.01 -51.95
C PRO B 249 -8.27 -86.57 -50.63
N GLU B 250 -7.36 -86.79 -49.68
CA GLU B 250 -7.72 -87.32 -48.37
C GLU B 250 -8.46 -86.27 -47.56
N THR B 251 -8.24 -85.00 -47.90
CA THR B 251 -8.88 -83.89 -47.20
C THR B 251 -9.11 -82.68 -48.10
N VAL B 252 -10.39 -82.36 -48.33
CA VAL B 252 -10.75 -81.23 -49.17
C VAL B 252 -11.11 -80.02 -48.30
N PHE B 253 -10.57 -78.85 -48.65
CA PHE B 253 -10.85 -77.64 -47.90
C PHE B 253 -11.43 -76.52 -48.76
N TYR B 254 -12.51 -75.93 -48.28
CA TYR B 254 -13.17 -74.84 -49.00
C TYR B 254 -12.78 -73.51 -48.36
N THR B 255 -11.65 -72.97 -48.80
CA THR B 255 -11.16 -71.70 -48.28
C THR B 255 -12.11 -70.55 -48.59
N GLU B 256 -12.16 -69.58 -47.68
CA GLU B 256 -13.03 -68.43 -47.85
C GLU B 256 -12.62 -67.29 -46.94
N GLU B 257 -13.16 -66.10 -47.20
CA GLU B 257 -12.87 -64.93 -46.39
C GLU B 257 -14.12 -64.59 -45.60
N ALA B 258 -13.95 -64.17 -44.35
CA ALA B 258 -15.09 -63.84 -43.51
C ALA B 258 -14.99 -62.45 -42.89
N ASP B 259 -16.13 -61.89 -42.52
CA ASP B 259 -16.19 -60.57 -41.90
C ASP B 259 -15.90 -60.79 -40.42
N VAL B 260 -14.85 -61.55 -40.14
CA VAL B 260 -14.45 -61.86 -38.77
C VAL B 260 -14.17 -60.62 -37.93
N LEU B 261 -14.72 -60.61 -36.72
CA LEU B 261 -14.55 -59.51 -35.79
C LEU B 261 -14.69 -60.04 -34.37
N THR B 262 -14.65 -59.16 -33.38
CA THR B 262 -14.78 -59.56 -31.99
C THR B 262 -15.42 -58.46 -31.14
N PRO B 263 -16.65 -58.70 -30.67
CA PRO B 263 -17.37 -57.73 -29.84
C PRO B 263 -17.08 -57.79 -28.34
N ASP B 264 -17.42 -58.92 -27.72
CA ASP B 264 -17.21 -59.10 -26.29
C ASP B 264 -15.85 -59.68 -25.93
N THR B 265 -14.85 -59.47 -26.79
CA THR B 265 -13.52 -60.00 -26.53
C THR B 265 -12.41 -59.09 -27.05
N HIS B 266 -11.27 -59.13 -26.36
CA HIS B 266 -10.10 -58.34 -26.72
C HIS B 266 -8.85 -59.20 -26.57
N LEU B 267 -7.74 -58.75 -27.15
CA LEU B 267 -6.50 -59.51 -27.08
C LEU B 267 -5.82 -59.36 -25.71
N VAL B 268 -5.76 -60.46 -24.97
CA VAL B 268 -5.13 -60.45 -23.65
C VAL B 268 -3.63 -60.60 -23.82
N HIS B 269 -3.23 -61.32 -24.86
CA HIS B 269 -1.81 -61.54 -25.13
C HIS B 269 -1.50 -61.43 -26.62
N ALA B 270 -0.99 -60.27 -27.02
CA ALA B 270 -0.63 -60.03 -28.41
C ALA B 270 0.87 -60.24 -28.58
N VAL B 271 1.25 -61.36 -29.17
CA VAL B 271 2.65 -61.69 -29.36
C VAL B 271 3.38 -60.70 -30.29
N PRO B 272 3.01 -60.62 -31.57
CA PRO B 272 3.76 -59.66 -32.37
C PRO B 272 2.95 -58.46 -32.88
N ALA B 273 3.55 -57.28 -32.78
CA ALA B 273 2.93 -56.05 -33.28
C ALA B 273 3.36 -56.03 -34.74
N ALA B 274 2.40 -56.21 -35.65
CA ALA B 274 2.70 -56.27 -37.08
C ALA B 274 3.36 -57.63 -37.30
N ASP B 275 3.33 -58.13 -38.53
CA ASP B 275 3.92 -59.45 -38.81
C ASP B 275 3.11 -60.43 -37.96
N ARG B 276 1.95 -59.95 -37.52
CA ARG B 276 1.02 -60.70 -36.67
C ARG B 276 0.48 -61.97 -37.33
N ALA B 277 0.01 -61.84 -38.56
CA ALA B 277 -0.55 -62.98 -39.29
C ALA B 277 0.42 -64.11 -39.56
N LYS B 278 1.58 -64.08 -38.92
CA LYS B 278 2.57 -65.15 -39.12
C LYS B 278 2.40 -66.23 -38.05
N VAL B 279 3.07 -67.36 -38.24
CA VAL B 279 3.01 -68.49 -37.32
C VAL B 279 3.11 -68.13 -35.84
N GLU B 280 3.98 -67.17 -35.52
CA GLU B 280 4.16 -66.74 -34.14
C GLU B 280 2.99 -65.91 -33.62
N GLY B 281 2.06 -65.57 -34.51
CA GLY B 281 0.91 -64.78 -34.13
C GLY B 281 -0.23 -65.58 -33.51
N LEU B 282 -0.48 -66.76 -34.06
CA LEU B 282 -1.56 -67.61 -33.56
C LEU B 282 -1.45 -67.84 -32.06
N SER B 283 -0.30 -67.49 -31.49
CA SER B 283 -0.05 -67.64 -30.06
C SER B 283 -0.86 -66.65 -29.24
N GLN B 284 -1.51 -65.70 -29.92
CA GLN B 284 -2.31 -64.68 -29.25
C GLN B 284 -3.51 -65.28 -28.54
N HIS B 285 -3.83 -64.73 -27.37
CA HIS B 285 -4.97 -65.20 -26.60
C HIS B 285 -6.03 -64.13 -26.46
N ALA B 286 -7.24 -64.54 -26.08
CA ALA B 286 -8.35 -63.62 -25.93
C ALA B 286 -8.94 -63.67 -24.53
N ALA B 287 -9.69 -62.64 -24.19
CA ALA B 287 -10.33 -62.55 -22.88
C ALA B 287 -11.61 -61.73 -23.02
N PRO B 288 -12.68 -62.15 -22.32
CA PRO B 288 -13.95 -61.43 -22.39
C PRO B 288 -13.87 -60.03 -21.79
N ASN B 289 -14.58 -59.09 -22.39
CA ASN B 289 -14.58 -57.71 -21.92
C ASN B 289 -15.35 -57.61 -20.61
N ARG B 290 -14.90 -56.73 -19.72
CA ARG B 290 -15.55 -56.55 -18.43
C ARG B 290 -17.03 -56.22 -18.60
N PRO B 291 -17.89 -56.83 -17.77
CA PRO B 291 -19.33 -56.59 -17.82
C PRO B 291 -19.67 -55.16 -17.38
N ASN B 292 -20.48 -54.47 -18.18
CA ASN B 292 -20.86 -53.10 -17.86
C ASN B 292 -22.35 -52.88 -18.07
N PHE B 293 -23.09 -52.81 -16.96
CA PHE B 293 -24.54 -52.60 -17.01
C PHE B 293 -24.85 -51.11 -17.05
N ILE B 294 -25.83 -50.73 -17.86
CA ILE B 294 -26.23 -49.34 -18.00
C ILE B 294 -27.75 -49.21 -17.94
N GLY B 295 -28.24 -48.24 -17.19
CA GLY B 295 -29.67 -48.03 -17.07
C GLY B 295 -29.99 -46.83 -16.20
N PHE B 296 -31.29 -46.54 -16.08
CA PHE B 296 -31.74 -45.40 -15.27
C PHE B 296 -31.46 -45.67 -13.79
N ARG B 297 -30.95 -44.66 -13.10
CA ARG B 297 -30.63 -44.77 -11.68
C ARG B 297 -31.83 -45.22 -10.86
N ASP B 298 -31.59 -45.44 -9.56
CA ASP B 298 -32.65 -45.86 -8.64
C ASP B 298 -33.66 -44.74 -8.46
N CYS B 299 -34.94 -45.07 -8.58
CA CYS B 299 -36.01 -44.08 -8.43
C CYS B 299 -35.83 -42.94 -9.42
N PHE B 300 -35.13 -43.22 -10.52
CA PHE B 300 -34.88 -42.23 -11.56
C PHE B 300 -34.28 -40.94 -10.98
N VAL B 301 -33.43 -41.08 -9.98
CA VAL B 301 -32.78 -39.94 -9.37
C VAL B 301 -31.91 -39.21 -10.38
N GLY B 302 -32.08 -37.89 -10.45
CA GLY B 302 -31.28 -37.10 -11.39
C GLY B 302 -31.96 -36.86 -12.72
N LEU B 303 -33.01 -37.62 -13.01
CA LEU B 303 -33.73 -37.46 -14.27
C LEU B 303 -34.56 -36.19 -14.20
N MET B 304 -34.80 -35.71 -12.98
CA MET B 304 -35.57 -34.49 -12.78
C MET B 304 -34.81 -33.50 -11.91
N TYR B 305 -34.86 -32.23 -12.30
CA TYR B 305 -34.15 -31.19 -11.56
C TYR B 305 -34.69 -30.94 -10.15
N TYR B 306 -33.77 -30.85 -9.20
CA TYR B 306 -34.09 -30.60 -7.81
C TYR B 306 -32.98 -29.78 -7.16
N ASN B 307 -33.37 -28.89 -6.25
CA ASN B 307 -32.42 -28.05 -5.54
C ASN B 307 -31.53 -27.25 -6.50
N SER B 308 -32.14 -26.71 -7.55
CA SER B 308 -31.41 -25.92 -8.52
C SER B 308 -32.22 -24.70 -8.93
N GLY B 309 -31.85 -23.53 -8.41
CA GLY B 309 -32.56 -22.31 -8.72
C GLY B 309 -32.57 -22.02 -10.22
N GLY B 310 -31.65 -22.65 -10.94
CA GLY B 310 -31.58 -22.45 -12.38
C GLY B 310 -32.75 -23.07 -13.12
N ASN B 311 -33.23 -24.20 -12.61
CA ASN B 311 -34.35 -24.91 -13.22
C ASN B 311 -35.40 -25.29 -12.18
N LEU B 312 -35.77 -24.32 -11.35
CA LEU B 312 -36.74 -24.56 -10.29
C LEU B 312 -38.14 -24.82 -10.87
N GLY B 313 -38.79 -25.87 -10.38
CA GLY B 313 -40.11 -26.23 -10.86
C GLY B 313 -41.20 -25.28 -10.43
N VAL B 314 -42.24 -25.15 -11.25
CA VAL B 314 -43.34 -24.25 -10.95
C VAL B 314 -44.67 -24.96 -10.71
N LEU B 315 -45.43 -24.47 -9.74
CA LEU B 315 -46.73 -25.04 -9.41
C LEU B 315 -47.58 -24.00 -8.67
N ALA B 316 -48.24 -23.14 -9.45
CA ALA B 316 -49.08 -22.09 -8.88
C ALA B 316 -50.38 -21.95 -9.66
N GLY B 317 -51.38 -21.35 -9.03
CA GLY B 317 -52.65 -21.16 -9.69
C GLY B 317 -52.55 -20.07 -10.74
N GLN B 318 -53.21 -20.24 -11.87
CA GLN B 318 -53.18 -19.26 -12.94
C GLN B 318 -53.58 -17.88 -12.46
N SER B 319 -54.55 -17.84 -11.53
CA SER B 319 -55.03 -16.58 -10.99
C SER B 319 -54.04 -15.98 -9.98
N SER B 320 -53.40 -16.85 -9.21
CA SER B 320 -52.42 -16.42 -8.21
C SER B 320 -51.11 -16.00 -8.87
N GLN B 321 -50.63 -16.83 -9.79
CA GLN B 321 -49.38 -16.55 -10.50
C GLN B 321 -48.17 -16.63 -9.59
N LEU B 322 -48.41 -16.78 -8.29
CA LEU B 322 -47.33 -16.86 -7.31
C LEU B 322 -46.89 -18.31 -7.12
N ASN B 323 -45.69 -18.62 -7.61
CA ASN B 323 -45.14 -19.97 -7.49
C ASN B 323 -45.12 -20.46 -6.05
N ALA B 324 -45.66 -21.65 -5.82
CA ALA B 324 -45.72 -22.22 -4.49
C ALA B 324 -44.52 -23.12 -4.20
N VAL B 325 -43.65 -23.28 -5.20
CA VAL B 325 -42.46 -24.12 -5.03
C VAL B 325 -41.21 -23.29 -4.87
N VAL B 326 -40.73 -23.20 -3.62
CA VAL B 326 -39.52 -22.45 -3.31
C VAL B 326 -38.42 -23.41 -2.91
N ASP B 327 -37.50 -23.67 -3.84
CA ASP B 327 -36.40 -24.59 -3.58
C ASP B 327 -35.09 -23.85 -3.32
N LEU B 328 -34.17 -24.54 -2.65
CA LEU B 328 -32.86 -23.98 -2.32
C LEU B 328 -31.79 -25.03 -2.61
N GLN B 329 -30.72 -24.62 -3.28
CA GLN B 329 -29.63 -25.55 -3.61
C GLN B 329 -28.92 -26.02 -2.35
N ASP B 330 -29.47 -25.66 -1.19
CA ASP B 330 -28.90 -26.05 0.08
C ASP B 330 -29.55 -27.36 0.52
N ARG B 331 -30.81 -27.53 0.15
CA ARG B 331 -31.56 -28.74 0.49
C ARG B 331 -31.19 -29.87 -0.46
N ASN B 332 -31.52 -31.10 -0.10
CA ASN B 332 -31.22 -32.26 -0.93
C ASN B 332 -32.43 -33.18 -0.98
N THR B 333 -33.29 -32.99 -1.98
CA THR B 333 -34.49 -33.79 -2.12
C THR B 333 -34.17 -35.24 -2.45
N GLU B 334 -33.32 -35.45 -3.45
CA GLU B 334 -32.94 -36.80 -3.86
C GLU B 334 -32.65 -37.73 -2.69
N LEU B 335 -31.61 -37.43 -1.94
CA LEU B 335 -31.23 -38.25 -0.79
C LEU B 335 -32.40 -38.37 0.19
N SER B 336 -33.07 -37.25 0.45
CA SER B 336 -34.19 -37.23 1.37
C SER B 336 -35.21 -38.30 1.02
N TYR B 337 -35.55 -38.40 -0.26
CA TYR B 337 -36.51 -39.38 -0.73
C TYR B 337 -36.04 -40.80 -0.43
N GLN B 338 -34.77 -41.06 -0.72
CA GLN B 338 -34.19 -42.37 -0.48
C GLN B 338 -34.44 -42.84 0.95
N MET B 339 -33.86 -42.12 1.90
CA MET B 339 -34.03 -42.45 3.31
C MET B 339 -35.48 -42.63 3.70
N LEU B 340 -36.36 -41.80 3.14
CA LEU B 340 -37.78 -41.88 3.45
C LEU B 340 -38.35 -43.26 3.15
N LEU B 341 -38.03 -43.80 1.99
CA LEU B 341 -38.52 -45.12 1.59
C LEU B 341 -38.01 -46.21 2.52
N ALA B 342 -36.73 -46.14 2.88
CA ALA B 342 -36.12 -47.14 3.75
C ALA B 342 -36.70 -47.11 5.16
N ASN B 343 -37.60 -46.18 5.43
CA ASN B 343 -38.20 -46.07 6.75
C ASN B 343 -39.66 -46.47 6.78
N THR B 344 -40.31 -46.44 5.61
CA THR B 344 -41.72 -46.79 5.53
C THR B 344 -41.96 -48.15 4.90
N THR B 345 -40.99 -48.65 4.15
CA THR B 345 -41.13 -49.95 3.50
C THR B 345 -39.83 -50.74 3.51
N ASP B 346 -39.90 -51.97 3.00
CA ASP B 346 -38.74 -52.85 2.93
C ASP B 346 -37.96 -52.51 1.64
N ARG B 347 -36.87 -51.76 1.81
CA ARG B 347 -36.06 -51.34 0.67
C ARG B 347 -35.26 -52.49 0.04
N SER B 348 -35.79 -53.70 0.09
CA SER B 348 -35.12 -54.86 -0.50
C SER B 348 -35.90 -55.40 -1.69
N ARG B 349 -37.21 -55.17 -1.70
CA ARG B 349 -38.05 -55.64 -2.79
C ARG B 349 -37.91 -54.70 -3.99
N TYR B 350 -38.44 -55.11 -5.14
CA TYR B 350 -38.36 -54.30 -6.34
C TYR B 350 -39.74 -53.90 -6.86
N PHE B 351 -39.80 -52.75 -7.53
CA PHE B 351 -41.05 -52.24 -8.07
C PHE B 351 -40.79 -51.49 -9.37
N SER B 352 -40.81 -52.22 -10.48
CA SER B 352 -40.56 -51.67 -11.81
C SER B 352 -41.11 -50.27 -12.07
N MET B 353 -42.40 -50.07 -11.80
CA MET B 353 -43.03 -48.78 -12.03
C MET B 353 -42.14 -47.58 -11.68
N TRP B 354 -41.62 -47.58 -10.46
CA TRP B 354 -40.76 -46.49 -10.00
C TRP B 354 -39.29 -46.82 -10.24
N ASN B 355 -39.03 -47.94 -10.90
CA ASN B 355 -37.65 -48.38 -11.16
C ASN B 355 -36.95 -48.42 -9.82
N GLN B 356 -37.75 -48.59 -8.77
CA GLN B 356 -37.26 -48.66 -7.41
C GLN B 356 -36.53 -49.97 -7.14
N ALA B 357 -35.20 -49.92 -7.21
CA ALA B 357 -34.38 -51.09 -6.99
C ALA B 357 -33.04 -50.67 -6.38
N MET B 358 -33.11 -50.22 -5.13
CA MET B 358 -31.93 -49.77 -4.40
C MET B 358 -30.65 -50.51 -4.77
N ASP B 359 -29.55 -49.77 -4.81
CA ASP B 359 -28.25 -50.35 -5.15
C ASP B 359 -27.72 -51.12 -3.95
N SER B 360 -26.97 -52.17 -4.22
CA SER B 360 -26.38 -52.99 -3.17
C SER B 360 -25.20 -53.78 -3.74
N TYR B 361 -24.45 -54.44 -2.88
CA TYR B 361 -23.31 -55.22 -3.32
C TYR B 361 -23.31 -56.60 -2.70
N ASP B 362 -22.57 -57.53 -3.30
CA ASP B 362 -22.50 -58.89 -2.80
C ASP B 362 -21.61 -58.92 -1.56
N PRO B 363 -22.19 -59.24 -0.40
CA PRO B 363 -21.47 -59.31 0.88
C PRO B 363 -20.13 -60.02 0.81
N GLU B 364 -20.07 -61.10 0.05
CA GLU B 364 -18.85 -61.88 -0.10
C GLU B 364 -17.78 -61.15 -0.90
N VAL B 365 -18.20 -60.13 -1.66
CA VAL B 365 -17.27 -59.35 -2.46
C VAL B 365 -16.67 -58.22 -1.62
N ARG B 366 -17.54 -57.51 -0.90
CA ARG B 366 -17.09 -56.41 -0.05
C ARG B 366 -16.09 -56.91 0.98
N VAL B 367 -16.47 -57.97 1.69
CA VAL B 367 -15.61 -58.56 2.71
C VAL B 367 -15.28 -60.01 2.37
N ILE B 368 -14.06 -60.25 1.91
CA ILE B 368 -13.63 -61.59 1.53
C ILE B 368 -13.57 -62.52 2.74
N ASP B 369 -14.32 -63.62 2.66
CA ASP B 369 -14.34 -64.60 3.73
C ASP B 369 -13.66 -65.87 3.24
N ASN B 370 -12.35 -65.78 3.03
CA ASN B 370 -11.59 -66.93 2.54
C ASN B 370 -11.58 -68.04 3.59
N VAL B 371 -12.50 -68.98 3.45
CA VAL B 371 -12.61 -70.10 4.37
C VAL B 371 -11.84 -71.30 3.82
N GLY B 372 -11.22 -71.11 2.66
CA GLY B 372 -10.46 -72.18 2.04
C GLY B 372 -11.24 -72.85 0.93
N VAL B 373 -10.87 -74.08 0.61
CA VAL B 373 -11.54 -74.83 -0.45
C VAL B 373 -11.65 -76.30 -0.09
N GLU B 374 -12.82 -76.89 -0.31
CA GLU B 374 -13.05 -78.30 -0.01
C GLU B 374 -12.65 -79.15 -1.21
N ASP B 375 -11.36 -79.50 -1.29
CA ASP B 375 -10.86 -80.30 -2.40
C ASP B 375 -10.15 -81.56 -1.91
N GLU B 376 -10.67 -82.18 -0.86
CA GLU B 376 -10.07 -83.39 -0.31
C GLU B 376 -9.96 -84.49 -1.36
N MET B 377 -10.95 -84.54 -2.25
CA MET B 377 -10.96 -85.56 -3.29
C MET B 377 -10.40 -85.02 -4.60
N PRO B 378 -9.56 -85.81 -5.28
CA PRO B 378 -8.97 -85.38 -6.55
C PRO B 378 -9.95 -85.60 -7.69
N ASN B 379 -9.98 -84.67 -8.64
CA ASN B 379 -10.90 -84.77 -9.77
C ASN B 379 -10.14 -85.15 -11.04
N TYR B 380 -10.66 -86.12 -11.77
CA TYR B 380 -10.02 -86.58 -13.00
C TYR B 380 -10.93 -86.57 -14.22
N CYS B 381 -10.29 -86.46 -15.39
CA CYS B 381 -11.00 -86.46 -16.66
C CYS B 381 -10.43 -87.63 -17.47
N PHE B 382 -11.30 -88.54 -17.87
CA PHE B 382 -10.88 -89.72 -18.61
C PHE B 382 -11.24 -89.68 -20.09
N PRO B 383 -10.42 -90.30 -20.95
CA PRO B 383 -10.68 -90.31 -22.40
C PRO B 383 -12.09 -90.80 -22.71
N LEU B 384 -12.62 -90.36 -23.84
CA LEU B 384 -13.97 -90.76 -24.26
C LEU B 384 -14.03 -92.25 -24.54
N SER B 385 -12.89 -92.92 -24.39
CA SER B 385 -12.81 -94.35 -24.63
C SER B 385 -12.79 -95.16 -23.34
N GLY B 386 -12.23 -94.57 -22.29
CA GLY B 386 -12.15 -95.27 -21.01
C GLY B 386 -10.88 -96.08 -20.99
N VAL B 387 -10.01 -95.81 -21.96
CA VAL B 387 -8.73 -96.47 -22.08
C VAL B 387 -8.15 -96.21 -23.47
N GLN B 388 -6.96 -95.61 -23.50
CA GLN B 388 -6.30 -95.28 -24.76
C GLN B 388 -5.87 -96.51 -25.56
N ILE B 389 -6.20 -96.50 -26.86
CA ILE B 389 -5.85 -97.60 -27.75
C ILE B 389 -4.55 -97.31 -28.50
N GLY B 390 -3.62 -98.25 -28.43
CA GLY B 390 -2.35 -98.08 -29.11
C GLY B 390 -1.63 -99.36 -29.44
N ASN B 391 -1.96 -100.44 -28.72
CA ASN B 391 -1.34 -101.74 -28.96
C ASN B 391 -2.38 -102.85 -29.00
N ARG B 392 -2.04 -103.94 -29.68
CA ARG B 392 -2.94 -105.08 -29.79
C ARG B 392 -2.35 -106.31 -29.08
N SER B 393 -3.23 -107.10 -28.46
CA SER B 393 -2.81 -108.28 -27.73
C SER B 393 -2.79 -109.50 -28.65
N HIS B 394 -3.06 -110.68 -28.08
CA HIS B 394 -3.07 -111.95 -28.83
C HIS B 394 -3.24 -113.13 -27.89
N GLU B 395 -4.49 -113.58 -27.71
CA GLU B 395 -4.76 -114.72 -26.84
C GLU B 395 -4.09 -115.97 -27.40
N VAL B 396 -3.02 -116.39 -26.74
CA VAL B 396 -2.24 -117.55 -27.19
C VAL B 396 -2.18 -118.70 -26.18
N GLN B 397 -2.14 -119.93 -26.69
CA GLN B 397 -2.09 -121.11 -25.84
C GLN B 397 -0.67 -121.54 -25.53
N ARG B 398 -0.48 -122.09 -24.33
CA ARG B 398 0.82 -122.55 -23.86
C ARG B 398 0.99 -124.02 -24.21
N ASN B 399 2.06 -124.60 -23.69
CA ASN B 399 2.37 -126.02 -23.87
C ASN B 399 2.64 -126.39 -25.32
N GLN B 400 3.49 -127.40 -25.50
CA GLN B 400 3.88 -127.91 -26.82
C GLN B 400 4.97 -127.02 -27.39
N GLN B 401 5.02 -125.79 -26.88
CA GLN B 401 6.00 -124.82 -27.33
C GLN B 401 6.24 -123.73 -26.30
N GLN B 402 6.43 -122.50 -26.79
CA GLN B 402 6.67 -121.33 -25.97
C GLN B 402 5.35 -120.59 -25.78
N TRP B 403 4.41 -120.88 -26.68
CA TRP B 403 3.05 -120.30 -26.69
C TRP B 403 2.63 -120.06 -28.14
N GLN B 404 1.74 -120.91 -28.65
CA GLN B 404 1.27 -120.81 -30.03
C GLN B 404 0.12 -119.85 -30.27
N ASN B 405 0.25 -119.09 -31.35
CA ASN B 405 -0.76 -118.12 -31.74
C ASN B 405 -2.18 -118.71 -31.64
N VAL B 406 -3.17 -117.83 -31.76
CA VAL B 406 -4.55 -118.26 -31.70
C VAL B 406 -5.15 -118.39 -33.09
N ALA B 407 -4.75 -117.49 -33.98
CA ALA B 407 -5.22 -117.46 -35.35
C ALA B 407 -6.64 -116.90 -35.45
N ASN B 408 -7.47 -117.18 -34.45
CA ASN B 408 -8.85 -116.70 -34.42
C ASN B 408 -8.91 -115.18 -34.35
N SER B 409 -8.77 -114.53 -35.50
CA SER B 409 -8.80 -113.07 -35.57
C SER B 409 -7.68 -112.49 -34.71
N ASP B 410 -7.19 -111.32 -35.08
CA ASP B 410 -6.11 -110.70 -34.34
C ASP B 410 -6.30 -109.20 -34.23
N ASN B 411 -5.40 -108.56 -33.50
CA ASN B 411 -5.44 -107.11 -33.31
C ASN B 411 -6.53 -106.64 -32.36
N ASN B 412 -6.28 -106.78 -31.06
CA ASN B 412 -7.22 -106.35 -30.03
C ASN B 412 -6.73 -105.05 -29.43
N TYR B 413 -7.23 -104.71 -28.24
CA TYR B 413 -6.83 -103.48 -27.58
C TYR B 413 -6.93 -103.63 -26.05
N ILE B 414 -5.78 -103.75 -25.40
CA ILE B 414 -5.75 -103.89 -23.95
C ILE B 414 -4.68 -103.01 -23.30
N GLY B 415 -5.10 -102.19 -22.35
CA GLY B 415 -4.16 -101.30 -21.67
C GLY B 415 -3.64 -101.88 -20.37
N LYS B 416 -2.35 -102.19 -20.35
CA LYS B 416 -1.72 -102.75 -19.15
C LYS B 416 -1.53 -101.65 -18.10
N GLY B 417 -2.48 -101.57 -17.17
CA GLY B 417 -2.40 -100.55 -16.13
C GLY B 417 -3.72 -99.84 -15.97
N ASN B 418 -3.70 -98.65 -15.37
CA ASN B 418 -4.93 -97.89 -15.17
C ASN B 418 -5.22 -97.01 -16.37
N LEU B 419 -6.31 -96.23 -16.29
CA LEU B 419 -6.70 -95.35 -17.38
C LEU B 419 -5.93 -94.03 -17.31
N PRO B 420 -5.36 -93.59 -18.43
CA PRO B 420 -4.61 -92.33 -18.46
C PRO B 420 -5.54 -91.15 -18.19
N ALA B 421 -5.34 -90.47 -17.08
CA ALA B 421 -6.19 -89.34 -16.72
C ALA B 421 -5.42 -88.08 -16.35
N MET B 422 -6.11 -86.94 -16.49
CA MET B 422 -5.53 -85.64 -16.17
C MET B 422 -6.26 -85.12 -14.93
N GLU B 423 -5.50 -84.56 -14.00
CA GLU B 423 -6.10 -84.05 -12.77
C GLU B 423 -6.34 -82.54 -12.80
N ILE B 424 -7.30 -82.09 -12.02
CA ILE B 424 -7.65 -80.67 -11.94
C ILE B 424 -8.43 -80.40 -10.65
N ASN B 425 -7.92 -79.47 -9.84
CA ASN B 425 -8.57 -79.13 -8.59
C ASN B 425 -9.81 -78.28 -8.86
N LEU B 426 -10.90 -78.94 -9.22
CA LEU B 426 -12.16 -78.28 -9.53
C LEU B 426 -12.48 -77.14 -8.57
N ALA B 427 -12.90 -77.48 -7.36
CA ALA B 427 -13.27 -76.49 -6.35
C ALA B 427 -12.30 -75.31 -6.29
N ALA B 428 -11.01 -75.59 -6.46
CA ALA B 428 -9.99 -74.54 -6.42
C ALA B 428 -10.23 -73.49 -7.49
N ASN B 429 -10.33 -73.93 -8.75
CA ASN B 429 -10.55 -73.03 -9.87
C ASN B 429 -11.71 -72.07 -9.61
N LEU B 430 -12.89 -72.62 -9.35
CA LEU B 430 -14.09 -71.81 -9.10
C LEU B 430 -13.80 -70.69 -8.11
N TRP B 431 -13.09 -71.01 -7.03
CA TRP B 431 -12.76 -70.03 -6.01
C TRP B 431 -11.89 -68.92 -6.60
N ARG B 432 -10.85 -69.31 -7.32
CA ARG B 432 -9.94 -68.36 -7.95
C ARG B 432 -10.64 -67.50 -8.99
N SER B 433 -11.45 -68.13 -9.83
CA SER B 433 -12.18 -67.40 -10.86
C SER B 433 -13.11 -66.38 -10.22
N PHE B 434 -13.68 -66.76 -9.08
CA PHE B 434 -14.58 -65.87 -8.36
C PHE B 434 -13.84 -64.60 -7.96
N LEU B 435 -12.74 -64.77 -7.23
CA LEU B 435 -11.93 -63.64 -6.78
C LEU B 435 -11.54 -62.72 -7.93
N TYR B 436 -10.69 -63.21 -8.83
CA TYR B 436 -10.22 -62.41 -9.96
C TYR B 436 -11.31 -61.65 -10.71
N SER B 437 -12.49 -62.22 -10.82
CA SER B 437 -13.59 -61.59 -11.54
C SER B 437 -14.44 -60.64 -10.70
N ASN B 438 -14.34 -60.75 -9.37
CA ASN B 438 -15.12 -59.89 -8.50
C ASN B 438 -14.31 -58.90 -7.67
N VAL B 439 -13.00 -59.06 -7.64
CA VAL B 439 -12.16 -58.15 -6.85
C VAL B 439 -10.85 -57.76 -7.53
N ALA B 440 -10.31 -58.65 -8.36
CA ALA B 440 -9.05 -58.37 -9.04
C ALA B 440 -9.21 -57.33 -10.15
N LEU B 441 -10.24 -57.47 -10.96
CA LEU B 441 -10.49 -56.54 -12.06
C LEU B 441 -11.01 -55.19 -11.57
N TYR B 442 -11.37 -55.13 -10.29
CA TYR B 442 -11.89 -53.89 -9.72
C TYR B 442 -10.87 -53.15 -8.86
N LEU B 443 -9.65 -53.66 -8.78
CA LEU B 443 -8.61 -53.02 -7.99
C LEU B 443 -8.23 -51.68 -8.63
N PRO B 444 -7.79 -50.72 -7.81
CA PRO B 444 -7.41 -49.40 -8.30
C PRO B 444 -6.48 -49.48 -9.51
N ASP B 445 -6.68 -48.58 -10.47
CA ASP B 445 -5.89 -48.57 -11.70
C ASP B 445 -4.39 -48.56 -11.41
N ASN B 446 -4.00 -48.01 -10.27
CA ASN B 446 -2.59 -47.92 -9.89
C ASN B 446 -1.92 -49.29 -9.76
N LEU B 447 -2.71 -50.31 -9.45
CA LEU B 447 -2.18 -51.66 -9.29
C LEU B 447 -2.17 -52.44 -10.60
N LYS B 448 -2.63 -51.82 -11.68
CA LYS B 448 -2.67 -52.48 -12.97
C LYS B 448 -1.57 -51.95 -13.88
N PHE B 449 -1.42 -52.59 -15.04
CA PHE B 449 -0.41 -52.18 -16.01
C PHE B 449 -0.93 -52.44 -17.42
N THR B 450 -0.73 -51.48 -18.31
CA THR B 450 -1.17 -51.61 -19.69
C THR B 450 -0.63 -52.90 -20.30
N PRO B 451 -1.48 -53.63 -21.04
CA PRO B 451 -1.06 -54.87 -21.69
C PRO B 451 0.09 -54.63 -22.65
N HIS B 452 0.62 -55.71 -23.22
CA HIS B 452 1.75 -55.59 -24.15
C HIS B 452 1.28 -55.39 -25.59
N ASN B 453 1.96 -54.49 -26.30
CA ASN B 453 1.64 -54.20 -27.70
C ASN B 453 0.15 -53.94 -27.92
N ILE B 454 -0.37 -52.90 -27.30
CA ILE B 454 -1.78 -52.57 -27.45
C ILE B 454 -2.06 -51.07 -27.39
N GLN B 455 -2.61 -50.53 -28.47
CA GLN B 455 -2.94 -49.11 -28.56
C GLN B 455 -4.02 -48.82 -27.54
N LEU B 456 -3.82 -47.79 -26.70
CA LEU B 456 -4.81 -47.45 -25.69
C LEU B 456 -5.12 -45.95 -25.66
N PRO B 457 -6.39 -45.60 -25.40
CA PRO B 457 -6.84 -44.21 -25.34
C PRO B 457 -6.30 -43.48 -24.10
N PRO B 458 -6.20 -42.14 -24.17
CA PRO B 458 -5.69 -41.34 -23.06
C PRO B 458 -6.65 -41.23 -21.87
N ASN B 459 -7.92 -40.99 -22.16
CA ASN B 459 -8.93 -40.86 -21.11
C ASN B 459 -9.01 -42.10 -20.25
N THR B 460 -8.73 -41.95 -18.95
CA THR B 460 -8.79 -43.07 -18.03
C THR B 460 -10.24 -43.27 -17.59
N ASN B 461 -11.15 -42.51 -18.20
CA ASN B 461 -12.57 -42.60 -17.88
C ASN B 461 -13.31 -43.34 -18.98
N THR B 462 -12.57 -43.82 -19.97
CA THR B 462 -13.16 -44.55 -21.09
C THR B 462 -13.27 -46.04 -20.78
N TYR B 463 -14.25 -46.68 -21.40
CA TYR B 463 -14.47 -48.11 -21.21
C TYR B 463 -13.29 -48.93 -21.72
N GLU B 464 -12.78 -48.56 -22.88
CA GLU B 464 -11.65 -49.25 -23.49
C GLU B 464 -10.46 -49.32 -22.54
N TYR B 465 -10.18 -48.20 -21.87
CA TYR B 465 -9.07 -48.14 -20.93
C TYR B 465 -9.28 -49.11 -19.77
N MET B 466 -10.42 -48.98 -19.10
CA MET B 466 -10.75 -49.84 -17.97
C MET B 466 -10.87 -51.30 -18.40
N ASN B 467 -11.00 -51.52 -19.70
CA ASN B 467 -11.13 -52.88 -20.24
C ASN B 467 -9.79 -53.38 -20.75
N GLY B 468 -8.84 -52.46 -20.92
CA GLY B 468 -7.53 -52.83 -21.41
C GLY B 468 -6.53 -53.08 -20.29
N ARG B 469 -6.56 -52.21 -19.28
CA ARG B 469 -5.66 -52.35 -18.14
C ARG B 469 -5.68 -53.79 -17.63
N ILE B 470 -4.50 -54.35 -17.41
CA ILE B 470 -4.38 -55.72 -16.95
C ILE B 470 -3.96 -55.84 -15.49
N PRO B 471 -4.84 -56.38 -14.64
CA PRO B 471 -4.49 -56.52 -13.21
C PRO B 471 -3.76 -57.84 -12.97
N VAL B 472 -2.95 -57.88 -11.91
CA VAL B 472 -2.21 -59.08 -11.55
C VAL B 472 -3.00 -59.99 -10.61
N SER B 473 -3.35 -61.18 -11.08
CA SER B 473 -4.11 -62.15 -10.27
C SER B 473 -3.35 -62.54 -9.01
N GLY B 474 -2.09 -62.12 -8.94
CA GLY B 474 -1.27 -62.44 -7.77
C GLY B 474 -1.70 -61.68 -6.53
N LEU B 475 -2.12 -60.44 -6.73
CA LEU B 475 -2.55 -59.58 -5.64
C LEU B 475 -3.79 -60.08 -4.88
N ILE B 476 -4.52 -61.01 -5.48
CA ILE B 476 -5.71 -61.55 -4.83
C ILE B 476 -5.98 -62.99 -5.27
N ASP B 477 -5.07 -63.90 -4.90
CA ASP B 477 -5.21 -65.30 -5.27
C ASP B 477 -5.89 -66.09 -4.15
N THR B 478 -6.30 -67.32 -4.45
CA THR B 478 -6.99 -68.18 -3.49
C THR B 478 -6.31 -68.36 -2.14
N TYR B 479 -5.12 -67.78 -1.97
CA TYR B 479 -4.39 -67.91 -0.72
C TYR B 479 -4.23 -66.59 0.03
N VAL B 480 -4.96 -65.57 -0.40
CA VAL B 480 -4.88 -64.26 0.24
C VAL B 480 -5.59 -64.24 1.59
N ASN B 481 -4.85 -63.89 2.64
CA ASN B 481 -5.39 -63.82 3.99
C ASN B 481 -6.23 -65.05 4.32
N ILE B 482 -5.69 -66.21 4.01
CA ILE B 482 -6.38 -67.47 4.27
C ILE B 482 -6.84 -67.59 5.73
N GLY B 483 -8.15 -67.79 5.91
CA GLY B 483 -8.69 -67.93 7.25
C GLY B 483 -9.26 -66.68 7.89
N THR B 484 -9.53 -65.66 7.08
CA THR B 484 -10.08 -64.42 7.62
C THR B 484 -11.31 -63.90 6.88
N ARG B 485 -12.00 -62.98 7.54
CA ARG B 485 -13.20 -62.36 7.00
C ARG B 485 -12.80 -60.90 6.77
N TRP B 486 -11.54 -60.73 6.39
CA TRP B 486 -10.94 -59.42 6.13
C TRP B 486 -11.03 -59.01 4.67
N SER B 487 -11.19 -57.71 4.43
CA SER B 487 -11.30 -57.18 3.08
C SER B 487 -10.02 -56.42 2.71
N PRO B 488 -9.54 -56.58 1.46
CA PRO B 488 -8.32 -55.92 1.00
C PRO B 488 -8.29 -54.42 1.26
N ASP B 489 -7.26 -53.96 1.96
CA ASP B 489 -7.10 -52.55 2.29
C ASP B 489 -7.06 -51.66 1.06
N VAL B 490 -6.80 -52.25 -0.09
CA VAL B 490 -6.71 -51.49 -1.33
C VAL B 490 -8.11 -51.27 -1.92
N MET B 491 -9.10 -51.95 -1.37
CA MET B 491 -10.48 -51.84 -1.85
C MET B 491 -11.40 -51.10 -0.88
N ASP B 492 -10.91 -50.81 0.32
CA ASP B 492 -11.71 -50.11 1.32
C ASP B 492 -12.13 -48.73 0.83
N ASN B 493 -11.32 -48.15 -0.04
CA ASN B 493 -11.62 -46.83 -0.58
C ASN B 493 -12.06 -46.90 -2.04
N VAL B 494 -12.74 -47.99 -2.39
CA VAL B 494 -13.22 -48.19 -3.75
C VAL B 494 -14.71 -48.48 -3.72
N ASN B 495 -15.49 -47.58 -4.33
CA ASN B 495 -16.95 -47.73 -4.36
C ASN B 495 -17.38 -49.17 -4.65
N PRO B 496 -17.88 -49.87 -3.62
CA PRO B 496 -18.34 -51.25 -3.74
C PRO B 496 -19.64 -51.40 -4.52
N PHE B 497 -20.30 -50.28 -4.78
CA PHE B 497 -21.56 -50.29 -5.52
C PHE B 497 -21.33 -50.32 -7.01
N ASN B 498 -20.16 -49.87 -7.45
CA ASN B 498 -19.85 -49.88 -8.88
C ASN B 498 -19.27 -51.25 -9.19
N HIS B 499 -20.09 -52.28 -9.02
CA HIS B 499 -19.69 -53.66 -9.27
C HIS B 499 -20.75 -54.34 -10.12
N HIS B 500 -20.35 -55.31 -10.94
CA HIS B 500 -21.29 -56.01 -11.80
C HIS B 500 -22.18 -56.99 -11.04
N ARG B 501 -22.06 -56.99 -9.72
CA ARG B 501 -22.88 -57.86 -8.90
C ARG B 501 -23.91 -57.04 -8.14
N ASN B 502 -24.05 -55.79 -8.55
CA ASN B 502 -25.00 -54.88 -7.94
C ASN B 502 -26.40 -55.28 -8.41
N SER B 503 -27.03 -56.19 -7.68
CA SER B 503 -28.36 -56.68 -8.02
C SER B 503 -29.29 -55.53 -8.39
N GLY B 504 -29.22 -54.46 -7.61
CA GLY B 504 -30.07 -53.30 -7.87
C GLY B 504 -29.90 -52.77 -9.28
N LEU B 505 -28.69 -52.33 -9.62
CA LEU B 505 -28.41 -51.78 -10.93
C LEU B 505 -28.67 -52.82 -12.03
N ARG B 506 -28.17 -54.03 -11.83
CA ARG B 506 -28.34 -55.10 -12.80
C ARG B 506 -29.81 -55.32 -13.14
N TYR B 507 -30.67 -55.15 -12.15
CA TYR B 507 -32.11 -55.33 -12.35
C TYR B 507 -32.66 -54.28 -13.31
N ARG B 508 -32.46 -53.02 -12.96
CA ARG B 508 -32.95 -51.91 -13.80
C ARG B 508 -32.41 -52.03 -15.22
N SER B 509 -31.17 -52.50 -15.34
CA SER B 509 -30.55 -52.67 -16.64
C SER B 509 -31.42 -53.59 -17.50
N GLN B 510 -31.54 -54.84 -17.07
CA GLN B 510 -32.34 -55.81 -17.79
C GLN B 510 -33.78 -55.36 -17.91
N LEU B 511 -34.18 -54.41 -17.05
CA LEU B 511 -35.53 -53.89 -17.05
C LEU B 511 -35.79 -53.11 -18.34
N LEU B 512 -34.73 -52.79 -19.05
CA LEU B 512 -34.83 -52.05 -20.30
C LEU B 512 -34.52 -52.98 -21.47
N GLY B 513 -33.66 -53.96 -21.22
CA GLY B 513 -33.29 -54.92 -22.26
C GLY B 513 -31.80 -55.18 -22.33
N ASN B 514 -31.38 -55.94 -23.33
CA ASN B 514 -29.97 -56.27 -23.50
C ASN B 514 -29.38 -55.55 -24.70
N GLY B 515 -30.24 -54.90 -25.48
CA GLY B 515 -29.77 -54.19 -26.65
C GLY B 515 -29.25 -52.78 -26.39
N ARG B 516 -28.30 -52.35 -27.21
CA ARG B 516 -27.72 -51.02 -27.10
C ARG B 516 -28.82 -49.98 -27.29
N PHE B 517 -29.61 -50.16 -28.34
CA PHE B 517 -30.71 -49.27 -28.66
C PHE B 517 -31.95 -49.79 -27.94
N CYS B 518 -32.77 -48.89 -27.42
CA CYS B 518 -33.98 -49.29 -26.73
C CYS B 518 -34.96 -48.13 -26.55
N ASP B 519 -36.20 -48.36 -26.93
CA ASP B 519 -37.24 -47.35 -26.80
C ASP B 519 -37.88 -47.53 -25.43
N PHE B 520 -37.44 -46.73 -24.47
CA PHE B 520 -37.96 -46.82 -23.11
C PHE B 520 -39.31 -46.15 -22.91
N HIS B 521 -39.80 -46.22 -21.69
CA HIS B 521 -41.08 -45.63 -21.31
C HIS B 521 -41.22 -45.81 -19.81
N ILE B 522 -41.06 -44.73 -19.06
CA ILE B 522 -41.13 -44.80 -17.60
C ILE B 522 -42.06 -43.78 -16.96
N GLN B 523 -42.26 -43.93 -15.66
CA GLN B 523 -43.11 -43.03 -14.89
C GLN B 523 -42.28 -42.42 -13.76
N VAL B 524 -42.08 -41.11 -13.81
CA VAL B 524 -41.30 -40.44 -12.77
C VAL B 524 -42.23 -39.77 -11.75
N PRO B 525 -42.05 -40.11 -10.47
CA PRO B 525 -42.86 -39.54 -9.38
C PRO B 525 -42.34 -38.19 -8.90
N GLN B 526 -43.15 -37.51 -8.10
CA GLN B 526 -42.77 -36.21 -7.55
C GLN B 526 -42.09 -36.43 -6.20
N LYS B 527 -40.92 -35.84 -6.02
CA LYS B 527 -40.18 -36.01 -4.77
C LYS B 527 -40.13 -34.79 -3.86
N PHE B 528 -40.45 -33.62 -4.39
CA PHE B 528 -40.41 -32.41 -3.58
C PHE B 528 -41.45 -32.51 -2.46
N PHE B 529 -40.97 -32.54 -1.23
CA PHE B 529 -41.82 -32.66 -0.05
C PHE B 529 -42.97 -31.66 0.02
N ALA B 530 -42.66 -30.40 -0.27
CA ALA B 530 -43.67 -29.34 -0.22
C ALA B 530 -44.92 -29.64 -1.04
N ILE B 531 -44.80 -30.52 -2.02
CA ILE B 531 -45.94 -30.85 -2.86
C ILE B 531 -46.17 -32.34 -3.09
N ARG B 532 -45.35 -33.18 -2.46
CA ARG B 532 -45.49 -34.62 -2.63
C ARG B 532 -46.88 -35.10 -2.20
N ASN B 533 -47.15 -35.00 -0.91
CA ASN B 533 -48.42 -35.44 -0.35
C ASN B 533 -49.44 -34.32 -0.23
N LEU B 534 -49.26 -33.25 -0.99
CA LEU B 534 -50.17 -32.12 -0.95
C LEU B 534 -51.54 -32.54 -1.49
N LEU B 535 -52.59 -31.88 -1.02
CA LEU B 535 -53.95 -32.19 -1.46
C LEU B 535 -54.62 -30.97 -2.08
N LEU B 536 -54.33 -30.73 -3.35
CA LEU B 536 -54.90 -29.59 -4.06
C LEU B 536 -56.42 -29.61 -4.06
N LEU B 537 -57.02 -28.44 -4.22
CA LEU B 537 -58.46 -28.29 -4.24
C LEU B 537 -58.89 -27.84 -5.63
N PRO B 538 -60.21 -27.80 -5.90
CA PRO B 538 -60.70 -27.36 -7.21
C PRO B 538 -60.03 -26.10 -7.72
N GLY B 539 -59.84 -26.02 -9.03
CA GLY B 539 -59.22 -24.85 -9.63
C GLY B 539 -58.18 -25.28 -10.65
N THR B 540 -57.59 -24.31 -11.36
CA THR B 540 -56.57 -24.61 -12.36
C THR B 540 -55.21 -24.13 -11.90
N TYR B 541 -54.18 -24.94 -12.16
CA TYR B 541 -52.83 -24.59 -11.75
C TYR B 541 -51.81 -24.88 -12.85
N THR B 542 -50.76 -24.07 -12.88
CA THR B 542 -49.71 -24.26 -13.87
C THR B 542 -48.62 -25.12 -13.24
N TYR B 543 -48.47 -26.35 -13.76
CA TYR B 543 -47.49 -27.28 -13.24
C TYR B 543 -46.41 -27.53 -14.27
N GLU B 544 -45.26 -26.88 -14.08
CA GLU B 544 -44.13 -27.02 -15.00
C GLU B 544 -42.91 -27.58 -14.28
N TRP B 545 -42.02 -28.20 -15.03
CA TRP B 545 -40.82 -28.78 -14.47
C TRP B 545 -39.82 -29.16 -15.56
N SER B 546 -38.53 -29.10 -15.23
CA SER B 546 -37.49 -29.42 -16.20
C SER B 546 -36.91 -30.82 -15.99
N PHE B 547 -36.27 -31.34 -17.03
CA PHE B 547 -35.66 -32.67 -16.98
C PHE B 547 -34.30 -32.65 -17.65
N ARG B 548 -33.29 -33.18 -16.96
CA ARG B 548 -31.94 -33.23 -17.52
C ARG B 548 -31.90 -34.14 -18.74
N LYS B 549 -30.74 -34.21 -19.37
CA LYS B 549 -30.53 -35.06 -20.53
C LYS B 549 -29.10 -35.59 -20.50
N ASP B 550 -28.34 -35.16 -19.52
CA ASP B 550 -26.95 -35.58 -19.36
C ASP B 550 -26.92 -37.07 -19.04
N VAL B 551 -26.44 -37.87 -19.98
CA VAL B 551 -26.34 -39.31 -19.81
C VAL B 551 -25.64 -39.71 -18.51
N ASN B 552 -24.64 -38.93 -18.12
CA ASN B 552 -23.87 -39.22 -16.91
C ASN B 552 -24.63 -38.95 -15.61
N MET B 553 -25.87 -38.50 -15.72
CA MET B 553 -26.67 -38.23 -14.52
C MET B 553 -27.99 -38.97 -14.56
N ILE B 554 -28.52 -39.20 -15.75
CA ILE B 554 -29.78 -39.91 -15.89
C ILE B 554 -29.49 -41.41 -15.96
N LEU B 555 -28.32 -41.75 -16.48
CA LEU B 555 -27.91 -43.14 -16.61
C LEU B 555 -26.84 -43.50 -15.60
N GLN B 556 -26.64 -44.80 -15.40
CA GLN B 556 -25.66 -45.30 -14.45
C GLN B 556 -24.96 -46.52 -15.04
N SER B 557 -23.68 -46.67 -14.76
CA SER B 557 -22.92 -47.81 -15.27
C SER B 557 -22.15 -48.49 -14.14
N THR B 558 -21.86 -49.77 -14.31
CA THR B 558 -21.14 -50.54 -13.31
C THR B 558 -19.69 -50.08 -13.15
N LEU B 559 -19.05 -49.74 -14.26
CA LEU B 559 -17.66 -49.30 -14.23
C LEU B 559 -17.55 -47.81 -13.96
N GLY B 560 -18.61 -47.07 -14.23
CA GLY B 560 -18.61 -45.64 -14.00
C GLY B 560 -17.83 -44.87 -15.05
N ASN B 561 -17.64 -45.49 -16.21
CA ASN B 561 -16.92 -44.85 -17.30
C ASN B 561 -17.70 -43.64 -17.82
N ASP B 562 -16.99 -42.68 -18.40
CA ASP B 562 -17.63 -41.49 -18.93
C ASP B 562 -18.51 -41.84 -20.12
N LEU B 563 -19.81 -41.96 -19.86
CA LEU B 563 -20.78 -42.29 -20.90
C LEU B 563 -20.83 -41.25 -22.01
N ARG B 564 -20.64 -39.99 -21.64
CA ARG B 564 -20.67 -38.89 -22.58
C ARG B 564 -19.64 -39.03 -23.69
N VAL B 565 -18.54 -39.72 -23.39
CA VAL B 565 -17.48 -39.92 -24.37
C VAL B 565 -17.61 -41.28 -25.05
N ASP B 566 -18.35 -42.19 -24.42
CA ASP B 566 -18.54 -43.52 -24.99
C ASP B 566 -19.79 -43.61 -25.86
N GLY B 567 -20.13 -42.48 -26.50
CA GLY B 567 -21.29 -42.45 -27.37
C GLY B 567 -22.62 -42.76 -26.70
N ALA B 568 -22.81 -42.25 -25.48
CA ALA B 568 -24.06 -42.47 -24.76
C ALA B 568 -25.00 -41.31 -25.05
N THR B 569 -26.17 -41.62 -25.60
CA THR B 569 -27.13 -40.57 -25.94
C THR B 569 -28.57 -40.95 -25.56
N VAL B 570 -29.35 -39.94 -25.21
CA VAL B 570 -30.75 -40.14 -24.84
C VAL B 570 -31.60 -39.12 -25.59
N ASN B 571 -32.86 -39.46 -25.82
CA ASN B 571 -33.75 -38.55 -26.53
C ASN B 571 -35.19 -38.66 -26.04
N ILE B 572 -35.75 -37.53 -25.63
CA ILE B 572 -37.12 -37.49 -25.14
C ILE B 572 -38.08 -37.10 -26.27
N THR B 573 -39.05 -37.95 -26.53
CA THR B 573 -40.02 -37.69 -27.60
C THR B 573 -41.26 -36.96 -27.07
N SER B 574 -41.88 -37.52 -26.04
CA SER B 574 -43.07 -36.93 -25.45
C SER B 574 -43.13 -37.13 -23.95
N VAL B 575 -43.84 -36.23 -23.26
CA VAL B 575 -43.99 -36.30 -21.81
C VAL B 575 -45.39 -35.89 -21.41
N ASN B 576 -46.08 -36.75 -20.67
CA ASN B 576 -47.44 -36.46 -20.24
C ASN B 576 -47.53 -36.49 -18.72
N LEU B 577 -48.63 -35.95 -18.20
CA LEU B 577 -48.85 -35.92 -16.76
C LEU B 577 -50.16 -36.61 -16.39
N TYR B 578 -50.06 -37.67 -15.58
CA TYR B 578 -51.23 -38.40 -15.14
C TYR B 578 -51.57 -38.08 -13.70
N ALA B 579 -52.86 -38.11 -13.38
CA ALA B 579 -53.33 -37.82 -12.03
C ALA B 579 -54.63 -38.58 -11.76
N SER B 580 -54.64 -39.35 -10.67
CA SER B 580 -55.81 -40.13 -10.30
C SER B 580 -56.64 -39.41 -9.25
N PHE B 581 -57.95 -39.29 -9.52
CA PHE B 581 -58.86 -38.64 -8.60
C PHE B 581 -59.82 -39.65 -8.00
N PHE B 582 -60.04 -39.56 -6.70
CA PHE B 582 -60.96 -40.47 -6.02
C PHE B 582 -62.37 -40.10 -6.43
N PRO B 583 -63.17 -41.09 -6.87
CA PRO B 583 -64.56 -40.85 -7.28
C PRO B 583 -65.43 -40.51 -6.08
N MET B 584 -65.01 -39.52 -5.31
CA MET B 584 -65.72 -39.08 -4.13
C MET B 584 -66.99 -38.32 -4.48
N SER B 585 -68.06 -38.59 -3.74
CA SER B 585 -69.34 -37.93 -3.97
C SER B 585 -69.17 -36.42 -3.95
N HIS B 586 -69.81 -35.74 -4.89
CA HIS B 586 -69.74 -34.29 -4.98
C HIS B 586 -70.20 -33.63 -3.69
N ASN B 587 -71.20 -34.23 -3.05
CA ASN B 587 -71.73 -33.69 -1.79
C ASN B 587 -70.63 -33.69 -0.73
N THR B 588 -69.97 -34.83 -0.56
CA THR B 588 -68.91 -34.96 0.42
C THR B 588 -67.71 -34.12 0.01
N ALA B 589 -67.28 -34.30 -1.23
CA ALA B 589 -66.14 -33.57 -1.77
C ALA B 589 -66.29 -32.07 -1.54
N SER B 590 -67.51 -31.57 -1.68
CA SER B 590 -67.78 -30.14 -1.50
C SER B 590 -67.56 -29.73 -0.05
N THR B 591 -68.03 -30.56 0.87
CA THR B 591 -67.88 -30.27 2.30
C THR B 591 -66.40 -30.27 2.68
N LEU B 592 -65.68 -31.30 2.24
CA LEU B 592 -64.25 -31.42 2.53
C LEU B 592 -63.51 -30.15 2.12
N GLU B 593 -63.79 -29.67 0.91
CA GLU B 593 -63.16 -28.46 0.39
C GLU B 593 -63.41 -27.26 1.30
N ALA B 594 -64.67 -27.07 1.67
CA ALA B 594 -65.05 -25.96 2.54
C ALA B 594 -64.20 -25.89 3.79
N MET B 595 -63.88 -27.05 4.35
CA MET B 595 -63.07 -27.11 5.57
C MET B 595 -61.58 -26.88 5.30
N LEU B 596 -61.05 -27.55 4.28
CA LEU B 596 -59.64 -27.41 3.94
C LEU B 596 -59.27 -26.00 3.48
N ARG B 597 -60.26 -25.17 3.22
CA ARG B 597 -60.00 -23.81 2.77
C ARG B 597 -59.92 -22.82 3.94
N ASN B 598 -59.92 -23.34 5.16
CA ASN B 598 -59.83 -22.49 6.34
C ASN B 598 -58.41 -22.52 6.89
N ASP B 599 -57.85 -21.33 7.12
CA ASP B 599 -56.49 -21.21 7.63
C ASP B 599 -56.23 -22.06 8.87
N THR B 600 -57.30 -22.41 9.58
CA THR B 600 -57.18 -23.22 10.78
C THR B 600 -56.91 -24.69 10.44
N ASN B 601 -57.07 -25.04 9.17
CA ASN B 601 -56.85 -26.41 8.71
C ASN B 601 -55.88 -26.48 7.55
N ASP B 602 -54.84 -25.66 7.57
CA ASP B 602 -53.86 -25.67 6.50
C ASP B 602 -52.96 -26.89 6.59
N GLN B 603 -52.69 -27.49 5.44
CA GLN B 603 -51.84 -28.68 5.38
C GLN B 603 -50.40 -28.27 5.63
N SER B 604 -49.63 -29.15 6.25
CA SER B 604 -48.24 -28.87 6.55
C SER B 604 -47.36 -30.10 6.36
N PHE B 605 -46.25 -29.94 5.66
CA PHE B 605 -45.32 -31.04 5.42
C PHE B 605 -43.92 -30.63 5.86
N ASN B 606 -42.99 -31.56 5.80
CA ASN B 606 -41.61 -31.29 6.18
C ASN B 606 -40.69 -32.35 5.61
N ASP B 607 -39.71 -31.92 4.83
CA ASP B 607 -38.76 -32.83 4.20
C ASP B 607 -38.31 -33.86 5.23
N TYR B 608 -38.23 -35.12 4.81
CA TYR B 608 -37.83 -36.19 5.72
C TYR B 608 -36.40 -35.99 6.25
N LEU B 609 -35.49 -35.64 5.35
CA LEU B 609 -34.10 -35.44 5.74
C LEU B 609 -33.98 -34.23 6.68
N SER B 610 -34.62 -33.13 6.31
CA SER B 610 -34.59 -31.91 7.11
C SER B 610 -33.18 -31.58 7.58
N ALA B 611 -32.38 -31.00 6.71
CA ALA B 611 -31.01 -30.64 7.05
C ALA B 611 -30.35 -29.85 5.93
N ALA B 612 -29.54 -28.87 6.32
CA ALA B 612 -28.82 -28.06 5.34
C ALA B 612 -27.60 -28.82 4.88
N ASN B 613 -27.48 -29.00 3.57
CA ASN B 613 -26.37 -29.73 2.99
C ASN B 613 -25.17 -28.82 2.74
N MET B 614 -24.02 -29.21 3.29
CA MET B 614 -22.80 -28.43 3.12
C MET B 614 -21.71 -29.31 2.51
N LEU B 615 -20.82 -28.68 1.74
CA LEU B 615 -19.74 -29.42 1.10
C LEU B 615 -18.43 -28.64 1.20
N TYR B 616 -17.44 -29.24 1.87
CA TYR B 616 -16.14 -28.62 2.03
C TYR B 616 -15.09 -29.49 1.36
N PRO B 617 -14.23 -28.88 0.53
CA PRO B 617 -13.17 -29.61 -0.17
C PRO B 617 -12.11 -30.16 0.77
N ILE B 618 -11.60 -31.34 0.45
CA ILE B 618 -10.57 -31.98 1.26
C ILE B 618 -9.38 -32.28 0.35
N PRO B 619 -8.38 -31.39 0.33
CA PRO B 619 -7.19 -31.58 -0.51
C PRO B 619 -6.62 -32.99 -0.39
N PRO B 620 -6.01 -33.50 -1.48
CA PRO B 620 -5.44 -34.85 -1.46
C PRO B 620 -4.37 -35.02 -0.37
N ASN B 621 -4.46 -36.11 0.36
CA ASN B 621 -3.53 -36.44 1.44
C ASN B 621 -3.75 -35.58 2.68
N ALA B 622 -4.72 -34.67 2.62
CA ALA B 622 -5.01 -33.81 3.77
C ALA B 622 -5.46 -34.68 4.94
N THR B 623 -5.23 -34.19 6.15
CA THR B 623 -5.61 -34.93 7.35
C THR B 623 -6.55 -34.13 8.23
N GLN B 624 -6.21 -32.87 8.47
CA GLN B 624 -7.02 -31.98 9.30
C GLN B 624 -7.93 -31.15 8.42
N LEU B 625 -9.13 -30.86 8.91
CA LEU B 625 -10.09 -30.07 8.13
C LEU B 625 -11.02 -29.26 9.03
N PRO B 626 -10.68 -27.99 9.27
CA PRO B 626 -11.48 -27.10 10.11
C PRO B 626 -12.60 -26.44 9.31
N ILE B 627 -13.73 -26.17 9.96
CA ILE B 627 -14.86 -25.55 9.29
C ILE B 627 -15.58 -24.53 10.19
N PRO B 628 -15.44 -23.23 9.85
CA PRO B 628 -16.08 -22.15 10.62
C PRO B 628 -17.48 -21.79 10.11
N SER B 629 -18.41 -21.65 11.04
CA SER B 629 -19.80 -21.29 10.71
C SER B 629 -20.49 -20.95 12.04
N ARG B 630 -21.59 -20.22 11.98
CA ARG B 630 -22.30 -19.86 13.20
C ARG B 630 -23.83 -19.86 13.07
N ASN B 631 -24.50 -20.47 14.04
CA ASN B 631 -25.96 -20.56 14.06
C ASN B 631 -26.51 -19.60 15.12
N TRP B 632 -27.56 -18.87 14.78
CA TRP B 632 -28.18 -17.92 15.69
C TRP B 632 -29.21 -18.59 16.59
N ALA B 633 -29.61 -19.81 16.23
CA ALA B 633 -30.60 -20.54 17.00
C ALA B 633 -30.13 -21.93 17.39
N ALA B 634 -31.08 -22.82 17.64
CA ALA B 634 -30.76 -24.19 18.01
C ALA B 634 -31.44 -25.16 17.07
N PHE B 635 -30.64 -26.04 16.51
CA PHE B 635 -31.13 -27.03 15.58
C PHE B 635 -31.49 -28.36 16.24
N ARG B 636 -31.22 -29.47 15.54
CA ARG B 636 -31.53 -30.81 16.00
C ARG B 636 -30.28 -31.65 16.26
N GLY B 637 -29.34 -31.62 15.33
CA GLY B 637 -28.10 -32.38 15.48
C GLY B 637 -27.22 -32.38 14.25
N TRP B 638 -26.11 -33.11 14.31
CA TRP B 638 -25.18 -33.20 13.20
C TRP B 638 -25.26 -34.57 12.52
N SER B 639 -24.79 -34.64 11.28
CA SER B 639 -24.79 -35.87 10.51
C SER B 639 -23.75 -35.62 9.43
N LEU B 640 -22.85 -36.58 9.22
CA LEU B 640 -21.81 -36.39 8.22
C LEU B 640 -21.17 -37.65 7.66
N THR B 641 -20.47 -37.49 6.54
CA THR B 641 -19.78 -38.59 5.88
C THR B 641 -18.64 -38.02 5.05
N ARG B 642 -18.22 -38.76 4.03
CA ARG B 642 -17.13 -38.34 3.16
C ARG B 642 -17.40 -38.82 1.74
N LEU B 643 -17.20 -37.94 0.77
CA LEU B 643 -17.44 -38.29 -0.64
C LEU B 643 -16.25 -37.95 -1.53
N LYS B 644 -16.18 -38.61 -2.68
CA LYS B 644 -15.10 -38.36 -3.64
C LYS B 644 -15.54 -37.29 -4.62
N GLN B 645 -14.71 -36.26 -4.77
CA GLN B 645 -15.02 -35.16 -5.67
C GLN B 645 -15.43 -35.61 -7.07
N ARG B 646 -14.69 -36.55 -7.63
CA ARG B 646 -14.98 -37.06 -8.96
C ARG B 646 -16.37 -37.69 -9.05
N GLU B 647 -16.83 -38.28 -7.94
CA GLU B 647 -18.14 -38.92 -7.91
C GLU B 647 -19.23 -37.97 -7.43
N THR B 648 -18.92 -36.69 -7.29
CA THR B 648 -19.90 -35.71 -6.84
C THR B 648 -20.09 -34.60 -7.88
N PRO B 649 -21.22 -34.64 -8.60
CA PRO B 649 -21.51 -33.63 -9.62
C PRO B 649 -21.87 -32.29 -9.00
N ALA B 650 -21.25 -31.22 -9.49
CA ALA B 650 -21.50 -29.88 -8.98
C ALA B 650 -22.94 -29.47 -9.32
N LEU B 651 -23.80 -29.50 -8.31
CA LEU B 651 -25.21 -29.13 -8.50
C LEU B 651 -25.40 -27.62 -8.48
N GLY B 652 -26.62 -27.18 -8.76
CA GLY B 652 -26.92 -25.77 -8.79
C GLY B 652 -26.90 -25.25 -10.21
N SER B 653 -25.90 -25.68 -10.97
CA SER B 653 -25.77 -25.27 -12.36
C SER B 653 -26.46 -26.30 -13.27
N PRO B 654 -27.15 -25.82 -14.32
CA PRO B 654 -27.86 -26.69 -15.24
C PRO B 654 -26.98 -27.64 -16.05
N PHE B 655 -25.69 -27.67 -15.74
CA PHE B 655 -24.76 -28.54 -16.46
C PHE B 655 -23.35 -28.53 -15.88
N ASP B 656 -22.75 -29.71 -15.77
CA ASP B 656 -21.40 -29.84 -15.23
C ASP B 656 -20.47 -30.33 -16.35
N PRO B 657 -19.55 -29.46 -16.80
CA PRO B 657 -18.61 -29.83 -17.86
C PRO B 657 -17.45 -30.70 -17.38
N TYR B 658 -17.21 -30.71 -16.07
CA TYR B 658 -16.12 -31.49 -15.50
C TYR B 658 -16.59 -32.77 -14.82
N PHE B 659 -17.82 -33.19 -15.11
CA PHE B 659 -18.37 -34.40 -14.52
C PHE B 659 -18.21 -35.60 -15.43
N THR B 660 -17.07 -36.27 -15.33
CA THR B 660 -16.77 -37.45 -16.14
C THR B 660 -16.93 -38.73 -15.33
N TYR B 661 -18.13 -38.94 -14.80
CA TYR B 661 -18.41 -40.12 -13.99
C TYR B 661 -19.86 -40.55 -14.20
N SER B 662 -20.12 -41.85 -14.13
CA SER B 662 -21.47 -42.36 -14.33
C SER B 662 -21.85 -43.44 -13.32
N GLY B 663 -21.01 -43.62 -12.31
CA GLY B 663 -21.30 -44.61 -11.28
C GLY B 663 -22.32 -44.07 -10.30
N THR B 664 -22.52 -44.78 -9.20
CA THR B 664 -23.47 -44.33 -8.19
C THR B 664 -22.99 -43.03 -7.55
N ILE B 665 -23.94 -42.13 -7.28
CA ILE B 665 -23.62 -40.85 -6.67
C ILE B 665 -24.04 -40.84 -5.20
N PRO B 666 -23.12 -41.17 -4.29
CA PRO B 666 -23.39 -41.22 -2.85
C PRO B 666 -24.15 -39.99 -2.36
N TYR B 667 -23.91 -38.85 -3.01
CA TYR B 667 -24.56 -37.60 -2.63
C TYR B 667 -26.05 -37.59 -2.92
N LEU B 668 -26.51 -38.51 -3.77
CA LEU B 668 -27.92 -38.57 -4.12
C LEU B 668 -28.59 -39.87 -3.67
N ASP B 669 -28.15 -40.99 -4.23
CA ASP B 669 -28.72 -42.29 -3.88
C ASP B 669 -28.38 -42.70 -2.45
N GLY B 670 -27.37 -42.06 -1.88
CA GLY B 670 -26.98 -42.38 -0.51
C GLY B 670 -26.17 -43.65 -0.39
N THR B 671 -25.25 -43.86 -1.33
CA THR B 671 -24.40 -45.05 -1.32
C THR B 671 -23.03 -44.73 -0.74
N PHE B 672 -23.02 -44.14 0.44
CA PHE B 672 -21.79 -43.77 1.13
C PHE B 672 -20.97 -45.01 1.44
N TYR B 673 -19.67 -44.84 1.62
CA TYR B 673 -18.79 -45.96 1.90
C TYR B 673 -17.41 -45.52 2.36
N LEU B 674 -17.34 -44.33 2.95
CA LEU B 674 -16.07 -43.80 3.42
C LEU B 674 -16.20 -43.22 4.83
N SER B 675 -17.03 -43.85 5.65
CA SER B 675 -17.24 -43.40 7.01
C SER B 675 -16.17 -43.99 7.92
N HIS B 676 -15.47 -45.01 7.41
CA HIS B 676 -14.42 -45.68 8.17
C HIS B 676 -13.09 -44.96 7.98
N THR B 677 -13.13 -43.77 7.41
CA THR B 677 -11.92 -43.00 7.18
C THR B 677 -11.82 -41.78 8.07
N PHE B 678 -12.59 -41.77 9.17
CA PHE B 678 -12.56 -40.65 10.11
C PHE B 678 -11.85 -41.05 11.40
N ARG B 679 -11.11 -40.10 11.96
CA ARG B 679 -10.38 -40.34 13.20
C ARG B 679 -11.08 -39.72 14.39
N LYS B 680 -11.25 -38.40 14.37
CA LYS B 680 -11.89 -37.69 15.46
C LYS B 680 -12.60 -36.42 15.01
N VAL B 681 -13.53 -35.94 15.82
CA VAL B 681 -14.28 -34.73 15.53
C VAL B 681 -14.33 -33.86 16.78
N ALA B 682 -14.06 -32.57 16.62
CA ALA B 682 -14.07 -31.65 17.75
C ALA B 682 -15.04 -30.50 17.50
N ILE B 683 -16.00 -30.34 18.41
CA ILE B 683 -16.99 -29.28 18.29
C ILE B 683 -16.80 -28.26 19.41
N GLN B 684 -16.90 -26.98 19.07
CA GLN B 684 -16.73 -25.92 20.06
C GLN B 684 -17.56 -24.69 19.71
N PHE B 685 -18.20 -24.11 20.72
CA PHE B 685 -19.02 -22.91 20.53
C PHE B 685 -18.29 -21.66 21.01
N ASP B 686 -18.39 -20.60 20.22
CA ASP B 686 -17.74 -19.33 20.54
C ASP B 686 -16.23 -19.52 20.62
N SER B 687 -15.73 -20.51 19.89
CA SER B 687 -14.30 -20.82 19.85
C SER B 687 -13.67 -20.87 21.25
N SER B 688 -14.30 -21.62 22.15
CA SER B 688 -13.79 -21.76 23.51
C SER B 688 -14.54 -22.87 24.25
N VAL B 689 -15.86 -22.74 24.31
CA VAL B 689 -16.70 -23.73 24.99
C VAL B 689 -16.84 -24.99 24.15
N THR B 690 -16.14 -26.05 24.55
CA THR B 690 -16.20 -27.31 23.82
C THR B 690 -17.53 -28.01 24.11
N TRP B 691 -18.04 -28.73 23.12
CA TRP B 691 -19.30 -29.44 23.28
C TRP B 691 -19.05 -30.94 23.13
N PRO B 692 -19.75 -31.77 23.92
CA PRO B 692 -20.73 -31.37 24.93
C PRO B 692 -20.08 -30.90 26.23
N GLY B 693 -18.78 -31.16 26.35
CA GLY B 693 -18.07 -30.76 27.55
C GLY B 693 -18.64 -31.45 28.77
N ASN B 694 -18.65 -30.75 29.90
CA ASN B 694 -19.19 -31.31 31.14
C ASN B 694 -18.57 -32.67 31.45
N ASP B 695 -17.44 -32.97 30.82
CA ASP B 695 -16.76 -34.23 31.03
C ASP B 695 -17.71 -35.41 30.82
N ARG B 696 -18.39 -35.41 29.69
CA ARG B 696 -19.34 -36.47 29.36
C ARG B 696 -18.65 -37.74 28.85
N LEU B 697 -17.75 -37.57 27.90
CA LEU B 697 -17.03 -38.70 27.31
C LEU B 697 -15.71 -39.00 28.01
N LEU B 698 -15.17 -40.17 27.74
CA LEU B 698 -13.90 -40.59 28.33
C LEU B 698 -12.83 -39.60 27.86
N THR B 699 -13.08 -39.02 26.70
CA THR B 699 -12.20 -38.01 26.11
C THR B 699 -13.08 -36.78 25.89
N PRO B 700 -13.43 -36.08 26.99
CA PRO B 700 -14.27 -34.89 27.01
C PRO B 700 -13.93 -33.76 26.03
N ASN B 701 -12.73 -33.78 25.48
CA ASN B 701 -12.33 -32.73 24.55
C ASN B 701 -12.59 -33.05 23.08
N GLU B 702 -13.20 -34.20 22.81
CA GLU B 702 -13.49 -34.59 21.43
C GLU B 702 -14.14 -35.97 21.31
N PHE B 703 -14.60 -36.28 20.10
CA PHE B 703 -15.23 -37.56 19.82
C PHE B 703 -14.27 -38.40 18.98
N GLU B 704 -13.56 -39.31 19.63
CA GLU B 704 -12.62 -40.18 18.91
C GLU B 704 -13.39 -41.32 18.28
N ILE B 705 -13.51 -41.30 16.96
CA ILE B 705 -14.24 -42.36 16.26
C ILE B 705 -13.46 -43.68 16.29
N LYS B 706 -12.14 -43.58 16.19
CA LYS B 706 -11.30 -44.77 16.22
C LYS B 706 -9.87 -44.43 16.65
N ILE B 707 -9.23 -45.37 17.36
CA ILE B 707 -7.87 -45.18 17.82
C ILE B 707 -6.93 -46.20 17.17
N SER B 708 -5.73 -45.75 16.81
CA SER B 708 -4.74 -46.62 16.19
C SER B 708 -3.97 -47.40 17.25
N VAL B 709 -3.40 -46.68 18.22
CA VAL B 709 -2.65 -47.28 19.30
C VAL B 709 -3.59 -47.56 20.48
N ASP B 710 -3.81 -48.83 20.78
CA ASP B 710 -4.71 -49.21 21.88
C ASP B 710 -4.46 -48.46 23.18
N GLY B 711 -3.22 -48.49 23.68
CA GLY B 711 -2.92 -47.81 24.93
C GLY B 711 -3.75 -48.35 26.07
N GLU B 712 -4.93 -47.78 26.27
CA GLU B 712 -5.83 -48.22 27.34
C GLU B 712 -6.79 -49.27 26.79
N GLY B 713 -7.14 -49.12 25.51
CA GLY B 713 -8.04 -50.07 24.89
C GLY B 713 -9.48 -49.57 24.91
N TYR B 714 -9.64 -48.30 24.55
CA TYR B 714 -10.96 -47.69 24.51
C TYR B 714 -11.72 -48.22 23.29
N ASN B 715 -11.22 -49.30 22.72
CA ASN B 715 -11.83 -49.94 21.56
C ASN B 715 -12.79 -51.03 22.01
N VAL B 716 -13.89 -51.19 21.27
CA VAL B 716 -14.89 -52.21 21.59
C VAL B 716 -15.28 -53.03 20.37
N ALA B 717 -16.25 -53.92 20.56
CA ALA B 717 -16.74 -54.77 19.48
C ALA B 717 -15.58 -55.50 18.79
N GLN B 718 -14.46 -55.62 19.52
CA GLN B 718 -13.29 -56.29 18.98
C GLN B 718 -12.82 -55.62 17.69
N SER B 719 -12.90 -54.30 17.67
CA SER B 719 -12.47 -53.52 16.50
C SER B 719 -11.59 -52.37 16.95
N ASN B 720 -11.47 -51.36 16.09
CA ASN B 720 -10.65 -50.20 16.41
C ASN B 720 -11.53 -49.00 16.74
N MET B 721 -12.81 -49.26 16.97
CA MET B 721 -13.76 -48.20 17.30
C MET B 721 -13.79 -47.96 18.80
N THR B 722 -13.66 -46.69 19.20
CA THR B 722 -13.67 -46.34 20.61
C THR B 722 -14.98 -46.75 21.27
N LYS B 723 -15.00 -46.75 22.60
CA LYS B 723 -16.19 -47.11 23.35
C LYS B 723 -17.16 -45.93 23.34
N ASP B 724 -16.60 -44.72 23.40
CA ASP B 724 -17.39 -43.50 23.39
C ASP B 724 -18.22 -43.38 22.12
N TRP B 725 -17.56 -43.54 20.97
CA TRP B 725 -18.24 -43.44 19.70
C TRP B 725 -19.33 -44.48 19.55
N PHE B 726 -18.99 -45.72 19.86
CA PHE B 726 -19.96 -46.82 19.76
C PHE B 726 -21.21 -46.49 20.56
N LEU B 727 -21.02 -45.99 21.78
CA LEU B 727 -22.13 -45.63 22.64
C LEU B 727 -23.00 -44.56 21.98
N VAL B 728 -22.37 -43.48 21.56
CA VAL B 728 -23.08 -42.38 20.90
C VAL B 728 -23.95 -42.90 19.75
N GLN B 729 -23.34 -43.66 18.85
CA GLN B 729 -24.06 -44.20 17.70
C GLN B 729 -25.27 -45.03 18.13
N MET B 730 -25.09 -45.85 19.16
CA MET B 730 -26.16 -46.70 19.65
C MET B 730 -27.33 -45.88 20.19
N LEU B 731 -27.03 -44.82 20.92
CA LEU B 731 -28.06 -43.96 21.50
C LEU B 731 -28.80 -43.17 20.43
N ALA B 732 -28.06 -42.57 19.51
CA ALA B 732 -28.64 -41.76 18.44
C ALA B 732 -29.45 -42.58 17.44
N ASN B 733 -29.31 -43.89 17.47
CA ASN B 733 -30.03 -44.76 16.54
C ASN B 733 -31.11 -45.62 17.19
N TYR B 734 -30.82 -46.18 18.36
CA TYR B 734 -31.77 -47.04 19.02
C TYR B 734 -31.99 -46.70 20.50
N ASN B 735 -31.43 -45.57 20.93
CA ASN B 735 -31.56 -45.16 22.33
C ASN B 735 -31.10 -46.29 23.25
N ILE B 736 -30.18 -47.11 22.75
CA ILE B 736 -29.66 -48.23 23.51
C ILE B 736 -28.24 -47.95 23.98
N GLY B 737 -28.00 -48.13 25.27
CA GLY B 737 -26.67 -47.89 25.80
C GLY B 737 -26.67 -47.62 27.30
N TYR B 738 -27.69 -46.95 27.79
CA TYR B 738 -27.79 -46.64 29.21
C TYR B 738 -28.27 -47.83 30.02
N GLN B 739 -28.71 -48.88 29.34
CA GLN B 739 -29.20 -50.06 30.02
C GLN B 739 -28.83 -51.35 29.28
N GLY B 740 -27.55 -51.48 28.94
CA GLY B 740 -27.08 -52.66 28.25
C GLY B 740 -27.07 -52.54 26.73
N TYR B 741 -26.10 -53.19 26.11
CA TYR B 741 -25.96 -53.17 24.66
C TYR B 741 -26.53 -54.47 24.07
N HIS B 742 -27.60 -54.34 23.29
CA HIS B 742 -28.22 -55.51 22.68
C HIS B 742 -28.71 -55.20 21.26
N LEU B 743 -28.76 -56.23 20.43
CA LEU B 743 -29.21 -56.07 19.05
C LEU B 743 -30.63 -55.52 19.05
N PRO B 744 -30.79 -54.27 18.57
CA PRO B 744 -32.11 -53.63 18.52
C PRO B 744 -33.09 -54.41 17.66
N PRO B 745 -34.38 -54.12 17.81
CA PRO B 745 -35.43 -54.80 17.03
C PRO B 745 -35.28 -54.58 15.54
N ASP B 746 -35.61 -55.60 14.76
CA ASP B 746 -35.50 -55.55 13.30
C ASP B 746 -36.10 -54.34 12.61
N TYR B 747 -37.34 -53.99 12.97
CA TYR B 747 -38.00 -52.86 12.32
C TYR B 747 -37.17 -51.57 12.40
N LYS B 748 -36.25 -51.49 13.36
CA LYS B 748 -35.42 -50.30 13.49
C LYS B 748 -34.08 -50.43 12.77
N ASP B 749 -33.81 -51.63 12.25
CA ASP B 749 -32.56 -51.88 11.54
C ASP B 749 -32.79 -51.87 10.04
N ARG B 750 -32.76 -50.67 9.45
CA ARG B 750 -32.97 -50.52 8.02
C ARG B 750 -31.60 -50.38 7.34
N THR B 751 -31.58 -50.41 6.01
CA THR B 751 -30.35 -50.30 5.27
C THR B 751 -29.55 -49.03 5.60
N PHE B 752 -30.20 -48.05 6.21
CA PHE B 752 -29.53 -46.82 6.57
C PHE B 752 -29.22 -46.71 8.06
N SER B 753 -29.27 -47.84 8.75
CA SER B 753 -28.99 -47.85 10.18
C SER B 753 -27.49 -48.08 10.42
N PHE B 754 -27.07 -47.95 11.67
CA PHE B 754 -25.66 -48.14 12.02
C PHE B 754 -25.29 -49.62 12.12
N LEU B 755 -25.72 -50.24 13.21
CA LEU B 755 -25.43 -51.65 13.47
C LEU B 755 -25.60 -52.54 12.24
N HIS B 756 -26.66 -52.30 11.47
CA HIS B 756 -26.94 -53.09 10.27
C HIS B 756 -25.75 -53.15 9.33
N ASN B 757 -24.99 -52.05 9.25
CA ASN B 757 -23.84 -52.00 8.36
C ASN B 757 -22.49 -52.16 9.06
N PHE B 758 -22.49 -52.12 10.39
CA PHE B 758 -21.26 -52.26 11.15
C PHE B 758 -20.72 -53.69 11.03
N ILE B 759 -19.49 -53.81 10.54
CA ILE B 759 -18.87 -55.12 10.37
C ILE B 759 -17.39 -55.11 10.73
N PRO B 760 -17.06 -55.50 11.98
CA PRO B 760 -15.67 -55.54 12.44
C PRO B 760 -14.91 -56.73 11.86
N MET B 761 -13.61 -56.56 11.68
CA MET B 761 -12.78 -57.63 11.13
C MET B 761 -11.34 -57.49 11.62
N CYS B 762 -10.67 -58.64 11.74
CA CYS B 762 -9.28 -58.66 12.21
C CYS B 762 -8.48 -59.65 11.37
N ARG B 763 -7.16 -59.61 11.54
CA ARG B 763 -6.27 -60.51 10.81
C ARG B 763 -4.88 -60.38 11.37
N GLN B 764 -4.07 -61.42 11.19
CA GLN B 764 -2.70 -61.40 11.66
C GLN B 764 -1.79 -61.38 10.44
N VAL B 765 -0.67 -60.67 10.56
CA VAL B 765 0.27 -60.58 9.45
C VAL B 765 1.68 -60.75 9.99
N PRO B 766 2.58 -61.34 9.17
CA PRO B 766 3.96 -61.54 9.61
C PRO B 766 4.65 -60.25 9.99
N ASN B 767 4.82 -60.03 11.29
CA ASN B 767 5.47 -58.83 11.79
C ASN B 767 6.82 -58.61 11.10
N PRO B 768 7.01 -57.44 10.49
CA PRO B 768 8.23 -57.06 9.76
C PRO B 768 9.50 -56.94 10.60
N ALA B 769 9.36 -56.76 11.91
CA ALA B 769 10.52 -56.62 12.78
C ALA B 769 10.71 -57.80 13.71
N THR B 770 10.36 -58.99 13.22
CA THR B 770 10.50 -60.22 13.99
C THR B 770 11.83 -60.89 13.68
N GLU B 771 11.83 -61.68 12.61
CA GLU B 771 13.04 -62.39 12.18
C GLU B 771 13.37 -62.17 10.71
N GLY B 772 14.48 -62.77 10.28
CA GLY B 772 14.89 -62.64 8.90
C GLY B 772 13.94 -63.37 7.98
N TYR B 773 12.82 -62.72 7.66
CA TYR B 773 11.80 -63.29 6.79
C TYR B 773 11.87 -62.54 5.46
N PHE B 774 12.59 -61.42 5.48
CA PHE B 774 12.76 -60.58 4.29
C PHE B 774 11.45 -60.05 3.75
N GLY B 775 11.53 -59.37 2.60
CA GLY B 775 10.34 -58.80 1.98
C GLY B 775 9.86 -59.63 0.81
N LEU B 776 8.66 -60.17 0.92
CA LEU B 776 8.08 -60.98 -0.15
C LEU B 776 7.86 -60.10 -1.38
N GLY B 777 8.87 -59.99 -2.23
CA GLY B 777 8.74 -59.17 -3.43
C GLY B 777 7.67 -59.73 -4.36
N ILE B 778 6.69 -58.90 -4.69
CA ILE B 778 5.60 -59.32 -5.56
C ILE B 778 6.12 -59.78 -6.92
N VAL B 779 7.37 -59.44 -7.22
CA VAL B 779 7.97 -59.83 -8.49
C VAL B 779 8.65 -61.20 -8.36
N ASN B 780 8.79 -61.66 -7.12
CA ASN B 780 9.40 -62.95 -6.85
C ASN B 780 8.37 -63.93 -6.29
N HIS B 781 7.19 -63.41 -5.98
CA HIS B 781 6.11 -64.23 -5.44
C HIS B 781 5.81 -65.38 -6.38
N ARG B 782 5.99 -66.61 -5.89
CA ARG B 782 5.70 -67.79 -6.70
C ARG B 782 4.84 -68.75 -5.91
N THR B 783 3.69 -69.10 -6.48
CA THR B 783 2.75 -70.03 -5.86
C THR B 783 2.03 -70.77 -6.98
N THR B 784 1.96 -72.09 -6.86
CA THR B 784 1.29 -72.89 -7.88
C THR B 784 1.95 -72.61 -9.24
N PRO B 785 3.29 -72.68 -9.30
CA PRO B 785 4.02 -72.41 -10.56
C PRO B 785 3.64 -73.40 -11.66
N ALA B 786 3.95 -73.01 -12.90
CA ALA B 786 3.65 -73.84 -14.07
C ALA B 786 2.15 -73.90 -14.28
N TYR B 787 1.39 -73.60 -13.22
CA TYR B 787 -0.07 -73.59 -13.28
C TYR B 787 -0.47 -72.13 -13.06
N TRP B 788 0.50 -71.32 -12.65
CA TRP B 788 0.28 -69.90 -12.40
C TRP B 788 0.97 -69.12 -13.50
N PHE B 789 0.97 -67.80 -13.38
CA PHE B 789 1.61 -66.93 -14.37
C PHE B 789 1.97 -65.58 -13.71
N ARG B 790 3.13 -65.03 -14.05
CA ARG B 790 3.61 -63.75 -13.52
C ARG B 790 2.65 -62.60 -13.82
N PHE B 791 2.15 -62.55 -15.05
CA PHE B 791 1.20 -61.53 -15.45
C PHE B 791 -0.19 -62.13 -15.23
N CYS B 792 -0.21 -63.20 -14.45
CA CYS B 792 -1.42 -63.93 -14.07
C CYS B 792 -2.69 -63.58 -14.82
N ARG B 793 -2.93 -64.34 -15.88
CA ARG B 793 -4.10 -64.17 -16.73
C ARG B 793 -4.00 -65.11 -17.92
N ALA B 794 -2.82 -65.10 -18.52
CA ALA B 794 -2.53 -65.91 -19.68
C ALA B 794 -2.54 -67.40 -19.29
N PRO B 795 -2.05 -68.28 -20.18
CA PRO B 795 -2.09 -69.67 -19.73
C PRO B 795 -1.13 -70.00 -18.59
N ARG B 796 -0.87 -71.29 -18.44
CA ARG B 796 0.01 -71.77 -17.40
C ARG B 796 1.46 -71.59 -17.81
N GLU B 797 2.29 -71.19 -16.85
CA GLU B 797 3.70 -70.98 -17.12
C GLU B 797 4.57 -71.21 -15.91
N GLY B 798 5.72 -71.84 -16.12
CA GLY B 798 6.61 -72.08 -15.02
C GLY B 798 7.06 -73.51 -14.88
N HIS B 799 7.09 -74.00 -13.64
CA HIS B 799 7.53 -75.36 -13.36
C HIS B 799 7.22 -75.73 -11.91
N PRO B 800 6.46 -76.82 -11.69
CA PRO B 800 6.11 -77.26 -10.33
C PRO B 800 7.29 -77.11 -9.37
N TYR B 801 7.07 -76.34 -8.30
CA TYR B 801 8.12 -76.10 -7.33
C TYR B 801 7.52 -75.62 -6.02
N PRO B 802 8.17 -75.94 -4.89
CA PRO B 802 7.63 -75.49 -3.59
C PRO B 802 7.59 -73.97 -3.53
N GLN B 803 6.39 -73.41 -3.55
CA GLN B 803 6.19 -71.97 -3.51
C GLN B 803 6.82 -71.34 -2.27
N LEU B 804 6.71 -70.00 -2.15
CA LEU B 804 7.31 -69.27 -1.04
C LEU B 804 6.48 -68.08 -0.54
N ALA B 805 5.74 -67.45 -1.45
CA ALA B 805 4.91 -66.31 -1.07
C ALA B 805 3.94 -66.66 0.04
N LEU B 806 3.46 -65.63 0.73
CA LEU B 806 2.50 -65.80 1.81
C LEU B 806 3.03 -66.71 2.90
N PRO B 807 3.56 -66.12 3.98
CA PRO B 807 4.11 -66.87 5.11
C PRO B 807 3.02 -67.51 5.97
N PRO B 808 3.32 -68.67 6.58
CA PRO B 808 2.35 -69.36 7.42
C PRO B 808 1.89 -68.54 8.61
N HIS B 809 0.61 -68.68 8.95
CA HIS B 809 0.01 -67.98 10.08
C HIS B 809 -0.59 -68.95 11.06
N TRP B 810 0.03 -70.13 11.16
CA TRP B 810 -0.41 -71.18 12.06
C TRP B 810 0.53 -72.37 11.89
N ASP B 811 0.27 -73.44 12.63
CA ASP B 811 1.08 -74.65 12.55
C ASP B 811 2.47 -74.39 13.18
N PRO B 812 3.18 -75.47 13.58
CA PRO B 812 4.50 -75.30 14.18
C PRO B 812 5.46 -74.47 13.33
N ARG B 813 5.17 -74.35 12.04
CA ARG B 813 6.02 -73.60 11.12
C ARG B 813 5.63 -72.12 11.13
N HIS B 814 4.65 -71.77 11.96
CA HIS B 814 4.16 -70.41 12.07
C HIS B 814 5.25 -69.46 12.56
N ALA B 815 5.35 -68.30 11.90
CA ALA B 815 6.33 -67.29 12.27
C ALA B 815 5.64 -66.19 13.05
N LEU B 816 6.40 -65.45 13.85
CA LEU B 816 5.85 -64.37 14.65
C LEU B 816 5.09 -63.36 13.80
N ARG B 817 3.85 -63.06 14.19
CA ARG B 817 3.02 -62.12 13.45
C ARG B 817 2.63 -60.89 14.26
N ASP B 818 1.52 -60.27 13.88
CA ASP B 818 1.02 -59.06 14.56
C ASP B 818 -0.43 -58.81 14.17
N PRO B 819 -1.30 -58.55 15.17
CA PRO B 819 -2.73 -58.28 14.97
C PRO B 819 -3.01 -56.93 14.32
N GLU B 820 -4.11 -56.84 13.59
CA GLU B 820 -4.50 -55.61 12.92
C GLU B 820 -6.03 -55.54 12.86
N ARG B 821 -6.60 -54.51 13.48
CA ARG B 821 -8.05 -54.35 13.51
C ARG B 821 -8.56 -53.16 12.71
N LYS B 822 -9.80 -53.25 12.25
CA LYS B 822 -10.45 -52.20 11.48
C LYS B 822 -11.93 -52.55 11.30
N PHE B 823 -12.66 -51.73 10.57
CA PHE B 823 -14.08 -51.98 10.35
C PHE B 823 -14.61 -51.22 9.14
N LEU B 824 -15.84 -51.54 8.75
CA LEU B 824 -16.50 -50.89 7.63
C LEU B 824 -17.95 -50.61 7.98
N CYS B 825 -18.46 -49.48 7.50
CA CYS B 825 -19.83 -49.09 7.76
C CYS B 825 -20.31 -48.25 6.57
N ASP B 826 -20.87 -48.92 5.58
CA ASP B 826 -21.34 -48.26 4.36
C ASP B 826 -22.79 -47.81 4.44
N ARG B 827 -23.23 -47.15 3.36
CA ARG B 827 -24.60 -46.63 3.25
C ARG B 827 -25.16 -46.16 4.58
N THR B 828 -24.32 -45.47 5.36
CA THR B 828 -24.73 -44.96 6.66
C THR B 828 -24.16 -43.56 6.89
N LEU B 829 -24.72 -42.87 7.88
CA LEU B 829 -24.29 -41.52 8.21
C LEU B 829 -23.98 -41.40 9.70
N TRP B 830 -22.80 -40.86 10.01
CA TRP B 830 -22.40 -40.67 11.40
C TRP B 830 -23.36 -39.68 12.04
N ARG B 831 -23.85 -39.99 13.23
CA ARG B 831 -24.78 -39.13 13.93
C ARG B 831 -24.25 -38.59 15.26
N ILE B 832 -24.64 -37.37 15.57
CA ILE B 832 -24.24 -36.71 16.82
C ILE B 832 -25.40 -35.80 17.22
N PRO B 833 -26.50 -36.41 17.71
CA PRO B 833 -27.69 -35.66 18.13
C PRO B 833 -27.35 -34.52 19.09
N PHE B 834 -28.07 -33.42 18.98
CA PHE B 834 -27.83 -32.27 19.84
C PHE B 834 -28.68 -32.37 21.11
N SER B 835 -28.59 -33.50 21.79
CA SER B 835 -29.35 -33.72 23.01
C SER B 835 -28.38 -33.81 24.19
N SER B 836 -28.90 -33.58 25.40
CA SER B 836 -28.08 -33.64 26.60
C SER B 836 -27.61 -35.06 26.90
N ASN B 837 -28.39 -36.04 26.46
CA ASN B 837 -28.06 -37.43 26.71
C ASN B 837 -27.90 -38.22 25.41
N PHE B 838 -27.90 -37.51 24.29
CA PHE B 838 -27.75 -38.13 22.97
C PHE B 838 -28.94 -38.98 22.55
N MET B 839 -29.95 -39.09 23.39
CA MET B 839 -31.12 -39.88 23.07
C MET B 839 -32.16 -39.05 22.34
N SER B 840 -33.07 -39.72 21.63
CA SER B 840 -34.12 -39.03 20.89
C SER B 840 -35.40 -39.00 21.72
N MET B 841 -35.71 -37.84 22.30
CA MET B 841 -36.90 -37.70 23.12
C MET B 841 -37.92 -36.81 22.42
N GLY B 842 -37.75 -36.64 21.12
CA GLY B 842 -38.65 -35.81 20.35
C GLY B 842 -37.91 -35.07 19.24
N SER B 843 -38.63 -34.74 18.18
CA SER B 843 -38.02 -34.04 17.05
C SER B 843 -37.28 -32.80 17.55
N LEU B 844 -37.96 -32.00 18.37
CA LEU B 844 -37.38 -30.80 18.94
C LEU B 844 -36.64 -31.15 20.23
N THR B 845 -35.36 -31.46 20.11
CA THR B 845 -34.53 -31.82 21.26
C THR B 845 -34.66 -30.83 22.40
N ASP B 846 -34.16 -31.22 23.57
CA ASP B 846 -34.21 -30.36 24.75
C ASP B 846 -33.23 -29.20 24.59
N LEU B 847 -32.00 -29.51 24.22
CA LEU B 847 -30.99 -28.48 24.03
C LEU B 847 -31.43 -27.51 22.95
N GLY B 848 -32.08 -28.05 21.92
CA GLY B 848 -32.55 -27.21 20.83
C GLY B 848 -33.65 -26.28 21.30
N GLN B 849 -33.97 -26.35 22.58
CA GLN B 849 -35.02 -25.52 23.14
C GLN B 849 -34.52 -24.81 24.40
N ASN B 850 -33.21 -24.88 24.62
CA ASN B 850 -32.59 -24.26 25.78
C ASN B 850 -32.37 -22.77 25.52
N LEU B 851 -32.66 -21.95 26.52
CA LEU B 851 -32.52 -20.50 26.40
C LEU B 851 -31.13 -20.04 25.96
N LEU B 852 -30.10 -20.69 26.48
CA LEU B 852 -28.72 -20.34 26.13
C LEU B 852 -28.50 -20.19 24.63
N TYR B 853 -29.33 -20.86 23.84
CA TYR B 853 -29.19 -20.79 22.38
C TYR B 853 -30.22 -19.91 21.70
N ALA B 854 -31.47 -19.97 22.16
CA ALA B 854 -32.54 -19.17 21.58
C ALA B 854 -32.40 -17.69 21.93
N ASN B 855 -31.76 -17.42 23.06
CA ASN B 855 -31.56 -16.05 23.53
C ASN B 855 -30.46 -15.32 22.76
N ALA B 856 -29.24 -15.83 22.84
CA ALA B 856 -28.11 -15.22 22.17
C ALA B 856 -27.56 -16.10 21.05
N ALA B 857 -26.85 -15.48 20.11
CA ALA B 857 -26.27 -16.19 18.98
C ALA B 857 -24.84 -16.59 19.31
N HIS B 858 -24.37 -17.68 18.71
CA HIS B 858 -23.02 -18.16 18.94
C HIS B 858 -22.30 -18.46 17.63
N ALA B 859 -21.05 -18.93 17.77
CA ALA B 859 -20.24 -19.28 16.61
C ALA B 859 -19.83 -20.74 16.76
N LEU B 860 -19.82 -21.47 15.65
CA LEU B 860 -19.45 -22.88 15.69
C LEU B 860 -18.16 -23.15 14.93
N ASP B 861 -17.39 -24.11 15.44
CA ASP B 861 -16.13 -24.47 14.81
C ASP B 861 -15.86 -25.97 15.00
N MET B 862 -15.83 -26.71 13.91
CA MET B 862 -15.57 -28.14 13.96
C MET B 862 -14.26 -28.48 13.29
N THR B 863 -13.57 -29.49 13.82
CA THR B 863 -12.30 -29.93 13.27
C THR B 863 -12.32 -31.44 13.05
N PHE B 864 -12.38 -31.84 11.79
CA PHE B 864 -12.41 -33.27 11.45
C PHE B 864 -11.05 -33.79 11.03
N GLU B 865 -10.60 -34.84 11.71
CA GLU B 865 -9.32 -35.46 11.41
C GLU B 865 -9.64 -36.80 10.74
N MET B 866 -9.18 -36.97 9.51
CA MET B 866 -9.45 -38.20 8.77
C MET B 866 -8.22 -38.78 8.10
N ASP B 867 -8.34 -40.03 7.64
CA ASP B 867 -7.25 -40.72 6.98
C ASP B 867 -6.95 -40.07 5.63
N PRO B 868 -5.66 -39.99 5.27
CA PRO B 868 -5.24 -39.39 4.00
C PRO B 868 -5.56 -40.26 2.78
N ILE B 869 -6.04 -39.62 1.72
CA ILE B 869 -6.37 -40.32 0.48
C ILE B 869 -5.71 -39.62 -0.69
N ASN B 870 -5.23 -40.42 -1.65
CA ASN B 870 -4.55 -39.89 -2.82
C ASN B 870 -5.48 -39.33 -3.90
N GLU B 871 -6.50 -38.58 -3.48
CA GLU B 871 -7.45 -37.98 -4.41
C GLU B 871 -8.38 -37.01 -3.70
N PRO B 872 -8.80 -35.95 -4.42
CA PRO B 872 -9.70 -34.93 -3.87
C PRO B 872 -11.01 -35.52 -3.35
N THR B 873 -11.37 -35.16 -2.12
CA THR B 873 -12.59 -35.64 -1.50
C THR B 873 -13.40 -34.47 -0.95
N LEU B 874 -14.51 -34.77 -0.29
CA LEU B 874 -15.36 -33.74 0.28
C LEU B 874 -15.95 -34.17 1.63
N LEU B 875 -16.14 -33.20 2.52
CA LEU B 875 -16.69 -33.46 3.84
C LEU B 875 -18.17 -33.10 3.85
N TYR B 876 -19.02 -34.09 3.61
CA TYR B 876 -20.46 -33.88 3.56
C TYR B 876 -21.07 -33.77 4.96
N VAL B 877 -21.40 -32.55 5.36
CA VAL B 877 -22.00 -32.30 6.67
C VAL B 877 -23.51 -32.13 6.52
N LEU B 878 -24.25 -32.42 7.59
CA LEU B 878 -25.70 -32.30 7.56
C LEU B 878 -26.27 -31.69 8.83
N PHE B 879 -26.40 -30.37 8.83
CA PHE B 879 -26.95 -29.67 9.99
C PHE B 879 -28.45 -29.92 10.06
N GLU B 880 -28.82 -31.00 10.74
CA GLU B 880 -30.23 -31.35 10.90
C GLU B 880 -31.02 -30.16 11.43
N VAL B 881 -32.08 -29.79 10.73
CA VAL B 881 -32.91 -28.67 11.15
C VAL B 881 -34.38 -28.96 10.92
N PHE B 882 -35.18 -27.90 10.88
CA PHE B 882 -36.62 -28.03 10.67
C PHE B 882 -37.04 -27.36 9.37
N ASP B 883 -37.14 -28.15 8.31
CA ASP B 883 -37.53 -27.65 7.00
C ASP B 883 -39.03 -27.90 6.84
N VAL B 884 -39.84 -27.03 7.41
CA VAL B 884 -41.30 -27.18 7.35
C VAL B 884 -41.95 -26.07 6.51
N ALA B 885 -43.10 -26.38 5.94
CA ALA B 885 -43.84 -25.42 5.13
C ALA B 885 -45.34 -25.67 5.20
N ARG B 886 -46.10 -24.59 5.41
CA ARG B 886 -47.55 -24.68 5.48
C ARG B 886 -48.16 -24.26 4.15
N VAL B 887 -49.23 -24.94 3.76
CA VAL B 887 -49.93 -24.63 2.51
C VAL B 887 -51.33 -24.11 2.79
N HIS B 888 -51.59 -22.89 2.35
CA HIS B 888 -52.88 -22.26 2.57
C HIS B 888 -53.62 -22.04 1.26
N GLN B 889 -54.84 -22.55 1.18
CA GLN B 889 -55.66 -22.42 -0.02
C GLN B 889 -56.98 -21.72 0.29
N PRO B 890 -56.98 -20.37 0.21
CA PRO B 890 -58.17 -19.57 0.49
C PRO B 890 -59.28 -19.71 -0.55
N HIS B 891 -58.96 -19.43 -1.81
CA HIS B 891 -59.95 -19.51 -2.88
C HIS B 891 -59.60 -20.50 -3.99
N ARG B 892 -60.53 -20.63 -4.94
CA ARG B 892 -60.36 -21.52 -6.08
C ARG B 892 -59.12 -21.14 -6.88
N GLY B 893 -58.26 -22.12 -7.14
CA GLY B 893 -57.07 -21.86 -7.91
C GLY B 893 -56.14 -20.83 -7.27
N VAL B 894 -55.87 -20.99 -5.98
CA VAL B 894 -55.00 -20.07 -5.26
C VAL B 894 -54.21 -20.82 -4.20
N ILE B 895 -52.90 -20.95 -4.41
CA ILE B 895 -52.04 -21.65 -3.47
C ILE B 895 -51.01 -20.73 -2.84
N GLU B 896 -51.11 -20.55 -1.53
CA GLU B 896 -50.18 -19.70 -0.78
C GLU B 896 -49.42 -20.57 0.21
N VAL B 897 -48.12 -20.70 0.01
CA VAL B 897 -47.29 -21.51 0.90
C VAL B 897 -46.30 -20.65 1.68
N VAL B 898 -45.92 -21.11 2.86
CA VAL B 898 -44.99 -20.39 3.71
C VAL B 898 -43.92 -21.32 4.25
N TYR B 899 -42.73 -21.30 3.66
CA TYR B 899 -41.63 -22.14 4.09
C TYR B 899 -40.96 -21.56 5.32
N LEU B 900 -40.11 -22.36 5.97
CA LEU B 900 -39.40 -21.92 7.16
C LEU B 900 -38.41 -22.97 7.64
N ARG B 901 -37.13 -22.76 7.35
CA ARG B 901 -36.09 -23.68 7.77
C ARG B 901 -35.24 -23.02 8.86
N THR B 902 -35.41 -23.47 10.10
CA THR B 902 -34.65 -22.91 11.21
C THR B 902 -33.93 -24.02 11.99
N PRO B 903 -32.64 -23.83 12.26
CA PRO B 903 -31.80 -22.67 11.89
C PRO B 903 -31.53 -22.61 10.39
N PHE B 904 -30.56 -21.79 10.01
CA PHE B 904 -30.19 -21.64 8.61
C PHE B 904 -31.38 -21.24 7.75
N SER B 905 -32.01 -20.12 8.09
CA SER B 905 -33.17 -19.63 7.36
C SER B 905 -32.85 -19.44 5.87
N ALA B 906 -31.88 -18.59 5.59
CA ALA B 906 -31.47 -18.33 4.21
C ALA B 906 -29.95 -18.16 4.14
N GLY B 907 -29.24 -19.27 4.37
CA GLY B 907 -27.79 -19.22 4.33
C GLY B 907 -27.24 -18.58 5.60
N ASN B 908 -25.94 -18.37 5.64
CA ASN B 908 -25.31 -17.76 6.81
C ASN B 908 -24.36 -16.63 6.40
N ALA B 909 -24.53 -15.48 7.04
CA ALA B 909 -23.70 -14.31 6.76
C ALA B 909 -23.81 -13.29 7.89
N LEU C 7 -42.46 -20.63 20.34
CA LEU C 7 -42.92 -19.25 20.04
C LEU C 7 -43.83 -19.23 18.81
N PRO C 8 -44.62 -18.16 18.64
CA PRO C 8 -45.55 -18.00 17.51
C PRO C 8 -44.98 -18.42 16.16
N GLN C 9 -43.66 -18.44 16.05
CA GLN C 9 -43.01 -18.83 14.80
C GLN C 9 -43.13 -20.34 14.64
N TRP C 10 -42.88 -21.08 15.71
CA TRP C 10 -42.97 -22.53 15.67
C TRP C 10 -44.43 -22.96 15.76
N SER C 11 -45.18 -22.36 16.68
CA SER C 11 -46.58 -22.67 16.87
C SER C 11 -47.35 -22.64 15.56
N TYR C 12 -46.99 -21.70 14.68
CA TYR C 12 -47.66 -21.58 13.39
C TYR C 12 -47.24 -22.72 12.48
N MET C 13 -45.94 -22.98 12.42
CA MET C 13 -45.41 -24.04 11.57
C MET C 13 -45.58 -25.40 12.23
N HIS C 14 -46.20 -25.42 13.40
CA HIS C 14 -46.44 -26.65 14.14
C HIS C 14 -45.14 -27.36 14.56
N ILE C 15 -44.05 -26.60 14.64
CA ILE C 15 -42.78 -27.17 15.05
C ILE C 15 -42.94 -27.64 16.49
N ALA C 16 -43.86 -27.00 17.20
CA ALA C 16 -44.15 -27.32 18.59
C ALA C 16 -45.54 -26.82 18.95
N GLY C 17 -46.20 -27.50 19.88
CA GLY C 17 -47.54 -27.10 20.28
C GLY C 17 -48.55 -28.22 20.22
N GLN C 18 -49.81 -27.87 20.02
CA GLN C 18 -50.88 -28.85 19.95
C GLN C 18 -50.76 -29.73 18.71
N ASP C 19 -51.46 -30.86 18.73
CA ASP C 19 -51.42 -31.81 17.61
C ASP C 19 -52.58 -31.56 16.64
N ALA C 20 -52.51 -32.21 15.48
CA ALA C 20 -53.54 -32.06 14.46
C ALA C 20 -54.93 -32.28 15.05
N SER C 21 -55.04 -33.26 15.94
CA SER C 21 -56.31 -33.58 16.58
C SER C 21 -56.76 -32.48 17.54
N GLU C 22 -56.07 -31.35 17.49
CA GLU C 22 -56.39 -30.24 18.37
C GLU C 22 -56.39 -28.89 17.65
N TYR C 23 -55.39 -28.66 16.81
CA TYR C 23 -55.30 -27.41 16.09
C TYR C 23 -56.18 -27.40 14.84
N LEU C 24 -56.77 -28.55 14.54
CA LEU C 24 -57.66 -28.68 13.39
C LEU C 24 -59.11 -28.55 13.83
N SER C 25 -59.98 -28.28 12.86
CA SER C 25 -61.41 -28.13 13.16
C SER C 25 -61.98 -29.49 13.53
N PRO C 26 -62.71 -29.56 14.65
CA PRO C 26 -63.33 -30.81 15.13
C PRO C 26 -63.94 -31.65 14.02
N GLY C 27 -64.66 -31.00 13.10
CA GLY C 27 -65.28 -31.73 12.01
C GLY C 27 -64.30 -32.48 11.15
N LEU C 28 -63.27 -31.79 10.67
CA LEU C 28 -62.26 -32.41 9.82
C LEU C 28 -61.55 -33.57 10.52
N VAL C 29 -61.34 -33.44 11.83
CA VAL C 29 -60.68 -34.48 12.60
C VAL C 29 -61.38 -35.82 12.46
N GLN C 30 -62.59 -35.91 13.01
CA GLN C 30 -63.38 -37.13 12.95
C GLN C 30 -63.54 -37.66 11.54
N PHE C 31 -63.64 -36.76 10.57
CA PHE C 31 -63.80 -37.16 9.17
C PHE C 31 -62.66 -38.08 8.76
N ALA C 32 -61.43 -37.68 9.07
CA ALA C 32 -60.26 -38.48 8.73
C ALA C 32 -60.32 -39.82 9.45
N GLN C 33 -60.68 -39.79 10.73
CA GLN C 33 -60.77 -41.00 11.53
C GLN C 33 -61.78 -41.98 10.92
N ALA C 34 -62.82 -41.45 10.30
CA ALA C 34 -63.86 -42.28 9.69
C ALA C 34 -63.42 -42.82 8.34
N THR C 35 -62.71 -42.00 7.57
CA THR C 35 -62.23 -42.39 6.25
C THR C 35 -60.85 -43.05 6.33
N GLU C 36 -60.49 -43.52 7.52
CA GLU C 36 -59.20 -44.16 7.72
C GLU C 36 -59.13 -45.51 6.99
N SER C 37 -59.98 -45.66 5.99
CA SER C 37 -60.01 -46.90 5.20
C SER C 37 -59.74 -46.62 3.74
N TYR C 38 -60.64 -45.86 3.11
CA TYR C 38 -60.51 -45.51 1.70
C TYR C 38 -59.67 -44.26 1.46
N PHE C 39 -60.15 -43.12 1.93
CA PHE C 39 -59.41 -41.87 1.74
C PHE C 39 -58.69 -41.44 3.02
N ASN C 40 -57.36 -41.35 2.94
CA ASN C 40 -56.57 -40.96 4.09
C ASN C 40 -56.03 -39.54 3.94
N ILE C 41 -56.11 -38.77 5.03
CA ILE C 41 -55.63 -37.39 5.03
C ILE C 41 -54.85 -37.12 6.32
N GLY C 42 -54.39 -38.19 6.96
CA GLY C 42 -53.65 -38.04 8.20
C GLY C 42 -52.21 -37.60 8.02
N ASN C 43 -51.65 -37.84 6.84
CA ASN C 43 -50.27 -37.46 6.56
C ASN C 43 -50.19 -36.01 6.10
N LYS C 44 -51.35 -35.45 5.76
CA LYS C 44 -51.43 -34.08 5.29
C LYS C 44 -51.23 -33.08 6.43
N PHE C 45 -51.47 -33.53 7.65
CA PHE C 45 -51.31 -32.67 8.82
C PHE C 45 -50.19 -33.18 9.70
N ARG C 46 -49.24 -32.30 10.03
CA ARG C 46 -48.11 -32.66 10.87
C ARG C 46 -48.39 -32.53 12.35
N ASN C 47 -47.84 -33.45 13.14
CA ASN C 47 -48.01 -33.46 14.59
C ASN C 47 -46.65 -33.18 15.24
N PRO C 48 -46.56 -32.07 15.99
CA PRO C 48 -45.31 -31.70 16.66
C PRO C 48 -44.94 -32.62 17.82
N THR C 49 -43.64 -32.91 17.94
CA THR C 49 -43.14 -33.77 19.01
C THR C 49 -42.00 -33.06 19.74
N VAL C 50 -42.32 -32.47 20.89
CA VAL C 50 -41.34 -31.76 21.69
C VAL C 50 -40.81 -32.63 22.81
N ALA C 51 -39.54 -32.42 23.16
CA ALA C 51 -38.89 -33.17 24.23
C ALA C 51 -38.88 -32.34 25.51
N PRO C 52 -38.79 -33.00 26.68
CA PRO C 52 -38.77 -32.31 27.97
C PRO C 52 -37.52 -31.46 28.15
N THR C 53 -37.65 -30.36 28.88
CA THR C 53 -36.53 -29.45 29.11
C THR C 53 -36.22 -29.25 30.60
N HIS C 54 -36.48 -30.27 31.39
CA HIS C 54 -36.23 -30.20 32.83
C HIS C 54 -36.64 -31.51 33.51
N ASP C 55 -35.95 -31.84 34.60
CA ASP C 55 -36.23 -33.06 35.35
C ASP C 55 -35.93 -34.30 34.51
N VAL C 56 -34.91 -34.21 33.67
CA VAL C 56 -34.52 -35.33 32.82
C VAL C 56 -33.01 -35.48 32.83
N THR C 57 -32.31 -34.48 32.32
CA THR C 57 -30.86 -34.50 32.27
C THR C 57 -30.27 -33.47 33.24
N THR C 58 -29.10 -33.80 33.79
CA THR C 58 -28.43 -32.91 34.71
C THR C 58 -27.60 -31.86 33.97
N GLU C 59 -27.42 -30.70 34.59
CA GLU C 59 -26.66 -29.62 33.98
C GLU C 59 -25.19 -29.65 34.40
N ARG C 60 -24.92 -30.14 35.60
CA ARG C 60 -23.55 -30.21 36.10
C ARG C 60 -22.75 -31.33 35.43
N SER C 61 -21.43 -31.16 35.41
CA SER C 61 -20.53 -32.13 34.80
C SER C 61 -20.73 -33.52 35.41
N GLN C 62 -20.57 -34.56 34.59
CA GLN C 62 -20.74 -35.93 35.05
C GLN C 62 -20.49 -36.92 33.91
N ARG C 63 -19.56 -37.85 34.13
CA ARG C 63 -19.22 -38.85 33.13
C ARG C 63 -20.42 -39.72 32.77
N LEU C 64 -20.40 -40.29 31.57
CA LEU C 64 -21.49 -41.15 31.11
C LEU C 64 -21.15 -42.60 31.42
N GLN C 65 -19.87 -42.94 31.29
CA GLN C 65 -19.41 -44.29 31.57
C GLN C 65 -18.06 -44.25 32.28
N LEU C 66 -18.05 -44.70 33.52
CA LEU C 66 -16.83 -44.73 34.32
C LEU C 66 -16.04 -45.99 34.04
N ARG C 67 -14.80 -46.01 34.52
CA ARG C 67 -13.93 -47.16 34.34
C ARG C 67 -13.29 -47.48 35.69
N PHE C 68 -13.32 -48.75 36.07
CA PHE C 68 -12.76 -49.16 37.35
C PHE C 68 -11.59 -50.12 37.22
N VAL C 69 -10.57 -49.92 38.06
CA VAL C 69 -9.39 -50.76 38.06
C VAL C 69 -9.39 -51.70 39.25
N PRO C 70 -8.94 -52.95 39.05
CA PRO C 70 -8.87 -53.97 40.11
C PRO C 70 -8.13 -53.50 41.35
N VAL C 71 -8.78 -53.59 42.51
CA VAL C 71 -8.16 -53.19 43.76
C VAL C 71 -7.34 -54.36 44.29
N ASP C 72 -7.53 -55.51 43.66
CA ASP C 72 -6.83 -56.73 44.04
C ASP C 72 -7.06 -57.80 42.97
N ARG C 73 -6.00 -58.47 42.56
CA ARG C 73 -6.10 -59.51 41.54
C ARG C 73 -5.15 -60.67 41.79
N GLU C 74 -5.68 -61.88 41.76
CA GLU C 74 -4.91 -63.08 42.00
C GLU C 74 -4.91 -64.00 40.77
N ASP C 75 -3.73 -64.23 40.21
CA ASP C 75 -3.59 -65.08 39.04
C ASP C 75 -3.22 -66.49 39.46
N THR C 76 -4.24 -67.33 39.63
CA THR C 76 -4.04 -68.72 40.02
C THR C 76 -3.66 -69.56 38.81
N GLN C 77 -3.07 -70.72 39.05
CA GLN C 77 -2.65 -71.62 37.99
C GLN C 77 -3.74 -71.95 36.98
N TYR C 78 -4.99 -71.98 37.43
CA TYR C 78 -6.11 -72.30 36.55
C TYR C 78 -7.33 -71.40 36.75
N SER C 79 -7.13 -70.26 37.40
CA SER C 79 -8.22 -69.33 37.64
C SER C 79 -7.69 -67.92 37.84
N TYR C 80 -8.53 -66.92 37.58
CA TYR C 80 -8.15 -65.53 37.74
C TYR C 80 -9.26 -64.79 38.49
N LYS C 81 -8.91 -64.18 39.61
CA LYS C 81 -9.88 -63.46 40.41
C LYS C 81 -9.50 -62.00 40.59
N THR C 82 -10.49 -61.12 40.47
CA THR C 82 -10.27 -59.68 40.61
C THR C 82 -11.45 -59.06 41.36
N ARG C 83 -11.16 -58.10 42.23
CA ARG C 83 -12.21 -57.42 42.98
C ARG C 83 -12.19 -55.92 42.69
N PHE C 84 -13.37 -55.36 42.43
CA PHE C 84 -13.49 -53.94 42.15
C PHE C 84 -14.36 -53.29 43.21
N GLN C 85 -14.22 -51.98 43.36
CA GLN C 85 -15.02 -51.25 44.35
C GLN C 85 -16.05 -50.37 43.66
N LEU C 86 -16.92 -51.01 42.87
CA LEU C 86 -17.98 -50.32 42.15
C LEU C 86 -18.64 -49.27 43.02
N ALA C 87 -18.34 -48.00 42.76
CA ALA C 87 -18.89 -46.90 43.53
C ALA C 87 -19.90 -46.10 42.73
N VAL C 88 -21.15 -46.07 43.21
CA VAL C 88 -22.21 -45.33 42.54
C VAL C 88 -22.39 -43.97 43.21
N GLY C 89 -21.84 -42.94 42.59
CA GLY C 89 -21.94 -41.59 43.13
C GLY C 89 -23.35 -41.23 43.54
N ASP C 90 -23.48 -40.27 44.46
CA ASP C 90 -24.78 -39.84 44.93
C ASP C 90 -25.60 -39.23 43.80
N ASN C 91 -26.92 -39.23 43.95
CA ASN C 91 -27.83 -38.68 42.95
C ASN C 91 -27.71 -39.41 41.61
N ARG C 92 -27.20 -40.65 41.64
CA ARG C 92 -27.04 -41.43 40.43
C ARG C 92 -27.71 -42.79 40.58
N VAL C 93 -27.90 -43.47 39.45
CA VAL C 93 -28.51 -44.79 39.44
C VAL C 93 -27.83 -45.64 38.38
N LEU C 94 -27.27 -46.77 38.80
CA LEU C 94 -26.57 -47.66 37.87
C LEU C 94 -27.40 -48.89 37.52
N ASP C 95 -27.50 -49.16 36.23
CA ASP C 95 -28.25 -50.33 35.75
C ASP C 95 -27.26 -51.40 35.33
N MET C 96 -27.01 -52.35 36.22
CA MET C 96 -26.08 -53.44 35.96
C MET C 96 -25.99 -53.89 34.52
N ALA C 97 -27.15 -54.00 33.86
CA ALA C 97 -27.19 -54.42 32.47
C ALA C 97 -26.22 -53.65 31.59
N SER C 98 -25.84 -52.45 32.01
CA SER C 98 -24.92 -51.62 31.25
C SER C 98 -23.47 -51.81 31.65
N THR C 99 -23.23 -52.77 32.54
CA THR C 99 -21.87 -53.05 33.00
C THR C 99 -21.32 -54.33 32.37
N TYR C 100 -20.01 -54.37 32.19
CA TYR C 100 -19.35 -55.54 31.60
C TYR C 100 -17.88 -55.53 31.94
N PHE C 101 -17.22 -56.67 31.77
CA PHE C 101 -15.80 -56.79 32.06
C PHE C 101 -14.95 -56.72 30.81
N ASP C 102 -14.13 -55.67 30.71
CA ASP C 102 -13.25 -55.49 29.57
C ASP C 102 -11.99 -56.31 29.79
N ILE C 103 -11.81 -57.35 29.00
CA ILE C 103 -10.64 -58.21 29.13
C ILE C 103 -9.65 -58.06 27.98
N ARG C 104 -8.36 -58.11 28.32
CA ARG C 104 -7.30 -57.99 27.33
C ARG C 104 -6.23 -59.03 27.64
N GLY C 105 -5.66 -59.63 26.59
CA GLY C 105 -4.63 -60.63 26.80
C GLY C 105 -4.14 -61.29 25.53
N THR C 106 -3.26 -62.27 25.69
CA THR C 106 -2.69 -63.00 24.57
C THR C 106 -3.32 -64.39 24.45
N LEU C 107 -3.50 -64.85 23.22
CA LEU C 107 -4.08 -66.16 22.99
C LEU C 107 -3.23 -66.98 22.03
N ASP C 108 -3.16 -68.29 22.27
CA ASP C 108 -2.38 -69.18 21.42
C ASP C 108 -3.23 -70.38 21.00
N ARG C 109 -3.87 -70.25 19.84
CA ARG C 109 -4.72 -71.31 19.31
C ARG C 109 -3.98 -72.63 19.14
N GLY C 110 -2.68 -72.63 19.41
CA GLY C 110 -1.90 -73.85 19.27
C GLY C 110 -1.59 -74.14 17.82
N ALA C 111 -0.99 -75.30 17.56
CA ALA C 111 -0.63 -75.70 16.20
C ALA C 111 -1.80 -76.40 15.50
N SER C 112 -2.80 -76.79 16.28
CA SER C 112 -3.97 -77.47 15.75
C SER C 112 -4.98 -76.50 15.13
N PHE C 113 -4.58 -75.24 15.00
CA PHE C 113 -5.47 -74.24 14.43
C PHE C 113 -5.31 -74.05 12.92
N LYS C 114 -6.33 -74.47 12.18
CA LYS C 114 -6.33 -74.35 10.72
C LYS C 114 -7.68 -73.79 10.28
N PRO C 115 -7.79 -72.45 10.25
CA PRO C 115 -9.03 -71.76 9.87
C PRO C 115 -9.40 -71.82 8.38
N TYR C 116 -9.34 -73.00 7.78
CA TYR C 116 -9.71 -73.14 6.37
C TYR C 116 -9.51 -74.54 5.82
N SER C 117 -10.16 -74.82 4.70
CA SER C 117 -10.05 -76.12 4.06
C SER C 117 -9.01 -76.05 2.95
N GLY C 118 -8.61 -77.20 2.44
CA GLY C 118 -7.62 -77.23 1.37
C GLY C 118 -6.26 -76.76 1.81
N THR C 119 -5.53 -76.16 0.89
CA THR C 119 -4.19 -75.66 1.18
C THR C 119 -3.98 -74.26 0.61
N ALA C 120 -2.84 -73.67 0.96
CA ALA C 120 -2.47 -72.35 0.49
C ALA C 120 -1.09 -72.44 -0.14
N TYR C 121 -0.80 -73.60 -0.72
CA TYR C 121 0.49 -73.84 -1.34
C TYR C 121 0.34 -74.78 -2.54
N ASN C 122 0.34 -74.22 -3.75
CA ASN C 122 0.20 -75.02 -4.96
C ASN C 122 -1.09 -75.82 -4.93
N SER C 123 -2.20 -75.14 -4.65
CA SER C 123 -3.51 -75.78 -4.57
C SER C 123 -3.98 -76.35 -5.90
N PHE C 124 -3.35 -75.93 -7.00
CA PHE C 124 -3.72 -76.42 -8.32
C PHE C 124 -2.82 -77.57 -8.74
N ALA C 125 -1.75 -77.77 -7.98
CA ALA C 125 -0.81 -78.84 -8.26
C ALA C 125 -1.42 -80.19 -7.95
N PRO C 126 -1.33 -81.14 -8.89
CA PRO C 126 -1.88 -82.48 -8.68
C PRO C 126 -1.43 -83.04 -7.34
N LYS C 127 -2.36 -83.62 -6.58
CA LYS C 127 -2.06 -84.19 -5.29
C LYS C 127 -1.17 -85.42 -5.40
N SER C 128 -0.51 -85.56 -6.55
CA SER C 128 0.38 -86.69 -6.80
C SER C 128 1.67 -86.19 -7.43
N ALA C 129 1.56 -85.14 -8.23
CA ALA C 129 2.72 -84.55 -8.90
C ALA C 129 3.73 -84.02 -7.89
N PRO C 130 4.98 -84.53 -7.95
CA PRO C 130 6.07 -84.12 -7.05
C PRO C 130 6.83 -82.93 -7.63
N ASN C 131 7.62 -82.29 -6.78
CA ASN C 131 8.43 -81.15 -7.20
C ASN C 131 9.68 -81.69 -7.89
N ASN C 132 10.68 -80.83 -8.07
CA ASN C 132 11.92 -81.25 -8.70
C ASN C 132 12.73 -82.16 -7.78
N THR C 133 12.44 -83.45 -7.81
CA THR C 133 13.17 -84.38 -6.95
C THR C 133 14.25 -85.09 -7.74
N GLN C 134 15.37 -85.34 -7.08
CA GLN C 134 16.50 -86.02 -7.70
C GLN C 134 16.69 -87.33 -6.96
N PHE C 135 15.81 -88.30 -7.23
CA PHE C 135 15.90 -89.59 -6.57
C PHE C 135 17.15 -90.36 -6.96
N ARG C 136 17.12 -91.65 -6.63
CA ARG C 136 18.21 -92.58 -6.90
C ARG C 136 17.60 -93.76 -7.65
N GLN C 137 18.34 -94.29 -8.61
CA GLN C 137 17.86 -95.41 -9.39
C GLN C 137 18.05 -96.73 -8.67
N ALA C 138 16.99 -97.19 -8.01
CA ALA C 138 17.00 -98.46 -7.25
C ALA C 138 18.35 -98.94 -6.69
N ASN C 139 19.24 -97.99 -6.39
CA ASN C 139 20.56 -98.29 -5.84
C ASN C 139 21.30 -99.17 -6.87
N ASN C 140 22.52 -99.58 -6.53
CA ASN C 140 23.40 -100.40 -7.36
C ASN C 140 24.66 -99.54 -7.47
N GLY C 141 24.89 -99.00 -8.66
CA GLY C 141 26.05 -98.14 -8.88
C GLY C 141 25.61 -96.99 -9.75
N HIS C 142 24.39 -96.50 -9.48
CA HIS C 142 23.74 -95.42 -10.22
C HIS C 142 23.47 -94.22 -9.32
N PRO C 143 24.48 -93.38 -9.06
CA PRO C 143 24.27 -92.23 -8.19
C PRO C 143 23.37 -91.15 -8.77
N ALA C 144 22.49 -90.62 -7.93
CA ALA C 144 21.57 -89.57 -8.33
C ALA C 144 20.72 -89.91 -9.55
N GLN C 145 19.83 -88.98 -9.91
CA GLN C 145 18.93 -89.14 -11.03
C GLN C 145 17.94 -87.98 -11.00
N THR C 146 17.90 -87.18 -12.06
CA THR C 146 17.01 -86.03 -12.10
C THR C 146 15.72 -86.18 -12.88
N ILE C 147 14.64 -85.69 -12.28
CA ILE C 147 13.30 -85.70 -12.85
C ILE C 147 12.76 -84.29 -12.65
N ALA C 148 12.62 -83.55 -13.75
CA ALA C 148 12.14 -82.17 -13.65
C ALA C 148 11.59 -81.61 -14.95
N GLN C 149 12.07 -80.42 -15.31
CA GLN C 149 11.63 -79.73 -16.51
C GLN C 149 12.32 -78.38 -16.64
N ALA C 150 12.81 -78.08 -17.84
CA ALA C 150 13.48 -76.82 -18.10
C ALA C 150 12.53 -75.92 -18.88
N SER C 151 11.78 -75.09 -18.17
CA SER C 151 10.84 -74.18 -18.80
C SER C 151 11.15 -72.72 -18.51
N TYR C 152 12.07 -72.15 -19.28
CA TYR C 152 12.45 -70.75 -19.12
C TYR C 152 12.37 -70.02 -20.45
N VAL C 153 11.92 -68.76 -20.41
CA VAL C 153 11.78 -67.95 -21.61
C VAL C 153 13.01 -68.04 -22.51
N ALA C 154 12.84 -68.72 -23.64
CA ALA C 154 13.91 -68.89 -24.61
C ALA C 154 15.28 -69.22 -24.02
N THR C 155 16.13 -68.19 -23.97
CA THR C 155 17.51 -68.24 -23.48
C THR C 155 18.52 -68.32 -24.62
N ILE C 156 19.09 -67.18 -24.99
CA ILE C 156 20.05 -67.15 -26.08
C ILE C 156 20.96 -68.36 -26.13
N GLY C 157 21.77 -68.53 -25.08
CA GLY C 157 22.68 -69.66 -25.05
C GLY C 157 22.91 -70.23 -23.67
N GLY C 158 24.02 -70.95 -23.52
CA GLY C 158 24.35 -71.56 -22.25
C GLY C 158 25.80 -72.01 -22.19
N ALA C 159 26.64 -71.23 -21.52
CA ALA C 159 28.06 -71.55 -21.40
C ALA C 159 28.41 -71.97 -19.97
N ASN C 160 29.70 -72.21 -19.73
CA ASN C 160 30.21 -72.63 -18.42
C ASN C 160 29.63 -71.73 -17.32
N ASN C 161 29.49 -70.45 -17.65
CA ASN C 161 28.95 -69.48 -16.71
C ASN C 161 27.57 -69.96 -16.26
N ASP C 162 26.65 -70.09 -17.22
CA ASP C 162 25.29 -70.56 -16.94
C ASP C 162 24.32 -70.20 -18.06
N LEU C 163 23.04 -70.11 -17.70
CA LEU C 163 21.97 -69.78 -18.63
C LEU C 163 22.00 -68.30 -18.97
N GLN C 164 22.30 -67.98 -20.23
CA GLN C 164 22.36 -66.59 -20.68
C GLN C 164 20.96 -65.98 -20.81
N MET C 165 20.73 -64.90 -20.09
CA MET C 165 19.44 -64.21 -20.11
C MET C 165 19.44 -63.02 -21.07
N GLY C 166 20.54 -62.87 -21.81
CA GLY C 166 20.64 -61.77 -22.76
C GLY C 166 22.06 -61.26 -22.91
N VAL C 167 22.21 -59.96 -23.10
CA VAL C 167 23.52 -59.35 -23.27
C VAL C 167 23.71 -58.14 -22.36
N ASP C 168 23.18 -58.23 -21.14
CA ASP C 168 23.28 -57.15 -20.16
C ASP C 168 23.53 -55.79 -20.81
N GLU C 169 22.58 -55.37 -21.64
CA GLU C 169 22.66 -54.10 -22.35
C GLU C 169 24.02 -53.85 -23.01
N ARG C 170 24.06 -54.03 -24.33
CA ARG C 170 25.24 -53.82 -25.17
C ARG C 170 25.85 -55.12 -25.71
N GLN C 171 27.18 -55.23 -25.62
CA GLN C 171 27.91 -56.39 -26.13
C GLN C 171 28.08 -57.55 -25.15
N LEU C 172 28.36 -57.24 -23.88
CA LEU C 172 28.58 -58.27 -22.87
C LEU C 172 27.34 -59.09 -22.54
N PRO C 173 27.38 -60.41 -22.81
CA PRO C 173 26.27 -61.35 -22.55
C PRO C 173 26.00 -61.50 -21.05
N VAL C 174 24.75 -61.27 -20.64
CA VAL C 174 24.37 -61.39 -19.24
C VAL C 174 23.98 -62.82 -18.90
N TYR C 175 24.26 -63.22 -17.66
CA TYR C 175 23.94 -64.57 -17.21
C TYR C 175 23.00 -64.54 -16.00
N ALA C 176 22.08 -65.52 -15.97
CA ALA C 176 21.11 -65.62 -14.90
C ALA C 176 21.77 -65.70 -13.52
N ASN C 177 21.20 -64.98 -12.57
CA ASN C 177 21.71 -64.96 -11.21
C ASN C 177 21.28 -66.23 -10.48
N THR C 178 22.25 -67.12 -10.26
CA THR C 178 22.00 -68.40 -9.60
C THR C 178 21.01 -68.36 -8.45
N THR C 179 21.16 -67.40 -7.56
CA THR C 179 20.29 -67.28 -6.38
C THR C 179 18.78 -67.26 -6.62
N TYR C 180 18.34 -66.99 -7.84
CA TYR C 180 16.91 -66.95 -8.11
C TYR C 180 16.53 -67.15 -9.57
N GLN C 181 17.51 -67.13 -10.46
CA GLN C 181 17.25 -67.31 -11.88
C GLN C 181 17.74 -68.66 -12.37
N PRO C 182 16.93 -69.35 -13.20
CA PRO C 182 15.62 -68.90 -13.67
C PRO C 182 14.55 -69.05 -12.60
N GLU C 183 13.45 -68.30 -12.74
CA GLU C 183 12.35 -68.36 -11.79
C GLU C 183 11.28 -69.35 -12.25
N PRO C 184 10.89 -70.29 -11.38
CA PRO C 184 9.88 -71.31 -11.65
C PRO C 184 8.51 -70.73 -12.01
N GLN C 185 8.49 -69.44 -12.31
CA GLN C 185 7.25 -68.76 -12.68
C GLN C 185 7.30 -68.36 -14.15
N LEU C 186 8.50 -68.11 -14.65
CA LEU C 186 8.73 -67.71 -16.03
C LEU C 186 8.58 -68.88 -17.00
N GLY C 187 8.53 -68.56 -18.29
CA GLY C 187 8.40 -69.59 -19.31
C GLY C 187 7.93 -69.01 -20.63
N ILE C 188 7.91 -69.85 -21.67
CA ILE C 188 7.47 -69.42 -22.99
C ILE C 188 6.04 -68.90 -22.95
N GLU C 189 5.73 -67.93 -23.79
CA GLU C 189 4.39 -67.35 -23.83
C GLU C 189 3.45 -68.10 -24.76
N GLY C 190 4.01 -68.68 -25.82
CA GLY C 190 3.21 -69.40 -26.79
C GLY C 190 2.87 -70.84 -26.49
N TRP C 191 1.59 -71.18 -26.65
CA TRP C 191 1.11 -72.53 -26.42
C TRP C 191 1.72 -73.47 -27.45
N THR C 192 1.39 -73.26 -28.72
CA THR C 192 1.94 -74.09 -29.79
C THR C 192 3.18 -73.40 -30.31
N ALA C 193 3.12 -72.08 -30.42
CA ALA C 193 4.23 -71.29 -30.91
C ALA C 193 5.48 -71.55 -30.08
N GLY C 194 5.28 -71.79 -28.79
CA GLY C 194 6.41 -72.04 -27.90
C GLY C 194 6.95 -73.46 -28.02
N SER C 195 6.07 -74.44 -28.14
CA SER C 195 6.49 -75.83 -28.24
C SER C 195 6.91 -76.20 -29.66
N MET C 196 6.13 -75.74 -30.64
CA MET C 196 6.39 -76.02 -32.05
C MET C 196 7.70 -75.37 -32.50
N ALA C 197 8.10 -74.32 -31.81
CA ALA C 197 9.33 -73.60 -32.13
C ALA C 197 10.53 -74.36 -31.58
N VAL C 198 10.30 -75.13 -30.52
CA VAL C 198 11.36 -75.90 -29.88
C VAL C 198 12.34 -74.99 -29.17
N ILE C 199 12.83 -75.43 -28.01
CA ILE C 199 13.78 -74.65 -27.23
C ILE C 199 15.14 -75.35 -27.24
N ASP C 200 16.13 -74.72 -27.85
CA ASP C 200 17.47 -75.30 -27.92
C ASP C 200 18.15 -75.17 -26.56
N GLN C 201 18.05 -73.98 -25.97
CA GLN C 201 18.66 -73.71 -24.67
C GLN C 201 17.56 -73.50 -23.62
N ALA C 202 17.29 -74.53 -22.83
CA ALA C 202 16.26 -74.45 -21.79
C ALA C 202 16.92 -74.42 -20.42
N GLY C 203 16.20 -73.89 -19.42
CA GLY C 203 16.74 -73.82 -18.08
C GLY C 203 15.73 -74.09 -16.99
N GLY C 204 16.18 -74.72 -15.92
CA GLY C 204 15.30 -75.04 -14.80
C GLY C 204 16.00 -75.01 -13.46
N ARG C 205 15.23 -75.20 -12.40
CA ARG C 205 15.77 -75.21 -11.05
C ARG C 205 15.31 -76.52 -10.38
N VAL C 206 16.21 -77.19 -9.68
CA VAL C 206 15.85 -78.46 -9.04
C VAL C 206 16.49 -78.70 -7.68
N LEU C 207 15.78 -79.45 -6.84
CA LEU C 207 16.26 -79.80 -5.50
C LEU C 207 17.11 -81.06 -5.62
N ARG C 208 18.13 -81.19 -4.78
CA ARG C 208 18.99 -82.37 -4.82
C ARG C 208 18.99 -83.14 -3.50
N ASN C 209 18.66 -84.42 -3.58
CA ASN C 209 18.61 -85.35 -2.44
C ASN C 209 17.71 -85.00 -1.25
N PRO C 210 16.61 -84.26 -1.46
CA PRO C 210 15.77 -83.96 -0.30
C PRO C 210 14.69 -85.05 -0.14
N THR C 211 14.03 -85.08 1.00
CA THR C 211 12.98 -86.07 1.23
C THR C 211 11.74 -85.73 0.41
N GLN C 212 11.52 -86.49 -0.65
CA GLN C 212 10.38 -86.28 -1.54
C GLN C 212 9.08 -86.02 -0.80
N THR C 213 8.31 -85.08 -1.33
CA THR C 213 7.02 -84.70 -0.77
C THR C 213 6.18 -84.17 -1.92
N PRO C 214 4.92 -84.61 -2.03
CA PRO C 214 4.04 -84.13 -3.10
C PRO C 214 4.06 -82.62 -3.21
N CYS C 215 4.20 -82.11 -4.43
CA CYS C 215 4.22 -80.66 -4.66
C CYS C 215 3.02 -79.99 -4.00
N TYR C 216 1.95 -80.75 -3.81
CA TYR C 216 0.74 -80.23 -3.20
C TYR C 216 0.99 -79.76 -1.77
N GLY C 217 1.04 -78.45 -1.58
CA GLY C 217 1.27 -77.90 -0.25
C GLY C 217 2.72 -77.79 0.14
N SER C 218 3.62 -77.82 -0.84
CA SER C 218 5.05 -77.70 -0.58
C SER C 218 5.42 -76.25 -0.33
N TYR C 219 6.14 -76.01 0.76
CA TYR C 219 6.55 -74.66 1.12
C TYR C 219 7.94 -74.64 1.75
N ALA C 220 8.63 -73.52 1.58
CA ALA C 220 9.97 -73.34 2.15
C ALA C 220 10.13 -71.87 2.51
N LYS C 221 11.15 -71.57 3.31
CA LYS C 221 11.39 -70.19 3.71
C LYS C 221 12.45 -69.51 2.84
N PRO C 222 12.23 -68.22 2.51
CA PRO C 222 13.13 -67.43 1.68
C PRO C 222 14.47 -67.15 2.36
N THR C 223 15.47 -66.77 1.56
CA THR C 223 16.80 -66.49 2.08
C THR C 223 17.42 -65.23 1.47
N ASN C 224 16.75 -64.64 0.48
CA ASN C 224 17.28 -63.44 -0.17
C ASN C 224 16.19 -62.47 -0.61
N GLU C 225 16.64 -61.32 -1.09
CA GLU C 225 15.74 -60.28 -1.59
C GLU C 225 15.14 -60.82 -2.89
N HIS C 226 15.82 -61.82 -3.44
CA HIS C 226 15.39 -62.46 -4.67
C HIS C 226 14.35 -63.53 -4.36
N GLY C 227 14.09 -63.74 -3.07
CA GLY C 227 13.12 -64.73 -2.66
C GLY C 227 13.71 -66.12 -2.56
N GLY C 228 14.47 -66.51 -3.58
CA GLY C 228 15.10 -67.82 -3.61
C GLY C 228 15.31 -68.53 -2.27
N ILE C 229 15.06 -69.84 -2.27
CA ILE C 229 15.21 -70.64 -1.07
C ILE C 229 16.48 -71.47 -1.18
N THR C 230 17.62 -70.78 -1.29
CA THR C 230 18.91 -71.43 -1.43
C THR C 230 19.30 -72.22 -0.17
N LYS C 231 18.77 -71.80 0.98
CA LYS C 231 19.05 -72.46 2.25
C LYS C 231 20.43 -72.16 2.81
N ALA C 232 20.72 -72.76 3.97
CA ALA C 232 22.00 -72.57 4.64
C ALA C 232 23.18 -73.01 3.79
N ASN C 233 23.11 -74.23 3.25
CA ASN C 233 24.18 -74.76 2.42
C ASN C 233 24.45 -73.83 1.24
N THR C 234 25.63 -73.22 1.24
CA THR C 234 26.02 -72.30 0.18
C THR C 234 26.18 -72.96 -1.18
N GLN C 235 26.41 -74.27 -1.21
CA GLN C 235 26.59 -74.96 -2.48
C GLN C 235 25.41 -74.94 -3.43
N VAL C 236 25.74 -74.69 -4.70
CA VAL C 236 24.77 -74.63 -5.79
C VAL C 236 25.51 -75.21 -7.00
N GLU C 237 24.90 -76.18 -7.68
CA GLU C 237 25.54 -76.81 -8.82
C GLU C 237 24.79 -76.67 -10.15
N LYS C 238 25.45 -76.04 -11.12
CA LYS C 238 24.86 -75.85 -12.45
C LYS C 238 25.14 -77.11 -13.26
N LYS C 239 24.20 -78.06 -13.21
CA LYS C 239 24.35 -79.32 -13.93
C LYS C 239 23.93 -79.20 -15.40
N TYR C 240 24.89 -79.46 -16.28
CA TYR C 240 24.65 -79.38 -17.72
C TYR C 240 24.24 -80.73 -18.30
N TYR C 241 23.10 -80.75 -18.99
CA TYR C 241 22.59 -81.98 -19.57
C TYR C 241 22.55 -81.91 -21.10
N ARG C 242 22.64 -83.07 -21.74
CA ARG C 242 22.60 -83.16 -23.19
C ARG C 242 21.43 -84.07 -23.57
N THR C 243 21.46 -84.59 -24.79
CA THR C 243 20.41 -85.48 -25.27
C THR C 243 20.95 -86.90 -25.39
N GLY C 244 22.27 -87.01 -25.41
CA GLY C 244 22.89 -88.32 -25.52
C GLY C 244 23.90 -88.43 -26.66
N ASP C 245 23.79 -87.56 -27.65
CA ASP C 245 24.69 -87.60 -28.80
C ASP C 245 25.14 -86.21 -29.23
N ASN C 246 24.47 -85.19 -28.71
CA ASN C 246 24.82 -83.82 -29.03
C ASN C 246 25.80 -83.32 -27.98
N GLY C 247 26.60 -82.32 -28.35
CA GLY C 247 27.55 -81.77 -27.40
C GLY C 247 27.22 -80.34 -27.07
N ASN C 248 26.17 -80.14 -26.28
CA ASN C 248 25.76 -78.79 -25.94
C ASN C 248 24.74 -78.84 -24.81
N PRO C 249 24.75 -77.86 -23.91
CA PRO C 249 23.79 -77.83 -22.81
C PRO C 249 22.40 -77.41 -23.24
N GLU C 250 21.57 -78.39 -23.61
CA GLU C 250 20.20 -78.13 -24.04
C GLU C 250 19.34 -77.71 -22.85
N THR C 251 19.78 -78.10 -21.66
CA THR C 251 19.05 -77.77 -20.43
C THR C 251 19.98 -77.61 -19.22
N VAL C 252 20.00 -76.41 -18.66
CA VAL C 252 20.83 -76.13 -17.49
C VAL C 252 19.99 -76.14 -16.22
N PHE C 253 20.49 -76.80 -15.18
CA PHE C 253 19.76 -76.86 -13.91
C PHE C 253 20.57 -76.34 -12.74
N TYR C 254 19.92 -75.54 -11.90
CA TYR C 254 20.56 -74.96 -10.73
C TYR C 254 20.07 -75.70 -9.48
N THR C 255 20.71 -76.82 -9.18
CA THR C 255 20.33 -77.62 -8.02
C THR C 255 20.53 -76.86 -6.71
N GLU C 256 19.67 -77.12 -5.74
CA GLU C 256 19.76 -76.45 -4.45
C GLU C 256 18.97 -77.21 -3.39
N GLU C 257 19.24 -76.90 -2.12
CA GLU C 257 18.53 -77.53 -1.02
C GLU C 257 17.57 -76.51 -0.44
N ALA C 258 16.39 -76.97 -0.04
CA ALA C 258 15.39 -76.07 0.53
C ALA C 258 14.88 -76.54 1.88
N ASP C 259 14.37 -75.58 2.67
CA ASP C 259 13.82 -75.88 3.98
C ASP C 259 12.38 -76.36 3.76
N VAL C 260 12.23 -77.27 2.81
CA VAL C 260 10.92 -77.81 2.47
C VAL C 260 10.19 -78.44 3.65
N LEU C 261 8.91 -78.13 3.76
CA LEU C 261 8.07 -78.65 4.84
C LEU C 261 6.62 -78.69 4.35
N THR C 262 5.70 -79.05 5.23
CA THR C 262 4.29 -79.12 4.88
C THR C 262 3.41 -78.83 6.11
N PRO C 263 2.77 -77.65 6.14
CA PRO C 263 1.91 -77.26 7.26
C PRO C 263 0.47 -77.76 7.16
N ASP C 264 -0.24 -77.35 6.11
CA ASP C 264 -1.63 -77.73 5.91
C ASP C 264 -1.79 -79.01 5.09
N THR C 265 -0.79 -79.87 5.10
CA THR C 265 -0.87 -81.12 4.34
C THR C 265 -0.12 -82.27 5.00
N HIS C 266 -0.62 -83.48 4.76
CA HIS C 266 -0.02 -84.70 5.30
C HIS C 266 -0.01 -85.77 4.21
N LEU C 267 0.71 -86.86 4.47
CA LEU C 267 0.79 -87.94 3.48
C LEU C 267 -0.42 -88.85 3.52
N VAL C 268 -1.20 -88.83 2.45
CA VAL C 268 -2.39 -89.67 2.34
C VAL C 268 -1.99 -91.07 1.92
N HIS C 269 -0.95 -91.15 1.09
CA HIS C 269 -0.45 -92.43 0.59
C HIS C 269 1.07 -92.47 0.62
N ALA C 270 1.62 -93.15 1.63
CA ALA C 270 3.07 -93.29 1.77
C ALA C 270 3.47 -94.67 1.27
N VAL C 271 4.05 -94.74 0.09
CA VAL C 271 4.46 -96.01 -0.50
C VAL C 271 5.51 -96.75 0.32
N PRO C 272 6.73 -96.17 0.47
CA PRO C 272 7.68 -96.95 1.26
C PRO C 272 8.08 -96.31 2.60
N ALA C 273 8.18 -97.14 3.63
CA ALA C 273 8.61 -96.67 4.95
C ALA C 273 10.12 -96.84 4.88
N ALA C 274 10.84 -95.72 4.86
CA ALA C 274 12.30 -95.75 4.74
C ALA C 274 12.57 -96.10 3.28
N ASP C 275 13.75 -95.78 2.77
CA ASP C 275 14.07 -96.08 1.38
C ASP C 275 13.07 -95.26 0.56
N ARG C 276 12.47 -94.29 1.24
CA ARG C 276 11.45 -93.40 0.69
C ARG C 276 11.96 -92.54 -0.47
N ALA C 277 13.11 -91.89 -0.27
CA ALA C 277 13.68 -91.02 -1.29
C ALA C 277 14.04 -91.71 -2.61
N LYS C 278 13.60 -92.96 -2.79
CA LYS C 278 13.88 -93.67 -4.03
C LYS C 278 12.75 -93.48 -5.03
N VAL C 279 12.98 -93.90 -6.27
CA VAL C 279 12.00 -93.76 -7.35
C VAL C 279 10.58 -94.17 -6.96
N GLU C 280 10.45 -95.26 -6.22
CA GLU C 280 9.14 -95.76 -5.79
C GLU C 280 8.50 -94.86 -4.74
N GLY C 281 9.25 -93.87 -4.26
CA GLY C 281 8.74 -92.98 -3.25
C GLY C 281 7.91 -91.82 -3.79
N LEU C 282 8.34 -91.27 -4.93
CA LEU C 282 7.62 -90.14 -5.53
C LEU C 282 6.15 -90.47 -5.74
N SER C 283 5.80 -91.75 -5.62
CA SER C 283 4.43 -92.20 -5.80
C SER C 283 3.53 -91.74 -4.65
N GLN C 284 4.14 -91.17 -3.62
CA GLN C 284 3.40 -90.69 -2.46
C GLN C 284 2.48 -89.53 -2.81
N HIS C 285 1.30 -89.52 -2.19
CA HIS C 285 0.33 -88.46 -2.43
C HIS C 285 0.08 -87.66 -1.16
N ALA C 286 -0.50 -86.47 -1.33
CA ALA C 286 -0.77 -85.60 -0.20
C ALA C 286 -2.25 -85.22 -0.13
N ALA C 287 -2.65 -84.68 1.01
CA ALA C 287 -4.03 -84.27 1.22
C ALA C 287 -4.07 -83.18 2.28
N PRO C 288 -4.95 -82.19 2.11
CA PRO C 288 -5.08 -81.09 3.07
C PRO C 288 -5.58 -81.55 4.43
N ASN C 289 -5.06 -80.94 5.49
CA ASN C 289 -5.46 -81.29 6.85
C ASN C 289 -6.87 -80.77 7.14
N ARG C 290 -7.63 -81.51 7.93
CA ARG C 290 -8.99 -81.12 8.26
C ARG C 290 -9.05 -79.72 8.86
N PRO C 291 -10.03 -78.91 8.42
CA PRO C 291 -10.19 -77.54 8.91
C PRO C 291 -10.63 -77.53 10.37
N ASN C 292 -9.91 -76.79 11.20
CA ASN C 292 -10.24 -76.72 12.62
C ASN C 292 -10.26 -75.28 13.12
N PHE C 293 -11.46 -74.74 13.32
CA PHE C 293 -11.63 -73.38 13.81
C PHE C 293 -11.54 -73.34 15.33
N ILE C 294 -10.91 -72.32 15.87
CA ILE C 294 -10.77 -72.17 17.32
C ILE C 294 -11.04 -70.73 17.73
N GLY C 295 -11.83 -70.57 18.80
CA GLY C 295 -12.16 -69.24 19.28
C GLY C 295 -12.97 -69.29 20.55
N PHE C 296 -13.40 -68.11 21.02
CA PHE C 296 -14.21 -68.02 22.23
C PHE C 296 -15.63 -68.48 21.97
N ARG C 297 -16.16 -69.30 22.86
CA ARG C 297 -17.51 -69.82 22.74
C ARG C 297 -18.55 -68.72 22.54
N ASP C 298 -19.79 -69.12 22.28
CA ASP C 298 -20.88 -68.19 22.08
C ASP C 298 -21.17 -67.44 23.38
N CYS C 299 -21.28 -66.11 23.28
CA CYS C 299 -21.55 -65.28 24.45
C CYS C 299 -20.50 -65.48 25.54
N PHE C 300 -19.32 -65.94 25.13
CA PHE C 300 -18.22 -66.17 26.05
C PHE C 300 -18.62 -67.09 27.21
N VAL C 301 -19.46 -68.07 26.92
CA VAL C 301 -19.92 -69.00 27.95
C VAL C 301 -18.75 -69.82 28.47
N GLY C 302 -18.60 -69.84 29.79
CA GLY C 302 -17.52 -70.61 30.40
C GLY C 302 -16.29 -69.79 30.74
N LEU C 303 -16.22 -68.58 30.22
CA LEU C 303 -15.08 -67.71 30.49
C LEU C 303 -15.22 -67.13 31.90
N MET C 304 -16.43 -67.21 32.43
CA MET C 304 -16.71 -66.70 33.76
C MET C 304 -17.39 -67.76 34.62
N TYR C 305 -16.96 -67.89 35.86
CA TYR C 305 -17.52 -68.88 36.78
C TYR C 305 -18.98 -68.64 37.15
N TYR C 306 -19.77 -69.71 37.09
CA TYR C 306 -21.18 -69.67 37.42
C TYR C 306 -21.60 -71.00 38.03
N ASN C 307 -22.55 -70.95 38.97
CA ASN C 307 -23.04 -72.15 39.62
C ASN C 307 -21.92 -73.00 40.21
N SER C 308 -20.95 -72.33 40.83
CA SER C 308 -19.83 -73.03 41.45
C SER C 308 -19.51 -72.40 42.80
N GLY C 309 -19.91 -73.09 43.88
CA GLY C 309 -19.66 -72.58 45.21
C GLY C 309 -18.17 -72.38 45.48
N GLY C 310 -17.33 -73.00 44.65
CA GLY C 310 -15.90 -72.87 44.83
C GLY C 310 -15.39 -71.49 44.43
N ASN C 311 -16.00 -70.91 43.40
CA ASN C 311 -15.61 -69.59 42.93
C ASN C 311 -16.83 -68.69 42.77
N LEU C 312 -17.67 -68.63 43.80
CA LEU C 312 -18.87 -67.82 43.77
C LEU C 312 -18.54 -66.33 43.77
N GLY C 313 -19.17 -65.59 42.86
CA GLY C 313 -18.93 -64.16 42.75
C GLY C 313 -19.50 -63.35 43.91
N VAL C 314 -18.85 -62.23 44.21
CA VAL C 314 -19.28 -61.38 45.32
C VAL C 314 -19.77 -60.00 44.87
N LEU C 315 -20.82 -59.51 45.53
CA LEU C 315 -21.38 -58.21 45.23
C LEU C 315 -22.19 -57.70 46.42
N ALA C 316 -21.50 -57.05 47.36
CA ALA C 316 -22.15 -56.53 48.55
C ALA C 316 -21.59 -55.16 48.93
N GLY C 317 -22.37 -54.40 49.69
CA GLY C 317 -21.93 -53.09 50.12
C GLY C 317 -20.84 -53.21 51.16
N GLN C 318 -19.80 -52.39 51.06
CA GLN C 318 -18.69 -52.44 52.00
C GLN C 318 -19.17 -52.36 53.45
N SER C 319 -20.24 -51.62 53.68
CA SER C 319 -20.79 -51.47 55.02
C SER C 319 -21.57 -52.72 55.44
N SER C 320 -22.25 -53.32 54.47
CA SER C 320 -23.05 -54.53 54.71
C SER C 320 -22.16 -55.76 54.87
N GLN C 321 -21.21 -55.91 53.96
CA GLN C 321 -20.28 -57.05 53.99
C GLN C 321 -21.01 -58.37 53.71
N LEU C 322 -22.33 -58.30 53.62
CA LEU C 322 -23.14 -59.49 53.37
C LEU C 322 -23.34 -59.70 51.86
N ASN C 323 -22.64 -60.68 51.31
CA ASN C 323 -22.73 -60.98 49.88
C ASN C 323 -24.18 -61.16 49.43
N ALA C 324 -24.56 -60.46 48.36
CA ALA C 324 -25.91 -60.53 47.83
C ALA C 324 -26.04 -61.57 46.73
N VAL C 325 -24.93 -62.24 46.41
CA VAL C 325 -24.94 -63.26 45.37
C VAL C 325 -24.86 -64.66 45.96
N VAL C 326 -26.01 -65.34 45.97
CA VAL C 326 -26.10 -66.70 46.50
C VAL C 326 -26.35 -67.66 45.34
N ASP C 327 -25.29 -68.35 44.91
CA ASP C 327 -25.42 -69.30 43.80
C ASP C 327 -25.44 -70.74 44.29
N LEU C 328 -25.99 -71.62 43.46
CA LEU C 328 -26.09 -73.04 43.77
C LEU C 328 -25.69 -73.84 42.53
N GLN C 329 -24.82 -74.82 42.70
CA GLN C 329 -24.37 -75.64 41.57
C GLN C 329 -25.51 -76.46 40.99
N ASP C 330 -26.72 -76.21 41.48
CA ASP C 330 -27.89 -76.92 41.02
C ASP C 330 -28.52 -76.13 39.87
N ARG C 331 -28.33 -74.81 39.91
CA ARG C 331 -28.84 -73.92 38.88
C ARG C 331 -27.89 -73.92 37.67
N ASN C 332 -28.38 -73.42 36.53
CA ASN C 332 -27.57 -73.36 35.32
C ASN C 332 -27.76 -72.00 34.66
N THR C 333 -26.90 -71.06 35.00
CA THR C 333 -26.99 -69.71 34.44
C THR C 333 -26.70 -69.68 32.94
N GLU C 334 -25.60 -70.30 32.55
CA GLU C 334 -25.20 -70.35 31.14
C GLU C 334 -26.37 -70.64 30.21
N LEU C 335 -26.91 -71.85 30.29
CA LEU C 335 -28.03 -72.25 29.44
C LEU C 335 -29.19 -71.27 29.57
N SER C 336 -29.49 -70.88 30.81
CA SER C 336 -30.58 -69.96 31.08
C SER C 336 -30.46 -68.70 30.23
N TYR C 337 -29.24 -68.17 30.14
CA TYR C 337 -28.99 -66.96 29.36
C TYR C 337 -29.30 -67.20 27.89
N GLN C 338 -28.80 -68.32 27.36
CA GLN C 338 -29.02 -68.67 25.96
C GLN C 338 -30.49 -68.58 25.60
N MET C 339 -31.29 -69.47 26.20
CA MET C 339 -32.72 -69.51 25.95
C MET C 339 -33.35 -68.13 26.08
N LEU C 340 -32.87 -67.33 27.02
CA LEU C 340 -33.41 -65.99 27.23
C LEU C 340 -33.30 -65.12 25.99
N LEU C 341 -32.14 -65.17 25.35
CA LEU C 341 -31.91 -64.37 24.14
C LEU C 341 -32.80 -64.82 22.99
N ALA C 342 -32.92 -66.12 22.81
CA ALA C 342 -33.72 -66.68 21.73
C ALA C 342 -35.21 -66.38 21.89
N ASN C 343 -35.58 -65.70 22.97
CA ASN C 343 -36.97 -65.38 23.22
C ASN C 343 -37.25 -63.88 23.13
N THR C 344 -36.21 -63.07 23.23
CA THR C 344 -36.37 -61.62 23.17
C THR C 344 -35.87 -61.02 21.86
N THR C 345 -34.99 -61.74 21.17
CA THR C 345 -34.44 -61.25 19.91
C THR C 345 -34.28 -62.37 18.89
N ASP C 346 -33.85 -61.99 17.69
CA ASP C 346 -33.64 -62.95 16.61
C ASP C 346 -32.24 -63.53 16.76
N ARG C 347 -32.17 -64.74 17.32
CA ARG C 347 -30.89 -65.42 17.55
C ARG C 347 -30.18 -65.86 16.27
N SER C 348 -30.44 -65.17 15.17
CA SER C 348 -29.81 -65.51 13.90
C SER C 348 -28.79 -64.46 13.49
N ARG C 349 -28.97 -63.23 13.97
CA ARG C 349 -28.04 -62.14 13.66
C ARG C 349 -26.80 -62.25 14.52
N TYR C 350 -25.76 -61.49 14.17
CA TYR C 350 -24.51 -61.50 14.92
C TYR C 350 -24.23 -60.15 15.57
N PHE C 351 -23.47 -60.18 16.66
CA PHE C 351 -23.12 -58.97 17.39
C PHE C 351 -21.75 -59.16 18.05
N SER C 352 -20.70 -58.73 17.35
CA SER C 352 -19.33 -58.86 17.82
C SER C 352 -19.09 -58.56 19.29
N MET C 353 -19.55 -57.40 19.75
CA MET C 353 -19.37 -57.01 21.16
C MET C 353 -19.51 -58.16 22.14
N TRP C 354 -20.64 -58.86 22.07
CA TRP C 354 -20.89 -59.98 22.97
C TRP C 354 -20.43 -61.31 22.37
N ASN C 355 -19.79 -61.24 21.20
CA ASN C 355 -19.33 -62.44 20.52
C ASN C 355 -20.54 -63.35 20.35
N GLN C 356 -21.71 -62.73 20.36
CA GLN C 356 -22.99 -63.42 20.23
C GLN C 356 -23.18 -63.94 18.81
N ALA C 357 -22.91 -65.23 18.62
CA ALA C 357 -23.06 -65.87 17.33
C ALA C 357 -23.43 -67.33 17.51
N MET C 358 -24.65 -67.56 17.98
CA MET C 358 -25.16 -68.91 18.23
C MET C 358 -24.63 -69.94 17.24
N ASP C 359 -24.34 -71.14 17.76
CA ASP C 359 -23.83 -72.22 16.93
C ASP C 359 -24.97 -72.81 16.11
N SER C 360 -24.64 -73.25 14.90
CA SER C 360 -25.62 -73.85 14.01
C SER C 360 -24.91 -74.76 13.01
N TYR C 361 -25.68 -75.52 12.24
CA TYR C 361 -25.11 -76.42 11.27
C TYR C 361 -25.80 -76.28 9.91
N ASP C 362 -25.12 -76.70 8.86
CA ASP C 362 -25.67 -76.61 7.51
C ASP C 362 -26.74 -77.69 7.35
N PRO C 363 -28.01 -77.26 7.16
CA PRO C 363 -29.15 -78.16 6.99
C PRO C 363 -28.90 -79.33 6.03
N GLU C 364 -28.19 -79.05 4.94
CA GLU C 364 -27.89 -80.08 3.94
C GLU C 364 -26.88 -81.09 4.45
N VAL C 365 -26.18 -80.75 5.52
CA VAL C 365 -25.18 -81.64 6.10
C VAL C 365 -25.84 -82.57 7.12
N ARG C 366 -26.67 -82.00 7.98
CA ARG C 366 -27.37 -82.77 8.99
C ARG C 366 -28.25 -83.83 8.32
N VAL C 367 -29.06 -83.40 7.37
CA VAL C 367 -29.96 -84.29 6.65
C VAL C 367 -29.64 -84.29 5.15
N ILE C 368 -28.95 -85.32 4.69
CA ILE C 368 -28.58 -85.44 3.28
C ILE C 368 -29.81 -85.51 2.38
N ASP C 369 -29.89 -84.58 1.43
CA ASP C 369 -31.01 -84.55 0.50
C ASP C 369 -30.48 -84.90 -0.89
N ASN C 370 -30.04 -86.15 -1.04
CA ASN C 370 -29.51 -86.62 -2.32
C ASN C 370 -30.58 -86.58 -3.40
N VAL C 371 -30.64 -85.47 -4.13
CA VAL C 371 -31.62 -85.30 -5.19
C VAL C 371 -31.00 -85.70 -6.53
N GLY C 372 -29.78 -86.22 -6.48
CA GLY C 372 -29.10 -86.64 -7.69
C GLY C 372 -28.16 -85.57 -8.22
N VAL C 373 -27.82 -85.67 -9.50
CA VAL C 373 -26.93 -84.71 -10.13
C VAL C 373 -27.37 -84.40 -11.55
N GLU C 374 -27.41 -83.12 -11.89
CA GLU C 374 -27.82 -82.69 -13.23
C GLU C 374 -26.61 -82.72 -14.17
N ASP C 375 -26.35 -83.87 -14.77
CA ASP C 375 -25.22 -84.02 -15.68
C ASP C 375 -25.64 -84.56 -17.03
N GLU C 376 -26.83 -84.16 -17.49
CA GLU C 376 -27.32 -84.63 -18.79
C GLU C 376 -26.33 -84.33 -19.90
N MET C 377 -25.58 -83.24 -19.75
CA MET C 377 -24.60 -82.85 -20.76
C MET C 377 -23.19 -83.28 -20.36
N PRO C 378 -22.44 -83.86 -21.32
CA PRO C 378 -21.07 -84.29 -21.04
C PRO C 378 -20.12 -83.10 -21.10
N ASN C 379 -19.15 -83.06 -20.21
CA ASN C 379 -18.19 -81.96 -20.18
C ASN C 379 -16.84 -82.41 -20.72
N TYR C 380 -16.26 -81.61 -21.61
CA TYR C 380 -14.98 -81.95 -22.20
C TYR C 380 -13.92 -80.86 -22.05
N CYS C 381 -12.65 -81.29 -22.06
CA CYS C 381 -11.51 -80.40 -21.95
C CYS C 381 -10.71 -80.59 -23.23
N PHE C 382 -10.49 -79.50 -23.96
CA PHE C 382 -9.76 -79.57 -25.22
C PHE C 382 -8.36 -78.96 -25.13
N PRO C 383 -7.41 -79.52 -25.89
CA PRO C 383 -6.02 -79.03 -25.89
C PRO C 383 -5.94 -77.52 -26.10
N LEU C 384 -4.86 -76.92 -25.61
CA LEU C 384 -4.68 -75.48 -25.76
C LEU C 384 -4.48 -75.10 -27.22
N SER C 385 -4.51 -76.11 -28.09
CA SER C 385 -4.34 -75.88 -29.51
C SER C 385 -5.66 -75.94 -30.27
N GLY C 386 -6.55 -76.82 -29.83
CA GLY C 386 -7.83 -76.96 -30.51
C GLY C 386 -7.70 -78.07 -31.55
N VAL C 387 -6.59 -78.79 -31.48
CA VAL C 387 -6.31 -79.90 -32.38
C VAL C 387 -4.84 -80.28 -32.27
N GLN C 388 -4.58 -81.52 -31.87
CA GLN C 388 -3.22 -82.01 -31.70
C GLN C 388 -2.42 -82.06 -33.00
N ILE C 389 -1.19 -81.55 -32.94
CA ILE C 389 -0.31 -81.52 -34.09
C ILE C 389 0.66 -82.71 -34.07
N GLY C 390 0.71 -83.43 -35.18
CA GLY C 390 1.60 -84.59 -35.26
C GLY C 390 1.96 -84.99 -36.68
N ASN C 391 1.12 -84.61 -37.64
CA ASN C 391 1.37 -84.94 -39.04
C ASN C 391 1.20 -83.71 -39.94
N ARG C 392 1.81 -83.76 -41.11
CA ARG C 392 1.73 -82.64 -42.06
C ARG C 392 1.06 -83.09 -43.36
N SER C 393 0.26 -82.20 -43.94
CA SER C 393 -0.45 -82.47 -45.17
C SER C 393 0.42 -82.14 -46.39
N HIS C 394 -0.23 -81.76 -47.50
CA HIS C 394 0.45 -81.41 -48.74
C HIS C 394 -0.56 -81.19 -49.87
N GLU C 395 -0.94 -79.93 -50.09
CA GLU C 395 -1.89 -79.61 -51.15
C GLU C 395 -1.29 -79.93 -52.51
N VAL C 396 -1.80 -80.99 -53.14
CA VAL C 396 -1.31 -81.45 -54.42
C VAL C 396 -2.35 -81.46 -55.54
N GLN C 397 -1.90 -81.20 -56.76
CA GLN C 397 -2.80 -81.17 -57.91
C GLN C 397 -2.89 -82.52 -58.60
N ARG C 398 -4.08 -82.82 -59.12
CA ARG C 398 -4.34 -84.08 -59.80
C ARG C 398 -4.06 -83.93 -61.29
N ASN C 399 -4.42 -84.97 -62.03
CA ASN C 399 -4.25 -84.99 -63.49
C ASN C 399 -2.80 -84.92 -63.93
N GLN C 400 -2.52 -85.54 -65.08
CA GLN C 400 -1.18 -85.60 -65.67
C GLN C 400 -0.39 -86.72 -65.01
N GLN C 401 -0.82 -87.07 -63.81
CA GLN C 401 -0.16 -88.11 -63.04
C GLN C 401 -1.08 -88.73 -62.00
N GLN C 402 -0.51 -89.05 -60.85
CA GLN C 402 -1.22 -89.64 -59.71
C GLN C 402 -1.58 -88.53 -58.74
N TRP C 403 -0.87 -87.40 -58.86
CA TRP C 403 -1.05 -86.20 -58.03
C TRP C 403 0.34 -85.59 -57.75
N GLN C 404 0.64 -84.49 -58.44
CA GLN C 404 1.93 -83.81 -58.29
C GLN C 404 2.03 -82.84 -57.13
N ASN C 405 3.16 -82.90 -56.45
CA ASN C 405 3.43 -82.04 -55.32
C ASN C 405 3.07 -80.58 -55.61
N VAL C 406 3.07 -79.77 -54.56
CA VAL C 406 2.75 -78.35 -54.71
C VAL C 406 4.01 -77.51 -54.76
N ALA C 407 5.00 -77.91 -53.98
CA ALA C 407 6.27 -77.20 -53.91
C ALA C 407 6.17 -75.93 -53.08
N ASN C 408 5.02 -75.26 -53.14
CA ASN C 408 4.79 -74.02 -52.40
C ASN C 408 4.82 -74.25 -50.89
N SER C 409 6.02 -74.34 -50.33
CA SER C 409 6.18 -74.57 -48.89
C SER C 409 5.53 -75.89 -48.52
N ASP C 410 6.01 -76.51 -47.44
CA ASP C 410 5.46 -77.78 -47.01
C ASP C 410 5.38 -77.87 -45.51
N ASN C 411 4.84 -78.99 -45.03
CA ASN C 411 4.71 -79.23 -43.59
C ASN C 411 3.63 -78.40 -42.93
N ASN C 412 2.39 -78.89 -43.01
CA ASN C 412 1.24 -78.22 -42.41
C ASN C 412 0.78 -79.07 -41.23
N TYR C 413 -0.44 -78.83 -40.77
CA TYR C 413 -0.98 -79.58 -39.65
C TYR C 413 -2.50 -79.69 -39.74
N ILE C 414 -3.00 -80.87 -40.10
CA ILE C 414 -4.43 -81.10 -40.22
C ILE C 414 -4.87 -82.40 -39.54
N GLY C 415 -5.80 -82.29 -38.60
CA GLY C 415 -6.28 -83.47 -37.91
C GLY C 415 -7.49 -84.11 -38.57
N LYS C 416 -7.29 -85.32 -39.09
CA LYS C 416 -8.37 -86.04 -39.76
C LYS C 416 -9.34 -86.60 -38.71
N GLY C 417 -10.40 -85.84 -38.43
CA GLY C 417 -11.38 -86.27 -37.45
C GLY C 417 -11.72 -85.14 -36.50
N ASN C 418 -12.18 -85.48 -35.30
CA ASN C 418 -12.54 -84.47 -34.31
C ASN C 418 -11.36 -84.12 -33.42
N LEU C 419 -11.59 -83.25 -32.45
CA LEU C 419 -10.53 -82.83 -31.53
C LEU C 419 -10.41 -83.81 -30.37
N PRO C 420 -9.19 -84.27 -30.07
CA PRO C 420 -8.99 -85.22 -28.97
C PRO C 420 -9.34 -84.57 -27.65
N ALA C 421 -10.36 -85.09 -26.98
CA ALA C 421 -10.79 -84.52 -25.71
C ALA C 421 -10.98 -85.56 -24.60
N MET C 422 -10.93 -85.07 -23.37
CA MET C 422 -11.10 -85.91 -22.18
C MET C 422 -12.40 -85.50 -21.51
N GLU C 423 -13.18 -86.50 -21.08
CA GLU C 423 -14.45 -86.22 -20.44
C GLU C 423 -14.38 -86.27 -18.92
N ILE C 424 -15.28 -85.54 -18.27
CA ILE C 424 -15.34 -85.48 -16.81
C ILE C 424 -16.71 -85.00 -16.36
N ASN C 425 -17.39 -85.82 -15.56
CA ASN C 425 -18.72 -85.46 -15.07
C ASN C 425 -18.59 -84.38 -14.01
N LEU C 426 -18.41 -83.14 -14.48
CA LEU C 426 -18.25 -81.99 -13.60
C LEU C 426 -19.18 -82.02 -12.39
N ALA C 427 -20.47 -81.75 -12.64
CA ALA C 427 -21.47 -81.73 -11.59
C ALA C 427 -21.33 -82.90 -10.61
N ALA C 428 -20.98 -84.07 -11.12
CA ALA C 428 -20.82 -85.25 -10.28
C ALA C 428 -19.75 -85.05 -9.22
N ASN C 429 -18.56 -84.64 -9.66
CA ASN C 429 -17.44 -84.42 -8.74
C ASN C 429 -17.84 -83.53 -7.56
N LEU C 430 -18.30 -82.32 -7.87
CA LEU C 430 -18.70 -81.37 -6.83
C LEU C 430 -19.58 -82.02 -5.77
N TRP C 431 -20.55 -82.81 -6.21
CA TRP C 431 -21.46 -83.50 -5.30
C TRP C 431 -20.69 -84.45 -4.38
N ARG C 432 -19.79 -85.23 -4.97
CA ARG C 432 -18.99 -86.20 -4.23
C ARG C 432 -18.03 -85.50 -3.27
N SER C 433 -17.39 -84.43 -3.75
CA SER C 433 -16.45 -83.69 -2.92
C SER C 433 -17.19 -83.10 -1.73
N PHE C 434 -18.42 -82.66 -1.97
CA PHE C 434 -19.24 -82.09 -0.91
C PHE C 434 -19.44 -83.11 0.19
N LEU C 435 -20.02 -84.25 -0.17
CA LEU C 435 -20.27 -85.33 0.77
C LEU C 435 -19.04 -85.71 1.60
N TYR C 436 -18.02 -86.23 0.94
CA TYR C 436 -16.79 -86.65 1.61
C TYR C 436 -16.21 -85.63 2.59
N SER C 437 -16.25 -84.35 2.22
CA SER C 437 -15.69 -83.28 3.06
C SER C 437 -16.62 -82.78 4.17
N ASN C 438 -17.90 -83.09 4.08
CA ASN C 438 -18.87 -82.63 5.07
C ASN C 438 -19.50 -83.73 5.92
N VAL C 439 -19.37 -84.97 5.49
CA VAL C 439 -19.96 -86.07 6.24
C VAL C 439 -19.07 -87.31 6.36
N ALA C 440 -18.18 -87.49 5.39
CA ALA C 440 -17.29 -88.66 5.41
C ALA C 440 -16.18 -88.52 6.46
N LEU C 441 -15.52 -87.37 6.47
CA LEU C 441 -14.44 -87.12 7.41
C LEU C 441 -14.94 -86.96 8.85
N TYR C 442 -16.25 -86.85 9.02
CA TYR C 442 -16.83 -86.67 10.34
C TYR C 442 -17.48 -87.94 10.90
N LEU C 443 -17.42 -89.02 10.13
CA LEU C 443 -17.99 -90.29 10.58
C LEU C 443 -17.25 -90.77 11.83
N PRO C 444 -17.93 -91.53 12.69
CA PRO C 444 -17.32 -92.05 13.92
C PRO C 444 -15.97 -92.72 13.63
N ASP C 445 -15.03 -92.54 14.54
CA ASP C 445 -13.69 -93.11 14.38
C ASP C 445 -13.72 -94.61 14.11
N ASN C 446 -14.76 -95.29 14.61
CA ASN C 446 -14.89 -96.72 14.43
C ASN C 446 -14.99 -97.14 12.96
N LEU C 447 -15.48 -96.24 12.11
CA LEU C 447 -15.62 -96.54 10.69
C LEU C 447 -14.38 -96.18 9.89
N LYS C 448 -13.35 -95.68 10.58
CA LYS C 448 -12.11 -95.30 9.93
C LYS C 448 -11.01 -96.32 10.20
N PHE C 449 -9.87 -96.13 9.53
CA PHE C 449 -8.73 -97.02 9.72
C PHE C 449 -7.44 -96.22 9.53
N THR C 450 -6.48 -96.45 10.42
CA THR C 450 -5.20 -95.76 10.34
C THR C 450 -4.57 -95.95 8.97
N PRO C 451 -4.01 -94.87 8.40
CA PRO C 451 -3.38 -94.95 7.08
C PRO C 451 -2.22 -95.95 7.09
N HIS C 452 -1.63 -96.17 5.92
CA HIS C 452 -0.53 -97.13 5.81
C HIS C 452 0.82 -96.47 6.06
N ASN C 453 1.68 -97.18 6.78
CA ASN C 453 3.02 -96.70 7.11
C ASN C 453 3.02 -95.26 7.63
N ILE C 454 2.38 -95.04 8.78
CA ILE C 454 2.31 -93.70 9.36
C ILE C 454 2.29 -93.72 10.89
N GLN C 455 3.28 -93.10 11.50
CA GLN C 455 3.38 -93.02 12.95
C GLN C 455 2.20 -92.18 13.46
N LEU C 456 1.49 -92.70 14.45
CA LEU C 456 0.35 -91.97 15.00
C LEU C 456 0.34 -91.95 16.52
N PRO C 457 -0.11 -90.84 17.12
CA PRO C 457 -0.18 -90.67 18.57
C PRO C 457 -1.26 -91.54 19.20
N PRO C 458 -1.10 -91.87 20.50
CA PRO C 458 -2.07 -92.70 21.23
C PRO C 458 -3.39 -92.00 21.54
N ASN C 459 -3.30 -90.75 21.99
CA ASN C 459 -4.49 -89.98 22.33
C ASN C 459 -5.43 -89.83 21.14
N THR C 460 -6.64 -90.34 21.28
CA THR C 460 -7.63 -90.24 20.21
C THR C 460 -8.33 -88.89 20.30
N ASN C 461 -7.82 -88.03 21.18
CA ASN C 461 -8.38 -86.70 21.37
C ASN C 461 -7.46 -85.64 20.78
N THR C 462 -6.38 -86.10 20.15
CA THR C 462 -5.42 -85.18 19.53
C THR C 462 -5.80 -84.87 18.09
N TYR C 463 -5.40 -83.69 17.64
CA TYR C 463 -5.69 -83.25 16.28
C TYR C 463 -5.04 -84.17 15.25
N GLU C 464 -3.79 -84.53 15.48
CA GLU C 464 -3.05 -85.41 14.59
C GLU C 464 -3.80 -86.70 14.31
N TYR C 465 -4.35 -87.30 15.37
CA TYR C 465 -5.08 -88.54 15.24
C TYR C 465 -6.32 -88.36 14.35
N MET C 466 -7.14 -87.38 14.70
CA MET C 466 -8.36 -87.10 13.94
C MET C 466 -8.03 -86.65 12.52
N ASN C 467 -6.78 -86.26 12.31
CA ASN C 467 -6.34 -85.80 10.99
C ASN C 467 -5.63 -86.93 10.24
N GLY C 468 -5.27 -87.98 10.95
CA GLY C 468 -4.58 -89.11 10.34
C GLY C 468 -5.54 -90.21 9.92
N ARG C 469 -6.51 -90.51 10.78
CA ARG C 469 -7.50 -91.54 10.49
C ARG C 469 -8.06 -91.34 9.10
N ILE C 470 -8.17 -92.43 8.34
CA ILE C 470 -8.67 -92.35 6.97
C ILE C 470 -10.03 -93.01 6.79
N PRO C 471 -11.06 -92.21 6.46
CA PRO C 471 -12.39 -92.78 6.27
C PRO C 471 -12.58 -93.29 4.85
N VAL C 472 -13.48 -94.25 4.66
CA VAL C 472 -13.75 -94.81 3.34
C VAL C 472 -14.87 -94.03 2.63
N SER C 473 -14.52 -93.37 1.52
CA SER C 473 -15.49 -92.60 0.74
C SER C 473 -16.64 -93.47 0.23
N GLY C 474 -16.49 -94.78 0.41
CA GLY C 474 -17.52 -95.70 -0.03
C GLY C 474 -18.77 -95.61 0.83
N LEU C 475 -18.58 -95.45 2.14
CA LEU C 475 -19.67 -95.36 3.09
C LEU C 475 -20.62 -94.18 2.85
N ILE C 476 -20.22 -93.23 2.01
CA ILE C 476 -21.07 -92.08 1.72
C ILE C 476 -20.74 -91.49 0.35
N ASP C 477 -21.02 -92.25 -0.70
CA ASP C 477 -20.74 -91.80 -2.06
C ASP C 477 -22.00 -91.19 -2.69
N THR C 478 -21.82 -90.54 -3.83
CA THR C 478 -22.91 -89.87 -4.54
C THR C 478 -24.14 -90.74 -4.83
N TYR C 479 -24.10 -92.00 -4.44
CA TYR C 479 -25.23 -92.90 -4.69
C TYR C 479 -25.87 -93.42 -3.41
N VAL C 480 -25.50 -92.85 -2.28
CA VAL C 480 -26.06 -93.27 -1.00
C VAL C 480 -27.49 -92.79 -0.82
N ASN C 481 -28.40 -93.73 -0.59
CA ASN C 481 -29.81 -93.43 -0.40
C ASN C 481 -30.32 -92.43 -1.44
N ILE C 482 -30.03 -92.71 -2.70
CA ILE C 482 -30.45 -91.86 -3.80
C ILE C 482 -31.96 -91.63 -3.82
N GLY C 483 -32.36 -90.37 -3.72
CA GLY C 483 -33.78 -90.04 -3.75
C GLY C 483 -34.43 -89.77 -2.42
N THR C 484 -33.64 -89.69 -1.36
CA THR C 484 -34.20 -89.43 -0.04
C THR C 484 -33.61 -88.24 0.70
N ARG C 485 -34.34 -87.79 1.71
CA ARG C 485 -33.94 -86.67 2.55
C ARG C 485 -33.59 -87.29 3.89
N TRP C 486 -33.00 -88.48 3.83
CA TRP C 486 -32.59 -89.25 4.99
C TRP C 486 -31.15 -88.99 5.39
N SER C 487 -30.88 -89.02 6.69
CA SER C 487 -29.54 -88.79 7.22
C SER C 487 -28.94 -90.10 7.72
N PRO C 488 -27.64 -90.33 7.45
CA PRO C 488 -26.95 -91.56 7.87
C PRO C 488 -27.14 -91.90 9.35
N ASP C 489 -27.63 -93.11 9.61
CA ASP C 489 -27.88 -93.57 10.97
C ASP C 489 -26.61 -93.58 11.82
N VAL C 490 -25.46 -93.50 11.16
CA VAL C 490 -24.19 -93.51 11.86
C VAL C 490 -23.81 -92.10 12.34
N MET C 491 -24.58 -91.11 11.90
CA MET C 491 -24.32 -89.72 12.27
C MET C 491 -25.38 -89.13 13.18
N ASP C 492 -26.49 -89.85 13.35
CA ASP C 492 -27.57 -89.38 14.20
C ASP C 492 -27.10 -89.12 15.63
N ASN C 493 -26.09 -89.86 16.05
CA ASN C 493 -25.55 -89.72 17.39
C ASN C 493 -24.19 -89.01 17.39
N VAL C 494 -23.96 -88.20 16.37
CA VAL C 494 -22.71 -87.45 16.26
C VAL C 494 -23.01 -85.95 16.26
N ASN C 495 -22.45 -85.26 17.25
CA ASN C 495 -22.66 -83.82 17.39
C ASN C 495 -22.51 -83.09 16.06
N PRO C 496 -23.64 -82.62 15.49
CA PRO C 496 -23.65 -81.91 14.21
C PRO C 496 -23.12 -80.48 14.31
N PHE C 497 -22.88 -80.02 15.54
CA PHE C 497 -22.37 -78.68 15.75
C PHE C 497 -20.85 -78.62 15.66
N ASN C 498 -20.20 -79.75 15.86
CA ASN C 498 -18.75 -79.81 15.77
C ASN C 498 -18.41 -80.06 14.30
N HIS C 499 -18.80 -79.12 13.46
CA HIS C 499 -18.57 -79.21 12.02
C HIS C 499 -17.93 -77.91 11.54
N HIS C 500 -17.11 -77.99 10.50
CA HIS C 500 -16.43 -76.80 10.00
C HIS C 500 -17.37 -75.87 9.24
N ARG C 501 -18.65 -76.24 9.16
CA ARG C 501 -19.62 -75.40 8.47
C ARG C 501 -20.49 -74.69 9.50
N ASN C 502 -20.05 -74.71 10.75
CA ASN C 502 -20.76 -74.06 11.83
C ASN C 502 -20.55 -72.56 11.68
N SER C 503 -21.43 -71.91 10.93
CA SER C 503 -21.35 -70.47 10.69
C SER C 503 -21.07 -69.72 12.00
N GLY C 504 -21.78 -70.11 13.06
CA GLY C 504 -21.60 -69.46 14.33
C GLY C 504 -20.15 -69.47 14.80
N LEU C 505 -19.61 -70.67 15.01
CA LEU C 505 -18.24 -70.81 15.45
C LEU C 505 -17.24 -70.20 14.47
N ARG C 506 -17.45 -70.49 13.18
CA ARG C 506 -16.58 -69.97 12.14
C ARG C 506 -16.48 -68.45 12.19
N TYR C 507 -17.58 -67.81 12.57
CA TYR C 507 -17.63 -66.35 12.65
C TYR C 507 -16.71 -65.85 13.77
N ARG C 508 -16.97 -66.31 14.99
CA ARG C 508 -16.15 -65.91 16.13
C ARG C 508 -14.68 -66.19 15.88
N SER C 509 -14.40 -67.27 15.17
CA SER C 509 -13.04 -67.64 14.85
C SER C 509 -12.36 -66.50 14.11
N GLN C 510 -12.86 -66.19 12.93
CA GLN C 510 -12.32 -65.11 12.11
C GLN C 510 -12.40 -63.78 12.85
N LEU C 511 -13.30 -63.71 13.84
CA LEU C 511 -13.47 -62.48 14.61
C LEU C 511 -12.22 -62.17 15.42
N LEU C 512 -11.34 -63.14 15.53
CA LEU C 512 -10.08 -62.97 16.26
C LEU C 512 -8.91 -62.91 15.29
N GLY C 513 -9.09 -63.54 14.13
CA GLY C 513 -8.05 -63.55 13.12
C GLY C 513 -7.76 -64.93 12.58
N ASN C 514 -6.72 -65.04 11.76
CA ASN C 514 -6.35 -66.33 11.17
C ASN C 514 -5.02 -66.82 11.74
N GLY C 515 -4.35 -65.95 12.49
CA GLY C 515 -3.06 -66.31 13.06
C GLY C 515 -3.14 -67.11 14.35
N ARG C 516 -2.17 -68.01 14.54
CA ARG C 516 -2.11 -68.84 15.74
C ARG C 516 -2.07 -67.93 16.96
N PHE C 517 -1.16 -66.95 16.91
CA PHE C 517 -1.01 -65.99 18.00
C PHE C 517 -1.93 -64.81 17.74
N CYS C 518 -2.60 -64.34 18.78
CA CYS C 518 -3.50 -63.20 18.63
C CYS C 518 -3.78 -62.51 19.96
N ASP C 519 -3.65 -61.19 19.96
CA ASP C 519 -3.89 -60.40 21.17
C ASP C 519 -5.35 -59.98 21.13
N PHE C 520 -6.19 -60.67 21.90
CA PHE C 520 -7.61 -60.38 21.94
C PHE C 520 -7.97 -59.22 22.85
N HIS C 521 -9.25 -58.87 22.85
CA HIS C 521 -9.79 -57.79 23.67
C HIS C 521 -11.30 -57.87 23.56
N ILE C 522 -11.94 -58.44 24.58
CA ILE C 522 -13.38 -58.62 24.57
C ILE C 522 -14.11 -58.01 25.76
N GLN C 523 -15.43 -58.02 25.69
CA GLN C 523 -16.28 -57.50 26.76
C GLN C 523 -17.22 -58.59 27.23
N VAL C 524 -17.08 -59.01 28.47
CA VAL C 524 -17.94 -60.06 29.02
C VAL C 524 -19.05 -59.46 29.88
N PRO C 525 -20.31 -59.74 29.53
CA PRO C 525 -21.47 -59.24 30.26
C PRO C 525 -21.80 -60.07 31.50
N GLN C 526 -22.71 -59.58 32.31
CA GLN C 526 -23.13 -60.28 33.52
C GLN C 526 -24.36 -61.12 33.20
N LYS C 527 -24.33 -62.40 33.57
CA LYS C 527 -25.44 -63.29 33.28
C LYS C 527 -26.27 -63.72 34.48
N PHE C 528 -25.73 -63.56 35.69
CA PHE C 528 -26.48 -63.96 36.88
C PHE C 528 -27.75 -63.13 36.99
N PHE C 529 -28.89 -63.80 36.90
CA PHE C 529 -30.19 -63.13 36.96
C PHE C 529 -30.40 -62.22 38.17
N ALA C 530 -30.00 -62.69 39.34
CA ALA C 530 -30.16 -61.91 40.56
C ALA C 530 -29.58 -60.51 40.49
N ILE C 531 -28.62 -60.29 39.59
CA ILE C 531 -28.01 -58.98 39.46
C ILE C 531 -27.91 -58.45 38.03
N ARG C 532 -28.41 -59.22 37.06
CA ARG C 532 -28.34 -58.78 35.67
C ARG C 532 -29.01 -57.43 35.47
N ASN C 533 -30.32 -57.41 35.65
CA ASN C 533 -31.11 -56.19 35.46
C ASN C 533 -31.34 -55.43 36.77
N LEU C 534 -30.49 -55.66 37.76
CA LEU C 534 -30.63 -54.98 39.04
C LEU C 534 -30.36 -53.50 38.87
N LEU C 535 -30.94 -52.67 39.73
CA LEU C 535 -30.75 -51.23 39.66
C LEU C 535 -30.17 -50.69 40.97
N LEU C 536 -28.86 -50.80 41.13
CA LEU C 536 -28.19 -50.34 42.33
C LEU C 536 -28.42 -48.86 42.60
N LEU C 537 -28.36 -48.48 43.86
CA LEU C 537 -28.56 -47.09 44.27
C LEU C 537 -27.23 -46.54 44.78
N PRO C 538 -27.18 -45.23 45.06
CA PRO C 538 -25.94 -44.61 45.56
C PRO C 538 -25.28 -45.42 46.67
N GLY C 539 -23.95 -45.40 46.69
CA GLY C 539 -23.20 -46.13 47.69
C GLY C 539 -22.03 -46.87 47.08
N THR C 540 -21.19 -47.47 47.91
CA THR C 540 -20.04 -48.23 47.43
C THR C 540 -20.24 -49.72 47.63
N TYR C 541 -19.85 -50.51 46.65
CA TYR C 541 -20.01 -51.96 46.74
C TYR C 541 -18.78 -52.70 46.25
N THR C 542 -18.54 -53.89 46.81
CA THR C 542 -17.41 -54.70 46.41
C THR C 542 -17.89 -55.70 45.37
N TYR C 543 -17.45 -55.51 44.13
CA TYR C 543 -17.84 -56.38 43.03
C TYR C 543 -16.65 -57.23 42.58
N GLU C 544 -16.65 -58.49 43.01
CA GLU C 544 -15.57 -59.41 42.67
C GLU C 544 -16.10 -60.60 41.88
N TRP C 545 -15.23 -61.22 41.09
CA TRP C 545 -15.62 -62.38 40.29
C TRP C 545 -14.40 -63.08 39.71
N SER C 546 -14.49 -64.40 39.55
CA SER C 546 -13.38 -65.19 39.02
C SER C 546 -13.57 -65.53 37.55
N PHE C 547 -12.47 -65.88 36.89
CA PHE C 547 -12.49 -66.24 35.48
C PHE C 547 -11.62 -67.46 35.22
N ARG C 548 -12.17 -68.46 34.53
CA ARG C 548 -11.42 -69.67 34.22
C ARG C 548 -10.25 -69.35 33.30
N LYS C 549 -9.46 -70.37 32.99
CA LYS C 549 -8.32 -70.23 32.09
C LYS C 549 -8.15 -71.52 31.30
N ASP C 550 -8.97 -72.51 31.63
CA ASP C 550 -8.92 -73.80 30.95
C ASP C 550 -9.31 -73.61 29.50
N VAL C 551 -8.34 -73.74 28.60
CA VAL C 551 -8.58 -73.59 27.17
C VAL C 551 -9.76 -74.40 26.68
N ASN C 552 -9.92 -75.60 27.23
CA ASN C 552 -11.01 -76.50 26.83
C ASN C 552 -12.40 -76.03 27.27
N MET C 553 -12.47 -74.91 27.96
CA MET C 553 -13.75 -74.37 28.40
C MET C 553 -13.97 -72.94 27.94
N ILE C 554 -12.88 -72.21 27.75
CA ILE C 554 -12.98 -70.83 27.29
C ILE C 554 -12.95 -70.81 25.77
N LEU C 555 -12.27 -71.80 25.19
CA LEU C 555 -12.15 -71.91 23.75
C LEU C 555 -12.99 -73.05 23.20
N GLN C 556 -13.22 -73.04 21.89
CA GLN C 556 -14.00 -74.07 21.23
C GLN C 556 -13.38 -74.41 19.88
N SER C 557 -13.44 -75.68 19.50
CA SER C 557 -12.89 -76.12 18.22
C SER C 557 -13.92 -76.92 17.45
N THR C 558 -13.76 -76.97 16.13
CA THR C 558 -14.69 -77.69 15.28
C THR C 558 -14.56 -79.21 15.44
N LEU C 559 -13.35 -79.69 15.65
CA LEU C 559 -13.12 -81.13 15.83
C LEU C 559 -13.30 -81.56 17.28
N GLY C 560 -13.22 -80.60 18.20
CA GLY C 560 -13.37 -80.91 19.60
C GLY C 560 -12.17 -81.63 20.19
N ASN C 561 -11.02 -81.48 19.52
CA ASN C 561 -9.79 -82.12 19.98
C ASN C 561 -9.33 -81.49 21.30
N ASP C 562 -8.63 -82.27 22.10
CA ASP C 562 -8.14 -81.78 23.39
C ASP C 562 -7.11 -80.68 23.18
N LEU C 563 -7.56 -79.43 23.35
CA LEU C 563 -6.71 -78.27 23.18
C LEU C 563 -5.57 -78.23 24.18
N ARG C 564 -5.85 -78.70 25.39
CA ARG C 564 -4.85 -78.71 26.46
C ARG C 564 -3.61 -79.51 26.09
N VAL C 565 -3.77 -80.50 25.23
CA VAL C 565 -2.66 -81.34 24.80
C VAL C 565 -2.07 -80.85 23.48
N ASP C 566 -2.87 -80.08 22.73
CA ASP C 566 -2.42 -79.57 21.44
C ASP C 566 -1.75 -78.20 21.57
N GLY C 567 -1.15 -77.96 22.72
CA GLY C 567 -0.46 -76.69 22.96
C GLY C 567 -1.34 -75.46 22.92
N ALA C 568 -2.53 -75.56 23.50
CA ALA C 568 -3.46 -74.43 23.54
C ALA C 568 -3.25 -73.67 24.84
N THR C 569 -2.92 -72.39 24.75
CA THR C 569 -2.69 -71.59 25.94
C THR C 569 -3.29 -70.19 25.85
N VAL C 570 -3.74 -69.69 26.99
CA VAL C 570 -4.34 -68.35 27.07
C VAL C 570 -3.68 -67.59 28.21
N ASN C 571 -3.70 -66.26 28.12
CA ASN C 571 -3.09 -65.44 29.17
C ASN C 571 -3.81 -64.11 29.34
N ILE C 572 -4.25 -63.84 30.55
CA ILE C 572 -4.95 -62.61 30.87
C ILE C 572 -3.97 -61.57 31.40
N THR C 573 -3.91 -60.41 30.75
CA THR C 573 -3.00 -59.34 31.16
C THR C 573 -3.67 -58.35 32.11
N SER C 574 -4.83 -57.84 31.72
CA SER C 574 -5.55 -56.88 32.55
C SER C 574 -7.05 -57.02 32.38
N VAL C 575 -7.80 -56.61 33.41
CA VAL C 575 -9.25 -56.69 33.40
C VAL C 575 -9.83 -55.46 34.08
N ASN C 576 -10.74 -54.78 33.39
CA ASN C 576 -11.37 -53.59 33.94
C ASN C 576 -12.89 -53.73 33.95
N LEU C 577 -13.55 -52.88 34.71
CA LEU C 577 -15.01 -52.91 34.80
C LEU C 577 -15.62 -51.59 34.36
N TYR C 578 -16.46 -51.64 33.33
CA TYR C 578 -17.11 -50.44 32.82
C TYR C 578 -18.58 -50.40 33.23
N ALA C 579 -19.10 -49.21 33.42
CA ALA C 579 -20.50 -49.02 33.81
C ALA C 579 -21.00 -47.68 33.30
N SER C 580 -22.12 -47.71 32.59
CA SER C 580 -22.71 -46.50 32.03
C SER C 580 -23.85 -45.98 32.91
N PHE C 581 -23.78 -44.71 33.27
CA PHE C 581 -24.81 -44.09 34.09
C PHE C 581 -25.61 -43.08 33.29
N PHE C 582 -26.93 -43.11 33.44
CA PHE C 582 -27.79 -42.17 32.74
C PHE C 582 -27.61 -40.79 33.35
N PRO C 583 -27.38 -39.77 32.52
CA PRO C 583 -27.19 -38.40 33.01
C PRO C 583 -28.49 -37.82 33.54
N MET C 584 -29.12 -38.55 34.45
CA MET C 584 -30.39 -38.15 35.04
C MET C 584 -30.20 -37.00 36.03
N SER C 585 -31.12 -36.04 35.98
CA SER C 585 -31.06 -34.88 36.86
C SER C 585 -30.98 -35.33 38.32
N HIS C 586 -30.13 -34.65 39.09
CA HIS C 586 -29.96 -34.97 40.50
C HIS C 586 -31.27 -34.86 41.26
N ASN C 587 -32.10 -33.91 40.85
CA ASN C 587 -33.40 -33.71 41.50
C ASN C 587 -34.27 -34.95 41.31
N THR C 588 -34.40 -35.40 40.08
CA THR C 588 -35.20 -36.58 39.77
C THR C 588 -34.55 -37.81 40.37
N ALA C 589 -33.27 -38.00 40.09
CA ALA C 589 -32.52 -39.14 40.60
C ALA C 589 -32.70 -39.30 42.10
N SER C 590 -32.69 -38.18 42.82
CA SER C 590 -32.84 -38.21 44.26
C SER C 590 -34.21 -38.76 44.66
N THR C 591 -35.25 -38.29 43.98
CA THR C 591 -36.61 -38.73 44.25
C THR C 591 -36.74 -40.22 43.99
N LEU C 592 -36.25 -40.65 42.83
CA LEU C 592 -36.32 -42.06 42.45
C LEU C 592 -35.73 -42.93 43.53
N GLU C 593 -34.58 -42.52 44.07
CA GLU C 593 -33.90 -43.27 45.12
C GLU C 593 -34.80 -43.42 46.35
N ALA C 594 -35.33 -42.30 46.82
CA ALA C 594 -36.20 -42.29 48.00
C ALA C 594 -37.29 -43.35 47.91
N MET C 595 -37.85 -43.53 46.72
CA MET C 595 -38.91 -44.51 46.52
C MET C 595 -38.39 -45.94 46.45
N LEU C 596 -37.33 -46.15 45.68
CA LEU C 596 -36.75 -47.48 45.53
C LEU C 596 -36.14 -48.02 46.83
N ARG C 597 -36.07 -47.18 47.85
CA ARG C 597 -35.51 -47.62 49.12
C ARG C 597 -36.58 -48.09 50.10
N ASN C 598 -37.82 -48.18 49.63
CA ASN C 598 -38.92 -48.64 50.47
C ASN C 598 -39.22 -50.10 50.18
N ASP C 599 -39.29 -50.90 51.23
CA ASP C 599 -39.57 -52.33 51.10
C ASP C 599 -40.78 -52.63 50.21
N THR C 600 -41.67 -51.65 50.10
CA THR C 600 -42.87 -51.82 49.29
C THR C 600 -42.55 -51.72 47.80
N ASN C 601 -41.32 -51.33 47.48
CA ASN C 601 -40.90 -51.18 46.08
C ASN C 601 -39.61 -51.95 45.79
N ASP C 602 -39.42 -53.07 46.47
CA ASP C 602 -38.22 -53.87 46.24
C ASP C 602 -38.25 -54.52 44.88
N GLN C 603 -37.11 -54.49 44.19
CA GLN C 603 -37.00 -55.09 42.87
C GLN C 603 -36.99 -56.60 42.99
N SER C 604 -37.51 -57.29 41.98
CA SER C 604 -37.56 -58.74 41.98
C SER C 604 -37.29 -59.32 40.59
N PHE C 605 -36.43 -60.33 40.55
CA PHE C 605 -36.09 -60.98 39.29
C PHE C 605 -36.27 -62.49 39.43
N ASN C 606 -36.08 -63.20 38.32
CA ASN C 606 -36.21 -64.65 38.33
C ASN C 606 -35.53 -65.25 37.12
N ASP C 607 -34.60 -66.17 37.36
CA ASP C 607 -33.86 -66.82 36.30
C ASP C 607 -34.85 -67.27 35.22
N TYR C 608 -34.54 -66.96 33.96
CA TYR C 608 -35.42 -67.34 32.86
C TYR C 608 -35.69 -68.83 32.81
N LEU C 609 -34.65 -69.64 32.98
CA LEU C 609 -34.81 -71.09 32.94
C LEU C 609 -35.66 -71.57 34.11
N SER C 610 -35.32 -71.12 35.31
CA SER C 610 -36.05 -71.50 36.51
C SER C 610 -36.27 -73.01 36.59
N ALA C 611 -35.23 -73.74 36.95
CA ALA C 611 -35.31 -75.18 37.06
C ALA C 611 -34.07 -75.78 37.69
N ALA C 612 -34.26 -76.81 38.50
CA ALA C 612 -33.14 -77.48 39.16
C ALA C 612 -32.52 -78.45 38.16
N ASN C 613 -31.22 -78.32 37.96
CA ASN C 613 -30.51 -79.17 37.02
C ASN C 613 -30.02 -80.45 37.67
N MET C 614 -30.39 -81.58 37.09
CA MET C 614 -30.00 -82.87 37.63
C MET C 614 -29.26 -83.67 36.55
N LEU C 615 -28.34 -84.53 36.97
CA LEU C 615 -27.57 -85.34 36.04
C LEU C 615 -27.42 -86.76 36.55
N TYR C 616 -27.94 -87.72 35.79
CA TYR C 616 -27.86 -89.12 36.16
C TYR C 616 -27.07 -89.87 35.09
N PRO C 617 -26.08 -90.67 35.51
CA PRO C 617 -25.25 -91.43 34.57
C PRO C 617 -26.02 -92.53 33.86
N ILE C 618 -25.69 -92.74 32.59
CA ILE C 618 -26.34 -93.77 31.78
C ILE C 618 -25.26 -94.70 31.23
N PRO C 619 -25.02 -95.82 31.93
CA PRO C 619 -24.01 -96.79 31.50
C PRO C 619 -24.11 -97.12 30.01
N PRO C 620 -22.98 -97.44 29.37
CA PRO C 620 -22.99 -97.77 27.94
C PRO C 620 -23.89 -98.94 27.59
N ASN C 621 -24.70 -98.78 26.55
CA ASN C 621 -25.62 -99.80 26.09
C ASN C 621 -26.83 -99.96 26.99
N ALA C 622 -26.90 -99.15 28.04
CA ALA C 622 -28.03 -99.20 28.98
C ALA C 622 -29.31 -98.83 28.23
N THR C 623 -30.44 -99.34 28.71
CA THR C 623 -31.72 -99.05 28.08
C THR C 623 -32.69 -98.43 29.07
N GLN C 624 -32.83 -99.06 30.24
CA GLN C 624 -33.72 -98.57 31.28
C GLN C 624 -32.95 -97.69 32.26
N LEU C 625 -33.61 -96.66 32.77
CA LEU C 625 -32.97 -95.75 33.70
C LEU C 625 -33.95 -95.15 34.70
N PRO C 626 -34.07 -95.74 35.89
CA PRO C 626 -34.98 -95.27 36.93
C PRO C 626 -34.34 -94.16 37.76
N ILE C 627 -35.15 -93.23 38.26
CA ILE C 627 -34.64 -92.14 39.08
C ILE C 627 -35.59 -91.78 40.22
N PRO C 628 -35.18 -92.10 41.47
CA PRO C 628 -36.00 -91.81 42.66
C PRO C 628 -35.72 -90.43 43.27
N SER C 629 -36.78 -89.71 43.58
CA SER C 629 -36.68 -88.38 44.19
C SER C 629 -38.07 -87.99 44.68
N ARG C 630 -38.16 -87.06 45.61
CA ARG C 630 -39.47 -86.64 46.12
C ARG C 630 -39.58 -85.14 46.41
N ASN C 631 -40.67 -84.54 45.93
CA ASN C 631 -40.94 -83.12 46.12
C ASN C 631 -42.03 -82.92 47.17
N TRP C 632 -41.79 -82.01 48.11
CA TRP C 632 -42.74 -81.73 49.18
C TRP C 632 -43.82 -80.75 48.71
N ALA C 633 -43.57 -80.09 47.58
CA ALA C 633 -44.51 -79.12 47.07
C ALA C 633 -44.88 -79.39 45.61
N ALA C 634 -45.36 -78.35 44.94
CA ALA C 634 -45.73 -78.47 43.54
C ALA C 634 -44.98 -77.47 42.70
N PHE C 635 -44.35 -77.98 41.66
CA PHE C 635 -43.56 -77.17 40.76
C PHE C 635 -44.34 -76.68 39.54
N ARG C 636 -43.65 -76.62 38.40
CA ARG C 636 -44.23 -76.14 37.14
C ARG C 636 -44.31 -77.25 36.08
N GLY C 637 -43.24 -78.02 35.95
CA GLY C 637 -43.23 -79.11 34.97
C GLY C 637 -41.87 -79.75 34.78
N TRP C 638 -41.79 -80.70 33.86
CA TRP C 638 -40.53 -81.39 33.58
C TRP C 638 -39.96 -80.95 32.23
N SER C 639 -38.67 -81.19 32.05
CA SER C 639 -37.96 -80.83 30.82
C SER C 639 -36.71 -81.70 30.84
N LEU C 640 -36.44 -82.38 29.74
CA LEU C 640 -35.28 -83.25 29.71
C LEU C 640 -34.67 -83.54 28.34
N THR C 641 -33.45 -84.07 28.36
CA THR C 641 -32.73 -84.41 27.13
C THR C 641 -31.69 -85.48 27.47
N ARG C 642 -30.68 -85.61 26.61
CA ARG C 642 -29.63 -86.59 26.80
C ARG C 642 -28.30 -86.00 26.36
N LEU C 643 -27.25 -86.17 27.17
CA LEU C 643 -25.94 -85.65 26.85
C LEU C 643 -24.85 -86.69 26.95
N LYS C 644 -23.73 -86.46 26.26
CA LYS C 644 -22.60 -87.38 26.31
C LYS C 644 -21.65 -86.98 27.43
N GLN C 645 -21.31 -87.95 28.28
CA GLN C 645 -20.43 -87.70 29.41
C GLN C 645 -19.14 -86.98 29.01
N ARG C 646 -18.51 -87.43 27.93
CA ARG C 646 -17.28 -86.82 27.46
C ARG C 646 -17.45 -85.35 27.11
N GLU C 647 -18.62 -85.00 26.59
CA GLU C 647 -18.90 -83.62 26.20
C GLU C 647 -19.51 -82.79 27.33
N THR C 648 -19.53 -83.37 28.53
CA THR C 648 -20.07 -82.67 29.69
C THR C 648 -19.05 -82.52 30.80
N PRO C 649 -18.50 -81.30 30.96
CA PRO C 649 -17.49 -81.04 32.00
C PRO C 649 -18.10 -81.05 33.40
N ALA C 650 -17.45 -81.76 34.31
CA ALA C 650 -17.94 -81.84 35.68
C ALA C 650 -17.83 -80.47 36.35
N LEU C 651 -18.97 -79.82 36.53
CA LEU C 651 -18.99 -78.49 37.15
C LEU C 651 -18.96 -78.59 38.67
N GLY C 652 -18.89 -77.44 39.33
CA GLY C 652 -18.84 -77.40 40.77
C GLY C 652 -17.42 -77.26 41.26
N SER C 653 -16.51 -78.01 40.63
CA SER C 653 -15.09 -77.95 40.98
C SER C 653 -14.39 -76.95 40.09
N PRO C 654 -13.42 -76.20 40.64
CA PRO C 654 -12.66 -75.19 39.90
C PRO C 654 -11.77 -75.75 38.80
N PHE C 655 -11.88 -77.05 38.53
CA PHE C 655 -11.06 -77.67 37.50
C PHE C 655 -11.41 -79.14 37.26
N ASP C 656 -11.47 -79.52 35.99
CA ASP C 656 -11.79 -80.90 35.61
C ASP C 656 -10.58 -81.52 34.94
N PRO C 657 -9.92 -82.48 35.61
CA PRO C 657 -8.74 -83.15 35.06
C PRO C 657 -9.07 -84.21 34.00
N TYR C 658 -10.33 -84.63 33.96
CA TYR C 658 -10.75 -85.65 33.01
C TYR C 658 -11.57 -85.07 31.86
N PHE C 659 -11.46 -83.76 31.65
CA PHE C 659 -12.21 -83.12 30.57
C PHE C 659 -11.35 -82.89 29.34
N THR C 660 -11.29 -83.90 28.48
CA THR C 660 -10.50 -83.83 27.25
C THR C 660 -11.38 -83.56 26.04
N TYR C 661 -12.15 -82.49 26.10
CA TYR C 661 -13.05 -82.13 25.01
C TYR C 661 -13.10 -80.62 24.86
N SER C 662 -13.28 -80.14 23.64
CA SER C 662 -13.32 -78.70 23.39
C SER C 662 -14.43 -78.31 22.43
N GLY C 663 -15.29 -79.26 22.09
CA GLY C 663 -16.39 -78.96 21.19
C GLY C 663 -17.51 -78.25 21.93
N THR C 664 -18.65 -78.08 21.27
CA THR C 664 -19.79 -77.41 21.89
C THR C 664 -20.27 -78.22 23.10
N ILE C 665 -20.63 -77.51 24.16
CA ILE C 665 -21.12 -78.16 25.37
C ILE C 665 -22.63 -77.99 25.49
N PRO C 666 -23.40 -78.98 25.01
CA PRO C 666 -24.86 -78.95 25.05
C PRO C 666 -25.41 -78.54 26.41
N TYR C 667 -24.65 -78.84 27.46
CA TYR C 667 -25.07 -78.52 28.82
C TYR C 667 -25.04 -77.02 29.10
N LEU C 668 -24.33 -76.26 28.28
CA LEU C 668 -24.22 -74.82 28.47
C LEU C 668 -24.84 -74.01 27.34
N ASP C 669 -24.30 -74.16 26.13
CA ASP C 669 -24.80 -73.44 24.97
C ASP C 669 -26.18 -73.93 24.55
N GLY C 670 -26.55 -75.14 24.98
CA GLY C 670 -27.84 -75.69 24.62
C GLY C 670 -27.89 -76.28 23.22
N THR C 671 -26.81 -76.92 22.81
CA THR C 671 -26.75 -77.54 21.48
C THR C 671 -27.06 -79.03 21.55
N PHE C 672 -28.19 -79.36 22.17
CA PHE C 672 -28.64 -80.74 22.33
C PHE C 672 -28.86 -81.35 20.95
N TYR C 673 -28.84 -82.68 20.89
CA TYR C 673 -29.03 -83.38 19.62
C TYR C 673 -29.23 -84.88 19.82
N LEU C 674 -29.78 -85.26 20.96
CA LEU C 674 -30.01 -86.67 21.25
C LEU C 674 -31.39 -86.91 21.84
N SER C 675 -32.34 -86.06 21.47
CA SER C 675 -33.70 -86.18 21.96
C SER C 675 -34.44 -87.26 21.19
N HIS C 676 -33.86 -87.67 20.06
CA HIS C 676 -34.45 -88.70 19.22
C HIS C 676 -34.03 -90.09 19.66
N THR C 677 -33.43 -90.17 20.85
CA THR C 677 -32.98 -91.45 21.36
C THR C 677 -33.79 -91.91 22.57
N PHE C 678 -35.00 -91.39 22.70
CA PHE C 678 -35.88 -91.77 23.80
C PHE C 678 -37.05 -92.60 23.31
N ARG C 679 -37.42 -93.61 24.10
CA ARG C 679 -38.53 -94.49 23.75
C ARG C 679 -39.79 -94.13 24.52
N LYS C 680 -39.70 -94.14 25.84
CA LYS C 680 -40.86 -93.82 26.67
C LYS C 680 -40.45 -93.29 28.05
N VAL C 681 -41.40 -92.64 28.72
CA VAL C 681 -41.17 -92.09 30.04
C VAL C 681 -42.35 -92.40 30.94
N ALA C 682 -42.07 -92.90 32.14
CA ALA C 682 -43.13 -93.24 33.09
C ALA C 682 -42.98 -92.45 34.38
N ILE C 683 -44.03 -91.72 34.73
CA ILE C 683 -44.04 -90.92 35.95
C ILE C 683 -45.06 -91.47 36.94
N GLN C 684 -44.67 -91.56 38.20
CA GLN C 684 -45.57 -92.06 39.24
C GLN C 684 -45.30 -91.42 40.59
N PHE C 685 -46.37 -91.11 41.31
CA PHE C 685 -46.25 -90.49 42.62
C PHE C 685 -46.55 -91.50 43.74
N ASP C 686 -45.73 -91.47 44.78
CA ASP C 686 -45.88 -92.38 45.91
C ASP C 686 -45.72 -93.82 45.44
N SER C 687 -44.98 -94.00 44.35
CA SER C 687 -44.73 -95.31 43.77
C SER C 687 -46.00 -96.15 43.63
N SER C 688 -47.04 -95.57 43.05
CA SER C 688 -48.30 -96.26 42.84
C SER C 688 -49.21 -95.47 41.92
N VAL C 689 -49.48 -94.22 42.29
CA VAL C 689 -50.34 -93.35 41.49
C VAL C 689 -49.61 -92.83 40.25
N THR C 690 -49.93 -93.39 39.09
CA THR C 690 -49.30 -92.99 37.85
C THR C 690 -49.83 -91.62 37.43
N TRP C 691 -48.97 -90.82 36.80
CA TRP C 691 -49.36 -89.50 36.34
C TRP C 691 -49.24 -89.42 34.82
N PRO C 692 -50.18 -88.73 34.16
CA PRO C 692 -51.32 -88.03 34.77
C PRO C 692 -52.46 -88.97 35.10
N GLY C 693 -52.37 -90.20 34.62
CA GLY C 693 -53.42 -91.18 34.87
C GLY C 693 -54.75 -90.69 34.32
N ASN C 694 -55.82 -90.98 35.04
CA ASN C 694 -57.16 -90.58 34.62
C ASN C 694 -57.44 -90.98 33.17
N ASP C 695 -56.66 -91.93 32.66
CA ASP C 695 -56.83 -92.40 31.29
C ASP C 695 -56.84 -91.21 30.33
N ARG C 696 -55.82 -90.36 30.42
CA ARG C 696 -55.70 -89.21 29.55
C ARG C 696 -55.16 -89.56 28.17
N LEU C 697 -54.05 -90.28 28.14
CA LEU C 697 -53.42 -90.66 26.89
C LEU C 697 -53.91 -92.01 26.36
N LEU C 698 -53.62 -92.28 25.09
CA LEU C 698 -54.00 -93.53 24.46
C LEU C 698 -53.33 -94.66 25.23
N THR C 699 -52.19 -94.34 25.83
CA THR C 699 -51.42 -95.27 26.64
C THR C 699 -51.28 -94.60 28.01
N PRO C 700 -52.39 -94.58 28.78
CA PRO C 700 -52.49 -93.98 30.12
C PRO C 700 -51.42 -94.36 31.13
N ASN C 701 -50.68 -95.43 30.87
CA ASN C 701 -49.64 -95.86 31.80
C ASN C 701 -48.26 -95.29 31.51
N GLU C 702 -48.15 -94.44 30.50
CA GLU C 702 -46.85 -93.85 30.15
C GLU C 702 -46.90 -92.93 28.94
N PHE C 703 -45.78 -92.26 28.68
CA PHE C 703 -45.67 -91.35 27.55
C PHE C 703 -44.75 -91.97 26.52
N GLU C 704 -45.31 -92.66 25.53
CA GLU C 704 -44.51 -93.28 24.49
C GLU C 704 -44.08 -92.21 23.49
N ILE C 705 -42.80 -91.89 23.47
CA ILE C 705 -42.27 -90.87 22.57
C ILE C 705 -42.24 -91.38 21.12
N LYS C 706 -41.94 -92.67 20.96
CA LYS C 706 -41.89 -93.27 19.64
C LYS C 706 -42.05 -94.78 19.70
N ILE C 707 -42.69 -95.34 18.69
CA ILE C 707 -42.92 -96.79 18.62
C ILE C 707 -42.19 -97.38 17.42
N SER C 708 -41.62 -98.57 17.60
CA SER C 708 -40.90 -99.27 16.54
C SER C 708 -41.87 -100.05 15.67
N VAL C 709 -42.67 -100.90 16.31
CA VAL C 709 -43.66 -101.70 15.60
C VAL C 709 -44.98 -100.94 15.54
N ASP C 710 -45.39 -100.56 14.33
CA ASP C 710 -46.62 -99.79 14.17
C ASP C 710 -47.84 -100.38 14.90
N GLY C 711 -48.14 -101.65 14.66
CA GLY C 711 -49.29 -102.25 15.31
C GLY C 711 -50.56 -101.54 14.89
N GLU C 712 -50.96 -100.55 15.68
CA GLU C 712 -52.16 -99.76 15.40
C GLU C 712 -51.78 -98.58 14.53
N GLY C 713 -50.56 -98.07 14.74
CA GLY C 713 -50.09 -96.93 13.98
C GLY C 713 -50.31 -95.65 14.76
N TYR C 714 -49.94 -95.67 16.03
CA TYR C 714 -50.09 -94.50 16.88
C TYR C 714 -49.06 -93.45 16.51
N ASN C 715 -48.48 -93.59 15.32
CA ASN C 715 -47.48 -92.64 14.85
C ASN C 715 -48.13 -91.59 13.96
N VAL C 716 -47.57 -90.38 13.96
CA VAL C 716 -48.09 -89.29 13.14
C VAL C 716 -46.99 -88.57 12.39
N ALA C 717 -47.35 -87.48 11.73
CA ALA C 717 -46.40 -86.68 10.97
C ALA C 717 -45.59 -87.54 10.02
N GLN C 718 -46.14 -88.71 9.68
CA GLN C 718 -45.47 -89.63 8.77
C GLN C 718 -44.10 -90.01 9.31
N SER C 719 -44.02 -90.19 10.63
CA SER C 719 -42.76 -90.57 11.27
C SER C 719 -43.00 -91.71 12.25
N ASN C 720 -42.10 -91.86 13.21
CA ASN C 720 -42.23 -92.93 14.20
C ASN C 720 -42.62 -92.35 15.55
N MET C 721 -43.07 -91.10 15.54
CA MET C 721 -43.49 -90.42 16.77
C MET C 721 -44.97 -90.68 17.04
N THR C 722 -45.27 -91.10 18.27
CA THR C 722 -46.65 -91.38 18.64
C THR C 722 -47.55 -90.16 18.49
N LYS C 723 -48.85 -90.38 18.53
CA LYS C 723 -49.81 -89.30 18.41
C LYS C 723 -49.92 -88.59 19.75
N ASP C 724 -49.80 -89.37 20.82
CA ASP C 724 -49.88 -88.83 22.17
C ASP C 724 -48.76 -87.84 22.45
N TRP C 725 -47.52 -88.23 22.12
CA TRP C 725 -46.38 -87.36 22.34
C TRP C 725 -46.47 -86.08 21.54
N PHE C 726 -46.72 -86.22 20.23
CA PHE C 726 -46.83 -85.06 19.36
C PHE C 726 -47.82 -84.04 19.94
N LEU C 727 -48.98 -84.54 20.38
CA LEU C 727 -50.00 -83.69 20.96
C LEU C 727 -49.45 -82.93 22.16
N VAL C 728 -48.85 -83.65 23.09
CA VAL C 728 -48.28 -83.05 24.29
C VAL C 728 -47.32 -81.93 23.93
N GLN C 729 -46.36 -82.22 23.04
CA GLN C 729 -45.38 -81.24 22.64
C GLN C 729 -46.02 -79.98 22.06
N MET C 730 -47.06 -80.17 21.24
CA MET C 730 -47.76 -79.06 20.62
C MET C 730 -48.45 -78.17 21.66
N LEU C 731 -49.07 -78.81 22.64
CA LEU C 731 -49.77 -78.06 23.69
C LEU C 731 -48.82 -77.33 24.62
N ALA C 732 -47.73 -77.98 24.99
CA ALA C 732 -46.76 -77.38 25.89
C ALA C 732 -45.93 -76.27 25.26
N ASN C 733 -46.01 -76.16 23.93
CA ASN C 733 -45.25 -75.13 23.22
C ASN C 733 -46.09 -74.04 22.59
N TYR C 734 -47.22 -74.42 21.98
CA TYR C 734 -48.07 -73.45 21.33
C TYR C 734 -49.54 -73.56 21.72
N ASN C 735 -49.83 -74.37 22.73
CA ASN C 735 -51.21 -74.57 23.19
C ASN C 735 -52.08 -74.97 22.00
N ILE C 736 -51.49 -75.64 21.04
CA ILE C 736 -52.21 -76.08 19.84
C ILE C 736 -52.41 -77.58 19.87
N GLY C 737 -53.66 -78.01 19.68
CA GLY C 737 -53.96 -79.43 19.68
C GLY C 737 -55.41 -79.74 19.97
N TYR C 738 -56.03 -78.92 20.81
CA TYR C 738 -57.43 -79.12 21.16
C TYR C 738 -58.37 -78.57 20.10
N GLN C 739 -57.83 -77.78 19.18
CA GLN C 739 -58.65 -77.20 18.12
C GLN C 739 -57.93 -77.20 16.79
N GLY C 740 -57.40 -78.36 16.40
CA GLY C 740 -56.71 -78.49 15.14
C GLY C 740 -55.22 -78.26 15.20
N TYR C 741 -54.47 -79.03 14.41
CA TYR C 741 -53.02 -78.91 14.37
C TYR C 741 -52.62 -78.03 13.20
N HIS C 742 -51.99 -76.89 13.49
CA HIS C 742 -51.55 -75.97 12.45
C HIS C 742 -50.22 -75.30 12.79
N LEU C 743 -49.45 -74.97 11.76
CA LEU C 743 -48.17 -74.32 11.97
C LEU C 743 -48.35 -73.05 12.79
N PRO C 744 -47.84 -73.05 14.03
CA PRO C 744 -47.95 -71.89 14.91
C PRO C 744 -47.30 -70.65 14.31
N PRO C 745 -47.65 -69.47 14.83
CA PRO C 745 -47.08 -68.21 14.34
C PRO C 745 -45.56 -68.14 14.50
N ASP C 746 -44.91 -67.48 13.56
CA ASP C 746 -43.46 -67.36 13.56
C ASP C 746 -42.81 -66.86 14.85
N TYR C 747 -43.36 -65.80 15.44
CA TYR C 747 -42.77 -65.26 16.67
C TYR C 747 -42.65 -66.30 17.78
N LYS C 748 -43.45 -67.36 17.71
CA LYS C 748 -43.39 -68.40 18.73
C LYS C 748 -42.47 -69.55 18.34
N ASP C 749 -41.98 -69.52 17.10
CA ASP C 749 -41.07 -70.55 16.61
C ASP C 749 -39.63 -70.07 16.63
N ARG C 750 -38.97 -70.26 17.77
CA ARG C 750 -37.59 -69.84 17.91
C ARG C 750 -36.69 -71.08 17.80
N THR C 751 -35.38 -70.86 17.75
CA THR C 751 -34.43 -71.94 17.62
C THR C 751 -34.57 -73.01 18.71
N PHE C 752 -35.27 -72.66 19.80
CA PHE C 752 -35.46 -73.60 20.90
C PHE C 752 -36.88 -74.16 20.96
N SER C 753 -37.60 -74.05 19.85
CA SER C 753 -38.96 -74.57 19.78
C SER C 753 -38.96 -76.00 19.29
N PHE C 754 -40.11 -76.66 19.39
CA PHE C 754 -40.23 -78.04 18.95
C PHE C 754 -40.36 -78.16 17.44
N LEU C 755 -41.53 -77.80 16.92
CA LEU C 755 -41.81 -77.85 15.49
C LEU C 755 -40.68 -77.32 14.63
N HIS C 756 -40.07 -76.22 15.07
CA HIS C 756 -38.97 -75.62 14.32
C HIS C 756 -37.84 -76.59 14.02
N ASN C 757 -37.59 -77.51 14.94
CA ASN C 757 -36.53 -78.48 14.75
C ASN C 757 -37.01 -79.88 14.37
N PHE C 758 -38.32 -80.08 14.39
CA PHE C 758 -38.89 -81.38 14.05
C PHE C 758 -38.75 -81.63 12.54
N ILE C 759 -38.06 -82.71 12.19
CA ILE C 759 -37.86 -83.05 10.78
C ILE C 759 -37.97 -84.55 10.51
N PRO C 760 -39.16 -85.01 10.09
CA PRO C 760 -39.40 -86.41 9.80
C PRO C 760 -38.76 -86.84 8.49
N MET C 761 -38.38 -88.11 8.39
CA MET C 761 -37.75 -88.63 7.19
C MET C 761 -37.98 -90.12 7.06
N CYS C 762 -38.07 -90.60 5.82
CA CYS C 762 -38.28 -92.01 5.55
C CYS C 762 -37.38 -92.47 4.41
N ARG C 763 -37.33 -93.77 4.20
CA ARG C 763 -36.52 -94.35 3.14
C ARG C 763 -36.84 -95.82 3.02
N GLN C 764 -36.59 -96.39 1.85
CA GLN C 764 -36.83 -97.80 1.62
C GLN C 764 -35.48 -98.48 1.46
N VAL C 765 -35.38 -99.71 1.91
CA VAL C 765 -34.15 -100.47 1.83
C VAL C 765 -34.44 -101.90 1.40
N PRO C 766 -33.52 -102.53 0.65
CA PRO C 766 -33.72 -103.90 0.19
C PRO C 766 -33.93 -104.88 1.34
N ASN C 767 -35.18 -105.28 1.55
CA ASN C 767 -35.50 -106.21 2.62
C ASN C 767 -34.60 -107.44 2.56
N PRO C 768 -33.90 -107.75 3.66
CA PRO C 768 -32.98 -108.88 3.78
C PRO C 768 -33.59 -110.28 3.68
N ALA C 769 -34.89 -110.38 3.88
CA ALA C 769 -35.56 -111.69 3.82
C ALA C 769 -36.50 -111.81 2.63
N THR C 770 -36.15 -111.16 1.53
CA THR C 770 -36.95 -111.19 0.32
C THR C 770 -36.45 -112.31 -0.59
N GLU C 771 -35.45 -112.01 -1.41
CA GLU C 771 -34.87 -112.98 -2.32
C GLU C 771 -33.36 -113.07 -2.21
N GLY C 772 -32.78 -113.98 -2.99
CA GLY C 772 -31.34 -114.17 -2.98
C GLY C 772 -30.63 -112.96 -3.54
N TYR C 773 -30.46 -111.94 -2.69
CA TYR C 773 -29.80 -110.71 -3.08
C TYR C 773 -28.44 -110.68 -2.40
N PHE C 774 -28.26 -111.58 -1.43
CA PHE C 774 -27.02 -111.69 -0.67
C PHE C 774 -26.66 -110.42 0.08
N GLY C 775 -25.52 -110.45 0.76
CA GLY C 775 -25.08 -109.29 1.52
C GLY C 775 -24.02 -108.48 0.79
N LEU C 776 -24.35 -107.23 0.49
CA LEU C 776 -23.42 -106.35 -0.21
C LEU C 776 -22.21 -106.08 0.68
N GLY C 777 -21.19 -106.92 0.57
CA GLY C 777 -20.00 -106.75 1.37
C GLY C 777 -19.28 -105.46 1.01
N ILE C 778 -19.06 -104.60 2.01
CA ILE C 778 -18.39 -103.33 1.78
C ILE C 778 -16.98 -103.52 1.21
N VAL C 779 -16.46 -104.74 1.29
CA VAL C 779 -15.14 -105.03 0.77
C VAL C 779 -15.23 -105.45 -0.69
N ASN C 780 -16.46 -105.71 -1.15
CA ASN C 780 -16.69 -106.11 -2.54
C ASN C 780 -17.45 -105.02 -3.27
N HIS C 781 -17.94 -104.04 -2.52
CA HIS C 781 -18.68 -102.92 -3.10
C HIS C 781 -17.87 -102.25 -4.20
N ARG C 782 -18.38 -102.29 -5.43
CA ARG C 782 -17.68 -101.66 -6.54
C ARG C 782 -18.65 -100.78 -7.32
N THR C 783 -18.28 -99.51 -7.47
CA THR C 783 -19.09 -98.53 -8.18
C THR C 783 -18.15 -97.51 -8.82
N THR C 784 -18.35 -97.23 -10.09
CA THR C 784 -17.49 -96.28 -10.80
C THR C 784 -16.03 -96.73 -10.65
N PRO C 785 -15.75 -98.00 -10.96
CA PRO C 785 -14.39 -98.54 -10.86
C PRO C 785 -13.41 -97.81 -11.78
N ALA C 786 -12.12 -97.97 -11.48
CA ALA C 786 -11.06 -97.33 -12.26
C ALA C 786 -11.09 -95.82 -12.05
N TYR C 787 -12.24 -95.33 -11.57
CA TYR C 787 -12.42 -93.91 -11.30
C TYR C 787 -12.63 -93.81 -9.78
N TRP C 788 -12.83 -94.97 -9.16
CA TRP C 788 -13.06 -95.06 -7.72
C TRP C 788 -11.81 -95.67 -7.10
N PHE C 789 -11.90 -96.02 -5.82
CA PHE C 789 -10.78 -96.64 -5.11
C PHE C 789 -11.29 -97.33 -3.85
N ARG C 790 -10.76 -98.52 -3.57
CA ARG C 790 -11.16 -99.30 -2.38
C ARG C 790 -10.97 -98.52 -1.08
N PHE C 791 -9.83 -97.84 -0.95
CA PHE C 791 -9.53 -97.01 0.22
C PHE C 791 -9.99 -95.61 -0.09
N CYS C 792 -10.79 -95.52 -1.14
CA CYS C 792 -11.37 -94.27 -1.61
C CYS C 792 -10.84 -92.98 -0.99
N ARG C 793 -9.96 -92.34 -1.75
CA ARG C 793 -9.30 -91.08 -1.42
C ARG C 793 -8.12 -90.82 -2.38
N ALA C 794 -7.25 -91.80 -2.52
CA ALA C 794 -6.08 -91.69 -3.39
C ALA C 794 -6.56 -91.47 -4.84
N PRO C 795 -5.72 -91.77 -5.86
CA PRO C 795 -6.28 -91.53 -7.18
C PRO C 795 -7.26 -92.61 -7.64
N ARG C 796 -7.39 -92.69 -8.95
CA ARG C 796 -8.29 -93.64 -9.57
C ARG C 796 -7.61 -95.01 -9.62
N GLU C 797 -8.42 -96.06 -9.51
CA GLU C 797 -7.89 -97.42 -9.55
C GLU C 797 -8.97 -98.42 -9.93
N GLY C 798 -8.59 -99.40 -10.73
CA GLY C 798 -9.54 -100.41 -11.13
C GLY C 798 -9.67 -100.60 -12.61
N HIS C 799 -10.91 -100.72 -13.09
CA HIS C 799 -11.17 -100.92 -14.51
C HIS C 799 -12.67 -100.82 -14.77
N PRO C 800 -13.08 -99.92 -15.70
CA PRO C 800 -14.50 -99.74 -16.04
C PRO C 800 -15.24 -101.07 -16.07
N TYR C 801 -16.29 -101.18 -15.26
CA TYR C 801 -17.05 -102.41 -15.19
C TYR C 801 -18.42 -102.15 -14.57
N PRO C 802 -19.44 -102.89 -15.00
CA PRO C 802 -20.78 -102.68 -14.43
C PRO C 802 -20.75 -102.92 -12.93
N GLN C 803 -20.92 -101.85 -12.16
CA GLN C 803 -20.90 -101.93 -10.70
C GLN C 803 -21.98 -102.86 -10.16
N LEU C 804 -22.06 -102.99 -8.84
CA LEU C 804 -23.01 -103.90 -8.19
C LEU C 804 -23.60 -103.38 -6.87
N ALA C 805 -22.80 -102.62 -6.12
CA ALA C 805 -23.27 -102.10 -4.84
C ALA C 805 -24.54 -101.27 -4.98
N LEU C 806 -25.26 -101.14 -3.88
CA LEU C 806 -26.49 -100.36 -3.86
C LEU C 806 -27.53 -100.90 -4.83
N PRO C 807 -28.48 -101.70 -4.33
CA PRO C 807 -29.54 -102.29 -5.15
C PRO C 807 -30.60 -101.26 -5.55
N PRO C 808 -31.15 -101.38 -6.77
CA PRO C 808 -32.16 -100.45 -7.26
C PRO C 808 -33.39 -100.38 -6.35
N HIS C 809 -33.95 -99.19 -6.24
CA HIS C 809 -35.13 -98.95 -5.41
C HIS C 809 -36.26 -98.35 -6.25
N TRP C 810 -36.31 -98.76 -7.50
CA TRP C 810 -37.32 -98.30 -8.44
C TRP C 810 -37.07 -98.97 -9.78
N ASP C 811 -37.90 -98.65 -10.77
CA ASP C 811 -37.76 -99.21 -12.11
C ASP C 811 -38.14 -100.69 -12.11
N PRO C 812 -38.47 -101.27 -13.27
CA PRO C 812 -38.84 -102.68 -13.33
C PRO C 812 -37.79 -103.62 -12.73
N ARG C 813 -36.57 -103.12 -12.57
CA ARG C 813 -35.49 -103.92 -12.01
C ARG C 813 -35.47 -103.81 -10.48
N HIS C 814 -36.43 -103.07 -9.94
CA HIS C 814 -36.53 -102.86 -8.50
C HIS C 814 -36.79 -104.17 -7.77
N ALA C 815 -36.08 -104.37 -6.66
CA ALA C 815 -36.23 -105.57 -5.84
C ALA C 815 -37.08 -105.24 -4.62
N LEU C 816 -37.71 -106.26 -4.04
CA LEU C 816 -38.56 -106.05 -2.87
C LEU C 816 -37.78 -105.37 -1.75
N ARG C 817 -38.34 -104.28 -1.22
CA ARG C 817 -37.70 -103.53 -0.15
C ARG C 817 -38.50 -103.51 1.15
N ASP C 818 -38.25 -102.49 1.97
CA ASP C 818 -38.93 -102.35 3.25
C ASP C 818 -38.79 -100.91 3.77
N PRO C 819 -39.90 -100.28 4.19
CA PRO C 819 -39.92 -98.92 4.71
C PRO C 819 -39.26 -98.77 6.08
N GLU C 820 -38.74 -97.58 6.36
CA GLU C 820 -38.07 -97.32 7.63
C GLU C 820 -38.25 -95.83 7.98
N ARG C 821 -38.91 -95.57 9.10
CA ARG C 821 -39.16 -94.20 9.53
C ARG C 821 -38.38 -93.80 10.78
N LYS C 822 -38.15 -92.49 10.91
CA LYS C 822 -37.44 -91.92 12.05
C LYS C 822 -37.52 -90.41 11.99
N PHE C 823 -36.90 -89.73 12.95
CA PHE C 823 -36.93 -88.26 12.96
C PHE C 823 -35.78 -87.69 13.79
N LEU C 824 -35.61 -86.38 13.69
CA LEU C 824 -34.57 -85.67 14.42
C LEU C 824 -35.12 -84.37 14.98
N CYS C 825 -34.69 -84.01 16.18
CA CYS C 825 -35.13 -82.79 16.82
C CYS C 825 -34.01 -82.28 17.71
N ASP C 826 -33.14 -81.45 17.14
CA ASP C 826 -31.99 -80.91 17.86
C ASP C 826 -32.28 -79.61 18.58
N ARG C 827 -31.27 -79.11 19.29
CA ARG C 827 -31.36 -77.86 20.05
C ARG C 827 -32.74 -77.64 20.64
N THR C 828 -33.31 -78.70 21.21
CA THR C 828 -34.64 -78.62 21.81
C THR C 828 -34.70 -79.46 23.08
N LEU C 829 -35.73 -79.21 23.89
CA LEU C 829 -35.92 -79.94 25.14
C LEU C 829 -37.33 -80.50 25.23
N TRP C 830 -37.44 -81.79 25.53
CA TRP C 830 -38.73 -82.45 25.67
C TRP C 830 -39.47 -81.81 26.85
N ARG C 831 -40.73 -81.46 26.63
CA ARG C 831 -41.53 -80.83 27.68
C ARG C 831 -42.72 -81.66 28.14
N ILE C 832 -43.02 -81.57 29.42
CA ILE C 832 -44.14 -82.27 30.02
C ILE C 832 -44.69 -81.39 31.13
N PRO C 833 -45.37 -80.30 30.76
CA PRO C 833 -45.93 -79.35 31.73
C PRO C 833 -46.78 -80.05 32.78
N PHE C 834 -46.73 -79.52 34.00
CA PHE C 834 -47.50 -80.10 35.10
C PHE C 834 -48.88 -79.48 35.19
N SER C 835 -49.60 -79.49 34.07
CA SER C 835 -50.94 -78.93 34.01
C SER C 835 -51.95 -80.05 33.79
N SER C 836 -53.21 -79.78 34.11
CA SER C 836 -54.27 -80.78 33.95
C SER C 836 -54.58 -81.01 32.48
N ASN C 837 -54.28 -80.03 31.64
CA ASN C 837 -54.54 -80.14 30.20
C ASN C 837 -53.28 -79.91 29.39
N PHE C 838 -52.14 -79.87 30.07
CA PHE C 838 -50.85 -79.68 29.41
C PHE C 838 -50.65 -78.29 28.79
N MET C 839 -51.68 -77.45 28.86
CA MET C 839 -51.58 -76.11 28.29
C MET C 839 -51.00 -75.14 29.31
N SER C 840 -50.48 -74.01 28.81
CA SER C 840 -49.90 -72.99 29.68
C SER C 840 -50.92 -71.89 29.95
N MET C 841 -51.49 -71.91 31.15
CA MET C 841 -52.49 -70.92 31.53
C MET C 841 -51.92 -69.98 32.59
N GLY C 842 -50.59 -69.94 32.67
CA GLY C 842 -49.94 -69.07 33.64
C GLY C 842 -48.71 -69.74 34.20
N SER C 843 -47.76 -68.93 34.66
CA SER C 843 -46.53 -69.46 35.23
C SER C 843 -46.84 -70.49 36.30
N LEU C 844 -47.69 -70.11 37.24
CA LEU C 844 -48.10 -70.99 38.33
C LEU C 844 -49.26 -71.86 37.85
N THR C 845 -48.94 -73.04 37.33
CA THR C 845 -49.95 -73.97 36.83
C THR C 845 -51.06 -74.22 37.85
N ASP C 846 -52.14 -74.83 37.37
CA ASP C 846 -53.29 -75.15 38.23
C ASP C 846 -52.93 -76.28 39.19
N LEU C 847 -52.35 -77.34 38.66
CA LEU C 847 -51.95 -78.48 39.47
C LEU C 847 -50.90 -78.05 40.49
N GLY C 848 -50.04 -77.13 40.07
CA GLY C 848 -49.01 -76.65 40.95
C GLY C 848 -49.58 -75.82 42.08
N GLN C 849 -50.91 -75.73 42.12
CA GLN C 849 -51.59 -74.97 43.15
C GLN C 849 -52.72 -75.79 43.76
N ASN C 850 -52.73 -77.09 43.45
CA ASN C 850 -53.74 -77.99 43.97
C ASN C 850 -53.38 -78.44 45.39
N LEU C 851 -54.38 -78.47 46.27
CA LEU C 851 -54.17 -78.85 47.66
C LEU C 851 -53.50 -80.21 47.84
N LEU C 852 -53.85 -81.17 46.99
CA LEU C 852 -53.27 -82.51 47.06
C LEU C 852 -51.74 -82.50 47.15
N TYR C 853 -51.12 -81.43 46.65
CA TYR C 853 -49.67 -81.33 46.66
C TYR C 853 -49.12 -80.37 47.71
N ALA C 854 -49.80 -79.25 47.91
CA ALA C 854 -49.36 -78.26 48.89
C ALA C 854 -49.59 -78.71 50.32
N ASN C 855 -50.58 -79.59 50.50
CA ASN C 855 -50.92 -80.10 51.81
C ASN C 855 -49.96 -81.19 52.31
N ALA C 856 -49.86 -82.27 51.56
CA ALA C 856 -48.98 -83.38 51.93
C ALA C 856 -47.83 -83.55 50.94
N ALA C 857 -46.76 -84.18 51.40
CA ALA C 857 -45.59 -84.41 50.56
C ALA C 857 -45.70 -85.79 49.90
N HIS C 858 -45.10 -85.93 48.72
CA HIS C 858 -45.13 -87.19 48.00
C HIS C 858 -43.75 -87.61 47.53
N ALA C 859 -43.69 -88.76 46.87
CA ALA C 859 -42.44 -89.30 46.34
C ALA C 859 -42.60 -89.46 44.84
N LEU C 860 -41.54 -89.17 44.10
CA LEU C 860 -41.58 -89.27 42.64
C LEU C 860 -40.63 -90.33 42.13
N ASP C 861 -41.03 -91.01 41.06
CA ASP C 861 -40.23 -92.06 40.45
C ASP C 861 -40.45 -92.07 38.95
N MET C 862 -39.40 -91.80 38.19
CA MET C 862 -39.48 -91.79 36.74
C MET C 862 -38.62 -92.89 36.14
N THR C 863 -39.08 -93.45 35.02
CA THR C 863 -38.36 -94.52 34.34
C THR C 863 -38.23 -94.18 32.86
N PHE C 864 -37.02 -93.85 32.43
CA PHE C 864 -36.77 -93.50 31.04
C PHE C 864 -36.16 -94.64 30.25
N GLU C 865 -36.83 -95.02 29.17
CA GLU C 865 -36.36 -96.09 28.30
C GLU C 865 -35.81 -95.42 27.05
N MET C 866 -34.52 -95.61 26.77
CA MET C 866 -33.90 -94.99 25.61
C MET C 866 -33.06 -95.96 24.79
N ASP C 867 -32.71 -95.54 23.58
CA ASP C 867 -31.91 -96.36 22.67
C ASP C 867 -30.50 -96.52 23.22
N PRO C 868 -29.94 -97.74 23.11
CA PRO C 868 -28.59 -98.03 23.59
C PRO C 868 -27.50 -97.36 22.78
N ILE C 869 -26.48 -96.85 23.46
CA ILE C 869 -25.36 -96.19 22.81
C ILE C 869 -24.04 -96.77 23.34
N ASN C 870 -23.06 -96.92 22.46
CA ASN C 870 -21.77 -97.49 22.83
C ASN C 870 -20.84 -96.50 23.52
N GLU C 871 -21.38 -95.73 24.47
CA GLU C 871 -20.59 -94.76 25.21
C GLU C 871 -21.38 -94.15 26.37
N PRO C 872 -20.70 -93.78 27.45
CA PRO C 872 -21.33 -93.18 28.63
C PRO C 872 -22.09 -91.90 28.30
N THR C 873 -23.33 -91.83 28.77
CA THR C 873 -24.18 -90.66 28.52
C THR C 873 -24.80 -90.20 29.84
N LEU C 874 -25.64 -89.17 29.76
CA LEU C 874 -26.29 -88.63 30.95
C LEU C 874 -27.73 -88.20 30.66
N LEU C 875 -28.60 -88.39 31.65
CA LEU C 875 -30.00 -88.03 31.52
C LEU C 875 -30.22 -86.66 32.16
N TYR C 876 -30.17 -85.61 31.34
CA TYR C 876 -30.35 -84.25 31.82
C TYR C 876 -31.81 -83.89 32.06
N VAL C 877 -32.21 -83.87 33.33
CA VAL C 877 -33.58 -83.55 33.71
C VAL C 877 -33.66 -82.09 34.16
N LEU C 878 -34.85 -81.50 34.04
CA LEU C 878 -35.04 -80.11 34.44
C LEU C 878 -36.35 -79.88 35.16
N PHE C 879 -36.31 -79.99 36.48
CA PHE C 879 -37.51 -79.78 37.30
C PHE C 879 -37.85 -78.30 37.33
N GLU C 880 -38.62 -77.85 36.34
CA GLU C 880 -39.03 -76.46 36.26
C GLU C 880 -39.61 -76.00 37.59
N VAL C 881 -39.08 -74.91 38.12
CA VAL C 881 -39.54 -74.38 39.39
C VAL C 881 -39.57 -72.86 39.38
N PHE C 882 -39.65 -72.27 40.58
CA PHE C 882 -39.68 -70.82 40.72
C PHE C 882 -38.43 -70.32 41.43
N ASP C 883 -37.44 -69.90 40.63
CA ASP C 883 -36.19 -69.39 41.19
C ASP C 883 -36.28 -67.86 41.21
N VAL C 884 -36.94 -67.33 42.23
CA VAL C 884 -37.10 -65.88 42.36
C VAL C 884 -36.36 -65.32 43.56
N ALA C 885 -35.98 -64.05 43.47
CA ALA C 885 -35.26 -63.39 44.56
C ALA C 885 -35.55 -61.90 44.58
N ARG C 886 -35.89 -61.39 45.76
CA ARG C 886 -36.18 -59.97 45.93
C ARG C 886 -34.94 -59.23 46.43
N VAL C 887 -34.76 -58.00 45.97
CA VAL C 887 -33.62 -57.20 46.38
C VAL C 887 -34.10 -55.98 47.16
N HIS C 888 -33.66 -55.88 48.41
CA HIS C 888 -34.05 -54.77 49.28
C HIS C 888 -32.86 -53.88 49.59
N GLN C 889 -33.03 -52.58 49.35
CA GLN C 889 -31.98 -51.61 49.61
C GLN C 889 -32.47 -50.52 50.56
N PRO C 890 -32.32 -50.74 51.87
CA PRO C 890 -32.74 -49.78 52.89
C PRO C 890 -31.90 -48.50 52.93
N HIS C 891 -30.60 -48.65 53.15
CA HIS C 891 -29.71 -47.50 53.23
C HIS C 891 -28.60 -47.47 52.18
N ARG C 892 -27.83 -46.38 52.20
CA ARG C 892 -26.73 -46.20 51.28
C ARG C 892 -25.70 -47.32 51.41
N GLY C 893 -25.36 -47.94 50.29
CA GLY C 893 -24.38 -49.02 50.31
C GLY C 893 -24.80 -50.22 51.14
N VAL C 894 -26.04 -50.66 50.97
CA VAL C 894 -26.55 -51.81 51.71
C VAL C 894 -27.51 -52.62 50.83
N ILE C 895 -27.10 -53.82 50.46
CA ILE C 895 -27.93 -54.68 49.62
C ILE C 895 -28.35 -55.96 50.35
N GLU C 896 -29.65 -56.09 50.57
CA GLU C 896 -30.20 -57.27 51.24
C GLU C 896 -31.10 -58.01 50.28
N VAL C 897 -30.69 -59.21 49.87
CA VAL C 897 -31.48 -60.00 48.94
C VAL C 897 -32.02 -61.26 49.61
N VAL C 898 -33.16 -61.75 49.11
CA VAL C 898 -33.79 -62.94 49.66
C VAL C 898 -34.18 -63.89 48.54
N TYR C 899 -33.44 -64.98 48.39
CA TYR C 899 -33.72 -65.96 47.35
C TYR C 899 -34.80 -66.92 47.80
N LEU C 900 -35.34 -67.69 46.85
CA LEU C 900 -36.38 -68.67 47.16
C LEU C 900 -36.73 -69.51 45.94
N ARG C 901 -36.24 -70.75 45.92
CA ARG C 901 -36.51 -71.66 44.82
C ARG C 901 -37.40 -72.79 45.31
N THR C 902 -38.69 -72.73 44.97
CA THR C 902 -39.64 -73.75 45.39
C THR C 902 -40.33 -74.37 44.18
N PRO C 903 -40.38 -75.72 44.11
CA PRO C 903 -39.85 -76.67 45.09
C PRO C 903 -38.32 -76.70 45.08
N PHE C 904 -37.75 -77.73 45.69
CA PHE C 904 -36.30 -77.89 45.74
C PHE C 904 -35.62 -76.67 46.34
N SER C 905 -36.03 -76.31 47.56
CA SER C 905 -35.46 -75.15 48.25
C SER C 905 -33.94 -75.25 48.34
N ALA C 906 -33.46 -76.32 48.96
CA ALA C 906 -32.03 -76.55 49.11
C ALA C 906 -31.72 -78.04 49.01
N GLY C 907 -31.86 -78.59 47.81
CA GLY C 907 -31.60 -80.00 47.61
C GLY C 907 -32.71 -80.84 48.20
N ASN C 908 -32.57 -82.17 48.10
CA ASN C 908 -33.57 -83.08 48.63
C ASN C 908 -32.95 -84.12 49.55
N ALA C 909 -33.54 -84.28 50.73
CA ALA C 909 -33.05 -85.24 51.72
C ALA C 909 -34.13 -85.50 52.78
N LEU D 7 9.67 -15.45 84.88
CA LEU D 7 9.86 -15.15 86.34
C LEU D 7 10.89 -14.05 86.54
N PRO D 8 10.89 -13.39 87.71
CA PRO D 8 11.82 -12.31 88.05
C PRO D 8 13.27 -12.57 87.65
N GLN D 9 13.61 -13.84 87.44
CA GLN D 9 14.96 -14.19 87.04
C GLN D 9 15.15 -13.84 85.58
N TRP D 10 14.14 -14.11 84.76
CA TRP D 10 14.20 -13.80 83.34
C TRP D 10 13.86 -12.34 83.10
N SER D 11 12.78 -11.88 83.72
CA SER D 11 12.34 -10.49 83.59
C SER D 11 13.49 -9.51 83.78
N TYR D 12 14.35 -9.80 84.75
CA TYR D 12 15.48 -8.93 85.03
C TYR D 12 16.50 -9.01 83.90
N MET D 13 16.78 -10.22 83.45
CA MET D 13 17.74 -10.44 82.37
C MET D 13 17.11 -10.21 81.01
N HIS D 14 15.84 -9.82 81.00
CA HIS D 14 15.09 -9.57 79.78
C HIS D 14 14.96 -10.79 78.87
N ILE D 15 15.10 -11.98 79.47
CA ILE D 15 14.96 -13.21 78.69
C ILE D 15 13.53 -13.26 78.19
N ALA D 16 12.64 -12.58 78.90
CA ALA D 16 11.23 -12.52 78.55
C ALA D 16 10.59 -11.31 79.23
N GLY D 17 9.55 -10.76 78.62
CA GLY D 17 8.88 -9.61 79.21
C GLY D 17 8.77 -8.44 78.26
N GLN D 18 8.73 -7.23 78.82
CA GLN D 18 8.62 -6.02 78.01
C GLN D 18 9.88 -5.78 77.18
N ASP D 19 9.75 -4.93 76.17
CA ASP D 19 10.89 -4.60 75.29
C ASP D 19 11.60 -3.33 75.75
N ALA D 20 12.75 -3.07 75.16
CA ALA D 20 13.55 -1.89 75.49
C ALA D 20 12.68 -0.63 75.43
N SER D 21 11.80 -0.57 74.44
CA SER D 21 10.93 0.59 74.26
C SER D 21 9.89 0.68 75.37
N GLU D 22 10.05 -0.15 76.39
CA GLU D 22 9.11 -0.15 77.52
C GLU D 22 9.81 -0.21 78.86
N TYR D 23 10.80 -1.09 79.00
CA TYR D 23 11.50 -1.21 80.27
C TYR D 23 12.55 -0.12 80.43
N LEU D 24 12.72 0.69 79.39
CA LEU D 24 13.69 1.79 79.42
C LEU D 24 12.98 3.10 79.72
N SER D 25 13.72 4.07 80.23
CA SER D 25 13.14 5.38 80.55
C SER D 25 12.73 6.08 79.26
N PRO D 26 11.49 6.58 79.21
CA PRO D 26 10.95 7.28 78.04
C PRO D 26 11.96 8.20 77.36
N GLY D 27 12.69 8.97 78.17
CA GLY D 27 13.67 9.88 77.62
C GLY D 27 14.72 9.20 76.76
N LEU D 28 15.37 8.18 77.33
CA LEU D 28 16.41 7.44 76.63
C LEU D 28 15.90 6.79 75.35
N VAL D 29 14.64 6.37 75.36
CA VAL D 29 14.04 5.72 74.20
C VAL D 29 14.06 6.64 72.97
N GLN D 30 13.31 7.73 73.05
CA GLN D 30 13.24 8.69 71.95
C GLN D 30 14.60 9.20 71.51
N PHE D 31 15.51 9.36 72.47
CA PHE D 31 16.86 9.83 72.16
C PHE D 31 17.50 8.94 71.11
N ALA D 32 17.43 7.62 71.33
CA ALA D 32 18.01 6.66 70.40
C ALA D 32 17.33 6.79 69.05
N GLN D 33 16.00 6.91 69.07
CA GLN D 33 15.22 7.03 67.85
C GLN D 33 15.66 8.24 67.04
N ALA D 34 16.01 9.33 67.73
CA ALA D 34 16.44 10.56 67.07
C ALA D 34 17.87 10.44 66.53
N THR D 35 18.75 9.84 67.32
CA THR D 35 20.13 9.68 66.92
C THR D 35 20.34 8.42 66.08
N GLU D 36 19.25 7.92 65.48
CA GLU D 36 19.32 6.73 64.65
C GLU D 36 20.04 7.03 63.34
N SER D 37 20.96 7.99 63.38
CA SER D 37 21.71 8.37 62.20
C SER D 37 23.21 8.37 62.49
N TYR D 38 23.62 9.19 63.44
CA TYR D 38 25.02 9.30 63.82
C TYR D 38 25.40 8.34 64.94
N PHE D 39 24.84 8.55 66.13
CA PHE D 39 25.13 7.68 67.26
C PHE D 39 24.00 6.70 67.53
N ASN D 40 24.30 5.41 67.41
CA ASN D 40 23.30 4.37 67.64
C ASN D 40 23.51 3.66 68.97
N ILE D 41 22.41 3.40 69.67
CA ILE D 41 22.45 2.73 70.96
C ILE D 41 21.34 1.69 71.05
N GLY D 42 20.85 1.25 69.89
CA GLY D 42 19.79 0.28 69.86
C GLY D 42 20.23 -1.15 70.13
N ASN D 43 21.49 -1.45 69.85
CA ASN D 43 22.03 -2.79 70.06
C ASN D 43 22.43 -2.97 71.52
N LYS D 44 22.56 -1.86 72.23
CA LYS D 44 22.96 -1.87 73.63
C LYS D 44 21.86 -2.43 74.51
N PHE D 45 20.61 -2.39 74.03
CA PHE D 45 19.48 -2.89 74.79
C PHE D 45 18.84 -4.08 74.09
N ARG D 46 18.72 -5.19 74.80
CA ARG D 46 18.13 -6.40 74.25
C ARG D 46 16.60 -6.41 74.35
N ASN D 47 15.97 -6.97 73.32
CA ASN D 47 14.51 -7.08 73.27
C ASN D 47 14.13 -8.55 73.31
N PRO D 48 13.38 -8.97 74.35
CA PRO D 48 12.95 -10.36 74.49
C PRO D 48 11.91 -10.79 73.47
N THR D 49 12.03 -12.02 72.99
CA THR D 49 11.10 -12.57 72.01
C THR D 49 10.59 -13.92 72.50
N VAL D 50 9.42 -13.91 73.13
CA VAL D 50 8.83 -15.14 73.64
C VAL D 50 7.83 -15.73 72.65
N ALA D 51 7.73 -17.05 72.65
CA ALA D 51 6.81 -17.76 71.76
C ALA D 51 5.55 -18.14 72.52
N PRO D 52 4.43 -18.36 71.80
CA PRO D 52 3.16 -18.74 72.42
C PRO D 52 3.21 -20.12 73.06
N THR D 53 2.47 -20.30 74.16
CA THR D 53 2.44 -21.57 74.86
C THR D 53 1.04 -22.19 74.93
N HIS D 54 0.21 -21.89 73.94
CA HIS D 54 -1.15 -22.43 73.90
C HIS D 54 -1.86 -21.96 72.64
N ASP D 55 -2.79 -22.79 72.15
CA ASP D 55 -3.55 -22.47 70.94
C ASP D 55 -2.66 -22.42 69.72
N VAL D 56 -1.63 -23.25 69.71
CA VAL D 56 -0.70 -23.31 68.58
C VAL D 56 -0.45 -24.76 68.20
N THR D 57 0.17 -25.51 69.10
CA THR D 57 0.47 -26.91 68.84
C THR D 57 -0.37 -27.81 69.75
N THR D 58 -0.64 -29.02 69.27
CA THR D 58 -1.43 -29.98 70.03
C THR D 58 -0.56 -30.79 70.98
N GLU D 59 -1.15 -31.27 72.06
CA GLU D 59 -0.43 -32.05 73.05
C GLU D 59 -0.55 -33.56 72.80
N ARG D 60 -1.65 -33.97 72.19
CA ARG D 60 -1.88 -35.39 71.89
C ARG D 60 -1.04 -35.87 70.72
N SER D 61 -0.80 -37.18 70.67
CA SER D 61 -0.02 -37.80 69.62
C SER D 61 -0.62 -37.48 68.25
N GLN D 62 0.24 -37.37 67.24
CA GLN D 62 -0.21 -37.06 65.88
C GLN D 62 0.98 -36.96 64.93
N ARG D 63 0.96 -37.73 63.84
CA ARG D 63 2.03 -37.71 62.86
C ARG D 63 2.16 -36.33 62.21
N LEU D 64 3.36 -36.04 61.71
CA LEU D 64 3.62 -34.77 61.05
C LEU D 64 3.41 -34.93 59.55
N GLN D 65 3.80 -36.08 59.03
CA GLN D 65 3.64 -36.37 57.62
C GLN D 65 3.21 -37.83 57.41
N LEU D 66 2.02 -38.01 56.88
CA LEU D 66 1.48 -39.33 56.63
C LEU D 66 1.93 -39.87 55.28
N ARG D 67 1.73 -41.16 55.07
CA ARG D 67 2.11 -41.80 53.82
C ARG D 67 0.93 -42.64 53.35
N PHE D 68 0.51 -42.44 52.10
CA PHE D 68 -0.63 -43.18 51.57
C PHE D 68 -0.23 -44.14 50.45
N VAL D 69 -0.87 -45.32 50.45
CA VAL D 69 -0.61 -46.34 49.45
C VAL D 69 -1.75 -46.43 48.44
N PRO D 70 -1.42 -46.65 47.16
CA PRO D 70 -2.43 -46.76 46.09
C PRO D 70 -3.51 -47.79 46.38
N VAL D 71 -4.76 -47.35 46.35
CA VAL D 71 -5.89 -48.25 46.60
C VAL D 71 -6.21 -48.98 45.31
N ASP D 72 -5.61 -48.51 44.21
CA ASP D 72 -5.80 -49.10 42.89
C ASP D 72 -4.80 -48.51 41.92
N ARG D 73 -4.17 -49.37 41.14
CA ARG D 73 -3.17 -48.92 40.16
C ARG D 73 -3.23 -49.72 38.87
N GLU D 74 -3.24 -49.01 37.75
CA GLU D 74 -3.30 -49.62 36.43
C GLU D 74 -2.08 -49.25 35.59
N ASP D 75 -1.28 -50.26 35.23
CA ASP D 75 -0.10 -50.02 34.43
C ASP D 75 -0.42 -50.24 32.94
N THR D 76 -0.75 -49.15 32.27
CA THR D 76 -1.07 -49.20 30.84
C THR D 76 0.22 -49.22 30.02
N GLN D 77 0.11 -49.63 28.77
CA GLN D 77 1.25 -49.72 27.88
C GLN D 77 2.04 -48.42 27.77
N TYR D 78 1.36 -47.29 27.90
CA TYR D 78 2.01 -45.98 27.78
C TYR D 78 1.57 -44.98 28.84
N SER D 79 0.93 -45.47 29.89
CA SER D 79 0.47 -44.60 30.96
C SER D 79 0.34 -45.38 32.26
N TYR D 80 0.40 -44.67 33.39
CA TYR D 80 0.29 -45.29 34.69
C TYR D 80 -0.66 -44.48 35.55
N LYS D 81 -1.72 -45.11 36.03
CA LYS D 81 -2.72 -44.43 36.84
C LYS D 81 -2.85 -45.05 38.22
N THR D 82 -2.94 -44.21 39.24
CA THR D 82 -3.08 -44.66 40.62
C THR D 82 -4.05 -43.75 41.37
N ARG D 83 -4.87 -44.33 42.23
CA ARG D 83 -5.82 -43.55 43.01
C ARG D 83 -5.57 -43.73 44.50
N PHE D 84 -5.57 -42.62 45.23
CA PHE D 84 -5.34 -42.65 46.67
C PHE D 84 -6.57 -42.12 47.39
N GLN D 85 -6.74 -42.50 48.65
CA GLN D 85 -7.88 -42.04 49.43
C GLN D 85 -7.43 -41.03 50.48
N LEU D 86 -6.78 -39.96 50.02
CA LEU D 86 -6.30 -38.89 50.89
C LEU D 86 -7.31 -38.57 51.98
N ALA D 87 -7.03 -39.00 53.20
CA ALA D 87 -7.93 -38.76 54.32
C ALA D 87 -7.36 -37.75 55.30
N VAL D 88 -8.08 -36.66 55.50
CA VAL D 88 -7.66 -35.60 56.41
C VAL D 88 -8.37 -35.77 57.75
N GLY D 89 -7.66 -36.34 58.73
CA GLY D 89 -8.24 -36.54 60.05
C GLY D 89 -8.92 -35.30 60.59
N ASP D 90 -9.85 -35.48 61.51
CA ASP D 90 -10.58 -34.37 62.10
C ASP D 90 -9.63 -33.46 62.87
N ASN D 91 -10.05 -32.21 63.08
CA ASN D 91 -9.25 -31.24 63.81
C ASN D 91 -7.90 -30.99 63.13
N ARG D 92 -7.82 -31.29 61.84
CA ARG D 92 -6.59 -31.10 61.09
C ARG D 92 -6.84 -30.29 59.83
N VAL D 93 -5.76 -29.79 59.24
CA VAL D 93 -5.84 -29.00 58.01
C VAL D 93 -4.64 -29.32 57.13
N LEU D 94 -4.90 -29.76 55.91
CA LEU D 94 -3.83 -30.10 54.99
C LEU D 94 -3.62 -29.06 53.90
N ASP D 95 -2.37 -28.67 53.70
CA ASP D 95 -2.03 -27.69 52.68
C ASP D 95 -1.40 -28.41 51.50
N MET D 96 -2.20 -28.69 50.48
CA MET D 96 -1.75 -29.40 49.29
C MET D 96 -0.30 -29.14 48.92
N ALA D 97 0.13 -27.88 48.99
CA ALA D 97 1.50 -27.52 48.64
C ALA D 97 2.53 -28.44 49.30
N SER D 98 2.18 -29.01 50.45
CA SER D 98 3.08 -29.89 51.17
C SER D 98 2.98 -31.35 50.73
N THR D 99 2.17 -31.61 49.71
CA THR D 99 1.99 -32.97 49.22
C THR D 99 2.75 -33.18 47.92
N TYR D 100 3.18 -34.42 47.69
CA TYR D 100 3.92 -34.77 46.49
C TYR D 100 3.88 -36.27 46.26
N PHE D 101 4.20 -36.69 45.04
CA PHE D 101 4.18 -38.11 44.71
C PHE D 101 5.57 -38.72 44.73
N ASP D 102 5.79 -39.65 45.64
CA ASP D 102 7.08 -40.32 45.77
C ASP D 102 7.12 -41.48 44.77
N ILE D 103 7.93 -41.34 43.74
CA ILE D 103 8.05 -42.37 42.72
C ILE D 103 9.38 -43.13 42.78
N ARG D 104 9.30 -44.44 42.56
CA ARG D 104 10.47 -45.31 42.57
C ARG D 104 10.41 -46.23 41.36
N GLY D 105 11.55 -46.49 40.74
CA GLY D 105 11.57 -47.36 39.58
C GLY D 105 12.94 -47.52 38.94
N THR D 106 12.96 -48.21 37.81
CA THR D 106 14.20 -48.44 37.07
C THR D 106 14.22 -47.63 35.79
N LEU D 107 15.40 -47.15 35.42
CA LEU D 107 15.57 -46.35 34.21
C LEU D 107 16.69 -46.88 33.34
N ASP D 108 16.49 -46.81 32.02
CA ASP D 108 17.50 -47.27 31.07
C ASP D 108 17.77 -46.18 30.04
N ARG D 109 18.77 -45.35 30.32
CA ARG D 109 19.15 -44.26 29.43
C ARG D 109 19.49 -44.74 28.02
N GLY D 110 19.48 -46.05 27.82
CA GLY D 110 19.79 -46.59 26.50
C GLY D 110 21.29 -46.59 26.25
N ALA D 111 21.68 -46.92 25.02
CA ALA D 111 23.09 -46.96 24.67
C ALA D 111 23.57 -45.60 24.19
N SER D 112 22.63 -44.72 23.88
CA SER D 112 22.94 -43.38 23.40
C SER D 112 23.33 -42.44 24.53
N PHE D 113 23.48 -42.99 25.74
CA PHE D 113 23.84 -42.17 26.90
C PHE D 113 25.34 -42.08 27.12
N LYS D 114 25.91 -40.89 26.91
CA LYS D 114 27.34 -40.65 27.09
C LYS D 114 27.50 -39.35 27.86
N PRO D 115 27.45 -39.41 29.20
CA PRO D 115 27.60 -38.24 30.07
C PRO D 115 28.98 -37.60 30.15
N TYR D 116 29.60 -37.34 29.01
CA TYR D 116 30.93 -36.71 29.00
C TYR D 116 31.51 -36.59 27.60
N SER D 117 32.51 -35.71 27.47
CA SER D 117 33.19 -35.50 26.19
C SER D 117 34.47 -36.32 26.17
N GLY D 118 35.08 -36.43 25.00
CA GLY D 118 36.31 -37.18 24.88
C GLY D 118 36.12 -38.66 25.12
N THR D 119 37.15 -39.29 25.69
CA THR D 119 37.11 -40.72 25.96
C THR D 119 37.67 -41.03 27.35
N ALA D 120 37.50 -42.27 27.76
CA ALA D 120 38.01 -42.74 29.05
C ALA D 120 38.91 -43.93 28.79
N TYR D 121 39.56 -43.93 27.62
CA TYR D 121 40.45 -45.01 27.23
C TYR D 121 41.61 -44.48 26.38
N ASN D 122 42.79 -44.39 26.99
CA ASN D 122 43.97 -43.90 26.28
C ASN D 122 43.71 -42.52 25.69
N SER D 123 43.23 -41.61 26.52
CA SER D 123 42.93 -40.25 26.08
C SER D 123 44.17 -39.46 25.66
N PHE D 124 45.34 -39.95 26.03
CA PHE D 124 46.59 -39.27 25.68
C PHE D 124 47.22 -39.91 24.45
N ALA D 125 46.62 -40.99 23.98
CA ALA D 125 47.11 -41.71 22.81
C ALA D 125 46.71 -40.96 21.55
N PRO D 126 47.68 -40.73 20.64
CA PRO D 126 47.37 -40.03 19.39
C PRO D 126 46.17 -40.66 18.69
N LYS D 127 45.25 -39.82 18.24
CA LYS D 127 44.05 -40.29 17.56
C LYS D 127 44.37 -40.96 16.23
N SER D 128 45.64 -41.30 16.03
CA SER D 128 46.10 -41.94 14.81
C SER D 128 46.96 -43.16 15.15
N ALA D 129 47.70 -43.06 16.25
CA ALA D 129 48.57 -44.14 16.69
C ALA D 129 47.76 -45.39 17.03
N PRO D 130 48.05 -46.51 16.35
CA PRO D 130 47.37 -47.79 16.56
C PRO D 130 48.05 -48.61 17.65
N ASN D 131 47.36 -49.64 18.13
CA ASN D 131 47.92 -50.51 19.16
C ASN D 131 48.84 -51.52 18.47
N ASN D 132 49.17 -52.61 19.17
CA ASN D 132 50.03 -53.63 18.60
C ASN D 132 49.30 -54.44 17.54
N THR D 133 49.33 -53.96 16.30
CA THR D 133 48.66 -54.67 15.22
C THR D 133 49.66 -55.48 14.40
N GLN D 134 49.24 -56.67 13.99
CA GLN D 134 50.08 -57.55 13.21
C GLN D 134 49.44 -57.67 11.84
N PHE D 135 49.54 -56.62 11.04
CA PHE D 135 48.95 -56.63 9.71
C PHE D 135 49.58 -57.66 8.78
N ARG D 136 49.29 -57.51 7.49
CA ARG D 136 49.79 -58.37 6.43
C ARG D 136 50.43 -57.45 5.40
N GLN D 137 51.52 -57.92 4.80
CA GLN D 137 52.22 -57.14 3.81
C GLN D 137 51.57 -57.24 2.45
N ALA D 138 50.72 -56.28 2.12
CA ALA D 138 50.00 -56.23 0.84
C ALA D 138 49.71 -57.58 0.14
N ASN D 139 49.57 -58.64 0.93
CA ASN D 139 49.30 -59.98 0.40
C ASN D 139 50.48 -60.37 -0.51
N ASN D 140 50.38 -61.54 -1.12
CA ASN D 140 51.40 -62.10 -2.02
C ASN D 140 51.74 -63.44 -1.35
N GLY D 141 52.94 -63.53 -0.79
CA GLY D 141 53.35 -64.73 -0.10
C GLY D 141 54.09 -64.32 1.15
N HIS D 142 53.59 -63.27 1.78
CA HIS D 142 54.16 -62.65 2.99
C HIS D 142 53.19 -62.72 4.16
N PRO D 143 53.10 -63.89 4.82
CA PRO D 143 52.18 -64.02 5.96
C PRO D 143 52.56 -63.21 7.19
N ALA D 144 51.56 -62.59 7.79
CA ALA D 144 51.76 -61.81 9.00
C ALA D 144 52.81 -60.70 8.85
N GLN D 145 52.95 -59.92 9.93
CA GLN D 145 53.90 -58.81 9.97
C GLN D 145 53.64 -58.04 11.26
N THR D 146 54.67 -57.88 12.09
CA THR D 146 54.50 -57.18 13.35
C THR D 146 55.02 -55.75 13.43
N ILE D 147 54.20 -54.89 14.03
CA ILE D 147 54.51 -53.48 14.24
C ILE D 147 54.19 -53.22 15.71
N ALA D 148 55.22 -53.02 16.52
CA ALA D 148 54.99 -52.78 17.94
C ALA D 148 56.14 -52.08 18.65
N GLN D 149 56.57 -52.66 19.77
CA GLN D 149 57.64 -52.10 20.57
C GLN D 149 57.89 -52.93 21.82
N ALA D 150 59.14 -53.24 22.09
CA ALA D 150 59.50 -54.03 23.26
C ALA D 150 60.07 -53.10 24.32
N SER D 151 59.20 -52.62 25.20
CA SER D 151 59.63 -51.72 26.27
C SER D 151 59.36 -52.29 27.65
N TYR D 152 60.29 -53.11 28.13
CA TYR D 152 60.16 -53.72 29.45
C TYR D 152 61.45 -53.49 30.25
N VAL D 153 61.29 -53.30 31.55
CA VAL D 153 62.42 -53.08 32.45
C VAL D 153 63.54 -54.09 32.21
N ALA D 154 64.64 -53.60 31.65
CA ALA D 154 65.81 -54.43 31.36
C ALA D 154 65.49 -55.81 30.81
N THR D 155 65.58 -56.80 31.70
CA THR D 155 65.36 -58.23 31.43
C THR D 155 66.68 -58.98 31.26
N ILE D 156 67.13 -59.63 32.32
CA ILE D 156 68.39 -60.37 32.28
C ILE D 156 68.63 -61.06 30.94
N GLY D 157 67.77 -62.02 30.61
CA GLY D 157 67.93 -62.74 29.37
C GLY D 157 66.63 -63.14 28.70
N GLY D 158 66.73 -64.12 27.81
CA GLY D 158 65.55 -64.60 27.10
C GLY D 158 65.80 -65.95 26.43
N ALA D 159 65.27 -67.01 27.02
CA ALA D 159 65.43 -68.36 26.48
C ALA D 159 64.11 -68.91 25.95
N ASN D 160 64.14 -70.18 25.52
CA ASN D 160 62.96 -70.86 24.99
C ASN D 160 61.76 -70.63 25.89
N ASN D 161 62.02 -70.63 27.20
CA ASN D 161 60.98 -70.42 28.19
C ASN D 161 60.29 -69.10 27.89
N ASP D 162 61.05 -68.01 27.94
CA ASP D 162 60.53 -66.67 27.66
C ASP D 162 61.43 -65.56 28.23
N LEU D 163 60.81 -64.41 28.47
CA LEU D 163 61.51 -63.25 29.02
C LEU D 163 61.81 -63.45 30.50
N GLN D 164 63.10 -63.53 30.83
CA GLN D 164 63.51 -63.72 32.22
C GLN D 164 63.36 -62.43 33.02
N MET D 165 62.59 -62.50 34.10
CA MET D 165 62.34 -61.35 34.97
C MET D 165 63.27 -61.34 36.17
N GLY D 166 64.19 -62.30 36.22
CA GLY D 166 65.12 -62.38 37.32
C GLY D 166 65.54 -63.81 37.62
N VAL D 167 65.71 -64.12 38.90
CA VAL D 167 66.12 -65.46 39.32
C VAL D 167 65.24 -66.00 40.44
N ASP D 168 63.95 -65.70 40.39
CA ASP D 168 62.98 -66.12 41.39
C ASP D 168 63.65 -66.46 42.72
N GLU D 169 64.27 -65.44 43.32
CA GLU D 169 64.98 -65.57 44.59
C GLU D 169 65.87 -66.81 44.67
N ARG D 170 67.18 -66.57 44.56
CA ARG D 170 68.22 -67.59 44.63
C ARG D 170 68.89 -67.90 43.29
N GLN D 171 69.04 -69.19 42.98
CA GLN D 171 69.71 -69.62 41.76
C GLN D 171 68.81 -69.81 40.54
N LEU D 172 67.61 -70.36 40.74
CA LEU D 172 66.68 -70.59 39.64
C LEU D 172 66.14 -69.33 38.99
N PRO D 173 66.44 -69.12 37.69
CA PRO D 173 66.00 -67.96 36.91
C PRO D 173 64.48 -67.94 36.72
N VAL D 174 63.84 -66.85 37.13
CA VAL D 174 62.39 -66.71 37.00
C VAL D 174 62.01 -66.18 35.62
N TYR D 175 60.85 -66.61 35.13
CA TYR D 175 60.38 -66.18 33.82
C TYR D 175 59.02 -65.50 33.93
N ALA D 176 58.82 -64.47 33.10
CA ALA D 176 57.58 -63.71 33.09
C ALA D 176 56.37 -64.60 32.85
N ASN D 177 55.29 -64.34 33.58
CA ASN D 177 54.06 -65.10 33.46
C ASN D 177 53.30 -64.64 32.22
N THR D 178 53.32 -65.46 31.19
CA THR D 178 52.65 -65.18 29.92
C THR D 178 51.32 -64.43 30.03
N THR D 179 50.46 -64.87 30.95
CA THR D 179 49.14 -64.27 31.13
C THR D 179 49.08 -62.76 31.37
N TYR D 180 50.19 -62.14 31.76
CA TYR D 180 50.16 -60.71 32.02
C TYR D 180 51.53 -60.04 31.97
N GLN D 181 52.59 -60.83 31.90
CA GLN D 181 53.94 -60.29 31.84
C GLN D 181 54.56 -60.47 30.47
N PRO D 182 55.23 -59.43 29.95
CA PRO D 182 55.41 -58.13 30.60
C PRO D 182 54.15 -57.27 30.55
N GLU D 183 54.05 -56.31 31.47
CA GLU D 183 52.90 -55.42 31.53
C GLU D 183 53.16 -54.14 30.73
N PRO D 184 52.23 -53.78 29.82
CA PRO D 184 52.33 -52.59 28.97
C PRO D 184 52.36 -51.30 29.78
N GLN D 185 52.74 -51.40 31.04
CA GLN D 185 52.82 -50.24 31.93
C GLN D 185 54.29 -50.04 32.30
N LEU D 186 54.97 -51.16 32.49
CA LEU D 186 56.39 -51.17 32.86
C LEU D 186 57.31 -50.68 31.75
N GLY D 187 58.58 -50.52 32.10
CA GLY D 187 59.58 -50.06 31.14
C GLY D 187 60.76 -49.43 31.85
N ILE D 188 61.78 -49.07 31.08
CA ILE D 188 62.98 -48.46 31.66
C ILE D 188 62.59 -47.19 32.40
N GLU D 189 63.42 -46.78 33.36
CA GLU D 189 63.13 -45.58 34.14
C GLU D 189 63.90 -44.36 33.61
N GLY D 190 65.04 -44.62 32.98
CA GLY D 190 65.86 -43.53 32.47
C GLY D 190 65.53 -43.03 31.08
N TRP D 191 65.43 -41.71 30.95
CA TRP D 191 65.15 -41.07 29.67
C TRP D 191 66.28 -41.34 28.70
N THR D 192 67.47 -40.85 29.02
CA THR D 192 68.64 -41.07 28.18
C THR D 192 69.38 -42.27 28.72
N ALA D 193 69.44 -42.38 30.05
CA ALA D 193 70.12 -43.48 30.70
C ALA D 193 69.55 -44.82 30.23
N GLY D 194 68.26 -44.82 29.91
CA GLY D 194 67.62 -46.05 29.47
C GLY D 194 67.88 -46.36 28.01
N SER D 195 67.84 -45.34 27.16
CA SER D 195 68.06 -45.51 25.73
C SER D 195 69.54 -45.58 25.38
N MET D 196 70.33 -44.72 26.00
CA MET D 196 71.78 -44.66 25.77
C MET D 196 72.47 -45.93 26.24
N ALA D 197 71.84 -46.60 27.20
CA ALA D 197 72.37 -47.84 27.75
C ALA D 197 72.09 -49.00 26.81
N VAL D 198 71.02 -48.86 26.02
CA VAL D 198 70.61 -49.89 25.08
C VAL D 198 70.06 -51.11 25.80
N ILE D 199 69.05 -51.74 25.22
CA ILE D 199 68.44 -52.92 25.81
C ILE D 199 68.75 -54.13 24.93
N ASP D 200 69.53 -55.07 25.45
CA ASP D 200 69.86 -56.27 24.70
C ASP D 200 68.67 -57.22 24.66
N GLN D 201 68.04 -57.41 25.82
CA GLN D 201 66.88 -58.28 25.92
C GLN D 201 65.64 -57.44 26.22
N ALA D 202 64.83 -57.18 25.20
CA ALA D 202 63.61 -56.40 25.37
C ALA D 202 62.39 -57.30 25.24
N GLY D 203 61.27 -56.87 25.82
CA GLY D 203 60.05 -57.67 25.75
C GLY D 203 58.79 -56.84 25.58
N GLY D 204 57.83 -57.40 24.85
CA GLY D 204 56.58 -56.70 24.62
C GLY D 204 55.39 -57.64 24.47
N ARG D 205 54.21 -57.06 24.32
CA ARG D 205 52.98 -57.82 24.18
C ARG D 205 52.28 -57.31 22.92
N VAL D 206 51.78 -58.22 22.08
CA VAL D 206 51.13 -57.79 20.85
C VAL D 206 49.92 -58.64 20.44
N LEU D 207 48.96 -58.00 19.77
CA LEU D 207 47.76 -58.66 19.30
C LEU D 207 48.07 -59.27 17.92
N ARG D 208 47.43 -60.39 17.61
CA ARG D 208 47.66 -61.04 16.32
C ARG D 208 46.38 -61.17 15.49
N ASN D 209 46.43 -60.65 14.27
CA ASN D 209 45.33 -60.68 13.31
C ASN D 209 43.98 -60.08 13.72
N PRO D 210 43.95 -59.08 14.60
CA PRO D 210 42.64 -58.53 14.97
C PRO D 210 42.30 -57.36 14.05
N THR D 211 41.06 -56.90 14.07
CA THR D 211 40.64 -55.78 13.23
C THR D 211 41.20 -54.48 13.79
N GLN D 212 42.22 -53.95 13.13
CA GLN D 212 42.86 -52.71 13.53
C GLN D 212 41.89 -51.62 13.94
N THR D 213 42.22 -50.93 15.02
CA THR D 213 41.42 -49.84 15.54
C THR D 213 42.37 -48.89 16.25
N PRO D 214 42.24 -47.57 15.99
CA PRO D 214 43.12 -46.60 16.63
C PRO D 214 43.20 -46.82 18.14
N CYS D 215 44.42 -46.80 18.68
CA CYS D 215 44.61 -47.00 20.11
C CYS D 215 43.73 -46.06 20.92
N TYR D 216 43.33 -44.95 20.30
CA TYR D 216 42.48 -43.97 20.96
C TYR D 216 41.12 -44.57 21.29
N GLY D 217 40.89 -44.84 22.57
CA GLY D 217 39.62 -45.40 23.00
C GLY D 217 39.52 -46.91 22.88
N SER D 218 40.68 -47.58 22.79
CA SER D 218 40.70 -49.03 22.68
C SER D 218 40.49 -49.66 24.05
N TYR D 219 39.55 -50.59 24.14
CA TYR D 219 39.23 -51.25 25.39
C TYR D 219 38.91 -52.73 25.18
N ALA D 220 39.18 -53.53 26.21
CA ALA D 220 38.91 -54.96 26.18
C ALA D 220 38.52 -55.40 27.58
N LYS D 221 37.98 -56.61 27.70
CA LYS D 221 37.57 -57.12 29.00
C LYS D 221 38.61 -58.07 29.59
N PRO D 222 38.82 -57.99 30.91
CA PRO D 222 39.78 -58.83 31.64
C PRO D 222 39.37 -60.30 31.69
N THR D 223 40.34 -61.17 31.95
CA THR D 223 40.08 -62.60 32.00
C THR D 223 40.79 -63.29 33.17
N ASN D 224 41.64 -62.55 33.88
CA ASN D 224 42.37 -63.13 35.01
C ASN D 224 42.58 -62.15 36.15
N GLU D 225 43.10 -62.67 37.26
CA GLU D 225 43.42 -61.88 38.43
C GLU D 225 44.57 -60.96 38.05
N HIS D 226 45.25 -61.35 36.98
CA HIS D 226 46.39 -60.60 36.47
C HIS D 226 45.90 -59.49 35.54
N GLY D 227 44.59 -59.44 35.33
CA GLY D 227 44.01 -58.43 34.46
C GLY D 227 44.05 -58.83 33.00
N GLY D 228 45.22 -59.30 32.55
CA GLY D 228 45.40 -59.71 31.17
C GLY D 228 44.15 -60.05 30.38
N ILE D 229 44.11 -59.59 29.14
CA ILE D 229 42.99 -59.84 28.25
C ILE D 229 43.36 -60.94 27.25
N THR D 230 43.66 -62.11 27.78
CA THR D 230 44.06 -63.26 26.97
C THR D 230 42.93 -63.75 26.08
N LYS D 231 41.69 -63.52 26.49
CA LYS D 231 40.52 -63.93 25.72
C LYS D 231 40.23 -65.43 25.80
N ALA D 232 39.17 -65.85 25.12
CA ALA D 232 38.75 -67.24 25.09
C ALA D 232 39.81 -68.17 24.52
N ASN D 233 40.37 -67.79 23.37
CA ASN D 233 41.42 -68.59 22.73
C ASN D 233 42.60 -68.77 23.66
N THR D 234 42.82 -70.01 24.09
CA THR D 234 43.90 -70.34 24.99
C THR D 234 45.29 -70.14 24.39
N GLN D 235 45.39 -70.17 23.06
CA GLN D 235 46.67 -70.01 22.40
C GLN D 235 47.39 -68.69 22.65
N VAL D 236 48.68 -68.80 22.91
CA VAL D 236 49.57 -67.68 23.17
C VAL D 236 50.91 -68.07 22.55
N GLU D 237 51.46 -67.20 21.72
CA GLU D 237 52.73 -67.50 21.05
C GLU D 237 53.87 -66.55 21.37
N LYS D 238 54.95 -67.08 21.93
CA LYS D 238 56.13 -66.29 22.27
C LYS D 238 57.00 -66.21 21.02
N LYS D 239 56.80 -65.16 20.23
CA LYS D 239 57.55 -64.97 19.00
C LYS D 239 58.91 -64.31 19.25
N TYR D 240 59.97 -65.02 18.90
CA TYR D 240 61.33 -64.54 19.09
C TYR D 240 61.86 -63.82 17.84
N TYR D 241 62.30 -62.58 18.01
CA TYR D 241 62.81 -61.80 16.90
C TYR D 241 64.29 -61.47 17.05
N ARG D 242 64.96 -61.31 15.92
CA ARG D 242 66.39 -60.98 15.91
C ARG D 242 66.57 -59.63 15.21
N THR D 243 67.78 -59.36 14.76
CA THR D 243 68.07 -58.11 14.06
C THR D 243 68.33 -58.39 12.59
N GLY D 244 68.59 -59.65 12.27
CA GLY D 244 68.85 -60.02 10.89
C GLY D 244 70.16 -60.78 10.69
N ASP D 245 71.09 -60.61 11.62
CA ASP D 245 72.40 -61.26 11.51
C ASP D 245 72.86 -61.84 12.84
N ASN D 246 72.21 -61.41 13.92
CA ASN D 246 72.56 -61.91 15.25
C ASN D 246 71.70 -63.13 15.56
N GLY D 247 72.20 -63.99 16.42
CA GLY D 247 71.45 -65.19 16.78
C GLY D 247 71.04 -65.13 18.23
N ASN D 248 70.07 -64.31 18.54
CA ASN D 248 69.64 -64.16 19.92
C ASN D 248 68.33 -63.37 19.96
N PRO D 249 67.43 -63.71 20.89
CA PRO D 249 66.16 -62.99 21.01
C PRO D 249 66.31 -61.61 21.66
N GLU D 250 66.52 -60.60 20.82
CA GLU D 250 66.67 -59.23 21.29
C GLU D 250 65.34 -58.67 21.76
N THR D 251 64.25 -59.26 21.26
CA THR D 251 62.90 -58.83 21.62
C THR D 251 61.89 -59.98 21.59
N VAL D 252 61.32 -60.28 22.75
CA VAL D 252 60.33 -61.35 22.87
C VAL D 252 58.92 -60.77 22.91
N PHE D 253 58.01 -61.35 22.13
CA PHE D 253 56.63 -60.87 22.11
C PHE D 253 55.63 -61.97 22.44
N TYR D 254 54.65 -61.63 23.27
CA TYR D 254 53.62 -62.57 23.67
C TYR D 254 52.32 -62.21 22.96
N THR D 255 52.14 -62.74 21.75
CA THR D 255 50.95 -62.47 20.97
C THR D 255 49.70 -63.03 21.63
N GLU D 256 48.58 -62.34 21.44
CA GLU D 256 47.32 -62.76 22.03
C GLU D 256 46.14 -62.08 21.35
N GLU D 257 44.95 -62.63 21.53
CA GLU D 257 43.74 -62.05 20.95
C GLU D 257 42.97 -61.37 22.08
N ALA D 258 42.35 -60.24 21.77
CA ALA D 258 41.59 -59.51 22.78
C ALA D 258 40.17 -59.20 22.32
N ASP D 259 39.28 -58.98 23.30
CA ASP D 259 37.90 -58.67 23.01
C ASP D 259 37.84 -57.17 22.75
N VAL D 260 38.78 -56.68 21.96
CA VAL D 260 38.87 -55.26 21.62
C VAL D 260 37.59 -54.70 21.04
N LEU D 261 37.21 -53.52 21.52
CA LEU D 261 36.01 -52.83 21.06
C LEU D 261 36.19 -51.34 21.28
N THR D 262 35.15 -50.55 20.99
CA THR D 262 35.22 -49.11 21.17
C THR D 262 33.84 -48.54 21.49
N PRO D 263 33.64 -48.11 22.75
CA PRO D 263 32.36 -47.54 23.19
C PRO D 263 32.19 -46.05 22.91
N ASP D 264 33.07 -45.24 23.47
CA ASP D 264 33.01 -43.79 23.30
C ASP D 264 33.81 -43.26 22.11
N THR D 265 34.03 -44.11 21.12
CA THR D 265 34.79 -43.70 19.95
C THR D 265 34.32 -44.37 18.65
N HIS D 266 34.48 -43.65 17.55
CA HIS D 266 34.10 -44.15 16.23
C HIS D 266 35.20 -43.80 15.23
N LEU D 267 35.12 -44.37 14.03
CA LEU D 267 36.13 -44.11 13.02
C LEU D 267 35.88 -42.79 12.29
N VAL D 268 36.78 -41.84 12.47
CA VAL D 268 36.66 -40.54 11.82
C VAL D 268 37.19 -40.64 10.40
N HIS D 269 38.20 -41.48 10.21
CA HIS D 269 38.80 -41.68 8.90
C HIS D 269 39.07 -43.16 8.63
N ALA D 270 38.21 -43.77 7.82
CA ALA D 270 38.35 -45.17 7.47
C ALA D 270 38.94 -45.26 6.06
N VAL D 271 40.23 -45.59 5.98
CA VAL D 271 40.90 -45.67 4.68
C VAL D 271 40.32 -46.74 3.77
N PRO D 272 40.40 -48.03 4.15
CA PRO D 272 39.82 -49.00 3.21
C PRO D 272 38.59 -49.73 3.73
N ALA D 273 37.61 -49.92 2.84
CA ALA D 273 36.40 -50.67 3.16
C ALA D 273 36.76 -52.09 2.79
N ALA D 274 36.89 -52.96 3.79
CA ALA D 274 37.29 -54.35 3.56
C ALA D 274 38.79 -54.28 3.25
N ASP D 275 39.51 -55.38 3.41
CA ASP D 275 40.95 -55.36 3.16
C ASP D 275 41.54 -54.38 4.16
N ARG D 276 40.72 -54.07 5.16
CA ARG D 276 41.05 -53.13 6.23
C ARG D 276 42.27 -53.53 7.06
N ALA D 277 42.30 -54.77 7.52
CA ALA D 277 43.39 -55.27 8.34
C ALA D 277 44.76 -55.24 7.67
N LYS D 278 44.89 -54.60 6.51
CA LYS D 278 46.17 -54.54 5.83
C LYS D 278 46.93 -53.27 6.23
N VAL D 279 48.19 -53.20 5.85
CA VAL D 279 49.05 -52.06 6.17
C VAL D 279 48.39 -50.69 5.96
N GLU D 280 47.68 -50.54 4.86
CA GLU D 280 47.01 -49.28 4.54
C GLU D 280 45.83 -49.00 5.47
N GLY D 281 45.48 -49.97 6.30
CA GLY D 281 44.37 -49.81 7.22
C GLY D 281 44.71 -49.08 8.50
N LEU D 282 45.88 -49.36 9.06
CA LEU D 282 46.32 -48.73 10.30
C LEU D 282 46.24 -47.21 10.21
N SER D 283 46.09 -46.70 8.99
CA SER D 283 46.00 -45.27 8.75
C SER D 283 44.70 -44.67 9.30
N GLN D 284 43.78 -45.54 9.71
CA GLN D 284 42.50 -45.10 10.24
C GLN D 284 42.64 -44.31 11.53
N HIS D 285 41.81 -43.29 11.69
CA HIS D 285 41.84 -42.46 12.88
C HIS D 285 40.54 -42.58 13.67
N ALA D 286 40.56 -42.18 14.92
CA ALA D 286 39.38 -42.26 15.78
C ALA D 286 39.02 -40.90 16.36
N ALA D 287 37.79 -40.79 16.84
CA ALA D 287 37.29 -39.56 17.44
C ALA D 287 36.23 -39.90 18.47
N PRO D 288 36.20 -39.15 19.59
CA PRO D 288 35.22 -39.38 20.65
C PRO D 288 33.79 -39.09 20.20
N ASN D 289 32.84 -39.88 20.67
CA ASN D 289 31.44 -39.69 20.32
C ASN D 289 30.89 -38.46 21.02
N ARG D 290 29.98 -37.76 20.34
CA ARG D 290 29.38 -36.55 20.90
C ARG D 290 28.74 -36.81 22.27
N PRO D 291 28.97 -35.92 23.23
CA PRO D 291 28.42 -36.06 24.58
C PRO D 291 26.90 -35.91 24.57
N ASN D 292 26.21 -36.88 25.18
CA ASN D 292 24.76 -36.83 25.22
C ASN D 292 24.23 -37.12 26.61
N PHE D 293 23.79 -36.07 27.30
CA PHE D 293 23.25 -36.21 28.65
C PHE D 293 21.77 -36.57 28.60
N ILE D 294 21.34 -37.45 29.49
CA ILE D 294 19.95 -37.88 29.53
C ILE D 294 19.44 -37.91 30.98
N GLY D 295 18.23 -37.42 31.19
CA GLY D 295 17.66 -37.40 32.52
C GLY D 295 16.26 -36.81 32.54
N PHE D 296 15.70 -36.67 33.72
CA PHE D 296 14.35 -36.12 33.87
C PHE D 296 14.37 -34.61 33.62
N ARG D 297 13.36 -34.14 32.89
CA ARG D 297 13.25 -32.72 32.57
C ARG D 297 13.22 -31.84 33.82
N ASP D 298 13.24 -30.53 33.60
CA ASP D 298 13.21 -29.57 34.69
C ASP D 298 11.86 -29.64 35.40
N CYS D 299 11.90 -29.74 36.73
CA CYS D 299 10.68 -29.82 37.53
C CYS D 299 9.83 -31.01 37.11
N PHE D 300 10.48 -32.02 36.52
CA PHE D 300 9.80 -33.22 36.06
C PHE D 300 8.62 -32.91 35.17
N VAL D 301 8.75 -31.86 34.36
CA VAL D 301 7.68 -31.47 33.44
C VAL D 301 7.39 -32.59 32.44
N GLY D 302 6.13 -32.97 32.34
CA GLY D 302 5.75 -34.02 31.40
C GLY D 302 5.64 -35.39 32.03
N LEU D 303 6.16 -35.56 33.24
CA LEU D 303 6.11 -36.84 33.92
C LEU D 303 4.70 -37.05 34.44
N MET D 304 3.93 -35.98 34.50
CA MET D 304 2.55 -36.04 34.97
C MET D 304 1.60 -35.38 33.98
N TYR D 305 0.47 -36.02 33.71
CA TYR D 305 -0.51 -35.50 32.77
C TYR D 305 -1.15 -34.19 33.19
N TYR D 306 -1.21 -33.25 32.26
CA TYR D 306 -1.80 -31.94 32.49
C TYR D 306 -2.46 -31.44 31.20
N ASN D 307 -3.56 -30.73 31.34
CA ASN D 307 -4.28 -30.19 30.19
C ASN D 307 -4.63 -31.26 29.16
N SER D 308 -5.04 -32.43 29.65
CA SER D 308 -5.42 -33.52 28.78
C SER D 308 -6.69 -34.18 29.29
N GLY D 309 -7.81 -33.90 28.62
CA GLY D 309 -9.08 -34.47 29.03
C GLY D 309 -9.06 -35.99 28.99
N GLY D 310 -8.09 -36.55 28.27
CA GLY D 310 -7.98 -37.99 28.17
C GLY D 310 -7.54 -38.63 29.47
N ASN D 311 -6.70 -37.92 30.22
CA ASN D 311 -6.19 -38.42 31.51
C ASN D 311 -6.29 -37.35 32.58
N LEU D 312 -7.46 -36.71 32.69
CA LEU D 312 -7.68 -35.66 33.67
C LEU D 312 -7.63 -36.21 35.09
N GLY D 313 -6.89 -35.54 35.97
CA GLY D 313 -6.76 -35.98 37.34
C GLY D 313 -8.03 -35.78 38.16
N VAL D 314 -8.22 -36.63 39.17
CA VAL D 314 -9.40 -36.55 40.02
C VAL D 314 -9.08 -36.20 41.47
N LEU D 315 -9.94 -35.37 42.07
CA LEU D 315 -9.78 -34.96 43.45
C LEU D 315 -11.12 -34.50 44.01
N ALA D 316 -11.95 -35.45 44.44
CA ALA D 316 -13.26 -35.13 44.99
C ALA D 316 -13.54 -35.94 46.25
N GLY D 317 -14.47 -35.45 47.07
CA GLY D 317 -14.82 -36.15 48.29
C GLY D 317 -15.61 -37.39 47.96
N GLN D 318 -15.33 -38.49 48.66
CA GLN D 318 -16.03 -39.75 48.43
C GLN D 318 -17.55 -39.57 48.48
N SER D 319 -18.00 -38.71 49.37
CA SER D 319 -19.43 -38.44 49.52
C SER D 319 -19.96 -37.58 48.38
N SER D 320 -19.15 -36.60 47.96
CA SER D 320 -19.53 -35.69 46.89
C SER D 320 -19.49 -36.40 45.53
N GLN D 321 -18.40 -37.11 45.26
CA GLN D 321 -18.22 -37.84 44.01
C GLN D 321 -18.08 -36.89 42.83
N LEU D 322 -18.21 -35.59 43.08
CA LEU D 322 -18.09 -34.58 42.03
C LEU D 322 -16.65 -34.08 41.94
N ASN D 323 -15.95 -34.49 40.88
CA ASN D 323 -14.56 -34.09 40.68
C ASN D 323 -14.40 -32.58 40.72
N ALA D 324 -13.44 -32.12 41.53
CA ALA D 324 -13.18 -30.69 41.68
C ALA D 324 -12.11 -30.20 40.72
N VAL D 325 -11.55 -31.13 39.93
CA VAL D 325 -10.51 -30.77 38.97
C VAL D 325 -11.06 -30.74 37.55
N VAL D 326 -11.26 -29.53 37.03
CA VAL D 326 -11.78 -29.35 35.68
C VAL D 326 -10.67 -28.74 34.81
N ASP D 327 -10.02 -29.57 34.01
CA ASP D 327 -8.95 -29.09 33.15
C ASP D 327 -9.39 -28.94 31.70
N LEU D 328 -8.65 -28.13 30.95
CA LEU D 328 -8.94 -27.87 29.55
C LEU D 328 -7.63 -27.91 28.77
N GLN D 329 -7.61 -28.64 27.66
CA GLN D 329 -6.40 -28.74 26.84
C GLN D 329 -6.03 -27.40 26.23
N ASP D 330 -6.76 -26.35 26.62
CA ASP D 330 -6.50 -25.02 26.11
C ASP D 330 -5.52 -24.32 27.05
N ARG D 331 -5.54 -24.72 28.31
CA ARG D 331 -4.66 -24.16 29.33
C ARG D 331 -3.29 -24.85 29.26
N ASN D 332 -2.28 -24.23 29.87
CA ASN D 332 -0.94 -24.80 29.88
C ASN D 332 -0.34 -24.69 31.28
N THR D 333 -0.56 -25.72 32.08
CA THR D 333 -0.04 -25.74 33.45
C THR D 333 1.47 -25.74 33.51
N GLU D 334 2.09 -26.64 32.75
CA GLU D 334 3.54 -26.76 32.71
C GLU D 334 4.25 -25.41 32.62
N LEU D 335 4.06 -24.71 31.51
CA LEU D 335 4.68 -23.41 31.31
C LEU D 335 4.32 -22.46 32.44
N SER D 336 3.04 -22.47 32.81
CA SER D 336 2.56 -21.60 33.89
C SER D 336 3.41 -21.75 35.14
N TYR D 337 3.66 -22.99 35.52
CA TYR D 337 4.47 -23.28 36.71
C TYR D 337 5.85 -22.67 36.58
N GLN D 338 6.48 -22.88 35.43
CA GLN D 338 7.81 -22.36 35.16
C GLN D 338 7.89 -20.87 35.49
N MET D 339 7.17 -20.07 34.71
CA MET D 339 7.15 -18.64 34.91
C MET D 339 6.89 -18.24 36.36
N LEU D 340 6.01 -18.99 37.02
CA LEU D 340 5.69 -18.70 38.42
C LEU D 340 6.92 -18.72 39.32
N LEU D 341 7.76 -19.73 39.15
CA LEU D 341 8.97 -19.86 39.95
C LEU D 341 9.95 -18.71 39.69
N ALA D 342 10.09 -18.34 38.42
CA ALA D 342 11.00 -17.27 38.04
C ALA D 342 10.56 -15.89 38.54
N ASN D 343 9.41 -15.85 39.20
CA ASN D 343 8.90 -14.58 39.71
C ASN D 343 8.91 -14.52 41.24
N THR D 344 8.99 -15.67 41.88
CA THR D 344 9.00 -15.72 43.34
C THR D 344 10.37 -16.05 43.92
N THR D 345 11.22 -16.69 43.12
CA THR D 345 12.55 -17.06 43.58
C THR D 345 13.61 -16.86 42.50
N ASP D 346 14.87 -17.08 42.88
CA ASP D 346 15.98 -16.95 41.96
C ASP D 346 16.12 -18.25 41.17
N ARG D 347 15.66 -18.22 39.92
CA ARG D 347 15.69 -19.41 39.07
C ARG D 347 17.10 -19.80 38.60
N SER D 348 18.11 -19.47 39.40
CA SER D 348 19.49 -19.81 39.04
C SER D 348 20.05 -20.91 39.94
N ARG D 349 19.53 -20.99 41.16
CA ARG D 349 19.99 -22.02 42.10
C ARG D 349 19.37 -23.36 41.76
N TYR D 350 19.86 -24.42 42.40
CA TYR D 350 19.36 -25.76 42.15
C TYR D 350 18.75 -26.36 43.41
N PHE D 351 17.79 -27.26 43.23
CA PHE D 351 17.12 -27.92 44.34
C PHE D 351 16.74 -29.35 43.95
N SER D 352 17.67 -30.27 44.18
CA SER D 352 17.48 -31.68 43.84
C SER D 352 16.08 -32.24 44.06
N MET D 353 15.51 -32.03 45.24
CA MET D 353 14.17 -32.53 45.55
C MET D 353 13.20 -32.41 44.39
N TRP D 354 13.05 -31.20 43.85
CA TRP D 354 12.14 -30.97 42.74
C TRP D 354 12.85 -31.11 41.40
N ASN D 355 14.12 -31.50 41.44
CA ASN D 355 14.90 -31.65 40.21
C ASN D 355 14.85 -30.31 39.51
N GLN D 356 14.59 -29.26 40.29
CA GLN D 356 14.48 -27.90 39.80
C GLN D 356 15.84 -27.37 39.38
N ALA D 357 16.12 -27.42 38.08
CA ALA D 357 17.39 -26.93 37.54
C ALA D 357 17.17 -26.39 36.14
N MET D 358 16.48 -25.25 36.06
CA MET D 358 16.18 -24.60 34.79
C MET D 358 17.27 -24.78 33.74
N ASP D 359 16.84 -24.94 32.49
CA ASP D 359 17.77 -25.12 31.39
C ASP D 359 18.37 -23.78 31.00
N SER D 360 19.62 -23.81 30.55
CA SER D 360 20.31 -22.60 30.13
C SER D 360 21.46 -22.98 29.20
N TYR D 361 22.10 -21.97 28.62
CA TYR D 361 23.20 -22.21 27.71
C TYR D 361 24.38 -21.31 28.03
N ASP D 362 25.57 -21.69 27.56
CA ASP D 362 26.77 -20.90 27.79
C ASP D 362 26.75 -19.67 26.89
N PRO D 363 26.64 -18.47 27.49
CA PRO D 363 26.63 -17.19 26.77
C PRO D 363 27.63 -17.09 25.64
N GLU D 364 28.84 -17.61 25.86
CA GLU D 364 29.89 -17.56 24.86
C GLU D 364 29.63 -18.49 23.68
N VAL D 365 28.72 -19.44 23.86
CA VAL D 365 28.37 -20.37 22.80
C VAL D 365 27.28 -19.77 21.92
N ARG D 366 26.24 -19.23 22.57
CA ARG D 366 25.13 -18.62 21.85
C ARG D 366 25.64 -17.48 20.97
N VAL D 367 26.38 -16.57 21.58
CA VAL D 367 26.93 -15.43 20.86
C VAL D 367 28.46 -15.43 20.91
N ILE D 368 29.09 -15.83 19.81
CA ILE D 368 30.54 -15.90 19.73
C ILE D 368 31.18 -14.53 19.86
N ASP D 369 32.10 -14.40 20.81
CA ASP D 369 32.81 -13.14 21.04
C ASP D 369 34.27 -13.34 20.68
N ASN D 370 34.53 -13.58 19.40
CA ASN D 370 35.89 -13.80 18.93
C ASN D 370 36.74 -12.57 19.16
N VAL D 371 37.40 -12.52 20.31
CA VAL D 371 38.26 -11.39 20.66
C VAL D 371 39.69 -11.68 20.21
N GLY D 372 39.89 -12.84 19.60
CA GLY D 372 41.21 -13.20 19.14
C GLY D 372 41.90 -14.17 20.08
N VAL D 373 43.22 -14.22 20.02
CA VAL D 373 44.00 -15.11 20.86
C VAL D 373 45.30 -14.44 21.31
N GLU D 374 45.63 -14.58 22.58
CA GLU D 374 46.85 -13.99 23.13
C GLU D 374 48.00 -14.97 22.98
N ASP D 375 48.65 -14.96 21.82
CA ASP D 375 49.76 -15.86 21.55
C ASP D 375 51.03 -15.12 21.13
N GLU D 376 51.24 -13.94 21.70
CA GLU D 376 52.42 -13.14 21.37
C GLU D 376 53.69 -13.94 21.59
N MET D 377 53.66 -14.83 22.58
CA MET D 377 54.82 -15.65 22.89
C MET D 377 54.73 -17.03 22.26
N PRO D 378 55.82 -17.51 21.66
CA PRO D 378 55.82 -18.83 21.03
C PRO D 378 56.01 -19.92 22.08
N ASN D 379 55.36 -21.06 21.89
CA ASN D 379 55.48 -22.17 22.84
C ASN D 379 56.30 -23.29 22.23
N TYR D 380 57.24 -23.82 23.00
CA TYR D 380 58.10 -24.88 22.51
C TYR D 380 58.16 -26.11 23.42
N CYS D 381 58.36 -27.27 22.80
CA CYS D 381 58.46 -28.54 23.51
C CYS D 381 59.88 -29.06 23.24
N PHE D 382 60.63 -29.27 24.31
CA PHE D 382 62.01 -29.73 24.21
C PHE D 382 62.18 -31.19 24.60
N PRO D 383 63.15 -31.89 23.96
CA PRO D 383 63.41 -33.30 24.25
C PRO D 383 63.61 -33.56 25.75
N LEU D 384 63.32 -34.78 26.17
CA LEU D 384 63.46 -35.15 27.59
C LEU D 384 64.93 -35.12 28.01
N SER D 385 65.80 -34.76 27.08
CA SER D 385 67.23 -34.70 27.35
C SER D 385 67.72 -33.27 27.51
N GLY D 386 67.12 -32.35 26.74
CA GLY D 386 67.53 -30.97 26.80
C GLY D 386 68.59 -30.73 25.75
N VAL D 387 68.75 -31.72 24.88
CA VAL D 387 69.72 -31.67 23.79
C VAL D 387 69.89 -33.07 23.19
N GLN D 388 69.61 -33.19 21.90
CA GLN D 388 69.71 -34.47 21.21
C GLN D 388 71.13 -35.01 21.10
N ILE D 389 71.30 -36.27 21.48
CA ILE D 389 72.60 -36.92 21.42
C ILE D 389 72.79 -37.68 20.12
N GLY D 390 73.91 -37.43 19.44
CA GLY D 390 74.17 -38.10 18.18
C GLY D 390 75.65 -38.12 17.80
N ASN D 391 76.41 -37.17 18.31
CA ASN D 391 77.84 -37.11 18.02
C ASN D 391 78.66 -36.95 19.30
N ARG D 392 79.92 -37.38 19.25
CA ARG D 392 80.81 -37.28 20.40
C ARG D 392 81.95 -36.31 20.12
N SER D 393 82.35 -35.57 21.14
CA SER D 393 83.43 -34.59 21.01
C SER D 393 84.78 -35.24 21.30
N HIS D 394 85.72 -34.46 21.82
CA HIS D 394 87.08 -34.92 22.13
C HIS D 394 87.97 -33.75 22.56
N GLU D 395 88.11 -33.55 23.86
CA GLU D 395 88.96 -32.47 24.37
C GLU D 395 90.42 -32.75 24.04
N VAL D 396 90.94 -32.00 23.08
CA VAL D 396 92.32 -32.17 22.61
C VAL D 396 93.21 -30.94 22.80
N GLN D 397 94.50 -31.18 23.06
CA GLN D 397 95.45 -30.10 23.28
C GLN D 397 96.13 -29.67 21.99
N ARG D 398 96.41 -28.37 21.89
CA ARG D 398 97.07 -27.80 20.73
C ARG D 398 98.57 -27.81 20.93
N ASN D 399 99.27 -27.16 20.00
CA ASN D 399 100.72 -27.03 20.04
C ASN D 399 101.44 -28.37 19.90
N GLN D 400 102.64 -28.31 19.33
CA GLN D 400 103.49 -29.48 19.10
C GLN D 400 103.02 -30.20 17.84
N GLN D 401 101.76 -29.97 17.50
CA GLN D 401 101.16 -30.59 16.33
C GLN D 401 99.97 -29.79 15.81
N GLN D 402 98.96 -30.53 15.35
CA GLN D 402 97.72 -29.95 14.82
C GLN D 402 96.68 -29.97 15.92
N TRP D 403 96.93 -30.79 16.94
CA TRP D 403 96.06 -30.96 18.12
C TRP D 403 96.04 -32.45 18.49
N GLN D 404 96.73 -32.80 19.59
CA GLN D 404 96.82 -34.18 20.06
C GLN D 404 95.68 -34.64 20.94
N ASN D 405 95.23 -35.86 20.67
CA ASN D 405 94.15 -36.48 21.42
C ASN D 405 94.34 -36.31 22.92
N VAL D 406 93.29 -36.62 23.68
CA VAL D 406 93.34 -36.50 25.12
C VAL D 406 93.60 -37.86 25.77
N ALA D 407 93.03 -38.90 25.18
CA ALA D 407 93.19 -40.26 25.67
C ALA D 407 92.35 -40.51 26.93
N ASN D 408 92.20 -39.48 27.75
CA ASN D 408 91.43 -39.57 28.99
C ASN D 408 89.96 -39.83 28.71
N SER D 409 89.62 -41.08 28.43
CA SER D 409 88.24 -41.46 28.13
C SER D 409 87.77 -40.71 26.90
N ASP D 410 86.82 -41.29 26.17
CA ASP D 410 86.33 -40.65 24.96
C ASP D 410 84.83 -40.84 24.79
N ASN D 411 84.29 -40.26 23.73
CA ASN D 411 82.87 -40.37 23.41
C ASN D 411 81.97 -39.57 24.35
N ASN D 412 81.89 -38.26 24.10
CA ASN D 412 81.05 -37.38 24.88
C ASN D 412 79.80 -37.05 24.07
N TYR D 413 79.11 -35.97 24.45
CA TYR D 413 77.92 -35.56 23.73
C TYR D 413 77.72 -34.05 23.84
N ILE D 414 77.92 -33.34 22.73
CA ILE D 414 77.76 -31.89 22.70
C ILE D 414 77.06 -31.41 21.43
N GLY D 415 75.97 -30.68 21.62
CA GLY D 415 75.22 -30.17 20.47
C GLY D 415 75.64 -28.76 20.07
N LYS D 416 76.26 -28.65 18.91
CA LYS D 416 76.71 -27.35 18.40
C LYS D 416 75.51 -26.53 17.94
N GLY D 417 75.00 -25.68 18.83
CA GLY D 417 73.86 -24.85 18.49
C GLY D 417 72.81 -24.90 19.59
N ASN D 418 71.58 -24.54 19.25
CA ASN D 418 70.49 -24.55 20.24
C ASN D 418 69.84 -25.92 20.33
N LEU D 419 68.83 -26.03 21.19
CA LEU D 419 68.12 -27.29 21.39
C LEU D 419 67.03 -27.47 20.34
N PRO D 420 66.95 -28.66 19.72
CA PRO D 420 65.93 -28.92 18.70
C PRO D 420 64.54 -28.92 19.31
N ALA D 421 63.73 -27.94 18.96
CA ALA D 421 62.39 -27.83 19.51
C ALA D 421 61.28 -27.73 18.47
N MET D 422 60.08 -28.10 18.87
CA MET D 422 58.91 -28.05 18.00
C MET D 422 57.98 -26.98 18.54
N GLU D 423 57.44 -26.15 17.66
CA GLU D 423 56.55 -25.07 18.08
C GLU D 423 55.08 -25.45 17.97
N ILE D 424 54.26 -24.76 18.76
CA ILE D 424 52.81 -25.01 18.77
C ILE D 424 52.10 -23.82 19.43
N ASN D 425 51.18 -23.21 18.69
CA ASN D 425 50.44 -22.07 19.20
C ASN D 425 49.38 -22.54 20.20
N LEU D 426 49.82 -22.80 21.42
CA LEU D 426 48.93 -23.26 22.48
C LEU D 426 47.58 -22.56 22.49
N ALA D 427 47.56 -21.33 22.99
CA ALA D 427 46.35 -20.54 23.08
C ALA D 427 45.46 -20.66 21.84
N ALA D 428 46.09 -20.82 20.68
CA ALA D 428 45.34 -20.95 19.43
C ALA D 428 44.50 -22.22 19.42
N ASN D 429 45.14 -23.35 19.71
CA ASN D 429 44.46 -24.64 19.72
C ASN D 429 43.22 -24.61 20.60
N LEU D 430 43.40 -24.29 21.88
CA LEU D 430 42.28 -24.23 22.82
C LEU D 430 41.09 -23.48 22.26
N TRP D 431 41.36 -22.35 21.61
CA TRP D 431 40.30 -21.52 21.02
C TRP D 431 39.56 -22.31 19.94
N ARG D 432 40.32 -22.95 19.06
CA ARG D 432 39.76 -23.73 17.96
C ARG D 432 39.00 -24.94 18.48
N SER D 433 39.59 -25.66 19.43
CA SER D 433 38.95 -26.84 20.00
C SER D 433 37.63 -26.43 20.64
N PHE D 434 37.61 -25.25 21.25
CA PHE D 434 36.40 -24.74 21.89
C PHE D 434 35.30 -24.59 20.84
N LEU D 435 35.58 -23.79 19.82
CA LEU D 435 34.62 -23.55 18.75
C LEU D 435 34.06 -24.84 18.16
N TYR D 436 34.92 -25.63 17.52
CA TYR D 436 34.51 -26.88 16.89
C TYR D 436 33.64 -27.79 17.78
N SER D 437 33.96 -27.87 19.06
CA SER D 437 33.23 -28.73 19.99
C SER D 437 31.95 -28.12 20.57
N ASN D 438 31.81 -26.81 20.44
CA ASN D 438 30.63 -26.13 20.99
C ASN D 438 29.70 -25.51 19.95
N VAL D 439 30.17 -25.37 18.71
CA VAL D 439 29.33 -24.78 17.67
C VAL D 439 29.43 -25.47 16.32
N ALA D 440 30.56 -26.13 16.05
CA ALA D 440 30.74 -26.82 14.78
C ALA D 440 29.94 -28.11 14.70
N LEU D 441 30.00 -28.91 15.75
CA LEU D 441 29.29 -30.18 15.80
C LEU D 441 27.79 -30.00 15.96
N TYR D 442 27.36 -28.78 16.27
CA TYR D 442 25.94 -28.49 16.46
C TYR D 442 25.30 -27.79 15.27
N LEU D 443 26.08 -27.53 14.22
CA LEU D 443 25.57 -26.87 13.03
C LEU D 443 24.51 -27.75 12.37
N PRO D 444 23.54 -27.13 11.68
CA PRO D 444 22.48 -27.87 11.00
C PRO D 444 23.02 -29.02 10.17
N ASP D 445 22.30 -30.13 10.16
CA ASP D 445 22.71 -31.32 9.42
C ASP D 445 23.02 -31.02 7.95
N ASN D 446 22.35 -30.01 7.40
CA ASN D 446 22.54 -29.63 6.00
C ASN D 446 23.97 -29.22 5.69
N LEU D 447 24.67 -28.69 6.70
CA LEU D 447 26.05 -28.24 6.51
C LEU D 447 27.07 -29.37 6.74
N LYS D 448 26.57 -30.56 7.02
CA LYS D 448 27.45 -31.71 7.26
C LYS D 448 27.40 -32.67 6.09
N PHE D 449 28.29 -33.67 6.13
CA PHE D 449 28.35 -34.68 5.08
C PHE D 449 28.77 -36.01 5.69
N THR D 450 28.08 -37.08 5.30
CA THR D 450 28.39 -38.41 5.81
C THR D 450 29.86 -38.73 5.59
N PRO D 451 30.51 -39.34 6.60
CA PRO D 451 31.93 -39.69 6.50
C PRO D 451 32.18 -40.65 5.34
N HIS D 452 33.44 -40.98 5.10
CA HIS D 452 33.79 -41.88 4.01
C HIS D 452 33.81 -43.34 4.44
N ASN D 453 33.24 -44.20 3.58
CA ASN D 453 33.18 -45.63 3.86
C ASN D 453 32.63 -45.95 5.24
N ILE D 454 31.38 -45.58 5.50
CA ILE D 454 30.78 -45.83 6.80
C ILE D 454 29.28 -46.09 6.72
N GLN D 455 28.85 -47.27 7.14
CA GLN D 455 27.44 -47.65 7.14
C GLN D 455 26.70 -46.73 8.10
N LEU D 456 25.59 -46.14 7.65
CA LEU D 456 24.82 -45.25 8.51
C LEU D 456 23.32 -45.53 8.44
N PRO D 457 22.63 -45.39 9.57
CA PRO D 457 21.18 -45.62 9.67
C PRO D 457 20.37 -44.55 8.93
N PRO D 458 19.13 -44.88 8.53
CA PRO D 458 18.25 -43.96 7.81
C PRO D 458 17.68 -42.84 8.68
N ASN D 459 17.23 -43.19 9.89
CA ASN D 459 16.65 -42.21 10.79
C ASN D 459 17.63 -41.11 11.16
N THR D 460 17.28 -39.87 10.80
CA THR D 460 18.14 -38.73 11.11
C THR D 460 17.86 -38.28 12.55
N ASN D 461 17.08 -39.10 13.27
CA ASN D 461 16.75 -38.80 14.65
C ASN D 461 17.48 -39.74 15.59
N THR D 462 18.34 -40.58 15.02
CA THR D 462 19.11 -41.54 15.81
C THR D 462 20.44 -40.94 16.25
N TYR D 463 20.95 -41.44 17.38
CA TYR D 463 22.22 -40.96 17.93
C TYR D 463 23.37 -41.24 16.97
N GLU D 464 23.40 -42.45 16.43
CA GLU D 464 24.44 -42.85 15.50
C GLU D 464 24.59 -41.87 14.34
N TYR D 465 23.47 -41.48 13.75
CA TYR D 465 23.47 -40.55 12.64
C TYR D 465 24.10 -39.22 13.06
N MET D 466 23.56 -38.62 14.11
CA MET D 466 24.06 -37.35 14.62
C MET D 466 25.50 -37.47 15.10
N ASN D 467 25.96 -38.70 15.28
CA ASN D 467 27.32 -38.95 15.75
C ASN D 467 28.23 -39.33 14.59
N GLY D 468 27.62 -39.65 13.45
CA GLY D 468 28.38 -40.03 12.27
C GLY D 468 28.62 -38.86 11.34
N ARG D 469 27.60 -38.02 11.14
CA ARG D 469 27.71 -36.86 10.28
C ARG D 469 28.97 -36.07 10.63
N ILE D 470 29.72 -35.68 9.61
CA ILE D 470 30.96 -34.94 9.82
C ILE D 470 30.88 -33.49 9.38
N PRO D 471 31.00 -32.54 10.32
CA PRO D 471 30.93 -31.13 9.96
C PRO D 471 32.30 -30.60 9.56
N VAL D 472 32.33 -29.54 8.77
CA VAL D 472 33.58 -28.93 8.33
C VAL D 472 34.05 -27.82 9.29
N SER D 473 35.19 -28.04 9.94
CA SER D 473 35.74 -27.07 10.88
C SER D 473 36.02 -25.73 10.21
N GLY D 474 35.92 -25.72 8.88
CA GLY D 474 36.17 -24.51 8.14
C GLY D 474 35.09 -23.46 8.35
N LEU D 475 33.84 -23.92 8.45
CA LEU D 475 32.69 -23.06 8.65
C LEU D 475 32.71 -22.27 9.96
N ILE D 476 33.61 -22.64 10.88
CA ILE D 476 33.70 -21.94 12.15
C ILE D 476 35.09 -22.10 12.76
N ASP D 477 36.08 -21.51 12.10
CA ASP D 477 37.46 -21.58 12.57
C ASP D 477 37.82 -20.34 13.40
N THR D 478 38.96 -20.39 14.07
CA THR D 478 39.43 -19.30 14.92
C THR D 478 39.49 -17.92 14.27
N TYR D 479 39.14 -17.84 12.98
CA TYR D 479 39.18 -16.57 12.27
C TYR D 479 37.81 -16.10 11.79
N VAL D 480 36.75 -16.78 12.23
CA VAL D 480 35.40 -16.43 11.83
C VAL D 480 34.94 -15.13 12.50
N ASN D 481 34.55 -14.16 11.68
CA ASN D 481 34.08 -12.87 12.18
C ASN D 481 34.99 -12.33 13.27
N ILE D 482 36.29 -12.31 13.00
CA ILE D 482 37.27 -11.83 13.94
C ILE D 482 37.00 -10.40 14.39
N GLY D 483 36.76 -10.22 15.68
CA GLY D 483 36.51 -8.90 16.22
C GLY D 483 35.05 -8.56 16.48
N THR D 484 34.19 -9.56 16.49
CA THR D 484 32.78 -9.31 16.73
C THR D 484 32.14 -10.20 17.80
N ARG D 485 31.02 -9.73 18.31
CA ARG D 485 30.25 -10.43 19.32
C ARG D 485 29.00 -10.93 18.60
N TRP D 486 29.21 -11.30 17.34
CA TRP D 486 28.16 -11.80 16.45
C TRP D 486 28.04 -13.32 16.48
N SER D 487 26.81 -13.81 16.35
CA SER D 487 26.55 -15.25 16.36
C SER D 487 26.21 -15.73 14.95
N PRO D 488 26.73 -16.91 14.56
CA PRO D 488 26.47 -17.47 13.23
C PRO D 488 25.00 -17.52 12.84
N ASP D 489 24.67 -16.91 11.70
CA ASP D 489 23.29 -16.85 11.21
C ASP D 489 22.71 -18.24 10.97
N VAL D 490 23.58 -19.24 10.88
CA VAL D 490 23.14 -20.61 10.66
C VAL D 490 22.73 -21.28 11.97
N MET D 491 22.99 -20.60 13.08
CA MET D 491 22.65 -21.14 14.39
C MET D 491 21.54 -20.36 15.09
N ASP D 492 21.17 -19.21 14.53
CA ASP D 492 20.11 -18.39 15.13
C ASP D 492 18.80 -19.17 15.23
N ASN D 493 18.61 -20.13 14.35
CA ASN D 493 17.39 -20.92 14.34
C ASN D 493 17.64 -22.33 14.83
N VAL D 494 18.65 -22.50 15.67
CA VAL D 494 19.00 -23.80 16.22
C VAL D 494 18.91 -23.75 17.75
N ASN D 495 18.02 -24.57 18.31
CA ASN D 495 17.82 -24.61 19.76
C ASN D 495 19.14 -24.60 20.52
N PRO D 496 19.46 -23.48 21.19
CA PRO D 496 20.69 -23.33 21.97
C PRO D 496 20.65 -24.06 23.29
N PHE D 497 19.49 -24.63 23.63
CA PHE D 497 19.35 -25.36 24.87
C PHE D 497 19.71 -26.83 24.72
N ASN D 498 19.73 -27.31 23.49
CA ASN D 498 20.10 -28.68 23.21
C ASN D 498 21.61 -28.71 22.99
N HIS D 499 22.35 -28.33 24.03
CA HIS D 499 23.80 -28.27 23.98
C HIS D 499 24.36 -28.97 25.21
N HIS D 500 25.53 -29.60 25.06
CA HIS D 500 26.13 -30.31 26.19
C HIS D 500 26.68 -29.39 27.26
N ARG D 501 26.49 -28.08 27.07
CA ARG D 501 26.97 -27.11 28.04
C ARG D 501 25.78 -26.57 28.83
N ASN D 502 24.65 -27.24 28.70
CA ASN D 502 23.44 -26.85 29.40
C ASN D 502 23.59 -27.26 30.87
N SER D 503 24.16 -26.36 31.67
CA SER D 503 24.38 -26.64 33.09
C SER D 503 23.14 -27.24 33.73
N GLY D 504 21.97 -26.72 33.37
CA GLY D 504 20.73 -27.23 33.91
C GLY D 504 20.55 -28.72 33.68
N LEU D 505 20.48 -29.11 32.40
CA LEU D 505 20.31 -30.51 32.05
C LEU D 505 21.46 -31.37 32.55
N ARG D 506 22.68 -30.88 32.37
CA ARG D 506 23.87 -31.61 32.81
C ARG D 506 23.80 -31.93 34.30
N TYR D 507 23.19 -31.03 35.07
CA TYR D 507 23.07 -31.23 36.51
C TYR D 507 22.14 -32.40 36.82
N ARG D 508 20.90 -32.32 36.33
CA ARG D 508 19.93 -33.37 36.56
C ARG D 508 20.47 -34.72 36.09
N SER D 509 21.24 -34.71 35.01
CA SER D 509 21.82 -35.93 34.49
C SER D 509 22.65 -36.61 35.57
N GLN D 510 23.73 -35.95 35.97
CA GLN D 510 24.60 -36.49 37.01
C GLN D 510 23.84 -36.72 38.31
N LEU D 511 22.67 -36.10 38.43
CA LEU D 511 21.84 -36.24 39.62
C LEU D 511 21.28 -37.66 39.71
N LEU D 512 21.40 -38.40 38.61
CA LEU D 512 20.92 -39.78 38.57
C LEU D 512 22.10 -40.73 38.52
N GLY D 513 23.21 -40.26 37.95
CA GLY D 513 24.40 -41.08 37.85
C GLY D 513 25.04 -41.04 36.47
N ASN D 514 26.06 -41.87 36.27
CA ASN D 514 26.76 -41.92 34.99
C ASN D 514 26.48 -43.24 34.27
N GLY D 515 25.87 -44.17 34.99
CA GLY D 515 25.56 -45.47 34.40
C GLY D 515 24.30 -45.51 33.58
N ARG D 516 24.30 -46.35 32.55
CA ARG D 516 23.14 -46.50 31.67
C ARG D 516 21.93 -46.90 32.49
N PHE D 517 22.11 -47.93 33.33
CA PHE D 517 21.05 -48.42 34.19
C PHE D 517 21.10 -47.65 35.50
N CYS D 518 19.94 -47.29 36.03
CA CYS D 518 19.88 -46.55 37.29
C CYS D 518 18.51 -46.63 37.94
N ASP D 519 18.51 -46.99 39.22
CA ASP D 519 17.26 -47.09 39.98
C ASP D 519 16.99 -45.72 40.61
N PHE D 520 16.10 -44.95 39.99
CA PHE D 520 15.78 -43.62 40.49
C PHE D 520 14.78 -43.63 41.64
N HIS D 521 14.50 -42.44 42.15
CA HIS D 521 13.56 -42.24 43.25
C HIS D 521 13.38 -40.73 43.39
N ILE D 522 12.26 -40.22 42.89
CA ILE D 522 11.99 -38.79 42.93
C ILE D 522 10.68 -38.40 43.58
N GLN D 523 10.49 -37.10 43.76
CA GLN D 523 9.28 -36.56 44.36
C GLN D 523 8.66 -35.54 43.39
N VAL D 524 7.49 -35.86 42.87
CA VAL D 524 6.82 -34.97 41.93
C VAL D 524 5.75 -34.13 42.64
N PRO D 525 5.85 -32.79 42.54
CA PRO D 525 4.91 -31.88 43.17
C PRO D 525 3.65 -31.67 42.33
N GLN D 526 2.65 -31.04 42.93
CA GLN D 526 1.39 -30.76 42.24
C GLN D 526 1.50 -29.38 41.60
N LYS D 527 1.19 -29.29 40.32
CA LYS D 527 1.28 -28.02 39.60
C LYS D 527 -0.05 -27.38 39.23
N PHE D 528 -1.13 -28.14 39.26
CA PHE D 528 -2.43 -27.58 38.92
C PHE D 528 -2.81 -26.49 39.92
N PHE D 529 -2.96 -25.27 39.43
CA PHE D 529 -3.28 -24.11 40.25
C PHE D 529 -4.53 -24.29 41.12
N ALA D 530 -5.59 -24.83 40.55
CA ALA D 530 -6.85 -25.02 41.26
C ALA D 530 -6.70 -25.79 42.56
N ILE D 531 -5.60 -26.53 42.71
CA ILE D 531 -5.40 -27.31 43.92
C ILE D 531 -3.99 -27.22 44.51
N ARG D 532 -3.12 -26.45 43.88
CA ARG D 532 -1.75 -26.32 44.38
C ARG D 532 -1.73 -25.83 45.82
N ASN D 533 -2.14 -24.58 46.01
CA ASN D 533 -2.15 -23.97 47.33
C ASN D 533 -3.49 -24.10 48.05
N LEU D 534 -4.28 -25.10 47.66
CA LEU D 534 -5.58 -25.30 48.29
C LEU D 534 -5.39 -25.78 49.72
N LEU D 535 -6.38 -25.48 50.57
CA LEU D 535 -6.32 -25.88 51.96
C LEU D 535 -7.51 -26.75 52.34
N LEU D 536 -7.42 -28.04 52.03
CA LEU D 536 -8.50 -28.98 52.32
C LEU D 536 -8.83 -29.01 53.81
N LEU D 537 -10.07 -29.39 54.12
CA LEU D 537 -10.54 -29.48 55.48
C LEU D 537 -10.79 -30.94 55.83
N PRO D 538 -11.06 -31.26 57.10
CA PRO D 538 -11.32 -32.64 57.52
C PRO D 538 -12.27 -33.38 56.58
N GLY D 539 -12.03 -34.68 56.43
CA GLY D 539 -12.87 -35.50 55.55
C GLY D 539 -12.01 -36.40 54.69
N THR D 540 -12.65 -37.26 53.89
CA THR D 540 -11.93 -38.17 53.02
C THR D 540 -12.15 -37.79 51.56
N TYR D 541 -11.09 -37.86 50.76
CA TYR D 541 -11.18 -37.51 49.35
C TYR D 541 -10.43 -38.49 48.47
N THR D 542 -10.90 -38.65 47.25
CA THR D 542 -10.26 -39.54 46.30
C THR D 542 -9.31 -38.73 45.42
N TYR D 543 -8.02 -38.97 45.58
CA TYR D 543 -7.00 -38.25 44.83
C TYR D 543 -6.31 -39.18 43.85
N GLU D 544 -6.68 -39.09 42.59
CA GLU D 544 -6.10 -39.94 41.54
C GLU D 544 -5.41 -39.09 40.48
N TRP D 545 -4.47 -39.70 39.76
CA TRP D 545 -3.75 -38.99 38.71
C TRP D 545 -2.93 -39.97 37.87
N SER D 546 -2.76 -39.66 36.59
CA SER D 546 -2.00 -40.51 35.68
C SER D 546 -0.59 -40.01 35.44
N PHE D 547 0.28 -40.91 34.99
CA PHE D 547 1.68 -40.56 34.73
C PHE D 547 2.13 -41.18 33.41
N ARG D 548 2.71 -40.36 32.53
CA ARG D 548 3.19 -40.85 31.24
C ARG D 548 4.32 -41.85 31.44
N LYS D 549 4.81 -42.41 30.34
CA LYS D 549 5.90 -43.37 30.37
C LYS D 549 6.74 -43.18 29.11
N ASP D 550 6.28 -42.29 28.24
CA ASP D 550 6.99 -42.01 27.00
C ASP D 550 8.34 -41.37 27.30
N VAL D 551 9.40 -42.14 27.08
CA VAL D 551 10.75 -41.66 27.33
C VAL D 551 11.03 -40.30 26.71
N ASN D 552 10.45 -40.06 25.54
CA ASN D 552 10.64 -38.79 24.83
C ASN D 552 9.94 -37.60 25.46
N MET D 553 9.22 -37.83 26.56
CA MET D 553 8.53 -36.74 27.24
C MET D 553 8.90 -36.66 28.70
N ILE D 554 9.32 -37.77 29.28
CA ILE D 554 9.71 -37.79 30.68
C ILE D 554 11.22 -37.55 30.75
N LEU D 555 11.93 -37.96 29.71
CA LEU D 555 13.37 -37.80 29.65
C LEU D 555 13.78 -36.71 28.66
N GLN D 556 15.02 -36.24 28.79
CA GLN D 556 15.54 -35.21 27.90
C GLN D 556 16.99 -35.52 27.54
N SER D 557 17.38 -35.19 26.32
CA SER D 557 18.74 -35.44 25.87
C SER D 557 19.33 -34.19 25.24
N THR D 558 20.64 -34.04 25.33
CA THR D 558 21.33 -32.87 24.79
C THR D 558 21.20 -32.78 23.26
N LEU D 559 21.26 -33.92 22.59
CA LEU D 559 21.16 -33.96 21.14
C LEU D 559 19.71 -33.98 20.67
N GLY D 560 18.81 -34.41 21.55
CA GLY D 560 17.40 -34.47 21.18
C GLY D 560 17.08 -35.64 20.27
N ASN D 561 17.95 -36.64 20.26
CA ASN D 561 17.76 -37.82 19.44
C ASN D 561 16.54 -38.60 19.91
N ASP D 562 15.93 -39.36 19.01
CA ASP D 562 14.76 -40.15 19.35
C ASP D 562 15.13 -41.27 20.32
N LEU D 563 14.86 -41.05 21.60
CA LEU D 563 15.15 -42.01 22.65
C LEU D 563 14.38 -43.32 22.47
N ARG D 564 13.15 -43.19 21.99
CA ARG D 564 12.28 -44.35 21.79
C ARG D 564 12.89 -45.37 20.85
N VAL D 565 13.75 -44.91 19.94
CA VAL D 565 14.39 -45.80 18.98
C VAL D 565 15.79 -46.20 19.43
N ASP D 566 16.38 -45.39 20.30
CA ASP D 566 17.73 -45.66 20.80
C ASP D 566 17.70 -46.56 22.04
N GLY D 567 16.66 -47.36 22.16
CA GLY D 567 16.53 -48.27 23.29
C GLY D 567 16.37 -47.59 24.64
N ALA D 568 15.57 -46.53 24.69
CA ALA D 568 15.34 -45.82 25.94
C ALA D 568 14.07 -46.38 26.59
N THR D 569 14.20 -46.87 27.82
CA THR D 569 13.06 -47.44 28.52
C THR D 569 13.01 -47.03 29.99
N VAL D 570 11.78 -46.91 30.50
CA VAL D 570 11.56 -46.54 31.90
C VAL D 570 10.56 -47.51 32.50
N ASN D 571 10.59 -47.67 33.81
CA ASN D 571 9.67 -48.57 34.49
C ASN D 571 9.32 -48.11 35.89
N ILE D 572 8.03 -47.98 36.17
CA ILE D 572 7.56 -47.55 37.47
C ILE D 572 7.22 -48.76 38.33
N THR D 573 7.82 -48.84 39.51
CA THR D 573 7.57 -49.97 40.41
C THR D 573 6.49 -49.65 41.44
N SER D 574 6.65 -48.53 42.14
CA SER D 574 5.68 -48.13 43.15
C SER D 574 5.54 -46.61 43.22
N VAL D 575 4.38 -46.15 43.69
CA VAL D 575 4.11 -44.73 43.81
C VAL D 575 3.30 -44.47 45.08
N ASN D 576 3.79 -43.56 45.91
CA ASN D 576 3.11 -43.23 47.15
C ASN D 576 2.81 -41.74 47.22
N LEU D 577 1.94 -41.36 48.15
CA LEU D 577 1.55 -39.97 48.32
C LEU D 577 1.82 -39.49 49.75
N TYR D 578 2.68 -38.48 49.87
CA TYR D 578 3.01 -37.94 51.18
C TYR D 578 2.33 -36.59 51.39
N ALA D 579 1.99 -36.30 52.64
CA ALA D 579 1.34 -35.04 52.99
C ALA D 579 1.70 -34.65 54.41
N SER D 580 2.21 -33.43 54.57
CA SER D 580 2.61 -32.94 55.88
C SER D 580 1.52 -32.07 56.50
N PHE D 581 1.15 -32.41 57.73
CA PHE D 581 0.12 -31.66 58.45
C PHE D 581 0.74 -30.87 59.60
N PHE D 582 0.31 -29.63 59.77
CA PHE D 582 0.82 -28.80 60.85
C PHE D 582 0.21 -29.31 62.16
N PRO D 583 1.05 -29.58 63.17
CA PRO D 583 0.57 -30.06 64.46
C PRO D 583 -0.19 -28.97 65.21
N MET D 584 -1.21 -28.43 64.54
CA MET D 584 -2.02 -27.37 65.10
C MET D 584 -2.97 -27.89 66.17
N SER D 585 -3.11 -27.15 67.25
CA SER D 585 -4.00 -27.53 68.34
C SER D 585 -5.40 -27.81 67.81
N HIS D 586 -6.00 -28.89 68.28
CA HIS D 586 -7.34 -29.28 67.85
C HIS D 586 -8.34 -28.15 68.13
N ASN D 587 -8.14 -27.43 69.22
CA ASN D 587 -9.02 -26.33 69.58
C ASN D 587 -8.98 -25.26 68.50
N THR D 588 -7.78 -24.81 68.14
CA THR D 588 -7.62 -23.79 67.11
C THR D 588 -8.04 -24.34 65.76
N ALA D 589 -7.54 -25.51 65.41
CA ALA D 589 -7.85 -26.15 64.14
C ALA D 589 -9.36 -26.24 63.93
N SER D 590 -10.08 -26.55 65.00
CA SER D 590 -11.54 -26.67 64.91
C SER D 590 -12.19 -25.33 64.57
N THR D 591 -11.69 -24.26 65.19
CA THR D 591 -12.21 -22.93 64.94
C THR D 591 -11.95 -22.51 63.50
N LEU D 592 -10.72 -22.73 63.05
CA LEU D 592 -10.32 -22.38 61.69
C LEU D 592 -11.26 -23.03 60.67
N GLU D 593 -11.53 -24.31 60.87
CA GLU D 593 -12.41 -25.06 59.97
C GLU D 593 -13.79 -24.42 59.90
N ALA D 594 -14.36 -24.14 61.07
CA ALA D 594 -15.68 -23.53 61.16
C ALA D 594 -15.79 -22.29 60.27
N MET D 595 -14.75 -21.48 60.24
CA MET D 595 -14.75 -20.26 59.45
C MET D 595 -14.56 -20.53 57.96
N LEU D 596 -13.62 -21.40 57.62
CA LEU D 596 -13.34 -21.73 56.23
C LEU D 596 -14.48 -22.46 55.55
N ARG D 597 -15.48 -22.89 56.31
CA ARG D 597 -16.62 -23.60 55.74
C ARG D 597 -17.77 -22.67 55.39
N ASN D 598 -17.53 -21.35 55.50
CA ASN D 598 -18.56 -20.38 55.18
C ASN D 598 -18.30 -19.80 53.79
N ASP D 599 -19.32 -19.81 52.95
CA ASP D 599 -19.23 -19.30 51.59
C ASP D 599 -18.58 -17.92 51.51
N THR D 600 -18.67 -17.16 52.61
CA THR D 600 -18.10 -15.83 52.64
C THR D 600 -16.57 -15.87 52.75
N ASN D 601 -16.04 -17.06 53.01
CA ASN D 601 -14.60 -17.24 53.15
C ASN D 601 -14.06 -18.34 52.23
N ASP D 602 -14.62 -18.44 51.03
CA ASP D 602 -14.17 -19.45 50.10
C ASP D 602 -12.81 -19.09 49.50
N GLN D 603 -11.92 -20.07 49.43
CA GLN D 603 -10.59 -19.86 48.87
C GLN D 603 -10.70 -19.67 47.36
N SER D 604 -9.79 -18.87 46.80
CA SER D 604 -9.80 -18.61 45.38
C SER D 604 -8.38 -18.52 44.83
N PHE D 605 -8.14 -19.22 43.72
CA PHE D 605 -6.82 -19.22 43.09
C PHE D 605 -6.96 -18.84 41.62
N ASN D 606 -5.82 -18.66 40.95
CA ASN D 606 -5.82 -18.31 39.54
C ASN D 606 -4.47 -18.64 38.92
N ASP D 607 -4.49 -19.46 37.87
CA ASP D 607 -3.28 -19.86 37.18
C ASP D 607 -2.40 -18.63 36.95
N TYR D 608 -1.11 -18.77 37.24
CA TYR D 608 -0.19 -17.64 37.07
C TYR D 608 -0.14 -17.14 35.63
N LEU D 609 -0.12 -18.06 34.67
CA LEU D 609 -0.06 -17.70 33.27
C LEU D 609 -1.36 -17.01 32.85
N SER D 610 -2.49 -17.59 33.22
CA SER D 610 -3.80 -17.05 32.88
C SER D 610 -3.88 -16.64 31.42
N ALA D 611 -4.03 -17.62 30.55
CA ALA D 611 -4.12 -17.34 29.12
C ALA D 611 -4.49 -18.58 28.33
N ALA D 612 -5.26 -18.40 27.26
CA ALA D 612 -5.67 -19.49 26.41
C ALA D 612 -4.55 -19.77 25.41
N ASN D 613 -4.12 -21.03 25.35
CA ASN D 613 -3.04 -21.42 24.45
C ASN D 613 -3.57 -21.83 23.09
N MET D 614 -3.07 -21.18 22.05
CA MET D 614 -3.49 -21.48 20.68
C MET D 614 -2.27 -21.87 19.85
N LEU D 615 -2.48 -22.73 18.87
CA LEU D 615 -1.39 -23.16 18.00
C LEU D 615 -1.82 -23.21 16.54
N TYR D 616 -1.18 -22.38 15.72
CA TYR D 616 -1.49 -22.32 14.30
C TYR D 616 -0.27 -22.77 13.51
N PRO D 617 -0.46 -23.69 12.56
CA PRO D 617 0.65 -24.20 11.74
C PRO D 617 1.22 -23.15 10.80
N ILE D 618 2.53 -23.19 10.62
CA ILE D 618 3.21 -22.25 9.73
C ILE D 618 3.98 -23.05 8.68
N PRO D 619 3.37 -23.24 7.49
CA PRO D 619 4.01 -24.00 6.41
C PRO D 619 5.45 -23.57 6.17
N PRO D 620 6.30 -24.49 5.70
CA PRO D 620 7.71 -24.17 5.45
C PRO D 620 7.89 -23.05 4.42
N ASN D 621 8.75 -22.09 4.76
CA ASN D 621 9.04 -20.95 3.90
C ASN D 621 7.91 -19.93 3.87
N ALA D 622 6.86 -20.18 4.64
CA ALA D 622 5.72 -19.27 4.70
C ALA D 622 6.18 -17.95 5.32
N THR D 623 5.55 -16.85 4.89
CA THR D 623 5.91 -15.54 5.42
C THR D 623 4.72 -14.88 6.12
N GLN D 624 3.57 -14.89 5.46
CA GLN D 624 2.37 -14.30 6.02
C GLN D 624 1.55 -15.37 6.73
N LEU D 625 0.88 -14.98 7.81
CA LEU D 625 0.08 -15.91 8.58
C LEU D 625 -1.10 -15.22 9.27
N PRO D 626 -2.29 -15.28 8.65
CA PRO D 626 -3.50 -14.66 9.22
C PRO D 626 -4.20 -15.60 10.19
N ILE D 627 -4.89 -15.04 11.18
CA ILE D 627 -5.60 -15.84 12.17
C ILE D 627 -6.91 -15.19 12.59
N PRO D 628 -8.05 -15.77 12.17
CA PRO D 628 -9.38 -15.25 12.51
C PRO D 628 -9.95 -15.85 13.79
N SER D 629 -10.49 -14.99 14.65
CA SER D 629 -11.11 -15.40 15.91
C SER D 629 -11.84 -14.19 16.47
N ARG D 630 -12.78 -14.41 17.39
CA ARG D 630 -13.52 -13.29 17.96
C ARG D 630 -13.85 -13.46 19.45
N ASN D 631 -13.63 -12.38 20.21
CA ASN D 631 -13.90 -12.37 21.65
C ASN D 631 -15.15 -11.54 21.93
N TRP D 632 -16.05 -12.09 22.74
CA TRP D 632 -17.29 -11.41 23.09
C TRP D 632 -17.07 -10.43 24.25
N ALA D 633 -15.94 -10.57 24.93
CA ALA D 633 -15.65 -9.71 26.06
C ALA D 633 -14.29 -9.04 25.93
N ALA D 634 -13.74 -8.61 27.06
CA ALA D 634 -12.44 -7.95 27.07
C ALA D 634 -11.49 -8.69 27.98
N PHE D 635 -10.33 -9.04 27.41
CA PHE D 635 -9.32 -9.76 28.14
C PHE D 635 -8.28 -8.85 28.79
N ARG D 636 -7.03 -9.30 28.79
CA ARG D 636 -5.91 -8.58 29.39
C ARG D 636 -4.88 -8.11 28.37
N GLY D 637 -4.50 -9.01 27.46
CA GLY D 637 -3.53 -8.66 26.43
C GLY D 637 -3.07 -9.85 25.62
N TRP D 638 -2.13 -9.62 24.70
CA TRP D 638 -1.59 -10.67 23.86
C TRP D 638 -0.17 -11.03 24.28
N SER D 639 0.26 -12.23 23.90
CA SER D 639 1.60 -12.73 24.20
C SER D 639 1.84 -13.81 23.17
N LEU D 640 3.00 -13.79 22.53
CA LEU D 640 3.26 -14.78 21.50
C LEU D 640 4.74 -15.06 21.20
N THR D 641 4.97 -16.16 20.49
CA THR D 641 6.32 -16.57 20.10
C THR D 641 6.22 -17.47 18.88
N ARG D 642 7.24 -18.30 18.67
CA ARG D 642 7.28 -19.21 17.53
C ARG D 642 7.97 -20.50 17.94
N LEU D 643 7.37 -21.64 17.59
CA LEU D 643 7.94 -22.93 17.94
C LEU D 643 8.06 -23.85 16.74
N LYS D 644 8.98 -24.82 16.83
CA LYS D 644 9.18 -25.79 15.75
C LYS D 644 8.25 -26.97 15.96
N GLN D 645 7.52 -27.33 14.91
CA GLN D 645 6.58 -28.44 14.97
C GLN D 645 7.20 -29.73 15.52
N ARG D 646 8.38 -30.07 15.04
CA ARG D 646 9.06 -31.29 15.48
C ARG D 646 9.33 -31.27 16.99
N GLU D 647 9.61 -30.08 17.53
CA GLU D 647 9.90 -29.95 18.95
C GLU D 647 8.66 -29.72 19.79
N THR D 648 7.49 -29.78 19.17
CA THR D 648 6.23 -29.57 19.88
C THR D 648 5.34 -30.81 19.83
N PRO D 649 5.26 -31.55 20.94
CA PRO D 649 4.45 -32.76 21.01
C PRO D 649 2.96 -32.43 21.01
N ALA D 650 2.20 -33.15 20.18
CA ALA D 650 0.76 -32.93 20.09
C ALA D 650 0.09 -33.36 21.39
N LEU D 651 -0.31 -32.39 22.20
CA LEU D 651 -0.96 -32.68 23.48
C LEU D 651 -2.45 -32.98 23.29
N GLY D 652 -3.11 -33.34 24.39
CA GLY D 652 -4.52 -33.67 24.32
C GLY D 652 -4.71 -35.17 24.24
N SER D 653 -3.91 -35.82 23.41
CA SER D 653 -3.98 -37.26 23.24
C SER D 653 -2.98 -37.94 24.19
N PRO D 654 -3.35 -39.09 24.75
CA PRO D 654 -2.50 -39.84 25.68
C PRO D 654 -1.24 -40.42 25.05
N PHE D 655 -0.95 -40.05 23.80
CA PHE D 655 0.23 -40.57 23.13
C PHE D 655 0.43 -39.97 21.74
N ASP D 656 1.68 -39.59 21.44
CA ASP D 656 2.01 -39.00 20.15
C ASP D 656 2.92 -39.96 19.39
N PRO D 657 2.41 -40.59 18.32
CA PRO D 657 3.20 -41.53 17.52
C PRO D 657 4.21 -40.86 16.59
N TYR D 658 3.99 -39.58 16.31
CA TYR D 658 4.88 -38.84 15.42
C TYR D 658 5.84 -37.92 16.17
N PHE D 659 6.00 -38.16 17.47
CA PHE D 659 6.90 -37.34 18.28
C PHE D 659 8.27 -38.01 18.43
N THR D 660 9.17 -37.70 17.50
CA THR D 660 10.52 -38.27 17.52
C THR D 660 11.54 -37.23 17.97
N TYR D 661 11.29 -36.63 19.12
CA TYR D 661 12.18 -35.61 19.66
C TYR D 661 12.29 -35.77 21.18
N SER D 662 13.45 -35.45 21.73
CA SER D 662 13.66 -35.58 23.17
C SER D 662 14.37 -34.37 23.77
N GLY D 663 14.56 -33.33 22.98
CA GLY D 663 15.22 -32.13 23.48
C GLY D 663 14.24 -31.30 24.29
N THR D 664 14.66 -30.10 24.67
CA THR D 664 13.81 -29.21 25.45
C THR D 664 12.56 -28.85 24.66
N ILE D 665 11.42 -28.80 25.34
CA ILE D 665 10.16 -28.45 24.70
C ILE D 665 9.76 -27.03 25.06
N PRO D 666 10.10 -26.07 24.20
CA PRO D 666 9.77 -24.66 24.43
C PRO D 666 8.33 -24.44 24.85
N TYR D 667 7.44 -25.32 24.40
CA TYR D 667 6.03 -25.23 24.71
C TYR D 667 5.72 -25.54 26.18
N LEU D 668 6.66 -26.18 26.87
CA LEU D 668 6.46 -26.53 28.27
C LEU D 668 7.44 -25.84 29.20
N ASP D 669 8.73 -26.15 29.06
CA ASP D 669 9.75 -25.55 29.91
C ASP D 669 9.92 -24.06 29.65
N GLY D 670 9.44 -23.61 28.48
CA GLY D 670 9.55 -22.20 28.14
C GLY D 670 10.93 -21.80 27.63
N THR D 671 11.55 -22.67 26.84
CA THR D 671 12.86 -22.39 26.28
C THR D 671 12.74 -21.85 24.86
N PHE D 672 11.96 -20.80 24.69
CA PHE D 672 11.74 -20.18 23.39
C PHE D 672 13.06 -19.60 22.88
N TYR D 673 13.16 -19.42 21.57
CA TYR D 673 14.38 -18.88 20.97
C TYR D 673 14.17 -18.51 19.51
N LEU D 674 12.94 -18.16 19.15
CA LEU D 674 12.64 -17.78 17.77
C LEU D 674 11.80 -16.51 17.72
N SER D 675 11.97 -15.65 18.71
CA SER D 675 11.24 -14.39 18.76
C SER D 675 11.89 -13.38 17.83
N HIS D 676 13.10 -13.68 17.40
CA HIS D 676 13.84 -12.78 16.52
C HIS D 676 13.53 -13.09 15.06
N THR D 677 12.47 -13.87 14.83
CA THR D 677 12.09 -14.23 13.46
C THR D 677 10.77 -13.59 13.05
N PHE D 678 10.37 -12.54 13.75
CA PHE D 678 9.12 -11.84 13.43
C PHE D 678 9.40 -10.49 12.81
N ARG D 679 8.57 -10.10 11.85
CA ARG D 679 8.73 -8.83 11.17
C ARG D 679 7.72 -7.80 11.68
N LYS D 680 6.43 -8.11 11.54
CA LYS D 680 5.39 -7.21 11.98
C LYS D 680 4.10 -7.94 12.35
N VAL D 681 3.24 -7.26 13.11
CA VAL D 681 1.98 -7.83 13.54
C VAL D 681 0.88 -6.78 13.37
N ALA D 682 -0.25 -7.20 12.80
CA ALA D 682 -1.36 -6.29 12.57
C ALA D 682 -2.64 -6.79 13.25
N ILE D 683 -3.19 -5.97 14.14
CA ILE D 683 -4.40 -6.33 14.86
C ILE D 683 -5.54 -5.43 14.41
N GLN D 684 -6.72 -6.03 14.21
CA GLN D 684 -7.88 -5.27 13.77
C GLN D 684 -9.18 -5.89 14.29
N PHE D 685 -10.09 -5.05 14.74
CA PHE D 685 -11.37 -5.50 15.26
C PHE D 685 -12.49 -5.27 14.25
N ASP D 686 -13.37 -6.25 14.11
CA ASP D 686 -14.49 -6.17 13.19
C ASP D 686 -13.97 -6.02 11.76
N SER D 687 -12.73 -6.48 11.54
CA SER D 687 -12.08 -6.41 10.24
C SER D 687 -12.17 -5.03 9.59
N SER D 688 -11.81 -4.00 10.36
CA SER D 688 -11.84 -2.63 9.87
C SER D 688 -11.13 -1.70 10.83
N VAL D 689 -11.57 -1.71 12.08
CA VAL D 689 -10.97 -0.85 13.11
C VAL D 689 -9.63 -1.42 13.56
N THR D 690 -8.54 -0.81 13.12
CA THR D 690 -7.21 -1.26 13.49
C THR D 690 -6.92 -0.88 14.93
N TRP D 691 -6.19 -1.72 15.64
CA TRP D 691 -5.84 -1.46 17.03
C TRP D 691 -4.33 -1.30 17.16
N PRO D 692 -3.88 -0.35 18.00
CA PRO D 692 -4.71 0.54 18.82
C PRO D 692 -5.27 1.70 18.02
N GLY D 693 -4.72 1.93 16.83
CA GLY D 693 -5.17 3.03 16.00
C GLY D 693 -4.90 4.35 16.68
N ASN D 694 -5.81 5.31 16.51
CA ASN D 694 -5.66 6.63 17.12
C ASN D 694 -4.29 7.24 16.83
N ASP D 695 -3.61 6.70 15.82
CA ASP D 695 -2.29 7.20 15.44
C ASP D 695 -1.36 7.22 16.66
N ARG D 696 -1.29 6.08 17.35
CA ARG D 696 -0.45 5.95 18.53
C ARG D 696 1.02 5.74 18.18
N LEU D 697 1.29 4.80 17.29
CA LEU D 697 2.65 4.49 16.88
C LEU D 697 3.12 5.28 15.66
N LEU D 698 4.43 5.26 15.42
CA LEU D 698 5.02 5.95 14.28
C LEU D 698 4.44 5.32 13.02
N THR D 699 4.03 4.06 13.16
CA THR D 699 3.42 3.30 12.07
C THR D 699 2.10 2.80 12.64
N PRO D 700 1.12 3.71 12.79
CA PRO D 700 -0.22 3.47 13.31
C PRO D 700 -1.02 2.30 12.73
N ASN D 701 -0.58 1.76 11.60
CA ASN D 701 -1.30 0.65 10.98
C ASN D 701 -0.76 -0.72 11.32
N GLU D 702 0.22 -0.78 12.22
CA GLU D 702 0.81 -2.07 12.61
C GLU D 702 1.97 -1.93 13.59
N PHE D 703 2.42 -3.06 14.10
CA PHE D 703 3.54 -3.10 15.05
C PHE D 703 4.75 -3.71 14.35
N GLU D 704 5.63 -2.86 13.82
CA GLU D 704 6.82 -3.35 13.14
C GLU D 704 7.86 -3.74 14.19
N ILE D 705 8.11 -5.03 14.32
CA ILE D 705 9.08 -5.52 15.30
C ILE D 705 10.51 -5.21 14.85
N LYS D 706 10.75 -5.27 13.55
CA LYS D 706 12.07 -4.98 13.01
C LYS D 706 12.02 -4.61 11.54
N ILE D 707 12.88 -3.68 11.13
CA ILE D 707 12.92 -3.24 9.75
C ILE D 707 14.26 -3.63 9.11
N SER D 708 14.23 -3.99 7.84
CA SER D 708 15.42 -4.39 7.10
C SER D 708 16.12 -3.16 6.52
N VAL D 709 15.35 -2.35 5.79
CA VAL D 709 15.88 -1.13 5.19
C VAL D 709 15.66 0.04 6.14
N ASP D 710 16.74 0.63 6.63
CA ASP D 710 16.65 1.74 7.56
C ASP D 710 15.67 2.85 7.15
N GLY D 711 15.86 3.42 5.96
CA GLY D 711 14.98 4.49 5.52
C GLY D 711 15.14 5.67 6.46
N GLU D 712 14.31 5.72 7.49
CA GLU D 712 14.38 6.79 8.48
C GLU D 712 15.26 6.36 9.64
N GLY D 713 15.35 5.04 9.83
CA GLY D 713 16.14 4.51 10.92
C GLY D 713 15.28 4.46 12.16
N TYR D 714 14.12 3.83 12.02
CA TYR D 714 13.20 3.69 13.13
C TYR D 714 13.71 2.60 14.05
N ASN D 715 14.99 2.26 13.88
CA ASN D 715 15.63 1.23 14.69
C ASN D 715 16.32 1.89 15.87
N VAL D 716 16.50 1.14 16.95
CA VAL D 716 17.15 1.65 18.14
C VAL D 716 18.10 0.63 18.76
N ALA D 717 18.65 0.98 19.91
CA ALA D 717 19.59 0.11 20.62
C ALA D 717 20.70 -0.37 19.69
N GLN D 718 20.96 0.40 18.64
CA GLN D 718 22.00 0.05 17.68
C GLN D 718 21.73 -1.33 17.10
N SER D 719 20.47 -1.62 16.83
CA SER D 719 20.09 -2.92 16.27
C SER D 719 19.11 -2.70 15.12
N ASN D 720 18.30 -3.71 14.82
CA ASN D 720 17.34 -3.62 13.74
C ASN D 720 15.92 -3.58 14.29
N MET D 721 15.80 -3.35 15.59
CA MET D 721 14.50 -3.28 16.24
C MET D 721 13.95 -1.86 16.19
N THR D 722 12.71 -1.71 15.72
CA THR D 722 12.09 -0.39 15.63
C THR D 722 12.04 0.30 16.98
N LYS D 723 11.74 1.60 16.95
CA LYS D 723 11.65 2.39 18.16
C LYS D 723 10.30 2.14 18.81
N ASP D 724 9.30 1.92 17.97
CA ASP D 724 7.95 1.66 18.45
C ASP D 724 7.90 0.37 19.26
N TRP D 725 8.45 -0.70 18.70
CA TRP D 725 8.44 -1.99 19.38
C TRP D 725 9.20 -1.93 20.70
N PHE D 726 10.42 -1.43 20.65
CA PHE D 726 11.24 -1.32 21.85
C PHE D 726 10.46 -0.62 22.97
N LEU D 727 9.79 0.47 22.62
CA LEU D 727 9.00 1.22 23.58
C LEU D 727 7.91 0.35 24.20
N VAL D 728 7.14 -0.32 23.33
CA VAL D 728 6.07 -1.20 23.78
C VAL D 728 6.57 -2.22 24.79
N GLN D 729 7.63 -2.93 24.43
CA GLN D 729 8.20 -3.95 25.30
C GLN D 729 8.60 -3.38 26.66
N MET D 730 9.25 -2.22 26.64
CA MET D 730 9.69 -1.58 27.87
C MET D 730 8.52 -1.23 28.79
N LEU D 731 7.42 -0.76 28.20
CA LEU D 731 6.25 -0.39 28.98
C LEU D 731 5.53 -1.60 29.55
N ALA D 732 5.34 -2.61 28.71
CA ALA D 732 4.63 -3.83 29.12
C ALA D 732 5.41 -4.67 30.12
N ASN D 733 6.68 -4.34 30.32
CA ASN D 733 7.51 -5.11 31.25
C ASN D 733 7.95 -4.32 32.47
N TYR D 734 8.32 -3.05 32.28
CA TYR D 734 8.79 -2.24 33.40
C TYR D 734 8.11 -0.87 33.47
N ASN D 735 7.09 -0.66 32.65
CA ASN D 735 6.36 0.60 32.63
C ASN D 735 7.36 1.75 32.42
N ILE D 736 8.47 1.44 31.77
CA ILE D 736 9.51 2.43 31.51
C ILE D 736 9.48 2.85 30.04
N GLY D 737 9.42 4.16 29.81
CA GLY D 737 9.40 4.65 28.44
C GLY D 737 8.85 6.06 28.33
N TYR D 738 7.86 6.39 29.15
CA TYR D 738 7.25 7.71 29.14
C TYR D 738 8.11 8.74 29.86
N GLN D 739 9.11 8.27 30.60
CA GLN D 739 9.98 9.18 31.34
C GLN D 739 11.42 8.72 31.31
N GLY D 740 11.94 8.50 30.11
CA GLY D 740 13.32 8.08 29.94
C GLY D 740 13.53 6.58 29.96
N TYR D 741 14.50 6.12 29.19
CA TYR D 741 14.82 4.70 29.09
C TYR D 741 16.03 4.38 29.98
N HIS D 742 15.82 3.55 30.99
CA HIS D 742 16.90 3.17 31.90
C HIS D 742 16.79 1.72 32.33
N LEU D 743 17.94 1.11 32.64
CA LEU D 743 17.97 -0.27 33.07
C LEU D 743 17.09 -0.44 34.31
N PRO D 744 15.97 -1.16 34.17
CA PRO D 744 15.05 -1.39 35.28
C PRO D 744 15.74 -2.09 36.44
N PRO D 745 15.14 -2.02 37.65
CA PRO D 745 15.71 -2.65 38.83
C PRO D 745 15.85 -4.17 38.67
N ASP D 746 16.91 -4.72 39.25
CA ASP D 746 17.19 -6.14 39.17
C ASP D 746 16.05 -7.10 39.49
N TYR D 747 15.35 -6.85 40.60
CA TYR D 747 14.25 -7.73 40.98
C TYR D 747 13.20 -7.91 39.89
N LYS D 748 13.12 -6.96 38.96
CA LYS D 748 12.16 -7.06 37.87
C LYS D 748 12.76 -7.69 36.61
N ASP D 749 14.06 -7.96 36.65
CA ASP D 749 14.74 -8.59 35.51
C ASP D 749 15.00 -10.06 35.76
N ARG D 750 13.99 -10.89 35.49
CA ARG D 750 14.11 -12.33 35.68
C ARG D 750 14.45 -12.97 34.34
N THR D 751 14.69 -14.27 34.36
CA THR D 751 15.04 -14.99 33.14
C THR D 751 13.96 -14.92 32.06
N PHE D 752 12.76 -14.51 32.44
CA PHE D 752 11.66 -14.39 31.49
C PHE D 752 11.34 -12.95 31.13
N SER D 753 12.28 -12.05 31.40
CA SER D 753 12.08 -10.64 31.10
C SER D 753 12.62 -10.32 29.70
N PHE D 754 12.30 -9.13 29.21
CA PHE D 754 12.75 -8.72 27.88
C PHE D 754 14.21 -8.30 27.88
N LEU D 755 14.48 -7.11 28.41
CA LEU D 755 15.83 -6.56 28.47
C LEU D 755 16.89 -7.58 28.89
N HIS D 756 16.56 -8.42 29.86
CA HIS D 756 17.49 -9.42 30.35
C HIS D 756 18.03 -10.31 29.23
N ASN D 757 17.20 -10.61 28.24
CA ASN D 757 17.61 -11.46 27.15
C ASN D 757 17.93 -10.72 25.85
N PHE D 758 17.63 -9.43 25.82
CA PHE D 758 17.90 -8.62 24.63
C PHE D 758 19.39 -8.43 24.45
N ILE D 759 19.91 -8.86 23.29
CA ILE D 759 21.33 -8.75 23.01
C ILE D 759 21.60 -8.37 21.55
N PRO D 760 21.77 -7.07 21.28
CA PRO D 760 22.04 -6.57 19.93
C PRO D 760 23.47 -6.90 19.49
N MET D 761 23.66 -7.04 18.19
CA MET D 761 24.98 -7.34 17.64
C MET D 761 25.10 -6.87 16.21
N CYS D 762 26.30 -6.47 15.82
CA CYS D 762 26.56 -5.99 14.46
C CYS D 762 27.85 -6.58 13.94
N ARG D 763 28.10 -6.39 12.66
CA ARG D 763 29.32 -6.89 12.03
C ARG D 763 29.41 -6.35 10.62
N GLN D 764 30.62 -6.24 10.10
CA GLN D 764 30.83 -5.77 8.75
C GLN D 764 31.26 -6.96 7.90
N VAL D 765 30.86 -6.95 6.63
CA VAL D 765 31.23 -8.03 5.73
C VAL D 765 31.62 -7.45 4.37
N PRO D 766 32.56 -8.10 3.68
CA PRO D 766 33.01 -7.61 2.36
C PRO D 766 31.85 -7.47 1.37
N ASN D 767 31.41 -6.23 1.16
CA ASN D 767 30.32 -5.97 0.23
C ASN D 767 30.59 -6.64 -1.12
N PRO D 768 29.64 -7.48 -1.57
CA PRO D 768 29.72 -8.22 -2.84
C PRO D 768 29.75 -7.39 -4.13
N ALA D 769 29.26 -6.16 -4.07
CA ALA D 769 29.23 -5.30 -5.24
C ALA D 769 30.21 -4.14 -5.16
N THR D 770 31.35 -4.39 -4.53
CA THR D 770 32.39 -3.38 -4.38
C THR D 770 33.40 -3.52 -5.51
N GLU D 771 34.40 -4.37 -5.32
CA GLU D 771 35.43 -4.61 -6.32
C GLU D 771 35.62 -6.09 -6.64
N GLY D 772 36.52 -6.37 -7.57
CA GLY D 772 36.79 -7.74 -7.96
C GLY D 772 37.45 -8.52 -6.83
N TYR D 773 36.63 -9.02 -5.91
CA TYR D 773 37.12 -9.78 -4.77
C TYR D 773 36.71 -11.22 -4.97
N PHE D 774 35.81 -11.44 -5.91
CA PHE D 774 35.31 -12.77 -6.26
C PHE D 774 34.62 -13.45 -5.08
N GLY D 775 34.17 -14.68 -5.31
CA GLY D 775 33.49 -15.42 -4.26
C GLY D 775 34.41 -16.43 -3.59
N LEU D 776 34.64 -16.25 -2.29
CA LEU D 776 35.48 -17.15 -1.53
C LEU D 776 34.84 -18.54 -1.48
N GLY D 777 35.15 -19.36 -2.47
CA GLY D 777 34.60 -20.71 -2.51
C GLY D 777 35.04 -21.52 -1.31
N ILE D 778 34.08 -22.05 -0.56
CA ILE D 778 34.40 -22.85 0.63
C ILE D 778 35.23 -24.08 0.27
N VAL D 779 35.27 -24.42 -1.02
CA VAL D 779 36.05 -25.58 -1.45
C VAL D 779 37.47 -25.15 -1.78
N ASN D 780 37.69 -23.84 -1.85
CA ASN D 780 39.01 -23.29 -2.14
C ASN D 780 39.56 -22.56 -0.92
N HIS D 781 38.72 -22.40 0.09
CA HIS D 781 39.12 -21.74 1.32
C HIS D 781 40.34 -22.43 1.93
N ARG D 782 41.45 -21.71 1.98
CA ARG D 782 42.66 -22.26 2.57
C ARG D 782 43.21 -21.32 3.63
N THR D 783 43.36 -21.83 4.84
CA THR D 783 43.87 -21.06 5.97
C THR D 783 44.66 -22.00 6.87
N THR D 784 45.88 -21.59 7.23
CA THR D 784 46.72 -22.41 8.08
C THR D 784 46.89 -23.79 7.43
N PRO D 785 47.26 -23.82 6.13
CA PRO D 785 47.44 -25.08 5.41
C PRO D 785 48.53 -25.96 6.02
N ALA D 786 48.50 -27.24 5.67
CA ALA D 786 49.47 -28.21 6.18
C ALA D 786 49.23 -28.45 7.67
N TYR D 787 48.52 -27.51 8.30
CA TYR D 787 48.19 -27.62 9.71
C TYR D 787 46.66 -27.72 9.78
N TRP D 788 46.03 -27.43 8.65
CA TRP D 788 44.57 -27.47 8.53
C TRP D 788 44.22 -28.70 7.70
N PHE D 789 42.95 -28.82 7.33
CA PHE D 789 42.47 -29.93 6.52
C PHE D 789 41.14 -29.56 5.85
N ARG D 790 40.97 -29.97 4.59
CA ARG D 790 39.75 -29.70 3.82
C ARG D 790 38.49 -30.25 4.49
N PHE D 791 38.58 -31.48 5.01
CA PHE D 791 37.46 -32.11 5.71
C PHE D 791 37.65 -31.82 7.19
N CYS D 792 38.51 -30.84 7.45
CA CYS D 792 38.84 -30.37 8.78
C CYS D 792 38.33 -31.20 9.94
N ARG D 793 39.24 -32.03 10.45
CA ARG D 793 39.02 -32.96 11.57
C ARG D 793 40.19 -33.94 11.69
N ALA D 794 40.53 -34.56 10.56
CA ALA D 794 41.63 -35.52 10.50
C ALA D 794 42.95 -34.81 10.87
N PRO D 795 44.11 -35.42 10.57
CA PRO D 795 45.34 -34.69 10.95
C PRO D 795 45.63 -33.47 10.06
N ARG D 796 46.90 -33.10 10.02
CA ARG D 796 47.33 -31.96 9.26
C ARG D 796 47.60 -32.38 7.82
N GLU D 797 47.23 -31.52 6.87
CA GLU D 797 47.45 -31.83 5.47
C GLU D 797 47.65 -30.58 4.63
N GLY D 798 48.59 -30.65 3.71
CA GLY D 798 48.84 -29.50 2.85
C GLY D 798 50.29 -29.05 2.84
N HIS D 799 50.48 -27.73 2.84
CA HIS D 799 51.81 -27.15 2.81
C HIS D 799 51.73 -25.65 3.14
N PRO D 800 52.51 -25.19 4.14
CA PRO D 800 52.52 -23.79 4.54
C PRO D 800 52.46 -22.85 3.33
N TYR D 801 51.44 -22.01 3.30
CA TYR D 801 51.27 -21.09 2.18
C TYR D 801 50.38 -19.92 2.59
N PRO D 802 50.63 -18.73 2.03
CA PRO D 802 49.80 -17.57 2.39
C PRO D 802 48.34 -17.86 2.07
N GLN D 803 47.53 -18.00 3.12
CA GLN D 803 46.11 -18.29 2.96
C GLN D 803 45.38 -17.20 2.17
N LEU D 804 44.07 -17.34 2.02
CA LEU D 804 43.26 -16.40 1.23
C LEU D 804 41.85 -16.16 1.78
N ALA D 805 41.26 -17.20 2.36
CA ALA D 805 39.90 -17.06 2.89
C ALA D 805 39.80 -15.93 3.90
N LEU D 806 38.58 -15.43 4.08
CA LEU D 806 38.31 -14.37 5.03
C LEU D 806 39.09 -13.10 4.70
N PRO D 807 38.45 -12.15 4.01
CA PRO D 807 39.07 -10.89 3.62
C PRO D 807 39.22 -9.93 4.81
N PRO D 808 40.29 -9.11 4.81
CA PRO D 808 40.53 -8.17 5.90
C PRO D 808 39.40 -7.18 6.10
N HIS D 809 39.14 -6.84 7.36
CA HIS D 809 38.09 -5.89 7.73
C HIS D 809 38.68 -4.73 8.50
N TRP D 810 39.92 -4.40 8.17
CA TRP D 810 40.64 -3.30 8.81
C TRP D 810 42.02 -3.20 8.18
N ASP D 811 42.84 -2.28 8.67
CA ASP D 811 44.19 -2.10 8.15
C ASP D 811 44.14 -1.47 6.76
N PRO D 812 45.23 -0.83 6.31
CA PRO D 812 45.25 -0.21 4.99
C PRO D 812 44.85 -1.15 3.85
N ARG D 813 44.92 -2.45 4.12
CA ARG D 813 44.57 -3.46 3.11
C ARG D 813 43.07 -3.74 3.12
N HIS D 814 42.36 -3.17 4.08
CA HIS D 814 40.92 -3.36 4.22
C HIS D 814 40.16 -3.06 2.92
N ALA D 815 39.25 -3.96 2.56
CA ALA D 815 38.44 -3.79 1.35
C ALA D 815 37.05 -3.27 1.74
N LEU D 816 36.42 -2.56 0.82
CA LEU D 816 35.09 -2.00 1.08
C LEU D 816 34.13 -3.07 1.57
N ARG D 817 33.48 -2.80 2.70
CA ARG D 817 32.54 -3.74 3.30
C ARG D 817 31.09 -3.25 3.33
N ASP D 818 30.35 -3.71 4.33
CA ASP D 818 28.94 -3.34 4.49
C ASP D 818 28.44 -3.80 5.86
N PRO D 819 27.78 -2.90 6.62
CA PRO D 819 27.23 -3.18 7.95
C PRO D 819 26.01 -4.11 7.92
N GLU D 820 25.80 -4.84 9.00
CA GLU D 820 24.68 -5.76 9.10
C GLU D 820 24.27 -5.89 10.57
N ARG D 821 23.03 -5.51 10.87
CA ARG D 821 22.53 -5.56 12.24
C ARG D 821 21.44 -6.60 12.46
N LYS D 822 21.33 -7.06 13.70
CA LYS D 822 20.32 -8.04 14.10
C LYS D 822 20.33 -8.18 15.62
N PHE D 823 19.51 -9.09 16.15
CA PHE D 823 19.45 -9.28 17.59
C PHE D 823 18.86 -10.63 17.96
N LEU D 824 18.96 -10.96 19.25
CA LEU D 824 18.42 -12.22 19.77
C LEU D 824 17.75 -11.98 21.11
N CYS D 825 16.66 -12.68 21.36
CA CYS D 825 15.92 -12.56 22.61
C CYS D 825 15.25 -13.89 22.89
N ASP D 826 15.95 -14.75 23.61
CA ASP D 826 15.45 -16.09 23.93
C ASP D 826 14.66 -16.15 25.23
N ARG D 827 14.15 -17.35 25.54
CA ARG D 827 13.38 -17.61 26.75
C ARG D 827 12.52 -16.42 27.14
N THR D 828 11.91 -15.78 26.15
CA THR D 828 11.06 -14.62 26.39
C THR D 828 9.82 -14.66 25.51
N LEU D 829 8.83 -13.86 25.86
CA LEU D 829 7.58 -13.79 25.11
C LEU D 829 7.23 -12.36 24.74
N TRP D 830 6.93 -12.14 23.47
CA TRP D 830 6.55 -10.82 22.99
C TRP D 830 5.25 -10.43 23.67
N ARG D 831 5.18 -9.20 24.17
CA ARG D 831 3.98 -8.72 24.85
C ARG D 831 3.32 -7.53 24.17
N ILE D 832 1.99 -7.49 24.26
CA ILE D 832 1.19 -6.42 23.69
C ILE D 832 -0.02 -6.23 24.59
N PRO D 833 0.20 -5.67 25.79
CA PRO D 833 -0.89 -5.45 26.75
C PRO D 833 -2.07 -4.72 26.12
N PHE D 834 -3.28 -5.04 26.60
CA PHE D 834 -4.48 -4.42 26.07
C PHE D 834 -4.84 -3.18 26.88
N SER D 835 -3.87 -2.28 27.02
CA SER D 835 -4.09 -1.04 27.77
C SER D 835 -3.99 0.15 26.82
N SER D 836 -4.62 1.25 27.20
CA SER D 836 -4.61 2.46 26.38
C SER D 836 -3.22 3.05 26.27
N ASN D 837 -2.40 2.83 27.30
CA ASN D 837 -1.04 3.35 27.31
C ASN D 837 -0.01 2.24 27.41
N PHE D 838 -0.46 1.00 27.24
CA PHE D 838 0.41 -0.16 27.28
C PHE D 838 1.02 -0.45 28.65
N MET D 839 0.78 0.44 29.62
CA MET D 839 1.33 0.25 30.96
C MET D 839 0.43 -0.68 31.77
N SER D 840 0.99 -1.23 32.84
CA SER D 840 0.25 -2.13 33.72
C SER D 840 -0.25 -1.35 34.93
N MET D 841 -1.54 -1.05 34.93
CA MET D 841 -2.15 -0.31 36.04
C MET D 841 -3.14 -1.20 36.79
N GLY D 842 -2.91 -2.49 36.73
CA GLY D 842 -3.79 -3.44 37.40
C GLY D 842 -4.07 -4.64 36.52
N SER D 843 -4.37 -5.78 37.14
CA SER D 843 -4.65 -7.00 36.41
C SER D 843 -5.74 -6.73 35.37
N LEU D 844 -6.85 -6.16 35.84
CA LEU D 844 -7.97 -5.83 34.96
C LEU D 844 -7.71 -4.48 34.30
N THR D 845 -7.11 -4.51 33.11
CA THR D 845 -6.79 -3.30 32.38
C THR D 845 -7.98 -2.36 32.24
N ASP D 846 -7.70 -1.13 31.81
CA ASP D 846 -8.75 -0.13 31.62
C ASP D 846 -9.60 -0.47 30.41
N LEU D 847 -8.95 -0.82 29.30
CA LEU D 847 -9.65 -1.18 28.08
C LEU D 847 -10.46 -2.45 28.31
N GLY D 848 -9.90 -3.34 29.12
CA GLY D 848 -10.59 -4.60 29.40
C GLY D 848 -11.83 -4.36 30.24
N GLN D 849 -12.09 -3.10 30.56
CA GLN D 849 -13.25 -2.75 31.36
C GLN D 849 -14.08 -1.67 30.67
N ASN D 850 -13.71 -1.36 29.43
CA ASN D 850 -14.40 -0.35 28.64
C ASN D 850 -15.72 -0.91 28.10
N LEU D 851 -16.76 -0.09 28.12
CA LEU D 851 -18.08 -0.51 27.64
C LEU D 851 -18.10 -1.00 26.20
N LEU D 852 -17.31 -0.35 25.34
CA LEU D 852 -17.26 -0.72 23.93
C LEU D 852 -17.04 -2.21 23.71
N TYR D 853 -16.43 -2.88 24.68
CA TYR D 853 -16.16 -4.31 24.56
C TYR D 853 -17.09 -5.20 25.39
N ALA D 854 -17.47 -4.73 26.57
CA ALA D 854 -18.35 -5.50 27.44
C ALA D 854 -19.80 -5.46 26.96
N ASN D 855 -20.16 -4.40 26.26
CA ASN D 855 -21.51 -4.23 25.74
C ASN D 855 -21.80 -5.09 24.51
N ALA D 856 -21.01 -4.89 23.47
CA ALA D 856 -21.18 -5.64 22.22
C ALA D 856 -19.99 -6.55 21.93
N ALA D 857 -20.22 -7.55 21.10
CA ALA D 857 -19.17 -8.50 20.72
C ALA D 857 -18.53 -8.07 19.41
N HIS D 858 -17.25 -8.41 19.23
CA HIS D 858 -16.53 -8.06 18.03
C HIS D 858 -15.79 -9.25 17.44
N ALA D 859 -15.09 -9.02 16.34
CA ALA D 859 -14.32 -10.06 15.67
C ALA D 859 -12.87 -9.61 15.60
N LEU D 860 -11.95 -10.54 15.83
CA LEU D 860 -10.53 -10.21 15.79
C LEU D 860 -9.82 -10.87 14.62
N ASP D 861 -8.81 -10.18 14.09
CA ASP D 861 -8.03 -10.69 12.97
C ASP D 861 -6.59 -10.19 13.05
N MET D 862 -5.66 -11.11 13.24
CA MET D 862 -4.25 -10.76 13.33
C MET D 862 -3.47 -11.31 12.15
N THR D 863 -2.46 -10.56 11.70
CA THR D 863 -1.63 -10.98 10.58
C THR D 863 -0.16 -10.89 10.97
N PHE D 864 0.49 -12.04 11.13
CA PHE D 864 1.89 -12.07 11.50
C PHE D 864 2.81 -12.33 10.32
N GLU D 865 3.73 -11.40 10.08
CA GLU D 865 4.70 -11.52 9.01
C GLU D 865 6.02 -11.91 9.65
N MET D 866 6.54 -13.08 9.30
CA MET D 866 7.79 -13.56 9.88
C MET D 866 8.78 -14.06 8.85
N ASP D 867 10.02 -14.26 9.28
CA ASP D 867 11.08 -14.74 8.40
C ASP D 867 10.81 -16.18 8.00
N PRO D 868 11.11 -16.52 6.73
CA PRO D 868 10.90 -17.87 6.21
C PRO D 868 11.90 -18.89 6.76
N ILE D 869 11.40 -20.06 7.13
CA ILE D 869 12.24 -21.14 7.65
C ILE D 869 11.98 -22.41 6.86
N ASN D 870 13.05 -23.17 6.60
CA ASN D 870 12.95 -24.40 5.83
C ASN D 870 12.42 -25.59 6.63
N GLU D 871 11.40 -25.35 7.44
CA GLU D 871 10.81 -26.42 8.24
C GLU D 871 9.50 -25.97 8.90
N PRO D 872 8.57 -26.91 9.12
CA PRO D 872 7.27 -26.61 9.74
C PRO D 872 7.41 -26.00 11.12
N THR D 873 6.73 -24.88 11.34
CA THR D 873 6.77 -24.19 12.62
C THR D 873 5.35 -23.90 13.10
N LEU D 874 5.22 -23.24 14.25
CA LEU D 874 3.91 -22.91 14.80
C LEU D 874 3.91 -21.52 15.43
N LEU D 875 2.75 -20.86 15.36
CA LEU D 875 2.60 -19.52 15.92
C LEU D 875 1.91 -19.61 17.27
N TYR D 876 2.70 -19.73 18.34
CA TYR D 876 2.17 -19.85 19.69
C TYR D 876 1.64 -18.52 20.21
N VAL D 877 0.31 -18.39 20.26
CA VAL D 877 -0.33 -17.18 20.75
C VAL D 877 -0.82 -17.39 22.18
N LEU D 878 -0.93 -16.29 22.94
CA LEU D 878 -1.38 -16.38 24.32
C LEU D 878 -2.36 -15.27 24.69
N PHE D 879 -3.65 -15.55 24.53
CA PHE D 879 -4.67 -14.57 24.86
C PHE D 879 -4.81 -14.47 26.37
N GLU D 880 -4.00 -13.60 26.98
CA GLU D 880 -4.02 -13.40 28.41
C GLU D 880 -5.45 -13.13 28.88
N VAL D 881 -5.92 -13.94 29.82
CA VAL D 881 -7.27 -13.80 30.34
C VAL D 881 -7.31 -14.00 31.85
N PHE D 882 -8.51 -14.21 32.38
CA PHE D 882 -8.68 -14.41 33.82
C PHE D 882 -9.14 -15.83 34.10
N ASP D 883 -8.19 -16.71 34.42
CA ASP D 883 -8.51 -18.09 34.73
C ASP D 883 -8.58 -18.24 36.25
N VAL D 884 -9.74 -17.94 36.82
CA VAL D 884 -9.93 -18.01 38.25
C VAL D 884 -10.95 -19.07 38.65
N ALA D 885 -10.80 -19.60 39.86
CA ALA D 885 -11.71 -20.61 40.36
C ALA D 885 -11.87 -20.53 41.87
N ARG D 886 -13.11 -20.55 42.34
CA ARG D 886 -13.40 -20.49 43.77
C ARG D 886 -13.67 -21.89 44.32
N VAL D 887 -13.16 -22.18 45.50
CA VAL D 887 -13.36 -23.47 46.14
C VAL D 887 -14.25 -23.33 47.35
N HIS D 888 -15.37 -24.02 47.35
CA HIS D 888 -16.32 -23.97 48.45
C HIS D 888 -16.43 -25.32 49.15
N GLN D 889 -16.23 -25.31 50.46
CA GLN D 889 -16.30 -26.54 51.26
C GLN D 889 -17.34 -26.40 52.36
N PRO D 890 -18.60 -26.74 52.07
CA PRO D 890 -19.70 -26.66 53.02
C PRO D 890 -19.62 -27.67 54.16
N HIS D 891 -19.55 -28.96 53.81
CA HIS D 891 -19.50 -30.02 54.80
C HIS D 891 -18.25 -30.90 54.73
N ARG D 892 -18.15 -31.82 55.68
CA ARG D 892 -17.02 -32.75 55.76
C ARG D 892 -16.95 -33.61 54.50
N GLY D 893 -15.77 -33.65 53.89
CA GLY D 893 -15.58 -34.44 52.69
C GLY D 893 -16.45 -34.01 51.53
N VAL D 894 -16.51 -32.71 51.28
CA VAL D 894 -17.30 -32.17 50.17
C VAL D 894 -16.62 -30.95 49.57
N ILE D 895 -16.13 -31.10 48.34
CA ILE D 895 -15.46 -30.00 47.65
C ILE D 895 -16.22 -29.54 46.41
N GLU D 896 -16.71 -28.31 46.46
CA GLU D 896 -17.44 -27.73 45.33
C GLU D 896 -16.64 -26.56 44.78
N VAL D 897 -16.19 -26.69 43.53
CA VAL D 897 -15.41 -25.63 42.90
C VAL D 897 -16.15 -25.04 41.70
N VAL D 898 -15.86 -23.78 41.40
CA VAL D 898 -16.50 -23.08 40.29
C VAL D 898 -15.45 -22.33 39.47
N TYR D 899 -15.12 -22.86 38.30
CA TYR D 899 -14.15 -22.23 37.42
C TYR D 899 -14.78 -21.13 36.59
N LEU D 900 -13.95 -20.29 35.98
CA LEU D 900 -14.42 -19.19 35.15
C LEU D 900 -13.28 -18.50 34.43
N ARG D 901 -13.13 -18.79 33.15
CA ARG D 901 -12.07 -18.18 32.35
C ARG D 901 -12.70 -17.23 31.33
N THR D 902 -12.62 -15.93 31.60
CA THR D 902 -13.18 -14.93 30.69
C THR D 902 -12.11 -13.94 30.24
N PRO D 903 -12.03 -13.67 28.93
CA PRO D 903 -12.85 -14.23 27.86
C PRO D 903 -12.55 -15.71 27.61
N PHE D 904 -13.02 -16.22 26.48
CA PHE D 904 -12.79 -17.61 26.11
C PHE D 904 -13.28 -18.57 27.19
N SER D 905 -14.56 -18.48 27.53
CA SER D 905 -15.15 -19.33 28.55
C SER D 905 -14.94 -20.81 28.25
N ALA D 906 -15.43 -21.25 27.09
CA ALA D 906 -15.28 -22.64 26.69
C ALA D 906 -15.09 -22.71 25.17
N GLY D 907 -13.93 -22.25 24.70
CA GLY D 907 -13.64 -22.26 23.29
C GLY D 907 -14.38 -21.13 22.59
N ASN D 908 -14.27 -21.07 21.26
CA ASN D 908 -14.94 -20.03 20.48
C ASN D 908 -15.68 -20.62 19.29
N ALA D 909 -16.97 -20.28 19.19
CA ALA D 909 -17.81 -20.77 18.10
C ALA D 909 -19.04 -19.89 17.95
N LEU E 7 -19.20 -6.79 37.42
CA LEU E 7 -20.56 -7.39 37.55
C LEU E 7 -20.53 -8.62 38.46
N PRO E 8 -21.70 -9.04 38.98
CA PRO E 8 -21.84 -10.20 39.87
C PRO E 8 -21.04 -11.42 39.44
N GLN E 9 -20.66 -11.47 38.17
CA GLN E 9 -19.89 -12.59 37.67
C GLN E 9 -18.44 -12.46 38.13
N TRP E 10 -17.93 -11.23 38.07
CA TRP E 10 -16.55 -10.97 38.49
C TRP E 10 -16.49 -10.84 40.01
N SER E 11 -17.41 -10.06 40.56
CA SER E 11 -17.47 -9.84 42.01
C SER E 11 -17.41 -11.14 42.78
N TYR E 12 -18.07 -12.17 42.25
CA TYR E 12 -18.07 -13.47 42.92
C TYR E 12 -16.71 -14.13 42.79
N MET E 13 -16.15 -14.09 41.59
CA MET E 13 -14.84 -14.68 41.34
C MET E 13 -13.71 -13.76 41.78
N HIS E 14 -14.07 -12.64 42.37
CA HIS E 14 -13.10 -11.66 42.86
C HIS E 14 -12.21 -11.09 41.76
N ILE E 15 -12.69 -11.16 40.51
CA ILE E 15 -11.92 -10.62 39.41
C ILE E 15 -11.82 -9.12 39.61
N ALA E 16 -12.80 -8.57 40.33
CA ALA E 16 -12.85 -7.15 40.62
C ALA E 16 -13.73 -6.92 41.84
N GLY E 17 -13.41 -5.90 42.63
CA GLY E 17 -14.20 -5.61 43.82
C GLY E 17 -13.36 -5.47 45.08
N GLN E 18 -13.97 -5.72 46.23
CA GLN E 18 -13.29 -5.62 47.50
C GLN E 18 -12.16 -6.66 47.61
N ASP E 19 -11.28 -6.45 48.59
CA ASP E 19 -10.16 -7.35 48.81
C ASP E 19 -10.47 -8.37 49.90
N ALA E 20 -9.58 -9.36 50.04
CA ALA E 20 -9.76 -10.41 51.03
C ALA E 20 -10.01 -9.82 52.41
N SER E 21 -9.28 -8.75 52.73
CA SER E 21 -9.41 -8.09 54.03
C SER E 21 -10.76 -7.39 54.16
N GLU E 22 -11.67 -7.65 53.23
CA GLU E 22 -12.98 -7.03 53.25
C GLU E 22 -14.10 -8.02 52.96
N TYR E 23 -13.91 -8.86 51.95
CA TYR E 23 -14.93 -9.84 51.60
C TYR E 23 -14.87 -11.06 52.49
N LEU E 24 -13.87 -11.12 53.36
CA LEU E 24 -13.70 -12.24 54.28
C LEU E 24 -14.26 -11.87 55.65
N SER E 25 -14.55 -12.87 56.46
CA SER E 25 -15.08 -12.64 57.79
C SER E 25 -14.00 -12.02 58.66
N PRO E 26 -14.31 -10.92 59.35
CA PRO E 26 -13.36 -10.21 60.22
C PRO E 26 -12.49 -11.15 61.05
N GLY E 27 -13.11 -12.19 61.61
CA GLY E 27 -12.36 -13.14 62.42
C GLY E 27 -11.22 -13.80 61.67
N LEU E 28 -11.52 -14.37 60.52
CA LEU E 28 -10.52 -15.05 59.71
C LEU E 28 -9.39 -14.11 59.28
N VAL E 29 -9.74 -12.86 59.02
CA VAL E 29 -8.76 -11.87 58.59
C VAL E 29 -7.62 -11.74 59.59
N GLN E 30 -7.95 -11.24 60.78
CA GLN E 30 -6.95 -11.05 61.83
C GLN E 30 -6.19 -12.34 62.15
N PHE E 31 -6.87 -13.47 62.06
CA PHE E 31 -6.24 -14.75 62.34
C PHE E 31 -5.00 -14.93 61.48
N ALA E 32 -5.16 -14.71 60.18
CA ALA E 32 -4.05 -14.84 59.23
C ALA E 32 -2.94 -13.87 59.60
N GLN E 33 -3.32 -12.63 59.88
CA GLN E 33 -2.36 -11.59 60.24
C GLN E 33 -1.53 -12.00 61.46
N ALA E 34 -2.17 -12.72 62.38
CA ALA E 34 -1.51 -13.17 63.59
C ALA E 34 -0.60 -14.36 63.33
N THR E 35 -1.06 -15.29 62.50
CA THR E 35 -0.30 -16.48 62.16
C THR E 35 0.62 -16.24 60.98
N GLU E 36 0.92 -14.97 60.70
CA GLU E 36 1.80 -14.61 59.59
C GLU E 36 3.24 -15.03 59.88
N SER E 37 3.40 -16.06 60.71
CA SER E 37 4.72 -16.55 61.06
C SER E 37 4.84 -18.04 60.79
N TYR E 38 4.02 -18.81 61.50
CA TYR E 38 4.02 -20.27 61.34
C TYR E 38 3.09 -20.75 60.24
N PHE E 39 1.79 -20.54 60.42
CA PHE E 39 0.82 -20.98 59.42
C PHE E 39 0.30 -19.80 58.60
N ASN E 40 0.55 -19.84 57.29
CA ASN E 40 0.11 -18.78 56.40
C ASN E 40 -1.08 -19.20 55.55
N ILE E 41 -2.03 -18.28 55.38
CA ILE E 41 -3.22 -18.55 54.59
C ILE E 41 -3.57 -17.33 53.73
N GLY E 42 -2.57 -16.47 53.52
CA GLY E 42 -2.78 -15.28 52.73
C GLY E 42 -2.83 -15.51 51.23
N ASN E 43 -2.23 -16.61 50.78
CA ASN E 43 -2.21 -16.93 49.36
C ASN E 43 -3.48 -17.67 48.97
N LYS E 44 -4.20 -18.16 49.97
CA LYS E 44 -5.44 -18.90 49.75
C LYS E 44 -6.56 -17.98 49.28
N PHE E 45 -6.45 -16.69 49.58
CA PHE E 45 -7.47 -15.72 49.18
C PHE E 45 -6.89 -14.73 48.18
N ARG E 46 -7.58 -14.59 47.05
CA ARG E 46 -7.15 -13.67 46.00
C ARG E 46 -7.64 -12.24 46.22
N ASN E 47 -6.78 -11.28 45.88
CA ASN E 47 -7.11 -9.86 46.00
C ASN E 47 -7.19 -9.25 44.61
N PRO E 48 -8.37 -8.76 44.22
CA PRO E 48 -8.55 -8.14 42.90
C PRO E 48 -7.84 -6.81 42.74
N THR E 49 -7.31 -6.57 41.54
CA THR E 49 -6.61 -5.34 41.24
C THR E 49 -7.14 -4.74 39.94
N VAL E 50 -8.03 -3.76 40.06
CA VAL E 50 -8.63 -3.11 38.91
C VAL E 50 -7.91 -1.82 38.56
N ALA E 51 -7.88 -1.49 37.28
CA ALA E 51 -7.23 -0.27 36.80
C ALA E 51 -8.29 0.81 36.56
N PRO E 52 -7.88 2.09 36.60
CA PRO E 52 -8.80 3.21 36.38
C PRO E 52 -9.34 3.25 34.96
N THR E 53 -10.59 3.68 34.80
CA THR E 53 -11.22 3.75 33.49
C THR E 53 -11.64 5.15 33.09
N HIS E 54 -10.92 6.15 33.60
CA HIS E 54 -11.22 7.54 33.29
C HIS E 54 -10.23 8.47 33.97
N ASP E 55 -9.98 9.62 33.36
CA ASP E 55 -9.04 10.61 33.89
C ASP E 55 -7.63 10.05 33.92
N VAL E 56 -7.30 9.24 32.92
CA VAL E 56 -5.97 8.66 32.82
C VAL E 56 -5.45 8.77 31.40
N THR E 57 -6.12 8.10 30.47
CA THR E 57 -5.72 8.12 29.07
C THR E 57 -6.77 8.84 28.22
N THR E 58 -6.32 9.43 27.12
CA THR E 58 -7.21 10.15 26.22
C THR E 58 -7.85 9.20 25.20
N GLU E 59 -9.04 9.56 24.74
CA GLU E 59 -9.75 8.75 23.76
C GLU E 59 -9.47 9.20 22.33
N ARG E 60 -9.16 10.48 22.15
CA ARG E 60 -8.87 11.01 20.82
C ARG E 60 -7.48 10.62 20.33
N SER E 61 -7.32 10.60 19.00
CA SER E 61 -6.05 10.24 18.38
C SER E 61 -4.92 11.13 18.89
N GLN E 62 -3.72 10.56 18.99
CA GLN E 62 -2.55 11.28 19.48
C GLN E 62 -1.31 10.39 19.50
N ARG E 63 -0.24 10.84 18.86
CA ARG E 63 1.01 10.08 18.81
C ARG E 63 1.58 9.85 20.20
N LEU E 64 2.38 8.80 20.34
CA LEU E 64 3.02 8.47 21.60
C LEU E 64 4.40 9.10 21.63
N GLN E 65 5.06 9.12 20.48
CA GLN E 65 6.39 9.70 20.36
C GLN E 65 6.55 10.38 19.00
N LEU E 66 6.79 11.68 19.03
CA LEU E 66 6.95 12.45 17.82
C LEU E 66 8.40 12.47 17.36
N ARG E 67 8.62 12.88 16.12
CA ARG E 67 9.95 12.96 15.55
C ARG E 67 10.13 14.35 14.94
N PHE E 68 11.17 15.04 15.35
CA PHE E 68 11.43 16.40 14.86
C PHE E 68 12.64 16.49 13.94
N VAL E 69 12.52 17.30 12.89
CA VAL E 69 13.59 17.50 11.93
C VAL E 69 14.24 18.87 12.12
N PRO E 70 15.58 18.95 11.97
CA PRO E 70 16.34 20.19 12.11
C PRO E 70 15.82 21.32 11.24
N VAL E 71 15.48 22.44 11.87
CA VAL E 71 14.98 23.61 11.14
C VAL E 71 16.17 24.37 10.59
N ASP E 72 17.35 24.02 11.08
CA ASP E 72 18.60 24.67 10.66
C ASP E 72 19.77 23.84 11.18
N ARG E 73 20.73 23.58 10.31
CA ARG E 73 21.91 22.80 10.69
C ARG E 73 23.18 23.31 10.02
N GLU E 74 24.22 23.51 10.83
CA GLU E 74 25.50 24.02 10.34
C GLU E 74 26.61 23.01 10.59
N ASP E 75 27.22 22.53 9.51
CA ASP E 75 28.31 21.57 9.61
C ASP E 75 29.65 22.29 9.57
N THR E 76 30.18 22.60 10.74
CA THR E 76 31.45 23.28 10.87
C THR E 76 32.59 22.27 10.72
N GLN E 77 33.79 22.78 10.46
CA GLN E 77 34.97 21.94 10.29
C GLN E 77 35.24 21.00 11.46
N TYR E 78 34.84 21.42 12.66
CA TYR E 78 35.06 20.60 13.85
C TYR E 78 33.90 20.59 14.83
N SER E 79 32.72 20.97 14.33
CA SER E 79 31.53 20.99 15.17
C SER E 79 30.27 20.91 14.32
N TYR E 80 29.19 20.41 14.91
CA TYR E 80 27.92 20.28 14.20
C TYR E 80 26.81 20.83 15.07
N LYS E 81 26.09 21.83 14.56
CA LYS E 81 25.01 22.45 15.31
C LYS E 81 23.68 22.33 14.59
N THR E 82 22.64 22.01 15.36
CA THR E 82 21.30 21.85 14.81
C THR E 82 20.27 22.40 15.78
N ARG E 83 19.26 23.10 15.25
CA ARG E 83 18.21 23.67 16.08
C ARG E 83 16.86 23.06 15.72
N PHE E 84 16.09 22.68 16.73
CA PHE E 84 14.77 22.09 16.53
C PHE E 84 13.73 22.98 17.18
N GLN E 85 12.48 22.87 16.71
CA GLN E 85 11.39 23.66 17.28
C GLN E 85 10.46 22.78 18.10
N LEU E 86 11.04 22.10 19.10
CA LEU E 86 10.29 21.22 19.99
C LEU E 86 8.95 21.85 20.36
N ALA E 87 7.88 21.34 19.78
CA ALA E 87 6.54 21.86 20.06
C ALA E 87 5.71 20.88 20.88
N VAL E 88 5.26 21.34 22.04
CA VAL E 88 4.44 20.51 22.92
C VAL E 88 2.97 20.88 22.75
N GLY E 89 2.25 20.07 21.99
CA GLY E 89 0.84 20.32 21.75
C GLY E 89 0.07 20.61 23.04
N ASP E 90 -1.05 21.30 22.91
CA ASP E 90 -1.86 21.65 24.07
C ASP E 90 -2.40 20.40 24.75
N ASN E 91 -2.75 20.51 26.03
CA ASN E 91 -3.27 19.39 26.79
C ASN E 91 -2.28 18.24 26.86
N ARG E 92 -1.00 18.54 26.68
CA ARG E 92 0.04 17.53 26.73
C ARG E 92 1.15 17.94 27.68
N VAL E 93 1.97 16.97 28.10
CA VAL E 93 3.08 17.24 28.99
C VAL E 93 4.27 16.38 28.58
N LEU E 94 5.40 17.03 28.30
CA LEU E 94 6.59 16.32 27.88
C LEU E 94 7.64 16.24 28.98
N ASP E 95 8.17 15.04 29.18
CA ASP E 95 9.19 14.81 30.20
C ASP E 95 10.52 14.62 29.50
N MET E 96 11.31 15.69 29.43
CA MET E 96 12.62 15.68 28.78
C MET E 96 13.34 14.34 28.85
N ALA E 97 13.31 13.70 30.01
CA ALA E 97 13.99 12.42 30.18
C ALA E 97 13.68 11.43 29.06
N SER E 98 12.51 11.58 28.44
CA SER E 98 12.10 10.69 27.35
C SER E 98 12.57 11.17 25.99
N THR E 99 13.38 12.22 25.96
CA THR E 99 13.88 12.77 24.71
C THR E 99 15.35 12.43 24.51
N TYR E 100 15.74 12.27 23.26
CA TYR E 100 17.12 11.95 22.92
C TYR E 100 17.41 12.32 21.47
N PHE E 101 18.68 12.39 21.12
CA PHE E 101 19.07 12.75 19.76
C PHE E 101 19.47 11.54 18.94
N ASP E 102 18.67 11.24 17.91
CA ASP E 102 18.92 10.11 17.03
C ASP E 102 19.94 10.53 15.98
N ILE E 103 21.15 10.00 16.08
CA ILE E 103 22.21 10.34 15.15
C ILE E 103 22.55 9.20 14.19
N ARG E 104 22.78 9.57 12.93
CA ARG E 104 23.13 8.61 11.89
C ARG E 104 24.32 9.15 11.10
N GLY E 105 25.24 8.27 10.72
CA GLY E 105 26.40 8.71 9.97
C GLY E 105 27.39 7.60 9.66
N THR E 106 28.50 7.99 9.04
CA THR E 106 29.56 7.04 8.69
C THR E 106 30.76 7.21 9.61
N LEU E 107 31.40 6.09 9.95
CA LEU E 107 32.57 6.11 10.81
C LEU E 107 33.74 5.37 10.19
N ASP E 108 34.94 5.90 10.42
CA ASP E 108 36.16 5.29 9.90
C ASP E 108 37.16 5.10 11.03
N ARG E 109 37.12 3.93 11.66
CA ARG E 109 38.00 3.61 12.77
C ARG E 109 39.48 3.75 12.40
N GLY E 110 39.76 3.99 11.12
CA GLY E 110 41.13 4.13 10.68
C GLY E 110 41.79 2.79 10.48
N ALA E 111 43.07 2.80 10.14
CA ALA E 111 43.81 1.57 9.91
C ALA E 111 44.37 1.02 11.21
N SER E 112 44.28 1.81 12.27
CA SER E 112 44.79 1.39 13.58
C SER E 112 43.76 0.58 14.37
N PHE E 113 42.69 0.17 13.69
CA PHE E 113 41.64 -0.60 14.34
C PHE E 113 41.83 -2.11 14.21
N LYS E 114 42.17 -2.76 15.31
CA LYS E 114 42.38 -4.21 15.34
C LYS E 114 41.60 -4.78 16.51
N PRO E 115 40.31 -5.10 16.29
CA PRO E 115 39.44 -5.66 17.33
C PRO E 115 39.71 -7.10 17.75
N TYR E 116 40.98 -7.44 17.96
CA TYR E 116 41.33 -8.80 18.37
C TYR E 116 42.82 -9.01 18.54
N SER E 117 43.18 -10.09 19.23
CA SER E 117 44.57 -10.43 19.47
C SER E 117 44.99 -11.54 18.51
N GLY E 118 46.29 -11.76 18.39
CA GLY E 118 46.79 -12.79 17.51
C GLY E 118 46.62 -12.45 16.05
N THR E 119 46.25 -13.45 15.25
CA THR E 119 46.05 -13.25 13.82
C THR E 119 44.91 -14.10 13.28
N ALA E 120 44.54 -13.84 12.04
CA ALA E 120 43.47 -14.57 11.38
C ALA E 120 44.03 -15.14 10.09
N TYR E 121 45.33 -15.41 10.09
CA TYR E 121 46.00 -15.94 8.92
C TYR E 121 47.12 -16.91 9.35
N ASN E 122 46.87 -18.20 9.20
CA ASN E 122 47.86 -19.21 9.58
C ASN E 122 48.26 -19.06 11.04
N SER E 123 47.27 -19.03 11.91
CA SER E 123 47.51 -18.87 13.34
C SER E 123 48.24 -20.05 13.98
N PHE E 124 48.20 -21.20 13.32
CA PHE E 124 48.87 -22.38 13.84
C PHE E 124 50.26 -22.52 13.22
N ALA E 125 50.55 -21.65 12.26
CA ALA E 125 51.83 -21.66 11.58
C ALA E 125 52.92 -21.11 12.49
N PRO E 126 54.03 -21.85 12.66
CA PRO E 126 55.13 -21.39 13.51
C PRO E 126 55.52 -19.97 13.15
N LYS E 127 55.69 -19.13 14.16
CA LYS E 127 56.06 -17.73 13.95
C LYS E 127 57.48 -17.58 13.42
N SER E 128 57.96 -18.63 12.73
CA SER E 128 59.30 -18.63 12.16
C SER E 128 59.29 -19.34 10.82
N ALA E 129 58.42 -20.33 10.69
CA ALA E 129 58.30 -21.10 9.46
C ALA E 129 57.81 -20.22 8.31
N PRO E 130 58.60 -20.15 7.22
CA PRO E 130 58.28 -19.34 6.04
C PRO E 130 57.42 -20.13 5.05
N ASN E 131 56.90 -19.43 4.04
CA ASN E 131 56.07 -20.06 3.02
C ASN E 131 57.00 -20.60 1.94
N ASN E 132 56.44 -20.93 0.77
CA ASN E 132 57.23 -21.43 -0.34
C ASN E 132 58.11 -20.34 -0.92
N THR E 133 59.25 -20.08 -0.28
CA THR E 133 60.14 -19.03 -0.79
C THR E 133 61.24 -19.63 -1.65
N GLN E 134 61.58 -18.92 -2.71
CA GLN E 134 62.61 -19.34 -3.63
C GLN E 134 63.75 -18.33 -3.53
N PHE E 135 64.51 -18.41 -2.43
CA PHE E 135 65.61 -17.49 -2.23
C PHE E 135 66.72 -17.67 -3.25
N ARG E 136 67.88 -17.08 -2.92
CA ARG E 136 69.08 -17.13 -3.75
C ARG E 136 70.21 -17.61 -2.85
N GLN E 137 71.10 -18.41 -3.41
CA GLN E 137 72.22 -18.95 -2.68
C GLN E 137 73.37 -17.96 -2.57
N ALA E 138 73.42 -17.23 -1.46
CA ALA E 138 74.47 -16.22 -1.20
C ALA E 138 75.13 -15.54 -2.42
N ASN E 139 74.37 -15.44 -3.52
CA ASN E 139 74.86 -14.81 -4.76
C ASN E 139 76.08 -15.62 -5.23
N ASN E 140 76.67 -15.20 -6.34
CA ASN E 140 77.83 -15.82 -6.98
C ASN E 140 77.35 -16.08 -8.40
N GLY E 141 77.12 -17.35 -8.73
CA GLY E 141 76.63 -17.70 -10.05
C GLY E 141 75.60 -18.81 -9.86
N HIS E 142 74.82 -18.66 -8.80
CA HIS E 142 73.79 -19.63 -8.39
C HIS E 142 72.39 -19.00 -8.42
N PRO E 143 71.79 -18.90 -9.62
CA PRO E 143 70.46 -18.30 -9.71
C PRO E 143 69.36 -19.13 -9.07
N ALA E 144 68.45 -18.44 -8.38
CA ALA E 144 67.31 -19.09 -7.74
C ALA E 144 67.69 -20.21 -6.79
N GLN E 145 66.67 -20.75 -6.11
CA GLN E 145 66.85 -21.83 -5.14
C GLN E 145 65.52 -22.09 -4.44
N THR E 146 64.95 -23.27 -4.63
CA THR E 146 63.67 -23.58 -4.01
C THR E 146 63.71 -24.33 -2.69
N ILE E 147 62.80 -23.94 -1.81
CA ILE E 147 62.64 -24.53 -0.48
C ILE E 147 61.13 -24.64 -0.27
N ALA E 148 60.62 -25.87 -0.27
CA ALA E 148 59.19 -26.07 -0.10
C ALA E 148 58.80 -27.46 0.37
N GLN E 149 57.92 -28.10 -0.41
CA GLN E 149 57.41 -29.43 -0.10
C GLN E 149 56.25 -29.79 -1.02
N ALA E 150 56.36 -30.91 -1.71
CA ALA E 150 55.30 -31.35 -2.61
C ALA E 150 54.42 -32.34 -1.86
N SER E 151 53.28 -31.86 -1.36
CA SER E 151 52.36 -32.71 -0.62
C SER E 151 50.98 -32.75 -1.26
N TYR E 152 50.85 -33.59 -2.29
CA TYR E 152 49.57 -33.74 -2.99
C TYR E 152 49.15 -35.20 -3.02
N VAL E 153 47.84 -35.43 -2.93
CA VAL E 153 47.27 -36.77 -2.95
C VAL E 153 47.82 -37.61 -4.10
N ALA E 154 48.66 -38.58 -3.75
CA ALA E 154 49.26 -39.48 -4.71
C ALA E 154 49.78 -38.80 -5.98
N THR E 155 48.99 -38.94 -7.06
CA THR E 155 49.28 -38.42 -8.40
C THR E 155 49.83 -39.50 -9.32
N ILE E 156 48.95 -40.09 -10.12
CA ILE E 156 49.37 -41.15 -11.03
C ILE E 156 50.75 -40.93 -11.63
N GLY E 157 50.88 -39.86 -12.41
CA GLY E 157 52.15 -39.57 -13.03
C GLY E 157 52.47 -38.10 -13.16
N GLY E 158 53.38 -37.78 -14.08
CA GLY E 158 53.78 -36.40 -14.29
C GLY E 158 54.54 -36.23 -15.60
N ALA E 159 53.87 -35.67 -16.61
CA ALA E 159 54.49 -35.45 -17.92
C ALA E 159 54.69 -33.96 -18.20
N ASN E 160 55.17 -33.66 -19.41
CA ASN E 160 55.41 -32.27 -19.84
C ASN E 160 54.20 -31.40 -19.51
N ASN E 161 53.02 -31.98 -19.66
CA ASN E 161 51.78 -31.27 -19.37
C ASN E 161 51.82 -30.76 -17.93
N ASP E 162 51.92 -31.69 -16.99
CA ASP E 162 51.99 -31.36 -15.56
C ASP E 162 51.67 -32.56 -14.67
N LEU E 163 51.16 -32.25 -13.48
CA LEU E 163 50.79 -33.26 -12.49
C LEU E 163 49.45 -33.91 -12.87
N GLN E 164 49.49 -35.21 -13.15
CA GLN E 164 48.27 -35.93 -13.53
C GLN E 164 47.39 -36.22 -12.30
N MET E 165 46.16 -35.75 -12.36
CA MET E 165 45.20 -35.94 -11.27
C MET E 165 44.28 -37.13 -11.52
N GLY E 166 44.52 -37.84 -12.62
CA GLY E 166 43.70 -38.99 -12.95
C GLY E 166 43.59 -39.21 -14.45
N VAL E 167 42.42 -39.65 -14.90
CA VAL E 167 42.19 -39.91 -16.31
C VAL E 167 40.89 -39.28 -16.81
N ASP E 168 40.59 -38.08 -16.29
CA ASP E 168 39.38 -37.35 -16.67
C ASP E 168 38.30 -38.27 -17.23
N GLU E 169 37.84 -39.20 -16.39
CA GLU E 169 36.81 -40.16 -16.76
C GLU E 169 37.05 -40.82 -18.12
N ARG E 170 37.49 -42.08 -18.07
CA ARG E 170 37.76 -42.91 -19.25
C ARG E 170 39.25 -43.15 -19.51
N GLN E 171 39.67 -43.00 -20.78
CA GLN E 171 41.04 -43.24 -21.19
C GLN E 171 41.97 -42.04 -21.10
N LEU E 172 41.48 -40.86 -21.50
CA LEU E 172 42.30 -39.65 -21.49
C LEU E 172 42.72 -39.19 -20.10
N PRO E 173 44.02 -39.17 -19.82
CA PRO E 173 44.59 -38.75 -18.53
C PRO E 173 44.38 -37.25 -18.27
N VAL E 174 43.79 -36.93 -17.12
CA VAL E 174 43.52 -35.55 -16.76
C VAL E 174 44.71 -34.93 -16.04
N TYR E 175 44.90 -33.62 -16.25
CA TYR E 175 46.01 -32.91 -15.63
C TYR E 175 45.51 -31.76 -14.76
N ALA E 176 46.22 -31.54 -13.65
CA ALA E 176 45.87 -30.49 -12.70
C ALA E 176 45.82 -29.11 -13.36
N ASN E 177 44.79 -28.35 -13.03
CA ASN E 177 44.61 -27.01 -13.57
C ASN E 177 45.57 -26.05 -12.88
N THR E 178 46.61 -25.65 -13.59
CA THR E 178 47.63 -24.75 -13.09
C THR E 178 47.14 -23.64 -12.16
N THR E 179 46.05 -22.98 -12.54
CA THR E 179 45.50 -21.87 -11.77
C THR E 179 45.17 -22.14 -10.30
N TYR E 180 44.99 -23.40 -9.92
CA TYR E 180 44.67 -23.69 -8.53
C TYR E 180 45.07 -25.08 -8.06
N GLN E 181 45.51 -25.92 -9.00
CA GLN E 181 45.91 -27.28 -8.65
C GLN E 181 47.42 -27.47 -8.80
N PRO E 182 48.05 -28.16 -7.84
CA PRO E 182 47.41 -28.75 -6.65
C PRO E 182 47.09 -27.70 -5.60
N GLU E 183 46.11 -28.00 -4.74
CA GLU E 183 45.71 -27.08 -3.68
C GLU E 183 46.49 -27.35 -2.40
N PRO E 184 47.12 -26.31 -1.83
CA PRO E 184 47.91 -26.39 -0.59
C PRO E 184 47.11 -26.89 0.60
N GLN E 185 45.93 -27.43 0.34
CA GLN E 185 45.06 -27.96 1.39
C GLN E 185 45.13 -29.47 1.33
N LEU E 186 45.08 -30.00 0.11
CA LEU E 186 45.12 -31.42 -0.14
C LEU E 186 46.40 -32.10 0.32
N GLY E 187 46.40 -33.43 0.25
CA GLY E 187 47.56 -34.20 0.67
C GLY E 187 47.18 -35.61 1.02
N ILE E 188 48.18 -36.47 1.24
CA ILE E 188 47.92 -37.87 1.59
C ILE E 188 47.05 -37.94 2.85
N GLU E 189 46.34 -39.04 3.02
CA GLU E 189 45.47 -39.20 4.18
C GLU E 189 46.13 -40.01 5.30
N GLY E 190 47.07 -40.86 4.93
CA GLY E 190 47.74 -41.69 5.91
C GLY E 190 48.97 -41.12 6.57
N TRP E 191 49.01 -41.22 7.90
CA TRP E 191 50.14 -40.73 8.68
C TRP E 191 51.39 -41.53 8.33
N THR E 192 51.35 -42.83 8.59
CA THR E 192 52.48 -43.69 8.28
C THR E 192 52.21 -44.34 6.92
N ALA E 193 50.96 -44.73 6.70
CA ALA E 193 50.57 -45.35 5.45
C ALA E 193 50.91 -44.46 4.26
N GLY E 194 50.85 -43.14 4.49
CA GLY E 194 51.16 -42.21 3.43
C GLY E 194 52.64 -41.99 3.21
N SER E 195 53.39 -41.93 4.31
CA SER E 195 54.84 -41.71 4.23
C SER E 195 55.61 -43.02 3.96
N MET E 196 55.19 -44.09 4.64
CA MET E 196 55.84 -45.39 4.49
C MET E 196 55.62 -45.96 3.09
N ALA E 197 54.56 -45.49 2.43
CA ALA E 197 54.24 -45.95 1.08
C ALA E 197 55.13 -45.22 0.07
N VAL E 198 55.56 -44.01 0.44
CA VAL E 198 56.41 -43.20 -0.41
C VAL E 198 55.62 -42.67 -1.60
N ILE E 199 55.94 -41.45 -2.01
CA ILE E 199 55.26 -40.82 -3.14
C ILE E 199 56.25 -40.65 -4.29
N ASP E 200 56.02 -41.37 -5.38
CA ASP E 200 56.89 -41.28 -6.55
C ASP E 200 56.64 -39.96 -7.27
N GLN E 201 55.37 -39.62 -7.46
CA GLN E 201 54.99 -38.38 -8.12
C GLN E 201 54.33 -37.44 -7.13
N ALA E 202 55.09 -36.45 -6.66
CA ALA E 202 54.56 -35.47 -5.71
C ALA E 202 54.40 -34.12 -6.39
N GLY E 203 53.53 -33.27 -5.85
CA GLY E 203 53.31 -31.97 -6.43
C GLY E 203 53.08 -30.86 -5.42
N GLY E 204 53.57 -29.66 -5.74
CA GLY E 204 53.42 -28.54 -4.85
C GLY E 204 53.29 -27.22 -5.58
N ARG E 205 53.04 -26.16 -4.82
CA ARG E 205 52.89 -24.82 -5.38
C ARG E 205 53.87 -23.91 -4.64
N VAL E 206 54.64 -23.12 -5.38
CA VAL E 206 55.62 -22.23 -4.76
C VAL E 206 55.72 -20.84 -5.36
N LEU E 207 56.08 -19.87 -4.53
CA LEU E 207 56.23 -18.48 -4.95
C LEU E 207 57.66 -18.32 -5.47
N ARG E 208 57.85 -17.44 -6.46
CA ARG E 208 59.18 -17.22 -7.01
C ARG E 208 59.65 -15.78 -6.86
N ASN E 209 60.81 -15.61 -6.24
CA ASN E 209 61.44 -14.30 -6.01
C ASN E 209 60.65 -13.23 -5.24
N PRO E 210 59.74 -13.61 -4.34
CA PRO E 210 59.01 -12.56 -3.63
C PRO E 210 59.75 -12.20 -2.34
N THR E 211 59.37 -11.09 -1.71
CA THR E 211 60.01 -10.67 -0.47
C THR E 211 59.56 -11.55 0.69
N GLN E 212 60.44 -12.45 1.12
CA GLN E 212 60.15 -13.38 2.20
C GLN E 212 59.46 -12.73 3.39
N THR E 213 58.49 -13.45 3.94
CA THR E 213 57.72 -13.01 5.09
C THR E 213 57.25 -14.26 5.81
N PRO E 214 57.38 -14.30 7.13
CA PRO E 214 56.96 -15.47 7.91
C PRO E 214 55.55 -15.90 7.54
N CYS E 215 55.36 -17.20 7.33
CA CYS E 215 54.05 -17.73 6.97
C CYS E 215 52.99 -17.26 7.95
N TYR E 216 53.41 -16.91 9.16
CA TYR E 216 52.50 -16.44 10.18
C TYR E 216 51.84 -15.12 9.79
N GLY E 217 50.56 -15.20 9.43
CA GLY E 217 49.84 -14.00 9.05
C GLY E 217 50.00 -13.60 7.59
N SER E 218 50.41 -14.54 6.75
CA SER E 218 50.59 -14.27 5.33
C SER E 218 49.25 -14.30 4.62
N TYR E 219 48.96 -13.26 3.86
CA TYR E 219 47.71 -13.17 3.14
C TYR E 219 47.89 -12.57 1.75
N ALA E 220 47.01 -12.96 0.83
CA ALA E 220 47.05 -12.48 -0.54
C ALA E 220 45.62 -12.43 -1.06
N LYS E 221 45.39 -11.68 -2.14
CA LYS E 221 44.06 -11.56 -2.71
C LYS E 221 43.85 -12.53 -3.86
N PRO E 222 42.65 -13.13 -3.94
CA PRO E 222 42.27 -14.09 -4.99
C PRO E 222 42.18 -13.45 -6.38
N THR E 223 42.19 -14.29 -7.41
CA THR E 223 42.11 -13.81 -8.79
C THR E 223 41.19 -14.65 -9.67
N ASN E 224 40.70 -15.77 -9.14
CA ASN E 224 39.83 -16.65 -9.91
C ASN E 224 38.75 -17.32 -9.09
N GLU E 225 37.85 -18.00 -9.79
CA GLU E 225 36.76 -18.75 -9.15
C GLU E 225 37.42 -19.91 -8.43
N HIS E 226 38.66 -20.18 -8.82
CA HIS E 226 39.44 -21.26 -8.24
C HIS E 226 40.14 -20.76 -6.98
N GLY E 227 39.96 -19.47 -6.68
CA GLY E 227 40.57 -18.89 -5.51
C GLY E 227 42.03 -18.53 -5.72
N GLY E 228 42.76 -19.39 -6.41
CA GLY E 228 44.17 -19.15 -6.66
C GLY E 228 44.61 -17.69 -6.72
N ILE E 229 45.82 -17.43 -6.24
CA ILE E 229 46.37 -16.09 -6.24
C ILE E 229 47.50 -16.01 -7.26
N THR E 230 47.11 -16.20 -8.52
CA THR E 230 48.07 -16.16 -9.64
C THR E 230 48.66 -14.77 -9.85
N LYS E 231 47.91 -13.74 -9.48
CA LYS E 231 48.35 -12.36 -9.63
C LYS E 231 48.27 -11.84 -11.06
N ALA E 232 48.63 -10.56 -11.21
CA ALA E 232 48.61 -9.89 -12.51
C ALA E 232 49.48 -10.60 -13.54
N ASN E 233 50.71 -10.92 -13.15
CA ASN E 233 51.65 -11.59 -14.05
C ASN E 233 51.08 -12.93 -14.50
N THR E 234 50.79 -13.03 -15.79
CA THR E 234 50.24 -14.25 -16.37
C THR E 234 51.18 -15.44 -16.34
N GLN E 235 52.48 -15.19 -16.24
CA GLN E 235 53.46 -16.26 -16.22
C GLN E 235 53.36 -17.23 -15.04
N VAL E 236 53.46 -18.51 -15.37
CA VAL E 236 53.42 -19.60 -14.41
C VAL E 236 54.40 -20.65 -14.94
N GLU E 237 55.28 -21.15 -14.09
CA GLU E 237 56.27 -22.12 -14.55
C GLU E 237 56.23 -23.46 -13.81
N LYS E 238 55.98 -24.53 -14.57
CA LYS E 238 55.94 -25.88 -14.02
C LYS E 238 57.37 -26.40 -13.96
N LYS E 239 58.04 -26.18 -12.84
CA LYS E 239 59.42 -26.62 -12.66
C LYS E 239 59.51 -28.07 -12.24
N TYR E 240 60.18 -28.88 -13.08
CA TYR E 240 60.35 -30.30 -12.82
C TYR E 240 61.65 -30.59 -12.09
N TYR E 241 61.56 -31.31 -10.98
CA TYR E 241 62.73 -31.65 -10.19
C TYR E 241 62.96 -33.15 -10.11
N ARG E 242 64.23 -33.53 -9.89
CA ARG E 242 64.60 -34.94 -9.77
C ARG E 242 65.24 -35.15 -8.42
N THR E 243 66.03 -36.22 -8.30
CA THR E 243 66.70 -36.53 -7.05
C THR E 243 68.21 -36.34 -7.22
N GLY E 244 68.65 -36.33 -8.48
CA GLY E 244 70.06 -36.15 -8.77
C GLY E 244 70.64 -37.20 -9.70
N ASP E 245 69.99 -38.36 -9.80
CA ASP E 245 70.46 -39.44 -10.65
C ASP E 245 69.33 -40.13 -11.38
N ASN E 246 68.09 -39.86 -10.96
CA ASN E 246 66.94 -40.46 -11.59
C ASN E 246 66.46 -39.52 -12.70
N GLY E 247 65.75 -40.08 -13.67
CA GLY E 247 65.26 -39.26 -14.77
C GLY E 247 63.75 -39.26 -14.79
N ASN E 248 63.14 -38.50 -13.88
CA ASN E 248 61.70 -38.47 -13.82
C ASN E 248 61.26 -37.37 -12.85
N PRO E 249 60.12 -36.71 -13.13
CA PRO E 249 59.63 -35.64 -12.25
C PRO E 249 59.01 -36.18 -10.97
N GLU E 250 59.85 -36.35 -9.95
CA GLU E 250 59.40 -36.84 -8.65
C GLU E 250 58.58 -35.78 -7.93
N THR E 251 58.81 -34.52 -8.30
CA THR E 251 58.09 -33.40 -7.69
C THR E 251 57.90 -32.23 -8.65
N VAL E 252 56.64 -31.94 -8.98
CA VAL E 252 56.32 -30.85 -9.88
C VAL E 252 55.87 -29.62 -9.09
N PHE E 253 56.41 -28.46 -9.43
CA PHE E 253 56.05 -27.22 -8.74
C PHE E 253 55.52 -26.16 -9.69
N TYR E 254 54.39 -25.56 -9.32
CA TYR E 254 53.77 -24.51 -10.11
C TYR E 254 54.09 -23.16 -9.49
N THR E 255 55.24 -22.60 -9.87
CA THR E 255 55.66 -21.31 -9.34
C THR E 255 54.71 -20.19 -9.76
N GLU E 256 54.57 -19.20 -8.90
CA GLU E 256 53.69 -18.06 -9.17
C GLU E 256 54.02 -16.89 -8.27
N GLU E 257 53.48 -15.71 -8.61
CA GLU E 257 53.69 -14.52 -7.81
C GLU E 257 52.37 -14.19 -7.14
N ALA E 258 52.44 -13.73 -5.89
CA ALA E 258 51.22 -13.39 -5.16
C ALA E 258 51.26 -11.98 -4.58
N ASP E 259 50.07 -11.44 -4.33
CA ASP E 259 49.94 -10.10 -3.75
C ASP E 259 50.12 -10.25 -2.24
N VAL E 260 51.17 -10.99 -1.86
CA VAL E 260 51.46 -11.25 -0.45
C VAL E 260 51.65 -9.97 0.36
N LEU E 261 51.00 -9.94 1.52
CA LEU E 261 51.10 -8.79 2.43
C LEU E 261 50.84 -9.29 3.85
N THR E 262 50.79 -8.37 4.81
CA THR E 262 50.56 -8.74 6.21
C THR E 262 49.84 -7.63 6.97
N PRO E 263 48.58 -7.87 7.35
CA PRO E 263 47.77 -6.89 8.09
C PRO E 263 47.96 -6.90 9.60
N ASP E 264 47.58 -8.01 10.24
CA ASP E 264 47.69 -8.15 11.68
C ASP E 264 49.03 -8.69 12.16
N THR E 265 50.08 -8.49 11.37
CA THR E 265 51.41 -8.97 11.76
C THR E 265 52.54 -8.06 11.30
N HIS E 266 53.62 -8.05 12.07
CA HIS E 266 54.79 -7.25 11.77
C HIS E 266 56.04 -8.07 12.05
N LEU E 267 57.19 -7.62 11.54
CA LEU E 267 58.44 -8.34 11.73
C LEU E 267 59.00 -8.14 13.14
N VAL E 268 59.03 -9.21 13.91
CA VAL E 268 59.55 -9.16 15.27
C VAL E 268 61.07 -9.28 15.24
N HIS E 269 61.57 -10.02 14.26
CA HIS E 269 63.00 -10.22 14.10
C HIS E 269 63.41 -10.14 12.63
N ALA E 270 63.94 -8.99 12.23
CA ALA E 270 64.40 -8.78 10.87
C ALA E 270 65.91 -8.97 10.83
N VAL E 271 66.35 -10.10 10.30
CA VAL E 271 67.77 -10.39 10.22
C VAL E 271 68.56 -9.42 9.34
N PRO E 272 68.28 -9.40 8.01
CA PRO E 272 69.07 -8.44 7.24
C PRO E 272 68.28 -7.28 6.64
N ALA E 273 68.85 -6.09 6.74
CA ALA E 273 68.25 -4.89 6.16
C ALA E 273 68.79 -4.90 4.74
N ALA E 274 67.91 -5.14 3.76
CA ALA E 274 68.31 -5.23 2.36
C ALA E 274 69.02 -6.58 2.23
N ASP E 275 69.09 -7.12 1.02
CA ASP E 275 69.72 -8.44 0.84
C ASP E 275 68.88 -9.40 1.65
N ARG E 276 67.67 -8.94 1.99
CA ARG E 276 66.70 -9.68 2.78
C ARG E 276 66.24 -10.98 2.13
N ALA E 277 65.85 -10.91 0.86
CA ALA E 277 65.38 -12.07 0.12
C ALA E 277 66.39 -13.20 -0.02
N LYS E 278 67.50 -13.12 0.71
CA LYS E 278 68.51 -14.16 0.62
C LYS E 278 68.28 -15.22 1.71
N VAL E 279 69.00 -16.34 1.60
CA VAL E 279 68.88 -17.44 2.54
C VAL E 279 68.85 -17.02 4.02
N GLU E 280 69.67 -16.05 4.37
CA GLU E 280 69.75 -15.57 5.75
C GLU E 280 68.52 -14.75 6.16
N GLY E 281 67.66 -14.46 5.17
CA GLY E 281 66.47 -13.68 5.45
C GLY E 281 65.30 -14.47 6.00
N LEU E 282 65.10 -15.68 5.48
CA LEU E 282 64.01 -16.54 5.92
C LEU E 282 64.02 -16.72 7.43
N SER E 283 65.11 -16.33 8.07
CA SER E 283 65.25 -16.44 9.52
C SER E 283 64.36 -15.42 10.25
N GLN E 284 63.75 -14.52 9.49
CA GLN E 284 62.88 -13.50 10.06
C GLN E 284 61.64 -14.10 10.70
N HIS E 285 61.22 -13.51 11.82
CA HIS E 285 60.04 -13.99 12.52
C HIS E 285 58.93 -12.93 12.53
N ALA E 286 57.72 -13.37 12.84
CA ALA E 286 56.58 -12.46 12.87
C ALA E 286 55.88 -12.49 14.22
N ALA E 287 55.09 -11.45 14.47
CA ALA E 287 54.35 -11.33 15.71
C ALA E 287 53.07 -10.55 15.46
N PRO E 288 51.96 -10.96 16.07
CA PRO E 288 50.67 -10.28 15.90
C PRO E 288 50.69 -8.86 16.44
N ASN E 289 50.01 -7.95 15.76
CA ASN E 289 49.95 -6.56 16.19
C ASN E 289 49.08 -6.43 17.44
N ARG E 290 49.44 -5.52 18.32
CA ARG E 290 48.69 -5.30 19.56
C ARG E 290 47.22 -5.01 19.27
N PRO E 291 46.31 -5.62 20.04
CA PRO E 291 44.87 -5.41 19.87
C PRO E 291 44.47 -3.98 20.24
N ASN E 292 43.72 -3.34 19.35
CA ASN E 292 43.28 -1.96 19.60
C ASN E 292 41.81 -1.78 19.28
N PHE E 293 40.98 -1.70 20.32
CA PHE E 293 39.55 -1.51 20.15
C PHE E 293 39.22 -0.03 20.03
N ILE E 294 38.29 0.29 19.13
CA ILE E 294 37.87 1.68 18.93
C ILE E 294 36.35 1.78 18.86
N GLY E 295 35.80 2.76 19.55
CA GLY E 295 34.36 2.94 19.55
C GLY E 295 33.93 4.15 20.34
N PHE E 296 32.63 4.43 20.36
CA PHE E 296 32.10 5.57 21.10
C PHE E 296 32.26 5.36 22.60
N ARG E 297 32.70 6.41 23.29
CA ARG E 297 32.91 6.34 24.73
C ARG E 297 31.66 5.89 25.48
N ASP E 298 31.80 5.74 26.79
CA ASP E 298 30.68 5.32 27.64
C ASP E 298 29.64 6.42 27.71
N CYS E 299 28.38 6.06 27.50
CA CYS E 299 27.28 7.02 27.53
C CYS E 299 27.52 8.14 26.52
N PHE E 300 28.30 7.84 25.49
CA PHE E 300 28.61 8.80 24.44
C PHE E 300 29.14 10.12 25.01
N VAL E 301 29.92 10.01 26.09
CA VAL E 301 30.49 11.21 26.71
C VAL E 301 31.43 11.92 25.74
N GLY E 302 31.24 13.22 25.61
CA GLY E 302 32.09 14.00 24.72
C GLY E 302 31.52 14.19 23.33
N LEU E 303 30.50 13.39 22.98
CA LEU E 303 29.88 13.50 21.67
C LEU E 303 29.02 14.76 21.64
N MET E 304 28.68 15.27 22.81
CA MET E 304 27.87 16.47 22.92
C MET E 304 28.55 17.51 23.80
N TYR E 305 28.51 18.77 23.38
CA TYR E 305 29.12 19.85 24.13
C TYR E 305 28.48 20.13 25.48
N TYR E 306 29.33 20.27 26.50
CA TYR E 306 28.90 20.55 27.86
C TYR E 306 29.92 21.43 28.56
N ASN E 307 29.45 22.33 29.40
CA ASN E 307 30.34 23.21 30.16
C ASN E 307 31.28 24.00 29.24
N SER E 308 30.74 24.50 28.14
CA SER E 308 31.53 25.28 27.19
C SER E 308 30.72 26.45 26.68
N GLY E 309 31.04 27.65 27.19
CA GLY E 309 30.33 28.84 26.78
C GLY E 309 30.43 29.08 25.28
N GLY E 310 31.41 28.45 24.65
CA GLY E 310 31.59 28.61 23.22
C GLY E 310 30.49 27.94 22.42
N ASN E 311 30.00 26.81 22.92
CA ASN E 311 28.94 26.07 22.25
C ASN E 311 27.82 25.70 23.22
N LEU E 312 27.37 26.68 23.99
CA LEU E 312 26.31 26.46 24.97
C LEU E 312 24.99 26.14 24.30
N GLY E 313 24.32 25.09 24.77
CA GLY E 313 23.04 24.69 24.19
C GLY E 313 21.91 25.64 24.52
N VAL E 314 20.93 25.72 23.62
CA VAL E 314 19.79 26.60 23.80
C VAL E 314 18.47 25.86 23.96
N LEU E 315 17.62 26.38 24.85
CA LEU E 315 16.31 25.79 25.11
C LEU E 315 15.38 26.83 25.73
N ALA E 316 14.77 27.65 24.89
CA ALA E 316 13.86 28.69 25.35
C ALA E 316 12.63 28.78 24.48
N GLY E 317 11.57 29.39 25.01
CA GLY E 317 10.34 29.53 24.24
C GLY E 317 10.51 30.59 23.17
N GLN E 318 9.94 30.35 22.00
CA GLN E 318 10.05 31.31 20.90
C GLN E 318 9.57 32.69 21.31
N SER E 319 8.55 32.74 22.15
CA SER E 319 8.00 34.02 22.61
C SER E 319 8.89 34.65 23.66
N SER E 320 9.49 33.84 24.52
CA SER E 320 10.37 34.32 25.57
C SER E 320 11.73 34.75 25.00
N GLN E 321 12.30 33.90 24.15
CA GLN E 321 13.58 34.18 23.52
C GLN E 321 14.73 34.17 24.53
N LEU E 322 14.39 34.04 25.81
CA LEU E 322 15.39 34.02 26.88
C LEU E 322 15.84 32.59 27.15
N ASN E 323 17.08 32.27 26.76
CA ASN E 323 17.64 30.94 26.96
C ASN E 323 17.56 30.51 28.42
N ALA E 324 17.02 29.32 28.65
CA ALA E 324 16.88 28.78 29.99
C ALA E 324 18.08 27.92 30.40
N VAL E 325 19.02 27.74 29.48
CA VAL E 325 20.19 26.94 29.76
C VAL E 325 21.43 27.81 30.00
N VAL E 326 21.80 27.94 31.27
CA VAL E 326 22.97 28.73 31.65
C VAL E 326 24.06 27.81 32.16
N ASP E 327 25.05 27.53 31.31
CA ASP E 327 26.15 26.64 31.69
C ASP E 327 27.42 27.42 32.03
N LEU E 328 28.30 26.78 32.78
CA LEU E 328 29.57 27.37 33.19
C LEU E 328 30.67 26.34 33.02
N GLN E 329 31.79 26.75 32.43
CA GLN E 329 32.91 25.83 32.21
C GLN E 329 33.53 25.41 33.54
N ASP E 330 32.89 25.81 34.63
CA ASP E 330 33.37 25.46 35.96
C ASP E 330 32.71 24.16 36.40
N ARG E 331 31.48 23.95 35.94
CA ARG E 331 30.73 22.73 36.25
C ARG E 331 31.20 21.58 35.37
N ASN E 332 30.86 20.36 35.75
CA ASN E 332 31.25 19.18 34.98
C ASN E 332 30.06 18.22 34.87
N THR E 333 29.29 18.38 33.80
CA THR E 333 28.11 17.54 33.58
C THR E 333 28.48 16.08 33.34
N GLU E 334 29.41 15.86 32.42
CA GLU E 334 29.86 14.51 32.08
C GLU E 334 30.07 13.62 33.29
N LEU E 335 31.04 13.98 34.12
CA LEU E 335 31.35 13.19 35.32
C LEU E 335 30.12 13.08 36.21
N SER E 336 29.40 14.19 36.37
CA SER E 336 28.21 14.22 37.21
C SER E 336 27.24 13.12 36.82
N TYR E 337 27.00 12.97 35.51
CA TYR E 337 26.09 11.95 35.01
C TYR E 337 26.58 10.55 35.40
N GLN E 338 27.87 10.32 35.21
CA GLN E 338 28.45 9.02 35.54
C GLN E 338 28.10 8.60 36.96
N MET E 339 28.58 9.36 37.92
CA MET E 339 28.33 9.07 39.33
C MET E 339 26.84 8.87 39.61
N LEU E 340 25.99 9.67 38.97
CA LEU E 340 24.55 9.56 39.17
C LEU E 340 24.04 8.16 38.87
N LEU E 341 24.46 7.59 37.76
CA LEU E 341 24.02 6.26 37.36
C LEU E 341 24.48 5.20 38.37
N ALA E 342 25.72 5.31 38.82
CA ALA E 342 26.28 4.36 39.76
C ALA E 342 25.61 4.41 41.13
N ASN E 343 24.67 5.33 41.29
CA ASN E 343 23.97 5.48 42.57
C ASN E 343 22.51 5.04 42.49
N THR E 344 21.95 5.03 41.28
CA THR E 344 20.55 4.64 41.10
C THR E 344 20.39 3.25 40.49
N THR E 345 21.44 2.75 39.84
CA THR E 345 21.37 1.43 39.23
C THR E 345 22.68 0.66 39.36
N ASP E 346 22.68 -0.58 38.89
CA ASP E 346 23.86 -1.43 38.93
C ASP E 346 24.72 -1.12 37.71
N ARG E 347 25.78 -0.35 37.93
CA ARG E 347 26.68 0.05 36.85
C ARG E 347 27.54 -1.08 36.31
N SER E 348 27.02 -2.31 36.36
CA SER E 348 27.76 -3.46 35.87
C SER E 348 27.09 -4.07 34.64
N ARG E 349 25.78 -3.86 34.52
CA ARG E 349 25.04 -4.38 33.38
C ARG E 349 25.25 -3.49 32.17
N TYR E 350 24.82 -3.95 31.00
CA TYR E 350 24.98 -3.17 29.78
C TYR E 350 23.63 -2.82 29.15
N PHE E 351 23.60 -1.70 28.44
CA PHE E 351 22.39 -1.22 27.79
C PHE E 351 22.74 -0.51 26.47
N SER E 352 22.80 -1.27 25.40
CA SER E 352 23.15 -0.77 24.08
C SER E 352 22.59 0.62 23.72
N MET E 353 21.29 0.80 23.88
CA MET E 353 20.65 2.07 23.56
C MET E 353 21.49 3.28 23.94
N TRP E 354 21.92 3.34 25.20
CA TRP E 354 22.72 4.47 25.68
C TRP E 354 24.22 4.16 25.57
N ASN E 355 24.54 3.02 24.97
CA ASN E 355 25.94 2.61 24.83
C ASN E 355 26.54 2.62 26.23
N GLN E 356 25.66 2.47 27.21
CA GLN E 356 26.04 2.46 28.62
C GLN E 356 26.77 1.17 28.97
N ALA E 357 28.10 1.24 29.01
CA ALA E 357 28.93 0.10 29.33
C ALA E 357 30.21 0.57 30.03
N MET E 358 30.04 1.06 31.25
CA MET E 358 31.15 1.56 32.06
C MET E 358 32.47 0.83 31.81
N ASP E 359 33.56 1.59 31.83
CA ASP E 359 34.88 1.03 31.61
C ASP E 359 35.34 0.31 32.87
N SER E 360 36.13 -0.73 32.69
CA SER E 360 36.65 -1.51 33.82
C SER E 360 37.88 -2.28 33.35
N TYR E 361 38.57 -2.89 34.30
CA TYR E 361 39.77 -3.67 33.98
C TYR E 361 39.73 -5.03 34.64
N ASP E 362 40.54 -5.96 34.13
CA ASP E 362 40.60 -7.31 34.68
C ASP E 362 41.39 -7.27 35.98
N PRO E 363 40.73 -7.57 37.11
CA PRO E 363 41.34 -7.58 38.44
C PRO E 363 42.71 -8.27 38.49
N GLU E 364 42.84 -9.38 37.77
CA GLU E 364 44.09 -10.13 37.75
C GLU E 364 45.20 -9.39 37.00
N VAL E 365 44.83 -8.41 36.19
CA VAL E 365 45.80 -7.63 35.43
C VAL E 365 46.30 -6.47 36.28
N ARG E 366 45.37 -5.75 36.91
CA ARG E 366 45.73 -4.61 37.75
C ARG E 366 46.66 -5.06 38.87
N VAL E 367 46.24 -6.10 39.59
CA VAL E 367 47.03 -6.65 40.68
C VAL E 367 47.41 -8.10 40.41
N ILE E 368 48.68 -8.33 40.06
CA ILE E 368 49.16 -9.67 39.76
C ILE E 368 49.15 -10.56 41.00
N ASP E 369 48.43 -11.67 40.91
CA ASP E 369 48.33 -12.62 42.01
C ASP E 369 49.08 -13.89 41.61
N ASN E 370 50.40 -13.79 41.49
CA ASN E 370 51.22 -14.93 41.11
C ASN E 370 51.17 -16.01 42.19
N VAL E 371 50.28 -16.97 42.01
CA VAL E 371 50.12 -18.06 42.97
C VAL E 371 50.95 -19.26 42.50
N GLY E 372 51.65 -19.09 41.39
CA GLY E 372 52.47 -20.16 40.87
C GLY E 372 51.80 -20.88 39.72
N VAL E 373 52.21 -22.12 39.47
CA VAL E 373 51.65 -22.92 38.39
C VAL E 373 51.55 -24.38 38.79
N GLU E 374 50.40 -25.00 38.50
CA GLU E 374 50.18 -26.40 38.82
C GLU E 374 50.68 -27.28 37.69
N ASP E 375 51.97 -27.61 37.72
CA ASP E 375 52.58 -28.44 36.69
C ASP E 375 53.27 -29.66 37.26
N GLU E 376 52.69 -30.25 38.30
CA GLU E 376 53.27 -31.43 38.93
C GLU E 376 53.47 -32.56 37.92
N MET E 377 52.56 -32.67 36.96
CA MET E 377 52.64 -33.72 35.96
C MET E 377 53.30 -33.20 34.67
N PRO E 378 54.20 -34.00 34.09
CA PRO E 378 54.88 -33.60 32.86
C PRO E 378 53.99 -33.87 31.66
N ASN E 379 54.02 -32.98 30.68
CA ASN E 379 53.20 -33.14 29.49
C ASN E 379 54.06 -33.55 28.29
N TYR E 380 53.61 -34.55 27.54
CA TYR E 380 54.36 -35.02 26.40
C TYR E 380 53.55 -35.07 25.11
N CYS E 381 54.27 -34.99 23.98
CA CYS E 381 53.67 -35.05 22.66
C CYS E 381 54.31 -36.23 21.95
N PHE E 382 53.50 -37.17 21.51
CA PHE E 382 54.00 -38.37 20.84
C PHE E 382 53.73 -38.37 19.34
N PRO E 383 54.64 -39.01 18.56
CA PRO E 383 54.49 -39.08 17.11
C PRO E 383 53.12 -39.59 16.69
N LEU E 384 52.67 -39.21 15.51
CA LEU E 384 51.38 -39.64 15.01
C LEU E 384 51.36 -41.15 14.77
N SER E 385 52.50 -41.79 15.03
CA SER E 385 52.63 -43.23 14.85
C SER E 385 52.55 -43.99 16.17
N GLY E 386 53.02 -43.36 17.24
CA GLY E 386 53.01 -44.01 18.54
C GLY E 386 54.30 -44.79 18.69
N VAL E 387 55.24 -44.53 17.78
CA VAL E 387 56.54 -45.18 17.78
C VAL E 387 57.22 -44.95 16.42
N GLN E 388 58.40 -44.32 16.46
CA GLN E 388 59.15 -44.02 15.25
C GLN E 388 59.65 -45.26 14.53
N ILE E 389 59.43 -45.30 13.22
CA ILE E 389 59.86 -46.41 12.39
C ILE E 389 61.20 -46.13 11.72
N GLY E 390 62.16 -47.05 11.89
CA GLY E 390 63.47 -46.86 11.31
C GLY E 390 64.23 -48.15 11.08
N ASN E 391 63.87 -49.20 11.81
CA ASN E 391 64.54 -50.49 11.66
C ASN E 391 63.52 -51.63 11.59
N ARG E 392 63.92 -52.74 10.96
CA ARG E 392 63.06 -53.91 10.82
C ARG E 392 63.61 -55.08 11.63
N SER E 393 62.70 -55.87 12.20
CA SER E 393 63.09 -57.03 12.99
C SER E 393 63.22 -58.28 12.12
N HIS E 394 62.92 -59.44 12.70
CA HIS E 394 62.99 -60.72 12.00
C HIS E 394 62.77 -61.89 12.97
N GLU E 395 61.53 -62.35 13.07
CA GLU E 395 61.21 -63.47 13.95
C GLU E 395 61.95 -64.72 13.46
N VAL E 396 62.97 -65.11 14.22
CA VAL E 396 63.80 -66.26 13.89
C VAL E 396 63.80 -67.38 14.93
N GLN E 397 63.90 -68.62 14.47
CA GLN E 397 63.91 -69.78 15.36
C GLN E 397 65.32 -70.17 15.80
N ARG E 398 65.42 -70.67 17.02
CA ARG E 398 66.68 -71.08 17.60
C ARG E 398 66.91 -72.56 17.33
N ASN E 399 67.95 -73.10 17.94
CA ASN E 399 68.30 -74.51 17.83
C ASN E 399 68.68 -74.92 16.41
N GLN E 400 69.56 -75.92 16.33
CA GLN E 400 70.07 -76.47 15.08
C GLN E 400 71.18 -75.57 14.55
N GLN E 401 71.17 -74.32 15.02
CA GLN E 401 72.15 -73.34 14.61
C GLN E 401 72.31 -72.23 15.63
N GLN E 402 72.51 -71.01 15.11
CA GLN E 402 72.67 -69.80 15.91
C GLN E 402 71.32 -69.09 15.97
N TRP E 403 70.45 -69.43 15.02
CA TRP E 403 69.10 -68.88 14.89
C TRP E 403 68.78 -68.69 13.39
N GLN E 404 67.95 -69.57 12.85
CA GLN E 404 67.58 -69.53 11.43
C GLN E 404 66.44 -68.60 11.07
N ASN E 405 66.63 -67.88 9.99
CA ASN E 405 65.64 -66.94 9.48
C ASN E 405 64.24 -67.55 9.49
N VAL E 406 63.23 -66.71 9.27
CA VAL E 406 61.86 -67.16 9.24
C VAL E 406 61.37 -67.35 7.82
N ALA E 407 61.83 -66.46 6.93
CA ALA E 407 61.45 -66.50 5.52
C ALA E 407 60.04 -65.96 5.29
N ASN E 408 59.14 -66.23 6.23
CA ASN E 408 57.75 -65.78 6.15
C ASN E 408 57.66 -64.26 6.15
N SER E 409 57.89 -63.65 5.00
CA SER E 409 57.82 -62.19 4.88
C SER E 409 58.87 -61.56 5.81
N ASP E 410 59.35 -60.39 5.43
CA ASP E 410 60.37 -59.72 6.24
C ASP E 410 60.14 -58.22 6.28
N ASN E 411 60.97 -57.54 7.06
CA ASN E 411 60.88 -56.09 7.20
C ASN E 411 59.71 -55.61 8.05
N ASN E 412 59.87 -55.71 9.36
CA ASN E 412 58.84 -55.27 10.29
C ASN E 412 59.26 -53.94 10.89
N TYR E 413 58.66 -53.57 12.02
CA TYR E 413 58.98 -52.31 12.68
C TYR E 413 58.77 -52.41 14.19
N ILE E 414 59.86 -52.48 14.94
CA ILE E 414 59.79 -52.58 16.40
C ILE E 414 60.79 -51.66 17.09
N GLY E 415 60.28 -50.81 17.97
CA GLY E 415 61.14 -49.89 18.69
C GLY E 415 61.58 -50.41 20.05
N LYS E 416 62.87 -50.69 20.19
CA LYS E 416 63.41 -51.20 21.44
C LYS E 416 63.49 -50.07 22.46
N GLY E 417 62.49 -49.97 23.32
CA GLY E 417 62.47 -48.93 24.33
C GLY E 417 61.12 -48.24 24.36
N ASN E 418 61.06 -47.03 24.93
CA ASN E 418 59.81 -46.28 25.00
C ASN E 418 59.60 -45.45 23.75
N LEU E 419 58.50 -44.70 23.72
CA LEU E 419 58.17 -43.86 22.58
C LEU E 419 58.90 -42.52 22.67
N PRO E 420 59.55 -42.10 21.58
CA PRO E 420 60.28 -40.83 21.56
C PRO E 420 59.31 -39.66 21.71
N ALA E 421 59.41 -38.94 22.82
CA ALA E 421 58.52 -37.83 23.07
C ALA E 421 59.22 -36.53 23.46
N MET E 422 58.54 -35.42 23.23
CA MET E 422 59.06 -34.09 23.55
C MET E 422 58.23 -33.55 24.70
N GLU E 423 58.90 -32.94 25.68
CA GLU E 423 58.20 -32.40 26.84
C GLU E 423 57.93 -30.91 26.73
N ILE E 424 56.90 -30.45 27.44
CA ILE E 424 56.52 -29.05 27.44
C ILE E 424 55.64 -28.75 28.65
N ASN E 425 56.07 -27.78 29.46
CA ASN E 425 55.32 -27.41 30.66
C ASN E 425 54.09 -26.59 30.26
N LEU E 426 53.04 -27.29 29.84
CA LEU E 426 51.80 -26.66 29.41
C LEU E 426 51.39 -25.50 30.31
N ALA E 427 50.87 -25.82 31.49
CA ALA E 427 50.42 -24.81 32.44
C ALA E 427 51.35 -23.61 32.53
N ALA E 428 52.65 -23.86 32.46
CA ALA E 428 53.65 -22.78 32.55
C ALA E 428 53.46 -21.77 31.43
N ASN E 429 53.48 -22.26 30.19
CA ASN E 429 53.32 -21.40 29.02
C ASN E 429 52.13 -20.46 29.15
N LEU E 430 50.94 -21.03 29.34
CA LEU E 430 49.72 -20.23 29.48
C LEU E 430 49.91 -19.07 30.44
N TRP E 431 50.54 -19.35 31.58
CA TRP E 431 50.78 -18.33 32.60
C TRP E 431 51.66 -17.21 32.04
N ARG E 432 52.76 -17.61 31.41
CA ARG E 432 53.71 -16.66 30.82
C ARG E 432 53.06 -15.85 29.70
N SER E 433 52.34 -16.52 28.82
CA SER E 433 51.67 -15.84 27.71
C SER E 433 50.68 -14.83 28.25
N PHE E 434 50.03 -15.18 29.36
CA PHE E 434 49.06 -14.28 29.99
C PHE E 434 49.75 -12.98 30.38
N LEU E 435 50.78 -13.11 31.20
CA LEU E 435 51.54 -11.95 31.67
C LEU E 435 52.00 -11.05 30.53
N TYR E 436 52.93 -11.55 29.72
CA TYR E 436 53.46 -10.79 28.59
C TYR E 436 52.42 -10.06 27.74
N SER E 437 51.26 -10.68 27.56
CA SER E 437 50.20 -10.08 26.74
C SER E 437 49.28 -9.13 27.48
N ASN E 438 49.28 -9.19 28.81
CA ASN E 438 48.41 -8.33 29.59
C ASN E 438 49.14 -7.29 30.46
N VAL E 439 50.45 -7.42 30.58
CA VAL E 439 51.20 -6.47 31.40
C VAL E 439 52.55 -6.07 30.81
N ALA E 440 53.17 -6.98 30.06
CA ALA E 440 54.48 -6.70 29.46
C ALA E 440 54.39 -5.69 28.32
N LEU E 441 53.43 -5.88 27.43
CA LEU E 441 53.24 -4.99 26.29
C LEU E 441 52.67 -3.64 26.70
N TYR E 442 52.20 -3.54 27.94
CA TYR E 442 51.62 -2.30 28.43
C TYR E 442 52.54 -1.50 29.34
N LEU E 443 53.77 -1.99 29.53
CA LEU E 443 54.73 -1.31 30.37
C LEU E 443 55.13 0.02 29.72
N PRO E 444 55.49 1.02 30.54
CA PRO E 444 55.89 2.34 30.04
C PRO E 444 56.90 2.22 28.90
N ASP E 445 56.76 3.09 27.90
CA ASP E 445 57.65 3.08 26.74
C ASP E 445 59.12 3.14 27.13
N ASN E 446 59.41 3.73 28.28
CA ASN E 446 60.78 3.87 28.77
C ASN E 446 61.46 2.52 28.99
N LEU E 447 60.68 1.49 29.28
CA LEU E 447 61.22 0.15 29.52
C LEU E 447 61.35 -0.67 28.25
N LYS E 448 60.96 -0.09 27.12
CA LYS E 448 61.02 -0.79 25.84
C LYS E 448 62.19 -0.27 25.01
N PHE E 449 62.44 -0.93 23.88
CA PHE E 449 63.51 -0.54 22.98
C PHE E 449 63.11 -0.86 21.54
N THR E 450 63.36 0.08 20.64
CA THR E 450 63.02 -0.11 19.24
C THR E 450 63.63 -1.39 18.71
N PRO E 451 62.86 -2.16 17.93
CA PRO E 451 63.35 -3.43 17.37
C PRO E 451 64.57 -3.19 16.48
N HIS E 452 65.17 -4.27 15.99
CA HIS E 452 66.35 -4.16 15.15
C HIS E 452 65.99 -4.02 13.68
N ASN E 453 66.71 -3.14 12.98
CA ASN E 453 66.49 -2.89 11.56
C ASN E 453 65.03 -2.68 11.21
N ILE E 454 64.43 -1.62 11.75
CA ILE E 454 63.03 -1.32 11.50
C ILE E 454 62.73 0.18 11.48
N GLN E 455 62.25 0.67 10.34
CA GLN E 455 61.90 2.07 10.18
C GLN E 455 60.73 2.38 11.11
N LEU E 456 60.85 3.43 11.91
CA LEU E 456 59.78 3.79 12.83
C LEU E 456 59.44 5.27 12.79
N PRO E 457 58.15 5.60 12.94
CA PRO E 457 57.67 6.98 12.93
C PRO E 457 58.10 7.77 14.18
N PRO E 458 58.18 9.10 14.07
CA PRO E 458 58.58 9.96 15.19
C PRO E 458 57.53 10.07 16.29
N ASN E 459 56.28 10.29 15.90
CA ASN E 459 55.20 10.43 16.86
C ASN E 459 55.07 9.21 17.76
N THR E 460 55.24 9.41 19.06
CA THR E 460 55.13 8.32 20.02
C THR E 460 53.67 8.10 20.35
N ASN E 461 52.80 8.81 19.66
CA ASN E 461 51.36 8.70 19.87
C ASN E 461 50.71 7.92 18.74
N THR E 462 51.53 7.42 17.82
CA THR E 462 51.05 6.64 16.69
C THR E 462 50.94 5.16 17.03
N TYR E 463 50.02 4.47 16.37
CA TYR E 463 49.82 3.05 16.59
C TYR E 463 51.05 2.24 16.20
N GLU E 464 51.65 2.60 15.06
CA GLU E 464 52.83 1.90 14.57
C GLU E 464 53.94 1.90 15.61
N TYR E 465 54.15 3.04 16.26
CA TYR E 465 55.18 3.16 17.28
C TYR E 465 54.90 2.22 18.45
N MET E 466 53.71 2.34 19.03
CA MET E 466 53.31 1.51 20.16
C MET E 466 53.26 0.04 19.77
N ASN E 467 53.22 -0.23 18.47
CA ASN E 467 53.16 -1.61 17.97
C ASN E 467 54.55 -2.09 17.57
N GLY E 468 55.49 -1.16 17.45
CA GLY E 468 56.85 -1.52 17.08
C GLY E 468 57.76 -1.71 18.28
N ARG E 469 57.63 -0.82 19.26
CA ARG E 469 58.44 -0.90 20.47
C ARG E 469 58.41 -2.32 21.01
N ILE E 470 59.59 -2.84 21.34
CA ILE E 470 59.70 -4.21 21.86
C ILE E 470 60.00 -4.25 23.35
N PRO E 471 59.07 -4.79 24.16
CA PRO E 471 59.31 -4.87 25.60
C PRO E 471 60.05 -6.16 25.94
N VAL E 472 60.77 -6.16 27.06
CA VAL E 472 61.52 -7.34 27.51
C VAL E 472 60.66 -8.23 28.43
N SER E 473 60.37 -9.44 27.97
CA SER E 473 59.58 -10.40 28.75
C SER E 473 60.24 -10.73 30.08
N GLY E 474 61.49 -10.29 30.23
CA GLY E 474 62.21 -10.55 31.46
C GLY E 474 61.67 -9.76 32.64
N LEU E 475 61.25 -8.53 32.38
CA LEU E 475 60.72 -7.64 33.41
C LEU E 475 59.44 -8.16 34.08
N ILE E 476 58.77 -9.12 33.46
CA ILE E 476 57.54 -9.67 34.04
C ILE E 476 57.34 -11.12 33.61
N ASP E 477 58.22 -11.99 34.09
CA ASP E 477 58.15 -13.41 33.77
C ASP E 477 57.39 -14.17 34.85
N THR E 478 57.04 -15.43 34.56
CA THR E 478 56.28 -16.27 35.48
C THR E 478 56.87 -16.39 36.89
N TYR E 479 58.02 -15.79 37.13
CA TYR E 479 58.67 -15.86 38.44
C TYR E 479 58.75 -14.51 39.15
N VAL E 480 58.03 -13.52 38.64
CA VAL E 480 58.04 -12.20 39.24
C VAL E 480 57.22 -12.15 40.53
N ASN E 481 57.87 -11.74 41.61
CA ASN E 481 57.22 -11.64 42.92
C ASN E 481 56.38 -12.88 43.22
N ILE E 482 56.97 -14.04 43.00
CA ILE E 482 56.29 -15.31 43.25
C ILE E 482 55.70 -15.38 44.66
N GLY E 483 54.40 -15.61 44.75
CA GLY E 483 53.76 -15.71 46.05
C GLY E 483 53.12 -14.46 46.60
N THR E 484 52.89 -13.47 45.74
CA THR E 484 52.29 -12.22 46.19
C THR E 484 51.11 -11.76 45.35
N ARG E 485 50.34 -10.84 45.92
CA ARG E 485 49.18 -10.26 45.27
C ARG E 485 49.57 -8.80 45.02
N TRP E 486 50.85 -8.61 44.74
CA TRP E 486 51.44 -7.31 44.48
C TRP E 486 51.45 -6.94 43.00
N SER E 487 51.29 -5.65 42.71
CA SER E 487 51.28 -5.16 41.34
C SER E 487 52.57 -4.39 41.04
N PRO E 488 53.15 -4.58 39.85
CA PRO E 488 54.39 -3.91 39.45
C PRO E 488 54.36 -2.39 39.66
N ASP E 489 55.33 -1.90 40.43
CA ASP E 489 55.43 -0.47 40.72
C ASP E 489 55.55 0.39 39.47
N VAL E 490 55.91 -0.25 38.36
CA VAL E 490 56.08 0.47 37.10
C VAL E 490 54.73 0.65 36.40
N MET E 491 53.70 -0.04 36.90
CA MET E 491 52.37 0.04 36.32
C MET E 491 51.37 0.79 37.19
N ASP E 492 51.77 1.12 38.41
CA ASP E 492 50.87 1.83 39.32
C ASP E 492 50.46 3.18 38.74
N ASN E 493 51.32 3.77 37.92
CA ASN E 493 51.04 5.06 37.32
C ASN E 493 50.72 4.93 35.84
N VAL E 494 50.09 3.81 35.47
CA VAL E 494 49.72 3.56 34.08
C VAL E 494 48.23 3.24 34.01
N ASN E 495 47.48 4.09 33.30
CA ASN E 495 46.04 3.92 33.18
C ASN E 495 45.66 2.47 32.90
N PRO E 496 45.09 1.79 33.91
CA PRO E 496 44.67 0.39 33.80
C PRO E 496 43.44 0.19 32.93
N PHE E 497 42.79 1.29 32.59
CA PHE E 497 41.59 1.23 31.77
C PHE E 497 41.92 1.15 30.28
N ASN E 498 43.11 1.62 29.91
CA ASN E 498 43.54 1.56 28.53
C ASN E 498 44.17 0.20 28.29
N HIS E 499 43.35 -0.84 28.44
CA HIS E 499 43.79 -2.22 28.27
C HIS E 499 42.82 -2.95 27.37
N HIS E 500 43.31 -3.94 26.62
CA HIS E 500 42.45 -4.68 25.71
C HIS E 500 41.52 -5.66 26.42
N ARG E 501 41.53 -5.61 27.75
CA ARG E 501 40.66 -6.48 28.54
C ARG E 501 39.57 -5.66 29.19
N ASN E 502 39.43 -4.41 28.72
CA ASN E 502 38.42 -3.51 29.23
C ASN E 502 37.08 -3.95 28.66
N SER E 503 36.41 -4.86 29.38
CA SER E 503 35.12 -5.38 28.95
C SER E 503 34.21 -4.27 28.48
N GLY E 504 34.19 -3.17 29.22
CA GLY E 504 33.34 -2.05 28.85
C GLY E 504 33.60 -1.55 27.44
N LEU E 505 34.82 -1.09 27.19
CA LEU E 505 35.20 -0.59 25.87
C LEU E 505 35.05 -1.66 24.80
N ARG E 506 35.55 -2.85 25.09
CA ARG E 506 35.48 -3.96 24.14
C ARG E 506 34.05 -4.22 23.69
N TYR E 507 33.10 -4.04 24.60
CA TYR E 507 31.69 -4.26 24.30
C TYR E 507 31.19 -3.25 23.27
N ARG E 508 31.34 -1.97 23.59
CA ARG E 508 30.90 -0.91 22.68
C ARG E 508 31.56 -1.06 21.31
N SER E 509 32.81 -1.51 21.31
CA SER E 509 33.53 -1.70 20.05
C SER E 509 32.74 -2.66 19.16
N GLN E 510 32.62 -3.91 19.62
CA GLN E 510 31.89 -4.93 18.88
C GLN E 510 30.45 -4.50 18.64
N LEU E 511 29.98 -3.54 19.44
CA LEU E 511 28.61 -3.05 19.31
C LEU E 511 28.44 -2.31 17.99
N LEU E 512 29.56 -1.99 17.34
CA LEU E 512 29.53 -1.29 16.06
C LEU E 512 29.95 -2.25 14.95
N GLY E 513 30.80 -3.21 15.30
CA GLY E 513 31.27 -4.19 14.33
C GLY E 513 32.76 -4.42 14.39
N ASN E 514 33.27 -5.21 13.44
CA ASN E 514 34.70 -5.51 13.38
C ASN E 514 35.37 -4.81 12.21
N GLY E 515 34.56 -4.20 11.35
CA GLY E 515 35.10 -3.51 10.19
C GLY E 515 35.57 -2.10 10.44
N ARG E 516 36.58 -1.67 9.69
CA ARG E 516 37.12 -0.32 9.80
C ARG E 516 36.01 0.68 9.48
N PHE E 517 35.32 0.45 8.38
CA PHE E 517 34.23 1.32 7.96
C PHE E 517 32.95 0.79 8.59
N CYS E 518 32.07 1.69 9.02
CA CYS E 518 30.81 1.29 9.63
C CYS E 518 29.82 2.42 9.69
N ASP E 519 28.61 2.16 9.22
CA ASP E 519 27.54 3.15 9.24
C ASP E 519 26.80 2.98 10.56
N PHE E 520 27.15 3.83 11.53
CA PHE E 520 26.53 3.77 12.85
C PHE E 520 25.16 4.43 12.92
N HIS E 521 24.56 4.39 14.10
CA HIS E 521 23.26 4.96 14.36
C HIS E 521 23.00 4.82 15.86
N ILE E 522 23.09 5.93 16.58
CA ILE E 522 22.91 5.90 18.03
C ILE E 522 21.91 6.92 18.56
N GLN E 523 21.61 6.81 19.84
CA GLN E 523 20.69 7.72 20.52
C GLN E 523 21.41 8.37 21.69
N VAL E 524 21.59 9.70 21.61
CA VAL E 524 22.27 10.42 22.68
C VAL E 524 21.27 11.09 23.60
N PRO E 525 21.34 10.79 24.91
CA PRO E 525 20.44 11.38 25.91
C PRO E 525 20.89 12.75 26.38
N GLN E 526 20.01 13.45 27.10
CA GLN E 526 20.33 14.77 27.63
C GLN E 526 20.90 14.61 29.04
N LYS E 527 22.04 15.23 29.29
CA LYS E 527 22.69 15.11 30.59
C LYS E 527 22.65 16.36 31.46
N PHE E 528 22.35 17.51 30.86
CA PHE E 528 22.30 18.74 31.64
C PHE E 528 21.18 18.67 32.68
N PHE E 529 21.57 18.67 33.95
CA PHE E 529 20.62 18.57 35.06
C PHE E 529 19.45 19.55 35.00
N ALA E 530 19.76 20.81 34.70
CA ALA E 530 18.73 21.85 34.64
C ALA E 530 17.56 21.50 33.73
N ILE E 531 17.77 20.59 32.80
CA ILE E 531 16.70 20.21 31.87
C ILE E 531 16.52 18.71 31.69
N ARG E 532 17.30 17.90 32.40
CA ARG E 532 17.20 16.46 32.27
C ARG E 532 15.79 15.97 32.61
N ASN E 533 15.42 16.09 33.87
CA ASN E 533 14.12 15.65 34.35
C ASN E 533 13.07 16.75 34.36
N LEU E 534 13.29 17.79 33.57
CA LEU E 534 12.35 18.90 33.50
C LEU E 534 11.04 18.43 32.87
N LEU E 535 9.95 19.10 33.24
CA LEU E 535 8.64 18.74 32.71
C LEU E 535 7.99 19.93 32.01
N LEU E 536 8.37 20.13 30.75
CA LEU E 536 7.84 21.24 29.96
C LEU E 536 6.32 21.18 29.84
N LEU E 537 5.72 22.33 29.60
CA LEU E 537 4.27 22.45 29.46
C LEU E 537 3.94 22.86 28.03
N PRO E 538 2.66 22.85 27.67
CA PRO E 538 2.26 23.23 26.31
C PRO E 538 2.94 24.50 25.81
N GLY E 539 3.22 24.54 24.50
CA GLY E 539 3.87 25.69 23.91
C GLY E 539 5.00 25.26 22.99
N THR E 540 5.61 26.22 22.31
CA THR E 540 6.72 25.91 21.39
C THR E 540 8.03 26.43 21.95
N TYR E 541 9.09 25.64 21.79
CA TYR E 541 10.40 26.03 22.29
C TYR E 541 11.51 25.73 21.29
N THR E 542 12.54 26.56 21.29
CA THR E 542 13.67 26.36 20.40
C THR E 542 14.72 25.54 21.14
N TYR E 543 14.93 24.32 20.68
CA TYR E 543 15.88 23.41 21.30
C TYR E 543 17.05 23.15 20.37
N GLU E 544 18.17 23.84 20.62
CA GLU E 544 19.36 23.70 19.80
C GLU E 544 20.54 23.18 20.62
N TRP E 545 21.50 22.55 19.96
CA TRP E 545 22.67 22.02 20.64
C TRP E 545 23.75 21.62 19.64
N SER E 546 25.01 21.72 20.06
CA SER E 546 26.13 21.39 19.20
C SER E 546 26.72 20.01 19.49
N PHE E 547 27.44 19.47 18.52
CA PHE E 547 28.07 18.16 18.66
C PHE E 547 29.49 18.18 18.10
N ARG E 548 30.45 17.70 18.87
CA ARG E 548 31.83 17.66 18.42
C ARG E 548 31.99 16.72 17.24
N LYS E 549 33.20 16.66 16.71
CA LYS E 549 33.51 15.77 15.59
C LYS E 549 34.94 15.27 15.75
N ASP E 550 35.62 15.76 16.78
CA ASP E 550 36.99 15.36 17.06
C ASP E 550 37.03 13.89 17.43
N VAL E 551 37.60 13.08 16.55
CA VAL E 551 37.70 11.64 16.78
C VAL E 551 38.31 11.30 18.14
N ASN E 552 39.27 12.11 18.58
CA ASN E 552 39.94 11.88 19.85
C ASN E 552 39.09 12.17 21.08
N MET E 553 37.84 12.59 20.87
CA MET E 553 36.95 12.87 21.99
C MET E 553 35.65 12.10 21.88
N ILE E 554 35.22 11.83 20.65
CA ILE E 554 33.99 11.09 20.44
C ILE E 554 34.31 9.61 20.45
N LEU E 555 35.53 9.27 20.02
CA LEU E 555 35.97 7.88 19.96
C LEU E 555 36.96 7.58 21.08
N GLN E 556 37.17 6.28 21.34
CA GLN E 556 38.10 5.84 22.37
C GLN E 556 38.85 4.61 21.87
N SER E 557 40.11 4.50 22.26
CA SER E 557 40.93 3.36 21.85
C SER E 557 41.62 2.74 23.06
N THR E 558 41.94 1.45 22.95
CA THR E 558 42.61 0.74 24.04
C THR E 558 44.03 1.23 24.28
N LEU E 559 44.75 1.54 23.21
CA LEU E 559 46.12 2.03 23.33
C LEU E 559 46.19 3.52 23.57
N GLY E 560 45.13 4.24 23.19
CA GLY E 560 45.10 5.67 23.37
C GLY E 560 45.93 6.43 22.35
N ASN E 561 46.23 5.77 21.24
CA ASN E 561 47.01 6.38 20.17
C ASN E 561 46.26 7.55 19.57
N ASP E 562 46.99 8.51 19.01
CA ASP E 562 46.37 9.68 18.40
C ASP E 562 45.59 9.27 17.15
N LEU E 563 44.28 9.13 17.31
CA LEU E 563 43.39 8.74 16.21
C LEU E 563 43.41 9.76 15.07
N ARG E 564 43.55 11.02 15.42
CA ARG E 564 43.56 12.10 14.44
C ARG E 564 44.69 11.93 13.41
N VAL E 565 45.77 11.28 13.82
CA VAL E 565 46.91 11.07 12.93
C VAL E 565 46.85 9.69 12.28
N ASP E 566 46.09 8.79 12.88
CA ASP E 566 45.96 7.44 12.36
C ASP E 566 44.79 7.29 11.39
N GLY E 567 44.48 8.39 10.70
CA GLY E 567 43.39 8.37 9.74
C GLY E 567 42.02 8.06 10.31
N ALA E 568 41.72 8.59 11.50
CA ALA E 568 40.43 8.37 12.13
C ALA E 568 39.49 9.51 11.73
N THR E 569 38.38 9.16 11.09
CA THR E 569 37.42 10.16 10.66
C THR E 569 35.97 9.77 10.94
N VAL E 570 35.14 10.77 11.18
CA VAL E 570 33.72 10.56 11.45
C VAL E 570 32.91 11.52 10.60
N ASN E 571 31.68 11.16 10.30
CA ASN E 571 30.83 12.02 9.48
C ASN E 571 29.36 11.90 9.87
N ILE E 572 28.75 13.02 10.20
CA ILE E 572 27.34 13.05 10.58
C ILE E 572 26.47 13.39 9.36
N THR E 573 25.52 12.51 9.05
CA THR E 573 24.64 12.71 7.92
C THR E 573 23.36 13.42 8.32
N SER E 574 22.67 12.89 9.32
CA SER E 574 21.42 13.48 9.78
C SER E 574 21.25 13.32 11.29
N VAL E 575 20.48 14.22 11.89
CA VAL E 575 20.22 14.19 13.33
C VAL E 575 18.77 14.60 13.60
N ASN E 576 18.05 13.74 14.31
CA ASN E 576 16.66 14.01 14.63
C ASN E 576 16.45 14.03 16.14
N LEU E 577 15.30 14.56 16.56
CA LEU E 577 14.97 14.64 17.98
C LEU E 577 13.65 13.93 18.27
N TYR E 578 13.70 12.91 19.12
CA TYR E 578 12.52 12.16 19.48
C TYR E 578 12.06 12.51 20.89
N ALA E 579 10.74 12.47 21.11
CA ALA E 579 10.17 12.79 22.41
C ALA E 579 8.88 12.02 22.61
N SER E 580 8.80 11.29 23.72
CA SER E 580 7.62 10.49 24.02
C SER E 580 6.69 11.22 24.98
N PHE E 581 5.42 11.29 24.61
CA PHE E 581 4.41 11.97 25.43
C PHE E 581 3.42 10.94 25.99
N PHE E 582 3.11 11.08 27.27
CA PHE E 582 2.16 10.17 27.90
C PHE E 582 0.76 10.49 27.37
N PRO E 583 0.03 9.47 26.92
CA PRO E 583 -1.33 9.67 26.38
C PRO E 583 -2.31 10.03 27.50
N MET E 584 -1.94 11.06 28.26
CA MET E 584 -2.76 11.51 29.37
C MET E 584 -4.02 12.24 28.91
N SER E 585 -5.14 11.97 29.57
CA SER E 585 -6.40 12.59 29.22
C SER E 585 -6.27 14.11 29.21
N HIS E 586 -6.85 14.74 28.20
CA HIS E 586 -6.79 16.19 28.06
C HIS E 586 -7.37 16.87 29.30
N ASN E 587 -8.40 16.28 29.88
CA ASN E 587 -9.03 16.85 31.06
C ASN E 587 -8.02 16.90 32.21
N THR E 588 -7.36 15.78 32.47
CA THR E 588 -6.37 15.70 33.53
C THR E 588 -5.16 16.56 33.18
N ALA E 589 -4.63 16.34 31.98
CA ALA E 589 -3.47 17.08 31.51
C ALA E 589 -3.66 18.60 31.68
N SER E 590 -4.88 19.06 31.43
CA SER E 590 -5.19 20.47 31.55
C SER E 590 -5.09 20.94 32.99
N THR E 591 -5.61 20.13 33.91
CA THR E 591 -5.57 20.46 35.32
C THR E 591 -4.13 20.53 35.82
N LEU E 592 -3.36 19.50 35.47
CA LEU E 592 -1.96 19.43 35.87
C LEU E 592 -1.21 20.69 35.47
N GLU E 593 -1.41 21.12 34.24
CA GLU E 593 -0.77 22.33 33.72
C GLU E 593 -1.11 23.54 34.57
N ALA E 594 -2.40 23.72 34.84
CA ALA E 594 -2.87 24.86 35.64
C ALA E 594 -2.11 24.98 36.95
N MET E 595 -1.81 23.84 37.57
CA MET E 595 -1.10 23.84 38.85
C MET E 595 0.40 24.10 38.68
N LEU E 596 1.02 23.41 37.74
CA LEU E 596 2.44 23.56 37.50
C LEU E 596 2.84 24.96 37.02
N ARG E 597 1.84 25.76 36.66
CA ARG E 597 2.11 27.12 36.19
C ARG E 597 2.09 28.14 37.32
N ASN E 598 2.01 27.67 38.55
CA ASN E 598 1.98 28.55 39.71
C ASN E 598 3.36 28.58 40.37
N ASP E 599 3.88 29.77 40.60
CA ASP E 599 5.20 29.95 41.21
C ASP E 599 5.37 29.14 42.49
N THR E 600 4.26 28.79 43.13
CA THR E 600 4.30 28.01 44.36
C THR E 600 4.62 26.55 44.09
N ASN E 601 4.56 26.16 42.82
CA ASN E 601 4.84 24.78 42.43
C ASN E 601 5.90 24.69 41.34
N ASP E 602 6.92 25.54 41.43
CA ASP E 602 7.98 25.52 40.43
C ASP E 602 8.89 24.31 40.62
N GLN E 603 9.26 23.67 39.53
CA GLN E 603 10.14 22.51 39.57
C GLN E 603 11.55 22.96 39.92
N SER E 604 12.28 22.11 40.62
CA SER E 604 13.66 22.43 41.02
C SER E 604 14.56 21.21 40.94
N PHE E 605 15.71 21.39 40.32
CA PHE E 605 16.69 20.30 40.19
C PHE E 605 18.03 20.75 40.72
N ASN E 606 18.99 19.83 40.76
CA ASN E 606 20.33 20.15 41.24
C ASN E 606 21.31 19.09 40.78
N ASP E 607 22.33 19.52 40.05
CA ASP E 607 23.35 18.61 39.54
C ASP E 607 23.74 17.63 40.63
N TYR E 608 23.87 16.35 40.26
CA TYR E 608 24.23 15.33 41.24
C TYR E 608 25.59 15.57 41.86
N LEU E 609 26.57 15.91 41.03
CA LEU E 609 27.92 16.16 41.51
C LEU E 609 27.96 17.39 42.43
N SER E 610 27.32 18.46 41.96
CA SER E 610 27.27 19.71 42.72
C SER E 610 28.63 20.09 43.29
N ALA E 611 29.48 20.66 42.46
CA ALA E 611 30.81 21.06 42.90
C ALA E 611 31.54 21.83 41.80
N ALA E 612 32.31 22.83 42.21
CA ALA E 612 33.08 23.64 41.27
C ALA E 612 34.34 22.88 40.93
N ASN E 613 34.57 22.67 39.63
CA ASN E 613 35.74 21.93 39.17
C ASN E 613 36.94 22.86 38.98
N MET E 614 38.04 22.52 39.63
CA MET E 614 39.26 23.32 39.54
C MET E 614 40.40 22.45 39.04
N LEU E 615 41.34 23.06 38.33
CA LEU E 615 42.49 22.34 37.80
C LEU E 615 43.78 23.14 37.97
N TYR E 616 44.71 22.58 38.73
CA TYR E 616 45.98 23.24 38.96
C TYR E 616 47.10 22.37 38.41
N PRO E 617 48.01 22.98 37.62
CA PRO E 617 49.13 22.24 37.03
C PRO E 617 50.14 21.75 38.07
N ILE E 618 50.68 20.56 37.83
CA ILE E 618 51.67 19.97 38.73
C ILE E 618 52.92 19.67 37.93
N PRO E 619 53.90 20.58 37.95
CA PRO E 619 55.16 20.39 37.21
C PRO E 619 55.75 19.00 37.42
N PRO E 620 56.45 18.47 36.40
CA PRO E 620 57.04 17.14 36.52
C PRO E 620 58.03 17.02 37.68
N ASN E 621 57.90 15.94 38.45
CA ASN E 621 58.75 15.68 39.60
C ASN E 621 58.42 16.57 40.80
N ALA E 622 57.44 17.46 40.63
CA ALA E 622 57.04 18.34 41.71
C ALA E 622 56.53 17.51 42.88
N THR E 623 56.65 18.04 44.09
CA THR E 623 56.19 17.32 45.28
C THR E 623 55.16 18.14 46.07
N GLN E 624 55.47 19.41 46.29
CA GLN E 624 54.59 20.30 47.02
C GLN E 624 53.73 21.10 46.04
N LEU E 625 52.48 21.37 46.42
CA LEU E 625 51.57 22.10 45.56
C LEU E 625 50.56 22.93 46.35
N PRO E 626 50.87 24.22 46.58
CA PRO E 626 49.98 25.12 47.32
C PRO E 626 48.91 25.72 46.42
N ILE E 627 47.73 25.99 46.97
CA ILE E 627 46.64 26.57 46.20
C ILE E 627 45.84 27.60 46.99
N PRO E 628 45.97 28.89 46.63
CA PRO E 628 45.27 29.97 47.31
C PRO E 628 43.90 30.29 46.69
N SER E 629 42.90 30.45 47.53
CA SER E 629 41.53 30.76 47.09
C SER E 629 40.73 31.12 48.34
N ARG E 630 39.62 31.84 48.18
CA ARG E 630 38.81 32.21 49.34
C ARG E 630 37.29 32.18 49.08
N ASN E 631 36.56 31.58 50.02
CA ASN E 631 35.11 31.47 49.94
C ASN E 631 34.46 32.45 50.92
N TRP E 632 33.43 33.15 50.46
CA TRP E 632 32.73 34.11 51.29
C TRP E 632 31.64 33.43 52.13
N ALA E 633 31.30 32.20 51.78
CA ALA E 633 30.26 31.48 52.50
C ALA E 633 30.72 30.11 52.97
N ALA E 634 29.77 29.21 53.18
CA ALA E 634 30.09 27.86 53.62
C ALA E 634 29.50 26.85 52.68
N PHE E 635 30.36 25.97 52.19
CA PHE E 635 29.96 24.93 51.27
C PHE E 635 29.57 23.62 51.94
N ARG E 636 29.92 22.50 51.30
CA ARG E 636 29.61 21.16 51.78
C ARG E 636 30.85 20.35 52.17
N GLY E 637 31.86 20.37 51.30
CA GLY E 637 33.09 19.64 51.58
C GLY E 637 34.07 19.64 50.42
N TRP E 638 35.19 18.92 50.59
CA TRP E 638 36.20 18.82 49.55
C TRP E 638 36.19 17.43 48.92
N SER E 639 36.77 17.33 47.72
CA SER E 639 36.85 16.08 46.99
C SER E 639 37.96 16.31 45.98
N LEU E 640 38.89 15.37 45.88
CA LEU E 640 40.00 15.55 44.96
C LEU E 640 40.70 14.28 44.49
N THR E 641 41.50 14.42 43.43
CA THR E 641 42.25 13.32 42.86
C THR E 641 43.45 13.88 42.10
N ARG E 642 43.96 13.12 41.14
CA ARG E 642 45.10 13.54 40.34
C ARG E 642 44.95 13.00 38.92
N LEU E 643 45.21 13.86 37.93
CA LEU E 643 45.08 13.46 36.54
C LEU E 643 46.33 13.80 35.73
N LYS E 644 46.50 13.11 34.60
CA LYS E 644 47.65 13.35 33.72
C LYS E 644 47.27 14.39 32.67
N GLN E 645 48.07 15.42 32.55
CA GLN E 645 47.82 16.49 31.60
C GLN E 645 47.53 15.98 30.19
N ARG E 646 48.33 15.03 29.72
CA ARG E 646 48.15 14.47 28.38
C ARG E 646 46.77 13.82 28.21
N GLU E 647 46.25 13.25 29.29
CA GLU E 647 44.95 12.59 29.25
C GLU E 647 43.80 13.52 29.61
N THR E 648 44.09 14.81 29.73
CA THR E 648 43.06 15.79 30.07
C THR E 648 42.92 16.86 28.99
N PRO E 649 41.86 16.78 28.19
CA PRO E 649 41.62 17.75 27.12
C PRO E 649 41.20 19.10 27.67
N ALA E 650 41.83 20.16 27.18
CA ALA E 650 41.51 21.51 27.62
C ALA E 650 40.10 21.88 27.17
N LEU E 651 39.16 21.86 28.11
CA LEU E 651 37.77 22.19 27.80
C LEU E 651 37.55 23.70 27.75
N GLY E 652 36.35 24.10 27.36
CA GLY E 652 36.02 25.51 27.27
C GLY E 652 36.15 25.98 25.83
N SER E 653 37.21 25.55 25.16
CA SER E 653 37.44 25.91 23.77
C SER E 653 36.83 24.85 22.85
N PRO E 654 36.22 25.27 21.74
CA PRO E 654 35.59 24.35 20.79
C PRO E 654 36.57 23.40 20.08
N PHE E 655 37.83 23.42 20.49
CA PHE E 655 38.82 22.54 19.88
C PHE E 655 40.18 22.61 20.56
N ASP E 656 40.80 21.44 20.76
CA ASP E 656 42.09 21.35 21.40
C ASP E 656 43.12 20.85 20.38
N PRO E 657 44.06 21.72 19.97
CA PRO E 657 45.09 21.34 19.00
C PRO E 657 46.22 20.51 19.60
N TYR E 658 46.36 20.55 20.91
CA TYR E 658 47.41 19.81 21.59
C TYR E 658 46.92 18.55 22.28
N PHE E 659 45.73 18.08 21.90
CA PHE E 659 45.16 16.89 22.50
C PHE E 659 45.41 15.65 21.64
N THR E 660 46.55 15.01 21.86
CA THR E 660 46.92 13.82 21.10
C THR E 660 46.74 12.57 21.94
N TYR E 661 45.50 12.35 22.38
CA TYR E 661 45.18 11.18 23.21
C TYR E 661 43.77 10.72 22.90
N SER E 662 43.53 9.41 23.00
CA SER E 662 42.20 8.87 22.72
C SER E 662 41.77 7.83 23.73
N GLY E 663 42.53 7.68 24.81
CA GLY E 663 42.17 6.72 25.83
C GLY E 663 41.08 7.27 26.72
N THR E 664 40.80 6.60 27.83
CA THR E 664 39.77 7.05 28.75
C THR E 664 40.16 8.38 29.37
N ILE E 665 39.19 9.27 29.54
CA ILE E 665 39.44 10.57 30.13
C ILE E 665 38.91 10.62 31.56
N PRO E 666 39.76 10.35 32.55
CA PRO E 666 39.37 10.34 33.96
C PRO E 666 38.56 11.57 34.36
N TYR E 667 38.82 12.68 33.69
CA TYR E 667 38.13 13.93 33.97
C TYR E 667 36.66 13.90 33.57
N LEU E 668 36.28 12.95 32.72
CA LEU E 668 34.90 12.84 32.27
C LEU E 668 34.23 11.53 32.71
N ASP E 669 34.73 10.41 32.22
CA ASP E 669 34.17 9.11 32.57
C ASP E 669 34.40 8.75 34.03
N GLY E 670 35.34 9.43 34.66
CA GLY E 670 35.64 9.18 36.06
C GLY E 670 36.46 7.92 36.28
N THR E 671 37.46 7.70 35.42
CA THR E 671 38.32 6.53 35.55
C THR E 671 39.64 6.91 36.21
N PHE E 672 39.55 7.53 37.38
CA PHE E 672 40.72 7.95 38.14
C PHE E 672 41.53 6.73 38.55
N TYR E 673 42.81 6.94 38.82
CA TYR E 673 43.69 5.84 39.22
C TYR E 673 45.02 6.34 39.75
N LEU E 674 45.01 7.54 40.32
CA LEU E 674 46.24 8.11 40.87
C LEU E 674 46.00 8.73 42.24
N SER E 675 45.10 8.11 43.01
CA SER E 675 44.79 8.61 44.35
C SER E 675 45.80 8.07 45.35
N HIS E 676 46.55 7.05 44.93
CA HIS E 676 47.55 6.43 45.78
C HIS E 676 48.87 7.17 45.67
N THR E 677 48.86 8.34 45.06
CA THR E 677 50.07 9.13 44.90
C THR E 677 50.07 10.38 45.77
N PHE E 678 49.23 10.40 46.78
CA PHE E 678 49.16 11.54 47.69
C PHE E 678 49.78 11.21 49.04
N ARG E 679 50.45 12.20 49.63
CA ARG E 679 51.10 12.01 50.92
C ARG E 679 50.28 12.65 52.04
N LYS E 680 50.10 13.96 51.95
CA LYS E 680 49.35 14.69 52.97
C LYS E 680 48.66 15.94 52.42
N VAL E 681 47.66 16.42 53.15
CA VAL E 681 46.92 17.60 52.77
C VAL E 681 46.74 18.50 53.98
N ALA E 682 47.01 19.80 53.80
CA ALA E 682 46.89 20.76 54.89
C ALA E 682 45.92 21.88 54.53
N ILE E 683 44.89 22.04 55.36
CA ILE E 683 43.89 23.08 55.13
C ILE E 683 43.98 24.14 56.23
N GLN E 684 43.88 25.40 55.84
CA GLN E 684 43.95 26.50 56.79
C GLN E 684 43.13 27.70 56.33
N PHE E 685 42.41 28.30 57.28
CA PHE E 685 41.58 29.46 56.99
C PHE E 685 42.24 30.74 57.48
N ASP E 686 42.19 31.78 56.65
CA ASP E 686 42.77 33.07 56.97
C ASP E 686 44.28 32.92 57.18
N SER E 687 44.86 31.91 56.52
CA SER E 687 46.29 31.65 56.61
C SER E 687 46.81 31.64 58.04
N SER E 688 46.13 30.91 58.92
CA SER E 688 46.54 30.82 60.31
C SER E 688 45.76 29.73 61.03
N VAL E 689 44.43 29.83 60.99
CA VAL E 689 43.56 28.84 61.64
C VAL E 689 43.52 27.55 60.83
N THR E 690 44.20 26.52 61.31
CA THR E 690 44.21 25.24 60.63
C THR E 690 42.89 24.52 60.84
N TRP E 691 42.46 23.76 59.84
CA TRP E 691 41.20 23.03 59.92
C TRP E 691 41.50 21.53 59.85
N PRO E 692 40.76 20.71 60.61
CA PRO E 692 39.69 21.12 61.53
C PRO E 692 40.23 21.64 62.85
N GLY E 693 41.52 21.42 63.09
CA GLY E 693 42.13 21.87 64.32
C GLY E 693 41.48 21.21 65.51
N ASN E 694 41.37 21.94 66.62
CA ASN E 694 40.75 21.42 67.83
C ASN E 694 41.36 20.07 68.23
N ASP E 695 42.55 19.78 67.70
CA ASP E 695 43.24 18.54 68.00
C ASP E 695 42.32 17.34 67.77
N ARG E 696 41.74 17.28 66.58
CA ARG E 696 40.84 16.19 66.21
C ARG E 696 41.58 14.93 65.81
N LEU E 697 42.56 15.09 64.91
CA LEU E 697 43.33 13.95 64.43
C LEU E 697 44.61 13.71 65.23
N LEU E 698 45.19 12.53 65.05
CA LEU E 698 46.42 12.16 65.74
C LEU E 698 47.49 13.16 65.33
N THR E 699 47.32 13.70 64.12
CA THR E 699 48.23 14.70 63.58
C THR E 699 47.35 15.91 63.25
N PRO E 700 46.90 16.63 64.29
CA PRO E 700 46.04 17.82 64.21
C PRO E 700 46.43 18.92 63.22
N ASN E 701 47.67 18.90 62.76
CA ASN E 701 48.12 19.93 61.83
C ASN E 701 47.98 19.55 60.36
N GLU E 702 47.42 18.39 60.08
CA GLU E 702 47.25 17.95 58.71
C GLU E 702 46.63 16.56 58.58
N PHE E 703 46.28 16.19 57.35
CA PHE E 703 45.69 14.89 57.07
C PHE E 703 46.73 14.05 56.33
N GLU E 704 47.41 13.17 57.06
CA GLU E 704 48.42 12.31 56.45
C GLU E 704 47.72 11.12 55.80
N ILE E 705 47.69 11.10 54.47
CA ILE E 705 47.05 10.00 53.75
C ILE E 705 47.84 8.70 53.88
N LYS E 706 49.17 8.82 53.89
CA LYS E 706 50.02 7.65 54.02
C LYS E 706 51.41 8.04 54.55
N ILE E 707 52.01 7.14 55.32
CA ILE E 707 53.33 7.38 55.90
C ILE E 707 54.33 6.36 55.35
N SER E 708 55.55 6.81 55.07
CA SER E 708 56.60 5.95 54.55
C SER E 708 57.30 5.22 55.69
N VAL E 709 57.77 5.98 56.67
CA VAL E 709 58.45 5.44 57.84
C VAL E 709 57.44 5.17 58.94
N ASP E 710 57.22 3.91 59.27
CA ASP E 710 56.25 3.55 60.30
C ASP E 710 56.38 4.35 61.60
N GLY E 711 57.57 4.35 62.19
CA GLY E 711 57.76 5.08 63.43
C GLY E 711 56.86 4.55 64.54
N GLU E 712 55.65 5.10 64.63
CA GLU E 712 54.68 4.67 65.63
C GLU E 712 53.79 3.59 65.04
N GLY E 713 53.53 3.69 63.74
CA GLY E 713 52.70 2.71 63.08
C GLY E 713 51.27 3.18 62.97
N TYR E 714 51.10 4.43 62.55
CA TYR E 714 49.77 5.01 62.39
C TYR E 714 49.12 4.42 61.14
N ASN E 715 49.68 3.33 60.65
CA ASN E 715 49.18 2.66 59.46
C ASN E 715 48.21 1.56 59.88
N VAL E 716 47.17 1.34 59.07
CA VAL E 716 46.18 0.31 59.34
C VAL E 716 45.89 -0.55 58.13
N ALA E 717 44.93 -1.46 58.27
CA ALA E 717 44.55 -2.35 57.18
C ALA E 717 45.76 -3.08 56.62
N GLN E 718 46.82 -3.15 57.41
CA GLN E 718 48.04 -3.82 57.00
C GLN E 718 48.59 -3.18 55.73
N SER E 719 48.51 -1.85 55.66
CA SER E 719 49.00 -1.11 54.50
C SER E 719 49.82 0.08 54.98
N ASN E 720 50.00 1.07 54.09
CA ASN E 720 50.77 2.25 54.44
C ASN E 720 49.83 3.44 54.66
N MET E 721 48.54 3.16 54.80
CA MET E 721 47.55 4.20 55.02
C MET E 721 47.40 4.50 56.50
N THR E 722 47.47 5.78 56.87
CA THR E 722 47.34 6.17 58.27
C THR E 722 45.99 5.76 58.83
N LYS E 723 45.88 5.81 60.15
CA LYS E 723 44.64 5.45 60.83
C LYS E 723 43.66 6.60 60.69
N ASP E 724 44.18 7.81 60.77
CA ASP E 724 43.38 9.01 60.65
C ASP E 724 42.65 9.07 59.32
N TRP E 725 43.40 8.91 58.23
CA TRP E 725 42.81 8.95 56.90
C TRP E 725 41.75 7.87 56.71
N PHE E 726 42.09 6.64 57.09
CA PHE E 726 41.15 5.53 56.95
C PHE E 726 39.84 5.87 57.64
N LEU E 727 39.93 6.40 58.85
CA LEU E 727 38.75 6.77 59.61
C LEU E 727 37.91 7.79 58.86
N VAL E 728 38.55 8.88 58.44
CA VAL E 728 37.86 9.93 57.70
C VAL E 728 37.10 9.37 56.50
N GLN E 729 37.79 8.59 55.68
CA GLN E 729 37.17 8.00 54.50
C GLN E 729 35.96 7.16 54.86
N MET E 730 36.07 6.37 55.92
CA MET E 730 34.98 5.51 56.36
C MET E 730 33.75 6.33 56.78
N LEU E 731 33.98 7.41 57.50
CA LEU E 731 32.89 8.27 57.96
C LEU E 731 32.22 9.01 56.82
N ALA E 732 33.03 9.59 55.93
CA ALA E 732 32.51 10.35 54.80
C ALA E 732 31.79 9.49 53.76
N ASN E 733 31.96 8.18 53.86
CA ASN E 733 31.32 7.28 52.90
C ASN E 733 30.22 6.42 53.49
N TYR E 734 30.43 5.90 54.69
CA TYR E 734 29.44 5.03 55.31
C TYR E 734 29.11 5.42 56.75
N ASN E 735 29.60 6.57 57.19
CA ASN E 735 29.36 7.02 58.56
C ASN E 735 29.77 5.93 59.54
N ILE E 736 30.74 5.12 59.15
CA ILE E 736 31.23 4.03 59.99
C ILE E 736 32.59 4.36 60.55
N GLY E 737 32.75 4.22 61.87
CA GLY E 737 34.03 4.51 62.49
C GLY E 737 33.90 4.82 63.97
N TYR E 738 32.83 5.50 64.36
CA TYR E 738 32.61 5.84 65.76
C TYR E 738 32.10 4.67 66.57
N GLN E 739 31.73 3.59 65.89
CA GLN E 739 31.22 2.43 66.58
C GLN E 739 31.67 1.12 65.91
N GLY E 740 32.97 1.02 65.67
CA GLY E 740 33.52 -0.18 65.05
C GLY E 740 33.63 -0.12 63.55
N TYR E 741 34.67 -0.76 63.02
CA TYR E 741 34.91 -0.78 61.58
C TYR E 741 34.42 -2.11 60.99
N HIS E 742 33.42 -2.04 60.13
CA HIS E 742 32.86 -3.24 59.51
C HIS E 742 32.48 -2.99 58.05
N LEU E 743 32.52 -4.04 57.25
CA LEU E 743 32.17 -3.94 55.84
C LEU E 743 30.75 -3.42 55.71
N PRO E 744 30.60 -2.19 55.19
CA PRO E 744 29.28 -1.57 55.01
C PRO E 744 28.38 -2.40 54.10
N PRO E 745 27.06 -2.13 54.15
CA PRO E 745 26.10 -2.86 53.32
C PRO E 745 26.36 -2.68 51.82
N ASP E 746 26.11 -3.74 51.06
CA ASP E 746 26.34 -3.73 49.61
C ASP E 746 25.76 -2.56 48.83
N TYR E 747 24.50 -2.22 49.08
CA TYR E 747 23.87 -1.13 48.35
C TYR E 747 24.65 0.18 48.45
N LYS E 748 25.50 0.31 49.47
CA LYS E 748 26.30 1.52 49.63
C LYS E 748 27.69 1.39 49.04
N ASP E 749 28.03 0.19 48.57
CA ASP E 749 29.33 -0.05 47.96
C ASP E 749 29.23 -0.09 46.44
N ARG E 750 29.26 1.08 45.82
CA ARG E 750 29.17 1.17 44.37
C ARG E 750 30.58 1.33 43.80
N THR E 751 30.70 1.26 42.48
CA THR E 751 31.99 1.37 41.83
C THR E 751 32.74 2.66 42.17
N PHE E 752 32.02 3.64 42.71
CA PHE E 752 32.63 4.92 43.07
C PHE E 752 32.83 5.08 44.58
N SER E 753 32.75 3.97 45.31
CA SER E 753 32.92 3.99 46.75
C SER E 753 34.40 3.82 47.11
N PHE E 754 34.72 3.98 48.38
CA PHE E 754 36.09 3.84 48.84
C PHE E 754 36.48 2.38 49.03
N LEU E 755 35.99 1.78 50.10
CA LEU E 755 36.28 0.38 50.42
C LEU E 755 36.22 -0.54 49.21
N HIS E 756 35.22 -0.34 48.36
CA HIS E 756 35.05 -1.18 47.18
C HIS E 756 36.32 -1.25 46.32
N ASN E 757 37.07 -0.15 46.27
CA ASN E 757 38.27 -0.09 45.46
C ASN E 757 39.56 -0.21 46.27
N PHE E 758 39.46 -0.12 47.59
CA PHE E 758 40.62 -0.21 48.45
C PHE E 758 41.20 -1.62 48.42
N ILE E 759 42.47 -1.74 48.03
CA ILE E 759 43.13 -3.04 47.95
C ILE E 759 44.58 -2.98 48.43
N PRO E 760 44.82 -3.32 49.70
CA PRO E 760 46.17 -3.32 50.27
C PRO E 760 46.99 -4.51 49.79
N MET E 761 48.30 -4.32 49.71
CA MET E 761 49.19 -5.38 49.27
C MET E 761 50.58 -5.21 49.85
N CYS E 762 51.27 -6.33 50.07
CA CYS E 762 52.61 -6.31 50.63
C CYS E 762 53.49 -7.30 49.90
N ARG E 763 54.79 -7.23 50.17
CA ARG E 763 55.75 -8.13 49.54
C ARG E 763 57.10 -7.95 50.21
N GLN E 764 57.93 -8.98 50.12
CA GLN E 764 59.27 -8.92 50.69
C GLN E 764 60.26 -8.92 49.53
N VAL E 765 61.36 -8.19 49.71
CA VAL E 765 62.38 -8.10 48.69
C VAL E 765 63.75 -8.23 49.34
N PRO E 766 64.72 -8.82 48.61
CA PRO E 766 66.07 -8.99 49.15
C PRO E 766 66.70 -7.66 49.55
N ASN E 767 66.77 -7.41 50.85
CA ASN E 767 67.35 -6.17 51.36
C ASN E 767 68.74 -5.95 50.76
N PRO E 768 68.96 -4.79 50.13
CA PRO E 768 70.22 -4.41 49.49
C PRO E 768 71.42 -4.23 50.41
N ALA E 769 71.18 -4.01 51.70
CA ALA E 769 72.26 -3.81 52.65
C ALA E 769 72.41 -4.97 53.64
N THR E 770 72.12 -6.17 53.17
CA THR E 770 72.22 -7.37 53.99
C THR E 770 73.58 -8.03 53.79
N GLU E 771 73.69 -8.86 52.76
CA GLU E 771 74.94 -9.54 52.45
C GLU E 771 75.37 -9.37 51.00
N GLY E 772 76.52 -9.96 50.68
CA GLY E 772 77.04 -9.86 49.32
C GLY E 772 76.17 -10.64 48.35
N TYR E 773 75.07 -10.03 47.93
CA TYR E 773 74.14 -10.64 47.01
C TYR E 773 74.29 -9.94 45.66
N PHE E 774 74.98 -8.81 45.69
CA PHE E 774 75.23 -8.01 44.51
C PHE E 774 73.95 -7.52 43.83
N GLY E 775 74.11 -6.86 42.69
CA GLY E 775 72.96 -6.35 41.95
C GLY E 775 72.60 -7.21 40.77
N LEU E 776 71.40 -7.80 40.81
CA LEU E 776 70.93 -8.64 39.73
C LEU E 776 70.77 -7.80 38.46
N GLY E 777 71.84 -7.71 37.68
CA GLY E 777 71.79 -6.93 36.45
C GLY E 777 70.81 -7.53 35.46
N ILE E 778 69.84 -6.74 35.04
CA ILE E 778 68.83 -7.22 34.09
C ILE E 778 69.47 -7.70 32.79
N VAL E 779 70.73 -7.35 32.58
CA VAL E 779 71.43 -7.76 31.37
C VAL E 779 72.12 -9.11 31.60
N ASN E 780 72.17 -9.53 32.86
CA ASN E 780 72.79 -10.80 33.22
C ASN E 780 71.74 -11.78 33.73
N HIS E 781 70.53 -11.27 33.94
CA HIS E 781 69.43 -12.10 34.41
C HIS E 781 69.21 -13.29 33.49
N ARG E 782 69.38 -14.49 34.04
CA ARG E 782 69.18 -15.70 33.25
C ARG E 782 68.28 -16.67 34.00
N THR E 783 67.19 -17.05 33.35
CA THR E 783 66.22 -17.98 33.93
C THR E 783 65.60 -18.78 32.79
N THR E 784 65.54 -20.09 32.95
CA THR E 784 64.98 -20.94 31.91
C THR E 784 65.73 -20.68 30.60
N PRO E 785 67.07 -20.73 30.63
CA PRO E 785 67.88 -20.49 29.43
C PRO E 785 67.62 -21.51 28.33
N ALA E 786 68.01 -21.17 27.11
CA ALA E 786 67.82 -22.03 25.95
C ALA E 786 66.33 -22.13 25.62
N TYR E 787 65.50 -21.82 26.62
CA TYR E 787 64.06 -21.84 26.45
C TYR E 787 63.60 -20.38 26.59
N TRP E 788 64.52 -19.53 27.03
CA TRP E 788 64.26 -18.11 27.23
C TRP E 788 65.02 -17.36 26.15
N PHE E 789 64.98 -16.03 26.23
CA PHE E 789 65.68 -15.18 25.27
C PHE E 789 65.95 -13.80 25.90
N ARG E 790 67.13 -13.25 25.63
CA ARG E 790 67.55 -11.94 26.16
C ARG E 790 66.59 -10.82 25.74
N PHE E 791 66.19 -10.83 24.48
CA PHE E 791 65.24 -9.84 23.97
C PHE E 791 63.85 -10.45 24.10
N CYS E 792 63.80 -11.50 24.93
CA CYS E 792 62.58 -12.24 25.23
C CYS E 792 61.36 -11.95 24.37
N ARG E 793 61.22 -12.75 23.32
CA ARG E 793 60.12 -12.63 22.39
C ARG E 793 60.33 -13.60 21.24
N ALA E 794 61.55 -13.57 20.72
CA ALA E 794 61.94 -14.43 19.62
C ALA E 794 61.93 -15.89 20.06
N PRO E 795 62.51 -16.79 19.24
CA PRO E 795 62.45 -18.18 19.73
C PRO E 795 63.33 -18.44 20.95
N ARG E 796 63.61 -19.72 21.16
CA ARG E 796 64.41 -20.16 22.28
C ARG E 796 65.89 -19.95 21.98
N GLU E 797 66.63 -19.51 22.99
CA GLU E 797 68.05 -19.27 22.82
C GLU E 797 68.83 -19.44 24.10
N GLY E 798 70.00 -20.05 23.99
CA GLY E 798 70.82 -20.24 25.18
C GLY E 798 71.27 -21.66 25.39
N HIS E 799 71.21 -22.11 26.65
CA HIS E 799 71.66 -23.45 27.01
C HIS E 799 71.25 -23.77 28.44
N PRO E 800 70.50 -24.88 28.63
CA PRO E 800 70.06 -25.29 29.97
C PRO E 800 71.14 -25.07 31.02
N TYR E 801 70.84 -24.28 32.04
CA TYR E 801 71.80 -23.98 33.08
C TYR E 801 71.10 -23.46 34.33
N PRO E 802 71.66 -23.74 35.52
CA PRO E 802 71.02 -23.26 36.75
C PRO E 802 70.94 -21.75 36.76
N GLN E 803 69.73 -21.22 36.62
CA GLN E 803 69.50 -19.77 36.60
C GLN E 803 70.01 -19.09 37.87
N LEU E 804 69.89 -17.76 37.93
CA LEU E 804 70.38 -16.98 39.06
C LEU E 804 69.49 -15.80 39.45
N ALA E 805 68.81 -15.21 38.47
CA ALA E 805 67.94 -14.07 38.75
C ALA E 805 66.88 -14.41 39.80
N LEU E 806 66.32 -13.36 40.40
CA LEU E 806 65.29 -13.51 41.42
C LEU E 806 65.76 -14.38 42.58
N PRO E 807 66.18 -13.74 43.67
CA PRO E 807 66.66 -14.44 44.87
C PRO E 807 65.53 -15.09 45.65
N PRO E 808 65.80 -16.22 46.33
CA PRO E 808 64.78 -16.90 47.12
C PRO E 808 64.22 -16.06 48.25
N HIS E 809 62.91 -16.21 48.48
CA HIS E 809 62.22 -15.48 49.54
C HIS E 809 61.56 -16.44 50.51
N TRP E 810 62.20 -17.59 50.68
CA TRP E 810 61.71 -18.62 51.59
C TRP E 810 62.68 -19.80 51.53
N ASP E 811 62.38 -20.85 52.29
CA ASP E 811 63.22 -22.05 52.31
C ASP E 811 64.54 -21.75 53.03
N PRO E 812 65.24 -22.79 53.53
CA PRO E 812 66.52 -22.57 54.21
C PRO E 812 67.52 -21.75 53.41
N ARG E 813 67.33 -21.68 52.10
CA ARG E 813 68.24 -20.94 51.23
C ARG E 813 67.81 -19.47 51.16
N HIS E 814 66.77 -19.13 51.89
CA HIS E 814 66.25 -17.76 51.92
C HIS E 814 67.28 -16.76 52.46
N ALA E 815 67.40 -15.64 51.77
CA ALA E 815 68.34 -14.59 52.18
C ALA E 815 67.57 -13.48 52.88
N LEU E 816 68.25 -12.70 53.71
CA LEU E 816 67.62 -11.61 54.43
C LEU E 816 66.90 -10.64 53.47
N ARG E 817 65.64 -10.36 53.76
CA ARG E 817 64.84 -9.46 52.94
C ARG E 817 64.37 -8.21 53.67
N ASP E 818 63.28 -7.62 53.19
CA ASP E 818 62.71 -6.41 53.77
C ASP E 818 61.28 -6.19 53.28
N PRO E 819 60.34 -5.93 54.20
CA PRO E 819 58.92 -5.70 53.88
C PRO E 819 58.66 -4.37 53.16
N GLU E 820 57.62 -4.34 52.35
CA GLU E 820 57.26 -3.14 51.62
C GLU E 820 55.75 -3.10 51.43
N ARG E 821 55.11 -2.06 51.97
CA ARG E 821 53.65 -1.93 51.88
C ARG E 821 53.19 -0.77 51.01
N LYS E 822 51.99 -0.92 50.45
CA LYS E 822 51.37 0.10 49.61
C LYS E 822 49.93 -0.29 49.33
N PHE E 823 49.24 0.50 48.51
CA PHE E 823 47.85 0.21 48.19
C PHE E 823 47.40 0.92 46.93
N LEU E 824 46.20 0.56 46.45
CA LEU E 824 45.62 1.15 45.26
C LEU E 824 44.13 1.41 45.48
N CYS E 825 43.64 2.52 44.94
CA CYS E 825 42.24 2.88 45.07
C CYS E 825 41.85 3.67 43.82
N ASP E 826 41.39 2.96 42.81
CA ASP E 826 41.00 3.58 41.55
C ASP E 826 39.53 4.00 41.50
N ARG E 827 39.17 4.61 40.38
CA ARG E 827 37.81 5.09 40.13
C ARG E 827 37.14 5.60 41.41
N THR E 828 37.89 6.33 42.22
CA THR E 828 37.38 6.87 43.47
C THR E 828 37.90 8.28 43.70
N LEU E 829 37.25 9.01 44.61
CA LEU E 829 37.64 10.37 44.93
C LEU E 829 37.82 10.55 46.43
N TRP E 830 38.97 11.11 46.81
CA TRP E 830 39.24 11.35 48.22
C TRP E 830 38.23 12.35 48.75
N ARG E 831 37.65 12.06 49.91
CA ARG E 831 36.65 12.93 50.51
C ARG E 831 37.07 13.52 51.85
N ILE E 832 36.63 14.75 52.10
CA ILE E 832 36.91 15.45 53.34
C ILE E 832 35.72 16.34 53.63
N PRO E 833 34.59 15.73 54.05
CA PRO E 833 33.37 16.47 54.36
C PRO E 833 33.61 17.64 55.31
N PHE E 834 32.88 18.72 55.11
CA PHE E 834 33.03 19.90 55.94
C PHE E 834 32.08 19.83 57.14
N SER E 835 32.14 18.72 57.86
CA SER E 835 31.30 18.52 59.04
C SER E 835 32.17 18.48 60.28
N SER E 836 31.56 18.74 61.43
CA SER E 836 32.29 18.74 62.70
C SER E 836 32.75 17.35 63.08
N ASN E 837 32.03 16.34 62.62
CA ASN E 837 32.37 14.96 62.94
C ASN E 837 32.64 14.13 61.68
N PHE E 838 32.71 14.81 60.54
CA PHE E 838 32.98 14.15 59.27
C PHE E 838 31.84 13.26 58.77
N MET E 839 30.77 13.16 59.55
CA MET E 839 29.64 12.33 59.15
C MET E 839 28.65 13.12 58.32
N SER E 840 27.81 12.41 57.57
CA SER E 840 26.80 13.05 56.73
C SER E 840 25.46 13.07 57.46
N MET E 841 25.09 14.24 57.97
CA MET E 841 23.83 14.40 58.69
C MET E 841 22.86 15.24 57.89
N GLY E 842 23.12 15.37 56.60
CA GLY E 842 22.26 16.15 55.73
C GLY E 842 23.07 16.87 54.67
N SER E 843 22.44 17.15 53.54
CA SER E 843 23.11 17.84 52.44
C SER E 843 23.79 19.10 52.96
N LEU E 844 23.03 19.90 53.69
CA LEU E 844 23.55 21.14 54.27
C LEU E 844 24.19 20.84 55.61
N THR E 845 25.49 20.57 55.60
CA THR E 845 26.23 20.25 56.83
C THR E 845 25.99 21.29 57.92
N ASP E 846 26.41 20.94 59.13
CA ASP E 846 26.25 21.83 60.28
C ASP E 846 27.21 23.00 60.16
N LEU E 847 28.48 22.71 59.90
CA LEU E 847 29.48 23.75 59.75
C LEU E 847 29.11 24.68 58.60
N GLY E 848 28.55 24.09 57.54
CA GLY E 848 28.15 24.89 56.39
C GLY E 848 27.00 25.80 56.74
N GLN E 849 26.58 25.77 58.00
CA GLN E 849 25.47 26.61 58.45
C GLN E 849 25.86 27.35 59.72
N ASN E 850 27.15 27.32 60.04
CA ASN E 850 27.67 27.99 61.22
C ASN E 850 27.88 29.48 60.93
N LEU E 851 27.50 30.34 61.88
CA LEU E 851 27.62 31.78 61.73
C LEU E 851 29.03 32.25 61.38
N LEU E 852 30.04 31.63 62.00
CA LEU E 852 31.42 32.01 61.75
C LEU E 852 31.76 32.12 60.26
N TYR E 853 31.01 31.41 59.42
CA TYR E 853 31.26 31.43 57.99
C TYR E 853 30.26 32.27 57.19
N ALA E 854 28.98 32.19 57.56
CA ALA E 854 27.95 32.95 56.88
C ALA E 854 28.03 34.44 57.18
N ASN E 855 28.58 34.76 58.35
CA ASN E 855 28.71 36.15 58.78
C ASN E 855 29.85 36.89 58.08
N ALA E 856 31.07 36.39 58.27
CA ALA E 856 32.25 37.01 57.67
C ALA E 856 32.89 36.11 56.62
N ALA E 857 33.66 36.71 55.72
CA ALA E 857 34.34 35.98 54.67
C ALA E 857 35.75 35.62 55.11
N HIS E 858 36.28 34.53 54.58
CA HIS E 858 37.62 34.08 54.94
C HIS E 858 38.45 33.75 53.71
N ALA E 859 39.68 33.32 53.94
CA ALA E 859 40.60 32.95 52.87
C ALA E 859 41.02 31.50 53.10
N LEU E 860 41.12 30.74 52.02
CA LEU E 860 41.52 29.33 52.13
C LEU E 860 42.87 29.07 51.49
N ASP E 861 43.62 28.14 52.06
CA ASP E 861 44.94 27.78 51.56
C ASP E 861 45.21 26.31 51.82
N MET E 862 45.35 25.53 50.76
CA MET E 862 45.61 24.10 50.88
C MET E 862 46.99 23.77 50.33
N THR E 863 47.65 22.79 50.94
CA THR E 863 48.98 22.37 50.50
C THR E 863 48.99 20.85 50.33
N PHE E 864 49.05 20.40 49.09
CA PHE E 864 49.06 18.98 48.80
C PHE E 864 50.47 18.47 48.49
N GLU E 865 50.88 17.45 49.25
CA GLU E 865 52.19 16.85 49.06
C GLU E 865 51.95 15.48 48.42
N MET E 866 52.50 15.28 47.23
CA MET E 866 52.31 14.02 46.52
C MET E 866 53.60 13.44 45.96
N ASP E 867 53.54 12.18 45.54
CA ASP E 867 54.70 11.49 44.98
C ASP E 867 55.08 12.11 43.64
N PRO E 868 56.39 12.21 43.38
CA PRO E 868 56.91 12.77 42.12
C PRO E 868 56.69 11.86 40.92
N ILE E 869 56.29 12.46 39.80
CA ILE E 869 56.06 11.71 38.56
C ILE E 869 56.82 12.38 37.42
N ASN E 870 57.37 11.56 36.53
CA ASN E 870 58.13 12.08 35.39
C ASN E 870 57.27 12.58 34.23
N GLU E 871 56.21 13.31 34.55
CA GLU E 871 55.33 13.86 33.53
C GLU E 871 54.32 14.85 34.13
N PRO E 872 53.93 15.86 33.35
CA PRO E 872 52.98 16.88 33.79
C PRO E 872 51.65 16.28 34.23
N THR E 873 51.19 16.68 35.42
CA THR E 873 49.93 16.18 35.95
C THR E 873 49.07 17.36 36.41
N LEU E 874 47.91 17.05 36.98
CA LEU E 874 47.00 18.08 37.46
C LEU E 874 46.32 17.68 38.76
N LEU E 875 46.04 18.67 39.61
CA LEU E 875 45.39 18.44 40.89
C LEU E 875 43.90 18.77 40.77
N TYR E 876 43.10 17.76 40.49
CA TYR E 876 41.66 17.94 40.34
C TYR E 876 40.94 18.08 41.68
N VAL E 877 40.56 19.30 42.02
CA VAL E 877 39.86 19.57 43.26
C VAL E 877 38.36 19.71 42.99
N LEU E 878 37.54 19.43 44.01
CA LEU E 878 36.10 19.53 43.86
C LEU E 878 35.42 20.17 45.07
N PHE E 879 35.25 21.48 45.02
CA PHE E 879 34.62 22.21 46.10
C PHE E 879 33.12 21.93 46.06
N GLU E 880 32.71 20.86 46.76
CA GLU E 880 31.30 20.48 46.81
C GLU E 880 30.46 21.68 47.25
N VAL E 881 29.45 21.99 46.46
CA VAL E 881 28.57 23.12 46.77
C VAL E 881 27.12 22.80 46.44
N PHE E 882 26.30 23.83 46.31
CA PHE E 882 24.89 23.66 45.98
C PHE E 882 24.56 24.28 44.63
N ASP E 883 24.56 23.45 43.60
CA ASP E 883 24.26 23.90 42.25
C ASP E 883 22.78 23.61 41.98
N VAL E 884 21.91 24.49 42.46
CA VAL E 884 20.48 24.31 42.28
C VAL E 884 19.87 25.37 41.37
N ALA E 885 18.76 25.02 40.72
CA ALA E 885 18.08 25.94 39.82
C ALA E 885 16.58 25.67 39.78
N ARG E 886 15.78 26.72 39.90
CA ARG E 886 14.33 26.61 39.87
C ARG E 886 13.82 26.97 38.47
N VAL E 887 12.79 26.25 38.02
CA VAL E 887 12.19 26.50 36.72
C VAL E 887 10.77 27.01 36.88
N HIS E 888 10.51 28.21 36.39
CA HIS E 888 9.19 28.82 36.48
C HIS E 888 8.56 28.97 35.11
N GLN E 889 7.35 28.44 34.96
CA GLN E 889 6.63 28.51 33.69
C GLN E 889 5.28 29.20 33.87
N PRO E 890 5.26 30.53 33.75
CA PRO E 890 4.04 31.33 33.90
C PRO E 890 3.01 31.12 32.79
N HIS E 891 3.42 31.38 31.55
CA HIS E 891 2.52 31.23 30.41
C HIS E 891 2.98 30.23 29.36
N ARG E 892 2.13 30.04 28.36
CA ARG E 892 2.40 29.11 27.27
C ARG E 892 3.68 29.50 26.54
N GLY E 893 4.58 28.53 26.38
CA GLY E 893 5.83 28.79 25.70
C GLY E 893 6.68 29.86 26.37
N VAL E 894 6.85 29.75 27.68
CA VAL E 894 7.65 30.71 28.43
C VAL E 894 8.37 30.01 29.58
N ILE E 895 9.70 29.90 29.48
CA ILE E 895 10.49 29.25 30.51
C ILE E 895 11.46 30.21 31.18
N GLU E 896 11.24 30.43 32.48
CA GLU E 896 12.10 31.32 33.26
C GLU E 896 12.80 30.50 34.34
N VAL E 897 14.12 30.39 34.24
CA VAL E 897 14.88 29.62 35.21
C VAL E 897 15.80 30.53 36.03
N VAL E 898 16.09 30.12 37.26
CA VAL E 898 16.94 30.89 38.15
C VAL E 898 17.99 29.99 38.81
N TYR E 899 19.22 30.04 38.30
CA TYR E 899 20.29 29.22 38.85
C TYR E 899 20.86 29.86 40.11
N LEU E 900 21.66 29.10 40.84
CA LEU E 900 22.28 29.59 42.07
C LEU E 900 23.25 28.57 42.66
N ARG E 901 24.54 28.81 42.46
CA ARG E 901 25.56 27.92 43.00
C ARG E 901 26.31 28.64 44.12
N THR E 902 26.05 28.23 45.35
CA THR E 902 26.70 28.83 46.51
C THR E 902 27.39 27.77 47.37
N PRO E 903 28.66 27.99 47.73
CA PRO E 903 29.49 29.15 47.40
C PRO E 903 29.87 29.18 45.91
N PHE E 904 30.86 30.00 45.58
CA PHE E 904 31.34 30.11 44.21
C PHE E 904 30.21 30.46 43.25
N SER E 905 29.53 31.58 43.51
CA SER E 905 28.42 32.02 42.67
C SER E 905 28.85 32.16 41.21
N ALA E 906 29.83 33.03 40.97
CA ALA E 906 30.34 33.26 39.62
C ALA E 906 31.86 33.45 39.66
N GLY E 907 32.57 32.38 39.98
CA GLY E 907 34.02 32.45 40.05
C GLY E 907 34.45 33.14 41.33
N ASN E 908 35.75 33.38 41.47
CA ASN E 908 36.27 34.04 42.66
C ASN E 908 37.22 35.18 42.29
N ALA E 909 36.98 36.36 42.88
CA ALA E 909 37.81 37.52 42.62
C ALA E 909 37.59 38.58 43.70
N LEU F 7 18.18 31.23 54.94
CA LEU F 7 17.72 32.59 54.55
C LEU F 7 16.92 32.55 53.24
N PRO F 8 16.11 33.59 52.99
CA PRO F 8 15.27 33.70 51.78
C PRO F 8 15.94 33.26 50.49
N GLN F 9 17.28 33.25 50.49
CA GLN F 9 18.02 32.84 49.31
C GLN F 9 17.94 31.32 49.18
N TRP F 10 18.13 30.63 50.30
CA TRP F 10 18.06 29.17 50.29
C TRP F 10 16.61 28.71 50.29
N SER F 11 15.80 29.33 51.13
CA SER F 11 14.38 28.99 51.23
C SER F 11 13.72 28.97 49.86
N TYR F 12 14.12 29.88 48.98
CA TYR F 12 13.55 29.95 47.64
C TYR F 12 14.07 28.79 46.80
N MET F 13 15.37 28.56 46.84
CA MET F 13 15.99 27.48 46.08
C MET F 13 15.79 26.13 46.77
N HIS F 14 15.08 26.15 47.89
CA HIS F 14 14.81 24.94 48.65
C HIS F 14 16.08 24.28 49.19
N ILE F 15 17.15 25.06 49.33
CA ILE F 15 18.39 24.52 49.85
C ILE F 15 18.13 24.10 51.29
N ALA F 16 17.15 24.74 51.90
CA ALA F 16 16.76 24.46 53.27
C ALA F 16 15.33 24.93 53.51
N GLY F 17 14.62 24.28 54.41
CA GLY F 17 13.25 24.66 54.69
C GLY F 17 12.26 23.51 54.59
N GLN F 18 11.01 23.83 54.29
CA GLN F 18 9.97 22.82 54.17
C GLN F 18 10.21 21.91 52.97
N ASP F 19 9.53 20.76 52.98
CA ASP F 19 9.67 19.79 51.89
C ASP F 19 8.58 19.97 50.84
N ALA F 20 8.75 19.29 49.71
CA ALA F 20 7.81 19.38 48.60
C ALA F 20 6.38 19.16 49.09
N SER F 21 6.22 18.19 49.99
CA SER F 21 4.90 17.88 50.55
C SER F 21 4.37 18.99 51.43
N GLU F 22 5.04 20.14 51.41
CA GLU F 22 4.62 21.27 52.22
C GLU F 22 4.66 22.59 51.46
N TYR F 23 5.72 22.81 50.69
CA TYR F 23 5.84 24.05 49.93
C TYR F 23 5.07 24.00 48.62
N LEU F 24 4.51 22.82 48.32
CA LEU F 24 3.72 22.63 47.11
C LEU F 24 2.24 22.75 47.42
N SER F 25 1.43 22.97 46.39
CA SER F 25 -0.01 23.10 46.57
C SER F 25 -0.58 21.73 46.94
N PRO F 26 -1.39 21.69 48.00
CA PRO F 26 -2.02 20.44 48.48
C PRO F 26 -2.53 19.55 47.34
N GLY F 27 -3.19 20.16 46.36
CA GLY F 27 -3.71 19.39 45.26
C GLY F 27 -2.65 18.62 44.49
N LEU F 28 -1.60 19.32 44.07
CA LEU F 28 -0.52 18.69 43.33
C LEU F 28 0.16 17.58 44.11
N VAL F 29 0.26 17.76 45.42
CA VAL F 29 0.89 16.76 46.29
C VAL F 29 0.22 15.39 46.14
N GLN F 30 -1.03 15.30 46.58
CA GLN F 30 -1.78 14.06 46.51
C GLN F 30 -1.83 13.48 45.11
N PHE F 31 -1.87 14.35 44.10
CA PHE F 31 -1.91 13.89 42.72
C PHE F 31 -0.73 12.99 42.43
N ALA F 32 0.46 13.42 42.81
CA ALA F 32 1.67 12.65 42.59
C ALA F 32 1.59 11.32 43.35
N GLN F 33 1.12 11.39 44.60
CA GLN F 33 0.99 10.20 45.43
C GLN F 33 0.06 9.18 44.78
N ALA F 34 -0.94 9.67 44.06
CA ALA F 34 -1.91 8.80 43.40
C ALA F 34 -1.36 8.23 42.10
N THR F 35 -0.61 9.04 41.37
CA THR F 35 -0.02 8.61 40.10
C THR F 35 1.35 7.99 40.31
N GLU F 36 1.64 7.57 41.54
CA GLU F 36 2.92 6.95 41.86
C GLU F 36 3.08 5.60 41.17
N SER F 37 2.30 5.38 40.11
CA SER F 37 2.35 4.12 39.38
C SER F 37 2.73 4.37 37.92
N TYR F 38 1.88 5.09 37.22
CA TYR F 38 2.11 5.39 35.81
C TYR F 38 2.94 6.65 35.58
N PHE F 39 2.41 7.80 35.98
CA PHE F 39 3.13 9.06 35.80
C PHE F 39 3.74 9.54 37.12
N ASN F 40 5.06 9.65 37.14
CA ASN F 40 5.77 10.10 38.33
C ASN F 40 6.28 11.53 38.19
N ILE F 41 6.10 12.33 39.23
CA ILE F 41 6.55 13.72 39.23
C ILE F 41 7.23 14.04 40.55
N GLY F 42 7.66 13.00 41.26
CA GLY F 42 8.30 13.20 42.55
C GLY F 42 9.74 13.67 42.48
N ASN F 43 10.39 13.41 41.34
CA ASN F 43 11.79 13.80 41.16
C ASN F 43 11.86 15.24 40.66
N LYS F 44 10.73 15.76 40.21
CA LYS F 44 10.66 17.12 39.69
C LYS F 44 10.75 18.16 40.80
N PHE F 45 10.43 17.75 42.03
CA PHE F 45 10.49 18.65 43.17
C PHE F 45 11.55 18.19 44.16
N ARG F 46 12.45 19.10 44.52
CA ARG F 46 13.51 18.80 45.46
C ARG F 46 13.11 18.96 46.92
N ASN F 47 13.62 18.08 47.76
CA ASN F 47 13.34 18.10 49.19
C ASN F 47 14.63 18.44 49.94
N PRO F 48 14.65 19.57 50.67
CA PRO F 48 15.84 19.99 51.41
C PRO F 48 16.13 19.12 52.63
N THR F 49 17.42 18.86 52.86
CA THR F 49 17.86 18.05 53.98
C THR F 49 18.92 18.81 54.79
N VAL F 50 18.50 19.43 55.89
CA VAL F 50 19.41 20.19 56.72
C VAL F 50 19.87 19.36 57.92
N ALA F 51 21.10 19.60 58.36
CA ALA F 51 21.67 18.90 59.49
C ALA F 51 21.58 19.77 60.74
N PRO F 52 21.58 19.16 61.93
CA PRO F 52 21.49 19.88 63.21
C PRO F 52 22.71 20.78 63.45
N THR F 53 22.50 21.89 64.14
CA THR F 53 23.58 22.83 64.42
C THR F 53 23.78 23.08 65.91
N HIS F 54 23.46 22.08 66.73
CA HIS F 54 23.61 22.20 68.18
C HIS F 54 23.18 20.90 68.86
N ASP F 55 23.78 20.62 70.01
CA ASP F 55 23.47 19.42 70.77
C ASP F 55 23.84 18.17 70.00
N VAL F 56 24.94 18.25 69.24
CA VAL F 56 25.41 17.12 68.47
C VAL F 56 26.93 17.00 68.60
N THR F 57 27.63 18.00 68.10
CA THR F 57 29.09 18.01 68.18
C THR F 57 29.58 19.07 69.14
N THR F 58 30.72 18.80 69.79
CA THR F 58 31.30 19.73 70.74
C THR F 58 32.15 20.77 70.02
N GLU F 59 32.26 21.95 70.61
CA GLU F 59 33.06 23.03 70.03
C GLU F 59 34.49 23.05 70.56
N ARG F 60 34.67 22.59 71.80
CA ARG F 60 36.00 22.57 72.40
C ARG F 60 36.87 21.45 71.83
N SER F 61 38.18 21.65 71.90
CA SER F 61 39.14 20.67 71.40
C SER F 61 38.93 19.31 72.04
N GLN F 62 39.16 18.25 71.27
CA GLN F 62 38.99 16.88 71.76
C GLN F 62 39.35 15.86 70.68
N ARG F 63 40.28 14.97 71.00
CA ARG F 63 40.70 13.94 70.06
C ARG F 63 39.55 13.03 69.64
N LEU F 64 39.68 12.43 68.47
CA LEU F 64 38.65 11.53 67.95
C LEU F 64 38.99 10.10 68.34
N GLN F 65 40.28 9.79 68.31
CA GLN F 65 40.75 8.45 68.68
C GLN F 65 42.03 8.54 69.48
N LEU F 66 41.95 8.12 70.74
CA LEU F 66 43.11 8.16 71.62
C LEU F 66 43.94 6.89 71.46
N ARG F 67 45.14 6.92 72.02
CA ARG F 67 46.05 5.79 71.95
C ARG F 67 46.58 5.53 73.35
N PHE F 68 46.56 4.26 73.78
CA PHE F 68 47.02 3.92 75.11
C PHE F 68 48.22 2.97 75.09
N VAL F 69 49.16 3.23 76.00
CA VAL F 69 50.36 2.41 76.12
C VAL F 69 50.28 1.51 77.35
N PRO F 70 50.77 0.26 77.23
CA PRO F 70 50.77 -0.72 78.31
C PRO F 70 51.42 -0.20 79.60
N VAL F 71 50.67 -0.26 80.70
CA VAL F 71 51.18 0.19 81.99
C VAL F 71 51.98 -0.94 82.61
N ASP F 72 51.86 -2.13 82.01
CA ASP F 72 52.56 -3.32 82.48
C ASP F 72 52.42 -4.41 81.44
N ARG F 73 53.54 -5.09 81.13
CA ARG F 73 53.54 -6.14 80.14
C ARG F 73 54.49 -7.28 80.50
N GLU F 74 53.98 -8.50 80.48
CA GLU F 74 54.76 -9.68 80.80
C GLU F 74 54.87 -10.64 79.61
N ASP F 75 56.09 -10.85 79.15
CA ASP F 75 56.32 -11.74 78.02
C ASP F 75 56.69 -13.13 78.52
N THR F 76 55.68 -13.99 78.63
CA THR F 76 55.89 -15.36 79.10
C THR F 76 56.37 -16.23 77.93
N GLN F 77 56.95 -17.37 78.27
CA GLN F 77 57.48 -18.29 77.28
C GLN F 77 56.47 -18.68 76.19
N TYR F 78 55.19 -18.73 76.55
CA TYR F 78 54.15 -19.09 75.59
C TYR F 78 52.91 -18.22 75.66
N SER F 79 53.03 -17.05 76.29
CA SER F 79 51.91 -16.14 76.41
C SER F 79 52.39 -14.70 76.60
N TYR F 80 51.54 -13.74 76.26
CA TYR F 80 51.89 -12.34 76.40
C TYR F 80 50.72 -11.60 77.03
N LYS F 81 50.97 -10.95 78.16
CA LYS F 81 49.93 -10.22 78.86
C LYS F 81 50.26 -8.74 79.02
N THR F 82 49.27 -7.89 78.79
CA THR F 82 49.45 -6.45 78.91
C THR F 82 48.20 -5.82 79.53
N ARG F 83 48.40 -4.83 80.39
CA ARG F 83 47.29 -4.15 81.03
C ARG F 83 47.30 -2.67 80.70
N PHE F 84 46.14 -2.14 80.33
CA PHE F 84 46.01 -0.73 79.99
C PHE F 84 45.05 -0.06 80.96
N GLN F 85 45.15 1.25 81.08
CA GLN F 85 44.26 1.99 81.98
C GLN F 85 43.27 2.83 81.18
N LEU F 86 42.48 2.14 80.35
CA LEU F 86 41.47 2.79 79.52
C LEU F 86 40.72 3.86 80.31
N ALA F 87 41.02 5.12 80.03
CA ALA F 87 40.38 6.23 80.71
C ALA F 87 39.42 6.99 79.81
N VAL F 88 38.15 7.00 80.20
CA VAL F 88 37.12 7.70 79.43
C VAL F 88 36.87 9.08 80.04
N GLY F 89 37.44 10.10 79.43
CA GLY F 89 37.27 11.46 79.92
C GLY F 89 35.82 11.80 80.20
N ASP F 90 35.62 12.79 81.06
CA ASP F 90 34.27 13.20 81.43
C ASP F 90 33.53 13.76 80.21
N ASN F 91 32.19 13.73 80.27
CA ASN F 91 31.36 14.23 79.19
C ASN F 91 31.60 13.46 77.89
N ARG F 92 32.13 12.24 78.00
CA ARG F 92 32.40 11.43 76.83
C ARG F 92 31.75 10.05 76.96
N VAL F 93 31.66 9.33 75.85
CA VAL F 93 31.08 8.00 75.84
C VAL F 93 31.85 7.13 74.86
N LEU F 94 32.40 6.03 75.37
CA LEU F 94 33.17 5.13 74.52
C LEU F 94 32.40 3.88 74.15
N ASP F 95 32.41 3.55 72.87
CA ASP F 95 31.72 2.36 72.36
C ASP F 95 32.76 1.29 72.05
N MET F 96 32.96 0.37 73.00
CA MET F 96 33.94 -0.70 72.85
C MET F 96 34.14 -1.19 71.42
N ALA F 97 33.04 -1.34 70.69
CA ALA F 97 33.11 -1.81 69.31
C ALA F 97 34.14 -1.05 68.48
N SER F 98 34.45 0.17 68.89
CA SER F 98 35.41 1.00 68.18
C SER F 98 36.84 0.84 68.70
N THR F 99 37.03 -0.08 69.64
CA THR F 99 38.35 -0.31 70.20
C THR F 99 38.97 -1.60 69.66
N TYR F 100 40.29 -1.62 69.59
CA TYR F 100 41.01 -2.78 69.09
C TYR F 100 42.46 -2.73 69.54
N PHE F 101 43.14 -3.86 69.46
CA PHE F 101 44.54 -3.95 69.86
C PHE F 101 45.49 -3.90 68.68
N ASP F 102 46.29 -2.84 68.61
CA ASP F 102 47.25 -2.67 67.52
C ASP F 102 48.51 -3.45 67.87
N ILE F 103 48.77 -4.51 67.13
CA ILE F 103 49.94 -5.35 67.38
C ILE F 103 51.01 -5.21 66.31
N ARG F 104 52.27 -5.23 66.74
CA ARG F 104 53.42 -5.11 65.84
C ARG F 104 54.48 -6.12 66.26
N GLY F 105 55.13 -6.73 65.28
CA GLY F 105 56.16 -7.72 65.60
C GLY F 105 56.75 -8.41 64.40
N THR F 106 57.65 -9.36 64.65
CA THR F 106 58.30 -10.10 63.59
C THR F 106 57.73 -11.51 63.49
N LEU F 107 57.64 -12.01 62.26
CA LEU F 107 57.11 -13.35 62.02
C LEU F 107 58.05 -14.18 61.16
N ASP F 108 58.12 -15.47 61.46
CA ASP F 108 58.98 -16.38 60.71
C ASP F 108 58.18 -17.60 60.26
N ARG F 109 57.65 -17.53 59.05
CA ARG F 109 56.85 -18.62 58.49
C ARG F 109 57.62 -19.94 58.41
N GLY F 110 58.90 -19.90 58.78
CA GLY F 110 59.71 -21.10 58.74
C GLY F 110 60.14 -21.44 57.33
N ALA F 111 60.77 -22.59 57.15
CA ALA F 111 61.24 -23.01 55.84
C ALA F 111 60.15 -23.76 55.08
N SER F 112 59.10 -24.16 55.80
CA SER F 112 57.99 -24.88 55.20
C SER F 112 57.02 -23.96 54.48
N PHE F 113 57.39 -22.70 54.33
CA PHE F 113 56.53 -21.72 53.67
C PHE F 113 56.81 -21.59 52.17
N LYS F 114 55.86 -22.04 51.35
CA LYS F 114 55.97 -21.98 49.90
C LYS F 114 54.65 -21.45 49.34
N PRO F 115 54.51 -20.11 49.26
CA PRO F 115 53.30 -19.47 48.76
C PRO F 115 53.04 -19.58 47.26
N TYR F 116 53.16 -20.78 46.70
CA TYR F 116 52.92 -20.97 45.27
C TYR F 116 53.18 -22.39 44.80
N SER F 117 52.63 -22.72 43.63
CA SER F 117 52.80 -24.04 43.04
C SER F 117 53.92 -23.98 42.01
N GLY F 118 54.39 -25.14 41.57
CA GLY F 118 55.45 -25.18 40.58
C GLY F 118 56.77 -24.67 41.12
N THR F 119 57.56 -24.07 40.23
CA THR F 119 58.86 -23.53 40.60
C THR F 119 59.09 -22.15 40.00
N ALA F 120 60.19 -21.53 40.43
CA ALA F 120 60.57 -20.21 39.94
C ALA F 120 61.99 -20.29 39.41
N TYR F 121 62.35 -21.47 38.92
CA TYR F 121 63.69 -21.70 38.38
C TYR F 121 63.64 -22.68 37.21
N ASN F 122 63.73 -22.16 36.00
CA ASN F 122 63.70 -23.00 34.80
C ASN F 122 62.42 -23.82 34.75
N SER F 123 61.28 -23.15 34.93
CA SER F 123 59.99 -23.83 34.93
C SER F 123 59.64 -24.45 33.58
N PHE F 124 60.33 -24.05 32.53
CA PHE F 124 60.08 -24.58 31.20
C PHE F 124 61.03 -25.73 30.89
N ALA F 125 62.04 -25.89 31.74
CA ALA F 125 63.03 -26.93 31.56
C ALA F 125 62.41 -28.30 31.87
N PRO F 126 62.60 -29.27 30.97
CA PRO F 126 62.05 -30.61 31.18
C PRO F 126 62.41 -31.12 32.58
N LYS F 127 61.44 -31.69 33.27
CA LYS F 127 61.65 -32.22 34.61
C LYS F 127 62.57 -33.44 34.60
N SER F 128 63.32 -33.60 33.52
CA SER F 128 64.25 -34.72 33.38
C SER F 128 65.58 -34.21 32.82
N ALA F 129 65.51 -33.18 31.99
CA ALA F 129 66.71 -32.60 31.39
C ALA F 129 67.62 -32.01 32.45
N PRO F 130 68.87 -32.48 32.51
CA PRO F 130 69.87 -32.03 33.47
C PRO F 130 70.66 -30.85 32.92
N ASN F 131 71.39 -30.15 33.80
CA ASN F 131 72.19 -29.02 33.40
C ASN F 131 73.50 -29.55 32.83
N ASN F 132 74.50 -28.68 32.69
CA ASN F 132 75.80 -29.09 32.17
C ASN F 132 76.55 -29.94 33.19
N THR F 133 76.28 -31.25 33.19
CA THR F 133 76.96 -32.14 34.12
C THR F 133 78.12 -32.85 33.44
N GLN F 134 79.19 -33.05 34.20
CA GLN F 134 80.37 -33.72 33.69
C GLN F 134 80.53 -35.00 34.49
N PHE F 135 79.69 -36.00 34.18
CA PHE F 135 79.74 -37.27 34.88
C PHE F 135 81.05 -38.03 34.63
N ARG F 136 81.02 -39.30 34.99
CA ARG F 136 82.14 -40.22 34.84
C ARG F 136 81.61 -41.43 34.08
N GLN F 137 82.45 -41.98 33.21
CA GLN F 137 82.05 -43.12 32.42
C GLN F 137 82.19 -44.42 33.20
N ALA F 138 81.10 -44.89 33.79
CA ALA F 138 81.07 -46.13 34.59
C ALA F 138 82.38 -46.56 35.27
N ASN F 139 83.23 -45.58 35.60
CA ASN F 139 84.51 -45.84 36.26
C ASN F 139 85.34 -46.73 35.32
N ASN F 140 86.54 -47.10 35.78
CA ASN F 140 87.49 -47.93 35.03
C ASN F 140 88.74 -47.05 34.99
N GLY F 141 89.06 -46.54 33.80
CA GLY F 141 90.21 -45.67 33.65
C GLY F 141 89.82 -44.55 32.71
N HIS F 142 88.58 -44.08 32.86
CA HIS F 142 87.97 -43.03 32.05
C HIS F 142 87.60 -41.82 32.89
N PRO F 143 88.57 -40.95 33.19
CA PRO F 143 88.27 -39.78 34.00
C PRO F 143 87.40 -38.74 33.31
N ALA F 144 86.44 -38.21 34.07
CA ALA F 144 85.55 -37.18 33.55
C ALA F 144 84.79 -37.59 32.30
N GLN F 145 83.92 -36.68 31.84
CA GLN F 145 83.11 -36.89 30.66
C GLN F 145 82.09 -35.76 30.58
N THR F 146 82.13 -34.99 29.49
CA THR F 146 81.22 -33.86 29.35
C THR F 146 79.99 -34.06 28.48
N ILE F 147 78.87 -33.57 28.98
CA ILE F 147 77.57 -33.63 28.30
C ILE F 147 77.00 -32.23 28.42
N ALA F 148 76.93 -31.53 27.28
CA ALA F 148 76.41 -30.16 27.30
C ALA F 148 75.95 -29.66 25.94
N GLN F 149 76.44 -28.47 25.58
CA GLN F 149 76.08 -27.83 24.32
C GLN F 149 76.75 -26.47 24.20
N ALA F 150 77.33 -26.19 23.03
CA ALA F 150 77.98 -24.93 22.79
C ALA F 150 77.09 -24.07 21.90
N SER F 151 76.27 -23.23 22.53
CA SER F 151 75.36 -22.36 21.80
C SER F 151 75.62 -20.89 22.07
N TYR F 152 76.58 -20.33 21.35
CA TYR F 152 76.93 -18.92 21.49
C TYR F 152 76.93 -18.23 20.13
N VAL F 153 76.46 -16.99 20.09
CA VAL F 153 76.39 -16.21 18.87
C VAL F 153 77.70 -16.30 18.06
N ALA F 154 77.63 -17.02 16.95
CA ALA F 154 78.77 -17.20 16.07
C ALA F 154 80.09 -17.48 16.78
N THR F 155 80.92 -16.44 16.85
CA THR F 155 82.27 -16.44 17.45
C THR F 155 83.35 -16.54 16.40
N ILE F 156 83.93 -15.39 16.03
CA ILE F 156 84.97 -15.37 15.01
C ILE F 156 85.90 -16.57 15.07
N GLY F 157 86.63 -16.68 16.18
CA GLY F 157 87.55 -17.78 16.32
C GLY F 157 87.69 -18.32 17.74
N GLY F 158 88.80 -19.00 18.00
CA GLY F 158 89.04 -19.56 19.31
C GLY F 158 90.49 -19.99 19.49
N ALA F 159 91.27 -19.16 20.19
CA ALA F 159 92.67 -19.45 20.44
C ALA F 159 92.92 -19.83 21.90
N ASN F 160 94.20 -20.03 22.24
CA ASN F 160 94.61 -20.38 23.61
C ASN F 160 93.93 -19.48 24.63
N ASN F 161 93.79 -18.20 24.25
CA ASN F 161 93.16 -17.22 25.10
C ASN F 161 91.76 -17.71 25.47
N ASP F 162 90.92 -17.90 24.45
CA ASP F 162 89.55 -18.37 24.63
C ASP F 162 88.66 -18.06 23.43
N LEU F 163 87.36 -18.01 23.69
CA LEU F 163 86.36 -17.72 22.68
C LEU F 163 86.39 -16.25 22.28
N GLN F 164 86.78 -15.97 21.04
CA GLN F 164 86.85 -14.60 20.55
C GLN F 164 85.45 -14.02 20.29
N MET F 165 85.14 -12.92 20.96
CA MET F 165 83.85 -12.26 20.82
C MET F 165 83.90 -11.11 19.82
N GLY F 166 85.05 -10.95 19.16
CA GLY F 166 85.20 -9.88 18.19
C GLY F 166 86.62 -9.36 18.13
N VAL F 167 86.75 -8.05 17.90
CA VAL F 167 88.07 -7.42 17.83
C VAL F 167 88.16 -6.17 18.69
N ASP F 168 87.55 -6.23 19.88
CA ASP F 168 87.54 -5.13 20.83
C ASP F 168 87.81 -3.79 20.15
N GLU F 169 86.92 -3.40 19.24
CA GLU F 169 87.03 -2.16 18.49
C GLU F 169 88.44 -1.90 17.93
N ARG F 170 88.58 -2.11 16.62
CA ARG F 170 89.82 -1.92 15.87
C ARG F 170 90.50 -3.22 15.43
N GLN F 171 91.81 -3.30 15.62
CA GLN F 171 92.60 -4.46 15.21
C GLN F 171 92.72 -5.58 16.24
N LEU F 172 92.90 -5.22 17.51
CA LEU F 172 93.05 -6.22 18.56
C LEU F 172 91.80 -7.06 18.84
N PRO F 173 91.89 -8.38 18.60
CA PRO F 173 90.78 -9.33 18.81
C PRO F 173 90.40 -9.44 20.29
N VAL F 174 89.13 -9.22 20.59
CA VAL F 174 88.64 -9.31 21.97
C VAL F 174 88.26 -10.74 22.32
N TYR F 175 88.44 -11.10 23.60
CA TYR F 175 88.11 -12.43 24.07
C TYR F 175 87.08 -12.40 25.19
N ALA F 176 86.19 -13.37 25.19
CA ALA F 176 85.13 -13.48 26.18
C ALA F 176 85.69 -13.50 27.61
N ASN F 177 85.03 -12.75 28.49
CA ASN F 177 85.44 -12.68 29.89
C ASN F 177 84.98 -13.94 30.62
N THR F 178 85.93 -14.80 30.93
CA THR F 178 85.67 -16.06 31.63
C THR F 178 84.58 -16.01 32.70
N THR F 179 84.64 -15.00 33.57
CA THR F 179 83.69 -14.87 34.66
C THR F 179 82.20 -14.89 34.31
N TYR F 180 81.85 -14.66 33.05
CA TYR F 180 80.44 -14.67 32.67
C TYR F 180 80.18 -14.92 31.19
N GLN F 181 81.24 -14.91 30.39
CA GLN F 181 81.09 -15.14 28.95
C GLN F 181 81.64 -16.51 28.55
N PRO F 182 80.91 -17.23 27.69
CA PRO F 182 79.64 -16.82 27.10
C PRO F 182 78.47 -16.97 28.09
N GLU F 183 77.39 -16.24 27.83
CA GLU F 183 76.22 -16.30 28.70
C GLU F 183 75.21 -17.32 28.19
N PRO F 184 74.76 -18.24 29.08
CA PRO F 184 73.79 -19.30 28.75
C PRO F 184 72.45 -18.76 28.27
N GLN F 185 72.42 -17.47 27.92
CA GLN F 185 71.21 -16.84 27.44
C GLN F 185 71.36 -16.47 25.96
N LEU F 186 72.60 -16.22 25.55
CA LEU F 186 72.91 -15.86 24.17
C LEU F 186 72.87 -17.06 23.23
N GLY F 187 72.91 -16.80 21.93
CA GLY F 187 72.88 -17.85 20.95
C GLY F 187 72.51 -17.33 19.57
N ILE F 188 72.57 -18.20 18.57
CA ILE F 188 72.24 -17.82 17.21
C ILE F 188 70.80 -17.33 17.12
N GLU F 189 70.54 -16.39 16.22
CA GLU F 189 69.19 -15.85 16.07
C GLU F 189 68.34 -16.65 15.09
N GLY F 190 69.00 -17.25 14.10
CA GLY F 190 68.28 -18.00 13.10
C GLY F 190 67.94 -19.45 13.42
N TRP F 191 66.69 -19.82 13.16
CA TRP F 191 66.21 -21.18 13.40
C TRP F 191 66.92 -22.13 12.45
N THR F 192 66.69 -21.97 11.16
CA THR F 192 67.33 -22.82 10.17
C THR F 192 68.60 -22.12 9.72
N ALA F 193 68.52 -20.81 9.55
CA ALA F 193 69.65 -20.02 9.12
C ALA F 193 70.84 -20.22 10.06
N GLY F 194 70.54 -20.42 11.34
CA GLY F 194 71.60 -20.62 12.31
C GLY F 194 72.19 -22.02 12.29
N SER F 195 71.34 -23.03 12.13
CA SER F 195 71.78 -24.42 12.11
C SER F 195 72.32 -24.83 10.74
N MET F 196 71.61 -24.41 9.69
CA MET F 196 71.98 -24.72 8.32
C MET F 196 73.31 -24.07 7.94
N ALA F 197 73.64 -22.98 8.64
CA ALA F 197 74.87 -22.24 8.38
C ALA F 197 76.05 -22.96 9.05
N VAL F 198 75.74 -23.70 10.11
CA VAL F 198 76.76 -24.43 10.86
C VAL F 198 77.67 -23.47 11.61
N ILE F 199 78.08 -23.87 12.82
CA ILE F 199 78.95 -23.04 13.63
C ILE F 199 80.32 -23.71 13.75
N ASP F 200 81.34 -23.08 13.20
CA ASP F 200 82.69 -23.63 13.26
C ASP F 200 83.27 -23.44 14.66
N GLN F 201 83.10 -22.23 15.20
CA GLN F 201 83.59 -21.92 16.54
C GLN F 201 82.42 -21.70 17.48
N ALA F 202 82.11 -22.70 18.29
CA ALA F 202 81.01 -22.61 19.24
C ALA F 202 81.55 -22.52 20.66
N GLY F 203 80.75 -21.99 21.57
CA GLY F 203 81.18 -21.86 22.95
C GLY F 203 80.09 -22.12 23.97
N GLY F 204 80.48 -22.70 25.11
CA GLY F 204 79.52 -23.00 26.15
C GLY F 204 80.11 -22.92 27.54
N ARG F 205 79.27 -23.10 28.55
CA ARG F 205 79.70 -23.05 29.95
C ARG F 205 79.21 -24.33 30.61
N VAL F 206 80.06 -24.97 31.40
CA VAL F 206 79.68 -26.23 32.05
C VAL F 206 80.22 -26.40 33.46
N LEU F 207 79.46 -27.15 34.27
CA LEU F 207 79.84 -27.44 35.65
C LEU F 207 80.72 -28.69 35.64
N ARG F 208 81.68 -28.77 36.56
CA ARG F 208 82.56 -29.93 36.62
C ARG F 208 82.47 -30.66 37.97
N ASN F 209 82.18 -31.95 37.90
CA ASN F 209 82.06 -32.84 39.06
C ASN F 209 81.06 -32.48 40.17
N PRO F 210 79.96 -31.77 39.85
CA PRO F 210 79.03 -31.45 40.93
C PRO F 210 77.97 -32.55 41.04
N THR F 211 77.22 -32.56 42.14
CA THR F 211 76.17 -33.57 42.32
C THR F 211 74.99 -33.27 41.39
N GLN F 212 74.87 -34.08 40.34
CA GLN F 212 73.80 -33.92 39.37
C GLN F 212 72.44 -33.67 39.98
N THR F 213 71.70 -32.75 39.37
CA THR F 213 70.36 -32.40 39.82
C THR F 213 69.61 -31.91 38.59
N PRO F 214 68.36 -32.38 38.41
CA PRO F 214 67.57 -31.97 37.25
C PRO F 214 67.56 -30.45 37.10
N CYS F 215 67.78 -29.98 35.88
CA CYS F 215 67.80 -28.55 35.60
C CYS F 215 66.54 -27.87 36.13
N TYR F 216 65.47 -28.65 36.27
CA TYR F 216 64.21 -28.13 36.77
C TYR F 216 64.34 -27.62 38.20
N GLY F 217 64.35 -26.29 38.35
CA GLY F 217 64.46 -25.71 39.67
C GLY F 217 65.88 -25.54 40.18
N SER F 218 66.85 -25.59 39.26
CA SER F 218 68.24 -25.44 39.64
C SER F 218 68.57 -23.96 39.86
N TYR F 219 69.20 -23.68 40.99
CA TYR F 219 69.55 -22.30 41.33
C TYR F 219 70.89 -22.23 42.07
N ALA F 220 71.58 -21.10 41.92
CA ALA F 220 72.86 -20.88 42.58
C ALA F 220 72.97 -19.39 42.90
N LYS F 221 73.91 -19.05 43.77
CA LYS F 221 74.11 -17.66 44.14
C LYS F 221 75.20 -16.98 43.33
N PRO F 222 74.98 -15.70 42.94
CA PRO F 222 75.93 -14.92 42.15
C PRO F 222 77.21 -14.59 42.92
N THR F 223 78.26 -14.22 42.19
CA THR F 223 79.54 -13.90 42.80
C THR F 223 80.19 -12.64 42.19
N ASN F 224 79.58 -12.10 41.15
CA ASN F 224 80.13 -10.91 40.50
C ASN F 224 79.07 -9.97 39.94
N GLU F 225 79.52 -8.82 39.46
CA GLU F 225 78.65 -7.83 38.85
C GLU F 225 78.17 -8.43 37.54
N HIS F 226 78.90 -9.42 37.07
CA HIS F 226 78.58 -10.12 35.83
C HIS F 226 77.54 -11.19 36.09
N GLY F 227 77.19 -11.36 37.37
CA GLY F 227 76.21 -12.36 37.74
C GLY F 227 76.82 -13.73 37.93
N GLY F 228 77.67 -14.14 36.99
CA GLY F 228 78.32 -15.44 37.05
C GLY F 228 78.42 -16.09 38.41
N ILE F 229 78.21 -17.40 38.45
CA ILE F 229 78.28 -18.17 39.68
C ILE F 229 79.58 -18.98 39.70
N THR F 230 80.70 -18.26 39.66
CA THR F 230 82.01 -18.89 39.65
C THR F 230 82.31 -19.63 40.94
N LYS F 231 81.69 -19.19 42.03
CA LYS F 231 81.89 -19.80 43.35
C LYS F 231 83.21 -19.45 44.00
N ALA F 232 83.42 -20.01 45.19
CA ALA F 232 84.65 -19.77 45.96
C ALA F 232 85.90 -20.21 45.21
N ASN F 233 85.88 -21.45 44.72
CA ASN F 233 87.03 -21.98 43.98
C ASN F 233 87.37 -21.09 42.80
N THR F 234 88.53 -20.45 42.87
CA THR F 234 88.99 -19.56 41.81
C THR F 234 89.27 -20.25 40.48
N GLN F 235 89.51 -21.56 40.52
CA GLN F 235 89.82 -22.29 39.30
C GLN F 235 88.72 -22.31 38.25
N VAL F 236 89.14 -22.11 37.00
CA VAL F 236 88.26 -22.10 35.84
C VAL F 236 89.09 -22.71 34.71
N GLU F 237 88.55 -23.70 34.02
CA GLU F 237 89.30 -24.36 32.95
C GLU F 237 88.65 -24.28 31.57
N LYS F 238 89.37 -23.67 30.63
CA LYS F 238 88.88 -23.54 29.26
C LYS F 238 89.23 -24.82 28.51
N LYS F 239 88.32 -25.77 28.52
CA LYS F 239 88.55 -27.06 27.86
C LYS F 239 88.25 -26.99 26.36
N TYR F 240 89.27 -27.26 25.55
CA TYR F 240 89.15 -27.22 24.11
C TYR F 240 88.80 -28.60 23.53
N TYR F 241 87.71 -28.67 22.78
CA TYR F 241 87.29 -29.94 22.18
C TYR F 241 87.36 -29.91 20.66
N ARG F 242 87.52 -31.09 20.07
CA ARG F 242 87.59 -31.23 18.63
C ARG F 242 86.47 -32.17 18.18
N THR F 243 86.61 -32.73 16.99
CA THR F 243 85.62 -33.65 16.47
C THR F 243 86.19 -35.07 16.43
N GLY F 244 87.51 -35.16 16.51
CA GLY F 244 88.16 -36.45 16.49
C GLY F 244 89.26 -36.58 15.45
N ASP F 245 89.21 -35.75 14.42
CA ASP F 245 90.20 -35.80 13.35
C ASP F 245 90.65 -34.42 12.90
N ASN F 246 89.93 -33.39 13.34
CA ASN F 246 90.28 -32.03 13.00
C ASN F 246 91.15 -31.46 14.10
N GLY F 247 91.96 -30.46 13.76
CA GLY F 247 92.83 -29.87 14.76
C GLY F 247 92.45 -28.43 15.02
N ASN F 248 91.34 -28.23 15.72
CA ASN F 248 90.88 -26.89 15.99
C ASN F 248 89.77 -26.92 17.02
N PRO F 249 89.69 -25.90 17.90
CA PRO F 249 88.65 -25.86 18.92
C PRO F 249 87.28 -25.49 18.37
N GLU F 250 86.51 -26.49 17.97
CA GLU F 250 85.17 -26.28 17.43
C GLU F 250 84.22 -25.84 18.53
N THR F 251 84.57 -26.19 19.77
CA THR F 251 83.75 -25.83 20.93
C THR F 251 84.57 -25.61 22.19
N VAL F 252 84.52 -24.40 22.72
CA VAL F 252 85.26 -24.06 23.93
C VAL F 252 84.32 -24.04 25.13
N PHE F 253 84.74 -24.67 26.23
CA PHE F 253 83.93 -24.70 27.44
C PHE F 253 84.64 -24.13 28.66
N TYR F 254 83.91 -23.31 29.41
CA TYR F 254 84.45 -22.69 30.61
C TYR F 254 83.87 -23.39 31.84
N THR F 255 84.50 -24.49 32.23
CA THR F 255 84.05 -25.26 33.38
C THR F 255 84.14 -24.45 34.67
N GLU F 256 83.21 -24.69 35.59
CA GLU F 256 83.18 -23.98 36.85
C GLU F 256 82.33 -24.73 37.87
N GLU F 257 82.49 -24.38 39.15
CA GLU F 257 81.72 -24.99 40.21
C GLU F 257 80.69 -23.97 40.69
N ALA F 258 79.49 -24.44 41.02
CA ALA F 258 78.44 -23.54 41.47
C ALA F 258 77.83 -23.97 42.79
N ASP F 259 77.24 -23.01 43.51
CA ASP F 259 76.60 -23.27 44.78
C ASP F 259 75.20 -23.79 44.47
N VAL F 260 75.13 -24.73 43.53
CA VAL F 260 73.87 -25.32 43.11
C VAL F 260 73.06 -25.91 44.26
N LEU F 261 71.76 -25.64 44.26
CA LEU F 261 70.86 -26.14 45.29
C LEU F 261 69.45 -26.22 44.69
N THR F 262 68.48 -26.58 45.52
CA THR F 262 67.10 -26.69 45.06
C THR F 262 66.12 -26.39 46.20
N PRO F 263 65.46 -25.22 46.15
CA PRO F 263 64.50 -24.82 47.18
C PRO F 263 63.09 -25.35 46.99
N ASP F 264 62.45 -24.98 45.87
CA ASP F 264 61.09 -25.40 45.59
C ASP F 264 61.01 -26.71 44.80
N THR F 265 62.03 -27.55 44.92
CA THR F 265 62.04 -28.81 44.19
C THR F 265 62.75 -29.94 44.95
N HIS F 266 62.30 -31.16 44.71
CA HIS F 266 62.88 -32.35 45.33
C HIS F 266 62.99 -33.46 44.29
N LEU F 267 63.71 -34.52 44.62
CA LEU F 267 63.89 -35.62 43.69
C LEU F 267 62.69 -36.57 43.67
N VAL F 268 62.00 -36.60 42.54
CA VAL F 268 60.84 -37.46 42.37
C VAL F 268 61.30 -38.86 42.02
N HIS F 269 62.40 -38.94 41.28
CA HIS F 269 62.96 -40.23 40.87
C HIS F 269 64.48 -40.24 41.02
N ALA F 270 64.96 -40.88 42.08
CA ALA F 270 66.40 -40.98 42.34
C ALA F 270 66.86 -42.37 41.92
N VAL F 271 67.53 -42.45 40.78
CA VAL F 271 68.00 -43.73 40.27
C VAL F 271 69.00 -44.42 41.20
N PRO F 272 70.19 -43.82 41.42
CA PRO F 272 71.09 -44.55 42.31
C PRO F 272 71.38 -43.86 43.64
N ALA F 273 71.41 -44.65 44.71
CA ALA F 273 71.73 -44.14 46.05
C ALA F 273 73.25 -44.28 46.09
N ALA F 274 73.94 -43.14 46.10
CA ALA F 274 75.41 -43.14 46.09
C ALA F 274 75.79 -43.54 44.67
N ASP F 275 77.02 -43.20 44.25
CA ASP F 275 77.44 -43.53 42.89
C ASP F 275 76.49 -42.76 41.98
N ARG F 276 75.82 -41.79 42.58
CA ARG F 276 74.85 -40.93 41.91
C ARG F 276 75.42 -40.10 40.77
N ALA F 277 76.52 -39.43 41.02
CA ALA F 277 77.16 -38.58 40.03
C ALA F 277 77.62 -39.30 38.76
N LYS F 278 77.23 -40.56 38.60
CA LYS F 278 77.63 -41.30 37.40
C LYS F 278 76.57 -41.17 36.31
N VAL F 279 76.91 -41.62 35.11
CA VAL F 279 76.01 -41.55 33.95
C VAL F 279 74.57 -41.97 34.24
N GLU F 280 74.40 -43.05 35.02
CA GLU F 280 73.07 -43.55 35.35
C GLU F 280 72.34 -42.63 36.32
N GLY F 281 73.04 -41.62 36.82
CA GLY F 281 72.43 -40.69 37.76
C GLY F 281 71.62 -39.58 37.12
N LEU F 282 72.11 -39.06 36.01
CA LEU F 282 71.44 -37.97 35.31
C LEU F 282 69.99 -38.33 35.00
N SER F 283 69.66 -39.62 35.12
CA SER F 283 68.31 -40.11 34.86
C SER F 283 67.32 -39.62 35.92
N GLN F 284 67.84 -39.00 36.98
CA GLN F 284 67.00 -38.50 38.06
C GLN F 284 66.08 -37.38 37.61
N HIS F 285 64.85 -37.37 38.12
CA HIS F 285 63.88 -36.34 37.77
C HIS F 285 63.53 -35.51 39.00
N ALA F 286 62.94 -34.34 38.75
CA ALA F 286 62.56 -33.45 39.83
C ALA F 286 61.09 -33.09 39.77
N ALA F 287 60.58 -32.53 40.86
CA ALA F 287 59.19 -32.13 40.94
C ALA F 287 59.05 -31.01 41.97
N PRO F 288 58.15 -30.04 41.70
CA PRO F 288 57.94 -28.92 42.61
C PRO F 288 57.34 -29.35 43.94
N ASN F 289 57.76 -28.70 45.02
CA ASN F 289 57.26 -29.01 46.35
C ASN F 289 55.83 -28.50 46.50
N ARG F 290 55.02 -29.24 47.27
CA ARG F 290 53.63 -28.87 47.48
C ARG F 290 53.50 -27.45 48.02
N PRO F 291 52.54 -26.68 47.48
CA PRO F 291 52.32 -25.30 47.91
C PRO F 291 51.77 -25.25 49.33
N ASN F 292 52.41 -24.47 50.20
CA ASN F 292 51.96 -24.36 51.58
C ASN F 292 51.88 -22.90 52.03
N PHE F 293 50.65 -22.39 52.12
CA PHE F 293 50.43 -21.01 52.55
C PHE F 293 50.39 -20.94 54.07
N ILE F 294 50.97 -19.87 54.62
CA ILE F 294 51.00 -19.68 56.07
C ILE F 294 50.67 -18.23 56.41
N GLY F 295 49.79 -18.06 57.41
CA GLY F 295 49.41 -16.73 57.82
C GLY F 295 48.48 -16.74 59.02
N PHE F 296 48.01 -15.56 59.41
CA PHE F 296 47.11 -15.45 60.56
C PHE F 296 45.72 -15.95 60.20
N ARG F 297 45.13 -16.74 61.08
CA ARG F 297 43.81 -17.31 60.87
C ARG F 297 42.78 -16.23 60.56
N ASP F 298 41.56 -16.67 60.23
CA ASP F 298 40.47 -15.76 59.90
C ASP F 298 40.06 -14.97 61.14
N CYS F 299 39.95 -13.66 61.00
CA CYS F 299 39.56 -12.80 62.12
C CYS F 299 40.53 -12.95 63.29
N PHE F 300 41.75 -13.39 62.99
CA PHE F 300 42.79 -13.57 64.00
C PHE F 300 42.30 -14.45 65.15
N VAL F 301 41.50 -15.46 64.83
CA VAL F 301 40.99 -16.37 65.85
C VAL F 301 42.13 -17.15 66.49
N GLY F 302 42.18 -17.13 67.82
CA GLY F 302 43.22 -17.85 68.53
C GLY F 302 44.41 -16.99 68.94
N LEU F 303 44.50 -15.79 68.38
CA LEU F 303 45.59 -14.89 68.70
C LEU F 303 45.33 -14.28 70.07
N MET F 304 44.08 -14.36 70.52
CA MET F 304 43.69 -13.82 71.82
C MET F 304 42.97 -14.87 72.65
N TYR F 305 43.30 -14.95 73.93
CA TYR F 305 42.69 -15.92 74.83
C TYR F 305 41.21 -15.70 75.08
N TYR F 306 40.44 -16.79 75.00
CA TYR F 306 39.01 -16.77 75.22
C TYR F 306 38.57 -18.09 75.84
N ASN F 307 37.56 -18.03 76.70
CA ASN F 307 37.03 -19.22 77.35
C ASN F 307 38.12 -20.02 78.06
N SER F 308 39.03 -19.31 78.73
CA SER F 308 40.11 -19.96 79.46
C SER F 308 40.31 -19.29 80.80
N GLY F 309 39.85 -19.94 81.85
CA GLY F 309 39.99 -19.39 83.20
C GLY F 309 41.44 -19.15 83.57
N GLY F 310 42.35 -19.77 82.84
CA GLY F 310 43.76 -19.61 83.11
C GLY F 310 44.27 -18.24 82.71
N ASN F 311 43.74 -17.70 81.62
CA ASN F 311 44.14 -16.38 81.14
C ASN F 311 42.91 -15.52 80.85
N LEU F 312 42.01 -15.44 81.81
CA LEU F 312 40.79 -14.66 81.66
C LEU F 312 41.09 -13.15 81.63
N GLY F 313 40.51 -12.47 80.65
CA GLY F 313 40.74 -11.03 80.51
C GLY F 313 40.07 -10.21 81.60
N VAL F 314 40.67 -9.07 81.92
CA VAL F 314 40.13 -8.18 82.96
C VAL F 314 39.67 -6.84 82.43
N LEU F 315 38.56 -6.35 82.98
CA LEU F 315 37.99 -5.07 82.60
C LEU F 315 37.09 -4.54 83.71
N ALA F 316 37.68 -3.85 84.67
CA ALA F 316 36.93 -3.30 85.79
C ALA F 316 37.43 -1.91 86.17
N GLY F 317 36.58 -1.14 86.84
CA GLY F 317 36.97 0.20 87.26
C GLY F 317 37.98 0.12 88.39
N GLN F 318 39.00 0.97 88.33
CA GLN F 318 40.03 0.97 89.36
C GLN F 318 39.45 1.08 90.76
N SER F 319 38.35 1.81 90.90
CA SER F 319 37.69 1.99 92.18
C SER F 319 36.91 0.73 92.57
N SER F 320 36.32 0.09 91.57
CA SER F 320 35.53 -1.12 91.80
C SER F 320 36.42 -2.32 92.07
N GLN F 321 37.44 -2.49 91.23
CA GLN F 321 38.39 -3.60 91.37
C GLN F 321 37.71 -4.94 91.09
N LEU F 322 36.40 -4.92 90.89
CA LEU F 322 35.64 -6.13 90.61
C LEU F 322 35.55 -6.38 89.11
N ASN F 323 36.31 -7.37 88.65
CA ASN F 323 36.34 -7.71 87.22
C ASN F 323 34.94 -7.94 86.67
N ALA F 324 34.62 -7.29 85.56
CA ALA F 324 33.31 -7.40 84.93
C ALA F 324 33.30 -8.49 83.85
N VAL F 325 34.44 -9.13 83.64
CA VAL F 325 34.54 -10.18 82.63
C VAL F 325 34.58 -11.57 83.27
N VAL F 326 33.45 -12.27 83.23
CA VAL F 326 33.35 -13.61 83.79
C VAL F 326 33.21 -14.62 82.66
N ASP F 327 34.31 -15.30 82.32
CA ASP F 327 34.28 -16.28 81.24
C ASP F 327 34.26 -17.71 81.77
N LEU F 328 33.79 -18.63 80.94
CA LEU F 328 33.69 -20.03 81.28
C LEU F 328 34.20 -20.86 80.11
N GLN F 329 35.08 -21.82 80.38
CA GLN F 329 35.63 -22.67 79.31
C GLN F 329 34.55 -23.54 78.67
N ASP F 330 33.30 -23.30 79.06
CA ASP F 330 32.18 -24.04 78.52
C ASP F 330 31.64 -23.31 77.31
N ARG F 331 31.80 -21.98 77.31
CA ARG F 331 31.35 -21.13 76.23
C ARG F 331 32.38 -21.15 75.10
N ASN F 332 31.98 -20.70 73.91
CA ASN F 332 32.88 -20.66 72.76
C ASN F 332 32.71 -19.33 72.04
N THR F 333 33.52 -18.34 72.41
CA THR F 333 33.45 -17.02 71.80
C THR F 333 33.85 -17.04 70.33
N GLU F 334 35.00 -17.65 70.04
CA GLU F 334 35.51 -17.73 68.67
C GLU F 334 34.42 -18.08 67.66
N LEU F 335 33.89 -19.29 67.74
CA LEU F 335 32.86 -19.74 66.82
C LEU F 335 31.67 -18.79 66.84
N SER F 336 31.27 -18.37 68.03
CA SER F 336 30.14 -17.46 68.18
C SER F 336 30.30 -16.22 67.31
N TYR F 337 31.51 -15.67 67.30
CA TYR F 337 31.79 -14.49 66.50
C TYR F 337 31.61 -14.78 65.02
N GLN F 338 32.17 -15.90 64.56
CA GLN F 338 32.06 -16.30 63.16
C GLN F 338 30.62 -16.26 62.69
N MET F 339 29.80 -17.14 63.26
CA MET F 339 28.40 -17.21 62.89
C MET F 339 27.72 -15.85 62.92
N LEU F 340 28.12 -15.01 63.89
CA LEU F 340 27.53 -13.68 64.01
C LEU F 340 27.72 -12.84 62.75
N LEU F 341 28.94 -12.89 62.19
CA LEU F 341 29.24 -12.12 60.99
C LEU F 341 28.46 -12.62 59.78
N ALA F 342 28.38 -13.95 59.64
CA ALA F 342 27.67 -14.55 58.52
C ALA F 342 26.16 -14.28 58.56
N ASN F 343 25.71 -13.57 59.59
CA ASN F 343 24.29 -13.27 59.71
C ASN F 343 23.99 -11.79 59.55
N THR F 344 25.00 -10.95 59.71
CA THR F 344 24.82 -9.50 59.58
C THR F 344 25.41 -8.93 58.30
N THR F 345 26.35 -9.65 57.70
CA THR F 345 26.98 -9.20 56.47
C THR F 345 27.25 -10.34 55.50
N ASP F 346 27.76 -10.00 54.33
CA ASP F 346 28.07 -10.98 53.30
C ASP F 346 29.47 -11.53 53.58
N ARG F 347 29.52 -12.71 54.19
CA ARG F 347 30.78 -13.35 54.53
C ARG F 347 31.60 -13.82 53.33
N SER F 348 31.41 -13.18 52.19
CA SER F 348 32.16 -13.54 50.98
C SER F 348 33.18 -12.48 50.61
N ARG F 349 32.94 -11.24 51.04
CA ARG F 349 33.87 -10.15 50.76
C ARG F 349 35.04 -10.19 51.72
N TYR F 350 36.09 -9.43 51.42
CA TYR F 350 37.27 -9.38 52.27
C TYR F 350 37.48 -8.02 52.89
N PHE F 351 38.15 -7.99 54.04
CA PHE F 351 38.42 -6.75 54.75
C PHE F 351 39.73 -6.89 55.52
N SER F 352 40.83 -6.46 54.89
CA SER F 352 42.17 -6.54 55.47
C SER F 352 42.28 -6.19 56.95
N MET F 353 41.76 -5.03 57.33
CA MET F 353 41.83 -4.59 58.73
C MET F 353 41.63 -5.71 59.73
N TRP F 354 40.54 -6.44 59.60
CA TRP F 354 40.23 -7.54 60.52
C TRP F 354 40.76 -8.87 60.00
N ASN F 355 41.48 -8.82 58.88
CA ASN F 355 42.03 -10.04 58.27
C ASN F 355 40.85 -10.98 58.05
N GLN F 356 39.67 -10.38 57.94
CA GLN F 356 38.43 -11.10 57.73
C GLN F 356 38.35 -11.67 56.33
N ALA F 357 38.65 -12.96 56.20
CA ALA F 357 38.62 -13.64 54.92
C ALA F 357 38.26 -15.12 55.13
N MET F 358 37.01 -15.35 55.51
CA MET F 358 36.51 -16.70 55.76
C MET F 358 37.14 -17.76 54.86
N ASP F 359 37.41 -18.92 55.42
CA ASP F 359 38.00 -20.02 54.67
C ASP F 359 36.94 -20.66 53.80
N SER F 360 37.37 -21.14 52.63
CA SER F 360 36.48 -21.78 51.68
C SER F 360 37.27 -22.70 50.78
N TYR F 361 36.58 -23.50 49.99
CA TYR F 361 37.25 -24.44 49.08
C TYR F 361 36.66 -24.34 47.68
N ASP F 362 37.43 -24.79 46.69
CA ASP F 362 36.98 -24.75 45.30
C ASP F 362 35.94 -25.85 45.09
N PRO F 363 34.69 -25.46 44.80
CA PRO F 363 33.58 -26.39 44.56
C PRO F 363 33.93 -27.58 43.66
N GLU F 364 34.71 -27.33 42.62
CA GLU F 364 35.11 -28.38 41.69
C GLU F 364 36.11 -29.35 42.31
N VAL F 365 36.71 -28.96 43.42
CA VAL F 365 37.68 -29.82 44.10
C VAL F 365 36.96 -30.72 45.09
N ARG F 366 36.04 -30.14 45.87
CA ARG F 366 35.29 -30.90 46.85
C ARG F 366 34.49 -31.99 46.15
N VAL F 367 33.74 -31.61 45.13
CA VAL F 367 32.92 -32.54 44.37
C VAL F 367 33.35 -32.58 42.90
N ILE F 368 34.10 -33.62 42.53
CA ILE F 368 34.57 -33.76 41.16
C ILE F 368 33.42 -33.90 40.17
N ASP F 369 33.39 -33.01 39.18
CA ASP F 369 32.36 -33.02 38.17
C ASP F 369 33.00 -33.41 36.83
N ASN F 370 33.46 -34.66 36.76
CA ASN F 370 34.11 -35.14 35.54
C ASN F 370 33.11 -35.16 34.39
N VAL F 371 33.11 -34.08 33.62
CA VAL F 371 32.20 -33.96 32.47
C VAL F 371 32.93 -34.40 31.20
N GLY F 372 34.15 -34.89 31.37
CA GLY F 372 34.94 -35.33 30.22
C GLY F 372 35.88 -34.26 29.73
N VAL F 373 36.33 -34.38 28.49
CA VAL F 373 37.25 -33.43 27.90
C VAL F 373 36.91 -33.18 26.43
N GLU F 374 36.86 -31.91 26.04
CA GLU F 374 36.55 -31.54 24.67
C GLU F 374 37.84 -31.56 23.83
N ASP F 375 38.16 -32.72 23.29
CA ASP F 375 39.36 -32.88 22.49
C ASP F 375 39.05 -33.48 21.11
N GLU F 376 37.91 -33.12 20.55
CA GLU F 376 37.52 -33.63 19.23
C GLU F 376 38.59 -33.36 18.19
N MET F 377 39.30 -32.24 18.36
CA MET F 377 40.35 -31.87 17.43
C MET F 377 41.74 -32.26 17.94
N PRO F 378 42.56 -32.83 17.06
CA PRO F 378 43.92 -33.24 17.46
C PRO F 378 44.85 -32.03 17.43
N ASN F 379 45.75 -31.93 18.40
CA ASN F 379 46.68 -30.81 18.45
C ASN F 379 48.08 -31.25 18.04
N TYR F 380 48.71 -30.46 17.18
CA TYR F 380 50.04 -30.80 16.69
C TYR F 380 51.07 -29.68 16.88
N CYS F 381 52.32 -30.08 16.99
CA CYS F 381 53.44 -29.16 17.15
C CYS F 381 54.35 -29.38 15.95
N PHE F 382 54.60 -28.32 15.20
CA PHE F 382 55.42 -28.40 14.00
C PHE F 382 56.80 -27.77 14.18
N PRO F 383 57.82 -28.33 13.51
CA PRO F 383 59.19 -27.81 13.60
C PRO F 383 59.26 -26.31 13.35
N LEU F 384 60.28 -25.66 13.89
CA LEU F 384 60.46 -24.23 13.72
C LEU F 384 60.76 -23.89 12.27
N SER F 385 60.81 -24.93 11.43
CA SER F 385 61.09 -24.75 10.01
C SER F 385 59.83 -24.86 9.16
N GLY F 386 58.93 -25.74 9.55
CA GLY F 386 57.72 -25.93 8.79
C GLY F 386 57.93 -27.06 7.80
N VAL F 387 59.05 -27.76 7.98
CA VAL F 387 59.42 -28.89 7.14
C VAL F 387 60.90 -29.24 7.37
N GLN F 388 61.14 -30.45 7.84
CA GLN F 388 62.49 -30.91 8.13
C GLN F 388 63.39 -30.98 6.90
N ILE F 389 64.59 -30.44 7.04
CA ILE F 389 65.57 -30.43 5.95
C ILE F 389 66.55 -31.60 6.08
N GLY F 390 66.70 -32.36 5.00
CA GLY F 390 67.61 -33.50 5.03
C GLY F 390 68.10 -33.94 3.66
N ASN F 391 67.32 -33.61 2.62
CA ASN F 391 67.69 -33.97 1.26
C ASN F 391 67.56 -32.78 0.32
N ARG F 392 68.27 -32.84 -0.80
CA ARG F 392 68.24 -31.77 -1.80
C ARG F 392 67.68 -32.27 -3.14
N SER F 393 66.91 -31.41 -3.79
CA SER F 393 66.30 -31.74 -5.07
C SER F 393 67.25 -31.42 -6.23
N HIS F 394 66.68 -31.10 -7.40
CA HIS F 394 67.45 -30.77 -8.60
C HIS F 394 66.54 -30.61 -9.80
N GLU F 395 66.15 -29.37 -10.09
CA GLU F 395 65.27 -29.10 -11.23
C GLU F 395 65.99 -29.45 -12.54
N VAL F 396 65.54 -30.54 -13.15
CA VAL F 396 66.14 -31.03 -14.39
C VAL F 396 65.19 -31.10 -15.58
N GLN F 397 65.72 -30.86 -16.78
CA GLN F 397 64.92 -30.90 -17.99
C GLN F 397 64.91 -32.28 -18.64
N ARG F 398 63.77 -32.61 -19.23
CA ARG F 398 63.58 -33.89 -19.89
C ARG F 398 63.98 -33.79 -21.35
N ASN F 399 63.71 -34.86 -22.10
CA ASN F 399 63.98 -34.92 -23.52
C ASN F 399 65.46 -34.83 -23.86
N GLN F 400 65.84 -35.48 -24.96
CA GLN F 400 67.22 -35.53 -25.46
C GLN F 400 67.97 -36.60 -24.69
N GLN F 401 67.47 -36.94 -23.51
CA GLN F 401 68.08 -37.94 -22.66
C GLN F 401 67.09 -38.55 -21.68
N GLN F 402 67.58 -38.81 -20.47
CA GLN F 402 66.79 -39.38 -19.37
C GLN F 402 66.34 -38.24 -18.47
N TRP F 403 67.03 -37.11 -18.58
CA TRP F 403 66.77 -35.89 -17.79
C TRP F 403 68.11 -35.24 -17.44
N GLN F 404 68.46 -34.16 -18.14
CA GLN F 404 69.72 -33.45 -17.91
C GLN F 404 69.70 -32.44 -16.79
N ASN F 405 70.78 -32.46 -16.01
CA ASN F 405 70.95 -31.54 -14.89
C ASN F 405 70.58 -30.11 -15.26
N VAL F 406 70.48 -29.26 -14.25
CA VAL F 406 70.14 -27.86 -14.46
C VAL F 406 71.39 -27.00 -14.45
N ALA F 407 72.33 -27.34 -13.58
CA ALA F 407 73.58 -26.61 -13.44
C ALA F 407 73.39 -25.30 -12.66
N ASN F 408 72.24 -24.67 -12.83
CA ASN F 408 71.93 -23.41 -12.15
C ASN F 408 71.85 -23.60 -10.64
N SER F 409 73.00 -23.64 -9.98
CA SER F 409 73.05 -23.81 -8.54
C SER F 409 72.39 -25.14 -8.16
N ASP F 410 72.80 -25.71 -7.04
CA ASP F 410 72.25 -26.99 -6.61
C ASP F 410 72.05 -27.02 -5.11
N ASN F 411 71.51 -28.14 -4.64
CA ASN F 411 71.26 -28.34 -3.21
C ASN F 411 70.11 -27.51 -2.66
N ASN F 412 68.90 -28.03 -2.83
CA ASN F 412 67.70 -27.37 -2.33
C ASN F 412 67.16 -28.19 -1.16
N TYR F 413 65.90 -27.96 -0.81
CA TYR F 413 65.29 -28.69 0.30
C TYR F 413 63.78 -28.84 0.09
N ILE F 414 63.34 -30.04 -0.27
CA ILE F 414 61.92 -30.30 -0.49
C ILE F 414 61.47 -31.59 0.19
N GLY F 415 60.46 -31.47 1.05
CA GLY F 415 59.95 -32.62 1.76
C GLY F 415 58.82 -33.32 1.03
N LYS F 416 59.07 -34.54 0.56
CA LYS F 416 58.06 -35.31 -0.16
C LYS F 416 57.02 -35.85 0.82
N GLY F 417 55.93 -35.11 0.99
CA GLY F 417 54.88 -35.52 1.91
C GLY F 417 54.45 -34.37 2.79
N ASN F 418 53.90 -34.69 3.97
CA ASN F 418 53.46 -33.65 4.89
C ASN F 418 54.55 -33.25 5.86
N LEU F 419 54.24 -32.35 6.78
CA LEU F 419 55.20 -31.88 7.77
C LEU F 419 55.25 -32.83 8.96
N PRO F 420 56.46 -33.25 9.36
CA PRO F 420 56.60 -34.15 10.50
C PRO F 420 56.13 -33.46 11.78
N ALA F 421 55.07 -33.99 12.39
CA ALA F 421 54.53 -33.40 13.61
C ALA F 421 54.29 -34.39 14.73
N MET F 422 54.22 -33.87 15.95
CA MET F 422 53.98 -34.67 17.13
C MET F 422 52.62 -34.28 17.70
N GLU F 423 51.83 -35.27 18.10
CA GLU F 423 50.50 -35.00 18.63
C GLU F 423 50.47 -35.00 20.15
N ILE F 424 49.50 -34.27 20.71
CA ILE F 424 49.32 -34.17 22.15
C ILE F 424 47.91 -33.70 22.48
N ASN F 425 47.19 -34.51 23.25
CA ASN F 425 45.82 -34.17 23.63
C ASN F 425 45.86 -33.04 24.66
N LEU F 426 46.04 -31.83 24.17
CA LEU F 426 46.12 -30.64 25.01
C LEU F 426 45.09 -30.65 26.14
N ALA F 427 43.82 -30.42 25.79
CA ALA F 427 42.75 -30.39 26.77
C ALA F 427 42.82 -31.51 27.80
N ALA F 428 43.25 -32.69 27.34
CA ALA F 428 43.36 -33.85 28.23
C ALA F 428 44.34 -33.59 29.37
N ASN F 429 45.55 -33.17 29.00
CA ASN F 429 46.59 -32.89 29.99
C ASN F 429 46.08 -31.97 31.11
N LEU F 430 45.63 -30.79 30.73
CA LEU F 430 45.13 -29.81 31.70
C LEU F 430 44.19 -30.45 32.71
N TRP F 431 43.26 -31.28 32.23
CA TRP F 431 42.30 -31.95 33.09
C TRP F 431 43.00 -32.86 34.09
N ARG F 432 43.97 -33.64 33.60
CA ARG F 432 44.73 -34.55 34.44
C ARG F 432 45.60 -33.81 35.44
N SER F 433 46.26 -32.75 34.97
CA SER F 433 47.11 -31.96 35.85
C SER F 433 46.27 -31.34 36.96
N PHE F 434 45.05 -30.94 36.61
CA PHE F 434 44.14 -30.35 37.58
C PHE F 434 43.89 -31.35 38.70
N LEU F 435 43.35 -32.52 38.33
CA LEU F 435 43.04 -33.57 39.29
C LEU F 435 44.21 -33.88 40.22
N TYR F 436 45.30 -34.40 39.66
CA TYR F 436 46.48 -34.77 40.44
C TYR F 436 46.96 -33.71 41.43
N SER F 437 46.92 -32.45 41.01
CA SER F 437 47.39 -31.34 41.86
C SER F 437 46.38 -30.82 42.87
N ASN F 438 45.10 -31.16 42.68
CA ASN F 438 44.07 -30.70 43.59
C ASN F 438 43.39 -31.78 44.42
N VAL F 439 43.58 -33.04 44.05
CA VAL F 439 42.95 -34.12 44.80
C VAL F 439 43.86 -35.33 45.02
N ALA F 440 44.82 -35.53 44.13
CA ALA F 440 45.73 -36.67 44.25
C ALA F 440 46.75 -36.47 45.37
N LEU F 441 47.38 -35.31 45.41
CA LEU F 441 48.39 -35.01 46.43
C LEU F 441 47.77 -34.80 47.80
N TYR F 442 46.45 -34.74 47.86
CA TYR F 442 45.76 -34.52 49.13
C TYR F 442 45.11 -35.79 49.68
N LEU F 443 45.23 -36.89 48.96
CA LEU F 443 44.65 -38.15 49.41
C LEU F 443 45.31 -38.58 50.72
N PRO F 444 44.58 -39.33 51.56
CA PRO F 444 45.11 -39.80 52.84
C PRO F 444 46.48 -40.44 52.68
N ASP F 445 47.35 -40.22 53.65
CA ASP F 445 48.71 -40.77 53.61
C ASP F 445 48.73 -42.27 53.39
N ASN F 446 47.67 -42.95 53.84
CA ASN F 446 47.57 -44.40 53.69
C ASN F 446 47.60 -44.86 52.23
N LEU F 447 47.16 -44.00 51.32
CA LEU F 447 47.13 -44.34 49.91
C LEU F 447 48.43 -43.97 49.20
N LYS F 448 49.39 -43.44 49.94
CA LYS F 448 50.67 -43.05 49.37
C LYS F 448 51.77 -44.04 49.77
N PHE F 449 52.95 -43.85 49.18
CA PHE F 449 54.09 -44.70 49.48
C PHE F 449 55.36 -43.88 49.37
N THR F 450 56.27 -44.07 50.32
CA THR F 450 57.53 -43.35 50.33
C THR F 450 58.28 -43.57 49.03
N PRO F 451 58.85 -42.50 48.46
CA PRO F 451 59.59 -42.61 47.20
C PRO F 451 60.75 -43.58 47.32
N HIS F 452 61.44 -43.83 46.21
CA HIS F 452 62.56 -44.76 46.21
C HIS F 452 63.89 -44.06 46.54
N ASN F 453 64.70 -44.73 47.36
CA ASN F 453 66.00 -44.21 47.77
C ASN F 453 65.93 -42.76 48.25
N ILE F 454 65.19 -42.52 49.33
CA ILE F 454 65.06 -41.17 49.86
C ILE F 454 64.91 -41.13 51.38
N GLN F 455 65.85 -40.46 52.04
CA GLN F 455 65.82 -40.34 53.50
C GLN F 455 64.61 -39.52 53.89
N LEU F 456 63.82 -40.02 54.84
CA LEU F 456 62.63 -39.30 55.26
C LEU F 456 62.51 -39.24 56.79
N PRO F 457 61.99 -38.10 57.31
CA PRO F 457 61.81 -37.89 58.75
C PRO F 457 60.69 -38.76 59.33
N PRO F 458 60.76 -39.05 60.64
CA PRO F 458 59.76 -39.89 61.32
C PRO F 458 58.40 -39.20 61.50
N ASN F 459 58.43 -37.93 61.91
CA ASN F 459 57.20 -37.18 62.14
C ASN F 459 56.36 -37.08 60.87
N THR F 460 55.15 -37.62 60.93
CA THR F 460 54.25 -37.58 59.80
C THR F 460 53.52 -36.24 59.78
N ASN F 461 53.94 -35.34 60.67
CA ASN F 461 53.34 -34.02 60.78
C ASN F 461 54.29 -32.96 60.22
N THR F 462 55.41 -33.40 59.69
CA THR F 462 56.40 -32.50 59.12
C THR F 462 56.13 -32.23 57.65
N TYR F 463 56.54 -31.06 57.19
CA TYR F 463 56.35 -30.67 55.79
C TYR F 463 57.08 -31.61 54.84
N GLU F 464 58.33 -31.93 55.19
CA GLU F 464 59.15 -32.82 54.37
C GLU F 464 58.45 -34.14 54.09
N TYR F 465 57.83 -34.72 55.12
CA TYR F 465 57.13 -35.99 54.98
C TYR F 465 55.98 -35.85 53.99
N MET F 466 55.09 -34.89 54.25
CA MET F 466 53.94 -34.65 53.39
C MET F 466 54.36 -34.24 51.99
N ASN F 467 55.62 -33.83 51.85
CA ASN F 467 56.16 -33.41 50.56
C ASN F 467 56.94 -34.54 49.90
N GLY F 468 57.26 -35.57 50.68
CA GLY F 468 58.02 -36.68 50.16
C GLY F 468 57.12 -37.83 49.71
N ARG F 469 56.09 -38.12 50.49
CA ARG F 469 55.14 -39.18 50.16
C ARG F 469 54.69 -39.04 48.72
N ILE F 470 54.66 -40.14 48.00
CA ILE F 470 54.28 -40.14 46.59
C ILE F 470 52.94 -40.82 46.34
N PRO F 471 51.92 -40.06 45.89
CA PRO F 471 50.62 -40.66 45.62
C PRO F 471 50.56 -41.22 44.20
N VAL F 472 49.69 -42.20 43.98
CA VAL F 472 49.54 -42.81 42.67
C VAL F 472 48.46 -42.08 41.84
N SER F 473 48.88 -41.44 40.75
CA SER F 473 47.95 -40.72 39.87
C SER F 473 46.87 -41.63 39.31
N GLY F 474 47.03 -42.94 39.54
CA GLY F 474 46.05 -43.89 39.05
C GLY F 474 44.74 -43.80 39.80
N LEU F 475 44.83 -43.58 41.11
CA LEU F 475 43.66 -43.49 41.98
C LEU F 475 42.71 -42.35 41.63
N ILE F 476 43.15 -41.41 40.80
CA ILE F 476 42.32 -40.29 40.40
C ILE F 476 42.73 -39.73 39.04
N ASP F 477 42.56 -40.54 38.01
CA ASP F 477 42.92 -40.14 36.64
C ASP F 477 41.71 -39.57 35.91
N THR F 478 41.96 -38.94 34.76
CA THR F 478 40.92 -38.33 33.95
C THR F 478 39.73 -39.22 33.59
N TYR F 479 39.76 -40.48 34.03
CA TYR F 479 38.68 -41.41 33.72
C TYR F 479 37.95 -41.91 34.97
N VAL F 480 38.22 -41.29 36.10
CA VAL F 480 37.57 -41.68 37.35
C VAL F 480 36.12 -41.23 37.40
N ASN F 481 35.21 -42.18 37.59
CA ASN F 481 33.79 -41.89 37.66
C ASN F 481 33.35 -40.94 36.56
N ILE F 482 33.73 -41.26 35.33
CA ILE F 482 33.38 -40.44 34.18
C ILE F 482 31.88 -40.26 34.03
N GLY F 483 31.44 -39.00 34.05
CA GLY F 483 30.02 -38.71 33.90
C GLY F 483 29.26 -38.41 35.18
N THR F 484 29.97 -38.27 36.30
CA THR F 484 29.30 -37.99 37.56
C THR F 484 29.82 -36.76 38.29
N ARG F 485 29.00 -36.29 39.23
CA ARG F 485 29.32 -35.14 40.05
C ARG F 485 29.57 -35.70 41.45
N TRP F 486 30.19 -36.89 41.46
CA TRP F 486 30.52 -37.62 42.68
C TRP F 486 31.92 -37.31 43.19
N SER F 487 32.08 -37.28 44.50
CA SER F 487 33.39 -37.02 45.12
C SER F 487 33.96 -38.29 45.71
N PRO F 488 35.28 -38.50 45.55
CA PRO F 488 35.96 -39.70 46.06
C PRO F 488 35.66 -40.00 47.53
N ASP F 489 35.18 -41.21 47.79
CA ASP F 489 34.84 -41.63 49.15
C ASP F 489 36.03 -41.60 50.09
N VAL F 490 37.22 -41.50 49.52
CA VAL F 490 38.44 -41.46 50.31
C VAL F 490 38.76 -40.04 50.77
N MET F 491 38.01 -39.07 50.24
CA MET F 491 38.21 -37.67 50.58
C MET F 491 37.06 -37.07 51.39
N ASP F 492 35.96 -37.81 51.50
CA ASP F 492 34.81 -37.33 52.25
C ASP F 492 35.17 -37.02 53.69
N ASN F 493 36.16 -37.73 54.22
CA ASN F 493 36.59 -37.53 55.59
C ASN F 493 37.92 -36.80 55.67
N VAL F 494 38.22 -36.00 54.65
CA VAL F 494 39.46 -35.24 54.60
C VAL F 494 39.14 -33.75 54.54
N ASN F 495 39.61 -33.01 55.55
CA ASN F 495 39.35 -31.57 55.62
C ASN F 495 39.59 -30.88 54.28
N PRO F 496 38.50 -30.46 53.61
CA PRO F 496 38.58 -29.78 52.31
C PRO F 496 39.08 -28.35 52.40
N PHE F 497 39.20 -27.84 53.63
CA PHE F 497 39.67 -26.49 53.83
C PHE F 497 41.19 -26.39 53.86
N ASN F 498 41.85 -27.51 54.15
CA ASN F 498 43.31 -27.54 54.16
C ASN F 498 43.76 -27.82 52.74
N HIS F 499 43.41 -26.92 51.84
CA HIS F 499 43.75 -27.05 50.43
C HIS F 499 44.41 -25.75 49.95
N HIS F 500 45.32 -25.85 48.98
CA HIS F 500 46.00 -24.66 48.49
C HIS F 500 45.11 -23.77 47.62
N ARG F 501 43.86 -24.17 47.46
CA ARG F 501 42.91 -23.39 46.68
C ARG F 501 41.96 -22.65 47.61
N ASN F 502 42.30 -22.63 48.89
CA ASN F 502 41.49 -21.95 49.89
C ASN F 502 41.69 -20.45 49.71
N SER F 503 40.85 -19.85 48.87
CA SER F 503 40.93 -18.42 48.60
C SER F 503 41.08 -17.62 49.89
N GLY F 504 40.31 -17.99 50.91
CA GLY F 504 40.37 -17.30 52.18
C GLY F 504 41.78 -17.26 52.75
N LEU F 505 42.33 -18.44 53.03
CA LEU F 505 43.67 -18.54 53.59
C LEU F 505 44.72 -17.95 52.67
N ARG F 506 44.62 -18.27 51.38
CA ARG F 506 45.57 -17.77 50.39
C ARG F 506 45.62 -16.24 50.40
N TYR F 507 44.49 -15.62 50.66
CA TYR F 507 44.41 -14.16 50.70
C TYR F 507 45.22 -13.61 51.86
N ARG F 508 44.88 -14.03 53.07
CA ARG F 508 45.59 -13.57 54.27
C ARG F 508 47.09 -13.83 54.14
N SER F 509 47.44 -14.93 53.49
CA SER F 509 48.84 -15.28 53.28
C SER F 509 49.55 -14.15 52.56
N GLN F 510 49.12 -13.88 51.33
CA GLN F 510 49.71 -12.82 50.53
C GLN F 510 49.54 -11.47 51.20
N LEU F 511 48.58 -11.38 52.13
CA LEU F 511 48.32 -10.14 52.83
C LEU F 511 49.50 -9.77 53.72
N LEU F 512 50.40 -10.73 53.95
CA LEU F 512 51.58 -10.51 54.76
C LEU F 512 52.82 -10.44 53.87
N GLY F 513 52.74 -11.12 52.73
CA GLY F 513 53.86 -11.13 51.80
C GLY F 513 54.21 -12.54 51.34
N ASN F 514 55.31 -12.65 50.60
CA ASN F 514 55.76 -13.95 50.09
C ASN F 514 57.06 -14.38 50.76
N GLY F 515 57.65 -13.48 51.54
CA GLY F 515 58.89 -13.80 52.22
C GLY F 515 58.73 -14.56 53.52
N ARG F 516 59.69 -15.42 53.82
CA ARG F 516 59.67 -16.21 55.04
C ARG F 516 59.62 -15.27 56.24
N PHE F 517 60.50 -14.27 56.22
CA PHE F 517 60.55 -13.27 57.29
C PHE F 517 59.62 -12.12 56.92
N CYS F 518 58.88 -11.62 57.89
CA CYS F 518 57.96 -10.52 57.64
C CYS F 518 57.58 -9.79 58.91
N ASP F 519 57.68 -8.46 58.89
CA ASP F 519 57.33 -7.65 60.03
C ASP F 519 55.86 -7.25 59.87
N PHE F 520 54.98 -7.95 60.59
CA PHE F 520 53.55 -7.68 60.52
C PHE F 520 53.11 -6.50 61.36
N HIS F 521 51.82 -6.18 61.26
CA HIS F 521 51.20 -5.08 62.00
C HIS F 521 49.70 -5.20 61.76
N ILE F 522 49.01 -5.76 62.75
CA ILE F 522 47.57 -5.96 62.64
C ILE F 522 46.75 -5.33 63.75
N GLN F 523 45.42 -5.36 63.58
CA GLN F 523 44.49 -4.83 64.56
C GLN F 523 43.53 -5.93 64.99
N VAL F 524 43.58 -6.30 66.26
CA VAL F 524 42.71 -7.35 66.78
C VAL F 524 41.53 -6.76 67.52
N PRO F 525 40.30 -7.08 67.09
CA PRO F 525 39.07 -6.58 67.72
C PRO F 525 38.68 -7.37 68.95
N GLN F 526 37.69 -6.87 69.67
CA GLN F 526 37.19 -7.55 70.88
C GLN F 526 36.01 -8.42 70.48
N LYS F 527 36.04 -9.69 70.91
CA LYS F 527 34.97 -10.61 70.56
C LYS F 527 34.05 -11.02 71.70
N PHE F 528 34.49 -10.82 72.93
CA PHE F 528 33.67 -11.19 74.08
C PHE F 528 32.37 -10.38 74.07
N PHE F 529 31.25 -11.07 73.92
CA PHE F 529 29.94 -10.45 73.85
C PHE F 529 29.62 -9.49 75.01
N ALA F 530 29.94 -9.91 76.23
CA ALA F 530 29.67 -9.11 77.41
C ALA F 530 30.23 -7.69 77.33
N ILE F 531 31.24 -7.49 76.50
CA ILE F 531 31.84 -6.16 76.37
C ILE F 531 32.05 -5.69 74.94
N ARG F 532 31.64 -6.49 73.95
CA ARG F 532 31.80 -6.10 72.56
C ARG F 532 31.12 -4.77 72.26
N ASN F 533 29.79 -4.76 72.34
CA ASN F 533 29.01 -3.57 72.06
C ASN F 533 28.66 -2.78 73.31
N LEU F 534 29.43 -2.96 74.37
CA LEU F 534 29.18 -2.24 75.62
C LEU F 534 29.45 -0.75 75.41
N LEU F 535 28.79 0.09 76.21
CA LEU F 535 28.95 1.53 76.11
C LEU F 535 29.41 2.12 77.44
N LEU F 536 30.71 2.03 77.70
CA LEU F 536 31.28 2.55 78.93
C LEU F 536 30.99 4.04 79.13
N LEU F 537 30.95 4.46 80.38
CA LEU F 537 30.70 5.85 80.73
C LEU F 537 31.97 6.45 81.31
N PRO F 538 31.97 7.77 81.55
CA PRO F 538 33.16 8.43 82.12
C PRO F 538 33.76 7.69 83.31
N GLY F 539 35.08 7.73 83.43
CA GLY F 539 35.76 7.05 84.51
C GLY F 539 36.99 6.30 84.01
N THR F 540 37.77 5.75 84.93
CA THR F 540 38.97 5.01 84.56
C THR F 540 38.78 3.52 84.81
N TYR F 541 39.26 2.69 83.87
CA TYR F 541 39.11 1.25 84.00
C TYR F 541 40.40 0.53 83.64
N THR F 542 40.61 -0.63 84.25
CA THR F 542 41.79 -1.44 83.97
C THR F 542 41.42 -2.48 82.92
N TYR F 543 41.94 -2.32 81.72
CA TYR F 543 41.66 -3.23 80.62
C TYR F 543 42.89 -4.07 80.29
N GLU F 544 42.89 -5.31 80.75
CA GLU F 544 44.01 -6.22 80.53
C GLU F 544 43.56 -7.45 79.74
N TRP F 545 44.50 -8.09 79.05
CA TRP F 545 44.19 -9.27 78.26
C TRP F 545 45.47 -9.96 77.80
N SER F 546 45.42 -11.28 77.68
CA SER F 546 46.57 -12.06 77.26
C SER F 546 46.51 -12.46 75.79
N PHE F 547 47.67 -12.81 75.24
CA PHE F 547 47.77 -13.21 73.83
C PHE F 547 48.67 -14.42 73.69
N ARG F 548 48.19 -15.44 72.99
CA ARG F 548 49.00 -16.65 72.78
C ARG F 548 50.22 -16.33 71.94
N LYS F 549 51.06 -17.35 71.72
CA LYS F 549 52.26 -17.21 70.92
C LYS F 549 52.51 -18.52 70.18
N ASP F 550 51.69 -19.52 70.48
CA ASP F 550 51.82 -20.83 69.84
C ASP F 550 51.53 -20.70 68.36
N VAL F 551 52.57 -20.84 67.54
CA VAL F 551 52.44 -20.73 66.10
C VAL F 551 51.31 -21.59 65.55
N ASN F 552 51.14 -22.78 66.12
CA ASN F 552 50.10 -23.70 65.67
C ASN F 552 48.67 -23.26 65.98
N MET F 553 48.53 -22.10 66.64
CA MET F 553 47.20 -21.59 66.96
C MET F 553 46.99 -20.18 66.43
N ILE F 554 48.08 -19.43 66.30
CA ILE F 554 47.99 -18.07 65.78
C ILE F 554 48.14 -18.10 64.28
N LEU F 555 48.88 -19.09 63.79
CA LEU F 555 49.12 -19.24 62.36
C LEU F 555 48.34 -20.42 61.79
N GLN F 556 48.20 -20.45 60.47
CA GLN F 556 47.50 -21.52 59.78
C GLN F 556 48.24 -21.89 58.49
N SER F 557 48.22 -23.17 58.15
CA SER F 557 48.89 -23.65 56.94
C SER F 557 47.93 -24.49 56.12
N THR F 558 48.20 -24.57 54.82
CA THR F 558 47.36 -25.35 53.91
C THR F 558 47.49 -26.85 54.14
N LEU F 559 48.70 -27.30 54.47
CA LEU F 559 48.94 -28.72 54.71
C LEU F 559 48.66 -29.11 56.15
N GLY F 560 48.65 -28.13 57.04
CA GLY F 560 48.39 -28.40 58.44
C GLY F 560 49.56 -29.06 59.14
N ASN F 561 50.75 -28.92 58.56
CA ASN F 561 51.96 -29.51 59.13
C ASN F 561 52.29 -28.83 60.45
N ASP F 562 52.96 -29.57 61.34
CA ASP F 562 53.34 -29.04 62.64
C ASP F 562 54.34 -27.91 62.48
N LEU F 563 53.87 -26.67 62.57
CA LEU F 563 54.71 -25.49 62.42
C LEU F 563 55.76 -25.40 63.51
N ARG F 564 55.41 -25.84 64.71
CA ARG F 564 56.31 -25.79 65.85
C ARG F 564 57.59 -26.58 65.61
N VAL F 565 57.51 -27.61 64.77
CA VAL F 565 58.67 -28.43 64.45
C VAL F 565 59.34 -27.96 63.16
N ASP F 566 58.60 -27.24 62.33
CA ASP F 566 59.14 -26.76 61.06
C ASP F 566 59.76 -25.37 61.19
N GLY F 567 60.28 -25.08 62.38
CA GLY F 567 60.92 -23.80 62.62
C GLY F 567 60.02 -22.59 62.48
N ALA F 568 58.79 -22.68 62.97
CA ALA F 568 57.84 -21.57 62.90
C ALA F 568 57.93 -20.78 64.20
N THR F 569 58.25 -19.50 64.08
CA THR F 569 58.37 -18.65 65.26
C THR F 569 57.75 -17.26 65.07
N VAL F 570 57.20 -16.73 66.16
CA VAL F 570 56.58 -15.41 66.15
C VAL F 570 57.13 -14.60 67.30
N ASN F 571 57.09 -13.27 67.18
CA ASN F 571 57.60 -12.41 68.23
C ASN F 571 56.84 -11.09 68.30
N ILE F 572 56.31 -10.80 69.48
CA ILE F 572 55.56 -9.56 69.70
C ILE F 572 56.49 -8.48 70.27
N THR F 573 56.56 -7.35 69.59
CA THR F 573 57.42 -6.25 70.03
C THR F 573 56.66 -5.25 70.89
N SER F 574 55.53 -4.77 70.39
CA SER F 574 54.72 -3.80 71.13
C SER F 574 53.23 -3.98 70.86
N VAL F 575 52.41 -3.56 71.81
CA VAL F 575 50.97 -3.66 71.69
C VAL F 575 50.31 -2.43 72.28
N ASN F 576 49.44 -1.79 71.50
CA ASN F 576 48.75 -0.59 71.96
C ASN F 576 47.25 -0.77 71.86
N LEU F 577 46.50 0.10 72.53
CA LEU F 577 45.05 0.04 72.52
C LEU F 577 44.45 1.33 71.99
N TYR F 578 43.69 1.23 70.90
CA TYR F 578 43.05 2.39 70.30
C TYR F 578 41.56 2.40 70.60
N ALA F 579 41.00 3.60 70.71
CA ALA F 579 39.58 3.77 70.98
C ALA F 579 39.09 5.09 70.39
N SER F 580 38.03 5.01 69.60
CA SER F 580 37.47 6.18 68.96
C SER F 580 36.25 6.70 69.72
N PHE F 581 36.26 7.99 70.04
CA PHE F 581 35.16 8.61 70.77
C PHE F 581 34.41 9.58 69.86
N PHE F 582 33.09 9.53 69.93
CA PHE F 582 32.26 10.41 69.13
C PHE F 582 32.37 11.83 69.71
N PRO F 583 32.64 12.83 68.86
CA PRO F 583 32.77 14.21 69.31
C PRO F 583 31.41 14.78 69.73
N MET F 584 30.73 14.06 70.61
CA MET F 584 29.42 14.47 71.09
C MET F 584 29.50 15.65 72.04
N SER F 585 28.57 16.58 71.90
CA SER F 585 28.54 17.77 72.75
C SER F 585 28.52 17.37 74.22
N HIS F 586 29.29 18.09 75.03
CA HIS F 586 29.36 17.82 76.46
C HIS F 586 27.99 17.92 77.11
N ASN F 587 27.17 18.84 76.61
CA ASN F 587 25.83 19.04 77.14
C ASN F 587 25.00 17.78 76.94
N THR F 588 24.98 17.28 75.70
CA THR F 588 24.22 16.08 75.38
C THR F 588 24.85 14.87 76.07
N ALA F 589 26.15 14.71 75.89
CA ALA F 589 26.88 13.60 76.49
C ALA F 589 26.59 13.48 77.99
N SER F 590 26.53 14.63 78.66
CA SER F 590 26.26 14.65 80.09
C SER F 590 24.87 14.08 80.39
N THR F 591 23.88 14.51 79.63
CA THR F 591 22.51 14.04 79.82
C THR F 591 22.43 12.54 79.59
N LEU F 592 23.01 12.08 78.48
CA LEU F 592 23.01 10.67 78.14
C LEU F 592 23.53 9.83 79.30
N GLU F 593 24.62 10.29 79.91
CA GLU F 593 25.22 9.59 81.04
C GLU F 593 24.25 9.46 82.20
N ALA F 594 23.65 10.58 82.59
CA ALA F 594 22.70 10.60 83.69
C ALA F 594 21.64 9.52 83.55
N MET F 595 21.17 9.29 82.33
CA MET F 595 20.15 8.29 82.08
C MET F 595 20.71 6.87 82.11
N LEU F 596 21.83 6.66 81.43
CA LEU F 596 22.45 5.33 81.37
C LEU F 596 22.96 4.84 82.72
N ARG F 597 22.93 5.71 83.73
CA ARG F 597 23.40 5.34 85.05
C ARG F 597 22.27 4.87 85.96
N ASN F 598 21.08 4.74 85.39
CA ASN F 598 19.92 4.29 86.16
C ASN F 598 19.67 2.80 85.90
N ASP F 599 19.53 2.03 86.96
CA ASP F 599 19.29 0.60 86.86
C ASP F 599 18.16 0.25 85.90
N THR F 600 17.26 1.20 85.68
CA THR F 600 16.14 0.99 84.79
C THR F 600 16.56 1.04 83.33
N ASN F 601 17.81 1.46 83.09
CA ASN F 601 18.33 1.56 81.72
C ASN F 601 19.65 0.81 81.55
N ASP F 602 19.82 -0.28 82.28
CA ASP F 602 21.05 -1.06 82.18
C ASP F 602 21.13 -1.76 80.83
N GLN F 603 22.32 -1.72 80.24
CA GLN F 603 22.55 -2.36 78.94
C GLN F 603 22.58 -3.88 79.12
N SER F 604 22.14 -4.60 78.09
CA SER F 604 22.12 -6.05 78.15
C SER F 604 22.51 -6.67 76.80
N PHE F 605 23.39 -7.67 76.86
CA PHE F 605 23.85 -8.35 75.65
C PHE F 605 23.69 -9.85 75.82
N ASN F 606 23.97 -10.60 74.76
CA ASN F 606 23.86 -12.04 74.81
C ASN F 606 24.65 -12.67 73.67
N ASP F 607 25.58 -13.56 74.02
CA ASP F 607 26.41 -14.23 73.03
C ASP F 607 25.52 -14.73 71.90
N TYR F 608 25.91 -14.45 70.66
CA TYR F 608 25.13 -14.88 69.51
C TYR F 608 24.88 -16.39 69.48
N LEU F 609 25.93 -17.16 69.76
CA LEU F 609 25.80 -18.62 69.75
C LEU F 609 24.87 -19.08 70.86
N SER F 610 25.11 -18.59 72.07
CA SER F 610 24.29 -18.95 73.23
C SER F 610 24.09 -20.45 73.34
N ALA F 611 25.12 -21.15 73.81
CA ALA F 611 25.06 -22.59 73.96
C ALA F 611 26.26 -23.14 74.69
N ALA F 612 26.03 -24.14 75.54
CA ALA F 612 27.10 -24.77 76.30
C ALA F 612 27.82 -25.75 75.38
N ASN F 613 29.13 -25.61 75.27
CA ASN F 613 29.93 -26.47 74.41
C ASN F 613 30.38 -27.72 75.16
N MET F 614 30.08 -28.88 74.58
CA MET F 614 30.46 -30.15 75.19
C MET F 614 31.29 -30.96 74.20
N LEU F 615 32.20 -31.78 74.72
CA LEU F 615 33.05 -32.61 73.88
C LEU F 615 33.20 -34.01 74.45
N TYR F 616 32.75 -35.00 73.68
CA TYR F 616 32.83 -36.38 74.10
C TYR F 616 33.70 -37.14 73.12
N PRO F 617 34.68 -37.92 73.64
CA PRO F 617 35.59 -38.68 72.79
C PRO F 617 34.89 -39.82 72.05
N ILE F 618 35.33 -40.07 70.82
CA ILE F 618 34.77 -41.13 70.00
C ILE F 618 35.90 -42.07 69.58
N PRO F 619 36.11 -43.16 70.33
CA PRO F 619 37.17 -44.11 70.01
C PRO F 619 37.19 -44.49 68.53
N PRO F 620 38.37 -44.81 67.99
CA PRO F 620 38.48 -45.17 66.57
C PRO F 620 37.63 -46.39 66.20
N ASN F 621 36.90 -46.27 65.10
CA ASN F 621 36.04 -47.34 64.59
C ASN F 621 34.77 -47.49 65.41
N ALA F 622 34.59 -46.64 66.42
CA ALA F 622 33.41 -46.70 67.27
C ALA F 622 32.18 -46.37 66.41
N THR F 623 31.02 -46.89 66.82
CA THR F 623 29.79 -46.65 66.09
C THR F 623 28.73 -46.02 66.98
N GLN F 624 28.52 -46.61 68.15
CA GLN F 624 27.54 -46.11 69.10
C GLN F 624 28.22 -45.18 70.10
N LEU F 625 27.50 -44.15 70.54
CA LEU F 625 28.06 -43.19 71.49
C LEU F 625 26.98 -42.58 72.38
N PRO F 626 26.78 -43.15 73.57
CA PRO F 626 25.78 -42.66 74.52
C PRO F 626 26.34 -41.52 75.38
N ILE F 627 25.47 -40.58 75.77
CA ILE F 627 25.89 -39.45 76.59
C ILE F 627 24.85 -39.09 77.65
N PRO F 628 25.16 -39.35 78.93
CA PRO F 628 24.26 -39.04 80.04
C PRO F 628 24.46 -37.64 80.63
N SER F 629 23.37 -36.93 80.84
CA SER F 629 23.39 -35.57 81.40
C SER F 629 21.96 -35.21 81.76
N ARG F 630 21.78 -34.25 82.66
CA ARG F 630 20.43 -33.84 83.05
C ARG F 630 20.27 -32.33 83.28
N ASN F 631 19.22 -31.77 82.70
CA ASN F 631 18.91 -30.35 82.83
C ASN F 631 17.74 -30.15 83.78
N TRP F 632 17.88 -29.21 84.71
CA TRP F 632 16.84 -28.92 85.69
C TRP F 632 15.78 -27.97 85.11
N ALA F 633 16.11 -27.35 83.99
CA ALA F 633 15.19 -26.41 83.36
C ALA F 633 14.94 -26.72 81.89
N ALA F 634 14.49 -25.72 81.15
CA ALA F 634 14.23 -25.89 79.73
C ALA F 634 15.02 -24.90 78.92
N PHE F 635 15.75 -25.44 77.95
CA PHE F 635 16.59 -24.63 77.08
C PHE F 635 15.90 -24.20 75.79
N ARG F 636 16.67 -24.16 74.71
CA ARG F 636 16.18 -23.75 73.40
C ARG F 636 16.21 -24.88 72.36
N GLY F 637 17.29 -25.64 72.34
CA GLY F 637 17.39 -26.75 71.40
C GLY F 637 18.78 -27.37 71.35
N TRP F 638 18.96 -28.35 70.46
CA TRP F 638 20.24 -29.02 70.30
C TRP F 638 20.91 -28.60 68.99
N SER F 639 22.22 -28.83 68.91
CA SER F 639 23.00 -28.50 67.73
C SER F 639 24.26 -29.33 67.87
N LEU F 640 24.64 -30.04 66.82
CA LEU F 640 25.82 -30.88 66.92
C LEU F 640 26.53 -31.21 65.60
N THR F 641 27.75 -31.71 65.72
CA THR F 641 28.57 -32.07 64.58
C THR F 641 29.61 -33.11 65.02
N ARG F 642 30.68 -33.24 64.24
CA ARG F 642 31.74 -34.19 64.55
C ARG F 642 33.09 -33.59 64.19
N LEU F 643 34.06 -33.72 65.08
CA LEU F 643 35.39 -33.16 64.85
C LEU F 643 36.49 -34.19 65.08
N LYS F 644 37.66 -33.95 64.47
CA LYS F 644 38.79 -34.85 64.62
C LYS F 644 39.64 -34.40 65.80
N GLN F 645 39.93 -35.32 66.71
CA GLN F 645 40.72 -35.01 67.89
C GLN F 645 42.02 -34.29 67.57
N ARG F 646 42.74 -34.76 66.55
CA ARG F 646 44.00 -34.13 66.17
C ARG F 646 43.83 -32.67 65.75
N GLU F 647 42.69 -32.37 65.14
CA GLU F 647 42.41 -31.02 64.68
C GLU F 647 41.72 -30.17 65.74
N THR F 648 41.61 -30.70 66.95
CA THR F 648 40.95 -29.98 68.03
C THR F 648 41.90 -29.77 69.21
N PRO F 649 42.41 -28.53 69.38
CA PRO F 649 43.33 -28.21 70.47
C PRO F 649 42.61 -28.20 71.82
N ALA F 650 43.20 -28.86 72.81
CA ALA F 650 42.62 -28.91 74.15
C ALA F 650 42.64 -27.52 74.77
N LEU F 651 41.48 -26.88 74.83
CA LEU F 651 41.38 -25.54 75.41
C LEU F 651 41.30 -25.59 76.93
N GLY F 652 41.29 -24.42 77.55
CA GLY F 652 41.23 -24.33 79.00
C GLY F 652 42.62 -24.14 79.58
N SER F 653 43.58 -24.90 79.06
CA SER F 653 44.96 -24.80 79.52
C SER F 653 45.71 -23.80 78.64
N PRO F 654 46.62 -23.02 79.25
CA PRO F 654 47.41 -22.02 78.53
C PRO F 654 48.40 -22.59 77.52
N PHE F 655 48.33 -23.91 77.28
CA PHE F 655 49.25 -24.54 76.33
C PHE F 655 48.95 -26.02 76.12
N ASP F 656 48.98 -26.45 74.86
CA ASP F 656 48.73 -27.84 74.52
C ASP F 656 50.00 -28.46 73.96
N PRO F 657 50.63 -29.38 74.71
CA PRO F 657 51.85 -30.04 74.27
C PRO F 657 51.63 -31.14 73.23
N TYR F 658 50.39 -31.59 73.11
CA TYR F 658 50.05 -32.64 72.15
C TYR F 658 49.32 -32.12 70.93
N PHE F 659 49.41 -30.82 70.68
CA PHE F 659 48.73 -30.21 69.53
C PHE F 659 49.69 -30.02 68.36
N THR F 660 49.83 -31.05 67.54
CA THR F 660 50.72 -31.01 66.38
C THR F 660 49.92 -30.81 65.09
N TYR F 661 49.13 -29.74 65.06
CA TYR F 661 48.31 -29.44 63.89
C TYR F 661 48.25 -27.93 63.69
N SER F 662 48.16 -27.49 62.43
CA SER F 662 48.10 -26.06 62.14
C SER F 662 47.06 -25.72 61.08
N GLY F 663 46.25 -26.71 60.71
CA GLY F 663 45.21 -26.46 59.71
C GLY F 663 44.03 -25.76 60.35
N THR F 664 42.95 -25.63 59.60
CA THR F 664 41.75 -24.97 60.11
C THR F 664 41.20 -25.74 61.30
N ILE F 665 40.73 -25.01 62.31
CA ILE F 665 40.17 -25.63 63.50
C ILE F 665 38.65 -25.49 63.50
N PRO F 666 37.94 -26.51 62.99
CA PRO F 666 36.48 -26.51 62.92
C PRO F 666 35.82 -26.07 64.22
N TYR F 667 36.49 -26.32 65.33
CA TYR F 667 35.97 -25.96 66.65
C TYR F 667 35.95 -24.45 66.88
N LEU F 668 36.71 -23.71 66.08
CA LEU F 668 36.77 -22.26 66.25
C LEU F 668 36.23 -21.50 65.04
N ASP F 669 36.86 -21.68 63.88
CA ASP F 669 36.43 -21.01 62.66
C ASP F 669 35.10 -21.55 62.15
N GLY F 670 34.73 -22.75 62.59
CA GLY F 670 33.48 -23.34 62.16
C GLY F 670 33.54 -23.97 60.77
N THR F 671 34.67 -24.60 60.47
CA THR F 671 34.83 -25.26 59.18
C THR F 671 34.56 -26.75 59.27
N PHE F 672 33.39 -27.07 59.81
CA PHE F 672 32.95 -28.46 59.97
C PHE F 672 32.85 -29.13 58.62
N TYR F 673 32.91 -30.46 58.59
CA TYR F 673 32.82 -31.20 57.33
C TYR F 673 32.64 -32.69 57.57
N LEU F 674 32.01 -33.05 58.68
CA LEU F 674 31.78 -34.46 58.99
C LEU F 674 30.37 -34.70 59.48
N SER F 675 29.44 -33.89 59.01
CA SER F 675 28.05 -34.02 59.40
C SER F 675 27.39 -35.15 58.61
N HIS F 676 28.06 -35.57 57.55
CA HIS F 676 27.55 -36.65 56.69
C HIS F 676 27.97 -38.01 57.22
N THR F 677 28.47 -38.05 58.45
CA THR F 677 28.92 -39.29 59.05
C THR F 677 28.02 -39.75 60.19
N PHE F 678 26.79 -39.24 60.22
CA PHE F 678 25.84 -39.60 61.26
C PHE F 678 24.72 -40.48 60.71
N ARG F 679 24.31 -41.46 61.50
CA ARG F 679 23.25 -42.37 61.10
C ARG F 679 21.92 -42.02 61.75
N LYS F 680 21.91 -41.99 63.08
CA LYS F 680 20.69 -41.66 63.81
C LYS F 680 20.98 -41.09 65.19
N VAL F 681 19.97 -40.43 65.76
CA VAL F 681 20.09 -39.83 67.08
C VAL F 681 18.84 -40.15 67.89
N ALA F 682 19.04 -40.59 69.14
CA ALA F 682 17.92 -40.93 70.01
C ALA F 682 17.94 -40.10 71.28
N ILE F 683 16.86 -39.38 71.53
CA ILE F 683 16.75 -38.54 72.72
C ILE F 683 15.66 -39.08 73.64
N GLN F 684 15.95 -39.11 74.93
CA GLN F 684 15.00 -39.61 75.91
C GLN F 684 15.14 -38.91 77.26
N PHE F 685 14.02 -38.61 77.89
CA PHE F 685 14.01 -37.95 79.18
C PHE F 685 13.65 -38.93 80.30
N ASP F 686 14.39 -38.84 81.40
CA ASP F 686 14.17 -39.72 82.54
C ASP F 686 14.39 -41.16 82.14
N SER F 687 15.22 -41.36 81.11
CA SER F 687 15.53 -42.70 80.60
C SER F 687 14.30 -43.56 80.39
N SER F 688 13.29 -43.01 79.72
CA SER F 688 12.06 -43.74 79.44
C SER F 688 11.21 -43.00 78.42
N VAL F 689 10.89 -41.74 78.72
CA VAL F 689 10.09 -40.92 77.82
C VAL F 689 10.91 -40.44 76.64
N THR F 690 10.68 -41.05 75.47
CA THR F 690 11.40 -40.65 74.27
C THR F 690 10.88 -39.32 73.77
N TRP F 691 11.76 -38.52 73.17
CA TRP F 691 11.38 -37.22 72.65
C TRP F 691 11.62 -37.20 71.14
N PRO F 692 10.71 -36.54 70.39
CA PRO F 692 9.52 -35.85 70.87
C PRO F 692 8.37 -36.80 71.16
N GLY F 693 8.53 -38.05 70.73
CA GLY F 693 7.48 -39.04 70.93
C GLY F 693 6.19 -38.61 70.26
N ASN F 694 5.07 -38.89 70.91
CA ASN F 694 3.76 -38.53 70.37
C ASN F 694 3.60 -38.97 68.93
N ASP F 695 4.43 -39.92 68.50
CA ASP F 695 4.39 -40.44 67.14
C ASP F 695 4.43 -39.29 66.13
N ARG F 696 5.42 -38.42 66.27
CA ARG F 696 5.58 -37.28 65.39
C ARG F 696 6.23 -37.67 64.07
N LEU F 697 7.36 -38.36 64.14
CA LEU F 697 8.10 -38.78 62.96
C LEU F 697 7.67 -40.15 62.44
N LEU F 698 8.07 -40.46 61.20
CA LEU F 698 7.75 -41.74 60.59
C LEU F 698 8.39 -42.83 61.45
N THR F 699 9.48 -42.45 62.12
CA THR F 699 10.20 -43.34 63.02
C THR F 699 10.20 -42.63 64.37
N PRO F 700 9.05 -42.61 65.05
CA PRO F 700 8.83 -41.97 66.35
C PRO F 700 9.83 -42.29 67.47
N ASN F 701 10.62 -43.35 67.29
CA ASN F 701 11.58 -43.73 68.32
C ASN F 701 12.97 -43.15 68.11
N GLU F 702 13.14 -42.32 67.09
CA GLU F 702 14.44 -41.72 66.82
C GLU F 702 14.46 -40.84 65.58
N PHE F 703 15.59 -40.14 65.38
CA PHE F 703 15.77 -39.27 64.24
C PHE F 703 16.80 -39.91 63.29
N GLU F 704 16.31 -40.64 62.29
CA GLU F 704 17.20 -41.27 61.33
C GLU F 704 17.69 -40.22 60.34
N ILE F 705 18.97 -39.88 60.41
CA ILE F 705 19.54 -38.88 59.51
C ILE F 705 19.69 -39.44 58.10
N LYS F 706 20.02 -40.72 58.00
CA LYS F 706 20.21 -41.36 56.70
C LYS F 706 20.05 -42.88 56.80
N ILE F 707 19.51 -43.49 55.76
CA ILE F 707 19.31 -44.94 55.72
C ILE F 707 20.14 -45.55 54.60
N SER F 708 20.72 -46.72 54.86
CA SER F 708 21.54 -47.43 53.89
C SER F 708 20.65 -48.26 52.97
N VAL F 709 19.82 -49.11 53.57
CA VAL F 709 18.91 -49.96 52.82
C VAL F 709 17.58 -49.22 52.64
N ASP F 710 17.25 -48.88 51.39
CA ASP F 710 16.02 -48.15 51.10
C ASP F 710 14.76 -48.74 51.75
N GLY F 711 14.51 -50.03 51.55
CA GLY F 711 13.33 -50.64 52.12
C GLY F 711 12.08 -49.97 51.59
N GLU F 712 11.60 -48.96 52.31
CA GLU F 712 10.41 -48.21 51.91
C GLU F 712 10.84 -47.04 51.03
N GLY F 713 12.02 -46.50 51.33
CA GLY F 713 12.53 -45.38 50.56
C GLY F 713 12.21 -44.08 51.27
N TYR F 714 12.49 -44.05 52.56
CA TYR F 714 12.25 -42.85 53.36
C TYR F 714 13.30 -41.79 53.04
N ASN F 715 13.96 -41.96 51.91
CA ASN F 715 14.98 -41.01 51.48
C ASN F 715 14.38 -40.00 50.50
N VAL F 716 14.91 -38.78 50.50
CA VAL F 716 14.44 -37.73 49.62
C VAL F 716 15.58 -37.00 48.94
N ALA F 717 15.25 -35.95 48.20
CA ALA F 717 16.24 -35.15 47.50
C ALA F 717 17.14 -36.03 46.63
N GLN F 718 16.64 -37.21 46.30
CA GLN F 718 17.40 -38.15 45.48
C GLN F 718 18.74 -38.49 46.13
N SER F 719 18.71 -38.62 47.45
CA SER F 719 19.92 -38.94 48.21
C SER F 719 19.63 -40.06 49.20
N ASN F 720 20.46 -40.17 50.23
CA ASN F 720 20.28 -41.20 51.24
C ASN F 720 19.76 -40.58 52.54
N MET F 721 19.29 -39.35 52.45
CA MET F 721 18.77 -38.64 53.63
C MET F 721 17.28 -38.92 53.79
N THR F 722 16.88 -39.31 55.00
CA THR F 722 15.49 -39.61 55.28
C THR F 722 14.59 -38.41 55.03
N LYS F 723 13.29 -38.66 54.97
CA LYS F 723 12.32 -37.61 54.73
C LYS F 723 12.09 -36.86 56.03
N ASP F 724 12.14 -37.59 57.15
CA ASP F 724 11.95 -37.02 58.47
C ASP F 724 13.02 -36.00 58.79
N TRP F 725 14.28 -36.37 58.57
CA TRP F 725 15.39 -35.48 58.85
C TRP F 725 15.34 -34.22 57.99
N PHE F 726 15.19 -34.40 56.68
CA PHE F 726 15.13 -33.27 55.76
C PHE F 726 14.08 -32.26 56.24
N LEU F 727 12.90 -32.77 56.60
CA LEU F 727 11.82 -31.92 57.08
C LEU F 727 12.27 -31.10 58.29
N VAL F 728 12.80 -31.80 59.29
CA VAL F 728 13.27 -31.14 60.50
C VAL F 728 14.25 -30.01 60.19
N GLN F 729 15.25 -30.31 59.39
CA GLN F 729 16.26 -29.32 59.02
C GLN F 729 15.63 -28.10 58.35
N MET F 730 14.66 -28.34 57.46
CA MET F 730 14.00 -27.25 56.76
C MET F 730 13.21 -26.36 57.70
N LEU F 731 12.53 -26.96 58.66
CA LEU F 731 11.73 -26.21 59.62
C LEU F 731 12.60 -25.42 60.60
N ALA F 732 13.67 -26.04 61.08
CA ALA F 732 14.56 -25.39 62.04
C ALA F 732 15.41 -24.29 61.41
N ASN F 733 15.42 -24.21 60.09
CA ASN F 733 16.23 -23.19 59.41
C ASN F 733 15.40 -22.14 58.68
N TYR F 734 14.34 -22.56 58.00
CA TYR F 734 13.52 -21.64 57.24
C TYR F 734 12.03 -21.77 57.54
N ASN F 735 11.68 -22.55 58.55
CA ASN F 735 10.27 -22.76 58.90
C ASN F 735 9.50 -23.22 57.67
N ILE F 736 10.19 -23.90 56.76
CA ILE F 736 9.56 -24.40 55.54
C ILE F 736 9.38 -25.91 55.61
N GLY F 737 8.17 -26.37 55.32
CA GLY F 737 7.90 -27.79 55.36
C GLY F 737 6.44 -28.12 55.55
N TYR F 738 5.74 -27.30 56.31
CA TYR F 738 4.32 -27.51 56.56
C TYR F 738 3.45 -27.02 55.41
N GLN F 739 4.04 -26.24 54.51
CA GLN F 739 3.30 -25.72 53.37
C GLN F 739 4.12 -25.74 52.09
N GLY F 740 4.70 -26.90 51.79
CA GLY F 740 5.49 -27.05 50.59
C GLY F 740 6.97 -26.79 50.76
N TYR F 741 7.79 -27.57 50.05
CA TYR F 741 9.23 -27.42 50.11
C TYR F 741 9.71 -26.56 48.95
N HIS F 742 10.29 -25.41 49.26
CA HIS F 742 10.79 -24.51 48.22
C HIS F 742 12.07 -23.81 48.65
N LEU F 743 12.92 -23.49 47.67
CA LEU F 743 14.17 -22.81 47.95
C LEU F 743 13.90 -21.52 48.70
N PRO F 744 14.31 -21.46 49.97
CA PRO F 744 14.11 -20.27 50.82
C PRO F 744 14.77 -19.05 50.22
N PRO F 745 14.37 -17.85 50.68
CA PRO F 745 14.94 -16.59 50.18
C PRO F 745 16.44 -16.49 50.45
N ASP F 746 17.16 -15.84 49.55
CA ASP F 746 18.61 -15.69 49.65
C ASP F 746 19.14 -15.13 50.97
N TYR F 747 18.53 -14.08 51.48
CA TYR F 747 19.01 -13.49 52.74
C TYR F 747 19.07 -14.48 53.89
N LYS F 748 18.29 -15.56 53.80
CA LYS F 748 18.29 -16.57 54.85
C LYS F 748 19.27 -17.72 54.56
N ASP F 749 19.85 -17.71 53.36
CA ASP F 749 20.81 -18.74 52.98
C ASP F 749 22.24 -18.23 53.10
N ARG F 750 22.81 -18.36 54.29
CA ARG F 750 24.18 -17.91 54.53
C ARG F 750 25.10 -19.13 54.52
N THR F 751 26.41 -18.88 54.57
CA THR F 751 27.39 -19.96 54.55
C THR F 751 27.17 -20.98 55.66
N PHE F 752 26.39 -20.62 56.68
CA PHE F 752 26.12 -21.53 57.79
C PHE F 752 24.73 -22.11 57.77
N SER F 753 24.09 -22.06 56.60
CA SER F 753 22.74 -22.60 56.45
C SER F 753 22.81 -24.06 56.00
N PHE F 754 21.68 -24.74 56.04
CA PHE F 754 21.60 -26.14 55.63
C PHE F 754 21.60 -26.30 54.12
N LEU F 755 20.46 -25.97 53.50
CA LEU F 755 20.29 -26.09 52.06
C LEU F 755 21.49 -25.55 51.27
N HIS F 756 22.05 -24.43 51.72
CA HIS F 756 23.18 -23.82 51.03
C HIS F 756 24.34 -24.79 50.85
N ASN F 757 24.54 -25.68 51.82
CA ASN F 757 25.63 -26.63 51.75
C ASN F 757 25.21 -28.04 51.38
N PHE F 758 23.91 -28.27 51.30
CA PHE F 758 23.39 -29.59 50.95
C PHE F 758 23.65 -29.89 49.48
N ILE F 759 24.39 -30.96 49.21
CA ILE F 759 24.70 -31.34 47.84
C ILE F 759 24.63 -32.85 47.62
N PRO F 760 23.49 -33.34 47.12
CA PRO F 760 23.31 -34.78 46.87
C PRO F 760 24.05 -35.22 45.62
N MET F 761 24.47 -36.48 45.60
CA MET F 761 25.19 -37.03 44.46
C MET F 761 25.00 -38.53 44.36
N CYS F 762 25.02 -39.05 43.13
CA CYS F 762 24.85 -40.47 42.89
C CYS F 762 25.85 -40.95 41.85
N ARG F 763 25.94 -42.26 41.69
CA ARG F 763 26.85 -42.85 40.71
C ARG F 763 26.55 -44.33 40.61
N GLN F 764 26.91 -44.93 39.47
CA GLN F 764 26.71 -46.35 39.28
C GLN F 764 28.09 -47.00 39.25
N VAL F 765 28.17 -48.23 39.76
CA VAL F 765 29.43 -48.96 39.78
C VAL F 765 29.19 -50.41 39.37
N PRO F 766 30.17 -51.03 38.73
CA PRO F 766 30.04 -52.42 38.29
C PRO F 766 29.76 -53.37 39.46
N ASN F 767 28.51 -53.79 39.59
CA ASN F 767 28.12 -54.70 40.66
C ASN F 767 29.06 -55.91 40.70
N PRO F 768 29.67 -56.16 41.87
CA PRO F 768 30.60 -57.27 42.10
C PRO F 768 30.03 -58.68 42.01
N ALA F 769 28.71 -58.81 42.11
CA ALA F 769 28.08 -60.13 42.04
C ALA F 769 27.23 -60.31 40.79
N THR F 770 27.66 -59.69 39.70
CA THR F 770 26.96 -59.77 38.43
C THR F 770 27.55 -60.91 37.60
N GLU F 771 28.60 -60.61 36.85
CA GLU F 771 29.27 -61.61 36.01
C GLU F 771 30.77 -61.66 36.24
N GLY F 772 31.42 -62.58 35.54
CA GLY F 772 32.86 -62.73 35.67
C GLY F 772 33.59 -61.53 35.13
N TYR F 773 33.67 -60.48 35.95
CA TYR F 773 34.34 -59.24 35.57
C TYR F 773 35.65 -59.17 36.36
N PHE F 774 35.76 -60.03 37.37
CA PHE F 774 36.94 -60.09 38.21
C PHE F 774 37.22 -58.79 38.96
N GLY F 775 38.30 -58.78 39.72
CA GLY F 775 38.66 -57.59 40.47
C GLY F 775 39.76 -56.78 39.79
N LEU F 776 39.43 -55.54 39.42
CA LEU F 776 40.39 -54.66 38.78
C LEU F 776 41.52 -54.34 39.75
N GLY F 777 42.56 -55.16 39.74
CA GLY F 777 43.69 -54.94 40.62
C GLY F 777 44.41 -53.64 40.28
N ILE F 778 44.53 -52.75 41.26
CA ILE F 778 45.20 -51.47 41.04
C ILE F 778 46.64 -51.65 40.59
N VAL F 779 47.17 -52.85 40.75
CA VAL F 779 48.54 -53.14 40.33
C VAL F 779 48.57 -53.61 38.89
N ASN F 780 47.39 -53.90 38.34
CA ASN F 780 47.28 -54.35 36.96
C ASN F 780 46.54 -53.30 36.13
N HIS F 781 45.98 -52.31 36.81
CA HIS F 781 45.26 -51.23 36.13
C HIS F 781 46.15 -50.58 35.08
N ARG F 782 45.74 -50.67 33.82
CA ARG F 782 46.51 -50.06 32.74
C ARG F 782 45.59 -49.22 31.87
N THR F 783 45.95 -47.95 31.71
CA THR F 783 45.17 -47.01 30.90
C THR F 783 46.14 -46.00 30.31
N THR F 784 46.03 -45.76 29.01
CA THR F 784 46.92 -44.81 28.35
C THR F 784 48.37 -45.22 28.61
N PRO F 785 48.71 -46.50 28.37
CA PRO F 785 50.06 -47.00 28.59
C PRO F 785 51.10 -46.29 27.73
N ALA F 786 52.36 -46.41 28.13
CA ALA F 786 53.47 -45.76 27.42
C ALA F 786 53.39 -44.25 27.56
N TYR F 787 52.20 -43.78 27.94
CA TYR F 787 51.98 -42.35 28.15
C TYR F 787 51.64 -42.21 29.63
N TRP F 788 51.41 -43.34 30.28
CA TRP F 788 51.09 -43.39 31.70
C TRP F 788 52.29 -43.95 32.44
N PHE F 789 52.11 -44.27 33.72
CA PHE F 789 53.18 -44.84 34.53
C PHE F 789 52.59 -45.50 35.78
N ARG F 790 53.12 -46.68 36.15
CA ARG F 790 52.66 -47.42 37.32
C ARG F 790 52.71 -46.60 38.60
N PHE F 791 53.83 -45.89 38.80
CA PHE F 791 54.03 -45.03 39.96
C PHE F 791 53.56 -43.63 39.57
N CYS F 792 52.84 -43.60 38.45
CA CYS F 792 52.28 -42.37 37.89
C CYS F 792 52.73 -41.07 38.51
N ARG F 793 53.66 -40.42 37.80
CA ARG F 793 54.27 -39.14 38.14
C ARG F 793 55.51 -38.87 37.27
N ALA F 794 56.41 -39.85 37.23
CA ALA F 794 57.64 -39.74 36.44
C ALA F 794 57.28 -39.58 34.96
N PRO F 795 58.19 -39.89 34.01
CA PRO F 795 57.72 -39.70 32.64
C PRO F 795 56.80 -40.82 32.15
N ARG F 796 56.77 -40.95 30.84
CA ARG F 796 55.96 -41.94 30.19
C ARG F 796 56.65 -43.29 30.23
N GLU F 797 55.86 -44.36 30.32
CA GLU F 797 56.42 -45.70 30.36
C GLU F 797 55.40 -46.74 29.94
N GLY F 798 55.86 -47.74 29.20
CA GLY F 798 54.95 -48.78 28.77
C GLY F 798 54.94 -49.02 27.27
N HIS F 799 53.75 -49.17 26.71
CA HIS F 799 53.59 -49.44 25.28
C HIS F 799 52.13 -49.37 24.90
N PRO F 800 51.77 -48.51 23.92
CA PRO F 800 50.38 -48.37 23.47
C PRO F 800 49.66 -49.72 23.42
N TYR F 801 48.56 -49.83 24.15
CA TYR F 801 47.82 -51.08 24.20
C TYR F 801 46.41 -50.83 24.71
N PRO F 802 45.43 -51.60 24.22
CA PRO F 802 44.04 -51.40 24.68
C PRO F 802 43.96 -51.59 26.18
N GLN F 803 43.72 -50.49 26.91
CA GLN F 803 43.63 -50.52 28.37
C GLN F 803 42.53 -51.46 28.85
N LEU F 804 42.34 -51.55 30.17
CA LEU F 804 41.37 -52.46 30.77
C LEU F 804 40.67 -51.92 32.02
N ALA F 805 41.39 -51.11 32.81
CA ALA F 805 40.81 -50.56 34.03
C ALA F 805 39.54 -49.77 33.76
N LEU F 806 38.73 -49.62 34.80
CA LEU F 806 37.49 -48.86 34.70
C LEU F 806 36.54 -49.46 33.67
N PRO F 807 35.57 -50.26 34.12
CA PRO F 807 34.59 -50.90 33.24
C PRO F 807 33.55 -49.90 32.74
N PRO F 808 33.10 -50.08 31.48
CA PRO F 808 32.11 -49.18 30.89
C PRO F 808 30.81 -49.11 31.69
N HIS F 809 30.23 -47.92 31.73
CA HIS F 809 28.98 -47.68 32.44
C HIS F 809 27.91 -47.15 31.51
N TRP F 810 27.97 -47.59 30.26
CA TRP F 810 27.01 -47.18 29.23
C TRP F 810 27.38 -47.89 27.93
N ASP F 811 26.62 -47.62 26.88
CA ASP F 811 26.88 -48.22 25.57
C ASP F 811 26.53 -49.71 25.61
N PRO F 812 26.30 -50.33 24.43
CA PRO F 812 25.96 -51.75 24.39
C PRO F 812 26.98 -52.65 25.10
N ARG F 813 28.17 -52.12 25.34
CA ARG F 813 29.22 -52.88 26.00
C ARG F 813 29.13 -52.72 27.53
N HIS F 814 28.11 -51.98 27.96
CA HIS F 814 27.89 -51.73 29.39
C HIS F 814 27.60 -53.02 30.15
N ALA F 815 28.23 -53.17 31.31
CA ALA F 815 28.04 -54.34 32.15
C ALA F 815 27.09 -53.99 33.29
N LEU F 816 26.44 -55.00 33.86
CA LEU F 816 25.50 -54.79 34.95
C LEU F 816 26.18 -54.04 36.11
N ARG F 817 25.56 -52.96 36.55
CA ARG F 817 26.09 -52.15 37.64
C ARG F 817 25.20 -52.11 38.89
N ASP F 818 25.36 -51.06 39.69
CA ASP F 818 24.58 -50.89 40.91
C ASP F 818 24.66 -49.44 41.37
N PRO F 819 23.50 -48.83 41.70
CA PRO F 819 23.41 -47.43 42.17
C PRO F 819 23.97 -47.23 43.57
N GLU F 820 24.45 -46.03 43.85
CA GLU F 820 25.01 -45.70 45.16
C GLU F 820 24.77 -44.22 45.44
N ARG F 821 24.02 -43.93 46.50
CA ARG F 821 23.71 -42.56 46.86
C ARG F 821 24.39 -42.09 48.16
N LYS F 822 24.58 -40.77 48.27
CA LYS F 822 25.19 -40.16 49.44
C LYS F 822 25.08 -38.64 49.31
N PHE F 823 25.61 -37.91 50.30
CA PHE F 823 25.56 -36.47 50.26
C PHE F 823 26.63 -35.84 51.15
N LEU F 824 26.78 -34.52 51.02
CA LEU F 824 27.75 -33.78 51.81
C LEU F 824 27.13 -32.46 52.28
N CYS F 825 27.47 -32.06 53.50
CA CYS F 825 26.94 -30.83 54.07
C CYS F 825 28.00 -30.28 55.02
N ASP F 826 28.88 -29.43 54.48
CA ASP F 826 29.97 -28.86 55.27
C ASP F 826 29.59 -27.53 55.93
N ARG F 827 30.53 -26.99 56.70
CA ARG F 827 30.37 -25.73 57.40
C ARG F 827 28.94 -25.51 57.88
N THR F 828 28.35 -26.57 58.44
CA THR F 828 26.97 -26.50 58.94
C THR F 828 26.82 -27.30 60.23
N LEU F 829 25.73 -27.05 60.94
CA LEU F 829 25.46 -27.73 62.19
C LEU F 829 24.05 -28.33 62.19
N TRP F 830 23.96 -29.61 62.53
CA TRP F 830 22.67 -30.28 62.59
C TRP F 830 21.83 -29.63 63.68
N ARG F 831 20.58 -29.31 63.37
CA ARG F 831 19.69 -28.67 64.33
C ARG F 831 18.48 -29.51 64.72
N ILE F 832 18.08 -29.38 65.98
CA ILE F 832 16.94 -30.10 66.51
C ILE F 832 16.30 -29.18 67.55
N PRO F 833 15.61 -28.12 67.08
CA PRO F 833 14.96 -27.16 67.98
C PRO F 833 14.05 -27.84 68.98
N PHE F 834 14.00 -27.28 70.19
CA PHE F 834 13.16 -27.83 71.24
C PHE F 834 11.76 -27.24 71.20
N SER F 835 11.14 -27.30 70.03
CA SER F 835 9.78 -26.77 69.85
C SER F 835 8.82 -27.92 69.59
N SER F 836 7.53 -27.67 69.81
CA SER F 836 6.52 -28.69 69.60
C SER F 836 6.31 -28.98 68.11
N ASN F 837 6.66 -28.02 67.27
CA ASN F 837 6.52 -28.18 65.82
C ASN F 837 7.83 -27.96 65.10
N PHE F 838 8.92 -27.86 65.86
CA PHE F 838 10.25 -27.66 65.30
C PHE F 838 10.47 -26.29 64.65
N MET F 839 9.42 -25.47 64.61
CA MET F 839 9.54 -24.15 64.01
C MET F 839 10.03 -23.13 65.03
N SER F 840 10.55 -22.01 64.54
CA SER F 840 11.05 -20.95 65.40
C SER F 840 9.99 -19.87 65.57
N MET F 841 9.33 -19.86 66.72
CA MET F 841 8.28 -18.88 67.00
C MET F 841 8.75 -17.90 68.05
N GLY F 842 10.06 -17.82 68.23
CA GLY F 842 10.63 -16.91 69.22
C GLY F 842 11.82 -17.53 69.90
N SER F 843 12.72 -16.68 70.40
CA SER F 843 13.92 -17.17 71.09
C SER F 843 13.53 -18.17 72.16
N LEU F 844 12.61 -17.77 73.02
CA LEU F 844 12.13 -18.64 74.10
C LEU F 844 11.03 -19.55 73.58
N THR F 845 11.41 -20.74 73.12
CA THR F 845 10.46 -21.70 72.57
C THR F 845 9.28 -21.94 73.50
N ASP F 846 8.26 -22.60 72.98
CA ASP F 846 7.05 -22.91 73.75
C ASP F 846 7.35 -23.99 74.77
N LEU F 847 8.00 -25.06 74.32
CA LEU F 847 8.34 -26.17 75.21
C LEU F 847 9.31 -25.68 76.27
N GLY F 848 10.18 -24.75 75.90
CA GLY F 848 11.14 -24.22 76.84
C GLY F 848 10.45 -23.38 77.90
N GLN F 849 9.13 -23.31 77.83
CA GLN F 849 8.36 -22.54 78.78
C GLN F 849 7.20 -23.37 79.33
N ASN F 850 7.24 -24.66 79.06
CA ASN F 850 6.20 -25.58 79.52
C ASN F 850 6.46 -25.97 80.98
N LEU F 851 5.40 -25.99 81.79
CA LEU F 851 5.50 -26.33 83.20
C LEU F 851 6.20 -27.66 83.47
N LEU F 852 5.92 -28.65 82.63
CA LEU F 852 6.52 -29.98 82.80
C LEU F 852 8.04 -29.93 83.00
N TYR F 853 8.67 -28.88 82.52
CA TYR F 853 10.12 -28.74 82.63
C TYR F 853 10.57 -27.73 83.68
N ALA F 854 9.86 -26.62 83.80
CA ALA F 854 10.21 -25.59 84.77
C ALA F 854 9.87 -26.00 86.20
N ASN F 855 8.89 -26.90 86.33
CA ASN F 855 8.45 -27.38 87.63
C ASN F 855 9.40 -28.42 88.23
N ALA F 856 9.57 -29.53 87.54
CA ALA F 856 10.44 -30.60 88.00
C ALA F 856 11.66 -30.77 87.11
N ALA F 857 12.72 -31.37 87.67
CA ALA F 857 13.95 -31.61 86.93
C ALA F 857 13.91 -33.00 86.31
N HIS F 858 14.61 -33.17 85.19
CA HIS F 858 14.65 -34.46 84.51
C HIS F 858 16.08 -34.86 84.16
N ALA F 859 16.21 -36.03 83.54
CA ALA F 859 17.50 -36.56 83.14
C ALA F 859 17.47 -36.76 81.63
N LEU F 860 18.58 -36.47 80.97
CA LEU F 860 18.66 -36.63 79.52
C LEU F 860 19.66 -37.68 79.11
N ASP F 861 19.35 -38.40 78.04
CA ASP F 861 20.22 -39.45 77.53
C ASP F 861 20.12 -39.52 76.01
N MET F 862 21.22 -39.25 75.33
CA MET F 862 21.25 -39.28 73.87
C MET F 862 22.17 -40.39 73.38
N THR F 863 21.81 -40.99 72.26
CA THR F 863 22.59 -42.06 71.66
C THR F 863 22.83 -41.77 70.18
N PHE F 864 24.07 -41.43 69.84
CA PHE F 864 24.42 -41.12 68.47
C PHE F 864 25.11 -42.27 67.76
N GLU F 865 24.54 -42.69 66.64
CA GLU F 865 25.10 -43.78 65.85
C GLU F 865 25.73 -43.14 64.62
N MET F 866 27.03 -43.32 64.45
CA MET F 866 27.72 -42.72 63.32
C MET F 866 28.65 -43.70 62.60
N ASP F 867 29.08 -43.30 61.40
CA ASP F 867 29.97 -44.13 60.60
C ASP F 867 31.33 -44.26 61.26
N PRO F 868 31.93 -45.46 61.22
CA PRO F 868 33.23 -45.71 61.82
C PRO F 868 34.38 -45.04 61.06
N ILE F 869 35.33 -44.48 61.81
CA ILE F 869 36.49 -43.82 61.23
C ILE F 869 37.76 -44.36 61.87
N ASN F 870 38.81 -44.51 61.08
CA ASN F 870 40.08 -45.04 61.56
C ASN F 870 40.94 -44.00 62.29
N GLU F 871 40.31 -43.23 63.17
CA GLU F 871 41.02 -42.21 63.94
C GLU F 871 40.13 -41.59 65.00
N PRO F 872 40.73 -41.17 66.13
CA PRO F 872 40.00 -40.54 67.24
C PRO F 872 39.23 -39.29 66.80
N THR F 873 37.96 -39.23 67.16
CA THR F 873 37.12 -38.09 66.82
C THR F 873 36.38 -37.60 68.07
N LEU F 874 35.53 -36.58 67.90
CA LEU F 874 34.78 -36.02 69.01
C LEU F 874 33.37 -35.64 68.60
N LEU F 875 32.42 -35.82 69.53
CA LEU F 875 31.02 -35.48 69.28
C LEU F 875 30.73 -34.10 69.85
N TYR F 876 30.83 -33.08 69.00
CA TYR F 876 30.59 -31.70 69.41
C TYR F 876 29.10 -31.38 69.54
N VAL F 877 28.61 -31.32 70.78
CA VAL F 877 27.20 -31.02 71.03
C VAL F 877 27.06 -29.56 71.42
N LEU F 878 25.87 -28.99 71.20
CA LEU F 878 25.63 -27.59 71.53
C LEU F 878 24.26 -27.37 72.15
N PHE F 879 24.20 -27.43 73.48
CA PHE F 879 22.95 -27.23 74.18
C PHE F 879 22.58 -25.75 74.13
N GLU F 880 21.86 -25.35 73.08
CA GLU F 880 21.44 -23.97 72.92
C GLU F 880 20.76 -23.49 74.19
N VAL F 881 21.22 -22.36 74.72
CA VAL F 881 20.65 -21.80 75.93
C VAL F 881 20.59 -20.28 75.87
N PHE F 882 20.41 -19.66 77.03
CA PHE F 882 20.34 -18.21 77.12
C PHE F 882 21.52 -17.65 77.91
N ASP F 883 22.56 -17.25 77.19
CA ASP F 883 23.75 -16.69 77.81
C ASP F 883 23.64 -15.16 77.78
N VAL F 884 22.90 -14.61 78.72
CA VAL F 884 22.69 -13.17 78.79
C VAL F 884 23.33 -12.55 80.03
N ALA F 885 23.68 -11.28 79.93
CA ALA F 885 24.31 -10.57 81.04
C ALA F 885 23.98 -9.08 80.99
N ARG F 886 23.55 -8.54 82.12
CA ARG F 886 23.21 -7.12 82.22
C ARG F 886 24.39 -6.34 82.80
N VAL F 887 24.60 -5.13 82.30
CA VAL F 887 25.68 -4.28 82.77
C VAL F 887 25.11 -3.06 83.48
N HIS F 888 25.46 -2.91 84.76
CA HIS F 888 24.99 -1.78 85.55
C HIS F 888 26.13 -0.85 85.92
N GLN F 889 25.95 0.44 85.63
CA GLN F 889 26.96 1.44 85.94
C GLN F 889 26.38 2.55 86.80
N PRO F 890 26.43 2.38 88.13
CA PRO F 890 25.91 3.35 89.08
C PRO F 890 26.72 4.65 89.14
N HIS F 891 28.01 4.54 89.46
CA HIS F 891 28.86 5.71 89.58
C HIS F 891 30.04 5.73 88.62
N ARG F 892 30.79 6.83 88.66
CA ARG F 892 31.97 7.02 87.81
C ARG F 892 33.00 5.92 88.07
N GLY F 893 33.44 5.27 87.00
CA GLY F 893 34.43 4.22 87.12
C GLY F 893 33.98 3.04 87.96
N VAL F 894 32.76 2.56 87.72
CA VAL F 894 32.21 1.42 88.44
C VAL F 894 31.34 0.57 87.54
N ILE F 895 31.80 -0.64 87.23
CA ILE F 895 31.05 -1.55 86.36
C ILE F 895 30.60 -2.80 87.09
N GLU F 896 29.28 -2.97 87.23
CA GLU F 896 28.72 -4.12 87.89
C GLU F 896 27.90 -4.92 86.88
N VAL F 897 28.37 -6.12 86.54
CA VAL F 897 27.67 -6.96 85.58
C VAL F 897 27.11 -8.21 86.25
N VAL F 898 26.02 -8.73 85.69
CA VAL F 898 25.37 -9.92 86.23
C VAL F 898 25.08 -10.92 85.11
N TYR F 899 25.86 -11.98 85.04
CA TYR F 899 25.67 -13.01 84.02
C TYR F 899 24.58 -13.99 84.43
N LEU F 900 24.13 -14.79 83.47
CA LEU F 900 23.09 -15.79 83.73
C LEU F 900 22.85 -16.67 82.51
N ARG F 901 23.37 -17.90 82.57
CA ARG F 901 23.19 -18.85 81.48
C ARG F 901 22.28 -19.98 81.94
N THR F 902 21.03 -19.95 81.50
CA THR F 902 20.07 -20.99 81.88
C THR F 902 19.49 -21.67 80.64
N PRO F 903 19.47 -23.00 80.61
CA PRO F 903 19.94 -23.91 81.66
C PRO F 903 21.47 -23.91 81.77
N PHE F 904 22.01 -24.92 82.45
CA PHE F 904 23.46 -25.04 82.63
C PHE F 904 24.07 -23.78 83.24
N SER F 905 23.56 -23.39 84.40
CA SER F 905 24.05 -22.20 85.09
C SER F 905 25.56 -22.27 85.31
N ALA F 906 26.01 -23.31 86.00
CA ALA F 906 27.43 -23.50 86.27
C ALA F 906 27.77 -24.99 86.25
N GLY F 907 27.74 -25.58 85.05
CA GLY F 907 28.03 -26.99 84.92
C GLY F 907 26.90 -27.84 85.45
N ASN F 908 27.07 -29.15 85.41
CA ASN F 908 26.05 -30.07 85.89
C ASN F 908 26.61 -31.08 86.89
N ALA F 909 25.95 -31.21 88.03
CA ALA F 909 26.37 -32.13 89.08
C ALA F 909 25.22 -32.36 90.06
N LEU G 7 40.52 89.63 57.43
CA LEU G 7 40.89 90.78 58.31
C LEU G 7 40.67 92.11 57.59
N PRO G 8 40.56 93.21 58.36
CA PRO G 8 40.36 94.57 57.82
C PRO G 8 41.21 94.90 56.61
N GLN G 9 42.30 94.16 56.41
CA GLN G 9 43.17 94.40 55.27
C GLN G 9 42.51 93.84 54.02
N TRP G 10 41.89 92.67 54.15
CA TRP G 10 41.21 92.04 53.03
C TRP G 10 39.82 92.65 52.86
N SER G 11 39.09 92.75 53.96
CA SER G 11 37.74 93.30 53.94
C SER G 11 37.68 94.61 53.17
N TYR G 12 38.70 95.45 53.35
CA TYR G 12 38.74 96.74 52.66
C TYR G 12 38.97 96.53 51.17
N MET G 13 39.90 95.64 50.84
CA MET G 13 40.22 95.36 49.44
C MET G 13 39.24 94.37 48.84
N HIS G 14 38.26 93.95 49.62
CA HIS G 14 37.24 93.01 49.18
C HIS G 14 37.81 91.65 48.80
N ILE G 15 38.99 91.33 49.32
CA ILE G 15 39.60 90.03 49.03
C ILE G 15 38.68 88.96 49.64
N ALA G 16 37.91 89.38 50.64
CA ALA G 16 36.98 88.49 51.32
C ALA G 16 35.94 89.32 52.06
N GLY G 17 34.74 88.78 52.22
CA GLY G 17 33.69 89.50 52.92
C GLY G 17 32.41 89.61 52.12
N GLN G 18 31.65 90.67 52.37
CA GLN G 18 30.39 90.89 51.67
C GLN G 18 30.61 91.19 50.19
N ASP G 19 29.55 91.05 49.40
CA ASP G 19 29.62 91.30 47.97
C ASP G 19 29.19 92.72 47.63
N ALA G 20 29.42 93.12 46.38
CA ALA G 20 29.06 94.45 45.92
C ALA G 20 27.60 94.77 46.25
N SER G 21 26.74 93.78 46.11
CA SER G 21 25.32 93.93 46.39
C SER G 21 25.05 94.13 47.88
N GLU G 22 26.12 94.30 48.65
CA GLU G 22 25.99 94.50 50.09
C GLU G 22 26.86 95.62 50.62
N TYR G 23 28.12 95.65 50.19
CA TYR G 23 29.04 96.69 50.66
C TYR G 23 28.83 98.00 49.91
N LEU G 24 27.94 97.97 48.91
CA LEU G 24 27.64 99.16 48.13
C LEU G 24 26.34 99.80 48.62
N SER G 25 26.18 101.08 48.35
CA SER G 25 24.97 101.79 48.76
C SER G 25 23.77 101.26 48.00
N PRO G 26 22.69 100.90 48.71
CA PRO G 26 21.47 100.37 48.11
C PRO G 26 21.08 101.06 46.80
N GLY G 27 21.16 102.38 46.79
CA GLY G 27 20.80 103.12 45.59
C GLY G 27 21.62 102.72 44.37
N LEU G 28 22.94 102.75 44.51
CA LEU G 28 23.84 102.40 43.41
C LEU G 28 23.62 100.98 42.92
N VAL G 29 23.27 100.07 43.83
CA VAL G 29 23.05 98.68 43.48
C VAL G 29 21.95 98.53 42.44
N GLN G 30 20.72 98.87 42.83
CA GLN G 30 19.58 98.78 41.93
C GLN G 30 19.78 99.54 40.62
N PHE G 31 20.48 100.66 40.69
CA PHE G 31 20.74 101.45 39.49
C PHE G 31 21.43 100.60 38.43
N ALA G 32 22.46 99.89 38.84
CA ALA G 32 23.20 99.02 37.93
C ALA G 32 22.28 97.94 37.38
N GLN G 33 21.47 97.36 38.26
CA GLN G 33 20.54 96.32 37.87
C GLN G 33 19.58 96.81 36.79
N ALA G 34 19.16 98.07 36.91
CA ALA G 34 18.24 98.67 35.95
C ALA G 34 18.92 99.00 34.62
N THR G 35 20.13 99.54 34.71
CA THR G 35 20.87 99.91 33.51
C THR G 35 21.66 98.72 32.95
N GLU G 36 21.25 97.52 33.31
CA GLU G 36 21.92 96.31 32.84
C GLU G 36 21.64 96.08 31.36
N SER G 37 21.42 97.17 30.63
CA SER G 37 21.14 97.08 29.21
C SER G 37 22.06 98.02 28.43
N TYR G 38 21.96 99.31 28.71
CA TYR G 38 22.78 100.31 28.05
C TYR G 38 24.11 100.57 28.76
N PHE G 39 24.03 101.12 29.97
CA PHE G 39 25.25 101.41 30.73
C PHE G 39 25.47 100.38 31.83
N ASN G 40 26.59 99.66 31.74
CA ASN G 40 26.92 98.63 32.72
C ASN G 40 28.02 99.10 33.67
N ILE G 41 27.86 98.78 34.95
CA ILE G 41 28.83 99.17 35.96
C ILE G 41 29.05 98.01 36.93
N GLY G 42 28.74 96.80 36.49
CA GLY G 42 28.90 95.62 37.32
C GLY G 42 30.31 95.12 37.44
N ASN G 43 31.14 95.40 36.43
CA ASN G 43 32.53 94.98 36.44
C ASN G 43 33.38 95.94 37.26
N LYS G 44 32.83 97.12 37.51
CA LYS G 44 33.54 98.14 38.28
C LYS G 44 33.68 97.76 39.75
N PHE G 45 32.80 96.88 40.21
CA PHE G 45 32.83 96.44 41.61
C PHE G 45 33.15 94.95 41.70
N ARG G 46 34.17 94.62 42.48
CA ARG G 46 34.59 93.24 42.65
C ARG G 46 33.81 92.52 43.74
N ASN G 47 33.55 91.23 43.50
CA ASN G 47 32.82 90.40 44.44
C ASN G 47 33.75 89.30 44.96
N PRO G 48 34.01 89.29 46.28
CA PRO G 48 34.90 88.29 46.88
C PRO G 48 34.31 86.89 46.90
N THR G 49 35.16 85.89 46.65
CA THR G 49 34.75 84.49 46.64
C THR G 49 35.67 83.68 47.54
N VAL G 50 35.24 83.47 48.79
CA VAL G 50 36.03 82.71 49.75
C VAL G 50 35.60 81.25 49.78
N ALA G 51 36.56 80.37 50.04
CA ALA G 51 36.31 78.94 50.11
C ALA G 51 36.17 78.51 51.58
N PRO G 52 35.48 77.38 51.82
CA PRO G 52 35.28 76.86 53.18
C PRO G 52 36.58 76.40 53.83
N THR G 53 36.70 76.57 55.14
CA THR G 53 37.89 76.18 55.87
C THR G 53 37.64 75.13 56.95
N HIS G 54 36.62 74.30 56.73
CA HIS G 54 36.27 73.26 57.69
C HIS G 54 35.10 72.43 57.18
N ASP G 55 35.06 71.16 57.56
CA ASP G 55 34.00 70.26 57.16
C ASP G 55 34.03 70.01 55.65
N VAL G 56 35.23 70.00 55.09
CA VAL G 56 35.40 69.77 53.65
C VAL G 56 36.51 68.77 53.43
N THR G 57 37.73 69.15 53.79
CA THR G 57 38.89 68.28 53.61
C THR G 57 39.42 67.83 54.96
N THR G 58 40.04 66.65 54.99
CA THR G 58 40.60 66.10 56.21
C THR G 58 42.02 66.61 56.45
N GLU G 59 42.43 66.65 57.71
CA GLU G 59 43.76 67.12 58.07
C GLU G 59 44.76 65.97 58.19
N ARG G 60 44.26 64.79 58.54
CA ARG G 60 45.14 63.62 58.70
C ARG G 60 45.57 63.04 57.35
N SER G 61 46.69 62.33 57.37
CA SER G 61 47.23 61.71 56.16
C SER G 61 46.21 60.78 55.52
N GLN G 62 46.24 60.68 54.19
CA GLN G 62 45.30 59.85 53.45
C GLN G 62 45.55 59.96 51.95
N ARG G 63 45.76 58.82 51.30
CA ARG G 63 46.00 58.79 49.85
C ARG G 63 44.79 59.32 49.08
N LEU G 64 45.05 59.82 47.87
CA LEU G 64 43.99 60.35 47.02
C LEU G 64 43.49 59.25 46.10
N GLN G 65 44.42 58.42 45.63
CA GLN G 65 44.07 57.31 44.75
C GLN G 65 44.89 56.08 45.12
N LEU G 66 44.20 55.03 45.55
CA LEU G 66 44.85 53.79 45.93
C LEU G 66 45.04 52.89 44.72
N ARG G 67 45.85 51.85 44.90
CA ARG G 67 46.13 50.90 43.84
C ARG G 67 45.97 49.49 44.42
N PHE G 68 45.16 48.67 43.75
CA PHE G 68 44.93 47.31 44.23
C PHE G 68 45.51 46.25 43.31
N VAL G 69 46.06 45.19 43.91
CA VAL G 69 46.64 44.09 43.16
C VAL G 69 45.75 42.85 43.20
N PRO G 70 45.67 42.12 42.08
CA PRO G 70 44.84 40.91 41.98
C PRO G 70 45.14 39.89 43.07
N VAL G 71 44.12 39.50 43.82
CA VAL G 71 44.27 38.52 44.89
C VAL G 71 44.23 37.14 44.27
N ASP G 72 43.82 37.08 43.01
CA ASP G 72 43.72 35.83 42.27
C ASP G 72 43.48 36.14 40.79
N ARG G 73 44.22 35.45 39.93
CA ARG G 73 44.09 35.65 38.49
C ARG G 73 44.23 34.36 37.70
N GLU G 74 43.30 34.14 36.78
CA GLU G 74 43.30 32.94 35.95
C GLU G 74 43.40 33.28 34.47
N ASP G 75 44.48 32.85 33.83
CA ASP G 75 44.68 33.11 32.42
C ASP G 75 44.17 31.94 31.59
N THR G 76 42.92 32.04 31.14
CA THR G 76 42.31 31.01 30.33
C THR G 76 42.75 31.16 28.88
N GLN G 77 42.58 30.09 28.10
CA GLN G 77 42.96 30.09 26.70
C GLN G 77 42.36 31.24 25.89
N TYR G 78 41.16 31.67 26.27
CA TYR G 78 40.48 32.74 25.55
C TYR G 78 39.83 33.77 26.47
N SER G 79 40.21 33.77 27.74
CA SER G 79 39.66 34.72 28.69
C SER G 79 40.62 34.94 29.85
N TYR G 80 40.49 36.09 30.51
CA TYR G 80 41.35 36.42 31.64
C TYR G 80 40.49 36.95 32.77
N LYS G 81 40.57 36.29 33.92
CA LYS G 81 39.77 36.71 35.08
C LYS G 81 40.64 37.07 36.27
N THR G 82 40.28 38.15 36.94
CA THR G 82 41.03 38.62 38.11
C THR G 82 40.05 39.15 39.17
N ARG G 83 40.34 38.88 40.43
CA ARG G 83 39.49 39.34 41.52
C ARG G 83 40.27 40.25 42.47
N PHE G 84 39.67 41.38 42.83
CA PHE G 84 40.30 42.33 43.73
C PHE G 84 39.46 42.46 44.98
N GLN G 85 40.08 42.89 46.08
CA GLN G 85 39.38 43.06 47.34
C GLN G 85 39.20 44.55 47.65
N LEU G 86 38.58 45.27 46.72
CA LEU G 86 38.33 46.70 46.87
C LEU G 86 37.89 47.02 48.29
N ALA G 87 38.79 47.63 49.06
CA ALA G 87 38.50 47.99 50.44
C ALA G 87 38.36 49.49 50.61
N VAL G 88 37.19 49.92 51.08
CA VAL G 88 36.93 51.33 51.30
C VAL G 88 37.11 51.67 52.77
N GLY G 89 38.26 52.26 53.10
CA GLY G 89 38.55 52.62 54.48
C GLY G 89 37.41 53.38 55.13
N ASP G 90 37.36 53.34 56.46
CA ASP G 90 36.31 54.01 57.21
C ASP G 90 36.39 55.52 57.01
N ASN G 91 35.27 56.21 57.24
CA ASN G 91 35.20 57.66 57.08
C ASN G 91 35.53 58.08 55.66
N ARG G 92 35.36 57.17 54.71
CA ARG G 92 35.63 57.47 53.31
C ARG G 92 34.44 57.10 52.43
N VAL G 93 34.45 57.60 51.21
CA VAL G 93 33.38 57.32 50.24
C VAL G 93 34.00 57.21 48.85
N LEU G 94 33.76 56.08 48.20
CA LEU G 94 34.31 55.85 46.86
C LEU G 94 33.25 55.97 45.77
N ASP G 95 33.57 56.73 44.73
CA ASP G 95 32.66 56.91 43.61
C ASP G 95 33.16 56.08 42.44
N MET G 96 32.58 54.89 42.28
CA MET G 96 32.97 53.97 41.21
C MET G 96 33.44 54.64 39.93
N ALA G 97 32.74 55.68 39.51
CA ALA G 97 33.09 56.40 38.29
C ALA G 97 34.58 56.75 38.22
N SER G 98 35.20 56.88 39.38
CA SER G 98 36.62 57.23 39.44
C SER G 98 37.54 56.01 39.41
N THR G 99 36.95 54.83 39.26
CA THR G 99 37.73 53.60 39.22
C THR G 99 37.87 53.08 37.79
N TYR G 100 38.97 52.39 37.53
CA TYR G 100 39.24 51.84 36.21
C TYR G 100 40.29 50.74 36.30
N PHE G 101 40.38 49.91 35.26
CA PHE G 101 41.34 48.83 35.25
C PHE G 101 42.57 49.16 34.43
N ASP G 102 43.71 49.24 35.09
CA ASP G 102 44.97 49.55 34.43
C ASP G 102 45.56 48.26 33.86
N ILE G 103 45.55 48.15 32.53
CA ILE G 103 46.05 46.95 31.86
C ILE G 103 47.38 47.19 31.14
N ARG G 104 48.26 46.21 31.23
CA ARG G 104 49.57 46.27 30.58
C ARG G 104 49.84 44.94 29.89
N GLY G 105 50.45 44.99 28.72
CA GLY G 105 50.74 43.77 27.99
C GLY G 105 51.38 43.98 26.64
N THR G 106 51.55 42.89 25.90
CA THR G 106 52.15 42.94 24.58
C THR G 106 51.10 42.70 23.49
N LEU G 107 51.26 43.37 22.37
CA LEU G 107 50.32 43.23 21.26
C LEU G 107 51.05 42.95 19.95
N ASP G 108 50.44 42.12 19.11
CA ASP G 108 51.02 41.77 17.82
C ASP G 108 49.98 41.98 16.72
N ARG G 109 49.99 43.16 16.13
CA ARG G 109 49.05 43.50 15.06
C ARG G 109 49.12 42.55 13.88
N GLY G 110 50.06 41.60 13.94
CA GLY G 110 50.21 40.65 12.85
C GLY G 110 50.93 41.25 11.68
N ALA G 111 50.99 40.52 10.56
CA ALA G 111 51.67 40.99 9.37
C ALA G 111 50.72 41.80 8.50
N SER G 112 49.43 41.68 8.76
CA SER G 112 48.41 42.39 8.00
C SER G 112 48.28 43.85 8.43
N PHE G 113 49.19 44.30 9.29
CA PHE G 113 49.15 45.68 9.76
C PHE G 113 49.99 46.64 8.91
N LYS G 114 49.31 47.54 8.20
CA LYS G 114 49.96 48.52 7.35
C LYS G 114 49.31 49.87 7.59
N PRO G 115 49.79 50.62 8.61
CA PRO G 115 49.26 51.93 8.97
C PRO G 115 49.55 53.08 8.01
N TYR G 116 49.30 52.88 6.72
CA TYR G 116 49.53 53.93 5.73
C TYR G 116 49.29 53.48 4.30
N SER G 117 49.12 54.45 3.42
CA SER G 117 48.88 54.17 2.00
C SER G 117 50.21 54.29 1.25
N GLY G 118 50.23 53.84 0.01
CA GLY G 118 51.43 53.92 -0.79
C GLY G 118 52.55 53.06 -0.26
N THR G 119 53.78 53.51 -0.44
CA THR G 119 54.95 52.78 0.01
C THR G 119 55.96 53.70 0.69
N ALA G 120 56.97 53.07 1.30
CA ALA G 120 58.03 53.81 1.97
C ALA G 120 59.35 53.37 1.36
N TYR G 121 59.31 53.00 0.08
CA TYR G 121 60.49 52.55 -0.63
C TYR G 121 60.43 52.96 -2.11
N ASN G 122 61.21 53.97 -2.47
CA ASN G 122 61.25 54.46 -3.85
C ASN G 122 59.84 54.84 -4.32
N SER G 123 59.16 55.67 -3.54
CA SER G 123 57.81 56.09 -3.86
C SER G 123 57.74 56.97 -5.11
N PHE G 124 58.88 57.47 -5.56
CA PHE G 124 58.92 58.32 -6.74
C PHE G 124 59.33 57.51 -7.96
N ALA G 125 59.68 56.25 -7.73
CA ALA G 125 60.10 55.37 -8.81
C ALA G 125 58.88 54.87 -9.58
N PRO G 126 58.92 54.96 -10.91
CA PRO G 126 57.80 54.51 -11.73
C PRO G 126 57.39 53.09 -11.34
N LYS G 127 56.09 52.87 -11.19
CA LYS G 127 55.57 51.56 -10.81
C LYS G 127 55.81 50.52 -11.90
N SER G 128 56.70 50.84 -12.83
CA SER G 128 57.02 49.94 -13.93
C SER G 128 58.53 49.82 -14.07
N ALA G 129 59.24 50.91 -13.77
CA ALA G 129 60.69 50.95 -13.87
C ALA G 129 61.32 49.96 -12.89
N PRO G 130 62.12 49.01 -13.42
CA PRO G 130 62.79 47.98 -12.61
C PRO G 130 64.17 48.47 -12.15
N ASN G 131 64.75 47.77 -11.18
CA ASN G 131 66.06 48.11 -10.67
C ASN G 131 67.10 47.55 -11.63
N ASN G 132 68.35 47.46 -11.18
CA ASN G 132 69.41 46.92 -12.01
C ASN G 132 69.28 45.41 -12.17
N THR G 133 68.51 44.99 -13.17
CA THR G 133 68.32 43.56 -13.40
C THR G 133 69.22 43.08 -14.54
N GLN G 134 69.75 41.88 -14.37
CA GLN G 134 70.63 41.28 -15.37
C GLN G 134 69.91 40.07 -15.93
N PHE G 135 68.88 40.29 -16.73
CA PHE G 135 68.12 39.20 -17.31
C PHE G 135 68.94 38.34 -18.26
N ARG G 136 68.23 37.51 -19.02
CA ARG G 136 68.80 36.60 -20.00
C ARG G 136 68.10 36.88 -21.32
N GLN G 137 68.85 36.78 -22.40
CA GLN G 137 68.30 37.04 -23.72
C GLN G 137 67.57 35.83 -24.27
N ALA G 138 66.24 35.80 -24.08
CA ALA G 138 65.39 34.70 -24.54
C ALA G 138 66.03 33.31 -24.66
N ASN G 139 67.04 33.05 -23.83
CA ASN G 139 67.74 31.76 -23.82
C ASN G 139 68.38 31.57 -25.21
N ASN G 140 69.01 30.43 -25.42
CA ASN G 140 69.70 30.06 -26.66
C ASN G 140 71.12 29.80 -26.20
N GLY G 141 72.04 30.68 -26.58
CA GLY G 141 73.42 30.55 -26.16
C GLY G 141 73.93 31.94 -25.81
N HIS G 142 73.05 32.71 -25.17
CA HIS G 142 73.30 34.10 -24.77
C HIS G 142 73.23 34.26 -23.26
N PRO G 143 74.30 33.88 -22.55
CA PRO G 143 74.29 34.01 -21.08
C PRO G 143 74.29 35.43 -20.56
N ALA G 144 73.47 35.68 -19.54
CA ALA G 144 73.39 36.99 -18.91
C ALA G 144 73.06 38.11 -19.89
N GLN G 145 72.90 39.32 -19.32
CA GLN G 145 72.58 40.52 -20.08
C GLN G 145 72.29 41.63 -19.09
N THR G 146 73.00 42.75 -19.21
CA THR G 146 72.79 43.86 -18.27
C THR G 146 72.01 45.06 -18.78
N ILE G 147 71.12 45.53 -17.93
CA ILE G 147 70.28 46.69 -18.19
C ILE G 147 70.39 47.56 -16.94
N ALA G 148 71.06 48.70 -17.08
CA ALA G 148 71.25 49.57 -15.93
C ALA G 148 71.57 51.02 -16.29
N GLN G 149 72.62 51.54 -15.67
CA GLN G 149 73.05 52.91 -15.89
C GLN G 149 74.25 53.25 -15.01
N ALA G 150 75.27 53.85 -15.61
CA ALA G 150 76.45 54.25 -14.86
C ALA G 150 76.42 55.74 -14.61
N SER G 151 75.87 56.14 -13.46
CA SER G 151 75.76 57.55 -13.11
C SER G 151 76.52 57.87 -11.84
N TYR G 152 77.82 58.12 -11.98
CA TYR G 152 78.67 58.46 -10.84
C TYR G 152 79.47 59.72 -11.15
N VAL G 153 79.68 60.54 -10.12
CA VAL G 153 80.42 61.79 -10.26
C VAL G 153 81.74 61.59 -11.02
N ALA G 154 81.76 62.11 -12.25
CA ALA G 154 82.93 62.02 -13.11
C ALA G 154 83.64 60.68 -13.09
N THR G 155 84.75 60.63 -12.34
CA THR G 155 85.63 59.46 -12.19
C THR G 155 86.87 59.57 -13.06
N ILE G 156 87.98 60.03 -12.48
CA ILE G 156 89.21 60.18 -13.24
C ILE G 156 89.43 59.08 -14.28
N GLY G 157 89.58 57.85 -13.81
CA GLY G 157 89.79 56.74 -14.71
C GLY G 157 89.18 55.43 -14.26
N GLY G 158 89.68 54.34 -14.82
CA GLY G 158 89.17 53.02 -14.48
C GLY G 158 90.11 51.92 -14.94
N ALA G 159 90.84 51.33 -13.99
CA ALA G 159 91.77 50.26 -14.29
C ALA G 159 91.30 48.92 -13.72
N ASN G 160 92.14 47.90 -13.85
CA ASN G 160 91.84 46.55 -13.35
C ASN G 160 91.32 46.62 -11.92
N ASN G 161 91.90 47.54 -11.14
CA ASN G 161 91.51 47.73 -9.76
C ASN G 161 90.01 48.01 -9.72
N ASP G 162 89.61 49.12 -10.36
CA ASP G 162 88.21 49.52 -10.42
C ASP G 162 88.04 51.00 -10.77
N LEU G 163 86.91 51.56 -10.36
CA LEU G 163 86.56 52.95 -10.61
C LEU G 163 87.38 53.87 -9.69
N GLN G 164 88.27 54.66 -10.30
CA GLN G 164 89.11 55.58 -9.52
C GLN G 164 88.30 56.79 -9.04
N MET G 165 88.30 56.99 -7.72
CA MET G 165 87.57 58.09 -7.11
C MET G 165 88.49 59.30 -6.85
N GLY G 166 89.73 59.19 -7.28
CA GLY G 166 90.69 60.27 -7.08
C GLY G 166 92.11 59.76 -6.93
N VAL G 167 92.87 60.43 -6.06
CA VAL G 167 94.26 60.05 -5.83
C VAL G 167 94.57 59.94 -4.34
N ASP G 168 93.62 59.43 -3.57
CA ASP G 168 93.76 59.27 -2.13
C ASP G 168 94.83 60.20 -1.55
N GLU G 169 94.60 61.50 -1.68
CA GLU G 169 95.51 62.53 -1.20
C GLU G 169 96.97 62.27 -1.56
N ARG G 170 97.46 63.01 -2.54
CA ARG G 170 98.84 62.95 -3.03
C ARG G 170 98.99 62.30 -4.41
N GLN G 171 99.96 61.39 -4.54
CA GLN G 171 100.24 60.73 -5.81
C GLN G 171 99.47 59.43 -6.08
N LEU G 172 99.31 58.61 -5.04
CA LEU G 172 98.62 57.33 -5.19
C LEU G 172 97.13 57.45 -5.49
N PRO G 173 96.71 56.96 -6.67
CA PRO G 173 95.31 56.99 -7.12
C PRO G 173 94.40 56.12 -6.25
N VAL G 174 93.35 56.73 -5.69
CA VAL G 174 92.41 55.99 -4.84
C VAL G 174 91.33 55.31 -5.67
N TYR G 175 90.86 54.16 -5.20
CA TYR G 175 89.82 53.41 -5.89
C TYR G 175 88.59 53.20 -5.01
N ALA G 176 87.42 53.27 -5.64
CA ALA G 176 86.16 53.10 -4.94
C ALA G 176 86.11 51.78 -4.18
N ASN G 177 85.57 51.84 -2.96
CA ASN G 177 85.44 50.66 -2.11
C ASN G 177 84.24 49.82 -2.57
N THR G 178 84.54 48.71 -3.21
CA THR G 178 83.53 47.79 -3.73
C THR G 178 82.28 47.64 -2.88
N THR G 179 82.45 47.49 -1.58
CA THR G 179 81.32 47.29 -0.66
C THR G 179 80.22 48.34 -0.66
N TYR G 180 80.48 49.52 -1.22
CA TYR G 180 79.46 50.55 -1.23
C TYR G 180 79.67 51.64 -2.28
N GLN G 181 80.83 51.64 -2.92
CA GLN G 181 81.13 52.63 -3.94
C GLN G 181 81.15 52.01 -5.34
N PRO G 182 80.53 52.70 -6.31
CA PRO G 182 79.86 53.99 -6.16
C PRO G 182 78.49 53.85 -5.48
N GLU G 183 78.01 54.95 -4.89
CA GLU G 183 76.71 54.94 -4.21
C GLU G 183 75.61 55.40 -5.17
N PRO G 184 74.52 54.61 -5.27
CA PRO G 184 73.38 54.90 -6.14
C PRO G 184 72.67 56.21 -5.77
N GLN G 185 73.38 57.09 -5.08
CA GLN G 185 72.85 58.37 -4.66
C GLN G 185 73.62 59.46 -5.41
N LEU G 186 74.91 59.23 -5.55
CA LEU G 186 75.81 60.16 -6.23
C LEU G 186 75.57 60.28 -7.73
N GLY G 187 76.24 61.23 -8.34
CA GLY G 187 76.11 61.45 -9.78
C GLY G 187 76.51 62.86 -10.14
N ILE G 188 76.54 63.15 -11.43
CA ILE G 188 76.91 64.48 -11.92
C ILE G 188 75.98 65.53 -11.30
N GLU G 189 76.44 66.77 -11.21
CA GLU G 189 75.63 67.83 -10.65
C GLU G 189 74.94 68.66 -11.72
N GLY G 190 75.53 68.72 -12.91
CA GLY G 190 74.97 69.50 -14.00
C GLY G 190 73.95 68.81 -14.87
N TRP G 191 72.83 69.51 -15.10
CA TRP G 191 71.75 68.99 -15.94
C TRP G 191 72.26 68.83 -17.36
N THR G 192 72.64 69.94 -17.99
CA THR G 192 73.16 69.89 -19.35
C THR G 192 74.67 69.84 -19.27
N ALA G 193 75.22 70.59 -18.33
CA ALA G 193 76.67 70.64 -18.14
C ALA G 193 77.22 69.24 -17.89
N GLY G 194 76.42 68.39 -17.26
CA GLY G 194 76.85 67.04 -16.98
C GLY G 194 76.74 66.11 -18.17
N SER G 195 75.64 66.22 -18.91
CA SER G 195 75.42 65.36 -20.07
C SER G 195 76.16 65.87 -21.31
N MET G 196 76.14 67.18 -21.52
CA MET G 196 76.79 67.81 -22.67
C MET G 196 78.32 67.66 -22.57
N ALA G 197 78.82 67.48 -21.35
CA ALA G 197 80.24 67.31 -21.12
C ALA G 197 80.65 65.89 -21.44
N VAL G 198 79.70 64.96 -21.32
CA VAL G 198 79.94 63.55 -21.59
C VAL G 198 80.83 62.95 -20.51
N ILE G 199 80.56 61.69 -20.15
CA ILE G 199 81.34 60.99 -19.14
C ILE G 199 82.14 59.87 -19.79
N ASP G 200 83.46 60.00 -19.80
CA ASP G 200 84.32 58.97 -20.39
C ASP G 200 84.37 57.76 -19.47
N GLN G 201 84.57 58.00 -18.18
CA GLN G 201 84.64 56.93 -17.20
C GLN G 201 83.42 57.00 -16.28
N ALA G 202 82.44 56.15 -16.52
CA ALA G 202 81.23 56.11 -15.71
C ALA G 202 81.20 54.85 -14.85
N GLY G 203 80.47 54.90 -13.74
CA GLY G 203 80.39 53.75 -12.87
C GLY G 203 79.02 53.51 -12.27
N GLY G 204 78.67 52.25 -12.07
CA GLY G 204 77.38 51.91 -11.51
C GLY G 204 77.40 50.65 -10.69
N ARG G 205 76.25 50.31 -10.10
CA ARG G 205 76.13 49.12 -9.27
C ARG G 205 74.93 48.33 -9.80
N VAL G 206 75.07 47.02 -9.93
CA VAL G 206 73.97 46.21 -10.46
C VAL G 206 73.83 44.84 -9.83
N LEU G 207 72.58 44.35 -9.77
CA LEU G 207 72.27 43.04 -9.21
C LEU G 207 72.44 42.00 -10.33
N ARG G 208 72.85 40.79 -9.97
CA ARG G 208 73.04 39.74 -10.96
C ARG G 208 72.16 38.52 -10.69
N ASN G 209 71.38 38.13 -11.69
CA ASN G 209 70.47 36.99 -11.65
C ASN G 209 69.41 36.91 -10.54
N PRO G 210 68.93 38.06 -10.03
CA PRO G 210 67.92 37.95 -8.98
C PRO G 210 66.53 37.96 -9.60
N THR G 211 65.51 37.62 -8.82
CA THR G 211 64.14 37.61 -9.32
C THR G 211 63.62 39.04 -9.49
N GLN G 212 63.55 39.48 -10.74
CA GLN G 212 63.09 40.84 -11.06
C GLN G 212 61.86 41.26 -10.28
N THR G 213 61.87 42.50 -9.82
CA THR G 213 60.77 43.08 -9.07
C THR G 213 60.80 44.58 -9.33
N PRO G 214 59.65 45.17 -9.64
CA PRO G 214 59.60 46.61 -9.90
C PRO G 214 60.31 47.42 -8.83
N CYS G 215 61.14 48.36 -9.25
CA CYS G 215 61.88 49.19 -8.30
C CYS G 215 60.96 49.81 -7.27
N TYR G 216 59.68 49.92 -7.62
CA TYR G 216 58.68 50.50 -6.73
C TYR G 216 58.51 49.64 -5.48
N GLY G 217 59.04 50.11 -4.36
CA GLY G 217 58.92 49.37 -3.12
C GLY G 217 59.98 48.31 -2.90
N SER G 218 61.08 48.42 -3.64
CA SER G 218 62.18 47.47 -3.51
C SER G 218 63.01 47.78 -2.27
N TYR G 219 63.23 46.78 -1.44
CA TYR G 219 64.00 46.95 -0.22
C TYR G 219 64.88 45.75 0.07
N ALA G 220 65.99 45.99 0.77
CA ALA G 220 66.93 44.95 1.14
C ALA G 220 67.54 45.31 2.49
N LYS G 221 68.20 44.35 3.12
CA LYS G 221 68.81 44.60 4.41
C LYS G 221 70.31 44.89 4.31
N PRO G 222 70.81 45.83 5.12
CA PRO G 222 72.22 46.23 5.13
C PRO G 222 73.15 45.13 5.66
N THR G 223 74.43 45.24 5.33
CA THR G 223 75.41 44.25 5.77
C THR G 223 76.72 44.87 6.25
N ASN G 224 76.85 46.20 6.10
CA ASN G 224 78.07 46.87 6.51
C ASN G 224 77.82 48.27 7.06
N GLU G 225 78.89 48.87 7.59
CA GLU G 225 78.84 50.22 8.12
C GLU G 225 78.64 51.14 6.94
N HIS G 226 78.94 50.62 5.76
CA HIS G 226 78.81 51.35 4.51
C HIS G 226 77.39 51.24 4.00
N GLY G 227 76.56 50.48 4.71
CA GLY G 227 75.18 50.31 4.30
C GLY G 227 75.02 49.20 3.27
N GLY G 228 75.86 49.24 2.24
CA GLY G 228 75.80 48.25 1.17
C GLY G 228 75.12 46.93 1.49
N ILE G 229 74.33 46.46 0.53
CA ILE G 229 73.60 45.21 0.68
C ILE G 229 74.31 44.12 -0.13
N THR G 230 75.56 43.87 0.23
CA THR G 230 76.37 42.87 -0.45
C THR G 230 75.84 41.45 -0.28
N LYS G 231 75.12 41.22 0.82
CA LYS G 231 74.55 39.90 1.10
C LYS G 231 75.56 38.87 1.58
N ALA G 232 75.07 37.67 1.85
CA ALA G 232 75.91 36.57 2.33
C ALA G 232 77.00 36.19 1.34
N ASN G 233 76.62 36.03 0.07
CA ASN G 233 77.60 35.66 -0.96
C ASN G 233 78.70 36.71 -1.05
N THR G 234 79.91 36.31 -0.69
CA THR G 234 81.06 37.19 -0.71
C THR G 234 81.46 37.67 -2.11
N GLN G 235 81.08 36.91 -3.13
CA GLN G 235 81.43 37.28 -4.50
C GLN G 235 80.90 38.61 -5.00
N VAL G 236 81.79 39.35 -5.65
CA VAL G 236 81.48 40.66 -6.22
C VAL G 236 82.31 40.71 -7.51
N GLU G 237 81.66 41.06 -8.63
CA GLU G 237 82.36 41.11 -9.90
C GLU G 237 82.35 42.47 -10.58
N LYS G 238 83.54 43.02 -10.80
CA LYS G 238 83.68 44.31 -11.47
C LYS G 238 83.68 44.07 -12.97
N LYS G 239 82.50 44.14 -13.57
CA LYS G 239 82.35 43.91 -15.01
C LYS G 239 82.67 45.17 -15.82
N TYR G 240 83.68 45.05 -16.69
CA TYR G 240 84.10 46.15 -17.53
C TYR G 240 83.43 46.12 -18.89
N TYR G 241 82.77 47.22 -19.25
CA TYR G 241 82.07 47.31 -20.53
C TYR G 241 82.68 48.35 -21.45
N ARG G 242 82.54 48.12 -22.75
CA ARG G 242 83.05 49.04 -23.76
C ARG G 242 81.88 49.56 -24.59
N THR G 243 82.18 50.07 -25.78
CA THR G 243 81.15 50.59 -26.67
C THR G 243 81.00 49.67 -27.88
N GLY G 244 82.01 48.82 -28.09
CA GLY G 244 81.98 47.91 -29.21
C GLY G 244 83.20 47.98 -30.11
N ASP G 245 83.89 49.12 -30.09
CA ASP G 245 85.07 49.30 -30.93
C ASP G 245 86.21 49.98 -30.17
N ASN G 246 85.90 50.55 -29.02
CA ASN G 246 86.91 51.21 -28.21
C ASN G 246 87.49 50.20 -27.23
N GLY G 247 88.72 50.42 -26.80
CA GLY G 247 89.34 49.51 -25.86
C GLY G 247 89.57 50.19 -24.54
N ASN G 248 88.51 50.41 -23.79
CA ASN G 248 88.63 51.08 -22.51
C ASN G 248 87.32 50.96 -21.74
N PRO G 249 87.40 50.85 -20.40
CA PRO G 249 86.20 50.72 -19.58
C PRO G 249 85.44 52.03 -19.42
N GLU G 250 84.50 52.27 -20.33
CA GLU G 250 83.69 53.48 -20.29
C GLU G 250 82.69 53.42 -19.15
N THR G 251 82.38 52.20 -18.70
CA THR G 251 81.44 52.01 -17.60
C THR G 251 81.76 50.77 -16.77
N VAL G 252 82.07 50.98 -15.49
CA VAL G 252 82.39 49.88 -14.60
C VAL G 252 81.19 49.56 -13.70
N PHE G 253 80.87 48.27 -13.58
CA PHE G 253 79.75 47.84 -12.75
C PHE G 253 80.16 46.84 -11.68
N TYR G 254 79.66 47.06 -10.46
CA TYR G 254 79.95 46.19 -9.34
C TYR G 254 78.72 45.33 -9.05
N THR G 255 78.62 44.20 -9.73
CA THR G 255 77.50 43.29 -9.55
C THR G 255 77.47 42.70 -8.14
N GLU G 256 76.27 42.44 -7.63
CA GLU G 256 76.11 41.89 -6.30
C GLU G 256 74.70 41.31 -6.12
N GLU G 257 74.54 40.47 -5.11
CA GLU G 257 73.25 39.87 -4.81
C GLU G 257 72.68 40.58 -3.58
N ALA G 258 71.37 40.79 -3.56
CA ALA G 258 70.74 41.46 -2.44
C ALA G 258 69.58 40.65 -1.87
N ASP G 259 69.26 40.92 -0.60
CA ASP G 259 68.15 40.25 0.07
C ASP G 259 66.88 40.99 -0.31
N VAL G 260 66.76 41.31 -1.59
CA VAL G 260 65.61 42.02 -2.11
C VAL G 260 64.27 41.38 -1.76
N LEU G 261 63.33 42.21 -1.34
CA LEU G 261 61.99 41.76 -0.98
C LEU G 261 61.02 42.91 -1.18
N THR G 262 59.76 42.70 -0.81
CA THR G 262 58.74 43.74 -0.94
C THR G 262 57.66 43.58 0.12
N PRO G 263 57.65 44.50 1.12
CA PRO G 263 56.66 44.46 2.20
C PRO G 263 55.33 45.13 1.88
N ASP G 264 55.38 46.42 1.58
CA ASP G 264 54.18 47.19 1.27
C ASP G 264 53.81 47.22 -0.19
N THR G 265 54.24 46.20 -0.95
CA THR G 265 53.94 46.15 -2.37
C THR G 265 53.76 44.74 -2.89
N HIS G 266 52.93 44.60 -3.93
CA HIS G 266 52.66 43.32 -4.54
C HIS G 266 52.65 43.49 -6.07
N LEU G 267 52.64 42.39 -6.80
CA LEU G 267 52.65 42.47 -8.26
C LEU G 267 51.26 42.71 -8.81
N VAL G 268 51.08 43.88 -9.44
CA VAL G 268 49.80 44.25 -10.04
C VAL G 268 49.68 43.60 -11.41
N HIS G 269 50.81 43.48 -12.09
CA HIS G 269 50.85 42.88 -13.41
C HIS G 269 52.04 41.94 -13.56
N ALA G 270 51.76 40.64 -13.49
CA ALA G 270 52.80 39.62 -13.63
C ALA G 270 52.71 39.04 -15.04
N VAL G 271 53.63 39.43 -15.90
CA VAL G 271 53.63 38.95 -17.27
C VAL G 271 53.83 37.44 -17.40
N PRO G 272 54.99 36.91 -16.97
CA PRO G 272 55.09 35.46 -17.12
C PRO G 272 55.16 34.68 -15.81
N ALA G 273 54.47 33.53 -15.79
CA ALA G 273 54.48 32.65 -14.62
C ALA G 273 55.65 31.73 -14.92
N ALA G 274 56.73 31.85 -14.14
CA ALA G 274 57.94 31.05 -14.36
C ALA G 274 58.59 31.68 -15.60
N ASP G 275 59.89 31.44 -15.80
CA ASP G 275 60.58 32.04 -16.95
C ASP G 275 60.47 33.54 -16.75
N ARG G 276 60.13 33.92 -15.53
CA ARG G 276 59.95 35.31 -15.11
C ARG G 276 61.20 36.17 -15.27
N ALA G 277 62.33 35.68 -14.77
CA ALA G 277 63.59 36.42 -14.81
C ALA G 277 64.09 36.73 -16.22
N LYS G 278 63.28 36.50 -17.23
CA LYS G 278 63.70 36.78 -18.60
C LYS G 278 63.26 38.20 -19.01
N VAL G 279 63.78 38.66 -20.15
CA VAL G 279 63.48 40.00 -20.66
C VAL G 279 62.00 40.39 -20.58
N GLU G 280 61.11 39.46 -20.92
CA GLU G 280 59.68 39.72 -20.91
C GLU G 280 59.13 39.85 -19.49
N GLY G 281 59.97 39.56 -18.50
CA GLY G 281 59.55 39.65 -17.12
C GLY G 281 59.61 41.04 -16.51
N LEU G 282 60.66 41.78 -16.85
CA LEU G 282 60.82 43.13 -16.33
C LEU G 282 59.58 44.00 -16.57
N SER G 283 58.70 43.51 -17.44
CA SER G 283 57.47 44.22 -17.77
C SER G 283 56.48 44.25 -16.60
N GLN G 284 56.79 43.48 -15.56
CA GLN G 284 55.93 43.42 -14.38
C GLN G 284 55.86 44.76 -13.65
N HIS G 285 54.66 45.07 -13.14
CA HIS G 285 54.45 46.31 -12.40
C HIS G 285 54.09 46.03 -10.96
N ALA G 286 54.22 47.05 -10.12
CA ALA G 286 53.93 46.91 -8.70
C ALA G 286 52.88 47.92 -8.24
N ALA G 287 52.30 47.65 -7.08
CA ALA G 287 51.28 48.52 -6.51
C ALA G 287 51.31 48.38 -4.99
N PRO G 288 51.10 49.49 -4.27
CA PRO G 288 51.11 49.48 -2.80
C PRO G 288 49.94 48.68 -2.23
N ASN G 289 50.20 47.98 -1.13
CA ASN G 289 49.17 47.18 -0.48
C ASN G 289 48.16 48.08 0.21
N ARG G 290 46.90 47.66 0.21
CA ARG G 290 45.83 48.43 0.85
C ARG G 290 46.15 48.76 2.30
N PRO G 291 45.92 50.01 2.72
CA PRO G 291 46.18 50.44 4.09
C PRO G 291 45.24 49.76 5.07
N ASN G 292 45.80 49.16 6.12
CA ASN G 292 44.99 48.47 7.11
C ASN G 292 45.39 48.86 8.53
N PHE G 293 44.59 49.70 9.16
CA PHE G 293 44.84 50.14 10.53
C PHE G 293 44.30 49.12 11.52
N ILE G 294 45.05 48.90 12.60
CA ILE G 294 44.63 47.95 13.64
C ILE G 294 44.87 48.54 15.02
N GLY G 295 43.90 48.35 15.91
CA GLY G 295 44.02 48.87 17.26
C GLY G 295 42.81 48.53 18.11
N PHE G 296 42.80 49.03 19.34
CA PHE G 296 41.69 48.78 20.26
C PHE G 296 40.46 49.58 19.84
N ARG G 297 39.30 48.93 19.90
CA ARG G 297 38.05 49.57 19.52
C ARG G 297 37.78 50.84 20.32
N ASP G 298 36.71 51.54 19.95
CA ASP G 298 36.33 52.77 20.62
C ASP G 298 35.89 52.47 22.05
N CYS G 299 36.43 53.22 23.00
CA CYS G 299 36.10 53.02 24.41
C CYS G 299 36.41 51.59 24.86
N PHE G 300 37.33 50.95 24.15
CA PHE G 300 37.73 49.58 24.46
C PHE G 300 36.54 48.64 24.53
N VAL G 301 35.54 48.88 23.70
CA VAL G 301 34.35 48.03 23.68
C VAL G 301 34.72 46.60 23.31
N GLY G 302 34.28 45.65 24.15
CA GLY G 302 34.56 44.25 23.88
C GLY G 302 35.77 43.71 24.62
N LEU G 303 36.59 44.61 25.17
CA LEU G 303 37.78 44.18 25.90
C LEU G 303 37.34 43.63 27.26
N MET G 304 36.12 43.95 27.65
CA MET G 304 35.57 43.49 28.92
C MET G 304 34.22 42.83 28.72
N TYR G 305 34.00 41.70 29.38
CA TYR G 305 32.76 40.96 29.28
C TYR G 305 31.54 41.71 29.81
N TYR G 306 30.47 41.71 29.02
CA TYR G 306 29.22 42.36 29.38
C TYR G 306 28.05 41.56 28.81
N ASN G 307 26.94 41.53 29.54
CA ASN G 307 25.75 40.84 29.09
C ASN G 307 26.03 39.37 28.75
N SER G 308 26.87 38.73 29.56
CA SER G 308 27.21 37.33 29.34
C SER G 308 27.20 36.57 30.66
N GLY G 309 26.14 35.79 30.88
CA GLY G 309 26.03 35.02 32.10
C GLY G 309 27.19 34.07 32.30
N GLY G 310 27.90 33.78 31.22
CA GLY G 310 29.04 32.88 31.29
C GLY G 310 30.21 33.49 32.04
N ASN G 311 30.37 34.81 31.92
CA ASN G 311 31.46 35.51 32.59
C ASN G 311 30.95 36.77 33.28
N LEU G 312 29.86 36.63 34.03
CA LEU G 312 29.28 37.76 34.74
C LEU G 312 30.20 38.28 35.82
N GLY G 313 30.38 39.60 35.87
CA GLY G 313 31.26 40.22 36.85
C GLY G 313 30.69 40.19 38.26
N VAL G 314 31.58 40.15 39.26
CA VAL G 314 31.16 40.10 40.65
C VAL G 314 31.56 41.35 41.45
N LEU G 315 30.66 41.78 42.33
CA LEU G 315 30.89 42.95 43.17
C LEU G 315 29.99 42.89 44.40
N ALA G 316 30.42 42.13 45.40
CA ALA G 316 29.65 41.99 46.63
C ALA G 316 30.54 42.10 47.86
N GLY G 317 29.93 42.41 49.00
CA GLY G 317 30.70 42.53 50.23
C GLY G 317 31.10 41.15 50.72
N GLN G 318 32.33 41.03 51.20
CA GLN G 318 32.84 39.74 51.69
C GLN G 318 31.89 39.13 52.71
N SER G 319 31.28 39.96 53.53
CA SER G 319 30.35 39.48 54.56
C SER G 319 29.02 39.08 53.94
N SER G 320 28.57 39.85 52.96
CA SER G 320 27.30 39.59 52.28
C SER G 320 27.41 38.36 51.38
N GLN G 321 28.45 38.31 50.57
CA GLN G 321 28.69 37.20 49.65
C GLN G 321 27.64 37.16 48.53
N LEU G 322 26.66 38.06 48.61
CA LEU G 322 25.60 38.11 47.61
C LEU G 322 25.97 39.10 46.51
N ASN G 323 26.31 38.58 45.34
CA ASN G 323 26.68 39.41 44.19
C ASN G 323 25.63 40.47 43.89
N ALA G 324 26.07 41.72 43.77
CA ALA G 324 25.17 42.83 43.49
C ALA G 324 25.06 43.10 41.99
N VAL G 325 25.80 42.35 41.19
CA VAL G 325 25.77 42.52 39.75
C VAL G 325 24.96 41.42 39.06
N VAL G 326 23.75 41.76 38.64
CA VAL G 326 22.87 40.81 37.97
C VAL G 326 22.71 41.23 36.52
N ASP G 327 23.44 40.57 35.61
CA ASP G 327 23.37 40.90 34.20
C ASP G 327 22.52 39.90 33.41
N LEU G 328 22.04 40.34 32.26
CA LEU G 328 21.21 39.51 31.39
C LEU G 328 21.69 39.69 29.94
N GLN G 329 21.89 38.59 29.23
CA GLN G 329 22.35 38.66 27.84
C GLN G 329 21.31 39.32 26.95
N ASP G 330 20.25 39.83 27.55
CA ASP G 330 19.19 40.49 26.81
C ASP G 330 19.51 41.98 26.73
N ARG G 331 20.23 42.48 27.74
CA ARG G 331 20.62 43.88 27.81
C ARG G 331 21.87 44.10 26.94
N ASN G 332 22.17 45.36 26.62
CA ASN G 332 23.33 45.70 25.82
C ASN G 332 24.04 46.90 26.42
N THR G 333 24.99 46.63 27.31
CA THR G 333 25.74 47.69 27.97
C THR G 333 26.59 48.49 26.99
N GLU G 334 27.36 47.79 26.17
CA GLU G 334 28.23 48.43 25.19
C GLU G 334 27.56 49.57 24.44
N LEU G 335 26.54 49.24 23.66
CA LEU G 335 25.81 50.26 22.90
C LEU G 335 25.27 51.34 23.83
N SER G 336 24.70 50.92 24.95
CA SER G 336 24.13 51.85 25.92
C SER G 336 25.14 52.93 26.28
N TYR G 337 26.36 52.52 26.59
CA TYR G 337 27.41 53.45 26.97
C TYR G 337 27.65 54.46 25.85
N GLN G 338 27.78 53.95 24.62
CA GLN G 338 28.01 54.80 23.46
C GLN G 338 27.02 55.96 23.42
N MET G 339 25.76 55.63 23.21
CA MET G 339 24.70 56.64 23.15
C MET G 339 24.76 57.60 24.32
N LEU G 340 25.08 57.10 25.51
CA LEU G 340 25.14 57.94 26.70
C LEU G 340 26.13 59.09 26.53
N LEU G 341 27.31 58.78 25.99
CA LEU G 341 28.33 59.80 25.79
C LEU G 341 27.91 60.85 24.77
N ALA G 342 27.26 60.41 23.70
CA ALA G 342 26.82 61.30 22.65
C ALA G 342 25.69 62.23 23.11
N ASN G 343 25.25 62.08 24.35
CA ASN G 343 24.17 62.90 24.88
C ASN G 343 24.65 63.86 25.96
N THR G 344 25.80 63.56 26.56
CA THR G 344 26.33 64.40 27.62
C THR G 344 27.53 65.24 27.18
N THR G 345 28.21 64.80 26.12
CA THR G 345 29.37 65.52 25.63
C THR G 345 29.44 65.54 24.11
N ASP G 346 30.42 66.26 23.58
CA ASP G 346 30.60 66.36 22.13
C ASP G 346 31.41 65.16 21.67
N ARG G 347 30.73 64.19 21.06
CA ARG G 347 31.36 62.96 20.60
C ARG G 347 32.26 63.16 19.38
N SER G 348 32.84 64.35 19.23
CA SER G 348 33.72 64.63 18.11
C SER G 348 35.18 64.76 18.56
N ARG G 349 35.37 65.18 19.81
CA ARG G 349 36.73 65.32 20.35
C ARG G 349 37.31 63.97 20.71
N TYR G 350 38.60 63.94 21.01
CA TYR G 350 39.27 62.71 21.38
C TYR G 350 39.84 62.77 22.79
N PHE G 351 39.94 61.61 23.43
CA PHE G 351 40.45 61.53 24.79
C PHE G 351 41.21 60.21 24.98
N SER G 352 42.51 60.24 24.68
CA SER G 352 43.37 59.07 24.77
C SER G 352 43.10 58.13 25.94
N MET G 353 43.03 58.69 27.15
CA MET G 353 42.79 57.88 28.34
C MET G 353 41.77 56.76 28.13
N TRP G 354 40.58 57.12 27.65
CA TRP G 354 39.53 56.14 27.41
C TRP G 354 39.57 55.63 25.98
N ASN G 355 40.58 56.03 25.22
CA ASN G 355 40.70 55.63 23.83
C ASN G 355 39.41 56.01 23.14
N GLN G 356 38.74 56.99 23.74
CA GLN G 356 37.46 57.49 23.24
C GLN G 356 37.65 58.28 21.94
N ALA G 357 37.41 57.62 20.82
CA ALA G 357 37.55 58.23 19.51
C ALA G 357 36.53 57.63 18.55
N MET G 358 35.26 57.94 18.78
CA MET G 358 34.16 57.44 17.95
C MET G 358 34.54 57.26 16.49
N ASP G 359 34.01 56.19 15.89
CA ASP G 359 34.28 55.90 14.49
C ASP G 359 33.44 56.80 13.60
N SER G 360 33.99 57.14 12.44
CA SER G 360 33.31 58.01 11.49
C SER G 360 33.90 57.80 10.10
N TYR G 361 33.29 58.41 9.10
CA TYR G 361 33.77 58.28 7.73
C TYR G 361 33.82 59.63 7.04
N ASP G 362 34.59 59.71 5.97
CA ASP G 362 34.73 60.95 5.22
C ASP G 362 33.47 61.17 4.38
N PRO G 363 32.70 62.23 4.70
CA PRO G 363 31.46 62.58 4.00
C PRO G 363 31.55 62.49 2.49
N GLU G 364 32.68 62.91 1.93
CA GLU G 364 32.88 62.88 0.48
C GLU G 364 33.04 61.46 -0.06
N VAL G 365 33.34 60.52 0.83
CA VAL G 365 33.51 59.12 0.43
C VAL G 365 32.16 58.42 0.43
N ARG G 366 31.39 58.62 1.50
CA ARG G 366 30.09 58.01 1.63
C ARG G 366 29.19 58.44 0.48
N VAL G 367 29.09 59.76 0.28
CA VAL G 367 28.27 60.32 -0.79
C VAL G 367 29.14 61.12 -1.76
N ILE G 368 29.40 60.53 -2.92
CA ILE G 368 30.22 61.18 -3.95
C ILE G 368 29.55 62.45 -4.48
N ASP G 369 30.29 63.55 -4.43
CA ASP G 369 29.78 64.83 -4.92
C ASP G 369 30.61 65.24 -6.12
N ASN G 370 30.51 64.46 -7.19
CA ASN G 370 31.26 64.73 -8.41
C ASN G 370 30.85 66.07 -9.00
N VAL G 371 31.56 67.12 -8.61
CA VAL G 371 31.28 68.47 -9.09
C VAL G 371 32.12 68.75 -10.33
N GLY G 372 32.92 67.76 -10.73
CA GLY G 372 33.77 67.93 -11.90
C GLY G 372 35.20 68.25 -11.52
N VAL G 373 35.94 68.84 -12.45
CA VAL G 373 37.34 69.19 -12.21
C VAL G 373 37.68 70.52 -12.86
N GLU G 374 38.39 71.38 -12.12
CA GLU G 374 38.79 72.68 -12.64
C GLU G 374 40.12 72.57 -13.36
N ASP G 375 40.07 72.21 -14.64
CA ASP G 375 41.28 72.06 -15.44
C ASP G 375 41.26 72.92 -16.70
N GLU G 376 40.66 74.09 -16.62
CA GLU G 376 40.59 75.00 -17.76
C GLU G 376 41.97 75.27 -18.33
N MET G 377 42.96 75.29 -17.46
CA MET G 377 44.34 75.56 -17.87
C MET G 377 45.13 74.27 -18.05
N PRO G 378 45.89 74.16 -19.16
CA PRO G 378 46.69 72.97 -19.41
C PRO G 378 47.98 73.01 -18.61
N ASN G 379 48.44 71.87 -18.13
CA ASN G 379 49.67 71.80 -17.34
C ASN G 379 50.77 71.16 -18.17
N TYR G 380 51.96 71.77 -18.15
CA TYR G 380 53.08 71.25 -18.92
C TYR G 380 54.36 71.05 -18.11
N CYS G 381 55.15 70.07 -18.53
CA CYS G 381 56.41 69.76 -17.89
C CYS G 381 57.49 69.98 -18.94
N PHE G 382 58.43 70.88 -18.63
CA PHE G 382 59.49 71.22 -19.56
C PHE G 382 60.85 70.62 -19.17
N PRO G 383 61.69 70.31 -20.16
CA PRO G 383 63.02 69.74 -19.92
C PRO G 383 63.82 70.57 -18.92
N LEU G 384 64.76 69.91 -18.23
CA LEU G 384 65.58 70.59 -17.23
C LEU G 384 66.51 71.61 -17.91
N SER G 385 66.39 71.72 -19.22
CA SER G 385 67.22 72.64 -19.99
C SER G 385 66.43 73.88 -20.42
N GLY G 386 65.15 73.69 -20.72
CA GLY G 386 64.33 74.80 -21.15
C GLY G 386 64.38 74.85 -22.67
N VAL G 387 64.93 73.80 -23.26
CA VAL G 387 65.05 73.68 -24.71
C VAL G 387 66.01 72.54 -25.04
N GLN G 388 65.51 71.55 -25.78
CA GLN G 388 66.32 70.39 -26.15
C GLN G 388 67.47 70.72 -27.10
N ILE G 389 68.66 70.24 -26.74
CA ILE G 389 69.85 70.46 -27.55
C ILE G 389 70.09 69.30 -28.52
N GLY G 390 70.28 69.63 -29.80
CA GLY G 390 70.50 68.60 -30.79
C GLY G 390 71.20 69.10 -32.04
N ASN G 391 71.07 70.39 -32.33
CA ASN G 391 71.70 70.98 -33.51
C ASN G 391 72.45 72.26 -33.14
N ARG G 392 73.45 72.60 -33.95
CA ARG G 392 74.24 73.80 -33.72
C ARG G 392 74.03 74.82 -34.84
N SER G 393 74.02 76.09 -34.47
CA SER G 393 73.83 77.17 -35.44
C SER G 393 75.16 77.63 -36.03
N HIS G 394 75.24 78.90 -36.40
CA HIS G 394 76.44 79.49 -37.00
C HIS G 394 76.18 80.92 -37.47
N GLU G 395 76.54 81.89 -36.64
CA GLU G 395 76.34 83.30 -36.99
C GLU G 395 77.24 83.67 -38.17
N VAL G 396 76.63 83.84 -39.34
CA VAL G 396 77.35 84.14 -40.57
C VAL G 396 76.95 85.48 -41.21
N GLN G 397 77.93 86.14 -41.84
CA GLN G 397 77.69 87.42 -42.49
C GLN G 397 77.30 87.27 -43.96
N ARG G 398 76.43 88.16 -44.40
CA ARG G 398 75.94 88.16 -45.78
C ARG G 398 76.84 89.04 -46.63
N ASN G 399 76.39 89.25 -47.87
CA ASN G 399 77.12 90.08 -48.83
C ASN G 399 78.49 89.54 -49.20
N GLN G 400 78.90 89.84 -50.44
CA GLN G 400 80.19 89.40 -50.98
C GLN G 400 80.06 87.98 -51.47
N GLN G 401 79.07 87.27 -50.93
CA GLN G 401 78.83 85.89 -51.28
C GLN G 401 77.40 85.46 -51.00
N GLN G 402 77.25 84.23 -50.54
CA GLN G 402 75.96 83.63 -50.20
C GLN G 402 75.77 83.75 -48.69
N TRP G 403 76.89 83.97 -47.99
CA TRP G 403 76.94 84.12 -46.53
C TRP G 403 78.20 83.41 -46.01
N GLN G 404 79.20 84.20 -45.62
CA GLN G 404 80.48 83.65 -45.13
C GLN G 404 80.51 83.32 -43.65
N ASN G 405 81.11 82.17 -43.36
CA ASN G 405 81.25 81.68 -42.00
C ASN G 405 81.72 82.78 -41.05
N VAL G 406 81.66 82.50 -39.76
CA VAL G 406 82.08 83.47 -38.75
C VAL G 406 83.49 83.14 -38.26
N ALA G 407 83.77 81.85 -38.14
CA ALA G 407 85.07 81.37 -37.68
C ALA G 407 85.22 81.54 -36.17
N ASN G 408 84.63 82.60 -35.63
CA ASN G 408 84.69 82.89 -34.19
C ASN G 408 84.00 81.81 -33.38
N SER G 409 84.69 80.68 -33.16
CA SER G 409 84.12 79.57 -32.40
C SER G 409 82.87 79.07 -33.11
N ASP G 410 82.55 77.80 -32.91
CA ASP G 410 81.38 77.22 -33.55
C ASP G 410 80.67 76.24 -32.66
N ASN G 411 79.56 75.69 -33.16
CA ASN G 411 78.77 74.71 -32.43
C ASN G 411 77.97 75.32 -31.27
N ASN G 412 76.84 75.93 -31.60
CA ASN G 412 75.98 76.53 -30.59
C ASN G 412 74.77 75.63 -30.41
N TYR G 413 73.70 76.17 -29.85
CA TYR G 413 72.48 75.39 -29.63
C TYR G 413 71.24 76.30 -29.65
N ILE G 414 70.44 76.18 -30.70
CA ILE G 414 69.23 76.98 -30.83
C ILE G 414 68.04 76.17 -31.36
N GLY G 415 66.95 76.18 -30.61
CA GLY G 415 65.77 75.44 -31.03
C GLY G 415 64.78 76.28 -31.81
N LYS G 416 64.65 75.98 -33.09
CA LYS G 416 63.73 76.72 -33.96
C LYS G 416 62.28 76.35 -33.63
N GLY G 417 61.65 77.14 -32.76
CA GLY G 417 60.28 76.87 -32.37
C GLY G 417 60.11 76.96 -30.87
N ASN G 418 59.06 76.37 -30.35
CA ASN G 418 58.81 76.39 -28.90
C ASN G 418 59.54 75.25 -28.19
N LEU G 419 59.36 75.20 -26.86
CA LEU G 419 60.01 74.17 -26.06
C LEU G 419 59.19 72.88 -26.07
N PRO G 420 59.85 71.73 -26.29
CA PRO G 420 59.15 70.44 -26.33
C PRO G 420 58.61 70.11 -24.93
N ALA G 421 57.28 70.09 -24.80
CA ALA G 421 56.66 69.80 -23.53
C ALA G 421 55.62 68.68 -23.57
N MET G 422 55.40 68.08 -22.41
CA MET G 422 54.42 66.99 -22.27
C MET G 422 53.28 67.51 -21.41
N GLU G 423 52.05 67.24 -21.83
CA GLU G 423 50.88 67.70 -21.10
C GLU G 423 50.33 66.65 -20.13
N ILE G 424 49.61 67.13 -19.11
CA ILE G 424 49.02 66.26 -18.11
C ILE G 424 47.95 67.02 -17.33
N ASN G 425 46.72 66.50 -17.35
CA ASN G 425 45.62 67.14 -16.65
C ASN G 425 45.74 66.90 -15.16
N LEU G 426 46.59 67.69 -14.51
CA LEU G 426 46.82 67.58 -13.08
C LEU G 426 45.55 67.33 -12.27
N ALA G 427 44.77 68.39 -12.09
CA ALA G 427 43.53 68.32 -11.34
C ALA G 427 42.72 67.06 -11.63
N ALA G 428 42.79 66.58 -12.87
CA ALA G 428 42.06 65.38 -13.25
C ALA G 428 42.57 64.15 -12.51
N ASN G 429 43.89 63.96 -12.56
CA ASN G 429 44.51 62.81 -11.90
C ASN G 429 44.11 62.72 -10.43
N LEU G 430 44.39 63.77 -9.67
CA LEU G 430 44.06 63.80 -8.25
C LEU G 430 42.64 63.33 -7.98
N TRP G 431 41.69 63.78 -8.80
CA TRP G 431 40.30 63.40 -8.65
C TRP G 431 40.13 61.90 -8.82
N ARG G 432 40.73 61.36 -9.88
CA ARG G 432 40.65 59.94 -10.18
C ARG G 432 41.35 59.10 -9.12
N SER G 433 42.54 59.53 -8.70
CA SER G 433 43.29 58.82 -7.68
C SER G 433 42.48 58.77 -6.40
N PHE G 434 41.77 59.86 -6.12
CA PHE G 434 40.93 59.94 -4.93
C PHE G 434 39.87 58.85 -4.98
N LEU G 435 39.06 58.88 -6.04
CA LEU G 435 37.99 57.91 -6.21
C LEU G 435 38.47 56.46 -6.07
N TYR G 436 39.33 56.03 -6.99
CA TYR G 436 39.85 54.66 -6.98
C TYR G 436 40.38 54.19 -5.62
N SER G 437 41.05 55.07 -4.88
CA SER G 437 41.62 54.71 -3.59
C SER G 437 40.65 54.80 -2.41
N ASN G 438 39.52 55.46 -2.60
CA ASN G 438 38.55 55.60 -1.52
C ASN G 438 37.22 54.91 -1.75
N VAL G 439 36.95 54.49 -2.98
CA VAL G 439 35.69 53.82 -3.28
C VAL G 439 35.81 52.63 -4.22
N ALA G 440 36.84 52.63 -5.07
CA ALA G 440 37.04 51.55 -6.02
C ALA G 440 37.57 50.28 -5.35
N LEU G 441 38.57 50.44 -4.49
CA LEU G 441 39.17 49.32 -3.79
C LEU G 441 38.26 48.76 -2.70
N TYR G 442 37.20 49.49 -2.38
CA TYR G 442 36.28 49.06 -1.34
C TYR G 442 34.98 48.48 -1.88
N LEU G 443 34.87 48.40 -3.21
CA LEU G 443 33.67 47.84 -3.82
C LEU G 443 33.54 46.36 -3.47
N PRO G 444 32.31 45.84 -3.43
CA PRO G 444 32.06 44.43 -3.10
C PRO G 444 32.98 43.50 -3.90
N ASP G 445 33.42 42.43 -3.25
CA ASP G 445 34.31 41.47 -3.89
C ASP G 445 33.74 40.94 -5.20
N ASN G 446 32.41 40.90 -5.31
CA ASN G 446 31.76 40.40 -6.51
C ASN G 446 32.11 41.20 -7.76
N LEU G 447 32.43 42.49 -7.58
CA LEU G 447 32.78 43.35 -8.70
C LEU G 447 34.28 43.31 -9.04
N LYS G 448 35.02 42.47 -8.32
CA LYS G 448 36.45 42.34 -8.56
C LYS G 448 36.78 41.03 -9.24
N PHE G 449 38.04 40.87 -9.64
CA PHE G 449 38.49 39.66 -10.29
C PHE G 449 39.95 39.41 -9.93
N THR G 450 40.26 38.16 -9.60
CA THR G 450 41.62 37.79 -9.22
C THR G 450 42.60 38.22 -10.31
N PRO G 451 43.76 38.76 -9.91
CA PRO G 451 44.76 39.21 -10.88
C PRO G 451 45.24 38.04 -11.75
N HIS G 452 46.11 38.33 -12.72
CA HIS G 452 46.61 37.30 -13.61
C HIS G 452 47.89 36.65 -13.08
N ASN G 453 47.96 35.33 -13.19
CA ASN G 453 49.11 34.56 -12.74
C ASN G 453 49.53 34.91 -11.31
N ILE G 454 48.65 34.66 -10.34
CA ILE G 454 48.95 34.97 -8.96
C ILE G 454 48.30 33.99 -7.98
N GLN G 455 49.12 33.31 -7.20
CA GLN G 455 48.64 32.35 -6.21
C GLN G 455 47.85 33.11 -5.14
N LEU G 456 46.66 32.64 -4.83
CA LEU G 456 45.84 33.32 -3.83
C LEU G 456 45.21 32.35 -2.84
N PRO G 457 45.11 32.75 -1.57
CA PRO G 457 44.53 31.93 -0.49
C PRO G 457 43.01 31.74 -0.66
N PRO G 458 42.46 30.67 -0.07
CA PRO G 458 41.03 30.38 -0.15
C PRO G 458 40.15 31.29 0.69
N ASN G 459 40.59 31.57 1.92
CA ASN G 459 39.83 32.42 2.83
C ASN G 459 39.63 33.83 2.27
N THR G 460 38.37 34.21 2.06
CA THR G 460 38.07 35.53 1.54
C THR G 460 38.07 36.53 2.70
N ASN G 461 38.50 36.06 3.87
CA ASN G 461 38.56 36.90 5.06
C ASN G 461 40.00 37.24 5.39
N THR G 462 40.93 36.81 4.54
CA THR G 462 42.35 37.08 4.74
C THR G 462 42.76 38.40 4.09
N TYR G 463 43.80 39.01 4.65
CA TYR G 463 44.31 40.28 4.13
C TYR G 463 44.82 40.12 2.70
N GLU G 464 45.58 39.06 2.46
CA GLU G 464 46.15 38.79 1.15
C GLU G 464 45.09 38.79 0.06
N TYR G 465 43.97 38.10 0.32
CA TYR G 465 42.88 38.02 -0.63
C TYR G 465 42.34 39.42 -0.94
N MET G 466 41.96 40.14 0.09
CA MET G 466 41.42 41.49 -0.07
C MET G 466 42.46 42.44 -0.67
N ASN G 467 43.72 42.02 -0.64
CA ASN G 467 44.81 42.83 -1.17
C ASN G 467 45.20 42.36 -2.58
N GLY G 468 44.73 41.17 -2.95
CA GLY G 468 45.04 40.62 -4.26
C GLY G 468 43.96 40.92 -5.28
N ARG G 469 42.70 40.80 -4.87
CA ARG G 469 41.57 41.07 -5.74
C ARG G 469 41.78 42.41 -6.45
N ILE G 470 41.53 42.43 -7.76
CA ILE G 470 41.72 43.65 -8.54
C ILE G 470 40.40 44.24 -9.03
N PRO G 471 40.07 45.46 -8.56
CA PRO G 471 38.82 46.09 -8.99
C PRO G 471 39.02 46.88 -10.28
N VAL G 472 37.95 47.08 -11.04
CA VAL G 472 38.03 47.83 -12.29
C VAL G 472 37.75 49.32 -12.07
N SER G 473 38.76 50.16 -12.32
CA SER G 473 38.65 51.61 -12.15
C SER G 473 37.54 52.17 -13.04
N GLY G 474 37.02 51.35 -13.95
CA GLY G 474 35.97 51.79 -14.83
C GLY G 474 34.66 52.01 -14.11
N LEU G 475 34.37 51.15 -13.14
CA LEU G 475 33.14 51.23 -12.35
C LEU G 475 32.99 52.51 -11.54
N ILE G 476 34.07 53.28 -11.41
CA ILE G 476 34.03 54.52 -10.64
C ILE G 476 35.10 55.49 -11.11
N ASP G 477 34.96 55.97 -12.34
CA ASP G 477 35.94 56.91 -12.91
C ASP G 477 35.46 58.35 -12.73
N THR G 478 36.35 59.29 -13.00
CA THR G 478 36.05 60.73 -12.86
C THR G 478 34.80 61.22 -13.58
N TYR G 479 34.13 60.33 -14.30
CA TYR G 479 32.92 60.72 -15.04
C TYR G 479 31.66 60.02 -14.55
N VAL G 480 31.75 59.34 -13.42
CA VAL G 480 30.60 58.63 -12.86
C VAL G 480 29.59 59.60 -12.26
N ASN G 481 28.35 59.52 -12.74
CA ASN G 481 27.27 60.38 -12.27
C ASN G 481 27.72 61.83 -12.16
N ILE G 482 28.33 62.32 -13.23
CA ILE G 482 28.81 63.70 -13.27
C ILE G 482 27.72 64.71 -12.98
N GLY G 483 27.89 65.47 -11.91
CA GLY G 483 26.92 66.48 -11.56
C GLY G 483 25.95 66.11 -10.45
N THR G 484 26.26 65.06 -9.70
CA THR G 484 25.37 64.65 -8.62
C THR G 484 26.07 64.40 -7.29
N ARG G 485 25.26 64.42 -6.23
CA ARG G 485 25.73 64.21 -4.87
C ARG G 485 25.19 62.83 -4.50
N TRP G 486 25.17 61.95 -5.50
CA TRP G 486 24.67 60.58 -5.36
C TRP G 486 25.78 59.59 -5.03
N SER G 487 25.45 58.58 -4.23
CA SER G 487 26.41 57.55 -3.84
C SER G 487 26.11 56.25 -4.57
N PRO G 488 27.17 55.54 -5.01
CA PRO G 488 27.01 54.27 -5.73
C PRO G 488 26.11 53.26 -5.01
N ASP G 489 25.08 52.81 -5.72
CA ASP G 489 24.13 51.85 -5.17
C ASP G 489 24.79 50.54 -4.75
N VAL G 490 26.00 50.31 -5.24
CA VAL G 490 26.73 49.10 -4.91
C VAL G 490 27.47 49.25 -3.57
N MET G 491 27.47 50.46 -3.04
CA MET G 491 28.14 50.74 -1.76
C MET G 491 27.17 51.07 -0.63
N ASP G 492 25.90 51.27 -0.97
CA ASP G 492 24.90 51.60 0.04
C ASP G 492 24.81 50.52 1.11
N ASN G 493 25.15 49.29 0.73
CA ASN G 493 25.09 48.17 1.67
C ASN G 493 26.48 47.71 2.08
N VAL G 494 27.43 48.62 2.05
CA VAL G 494 28.81 48.31 2.41
C VAL G 494 29.24 49.21 3.57
N ASN G 495 29.57 48.59 4.70
CA ASN G 495 29.98 49.32 5.90
C ASN G 495 30.96 50.44 5.57
N PRO G 496 30.50 51.69 5.67
CA PRO G 496 31.31 52.88 5.40
C PRO G 496 32.31 53.19 6.50
N PHE G 497 32.22 52.46 7.61
CA PHE G 497 33.12 52.67 8.72
C PHE G 497 34.40 51.85 8.59
N ASN G 498 34.36 50.82 7.74
CA ASN G 498 35.52 49.99 7.52
C ASN G 498 36.29 50.61 6.35
N HIS G 499 36.75 51.84 6.56
CA HIS G 499 37.48 52.59 5.55
C HIS G 499 38.74 53.17 6.17
N HIS G 500 39.81 53.28 5.38
CA HIS G 500 41.07 53.81 5.91
C HIS G 500 41.01 55.31 6.17
N ARG G 501 39.85 55.91 5.97
CA ARG G 501 39.69 57.34 6.21
C ARG G 501 38.89 57.55 7.51
N ASN G 502 38.74 56.47 8.26
CA ASN G 502 38.03 56.52 9.53
C ASN G 502 38.93 57.21 10.55
N SER G 503 38.82 58.53 10.62
CA SER G 503 39.62 59.32 11.56
C SER G 503 39.63 58.69 12.94
N GLY G 504 38.47 58.21 13.38
CA GLY G 504 38.37 57.58 14.68
C GLY G 504 39.34 56.43 14.85
N LEU G 505 39.16 55.40 14.03
CA LEU G 505 40.02 54.22 14.09
C LEU G 505 41.48 54.57 13.83
N ARG G 506 41.71 55.38 12.81
CA ARG G 506 43.06 55.79 12.45
C ARG G 506 43.78 56.44 13.63
N TYR G 507 43.02 57.16 14.45
CA TYR G 507 43.58 57.82 15.62
C TYR G 507 44.08 56.80 16.64
N ARG G 508 43.18 55.95 17.09
CA ARG G 508 43.53 54.92 18.07
C ARG G 508 44.71 54.08 17.58
N SER G 509 44.75 53.84 16.28
CA SER G 509 45.82 53.06 15.69
C SER G 509 47.16 53.70 16.03
N GLN G 510 47.39 54.90 15.51
CA GLN G 510 48.62 55.63 15.76
C GLN G 510 48.83 55.87 17.26
N LEU G 511 47.75 55.73 18.03
CA LEU G 511 47.81 55.94 19.47
C LEU G 511 48.62 54.82 20.12
N LEU G 512 48.89 53.77 19.36
CA LEU G 512 49.66 52.64 19.86
C LEU G 512 51.03 52.61 19.18
N GLY G 513 51.08 53.13 17.96
CA GLY G 513 52.33 53.17 17.21
C GLY G 513 52.18 52.70 15.78
N ASN G 514 53.29 52.58 15.07
CA ASN G 514 53.29 52.13 13.68
C ASN G 514 53.89 50.75 13.55
N GLY G 515 54.53 50.29 14.62
CA GLY G 515 55.16 48.98 14.59
C GLY G 515 54.22 47.81 14.84
N ARG G 516 54.51 46.68 14.22
CA ARG G 516 53.71 45.47 14.37
C ARG G 516 53.64 45.10 15.84
N PHE G 517 54.80 45.05 16.49
CA PHE G 517 54.90 44.72 17.91
C PHE G 517 54.77 46.00 18.70
N CYS G 518 54.04 45.95 19.82
CA CYS G 518 53.86 47.13 20.65
C CYS G 518 53.41 46.77 22.05
N ASP G 519 54.11 47.31 23.05
CA ASP G 519 53.76 47.07 24.44
C ASP G 519 52.79 48.16 24.87
N PHE G 520 51.50 47.82 24.90
CA PHE G 520 50.47 48.78 25.28
C PHE G 520 50.32 48.95 26.79
N HIS G 521 49.42 49.85 27.16
CA HIS G 521 49.12 50.15 28.56
C HIS G 521 47.93 51.08 28.55
N ILE G 522 46.75 50.54 28.86
CA ILE G 522 45.52 51.32 28.84
C ILE G 522 44.73 51.27 30.14
N GLN G 523 43.69 52.10 30.20
CA GLN G 523 42.81 52.17 31.36
C GLN G 523 41.37 51.92 30.91
N VAL G 524 40.79 50.81 31.35
CA VAL G 524 39.43 50.47 30.99
C VAL G 524 38.45 50.88 32.08
N PRO G 525 37.45 51.70 31.74
CA PRO G 525 36.45 52.16 32.69
C PRO G 525 35.31 51.16 32.89
N GLN G 526 34.48 51.39 33.90
CA GLN G 526 33.35 50.53 34.19
C GLN G 526 32.13 51.06 33.44
N LYS G 527 31.46 50.18 32.69
CA LYS G 527 30.30 50.60 31.92
C LYS G 527 28.95 50.11 32.44
N PHE G 528 28.95 49.09 33.29
CA PHE G 528 27.70 48.57 33.83
C PHE G 528 27.01 49.65 34.65
N PHE G 529 25.82 50.05 34.19
CA PHE G 529 25.03 51.10 34.85
C PHE G 529 24.78 50.88 36.34
N ALA G 530 24.41 49.65 36.71
CA ALA G 530 24.12 49.33 38.09
C ALA G 530 25.24 49.70 39.06
N ILE G 531 26.45 49.88 38.55
CA ILE G 531 27.56 50.22 39.42
C ILE G 531 28.46 51.34 38.89
N ARG G 532 28.14 51.88 37.73
CA ARG G 532 28.95 52.96 37.16
C ARG G 532 29.07 54.13 38.12
N ASN G 533 27.95 54.81 38.35
CA ASN G 533 27.93 55.98 39.23
C ASN G 533 27.55 55.64 40.66
N LEU G 534 27.74 54.39 41.06
CA LEU G 534 27.41 53.97 42.41
C LEU G 534 28.36 54.62 43.41
N LEU G 535 27.87 54.80 44.64
CA LEU G 535 28.69 55.43 45.68
C LEU G 535 28.83 54.50 46.88
N LEU G 536 29.76 53.56 46.78
CA LEU G 536 30.00 52.61 47.87
C LEU G 536 30.35 53.29 49.17
N LEU G 537 30.06 52.62 50.27
CA LEU G 537 30.34 53.14 51.60
C LEU G 537 31.44 52.30 52.25
N PRO G 538 31.96 52.73 53.41
CA PRO G 538 33.03 51.98 54.09
C PRO G 538 32.76 50.48 54.15
N GLY G 539 33.84 49.70 54.09
CA GLY G 539 33.71 48.25 54.13
C GLY G 539 34.59 47.60 53.07
N THR G 540 34.62 46.28 53.05
CA THR G 540 35.42 45.55 52.06
C THR G 540 34.52 44.80 51.09
N TYR G 541 34.87 44.83 49.82
CA TYR G 541 34.08 44.17 48.79
C TYR G 541 34.94 43.41 47.80
N THR G 542 34.39 42.33 47.24
CA THR G 542 35.11 41.54 46.26
C THR G 542 34.71 42.01 44.87
N TYR G 543 35.65 42.61 44.16
CA TYR G 543 35.40 43.13 42.82
C TYR G 543 36.16 42.32 41.79
N GLU G 544 35.46 41.44 41.09
CA GLU G 544 36.07 40.58 40.08
C GLU G 544 35.43 40.83 38.71
N TRP G 545 36.18 40.50 37.65
CA TRP G 545 35.68 40.68 36.30
C TRP G 545 36.59 39.99 35.29
N SER G 546 36.00 39.51 34.20
CA SER G 546 36.77 38.81 33.16
C SER G 546 37.06 39.71 31.96
N PHE G 547 38.08 39.33 31.19
CA PHE G 547 38.49 40.08 30.01
C PHE G 547 38.76 39.14 28.84
N ARG G 548 38.15 39.42 27.70
CA ARG G 548 38.36 38.60 26.51
C ARG G 548 39.81 38.67 26.05
N LYS G 549 40.13 37.92 25.01
CA LYS G 549 41.46 37.90 24.44
C LYS G 549 41.35 37.69 22.94
N ASP G 550 40.13 37.49 22.47
CA ASP G 550 39.87 37.29 21.05
C ASP G 550 40.24 38.55 20.28
N VAL G 551 41.32 38.48 19.52
CA VAL G 551 41.78 39.62 18.73
C VAL G 551 40.67 40.23 17.90
N ASN G 552 39.78 39.39 17.39
CA ASN G 552 38.67 39.85 16.55
C ASN G 552 37.59 40.61 17.30
N MET G 553 37.74 40.76 18.61
CA MET G 553 36.76 41.48 19.40
C MET G 553 37.39 42.61 20.20
N ILE G 554 38.67 42.46 20.52
CA ILE G 554 39.37 43.49 21.27
C ILE G 554 40.04 44.44 20.30
N LEU G 555 40.38 43.93 19.12
CA LEU G 555 41.03 44.72 18.08
C LEU G 555 40.08 45.02 16.93
N GLN G 556 40.43 46.02 16.13
CA GLN G 556 39.63 46.41 14.97
C GLN G 556 40.54 46.73 13.79
N SER G 557 40.08 46.41 12.59
CA SER G 557 40.86 46.68 11.39
C SER G 557 40.00 47.38 10.35
N THR G 558 40.64 48.20 9.52
CA THR G 558 39.93 48.94 8.49
C THR G 558 39.29 48.03 7.45
N LEU G 559 39.97 46.94 7.09
CA LEU G 559 39.44 46.01 6.10
C LEU G 559 38.52 44.98 6.73
N GLY G 560 38.65 44.78 8.04
CA GLY G 560 37.81 43.81 8.72
C GLY G 560 38.22 42.38 8.45
N ASN G 561 39.45 42.20 8.01
CA ASN G 561 39.97 40.86 7.72
C ASN G 561 40.07 40.04 9.00
N ASP G 562 40.02 38.72 8.86
CA ASP G 562 40.11 37.84 10.02
C ASP G 562 41.49 37.91 10.65
N LEU G 563 41.60 38.67 11.72
CA LEU G 563 42.87 38.85 12.44
C LEU G 563 43.37 37.53 13.02
N ARG G 564 42.45 36.70 13.48
CA ARG G 564 42.80 35.41 14.09
C ARG G 564 43.60 34.52 13.14
N VAL G 565 43.41 34.71 11.85
CA VAL G 565 44.12 33.91 10.84
C VAL G 565 45.34 34.64 10.31
N ASP G 566 45.33 35.97 10.42
CA ASP G 566 46.44 36.78 9.94
C ASP G 566 47.54 36.95 10.99
N GLY G 567 47.62 35.98 11.90
CA GLY G 567 48.63 36.03 12.94
C GLY G 567 48.49 37.17 13.93
N ALA G 568 47.25 37.45 14.34
CA ALA G 568 46.99 38.52 15.29
C ALA G 568 46.95 37.92 16.70
N THR G 569 47.81 38.41 17.58
CA THR G 569 47.88 37.89 18.94
C THR G 569 48.02 38.99 19.99
N VAL G 570 47.44 38.76 21.16
CA VAL G 570 47.50 39.70 22.27
C VAL G 570 47.91 38.94 23.53
N ASN G 571 48.49 39.65 24.49
CA ASN G 571 48.91 39.01 25.73
C ASN G 571 48.84 39.97 26.91
N ILE G 572 48.13 39.56 27.95
CA ILE G 572 47.99 40.36 29.16
C ILE G 572 49.02 39.94 30.20
N THR G 573 49.81 40.90 30.67
CA THR G 573 50.84 40.61 31.66
C THR G 573 50.36 40.87 33.08
N SER G 574 49.81 42.06 33.32
CA SER G 574 49.32 42.41 34.64
C SER G 574 48.11 43.34 34.56
N VAL G 575 47.27 43.31 35.60
CA VAL G 575 46.08 44.14 35.65
C VAL G 575 45.86 44.64 37.07
N ASN G 576 45.72 45.95 37.21
CA ASN G 576 45.51 46.55 38.53
C ASN G 576 44.23 47.37 38.55
N LEU G 577 43.78 47.71 39.75
CA LEU G 577 42.56 48.49 39.92
C LEU G 577 42.82 49.76 40.71
N TYR G 578 42.55 50.90 40.07
CA TYR G 578 42.76 52.19 40.72
C TYR G 578 41.42 52.81 41.12
N ALA G 579 41.44 53.57 42.22
CA ALA G 579 40.24 54.21 42.71
C ALA G 579 40.61 55.49 43.45
N SER G 580 40.02 56.61 43.04
CA SER G 580 40.29 57.90 43.65
C SER G 580 39.25 58.26 44.70
N PHE G 581 39.71 58.59 45.90
CA PHE G 581 38.82 58.95 47.00
C PHE G 581 38.95 60.44 47.30
N PHE G 582 37.82 61.10 47.52
CA PHE G 582 37.82 62.52 47.85
C PHE G 582 38.32 62.67 49.28
N PRO G 583 39.32 63.54 49.49
CA PRO G 583 39.88 63.76 50.83
C PRO G 583 38.87 64.50 51.72
N MET G 584 37.68 63.93 51.83
CA MET G 584 36.61 64.50 52.62
C MET G 584 36.86 64.32 54.11
N SER G 585 36.57 65.36 54.88
CA SER G 585 36.75 65.32 56.32
C SER G 585 36.02 64.13 56.91
N HIS G 586 36.69 63.43 57.82
CA HIS G 586 36.11 62.25 58.46
C HIS G 586 34.80 62.60 59.16
N ASN G 587 34.72 63.81 59.70
CA ASN G 587 33.52 64.25 60.39
C ASN G 587 32.35 64.30 59.41
N THR G 588 32.54 64.98 58.28
CA THR G 588 31.50 65.08 57.27
C THR G 588 31.22 63.72 56.65
N ALA G 589 32.29 63.04 56.24
CA ALA G 589 32.17 61.73 55.61
C ALA G 589 31.35 60.79 56.48
N SER G 590 31.55 60.85 57.79
CA SER G 590 30.83 59.99 58.73
C SER G 590 29.33 60.29 58.70
N THR G 591 29.00 61.58 58.65
CA THR G 591 27.60 61.99 58.62
C THR G 591 26.94 61.53 57.32
N LEU G 592 27.62 61.75 56.22
CA LEU G 592 27.11 61.35 54.90
C LEU G 592 26.75 59.87 54.89
N GLU G 593 27.66 59.05 55.40
CA GLU G 593 27.44 57.60 55.46
C GLU G 593 26.18 57.27 56.23
N ALA G 594 26.05 57.85 57.42
CA ALA G 594 24.89 57.60 58.27
C ALA G 594 23.58 57.79 57.51
N MET G 595 23.51 58.81 56.66
CA MET G 595 22.31 59.10 55.90
C MET G 595 22.12 58.14 54.72
N LEU G 596 23.19 57.88 53.99
CA LEU G 596 23.12 56.99 52.84
C LEU G 596 22.83 55.54 53.21
N ARG G 597 22.87 55.23 54.49
CA ARG G 597 22.60 53.87 54.95
C ARG G 597 21.14 53.65 55.32
N ASN G 598 20.31 54.65 55.04
CA ASN G 598 18.88 54.55 55.35
C ASN G 598 18.11 54.22 54.08
N ASP G 599 17.28 53.19 54.15
CA ASP G 599 16.48 52.74 53.01
C ASP G 599 15.74 53.89 52.32
N THR G 600 15.49 54.96 53.05
CA THR G 600 14.79 56.11 52.50
C THR G 600 15.69 56.91 51.56
N ASN G 601 16.98 56.61 51.58
CA ASN G 601 17.95 57.31 50.74
C ASN G 601 18.77 56.35 49.88
N ASP G 602 18.14 55.29 49.39
CA ASP G 602 18.85 54.33 48.56
C ASP G 602 19.11 54.88 47.18
N GLN G 603 20.32 54.69 46.68
CA GLN G 603 20.70 55.17 45.36
C GLN G 603 19.98 54.33 44.30
N SER G 604 19.68 54.96 43.17
CA SER G 604 18.99 54.27 42.08
C SER G 604 19.51 54.72 40.72
N PHE G 605 19.80 53.75 39.86
CA PHE G 605 20.31 54.04 38.52
C PHE G 605 19.45 53.33 37.48
N ASN G 606 19.69 53.63 36.21
CA ASN G 606 18.95 53.00 35.12
C ASN G 606 19.73 53.12 33.83
N ASP G 607 19.99 51.97 33.20
CA ASP G 607 20.72 51.92 31.95
C ASP G 607 20.19 53.00 31.01
N TYR G 608 21.08 53.75 30.38
CA TYR G 608 20.68 54.81 29.47
C TYR G 608 19.83 54.29 28.31
N LEU G 609 20.23 53.16 27.74
CA LEU G 609 19.49 52.58 26.63
C LEU G 609 18.12 52.10 27.07
N SER G 610 18.08 51.38 28.19
CA SER G 610 16.83 50.86 28.73
C SER G 610 15.98 50.20 27.67
N ALA G 611 16.36 48.99 27.27
CA ALA G 611 15.62 48.26 26.25
C ALA G 611 16.11 46.83 26.11
N ALA G 612 15.18 45.93 25.81
CA ALA G 612 15.51 44.52 25.63
C ALA G 612 15.99 44.33 24.20
N ASN G 613 17.17 43.73 24.06
CA ASN G 613 17.75 43.50 22.75
C ASN G 613 17.32 42.16 22.18
N MET G 614 16.75 42.20 20.97
CA MET G 614 16.29 40.99 20.31
C MET G 614 16.96 40.88 18.95
N LEU G 615 17.17 39.65 18.49
CA LEU G 615 17.81 39.42 17.21
C LEU G 615 17.11 38.30 16.44
N TYR G 616 16.56 38.65 15.29
CA TYR G 616 15.86 37.68 14.45
C TYR G 616 16.60 37.56 13.13
N PRO G 617 16.90 36.32 12.70
CA PRO G 617 17.60 36.08 11.45
C PRO G 617 16.79 36.46 10.21
N ILE G 618 17.47 37.00 9.21
CA ILE G 618 16.82 37.40 7.97
C ILE G 618 17.50 36.66 6.81
N PRO G 619 16.92 35.53 6.38
CA PRO G 619 17.48 34.74 5.29
C PRO G 619 17.85 35.60 4.09
N PRO G 620 18.86 35.17 3.30
CA PRO G 620 19.30 35.93 2.14
C PRO G 620 18.19 36.12 1.10
N ASN G 621 18.04 37.35 0.62
CA ASN G 621 17.03 37.70 -0.37
C ASN G 621 15.62 37.74 0.21
N ALA G 622 15.51 37.51 1.51
CA ALA G 622 14.20 37.54 2.16
C ALA G 622 13.64 38.96 2.11
N THR G 623 12.33 39.07 2.06
CA THR G 623 11.69 40.38 2.00
C THR G 623 10.78 40.61 3.20
N GLN G 624 9.93 39.62 3.49
CA GLN G 624 9.01 39.71 4.62
C GLN G 624 9.62 39.06 5.84
N LEU G 625 9.33 39.61 7.02
CA LEU G 625 9.86 39.07 8.26
C LEU G 625 8.93 39.32 9.44
N PRO G 626 8.11 38.31 9.79
CA PRO G 626 7.17 38.42 10.91
C PRO G 626 7.84 38.04 12.24
N ILE G 627 7.37 38.64 13.33
CA ILE G 627 7.93 38.37 14.65
C ILE G 627 6.86 38.36 15.73
N PRO G 628 6.54 37.17 16.27
CA PRO G 628 5.54 37.02 17.32
C PRO G 628 6.11 37.11 18.74
N SER G 629 5.45 37.88 19.58
CA SER G 629 5.86 38.08 20.98
C SER G 629 4.72 38.79 21.70
N ARG G 630 4.68 38.71 23.02
CA ARG G 630 3.62 39.38 23.76
C ARG G 630 4.06 39.99 25.09
N ASN G 631 3.62 41.22 25.34
CA ASN G 631 3.95 41.95 26.57
C ASN G 631 2.72 42.00 27.49
N TRP G 632 2.92 41.68 28.75
CA TRP G 632 1.84 41.68 29.73
C TRP G 632 1.61 43.09 30.28
N ALA G 633 2.56 43.98 30.04
CA ALA G 633 2.44 45.35 30.55
C ALA G 633 2.62 46.39 29.44
N ALA G 634 2.97 47.60 29.83
CA ALA G 634 3.19 48.67 28.88
C ALA G 634 4.58 49.24 29.01
N PHE G 635 5.28 49.26 27.89
CA PHE G 635 6.63 49.77 27.85
C PHE G 635 6.72 51.25 27.49
N ARG G 636 7.76 51.61 26.72
CA ARG G 636 8.01 52.98 26.30
C ARG G 636 7.86 53.19 24.80
N GLY G 637 8.45 52.28 24.03
CA GLY G 637 8.37 52.38 22.57
C GLY G 637 9.26 51.38 21.85
N TRP G 638 9.28 51.46 20.52
CA TRP G 638 10.10 50.57 19.70
C TRP G 638 11.30 51.32 19.12
N SER G 639 12.31 50.57 18.74
CA SER G 639 13.52 51.12 18.15
C SER G 639 14.14 49.96 17.40
N LEU G 640 14.55 50.18 16.16
CA LEU G 640 15.10 49.09 15.38
C LEU G 640 16.01 49.48 14.22
N THR G 641 16.74 48.49 13.72
CA THR G 641 17.66 48.69 12.60
C THR G 641 17.89 47.35 11.90
N ARG G 642 19.01 47.22 11.20
CA ARG G 642 19.34 46.00 10.48
C ARG G 642 20.85 45.80 10.52
N LEU G 643 21.28 44.56 10.83
CA LEU G 643 22.70 44.26 10.91
C LEU G 643 23.07 43.03 10.08
N LYS G 644 24.35 42.95 9.69
CA LYS G 644 24.82 41.82 8.91
C LYS G 644 25.29 40.72 9.87
N GLN G 645 24.82 39.50 9.65
CA GLN G 645 25.18 38.37 10.49
C GLN G 645 26.69 38.22 10.68
N ARG G 646 27.44 38.32 9.59
CA ARG G 646 28.89 38.17 9.65
C ARG G 646 29.53 39.21 10.55
N GLU G 647 28.96 40.41 10.59
CA GLU G 647 29.50 41.49 11.40
C GLU G 647 28.92 41.51 12.82
N THR G 648 28.11 40.50 13.14
CA THR G 648 27.51 40.42 14.47
C THR G 648 27.96 39.16 15.21
N PRO G 649 28.86 39.32 16.19
CA PRO G 649 29.38 38.19 16.98
C PRO G 649 28.31 37.64 17.91
N ALA G 650 28.17 36.31 17.94
CA ALA G 650 27.19 35.67 18.79
C ALA G 650 27.60 35.83 20.25
N LEU G 651 26.90 36.72 20.97
CA LEU G 651 27.20 36.96 22.36
C LEU G 651 26.56 35.92 23.27
N GLY G 652 26.85 36.00 24.57
CA GLY G 652 26.31 35.04 25.50
C GLY G 652 27.32 33.96 25.81
N SER G 653 27.98 33.47 24.76
CA SER G 653 29.00 32.43 24.91
C SER G 653 30.37 33.08 25.03
N PRO G 654 31.24 32.51 25.87
CA PRO G 654 32.60 33.03 26.09
C PRO G 654 33.52 32.95 24.88
N PHE G 655 32.98 32.57 23.73
CA PHE G 655 33.79 32.45 22.52
C PHE G 655 32.97 32.10 21.29
N ASP G 656 33.25 32.79 20.19
CA ASP G 656 32.55 32.55 18.93
C ASP G 656 33.52 31.97 17.91
N PRO G 657 33.36 30.68 17.56
CA PRO G 657 34.25 30.02 16.60
C PRO G 657 33.96 30.39 15.15
N TYR G 658 32.77 30.92 14.88
CA TYR G 658 32.39 31.30 13.54
C TYR G 658 32.47 32.80 13.30
N PHE G 659 33.18 33.51 14.17
CA PHE G 659 33.30 34.95 14.04
C PHE G 659 34.61 35.33 13.34
N THR G 660 34.56 35.42 12.02
CA THR G 660 35.73 35.77 11.22
C THR G 660 35.63 37.20 10.70
N TYR G 661 35.44 38.14 11.62
CA TYR G 661 35.32 39.55 11.27
C TYR G 661 36.02 40.40 12.32
N SER G 662 36.59 41.52 11.90
CA SER G 662 37.28 42.41 12.83
C SER G 662 36.96 43.88 12.61
N GLY G 663 35.98 44.14 11.75
CA GLY G 663 35.60 45.51 11.49
C GLY G 663 34.70 46.03 12.61
N THR G 664 34.13 47.22 12.42
CA THR G 664 33.26 47.80 13.43
C THR G 664 32.04 46.92 13.62
N ILE G 665 31.59 46.78 14.87
CA ILE G 665 30.44 45.97 15.19
C ILE G 665 29.25 46.86 15.51
N PRO G 666 28.39 47.13 14.51
CA PRO G 666 27.21 47.98 14.67
C PRO G 666 26.39 47.63 15.92
N TYR G 667 26.44 46.36 16.31
CA TYR G 667 25.70 45.90 17.47
C TYR G 667 26.28 46.41 18.78
N LEU G 668 27.51 46.90 18.76
CA LEU G 668 28.14 47.41 19.97
C LEU G 668 28.47 48.90 19.89
N ASP G 669 29.36 49.28 18.99
CA ASP G 669 29.73 50.68 18.82
C ASP G 669 28.60 51.53 18.29
N GLY G 670 27.60 50.88 17.69
CA GLY G 670 26.46 51.60 17.15
C GLY G 670 26.73 52.25 15.81
N THR G 671 27.46 51.55 14.95
CA THR G 671 27.78 52.07 13.62
C THR G 671 26.83 51.48 12.58
N PHE G 672 25.53 51.65 12.83
CA PHE G 672 24.50 51.16 11.92
C PHE G 672 24.59 51.88 10.58
N TYR G 673 24.08 51.25 9.53
CA TYR G 673 24.12 51.86 8.20
C TYR G 673 23.23 51.12 7.22
N LEU G 674 22.17 50.49 7.72
CA LEU G 674 21.26 49.76 6.86
C LEU G 674 19.81 50.08 7.19
N SER G 675 19.57 51.30 7.66
CA SER G 675 18.22 51.73 8.00
C SER G 675 17.47 52.15 6.74
N HIS G 676 18.22 52.33 5.66
CA HIS G 676 17.64 52.73 4.38
C HIS G 676 17.21 51.52 3.57
N THR G 677 17.16 50.36 4.23
CA THR G 677 16.77 49.13 3.55
C THR G 677 15.42 48.60 4.03
N PHE G 678 14.63 49.48 4.64
CA PHE G 678 13.31 49.10 5.14
C PHE G 678 12.21 49.70 4.29
N ARG G 679 11.14 48.94 4.09
CA ARG G 679 10.01 49.41 3.30
C ARG G 679 8.85 49.84 4.18
N LYS G 680 8.35 48.91 4.98
CA LYS G 680 7.22 49.21 5.87
C LYS G 680 7.22 48.32 7.11
N VAL G 681 6.49 48.76 8.12
CA VAL G 681 6.37 48.03 9.37
C VAL G 681 4.91 48.01 9.82
N ALA G 682 4.43 46.84 10.22
CA ALA G 682 3.04 46.70 10.65
C ALA G 682 2.96 46.15 12.08
N ILE G 683 2.33 46.91 12.96
CA ILE G 683 2.19 46.50 14.35
C ILE G 683 0.73 46.21 14.65
N GLN G 684 0.47 45.13 15.39
CA GLN G 684 -0.89 44.74 15.74
C GLN G 684 -0.94 44.01 17.07
N PHE G 685 -1.94 44.34 17.87
CA PHE G 685 -2.12 43.72 19.17
C PHE G 685 -3.24 42.69 19.15
N ASP G 686 -3.01 41.54 19.78
CA ASP G 686 -3.99 40.47 19.84
C ASP G 686 -4.30 39.99 18.43
N SER G 687 -3.35 40.21 17.52
CA SER G 687 -3.49 39.80 16.12
C SER G 687 -4.82 40.22 15.50
N SER G 688 -5.15 41.51 15.66
CA SER G 688 -6.39 42.05 15.12
C SER G 688 -6.39 43.57 15.19
N VAL G 689 -6.20 44.09 16.40
CA VAL G 689 -6.18 45.53 16.63
C VAL G 689 -4.86 46.13 16.16
N THR G 690 -4.89 46.80 15.00
CA THR G 690 -3.69 47.42 14.46
C THR G 690 -3.34 48.66 15.26
N TRP G 691 -2.04 48.93 15.41
CA TRP G 691 -1.59 50.09 16.15
C TRP G 691 -0.85 51.04 15.21
N PRO G 692 -1.05 52.36 15.38
CA PRO G 692 -1.91 52.98 16.40
C PRO G 692 -3.38 52.95 16.02
N GLY G 693 -3.65 52.66 14.75
CA GLY G 693 -5.03 52.62 14.28
C GLY G 693 -5.66 53.99 14.39
N ASN G 694 -6.95 54.02 14.73
CA ASN G 694 -7.68 55.27 14.87
C ASN G 694 -7.50 56.18 13.66
N ASP G 695 -7.05 55.59 12.54
CA ASP G 695 -6.84 56.35 11.32
C ASP G 695 -5.93 57.55 11.57
N ARG G 696 -4.79 57.30 12.20
CA ARG G 696 -3.83 58.34 12.52
C ARG G 696 -2.99 58.75 11.32
N LEU G 697 -2.43 57.76 10.63
CA LEU G 697 -1.58 58.02 9.47
C LEU G 697 -2.35 58.03 8.15
N LEU G 698 -1.70 58.53 7.10
CA LEU G 698 -2.29 58.58 5.78
C LEU G 698 -2.54 57.15 5.33
N THR G 699 -1.76 56.24 5.91
CA THR G 699 -1.87 54.81 5.63
C THR G 699 -2.02 54.16 7.00
N PRO G 700 -3.20 54.32 7.63
CA PRO G 700 -3.57 53.80 8.95
C PRO G 700 -3.31 52.32 9.23
N ASN G 701 -3.03 51.55 8.20
CA ASN G 701 -2.79 50.11 8.40
C ASN G 701 -1.31 49.74 8.49
N GLU G 702 -0.43 50.73 8.50
CA GLU G 702 1.00 50.46 8.59
C GLU G 702 1.86 51.72 8.50
N PHE G 703 3.15 51.56 8.76
CA PHE G 703 4.10 52.65 8.70
C PHE G 703 4.99 52.48 7.48
N GLU G 704 4.64 53.13 6.38
CA GLU G 704 5.44 53.04 5.16
C GLU G 704 6.65 53.94 5.30
N ILE G 705 7.83 53.34 5.42
CA ILE G 705 9.06 54.11 5.55
C ILE G 705 9.44 54.77 4.23
N LYS G 706 9.20 54.08 3.13
CA LYS G 706 9.52 54.61 1.81
C LYS G 706 8.69 53.93 0.72
N ILE G 707 8.31 54.71 -0.30
CA ILE G 707 7.53 54.18 -1.41
C ILE G 707 8.35 54.25 -2.70
N SER G 708 8.18 53.24 -3.55
CA SER G 708 8.89 53.16 -4.81
C SER G 708 8.13 53.93 -5.89
N VAL G 709 6.85 53.62 -6.04
CA VAL G 709 5.99 54.28 -7.01
C VAL G 709 5.29 55.47 -6.35
N ASP G 710 5.60 56.68 -6.81
CA ASP G 710 5.00 57.88 -6.23
C ASP G 710 3.48 57.82 -6.05
N GLY G 711 2.75 57.57 -7.12
CA GLY G 711 1.30 57.52 -7.03
C GLY G 711 0.80 58.90 -6.63
N GLU G 712 0.66 59.13 -5.33
CA GLU G 712 0.20 60.42 -4.83
C GLU G 712 1.41 61.28 -4.50
N GLY G 713 2.53 60.62 -4.22
CA GLY G 713 3.74 61.34 -3.88
C GLY G 713 3.73 61.60 -2.39
N TYR G 714 3.53 60.54 -1.61
CA TYR G 714 3.50 60.64 -0.17
C TYR G 714 4.93 60.78 0.32
N ASN G 715 5.83 61.11 -0.60
CA ASN G 715 7.24 61.28 -0.28
C ASN G 715 7.52 62.75 0.02
N VAL G 716 8.56 63.01 0.80
CA VAL G 716 8.92 64.37 1.16
C VAL G 716 10.44 64.58 1.13
N ALA G 717 10.86 65.77 1.54
CA ALA G 717 12.27 66.12 1.57
C ALA G 717 12.93 65.83 0.23
N GLN G 718 12.13 65.82 -0.82
CA GLN G 718 12.63 65.56 -2.17
C GLN G 718 13.36 64.22 -2.21
N SER G 719 12.81 63.23 -1.51
CA SER G 719 13.39 61.90 -1.47
C SER G 719 12.30 60.86 -1.70
N ASN G 720 12.55 59.65 -1.22
CA ASN G 720 11.59 58.56 -1.37
C ASN G 720 10.96 58.20 -0.03
N MET G 721 11.16 59.05 0.96
CA MET G 721 10.62 58.82 2.29
C MET G 721 9.21 59.39 2.40
N THR G 722 8.27 58.58 2.87
CA THR G 722 6.88 59.03 3.01
C THR G 722 6.77 60.25 3.92
N LYS G 723 5.61 60.88 3.90
CA LYS G 723 5.36 62.05 4.72
C LYS G 723 5.04 61.59 6.13
N ASP G 724 4.38 60.44 6.23
CA ASP G 724 4.00 59.88 7.53
C ASP G 724 5.24 59.54 8.35
N TRP G 725 6.17 58.82 7.73
CA TRP G 725 7.39 58.41 8.42
C TRP G 725 8.20 59.61 8.87
N PHE G 726 8.47 60.53 7.95
CA PHE G 726 9.23 61.73 8.27
C PHE G 726 8.65 62.42 9.49
N LEU G 727 7.33 62.56 9.51
CA LEU G 727 6.65 63.20 10.64
C LEU G 727 6.94 62.46 11.93
N VAL G 728 6.74 61.15 11.92
CA VAL G 728 6.98 60.33 13.10
C VAL G 728 8.37 60.55 13.65
N GLN G 729 9.38 60.43 12.79
CA GLN G 729 10.77 60.59 13.20
C GLN G 729 11.00 61.96 13.84
N MET G 730 10.46 63.01 13.22
CA MET G 730 10.62 64.36 13.73
C MET G 730 10.04 64.53 15.12
N LEU G 731 8.88 63.92 15.35
CA LEU G 731 8.21 64.01 16.65
C LEU G 731 8.94 63.22 17.72
N ALA G 732 9.33 62.00 17.39
CA ALA G 732 10.01 61.13 18.35
C ALA G 732 11.42 61.60 18.69
N ASN G 733 11.94 62.56 17.94
CA ASN G 733 13.28 63.06 18.18
C ASN G 733 13.33 64.51 18.65
N TYR G 734 12.50 65.37 18.08
CA TYR G 734 12.51 66.78 18.45
C TYR G 734 11.12 67.32 18.76
N ASN G 735 10.12 66.44 18.80
CA ASN G 735 8.75 66.87 19.07
C ASN G 735 8.34 67.94 18.08
N ILE G 736 8.97 67.94 16.91
CA ILE G 736 8.67 68.93 15.88
C ILE G 736 7.84 68.30 14.77
N GLY G 737 6.72 68.94 14.43
CA GLY G 737 5.87 68.43 13.38
C GLY G 737 4.45 68.96 13.45
N TYR G 738 3.95 69.15 14.66
CA TYR G 738 2.60 69.65 14.85
C TYR G 738 2.52 71.16 14.65
N GLN G 739 3.67 71.82 14.61
CA GLN G 739 3.69 73.26 14.42
C GLN G 739 4.83 73.70 13.50
N GLY G 740 4.87 73.10 12.31
CA GLY G 740 5.90 73.45 11.34
C GLY G 740 7.16 72.63 11.44
N TYR G 741 7.78 72.38 10.29
CA TYR G 741 9.02 71.61 10.24
C TYR G 741 10.21 72.55 10.12
N HIS G 742 11.08 72.52 11.12
CA HIS G 742 12.27 73.38 11.12
C HIS G 742 13.47 72.67 11.73
N LEU G 743 14.66 73.06 11.29
CA LEU G 743 15.89 72.47 11.79
C LEU G 743 15.95 72.65 13.30
N PRO G 744 15.86 71.55 14.06
CA PRO G 744 15.91 71.61 15.52
C PRO G 744 17.20 72.21 16.02
N PRO G 745 17.23 72.66 17.28
CA PRO G 745 18.43 73.27 17.86
C PRO G 745 19.62 72.30 17.88
N ASP G 746 20.81 72.84 17.68
CA ASP G 746 22.04 72.04 17.65
C ASP G 746 22.25 71.07 18.79
N TYR G 747 22.05 71.52 20.03
CA TYR G 747 22.26 70.65 21.18
C TYR G 747 21.46 69.35 21.10
N LYS G 748 20.37 69.35 20.33
CA LYS G 748 19.55 68.15 20.20
C LYS G 748 19.94 67.31 18.98
N ASP G 749 20.87 67.83 18.18
CA ASP G 749 21.33 67.11 16.99
C ASP G 749 22.69 66.46 17.22
N ARG G 750 22.68 65.28 17.83
CA ARG G 750 23.92 64.56 18.11
C ARG G 750 24.15 63.53 17.00
N THR G 751 25.28 62.85 17.05
CA THR G 751 25.62 61.85 16.05
C THR G 751 24.60 60.72 15.96
N PHE G 752 23.76 60.59 16.98
CA PHE G 752 22.75 59.53 17.00
C PHE G 752 21.34 60.05 16.74
N SER G 753 21.26 61.26 16.17
CA SER G 753 19.97 61.85 15.86
C SER G 753 19.54 61.48 14.44
N PHE G 754 18.30 61.77 14.11
CA PHE G 754 17.78 61.48 12.77
C PHE G 754 18.25 62.48 11.74
N LEU G 755 17.65 63.66 11.76
CA LEU G 755 17.99 64.73 10.82
C LEU G 755 19.49 64.87 10.57
N HIS G 756 20.28 64.76 11.64
CA HIS G 756 21.73 64.91 11.53
C HIS G 756 22.33 63.97 10.48
N ASN G 757 21.76 62.77 10.36
CA ASN G 757 22.28 61.80 9.41
C ASN G 757 21.44 61.65 8.15
N PHE G 758 20.28 62.28 8.12
CA PHE G 758 19.40 62.22 6.96
C PHE G 758 20.01 62.98 5.80
N ILE G 759 20.23 62.29 4.68
CA ILE G 759 20.82 62.92 3.50
C ILE G 759 20.19 62.42 2.20
N PRO G 760 19.19 63.16 1.70
CA PRO G 760 18.50 62.79 0.45
C PRO G 760 19.37 63.06 -0.77
N MET G 761 19.15 62.29 -1.83
CA MET G 761 19.92 62.45 -3.06
C MET G 761 19.14 61.94 -4.25
N CYS G 762 19.35 62.58 -5.41
CA CYS G 762 18.67 62.20 -6.64
C CYS G 762 19.65 62.18 -7.79
N ARG G 763 19.21 61.66 -8.92
CA ARG G 763 20.04 61.59 -10.11
C ARG G 763 19.20 61.13 -11.29
N GLN G 764 19.60 61.51 -12.49
CA GLN G 764 18.89 61.10 -13.69
C GLN G 764 19.76 60.08 -14.42
N VAL G 765 19.11 59.14 -15.07
CA VAL G 765 19.82 58.10 -15.81
C VAL G 765 19.14 57.87 -17.15
N PRO G 766 19.91 57.51 -18.18
CA PRO G 766 19.34 57.26 -19.51
C PRO G 766 18.27 56.18 -19.49
N ASN G 767 17.01 56.59 -19.54
CA ASN G 767 15.89 55.65 -19.52
C ASN G 767 16.10 54.57 -20.58
N PRO G 768 16.07 53.30 -20.16
CA PRO G 768 16.26 52.12 -21.03
C PRO G 768 15.20 51.89 -22.11
N ALA G 769 14.01 52.44 -21.92
CA ALA G 769 12.93 52.26 -22.89
C ALA G 769 12.61 53.53 -23.67
N THR G 770 13.64 54.33 -23.92
CA THR G 770 13.48 55.57 -24.68
C THR G 770 13.75 55.32 -26.15
N GLU G 771 15.02 55.42 -26.54
CA GLU G 771 15.42 55.19 -27.91
C GLU G 771 16.56 54.18 -28.05
N GLY G 772 16.95 53.92 -29.29
CA GLY G 772 18.02 52.96 -29.54
C GLY G 772 19.34 53.49 -29.04
N TYR G 773 19.60 53.31 -27.75
CA TYR G 773 20.83 53.77 -27.12
C TYR G 773 21.66 52.53 -26.78
N PHE G 774 21.00 51.37 -26.84
CA PHE G 774 21.64 50.09 -26.56
C PHE G 774 22.18 50.02 -25.13
N GLY G 775 22.80 48.88 -24.80
CA GLY G 775 23.37 48.70 -23.47
C GLY G 775 24.87 48.95 -23.45
N LEU G 776 25.28 49.94 -22.67
CA LEU G 776 26.69 50.27 -22.54
C LEU G 776 27.43 49.11 -21.87
N GLY G 777 27.89 48.16 -22.67
CA GLY G 777 28.60 47.02 -22.13
C GLY G 777 29.88 47.45 -21.42
N ILE G 778 30.02 47.08 -20.16
CA ILE G 778 31.20 47.45 -19.38
C ILE G 778 32.48 46.89 -20.01
N VAL G 779 32.33 45.94 -20.92
CA VAL G 779 33.49 45.35 -21.58
C VAL G 779 33.83 46.15 -22.84
N ASN G 780 32.91 47.03 -23.24
CA ASN G 780 33.13 47.87 -24.41
C ASN G 780 33.27 49.33 -24.00
N HIS G 781 33.03 49.60 -22.73
CA HIS G 781 33.16 50.95 -22.20
C HIS G 781 34.55 51.50 -22.45
N ARG G 782 34.63 52.56 -23.27
CA ARG G 782 35.91 53.17 -23.57
C ARG G 782 35.85 54.66 -23.31
N THR G 783 36.74 55.14 -22.43
CA THR G 783 36.79 56.55 -22.08
C THR G 783 38.25 56.91 -21.81
N THR G 784 38.72 57.99 -22.41
CA THR G 784 40.11 58.41 -22.23
C THR G 784 41.02 57.25 -22.61
N PRO G 785 40.81 56.66 -23.80
CA PRO G 785 41.63 55.53 -24.25
C PRO G 785 43.11 55.89 -24.40
N ALA G 786 43.96 54.87 -24.44
CA ALA G 786 45.41 55.07 -24.56
C ALA G 786 45.95 55.69 -23.28
N TYR G 787 45.07 56.28 -22.50
CA TYR G 787 45.44 56.89 -21.23
C TYR G 787 44.72 56.09 -20.15
N TRP G 788 43.75 55.27 -20.59
CA TRP G 788 42.96 54.44 -19.70
C TRP G 788 43.44 53.00 -19.88
N PHE G 789 42.70 52.06 -19.28
CA PHE G 789 43.02 50.65 -19.39
C PHE G 789 41.79 49.80 -19.05
N ARG G 790 41.59 48.70 -19.79
CA ARG G 790 40.46 47.79 -19.58
C ARG G 790 40.42 47.22 -18.17
N PHE G 791 41.58 46.80 -17.66
CA PHE G 791 41.70 46.27 -16.31
C PHE G 791 42.08 47.41 -15.41
N CYS G 792 41.88 48.62 -15.93
CA CYS G 792 42.15 49.87 -15.25
C CYS G 792 42.91 49.79 -13.94
N ARG G 793 44.21 50.03 -14.05
CA ARG G 793 45.17 50.02 -12.94
C ARG G 793 46.60 50.07 -13.48
N ALA G 794 46.89 49.19 -14.44
CA ALA G 794 48.21 49.10 -15.07
C ALA G 794 48.50 50.44 -15.79
N PRO G 795 49.50 50.48 -16.70
CA PRO G 795 49.74 51.76 -17.35
C PRO G 795 48.67 52.14 -18.37
N ARG G 796 49.06 53.01 -19.30
CA ARG G 796 48.16 53.47 -20.33
C ARG G 796 48.15 52.50 -21.49
N GLU G 797 46.96 52.28 -22.07
CA GLU G 797 46.84 51.37 -23.19
C GLU G 797 45.71 51.76 -24.12
N GLY G 798 45.96 51.63 -25.42
CA GLY G 798 44.93 51.96 -26.38
C GLY G 798 45.37 52.98 -27.42
N HIS G 799 44.45 53.89 -27.75
CA HIS G 799 44.72 54.92 -28.75
C HIS G 799 43.65 56.00 -28.69
N PRO G 800 44.05 57.28 -28.55
CA PRO G 800 43.12 58.40 -28.48
C PRO G 800 41.96 58.24 -29.45
N TYR G 801 40.75 58.22 -28.94
CA TYR G 801 39.57 58.03 -29.77
C TYR G 801 38.33 58.55 -29.06
N PRO G 802 37.36 59.09 -29.82
CA PRO G 802 36.15 59.61 -29.18
C PRO G 802 35.46 58.50 -28.40
N GLN G 803 35.48 58.62 -27.07
CA GLN G 803 34.87 57.62 -26.18
C GLN G 803 33.38 57.47 -26.45
N LEU G 804 32.72 56.62 -25.66
CA LEU G 804 31.29 56.33 -25.84
C LEU G 804 30.53 56.08 -24.54
N ALA G 805 31.18 55.49 -23.55
CA ALA G 805 30.52 55.21 -22.29
C ALA G 805 29.93 56.46 -21.65
N LEU G 806 28.96 56.25 -20.79
CA LEU G 806 28.32 57.35 -20.08
C LEU G 806 27.66 58.33 -21.04
N PRO G 807 26.34 58.19 -21.24
CA PRO G 807 25.58 59.06 -22.14
C PRO G 807 25.33 60.44 -21.53
N PRO G 808 25.29 61.49 -22.36
CA PRO G 808 25.06 62.85 -21.86
C PRO G 808 23.75 63.01 -21.12
N HIS G 809 23.77 63.83 -20.07
CA HIS G 809 22.60 64.11 -19.25
C HIS G 809 22.29 65.60 -19.26
N TRP G 810 22.60 66.24 -20.38
CA TRP G 810 22.36 67.67 -20.56
C TRP G 810 22.83 68.04 -21.95
N ASP G 811 22.74 69.33 -22.29
CA ASP G 811 23.16 69.82 -23.59
C ASP G 811 22.17 69.35 -24.68
N PRO G 812 22.13 70.05 -25.82
CA PRO G 812 21.21 69.66 -26.90
C PRO G 812 21.34 68.19 -27.30
N ARG G 813 22.46 67.57 -26.96
CA ARG G 813 22.70 66.18 -27.31
C ARG G 813 22.11 65.23 -26.26
N HIS G 814 21.61 65.80 -25.18
CA HIS G 814 21.02 65.04 -24.09
C HIS G 814 19.94 64.07 -24.58
N ALA G 815 20.00 62.84 -24.08
CA ALA G 815 19.03 61.81 -24.45
C ALA G 815 18.01 61.66 -23.33
N LEU G 816 16.79 61.23 -23.68
CA LEU G 816 15.73 61.05 -22.70
C LEU G 816 16.19 60.18 -21.53
N ARG G 817 16.02 60.70 -20.31
CA ARG G 817 16.43 59.99 -19.11
C ARG G 817 15.28 59.59 -18.20
N ASP G 818 15.55 59.51 -16.90
CA ASP G 818 14.56 59.13 -15.91
C ASP G 818 15.09 59.40 -14.50
N PRO G 819 14.31 60.08 -13.64
CA PRO G 819 14.68 60.41 -12.27
C PRO G 819 14.71 59.21 -11.33
N GLU G 820 15.53 59.29 -10.29
CA GLU G 820 15.66 58.20 -9.33
C GLU G 820 16.03 58.78 -7.97
N ARG G 821 15.17 58.58 -6.97
CA ARG G 821 15.40 59.11 -5.64
C ARG G 821 15.67 58.03 -4.59
N LYS G 822 16.39 58.43 -3.53
CA LYS G 822 16.73 57.53 -2.43
C LYS G 822 17.35 58.36 -1.30
N PHE G 823 17.77 57.70 -0.23
CA PHE G 823 18.38 58.40 0.89
C PHE G 823 19.22 57.48 1.77
N LEU G 824 19.96 58.09 2.69
CA LEU G 824 20.81 57.35 3.62
C LEU G 824 20.71 57.96 5.00
N CYS G 825 20.75 57.11 6.02
CA CYS G 825 20.67 57.55 7.40
C CYS G 825 21.42 56.55 8.25
N ASP G 826 22.71 56.80 8.45
CA ASP G 826 23.57 55.91 9.22
C ASP G 826 23.63 56.24 10.70
N ARG G 827 24.37 55.41 11.44
CA ARG G 827 24.55 55.58 12.88
C ARG G 827 23.31 56.12 13.56
N THR G 828 22.15 55.62 13.14
CA THR G 828 20.88 56.05 13.72
C THR G 828 19.93 54.87 13.91
N LEU G 829 18.89 55.07 14.70
CA LEU G 829 17.92 54.03 14.98
C LEU G 829 16.51 54.53 14.73
N TRP G 830 15.74 53.76 13.96
CA TRP G 830 14.35 54.11 13.67
C TRP G 830 13.57 54.09 14.97
N ARG G 831 12.76 55.12 15.20
CA ARG G 831 11.97 55.21 16.42
C ARG G 831 10.47 55.21 16.19
N ILE G 832 9.75 54.62 17.13
CA ILE G 832 8.29 54.54 17.08
C ILE G 832 7.80 54.57 18.52
N PRO G 833 7.88 55.75 19.17
CA PRO G 833 7.45 55.90 20.55
C PRO G 833 6.04 55.38 20.78
N PHE G 834 5.78 54.86 21.97
CA PHE G 834 4.47 54.32 22.30
C PHE G 834 3.60 55.39 22.93
N SER G 835 3.48 56.53 22.26
CA SER G 835 2.67 57.63 22.75
C SER G 835 1.48 57.86 21.82
N SER G 836 0.42 58.45 22.35
CA SER G 836 -0.78 58.71 21.55
C SER G 836 -0.52 59.73 20.46
N ASN G 837 0.45 60.62 20.69
CA ASN G 837 0.80 61.64 19.71
C ASN G 837 2.25 61.53 19.27
N PHE G 838 2.89 60.43 19.64
CA PHE G 838 4.28 60.18 19.27
C PHE G 838 5.30 61.13 19.91
N MET G 839 4.81 62.13 20.62
CA MET G 839 5.70 63.09 21.28
C MET G 839 6.21 62.54 22.60
N SER G 840 7.30 63.12 23.10
CA SER G 840 7.87 62.70 24.37
C SER G 840 7.43 63.64 25.47
N MET G 841 6.48 63.19 26.29
CA MET G 841 5.96 63.99 27.38
C MET G 841 6.35 63.38 28.72
N GLY G 842 7.46 62.66 28.73
CA GLY G 842 7.93 62.02 29.95
C GLY G 842 8.41 60.62 29.67
N SER G 843 9.31 60.12 30.51
CA SER G 843 9.85 58.78 30.34
C SER G 843 8.70 57.78 30.28
N LEU G 844 7.81 57.84 31.27
CA LEU G 844 6.66 56.96 31.32
C LEU G 844 5.54 57.54 30.46
N THR G 845 5.50 57.12 29.20
CA THR G 845 4.48 57.59 28.26
C THR G 845 3.07 57.49 28.81
N ASP G 846 2.13 58.14 28.13
CA ASP G 846 0.73 58.13 28.53
C ASP G 846 0.12 56.75 28.27
N LEU G 847 0.37 56.22 27.08
CA LEU G 847 -0.15 54.91 26.72
C LEU G 847 0.46 53.85 27.61
N GLY G 848 1.72 54.05 27.97
CA GLY G 848 2.40 53.10 28.82
C GLY G 848 1.83 53.10 30.22
N GLN G 849 0.82 53.94 30.44
CA GLN G 849 0.20 54.04 31.75
C GLN G 849 -1.31 53.89 31.62
N ASN G 850 -1.77 53.53 30.44
CA ASN G 850 -3.19 53.35 30.18
C ASN G 850 -3.66 52.00 30.74
N LEU G 851 -4.85 51.99 31.32
CA LEU G 851 -5.41 50.78 31.92
C LEU G 851 -5.53 49.61 30.95
N LEU G 852 -5.90 49.90 29.70
CA LEU G 852 -6.06 48.86 28.69
C LEU G 852 -4.87 47.90 28.61
N TYR G 853 -3.69 48.37 29.02
CA TYR G 853 -2.49 47.55 28.97
C TYR G 853 -2.04 47.02 30.32
N ALA G 854 -2.20 47.83 31.37
CA ALA G 854 -1.79 47.42 32.71
C ALA G 854 -2.78 46.42 33.32
N ASN G 855 -4.03 46.48 32.88
CA ASN G 855 -5.06 45.59 33.39
C ASN G 855 -4.98 44.18 32.81
N ALA G 856 -5.05 44.08 31.49
CA ALA G 856 -4.98 42.79 30.82
C ALA G 856 -3.75 42.65 29.95
N ALA G 857 -3.38 41.42 29.64
CA ALA G 857 -2.21 41.13 28.82
C ALA G 857 -2.63 40.95 27.37
N HIS G 858 -1.74 41.28 26.44
CA HIS G 858 -2.02 41.15 25.01
C HIS G 858 -0.90 40.43 24.29
N ALA G 859 -1.07 40.28 22.97
CA ALA G 859 -0.07 39.62 22.14
C ALA G 859 0.34 40.60 21.05
N LEU G 860 1.64 40.62 20.73
CA LEU G 860 2.15 41.53 19.72
C LEU G 860 2.64 40.78 18.49
N ASP G 861 2.48 41.41 17.32
CA ASP G 861 2.92 40.81 16.07
C ASP G 861 3.34 41.91 15.10
N MET G 862 4.62 41.92 14.74
CA MET G 862 5.15 42.91 13.81
C MET G 862 5.60 42.25 12.52
N THR G 863 5.43 42.96 11.41
CA THR G 863 5.83 42.47 10.11
C THR G 863 6.69 43.50 9.39
N PHE G 864 7.98 43.20 9.25
CA PHE G 864 8.90 44.12 8.59
C PHE G 864 9.20 43.72 7.15
N GLU G 865 8.91 44.63 6.24
CA GLU G 865 9.16 44.41 4.81
C GLU G 865 10.40 45.22 4.46
N MET G 866 11.46 44.54 4.03
CA MET G 866 12.69 45.23 3.70
C MET G 866 13.27 44.80 2.36
N ASP G 867 14.24 45.57 1.88
CA ASP G 867 14.90 45.29 0.61
C ASP G 867 15.72 44.01 0.70
N PRO G 868 15.72 43.19 -0.36
CA PRO G 868 16.47 41.93 -0.39
C PRO G 868 17.98 42.13 -0.51
N ILE G 869 18.73 41.36 0.28
CA ILE G 869 20.18 41.44 0.26
C ILE G 869 20.76 40.04 0.05
N ASN G 870 21.83 39.96 -0.73
CA ASN G 870 22.46 38.69 -1.04
C ASN G 870 23.35 38.14 0.07
N GLU G 871 22.90 38.26 1.31
CA GLU G 871 23.66 37.77 2.46
C GLU G 871 22.82 37.79 3.74
N PRO G 872 23.11 36.85 4.65
CA PRO G 872 22.38 36.75 5.92
C PRO G 872 22.45 38.03 6.76
N THR G 873 21.29 38.50 7.20
CA THR G 873 21.23 39.72 8.00
C THR G 873 20.39 39.45 9.25
N LEU G 874 20.20 40.49 10.07
CA LEU G 874 19.43 40.36 11.30
C LEU G 874 18.57 41.59 11.54
N LEU G 875 17.41 41.38 12.17
CA LEU G 875 16.49 42.48 12.47
C LEU G 875 16.64 42.87 13.94
N TYR G 876 17.52 43.83 14.20
CA TYR G 876 17.78 44.30 15.56
C TYR G 876 16.65 45.16 16.10
N VAL G 877 15.84 44.60 16.99
CA VAL G 877 14.73 45.32 17.59
C VAL G 877 15.10 45.79 18.99
N LEU G 878 14.47 46.86 19.45
CA LEU G 878 14.74 47.41 20.77
C LEU G 878 13.49 47.82 21.52
N PHE G 879 12.94 46.89 22.32
CA PHE G 879 11.75 47.18 23.09
C PHE G 879 12.11 48.08 24.27
N GLU G 880 12.08 49.38 24.03
CA GLU G 880 12.40 50.35 25.07
C GLU G 880 11.58 50.07 26.32
N VAL G 881 12.26 49.89 27.44
CA VAL G 881 11.59 49.60 28.70
C VAL G 881 12.23 50.36 29.85
N PHE G 882 11.92 49.94 31.08
CA PHE G 882 12.47 50.56 32.27
C PHE G 882 13.40 49.62 33.01
N ASP G 883 14.70 49.75 32.74
CA ASP G 883 15.70 48.90 33.38
C ASP G 883 16.28 49.69 34.55
N VAL G 884 15.60 49.63 35.69
CA VAL G 884 16.06 50.35 36.89
C VAL G 884 16.43 49.40 38.01
N ALA G 885 17.33 49.86 38.88
CA ALA G 885 17.78 49.06 40.01
C ALA G 885 18.15 49.94 41.20
N ARG G 886 17.64 49.57 42.37
CA ARG G 886 17.93 50.32 43.61
C ARG G 886 19.03 49.62 44.39
N VAL G 887 19.93 50.42 44.96
CA VAL G 887 21.04 49.88 45.75
C VAL G 887 20.85 50.25 47.22
N HIS G 888 20.77 49.24 48.06
CA HIS G 888 20.59 49.44 49.49
C HIS G 888 21.79 48.97 50.29
N GLN G 889 22.35 49.86 51.10
CA GLN G 889 23.52 49.52 51.92
C GLN G 889 23.22 49.74 53.40
N PRO G 890 22.69 48.71 54.07
CA PRO G 890 22.35 48.77 55.50
C PRO G 890 23.56 48.86 56.42
N HIS G 891 24.46 47.89 56.31
CA HIS G 891 25.64 47.84 57.16
C HIS G 891 26.98 47.88 56.42
N ARG G 892 28.06 47.93 57.19
CA ARG G 892 29.40 47.97 56.64
C ARG G 892 29.68 46.72 55.80
N GLY G 893 30.16 46.94 54.58
CA GLY G 893 30.46 45.83 53.70
C GLY G 893 29.26 44.96 53.36
N VAL G 894 28.14 45.59 53.01
CA VAL G 894 26.93 44.87 52.66
C VAL G 894 26.16 45.61 51.57
N ILE G 895 26.11 45.03 50.37
CA ILE G 895 25.41 45.65 49.25
C ILE G 895 24.22 44.81 48.79
N GLU G 896 23.03 45.36 48.96
CA GLU G 896 21.81 44.68 48.55
C GLU G 896 21.17 45.49 47.42
N VAL G 897 21.07 44.89 46.24
CA VAL G 897 20.48 45.57 45.10
C VAL G 897 19.21 44.86 44.63
N VAL G 898 18.31 45.61 44.03
CA VAL G 898 17.05 45.05 43.52
C VAL G 898 16.77 45.57 42.12
N TYR G 899 16.95 44.70 41.12
CA TYR G 899 16.71 45.07 39.73
C TYR G 899 15.24 44.94 39.39
N LEU G 900 14.84 45.53 38.26
CA LEU G 900 13.46 45.47 37.80
C LEU G 900 13.31 46.06 36.41
N ARG G 901 13.18 45.19 35.42
CA ARG G 901 13.01 45.64 34.04
C ARG G 901 11.60 45.30 33.57
N THR G 902 10.74 46.31 33.51
CA THR G 902 9.36 46.10 33.07
C THR G 902 9.04 47.00 31.88
N PRO G 903 8.43 46.42 30.82
CA PRO G 903 8.04 45.02 30.68
C PRO G 903 9.26 44.10 30.52
N PHE G 904 9.01 42.87 30.09
CA PHE G 904 10.08 41.90 29.88
C PHE G 904 10.92 41.70 31.14
N SER G 905 10.26 41.30 32.23
CA SER G 905 10.93 41.08 33.50
C SER G 905 12.08 40.10 33.36
N ALA G 906 11.77 38.89 32.91
CA ALA G 906 12.78 37.85 32.72
C ALA G 906 12.43 37.00 31.50
N GLY G 907 12.54 37.60 30.32
CA GLY G 907 12.22 36.89 29.09
C GLY G 907 10.72 36.81 28.91
N ASN G 908 10.29 36.12 27.86
CA ASN G 908 8.87 35.96 27.58
C ASN G 908 8.51 34.51 27.30
N ALA G 909 7.52 34.00 28.03
CA ALA G 909 7.06 32.63 27.86
C ALA G 909 5.67 32.46 28.45
N LEU H 7 2.10 52.12 40.76
CA LEU H 7 1.87 51.14 41.85
C LEU H 7 3.14 50.92 42.67
N PRO H 8 3.00 50.39 43.90
CA PRO H 8 4.11 50.12 44.81
C PRO H 8 5.34 49.50 44.16
N GLN H 9 5.15 48.91 42.98
CA GLN H 9 6.27 48.31 42.27
C GLN H 9 7.11 49.40 41.63
N TRP H 10 6.43 50.39 41.05
CA TRP H 10 7.13 51.49 40.41
C TRP H 10 7.56 52.52 41.45
N SER H 11 6.65 52.87 42.35
CA SER H 11 6.94 53.83 43.40
C SER H 11 8.23 53.51 44.13
N TYR H 12 8.49 52.23 44.35
CA TYR H 12 9.70 51.80 45.02
C TYR H 12 10.91 52.01 44.13
N MET H 13 10.78 51.61 42.87
CA MET H 13 11.87 51.75 41.90
C MET H 13 11.92 53.16 41.34
N HIS H 14 11.06 54.03 41.84
CA HIS H 14 11.00 55.42 41.39
C HIS H 14 10.68 55.56 39.92
N ILE H 15 10.05 54.55 39.33
CA ILE H 15 9.68 54.61 37.93
C ILE H 15 8.65 55.72 37.79
N ALA H 16 7.94 55.99 38.87
CA ALA H 16 6.91 57.03 38.91
C ALA H 16 6.68 57.45 40.35
N GLY H 17 6.34 58.72 40.56
CA GLY H 17 6.08 59.21 41.90
C GLY H 17 6.87 60.47 42.23
N GLN H 18 7.11 60.67 43.52
CA GLN H 18 7.84 61.85 43.99
C GLN H 18 9.28 61.85 43.47
N ASP H 19 9.93 63.01 43.57
CA ASP H 19 11.31 63.15 43.11
C ASP H 19 12.30 63.00 44.27
N ALA H 20 13.58 62.91 43.94
CA ALA H 20 14.63 62.76 44.93
C ALA H 20 14.51 63.82 46.02
N SER H 21 14.19 65.05 45.61
CA SER H 21 14.05 66.17 46.53
C SER H 21 12.81 66.00 47.42
N GLU H 22 12.21 64.82 47.38
CA GLU H 22 11.03 64.55 48.19
C GLU H 22 11.08 63.19 48.86
N TYR H 23 11.49 62.17 48.13
CA TYR H 23 11.56 60.83 48.70
C TYR H 23 12.83 60.62 49.51
N LEU H 24 13.72 61.62 49.47
CA LEU H 24 14.98 61.55 50.20
C LEU H 24 14.86 62.32 51.53
N SER H 25 15.75 62.02 52.46
CA SER H 25 15.72 62.69 53.75
C SER H 25 16.14 64.15 53.57
N PRO H 26 15.35 65.08 54.10
CA PRO H 26 15.62 66.52 54.01
C PRO H 26 17.09 66.87 54.17
N GLY H 27 17.74 66.25 55.15
CA GLY H 27 19.15 66.52 55.39
C GLY H 27 20.03 66.25 54.18
N LEU H 28 19.91 65.05 53.63
CA LEU H 28 20.71 64.65 52.47
C LEU H 28 20.45 65.55 51.27
N VAL H 29 19.21 65.99 51.11
CA VAL H 29 18.85 66.86 50.00
C VAL H 29 19.71 68.11 49.95
N GLN H 30 19.55 68.97 50.95
CA GLN H 30 20.30 70.21 51.03
C GLN H 30 21.81 70.00 50.95
N PHE H 31 22.28 68.88 51.51
CA PHE H 31 23.70 68.58 51.49
C PHE H 31 24.22 68.57 50.06
N ALA H 32 23.52 67.86 49.18
CA ALA H 32 23.90 67.78 47.78
C ALA H 32 23.89 69.16 47.15
N GLN H 33 22.83 69.91 47.43
CA GLN H 33 22.68 71.26 46.89
C GLN H 33 23.85 72.15 47.29
N ALA H 34 24.36 71.94 48.49
CA ALA H 34 25.49 72.71 49.00
C ALA H 34 26.81 72.27 48.39
N THR H 35 26.98 70.95 48.24
CA THR H 35 28.20 70.41 47.67
C THR H 35 28.12 70.32 46.14
N GLU H 36 27.21 71.09 45.55
CA GLU H 36 27.04 71.10 44.11
C GLU H 36 28.25 71.74 43.40
N SER H 37 29.40 71.69 44.07
CA SER H 37 30.62 72.27 43.51
C SER H 37 31.74 71.23 43.47
N TYR H 38 32.13 70.75 44.65
CA TYR H 38 33.19 69.76 44.76
C TYR H 38 32.67 68.33 44.66
N PHE H 39 31.87 67.90 45.61
CA PHE H 39 31.33 66.55 45.60
C PHE H 39 29.87 66.52 45.17
N ASN H 40 29.59 65.85 44.06
CA ASN H 40 28.24 65.75 43.54
C ASN H 40 27.62 64.38 43.78
N ILE H 41 26.35 64.36 44.14
CA ILE H 41 25.64 63.12 44.42
C ILE H 41 24.23 63.19 43.82
N GLY H 42 24.04 64.12 42.88
CA GLY H 42 22.74 64.29 42.25
C GLY H 42 22.39 63.22 41.23
N ASN H 43 23.40 62.57 40.67
CA ASN H 43 23.19 61.53 39.67
C ASN H 43 22.93 60.19 40.34
N LYS H 44 23.24 60.12 41.64
CA LYS H 44 23.06 58.91 42.40
C LYS H 44 21.59 58.62 42.68
N PHE H 45 20.76 59.66 42.63
CA PHE H 45 19.34 59.52 42.86
C PHE H 45 18.54 59.83 41.60
N ARG H 46 17.67 58.90 41.21
CA ARG H 46 16.85 59.06 40.02
C ARG H 46 15.56 59.83 40.29
N ASN H 47 15.17 60.66 39.33
CA ASN H 47 13.96 61.46 39.42
C ASN H 47 12.97 60.97 38.36
N PRO H 48 11.81 60.45 38.79
CA PRO H 48 10.80 59.94 37.85
C PRO H 48 10.12 61.04 37.06
N THR H 49 9.81 60.75 35.79
CA THR H 49 9.14 61.71 34.92
C THR H 49 7.95 61.02 34.24
N VAL H 50 6.76 61.25 34.78
CA VAL H 50 5.55 60.67 34.22
C VAL H 50 4.83 61.63 33.29
N ALA H 51 4.16 61.08 32.29
CA ALA H 51 3.42 61.90 31.32
C ALA H 51 1.93 61.88 31.68
N PRO H 52 1.18 62.91 31.25
CA PRO H 52 -0.25 63.01 31.53
C PRO H 52 -1.05 61.91 30.84
N THR H 53 -2.11 61.45 31.50
CA THR H 53 -2.96 60.40 30.96
C THR H 53 -4.40 60.82 30.74
N HIS H 54 -4.60 62.11 30.46
CA HIS H 54 -5.94 62.64 30.23
C HIS H 54 -5.87 64.13 29.92
N ASP H 55 -6.84 64.61 29.14
CA ASP H 55 -6.90 66.01 28.75
C ASP H 55 -5.70 66.40 27.91
N VAL H 56 -5.23 65.47 27.09
CA VAL H 56 -4.09 65.73 26.21
C VAL H 56 -4.38 65.22 24.81
N THR H 57 -4.53 63.90 24.69
CA THR H 57 -4.81 63.29 23.39
C THR H 57 -6.22 62.70 23.36
N THR H 58 -6.80 62.63 22.18
CA THR H 58 -8.14 62.09 21.99
C THR H 58 -8.11 60.58 21.82
N GLU H 59 -9.19 59.92 22.23
CA GLU H 59 -9.28 58.47 22.11
C GLU H 59 -9.96 58.04 20.81
N ARG H 60 -10.83 58.89 20.28
CA ARG H 60 -11.53 58.58 19.04
C ARG H 60 -10.64 58.74 17.81
N SER H 61 -10.98 58.03 16.75
CA SER H 61 -10.24 58.08 15.49
C SER H 61 -10.12 59.51 14.98
N GLN H 62 -9.00 59.82 14.35
CA GLN H 62 -8.76 61.16 13.80
C GLN H 62 -7.39 61.24 13.13
N ARG H 63 -7.37 61.68 11.88
CA ARG H 63 -6.12 61.81 11.13
C ARG H 63 -5.15 62.79 11.79
N LEU H 64 -3.87 62.62 11.52
CA LEU H 64 -2.85 63.50 12.06
C LEU H 64 -2.56 64.61 11.07
N GLN H 65 -2.61 64.26 9.79
CA GLN H 65 -2.37 65.23 8.72
C GLN H 65 -3.26 64.93 7.52
N LEU H 66 -4.13 65.88 7.20
CA LEU H 66 -5.04 65.72 6.07
C LEU H 66 -4.41 66.20 4.77
N ARG H 67 -5.03 65.83 3.66
CA ARG H 67 -4.55 66.22 2.34
C ARG H 67 -5.73 66.81 1.57
N PHE H 68 -5.55 68.02 1.06
CA PHE H 68 -6.62 68.69 0.32
C PHE H 68 -6.34 68.82 -1.17
N VAL H 69 -7.38 68.65 -1.97
CA VAL H 69 -7.28 68.74 -3.42
C VAL H 69 -7.91 70.03 -3.92
N PRO H 70 -7.29 70.67 -4.93
CA PRO H 70 -7.78 71.92 -5.53
C PRO H 70 -9.24 71.83 -5.99
N VAL H 71 -10.07 72.74 -5.47
CA VAL H 71 -11.48 72.77 -5.85
C VAL H 71 -11.60 73.53 -7.17
N ASP H 72 -10.53 74.20 -7.54
CA ASP H 72 -10.47 74.98 -8.77
C ASP H 72 -9.03 75.38 -9.05
N ARG H 73 -8.59 75.19 -10.29
CA ARG H 73 -7.23 75.52 -10.68
C ARG H 73 -7.16 76.09 -12.09
N GLU H 74 -6.47 77.23 -12.22
CA GLU H 74 -6.33 77.90 -13.51
C GLU H 74 -4.86 77.99 -13.93
N ASP H 75 -4.53 77.35 -15.04
CA ASP H 75 -3.16 77.36 -15.54
C ASP H 75 -3.00 78.47 -16.58
N THR H 76 -2.55 79.63 -16.12
CA THR H 76 -2.34 80.78 -17.00
C THR H 76 -1.00 80.63 -17.70
N GLN H 77 -0.82 81.41 -18.77
CA GLN H 77 0.41 81.38 -19.56
C GLN H 77 1.67 81.63 -18.73
N TYR H 78 1.55 82.40 -17.66
CA TYR H 78 2.69 82.72 -16.81
C TYR H 78 2.40 82.70 -15.32
N SER H 79 1.30 82.04 -14.95
CA SER H 79 0.91 81.95 -13.55
C SER H 79 0.00 80.75 -13.33
N TYR H 80 -0.01 80.24 -12.10
CA TYR H 80 -0.84 79.10 -11.76
C TYR H 80 -1.56 79.39 -10.45
N LYS H 81 -2.90 79.36 -10.50
CA LYS H 81 -3.71 79.64 -9.33
C LYS H 81 -4.59 78.45 -8.94
N THR H 82 -4.65 78.17 -7.64
CA THR H 82 -5.44 77.07 -7.12
C THR H 82 -6.11 77.47 -5.82
N ARG H 83 -7.36 77.08 -5.64
CA ARG H 83 -8.09 77.39 -4.41
C ARG H 83 -8.48 76.11 -3.69
N PHE H 84 -8.27 76.09 -2.38
CA PHE H 84 -8.60 74.93 -1.55
C PHE H 84 -9.63 75.34 -0.52
N GLN H 85 -10.39 74.37 0.00
CA GLN H 85 -11.40 74.65 1.01
C GLN H 85 -10.95 74.11 2.36
N LEU H 86 -9.78 74.57 2.80
CA LEU H 86 -9.22 74.17 4.08
C LEU H 86 -10.29 74.11 5.16
N ALA H 87 -10.68 72.90 5.53
CA ALA H 87 -11.72 72.70 6.54
C ALA H 87 -11.14 72.17 7.85
N VAL H 88 -11.34 72.91 8.93
CA VAL H 88 -10.87 72.51 10.24
C VAL H 88 -12.00 71.89 11.04
N GLY H 89 -12.03 70.56 11.09
CA GLY H 89 -13.07 69.86 11.83
C GLY H 89 -13.27 70.42 13.22
N ASP H 90 -14.47 70.20 13.77
CA ASP H 90 -14.78 70.70 15.11
C ASP H 90 -13.88 70.04 16.15
N ASN H 91 -13.74 70.70 17.29
CA ASN H 91 -12.90 70.19 18.38
C ASN H 91 -11.45 70.01 17.94
N ARG H 92 -11.04 70.75 16.91
CA ARG H 92 -9.68 70.68 16.41
C ARG H 92 -9.07 72.07 16.30
N VAL H 93 -7.75 72.12 16.21
CA VAL H 93 -7.04 73.39 16.09
C VAL H 93 -5.87 73.21 15.11
N LEU H 94 -5.85 74.03 14.06
CA LEU H 94 -4.80 73.94 13.06
C LEU H 94 -3.79 75.07 13.18
N ASP H 95 -2.51 74.72 13.16
CA ASP H 95 -1.44 75.69 13.26
C ASP H 95 -0.80 75.84 11.88
N MET H 96 -1.22 76.87 11.15
CA MET H 96 -0.72 77.14 9.80
C MET H 96 0.73 76.71 9.57
N ALA H 97 1.60 76.99 10.53
CA ALA H 97 3.01 76.63 10.40
C ALA H 97 3.21 75.20 9.94
N SER H 98 2.25 74.32 10.25
CA SER H 98 2.35 72.92 9.87
C SER H 98 1.77 72.64 8.48
N THR H 99 1.40 73.69 7.77
CA THR H 99 0.83 73.55 6.44
C THR H 99 1.82 73.96 5.36
N TYR H 100 1.74 73.31 4.21
CA TYR H 100 2.62 73.61 3.08
C TYR H 100 2.00 73.13 1.79
N PHE H 101 2.52 73.61 0.67
CA PHE H 101 2.00 73.22 -0.64
C PHE H 101 2.87 72.16 -1.32
N ASP H 102 2.31 70.97 -1.48
CA ASP H 102 3.02 69.88 -2.13
C ASP H 102 2.89 70.03 -3.64
N ILE H 103 3.99 70.37 -4.28
CA ILE H 103 4.00 70.57 -5.72
C ILE H 103 4.73 69.46 -6.48
N ARG H 104 4.16 69.07 -7.61
CA ARG H 104 4.73 68.02 -8.45
C ARG H 104 4.70 68.49 -9.91
N GLY H 105 5.74 68.19 -10.66
CA GLY H 105 5.79 68.59 -12.05
C GLY H 105 7.06 68.23 -12.77
N THR H 106 7.18 68.67 -14.02
CA THR H 106 8.35 68.40 -14.83
C THR H 106 9.19 69.67 -14.99
N LEU H 107 10.51 69.49 -15.01
CA LEU H 107 11.43 70.62 -15.15
C LEU H 107 12.42 70.39 -16.28
N ASP H 108 12.75 71.45 -16.99
CA ASP H 108 13.70 71.39 -18.09
C ASP H 108 14.79 72.45 -17.90
N ARG H 109 15.86 72.07 -17.23
CA ARG H 109 16.97 72.99 -16.98
C ARG H 109 17.53 73.61 -18.25
N GLY H 110 17.08 73.12 -19.40
CA GLY H 110 17.56 73.66 -20.66
C GLY H 110 18.89 73.03 -21.05
N ALA H 111 19.47 73.49 -22.15
CA ALA H 111 20.74 72.97 -22.62
C ALA H 111 21.91 73.67 -21.96
N SER H 112 21.61 74.76 -21.24
CA SER H 112 22.64 75.54 -20.56
C SER H 112 22.97 74.97 -19.19
N PHE H 113 22.47 73.77 -18.90
CA PHE H 113 22.72 73.15 -17.61
C PHE H 113 23.93 72.22 -17.60
N LYS H 114 24.99 72.65 -16.93
CA LYS H 114 26.22 71.87 -16.83
C LYS H 114 26.63 71.81 -15.35
N PRO H 115 26.10 70.83 -14.61
CA PRO H 115 26.40 70.66 -13.18
C PRO H 115 27.80 70.15 -12.84
N TYR H 116 28.82 70.70 -13.50
CA TYR H 116 30.19 70.27 -13.21
C TYR H 116 31.23 71.00 -14.06
N SER H 117 32.49 70.92 -13.62
CA SER H 117 33.59 71.57 -14.32
C SER H 117 34.34 70.50 -15.14
N GLY H 118 35.18 70.97 -16.05
CA GLY H 118 35.95 70.05 -16.88
C GLY H 118 35.09 69.31 -17.88
N THR H 119 35.39 68.02 -18.06
CA THR H 119 34.64 67.20 -19.01
C THR H 119 34.50 65.77 -18.50
N ALA H 120 33.66 65.01 -19.19
CA ALA H 120 33.42 63.61 -18.85
C ALA H 120 33.73 62.77 -20.09
N TYR H 121 34.64 63.27 -20.91
CA TYR H 121 35.03 62.59 -22.13
C TYR H 121 36.52 62.80 -22.42
N ASN H 122 37.33 61.78 -22.16
CA ASN H 122 38.78 61.87 -22.40
C ASN H 122 39.37 63.04 -21.62
N SER H 123 39.09 63.08 -20.32
CA SER H 123 39.58 64.16 -19.46
C SER H 123 41.11 64.17 -19.31
N PHE H 124 41.75 63.04 -19.59
CA PHE H 124 43.20 62.96 -19.48
C PHE H 124 43.85 63.20 -20.84
N ALA H 125 43.01 63.32 -21.86
CA ALA H 125 43.49 63.56 -23.21
C ALA H 125 43.97 65.00 -23.35
N PRO H 126 45.20 65.20 -23.86
CA PRO H 126 45.73 66.56 -24.03
C PRO H 126 44.72 67.42 -24.78
N LYS H 127 44.53 68.64 -24.29
CA LYS H 127 43.59 69.57 -24.90
C LYS H 127 44.07 70.07 -26.26
N SER H 128 44.90 69.26 -26.91
CA SER H 128 45.43 69.60 -28.23
C SER H 128 45.51 68.34 -29.09
N ALA H 129 45.76 67.20 -28.45
CA ALA H 129 45.87 65.94 -29.16
C ALA H 129 44.54 65.55 -29.81
N PRO H 130 44.54 65.35 -31.13
CA PRO H 130 43.35 64.98 -31.91
C PRO H 130 43.16 63.47 -31.93
N ASN H 131 42.00 63.04 -32.43
CA ASN H 131 41.69 61.62 -32.51
C ASN H 131 42.25 61.11 -33.85
N ASN H 132 41.79 59.93 -34.27
CA ASN H 132 42.24 59.35 -35.53
C ASN H 132 41.68 60.14 -36.71
N THR H 133 42.30 61.25 -37.05
CA THR H 133 41.83 62.05 -38.17
C THR H 133 42.59 61.74 -39.43
N GLN H 134 41.86 61.72 -40.55
CA GLN H 134 42.44 61.43 -41.85
C GLN H 134 42.33 62.70 -42.67
N PHE H 135 43.17 63.68 -42.38
CA PHE H 135 43.14 64.95 -43.11
C PHE H 135 43.54 64.79 -44.56
N ARG H 136 43.82 65.94 -45.18
CA ARG H 136 44.24 66.02 -46.57
C ARG H 136 45.52 66.84 -46.61
N GLN H 137 46.42 66.45 -47.50
CA GLN H 137 47.70 67.13 -47.61
C GLN H 137 47.60 68.39 -48.46
N ALA H 138 47.45 69.54 -47.80
CA ALA H 138 47.34 70.85 -48.46
C ALA H 138 46.76 70.87 -49.90
N ASN H 139 45.90 69.90 -50.20
CA ASN H 139 45.27 69.81 -51.53
C ASN H 139 46.39 69.64 -52.57
N ASN H 140 46.02 69.54 -53.84
CA ASN H 140 46.91 69.36 -54.98
C ASN H 140 46.37 68.12 -55.65
N GLY H 141 47.10 67.02 -55.55
CA GLY H 141 46.65 65.75 -56.12
C GLY H 141 47.01 64.66 -55.14
N HIS H 142 46.83 64.98 -53.85
CA HIS H 142 47.15 64.10 -52.72
C HIS H 142 45.90 63.76 -51.92
N PRO H 143 45.09 62.81 -52.40
CA PRO H 143 43.88 62.45 -51.66
C PRO H 143 44.12 61.75 -50.34
N ALA H 144 43.33 62.13 -49.34
CA ALA H 144 43.43 61.53 -48.02
C ALA H 144 44.81 61.59 -47.39
N GLN H 145 44.90 61.14 -46.14
CA GLN H 145 46.15 61.13 -45.40
C GLN H 145 45.86 60.72 -43.95
N THR H 146 46.39 59.58 -43.53
CA THR H 146 46.15 59.10 -42.18
C THR H 146 47.19 59.45 -41.12
N ILE H 147 46.69 59.74 -39.93
CA ILE H 147 47.50 60.09 -38.77
C ILE H 147 46.85 59.38 -37.59
N ALA H 148 47.51 58.35 -37.07
CA ALA H 148 46.94 57.60 -35.97
C ALA H 148 47.96 56.81 -35.14
N GLN H 149 47.70 55.50 -35.03
CA GLN H 149 48.54 54.61 -34.26
C GLN H 149 47.87 53.25 -34.10
N ALA H 150 48.57 52.19 -34.51
CA ALA H 150 48.03 50.84 -34.39
C ALA H 150 48.56 50.22 -33.10
N SER H 151 47.74 50.24 -32.05
CA SER H 151 48.14 49.69 -30.77
C SER H 151 47.20 48.58 -30.30
N TYR H 152 47.42 47.38 -30.85
CA TYR H 152 46.61 46.22 -30.47
C TYR H 152 47.48 45.08 -29.99
N VAL H 153 46.97 44.32 -29.03
CA VAL H 153 47.69 43.19 -28.46
C VAL H 153 48.25 42.26 -29.52
N ALA H 154 49.57 42.29 -29.69
CA ALA H 154 50.26 41.46 -30.66
C ALA H 154 49.59 41.39 -32.03
N THR H 155 48.90 40.27 -32.27
CA THR H 155 48.21 39.94 -33.52
C THR H 155 49.02 39.00 -34.39
N ILE H 156 48.73 37.70 -34.29
CA ILE H 156 49.46 36.71 -35.08
C ILE H 156 49.84 37.20 -36.47
N GLY H 157 48.83 37.46 -37.28
CA GLY H 157 49.09 37.92 -38.63
C GLY H 157 48.09 38.93 -39.17
N GLY H 158 48.03 39.04 -40.49
CA GLY H 158 47.12 39.97 -41.12
C GLY H 158 46.96 39.68 -42.61
N ALA H 159 45.83 39.10 -42.99
CA ALA H 159 45.55 38.77 -44.38
C ALA H 159 44.43 39.63 -44.95
N ASN H 160 44.04 39.34 -46.20
CA ASN H 160 42.97 40.07 -46.88
C ASN H 160 41.75 40.20 -45.97
N ASN H 161 41.50 39.15 -45.20
CA ASN H 161 40.38 39.13 -44.28
C ASN H 161 40.49 40.32 -43.33
N ASP H 162 41.59 40.36 -42.57
CA ASP H 162 41.85 41.44 -41.62
C ASP H 162 42.89 41.07 -40.57
N LEU H 163 42.78 41.71 -39.42
CA LEU H 163 43.69 41.48 -38.29
C LEU H 163 43.34 40.18 -37.58
N GLN H 164 44.25 39.22 -37.61
CA GLN H 164 44.02 37.92 -36.96
C GLN H 164 44.18 38.03 -35.44
N MET H 165 43.12 37.66 -34.73
CA MET H 165 43.12 37.71 -33.26
C MET H 165 43.45 36.34 -32.65
N GLY H 166 43.75 35.37 -33.51
CA GLY H 166 44.07 34.04 -33.03
C GLY H 166 43.68 32.96 -34.01
N VAL H 167 43.23 31.83 -33.49
CA VAL H 167 42.81 30.71 -34.33
C VAL H 167 41.46 30.14 -33.91
N ASP H 168 40.54 31.03 -33.53
CA ASP H 168 39.20 30.66 -33.11
C ASP H 168 39.13 29.21 -32.64
N GLU H 169 39.86 28.89 -31.59
CA GLU H 169 39.93 27.55 -31.02
C GLU H 169 40.10 26.45 -32.07
N ARG H 170 41.32 25.92 -32.14
CA ARG H 170 41.71 24.84 -33.06
C ARG H 170 42.61 25.29 -34.21
N GLN H 171 42.31 24.83 -35.42
CA GLN H 171 43.10 25.15 -36.61
C GLN H 171 42.71 26.41 -37.36
N LEU H 172 41.41 26.67 -37.49
CA LEU H 172 40.93 27.84 -38.21
C LEU H 172 41.26 29.17 -37.55
N PRO H 173 42.07 30.01 -38.22
CA PRO H 173 42.48 31.33 -37.73
C PRO H 173 41.31 32.30 -37.62
N VAL H 174 41.13 32.88 -36.43
CA VAL H 174 40.04 33.82 -36.20
C VAL H 174 40.46 35.25 -36.58
N TYR H 175 39.50 36.03 -37.05
CA TYR H 175 39.75 37.41 -37.45
C TYR H 175 38.91 38.39 -36.66
N ALA H 176 39.48 39.55 -36.35
CA ALA H 176 38.81 40.58 -35.58
C ALA H 176 37.51 41.02 -36.24
N ASN H 177 36.48 41.17 -35.43
CA ASN H 177 35.16 41.59 -35.92
C ASN H 177 35.18 43.10 -36.19
N THR H 178 35.20 43.44 -37.48
CA THR H 178 35.24 44.83 -37.93
C THR H 178 34.43 45.82 -37.09
N THR H 179 33.20 45.44 -36.74
CA THR H 179 32.31 46.32 -35.97
C THR H 179 32.84 46.87 -34.65
N TYR H 180 33.83 46.21 -34.05
CA TYR H 180 34.35 46.71 -32.78
C TYR H 180 35.80 46.31 -32.50
N GLN H 181 36.36 45.46 -33.34
CA GLN H 181 37.74 45.02 -33.16
C GLN H 181 38.67 45.57 -34.24
N PRO H 182 39.86 46.04 -33.86
CA PRO H 182 40.36 46.05 -32.47
C PRO H 182 39.73 47.17 -31.64
N GLU H 183 39.72 47.00 -30.33
CA GLU H 183 39.16 47.99 -29.42
C GLU H 183 40.22 48.99 -28.97
N PRO H 184 39.96 50.29 -29.13
CA PRO H 184 40.87 51.38 -28.75
C PRO H 184 41.22 51.38 -27.27
N GLN H 185 40.91 50.28 -26.58
CA GLN H 185 41.20 50.14 -25.16
C GLN H 185 42.37 49.19 -25.01
N LEU H 186 42.34 48.12 -25.79
CA LEU H 186 43.36 47.10 -25.79
C LEU H 186 44.75 47.60 -26.20
N GLY H 187 45.74 46.74 -26.05
CA GLY H 187 47.10 47.10 -26.41
C GLY H 187 48.10 46.22 -25.67
N ILE H 188 49.37 46.33 -26.04
CA ILE H 188 50.42 45.53 -25.41
C ILE H 188 50.43 45.80 -23.89
N GLU H 189 50.94 44.85 -23.12
CA GLU H 189 50.98 45.00 -21.68
C GLU H 189 52.33 45.50 -21.18
N GLY H 190 53.38 45.23 -21.95
CA GLY H 190 54.72 45.63 -21.56
C GLY H 190 55.17 47.01 -21.98
N TRP H 191 55.72 47.76 -21.03
CA TRP H 191 56.22 49.11 -21.28
C TRP H 191 57.39 49.03 -22.25
N THR H 192 58.46 48.36 -21.83
CA THR H 192 59.64 48.20 -22.68
C THR H 192 59.53 46.86 -23.40
N ALA H 193 59.07 45.85 -22.66
CA ALA H 193 58.92 44.51 -23.21
C ALA H 193 58.01 44.55 -24.44
N GLY H 194 57.05 45.46 -24.44
CA GLY H 194 56.13 45.57 -25.56
C GLY H 194 56.70 46.33 -26.74
N SER H 195 57.45 47.41 -26.45
CA SER H 195 58.04 48.22 -27.51
C SER H 195 59.36 47.65 -28.02
N MET H 196 60.18 47.17 -27.09
CA MET H 196 61.49 46.60 -27.42
C MET H 196 61.34 45.30 -28.21
N ALA H 197 60.18 44.66 -28.06
CA ALA H 197 59.90 43.42 -28.76
C ALA H 197 59.48 43.72 -30.20
N VAL H 198 58.92 44.90 -30.40
CA VAL H 198 58.47 45.34 -31.71
C VAL H 198 57.22 44.56 -32.14
N ILE H 199 56.32 45.24 -32.84
CA ILE H 199 55.08 44.61 -33.31
C ILE H 199 55.10 44.54 -34.83
N ASP H 200 55.16 43.31 -35.37
CA ASP H 200 55.18 43.13 -36.80
C ASP H 200 53.79 43.40 -37.37
N GLN H 201 52.77 42.85 -36.71
CA GLN H 201 51.39 43.03 -37.13
C GLN H 201 50.64 43.87 -36.11
N ALA H 202 50.45 45.16 -36.42
CA ALA H 202 49.74 46.06 -35.53
C ALA H 202 48.37 46.41 -36.12
N GLY H 203 47.44 46.82 -35.27
CA GLY H 203 46.12 47.17 -35.74
C GLY H 203 45.50 48.35 -35.03
N GLY H 204 44.73 49.15 -35.78
CA GLY H 204 44.09 50.32 -35.19
C GLY H 204 42.75 50.63 -35.84
N ARG H 205 42.06 51.62 -35.29
CA ARG H 205 40.76 52.04 -35.80
C ARG H 205 40.85 53.54 -36.05
N VAL H 206 40.41 53.99 -37.22
CA VAL H 206 40.48 55.41 -37.56
C VAL H 206 39.25 55.97 -38.28
N LEU H 207 38.99 57.26 -38.05
CA LEU H 207 37.86 57.95 -38.68
C LEU H 207 38.34 58.46 -40.04
N ARG H 208 37.44 58.51 -41.02
CA ARG H 208 37.81 59.00 -42.34
C ARG H 208 37.00 60.23 -42.77
N ASN H 209 37.72 61.29 -43.12
CA ASN H 209 37.13 62.57 -43.56
C ASN H 209 36.14 63.29 -42.65
N PRO H 210 36.24 63.12 -41.32
CA PRO H 210 35.28 63.83 -40.47
C PRO H 210 35.84 65.20 -40.08
N THR H 211 34.99 66.07 -39.54
CA THR H 211 35.44 67.39 -39.13
C THR H 211 36.27 67.30 -37.84
N GLN H 212 37.58 67.44 -37.99
CA GLN H 212 38.50 67.37 -36.86
C GLN H 212 38.03 68.12 -35.63
N THR H 213 38.23 67.50 -34.47
CA THR H 213 37.87 68.08 -33.19
C THR H 213 38.82 67.49 -32.16
N PRO H 214 39.37 68.33 -31.28
CA PRO H 214 40.29 67.85 -30.25
C PRO H 214 39.73 66.64 -29.51
N CYS H 215 40.55 65.61 -29.34
CA CYS H 215 40.14 64.39 -28.66
C CYS H 215 39.52 64.72 -27.30
N TYR H 216 39.89 65.88 -26.76
CA TYR H 216 39.38 66.33 -25.46
C TYR H 216 37.88 66.57 -25.51
N GLY H 217 37.12 65.66 -24.91
CA GLY H 217 35.68 65.81 -24.89
C GLY H 217 34.96 65.28 -26.12
N SER H 218 35.63 64.40 -26.87
CA SER H 218 35.04 63.83 -28.06
C SER H 218 34.09 62.69 -27.68
N TYR H 219 32.87 62.74 -28.20
CA TYR H 219 31.87 61.73 -27.90
C TYR H 219 31.04 61.37 -29.14
N ALA H 220 30.57 60.13 -29.16
CA ALA H 220 29.74 59.63 -30.26
C ALA H 220 28.75 58.62 -29.69
N LYS H 221 27.68 58.35 -30.43
CA LYS H 221 26.67 57.40 -29.98
C LYS H 221 26.92 56.00 -30.54
N PRO H 222 26.70 54.96 -29.70
CA PRO H 222 26.88 53.56 -30.07
C PRO H 222 25.87 53.08 -31.12
N THR H 223 26.17 51.95 -31.75
CA THR H 223 25.29 51.40 -32.78
C THR H 223 25.14 49.88 -32.68
N ASN H 224 25.90 49.25 -31.79
CA ASN H 224 25.84 47.80 -31.64
C ASN H 224 26.05 47.32 -30.21
N GLU H 225 25.85 46.02 -30.01
CA GLU H 225 26.04 45.38 -28.72
C GLU H 225 27.53 45.42 -28.45
N HIS H 226 28.29 45.66 -29.52
CA HIS H 226 29.74 45.73 -29.46
C HIS H 226 30.15 47.14 -29.07
N GLY H 227 29.16 48.03 -28.95
CA GLY H 227 29.45 49.40 -28.58
C GLY H 227 29.90 50.25 -29.76
N GLY H 228 30.73 49.67 -30.63
CA GLY H 228 31.23 50.39 -31.79
C GLY H 228 30.33 51.48 -32.33
N ILE H 229 30.95 52.54 -32.83
CA ILE H 229 30.23 53.66 -33.40
C ILE H 229 30.42 53.66 -34.91
N THR H 230 29.93 52.61 -35.56
CA THR H 230 30.06 52.45 -37.00
C THR H 230 29.24 53.49 -37.78
N LYS H 231 28.17 53.97 -37.15
CA LYS H 231 27.29 54.97 -37.77
C LYS H 231 26.36 54.41 -38.83
N ALA H 232 25.53 55.29 -39.38
CA ALA H 232 24.56 54.91 -40.41
C ALA H 232 25.23 54.31 -41.65
N ASN H 233 26.28 54.97 -42.13
CA ASN H 233 27.00 54.49 -43.31
C ASN H 233 27.57 53.10 -43.05
N THR H 234 27.06 52.12 -43.80
CA THR H 234 27.48 50.74 -43.65
C THR H 234 28.94 50.50 -44.07
N GLN H 235 29.48 51.38 -44.92
CA GLN H 235 30.85 51.21 -45.38
C GLN H 235 31.93 51.25 -44.32
N VAL H 236 32.86 50.32 -44.43
CA VAL H 236 34.00 50.18 -43.53
C VAL H 236 35.15 49.71 -44.42
N GLU H 237 36.31 50.36 -44.31
CA GLU H 237 37.44 49.98 -45.15
C GLU H 237 38.69 49.56 -44.38
N LYS H 238 39.12 48.32 -44.61
CA LYS H 238 40.32 47.79 -43.97
C LYS H 238 41.52 48.22 -44.80
N LYS H 239 42.09 49.37 -44.46
CA LYS H 239 43.23 49.91 -45.18
C LYS H 239 44.55 49.29 -44.73
N TYR H 240 45.24 48.64 -45.65
CA TYR H 240 46.51 47.98 -45.36
C TYR H 240 47.70 48.90 -45.67
N TYR H 241 48.57 49.07 -44.67
CA TYR H 241 49.74 49.93 -44.83
C TYR H 241 51.04 49.15 -44.70
N ARG H 242 52.10 49.69 -45.32
CA ARG H 242 53.42 49.07 -45.27
C ARG H 242 54.39 50.07 -44.67
N THR H 243 55.68 49.88 -44.95
CA THR H 243 56.71 50.77 -44.45
C THR H 243 57.33 51.55 -45.60
N GLY H 244 57.13 51.03 -46.82
CA GLY H 244 57.67 51.69 -48.00
C GLY H 244 58.48 50.77 -48.90
N ASP H 245 58.97 49.67 -48.35
CA ASP H 245 59.78 48.73 -49.13
C ASP H 245 59.44 47.28 -48.80
N ASN H 246 58.70 47.08 -47.72
CA ASN H 246 58.32 45.74 -47.31
C ASN H 246 56.97 45.42 -47.95
N GLY H 247 56.67 44.13 -48.09
CA GLY H 247 55.41 43.75 -48.69
C GLY H 247 54.58 42.97 -47.70
N ASN H 248 53.97 43.66 -46.76
CA ASN H 248 53.18 42.99 -45.74
C ASN H 248 52.43 44.03 -44.91
N PRO H 249 51.21 43.69 -44.46
CA PRO H 249 50.41 44.63 -43.66
C PRO H 249 50.93 44.75 -42.23
N GLU H 250 51.86 45.67 -42.01
CA GLU H 250 52.43 45.91 -40.69
C GLU H 250 51.41 46.59 -39.78
N THR H 251 50.44 47.26 -40.39
CA THR H 251 49.40 47.96 -39.64
C THR H 251 48.07 48.02 -40.39
N VAL H 252 47.05 47.37 -39.84
CA VAL H 252 45.73 47.36 -40.45
C VAL H 252 44.81 48.35 -39.75
N PHE H 253 44.10 49.16 -40.55
CA PHE H 253 43.19 50.16 -39.99
C PHE H 253 41.76 49.98 -40.49
N TYR H 254 40.82 50.00 -39.56
CA TYR H 254 39.41 49.86 -39.88
C TYR H 254 38.76 51.24 -39.85
N THR H 255 38.82 51.95 -40.97
CA THR H 255 38.24 53.28 -41.08
C THR H 255 36.72 53.24 -40.91
N GLU H 256 36.17 54.30 -40.34
CA GLU H 256 34.74 54.40 -40.13
C GLU H 256 34.31 55.84 -39.87
N GLU H 257 33.01 56.09 -39.93
CA GLU H 257 32.47 57.42 -39.67
C GLU H 257 31.72 57.36 -38.35
N ALA H 258 31.83 58.41 -37.56
CA ALA H 258 31.16 58.45 -36.26
C ALA H 258 30.29 59.69 -36.08
N ASP H 259 29.31 59.57 -35.19
CA ASP H 259 28.41 60.68 -34.89
C ASP H 259 29.14 61.57 -33.88
N VAL H 260 30.39 61.87 -34.19
CA VAL H 260 31.23 62.70 -33.33
C VAL H 260 30.64 64.07 -33.05
N LEU H 261 30.64 64.46 -31.77
CA LEU H 261 30.12 65.76 -31.35
C LEU H 261 30.85 66.16 -30.07
N THR H 262 30.44 67.28 -29.47
CA THR H 262 31.07 67.77 -28.24
C THR H 262 30.08 68.55 -27.38
N PRO H 263 29.71 67.98 -26.22
CA PRO H 263 28.76 68.62 -25.30
C PRO H 263 29.39 69.61 -24.31
N ASP H 264 30.25 69.11 -23.44
CA ASP H 264 30.90 69.94 -22.42
C ASP H 264 32.21 70.57 -22.89
N THR H 265 32.36 70.76 -24.20
CA THR H 265 33.58 71.35 -24.74
C THR H 265 33.34 72.23 -25.96
N HIS H 266 34.19 73.23 -26.12
CA HIS H 266 34.11 74.16 -27.25
C HIS H 266 35.52 74.44 -27.76
N LEU H 267 35.62 75.00 -28.96
CA LEU H 267 36.93 75.30 -29.53
C LEU H 267 37.55 76.55 -28.91
N VAL H 268 38.65 76.36 -28.21
CA VAL H 268 39.36 77.47 -27.57
C VAL H 268 40.26 78.15 -28.59
N HIS H 269 40.77 77.35 -29.52
CA HIS H 269 41.65 77.86 -30.56
C HIS H 269 41.33 77.25 -31.92
N ALA H 270 40.59 78.00 -32.74
CA ALA H 270 40.21 77.55 -34.07
C ALA H 270 41.17 78.17 -35.09
N VAL H 271 42.11 77.37 -35.59
CA VAL H 271 43.08 77.86 -36.55
C VAL H 271 42.46 78.34 -37.86
N PRO H 272 41.84 77.43 -38.65
CA PRO H 272 41.28 77.96 -39.88
C PRO H 272 39.75 77.93 -39.97
N ALA H 273 39.18 79.02 -40.47
CA ALA H 273 37.74 79.12 -40.67
C ALA H 273 37.55 78.54 -42.07
N ALA H 274 36.94 77.37 -42.16
CA ALA H 274 36.74 76.68 -43.44
C ALA H 274 38.13 76.12 -43.79
N ASP H 275 38.17 75.10 -44.64
CA ASP H 275 39.47 74.50 -44.99
C ASP H 275 40.02 73.94 -43.68
N ARG H 276 39.12 73.83 -42.71
CA ARG H 276 39.43 73.34 -41.37
C ARG H 276 39.95 71.91 -41.34
N ALA H 277 39.26 71.00 -42.01
CA ALA H 277 39.64 69.60 -42.05
C ALA H 277 41.01 69.32 -42.67
N LYS H 278 41.80 70.36 -42.89
CA LYS H 278 43.13 70.18 -43.47
C LYS H 278 44.17 70.06 -42.36
N VAL H 279 45.39 69.66 -42.75
CA VAL H 279 46.50 69.47 -41.81
C VAL H 279 46.66 70.60 -40.77
N GLU H 280 46.47 71.83 -41.22
CA GLU H 280 46.61 72.99 -40.33
C GLU H 280 45.45 73.11 -39.36
N GLY H 281 44.43 72.28 -39.53
CA GLY H 281 43.27 72.32 -38.65
C GLY H 281 43.43 71.56 -37.36
N LEU H 282 44.08 70.39 -37.43
CA LEU H 282 44.29 69.57 -36.24
C LEU H 282 44.94 70.36 -35.12
N SER H 283 45.44 71.54 -35.43
CA SER H 283 46.10 72.41 -34.45
C SER H 283 45.09 73.02 -33.49
N GLN H 284 43.80 72.82 -33.77
CA GLN H 284 42.74 73.36 -32.94
C GLN H 284 42.74 72.73 -31.55
N HIS H 285 42.44 73.54 -30.54
CA HIS H 285 42.39 73.07 -29.17
C HIS H 285 40.99 73.18 -28.59
N ALA H 286 40.76 72.46 -27.49
CA ALA H 286 39.46 72.47 -26.84
C ALA H 286 39.55 72.91 -25.39
N ALA H 287 38.41 73.30 -24.83
CA ALA H 287 38.34 73.72 -23.45
C ALA H 287 36.95 73.42 -22.90
N PRO H 288 36.87 72.97 -21.64
CA PRO H 288 35.59 72.64 -21.02
C PRO H 288 34.70 73.86 -20.85
N ASN H 289 33.39 73.67 -21.04
CA ASN H 289 32.44 74.75 -20.89
C ASN H 289 32.28 75.12 -19.43
N ARG H 290 32.09 76.41 -19.15
CA ARG H 290 31.93 76.90 -17.79
C ARG H 290 30.80 76.16 -17.06
N PRO H 291 31.03 75.79 -15.80
CA PRO H 291 30.04 75.09 -15.00
C PRO H 291 28.85 75.99 -14.69
N ASN H 292 27.64 75.49 -14.92
CA ASN H 292 26.44 76.26 -14.67
C ASN H 292 25.37 75.43 -13.95
N PHE H 293 25.22 75.68 -12.65
CA PHE H 293 24.24 74.98 -11.85
C PHE H 293 22.86 75.65 -11.93
N ILE H 294 21.82 74.85 -12.01
CA ILE H 294 20.46 75.38 -12.10
C ILE H 294 19.54 74.63 -11.15
N GLY H 295 18.71 75.37 -10.42
CA GLY H 295 17.78 74.74 -9.49
C GLY H 295 16.89 75.76 -8.81
N PHE H 296 15.98 75.28 -7.98
CA PHE H 296 15.06 76.17 -7.26
C PHE H 296 15.82 77.01 -6.24
N ARG H 297 15.49 78.29 -6.18
CA ARG H 297 16.15 79.21 -5.26
C ARG H 297 16.05 78.75 -3.82
N ASP H 298 16.70 79.50 -2.93
CA ASP H 298 16.70 79.18 -1.51
C ASP H 298 15.30 79.38 -0.92
N CYS H 299 14.82 78.39 -0.18
CA CYS H 299 13.50 78.45 0.42
C CYS H 299 12.43 78.66 -0.64
N PHE H 300 12.73 78.26 -1.87
CA PHE H 300 11.81 78.40 -2.99
C PHE H 300 11.29 79.81 -3.12
N VAL H 301 12.14 80.79 -2.85
CA VAL H 301 11.75 82.20 -2.95
C VAL H 301 11.39 82.54 -4.39
N GLY H 302 10.24 83.18 -4.57
CA GLY H 302 9.81 83.57 -5.90
C GLY H 302 8.88 82.56 -6.55
N LEU H 303 8.82 81.35 -6.02
CA LEU H 303 7.96 80.31 -6.57
C LEU H 303 6.51 80.64 -6.22
N MET H 304 6.34 81.49 -5.21
CA MET H 304 5.00 81.88 -4.77
C MET H 304 4.88 83.41 -4.74
N TYR H 305 3.75 83.92 -5.21
CA TYR H 305 3.51 85.35 -5.25
C TYR H 305 3.40 86.00 -3.87
N TYR H 306 4.10 87.12 -3.72
CA TYR H 306 4.10 87.89 -2.47
C TYR H 306 4.23 89.38 -2.78
N ASN H 307 3.56 90.20 -1.99
CA ASN H 307 3.63 91.64 -2.17
C ASN H 307 3.23 92.07 -3.58
N SER H 308 2.18 91.45 -4.11
CA SER H 308 1.69 91.78 -5.44
C SER H 308 0.17 91.79 -5.46
N GLY H 309 -0.39 93.00 -5.48
CA GLY H 309 -1.84 93.13 -5.49
C GLY H 309 -2.48 92.44 -6.68
N GLY H 310 -1.68 92.17 -7.70
CA GLY H 310 -2.18 91.51 -8.89
C GLY H 310 -2.54 90.06 -8.64
N ASN H 311 -1.77 89.41 -7.77
CA ASN H 311 -2.00 88.01 -7.44
C ASN H 311 -1.99 87.79 -5.93
N LEU H 312 -2.73 88.64 -5.22
CA LEU H 312 -2.81 88.54 -3.76
C LEU H 312 -3.52 87.26 -3.33
N GLY H 313 -2.92 86.55 -2.36
CA GLY H 313 -3.49 85.32 -1.88
C GLY H 313 -4.74 85.52 -1.03
N VAL H 314 -5.64 84.53 -1.04
CA VAL H 314 -6.88 84.62 -0.29
C VAL H 314 -6.98 83.58 0.82
N LEU H 315 -7.53 84.00 1.96
CA LEU H 315 -7.70 83.12 3.12
C LEU H 315 -8.79 83.68 4.02
N ALA H 316 -10.04 83.37 3.69
CA ALA H 316 -11.18 83.84 4.48
C ALA H 316 -12.22 82.73 4.66
N GLY H 317 -13.08 82.89 5.65
CA GLY H 317 -14.12 81.90 5.89
C GLY H 317 -15.20 82.02 4.83
N GLN H 318 -15.73 80.88 4.40
CA GLN H 318 -16.77 80.88 3.38
C GLN H 318 -17.96 81.74 3.78
N SER H 319 -18.27 81.75 5.07
CA SER H 319 -19.38 82.54 5.59
C SER H 319 -19.04 84.02 5.65
N SER H 320 -17.80 84.32 6.00
CA SER H 320 -17.33 85.70 6.11
C SER H 320 -17.11 86.31 4.72
N GLN H 321 -16.45 85.56 3.86
CA GLN H 321 -16.16 86.02 2.50
C GLN H 321 -15.18 87.20 2.47
N LEU H 322 -14.84 87.70 3.65
CA LEU H 322 -13.92 88.83 3.76
C LEU H 322 -12.48 88.34 3.88
N ASN H 323 -11.71 88.54 2.81
CA ASN H 323 -10.31 88.11 2.78
C ASN H 323 -9.52 88.68 3.97
N ALA H 324 -8.82 87.79 4.68
CA ALA H 324 -8.03 88.18 5.84
C ALA H 324 -6.59 88.49 5.46
N VAL H 325 -6.24 88.31 4.19
CA VAL H 325 -4.89 88.58 3.73
C VAL H 325 -4.81 89.88 2.96
N VAL H 326 -4.28 90.92 3.61
CA VAL H 326 -4.12 92.23 2.99
C VAL H 326 -2.64 92.51 2.78
N ASP H 327 -2.17 92.34 1.54
CA ASP H 327 -0.78 92.56 1.22
C ASP H 327 -0.56 93.90 0.49
N LEU H 328 0.67 94.40 0.56
CA LEU H 328 1.04 95.66 -0.08
C LEU H 328 2.38 95.48 -0.78
N GLN H 329 2.47 95.94 -2.03
CA GLN H 329 3.71 95.81 -2.79
C GLN H 329 4.82 96.65 -2.17
N ASP H 330 4.54 97.22 -1.01
CA ASP H 330 5.51 98.04 -0.30
C ASP H 330 6.30 97.16 0.65
N ARG H 331 5.64 96.12 1.16
CA ARG H 331 6.26 95.17 2.09
C ARG H 331 7.12 94.18 1.30
N ASN H 332 7.99 93.46 1.99
CA ASN H 332 8.85 92.46 1.36
C ASN H 332 8.89 91.21 2.21
N THR H 333 7.99 90.27 1.93
CA THR H 333 7.93 89.03 2.68
C THR H 333 9.16 88.16 2.48
N GLU H 334 9.53 87.95 1.22
CA GLU H 334 10.69 87.13 0.88
C GLU H 334 11.89 87.40 1.76
N LEU H 335 12.44 88.60 1.66
CA LEU H 335 13.60 88.99 2.45
C LEU H 335 13.32 88.82 3.95
N SER H 336 12.13 89.25 4.37
CA SER H 336 11.75 89.16 5.76
C SER H 336 11.93 87.75 6.29
N TYR H 337 11.48 86.76 5.52
CA TYR H 337 11.59 85.37 5.92
C TYR H 337 13.06 84.97 6.09
N GLN H 338 13.88 85.37 5.14
CA GLN H 338 15.31 85.06 5.18
C GLN H 338 15.92 85.45 6.51
N MET H 339 15.93 86.75 6.78
CA MET H 339 16.48 87.27 8.02
C MET H 339 15.92 86.56 9.25
N LEU H 340 14.63 86.24 9.21
CA LEU H 340 13.99 85.57 10.34
C LEU H 340 14.68 84.26 10.68
N LEU H 341 14.98 83.45 9.67
CA LEU H 341 15.63 82.17 9.88
C LEU H 341 17.04 82.34 10.47
N ALA H 342 17.77 83.31 9.96
CA ALA H 342 19.13 83.56 10.42
C ALA H 342 19.18 84.07 11.85
N ASN H 343 18.02 84.26 12.46
CA ASN H 343 17.96 84.74 13.83
C ASN H 343 17.46 83.69 14.82
N THR H 344 16.77 82.68 14.31
CA THR H 344 16.24 81.62 15.16
C THR H 344 17.02 80.32 15.06
N THR H 345 17.75 80.14 13.95
CA THR H 345 18.52 78.93 13.76
C THR H 345 19.86 79.20 13.09
N ASP H 346 20.65 78.13 12.95
CA ASP H 346 21.97 78.23 12.31
C ASP H 346 21.79 78.13 10.80
N ARG H 347 21.85 79.27 10.13
CA ARG H 347 21.66 79.34 8.68
C ARG H 347 22.83 78.75 7.90
N SER H 348 23.51 77.76 8.46
CA SER H 348 24.62 77.12 7.78
C SER H 348 24.31 75.67 7.43
N ARG H 349 23.40 75.07 8.18
CA ARG H 349 23.00 73.68 7.94
C ARG H 349 22.01 73.63 6.77
N TYR H 350 21.74 72.43 6.28
CA TYR H 350 20.82 72.27 5.16
C TYR H 350 19.60 71.43 5.54
N PHE H 351 18.48 71.69 4.86
CA PHE H 351 17.24 70.98 5.14
C PHE H 351 16.44 70.83 3.84
N SER H 352 16.70 69.74 3.13
CA SER H 352 16.05 69.44 1.85
C SER H 352 14.57 69.81 1.75
N MET H 353 13.77 69.36 2.71
CA MET H 353 12.34 69.64 2.72
C MET H 353 11.99 71.05 2.24
N TRP H 354 12.60 72.05 2.87
CA TRP H 354 12.35 73.43 2.51
C TRP H 354 13.36 73.94 1.48
N ASN H 355 14.21 73.04 1.00
CA ASN H 355 15.23 73.41 0.03
C ASN H 355 16.03 74.55 0.64
N GLN H 356 16.01 74.60 1.97
CA GLN H 356 16.69 75.62 2.74
C GLN H 356 18.20 75.40 2.71
N ALA H 357 18.87 76.15 1.83
CA ALA H 357 20.32 76.04 1.69
C ALA H 357 20.89 77.40 1.28
N MET H 358 20.83 78.35 2.21
CA MET H 358 21.32 79.70 1.98
C MET H 358 22.51 79.77 1.03
N ASP H 359 22.53 80.81 0.20
CA ASP H 359 23.62 81.00 -0.76
C ASP H 359 24.83 81.54 -0.03
N SER H 360 26.01 81.19 -0.53
CA SER H 360 27.27 81.64 0.06
C SER H 360 28.38 81.50 -0.98
N TYR H 361 29.55 82.03 -0.66
CA TYR H 361 30.68 81.97 -1.57
C TYR H 361 31.94 81.50 -0.86
N ASP H 362 32.91 81.02 -1.63
CA ASP H 362 34.16 80.55 -1.06
C ASP H 362 35.02 81.74 -0.64
N PRO H 363 35.25 81.89 0.67
CA PRO H 363 36.05 82.98 1.23
C PRO H 363 37.34 83.28 0.46
N GLU H 364 38.02 82.23 0.01
CA GLU H 364 39.27 82.38 -0.72
C GLU H 364 39.05 82.96 -2.11
N VAL H 365 37.82 82.90 -2.61
CA VAL H 365 37.49 83.43 -3.92
C VAL H 365 37.17 84.91 -3.83
N ARG H 366 36.32 85.26 -2.86
CA ARG H 366 35.93 86.65 -2.65
C ARG H 366 37.17 87.50 -2.39
N VAL H 367 37.97 87.08 -1.43
CA VAL H 367 39.20 87.80 -1.08
C VAL H 367 40.42 86.92 -1.30
N ILE H 368 41.16 87.21 -2.37
CA ILE H 368 42.35 86.44 -2.70
C ILE H 368 43.46 86.62 -1.66
N ASP H 369 43.88 85.51 -1.07
CA ASP H 369 44.93 85.52 -0.07
C ASP H 369 46.18 84.87 -0.66
N ASN H 370 46.78 85.54 -1.64
CA ASN H 370 47.97 85.01 -2.29
C ASN H 370 49.14 84.96 -1.31
N VAL H 371 49.33 83.80 -0.69
CA VAL H 371 50.41 83.60 0.27
C VAL H 371 51.62 83.00 -0.44
N GLY H 372 51.50 82.82 -1.75
CA GLY H 372 52.59 82.25 -2.51
C GLY H 372 52.39 80.78 -2.79
N VAL H 373 53.49 80.07 -3.06
CA VAL H 373 53.41 78.64 -3.34
C VAL H 373 54.63 77.91 -2.76
N GLU H 374 54.37 76.77 -2.12
CA GLU H 374 55.44 75.98 -1.51
C GLU H 374 56.01 75.01 -2.54
N ASP H 375 56.97 75.48 -3.33
CA ASP H 375 57.58 74.66 -4.36
C ASP H 375 59.10 74.60 -4.22
N GLU H 376 59.58 74.54 -2.99
CA GLU H 376 61.02 74.48 -2.73
C GLU H 376 61.66 73.28 -3.43
N MET H 377 60.92 72.18 -3.50
CA MET H 377 61.42 70.96 -4.13
C MET H 377 60.96 70.86 -5.57
N PRO H 378 61.87 70.48 -6.49
CA PRO H 378 61.50 70.34 -7.90
C PRO H 378 60.83 69.00 -8.14
N ASN H 379 59.83 68.99 -9.01
CA ASN H 379 59.10 67.76 -9.32
C ASN H 379 59.48 67.24 -10.70
N TYR H 380 59.74 65.94 -10.79
CA TYR H 380 60.14 65.34 -12.04
C TYR H 380 59.29 64.14 -12.44
N CYS H 381 59.24 63.88 -13.75
CA CYS H 381 58.51 62.75 -14.31
C CYS H 381 59.52 61.92 -15.07
N PHE H 382 59.65 60.65 -14.71
CA PHE H 382 60.63 59.77 -15.35
C PHE H 382 59.97 58.74 -16.27
N PRO H 383 60.69 58.35 -17.34
CA PRO H 383 60.18 57.36 -18.29
C PRO H 383 59.69 56.09 -17.60
N LEU H 384 58.74 55.40 -18.22
CA LEU H 384 58.20 54.17 -17.65
C LEU H 384 59.27 53.09 -17.60
N SER H 385 60.48 53.42 -18.06
CA SER H 385 61.58 52.47 -18.06
C SER H 385 62.57 52.75 -16.93
N GLY H 386 62.70 54.02 -16.56
CA GLY H 386 63.64 54.38 -15.52
C GLY H 386 64.99 54.64 -16.14
N VAL H 387 65.00 54.74 -17.47
CA VAL H 387 66.20 55.00 -18.24
C VAL H 387 65.93 54.68 -19.71
N GLN H 388 66.12 55.69 -20.56
CA GLN H 388 65.87 55.54 -22.00
C GLN H 388 66.86 54.59 -22.67
N ILE H 389 66.32 53.67 -23.48
CA ILE H 389 67.14 52.70 -24.20
C ILE H 389 67.43 53.17 -25.62
N GLY H 390 68.70 53.17 -25.99
CA GLY H 390 69.08 53.62 -27.31
C GLY H 390 70.40 53.06 -27.80
N ASN H 391 71.26 52.67 -26.87
CA ASN H 391 72.56 52.11 -27.22
C ASN H 391 72.86 50.83 -26.42
N ARG H 392 73.72 49.98 -26.98
CA ARG H 392 74.10 48.74 -26.33
C ARG H 392 75.57 48.76 -25.93
N SER H 393 75.88 48.16 -24.79
CA SER H 393 77.25 48.09 -24.29
C SER H 393 77.98 46.86 -24.82
N HIS H 394 78.90 46.33 -24.01
CA HIS H 394 79.69 45.15 -24.38
C HIS H 394 80.78 44.89 -23.35
N GLU H 395 80.51 44.03 -22.38
CA GLU H 395 81.49 43.70 -21.36
C GLU H 395 82.68 43.01 -22.01
N VAL H 396 83.80 43.74 -22.08
CA VAL H 396 85.02 43.24 -22.70
C VAL H 396 86.23 43.17 -21.77
N GLN H 397 87.08 42.16 -21.98
CA GLN H 397 88.27 41.98 -21.16
C GLN H 397 89.49 42.71 -21.72
N ARG H 398 90.33 43.19 -20.82
CA ARG H 398 91.55 43.91 -21.19
C ARG H 398 92.71 42.94 -21.30
N ASN H 399 93.89 43.50 -21.46
CA ASN H 399 95.13 42.73 -21.57
C ASN H 399 95.18 41.83 -22.79
N GLN H 400 96.40 41.61 -23.29
CA GLN H 400 96.67 40.77 -24.46
C GLN H 400 96.40 41.59 -25.72
N GLN H 401 95.61 42.63 -25.56
CA GLN H 401 95.25 43.50 -26.67
C GLN H 401 94.82 44.88 -26.19
N GLN H 402 93.82 45.44 -26.89
CA GLN H 402 93.24 46.75 -26.60
C GLN H 402 91.99 46.54 -25.76
N TRP H 403 91.46 45.31 -25.83
CA TRP H 403 90.25 44.89 -25.10
C TRP H 403 89.44 43.97 -26.02
N GLN H 404 89.47 42.66 -25.72
CA GLN H 404 88.75 41.66 -26.52
C GLN H 404 87.30 41.45 -26.16
N ASN H 405 86.48 41.34 -27.19
CA ASN H 405 85.06 41.12 -27.03
C ASN H 405 84.76 40.04 -26.00
N VAL H 406 83.49 39.92 -25.63
CA VAL H 406 83.08 38.92 -24.65
C VAL H 406 82.48 37.71 -25.34
N ALA H 407 81.75 37.97 -26.42
CA ALA H 407 81.10 36.92 -27.20
C ALA H 407 79.83 36.40 -26.51
N ASN H 408 79.87 36.34 -25.17
CA ASN H 408 78.74 35.86 -24.39
C ASN H 408 77.52 36.76 -24.55
N SER H 409 76.78 36.57 -25.64
CA SER H 409 75.59 37.38 -25.91
C SER H 409 76.00 38.85 -26.02
N ASP H 410 75.23 39.61 -26.80
CA ASP H 410 75.55 41.01 -26.98
C ASP H 410 74.29 41.86 -27.03
N ASN H 411 74.47 43.17 -27.12
CA ASN H 411 73.36 44.11 -27.19
C ASN H 411 72.64 44.32 -25.86
N ASN H 412 73.25 45.13 -25.00
CA ASN H 412 72.68 45.43 -23.69
C ASN H 412 72.07 46.83 -23.74
N TYR H 413 71.85 47.42 -22.57
CA TYR H 413 71.28 48.76 -22.49
C TYR H 413 71.75 49.48 -21.23
N ILE H 414 72.65 50.45 -21.41
CA ILE H 414 73.18 51.21 -20.28
C ILE H 414 73.26 52.71 -20.59
N GLY H 415 72.63 53.51 -19.74
CA GLY H 415 72.63 54.94 -19.92
C GLY H 415 73.72 55.65 -19.15
N LYS H 416 74.70 56.20 -19.86
CA LYS H 416 75.81 56.91 -19.24
C LYS H 416 75.33 58.27 -18.71
N GLY H 417 74.99 58.33 -17.44
CA GLY H 417 74.52 59.56 -16.84
C GLY H 417 73.27 59.33 -16.02
N ASN H 418 72.51 60.39 -15.77
CA ASN H 418 71.28 60.27 -14.99
C ASN H 418 70.08 59.94 -15.88
N LEU H 419 68.90 59.83 -15.28
CA LEU H 419 67.70 59.51 -16.03
C LEU H 419 67.10 60.76 -16.66
N PRO H 420 66.76 60.70 -17.96
CA PRO H 420 66.18 61.85 -18.64
C PRO H 420 64.81 62.18 -18.07
N ALA H 421 64.68 63.34 -17.43
CA ALA H 421 63.42 63.73 -16.82
C ALA H 421 62.94 65.13 -17.21
N MET H 422 61.64 65.33 -17.09
CA MET H 422 61.01 66.61 -17.40
C MET H 422 60.54 67.22 -16.09
N GLU H 423 60.76 68.52 -15.92
CA GLU H 423 60.36 69.19 -14.68
C GLU H 423 59.04 69.93 -14.82
N ILE H 424 58.35 70.09 -13.69
CA ILE H 424 57.07 70.78 -13.64
C ILE H 424 56.78 71.25 -12.22
N ASN H 425 56.53 72.55 -12.07
CA ASN H 425 56.24 73.10 -10.74
C ASN H 425 54.82 72.75 -10.34
N LEU H 426 54.65 71.54 -9.84
CA LEU H 426 53.34 71.04 -9.42
C LEU H 426 52.52 72.09 -8.67
N ALA H 427 52.88 72.33 -7.42
CA ALA H 427 52.19 73.30 -6.57
C ALA H 427 51.80 74.58 -7.31
N ALA H 428 52.68 75.04 -8.18
CA ALA H 428 52.43 76.25 -8.95
C ALA H 428 51.17 76.13 -9.81
N ASN H 429 51.14 75.10 -10.65
CA ASN H 429 50.00 74.86 -11.52
C ASN H 429 48.67 74.92 -10.78
N LEU H 430 48.52 74.07 -9.76
CA LEU H 430 47.29 74.03 -8.97
C LEU H 430 46.83 75.42 -8.56
N TRP H 431 47.77 76.25 -8.11
CA TRP H 431 47.46 77.61 -7.69
C TRP H 431 46.90 78.42 -8.86
N ARG H 432 47.59 78.35 -9.99
CA ARG H 432 47.18 79.09 -11.18
C ARG H 432 45.83 78.60 -11.69
N SER H 433 45.65 77.28 -11.76
CA SER H 433 44.40 76.70 -12.22
C SER H 433 43.25 77.16 -11.33
N PHE H 434 43.54 77.26 -10.02
CA PHE H 434 42.54 77.70 -9.06
C PHE H 434 42.06 79.09 -9.43
N LEU H 435 42.99 80.04 -9.50
CA LEU H 435 42.67 81.41 -9.84
C LEU H 435 41.85 81.53 -11.12
N TYR H 436 42.46 81.20 -12.25
CA TYR H 436 41.79 81.29 -13.55
C TYR H 436 40.37 80.70 -13.58
N SER H 437 40.15 79.63 -12.85
CA SER H 437 38.85 78.97 -12.84
C SER H 437 37.85 79.54 -11.83
N ASN H 438 38.36 80.29 -10.85
CA ASN H 438 37.49 80.85 -9.82
C ASN H 438 37.38 82.37 -9.84
N VAL H 439 38.23 83.03 -10.60
CA VAL H 439 38.19 84.50 -10.65
C VAL H 439 38.43 85.08 -12.05
N ALA H 440 39.20 84.39 -12.87
CA ALA H 440 39.49 84.87 -14.22
C ALA H 440 38.29 84.77 -15.15
N LEU H 441 37.60 83.63 -15.11
CA LEU H 441 36.44 83.42 -15.97
C LEU H 441 35.23 84.20 -15.49
N TYR H 442 35.32 84.77 -14.29
CA TYR H 442 34.21 85.54 -13.73
C TYR H 442 34.41 87.05 -13.80
N LEU H 443 35.52 87.47 -14.42
CA LEU H 443 35.80 88.89 -14.55
C LEU H 443 34.78 89.54 -15.49
N PRO H 444 34.48 90.83 -15.28
CA PRO H 444 33.53 91.56 -16.12
C PRO H 444 33.78 91.33 -17.61
N ASP H 445 32.70 91.19 -18.37
CA ASP H 445 32.80 90.95 -19.81
C ASP H 445 33.69 91.97 -20.52
N ASN H 446 33.78 93.17 -19.95
CA ASN H 446 34.58 94.24 -20.54
C ASN H 446 36.07 93.88 -20.62
N LEU H 447 36.53 93.00 -19.73
CA LEU H 447 37.93 92.60 -19.72
C LEU H 447 38.20 91.39 -20.61
N LYS H 448 37.16 90.88 -21.25
CA LYS H 448 37.31 89.72 -22.13
C LYS H 448 37.25 90.13 -23.59
N PHE H 449 37.53 89.18 -24.47
CA PHE H 449 37.51 89.43 -25.91
C PHE H 449 37.04 88.17 -26.63
N THR H 450 36.16 88.35 -27.61
CA THR H 450 35.64 87.23 -28.39
C THR H 450 36.78 86.42 -28.98
N PRO H 451 36.69 85.08 -28.91
CA PRO H 451 37.74 84.21 -29.44
C PRO H 451 37.92 84.45 -30.95
N HIS H 452 38.91 83.80 -31.54
CA HIS H 452 39.18 83.96 -32.96
C HIS H 452 38.38 82.99 -33.82
N ASN H 453 37.86 83.49 -34.94
CA ASN H 453 37.07 82.68 -35.87
C ASN H 453 35.99 81.87 -35.17
N ILE H 454 35.04 82.55 -34.55
CA ILE H 454 33.95 81.86 -33.84
C ILE H 454 32.64 82.64 -33.87
N GLN H 455 31.62 82.02 -34.47
CA GLN H 455 30.30 82.63 -34.57
C GLN H 455 29.74 82.77 -33.16
N LEU H 456 29.27 83.97 -32.81
CA LEU H 456 28.72 84.19 -31.48
C LEU H 456 27.39 84.92 -31.51
N PRO H 457 26.47 84.56 -30.59
CA PRO H 457 25.14 85.17 -30.48
C PRO H 457 25.21 86.62 -29.99
N PRO H 458 24.19 87.42 -30.32
CA PRO H 458 24.12 88.83 -29.90
C PRO H 458 23.84 89.03 -28.42
N ASN H 459 22.86 88.29 -27.90
CA ASN H 459 22.48 88.40 -26.49
C ASN H 459 23.66 88.11 -25.57
N THR H 460 24.04 89.10 -24.77
CA THR H 460 25.14 88.93 -23.83
C THR H 460 24.62 88.25 -22.58
N ASN H 461 23.36 87.84 -22.61
CA ASN H 461 22.73 87.17 -21.48
C ASN H 461 22.61 85.68 -21.75
N THR H 462 23.13 85.25 -22.89
CA THR H 462 23.07 83.83 -23.28
C THR H 462 24.26 83.07 -22.73
N TYR H 463 24.07 81.78 -22.50
CA TYR H 463 25.13 80.91 -21.98
C TYR H 463 26.28 80.80 -22.97
N GLU H 464 25.95 80.64 -24.25
CA GLU H 464 26.97 80.52 -25.29
C GLU H 464 27.92 81.71 -25.27
N TYR H 465 27.38 82.90 -25.11
CA TYR H 465 28.20 84.11 -25.07
C TYR H 465 29.16 84.08 -23.88
N MET H 466 28.61 83.89 -22.69
CA MET H 466 29.42 83.85 -21.48
C MET H 466 30.38 82.68 -21.50
N ASN H 467 30.13 81.71 -22.38
CA ASN H 467 30.98 80.54 -22.49
C ASN H 467 31.98 80.69 -23.64
N GLY H 468 31.74 81.68 -24.50
CA GLY H 468 32.63 81.93 -25.62
C GLY H 468 33.67 82.99 -25.32
N ARG H 469 33.25 84.06 -24.66
CA ARG H 469 34.16 85.15 -24.30
C ARG H 469 35.42 84.57 -23.67
N ILE H 470 36.58 85.04 -24.13
CA ILE H 470 37.86 84.55 -23.63
C ILE H 470 38.57 85.56 -22.73
N PRO H 471 38.73 85.23 -21.43
CA PRO H 471 39.42 86.16 -20.53
C PRO H 471 40.93 85.93 -20.57
N VAL H 472 41.69 86.97 -20.24
CA VAL H 472 43.16 86.88 -20.23
C VAL H 472 43.69 86.44 -18.87
N SER H 473 44.31 85.26 -18.82
CA SER H 473 44.88 84.73 -17.57
C SER H 473 45.94 85.65 -17.00
N GLY H 474 46.34 86.65 -17.78
CA GLY H 474 47.34 87.59 -17.33
C GLY H 474 46.84 88.51 -16.24
N LEU H 475 45.57 88.90 -16.32
CA LEU H 475 44.95 89.79 -15.35
C LEU H 475 44.88 89.23 -13.94
N ILE H 476 45.04 87.92 -13.80
CA ILE H 476 45.00 87.29 -12.47
C ILE H 476 45.86 86.04 -12.42
N ASP H 477 47.17 86.23 -12.53
CA ASP H 477 48.11 85.11 -12.51
C ASP H 477 48.65 84.90 -11.09
N THR H 478 49.31 83.76 -10.87
CA THR H 478 49.87 83.41 -9.58
C THR H 478 50.75 84.46 -8.91
N TYR H 479 50.99 85.57 -9.60
CA TYR H 479 51.84 86.62 -9.06
C TYR H 479 51.09 87.93 -8.81
N VAL H 480 49.77 87.87 -8.85
CA VAL H 480 48.95 89.07 -8.63
C VAL H 480 48.91 89.45 -7.14
N ASN H 481 49.32 90.68 -6.84
CA ASN H 481 49.33 91.18 -5.48
C ASN H 481 49.92 90.18 -4.51
N ILE H 482 51.07 89.61 -4.88
CA ILE H 482 51.74 88.63 -4.05
C ILE H 482 51.97 89.13 -2.63
N GLY H 483 51.45 88.38 -1.65
CA GLY H 483 51.64 88.76 -0.27
C GLY H 483 50.50 89.54 0.37
N THR H 484 49.33 89.53 -0.25
CA THR H 484 48.20 90.26 0.30
C THR H 484 46.91 89.46 0.40
N ARG H 485 45.98 89.98 1.17
CA ARG H 485 44.68 89.37 1.38
C ARG H 485 43.68 90.33 0.73
N TRP H 486 44.15 90.92 -0.37
CA TRP H 486 43.38 91.89 -1.15
C TRP H 486 42.61 91.23 -2.29
N SER H 487 41.43 91.79 -2.59
CA SER H 487 40.59 91.26 -3.66
C SER H 487 40.60 92.23 -4.85
N PRO H 488 40.66 91.69 -6.08
CA PRO H 488 40.68 92.50 -7.30
C PRO H 488 39.57 93.55 -7.36
N ASP H 489 39.98 94.81 -7.52
CA ASP H 489 39.04 95.94 -7.59
C ASP H 489 38.02 95.78 -8.72
N VAL H 490 38.33 94.91 -9.68
CA VAL H 490 37.44 94.69 -10.80
C VAL H 490 36.34 93.70 -10.45
N MET H 491 36.48 93.05 -9.29
CA MET H 491 35.49 92.07 -8.85
C MET H 491 34.66 92.54 -7.65
N ASP H 492 35.04 93.68 -7.08
CA ASP H 492 34.31 94.22 -5.93
C ASP H 492 32.86 94.50 -6.27
N ASN H 493 32.61 94.81 -7.54
CA ASN H 493 31.26 95.12 -7.98
C ASN H 493 30.68 93.99 -8.84
N VAL H 494 31.07 92.76 -8.52
CA VAL H 494 30.59 91.59 -9.24
C VAL H 494 30.00 90.59 -8.25
N ASN H 495 28.71 90.32 -8.39
CA ASN H 495 28.00 89.40 -7.50
C ASN H 495 28.83 88.14 -7.23
N PRO H 496 29.37 88.03 -6.01
CA PRO H 496 30.19 86.88 -5.59
C PRO H 496 29.37 85.61 -5.38
N PHE H 497 28.04 85.76 -5.35
CA PHE H 497 27.17 84.61 -5.14
C PHE H 497 26.91 83.86 -6.44
N ASN H 498 27.07 84.54 -7.57
CA ASN H 498 26.88 83.90 -8.86
C ASN H 498 28.19 83.24 -9.24
N HIS H 499 28.59 82.25 -8.44
CA HIS H 499 29.84 81.53 -8.64
C HIS H 499 29.56 80.03 -8.53
N HIS H 500 30.33 79.22 -9.26
CA HIS H 500 30.12 77.78 -9.23
C HIS H 500 30.61 77.12 -7.94
N ARG H 501 31.03 77.95 -7.00
CA ARG H 501 31.49 77.43 -5.71
C ARG H 501 30.48 77.77 -4.63
N ASN H 502 29.30 78.21 -5.07
CA ASN H 502 28.22 78.55 -4.16
C ASN H 502 27.64 77.26 -3.61
N SER H 503 28.21 76.78 -2.50
CA SER H 503 27.77 75.55 -1.87
C SER H 503 26.25 75.50 -1.78
N GLY H 504 25.65 76.61 -1.39
CA GLY H 504 24.20 76.67 -1.27
C GLY H 504 23.49 76.26 -2.55
N LEU H 505 23.73 77.02 -3.61
CA LEU H 505 23.10 76.74 -4.90
C LEU H 505 23.47 75.36 -5.42
N ARG H 506 24.75 75.04 -5.37
CA ARG H 506 25.24 73.75 -5.85
C ARG H 506 24.51 72.59 -5.17
N TYR H 507 24.17 72.77 -3.90
CA TYR H 507 23.46 71.74 -3.15
C TYR H 507 22.07 71.51 -3.72
N ARG H 508 21.27 72.56 -3.78
CA ARG H 508 19.92 72.47 -4.31
C ARG H 508 19.92 71.88 -5.72
N SER H 509 20.94 72.23 -6.50
CA SER H 509 21.06 71.74 -7.86
C SER H 509 21.08 70.21 -7.84
N GLN H 510 22.11 69.65 -7.22
CA GLN H 510 22.25 68.20 -7.13
C GLN H 510 21.05 67.60 -6.41
N LEU H 511 20.33 68.42 -5.66
CA LEU H 511 19.17 67.96 -4.92
C LEU H 511 18.06 67.54 -5.88
N LEU H 512 18.20 67.93 -7.15
CA LEU H 512 17.22 67.58 -8.17
C LEU H 512 17.81 66.54 -9.12
N GLY H 513 19.14 66.59 -9.28
CA GLY H 513 19.80 65.64 -10.15
C GLY H 513 20.82 66.28 -11.07
N ASN H 514 21.37 65.49 -11.98
CA ASN H 514 22.38 66.00 -12.93
C ASN H 514 21.81 66.07 -14.34
N GLY H 515 20.61 65.53 -14.52
CA GLY H 515 19.98 65.54 -15.83
C GLY H 515 19.23 66.81 -16.17
N ARG H 516 19.20 67.14 -17.46
CA ARG H 516 18.50 68.32 -17.95
C ARG H 516 17.02 68.20 -17.59
N PHE H 517 16.45 67.05 -17.90
CA PHE H 517 15.05 66.78 -17.60
C PHE H 517 14.96 66.17 -16.22
N CYS H 518 13.94 66.54 -15.45
CA CYS H 518 13.78 66.02 -14.11
C CYS H 518 12.37 66.25 -13.57
N ASP H 519 11.77 65.19 -13.06
CA ASP H 519 10.42 65.28 -12.49
C ASP H 519 10.60 65.60 -11.01
N PHE H 520 10.46 66.87 -10.66
CA PHE H 520 10.62 67.30 -9.28
C PHE H 520 9.39 67.06 -8.42
N HIS H 521 9.50 67.44 -7.15
CA HIS H 521 8.44 67.28 -6.18
C HIS H 521 8.91 67.95 -4.90
N ILE H 522 8.34 69.11 -4.59
CA ILE H 522 8.76 69.87 -3.42
C ILE H 522 7.61 70.31 -2.52
N GLN H 523 7.97 70.87 -1.36
CA GLN H 523 6.99 71.36 -0.39
C GLN H 523 7.28 72.83 -0.12
N VAL H 524 6.35 73.70 -0.50
CA VAL H 524 6.52 75.13 -0.29
C VAL H 524 5.76 75.59 0.96
N PRO H 525 6.47 76.23 1.90
CA PRO H 525 5.87 76.72 3.14
C PRO H 525 5.22 78.09 2.97
N GLN H 526 4.46 78.50 3.98
CA GLN H 526 3.79 79.79 3.96
C GLN H 526 4.70 80.82 4.62
N LYS H 527 4.93 81.95 3.95
CA LYS H 527 5.82 82.98 4.48
C LYS H 527 5.13 84.25 4.95
N PHE H 528 3.88 84.45 4.55
CA PHE H 528 3.17 85.66 4.96
C PHE H 528 2.98 85.66 6.47
N PHE H 529 3.61 86.62 7.14
CA PHE H 529 3.55 86.73 8.59
C PHE H 529 2.14 86.72 9.18
N ALA H 530 1.23 87.48 8.57
CA ALA H 530 -0.14 87.57 9.05
C ALA H 530 -0.82 86.21 9.23
N ILE H 531 -0.32 85.19 8.54
CA ILE H 531 -0.92 83.87 8.64
C ILE H 531 0.08 82.73 8.85
N ARG H 532 1.36 83.06 8.97
CA ARG H 532 2.37 82.02 9.18
C ARG H 532 2.09 81.21 10.43
N ASN H 533 2.22 81.85 11.58
CA ASN H 533 2.01 81.19 12.86
C ASN H 533 0.59 81.35 13.39
N LEU H 534 -0.35 81.64 12.51
CA LEU H 534 -1.74 81.81 12.93
C LEU H 534 -2.31 80.49 13.41
N LEU H 535 -3.29 80.56 14.32
CA LEU H 535 -3.91 79.36 14.85
C LEU H 535 -5.41 79.34 14.58
N LEU H 536 -5.78 78.92 13.38
CA LEU H 536 -7.19 78.87 12.99
C LEU H 536 -8.01 78.00 13.93
N LEU H 537 -9.30 78.27 13.99
CA LEU H 537 -10.23 77.52 14.82
C LEU H 537 -11.20 76.75 13.94
N PRO H 538 -12.03 75.88 14.53
CA PRO H 538 -12.99 75.10 13.75
C PRO H 538 -13.76 75.94 12.74
N GLY H 539 -14.08 75.34 11.60
CA GLY H 539 -14.81 76.04 10.56
C GLY H 539 -14.18 75.79 9.19
N THR H 540 -14.80 76.29 8.14
CA THR H 540 -14.28 76.11 6.79
C THR H 540 -13.78 77.44 6.23
N TYR H 541 -12.65 77.39 5.53
CA TYR H 541 -12.06 78.60 4.96
C TYR H 541 -11.57 78.37 3.54
N THR H 542 -11.64 79.42 2.73
CA THR H 542 -11.17 79.34 1.35
C THR H 542 -9.72 79.80 1.32
N TYR H 543 -8.82 78.86 1.03
CA TYR H 543 -7.39 79.16 0.98
C TYR H 543 -6.87 79.04 -0.44
N GLU H 544 -6.71 80.18 -1.10
CA GLU H 544 -6.23 80.21 -2.48
C GLU H 544 -4.91 80.98 -2.57
N TRP H 545 -4.13 80.67 -3.61
CA TRP H 545 -2.85 81.34 -3.81
C TRP H 545 -2.31 81.05 -5.20
N SER H 546 -1.54 82.00 -5.74
CA SER H 546 -0.97 81.86 -7.08
C SER H 546 0.50 81.47 -7.05
N PHE H 547 0.99 80.92 -8.15
CA PHE H 547 2.38 80.51 -8.28
C PHE H 547 2.95 80.91 -9.63
N ARG H 548 4.11 81.56 -9.63
CA ARG H 548 4.73 81.97 -10.87
C ARG H 548 5.15 80.76 -11.69
N LYS H 549 5.67 81.01 -12.89
CA LYS H 549 6.14 79.96 -13.77
C LYS H 549 7.36 80.46 -14.53
N ASP H 550 7.70 81.73 -14.31
CA ASP H 550 8.84 82.34 -14.97
C ASP H 550 10.13 81.67 -14.49
N VAL H 551 10.76 80.93 -15.39
CA VAL H 551 12.00 80.22 -15.07
C VAL H 551 13.05 81.12 -14.43
N ASN H 552 13.10 82.37 -14.87
CA ASN H 552 14.08 83.33 -14.37
C ASN H 552 13.80 83.82 -12.94
N MET H 553 12.73 83.32 -12.33
CA MET H 553 12.40 83.71 -10.97
C MET H 553 12.24 82.50 -10.06
N ILE H 554 11.81 81.38 -10.62
CA ILE H 554 11.63 80.17 -9.84
C ILE H 554 12.95 79.41 -9.82
N LEU H 555 13.73 79.57 -10.89
CA LEU H 555 15.02 78.90 -11.02
C LEU H 555 16.17 79.87 -10.82
N GLN H 556 17.35 79.33 -10.57
CA GLN H 556 18.55 80.13 -10.37
C GLN H 556 19.74 79.45 -11.05
N SER H 557 20.65 80.26 -11.60
CA SER H 557 21.82 79.72 -12.26
C SER H 557 23.08 80.39 -11.74
N THR H 558 24.21 79.70 -11.85
CA THR H 558 25.48 80.24 -11.39
C THR H 558 25.97 81.41 -12.23
N LEU H 559 25.75 81.34 -13.55
CA LEU H 559 26.18 82.41 -14.44
C LEU H 559 25.14 83.51 -14.54
N GLY H 560 23.89 83.19 -14.22
CA GLY H 560 22.84 84.18 -14.29
C GLY H 560 22.37 84.47 -15.69
N ASN H 561 22.65 83.54 -16.61
CA ASN H 561 22.25 83.71 -18.00
C ASN H 561 20.73 83.68 -18.12
N ASP H 562 20.21 84.32 -19.16
CA ASP H 562 18.77 84.36 -19.37
C ASP H 562 18.23 82.97 -19.70
N LEU H 563 17.68 82.31 -18.68
CA LEU H 563 17.12 80.97 -18.84
C LEU H 563 15.98 80.93 -19.83
N ARG H 564 15.20 82.00 -19.86
CA ARG H 564 14.05 82.09 -20.76
C ARG H 564 14.45 81.95 -22.23
N VAL H 565 15.67 82.34 -22.56
CA VAL H 565 16.15 82.25 -23.93
C VAL H 565 16.96 80.98 -24.15
N ASP H 566 17.44 80.38 -23.07
CA ASP H 566 18.24 79.16 -23.17
C ASP H 566 17.37 77.90 -23.07
N GLY H 567 16.13 78.02 -23.52
CA GLY H 567 15.23 76.87 -23.50
C GLY H 567 14.91 76.33 -22.12
N ALA H 568 14.74 77.21 -21.14
CA ALA H 568 14.42 76.80 -19.79
C ALA H 568 12.91 76.79 -19.62
N THR H 569 12.35 75.63 -19.29
CA THR H 569 10.91 75.52 -19.12
C THR H 569 10.52 74.70 -17.89
N VAL H 570 9.38 75.04 -17.31
CA VAL H 570 8.86 74.35 -16.13
C VAL H 570 7.38 74.04 -16.36
N ASN H 571 6.89 73.00 -15.71
CA ASN H 571 5.49 72.62 -15.85
C ASN H 571 4.92 72.03 -14.57
N ILE H 572 3.82 72.61 -14.10
CA ILE H 572 3.16 72.15 -12.90
C ILE H 572 2.03 71.19 -13.26
N THR H 573 2.09 69.98 -12.72
CA THR H 573 1.07 68.97 -12.98
C THR H 573 -0.05 69.01 -11.94
N SER H 574 0.33 68.92 -10.67
CA SER H 574 -0.65 68.94 -9.59
C SER H 574 -0.11 69.65 -8.35
N VAL H 575 -1.03 70.17 -7.53
CA VAL H 575 -0.66 70.87 -6.32
C VAL H 575 -1.66 70.56 -5.22
N ASN H 576 -1.16 70.08 -4.09
CA ASN H 576 -2.02 69.73 -2.96
C ASN H 576 -1.63 70.53 -1.71
N LEU H 577 -2.52 70.53 -0.73
CA LEU H 577 -2.28 71.26 0.52
C LEU H 577 -2.36 70.33 1.71
N TYR H 578 -1.26 70.22 2.44
CA TYR H 578 -1.20 69.36 3.62
C TYR H 578 -1.26 70.19 4.90
N ALA H 579 -1.86 69.62 5.94
CA ALA H 579 -1.98 70.30 7.22
C ALA H 579 -2.02 69.28 8.35
N SER H 580 -1.14 69.45 9.32
CA SER H 580 -1.06 68.53 10.45
C SER H 580 -1.81 69.08 11.67
N PHE H 581 -2.69 68.26 12.23
CA PHE H 581 -3.48 68.66 13.39
C PHE H 581 -3.04 67.86 14.61
N PHE H 582 -2.87 68.54 15.74
CA PHE H 582 -2.48 67.87 16.98
C PHE H 582 -3.67 67.04 17.47
N PRO H 583 -3.44 65.76 17.78
CA PRO H 583 -4.51 64.88 18.27
C PRO H 583 -4.94 65.27 19.68
N MET H 584 -5.28 66.55 19.84
CA MET H 584 -5.70 67.09 21.13
C MET H 584 -7.10 66.61 21.51
N SER H 585 -7.27 66.27 22.78
CA SER H 585 -8.56 65.82 23.28
C SER H 585 -9.65 66.82 22.94
N HIS H 586 -10.80 66.31 22.50
CA HIS H 586 -11.93 67.17 22.14
C HIS H 586 -12.35 68.03 23.32
N ASN H 587 -12.26 67.48 24.53
CA ASN H 587 -12.63 68.22 25.72
C ASN H 587 -11.74 69.45 25.88
N THR H 588 -10.43 69.25 25.80
CA THR H 588 -9.48 70.33 25.92
C THR H 588 -9.59 71.27 24.73
N ALA H 589 -9.54 70.70 23.53
CA ALA H 589 -9.64 71.47 22.30
C ALA H 589 -10.84 72.40 22.33
N SER H 590 -11.95 71.92 22.89
CA SER H 590 -13.17 72.73 22.96
C SER H 590 -12.98 73.92 23.87
N THR H 591 -12.33 73.70 25.01
CA THR H 591 -12.09 74.77 25.97
C THR H 591 -11.18 75.83 25.36
N LEU H 592 -10.09 75.38 24.75
CA LEU H 592 -9.14 76.28 24.12
C LEU H 592 -9.84 77.22 23.14
N GLU H 593 -10.69 76.64 22.31
CA GLU H 593 -11.44 77.41 21.32
C GLU H 593 -12.27 78.50 21.98
N ALA H 594 -13.02 78.13 23.00
CA ALA H 594 -13.88 79.06 23.72
C ALA H 594 -13.11 80.31 24.16
N MET H 595 -11.87 80.13 24.58
CA MET H 595 -11.05 81.24 25.04
C MET H 595 -10.50 82.07 23.88
N LEU H 596 -9.94 81.38 22.88
CA LEU H 596 -9.36 82.07 21.73
C LEU H 596 -10.38 82.85 20.91
N ARG H 597 -11.67 82.63 21.19
CA ARG H 597 -12.72 83.33 20.46
C ARG H 597 -13.13 84.63 21.15
N ASN H 598 -12.40 85.02 22.18
CA ASN H 598 -12.69 86.25 22.89
C ASN H 598 -11.73 87.36 22.45
N ASP H 599 -12.30 88.50 22.09
CA ASP H 599 -11.51 89.65 21.64
C ASP H 599 -10.36 89.98 22.57
N THR H 600 -10.49 89.59 23.83
CA THR H 600 -9.45 89.86 24.82
C THR H 600 -8.24 88.96 24.63
N ASN H 601 -8.41 87.92 23.81
CA ASN H 601 -7.33 86.97 23.55
C ASN H 601 -7.05 86.81 22.07
N ASP H 602 -7.11 87.91 21.31
CA ASP H 602 -6.85 87.84 19.88
C ASP H 602 -5.37 87.67 19.60
N GLN H 603 -5.05 86.80 18.65
CA GLN H 603 -3.67 86.55 18.27
C GLN H 603 -3.13 87.76 17.52
N SER H 604 -1.83 88.02 17.67
CA SER H 604 -1.20 89.15 17.00
C SER H 604 0.20 88.81 16.52
N PHE H 605 0.50 89.13 15.27
CA PHE H 605 1.80 88.86 14.70
C PHE H 605 2.37 90.14 14.12
N ASN H 606 3.61 90.09 13.65
CA ASN H 606 4.27 91.25 13.07
C ASN H 606 5.46 90.80 12.23
N ASP H 607 5.44 91.16 10.95
CA ASP H 607 6.52 90.81 10.04
C ASP H 607 7.86 91.04 10.72
N TYR H 608 8.78 90.10 10.56
CA TYR H 608 10.09 90.22 11.18
C TYR H 608 10.86 91.44 10.69
N LEU H 609 10.85 91.66 9.38
CA LEU H 609 11.56 92.79 8.80
C LEU H 609 10.94 94.10 9.25
N SER H 610 9.61 94.18 9.18
CA SER H 610 8.88 95.39 9.58
C SER H 610 9.53 96.65 9.03
N ALA H 611 9.27 96.94 7.76
CA ALA H 611 9.83 98.13 7.14
C ALA H 611 9.28 98.32 5.73
N ALA H 612 9.06 99.58 5.36
CA ALA H 612 8.55 99.91 4.05
C ALA H 612 9.71 99.88 3.06
N ASN H 613 9.56 99.09 2.00
CA ASN H 613 10.60 98.96 0.99
C ASN H 613 10.47 100.03 -0.08
N MET H 614 11.56 100.77 -0.29
CA MET H 614 11.57 101.82 -1.30
C MET H 614 12.70 101.57 -2.29
N LEU H 615 12.50 102.01 -3.54
CA LEU H 615 13.50 101.82 -4.57
C LEU H 615 13.64 103.07 -5.43
N TYR H 616 14.83 103.66 -5.42
CA TYR H 616 15.10 104.86 -6.19
C TYR H 616 16.19 104.56 -7.21
N PRO H 617 15.96 104.92 -8.48
CA PRO H 617 16.94 104.67 -9.55
C PRO H 617 18.21 105.50 -9.38
N ILE H 618 19.34 104.90 -9.75
CA ILE H 618 20.63 105.57 -9.65
C ILE H 618 21.28 105.53 -11.03
N PRO H 619 21.12 106.62 -11.81
CA PRO H 619 21.70 106.70 -13.15
C PRO H 619 23.15 106.25 -13.18
N PRO H 620 23.60 105.67 -14.31
CA PRO H 620 24.99 105.21 -14.42
C PRO H 620 26.01 106.33 -14.21
N ASN H 621 27.02 106.05 -13.39
CA ASN H 621 28.09 107.01 -13.09
C ASN H 621 27.62 108.11 -12.13
N ALA H 622 26.35 108.06 -11.74
CA ALA H 622 25.82 109.06 -10.81
C ALA H 622 26.57 108.96 -9.49
N THR H 623 26.64 110.09 -8.77
CA THR H 623 27.34 110.11 -7.49
C THR H 623 26.42 110.56 -6.36
N GLN H 624 25.69 111.65 -6.60
CA GLN H 624 24.76 112.18 -5.61
C GLN H 624 23.36 111.66 -5.86
N LEU H 625 22.60 111.43 -4.80
CA LEU H 625 21.25 110.91 -4.94
C LEU H 625 20.34 111.39 -3.81
N PRO H 626 19.59 112.47 -4.04
CA PRO H 626 18.67 113.02 -3.04
C PRO H 626 17.31 112.32 -3.09
N ILE H 627 16.66 112.21 -1.94
CA ILE H 627 15.36 111.56 -1.86
C ILE H 627 14.39 112.27 -0.90
N PRO H 628 13.35 112.93 -1.45
CA PRO H 628 12.37 113.65 -0.64
C PRO H 628 11.17 112.78 -0.24
N SER H 629 10.78 112.87 1.02
CA SER H 629 9.66 112.12 1.57
C SER H 629 9.37 112.68 2.95
N ARG H 630 8.16 112.45 3.46
CA ARG H 630 7.82 112.97 4.79
C ARG H 630 6.93 112.03 5.62
N ASN H 631 7.31 111.84 6.88
CA ASN H 631 6.58 110.98 7.81
C ASN H 631 5.80 111.85 8.81
N TRP H 632 4.55 111.48 9.06
CA TRP H 632 3.71 112.23 9.98
C TRP H 632 3.92 111.75 11.42
N ALA H 633 4.56 110.60 11.58
CA ALA H 633 4.80 110.05 12.91
C ALA H 633 6.26 109.71 13.15
N ALA H 634 6.49 108.79 14.08
CA ALA H 634 7.86 108.38 14.39
C ALA H 634 7.99 106.89 14.25
N PHE H 635 8.98 106.49 13.46
CA PHE H 635 9.24 105.09 13.22
C PHE H 635 10.26 104.47 14.16
N ARG H 636 11.10 103.58 13.63
CA ARG H 636 12.11 102.87 14.40
C ARG H 636 13.54 103.23 13.97
N GLY H 637 13.78 103.24 12.66
CA GLY H 637 15.09 103.57 12.16
C GLY H 637 15.25 103.37 10.66
N TRP H 638 16.46 103.60 10.15
CA TRP H 638 16.74 103.43 8.73
C TRP H 638 17.59 102.18 8.49
N SER H 639 17.57 101.70 7.25
CA SER H 639 18.34 100.54 6.85
C SER H 639 18.43 100.64 5.33
N LEU H 640 19.62 100.46 4.78
CA LEU H 640 19.77 100.58 3.35
C LEU H 640 20.97 99.88 2.73
N THR H 641 20.94 99.74 1.41
CA THR H 641 22.00 99.09 0.66
C THR H 641 21.96 99.60 -0.79
N ARG H 642 22.50 98.81 -1.70
CA ARG H 642 22.53 99.18 -3.11
C ARG H 642 22.37 97.92 -3.96
N LEU H 643 21.53 98.01 -4.99
CA LEU H 643 21.30 96.85 -5.87
C LEU H 643 21.44 97.22 -7.35
N LYS H 644 21.69 96.20 -8.17
CA LYS H 644 21.84 96.41 -9.62
C LYS H 644 20.48 96.24 -10.28
N GLN H 645 20.08 97.23 -11.07
CA GLN H 645 18.79 97.19 -11.75
C GLN H 645 18.55 95.89 -12.50
N ARG H 646 19.56 95.43 -13.24
CA ARG H 646 19.43 94.20 -14.01
C ARG H 646 19.13 93.00 -13.12
N GLU H 647 19.65 93.01 -11.90
CA GLU H 647 19.44 91.91 -10.96
C GLU H 647 18.21 92.13 -10.07
N THR H 648 17.42 93.14 -10.38
CA THR H 648 16.23 93.44 -9.59
C THR H 648 14.97 93.39 -10.44
N PRO H 649 14.18 92.31 -10.32
CA PRO H 649 12.94 92.16 -11.08
C PRO H 649 11.86 93.12 -10.61
N ALA H 650 11.23 93.81 -11.55
CA ALA H 650 10.17 94.75 -11.22
C ALA H 650 8.96 94.00 -10.66
N LEU H 651 8.78 94.07 -9.35
CA LEU H 651 7.66 93.40 -8.69
C LEU H 651 6.37 94.18 -8.81
N GLY H 652 5.27 93.59 -8.35
CA GLY H 652 3.99 94.25 -8.42
C GLY H 652 3.20 93.75 -9.62
N SER H 653 3.89 93.61 -10.75
CA SER H 653 3.26 93.14 -11.98
C SER H 653 3.44 91.62 -12.07
N PRO H 654 2.41 90.91 -12.54
CA PRO H 654 2.45 89.45 -12.69
C PRO H 654 3.47 88.94 -13.70
N PHE H 655 4.28 89.82 -14.24
CA PHE H 655 5.28 89.42 -15.22
C PHE H 655 6.21 90.56 -15.64
N ASP H 656 7.50 90.26 -15.73
CA ASP H 656 8.49 91.26 -16.12
C ASP H 656 9.10 90.85 -17.47
N PRO H 657 8.80 91.63 -18.52
CA PRO H 657 9.33 91.33 -19.86
C PRO H 657 10.78 91.75 -20.05
N TYR H 658 11.27 92.62 -19.18
CA TYR H 658 12.64 93.10 -19.28
C TYR H 658 13.58 92.48 -18.25
N PHE H 659 13.15 91.36 -17.67
CA PHE H 659 13.96 90.68 -16.67
C PHE H 659 14.75 89.52 -17.28
N THR H 660 15.94 89.83 -17.79
CA THR H 660 16.81 88.84 -18.40
C THR H 660 17.95 88.45 -17.47
N TYR H 661 17.60 87.96 -16.29
CA TYR H 661 18.60 87.56 -15.30
C TYR H 661 18.07 86.37 -14.51
N SER H 662 18.98 85.49 -14.08
CA SER H 662 18.59 84.31 -13.32
C SER H 662 19.49 84.04 -12.13
N GLY H 663 20.37 84.99 -11.82
CA GLY H 663 21.27 84.81 -10.70
C GLY H 663 20.54 85.14 -9.41
N THR H 664 21.29 85.23 -8.31
CA THR H 664 20.69 85.53 -7.02
C THR H 664 20.10 86.94 -7.03
N ILE H 665 18.94 87.10 -6.40
CA ILE H 665 18.28 88.39 -6.33
C ILE H 665 18.43 88.98 -4.94
N PRO H 666 19.44 89.84 -4.75
CA PRO H 666 19.71 90.48 -3.46
C PRO H 666 18.46 91.07 -2.82
N TYR H 667 17.52 91.50 -3.64
CA TYR H 667 16.28 92.10 -3.16
C TYR H 667 15.37 91.08 -2.47
N LEU H 668 15.61 89.80 -2.70
CA LEU H 668 14.79 88.76 -2.09
C LEU H 668 15.57 87.87 -1.12
N ASP H 669 16.54 87.13 -1.65
CA ASP H 669 17.35 86.24 -0.81
C ASP H 669 18.25 87.01 0.15
N GLY H 670 18.44 88.30 -0.13
CA GLY H 670 19.28 89.11 0.74
C GLY H 670 20.77 88.88 0.54
N THR H 671 21.19 88.74 -0.71
CA THR H 671 22.59 88.52 -1.02
C THR H 671 23.25 89.82 -1.48
N PHE H 672 23.12 90.85 -0.65
CA PHE H 672 23.68 92.16 -0.94
C PHE H 672 25.20 92.06 -1.00
N TYR H 673 25.83 93.00 -1.69
CA TYR H 673 27.29 93.00 -1.82
C TYR H 673 27.82 94.31 -2.38
N LEU H 674 27.08 95.39 -2.16
CA LEU H 674 27.50 96.69 -2.65
C LEU H 674 27.35 97.77 -1.59
N SER H 675 27.60 97.39 -0.35
CA SER H 675 27.51 98.33 0.76
C SER H 675 28.80 99.10 0.90
N HIS H 676 29.85 98.60 0.25
CA HIS H 676 31.16 99.24 0.31
C HIS H 676 31.29 100.31 -0.77
N THR H 677 30.17 100.66 -1.39
CA THR H 677 30.17 101.67 -2.43
C THR H 677 29.50 102.97 -2.00
N PHE H 678 29.37 103.15 -0.70
CA PHE H 678 28.76 104.37 -0.16
C PHE H 678 29.81 105.28 0.46
N ARG H 679 29.62 106.58 0.29
CA ARG H 679 30.56 107.56 0.84
C ARG H 679 29.99 108.22 2.09
N LYS H 680 28.86 108.89 1.95
CA LYS H 680 28.24 109.58 3.08
C LYS H 680 26.72 109.67 2.95
N VAL H 681 26.06 109.90 4.08
CA VAL H 681 24.60 110.02 4.11
C VAL H 681 24.22 111.22 4.97
N ALA H 682 23.32 112.06 4.47
CA ALA H 682 22.88 113.24 5.20
C ALA H 682 21.37 113.23 5.41
N ILE H 683 20.96 113.31 6.67
CA ILE H 683 19.55 113.31 7.02
C ILE H 683 19.16 114.66 7.60
N GLN H 684 18.00 115.17 7.19
CA GLN H 684 17.52 116.46 7.67
C GLN H 684 16.00 116.52 7.71
N PHE H 685 15.46 117.09 8.78
CA PHE H 685 14.02 117.22 8.95
C PHE H 685 13.56 118.64 8.67
N ASP H 686 12.46 118.77 7.94
CA ASP H 686 11.90 120.07 7.59
C ASP H 686 12.91 120.85 6.75
N SER H 687 13.77 120.13 6.04
CA SER H 687 14.78 120.74 5.19
C SER H 687 15.55 121.86 5.88
N SER H 688 16.04 121.57 7.08
CA SER H 688 16.80 122.56 7.85
C SER H 688 17.46 121.91 9.07
N VAL H 689 16.65 121.28 9.90
CA VAL H 689 17.15 120.61 11.10
C VAL H 689 17.83 119.30 10.74
N THR H 690 19.17 119.28 10.79
CA THR H 690 19.92 118.08 10.48
C THR H 690 19.83 117.09 11.63
N TRP H 691 19.85 115.81 11.30
CA TRP H 691 19.76 114.76 12.31
C TRP H 691 21.03 113.93 12.29
N PRO H 692 21.51 113.50 13.47
CA PRO H 692 20.94 113.76 14.78
C PRO H 692 21.27 115.15 15.31
N GLY H 693 22.22 115.81 14.65
CA GLY H 693 22.62 117.13 15.08
C GLY H 693 23.18 117.09 16.48
N ASN H 694 22.94 118.16 17.25
CA ASN H 694 23.42 118.23 18.62
C ASN H 694 24.91 117.94 18.71
N ASP H 695 25.59 118.05 17.58
CA ASP H 695 27.03 117.81 17.54
C ASP H 695 27.37 116.45 18.16
N ARG H 696 26.69 115.41 17.69
CA ARG H 696 26.92 114.06 18.19
C ARG H 696 28.16 113.42 17.59
N LEU H 697 28.27 113.48 16.27
CA LEU H 697 29.39 112.88 15.56
C LEU H 697 30.55 113.84 15.33
N LEU H 698 31.71 113.30 15.00
CA LEU H 698 32.90 114.11 14.74
C LEU H 698 32.57 115.02 13.56
N THR H 699 31.66 114.56 12.72
CA THR H 699 31.19 115.32 11.56
C THR H 699 29.68 115.43 11.73
N PRO H 700 29.24 116.27 12.67
CA PRO H 700 27.83 116.52 13.01
C PRO H 700 26.86 116.82 11.86
N ASN H 701 27.39 117.17 10.70
CA ASN H 701 26.54 117.49 9.57
C ASN H 701 26.25 116.31 8.64
N GLU H 702 26.75 115.13 9.00
CA GLU H 702 26.53 113.94 8.17
C GLU H 702 27.22 112.69 8.71
N PHE H 703 26.88 111.55 8.10
CA PHE H 703 27.47 110.27 8.47
C PHE H 703 28.44 109.84 7.38
N GLU H 704 29.73 110.07 7.60
CA GLU H 704 30.73 109.68 6.61
C GLU H 704 31.05 108.20 6.78
N ILE H 705 30.60 107.38 5.83
CA ILE H 705 30.84 105.94 5.90
C ILE H 705 32.31 105.63 5.68
N LYS H 706 32.95 106.38 4.77
CA LYS H 706 34.36 106.15 4.47
C LYS H 706 35.00 107.41 3.88
N ILE H 707 36.28 107.62 4.18
CA ILE H 707 37.00 108.78 3.68
C ILE H 707 38.15 108.32 2.77
N SER H 708 38.37 109.07 1.68
CA SER H 708 39.43 108.76 0.73
C SER H 708 40.76 109.33 1.21
N VAL H 709 40.76 110.63 1.49
CA VAL H 709 41.95 111.32 1.97
C VAL H 709 41.96 111.31 3.50
N ASP H 710 42.93 110.60 4.07
CA ASP H 710 43.03 110.50 5.53
C ASP H 710 42.92 111.83 6.27
N GLY H 711 43.77 112.80 5.90
CA GLY H 711 43.73 114.09 6.57
C GLY H 711 44.02 113.94 8.06
N GLU H 712 42.96 113.74 8.84
CA GLU H 712 43.10 113.58 10.28
C GLU H 712 43.26 112.10 10.61
N GLY H 713 42.60 111.25 9.82
CA GLY H 713 42.67 109.83 10.05
C GLY H 713 41.48 109.32 10.85
N TYR H 714 40.30 109.78 10.47
CA TYR H 714 39.08 109.36 11.16
C TYR H 714 38.75 107.93 10.76
N ASN H 715 39.73 107.24 10.19
CA ASN H 715 39.58 105.86 9.77
C ASN H 715 40.02 104.92 10.89
N VAL H 716 39.35 103.77 11.01
CA VAL H 716 39.69 102.80 12.04
C VAL H 716 39.79 101.39 11.48
N ALA H 717 40.01 100.42 12.36
CA ALA H 717 40.11 99.02 11.96
C ALA H 717 41.14 98.86 10.85
N GLN H 718 42.05 99.82 10.74
CA GLN H 718 43.09 99.78 9.72
C GLN H 718 42.46 99.70 8.33
N SER H 719 41.38 100.44 8.13
CA SER H 719 40.68 100.47 6.84
C SER H 719 40.37 101.91 6.46
N ASN H 720 39.42 102.08 5.55
CA ASN H 720 39.04 103.42 5.10
C ASN H 720 37.70 103.82 5.70
N MET H 721 37.26 103.07 6.71
CA MET H 721 36.00 103.34 7.37
C MET H 721 36.19 104.34 8.51
N THR H 722 35.37 105.38 8.54
CA THR H 722 35.47 106.40 9.58
C THR H 722 35.24 105.79 10.96
N LYS H 723 35.59 106.54 11.99
CA LYS H 723 35.42 106.10 13.37
C LYS H 723 33.95 106.24 13.74
N ASP H 724 33.32 107.31 13.25
CA ASP H 724 31.93 107.57 13.54
C ASP H 724 31.03 106.45 13.03
N TRP H 725 31.21 106.07 11.78
CA TRP H 725 30.41 105.01 11.19
C TRP H 725 30.59 103.70 11.92
N PHE H 726 31.85 103.32 12.15
CA PHE H 726 32.14 102.07 12.85
C PHE H 726 31.41 102.02 14.18
N LEU H 727 31.45 103.13 14.91
CA LEU H 727 30.77 103.20 16.21
C LEU H 727 29.28 102.96 16.06
N VAL H 728 28.66 103.72 15.16
CA VAL H 728 27.23 103.59 14.92
C VAL H 728 26.84 102.14 14.64
N GLN H 729 27.53 101.52 13.70
CA GLN H 729 27.26 100.13 13.35
C GLN H 729 27.35 99.20 14.54
N MET H 730 28.39 99.40 15.36
CA MET H 730 28.59 98.57 16.55
C MET H 730 27.44 98.71 17.54
N LEU H 731 26.97 99.93 17.75
CA LEU H 731 25.88 100.18 18.68
C LEU H 731 24.55 99.62 18.18
N ALA H 732 24.26 99.87 16.91
CA ALA H 732 23.00 99.40 16.32
C ALA H 732 22.92 97.89 16.17
N ASN H 733 24.05 97.21 16.33
CA ASN H 733 24.07 95.76 16.18
C ASN H 733 24.33 95.01 17.49
N TYR H 734 25.25 95.51 18.30
CA TYR H 734 25.59 94.83 19.54
C TYR H 734 25.60 95.77 20.76
N ASN H 735 25.13 97.00 20.57
CA ASN H 735 25.12 97.97 21.66
C ASN H 735 26.50 98.08 22.28
N ILE H 736 27.52 97.83 21.47
CA ILE H 736 28.91 97.90 21.92
C ILE H 736 29.60 99.14 21.37
N GLY H 737 30.22 99.91 22.25
CA GLY H 737 30.90 101.12 21.80
C GLY H 737 31.11 102.13 22.91
N TYR H 738 30.14 102.23 23.81
CA TYR H 738 30.23 103.17 24.92
C TYR H 738 31.12 102.67 26.03
N GLN H 739 31.51 101.40 25.95
CA GLN H 739 32.37 100.81 26.97
C GLN H 739 33.38 99.84 26.39
N GLY H 740 34.10 100.29 25.36
CA GLY H 740 35.11 99.45 24.73
C GLY H 740 34.61 98.66 23.54
N TYR H 741 35.48 98.48 22.55
CA TYR H 741 35.15 97.72 21.35
C TYR H 741 35.70 96.30 21.46
N HIS H 742 34.81 95.32 21.49
CA HIS H 742 35.21 93.92 21.58
C HIS H 742 34.32 93.02 20.74
N LEU H 743 34.89 91.90 20.29
CA LEU H 743 34.14 90.95 19.48
C LEU H 743 32.91 90.48 20.26
N PRO H 744 31.71 90.85 19.79
CA PRO H 744 30.46 90.47 20.44
C PRO H 744 30.30 88.96 20.51
N PRO H 745 29.39 88.47 21.37
CA PRO H 745 29.15 87.03 21.52
C PRO H 745 28.65 86.38 20.23
N ASP H 746 29.07 85.15 20.00
CA ASP H 746 28.70 84.41 18.81
C ASP H 746 27.22 84.38 18.44
N TYR H 747 26.35 84.10 19.41
CA TYR H 747 24.92 84.03 19.12
C TYR H 747 24.38 85.31 18.48
N LYS H 748 25.10 86.42 18.63
CA LYS H 748 24.64 87.68 18.03
C LYS H 748 25.31 87.94 16.69
N ASP H 749 26.25 87.09 16.31
CA ASP H 749 26.95 87.24 15.03
C ASP H 749 26.41 86.26 14.01
N ARG H 750 25.31 86.64 13.35
CA ARG H 750 24.70 85.79 12.34
C ARG H 750 25.16 86.26 10.96
N THR H 751 24.83 85.49 9.93
CA THR H 751 25.22 85.83 8.57
C THR H 751 24.77 87.22 8.13
N PHE H 752 23.80 87.78 8.84
CA PHE H 752 23.28 89.10 8.51
C PHE H 752 23.77 90.20 9.45
N SER H 753 24.83 89.90 10.20
CA SER H 753 25.38 90.86 11.14
C SER H 753 26.44 91.71 10.44
N PHE H 754 26.92 92.74 11.13
CA PHE H 754 27.94 93.62 10.57
C PHE H 754 29.34 93.02 10.66
N LEU H 755 29.89 93.03 11.87
CA LEU H 755 31.23 92.50 12.12
C LEU H 755 31.50 91.18 11.42
N HIS H 756 30.52 90.28 11.44
CA HIS H 756 30.67 88.97 10.81
C HIS H 756 31.11 89.07 9.36
N ASN H 757 30.65 90.10 8.66
CA ASN H 757 31.01 90.27 7.26
C ASN H 757 32.06 91.34 7.00
N PHE H 758 32.39 92.11 8.02
CA PHE H 758 33.39 93.16 7.88
C PHE H 758 34.77 92.56 7.70
N ILE H 759 35.42 92.91 6.58
CA ILE H 759 36.75 92.38 6.28
C ILE H 759 37.66 93.44 5.64
N PRO H 760 38.48 94.11 6.47
CA PRO H 760 39.40 95.13 5.98
C PRO H 760 40.61 94.52 5.27
N MET H 761 41.14 95.25 4.31
CA MET H 761 42.30 94.78 3.55
C MET H 761 43.12 95.94 3.02
N CYS H 762 44.43 95.73 2.90
CA CYS H 762 45.34 96.76 2.41
C CYS H 762 46.33 96.15 1.44
N ARG H 763 47.08 97.01 0.75
CA ARG H 763 48.08 96.57 -0.21
C ARG H 763 48.90 97.75 -0.65
N GLN H 764 50.11 97.49 -1.11
CA GLN H 764 50.99 98.54 -1.59
C GLN H 764 51.13 98.37 -3.10
N VAL H 765 51.24 99.48 -3.80
CA VAL H 765 51.38 99.45 -5.25
C VAL H 765 52.44 100.45 -5.67
N PRO H 766 53.18 100.15 -6.75
CA PRO H 766 54.23 101.04 -7.24
C PRO H 766 53.68 102.43 -7.57
N ASN H 767 53.97 103.40 -6.71
CA ASN H 767 53.50 104.76 -6.92
C ASN H 767 53.89 105.25 -8.31
N PRO H 768 52.91 105.71 -9.10
CA PRO H 768 53.08 106.22 -10.46
C PRO H 768 53.93 107.48 -10.63
N ALA H 769 54.06 108.26 -9.56
CA ALA H 769 54.81 109.50 -9.62
C ALA H 769 56.11 109.44 -8.81
N THR H 770 56.72 108.26 -8.78
CA THR H 770 57.98 108.05 -8.06
C THR H 770 59.15 108.22 -9.02
N GLU H 771 59.49 107.15 -9.72
CA GLU H 771 60.60 107.16 -10.67
C GLU H 771 60.22 106.62 -12.05
N GLY H 772 61.17 106.65 -12.96
CA GLY H 772 60.94 106.17 -14.30
C GLY H 772 60.73 104.66 -14.31
N TYR H 773 59.51 104.25 -13.98
CA TYR H 773 59.16 102.84 -13.93
C TYR H 773 58.26 102.55 -15.13
N PHE H 774 57.77 103.63 -15.73
CA PHE H 774 56.90 103.55 -16.90
C PHE H 774 55.59 102.80 -16.60
N GLY H 775 54.79 102.60 -17.64
CA GLY H 775 53.53 101.91 -17.49
C GLY H 775 53.59 100.47 -17.98
N LEU H 776 53.39 99.53 -17.06
CA LEU H 776 53.42 98.12 -17.40
C LEU H 776 52.27 97.80 -18.36
N GLY H 777 52.51 97.95 -19.65
CA GLY H 777 51.48 97.68 -20.63
C GLY H 777 51.08 96.22 -20.61
N ILE H 778 49.78 95.95 -20.39
CA ILE H 778 49.28 94.59 -20.34
C ILE H 778 49.56 93.84 -21.63
N VAL H 779 49.90 94.57 -22.68
CA VAL H 779 50.20 93.95 -23.97
C VAL H 779 51.68 93.60 -24.06
N ASN H 780 52.45 94.11 -23.11
CA ASN H 780 53.89 93.85 -23.06
C ASN H 780 54.24 93.01 -21.84
N HIS H 781 53.27 92.84 -20.96
CA HIS H 781 53.46 92.04 -19.76
C HIS H 781 53.95 90.64 -20.10
N ARG H 782 55.15 90.30 -19.64
CA ARG H 782 55.70 88.98 -19.89
C ARG H 782 56.20 88.37 -18.60
N THR H 783 55.69 87.19 -18.28
CA THR H 783 56.05 86.47 -17.07
C THR H 783 55.95 84.98 -17.36
N THR H 784 56.98 84.21 -17.02
CA THR H 784 56.98 82.78 -17.27
C THR H 784 56.74 82.54 -18.76
N PRO H 785 57.53 83.22 -19.62
CA PRO H 785 57.38 83.06 -21.08
C PRO H 785 57.65 81.64 -21.55
N ALA H 786 57.18 81.33 -22.76
CA ALA H 786 57.35 80.00 -23.34
C ALA H 786 56.50 79.00 -22.57
N TYR H 787 56.15 79.35 -21.34
CA TYR H 787 55.31 78.51 -20.50
C TYR H 787 54.00 79.27 -20.31
N TRP H 788 54.01 80.53 -20.73
CA TRP H 788 52.83 81.40 -20.62
C TRP H 788 52.30 81.61 -22.04
N PHE H 789 51.29 82.47 -22.16
CA PHE H 789 50.70 82.79 -23.46
C PHE H 789 50.00 84.15 -23.38
N ARG H 790 50.12 84.94 -24.45
CA ARG H 790 49.52 86.27 -24.54
C ARG H 790 48.00 86.24 -24.38
N PHE H 791 47.36 85.28 -25.03
CA PHE H 791 45.92 85.11 -24.92
C PHE H 791 45.68 84.10 -23.81
N CYS H 792 46.73 83.91 -23.00
CA CYS H 792 46.74 83.02 -21.86
C CYS H 792 45.55 82.07 -21.72
N ARG H 793 45.73 80.87 -22.26
CA ARG H 793 44.73 79.83 -22.23
C ARG H 793 45.21 78.64 -23.06
N ALA H 794 45.67 78.98 -24.26
CA ALA H 794 46.16 77.98 -25.19
C ALA H 794 47.43 77.34 -24.64
N PRO H 795 48.17 76.58 -25.48
CA PRO H 795 49.36 75.98 -24.88
C PRO H 795 50.46 76.98 -24.54
N ARG H 796 51.66 76.45 -24.37
CA ARG H 796 52.81 77.25 -24.03
C ARG H 796 53.35 77.95 -25.26
N GLU H 797 53.75 79.21 -25.09
CA GLU H 797 54.30 79.98 -26.20
C GLU H 797 55.29 81.02 -25.75
N GLY H 798 56.36 81.18 -26.52
CA GLY H 798 57.34 82.17 -26.17
C GLY H 798 58.76 81.66 -26.10
N HIS H 799 59.49 82.09 -25.09
CA HIS H 799 60.88 81.70 -24.91
C HIS H 799 61.39 82.14 -23.54
N PRO H 800 61.90 81.20 -22.72
CA PRO H 800 62.42 81.51 -21.39
C PRO H 800 63.21 82.81 -21.39
N TYR H 801 62.77 83.76 -20.56
CA TYR H 801 63.42 85.06 -20.50
C TYR H 801 63.06 85.76 -19.19
N PRO H 802 63.98 86.58 -18.66
CA PRO H 802 63.69 87.29 -17.41
C PRO H 802 62.48 88.19 -17.58
N GLN H 803 61.37 87.83 -16.95
CA GLN H 803 60.12 88.60 -17.04
C GLN H 803 60.31 90.05 -16.56
N LEU H 804 59.24 90.84 -16.63
CA LEU H 804 59.30 92.25 -16.26
C LEU H 804 58.03 92.77 -15.55
N ALA H 805 56.88 92.21 -15.90
CA ALA H 805 55.63 92.63 -15.30
C ALA H 805 55.66 92.51 -13.78
N LEU H 806 54.77 93.25 -13.13
CA LEU H 806 54.66 93.23 -11.67
C LEU H 806 55.97 93.61 -11.01
N PRO H 807 56.08 94.88 -10.59
CA PRO H 807 57.28 95.40 -9.93
C PRO H 807 57.43 94.89 -8.50
N PRO H 808 58.67 94.73 -8.02
CA PRO H 808 58.92 94.25 -6.66
C PRO H 808 58.33 95.16 -5.58
N HIS H 809 57.82 94.55 -4.52
CA HIS H 809 57.24 95.27 -3.41
C HIS H 809 57.95 94.92 -2.11
N TRP H 810 59.24 94.63 -2.22
CA TRP H 810 60.07 94.28 -1.08
C TRP H 810 61.47 94.00 -1.60
N ASP H 811 62.38 93.65 -0.69
CA ASP H 811 63.76 93.34 -1.05
C ASP H 811 64.50 94.63 -1.45
N PRO H 812 65.84 94.63 -1.41
CA PRO H 812 66.60 95.82 -1.78
C PRO H 812 66.25 96.37 -3.16
N ARG H 813 65.66 95.53 -4.00
CA ARG H 813 65.28 95.93 -5.35
C ARG H 813 63.90 96.59 -5.35
N HIS H 814 63.31 96.71 -4.16
CA HIS H 814 61.99 97.31 -4.00
C HIS H 814 61.97 98.78 -4.45
N ALA H 815 60.93 99.15 -5.21
CA ALA H 815 60.78 100.51 -5.69
C ALA H 815 59.74 101.23 -4.84
N LEU H 816 59.80 102.55 -4.82
CA LEU H 816 58.86 103.33 -4.02
C LEU H 816 57.41 103.01 -4.39
N ARG H 817 56.60 102.71 -3.39
CA ARG H 817 55.20 102.38 -3.59
C ARG H 817 54.23 103.36 -2.93
N ASP H 818 53.02 102.88 -2.65
CA ASP H 818 51.98 103.69 -2.03
C ASP H 818 50.86 102.81 -1.47
N PRO H 819 50.47 103.03 -0.21
CA PRO H 819 49.40 102.28 0.47
C PRO H 819 48.00 102.55 -0.08
N GLU H 820 47.13 101.55 0.02
CA GLU H 820 45.76 101.68 -0.46
C GLU H 820 44.85 100.83 0.41
N ARG H 821 43.89 101.47 1.07
CA ARG H 821 42.97 100.76 1.96
C ARG H 821 41.53 100.72 1.45
N LYS H 822 40.80 99.69 1.87
CA LYS H 822 39.40 99.51 1.51
C LYS H 822 38.82 98.37 2.33
N PHE H 823 37.55 98.02 2.07
CA PHE H 823 36.91 96.94 2.81
C PHE H 823 35.70 96.40 2.08
N LEU H 824 35.17 95.29 2.59
CA LEU H 824 33.99 94.65 2.01
C LEU H 824 33.05 94.20 3.12
N CYS H 825 31.75 94.31 2.89
CA CYS H 825 30.75 93.91 3.86
C CYS H 825 29.51 93.46 3.10
N ASP H 826 29.46 92.17 2.78
CA ASP H 826 28.35 91.61 2.03
C ASP H 826 27.21 91.11 2.90
N ARG H 827 26.16 90.63 2.23
CA ARG H 827 24.97 90.09 2.89
C ARG H 827 24.64 90.82 4.18
N THR H 828 24.78 92.15 4.16
CA THR H 828 24.50 92.97 5.33
C THR H 828 23.77 94.25 4.94
N LEU H 829 23.18 94.90 5.93
CA LEU H 829 22.45 96.15 5.70
C LEU H 829 22.92 97.25 6.63
N TRP H 830 23.24 98.41 6.07
CA TRP H 830 23.69 99.54 6.87
C TRP H 830 22.54 99.95 7.78
N ARG H 831 22.85 100.18 9.05
CA ARG H 831 21.84 100.56 10.03
C ARG H 831 22.06 101.94 10.64
N ILE H 832 20.97 102.63 10.92
CA ILE H 832 21.01 103.95 11.53
C ILE H 832 19.76 104.06 12.40
N PRO H 833 19.76 103.37 13.56
CA PRO H 833 18.63 103.39 14.49
C PRO H 833 18.19 104.80 14.83
N PHE H 834 16.88 104.99 15.01
CA PHE H 834 16.34 106.30 15.34
C PHE H 834 16.29 106.48 16.86
N SER H 835 17.42 106.25 17.52
CA SER H 835 17.50 106.40 18.96
C SER H 835 18.43 107.56 19.30
N SER H 836 18.29 108.09 20.50
CA SER H 836 19.11 109.22 20.94
C SER H 836 20.57 108.82 21.13
N ASN H 837 20.80 107.54 21.43
CA ASN H 837 22.15 107.04 21.63
C ASN H 837 22.50 105.91 20.67
N PHE H 838 21.64 105.70 19.68
CA PHE H 838 21.85 104.66 18.68
C PHE H 838 21.76 103.24 19.21
N MET H 839 21.51 103.10 20.51
CA MET H 839 21.40 101.77 21.11
C MET H 839 19.96 101.26 21.04
N SER H 840 19.79 99.95 21.15
CA SER H 840 18.48 99.34 21.12
C SER H 840 17.98 99.10 22.54
N MET H 841 17.05 99.95 22.98
CA MET H 841 16.50 99.83 24.33
C MET H 841 15.03 99.39 24.26
N GLY H 842 14.64 98.83 23.12
CA GLY H 842 13.28 98.38 22.94
C GLY H 842 12.82 98.59 21.52
N SER H 843 11.87 97.77 21.07
CA SER H 843 11.35 97.89 19.72
C SER H 843 10.92 99.33 19.45
N LEU H 844 10.13 99.88 20.37
CA LEU H 844 9.67 101.25 20.26
C LEU H 844 10.70 102.20 20.85
N THR H 845 11.61 102.68 20.02
CA THR H 845 12.67 103.58 20.47
C THR H 845 12.12 104.76 21.26
N ASP H 846 13.02 105.47 21.93
CA ASP H 846 12.64 106.63 22.73
C ASP H 846 12.22 107.78 21.83
N LEU H 847 13.05 108.08 20.83
CA LEU H 847 12.74 109.16 19.89
C LEU H 847 11.44 108.85 19.16
N GLY H 848 11.23 107.59 18.86
CA GLY H 848 10.02 107.20 18.17
C GLY H 848 8.80 107.38 19.05
N GLN H 849 9.02 107.90 20.25
CA GLN H 849 7.94 108.12 21.19
C GLN H 849 8.00 109.55 21.74
N ASN H 850 8.84 110.37 21.12
CA ASN H 850 9.00 111.75 21.53
C ASN H 850 7.87 112.62 20.95
N LEU H 851 7.34 113.51 21.77
CA LEU H 851 6.24 114.38 21.36
C LEU H 851 6.54 115.18 20.09
N LEU H 852 7.75 115.68 19.96
CA LEU H 852 8.14 116.47 18.79
C LEU H 852 7.74 115.83 17.48
N TYR H 853 7.60 114.50 17.48
CA TYR H 853 7.23 113.78 16.26
C TYR H 853 5.78 113.33 16.21
N ALA H 854 5.26 112.86 17.34
CA ALA H 854 3.88 112.39 17.42
C ALA H 854 2.88 113.55 17.36
N ASN H 855 3.33 114.73 17.80
CA ASN H 855 2.48 115.91 17.82
C ASN H 855 2.31 116.53 16.43
N ALA H 856 3.41 116.96 15.83
CA ALA H 856 3.37 117.59 14.51
C ALA H 856 4.06 116.71 13.45
N ALA H 857 3.71 116.96 12.19
CA ALA H 857 4.29 116.21 11.09
C ALA H 857 5.48 116.98 10.52
N HIS H 858 6.44 116.24 9.95
CA HIS H 858 7.63 116.85 9.38
C HIS H 858 7.91 116.34 7.98
N ALA H 859 9.00 116.83 7.39
CA ALA H 859 9.42 116.43 6.06
C ALA H 859 10.84 115.89 6.17
N LEU H 860 11.12 114.82 5.43
CA LEU H 860 12.44 114.21 5.46
C LEU H 860 13.17 114.35 4.12
N ASP H 861 14.49 114.51 4.19
CA ASP H 861 15.31 114.65 3.00
C ASP H 861 16.68 114.02 3.23
N MET H 862 16.98 112.97 2.49
CA MET H 862 18.27 112.29 2.61
C MET H 862 19.09 112.45 1.34
N THR H 863 20.40 112.54 1.50
CA THR H 863 21.30 112.69 0.37
C THR H 863 22.42 111.66 0.46
N PHE H 864 22.37 110.66 -0.42
CA PHE H 864 23.38 109.61 -0.43
C PHE H 864 24.43 109.83 -1.50
N GLU H 865 25.69 109.86 -1.07
CA GLU H 865 26.81 110.03 -1.99
C GLU H 865 27.51 108.68 -2.09
N MET H 866 27.56 108.12 -3.30
CA MET H 866 28.17 106.82 -3.49
C MET H 866 29.14 106.79 -4.68
N ASP H 867 29.93 105.72 -4.75
CA ASP H 867 30.90 105.54 -5.82
C ASP H 867 30.19 105.32 -7.16
N PRO H 868 30.73 105.89 -8.23
CA PRO H 868 30.16 105.76 -9.58
C PRO H 868 30.34 104.36 -10.18
N ILE H 869 29.28 103.87 -10.80
CA ILE H 869 29.31 102.55 -11.44
C ILE H 869 28.82 102.67 -12.88
N ASN H 870 29.44 101.92 -13.78
CA ASN H 870 29.09 101.94 -15.20
C ASN H 870 27.85 101.13 -15.54
N GLU H 871 26.80 101.25 -14.72
CA GLU H 871 25.56 100.52 -14.96
C GLU H 871 24.46 100.98 -14.00
N PRO H 872 23.20 100.95 -14.46
CA PRO H 872 22.05 101.37 -13.66
C PRO H 872 21.94 100.58 -12.36
N THR H 873 21.78 101.30 -11.25
CA THR H 873 21.65 100.67 -9.94
C THR H 873 20.44 101.23 -9.21
N LEU H 874 20.24 100.79 -7.97
CA LEU H 874 19.11 101.25 -7.18
C LEU H 874 19.48 101.44 -5.71
N LEU H 875 18.86 102.42 -5.07
CA LEU H 875 19.12 102.71 -3.66
C LEU H 875 18.01 102.09 -2.81
N TYR H 876 18.26 100.88 -2.31
CA TYR H 876 17.29 100.16 -1.49
C TYR H 876 17.23 100.68 -0.06
N VAL H 877 16.20 101.46 0.25
CA VAL H 877 16.03 102.02 1.59
C VAL H 877 15.02 101.18 2.38
N LEU H 878 15.13 101.20 3.70
CA LEU H 878 14.23 100.43 4.55
C LEU H 878 13.77 101.21 5.78
N PHE H 879 12.66 101.91 5.64
CA PHE H 879 12.11 102.68 6.75
C PHE H 879 11.51 101.73 7.77
N GLU H 880 12.33 101.27 8.70
CA GLU H 880 11.88 100.35 9.74
C GLU H 880 10.64 100.92 10.45
N VAL H 881 9.58 100.14 10.50
CA VAL H 881 8.35 100.57 11.13
C VAL H 881 7.70 99.43 11.91
N PHE H 882 6.40 99.59 12.20
CA PHE H 882 5.66 98.57 12.93
C PHE H 882 4.55 97.99 12.07
N ASP H 883 4.84 96.86 11.45
CA ASP H 883 3.86 96.18 10.60
C ASP H 883 3.19 95.09 11.42
N VAL H 884 2.21 95.48 12.23
CA VAL H 884 1.51 94.53 13.09
C VAL H 884 0.06 94.34 12.67
N ALA H 885 -0.50 93.18 12.99
CA ALA H 885 -1.88 92.87 12.64
C ALA H 885 -2.50 91.92 13.66
N ARG H 886 -3.71 92.24 14.11
CA ARG H 886 -4.42 91.41 15.06
C ARG H 886 -5.45 90.54 14.35
N VAL H 887 -5.61 89.31 14.81
CA VAL H 887 -6.57 88.38 14.21
C VAL H 887 -7.68 88.07 15.21
N HIS H 888 -8.91 88.40 14.83
CA HIS H 888 -10.05 88.16 15.69
C HIS H 888 -10.98 87.11 15.08
N GLN H 889 -11.29 86.08 15.87
CA GLN H 889 -12.17 85.01 15.41
C GLN H 889 -13.37 84.86 16.35
N PRO H 890 -14.45 85.61 16.06
CA PRO H 890 -15.66 85.57 16.87
C PRO H 890 -16.44 84.26 16.77
N HIS H 891 -16.83 83.89 15.55
CA HIS H 891 -17.61 82.67 15.34
C HIS H 891 -16.94 81.64 14.44
N ARG H 892 -17.59 80.50 14.29
CA ARG H 892 -17.10 79.41 13.46
C ARG H 892 -16.94 79.87 12.02
N GLY H 893 -15.77 79.62 11.45
CA GLY H 893 -15.52 80.02 10.08
C GLY H 893 -15.65 81.51 9.83
N VAL H 894 -15.02 82.31 10.69
CA VAL H 894 -15.07 83.76 10.56
C VAL H 894 -13.75 84.38 11.02
N ILE H 895 -12.99 84.91 10.08
CA ILE H 895 -11.71 85.54 10.40
C ILE H 895 -11.69 87.03 10.11
N GLU H 896 -11.54 87.82 11.15
CA GLU H 896 -11.48 89.28 11.02
C GLU H 896 -10.11 89.76 11.46
N VAL H 897 -9.34 90.31 10.54
CA VAL H 897 -8.00 90.80 10.85
C VAL H 897 -7.93 92.32 10.70
N VAL H 898 -7.04 92.94 11.47
CA VAL H 898 -6.86 94.38 11.42
C VAL H 898 -5.39 94.74 11.34
N TYR H 899 -4.92 95.09 10.14
CA TYR H 899 -3.52 95.46 9.95
C TYR H 899 -3.28 96.90 10.40
N LEU H 900 -2.01 97.27 10.51
CA LEU H 900 -1.63 98.61 10.92
C LEU H 900 -0.13 98.83 10.86
N ARG H 901 0.33 99.51 9.81
CA ARG H 901 1.75 99.80 9.66
C ARG H 901 1.98 101.28 9.87
N THR H 902 2.58 101.63 11.01
CA THR H 902 2.87 103.03 11.32
C THR H 902 4.34 103.22 11.65
N PRO H 903 4.98 104.23 11.03
CA PRO H 903 4.43 105.17 10.05
C PRO H 903 4.12 104.51 8.72
N PHE H 904 3.91 105.32 7.69
CA PHE H 904 3.63 104.81 6.35
C PHE H 904 2.41 103.89 6.35
N SER H 905 1.28 104.39 6.83
CA SER H 905 0.06 103.61 6.88
C SER H 905 -0.32 103.05 5.51
N ALA H 906 -0.53 103.93 4.55
CA ALA H 906 -0.89 103.53 3.20
C ALA H 906 -0.19 104.45 2.18
N GLY H 907 1.13 104.33 2.11
CA GLY H 907 1.89 105.15 1.18
C GLY H 907 2.02 106.57 1.72
N ASN H 908 2.59 107.46 0.92
CA ASN H 908 2.77 108.85 1.33
C ASN H 908 2.29 109.82 0.25
N ALA H 909 1.47 110.77 0.67
CA ALA H 909 0.92 111.77 -0.26
C ALA H 909 0.36 112.97 0.52
N LEU I 7 -0.78 105.21 22.78
CA LEU I 7 -2.21 105.60 22.60
C LEU I 7 -3.05 104.38 22.19
N PRO I 8 -4.38 104.47 22.38
CA PRO I 8 -5.33 103.40 22.05
C PRO I 8 -5.05 102.69 20.72
N GLN I 9 -4.32 103.37 19.84
CA GLN I 9 -4.00 102.78 18.54
C GLN I 9 -2.92 101.73 18.73
N TRP I 10 -1.91 102.05 19.53
CA TRP I 10 -0.83 101.11 19.79
C TRP I 10 -1.26 100.08 20.83
N SER I 11 -1.91 100.55 21.89
CA SER I 11 -2.39 99.68 22.96
C SER I 11 -3.19 98.51 22.41
N TYR I 12 -3.97 98.76 21.36
CA TYR I 12 -4.78 97.72 20.75
C TYR I 12 -3.90 96.75 19.97
N MET I 13 -2.99 97.30 19.16
CA MET I 13 -2.09 96.49 18.37
C MET I 13 -0.94 95.96 19.20
N HIS I 14 -0.94 96.28 20.48
CA HIS I 14 0.09 95.85 21.41
C HIS I 14 1.47 96.39 21.06
N ILE I 15 1.51 97.50 20.33
CA ILE I 15 2.77 98.11 19.96
C ILE I 15 3.44 98.58 21.24
N ALA I 16 2.62 98.84 22.25
CA ALA I 16 3.09 99.28 23.56
C ALA I 16 2.01 99.00 24.60
N GLY I 17 2.44 98.75 25.83
CA GLY I 17 1.49 98.47 26.89
C GLY I 17 1.80 97.20 27.66
N GLN I 18 0.77 96.58 28.22
CA GLN I 18 0.94 95.35 28.99
C GLN I 18 1.37 94.19 28.10
N ASP I 19 1.88 93.13 28.72
CA ASP I 19 2.34 91.94 27.99
C ASP I 19 1.25 90.88 27.91
N ALA I 20 1.48 89.88 27.08
CA ALA I 20 0.53 88.79 26.89
C ALA I 20 0.08 88.22 28.24
N SER I 21 1.03 88.07 29.16
CA SER I 21 0.75 87.54 30.48
C SER I 21 -0.10 88.49 31.31
N GLU I 22 -0.62 89.53 30.67
CA GLU I 22 -1.44 90.51 31.36
C GLU I 22 -2.69 90.90 30.59
N TYR I 23 -2.54 91.11 29.28
CA TYR I 23 -3.69 91.50 28.46
C TYR I 23 -4.50 90.28 28.04
N LEU I 24 -4.01 89.10 28.37
CA LEU I 24 -4.71 87.85 28.03
C LEU I 24 -5.50 87.36 29.24
N SER I 25 -6.46 86.48 28.98
CA SER I 25 -7.28 85.93 30.06
C SER I 25 -6.42 85.01 30.92
N PRO I 26 -6.46 85.20 32.25
CA PRO I 26 -5.70 84.39 33.20
C PRO I 26 -5.66 82.90 32.85
N GLY I 27 -6.83 82.35 32.48
CA GLY I 27 -6.90 80.95 32.13
C GLY I 27 -5.98 80.56 30.99
N LEU I 28 -6.09 81.28 29.88
CA LEU I 28 -5.28 80.99 28.70
C LEU I 28 -3.78 81.11 29.00
N VAL I 29 -3.42 82.06 29.86
CA VAL I 29 -2.02 82.27 30.22
C VAL I 29 -1.40 80.99 30.77
N GLN I 30 -1.85 80.57 31.95
CA GLN I 30 -1.33 79.37 32.59
C GLN I 30 -1.38 78.14 31.68
N PHE I 31 -2.41 78.06 30.84
CA PHE I 31 -2.56 76.94 29.92
C PHE I 31 -1.31 76.80 29.06
N ALA I 32 -0.86 77.91 28.48
CA ALA I 32 0.32 77.91 27.63
C ALA I 32 1.53 77.48 28.44
N GLN I 33 1.65 78.03 29.64
CA GLN I 33 2.77 77.72 30.53
C GLN I 33 2.83 76.23 30.83
N ALA I 34 1.67 75.60 30.90
CA ALA I 34 1.58 74.17 31.20
C ALA I 34 1.89 73.33 29.97
N THR I 35 1.43 73.77 28.81
CA THR I 35 1.65 73.05 27.57
C THR I 35 2.95 73.48 26.89
N GLU I 36 3.84 74.09 27.66
CA GLU I 36 5.12 74.56 27.13
C GLU I 36 6.01 73.38 26.74
N SER I 37 5.39 72.23 26.52
CA SER I 37 6.14 71.03 26.14
C SER I 37 5.67 70.51 24.79
N TYR I 38 4.40 70.11 24.72
CA TYR I 38 3.82 69.56 23.50
C TYR I 38 3.24 70.64 22.59
N PHE I 39 2.20 71.33 23.07
CA PHE I 39 1.57 72.36 22.26
C PHE I 39 1.97 73.76 22.73
N ASN I 40 2.62 74.52 21.85
CA ASN I 40 3.06 75.87 22.19
C ASN I 40 2.19 76.93 21.51
N ILE I 41 1.84 77.95 22.27
CA ILE I 41 1.02 79.05 21.77
C ILE I 41 1.58 80.38 22.23
N GLY I 42 2.85 80.38 22.62
CA GLY I 42 3.49 81.60 23.09
C GLY I 42 3.88 82.57 22.00
N ASN I 43 4.07 82.07 20.79
CA ASN I 43 4.45 82.91 19.66
C ASN I 43 3.22 83.55 19.02
N LYS I 44 2.05 83.03 19.38
CA LYS I 44 0.80 83.53 18.84
C LYS I 44 0.43 84.89 19.43
N PHE I 45 0.98 85.20 20.60
CA PHE I 45 0.70 86.46 21.26
C PHE I 45 1.97 87.31 21.34
N ARG I 46 1.88 88.54 20.87
CA ARG I 46 3.02 89.46 20.88
C ARG I 46 3.17 90.21 22.20
N ASN I 47 4.40 90.44 22.60
CA ASN I 47 4.72 91.17 23.83
C ASN I 47 5.41 92.47 23.45
N PRO I 48 4.80 93.61 23.81
CA PRO I 48 5.38 94.92 23.50
C PRO I 48 6.62 95.26 24.31
N THR I 49 7.59 95.88 23.66
CA THR I 49 8.84 96.28 24.32
C THR I 49 9.10 97.76 24.08
N VAL I 50 8.77 98.58 25.06
CA VAL I 50 8.98 100.02 24.96
C VAL I 50 10.26 100.45 25.64
N ALA I 51 10.89 101.50 25.11
CA ALA I 51 12.13 102.02 25.67
C ALA I 51 11.83 103.25 26.50
N PRO I 52 12.71 103.58 27.46
CA PRO I 52 12.52 104.75 28.34
C PRO I 52 12.60 106.07 27.56
N THR I 53 11.84 107.07 28.03
CA THR I 53 11.82 108.36 27.37
C THR I 53 12.23 109.51 28.30
N HIS I 54 13.11 109.22 29.26
CA HIS I 54 13.59 110.22 30.20
C HIS I 54 14.57 109.60 31.18
N ASP I 55 15.50 110.42 31.66
CA ASP I 55 16.52 109.96 32.61
C ASP I 55 17.43 108.91 31.98
N VAL I 56 17.70 109.07 30.70
CA VAL I 56 18.56 108.14 29.97
C VAL I 56 19.53 108.92 29.08
N THR I 57 18.98 109.61 28.09
CA THR I 57 19.79 110.40 27.17
C THR I 57 19.56 111.88 27.39
N THR I 58 20.61 112.67 27.15
CA THR I 58 20.54 114.12 27.32
C THR I 58 19.96 114.77 26.06
N GLU I 59 19.31 115.92 26.24
CA GLU I 59 18.72 116.64 25.12
C GLU I 59 19.66 117.69 24.55
N ARG I 60 20.53 118.24 25.40
CA ARG I 60 21.47 119.26 24.96
C ARG I 60 22.62 118.67 24.13
N SER I 61 23.21 119.50 23.27
CA SER I 61 24.30 119.08 22.41
C SER I 61 25.46 118.50 23.24
N GLN I 62 26.14 117.50 22.67
CA GLN I 62 27.26 116.85 23.36
C GLN I 62 27.87 115.77 22.49
N ARG I 63 29.17 115.87 22.23
CA ARG I 63 29.88 114.88 21.42
C ARG I 63 29.79 113.48 22.03
N LEU I 64 29.94 112.47 21.18
CA LEU I 64 29.89 111.08 21.63
C LEU I 64 31.30 110.59 21.90
N GLN I 65 32.24 111.04 21.07
CA GLN I 65 33.64 110.66 21.23
C GLN I 65 34.55 111.85 20.94
N LEU I 66 35.26 112.30 21.97
CA LEU I 66 36.16 113.43 21.85
C LEU I 66 37.52 112.97 21.36
N ARG I 67 38.35 113.93 20.96
CA ARG I 67 39.69 113.64 20.48
C ARG I 67 40.64 114.58 21.19
N PHE I 68 41.74 114.03 21.71
CA PHE I 68 42.71 114.84 22.43
C PHE I 68 44.09 114.87 21.76
N VAL I 69 44.71 116.03 21.76
CA VAL I 69 46.03 116.21 21.16
C VAL I 69 47.09 116.33 22.25
N PRO I 70 48.28 115.74 22.02
CA PRO I 70 49.40 115.78 22.98
C PRO I 70 49.78 117.19 23.39
N VAL I 71 49.80 117.42 24.70
CA VAL I 71 50.17 118.74 25.22
C VAL I 71 51.69 118.81 25.33
N ASP I 72 52.33 117.65 25.15
CA ASP I 72 53.77 117.55 25.21
C ASP I 72 54.19 116.17 24.70
N ARG I 73 55.20 116.14 23.84
CA ARG I 73 55.69 114.88 23.28
C ARG I 73 57.20 114.88 23.08
N GLU I 74 57.85 113.84 23.59
CA GLU I 74 59.30 113.70 23.49
C GLU I 74 59.68 112.46 22.69
N ASP I 75 60.36 112.67 21.57
CA ASP I 75 60.79 111.56 20.73
C ASP I 75 62.22 111.17 21.06
N THR I 76 62.37 110.20 21.95
CA THR I 76 63.68 109.72 22.36
C THR I 76 64.22 108.73 21.33
N GLN I 77 65.53 108.53 21.35
CA GLN I 77 66.19 107.62 20.42
C GLN I 77 65.57 106.23 20.35
N TYR I 78 65.02 105.76 21.48
CA TYR I 78 64.42 104.44 21.53
C TYR I 78 63.09 104.39 22.28
N SER I 79 62.47 105.55 22.47
CA SER I 79 61.20 105.62 23.18
C SER I 79 60.44 106.87 22.77
N TYR I 80 59.13 106.84 22.94
CA TYR I 80 58.28 107.97 22.59
C TYR I 80 57.28 108.21 23.72
N LYS I 81 57.30 109.41 24.28
CA LYS I 81 56.40 109.75 25.38
C LYS I 81 55.52 110.95 25.04
N THR I 82 54.24 110.84 25.40
CA THR I 82 53.28 111.89 25.16
C THR I 82 52.33 112.02 26.34
N ARG I 83 51.96 113.25 26.68
CA ARG I 83 51.06 113.49 27.80
C ARG I 83 49.81 114.22 27.32
N PHE I 84 48.64 113.74 27.74
CA PHE I 84 47.38 114.35 27.37
C PHE I 84 46.67 114.86 28.61
N GLN I 85 45.75 115.80 28.44
CA GLN I 85 45.01 116.34 29.56
C GLN I 85 43.56 115.88 29.52
N LEU I 86 43.37 114.56 29.54
CA LEU I 86 42.04 113.96 29.52
C LEU I 86 41.09 114.71 30.42
N ALA I 87 40.18 115.48 29.83
CA ALA I 87 39.22 116.26 30.59
C ALA I 87 37.80 115.70 30.46
N VAL I 88 37.23 115.30 31.59
CA VAL I 88 35.88 114.75 31.60
C VAL I 88 34.89 115.84 32.01
N GLY I 89 34.21 116.41 31.01
CA GLY I 89 33.24 117.46 31.28
C GLY I 89 32.28 117.11 32.40
N ASP I 90 31.70 118.12 33.03
CA ASP I 90 30.77 117.92 34.13
C ASP I 90 29.53 117.17 33.65
N ASN I 91 28.86 116.50 34.58
CA ASN I 91 27.65 115.75 34.27
C ASN I 91 27.92 114.61 33.27
N ARG I 92 29.18 114.19 33.19
CA ARG I 92 29.57 113.12 32.28
C ARG I 92 30.30 112.02 33.03
N VAL I 93 30.44 110.87 32.38
CA VAL I 93 31.13 109.74 32.97
C VAL I 93 31.90 109.00 31.87
N LEU I 94 33.22 108.89 32.04
CA LEU I 94 34.04 108.23 31.04
C LEU I 94 34.46 106.83 31.49
N ASP I 95 34.28 105.86 30.58
CA ASP I 95 34.65 104.48 30.87
C ASP I 95 35.93 104.16 30.11
N MET I 96 37.05 104.25 30.80
CA MET I 96 38.36 103.99 30.21
C MET I 96 38.36 102.93 29.11
N ALA I 97 37.63 101.84 29.33
CA ALA I 97 37.57 100.76 28.35
C ALA I 97 37.26 101.28 26.94
N SER I 98 36.64 102.44 26.85
CA SER I 98 36.29 103.02 25.56
C SER I 98 37.36 103.95 25.01
N THR I 99 38.49 104.03 25.70
CA THR I 99 39.58 104.90 25.28
C THR I 99 40.71 104.09 24.67
N TYR I 100 41.43 104.70 23.73
CA TYR I 100 42.54 104.05 23.07
C TYR I 100 43.45 105.08 22.41
N PHE I 101 44.67 104.67 22.07
CA PHE I 101 45.62 105.58 21.45
C PHE I 101 45.70 105.38 19.95
N ASP I 102 45.30 106.40 19.20
CA ASP I 102 45.33 106.35 17.75
C ASP I 102 46.73 106.72 17.28
N ILE I 103 47.44 105.74 16.73
CA ILE I 103 48.80 105.96 16.26
C ILE I 103 48.92 105.95 14.73
N ARG I 104 49.76 106.84 14.21
CA ARG I 104 49.99 106.96 12.78
C ARG I 104 51.49 107.12 12.53
N GLY I 105 51.98 106.48 11.48
CA GLY I 105 53.41 106.60 11.17
C GLY I 105 53.85 105.75 10.00
N THR I 106 55.16 105.77 9.74
CA THR I 106 55.73 105.00 8.64
C THR I 106 56.46 103.77 9.17
N LEU I 107 56.39 102.69 8.41
CA LEU I 107 57.04 101.43 8.78
C LEU I 107 57.89 100.88 7.66
N ASP I 108 59.03 100.28 8.02
CA ASP I 108 59.94 99.71 7.04
C ASP I 108 60.30 98.29 7.43
N ARG I 109 59.54 97.33 6.90
CA ARG I 109 59.75 95.92 7.18
C ARG I 109 61.15 95.45 6.82
N GLY I 110 61.94 96.33 6.23
CA GLY I 110 63.30 95.97 5.84
C GLY I 110 63.31 95.15 4.58
N ALA I 111 64.48 94.65 4.20
CA ALA I 111 64.62 93.84 3.00
C ALA I 111 64.34 92.37 3.29
N SER I 112 64.32 92.02 4.57
CA SER I 112 64.06 90.65 4.98
C SER I 112 62.58 90.29 4.96
N PHE I 113 61.77 91.19 4.42
CA PHE I 113 60.32 90.96 4.36
C PHE I 113 59.86 90.29 3.06
N LYS I 114 59.43 89.04 3.18
CA LYS I 114 58.95 88.27 2.03
C LYS I 114 57.64 87.60 2.42
N PRO I 115 56.51 88.31 2.25
CA PRO I 115 55.17 87.80 2.59
C PRO I 115 54.61 86.70 1.69
N TYR I 116 55.41 85.68 1.38
CA TYR I 116 54.94 84.60 0.53
C TYR I 116 56.02 83.55 0.22
N SER I 117 55.57 82.37 -0.21
CA SER I 117 56.48 81.30 -0.55
C SER I 117 56.69 81.29 -2.07
N GLY I 118 57.69 80.55 -2.52
CA GLY I 118 57.97 80.47 -3.93
C GLY I 118 58.47 81.78 -4.51
N THR I 119 58.15 82.02 -5.77
CA THR I 119 58.57 83.24 -6.45
C THR I 119 57.43 83.86 -7.24
N ALA I 120 57.70 85.05 -7.77
CA ALA I 120 56.73 85.78 -8.57
C ALA I 120 57.38 86.14 -9.90
N TYR I 121 58.31 85.29 -10.32
CA TYR I 121 59.04 85.51 -11.57
C TYR I 121 59.38 84.17 -12.24
N ASN I 122 58.62 83.82 -13.27
CA ASN I 122 58.83 82.58 -13.99
C ASN I 122 58.76 81.39 -13.04
N SER I 123 57.68 81.33 -12.26
CA SER I 123 57.49 80.26 -11.29
C SER I 123 57.32 78.89 -11.95
N PHE I 124 57.03 78.86 -13.24
CA PHE I 124 56.87 77.60 -13.95
C PHE I 124 58.15 77.20 -14.64
N ALA I 125 59.11 78.12 -14.67
CA ALA I 125 60.40 77.86 -15.30
C ALA I 125 61.21 76.88 -14.47
N PRO I 126 61.75 75.83 -15.09
CA PRO I 126 62.55 74.84 -14.35
C PRO I 126 63.62 75.53 -13.52
N LYS I 127 63.76 75.10 -12.27
CA LYS I 127 64.73 75.68 -11.35
C LYS I 127 66.16 75.38 -11.78
N SER I 128 66.33 75.02 -13.05
CA SER I 128 67.64 74.71 -13.61
C SER I 128 67.80 75.37 -14.97
N ALA I 129 66.69 75.47 -15.69
CA ALA I 129 66.69 76.09 -17.01
C ALA I 129 67.09 77.55 -16.94
N PRO I 130 68.17 77.93 -17.66
CA PRO I 130 68.69 79.30 -17.70
C PRO I 130 68.01 80.11 -18.81
N ASN I 131 68.18 81.43 -18.75
CA ASN I 131 67.60 82.31 -19.76
C ASN I 131 68.53 82.30 -20.97
N ASN I 132 68.37 83.27 -21.85
CA ASN I 132 69.21 83.35 -23.04
C ASN I 132 70.62 83.81 -22.67
N THR I 133 71.47 82.87 -22.29
CA THR I 133 72.84 83.22 -21.94
C THR I 133 73.78 82.95 -23.09
N GLN I 134 74.79 83.82 -23.22
CA GLN I 134 75.77 83.70 -24.28
C GLN I 134 77.11 83.45 -23.61
N PHE I 135 77.31 82.24 -23.12
CA PHE I 135 78.56 81.88 -22.46
C PHE I 135 79.76 81.92 -23.39
N ARG I 136 80.85 81.33 -22.92
CA ARG I 136 82.11 81.24 -23.64
C ARG I 136 82.50 79.76 -23.65
N GLN I 137 83.08 79.32 -24.76
CA GLN I 137 83.47 77.94 -24.89
C GLN I 137 84.82 77.67 -24.23
N ALA I 138 84.77 77.18 -23.00
CA ALA I 138 85.98 76.86 -22.20
C ALA I 138 87.25 77.67 -22.51
N ASN I 139 87.08 78.91 -22.98
CA ASN I 139 88.20 79.79 -23.32
C ASN I 139 89.02 79.11 -24.43
N ASN I 140 90.11 79.74 -24.84
CA ASN I 140 91.01 79.27 -25.88
C ASN I 140 91.00 80.42 -26.89
N GLY I 141 90.39 80.20 -28.04
CA GLY I 141 90.29 81.24 -29.06
C GLY I 141 88.89 81.18 -29.65
N HIS I 142 87.92 80.93 -28.78
CA HIS I 142 86.50 80.78 -29.13
C HIS I 142 85.66 81.86 -28.45
N PRO I 143 85.62 83.07 -29.01
CA PRO I 143 84.83 84.14 -28.40
C PRO I 143 83.32 83.93 -28.48
N ALA I 144 82.65 84.22 -27.37
CA ALA I 144 81.20 84.10 -27.30
C ALA I 144 80.67 82.71 -27.66
N GLN I 145 79.36 82.57 -27.54
CA GLN I 145 78.67 81.31 -27.83
C GLN I 145 77.22 81.46 -27.39
N THR I 146 76.28 81.32 -28.32
CA THR I 146 74.88 81.47 -27.99
C THR I 146 74.07 80.19 -27.78
N ILE I 147 73.24 80.23 -26.74
CA ILE I 147 72.37 79.13 -26.36
C ILE I 147 71.01 79.77 -26.11
N ALA I 148 70.04 79.51 -26.99
CA ALA I 148 68.72 80.10 -26.85
C ALA I 148 67.63 79.38 -27.60
N GLN I 149 66.86 80.15 -28.37
CA GLN I 149 65.74 79.62 -29.14
C GLN I 149 65.02 80.73 -29.90
N ALA I 150 64.74 80.50 -31.17
CA ALA I 150 64.04 81.48 -31.98
C ALA I 150 62.60 81.04 -32.16
N SER I 151 61.72 81.51 -31.29
CA SER I 151 60.31 81.15 -31.35
C SER I 151 59.41 82.37 -31.55
N TYR I 152 59.26 82.78 -32.80
CA TYR I 152 58.41 83.92 -33.14
C TYR I 152 57.44 83.53 -34.24
N VAL I 153 56.21 84.05 -34.13
CA VAL I 153 55.16 83.76 -35.11
C VAL I 153 55.67 83.90 -36.54
N ALA I 154 55.80 82.75 -37.21
CA ALA I 154 56.26 82.69 -38.59
C ALA I 154 57.44 83.61 -38.91
N THR I 155 57.12 84.73 -39.57
CA THR I 155 58.05 85.76 -40.03
C THR I 155 58.36 85.63 -41.50
N ILE I 156 57.67 86.41 -42.32
CA ILE I 156 57.89 86.35 -43.77
C ILE I 156 59.34 86.12 -44.17
N GLY I 157 60.19 87.08 -43.83
CA GLY I 157 61.59 86.94 -44.18
C GLY I 157 62.55 87.52 -43.15
N GLY I 158 63.77 87.81 -43.60
CA GLY I 158 64.77 88.37 -42.71
C GLY I 158 65.95 88.95 -43.48
N ALA I 159 65.98 90.27 -43.61
CA ALA I 159 67.05 90.96 -44.33
C ALA I 159 67.97 91.72 -43.36
N ASN I 160 68.93 92.45 -43.94
CA ASN I 160 69.88 93.25 -43.16
C ASN I 160 69.16 94.07 -42.11
N ASN I 161 67.99 94.57 -42.49
CA ASN I 161 67.18 95.37 -41.59
C ASN I 161 66.91 94.57 -40.32
N ASP I 162 66.25 93.42 -40.47
CA ASP I 162 65.94 92.54 -39.36
C ASP I 162 64.81 91.56 -39.68
N LEU I 163 64.14 91.10 -38.63
CA LEU I 163 63.04 90.15 -38.75
C LEU I 163 61.79 90.85 -39.28
N GLN I 164 61.37 90.48 -40.49
CA GLN I 164 60.19 91.08 -41.10
C GLN I 164 58.90 90.58 -40.44
N MET I 165 58.11 91.51 -39.93
CA MET I 165 56.85 91.17 -39.26
C MET I 165 55.66 91.33 -40.20
N GLY I 166 55.93 91.61 -41.47
CA GLY I 166 54.87 91.78 -42.44
C GLY I 166 55.22 92.80 -43.51
N VAL I 167 54.22 93.54 -43.97
CA VAL I 167 54.42 94.55 -45.00
C VAL I 167 53.82 95.89 -44.61
N ASP I 168 53.92 96.24 -43.33
CA ASP I 168 53.39 97.51 -42.81
C ASP I 168 52.28 98.07 -43.69
N GLU I 169 51.20 97.32 -43.82
CA GLU I 169 50.05 97.70 -44.63
C GLU I 169 50.43 98.24 -46.01
N ARG I 170 50.23 97.40 -47.03
CA ARG I 170 50.50 97.71 -48.43
C ARG I 170 51.71 96.98 -49.01
N GLN I 171 52.55 97.71 -49.73
CA GLN I 171 53.73 97.14 -50.38
C GLN I 171 55.01 97.11 -49.54
N LEU I 172 55.26 98.19 -48.79
CA LEU I 172 56.47 98.28 -47.97
C LEU I 172 56.52 97.28 -46.81
N PRO I 173 57.50 96.36 -46.83
CA PRO I 173 57.70 95.33 -45.80
C PRO I 173 58.08 95.95 -44.44
N VAL I 174 57.31 95.61 -43.41
CA VAL I 174 57.58 96.13 -42.07
C VAL I 174 58.59 95.26 -41.33
N TYR I 175 59.39 95.89 -40.48
CA TYR I 175 60.40 95.17 -39.71
C TYR I 175 60.19 95.34 -38.21
N ALA I 176 60.45 94.27 -37.47
CA ALA I 176 60.29 94.27 -36.02
C ALA I 176 61.09 95.38 -35.35
N ASN I 177 60.46 96.03 -34.38
CA ASN I 177 61.10 97.12 -33.65
C ASN I 177 62.06 96.54 -32.61
N THR I 178 63.35 96.68 -32.89
CA THR I 178 64.41 96.17 -32.02
C THR I 178 64.14 96.28 -30.52
N THR I 179 63.70 97.46 -30.07
CA THR I 179 63.44 97.71 -28.67
C THR I 179 62.53 96.73 -27.92
N TYR I 180 61.74 95.94 -28.65
CA TYR I 180 60.85 95.00 -27.98
C TYR I 180 60.40 93.82 -28.85
N GLN I 181 60.70 93.90 -30.14
CA GLN I 181 60.31 92.82 -31.04
C GLN I 181 61.51 92.01 -31.50
N PRO I 182 61.39 90.68 -31.55
CA PRO I 182 60.18 89.93 -31.17
C PRO I 182 59.99 89.84 -29.67
N GLU I 183 58.76 89.59 -29.23
CA GLU I 183 58.45 89.48 -27.81
C GLU I 183 58.52 88.02 -27.34
N PRO I 184 59.28 87.76 -26.27
CA PRO I 184 59.45 86.41 -25.69
C PRO I 184 58.14 85.78 -25.23
N GLN I 185 57.02 86.35 -25.66
CA GLN I 185 55.71 85.84 -25.30
C GLN I 185 55.02 85.26 -26.54
N LEU I 186 55.36 85.82 -27.70
CA LEU I 186 54.79 85.38 -28.97
C LEU I 186 55.37 84.05 -29.44
N GLY I 187 54.75 83.47 -30.46
CA GLY I 187 55.21 82.20 -31.00
C GLY I 187 54.14 81.52 -31.83
N ILE I 188 54.51 80.42 -32.47
CA ILE I 188 53.57 79.66 -33.30
C ILE I 188 52.38 79.19 -32.48
N GLU I 189 51.22 79.11 -33.10
CA GLU I 189 50.01 78.68 -32.40
C GLU I 189 49.83 77.16 -32.43
N GLY I 190 50.31 76.53 -33.49
CA GLY I 190 50.17 75.10 -33.63
C GLY I 190 51.20 74.22 -32.96
N TRP I 191 50.72 73.20 -32.24
CA TRP I 191 51.57 72.25 -31.55
C TRP I 191 52.37 71.46 -32.57
N THR I 192 51.69 70.66 -33.37
CA THR I 192 52.35 69.87 -34.40
C THR I 192 52.35 70.68 -35.68
N ALA I 193 51.25 71.35 -35.94
CA ALA I 193 51.11 72.17 -37.14
C ALA I 193 52.23 73.21 -37.21
N GLY I 194 52.65 73.69 -36.06
CA GLY I 194 53.72 74.68 -36.02
C GLY I 194 55.10 74.10 -36.22
N SER I 195 55.36 72.94 -35.61
CA SER I 195 56.65 72.30 -35.71
C SER I 195 56.80 71.50 -37.01
N MET I 196 55.75 70.77 -37.36
CA MET I 196 55.72 69.94 -38.56
C MET I 196 55.81 70.81 -39.82
N ALA I 197 55.39 72.06 -39.71
CA ALA I 197 55.42 73.00 -40.82
C ALA I 197 56.82 73.55 -41.01
N VAL I 198 57.59 73.56 -39.93
CA VAL I 198 58.96 74.07 -39.94
C VAL I 198 58.98 75.58 -40.14
N ILE I 199 59.90 76.25 -39.48
CA ILE I 199 60.03 77.70 -39.60
C ILE I 199 61.32 78.05 -40.31
N ASP I 200 61.21 78.64 -41.49
CA ASP I 200 62.39 79.01 -42.27
C ASP I 200 63.03 80.25 -41.66
N GLN I 201 62.19 81.24 -41.34
CA GLN I 201 62.68 82.48 -40.74
C GLN I 201 62.18 82.58 -39.30
N ALA I 202 63.06 82.28 -38.36
CA ALA I 202 62.71 82.35 -36.93
C ALA I 202 63.43 83.53 -36.27
N GLY I 203 62.88 83.99 -35.16
CA GLY I 203 63.48 85.12 -34.46
C GLY I 203 63.44 85.00 -32.95
N GLY I 204 64.48 85.51 -32.30
CA GLY I 204 64.53 85.46 -30.85
C GLY I 204 65.27 86.64 -30.24
N ARG I 205 65.28 86.70 -28.91
CA ARG I 205 65.95 87.78 -28.19
C ARG I 205 66.89 87.12 -27.18
N VAL I 206 68.11 87.63 -27.09
CA VAL I 206 69.09 87.05 -26.16
C VAL I 206 70.00 88.05 -25.45
N LEU I 207 70.43 87.68 -24.25
CA LEU I 207 71.33 88.51 -23.46
C LEU I 207 72.76 88.18 -23.86
N ARG I 208 73.66 89.16 -23.82
CA ARG I 208 75.05 88.93 -24.18
C ARG I 208 76.01 89.23 -23.03
N ASN I 209 76.83 88.23 -22.69
CA ASN I 209 77.83 88.31 -21.62
C ASN I 209 77.39 88.68 -20.20
N PRO I 210 76.14 88.38 -19.81
CA PRO I 210 75.74 88.75 -18.44
C PRO I 210 76.05 87.59 -17.50
N THR I 211 76.02 87.86 -16.20
CA THR I 211 76.27 86.80 -15.22
C THR I 211 75.10 85.84 -15.14
N GLN I 212 75.30 84.65 -15.70
CA GLN I 212 74.27 83.62 -15.73
C GLN I 212 73.54 83.45 -14.41
N THR I 213 72.23 83.28 -14.51
CA THR I 213 71.38 83.09 -13.34
C THR I 213 70.17 82.28 -13.80
N PRO I 214 69.79 81.26 -13.04
CA PRO I 214 68.65 80.41 -13.41
C PRO I 214 67.42 81.26 -13.75
N CYS I 215 66.78 80.94 -14.86
CA CYS I 215 65.59 81.68 -15.29
C CYS I 215 64.57 81.78 -14.17
N TYR I 216 64.64 80.83 -13.23
CA TYR I 216 63.72 80.81 -12.10
C TYR I 216 63.87 82.05 -11.23
N GLY I 217 62.92 82.96 -11.33
CA GLY I 217 62.97 84.17 -10.53
C GLY I 217 63.80 85.29 -11.13
N SER I 218 64.04 85.21 -12.44
CA SER I 218 64.82 86.24 -13.12
C SER I 218 63.94 87.45 -13.40
N TYR I 219 64.44 88.63 -13.04
CA TYR I 219 63.70 89.87 -13.24
C TYR I 219 64.62 91.03 -13.61
N ALA I 220 64.08 91.99 -14.33
CA ALA I 220 64.83 93.17 -14.75
C ALA I 220 63.86 94.34 -14.81
N LYS I 221 64.40 95.56 -14.87
CA LYS I 221 63.56 96.75 -14.93
C LYS I 221 63.36 97.24 -16.36
N PRO I 222 62.15 97.69 -16.69
CA PRO I 222 61.78 98.20 -18.01
C PRO I 222 62.49 99.51 -18.36
N THR I 223 62.53 99.83 -19.65
CA THR I 223 63.18 101.05 -20.11
C THR I 223 62.36 101.79 -21.17
N ASN I 224 61.27 101.20 -21.62
CA ASN I 224 60.44 101.84 -22.64
C ASN I 224 58.96 101.55 -22.48
N GLU I 225 58.15 102.21 -23.31
CA GLU I 225 56.70 102.03 -23.33
C GLU I 225 56.46 100.62 -23.86
N HIS I 226 57.47 100.10 -24.54
CA HIS I 226 57.41 98.76 -25.13
C HIS I 226 57.76 97.73 -24.07
N GLY I 227 58.13 98.21 -22.89
CA GLY I 227 58.48 97.30 -21.81
C GLY I 227 59.94 96.88 -21.87
N GLY I 228 60.38 96.49 -23.06
CA GLY I 228 61.76 96.04 -23.25
C GLY I 228 62.78 96.50 -22.22
N ILE I 229 63.68 95.60 -21.85
CA ILE I 229 64.72 95.89 -20.89
C ILE I 229 66.06 96.05 -21.63
N THR I 230 66.11 97.04 -22.51
CA THR I 230 67.30 97.32 -23.30
C THR I 230 68.47 97.79 -22.44
N LYS I 231 68.17 98.39 -21.30
CA LYS I 231 69.18 98.89 -20.37
C LYS I 231 69.86 100.17 -20.84
N ALA I 232 70.80 100.64 -20.03
CA ALA I 232 71.54 101.87 -20.31
C ALA I 232 72.31 101.78 -21.63
N ASN I 233 73.08 100.71 -21.80
CA ASN I 233 73.87 100.52 -23.01
C ASN I 233 72.98 100.54 -24.24
N THR I 234 73.15 101.57 -25.06
CA THR I 234 72.34 101.74 -26.27
C THR I 234 72.58 100.66 -27.32
N GLN I 235 73.73 100.00 -27.26
CA GLN I 235 74.05 98.96 -28.24
C GLN I 235 73.11 97.76 -28.27
N VAL I 236 72.76 97.36 -29.49
CA VAL I 236 71.88 96.23 -29.75
C VAL I 236 72.42 95.60 -31.04
N GLU I 237 72.66 94.29 -31.03
CA GLU I 237 73.20 93.63 -32.21
C GLU I 237 72.33 92.53 -32.79
N LYS I 238 71.92 92.71 -34.04
CA LYS I 238 71.09 91.73 -34.74
C LYS I 238 72.02 90.68 -35.33
N LYS I 239 72.26 89.61 -34.57
CA LYS I 239 73.14 88.54 -35.00
C LYS I 239 72.42 87.54 -35.91
N TYR I 240 72.91 87.41 -37.14
CA TYR I 240 72.33 86.50 -38.13
C TYR I 240 73.01 85.14 -38.09
N TYR I 241 72.22 84.09 -37.91
CA TYR I 241 72.74 82.73 -37.86
C TYR I 241 72.26 81.87 -39.02
N ARG I 242 73.05 80.87 -39.38
CA ARG I 242 72.70 79.96 -40.46
C ARG I 242 72.67 78.54 -39.90
N THR I 243 72.77 77.55 -40.77
CA THR I 243 72.76 76.16 -40.35
C THR I 243 74.14 75.56 -40.54
N GLY I 244 74.96 76.21 -41.35
CA GLY I 244 76.31 75.73 -41.60
C GLY I 244 76.64 75.58 -43.07
N ASP I 245 75.62 75.46 -43.92
CA ASP I 245 75.85 75.29 -45.36
C ASP I 245 74.89 76.12 -46.20
N ASN I 246 73.85 76.65 -45.55
CA ASN I 246 72.87 77.47 -46.24
C ASN I 246 73.30 78.93 -46.10
N GLY I 247 72.85 79.76 -47.04
CA GLY I 247 73.21 81.17 -46.98
C GLY I 247 71.98 82.02 -46.76
N ASN I 248 71.47 82.00 -45.54
CA ASN I 248 70.27 82.77 -45.24
C ASN I 248 70.05 82.80 -43.73
N PRO I 249 69.51 83.91 -43.21
CA PRO I 249 69.26 84.02 -41.77
C PRO I 249 68.03 83.22 -41.32
N GLU I 250 68.26 81.97 -40.95
CA GLU I 250 67.18 81.10 -40.48
C GLU I 250 66.70 81.54 -39.10
N THR I 251 67.56 82.25 -38.39
CA THR I 251 67.23 82.74 -37.05
C THR I 251 67.95 84.05 -36.70
N VAL I 252 67.17 85.09 -36.47
CA VAL I 252 67.73 86.40 -36.13
C VAL I 252 67.60 86.65 -34.63
N PHE I 253 68.68 87.13 -34.02
CA PHE I 253 68.68 87.40 -32.58
C PHE I 253 69.03 88.85 -32.27
N TYR I 254 68.26 89.44 -31.35
CA TYR I 254 68.48 90.82 -30.93
C TYR I 254 69.12 90.81 -29.55
N THR I 255 70.44 90.68 -29.51
CA THR I 255 71.18 90.66 -28.25
C THR I 255 71.04 91.97 -27.50
N GLU I 256 71.03 91.90 -26.17
CA GLU I 256 70.90 93.08 -25.34
C GLU I 256 71.35 92.79 -23.92
N GLU I 257 71.60 93.85 -23.15
CA GLU I 257 72.01 93.71 -21.76
C GLU I 257 70.83 94.11 -20.88
N ALA I 258 70.65 93.41 -19.77
CA ALA I 258 69.53 93.70 -18.88
C ALA I 258 69.98 93.91 -17.43
N ASP I 259 69.16 94.63 -16.68
CA ASP I 259 69.45 94.90 -15.27
C ASP I 259 68.97 93.68 -14.49
N VAL I 260 69.35 92.50 -14.98
CA VAL I 260 68.95 91.24 -14.36
C VAL I 260 69.37 91.14 -12.89
N LEU I 261 68.44 90.66 -12.07
CA LEU I 261 68.69 90.50 -10.64
C LEU I 261 67.79 89.38 -10.12
N THR I 262 67.80 89.15 -8.81
CA THR I 262 66.98 88.11 -8.20
C THR I 262 66.60 88.48 -6.78
N PRO I 263 65.33 88.84 -6.55
CA PRO I 263 64.85 89.22 -5.22
C PRO I 263 64.43 88.05 -4.32
N ASP I 264 63.42 87.30 -4.77
CA ASP I 264 62.90 86.17 -4.01
C ASP I 264 63.59 84.85 -4.34
N THR I 265 64.83 84.92 -4.81
CA THR I 265 65.57 83.70 -5.15
C THR I 265 67.07 83.81 -4.90
N HIS I 266 67.68 82.67 -4.59
CA HIS I 266 69.11 82.60 -4.33
C HIS I 266 69.67 81.35 -5.01
N LEU I 267 71.00 81.25 -5.07
CA LEU I 267 71.63 80.09 -5.70
C LEU I 267 71.70 78.89 -4.78
N VAL I 268 70.95 77.84 -5.13
CA VAL I 268 70.92 76.61 -4.35
C VAL I 268 72.15 75.77 -4.70
N HIS I 269 72.55 75.84 -5.96
CA HIS I 269 73.70 75.08 -6.43
C HIS I 269 74.59 75.93 -7.35
N ALA I 270 75.70 76.41 -6.80
CA ALA I 270 76.64 77.23 -7.54
C ALA I 270 77.83 76.35 -7.95
N VAL I 271 77.87 75.96 -9.21
CA VAL I 271 78.93 75.11 -9.70
C VAL I 271 80.33 75.73 -9.59
N PRO I 272 80.59 76.84 -10.32
CA PRO I 272 81.94 77.38 -10.15
C PRO I 272 82.02 78.75 -9.48
N ALA I 273 83.00 78.91 -8.60
CA ALA I 273 83.23 80.18 -7.92
C ALA I 273 84.18 80.90 -8.87
N ALA I 274 83.70 81.96 -9.51
CA ALA I 274 84.49 82.70 -10.50
C ALA I 274 84.52 81.80 -11.73
N ASP I 275 84.79 82.37 -12.89
CA ASP I 275 84.81 81.58 -14.13
C ASP I 275 83.39 81.03 -14.27
N ARG I 276 82.49 81.65 -13.53
CA ARG I 276 81.07 81.29 -13.49
C ARG I 276 80.36 81.41 -14.85
N ALA I 277 80.54 82.56 -15.51
CA ALA I 277 79.90 82.82 -16.78
C ALA I 277 80.27 81.85 -17.91
N LYS I 278 80.97 80.77 -17.56
CA LYS I 278 81.35 79.80 -18.58
C LYS I 278 80.30 78.69 -18.70
N VAL I 279 80.43 77.87 -19.73
CA VAL I 279 79.50 76.77 -19.99
C VAL I 279 79.13 75.94 -18.75
N GLU I 280 80.12 75.65 -17.91
CA GLU I 280 79.91 74.86 -16.71
C GLU I 280 79.12 75.64 -15.64
N GLY I 281 78.90 76.93 -15.90
CA GLY I 281 78.17 77.75 -14.94
C GLY I 281 76.66 77.65 -15.05
N LEU I 282 76.15 77.56 -16.27
CA LEU I 282 74.71 77.48 -16.49
C LEU I 282 74.09 76.33 -15.70
N SER I 283 74.94 75.45 -15.18
CA SER I 283 74.50 74.30 -14.40
C SER I 283 73.95 74.73 -13.04
N GLN I 284 74.10 76.01 -12.71
CA GLN I 284 73.63 76.53 -11.44
C GLN I 284 72.12 76.50 -11.33
N HIS I 285 71.62 76.19 -10.14
CA HIS I 285 70.18 76.13 -9.91
C HIS I 285 69.76 77.19 -8.90
N ALA I 286 68.46 77.48 -8.87
CA ALA I 286 67.93 78.49 -7.97
C ALA I 286 66.83 77.92 -7.08
N ALA I 287 66.49 78.66 -6.03
CA ALA I 287 65.45 78.25 -5.11
C ALA I 287 64.87 79.48 -4.44
N PRO I 288 63.55 79.47 -4.18
CA PRO I 288 62.87 80.60 -3.55
C PRO I 288 63.33 80.83 -2.10
N ASN I 289 63.42 82.10 -1.71
CA ASN I 289 63.84 82.44 -0.35
C ASN I 289 62.72 82.10 0.64
N ARG I 290 63.11 81.70 1.84
CA ARG I 290 62.15 81.35 2.87
C ARG I 290 61.17 82.49 3.14
N PRO I 291 59.87 82.16 3.26
CA PRO I 291 58.83 83.17 3.51
C PRO I 291 58.97 83.75 4.91
N ASN I 292 59.01 85.08 5.00
CA ASN I 292 59.15 85.76 6.28
C ASN I 292 58.14 86.88 6.45
N PHE I 293 57.11 86.63 7.25
CA PHE I 293 56.08 87.63 7.50
C PHE I 293 56.50 88.56 8.63
N ILE I 294 56.19 89.85 8.48
CA ILE I 294 56.55 90.85 9.48
C ILE I 294 55.37 91.78 9.74
N GLY I 295 55.10 92.04 11.01
CA GLY I 295 54.01 92.93 11.38
C GLY I 295 53.93 93.16 12.87
N PHE I 296 52.90 93.88 13.29
CA PHE I 296 52.70 94.18 14.71
C PHE I 296 52.21 92.95 15.45
N ARG I 297 52.80 92.68 16.61
CA ARG I 297 52.43 91.53 17.42
C ARG I 297 50.94 91.49 17.72
N ASP I 298 50.50 90.40 18.35
CA ASP I 298 49.11 90.22 18.70
C ASP I 298 48.70 91.24 19.77
N CYS I 299 47.58 91.91 19.54
CA CYS I 299 47.09 92.93 20.48
C CYS I 299 48.12 94.02 20.70
N PHE I 300 49.02 94.19 19.74
CA PHE I 300 50.07 95.20 19.82
C PHE I 300 50.87 95.09 21.11
N VAL I 301 51.10 93.86 21.56
CA VAL I 301 51.87 93.64 22.78
C VAL I 301 53.31 94.12 22.62
N GLY I 302 53.76 94.95 23.55
CA GLY I 302 55.12 95.46 23.48
C GLY I 302 55.25 96.83 22.86
N LEU I 303 54.19 97.30 22.21
CA LEU I 303 54.20 98.60 21.58
C LEU I 303 54.06 99.67 22.66
N MET I 304 53.58 99.25 23.83
CA MET I 304 53.40 100.16 24.95
C MET I 304 54.09 99.62 26.20
N TYR I 305 54.76 100.51 26.93
CA TYR I 305 55.48 100.14 28.13
C TYR I 305 54.59 99.67 29.28
N TYR I 306 54.98 98.55 29.88
CA TYR I 306 54.26 97.96 31.01
C TYR I 306 55.24 97.29 31.96
N ASN I 307 54.94 97.33 33.24
CA ASN I 307 55.78 96.70 34.25
C ASN I 307 57.23 97.18 34.16
N SER I 308 57.41 98.47 33.94
CA SER I 308 58.74 99.05 33.84
C SER I 308 58.79 100.38 34.59
N GLY I 309 59.39 100.36 35.77
CA GLY I 309 59.50 101.58 36.57
C GLY I 309 60.23 102.69 35.84
N GLY I 310 60.96 102.32 34.78
CA GLY I 310 61.70 103.30 34.02
C GLY I 310 60.78 104.18 33.19
N ASN I 311 59.71 103.60 32.66
CA ASN I 311 58.75 104.33 31.84
C ASN I 311 57.33 104.08 32.31
N LEU I 312 57.11 104.23 33.61
CA LEU I 312 55.79 104.01 34.19
C LEU I 312 54.80 105.08 33.74
N GLY I 313 53.61 104.65 33.31
CA GLY I 313 52.59 105.56 32.84
C GLY I 313 51.96 106.38 33.95
N VAL I 314 51.52 107.59 33.61
CA VAL I 314 50.90 108.49 34.58
C VAL I 314 49.43 108.77 34.31
N LEU I 315 48.64 108.85 35.39
CA LEU I 315 47.21 109.13 35.28
C LEU I 315 46.70 109.66 36.61
N ALA I 316 46.82 110.96 36.82
CA ALA I 316 46.36 111.59 38.06
C ALA I 316 45.69 112.93 37.78
N GLY I 317 44.87 113.39 38.71
CA GLY I 317 44.20 114.66 38.56
C GLY I 317 45.19 115.79 38.72
N GLN I 318 45.07 116.81 37.87
CA GLN I 318 45.98 117.95 37.93
C GLN I 318 46.06 118.55 39.32
N SER I 319 44.94 118.53 40.04
CA SER I 319 44.88 119.07 41.39
C SER I 319 45.54 118.13 42.38
N SER I 320 45.38 116.83 42.15
CA SER I 320 45.96 115.81 43.02
C SER I 320 47.46 115.67 42.81
N GLN I 321 47.86 115.59 41.55
CA GLN I 321 49.27 115.46 41.19
C GLN I 321 49.84 114.12 41.63
N LEU I 322 49.04 113.34 42.36
CA LEU I 322 49.46 112.04 42.86
C LEU I 322 49.10 110.95 41.86
N ASN I 323 50.11 110.44 41.15
CA ASN I 323 49.91 109.39 40.15
C ASN I 323 49.13 108.21 40.73
N ALA I 324 48.09 107.80 40.02
CA ALA I 324 47.25 106.68 40.45
C ALA I 324 47.71 105.36 39.85
N VAL I 325 48.75 105.41 39.03
CA VAL I 325 49.27 104.21 38.39
C VAL I 325 50.57 103.74 39.04
N VAL I 326 50.48 102.70 39.86
CA VAL I 326 51.65 102.16 40.55
C VAL I 326 51.96 100.79 39.97
N ASP I 327 52.97 100.72 39.09
CA ASP I 327 53.34 99.46 38.48
C ASP I 327 54.60 98.87 39.10
N LEU I 328 54.77 97.56 38.94
CA LEU I 328 55.91 96.84 39.47
C LEU I 328 56.43 95.88 38.40
N GLN I 329 57.74 95.89 38.16
CA GLN I 329 58.32 95.01 37.15
C GLN I 329 58.18 93.54 37.53
N ASP I 330 57.46 93.29 38.61
CA ASP I 330 57.23 91.93 39.09
C ASP I 330 55.97 91.40 38.44
N ARG I 331 55.04 92.30 38.14
CA ARG I 331 53.76 91.95 37.51
C ARG I 331 53.96 91.81 36.01
N ASN I 332 53.01 91.17 35.34
CA ASN I 332 53.06 90.96 33.90
C ASN I 332 51.71 91.28 33.27
N THR I 333 51.53 92.52 32.86
CA THR I 333 50.27 92.95 32.26
C THR I 333 50.01 92.27 30.92
N GLU I 334 51.00 92.30 30.04
CA GLU I 334 50.87 91.69 28.72
C GLU I 334 50.21 90.32 28.75
N LEU I 335 50.89 89.35 29.35
CA LEU I 335 50.36 88.00 29.44
C LEU I 335 48.97 87.99 30.10
N SER I 336 48.84 88.76 31.18
CA SER I 336 47.57 88.84 31.90
C SER I 336 46.42 89.17 30.96
N TYR I 337 46.65 90.13 30.06
CA TYR I 337 45.62 90.53 29.12
C TYR I 337 45.25 89.38 28.20
N GLN I 338 46.26 88.70 27.66
CA GLN I 338 46.04 87.56 26.77
C GLN I 338 45.06 86.57 27.38
N MET I 339 45.48 85.94 28.48
CA MET I 339 44.65 84.96 29.17
C MET I 339 43.25 85.49 29.43
N LEU I 340 43.14 86.78 29.74
CA LEU I 340 41.84 87.39 30.02
C LEU I 340 40.89 87.26 28.84
N LEU I 341 41.38 87.51 27.64
CA LEU I 341 40.56 87.42 26.43
C LEU I 341 40.11 86.00 26.15
N ALA I 342 41.03 85.06 26.31
CA ALA I 342 40.73 83.65 26.05
C ALA I 342 39.72 83.08 27.04
N ASN I 343 39.27 83.90 27.99
CA ASN I 343 38.31 83.44 28.99
C ASN I 343 36.95 84.11 28.84
N THR I 344 36.92 85.25 28.15
CA THR I 344 35.67 85.98 27.96
C THR I 344 35.12 85.86 26.54
N THR I 345 35.98 85.54 25.59
CA THR I 345 35.56 85.41 24.20
C THR I 345 36.25 84.26 23.50
N ASP I 346 35.86 84.04 22.25
CA ASP I 346 36.45 82.98 21.43
C ASP I 346 37.73 83.51 20.79
N ARG I 347 38.86 83.15 21.38
CA ARG I 347 40.16 83.60 20.89
C ARG I 347 40.56 83.00 19.54
N SER I 348 39.58 82.64 18.72
CA SER I 348 39.86 82.07 17.41
C SER I 348 39.47 83.03 16.29
N ARG I 349 38.54 83.94 16.59
CA ARG I 349 38.11 84.91 15.59
C ARG I 349 39.11 86.06 15.51
N TYR I 350 38.98 86.89 14.48
CA TYR I 350 39.89 88.02 14.30
C TYR I 350 39.16 89.36 14.41
N PHE I 351 39.89 90.39 14.80
CA PHE I 351 39.34 91.73 14.94
C PHE I 351 40.42 92.77 14.64
N SER I 352 40.47 93.21 13.39
CA SER I 352 41.45 94.18 12.93
C SER I 352 41.75 95.34 13.89
N MET I 353 40.71 96.03 14.34
CA MET I 353 40.88 97.17 15.23
C MET I 353 41.97 96.96 16.28
N TRP I 354 41.89 95.88 17.02
CA TRP I 354 42.87 95.58 18.06
C TRP I 354 44.01 94.71 17.53
N ASN I 355 43.99 94.45 16.23
CA ASN I 355 45.01 93.61 15.61
C ASN I 355 45.01 92.29 16.38
N GLN I 356 43.87 92.00 16.99
CA GLN I 356 43.68 90.79 17.78
C GLN I 356 43.61 89.56 16.89
N ALA I 357 44.72 88.84 16.80
CA ALA I 357 44.80 87.64 15.98
C ALA I 357 45.79 86.66 16.61
N MET I 358 45.42 86.11 17.75
CA MET I 358 46.27 85.16 18.46
C MET I 358 47.11 84.28 17.57
N ASP I 359 48.35 84.03 17.97
CA ASP I 359 49.26 83.21 17.19
C ASP I 359 48.88 81.74 17.35
N SER I 360 49.08 80.97 16.29
CA SER I 360 48.77 79.55 16.29
C SER I 360 49.61 78.85 15.24
N TYR I 361 49.58 77.51 15.25
CA TYR I 361 50.34 76.74 14.29
C TYR I 361 49.48 75.67 13.64
N ASP I 362 49.91 75.19 12.48
CA ASP I 362 49.17 74.16 11.76
C ASP I 362 49.38 72.82 12.47
N PRO I 363 48.30 72.26 13.03
CA PRO I 363 48.33 70.98 13.74
C PRO I 363 49.13 69.88 13.04
N GLU I 364 49.00 69.81 11.72
CA GLU I 364 49.71 68.80 10.93
C GLU I 364 51.21 69.07 10.87
N VAL I 365 51.62 70.29 11.22
CA VAL I 365 53.03 70.64 11.20
C VAL I 365 53.67 70.30 12.53
N ARG I 366 52.99 70.66 13.62
CA ARG I 366 53.48 70.39 14.96
C ARG I 366 53.65 68.89 15.16
N VAL I 367 52.60 68.14 14.84
CA VAL I 367 52.62 66.69 14.98
C VAL I 367 52.39 66.01 13.63
N ILE I 368 53.47 65.52 13.02
CA ILE I 368 53.37 64.86 11.72
C ILE I 368 52.51 63.60 11.79
N ASP I 369 51.48 63.56 10.95
CA ASP I 369 50.58 62.41 10.90
C ASP I 369 50.78 61.71 9.57
N ASN I 370 51.96 61.12 9.39
CA ASN I 370 52.28 60.42 8.16
C ASN I 370 51.36 59.22 7.96
N VAL I 371 50.26 59.42 7.26
CA VAL I 371 49.30 58.36 7.00
C VAL I 371 49.60 57.70 5.66
N GLY I 372 50.70 58.12 5.03
CA GLY I 372 51.07 57.55 3.75
C GLY I 372 50.61 58.41 2.60
N VAL I 373 50.52 57.82 1.41
CA VAL I 373 50.09 58.54 0.21
C VAL I 373 49.22 57.65 -0.67
N GLU I 374 48.08 58.19 -1.10
CA GLU I 374 47.18 57.44 -1.96
C GLU I 374 47.60 57.57 -3.42
N ASP I 375 48.49 56.70 -3.86
CA ASP I 375 48.99 56.73 -5.22
C ASP I 375 48.82 55.39 -5.93
N GLU I 376 47.73 54.69 -5.63
CA GLU I 376 47.46 53.39 -6.24
C GLU I 376 47.48 53.49 -7.76
N MET I 377 47.08 54.64 -8.29
CA MET I 377 47.05 54.85 -9.73
C MET I 377 48.27 55.62 -10.21
N PRO I 378 48.87 55.17 -11.32
CA PRO I 378 50.05 55.83 -11.87
C PRO I 378 49.62 57.04 -12.70
N ASN I 379 50.36 58.13 -12.61
CA ASN I 379 50.03 59.35 -13.36
C ASN I 379 50.99 59.52 -14.53
N TYR I 380 50.44 59.82 -15.69
CA TYR I 380 51.26 60.00 -16.89
C TYR I 380 51.02 61.33 -17.60
N CYS I 381 52.06 61.79 -18.30
CA CYS I 381 52.01 63.02 -19.07
C CYS I 381 52.26 62.63 -20.52
N PHE I 382 51.33 62.97 -21.39
CA PHE I 382 51.44 62.63 -22.81
C PHE I 382 51.76 63.83 -23.70
N PRO I 383 52.53 63.61 -24.78
CA PRO I 383 52.90 64.68 -25.70
C PRO I 383 51.70 65.49 -26.17
N LEU I 384 51.95 66.74 -26.55
CA LEU I 384 50.89 67.62 -27.01
C LEU I 384 50.30 67.12 -28.32
N SER I 385 50.84 66.00 -28.81
CA SER I 385 50.37 65.42 -30.05
C SER I 385 49.49 64.20 -29.83
N GLY I 386 49.81 63.43 -28.80
CA GLY I 386 49.03 62.23 -28.51
C GLY I 386 49.68 61.05 -29.20
N VAL I 387 50.89 61.29 -29.71
CA VAL I 387 51.68 60.27 -30.41
C VAL I 387 52.83 60.95 -31.16
N GLN I 388 54.05 60.58 -30.80
CA GLN I 388 55.24 61.16 -31.43
C GLN I 388 55.36 60.85 -32.91
N ILE I 389 55.65 61.88 -33.69
CA ILE I 389 55.81 61.73 -35.13
C ILE I 389 57.28 61.58 -35.52
N GLY I 390 57.58 60.55 -36.29
CA GLY I 390 58.95 60.31 -36.70
C GLY I 390 59.09 59.47 -37.95
N ASN I 391 58.07 58.66 -38.25
CA ASN I 391 58.09 57.81 -39.43
C ASN I 391 56.79 57.93 -40.22
N ARG I 392 56.85 57.58 -41.50
CA ARG I 392 55.67 57.64 -42.36
C ARG I 392 55.29 56.25 -42.88
N SER I 393 53.99 56.00 -42.99
CA SER I 393 53.48 54.72 -43.46
C SER I 393 53.37 54.72 -44.98
N HIS I 394 52.42 53.94 -45.50
CA HIS I 394 52.18 53.82 -46.95
C HIS I 394 51.15 52.74 -47.24
N GLU I 395 49.88 53.14 -47.38
CA GLU I 395 48.81 52.18 -47.67
C GLU I 395 49.04 51.55 -49.04
N VAL I 396 49.42 50.28 -49.04
CA VAL I 396 49.71 49.55 -50.26
C VAL I 396 48.84 48.31 -50.48
N GLN I 397 48.54 48.01 -51.74
CA GLN I 397 47.72 46.86 -52.10
C GLN I 397 48.55 45.61 -52.34
N ARG I 398 47.99 44.46 -51.97
CA ARG I 398 48.65 43.18 -52.13
C ARG I 398 48.29 42.58 -53.47
N ASN I 399 48.71 41.34 -53.67
CA ASN I 399 48.43 40.58 -54.88
C ASN I 399 49.05 41.19 -56.13
N GLN I 400 49.38 40.33 -57.09
CA GLN I 400 50.01 40.71 -58.35
C GLN I 400 51.50 40.87 -58.15
N GLN I 401 51.87 41.11 -56.89
CA GLN I 401 53.27 41.31 -56.53
C GLN I 401 53.52 41.01 -55.06
N GLN I 402 54.40 41.81 -54.46
CA GLN I 402 54.78 41.71 -53.06
C GLN I 402 53.97 42.72 -52.26
N TRP I 403 53.44 43.72 -52.98
CA TRP I 403 52.63 44.80 -52.42
C TRP I 403 52.97 46.11 -53.16
N GLN I 404 52.09 46.54 -54.05
CA GLN I 404 52.31 47.76 -54.84
C GLN I 404 51.92 49.05 -54.17
N ASN I 405 52.77 50.05 -54.32
CA ASN I 405 52.55 51.37 -53.75
C ASN I 405 51.12 51.85 -54.00
N VAL I 406 50.77 52.94 -53.32
CA VAL I 406 49.43 53.50 -53.47
C VAL I 406 49.45 54.68 -54.43
N ALA I 407 50.52 55.47 -54.36
CA ALA I 407 50.69 56.64 -55.20
C ALA I 407 49.85 57.82 -54.70
N ASN I 408 48.67 57.53 -54.16
CA ASN I 408 47.77 58.56 -53.65
C ASN I 408 48.38 59.30 -52.47
N SER I 409 49.26 60.25 -52.75
CA SER I 409 49.90 61.03 -51.70
C SER I 409 50.69 60.09 -50.79
N ASP I 410 51.73 60.62 -50.15
CA ASP I 410 52.55 59.79 -49.28
C ASP I 410 52.99 60.56 -48.05
N ASN I 411 53.70 59.87 -47.16
CA ASN I 411 54.21 60.47 -45.93
C ASN I 411 53.13 60.73 -44.90
N ASN I 412 52.81 59.70 -44.12
CA ASN I 412 51.82 59.79 -43.06
C ASN I 412 52.55 59.71 -41.73
N TYR I 413 51.81 59.42 -40.66
CA TYR I 413 52.41 59.30 -39.34
C TYR I 413 51.63 58.33 -38.46
N ILE I 414 52.20 57.14 -38.24
CA ILE I 414 51.54 56.12 -37.43
C ILE I 414 52.52 55.50 -36.42
N GLY I 415 52.17 55.58 -35.14
CA GLY I 415 53.01 55.00 -34.11
C GLY I 415 52.68 53.57 -33.77
N LYS I 416 53.59 52.66 -34.11
CA LYS I 416 53.39 51.24 -33.84
C LYS I 416 53.57 50.96 -32.34
N GLY I 417 52.46 50.97 -31.60
CA GLY I 417 52.53 50.72 -30.18
C GLY I 417 51.71 51.74 -29.42
N ASN I 418 52.05 51.97 -28.14
CA ASN I 418 51.31 52.94 -27.33
C ASN I 418 51.94 54.33 -27.42
N LEU I 419 51.38 55.27 -26.68
CA LEU I 419 51.88 56.63 -26.68
C LEU I 419 53.03 56.78 -25.69
N PRO I 420 54.16 57.38 -26.14
CA PRO I 420 55.31 57.57 -25.26
C PRO I 420 54.96 58.52 -24.12
N ALA I 421 54.99 58.01 -22.89
CA ALA I 421 54.65 58.83 -21.74
C ALA I 421 55.66 58.75 -20.60
N MET I 422 55.64 59.77 -19.75
CA MET I 422 56.53 59.86 -18.61
C MET I 422 55.67 59.75 -17.34
N GLU I 423 56.14 58.96 -16.37
CA GLU I 423 55.39 58.77 -15.14
C GLU I 423 55.88 59.67 -14.01
N ILE I 424 54.98 59.95 -13.07
CA ILE I 424 55.29 60.79 -11.92
C ILE I 424 54.28 60.56 -10.81
N ASN I 425 54.76 60.14 -9.64
CA ASN I 425 53.89 59.89 -8.51
C ASN I 425 53.39 61.22 -7.95
N LEU I 426 52.39 61.78 -8.62
CA LEU I 426 51.80 63.06 -8.23
C LEU I 426 51.63 63.20 -6.71
N ALA I 427 50.65 62.50 -6.17
CA ALA I 427 50.36 62.55 -4.74
C ALA I 427 51.62 62.50 -3.87
N ALA I 428 52.60 61.71 -4.30
CA ALA I 428 53.85 61.57 -3.55
C ALA I 428 54.58 62.91 -3.42
N ASN I 429 54.79 63.58 -4.55
CA ASN I 429 55.47 64.86 -4.56
C ASN I 429 54.88 65.84 -3.56
N LEU I 430 53.59 66.13 -3.71
CA LEU I 430 52.89 67.05 -2.82
C LEU I 430 53.21 66.78 -1.35
N TRP I 431 53.18 65.50 -0.97
CA TRP I 431 53.46 65.11 0.41
C TRP I 431 54.89 65.51 0.80
N ARG I 432 55.84 65.21 -0.08
CA ARG I 432 57.23 65.52 0.17
C ARG I 432 57.49 67.03 0.20
N SER I 433 56.87 67.75 -0.73
CA SER I 433 57.03 69.19 -0.79
C SER I 433 56.47 69.81 0.49
N PHE I 434 55.38 69.23 0.98
CA PHE I 434 54.75 69.72 2.21
C PHE I 434 55.77 69.63 3.35
N LEU I 435 56.24 68.42 3.61
CA LEU I 435 57.20 68.18 4.68
C LEU I 435 58.40 69.13 4.63
N TYR I 436 59.20 69.02 3.58
CA TYR I 436 60.39 69.85 3.42
C TYR I 436 60.17 71.36 3.64
N SER I 437 59.04 71.87 3.17
CA SER I 437 58.73 73.29 3.31
C SER I 437 58.13 73.71 4.65
N ASN I 438 57.64 72.73 5.41
CA ASN I 438 57.01 73.04 6.69
C ASN I 438 57.76 72.51 7.92
N VAL I 439 58.70 71.60 7.71
CA VAL I 439 59.44 71.06 8.84
C VAL I 439 60.93 70.89 8.59
N ALA I 440 61.32 70.72 7.32
CA ALA I 440 62.73 70.56 6.98
C ALA I 440 63.51 71.86 7.09
N LEU I 441 62.98 72.93 6.51
CA LEU I 441 63.64 74.23 6.53
C LEU I 441 63.62 74.86 7.92
N TYR I 442 62.86 74.27 8.84
CA TYR I 442 62.75 74.82 10.19
C TYR I 442 63.54 74.03 11.22
N LEU I 443 64.22 72.97 10.78
CA LEU I 443 65.02 72.16 11.68
C LEU I 443 66.15 73.00 12.26
N PRO I 444 66.61 72.67 13.48
CA PRO I 444 67.69 73.41 14.13
C PRO I 444 68.88 73.60 13.20
N ASP I 445 69.52 74.77 13.29
CA ASP I 445 70.66 75.09 12.44
C ASP I 445 71.75 74.03 12.50
N ASN I 446 71.84 73.33 13.63
CA ASN I 446 72.86 72.29 13.82
C ASN I 446 72.73 71.16 12.80
N LEU I 447 71.52 70.93 12.31
CA LEU I 447 71.29 69.85 11.34
C LEU I 447 71.47 70.32 9.89
N LYS I 448 71.84 71.58 9.72
CA LYS I 448 72.05 72.13 8.39
C LYS I 448 73.53 72.32 8.10
N PHE I 449 73.84 72.68 6.86
CA PHE I 449 75.21 72.91 6.44
C PHE I 449 75.24 74.01 5.38
N THR I 450 76.20 74.92 5.51
CA THR I 450 76.34 76.02 4.56
C THR I 450 76.47 75.47 3.14
N PRO I 451 75.77 76.09 2.18
CA PRO I 451 75.83 75.65 0.79
C PRO I 451 77.26 75.72 0.24
N HIS I 452 77.44 75.23 -0.98
CA HIS I 452 78.77 75.23 -1.59
C HIS I 452 79.07 76.53 -2.33
N ASN I 453 80.30 77.02 -2.17
CA ASN I 453 80.75 78.25 -2.82
C ASN I 453 79.76 79.40 -2.65
N ILE I 454 79.54 79.82 -1.41
CA ILE I 454 78.61 80.91 -1.15
C ILE I 454 79.01 81.76 0.06
N GLN I 455 79.23 83.05 -0.18
CA GLN I 455 79.62 83.98 0.87
C GLN I 455 78.46 84.10 1.84
N LEU I 456 78.73 83.97 3.13
CA LEU I 456 77.68 84.06 4.14
C LEU I 456 78.07 84.93 5.32
N PRO I 457 77.10 85.69 5.87
CA PRO I 457 77.33 86.59 7.01
C PRO I 457 77.59 85.82 8.31
N PRO I 458 78.28 86.46 9.27
CA PRO I 458 78.60 85.83 10.55
C PRO I 458 77.40 85.69 11.49
N ASN I 459 76.59 86.73 11.58
CA ASN I 459 75.41 86.71 12.44
C ASN I 459 74.45 85.59 12.07
N THR I 460 74.23 84.68 13.00
CA THR I 460 73.31 83.56 12.77
C THR I 460 71.89 84.03 13.05
N ASN I 461 71.73 85.33 13.28
CA ASN I 461 70.42 85.91 13.54
C ASN I 461 69.93 86.71 12.35
N THR I 462 70.71 86.69 11.28
CA THR I 462 70.37 87.43 10.07
C THR I 462 69.51 86.57 9.13
N TYR I 463 68.68 87.23 8.34
CA TYR I 463 67.81 86.56 7.40
C TYR I 463 68.61 85.77 6.36
N GLU I 464 69.65 86.41 5.83
CA GLU I 464 70.51 85.79 4.82
C GLU I 464 71.04 84.45 5.28
N TYR I 465 71.50 84.38 6.53
CA TYR I 465 72.03 83.15 7.09
C TYR I 465 70.97 82.06 7.13
N MET I 466 69.83 82.37 7.74
CA MET I 466 68.74 81.42 7.85
C MET I 466 68.18 81.07 6.48
N ASN I 467 68.50 81.87 5.48
CA ASN I 467 68.04 81.64 4.13
C ASN I 467 69.11 80.94 3.29
N GLY I 468 70.33 80.93 3.80
CA GLY I 468 71.43 80.30 3.09
C GLY I 468 71.66 78.87 3.54
N ARG I 469 71.59 78.63 4.83
CA ARG I 469 71.78 77.30 5.39
C ARG I 469 70.94 76.29 4.62
N ILE I 470 71.53 75.16 4.27
CA ILE I 470 70.83 74.13 3.51
C ILE I 470 70.54 72.87 4.32
N PRO I 471 69.26 72.57 4.56
CA PRO I 471 68.92 71.37 5.33
C PRO I 471 68.83 70.15 4.42
N VAL I 472 69.04 68.97 4.98
CA VAL I 472 68.98 67.72 4.22
C VAL I 472 67.55 67.14 4.22
N SER I 473 66.92 67.09 3.06
CA SER I 473 65.56 66.55 2.91
C SER I 473 65.49 65.10 3.38
N GLY I 474 66.64 64.50 3.63
CA GLY I 474 66.68 63.13 4.07
C GLY I 474 66.16 62.96 5.49
N LEU I 475 66.48 63.93 6.34
CA LEU I 475 66.07 63.91 7.75
C LEU I 475 64.55 63.92 7.95
N ILE I 476 63.79 64.23 6.90
CA ILE I 476 62.34 64.27 7.00
C ILE I 476 61.69 64.03 5.65
N ASP I 477 61.85 62.81 5.13
CA ASP I 477 61.28 62.44 3.84
C ASP I 477 59.93 61.75 4.02
N THR I 478 59.21 61.57 2.92
CA THR I 478 57.89 60.95 2.93
C THR I 478 57.82 59.58 3.60
N TYR I 479 58.94 59.06 4.09
CA TYR I 479 58.96 57.76 4.72
C TYR I 479 59.36 57.81 6.19
N VAL I 480 59.42 59.02 6.75
CA VAL I 480 59.80 59.18 8.15
C VAL I 480 58.67 58.75 9.09
N ASN I 481 58.97 57.82 9.98
CA ASN I 481 57.99 57.31 10.94
C ASN I 481 56.65 57.03 10.28
N ILE I 482 56.69 56.29 9.18
CA ILE I 482 55.50 55.94 8.44
C ILE I 482 54.48 55.21 9.31
N GLY I 483 53.28 55.78 9.43
CA GLY I 483 52.24 55.15 10.22
C GLY I 483 52.02 55.71 11.61
N THR I 484 52.68 56.82 11.93
CA THR I 484 52.52 57.41 13.25
C THR I 484 52.11 58.86 13.26
N ARG I 485 51.63 59.31 14.42
CA ARG I 485 51.19 60.67 14.63
C ARG I 485 52.23 61.28 15.57
N TRP I 486 53.48 60.87 15.35
CA TRP I 486 54.63 61.31 16.12
C TRP I 486 55.34 62.51 15.51
N SER I 487 55.85 63.40 16.36
CA SER I 487 56.56 64.58 15.90
C SER I 487 58.06 64.43 16.13
N PRO I 488 58.88 64.87 15.17
CA PRO I 488 60.34 64.78 15.28
C PRO I 488 60.90 65.32 16.59
N ASP I 489 61.65 64.48 17.29
CA ASP I 489 62.26 64.84 18.57
C ASP I 489 63.20 66.04 18.46
N VAL I 490 63.58 66.36 17.23
CA VAL I 490 64.48 67.48 17.00
C VAL I 490 63.71 68.79 16.90
N MET I 491 62.39 68.70 16.86
CA MET I 491 61.53 69.88 16.76
C MET I 491 60.72 70.14 18.02
N ASP I 492 60.73 69.20 18.95
CA ASP I 492 59.98 69.36 20.19
C ASP I 492 60.43 70.60 20.96
N ASN I 493 61.70 70.96 20.79
CA ASN I 493 62.23 72.13 21.47
C ASN I 493 62.43 73.31 20.53
N VAL I 494 61.63 73.34 19.47
CA VAL I 494 61.71 74.42 18.49
C VAL I 494 60.37 75.16 18.43
N ASN I 495 60.39 76.44 18.74
CA ASN I 495 59.18 77.26 18.74
C ASN I 495 58.33 77.01 17.50
N PRO I 496 57.19 76.32 17.67
CA PRO I 496 56.27 76.00 16.57
C PRO I 496 55.46 77.21 16.09
N PHE I 497 55.57 78.32 16.83
CA PHE I 497 54.85 79.52 16.45
C PHE I 497 55.61 80.37 15.44
N ASN I 498 56.92 80.18 15.39
CA ASN I 498 57.75 80.91 14.43
C ASN I 498 57.74 80.12 13.14
N HIS I 499 56.54 79.97 12.57
CA HIS I 499 56.35 79.22 11.33
C HIS I 499 55.55 80.07 10.35
N HIS I 500 55.81 79.90 9.06
CA HIS I 500 55.09 80.71 8.06
C HIS I 500 53.64 80.27 7.88
N ARG I 501 53.20 79.30 8.66
CA ARG I 501 51.81 78.85 8.60
C ARG I 501 51.04 79.37 9.81
N ASN I 502 51.65 80.32 10.51
CA ASN I 502 51.02 80.93 11.67
C ASN I 502 49.92 81.85 11.18
N SER I 503 48.72 81.30 11.04
CA SER I 503 47.57 82.07 10.57
C SER I 503 47.49 83.41 11.29
N GLY I 504 47.69 83.39 12.60
CA GLY I 504 47.62 84.62 13.37
C GLY I 504 48.55 85.69 12.84
N LEU I 505 49.85 85.41 12.87
CA LEU I 505 50.86 86.36 12.40
C LEU I 505 50.65 86.71 10.93
N ARG I 506 50.42 85.69 10.11
CA ARG I 506 50.21 85.90 8.68
C ARG I 506 49.07 86.88 8.42
N TYR I 507 48.06 86.85 9.27
CA TYR I 507 46.91 87.74 9.13
C TYR I 507 47.33 89.19 9.35
N ARG I 508 47.87 89.48 10.52
CA ARG I 508 48.32 90.83 10.84
C ARG I 508 49.28 91.35 9.79
N SER I 509 50.10 90.46 9.25
CA SER I 509 51.06 90.84 8.23
C SER I 509 50.33 91.47 7.06
N GLN I 510 49.49 90.68 6.39
CA GLN I 510 48.72 91.16 5.26
C GLN I 510 47.81 92.32 5.66
N LEU I 511 47.53 92.44 6.95
CA LEU I 511 46.68 93.50 7.46
C LEU I 511 47.34 94.86 7.27
N LEU I 512 48.64 94.84 6.97
CA LEU I 512 49.39 96.08 6.75
C LEU I 512 49.72 96.21 5.26
N GLY I 513 49.80 95.08 4.58
CA GLY I 513 50.11 95.08 3.16
C GLY I 513 51.22 94.11 2.80
N ASN I 514 51.66 94.16 1.55
CA ASN I 514 52.73 93.28 1.08
C ASN I 514 54.00 94.06 0.77
N GLY I 515 53.89 95.39 0.80
CA GLY I 515 55.04 96.23 0.51
C GLY I 515 55.97 96.45 1.69
N ARG I 516 57.26 96.57 1.40
CA ARG I 516 58.28 96.81 2.42
C ARG I 516 57.92 98.07 3.18
N PHE I 517 57.62 99.13 2.44
CA PHE I 517 57.25 100.42 3.02
C PHE I 517 55.74 100.45 3.19
N CYS I 518 55.28 100.95 4.33
CA CYS I 518 53.84 101.02 4.59
C CYS I 518 53.51 102.03 5.67
N ASP I 519 52.54 102.90 5.37
CA ASP I 519 52.11 103.91 6.32
C ASP I 519 50.95 103.32 7.12
N PHE I 520 51.25 102.87 8.34
CA PHE I 520 50.24 102.27 9.20
C PHE I 520 49.38 103.28 9.93
N HIS I 521 48.40 102.76 10.65
CA HIS I 521 47.47 103.56 11.44
C HIS I 521 46.66 102.60 12.30
N ILE I 522 47.03 102.48 13.56
CA ILE I 522 46.38 101.56 14.48
C ILE I 522 45.82 102.20 15.74
N GLN I 523 45.07 101.40 16.50
CA GLN I 523 44.48 101.84 17.75
C GLN I 523 44.95 100.93 18.87
N VAL I 524 45.70 101.48 19.82
CA VAL I 524 46.20 100.69 20.94
C VAL I 524 45.34 100.90 22.19
N PRO I 525 44.78 99.82 22.73
CA PRO I 525 43.94 99.88 23.93
C PRO I 525 44.75 99.91 25.22
N GLN I 526 44.07 100.16 26.34
CA GLN I 526 44.72 100.20 27.65
C GLN I 526 44.62 98.81 28.28
N LYS I 527 45.75 98.30 28.76
CA LYS I 527 45.76 96.97 29.35
C LYS I 527 45.96 96.93 30.87
N PHE I 528 46.46 98.02 31.45
CA PHE I 528 46.68 98.05 32.89
C PHE I 528 45.35 97.89 33.62
N PHE I 529 45.22 96.79 34.36
CA PHE I 529 43.99 96.49 35.09
C PHE I 529 43.49 97.60 36.00
N ALA I 530 44.40 98.22 36.74
CA ALA I 530 44.03 99.29 37.66
C ALA I 530 43.22 100.41 37.01
N ILE I 531 43.34 100.55 35.70
CA ILE I 531 42.61 101.62 35.00
C ILE I 531 41.86 101.16 33.75
N ARG I 532 41.93 99.88 33.43
CA ARG I 532 41.24 99.37 32.24
C ARG I 532 39.76 99.67 32.28
N ASN I 533 39.06 99.05 33.22
CA ASN I 533 37.62 99.22 33.35
C ASN I 533 37.24 100.29 34.38
N LEU I 534 38.15 101.20 34.67
CA LEU I 534 37.88 102.26 35.64
C LEU I 534 36.82 103.20 35.08
N LEU I 535 36.09 103.85 35.98
CA LEU I 535 35.03 104.78 35.57
C LEU I 535 35.28 106.17 36.14
N LEU I 536 36.14 106.93 35.48
CA LEU I 536 36.47 108.29 35.92
C LEU I 536 35.24 109.17 36.02
N LEU I 537 35.32 110.16 36.91
CA LEU I 537 34.23 111.10 37.12
C LEU I 537 34.66 112.48 36.60
N PRO I 538 33.74 113.45 36.58
CA PRO I 538 34.06 114.79 36.10
C PRO I 538 35.37 115.34 36.69
N GLY I 539 36.09 116.11 35.87
CA GLY I 539 37.35 116.68 36.32
C GLY I 539 38.43 116.54 35.25
N THR I 540 39.58 117.14 35.47
CA THR I 540 40.68 117.06 34.51
C THR I 540 41.81 116.18 35.05
N TYR I 541 42.39 115.36 34.18
CA TYR I 541 43.46 114.47 34.59
C TYR I 541 44.59 114.45 33.57
N THR I 542 45.79 114.20 34.06
CA THR I 542 46.96 114.13 33.19
C THR I 542 47.21 112.66 32.83
N TYR I 543 46.97 112.32 31.58
CA TYR I 543 47.14 110.95 31.11
C TYR I 543 48.34 110.86 30.18
N GLU I 544 49.46 110.37 30.71
CA GLU I 544 50.68 110.23 29.93
C GLU I 544 51.11 108.77 29.84
N TRP I 545 51.88 108.44 28.81
CA TRP I 545 52.35 107.07 28.62
C TRP I 545 53.43 107.03 27.54
N SER I 546 54.37 106.10 27.69
CA SER I 546 55.46 105.95 26.73
C SER I 546 55.23 104.80 25.76
N PHE I 547 55.94 104.83 24.64
CA PHE I 547 55.83 103.80 23.62
C PHE I 547 57.20 103.42 23.09
N ARG I 548 57.50 102.12 23.05
CA ARG I 548 58.78 101.65 22.55
C ARG I 548 58.93 101.97 21.06
N LYS I 549 60.09 101.64 20.51
CA LYS I 549 60.37 101.86 19.09
C LYS I 549 61.27 100.73 18.59
N ASP I 550 61.68 99.87 19.51
CA ASP I 550 62.54 98.75 19.17
C ASP I 550 61.77 97.80 18.25
N VAL I 551 62.17 97.75 16.98
CA VAL I 551 61.54 96.89 16.00
C VAL I 551 61.39 95.46 16.48
N ASN I 552 62.40 94.96 17.20
CA ASN I 552 62.40 93.60 17.71
C ASN I 552 61.37 93.34 18.81
N MET I 553 60.63 94.37 19.21
CA MET I 553 59.63 94.21 20.25
C MET I 553 58.25 94.67 19.79
N ILE I 554 58.23 95.61 18.86
CA ILE I 554 56.96 96.11 18.34
C ILE I 554 56.56 95.27 17.13
N LEU I 555 57.56 94.73 16.44
CA LEU I 555 57.31 93.90 15.26
C LEU I 555 57.61 92.43 15.55
N GLN I 556 57.11 91.57 14.67
CA GLN I 556 57.32 90.13 14.81
C GLN I 556 57.56 89.51 13.43
N SER I 557 58.42 88.50 13.38
CA SER I 557 58.74 87.82 12.14
C SER I 557 58.59 86.31 12.30
N THR I 558 58.36 85.62 11.19
CA THR I 558 58.19 84.18 11.21
C THR I 558 59.49 83.44 11.52
N LEU I 559 60.61 83.97 11.02
CA LEU I 559 61.91 83.36 11.25
C LEU I 559 62.54 83.83 12.55
N GLY I 560 62.08 84.97 13.05
CA GLY I 560 62.62 85.50 14.28
C GLY I 560 64.01 86.10 14.11
N ASN I 561 64.35 86.44 12.87
CA ASN I 561 65.65 87.02 12.58
C ASN I 561 65.76 88.41 13.22
N ASP I 562 66.99 88.81 13.53
CA ASP I 562 67.22 90.11 14.15
C ASP I 562 66.86 91.23 13.18
N LEU I 563 65.67 91.81 13.38
CA LEU I 563 65.18 92.88 12.53
C LEU I 563 66.05 94.13 12.61
N ARG I 564 66.60 94.39 13.80
CA ARG I 564 67.45 95.56 14.01
C ARG I 564 68.67 95.57 13.10
N VAL I 565 69.12 94.40 12.69
CA VAL I 565 70.28 94.29 11.82
C VAL I 565 69.86 94.14 10.36
N ASP I 566 68.62 93.72 10.13
CA ASP I 566 68.11 93.54 8.78
C ASP I 566 67.43 94.80 8.25
N GLY I 567 67.89 95.96 8.72
CA GLY I 567 67.33 97.22 8.28
C GLY I 567 65.86 97.43 8.58
N ALA I 568 65.44 97.04 9.78
CA ALA I 568 64.05 97.20 10.19
C ALA I 568 63.92 98.51 10.95
N THR I 569 63.07 99.42 10.47
CA THR I 569 62.88 100.70 11.12
C THR I 569 61.42 101.14 11.19
N VAL I 570 61.08 101.84 12.25
CA VAL I 570 59.73 102.33 12.47
C VAL I 570 59.79 103.82 12.81
N ASN I 571 58.72 104.54 12.55
CA ASN I 571 58.69 105.97 12.85
C ASN I 571 57.29 106.44 13.20
N ILE I 572 57.16 107.06 14.37
CA ILE I 572 55.89 107.58 14.84
C ILE I 572 55.75 109.05 14.48
N THR I 573 54.69 109.39 13.76
CA THR I 573 54.46 110.77 13.34
C THR I 573 53.58 111.53 14.32
N SER I 574 52.42 110.95 14.63
CA SER I 574 51.49 111.59 15.56
C SER I 574 50.72 110.56 16.38
N VAL I 575 50.28 110.97 17.56
CA VAL I 575 49.52 110.10 18.45
C VAL I 575 48.42 110.89 19.14
N ASN I 576 47.19 110.39 19.05
CA ASN I 576 46.06 111.06 19.66
C ASN I 576 45.34 110.12 20.61
N LEU I 577 44.49 110.68 21.48
CA LEU I 577 43.74 109.88 22.44
C LEU I 577 42.24 110.07 22.26
N TYR I 578 41.54 108.98 21.99
CA TYR I 578 40.10 109.03 21.80
C TYR I 578 39.37 108.44 23.00
N ALA I 579 38.18 108.98 23.28
CA ALA I 579 37.38 108.53 24.40
C ALA I 579 35.91 108.74 24.09
N SER I 580 35.11 107.68 24.23
CA SER I 580 33.68 107.75 23.96
C SER I 580 32.88 107.90 25.26
N PHE I 581 32.01 108.91 25.28
CA PHE I 581 31.19 109.17 26.45
C PHE I 581 29.73 108.86 26.15
N PHE I 582 29.06 108.19 27.08
CA PHE I 582 27.66 107.84 26.91
C PHE I 582 26.83 109.12 27.05
N PRO I 583 25.93 109.38 26.10
CA PRO I 583 25.09 110.58 26.14
C PRO I 583 24.05 110.49 27.25
N MET I 584 24.53 110.22 28.46
CA MET I 584 23.67 110.08 29.63
C MET I 584 23.13 111.43 30.08
N SER I 585 21.85 111.46 30.45
CA SER I 585 21.22 112.69 30.91
C SER I 585 22.01 113.30 32.06
N HIS I 586 22.15 114.62 32.03
CA HIS I 586 22.88 115.34 33.06
C HIS I 586 22.27 115.11 34.44
N ASN I 587 20.95 114.96 34.48
CA ASN I 587 20.26 114.72 35.74
C ASN I 587 20.70 113.39 36.33
N THR I 588 20.65 112.33 35.53
CA THR I 588 21.05 111.01 35.97
C THR I 588 22.55 110.99 36.25
N ALA I 589 23.33 111.43 35.27
CA ALA I 589 24.77 111.48 35.39
C ALA I 589 25.21 112.14 36.68
N SER I 590 24.53 113.23 37.05
CA SER I 590 24.85 113.95 38.27
C SER I 590 24.64 113.08 39.50
N THR I 591 23.51 112.38 39.54
CA THR I 591 23.18 111.51 40.66
C THR I 591 24.22 110.39 40.77
N LEU I 592 24.50 109.75 39.65
CA LEU I 592 25.48 108.66 39.62
C LEU I 592 26.80 109.09 40.24
N GLU I 593 27.25 110.29 39.90
CA GLU I 593 28.49 110.84 40.42
C GLU I 593 28.45 110.96 41.94
N ALA I 594 27.39 111.58 42.45
CA ALA I 594 27.23 111.77 43.89
C ALA I 594 27.44 110.48 44.66
N MET I 595 26.95 109.37 44.11
CA MET I 595 27.08 108.08 44.77
C MET I 595 28.48 107.49 44.63
N LEU I 596 29.02 107.52 43.42
CA LEU I 596 30.35 106.98 43.16
C LEU I 596 31.46 107.73 43.89
N ARG I 597 31.12 108.87 44.49
CA ARG I 597 32.11 109.65 45.22
C ARG I 597 32.15 109.33 46.70
N ASN I 598 31.42 108.30 47.10
CA ASN I 598 31.40 107.89 48.51
C ASN I 598 32.31 106.68 48.71
N ASP I 599 33.18 106.77 49.70
CA ASP I 599 34.12 105.70 49.99
C ASP I 599 33.45 104.33 50.11
N THR I 600 32.15 104.34 50.39
CA THR I 600 31.41 103.10 50.53
C THR I 600 31.09 102.48 49.17
N ASN I 601 31.38 103.22 48.10
CA ASN I 601 31.12 102.75 46.75
C ASN I 601 32.36 102.84 45.85
N ASP I 602 33.54 102.69 46.44
CA ASP I 602 34.76 102.77 45.67
C ASP I 602 34.90 101.57 44.73
N GLN I 603 35.31 101.83 43.51
CA GLN I 603 35.49 100.79 42.50
C GLN I 603 36.72 99.97 42.84
N SER I 604 36.69 98.69 42.49
CA SER I 604 37.82 97.80 42.77
C SER I 604 38.05 96.82 41.62
N PHE I 605 39.32 96.67 41.23
CA PHE I 605 39.68 95.77 40.15
C PHE I 605 40.80 94.85 40.61
N ASN I 606 41.17 93.90 39.76
CA ASN I 606 42.24 92.97 40.09
C ASN I 606 42.77 92.31 38.83
N ASP I 607 44.07 92.42 38.60
CA ASP I 607 44.70 91.84 37.43
C ASP I 607 44.23 90.40 37.27
N TYR I 608 43.81 90.04 36.06
CA TYR I 608 43.32 88.69 35.82
C TYR I 608 44.33 87.61 36.19
N LEU I 609 45.58 87.82 35.81
CA LEU I 609 46.64 86.85 36.11
C LEU I 609 46.86 86.75 37.62
N SER I 610 47.01 87.90 38.26
CA SER I 610 47.24 87.95 39.71
C SER I 610 48.32 86.98 40.14
N ALA I 611 49.58 87.35 39.91
CA ALA I 611 50.70 86.49 40.29
C ALA I 611 52.03 87.21 40.10
N ALA I 612 52.95 86.97 41.02
CA ALA I 612 54.27 87.58 40.96
C ALA I 612 55.11 86.79 39.96
N ASN I 613 55.67 87.47 38.98
CA ASN I 613 56.48 86.83 37.95
C ASN I 613 57.94 86.73 38.38
N MET I 614 58.47 85.51 38.35
CA MET I 614 59.85 85.27 38.73
C MET I 614 60.60 84.60 37.58
N LEU I 615 61.90 84.86 37.48
CA LEU I 615 62.70 84.28 36.41
C LEU I 615 64.05 83.82 36.95
N TYR I 616 64.31 82.52 36.84
CA TYR I 616 65.56 81.95 37.30
C TYR I 616 66.30 81.33 36.12
N PRO I 617 67.59 81.66 35.96
CA PRO I 617 68.40 81.14 34.86
C PRO I 617 68.64 79.63 34.96
N ILE I 618 68.64 78.97 33.81
CA ILE I 618 68.88 77.53 33.75
C ILE I 618 70.07 77.27 32.83
N PRO I 619 71.27 77.14 33.40
CA PRO I 619 72.48 76.90 32.61
C PRO I 619 72.27 75.80 31.58
N PRO I 620 72.98 75.87 30.44
CA PRO I 620 72.85 74.86 29.38
C PRO I 620 73.19 73.45 29.87
N ASN I 621 72.33 72.50 29.53
CA ASN I 621 72.50 71.09 29.90
C ASN I 621 72.20 70.84 31.37
N ALA I 622 71.80 71.88 32.09
CA ALA I 622 71.48 71.74 33.51
C ALA I 622 70.27 70.83 33.66
N THR I 623 70.18 70.15 34.81
CA THR I 623 69.08 69.24 35.06
C THR I 623 68.31 69.62 36.32
N GLN I 624 69.05 69.84 37.41
CA GLN I 624 68.46 70.22 38.68
C GLN I 624 68.44 71.74 38.81
N LEU I 625 67.41 72.28 39.45
CA LEU I 625 67.31 73.72 39.63
C LEU I 625 66.56 74.09 40.89
N PRO I 626 67.28 74.35 41.99
CA PRO I 626 66.67 74.70 43.27
C PRO I 626 66.39 76.21 43.35
N ILE I 627 65.34 76.58 44.08
CA ILE I 627 64.98 77.99 44.22
C ILE I 627 64.49 78.32 45.62
N PRO I 628 65.29 79.08 46.40
CA PRO I 628 64.94 79.48 47.76
C PRO I 628 64.18 80.79 47.83
N SER I 629 63.10 80.82 48.62
CA SER I 629 62.27 81.99 48.80
C SER I 629 61.34 81.71 49.97
N ARG I 630 60.80 82.76 50.58
CA ARG I 630 59.89 82.55 51.71
C ARG I 630 58.72 83.55 51.76
N ASN I 631 57.51 83.02 51.95
CA ASN I 631 56.29 83.83 52.03
C ASN I 631 55.83 83.92 53.49
N TRP I 632 55.49 85.13 53.92
CA TRP I 632 55.04 85.37 55.28
C TRP I 632 53.54 85.08 55.41
N ALA I 633 52.86 84.96 54.29
CA ALA I 633 51.43 84.70 54.30
C ALA I 633 51.04 83.51 53.44
N ALA I 634 49.77 83.46 53.05
CA ALA I 634 49.28 82.38 52.22
C ALA I 634 48.68 82.91 50.94
N PHE I 635 49.16 82.37 49.84
CA PHE I 635 48.71 82.79 48.52
C PHE I 635 47.56 81.94 47.98
N ARG I 636 47.59 81.71 46.67
CA ARG I 636 46.56 80.94 45.96
C ARG I 636 47.09 79.63 45.37
N GLY I 637 48.25 79.70 44.74
CA GLY I 637 48.85 78.51 44.16
C GLY I 637 50.06 78.78 43.29
N TRP I 638 50.60 77.73 42.67
CA TRP I 638 51.77 77.87 41.80
C TRP I 638 51.37 77.70 40.33
N SER I 639 52.23 78.16 39.45
CA SER I 639 52.01 78.07 38.01
C SER I 639 53.38 78.28 37.40
N LEU I 640 53.77 77.41 36.48
CA LEU I 640 55.09 77.53 35.90
C LEU I 640 55.29 76.91 34.52
N THR I 641 56.39 77.30 33.87
CA THR I 641 56.72 76.81 32.54
C THR I 641 58.22 76.94 32.33
N ARG I 642 58.65 76.94 31.08
CA ARG I 642 60.06 77.08 30.74
C ARG I 642 60.21 77.92 29.47
N LEU I 643 61.14 78.87 29.50
CA LEU I 643 61.36 79.74 28.36
C LEU I 643 62.82 79.80 27.95
N LYS I 644 63.07 80.18 26.70
CA LYS I 644 64.43 80.28 26.18
C LYS I 644 64.95 81.71 26.41
N GLN I 645 66.12 81.81 27.01
CA GLN I 645 66.73 83.10 27.30
C GLN I 645 66.76 84.03 26.09
N ARG I 646 67.16 83.50 24.94
CA ARG I 646 67.25 84.30 23.72
C ARG I 646 65.89 84.87 23.31
N GLU I 647 64.83 84.12 23.58
CA GLU I 647 63.48 84.55 23.23
C GLU I 647 62.81 85.35 24.33
N THR I 648 63.57 85.69 25.37
CA THR I 648 63.02 86.45 26.48
C THR I 648 63.77 87.76 26.68
N PRO I 649 63.17 88.88 26.27
CA PRO I 649 63.79 90.20 26.41
C PRO I 649 63.85 90.65 27.88
N ALA I 650 65.01 91.12 28.30
CA ALA I 650 65.18 91.60 29.67
C ALA I 650 64.34 92.85 29.90
N LEU I 651 63.24 92.69 30.62
CA LEU I 651 62.35 93.82 30.90
C LEU I 651 62.86 94.66 32.07
N GLY I 652 62.16 95.75 32.34
CA GLY I 652 62.56 96.63 33.43
C GLY I 652 63.36 97.80 32.90
N SER I 653 64.28 97.51 31.99
CA SER I 653 65.11 98.53 31.39
C SER I 653 64.46 99.03 30.10
N PRO I 654 64.56 100.33 29.82
CA PRO I 654 63.99 100.93 28.61
C PRO I 654 64.62 100.48 27.30
N PHE I 655 65.51 99.49 27.37
CA PHE I 655 66.17 99.00 26.17
C PHE I 655 67.08 97.78 26.45
N ASP I 656 67.00 96.79 25.56
CA ASP I 656 67.81 95.59 25.69
C ASP I 656 68.80 95.52 24.54
N PRO I 657 70.09 95.71 24.81
CA PRO I 657 71.12 95.66 23.76
C PRO I 657 71.48 94.24 23.33
N TYR I 658 71.11 93.25 24.13
CA TYR I 658 71.43 91.86 23.83
C TYR I 658 70.20 91.08 23.34
N PHE I 659 69.18 91.79 22.89
CA PHE I 659 67.96 91.14 22.42
C PHE I 659 67.94 91.05 20.90
N THR I 660 68.52 89.99 20.37
CA THR I 660 68.57 89.78 18.92
C THR I 660 67.55 88.74 18.49
N TYR I 661 66.29 88.98 18.82
CA TYR I 661 65.22 88.06 18.48
C TYR I 661 63.96 88.85 18.13
N SER I 662 63.15 88.33 17.22
CA SER I 662 61.92 89.01 16.82
C SER I 662 60.74 88.07 16.69
N GLY I 663 60.93 86.82 17.12
CA GLY I 663 59.84 85.86 17.03
C GLY I 663 58.87 86.07 18.17
N THR I 664 57.93 85.15 18.34
CA THR I 664 56.93 85.26 19.41
C THR I 664 57.63 85.20 20.77
N ILE I 665 57.16 86.02 21.70
CA ILE I 665 57.72 86.06 23.04
C ILE I 665 56.79 85.37 24.02
N PRO I 666 57.02 84.08 24.29
CA PRO I 666 56.20 83.29 25.21
C PRO I 666 55.94 84.01 26.53
N TYR I 667 56.88 84.86 26.93
CA TYR I 667 56.75 85.59 28.18
C TYR I 667 55.67 86.66 28.14
N LEU I 668 55.24 87.04 26.94
CA LEU I 668 54.21 88.07 26.79
C LEU I 668 52.93 87.54 26.16
N ASP I 669 53.03 87.06 24.92
CA ASP I 669 51.87 86.54 24.21
C ASP I 669 51.37 85.22 24.81
N GLY I 670 52.25 84.56 25.56
CA GLY I 670 51.87 83.30 26.17
C GLY I 670 51.92 82.11 25.22
N THR I 671 52.92 82.10 24.34
CA THR I 671 53.07 81.02 23.38
C THR I 671 54.10 80.00 23.87
N PHE I 672 53.90 79.51 25.09
CA PHE I 672 54.79 78.53 25.71
C PHE I 672 54.77 77.25 24.89
N TYR I 673 55.82 76.44 25.04
CA TYR I 673 55.92 75.19 24.30
C TYR I 673 57.05 74.30 24.82
N LEU I 674 57.35 74.42 26.10
CA LEU I 674 58.41 73.62 26.69
C LEU I 674 57.99 73.04 28.03
N SER I 675 56.70 72.80 28.18
CA SER I 675 56.17 72.24 29.42
C SER I 675 56.41 70.73 29.45
N HIS I 676 56.76 70.17 28.29
CA HIS I 676 57.00 68.74 28.18
C HIS I 676 58.46 68.42 28.49
N THR I 677 59.18 69.38 29.05
CA THR I 677 60.57 69.18 29.39
C THR I 677 60.81 69.13 30.89
N PHE I 678 59.77 68.84 31.65
CA PHE I 678 59.88 68.75 33.09
C PHE I 678 59.76 67.31 33.57
N ARG I 679 60.56 66.96 34.57
CA ARG I 679 60.55 65.61 35.13
C ARG I 679 59.78 65.54 36.44
N LYS I 680 60.18 66.35 37.41
CA LYS I 680 59.52 66.36 38.71
C LYS I 680 59.70 67.70 39.43
N VAL I 681 58.84 67.93 40.42
CA VAL I 681 58.89 69.15 41.22
C VAL I 681 58.73 68.80 42.69
N ALA I 682 59.60 69.36 43.53
CA ALA I 682 59.55 69.10 44.96
C ALA I 682 59.35 70.38 45.75
N ILE I 683 58.29 70.43 46.54
CA ILE I 683 57.99 71.61 47.35
C ILE I 683 58.12 71.27 48.82
N GLN I 684 58.74 72.16 49.59
CA GLN I 684 58.93 71.95 51.02
C GLN I 684 58.93 73.26 51.79
N PHE I 685 58.31 73.25 52.96
CA PHE I 685 58.23 74.43 53.80
C PHE I 685 59.16 74.31 55.00
N ASP I 686 59.87 75.38 55.31
CA ASP I 686 60.81 75.42 56.42
C ASP I 686 61.91 74.38 56.20
N SER I 687 62.15 74.06 54.93
CA SER I 687 63.18 73.09 54.54
C SER I 687 63.10 71.80 55.35
N SER I 688 61.91 71.23 55.43
CA SER I 688 61.69 69.99 56.18
C SER I 688 60.32 69.41 55.88
N VAL I 689 59.29 70.22 56.12
CA VAL I 689 57.91 69.79 55.89
C VAL I 689 57.59 69.79 54.40
N THR I 690 57.53 68.61 53.80
CA THR I 690 57.22 68.50 52.38
C THR I 690 55.74 68.77 52.15
N TRP I 691 55.41 69.35 51.01
CA TRP I 691 54.02 69.67 50.68
C TRP I 691 53.63 68.90 49.42
N PRO I 692 52.38 68.40 49.37
CA PRO I 692 51.36 68.53 50.42
C PRO I 692 51.57 67.51 51.54
N GLY I 693 52.46 66.55 51.30
CA GLY I 693 52.71 65.54 52.31
C GLY I 693 51.45 64.76 52.61
N ASN I 694 51.28 64.38 53.88
CA ASN I 694 50.11 63.63 54.30
C ASN I 694 49.88 62.40 53.42
N ASP I 695 50.91 61.99 52.71
CA ASP I 695 50.82 60.83 51.82
C ASP I 695 49.62 60.97 50.89
N ARG I 696 49.55 62.10 50.20
CA ARG I 696 48.46 62.36 49.26
C ARG I 696 48.66 61.66 47.93
N LEU I 697 49.84 61.85 47.34
CA LEU I 697 50.15 61.26 46.04
C LEU I 697 50.80 59.88 46.16
N LEU I 698 50.84 59.16 45.04
CA LEU I 698 51.44 57.83 44.99
C LEU I 698 52.91 57.99 45.36
N THR I 699 53.44 59.17 45.08
CA THR I 699 54.83 59.52 45.39
C THR I 699 54.74 60.77 46.25
N PRO I 700 54.31 60.60 47.52
CA PRO I 700 54.15 61.66 48.51
C PRO I 700 55.32 62.63 48.72
N ASN I 701 56.50 62.27 48.22
CA ASN I 701 57.67 63.13 48.39
C ASN I 701 57.91 64.08 47.22
N GLU I 702 57.02 64.07 46.23
CA GLU I 702 57.18 64.95 45.07
C GLU I 702 56.09 64.77 44.01
N PHE I 703 56.11 65.66 43.02
CA PHE I 703 55.15 65.61 41.92
C PHE I 703 55.88 65.17 40.66
N GLU I 704 55.83 63.87 40.36
CA GLU I 704 56.49 63.36 39.16
C GLU I 704 55.62 63.67 37.96
N ILE I 705 56.07 64.58 37.10
CA ILE I 705 55.31 64.95 35.91
C ILE I 705 55.34 63.85 34.87
N LYS I 706 56.47 63.16 34.77
CA LYS I 706 56.63 62.08 33.80
C LYS I 706 57.74 61.12 34.21
N ILE I 707 57.55 59.84 33.90
CA ILE I 707 58.55 58.81 34.23
C ILE I 707 59.10 58.18 32.95
N SER I 708 60.39 57.91 32.93
CA SER I 708 61.06 57.30 31.79
C SER I 708 60.90 55.79 31.83
N VAL I 709 61.30 55.20 32.96
CA VAL I 709 61.20 53.76 33.16
C VAL I 709 59.85 53.43 33.79
N ASP I 710 58.99 52.74 33.05
CA ASP I 710 57.67 52.39 33.55
C ASP I 710 57.65 51.77 34.95
N GLY I 711 58.43 50.72 35.17
CA GLY I 711 58.45 50.08 36.46
C GLY I 711 57.07 49.54 36.81
N GLU I 712 56.28 50.36 37.50
CA GLU I 712 54.91 49.99 37.89
C GLU I 712 53.96 50.41 36.78
N GLY I 713 54.29 51.51 36.12
CA GLY I 713 53.45 52.02 35.06
C GLY I 713 52.52 53.10 35.59
N TYR I 714 53.09 54.03 36.34
CA TYR I 714 52.31 55.12 36.90
C TYR I 714 51.96 56.11 35.81
N ASN I 715 52.06 55.69 34.55
CA ASN I 715 51.74 56.54 33.43
C ASN I 715 50.31 56.28 32.96
N VAL I 716 49.67 57.31 32.41
CA VAL I 716 48.30 57.19 31.93
C VAL I 716 48.13 57.83 30.56
N ALA I 717 46.89 57.87 30.08
CA ALA I 717 46.58 58.46 28.78
C ALA I 717 47.46 57.85 27.69
N GLN I 718 47.98 56.67 27.95
CA GLN I 718 48.83 55.98 27.00
C GLN I 718 50.04 56.83 26.64
N SER I 719 50.58 57.52 27.63
CA SER I 719 51.74 58.38 27.42
C SER I 719 52.77 58.13 28.52
N ASN I 720 53.65 59.10 28.73
CA ASN I 720 54.69 58.96 29.74
C ASN I 720 54.38 59.86 30.94
N MET I 721 53.14 60.33 31.00
CA MET I 721 52.72 61.21 32.09
C MET I 721 52.18 60.38 33.25
N THR I 722 52.66 60.65 34.46
CA THR I 722 52.23 59.93 35.64
C THR I 722 50.73 60.06 35.88
N LYS I 723 50.20 59.21 36.74
CA LYS I 723 48.78 59.24 37.05
C LYS I 723 48.52 60.37 38.04
N ASP I 724 49.49 60.59 38.92
CA ASP I 724 49.39 61.64 39.93
C ASP I 724 49.30 63.02 39.30
N TRP I 725 50.20 63.29 38.35
CA TRP I 725 50.21 64.58 37.68
C TRP I 725 48.93 64.83 36.90
N PHE I 726 48.55 63.86 36.07
CA PHE I 726 47.33 63.99 35.27
C PHE I 726 46.15 64.35 36.15
N LEU I 727 46.03 63.66 37.29
CA LEU I 727 44.94 63.93 38.22
C LEU I 727 44.97 65.38 38.69
N VAL I 728 46.13 65.82 39.17
CA VAL I 728 46.29 67.18 39.64
C VAL I 728 45.84 68.19 38.58
N GLN I 729 46.36 68.04 37.37
CA GLN I 729 46.01 68.96 36.28
C GLN I 729 44.51 68.99 36.02
N MET I 730 43.87 67.83 36.06
CA MET I 730 42.44 67.74 35.83
C MET I 730 41.63 68.47 36.91
N LEU I 731 42.06 68.31 38.16
CA LEU I 731 41.36 68.94 39.27
C LEU I 731 41.55 70.46 39.28
N ALA I 732 42.78 70.90 39.02
CA ALA I 732 43.09 72.33 39.01
C ALA I 732 42.51 73.08 37.83
N ASN I 733 42.00 72.35 36.84
CA ASN I 733 41.43 72.98 35.66
C ASN I 733 39.92 72.78 35.51
N TYR I 734 39.44 71.57 35.79
CA TYR I 734 38.02 71.29 35.65
C TYR I 734 37.42 70.62 36.87
N ASN I 735 38.17 70.56 37.97
CA ASN I 735 37.69 69.93 39.19
C ASN I 735 37.19 68.52 38.88
N ILE I 736 37.79 67.90 37.87
CA ILE I 736 37.42 66.55 37.46
C ILE I 736 38.50 65.56 37.86
N GLY I 737 38.10 64.48 38.54
CA GLY I 737 39.06 63.48 38.96
C GLY I 737 38.57 62.64 40.12
N TYR I 738 37.81 63.25 41.02
CA TYR I 738 37.29 62.54 42.18
C TYR I 738 36.05 61.73 41.85
N GLN I 739 35.48 61.98 40.67
CA GLN I 739 34.28 61.26 40.27
C GLN I 739 34.32 60.89 38.78
N GLY I 740 35.42 60.29 38.36
CA GLY I 740 35.56 59.87 36.97
C GLY I 740 36.22 60.89 36.07
N TYR I 741 37.02 60.40 35.12
CA TYR I 741 37.72 61.26 34.19
C TYR I 741 36.93 61.35 32.88
N HIS I 742 36.46 62.55 32.55
CA HIS I 742 35.69 62.74 31.33
C HIS I 742 35.99 64.08 30.68
N LEU I 743 35.88 64.13 29.35
CA LEU I 743 36.14 65.36 28.61
C LEU I 743 35.25 66.47 29.15
N PRO I 744 35.88 67.47 29.79
CA PRO I 744 35.13 68.60 30.35
C PRO I 744 34.35 69.36 29.29
N PRO I 745 33.37 70.17 29.71
CA PRO I 745 32.55 70.95 28.78
C PRO I 745 33.38 71.94 27.96
N ASP I 746 32.96 72.16 26.72
CA ASP I 746 33.67 73.06 25.81
C ASP I 746 33.99 74.46 26.33
N TYR I 747 33.02 75.12 26.95
CA TYR I 747 33.24 76.47 27.45
C TYR I 747 34.43 76.56 28.41
N LYS I 748 34.81 75.44 29.03
CA LYS I 748 35.94 75.45 29.94
C LYS I 748 37.24 75.06 29.26
N ASP I 749 37.15 74.64 27.99
CA ASP I 749 38.33 74.26 27.24
C ASP I 749 38.76 75.37 26.28
N ARG I 750 39.58 76.29 26.79
CA ARG I 750 40.06 77.41 25.99
C ARG I 750 41.49 77.12 25.55
N THR I 751 42.03 77.95 24.68
CA THR I 751 43.39 77.77 24.18
C THR I 751 44.43 77.69 25.28
N PHE I 752 44.07 78.12 26.49
CA PHE I 752 45.00 78.09 27.62
C PHE I 752 44.68 77.00 28.62
N SER I 753 43.90 76.01 28.19
CA SER I 753 43.53 74.90 29.06
C SER I 753 44.53 73.76 28.90
N PHE I 754 44.44 72.78 29.80
CA PHE I 754 45.34 71.64 29.76
C PHE I 754 44.95 70.63 28.69
N LEU I 755 43.88 69.90 28.95
CA LEU I 755 43.38 68.88 28.03
C LEU I 755 43.35 69.35 26.58
N HIS I 756 42.95 70.59 26.36
CA HIS I 756 42.86 71.15 25.01
C HIS I 756 44.19 71.02 24.25
N ASN I 757 45.30 71.15 24.96
CA ASN I 757 46.60 71.07 24.32
C ASN I 757 47.34 69.75 24.55
N PHE I 758 46.78 68.90 25.40
CA PHE I 758 47.39 67.61 25.69
C PHE I 758 47.25 66.68 24.48
N ILE I 759 48.39 66.22 23.97
CA ILE I 759 48.40 65.33 22.81
C ILE I 759 49.44 64.22 22.92
N PRO I 760 49.02 63.04 23.40
CA PRO I 760 49.94 61.90 23.55
C PRO I 760 50.26 61.25 22.21
N MET I 761 51.45 60.67 22.11
CA MET I 761 51.88 60.02 20.88
C MET I 761 52.90 58.93 21.16
N CYS I 762 52.88 57.89 20.34
CA CYS I 762 53.82 56.78 20.49
C CYS I 762 54.36 56.37 19.14
N ARG I 763 55.36 55.49 19.16
CA ARG I 763 55.98 55.01 17.94
C ARG I 763 56.93 53.88 18.28
N GLN I 764 57.19 53.02 17.31
CA GLN I 764 58.12 51.91 17.51
C GLN I 764 59.35 52.19 16.68
N VAL I 765 60.50 51.77 17.18
CA VAL I 765 61.76 51.96 16.47
C VAL I 765 62.60 50.71 16.56
N PRO I 766 63.41 50.42 15.52
CA PRO I 766 64.26 49.23 15.51
C PRO I 766 65.22 49.19 16.69
N ASN I 767 64.91 48.37 17.68
CA ASN I 767 65.74 48.25 18.86
C ASN I 767 67.20 48.00 18.46
N PRO I 768 68.13 48.84 18.94
CA PRO I 768 69.57 48.77 18.65
C PRO I 768 70.31 47.54 19.18
N ALA I 769 69.72 46.84 20.15
CA ALA I 769 70.36 45.67 20.72
C ALA I 769 69.61 44.37 20.40
N THR I 770 69.00 44.34 19.23
CA THR I 770 68.26 43.16 18.78
C THR I 770 69.17 42.26 17.95
N GLU I 771 69.26 42.54 16.66
CA GLU I 771 70.11 41.76 15.76
C GLU I 771 71.05 42.62 14.93
N GLY I 772 71.87 41.97 14.12
CA GLY I 772 72.82 42.67 13.28
C GLY I 772 72.10 43.48 12.21
N TYR I 773 71.62 44.66 12.60
CA TYR I 773 70.91 45.54 11.70
C TYR I 773 71.83 46.72 11.38
N PHE I 774 72.88 46.84 12.18
CA PHE I 774 73.87 47.91 12.02
C PHE I 774 73.27 49.30 12.18
N GLY I 775 74.11 50.32 12.00
CA GLY I 775 73.65 51.68 12.13
C GLY I 775 73.40 52.34 10.79
N LEU I 776 72.15 52.73 10.54
CA LEU I 776 71.77 53.38 9.30
C LEU I 776 72.47 54.73 9.20
N GLY I 777 73.67 54.74 8.63
CA GLY I 777 74.41 55.98 8.48
C GLY I 777 73.69 56.95 7.55
N ILE I 778 73.40 58.15 8.05
CA ILE I 778 72.71 59.16 7.25
C ILE I 778 73.48 59.51 5.98
N VAL I 779 74.75 59.12 5.93
CA VAL I 779 75.57 59.41 4.76
C VAL I 779 75.46 58.25 3.76
N ASN I 780 74.85 57.15 4.19
CA ASN I 780 74.67 55.99 3.33
C ASN I 780 73.19 55.77 3.05
N HIS I 781 72.35 56.52 3.76
CA HIS I 781 70.90 56.42 3.59
C HIS I 781 70.53 56.66 2.14
N ARG I 782 69.96 55.64 1.50
CA ARG I 782 69.53 55.76 0.12
C ARG I 782 68.09 55.30 -0.04
N THR I 783 67.26 56.18 -0.59
CA THR I 783 65.85 55.88 -0.80
C THR I 783 65.39 56.65 -2.04
N THR I 784 64.72 55.97 -2.95
CA THR I 784 64.24 56.62 -4.17
C THR I 784 65.45 57.26 -4.89
N PRO I 785 66.52 56.50 -5.09
CA PRO I 785 67.72 57.00 -5.76
C PRO I 785 67.45 57.46 -7.18
N ALA I 786 68.37 58.27 -7.72
CA ALA I 786 68.24 58.81 -9.08
C ALA I 786 67.08 59.79 -9.13
N TYR I 787 66.20 59.71 -8.15
CA TYR I 787 65.05 60.61 -8.06
C TYR I 787 65.26 61.41 -6.78
N TRP I 788 66.23 60.97 -5.98
CA TRP I 788 66.56 61.62 -4.72
C TRP I 788 67.90 62.32 -4.90
N PHE I 789 68.48 62.80 -3.80
CA PHE I 789 69.77 63.47 -3.84
C PHE I 789 70.37 63.49 -2.43
N ARG I 790 71.69 63.26 -2.33
CA ARG I 790 72.40 63.25 -1.05
C ARG I 790 72.24 64.56 -0.29
N PHE I 791 72.37 65.69 -1.00
CA PHE I 791 72.21 67.01 -0.41
C PHE I 791 70.76 67.41 -0.60
N CYS I 792 69.95 66.40 -0.94
CA CYS I 792 68.52 66.55 -1.15
C CYS I 792 67.97 67.97 -1.21
N ARG I 793 67.75 68.41 -2.45
CA ARG I 793 67.22 69.72 -2.81
C ARG I 793 67.38 70.00 -4.31
N ALA I 794 68.61 69.82 -4.79
CA ALA I 794 68.93 70.05 -6.19
C ALA I 794 68.11 69.07 -7.06
N PRO I 795 68.53 68.78 -8.31
CA PRO I 795 67.67 67.85 -9.03
C PRO I 795 67.85 66.40 -8.60
N ARG I 796 67.50 65.52 -9.52
CA ARG I 796 67.58 64.10 -9.30
C ARG I 796 69.02 63.63 -9.52
N GLU I 797 69.43 62.63 -8.77
CA GLU I 797 70.78 62.09 -8.91
C GLU I 797 70.89 60.68 -8.38
N GLY I 798 71.64 59.85 -9.07
CA GLY I 798 71.81 58.48 -8.62
C GLY I 798 71.48 57.44 -9.66
N HIS I 799 70.77 56.40 -9.25
CA HIS I 799 70.40 55.32 -10.15
C HIS I 799 69.41 54.38 -9.46
N PRO I 800 68.23 54.15 -10.07
CA PRO I 800 67.22 53.27 -9.49
C PRO I 800 67.85 52.03 -8.85
N TYR I 801 67.57 51.85 -7.56
CA TYR I 801 68.14 50.71 -6.84
C TYR I 801 67.35 50.46 -5.57
N PRO I 802 67.24 49.19 -5.14
CA PRO I 802 66.50 48.88 -3.93
C PRO I 802 67.10 49.62 -2.74
N GLN I 803 66.37 50.60 -2.22
CA GLN I 803 66.84 51.41 -1.09
C GLN I 803 67.13 50.55 0.14
N LEU I 804 67.54 51.19 1.24
CA LEU I 804 67.91 50.49 2.47
C LEU I 804 67.54 51.22 3.77
N ALA I 805 67.58 52.54 3.74
CA ALA I 805 67.25 53.32 4.92
C ALA I 805 65.86 53.01 5.45
N LEU I 806 65.66 53.31 6.73
CA LEU I 806 64.36 53.09 7.37
C LEU I 806 63.95 51.63 7.35
N PRO I 807 64.20 50.91 8.44
CA PRO I 807 63.86 49.49 8.56
C PRO I 807 62.35 49.27 8.72
N PRO I 808 61.82 48.19 8.13
CA PRO I 808 60.39 47.89 8.23
C PRO I 808 59.90 47.76 9.67
N HIS I 809 58.68 48.22 9.90
CA HIS I 809 58.06 48.16 11.23
C HIS I 809 56.75 47.40 11.18
N TRP I 810 56.70 46.40 10.30
CA TRP I 810 55.51 45.57 10.12
C TRP I 810 55.82 44.54 9.04
N ASP I 811 54.84 43.69 8.73
CA ASP I 811 55.00 42.67 7.70
C ASP I 811 55.97 41.59 8.18
N PRO I 812 55.92 40.39 7.57
CA PRO I 812 56.82 39.30 7.99
C PRO I 812 58.30 39.69 7.96
N ARG I 813 58.63 40.76 7.26
CA ARG I 813 60.00 41.22 7.16
C ARG I 813 60.33 42.18 8.31
N HIS I 814 59.37 42.38 9.19
CA HIS I 814 59.53 43.27 10.34
C HIS I 814 60.63 42.77 11.28
N ALA I 815 61.47 43.69 11.73
CA ALA I 815 62.56 43.36 12.65
C ALA I 815 62.16 43.78 14.07
N LEU I 816 62.77 43.15 15.06
CA LEU I 816 62.46 43.47 16.46
C LEU I 816 62.65 44.96 16.73
N ARG I 817 61.63 45.58 17.31
CA ARG I 817 61.67 47.01 17.62
C ARG I 817 61.57 47.31 19.12
N ASP I 818 61.12 48.52 19.44
CA ASP I 818 60.97 48.97 20.81
C ASP I 818 60.07 50.19 20.88
N PRO I 819 59.08 50.18 21.80
CA PRO I 819 58.12 51.28 21.99
C PRO I 819 58.74 52.52 22.61
N GLU I 820 58.17 53.68 22.31
CA GLU I 820 58.68 54.95 22.84
C GLU I 820 57.51 55.92 22.98
N ARG I 821 57.24 56.35 24.21
CA ARG I 821 56.12 57.26 24.47
C ARG I 821 56.57 58.67 24.89
N LYS I 822 55.70 59.64 24.64
CA LYS I 822 55.97 61.03 25.00
C LYS I 822 54.70 61.85 24.75
N PHE I 823 54.76 63.15 25.00
CA PHE I 823 53.61 64.01 24.79
C PHE I 823 54.01 65.47 24.63
N LEU I 824 53.04 66.29 24.23
CA LEU I 824 53.26 67.72 24.04
C LEU I 824 52.08 68.51 24.59
N CYS I 825 52.37 69.65 25.20
CA CYS I 825 51.32 70.50 25.77
C CYS I 825 51.79 71.94 25.68
N ASP I 826 51.45 72.59 24.58
CA ASP I 826 51.87 73.97 24.34
C ASP I 826 50.86 74.99 24.86
N ARG I 827 51.22 76.27 24.71
CA ARG I 827 50.40 77.39 25.14
C ARG I 827 49.62 77.09 26.41
N THR I 828 50.29 76.46 27.38
CA THR I 828 49.66 76.10 28.64
C THR I 828 50.63 76.29 29.81
N LEU I 829 50.08 76.32 31.02
CA LEU I 829 50.89 76.50 32.22
C LEU I 829 50.58 75.42 33.25
N TRP I 830 51.62 74.77 33.75
CA TRP I 830 51.46 73.72 34.76
C TRP I 830 50.87 74.37 36.02
N ARG I 831 49.83 73.74 36.57
CA ARG I 831 49.18 74.25 37.76
C ARG I 831 49.30 73.35 38.98
N ILE I 832 49.41 73.98 40.15
CA ILE I 832 49.52 73.27 41.41
C ILE I 832 48.81 74.13 42.46
N PRO I 833 47.47 74.17 42.41
CA PRO I 833 46.67 74.97 43.35
C PRO I 833 47.04 74.68 44.79
N PHE I 834 46.99 75.72 45.63
CA PHE I 834 47.32 75.58 47.03
C PHE I 834 46.08 75.22 47.85
N SER I 835 45.39 74.16 47.42
CA SER I 835 44.19 73.70 48.12
C SER I 835 44.46 72.34 48.74
N SER I 836 43.64 71.96 49.73
CA SER I 836 43.79 70.69 50.40
C SER I 836 43.41 69.52 49.50
N ASN I 837 42.57 69.80 48.50
CA ASN I 837 42.13 68.76 47.58
C ASN I 837 42.43 69.14 46.12
N PHE I 838 43.21 70.20 45.94
CA PHE I 838 43.59 70.68 44.62
C PHE I 838 42.44 71.25 43.79
N MET I 839 41.23 71.20 44.34
CA MET I 839 40.07 71.72 43.62
C MET I 839 39.90 73.22 43.88
N SER I 840 39.16 73.89 43.00
CA SER I 840 38.91 75.32 43.14
C SER I 840 37.56 75.55 43.80
N MET I 841 37.58 75.90 45.08
CA MET I 841 36.36 76.15 45.83
C MET I 841 36.20 77.63 46.14
N GLY I 842 36.92 78.46 45.38
CA GLY I 842 36.87 79.89 45.58
C GLY I 842 38.23 80.52 45.39
N SER I 843 38.25 81.80 45.02
CA SER I 843 39.49 82.51 44.79
C SER I 843 40.42 82.33 45.99
N LEU I 844 39.90 82.63 47.18
CA LEU I 844 40.68 82.49 48.40
C LEU I 844 40.59 81.04 48.89
N THR I 845 41.56 80.23 48.48
CA THR I 845 41.59 78.82 48.87
C THR I 845 41.45 78.62 50.37
N ASP I 846 41.22 77.38 50.78
CA ASP I 846 41.06 77.04 52.18
C ASP I 846 42.40 77.12 52.90
N LEU I 847 43.43 76.51 52.30
CA LEU I 847 44.76 76.53 52.89
C LEU I 847 45.27 77.96 52.95
N GLY I 848 44.91 78.75 51.95
CA GLY I 848 45.34 80.13 51.92
C GLY I 848 44.68 80.94 53.02
N GLN I 849 43.88 80.26 53.83
CA GLN I 849 43.18 80.93 54.93
C GLN I 849 43.38 80.16 56.23
N ASN I 850 44.31 79.20 56.20
CA ASN I 850 44.60 78.38 57.38
C ASN I 850 45.53 79.14 58.32
N LEU I 851 45.24 79.05 59.62
CA LEU I 851 46.03 79.74 60.63
C LEU I 851 47.52 79.42 60.57
N LEU I 852 47.86 78.17 60.30
CA LEU I 852 49.26 77.75 60.22
C LEU I 852 50.11 78.67 59.35
N TYR I 853 49.48 79.36 58.40
CA TYR I 853 50.21 80.25 57.50
C TYR I 853 50.04 81.73 57.82
N ALA I 854 48.83 82.12 58.21
CA ALA I 854 48.56 83.52 58.53
C ALA I 854 49.18 83.94 59.87
N ASN I 855 49.38 82.97 60.74
CA ASN I 855 49.94 83.22 62.06
C ASN I 855 51.45 83.41 62.03
N ALA I 856 52.17 82.38 61.57
CA ALA I 856 53.63 82.45 61.49
C ALA I 856 54.12 82.43 60.05
N ALA I 857 55.34 82.92 59.85
CA ALA I 857 55.95 82.96 58.53
C ALA I 857 56.78 81.71 58.31
N HIS I 858 56.92 81.29 57.05
CA HIS I 858 57.69 80.11 56.72
C HIS I 858 58.67 80.37 55.59
N ALA I 859 59.43 79.34 55.22
CA ALA I 859 60.40 79.44 54.15
C ALA I 859 60.03 78.38 53.10
N LEU I 860 60.18 78.74 51.83
CA LEU I 860 59.85 77.82 50.75
C LEU I 860 61.08 77.43 49.94
N ASP I 861 61.09 76.18 49.48
CA ASP I 861 62.21 75.68 48.68
C ASP I 861 61.69 74.67 47.66
N MET I 862 61.85 75.00 46.38
CA MET I 862 61.40 74.12 45.31
C MET I 862 62.59 73.60 44.50
N THR I 863 62.47 72.38 44.01
CA THR I 863 63.52 71.76 43.22
C THR I 863 62.92 71.18 41.94
N PHE I 864 63.22 71.82 40.81
CA PHE I 864 62.71 71.37 39.53
C PHE I 864 63.73 70.58 38.73
N GLU I 865 63.37 69.36 38.36
CA GLU I 865 64.23 68.50 37.57
C GLU I 865 63.67 68.49 36.16
N MET I 866 64.47 68.95 35.19
CA MET I 866 64.00 68.99 33.82
C MET I 866 65.00 68.42 32.82
N ASP I 867 64.54 68.18 31.60
CA ASP I 867 65.39 67.63 30.55
C ASP I 867 66.45 68.64 30.14
N PRO I 868 67.68 68.17 29.90
CA PRO I 868 68.79 69.03 29.50
C PRO I 868 68.65 69.58 28.08
N ILE I 869 68.99 70.86 27.91
CA ILE I 869 68.92 71.51 26.61
C ILE I 869 70.24 72.20 26.32
N ASN I 870 70.66 72.17 25.06
CA ASN I 870 71.92 72.78 24.65
C ASN I 870 71.85 74.29 24.45
N GLU I 871 71.20 74.98 25.39
CA GLU I 871 71.07 76.43 25.31
C GLU I 871 70.47 77.01 26.60
N PRO I 872 70.85 78.24 26.95
CA PRO I 872 70.34 78.91 28.14
C PRO I 872 68.82 79.04 28.15
N THR I 873 68.19 78.65 29.26
CA THR I 873 66.74 78.73 29.40
C THR I 873 66.39 79.41 30.71
N LEU I 874 65.10 79.50 31.01
CA LEU I 874 64.64 80.13 32.24
C LEU I 874 63.43 79.41 32.82
N LEU I 875 63.36 79.37 34.15
CA LEU I 875 62.26 78.72 34.86
C LEU I 875 61.23 79.77 35.25
N TYR I 876 60.21 79.95 34.42
CA TYR I 876 59.17 80.94 34.67
C TYR I 876 58.15 80.45 35.70
N VAL I 877 58.26 80.97 36.93
CA VAL I 877 57.34 80.60 38.00
C VAL I 877 56.28 81.67 38.17
N LEU I 878 55.12 81.29 38.70
CA LEU I 878 54.02 82.23 38.89
C LEU I 878 53.32 82.04 40.22
N PHE I 879 53.78 82.76 41.24
CA PHE I 879 53.18 82.67 42.56
C PHE I 879 51.83 83.37 42.55
N GLU I 880 50.79 82.63 42.20
CA GLU I 880 49.44 83.18 42.15
C GLU I 880 49.12 83.90 43.46
N VAL I 881 48.68 85.15 43.36
CA VAL I 881 48.36 85.93 44.54
C VAL I 881 47.13 86.81 44.30
N PHE I 882 46.95 87.80 45.17
CA PHE I 882 45.84 88.72 45.06
C PHE I 882 46.32 90.13 44.76
N ASP I 883 46.32 90.49 43.48
CA ASP I 883 46.76 91.81 43.06
C ASP I 883 45.52 92.68 42.88
N VAL I 884 45.01 93.21 43.99
CA VAL I 884 43.81 94.04 43.95
C VAL I 884 44.11 95.49 44.33
N ALA I 885 43.29 96.40 43.83
CA ALA I 885 43.45 97.83 44.11
C ALA I 885 42.11 98.55 44.07
N ARG I 886 41.84 99.34 45.10
CA ARG I 886 40.61 100.11 45.18
C ARG I 886 40.86 101.54 44.69
N VAL I 887 39.87 102.11 44.02
CA VAL I 887 39.97 103.48 43.50
C VAL I 887 38.96 104.36 44.20
N HIS I 888 39.46 105.39 44.88
CA HIS I 888 38.60 106.31 45.61
C HIS I 888 38.64 107.70 44.98
N GLN I 889 37.46 108.25 44.68
CA GLN I 889 37.35 109.57 44.08
C GLN I 889 36.46 110.48 44.93
N PRO I 890 37.08 111.18 45.88
CA PRO I 890 36.36 112.10 46.78
C PRO I 890 35.83 113.35 46.09
N HIS I 891 36.73 114.12 45.48
CA HIS I 891 36.33 115.36 44.81
C HIS I 891 36.63 115.39 43.32
N ARG I 892 36.21 116.48 42.69
CA ARG I 892 36.42 116.69 41.25
C ARG I 892 37.91 116.68 40.92
N GLY I 893 38.29 115.87 39.95
CA GLY I 893 39.68 115.79 39.54
C GLY I 893 40.62 115.33 40.63
N VAL I 894 40.24 114.26 41.33
CA VAL I 894 41.07 113.72 42.40
C VAL I 894 40.94 112.19 42.46
N ILE I 895 42.00 111.49 42.11
CA ILE I 895 42.00 110.03 42.12
C ILE I 895 42.96 109.46 43.14
N GLU I 896 42.42 108.77 44.14
CA GLU I 896 43.23 108.15 45.18
C GLU I 896 43.05 106.64 45.10
N VAL I 897 44.11 105.93 44.74
CA VAL I 897 44.06 104.48 44.62
C VAL I 897 44.93 103.81 45.68
N VAL I 898 44.55 102.61 46.08
CA VAL I 898 45.30 101.85 47.09
C VAL I 898 45.51 100.42 46.62
N TYR I 899 46.74 100.10 46.21
CA TYR I 899 47.08 98.77 45.75
C TYR I 899 47.37 97.84 46.92
N LEU I 900 47.42 96.54 46.65
CA LEU I 900 47.70 95.55 47.67
C LEU I 900 47.85 94.15 47.08
N ARG I 901 49.09 93.69 46.97
CA ARG I 901 49.35 92.37 46.44
C ARG I 901 49.88 91.47 47.55
N THR I 902 49.04 90.59 48.07
CA THR I 902 49.43 89.68 49.13
C THR I 902 49.21 88.23 48.72
N PRO I 903 50.21 87.37 48.93
CA PRO I 903 51.53 87.66 49.51
C PRO I 903 52.39 88.50 48.58
N PHE I 904 53.69 88.56 48.86
CA PHE I 904 54.64 89.32 48.04
C PHE I 904 54.21 90.77 47.89
N SER I 905 54.02 91.46 49.02
CA SER I 905 53.61 92.85 49.01
C SER I 905 54.56 93.71 48.17
N ALA I 906 55.84 93.69 48.53
CA ALA I 906 56.84 94.47 47.81
C ALA I 906 58.17 93.70 47.79
N GLY I 907 58.20 92.61 47.05
CA GLY I 907 59.40 91.80 46.96
C GLY I 907 59.61 91.00 48.23
N ASN I 908 60.70 90.24 48.29
CA ASN I 908 61.01 89.45 49.47
C ASN I 908 62.42 89.70 49.97
N ALA I 909 62.55 89.96 51.26
CA ALA I 909 63.84 90.23 51.89
C ALA I 909 63.73 90.09 53.40
N LEU J 7 -17.11 38.34 20.01
CA LEU J 7 -16.59 39.47 20.84
C LEU J 7 -16.88 40.81 20.15
N PRO J 8 -16.83 41.92 20.91
CA PRO J 8 -17.08 43.27 20.42
C PRO J 8 -16.42 43.59 19.08
N GLN J 9 -15.40 42.81 18.73
CA GLN J 9 -14.71 43.02 17.47
C GLN J 9 -15.57 42.48 16.33
N TRP J 10 -16.19 41.34 16.56
CA TRP J 10 -17.06 40.73 15.56
C TRP J 10 -18.44 41.37 15.60
N SER J 11 -18.98 41.49 16.81
CA SER J 11 -20.31 42.08 17.00
C SER J 11 -20.45 43.39 16.24
N TYR J 12 -19.40 44.21 16.25
CA TYR J 12 -19.43 45.49 15.57
C TYR J 12 -19.43 45.28 14.06
N MET J 13 -18.59 44.37 13.59
CA MET J 13 -18.50 44.08 12.16
C MET J 13 -19.59 43.11 11.72
N HIS J 14 -20.45 42.73 12.65
CA HIS J 14 -21.54 41.81 12.38
C HIS J 14 -21.08 40.44 11.91
N ILE J 15 -19.85 40.08 12.25
CA ILE J 15 -19.33 38.77 11.87
C ILE J 15 -20.17 37.73 12.61
N ALA J 16 -20.76 38.16 13.72
CA ALA J 16 -21.60 37.29 14.54
C ALA J 16 -22.48 38.16 15.43
N GLY J 17 -23.66 37.64 15.78
CA GLY J 17 -24.57 38.39 16.63
C GLY J 17 -25.94 38.54 16.04
N GLN J 18 -26.64 39.62 16.41
CA GLN J 18 -27.98 39.88 15.91
C GLN J 18 -27.98 40.17 14.42
N ASP J 19 -29.16 40.07 13.80
CA ASP J 19 -29.31 40.32 12.38
C ASP J 19 -29.75 41.75 12.10
N ALA J 20 -29.71 42.14 10.83
CA ALA J 20 -30.10 43.49 10.43
C ALA J 20 -31.47 43.84 10.98
N SER J 21 -32.37 42.87 10.98
CA SER J 21 -33.73 43.07 11.48
C SER J 21 -33.76 43.28 12.99
N GLU J 22 -32.57 43.41 13.58
CA GLU J 22 -32.48 43.60 15.02
C GLU J 22 -31.49 44.71 15.40
N TYR J 23 -30.31 44.70 14.79
CA TYR J 23 -29.31 45.72 15.10
C TYR J 23 -29.61 47.04 14.40
N LEU J 24 -30.63 47.04 13.54
CA LEU J 24 -31.02 48.23 12.82
C LEU J 24 -32.20 48.90 13.50
N SER J 25 -32.38 50.19 13.26
CA SER J 25 -33.48 50.93 13.85
C SER J 25 -34.80 50.43 13.28
N PRO J 26 -35.77 50.12 14.15
CA PRO J 26 -37.08 49.61 13.75
C PRO J 26 -37.66 50.31 12.52
N GLY J 27 -37.54 51.63 12.48
CA GLY J 27 -38.06 52.39 11.35
C GLY J 27 -37.45 51.97 10.03
N LEU J 28 -36.12 51.95 9.96
CA LEU J 28 -35.42 51.58 8.74
C LEU J 28 -35.75 50.16 8.29
N VAL J 29 -35.98 49.28 9.25
CA VAL J 29 -36.30 47.88 8.94
C VAL J 29 -37.55 47.77 8.09
N GLN J 30 -38.69 48.15 8.66
CA GLN J 30 -39.96 48.08 7.95
C GLN J 30 -39.94 48.83 6.63
N PHE J 31 -39.21 49.94 6.57
CA PHE J 31 -39.12 50.72 5.35
C PHE J 31 -38.63 49.85 4.20
N ALA J 32 -37.57 49.11 4.45
CA ALA J 32 -36.99 48.23 3.43
C ALA J 32 -38.02 47.18 3.03
N GLN J 33 -38.70 46.62 4.03
CA GLN J 33 -39.71 45.60 3.80
C GLN J 33 -40.82 46.12 2.88
N ALA J 34 -41.17 47.38 3.05
CA ALA J 34 -42.22 48.02 2.26
C ALA J 34 -41.74 48.32 0.84
N THR J 35 -40.52 48.84 0.72
CA THR J 35 -39.96 49.18 -0.57
C THR J 35 -39.31 47.98 -1.24
N GLU J 36 -39.69 46.77 -0.81
CA GLU J 36 -39.14 45.55 -1.38
C GLU J 36 -39.65 45.33 -2.81
N SER J 37 -39.95 46.43 -3.50
CA SER J 37 -40.45 46.36 -4.86
C SER J 37 -39.64 47.27 -5.77
N TYR J 38 -39.65 48.56 -5.47
CA TYR J 38 -38.93 49.54 -6.26
C TYR J 38 -37.50 49.75 -5.77
N PHE J 39 -37.36 50.31 -4.56
CA PHE J 39 -36.04 50.56 -4.01
C PHE J 39 -35.68 49.53 -2.95
N ASN J 40 -34.61 48.77 -3.21
CA ASN J 40 -34.16 47.74 -2.28
C ASN J 40 -32.91 48.18 -1.52
N ILE J 41 -32.87 47.87 -0.23
CA ILE J 41 -31.73 48.21 0.62
C ILE J 41 -31.40 47.06 1.54
N GLY J 42 -31.82 45.85 1.14
CA GLY J 42 -31.57 44.68 1.95
C GLY J 42 -30.16 44.13 1.85
N ASN J 43 -29.49 44.40 0.74
CA ASN J 43 -28.13 43.92 0.52
C ASN J 43 -27.14 44.86 1.20
N LYS J 44 -27.60 46.05 1.53
CA LYS J 44 -26.76 47.06 2.17
C LYS J 44 -26.41 46.67 3.60
N PHE J 45 -27.23 45.82 4.20
CA PHE J 45 -27.00 45.37 5.56
C PHE J 45 -26.70 43.88 5.61
N ARG J 46 -25.58 43.51 6.22
CA ARG J 46 -25.18 42.12 6.33
C ARG J 46 -25.80 41.42 7.54
N ASN J 47 -26.14 40.14 7.35
CA ASN J 47 -26.73 39.33 8.39
C ASN J 47 -25.76 38.22 8.76
N PRO J 48 -25.30 38.18 10.03
CA PRO J 48 -24.35 37.16 10.48
C PRO J 48 -24.98 35.77 10.59
N THR J 49 -24.20 34.75 10.23
CA THR J 49 -24.64 33.37 10.29
C THR J 49 -23.62 32.54 11.04
N VAL J 50 -23.85 32.34 12.33
CA VAL J 50 -22.95 31.55 13.16
C VAL J 50 -23.40 30.10 13.26
N ALA J 51 -22.44 29.20 13.37
CA ALA J 51 -22.72 27.77 13.48
C ALA J 51 -22.64 27.34 14.95
N PRO J 52 -23.31 26.23 15.31
CA PRO J 52 -23.30 25.73 16.69
C PRO J 52 -21.93 25.22 17.13
N THR J 53 -21.61 25.39 18.40
CA THR J 53 -20.33 24.97 18.94
C THR J 53 -20.44 23.93 20.04
N HIS J 54 -21.51 23.13 20.00
CA HIS J 54 -21.74 22.09 21.00
C HIS J 54 -23.00 21.30 20.68
N ASP J 55 -23.00 20.03 21.08
CA ASP J 55 -24.14 19.15 20.84
C ASP J 55 -24.35 18.90 19.35
N VAL J 56 -23.26 18.86 18.60
CA VAL J 56 -23.32 18.62 17.16
C VAL J 56 -22.28 17.59 16.76
N THR J 57 -21.01 17.95 16.93
CA THR J 57 -19.92 17.05 16.58
C THR J 57 -19.19 16.57 17.83
N THR J 58 -18.61 15.38 17.77
CA THR J 58 -17.87 14.81 18.89
C THR J 58 -16.43 15.28 18.90
N GLU J 59 -15.83 15.31 20.08
CA GLU J 59 -14.44 15.73 20.22
C GLU J 59 -13.47 14.56 20.20
N ARG J 60 -13.93 13.39 20.62
CA ARG J 60 -13.09 12.20 20.64
C ARG J 60 -12.88 11.62 19.25
N SER J 61 -11.80 10.87 19.09
CA SER J 61 -11.46 10.24 17.81
C SER J 61 -12.60 9.34 17.35
N GLN J 62 -12.78 9.25 16.03
CA GLN J 62 -13.84 8.43 15.44
C GLN J 62 -13.84 8.54 13.93
N ARG J 63 -13.77 7.39 13.25
CA ARG J 63 -13.75 7.36 11.79
C ARG J 63 -15.05 7.93 11.21
N LEU J 64 -14.97 8.41 9.98
CA LEU J 64 -16.12 8.97 9.30
C LEU J 64 -16.80 7.89 8.47
N GLN J 65 -15.97 7.03 7.87
CA GLN J 65 -16.48 5.94 7.05
C GLN J 65 -15.66 4.68 7.29
N LEU J 66 -16.30 3.65 7.83
CA LEU J 66 -15.64 2.39 8.11
C LEU J 66 -15.66 1.48 6.89
N ARG J 67 -14.85 0.44 6.94
CA ARG J 67 -14.78 -0.53 5.85
C ARG J 67 -14.88 -1.93 6.45
N PHE J 68 -15.81 -2.73 5.93
CA PHE J 68 -16.00 -4.09 6.44
C PHE J 68 -15.60 -5.16 5.44
N VAL J 69 -14.99 -6.23 5.95
CA VAL J 69 -14.56 -7.35 5.12
C VAL J 69 -15.48 -8.55 5.31
N PRO J 70 -15.76 -9.29 4.23
CA PRO J 70 -16.61 -10.47 4.25
C PRO J 70 -16.17 -11.50 5.29
N VAL J 71 -17.09 -11.86 6.19
CA VAL J 71 -16.79 -12.85 7.22
C VAL J 71 -16.97 -14.23 6.63
N ASP J 72 -17.57 -14.27 5.44
CA ASP J 72 -17.82 -15.52 4.74
C ASP J 72 -18.28 -15.21 3.31
N ARG J 73 -17.70 -15.91 2.34
CA ARG J 73 -18.05 -15.70 0.94
C ARG J 73 -18.07 -17.00 0.15
N GLU J 74 -19.14 -17.19 -0.62
CA GLU J 74 -19.30 -18.40 -1.43
C GLU J 74 -19.43 -18.06 -2.91
N ASP J 75 -18.47 -18.52 -3.70
CA ASP J 75 -18.49 -18.25 -5.14
C ASP J 75 -19.16 -19.41 -5.87
N THR J 76 -20.45 -19.27 -6.11
CA THR J 76 -21.22 -20.29 -6.82
C THR J 76 -21.00 -20.15 -8.32
N GLN J 77 -21.32 -21.20 -9.06
CA GLN J 77 -21.15 -21.22 -10.51
C GLN J 77 -21.85 -20.06 -11.22
N TYR J 78 -22.96 -19.59 -10.66
CA TYR J 78 -23.71 -18.50 -11.26
C TYR J 78 -24.19 -17.44 -10.26
N SER J 79 -23.61 -17.46 -9.06
CA SER J 79 -23.99 -16.50 -8.04
C SER J 79 -22.84 -16.30 -7.04
N TYR J 80 -22.84 -15.16 -6.38
CA TYR J 80 -21.81 -14.85 -5.40
C TYR J 80 -22.46 -14.29 -4.14
N LYS J 81 -22.23 -14.96 -3.02
CA LYS J 81 -22.81 -14.53 -1.76
C LYS J 81 -21.76 -14.19 -0.71
N THR J 82 -21.98 -13.10 0.00
CA THR J 82 -21.06 -12.65 1.04
C THR J 82 -21.83 -12.09 2.23
N ARG J 83 -21.35 -12.37 3.43
CA ARG J 83 -22.02 -11.89 4.64
C ARG J 83 -21.07 -11.00 5.45
N PHE J 84 -21.58 -9.85 5.90
CA PHE J 84 -20.79 -8.93 6.68
C PHE J 84 -21.42 -8.76 8.06
N GLN J 85 -20.62 -8.36 9.04
CA GLN J 85 -21.12 -8.17 10.39
C GLN J 85 -21.20 -6.68 10.72
N LEU J 86 -21.94 -5.95 9.89
CA LEU J 86 -22.13 -4.52 10.08
C LEU J 86 -22.32 -4.17 11.55
N ALA J 87 -21.30 -3.59 12.17
CA ALA J 87 -21.37 -3.23 13.58
C ALA J 87 -21.44 -1.72 13.76
N VAL J 88 -22.50 -1.26 14.41
CA VAL J 88 -22.69 0.17 14.66
C VAL J 88 -22.26 0.48 16.09
N GLY J 89 -21.06 1.04 16.23
CA GLY J 89 -20.55 1.40 17.54
C GLY J 89 -21.55 2.18 18.37
N ASP J 90 -21.40 2.14 19.68
CA ASP J 90 -22.30 2.84 20.58
C ASP J 90 -22.22 4.35 20.36
N ASN J 91 -23.26 5.07 20.77
CA ASN J 91 -23.31 6.52 20.62
C ASN J 91 -23.21 6.95 19.16
N ARG J 92 -23.54 6.04 18.25
CA ARG J 92 -23.49 6.33 16.82
C ARG J 92 -24.80 5.99 16.14
N VAL J 93 -24.98 6.50 14.93
CA VAL J 93 -26.18 6.25 14.15
C VAL J 93 -25.81 6.12 12.68
N LEU J 94 -26.17 5.00 12.07
CA LEU J 94 -25.84 4.76 10.67
C LEU J 94 -27.05 4.90 9.76
N ASP J 95 -26.88 5.65 8.68
CA ASP J 95 -27.95 5.86 7.71
C ASP J 95 -27.66 5.01 6.48
N MET J 96 -28.28 3.85 6.42
CA MET J 96 -28.10 2.91 5.30
C MET J 96 -27.81 3.58 3.97
N ALA J 97 -28.54 4.63 3.66
CA ALA J 97 -28.37 5.34 2.39
C ALA J 97 -26.90 5.65 2.09
N SER J 98 -26.09 5.77 3.14
CA SER J 98 -24.68 6.07 2.97
C SER J 98 -23.81 4.83 2.80
N THR J 99 -24.45 3.66 2.74
CA THR J 99 -23.72 2.41 2.59
C THR J 99 -23.82 1.89 1.17
N TYR J 100 -22.79 1.17 0.73
CA TYR J 100 -22.75 0.62 -0.61
C TYR J 100 -21.73 -0.51 -0.68
N PHE J 101 -21.82 -1.34 -1.71
CA PHE J 101 -20.90 -2.46 -1.87
C PHE J 101 -19.81 -2.15 -2.89
N ASP J 102 -18.58 -2.11 -2.40
CA ASP J 102 -17.42 -1.84 -3.26
C ASP J 102 -16.98 -3.14 -3.91
N ILE J 103 -17.20 -3.25 -5.21
CA ILE J 103 -16.83 -4.45 -5.95
C ILE J 103 -15.64 -4.26 -6.87
N ARG J 104 -14.77 -5.26 -6.91
CA ARG J 104 -13.58 -5.24 -7.75
C ARG J 104 -13.46 -6.57 -8.48
N GLY J 105 -13.03 -6.53 -9.74
CA GLY J 105 -12.90 -7.77 -10.49
C GLY J 105 -12.47 -7.57 -11.93
N THR J 106 -12.45 -8.66 -12.68
CA THR J 106 -12.07 -8.63 -14.09
C THR J 106 -13.28 -8.85 -14.98
N LEU J 107 -13.28 -8.17 -16.13
CA LEU J 107 -14.37 -8.29 -17.08
C LEU J 107 -13.88 -8.59 -18.49
N ASP J 108 -14.63 -9.40 -19.21
CA ASP J 108 -14.27 -9.76 -20.58
C ASP J 108 -15.46 -9.52 -21.50
N ARG J 109 -15.51 -8.34 -22.09
CA ARG J 109 -16.58 -7.97 -23.00
C ARG J 109 -16.73 -8.93 -24.17
N GLY J 110 -15.82 -9.90 -24.26
CA GLY J 110 -15.88 -10.86 -25.36
C GLY J 110 -15.32 -10.27 -26.63
N ALA J 111 -15.46 -11.01 -27.73
CA ALA J 111 -14.96 -10.55 -29.02
C ALA J 111 -16.02 -9.72 -29.74
N SER J 112 -17.26 -9.80 -29.27
CA SER J 112 -18.36 -9.06 -29.87
C SER J 112 -18.38 -7.59 -29.43
N PHE J 113 -17.34 -7.17 -28.73
CA PHE J 113 -17.26 -5.79 -28.25
C PHE J 113 -16.54 -4.86 -29.23
N LYS J 114 -17.30 -3.94 -29.82
CA LYS J 114 -16.76 -2.98 -30.78
C LYS J 114 -17.33 -1.60 -30.44
N PRO J 115 -16.68 -0.88 -29.51
CA PRO J 115 -17.11 0.45 -29.08
C PRO J 115 -16.93 1.59 -30.07
N TYR J 116 -17.39 1.40 -31.31
CA TYR J 116 -17.28 2.45 -32.32
C TYR J 116 -17.76 2.00 -33.69
N SER J 117 -18.05 2.98 -34.56
CA SER J 117 -18.50 2.70 -35.91
C SER J 117 -17.31 2.80 -36.86
N GLY J 118 -17.50 2.34 -38.08
CA GLY J 118 -16.43 2.39 -39.06
C GLY J 118 -15.26 1.49 -38.71
N THR J 119 -14.06 1.92 -39.09
CA THR J 119 -12.87 1.15 -38.82
C THR J 119 -11.73 2.03 -38.31
N ALA J 120 -10.66 1.39 -37.86
CA ALA J 120 -9.49 2.08 -37.37
C ALA J 120 -8.29 1.61 -38.18
N TYR J 121 -8.54 1.25 -39.43
CA TYR J 121 -7.50 0.76 -40.32
C TYR J 121 -7.77 1.18 -41.77
N ASN J 122 -7.04 2.17 -42.25
CA ASN J 122 -7.20 2.66 -43.62
C ASN J 122 -8.65 3.07 -43.87
N SER J 123 -9.17 3.92 -42.99
CA SER J 123 -10.56 4.38 -43.10
C SER J 123 -10.80 5.26 -44.32
N PHE J 124 -9.72 5.74 -44.95
CA PHE J 124 -9.84 6.58 -46.13
C PHE J 124 -9.65 5.76 -47.40
N ALA J 125 -9.30 4.49 -47.22
CA ALA J 125 -9.09 3.60 -48.35
C ALA J 125 -10.42 3.14 -48.92
N PRO J 126 -10.59 3.23 -50.24
CA PRO J 126 -11.84 2.80 -50.87
C PRO J 126 -12.23 1.40 -50.42
N LYS J 127 -13.49 1.22 -50.06
CA LYS J 127 -13.97 -0.08 -49.60
C LYS J 127 -13.94 -1.12 -50.71
N SER J 128 -13.20 -0.83 -51.77
CA SER J 128 -13.07 -1.74 -52.90
C SER J 128 -11.60 -1.90 -53.27
N ALA J 129 -10.84 -0.82 -53.10
CA ALA J 129 -9.41 -0.83 -53.42
C ALA J 129 -8.66 -1.83 -52.55
N PRO J 130 -7.99 -2.81 -53.18
CA PRO J 130 -7.22 -3.86 -52.50
C PRO J 130 -5.78 -3.40 -52.25
N ASN J 131 -5.08 -4.13 -51.39
CA ASN J 131 -3.69 -3.82 -51.08
C ASN J 131 -2.83 -4.42 -52.19
N ASN J 132 -1.52 -4.53 -51.94
CA ASN J 132 -0.62 -5.10 -52.93
C ASN J 132 -0.82 -6.61 -53.06
N THR J 133 -1.75 -7.01 -53.94
CA THR J 133 -2.01 -8.43 -54.12
C THR J 133 -1.32 -8.94 -55.38
N GLN J 134 -0.79 -10.15 -55.30
CA GLN J 134 -0.11 -10.76 -56.42
C GLN J 134 -0.93 -11.96 -56.85
N PHE J 135 -2.07 -11.70 -57.49
CA PHE J 135 -2.95 -12.78 -57.93
C PHE J 135 -2.30 -13.67 -59.00
N ARG J 136 -3.15 -14.46 -59.64
CA ARG J 136 -2.75 -15.39 -60.69
C ARG J 136 -3.65 -15.08 -61.88
N GLN J 137 -3.08 -15.21 -63.07
CA GLN J 137 -3.82 -14.93 -64.28
C GLN J 137 -4.67 -16.12 -64.71
N ALA J 138 -5.95 -16.11 -64.32
CA ALA J 138 -6.90 -17.18 -64.64
C ALA J 138 -6.31 -18.60 -64.85
N ASN J 139 -5.20 -18.89 -64.18
CA ASN J 139 -4.54 -20.19 -64.29
C ASN J 139 -4.14 -20.40 -65.76
N ASN J 140 -3.56 -21.56 -66.05
CA ASN J 140 -3.10 -21.95 -67.38
C ASN J 140 -1.63 -22.25 -67.15
N GLY J 141 -0.76 -21.39 -67.67
CA GLY J 141 0.67 -21.56 -67.48
C GLY J 141 1.27 -20.19 -67.21
N HIS J 142 0.53 -19.39 -66.44
CA HIS J 142 0.87 -18.01 -66.09
C HIS J 142 1.04 -17.86 -64.59
N PRO J 143 2.20 -18.26 -64.04
CA PRO J 143 2.41 -18.13 -62.60
C PRO J 143 2.55 -16.71 -62.10
N ALA J 144 1.89 -16.45 -60.97
CA ALA J 144 1.95 -15.13 -60.34
C ALA J 144 1.50 -13.99 -61.24
N GLN J 145 1.46 -12.79 -60.67
CA GLN J 145 1.06 -11.58 -61.38
C GLN J 145 0.97 -10.45 -60.36
N THR J 146 1.68 -9.36 -60.57
CA THR J 146 1.65 -8.25 -59.63
C THR J 146 0.84 -7.03 -60.02
N ILE J 147 0.09 -6.53 -59.04
CA ILE J 147 -0.74 -5.35 -59.17
C ILE J 147 -0.40 -4.49 -57.96
N ALA J 148 0.27 -3.37 -58.20
CA ALA J 148 0.65 -2.49 -57.09
C ALA J 148 0.96 -1.06 -57.51
N GLN J 149 2.10 -0.57 -57.06
CA GLN J 149 2.52 0.79 -57.35
C GLN J 149 3.86 1.10 -56.67
N ALA J 150 4.79 1.68 -57.42
CA ALA J 150 6.10 2.02 -56.87
C ALA J 150 6.13 3.53 -56.62
N SER J 151 5.78 3.94 -55.41
CA SER J 151 5.77 5.35 -55.04
C SER J 151 6.73 5.65 -53.91
N TYR J 152 8.00 5.86 -54.25
CA TYR J 152 9.03 6.18 -53.27
C TYR J 152 9.79 7.42 -53.69
N VAL J 153 10.19 8.23 -52.71
CA VAL J 153 10.94 9.46 -52.97
C VAL J 153 12.10 9.22 -53.93
N ALA J 154 11.96 9.73 -55.15
CA ALA J 154 12.97 9.62 -56.18
C ALA J 154 13.64 8.25 -56.26
N THR J 155 14.84 8.17 -55.70
CA THR J 155 15.71 6.99 -55.68
C THR J 155 16.80 7.06 -56.74
N ILE J 156 18.00 7.48 -56.35
CA ILE J 156 19.10 7.60 -57.30
C ILE J 156 19.12 6.49 -58.34
N GLY J 157 19.32 5.26 -57.88
CA GLY J 157 19.35 4.15 -58.82
C GLY J 157 18.77 2.85 -58.27
N GLY J 158 19.16 1.75 -58.91
CA GLY J 158 18.67 0.45 -58.48
C GLY J 158 19.49 -0.69 -59.07
N ALA J 159 20.34 -1.28 -58.25
CA ALA J 159 21.19 -2.39 -58.68
C ALA J 159 20.78 -3.71 -58.04
N ASN J 160 21.55 -4.76 -58.30
CA ASN J 160 21.30 -6.10 -57.74
C ASN J 160 21.02 -6.02 -56.26
N ASN J 161 21.73 -5.12 -55.59
CA ASN J 161 21.57 -4.92 -54.16
C ASN J 161 20.11 -4.58 -53.88
N ASP J 162 19.63 -3.48 -54.46
CA ASP J 162 18.26 -3.03 -54.30
C ASP J 162 18.07 -1.55 -54.62
N LEU J 163 17.04 -0.96 -54.04
CA LEU J 163 16.70 0.45 -54.24
C LEU J 163 17.68 1.34 -53.48
N GLN J 164 18.47 2.11 -54.21
CA GLN J 164 19.45 3.00 -53.58
C GLN J 164 18.77 4.23 -52.97
N MET J 165 18.98 4.43 -51.68
CA MET J 165 18.38 5.55 -50.96
C MET J 165 19.37 6.72 -50.85
N GLY J 166 20.53 6.58 -51.48
CA GLY J 166 21.52 7.64 -51.44
C GLY J 166 22.93 7.11 -51.50
N VAL J 167 23.84 7.74 -50.77
CA VAL J 167 25.24 7.32 -50.75
C VAL J 167 25.78 7.20 -49.33
N ASP J 168 24.95 6.72 -48.42
CA ASP J 168 25.30 6.55 -47.01
C ASP J 168 26.47 7.45 -46.61
N GLU J 169 26.26 8.75 -46.71
CA GLU J 169 27.27 9.76 -46.38
C GLU J 169 28.65 9.45 -46.96
N ARG J 170 29.00 10.19 -48.01
CA ARG J 170 30.28 10.09 -48.71
C ARG J 170 30.19 9.43 -50.10
N GLN J 171 31.10 8.51 -50.38
CA GLN J 171 31.17 7.82 -51.67
C GLN J 171 30.33 6.56 -51.80
N LEU J 172 30.31 5.73 -50.75
CA LEU J 172 29.57 4.48 -50.79
C LEU J 172 28.05 4.64 -50.86
N PRO J 173 27.43 4.17 -51.95
CA PRO J 173 25.98 4.25 -52.18
C PRO J 173 25.20 3.39 -51.17
N VAL J 174 24.27 4.02 -50.45
CA VAL J 174 23.46 3.31 -49.47
C VAL J 174 22.24 2.67 -50.12
N TYR J 175 21.82 1.53 -49.58
CA TYR J 175 20.66 0.81 -50.10
C TYR J 175 19.58 0.64 -49.04
N ALA J 176 18.33 0.73 -49.47
CA ALA J 176 17.19 0.59 -48.59
C ALA J 176 17.21 -0.72 -47.82
N ASN J 177 16.87 -0.65 -46.54
CA ASN J 177 16.85 -1.83 -45.67
C ASN J 177 15.57 -2.62 -45.93
N THR J 178 15.73 -3.75 -46.61
CA THR J 178 14.63 -4.63 -46.96
C THR J 178 13.51 -4.75 -45.92
N THR J 179 13.89 -4.91 -44.66
CA THR J 179 12.92 -5.08 -43.57
C THR J 179 11.86 -3.99 -43.41
N TYR J 180 12.07 -2.81 -44.00
CA TYR J 180 11.07 -1.77 -43.87
C TYR J 180 11.15 -0.68 -44.94
N GLN J 181 12.21 -0.72 -45.75
CA GLN J 181 12.36 0.28 -46.81
C GLN J 181 12.15 -0.34 -48.19
N PRO J 182 11.41 0.36 -49.06
CA PRO J 182 10.80 1.67 -48.80
C PRO J 182 9.55 1.56 -47.92
N GLU J 183 9.20 2.67 -47.28
CA GLU J 183 8.03 2.71 -46.40
C GLU J 183 6.80 3.19 -47.17
N PRO J 184 5.69 2.43 -47.10
CA PRO J 184 4.43 2.76 -47.78
C PRO J 184 3.83 4.08 -47.30
N GLN J 185 4.67 4.94 -46.74
CA GLN J 185 4.23 6.24 -46.25
C GLN J 185 4.90 7.31 -47.11
N LEU J 186 6.15 7.05 -47.45
CA LEU J 186 6.97 7.95 -48.26
C LEU J 186 6.50 8.07 -49.71
N GLY J 187 7.10 9.01 -50.43
CA GLY J 187 6.74 9.23 -51.82
C GLY J 187 7.12 10.64 -52.24
N ILE J 188 6.96 10.93 -53.53
CA ILE J 188 7.29 12.24 -54.07
C ILE J 188 6.48 13.31 -53.32
N GLU J 189 7.00 14.53 -53.31
CA GLU J 189 6.31 15.63 -52.63
C GLU J 189 5.47 16.48 -53.59
N GLY J 190 5.90 16.51 -54.85
CA GLY J 190 5.19 17.32 -55.83
C GLY J 190 4.01 16.66 -56.54
N TRP J 191 2.91 17.38 -56.59
CA TRP J 191 1.69 16.91 -57.25
C TRP J 191 1.96 16.73 -58.73
N THR J 192 2.26 17.82 -59.42
CA THR J 192 2.56 17.76 -60.85
C THR J 192 4.07 17.67 -60.99
N ALA J 193 4.79 18.40 -60.16
CA ALA J 193 6.24 18.41 -60.19
C ALA J 193 6.78 17.00 -60.04
N GLY J 194 6.07 16.18 -59.28
CA GLY J 194 6.50 14.81 -59.07
C GLY J 194 6.18 13.88 -60.23
N SER J 195 4.99 14.02 -60.79
CA SER J 195 4.56 13.17 -61.89
C SER J 195 5.12 13.66 -63.24
N MET J 196 5.10 14.97 -63.44
CA MET J 196 5.58 15.59 -64.67
C MET J 196 7.09 15.38 -64.82
N ALA J 197 7.77 15.20 -63.70
CA ALA J 197 9.21 14.98 -63.70
C ALA J 197 9.54 13.55 -64.07
N VAL J 198 8.58 12.66 -63.80
CA VAL J 198 8.74 11.24 -64.09
C VAL J 198 9.77 10.60 -63.17
N ILE J 199 9.53 9.36 -62.76
CA ILE J 199 10.44 8.65 -61.89
C ILE J 199 11.09 7.49 -62.65
N ASP J 200 12.40 7.58 -62.86
CA ASP J 200 13.11 6.54 -63.58
C ASP J 200 13.28 5.32 -62.68
N GLN J 201 13.69 5.56 -61.43
CA GLN J 201 13.88 4.48 -60.47
C GLN J 201 12.82 4.59 -59.36
N ALA J 202 11.79 3.76 -59.46
CA ALA J 202 10.73 3.76 -58.46
C ALA J 202 10.80 2.50 -57.60
N GLY J 203 10.24 2.56 -56.40
CA GLY J 203 10.27 1.42 -55.51
C GLY J 203 9.00 1.22 -54.72
N GLY J 204 8.66 -0.03 -54.46
CA GLY J 204 7.46 -0.33 -53.70
C GLY J 204 7.57 -1.60 -52.88
N ARG J 205 6.54 -1.90 -52.12
CA ARG J 205 6.50 -3.09 -51.28
C ARG J 205 5.20 -3.83 -51.61
N VAL J 206 5.28 -5.16 -51.76
CA VAL J 206 4.10 -5.94 -52.11
C VAL J 206 4.01 -7.32 -51.45
N LEU J 207 2.78 -7.76 -51.21
CA LEU J 207 2.52 -9.06 -50.60
C LEU J 207 2.50 -10.10 -51.73
N ARG J 208 2.92 -11.32 -51.42
CA ARG J 208 2.92 -12.39 -52.43
C ARG J 208 2.07 -13.58 -52.02
N ASN J 209 1.12 -13.94 -52.90
CA ASN J 209 0.21 -15.06 -52.70
C ASN J 209 -0.67 -15.11 -51.44
N PRO J 210 -1.03 -13.95 -50.87
CA PRO J 210 -1.88 -14.03 -49.67
C PRO J 210 -3.35 -13.98 -50.07
N THR J 211 -4.24 -14.29 -49.13
CA THR J 211 -5.67 -14.26 -49.43
C THR J 211 -6.17 -12.82 -49.52
N GLN J 212 -6.42 -12.37 -50.74
CA GLN J 212 -6.89 -11.00 -50.99
C GLN J 212 -7.97 -10.55 -50.02
N THR J 213 -7.85 -9.31 -49.58
CA THR J 213 -8.80 -8.70 -48.66
C THR J 213 -8.77 -7.21 -48.93
N PRO J 214 -9.94 -6.57 -49.06
CA PRO J 214 -10.00 -5.14 -49.31
C PRO J 214 -9.10 -4.35 -48.37
N CYS J 215 -8.32 -3.43 -48.91
CA CYS J 215 -7.41 -2.62 -48.11
C CYS J 215 -8.16 -1.98 -46.93
N TYR J 216 -9.47 -1.82 -47.09
CA TYR J 216 -10.30 -1.23 -46.05
C TYR J 216 -10.29 -2.09 -44.79
N GLY J 217 -9.58 -1.63 -43.76
CA GLY J 217 -9.53 -2.37 -42.51
C GLY J 217 -8.47 -3.46 -42.47
N SER J 218 -7.49 -3.38 -43.37
CA SER J 218 -6.42 -4.36 -43.41
C SER J 218 -5.40 -4.06 -42.31
N TYR J 219 -5.07 -5.09 -41.53
CA TYR J 219 -4.12 -4.93 -40.44
C TYR J 219 -3.24 -6.16 -40.28
N ALA J 220 -2.03 -5.95 -39.77
CA ALA J 220 -1.07 -7.02 -39.55
C ALA J 220 -0.25 -6.68 -38.31
N LYS J 221 0.48 -7.65 -37.79
CA LYS J 221 1.29 -7.42 -36.61
C LYS J 221 2.75 -7.17 -36.95
N PRO J 222 3.40 -6.24 -36.23
CA PRO J 222 4.81 -5.89 -36.43
C PRO J 222 5.77 -7.01 -36.06
N THR J 223 7.00 -6.94 -36.58
CA THR J 223 8.00 -7.95 -36.30
C THR J 223 9.38 -7.37 -36.02
N ASN J 224 9.53 -6.06 -36.21
CA ASN J 224 10.82 -5.41 -35.98
C ASN J 224 10.70 -4.01 -35.42
N GLU J 225 11.85 -3.44 -35.05
CA GLU J 225 11.93 -2.08 -34.52
C GLU J 225 11.56 -1.16 -35.67
N HIS J 226 11.66 -1.69 -36.88
CA HIS J 226 11.36 -0.95 -38.09
C HIS J 226 9.87 -1.02 -38.38
N GLY J 227 9.15 -1.76 -37.55
CA GLY J 227 7.71 -1.89 -37.73
C GLY J 227 7.36 -2.99 -38.72
N GLY J 228 8.03 -2.97 -39.87
CA GLY J 228 7.79 -3.96 -40.91
C GLY J 228 7.12 -5.26 -40.49
N ILE J 229 6.17 -5.71 -41.31
CA ILE J 229 5.44 -6.94 -41.05
C ILE J 229 5.99 -8.05 -41.96
N THR J 230 7.28 -8.34 -41.78
CA THR J 230 7.95 -9.36 -42.58
C THR J 230 7.40 -10.75 -42.33
N LYS J 231 6.86 -10.98 -41.14
CA LYS J 231 6.30 -12.27 -40.76
C LYS J 231 7.35 -13.33 -40.44
N ALA J 232 6.87 -14.52 -40.09
CA ALA J 232 7.73 -15.65 -39.75
C ALA J 232 8.66 -16.05 -40.89
N ASN J 233 8.08 -16.21 -42.09
CA ASN J 233 8.86 -16.59 -43.26
C ASN J 233 9.97 -15.57 -43.52
N THR J 234 11.22 -16.01 -43.35
CA THR J 234 12.37 -15.15 -43.55
C THR J 234 12.56 -14.70 -45.00
N GLN J 235 12.00 -15.44 -45.94
CA GLN J 235 12.15 -15.09 -47.35
C GLN J 235 11.58 -13.74 -47.76
N VAL J 236 12.38 -13.03 -48.55
CA VAL J 236 12.03 -11.71 -49.08
C VAL J 236 12.63 -11.66 -50.48
N GLU J 237 11.84 -11.31 -51.48
CA GLU J 237 12.34 -11.28 -52.85
C GLU J 237 12.25 -9.92 -53.52
N LYS J 238 13.40 -9.40 -53.93
CA LYS J 238 13.49 -8.11 -54.61
C LYS J 238 13.23 -8.35 -56.10
N LYS J 239 11.97 -8.25 -56.51
CA LYS J 239 11.60 -8.47 -57.90
C LYS J 239 11.81 -7.23 -58.76
N TYR J 240 12.67 -7.36 -59.76
CA TYR J 240 13.00 -6.28 -60.68
C TYR J 240 12.11 -6.29 -61.91
N TYR J 241 11.44 -5.17 -62.17
CA TYR J 241 10.56 -5.05 -63.32
C TYR J 241 11.04 -4.04 -64.33
N ARG J 242 10.69 -4.26 -65.60
CA ARG J 242 11.07 -3.35 -66.67
C ARG J 242 9.81 -2.80 -67.31
N THR J 243 9.93 -2.30 -68.54
CA THR J 243 8.78 -1.75 -69.25
C THR J 243 8.42 -2.66 -70.42
N GLY J 244 9.36 -3.54 -70.79
CA GLY J 244 9.12 -4.46 -71.89
C GLY J 244 10.19 -4.41 -72.97
N ASP J 245 10.91 -3.29 -73.06
CA ASP J 245 11.94 -3.14 -74.07
C ASP J 245 13.20 -2.50 -73.51
N ASN J 246 13.10 -1.92 -72.32
CA ASN J 246 14.23 -1.29 -71.68
C ASN J 246 14.93 -2.32 -70.80
N GLY J 247 16.22 -2.12 -70.57
CA GLY J 247 16.97 -3.06 -69.73
C GLY J 247 17.42 -2.38 -68.47
N ASN J 248 16.48 -2.13 -67.55
CA ASN J 248 16.83 -1.46 -66.32
C ASN J 248 15.65 -1.56 -65.34
N PRO J 249 15.94 -1.68 -64.04
CA PRO J 249 14.88 -1.78 -63.04
C PRO J 249 14.19 -0.44 -62.77
N GLU J 250 13.12 -0.16 -63.52
CA GLU J 250 12.37 1.06 -63.36
C GLU J 250 11.56 1.04 -62.08
N THR J 251 11.29 -0.18 -61.58
CA THR J 251 10.52 -0.35 -60.35
C THR J 251 10.93 -1.60 -59.57
N VAL J 252 11.45 -1.40 -58.36
CA VAL J 252 11.87 -2.51 -57.52
C VAL J 252 10.82 -2.80 -56.45
N PHE J 253 10.49 -4.07 -56.27
CA PHE J 253 9.49 -4.47 -55.28
C PHE J 253 10.04 -5.48 -54.27
N TYR J 254 9.73 -5.25 -53.00
CA TYR J 254 10.18 -6.13 -51.94
C TYR J 254 8.99 -6.96 -51.45
N THR J 255 8.75 -8.09 -52.10
CA THR J 255 7.64 -8.97 -51.75
C THR J 255 7.83 -9.55 -50.35
N GLU J 256 6.70 -9.77 -49.67
CA GLU J 256 6.73 -10.33 -48.32
C GLU J 256 5.37 -10.86 -47.92
N GLU J 257 5.34 -11.70 -46.89
CA GLU J 257 4.09 -12.27 -46.39
C GLU J 257 3.75 -11.55 -45.09
N ALA J 258 2.46 -11.30 -44.86
CA ALA J 258 2.03 -10.61 -43.66
C ALA J 258 0.95 -11.37 -42.91
N ASP J 259 0.84 -11.11 -41.62
CA ASP J 259 -0.16 -11.75 -40.77
C ASP J 259 -1.46 -10.98 -40.95
N VAL J 260 -1.77 -10.65 -42.21
CA VAL J 260 -2.97 -9.90 -42.55
C VAL J 260 -4.25 -10.51 -41.99
N LEU J 261 -5.09 -9.65 -41.43
CA LEU J 261 -6.37 -10.07 -40.86
C LEU J 261 -7.33 -8.88 -40.91
N THR J 262 -8.52 -9.06 -40.35
CA THR J 262 -9.52 -7.99 -40.32
C THR J 262 -10.42 -8.12 -39.10
N PRO J 263 -10.26 -7.21 -38.12
CA PRO J 263 -11.06 -7.22 -36.90
C PRO J 263 -12.41 -6.50 -37.00
N ASP J 264 -12.37 -5.22 -37.32
CA ASP J 264 -13.58 -4.41 -37.42
C ASP J 264 -14.18 -4.38 -38.82
N THR J 265 -13.89 -5.40 -39.63
CA THR J 265 -14.42 -5.44 -40.99
C THR J 265 -14.71 -6.86 -41.48
N HIS J 266 -15.70 -6.97 -42.36
CA HIS J 266 -16.10 -8.24 -42.93
C HIS J 266 -16.33 -8.06 -44.43
N LEU J 267 -16.49 -9.17 -45.16
CA LEU J 267 -16.71 -9.09 -46.59
C LEU J 267 -18.17 -8.80 -46.93
N VAL J 268 -18.40 -7.63 -47.52
CA VAL J 268 -19.75 -7.22 -47.90
C VAL J 268 -20.10 -7.87 -49.24
N HIS J 269 -19.09 -8.02 -50.08
CA HIS J 269 -19.28 -8.62 -51.40
C HIS J 269 -18.16 -9.60 -51.73
N ALA J 270 -18.46 -10.89 -51.61
CA ALA J 270 -17.48 -11.93 -51.91
C ALA J 270 -17.81 -12.52 -53.28
N VAL J 271 -17.02 -12.14 -54.29
CA VAL J 271 -17.25 -12.61 -55.64
C VAL J 271 -17.12 -14.13 -55.78
N PRO J 272 -15.92 -14.70 -55.55
CA PRO J 272 -15.88 -16.15 -55.71
C PRO J 272 -15.63 -16.94 -54.41
N ALA J 273 -16.34 -18.06 -54.28
CA ALA J 273 -16.16 -18.94 -53.13
C ALA J 273 -15.08 -19.90 -53.61
N ALA J 274 -13.90 -19.81 -53.00
CA ALA J 274 -12.76 -20.64 -53.41
C ALA J 274 -12.29 -20.04 -54.74
N ASP J 275 -11.05 -20.30 -55.13
CA ASP J 275 -10.52 -19.73 -56.38
C ASP J 275 -10.56 -18.21 -56.18
N ARG J 276 -10.70 -17.84 -54.91
CA ARG J 276 -10.78 -16.45 -54.48
C ARG J 276 -9.54 -15.61 -54.83
N ALA J 277 -8.36 -16.13 -54.50
CA ALA J 277 -7.11 -15.44 -54.75
C ALA J 277 -6.81 -15.13 -56.22
N LYS J 278 -7.79 -15.34 -57.10
CA LYS J 278 -7.58 -15.07 -58.52
C LYS J 278 -8.03 -13.64 -58.85
N VAL J 279 -7.69 -13.20 -60.06
CA VAL J 279 -8.03 -11.85 -60.52
C VAL J 279 -9.46 -11.42 -60.22
N GLU J 280 -10.41 -12.32 -60.41
CA GLU J 280 -11.83 -12.02 -60.18
C GLU J 280 -12.13 -11.87 -58.68
N GLY J 281 -11.16 -12.19 -57.84
CA GLY J 281 -11.37 -12.09 -56.41
C GLY J 281 -11.17 -10.71 -55.83
N LEU J 282 -10.16 -9.98 -56.33
CA LEU J 282 -9.89 -8.64 -55.84
C LEU J 282 -11.12 -7.75 -55.90
N SER J 283 -12.14 -8.21 -56.61
CA SER J 283 -13.39 -7.47 -56.75
C SER J 283 -14.17 -7.40 -55.43
N GLN J 284 -13.74 -8.18 -54.45
CA GLN J 284 -14.40 -8.22 -53.16
C GLN J 284 -14.33 -6.88 -52.43
N HIS J 285 -15.41 -6.54 -51.74
CA HIS J 285 -15.48 -5.29 -50.99
C HIS J 285 -15.61 -5.56 -49.49
N ALA J 286 -15.32 -4.55 -48.69
CA ALA J 286 -15.40 -4.68 -47.25
C ALA J 286 -16.33 -3.64 -46.63
N ALA J 287 -16.74 -3.90 -45.40
CA ALA J 287 -17.61 -3.00 -44.67
C ALA J 287 -17.36 -3.14 -43.17
N PRO J 288 -17.42 -2.02 -42.44
CA PRO J 288 -17.19 -2.04 -40.99
C PRO J 288 -18.26 -2.81 -40.23
N ASN J 289 -17.86 -3.52 -39.18
CA ASN J 289 -18.80 -4.29 -38.39
C ASN J 289 -19.66 -3.36 -37.54
N ARG J 290 -20.92 -3.75 -37.34
CA ARG J 290 -21.85 -2.94 -36.56
C ARG J 290 -21.30 -2.63 -35.17
N PRO J 291 -21.44 -1.37 -34.73
CA PRO J 291 -20.95 -0.95 -33.41
C PRO J 291 -21.75 -1.61 -32.29
N ASN J 292 -21.05 -2.21 -31.35
CA ASN J 292 -21.70 -2.88 -30.23
C ASN J 292 -21.08 -2.51 -28.89
N PHE J 293 -21.74 -1.65 -28.15
CA PHE J 293 -21.27 -1.21 -26.84
C PHE J 293 -21.68 -2.22 -25.77
N ILE J 294 -20.78 -2.47 -24.82
CA ILE J 294 -21.05 -3.40 -23.74
C ILE J 294 -20.58 -2.82 -22.40
N GLY J 295 -21.41 -2.99 -21.37
CA GLY J 295 -21.07 -2.48 -20.06
C GLY J 295 -22.13 -2.78 -19.03
N PHE J 296 -21.94 -2.27 -17.82
CA PHE J 296 -22.89 -2.49 -16.73
C PHE J 296 -24.16 -1.66 -16.97
N ARG J 297 -25.31 -2.27 -16.72
CA ARG J 297 -26.59 -1.60 -16.90
C ARG J 297 -26.69 -0.34 -16.07
N ASP J 298 -27.79 0.40 -16.28
CA ASP J 298 -28.03 1.65 -15.55
C ASP J 298 -28.25 1.35 -14.07
N CYS J 299 -27.55 2.08 -13.22
CA CYS J 299 -27.66 1.90 -11.77
C CYS J 299 -27.32 0.46 -11.38
N PHE J 300 -26.54 -0.21 -12.22
CA PHE J 300 -26.13 -1.59 -11.97
C PHE J 300 -27.32 -2.50 -11.71
N VAL J 301 -28.44 -2.23 -12.38
CA VAL J 301 -29.63 -3.04 -12.20
C VAL J 301 -29.38 -4.48 -12.61
N GLY J 302 -29.70 -5.42 -11.73
CA GLY J 302 -29.50 -6.83 -12.03
C GLY J 302 -28.21 -7.41 -11.49
N LEU J 303 -27.30 -6.53 -11.08
CA LEU J 303 -26.01 -6.99 -10.54
C LEU J 303 -26.25 -7.53 -9.13
N MET J 304 -27.39 -7.18 -8.55
CA MET J 304 -27.73 -7.62 -7.21
C MET J 304 -29.13 -8.24 -7.19
N TYR J 305 -29.26 -9.37 -6.51
CA TYR J 305 -30.54 -10.07 -6.40
C TYR J 305 -31.63 -9.29 -5.69
N TYR J 306 -32.81 -9.26 -6.31
CA TYR J 306 -33.97 -8.58 -5.76
C TYR J 306 -35.24 -9.34 -6.14
N ASN J 307 -36.22 -9.33 -5.24
CA ASN J 307 -37.49 -10.00 -5.49
C ASN J 307 -37.30 -11.47 -5.88
N SER J 308 -36.37 -12.14 -5.20
CA SER J 308 -36.11 -13.55 -5.46
C SER J 308 -35.93 -14.30 -4.15
N GLY J 309 -36.95 -15.06 -3.78
CA GLY J 309 -36.90 -15.82 -2.54
C GLY J 309 -35.75 -16.80 -2.53
N GLY J 310 -35.23 -17.12 -3.71
CA GLY J 310 -34.12 -18.05 -3.81
C GLY J 310 -32.83 -17.47 -3.26
N ASN J 311 -32.64 -16.16 -3.40
CA ASN J 311 -31.45 -15.50 -2.92
C ASN J 311 -31.80 -14.22 -2.16
N LEU J 312 -32.76 -14.33 -1.25
CA LEU J 312 -33.20 -13.18 -0.46
C LEU J 312 -32.11 -12.68 0.47
N GLY J 313 -31.88 -11.36 0.47
CA GLY J 313 -30.86 -10.77 1.32
C GLY J 313 -31.19 -10.79 2.80
N VAL J 314 -30.16 -10.85 3.64
CA VAL J 314 -30.36 -10.89 5.08
C VAL J 314 -29.81 -9.67 5.80
N LEU J 315 -30.54 -9.20 6.81
CA LEU J 315 -30.15 -8.05 7.60
C LEU J 315 -30.84 -8.08 8.96
N ALA J 316 -30.29 -8.85 9.88
CA ALA J 316 -30.87 -8.97 11.21
C ALA J 316 -29.79 -8.89 12.30
N GLY J 317 -30.20 -8.56 13.51
CA GLY J 317 -29.25 -8.47 14.61
C GLY J 317 -28.81 -9.85 15.03
N GLN J 318 -27.52 -10.01 15.31
CA GLN J 318 -26.98 -11.30 15.72
C GLN J 318 -27.77 -11.91 16.88
N SER J 319 -28.23 -11.05 17.79
CA SER J 319 -29.00 -11.50 18.95
C SER J 319 -30.42 -11.87 18.55
N SER J 320 -30.99 -11.09 17.64
CA SER J 320 -32.36 -11.32 17.18
C SER J 320 -32.44 -12.54 16.27
N GLN J 321 -31.53 -12.62 15.30
CA GLN J 321 -31.48 -13.73 14.36
C GLN J 321 -32.68 -13.74 13.43
N LEU J 322 -33.61 -12.82 13.65
CA LEU J 322 -34.81 -12.74 12.83
C LEU J 322 -34.60 -11.74 11.68
N ASN J 323 -34.46 -12.29 10.47
CA ASN J 323 -34.24 -11.46 9.28
C ASN J 323 -35.31 -10.38 9.14
N ALA J 324 -34.85 -9.14 8.95
CA ALA J 324 -35.76 -8.01 8.81
C ALA J 324 -36.10 -7.73 7.35
N VAL J 325 -35.50 -8.50 6.45
CA VAL J 325 -35.76 -8.32 5.02
C VAL J 325 -36.69 -9.41 4.47
N VAL J 326 -37.94 -9.03 4.25
CA VAL J 326 -38.93 -9.96 3.72
C VAL J 326 -39.31 -9.52 2.31
N ASP J 327 -38.75 -10.21 1.31
CA ASP J 327 -39.03 -9.88 -0.08
C ASP J 327 -40.02 -10.85 -0.72
N LEU J 328 -40.67 -10.40 -1.79
CA LEU J 328 -41.64 -11.20 -2.51
C LEU J 328 -41.39 -11.03 -4.01
N GLN J 329 -41.34 -12.14 -4.75
CA GLN J 329 -41.10 -12.08 -6.18
C GLN J 329 -42.24 -11.39 -6.92
N ASP J 330 -43.18 -10.85 -6.15
CA ASP J 330 -44.32 -10.16 -6.72
C ASP J 330 -43.98 -8.67 -6.85
N ARG J 331 -43.10 -8.20 -5.98
CA ARG J 331 -42.66 -6.82 -5.98
C ARG J 331 -41.56 -6.63 -7.03
N ASN J 332 -41.28 -5.38 -7.39
CA ASN J 332 -40.25 -5.08 -8.37
C ASN J 332 -39.41 -3.90 -7.88
N THR J 333 -38.35 -4.19 -7.15
CA THR J 333 -37.48 -3.15 -6.62
C THR J 333 -36.77 -2.37 -7.72
N GLU J 334 -36.16 -3.09 -8.66
CA GLU J 334 -35.43 -2.47 -9.76
C GLU J 334 -36.19 -1.31 -10.39
N LEU J 335 -37.32 -1.61 -11.01
CA LEU J 335 -38.12 -0.57 -11.65
C LEU J 335 -38.50 0.52 -10.66
N SER J 336 -38.89 0.12 -9.45
CA SER J 336 -39.27 1.06 -8.42
C SER J 336 -38.19 2.12 -8.22
N TYR J 337 -36.94 1.66 -8.10
CA TYR J 337 -35.82 2.57 -7.90
C TYR J 337 -35.73 3.56 -9.05
N GLN J 338 -35.82 3.06 -10.27
CA GLN J 338 -35.75 3.90 -11.46
C GLN J 338 -36.69 5.09 -11.35
N MET J 339 -37.98 4.80 -11.35
CA MET J 339 -39.01 5.83 -11.25
C MET J 339 -38.74 6.79 -10.11
N LEU J 340 -38.26 6.27 -8.99
CA LEU J 340 -37.98 7.11 -7.83
C LEU J 340 -37.00 8.23 -8.15
N LEU J 341 -35.93 7.89 -8.86
CA LEU J 341 -34.92 8.88 -9.23
C LEU J 341 -35.47 9.95 -10.17
N ALA J 342 -36.29 9.52 -11.12
CA ALA J 342 -36.87 10.44 -12.10
C ALA J 342 -37.88 11.39 -11.47
N ASN J 343 -38.13 11.25 -10.17
CA ASN J 343 -39.09 12.11 -9.49
C ASN J 343 -38.43 13.05 -8.50
N THR J 344 -37.20 12.72 -8.09
CA THR J 344 -36.48 13.54 -7.12
C THR J 344 -35.35 14.35 -7.75
N THR J 345 -34.86 13.89 -8.90
CA THR J 345 -33.76 14.57 -9.57
C THR J 345 -33.93 14.59 -11.08
N ASP J 346 -33.04 15.29 -11.76
CA ASP J 346 -33.07 15.39 -13.21
C ASP J 346 -32.37 14.16 -13.79
N ARG J 347 -33.17 13.21 -14.28
CA ARG J 347 -32.64 11.97 -14.83
C ARG J 347 -31.95 12.14 -16.18
N SER J 348 -31.37 13.32 -16.42
CA SER J 348 -30.66 13.57 -17.67
C SER J 348 -29.16 13.66 -17.45
N ARG J 349 -28.75 14.07 -16.25
CA ARG J 349 -27.34 14.19 -15.93
C ARG J 349 -26.74 12.80 -15.65
N TYR J 350 -25.42 12.75 -15.56
CA TYR J 350 -24.73 11.48 -15.30
C TYR J 350 -23.95 11.54 -13.99
N PHE J 351 -23.78 10.37 -13.37
CA PHE J 351 -23.06 10.28 -12.11
C PHE J 351 -22.32 8.94 -12.04
N SER J 352 -21.09 8.94 -12.54
CA SER J 352 -20.25 7.74 -12.58
C SER J 352 -20.37 6.81 -11.38
N MET J 353 -20.23 7.36 -10.18
CA MET J 353 -20.30 6.56 -8.96
C MET J 353 -21.37 5.47 -9.00
N TRP J 354 -22.60 5.87 -9.29
CA TRP J 354 -23.71 4.92 -9.35
C TRP J 354 -23.92 4.40 -10.77
N ASN J 355 -23.02 4.78 -11.68
CA ASN J 355 -23.12 4.37 -13.08
C ASN J 355 -24.51 4.80 -13.55
N GLN J 356 -25.05 5.79 -12.86
CA GLN J 356 -26.37 6.33 -13.17
C GLN J 356 -26.36 7.11 -14.48
N ALA J 357 -26.79 6.45 -15.55
CA ALA J 357 -26.85 7.07 -16.87
C ALA J 357 -28.02 6.49 -17.65
N MET J 358 -29.23 6.84 -17.24
CA MET J 358 -30.45 6.37 -17.88
C MET J 358 -30.32 6.18 -19.37
N ASP J 359 -30.97 5.13 -19.88
CA ASP J 359 -30.93 4.83 -21.30
C ASP J 359 -31.86 5.76 -22.05
N SER J 360 -31.49 6.09 -23.29
CA SER J 360 -32.29 6.97 -24.12
C SER J 360 -31.93 6.74 -25.58
N TYR J 361 -32.67 7.37 -26.48
CA TYR J 361 -32.43 7.23 -27.90
C TYR J 361 -32.43 8.58 -28.59
N ASP J 362 -31.84 8.64 -29.78
CA ASP J 362 -31.78 9.88 -30.54
C ASP J 362 -33.15 10.13 -31.17
N PRO J 363 -33.84 11.21 -30.74
CA PRO J 363 -35.16 11.59 -31.24
C PRO J 363 -35.31 11.50 -32.76
N GLU J 364 -34.27 11.89 -33.48
CA GLU J 364 -34.30 11.86 -34.94
C GLU J 364 -34.26 10.45 -35.49
N VAL J 365 -33.86 9.48 -34.66
CA VAL J 365 -33.79 8.09 -35.08
C VAL J 365 -35.14 7.42 -34.87
N ARG J 366 -35.72 7.65 -33.69
CA ARG J 366 -37.02 7.07 -33.35
C ARG J 366 -38.07 7.54 -34.36
N VAL J 367 -38.16 8.86 -34.54
CA VAL J 367 -39.11 9.44 -35.46
C VAL J 367 -38.39 10.22 -36.56
N ILE J 368 -38.33 9.62 -37.76
CA ILE J 368 -37.66 10.25 -38.89
C ILE J 368 -38.37 11.53 -39.31
N ASP J 369 -37.61 12.62 -39.38
CA ASP J 369 -38.14 13.91 -39.79
C ASP J 369 -37.50 14.29 -41.12
N ASN J 370 -37.80 13.51 -42.16
CA ASN J 370 -37.23 13.76 -43.48
C ASN J 370 -37.69 15.12 -44.00
N VAL J 371 -36.90 16.15 -43.73
CA VAL J 371 -37.21 17.50 -44.17
C VAL J 371 -36.57 17.76 -45.52
N GLY J 372 -35.88 16.76 -46.05
CA GLY J 372 -35.22 16.89 -47.33
C GLY J 372 -33.72 17.17 -47.18
N VAL J 373 -33.13 17.75 -48.22
CA VAL J 373 -31.70 18.06 -48.19
C VAL J 373 -31.42 19.39 -48.90
N GLU J 374 -30.58 20.22 -48.28
CA GLU J 374 -30.24 21.51 -48.85
C GLU J 374 -29.04 21.36 -49.78
N ASP J 375 -29.30 21.01 -51.03
CA ASP J 375 -28.23 20.81 -52.01
C ASP J 375 -28.43 21.67 -53.26
N GLU J 376 -28.97 22.87 -53.08
CA GLU J 376 -29.21 23.77 -54.21
C GLU J 376 -27.92 24.02 -54.99
N MET J 377 -26.79 24.00 -54.28
CA MET J 377 -25.50 24.23 -54.89
C MET J 377 -24.79 22.92 -55.20
N PRO J 378 -24.21 22.80 -56.40
CA PRO J 378 -23.49 21.58 -56.78
C PRO J 378 -22.08 21.60 -56.19
N ASN J 379 -21.59 20.43 -55.79
CA ASN J 379 -20.26 20.32 -55.21
C ASN J 379 -19.31 19.65 -56.19
N TYR J 380 -18.13 20.23 -56.35
CA TYR J 380 -17.15 19.67 -57.29
C TYR J 380 -15.78 19.44 -56.68
N CYS J 381 -15.08 18.44 -57.22
CA CYS J 381 -13.74 18.09 -56.78
C CYS J 381 -12.83 18.29 -57.99
N PHE J 382 -11.83 19.15 -57.84
CA PHE J 382 -10.91 19.47 -58.92
C PHE J 382 -9.53 18.84 -58.74
N PRO J 383 -8.87 18.50 -59.86
CA PRO J 383 -7.53 17.89 -59.81
C PRO J 383 -6.56 18.70 -58.96
N LEU J 384 -5.55 18.03 -58.42
CA LEU J 384 -4.56 18.67 -57.58
C LEU J 384 -3.73 19.66 -58.39
N SER J 385 -4.04 19.78 -59.67
CA SER J 385 -3.33 20.68 -60.56
C SER J 385 -4.12 21.94 -60.87
N GLY J 386 -5.44 21.79 -60.96
CA GLY J 386 -6.29 22.92 -61.27
C GLY J 386 -6.49 22.98 -62.77
N VAL J 387 -6.06 21.91 -63.44
CA VAL J 387 -6.17 21.78 -64.89
C VAL J 387 -5.31 20.62 -65.36
N GLN J 388 -5.94 19.64 -66.01
CA GLN J 388 -5.24 18.47 -66.51
C GLN J 388 -4.24 18.76 -67.61
N ILE J 389 -3.02 18.25 -67.45
CA ILE J 389 -1.96 18.44 -68.44
C ILE J 389 -1.91 17.27 -69.42
N GLY J 390 -1.91 17.59 -70.71
CA GLY J 390 -1.88 16.56 -71.73
C GLY J 390 -1.36 17.04 -73.07
N ASN J 391 -1.51 18.34 -73.34
CA ASN J 391 -1.05 18.91 -74.60
C ASN J 391 -0.22 20.17 -74.36
N ARG J 392 0.65 20.48 -75.32
CA ARG J 392 1.51 21.66 -75.22
C ARG J 392 1.14 22.68 -76.30
N SER J 393 1.24 23.96 -75.94
CA SER J 393 0.92 25.04 -76.85
C SER J 393 2.15 25.46 -77.66
N HIS J 394 2.21 26.73 -78.04
CA HIS J 394 3.32 27.28 -78.81
C HIS J 394 3.03 28.72 -79.25
N GLU J 395 3.53 29.69 -78.49
CA GLU J 395 3.33 31.09 -78.81
C GLU J 395 4.04 31.44 -80.12
N VAL J 396 3.26 31.62 -81.18
CA VAL J 396 3.78 31.91 -82.50
C VAL J 396 3.33 33.26 -83.08
N GLN J 397 4.22 33.88 -83.86
CA GLN J 397 3.92 35.18 -84.47
C GLN J 397 3.30 35.04 -85.85
N ARG J 398 2.39 35.96 -86.16
CA ARG J 398 1.69 35.97 -87.44
C ARG J 398 2.47 36.82 -88.43
N ASN J 399 1.85 37.05 -89.58
CA ASN J 399 2.43 37.86 -90.65
C ASN J 399 3.71 37.28 -91.23
N GLN J 400 3.95 37.58 -92.51
CA GLN J 400 5.12 37.10 -93.25
C GLN J 400 4.87 35.67 -93.71
N GLN J 401 3.96 35.00 -93.02
CA GLN J 401 3.62 33.62 -93.33
C GLN J 401 2.25 33.25 -92.82
N GLN J 402 2.13 32.00 -92.34
CA GLN J 402 0.90 31.45 -91.79
C GLN J 402 0.96 31.58 -90.28
N TRP J 403 2.17 31.76 -89.76
CA TRP J 403 2.46 31.91 -88.32
C TRP J 403 3.76 31.16 -88.01
N GLN J 404 4.84 31.92 -87.78
CA GLN J 404 6.14 31.35 -87.49
C GLN J 404 6.40 30.99 -86.04
N ASN J 405 7.01 29.84 -85.85
CA ASN J 405 7.35 29.34 -84.52
C ASN J 405 7.99 30.44 -83.66
N VAL J 406 8.12 30.15 -82.37
CA VAL J 406 8.72 31.10 -81.45
C VAL J 406 10.18 30.74 -81.18
N ALA J 407 10.44 29.44 -81.10
CA ALA J 407 11.78 28.92 -80.85
C ALA J 407 12.18 29.09 -79.38
N ASN J 408 11.70 30.16 -78.76
CA ASN J 408 12.00 30.44 -77.35
C ASN J 408 11.41 29.38 -76.44
N SER J 409 12.09 28.25 -76.32
CA SER J 409 11.63 27.15 -75.49
C SER J 409 10.26 26.67 -75.98
N ASP J 410 9.95 25.41 -75.73
CA ASP J 410 8.67 24.88 -76.19
C ASP J 410 8.08 23.91 -75.18
N ASN J 411 6.89 23.39 -75.51
CA ASN J 411 6.19 22.45 -74.66
C ASN J 411 5.61 23.06 -73.39
N ASN J 412 4.46 23.72 -73.54
CA ASN J 412 3.78 24.33 -72.41
C ASN J 412 2.59 23.46 -72.04
N TYR J 413 1.63 24.03 -71.32
CA TYR J 413 0.44 23.28 -70.91
C TYR J 413 -0.75 24.22 -70.74
N ILE J 414 -1.72 24.12 -71.65
CA ILE J 414 -2.91 24.97 -71.60
C ILE J 414 -4.17 24.19 -71.93
N GLY J 415 -5.15 24.23 -71.02
CA GLY J 415 -6.39 23.52 -71.24
C GLY J 415 -7.46 24.40 -71.86
N LYS J 416 -7.82 24.10 -73.11
CA LYS J 416 -8.83 24.86 -73.82
C LYS J 416 -10.22 24.53 -73.27
N GLY J 417 -10.68 25.34 -72.32
CA GLY J 417 -11.98 25.12 -71.72
C GLY J 417 -11.91 25.21 -70.21
N ASN J 418 -12.89 24.64 -69.52
CA ASN J 418 -12.91 24.67 -68.06
C ASN J 418 -12.11 23.52 -67.46
N LEU J 419 -12.08 23.46 -66.13
CA LEU J 419 -11.35 22.41 -65.43
C LEU J 419 -12.19 21.14 -65.31
N PRO J 420 -11.60 19.98 -65.63
CA PRO J 420 -12.33 18.72 -65.54
C PRO J 420 -12.67 18.39 -64.09
N ALA J 421 -13.94 18.41 -63.76
CA ALA J 421 -14.37 18.13 -62.39
C ALA J 421 -15.43 17.05 -62.28
N MET J 422 -15.50 16.45 -61.09
CA MET J 422 -16.47 15.40 -60.79
C MET J 422 -17.45 15.95 -59.77
N GLU J 423 -18.73 15.70 -59.99
CA GLU J 423 -19.76 16.20 -59.09
C GLU J 423 -20.19 15.17 -58.04
N ILE J 424 -20.71 15.66 -56.92
CA ILE J 424 -21.17 14.81 -55.84
C ILE J 424 -22.09 15.60 -54.91
N ASN J 425 -23.31 15.11 -54.73
CA ASN J 425 -24.27 15.78 -53.87
C ASN J 425 -23.94 15.54 -52.41
N LEU J 426 -22.97 16.29 -51.91
CA LEU J 426 -22.51 16.17 -50.53
C LEU J 426 -23.66 15.97 -49.54
N ALA J 427 -24.37 17.06 -49.24
CA ALA J 427 -25.48 17.02 -48.29
C ALA J 427 -26.36 15.78 -48.45
N ALA J 428 -26.49 15.30 -49.68
CA ALA J 428 -27.31 14.11 -49.95
C ALA J 428 -26.72 12.88 -49.29
N ASN J 429 -25.44 12.64 -49.55
CA ASN J 429 -24.75 11.48 -48.99
C ASN J 429 -24.92 11.39 -47.48
N LEU J 430 -24.49 12.44 -46.77
CA LEU J 430 -24.60 12.48 -45.32
C LEU J 430 -25.97 12.04 -44.83
N TRP J 431 -27.01 12.53 -45.48
CA TRP J 431 -28.39 12.19 -45.11
C TRP J 431 -28.62 10.68 -45.26
N ARG J 432 -28.20 10.13 -46.39
CA ARG J 432 -28.37 8.71 -46.67
C ARG J 432 -27.54 7.86 -45.73
N SER J 433 -26.29 8.25 -45.52
CA SER J 433 -25.40 7.51 -44.62
C SER J 433 -26.01 7.49 -43.22
N PHE J 434 -26.64 8.60 -42.84
CA PHE J 434 -27.28 8.71 -41.53
C PHE J 434 -28.36 7.65 -41.41
N LEU J 435 -29.33 7.70 -42.33
CA LEU J 435 -30.44 6.76 -42.33
C LEU J 435 -29.97 5.30 -42.27
N TYR J 436 -29.28 4.85 -43.30
CA TYR J 436 -28.80 3.47 -43.37
C TYR J 436 -28.09 2.97 -42.11
N SER J 437 -27.29 3.83 -41.49
CA SER J 437 -26.53 3.46 -40.30
C SER J 437 -27.30 3.56 -38.98
N ASN J 438 -28.43 4.26 -39.00
CA ASN J 438 -29.21 4.43 -37.78
C ASN J 438 -30.59 3.77 -37.80
N VAL J 439 -31.06 3.36 -38.97
CA VAL J 439 -32.36 2.73 -39.06
C VAL J 439 -32.42 1.53 -40.02
N ALA J 440 -31.54 1.52 -41.01
CA ALA J 440 -31.52 0.43 -41.97
C ALA J 440 -30.93 -0.85 -41.39
N LEU J 441 -29.79 -0.72 -40.70
CA LEU J 441 -29.14 -1.87 -40.10
C LEU J 441 -29.87 -2.41 -38.88
N TYR J 442 -30.85 -1.64 -38.40
CA TYR J 442 -31.62 -2.05 -37.22
C TYR J 442 -33.00 -2.60 -37.56
N LEU J 443 -33.31 -2.66 -38.85
CA LEU J 443 -34.61 -3.18 -39.27
C LEU J 443 -34.72 -4.65 -38.90
N PRO J 444 -35.94 -5.14 -38.66
CA PRO J 444 -36.17 -6.55 -38.29
C PRO J 444 -35.43 -7.50 -39.21
N ASP J 445 -34.92 -8.59 -38.65
CA ASP J 445 -34.17 -9.59 -39.41
C ASP J 445 -34.94 -10.09 -40.62
N ASN J 446 -36.26 -10.10 -40.51
CA ASN J 446 -37.12 -10.57 -41.59
C ASN J 446 -36.94 -9.77 -42.89
N LEU J 447 -36.57 -8.51 -42.77
CA LEU J 447 -36.37 -7.65 -43.93
C LEU J 447 -34.96 -7.73 -44.49
N LYS J 448 -34.12 -8.59 -43.90
CA LYS J 448 -32.76 -8.75 -44.35
C LYS J 448 -32.58 -10.09 -45.07
N PHE J 449 -31.41 -10.27 -45.67
CA PHE J 449 -31.09 -11.50 -46.38
C PHE J 449 -29.60 -11.79 -46.25
N THR J 450 -29.27 -13.04 -45.96
CA THR J 450 -27.89 -13.45 -45.81
C THR J 450 -27.08 -13.05 -47.04
N PRO J 451 -25.85 -12.54 -46.82
CA PRO J 451 -25.00 -12.13 -47.94
C PRO J 451 -24.69 -13.30 -48.87
N HIS J 452 -23.98 -13.03 -49.96
CA HIS J 452 -23.65 -14.08 -50.92
C HIS J 452 -22.33 -14.76 -50.59
N ASN J 453 -22.32 -16.08 -50.71
CA ASN J 453 -21.13 -16.89 -50.44
C ASN J 453 -20.48 -16.55 -49.09
N ILE J 454 -21.20 -16.77 -48.01
CA ILE J 454 -20.68 -16.48 -46.68
C ILE J 454 -21.20 -17.43 -45.61
N GLN J 455 -20.28 -18.15 -44.96
CA GLN J 455 -20.64 -19.09 -43.91
C GLN J 455 -21.22 -18.31 -42.74
N LEU J 456 -22.37 -18.74 -42.23
CA LEU J 456 -23.00 -18.04 -41.12
C LEU J 456 -23.49 -19.01 -40.04
N PRO J 457 -23.38 -18.59 -38.76
CA PRO J 457 -23.82 -19.39 -37.62
C PRO J 457 -25.33 -19.54 -37.54
N PRO J 458 -25.81 -20.60 -36.87
CA PRO J 458 -27.25 -20.85 -36.73
C PRO J 458 -27.97 -19.92 -35.76
N ASN J 459 -27.34 -19.65 -34.62
CA ASN J 459 -27.92 -18.77 -33.61
C ASN J 459 -28.16 -17.36 -34.14
N THR J 460 -29.42 -16.95 -34.15
CA THR J 460 -29.77 -15.61 -34.62
C THR J 460 -29.56 -14.62 -33.48
N ASN J 461 -28.97 -15.11 -32.39
CA ASN J 461 -28.70 -14.28 -31.22
C ASN J 461 -27.21 -13.97 -31.12
N THR J 462 -26.45 -14.42 -32.11
CA THR J 462 -25.01 -14.20 -32.12
C THR J 462 -24.66 -12.89 -32.83
N TYR J 463 -23.53 -12.31 -32.45
CA TYR J 463 -23.08 -11.06 -33.05
C TYR J 463 -22.79 -11.22 -34.54
N GLU J 464 -22.11 -12.31 -34.88
CA GLU J 464 -21.76 -12.60 -36.27
C GLU J 464 -22.99 -12.57 -37.18
N TYR J 465 -24.06 -13.21 -36.74
CA TYR J 465 -25.28 -13.26 -37.52
C TYR J 465 -25.83 -11.85 -37.75
N MET J 466 -26.03 -11.12 -36.66
CA MET J 466 -26.55 -9.76 -36.75
C MET J 466 -25.59 -8.84 -37.50
N ASN J 467 -24.36 -9.29 -37.67
CA ASN J 467 -23.34 -8.52 -38.37
C ASN J 467 -23.19 -8.99 -39.81
N GLY J 468 -23.74 -10.17 -40.11
CA GLY J 468 -23.65 -10.72 -41.44
C GLY J 468 -24.87 -10.39 -42.29
N ARG J 469 -26.05 -10.47 -41.68
CA ARG J 469 -27.29 -10.18 -42.38
C ARG J 469 -27.18 -8.84 -43.11
N ILE J 470 -27.61 -8.82 -44.36
CA ILE J 470 -27.51 -7.60 -45.17
C ILE J 470 -28.87 -6.96 -45.45
N PRO J 471 -29.11 -5.74 -44.94
CA PRO J 471 -30.39 -5.08 -45.17
C PRO J 471 -30.35 -4.29 -46.48
N VAL J 472 -31.53 -4.06 -47.06
CA VAL J 472 -31.63 -3.31 -48.32
C VAL J 472 -31.82 -1.81 -48.05
N SER J 473 -30.84 -1.00 -48.46
CA SER J 473 -30.90 0.45 -48.28
C SER J 473 -32.11 1.05 -49.00
N GLY J 474 -32.78 0.23 -49.80
CA GLY J 474 -33.95 0.71 -50.52
C GLY J 474 -35.12 0.96 -49.59
N LEU J 475 -35.28 0.11 -48.59
CA LEU J 475 -36.37 0.22 -47.62
C LEU J 475 -36.35 1.51 -46.80
N ILE J 476 -35.24 2.24 -46.84
CA ILE J 476 -35.14 3.48 -46.08
C ILE J 476 -34.12 4.42 -46.71
N ASP J 477 -34.43 4.91 -47.91
CA ASP J 477 -33.54 5.82 -48.63
C ASP J 477 -33.94 7.27 -48.38
N THR J 478 -33.08 8.19 -48.79
CA THR J 478 -33.31 9.63 -48.60
C THR J 478 -34.64 10.16 -49.13
N TYR J 479 -35.45 9.30 -49.73
CA TYR J 479 -36.74 9.71 -50.27
C TYR J 479 -37.93 9.05 -49.59
N VAL J 480 -37.68 8.36 -48.49
CA VAL J 480 -38.75 7.69 -47.75
C VAL J 480 -39.63 8.69 -47.01
N ASN J 481 -40.93 8.64 -47.28
CA ASN J 481 -41.89 9.53 -46.66
C ASN J 481 -41.39 10.97 -46.62
N ILE J 482 -40.95 11.45 -47.77
CA ILE J 482 -40.44 12.80 -47.90
C ILE J 482 -41.44 13.85 -47.44
N GLY J 483 -41.08 14.61 -46.41
CA GLY J 483 -41.96 15.65 -45.91
C GLY J 483 -42.76 15.30 -44.67
N THR J 484 -42.37 14.24 -43.98
CA THR J 484 -43.08 13.85 -42.77
C THR J 484 -42.20 13.58 -41.56
N ARG J 485 -42.82 13.63 -40.39
CA ARG J 485 -42.16 13.39 -39.12
C ARG J 485 -42.66 12.03 -38.66
N TRP J 486 -42.87 11.15 -39.65
CA TRP J 486 -43.38 9.80 -39.43
C TRP J 486 -42.26 8.78 -39.27
N SER J 487 -42.49 7.78 -38.42
CA SER J 487 -41.51 6.73 -38.18
C SER J 487 -41.95 5.42 -38.85
N PRO J 488 -41.00 4.69 -39.45
CA PRO J 488 -41.30 3.42 -40.13
C PRO J 488 -42.11 2.44 -39.28
N ASP J 489 -43.25 2.01 -39.82
CA ASP J 489 -44.13 1.08 -39.12
C ASP J 489 -43.44 -0.24 -38.80
N VAL J 490 -42.33 -0.50 -39.48
CA VAL J 490 -41.58 -1.74 -39.25
C VAL J 490 -40.65 -1.61 -38.05
N MET J 491 -40.53 -0.39 -37.53
CA MET J 491 -39.67 -0.14 -36.38
C MET J 491 -40.43 0.22 -35.11
N ASP J 492 -41.73 0.46 -35.25
CA ASP J 492 -42.56 0.81 -34.09
C ASP J 492 -42.52 -0.27 -33.02
N ASN J 493 -42.27 -1.50 -33.43
CA ASN J 493 -42.22 -2.62 -32.50
C ASN J 493 -40.79 -3.13 -32.32
N VAL J 494 -39.83 -2.24 -32.51
CA VAL J 494 -38.42 -2.59 -32.35
C VAL J 494 -37.79 -1.71 -31.28
N ASN J 495 -37.30 -2.34 -30.21
CA ASN J 495 -36.69 -1.62 -29.09
C ASN J 495 -35.74 -0.52 -29.57
N PRO J 496 -36.16 0.75 -29.41
CA PRO J 496 -35.37 1.91 -29.81
C PRO J 496 -34.20 2.19 -28.87
N PHE J 497 -34.13 1.46 -27.77
CA PHE J 497 -33.06 1.64 -26.80
C PHE J 497 -31.84 0.78 -27.12
N ASN J 498 -32.04 -0.23 -27.94
CA ASN J 498 -30.94 -1.10 -28.36
C ASN J 498 -30.36 -0.50 -29.64
N HIS J 499 -29.84 0.71 -29.50
CA HIS J 499 -29.26 1.44 -30.62
C HIS J 499 -27.89 1.98 -30.21
N HIS J 500 -26.96 2.07 -31.15
CA HIS J 500 -25.62 2.56 -30.82
C HIS J 500 -25.59 4.06 -30.57
N ARG J 501 -26.76 4.69 -30.59
CA ARG J 501 -26.84 6.13 -30.32
C ARG J 501 -27.41 6.36 -28.93
N ASN J 502 -27.47 5.28 -28.15
CA ASN J 502 -27.98 5.35 -26.79
C ASN J 502 -26.91 6.02 -25.92
N SER J 503 -26.98 7.34 -25.84
CA SER J 503 -26.02 8.10 -25.05
C SER J 503 -25.81 7.47 -23.68
N GLY J 504 -26.90 7.02 -23.07
CA GLY J 504 -26.81 6.41 -21.76
C GLY J 504 -25.86 5.22 -21.74
N LEU J 505 -26.19 4.19 -22.51
CA LEU J 505 -25.36 2.99 -22.58
C LEU J 505 -23.95 3.30 -23.07
N ARG J 506 -23.86 4.11 -24.12
CA ARG J 506 -22.57 4.48 -24.68
C ARG J 506 -21.67 5.11 -23.64
N TYR J 507 -22.27 5.85 -22.71
CA TYR J 507 -21.50 6.49 -21.64
C TYR J 507 -20.88 5.46 -20.71
N ARG J 508 -21.73 4.63 -20.12
CA ARG J 508 -21.26 3.59 -19.21
C ARG J 508 -20.20 2.72 -19.87
N SER J 509 -20.37 2.48 -21.16
CA SER J 509 -19.41 1.67 -21.91
C SER J 509 -18.02 2.27 -21.77
N GLN J 510 -17.85 3.48 -22.33
CA GLN J 510 -16.56 4.16 -22.28
C GLN J 510 -16.14 4.39 -20.84
N LEU J 511 -17.08 4.28 -19.91
CA LEU J 511 -16.78 4.48 -18.49
C LEU J 511 -15.91 3.35 -17.97
N LEU J 512 -15.79 2.29 -18.76
CA LEU J 512 -14.98 1.13 -18.39
C LEU J 512 -13.74 1.07 -19.27
N GLY J 513 -13.87 1.59 -20.49
CA GLY J 513 -12.76 1.59 -21.42
C GLY J 513 -13.14 1.12 -22.81
N ASN J 514 -12.15 0.99 -23.69
CA ASN J 514 -12.39 0.54 -25.05
C ASN J 514 -11.85 -0.86 -25.27
N GLY J 515 -11.07 -1.35 -24.31
CA GLY J 515 -10.48 -2.68 -24.44
C GLY J 515 -11.41 -3.81 -24.04
N ARG J 516 -11.24 -4.95 -24.69
CA ARG J 516 -12.05 -6.13 -24.41
C ARG J 516 -11.90 -6.51 -22.95
N PHE J 517 -10.65 -6.59 -22.50
CA PHE J 517 -10.34 -6.92 -21.11
C PHE J 517 -10.31 -5.64 -20.30
N CYS J 518 -10.86 -5.67 -19.10
CA CYS J 518 -10.86 -4.49 -18.25
C CYS J 518 -11.11 -4.84 -16.79
N ASP J 519 -10.26 -4.32 -15.92
CA ASP J 519 -10.38 -4.55 -14.48
C ASP J 519 -11.25 -3.43 -13.91
N PHE J 520 -12.52 -3.74 -13.68
CA PHE J 520 -13.45 -2.75 -13.15
C PHE J 520 -13.36 -2.57 -11.64
N HIS J 521 -14.17 -1.66 -11.13
CA HIS J 521 -14.22 -1.35 -9.71
C HIS J 521 -15.39 -0.38 -9.53
N ILE J 522 -16.52 -0.90 -9.04
CA ILE J 522 -17.70 -0.07 -8.87
C ILE J 522 -18.29 -0.10 -7.46
N GLN J 523 -19.28 0.75 -7.24
CA GLN J 523 -19.97 0.85 -5.96
C GLN J 523 -21.47 0.63 -6.18
N VAL J 524 -21.99 -0.45 -5.64
CA VAL J 524 -23.42 -0.76 -5.79
C VAL J 524 -24.20 -0.32 -4.56
N PRO J 525 -25.22 0.52 -4.74
CA PRO J 525 -26.05 1.02 -3.65
C PRO J 525 -27.17 0.05 -3.27
N GLN J 526 -27.82 0.31 -2.15
CA GLN J 526 -28.91 -0.53 -1.68
C GLN J 526 -30.22 0.03 -2.23
N LYS J 527 -31.03 -0.82 -2.86
CA LYS J 527 -32.28 -0.37 -3.45
C LYS J 527 -33.54 -0.82 -2.71
N PHE J 528 -33.42 -1.84 -1.88
CA PHE J 528 -34.60 -2.33 -1.15
C PHE J 528 -35.13 -1.23 -0.23
N PHE J 529 -36.37 -0.79 -0.49
CA PHE J 529 -37.01 0.28 0.27
C PHE J 529 -37.03 0.06 1.78
N ALA J 530 -37.37 -1.15 2.20
CA ALA J 530 -37.45 -1.47 3.62
C ALA J 530 -36.19 -1.13 4.40
N ILE J 531 -35.07 -0.99 3.71
CA ILE J 531 -33.82 -0.68 4.39
C ILE J 531 -32.98 0.42 3.73
N ARG J 532 -33.47 0.98 2.62
CA ARG J 532 -32.72 2.02 1.94
C ARG J 532 -32.43 3.19 2.86
N ASN J 533 -33.47 3.90 3.26
CA ASN J 533 -33.33 5.07 4.12
C ASN J 533 -33.50 4.74 5.60
N LEU J 534 -33.27 3.48 5.96
CA LEU J 534 -33.41 3.07 7.36
C LEU J 534 -32.29 3.70 8.19
N LEU J 535 -32.57 3.90 9.48
CA LEU J 535 -31.59 4.49 10.38
C LEU J 535 -31.28 3.56 11.55
N LEU J 536 -30.41 2.58 11.32
CA LEU J 536 -30.02 1.63 12.35
C LEU J 536 -29.46 2.30 13.58
N LEU J 537 -29.58 1.63 14.71
CA LEU J 537 -29.09 2.15 15.99
C LEU J 537 -27.92 1.28 16.45
N PRO J 538 -27.22 1.69 17.51
CA PRO J 538 -26.09 0.91 18.02
C PRO J 538 -26.38 -0.58 18.14
N GLY J 539 -25.34 -1.40 17.90
CA GLY J 539 -25.50 -2.83 17.96
C GLY J 539 -24.83 -3.50 16.78
N THR J 540 -24.84 -4.84 16.76
CA THR J 540 -24.22 -5.58 15.67
C THR J 540 -25.29 -6.31 14.85
N TYR J 541 -25.13 -6.29 13.53
CA TYR J 541 -26.10 -6.92 12.65
C TYR J 541 -25.41 -7.71 11.54
N THR J 542 -26.08 -8.76 11.08
CA THR J 542 -25.53 -9.57 10.00
C THR J 542 -26.15 -9.09 8.68
N TYR J 543 -25.31 -8.52 7.84
CA TYR J 543 -25.75 -7.98 6.55
C TYR J 543 -25.18 -8.82 5.42
N GLU J 544 -26.00 -9.69 4.84
CA GLU J 544 -25.59 -10.54 3.75
C GLU J 544 -26.42 -10.28 2.49
N TRP J 545 -25.86 -10.64 1.33
CA TRP J 545 -26.56 -10.44 0.07
C TRP J 545 -25.84 -11.16 -1.06
N SER J 546 -26.60 -11.62 -2.05
CA SER J 546 -26.03 -12.34 -3.18
C SER J 546 -25.89 -11.45 -4.42
N PHE J 547 -25.03 -11.85 -5.34
CA PHE J 547 -24.78 -11.11 -6.57
C PHE J 547 -24.73 -12.05 -7.76
N ARG J 548 -25.50 -11.75 -8.81
CA ARG J 548 -25.50 -12.58 -10.00
C ARG J 548 -24.14 -12.56 -10.68
N LYS J 549 -24.00 -13.32 -11.76
CA LYS J 549 -22.78 -13.37 -12.53
C LYS J 549 -23.12 -13.58 -14.00
N ASP J 550 -24.41 -13.73 -14.26
CA ASP J 550 -24.89 -13.93 -15.63
C ASP J 550 -24.62 -12.68 -16.45
N VAL J 551 -23.67 -12.78 -17.37
CA VAL J 551 -23.30 -11.66 -18.22
C VAL J 551 -24.52 -11.01 -18.88
N ASN J 552 -25.50 -11.82 -19.24
CA ASN J 552 -26.71 -11.33 -19.90
C ASN J 552 -27.65 -10.55 -18.99
N MET J 553 -27.28 -10.40 -17.71
CA MET J 553 -28.12 -9.65 -16.78
C MET J 553 -27.33 -8.55 -16.09
N ILE J 554 -26.03 -8.72 -15.98
CA ILE J 554 -25.18 -7.73 -15.35
C ILE J 554 -24.64 -6.78 -16.43
N LEU J 555 -24.51 -7.31 -17.65
CA LEU J 555 -24.01 -6.53 -18.76
C LEU J 555 -25.12 -6.20 -19.76
N GLN J 556 -24.87 -5.22 -20.61
CA GLN J 556 -25.83 -4.80 -21.62
C GLN J 556 -25.11 -4.51 -22.93
N SER J 557 -25.75 -4.81 -24.05
CA SER J 557 -25.16 -4.57 -25.36
C SER J 557 -26.15 -3.84 -26.26
N THR J 558 -25.63 -3.04 -27.18
CA THR J 558 -26.48 -2.27 -28.09
C THR J 558 -27.30 -3.17 -29.02
N LEU J 559 -26.71 -4.27 -29.47
CA LEU J 559 -27.41 -5.19 -30.36
C LEU J 559 -28.25 -6.20 -29.59
N GLY J 560 -27.93 -6.40 -28.32
CA GLY J 560 -28.68 -7.35 -27.51
C GLY J 560 -28.35 -8.78 -27.84
N ASN J 561 -27.20 -9.00 -28.46
CA ASN J 561 -26.77 -10.35 -28.83
C ASN J 561 -26.51 -11.18 -27.57
N ASP J 562 -26.61 -12.49 -27.70
CA ASP J 562 -26.37 -13.39 -26.57
C ASP J 562 -24.90 -13.36 -26.16
N LEU J 563 -24.61 -12.59 -25.12
CA LEU J 563 -23.24 -12.46 -24.61
C LEU J 563 -22.68 -13.77 -24.10
N ARG J 564 -23.54 -14.59 -23.51
CA ARG J 564 -23.15 -15.87 -22.96
C ARG J 564 -22.53 -16.79 -24.02
N VAL J 565 -22.92 -16.60 -25.27
CA VAL J 565 -22.39 -17.43 -26.36
C VAL J 565 -21.25 -16.71 -27.08
N ASP J 566 -21.21 -15.39 -26.98
CA ASP J 566 -20.16 -14.62 -27.63
C ASP J 566 -18.92 -14.48 -26.76
N GLY J 567 -18.71 -15.45 -25.87
CA GLY J 567 -17.55 -15.42 -25.00
C GLY J 567 -17.51 -14.29 -24.00
N ALA J 568 -18.66 -13.97 -23.41
CA ALA J 568 -18.73 -12.89 -22.43
C ALA J 568 -18.56 -13.50 -21.04
N THR J 569 -17.56 -13.03 -20.30
CA THR J 569 -17.31 -13.55 -18.96
C THR J 569 -16.96 -12.46 -17.96
N VAL J 570 -17.37 -12.68 -16.71
CA VAL J 570 -17.10 -11.74 -15.63
C VAL J 570 -16.53 -12.51 -14.45
N ASN J 571 -15.79 -11.82 -13.59
CA ASN J 571 -15.19 -12.47 -12.43
C ASN J 571 -15.05 -11.51 -11.25
N ILE J 572 -15.60 -11.90 -10.11
CA ILE J 572 -15.54 -11.10 -8.90
C ILE J 572 -14.36 -11.55 -8.04
N THR J 573 -13.48 -10.62 -7.69
CA THR J 573 -12.32 -10.93 -6.88
C THR J 573 -12.57 -10.66 -5.39
N SER J 574 -13.03 -9.46 -5.07
CA SER J 574 -13.30 -9.09 -3.70
C SER J 574 -14.48 -8.13 -3.59
N VAL J 575 -15.15 -8.14 -2.44
CA VAL J 575 -16.30 -7.27 -2.20
C VAL J 575 -16.27 -6.77 -0.77
N ASN J 576 -16.36 -5.45 -0.61
CA ASN J 576 -16.33 -4.85 0.72
C ASN J 576 -17.58 -4.00 0.94
N LEU J 577 -17.83 -3.64 2.20
CA LEU J 577 -18.99 -2.84 2.55
C LEU J 577 -18.56 -1.57 3.28
N TYR J 578 -18.89 -0.42 2.69
CA TYR J 578 -18.55 0.87 3.30
C TYR J 578 -19.79 1.52 3.90
N ALA J 579 -19.59 2.27 4.98
CA ALA J 579 -20.68 2.96 5.65
C ALA J 579 -20.15 4.22 6.32
N SER J 580 -20.78 5.35 6.00
CA SER J 580 -20.38 6.63 6.56
C SER J 580 -21.23 7.02 7.76
N PHE J 581 -20.57 7.34 8.87
CA PHE J 581 -21.28 7.73 10.09
C PHE J 581 -21.06 9.22 10.36
N PHE J 582 -22.12 9.90 10.76
CA PHE J 582 -22.02 11.32 11.07
C PHE J 582 -21.30 11.46 12.41
N PRO J 583 -20.26 12.30 12.46
CA PRO J 583 -19.49 12.50 13.69
C PRO J 583 -20.33 13.26 14.73
N MET J 584 -21.50 12.72 15.01
CA MET J 584 -22.42 13.33 15.96
C MET J 584 -21.96 13.14 17.39
N SER J 585 -22.09 14.19 18.20
CA SER J 585 -21.69 14.14 19.60
C SER J 585 -22.35 12.97 20.30
N HIS J 586 -21.56 12.24 21.10
CA HIS J 586 -22.07 11.08 21.82
C HIS J 586 -23.24 11.47 22.72
N ASN J 587 -23.20 12.69 23.26
CA ASN J 587 -24.27 13.16 24.12
C ASN J 587 -25.58 13.24 23.35
N THR J 588 -25.55 13.91 22.19
CA THR J 588 -26.73 14.05 21.35
C THR J 588 -27.14 12.69 20.80
N ALA J 589 -26.17 11.99 20.22
CA ALA J 589 -26.42 10.68 19.64
C ALA J 589 -27.12 9.75 20.62
N SER J 590 -26.72 9.82 21.88
CA SER J 590 -27.30 8.98 22.91
C SER J 590 -28.78 9.32 23.12
N THR J 591 -29.09 10.61 23.12
CA THR J 591 -30.46 11.07 23.31
C THR J 591 -31.33 10.62 22.14
N LEU J 592 -30.82 10.83 20.92
CA LEU J 592 -31.54 10.45 19.72
C LEU J 592 -31.94 8.98 19.76
N GLU J 593 -30.98 8.13 20.13
CA GLU J 593 -31.22 6.69 20.23
C GLU J 593 -32.37 6.39 21.18
N ALA J 594 -32.30 6.98 22.38
CA ALA J 594 -33.32 6.76 23.39
C ALA J 594 -34.72 6.98 22.85
N MET J 595 -34.89 8.01 22.03
CA MET J 595 -36.19 8.32 21.46
C MET J 595 -36.59 7.38 20.33
N LEU J 596 -35.65 7.09 19.44
CA LEU J 596 -35.93 6.20 18.32
C LEU J 596 -36.19 4.76 18.73
N ARG J 597 -35.96 4.44 20.00
CA ARG J 597 -36.19 3.08 20.49
C ARG J 597 -37.58 2.92 21.09
N ASN J 598 -38.42 3.94 20.94
CA ASN J 598 -39.78 3.88 21.46
C ASN J 598 -40.76 3.57 20.33
N ASP J 599 -41.59 2.56 20.54
CA ASP J 599 -42.57 2.14 19.54
C ASP J 599 -43.38 3.30 18.96
N THR J 600 -43.48 4.39 19.73
CA THR J 600 -44.23 5.56 19.28
C THR J 600 -43.46 6.33 18.21
N ASN J 601 -42.19 5.99 18.03
CA ASN J 601 -41.35 6.66 17.05
C ASN J 601 -40.70 5.68 16.08
N ASP J 602 -41.42 4.64 15.70
CA ASP J 602 -40.88 3.66 14.77
C ASP J 602 -40.83 4.22 13.36
N GLN J 603 -39.71 3.98 12.68
CA GLN J 603 -39.53 4.45 11.32
C GLN J 603 -40.43 3.64 10.38
N SER J 604 -40.89 4.27 9.30
CA SER J 604 -41.76 3.60 8.35
C SER J 604 -41.44 4.04 6.92
N PHE J 605 -41.32 3.07 6.03
CA PHE J 605 -41.02 3.34 4.62
C PHE J 605 -42.05 2.67 3.73
N ASN J 606 -41.99 2.95 2.44
CA ASN J 606 -42.92 2.35 1.48
C ASN J 606 -42.35 2.44 0.08
N ASP J 607 -42.22 1.29 -0.57
CA ASP J 607 -41.69 1.22 -1.93
C ASP J 607 -42.34 2.31 -2.77
N TYR J 608 -41.53 3.03 -3.54
CA TYR J 608 -42.04 4.11 -4.38
C TYR J 608 -43.07 3.62 -5.40
N LEU J 609 -42.80 2.47 -6.01
CA LEU J 609 -43.72 1.92 -6.99
C LEU J 609 -45.02 1.47 -6.33
N SER J 610 -44.90 0.76 -5.22
CA SER J 610 -46.06 0.27 -4.49
C SER J 610 -47.09 -0.37 -5.41
N ALA J 611 -46.81 -1.59 -5.85
CA ALA J 611 -47.73 -2.28 -6.75
C ALA J 611 -47.31 -3.73 -6.96
N ALA J 612 -48.29 -4.60 -7.09
CA ALA J 612 -48.04 -6.02 -7.31
C ALA J 612 -47.79 -6.23 -8.81
N ASN J 613 -46.66 -6.86 -9.13
CA ASN J 613 -46.29 -7.10 -10.52
C ASN J 613 -46.85 -8.43 -11.01
N MET J 614 -47.61 -8.38 -12.11
CA MET J 614 -48.20 -9.57 -12.69
C MET J 614 -47.75 -9.70 -14.14
N LEU J 615 -47.63 -10.94 -14.62
CA LEU J 615 -47.21 -11.19 -15.99
C LEU J 615 -48.05 -12.27 -16.63
N TYR J 616 -48.77 -11.91 -17.69
CA TYR J 616 -49.61 -12.86 -18.40
C TYR J 616 -49.10 -13.00 -19.82
N PRO J 617 -48.91 -14.25 -20.29
CA PRO J 617 -48.42 -14.51 -21.64
C PRO J 617 -49.40 -14.11 -22.73
N ILE J 618 -48.87 -13.58 -23.82
CA ILE J 618 -49.69 -13.16 -24.95
C ILE J 618 -49.23 -13.92 -26.20
N PRO J 619 -49.90 -15.03 -26.52
CA PRO J 619 -49.54 -15.84 -27.70
C PRO J 619 -49.32 -14.99 -28.94
N PRO J 620 -48.47 -15.45 -29.86
CA PRO J 620 -48.21 -14.70 -31.09
C PRO J 620 -49.45 -14.47 -31.95
N ASN J 621 -49.63 -13.23 -32.40
CA ASN J 621 -50.78 -12.86 -33.22
C ASN J 621 -52.08 -12.78 -32.43
N ALA J 622 -52.00 -13.01 -31.13
CA ALA J 622 -53.18 -12.95 -30.27
C ALA J 622 -53.70 -11.51 -30.25
N THR J 623 -55.01 -11.37 -30.09
CA THR J 623 -55.61 -10.03 -30.06
C THR J 623 -56.32 -9.78 -28.73
N GLN J 624 -57.13 -10.74 -28.31
CA GLN J 624 -57.87 -10.63 -27.06
C GLN J 624 -57.10 -11.31 -25.93
N LEU J 625 -57.19 -10.74 -24.72
CA LEU J 625 -56.47 -11.30 -23.58
C LEU J 625 -57.20 -11.04 -22.27
N PRO J 626 -57.98 -12.01 -21.79
CA PRO J 626 -58.73 -11.88 -20.54
C PRO J 626 -57.88 -12.27 -19.33
N ILE J 627 -58.15 -11.66 -18.19
CA ILE J 627 -57.41 -11.96 -16.97
C ILE J 627 -58.30 -11.94 -15.73
N PRO J 628 -58.55 -13.12 -15.14
CA PRO J 628 -59.39 -13.25 -13.95
C PRO J 628 -58.59 -13.16 -12.64
N SER J 629 -59.09 -12.37 -11.70
CA SER J 629 -58.46 -12.19 -10.39
C SER J 629 -59.47 -11.45 -9.51
N ARG J 630 -59.29 -11.53 -8.20
CA ARG J 630 -60.22 -10.83 -7.30
C ARG J 630 -59.55 -10.23 -6.05
N ASN J 631 -59.91 -8.99 -5.74
CA ASN J 631 -59.38 -8.28 -4.59
C ASN J 631 -60.44 -8.19 -3.50
N TRP J 632 -60.05 -8.51 -2.27
CA TRP J 632 -60.97 -8.48 -1.13
C TRP J 632 -61.08 -7.07 -0.56
N ALA J 633 -60.14 -6.20 -0.94
CA ALA J 633 -60.15 -4.84 -0.44
C ALA J 633 -60.11 -3.80 -1.56
N ALA J 634 -59.67 -2.61 -1.23
CA ALA J 634 -59.58 -1.54 -2.21
C ALA J 634 -58.17 -1.01 -2.30
N PHE J 635 -57.65 -1.00 -3.52
CA PHE J 635 -56.30 -0.53 -3.78
C PHE J 635 -56.23 0.95 -4.14
N ARG J 636 -55.33 1.28 -5.07
CA ARG J 636 -55.09 2.64 -5.52
C ARG J 636 -55.47 2.85 -6.98
N GLY J 637 -55.03 1.93 -7.84
CA GLY J 637 -55.34 2.03 -9.26
C GLY J 637 -54.60 1.01 -10.11
N TRP J 638 -54.79 1.09 -11.43
CA TRP J 638 -54.13 0.18 -12.35
C TRP J 638 -53.02 0.90 -13.13
N SER J 639 -52.09 0.12 -13.65
CA SER J 639 -50.97 0.64 -14.43
C SER J 639 -50.52 -0.55 -15.26
N LEU J 640 -50.31 -0.34 -16.55
CA LEU J 640 -49.91 -1.45 -17.41
C LEU J 640 -49.17 -1.07 -18.70
N THR J 641 -48.57 -2.09 -19.31
CA THR J 641 -47.82 -1.91 -20.55
C THR J 641 -47.75 -3.25 -21.27
N ARG J 642 -46.76 -3.41 -22.14
CA ARG J 642 -46.58 -4.64 -22.89
C ARG J 642 -45.08 -4.90 -23.09
N LEU J 643 -44.64 -6.12 -22.85
CA LEU J 643 -43.24 -6.47 -22.99
C LEU J 643 -43.04 -7.71 -23.87
N LYS J 644 -41.85 -7.83 -24.44
CA LYS J 644 -41.53 -8.98 -25.28
C LYS J 644 -40.94 -10.09 -24.42
N GLN J 645 -41.48 -11.29 -24.55
CA GLN J 645 -41.01 -12.43 -23.77
C GLN J 645 -39.51 -12.63 -23.83
N ARG J 646 -38.93 -12.55 -25.02
CA ARG J 646 -37.49 -12.74 -25.19
C ARG J 646 -36.68 -11.71 -24.39
N GLU J 647 -37.21 -10.49 -24.27
CA GLU J 647 -36.53 -9.43 -23.55
C GLU J 647 -36.87 -9.40 -22.07
N THR J 648 -37.64 -10.39 -21.62
CA THR J 648 -38.04 -10.45 -20.20
C THR J 648 -37.51 -11.73 -19.54
N PRO J 649 -36.46 -11.59 -18.71
CA PRO J 649 -35.88 -12.73 -18.02
C PRO J 649 -36.79 -13.26 -16.93
N ALA J 650 -36.96 -14.57 -16.88
CA ALA J 650 -37.82 -15.19 -15.87
C ALA J 650 -37.18 -15.04 -14.49
N LEU J 651 -37.73 -14.14 -13.69
CA LEU J 651 -37.21 -13.90 -12.35
C LEU J 651 -37.73 -14.95 -11.35
N GLY J 652 -37.25 -14.86 -10.13
CA GLY J 652 -37.65 -15.81 -9.10
C GLY J 652 -36.64 -16.92 -8.96
N SER J 653 -36.16 -17.42 -10.09
CA SER J 653 -35.17 -18.49 -10.10
C SER J 653 -33.77 -17.87 -10.19
N PRO J 654 -32.79 -18.47 -9.50
CA PRO J 654 -31.41 -17.99 -9.50
C PRO J 654 -30.68 -18.10 -10.83
N PHE J 655 -31.42 -18.47 -11.89
CA PHE J 655 -30.80 -18.60 -13.21
C PHE J 655 -31.82 -18.93 -14.30
N ASP J 656 -31.69 -18.25 -15.44
CA ASP J 656 -32.59 -18.46 -16.57
C ASP J 656 -31.80 -19.08 -17.73
N PRO J 657 -32.05 -20.36 -18.04
CA PRO J 657 -31.34 -21.04 -19.13
C PRO J 657 -31.84 -20.65 -20.52
N TYR J 658 -33.05 -20.10 -20.58
CA TYR J 658 -33.63 -19.70 -21.86
C TYR J 658 -33.54 -18.20 -22.12
N PHE J 659 -32.68 -17.52 -21.36
CA PHE J 659 -32.54 -16.07 -21.52
C PHE J 659 -31.35 -15.74 -22.41
N THR J 660 -31.61 -15.65 -23.72
CA THR J 660 -30.57 -15.33 -24.69
C THR J 660 -30.69 -13.89 -25.18
N TYR J 661 -30.72 -12.96 -24.26
CA TYR J 661 -30.85 -11.54 -24.59
C TYR J 661 -29.98 -10.71 -23.66
N SER J 662 -29.45 -9.60 -24.17
CA SER J 662 -28.59 -8.75 -23.36
C SER J 662 -28.91 -7.27 -23.53
N GLY J 663 -30.00 -6.96 -24.23
CA GLY J 663 -30.38 -5.58 -24.43
C GLY J 663 -31.08 -5.05 -23.20
N THR J 664 -31.63 -3.84 -23.30
CA THR J 664 -32.32 -3.23 -22.16
C THR J 664 -33.53 -4.08 -21.78
N ILE J 665 -33.76 -4.21 -20.47
CA ILE J 665 -34.89 -4.99 -19.97
C ILE J 665 -35.98 -4.06 -19.47
N PRO J 666 -36.98 -3.77 -20.33
CA PRO J 666 -38.09 -2.88 -19.99
C PRO J 666 -38.71 -3.21 -18.63
N TYR J 667 -38.64 -4.49 -18.25
CA TYR J 667 -39.20 -4.93 -16.98
C TYR J 667 -38.42 -4.43 -15.77
N LEU J 668 -37.18 -3.98 -16.00
CA LEU J 668 -36.36 -3.48 -14.90
C LEU J 668 -36.01 -2.00 -15.03
N ASP J 669 -35.27 -1.66 -16.07
CA ASP J 669 -34.87 -0.27 -16.29
C ASP J 669 -36.06 0.62 -16.65
N GLY J 670 -37.15 -0.01 -17.08
CA GLY J 670 -38.35 0.76 -17.43
C GLY J 670 -38.28 1.40 -18.81
N THR J 671 -37.70 0.68 -19.76
CA THR J 671 -37.59 1.18 -21.13
C THR J 671 -38.69 0.63 -22.01
N PHE J 672 -39.93 0.83 -21.57
CA PHE J 672 -41.11 0.37 -22.30
C PHE J 672 -41.21 1.09 -23.63
N TYR J 673 -41.90 0.48 -24.59
CA TYR J 673 -42.04 1.09 -25.92
C TYR J 673 -43.10 0.37 -26.74
N LEU J 674 -44.09 -0.22 -26.08
CA LEU J 674 -45.14 -0.93 -26.77
C LEU J 674 -46.52 -0.57 -26.24
N SER J 675 -46.64 0.66 -25.73
CA SER J 675 -47.91 1.13 -25.19
C SER J 675 -48.83 1.56 -26.32
N HIS J 676 -48.25 1.72 -27.51
CA HIS J 676 -49.01 2.14 -28.67
C HIS J 676 -49.60 0.94 -29.41
N THR J 677 -49.59 -0.22 -28.75
CA THR J 677 -50.11 -1.43 -29.35
C THR J 677 -51.38 -1.93 -28.66
N PHE J 678 -52.04 -1.03 -27.94
CA PHE J 678 -53.27 -1.38 -27.23
C PHE J 678 -54.48 -0.74 -27.91
N ARG J 679 -55.59 -1.46 -27.94
CA ARG J 679 -56.82 -0.96 -28.54
C ARG J 679 -57.81 -0.50 -27.49
N LYS J 680 -58.21 -1.42 -26.62
CA LYS J 680 -59.16 -1.09 -25.57
C LYS J 680 -59.00 -1.98 -24.34
N VAL J 681 -59.56 -1.52 -23.23
CA VAL J 681 -59.50 -2.25 -21.97
C VAL J 681 -60.87 -2.23 -21.30
N ALA J 682 -61.31 -3.38 -20.83
CA ALA J 682 -62.62 -3.48 -20.18
C ALA J 682 -62.49 -4.03 -18.76
N ILE J 683 -62.95 -3.26 -17.78
CA ILE J 683 -62.89 -3.66 -16.39
C ILE J 683 -64.29 -3.92 -15.87
N GLN J 684 -64.46 -4.99 -15.11
CA GLN J 684 -65.76 -5.34 -14.55
C GLN J 684 -65.62 -6.08 -13.22
N PHE J 685 -66.47 -5.71 -12.26
CA PHE J 685 -66.46 -6.33 -10.94
C PHE J 685 -67.61 -7.33 -10.79
N ASP J 686 -67.31 -8.48 -10.20
CA ASP J 686 -68.31 -9.52 -9.99
C ASP J 686 -68.84 -10.00 -11.33
N SER J 687 -68.05 -9.81 -12.38
CA SER J 687 -68.41 -10.21 -13.73
C SER J 687 -69.81 -9.73 -14.14
N SER J 688 -70.07 -8.45 -13.94
CA SER J 688 -71.37 -7.88 -14.29
C SER J 688 -71.31 -6.35 -14.21
N VAL J 689 -70.92 -5.84 -13.05
CA VAL J 689 -70.82 -4.40 -12.85
C VAL J 689 -69.58 -3.84 -13.52
N THR J 690 -69.77 -3.17 -14.65
CA THR J 690 -68.65 -2.58 -15.38
C THR J 690 -68.15 -1.35 -14.64
N TRP J 691 -66.84 -1.12 -14.70
CA TRP J 691 -66.24 0.03 -14.03
C TRP J 691 -65.64 0.96 -15.08
N PRO J 692 -65.77 2.29 -14.88
CA PRO J 692 -66.43 2.92 -13.76
C PRO J 692 -67.95 2.94 -13.90
N GLY J 693 -68.42 2.66 -15.11
CA GLY J 693 -69.85 2.65 -15.35
C GLY J 693 -70.43 4.04 -15.16
N ASN J 694 -71.64 4.11 -14.62
CA ASN J 694 -72.31 5.38 -14.38
C ASN J 694 -72.29 6.28 -15.62
N ASP J 695 -72.05 5.68 -16.78
CA ASP J 695 -72.01 6.44 -18.02
C ASP J 695 -71.04 7.62 -17.91
N ARG J 696 -69.82 7.32 -17.46
CA ARG J 696 -68.80 8.34 -17.30
C ARG J 696 -68.14 8.72 -18.62
N LEU J 697 -67.72 7.73 -19.39
CA LEU J 697 -67.06 7.97 -20.66
C LEU J 697 -68.02 7.99 -21.86
N LEU J 698 -67.52 8.49 -22.99
CA LEU J 698 -68.32 8.56 -24.21
C LEU J 698 -68.68 7.12 -24.60
N THR J 699 -67.84 6.19 -24.16
CA THR J 699 -68.03 4.76 -24.40
C THR J 699 -67.98 4.11 -23.02
N PRO J 700 -69.04 4.32 -22.22
CA PRO J 700 -69.22 3.81 -20.86
C PRO J 700 -68.96 2.32 -20.61
N ASN J 701 -68.87 1.53 -21.67
CA ASN J 701 -68.63 0.10 -21.51
C ASN J 701 -67.18 -0.33 -21.65
N GLU J 702 -66.27 0.64 -21.77
CA GLU J 702 -64.85 0.34 -21.91
C GLU J 702 -63.98 1.57 -22.13
N PHE J 703 -62.67 1.36 -22.08
CA PHE J 703 -61.71 2.44 -22.30
C PHE J 703 -61.02 2.24 -23.64
N GLU J 704 -61.53 2.90 -24.67
CA GLU J 704 -60.94 2.79 -26.00
C GLU J 704 -59.69 3.66 -26.07
N ILE J 705 -58.53 3.03 -26.12
CA ILE J 705 -57.27 3.77 -26.18
C ILE J 705 -57.07 4.40 -27.55
N LYS J 706 -57.51 3.72 -28.60
CA LYS J 706 -57.39 4.25 -29.95
C LYS J 706 -58.40 3.59 -30.90
N ILE J 707 -58.90 4.38 -31.84
CA ILE J 707 -59.86 3.89 -32.82
C ILE J 707 -59.26 3.92 -34.22
N SER J 708 -59.59 2.91 -35.03
CA SER J 708 -59.08 2.83 -36.39
C SER J 708 -59.98 3.62 -37.35
N VAL J 709 -61.28 3.35 -37.28
CA VAL J 709 -62.26 4.03 -38.11
C VAL J 709 -62.82 5.24 -37.36
N ASP J 710 -62.55 6.44 -37.86
CA ASP J 710 -63.02 7.65 -37.21
C ASP J 710 -64.48 7.64 -36.79
N GLY J 711 -65.39 7.40 -37.74
CA GLY J 711 -66.80 7.40 -37.41
C GLY J 711 -67.20 8.79 -36.95
N GLU J 712 -67.12 9.03 -35.64
CA GLU J 712 -67.46 10.33 -35.07
C GLU J 712 -66.19 11.15 -34.94
N GLY J 713 -65.06 10.45 -34.84
CA GLY J 713 -63.79 11.14 -34.69
C GLY J 713 -63.56 11.41 -33.21
N TYR J 714 -63.67 10.35 -32.42
CA TYR J 714 -63.47 10.45 -30.99
C TYR J 714 -61.97 10.54 -30.73
N ASN J 715 -61.22 10.86 -31.78
CA ASN J 715 -59.77 10.98 -31.69
C ASN J 715 -59.41 12.44 -31.45
N VAL J 716 -58.26 12.67 -30.83
CA VAL J 716 -57.80 14.03 -30.53
C VAL J 716 -56.31 14.19 -30.81
N ALA J 717 -55.79 15.36 -30.47
CA ALA J 717 -54.39 15.69 -30.66
C ALA J 717 -53.95 15.38 -32.09
N GLN J 718 -54.91 15.39 -33.00
CA GLN J 718 -54.62 15.12 -34.41
C GLN J 718 -53.96 13.76 -34.55
N SER J 719 -54.43 12.78 -33.78
CA SER J 719 -53.87 11.44 -33.82
C SER J 719 -55.01 10.41 -33.87
N ASN J 720 -54.73 9.20 -33.43
CA ASN J 720 -55.74 8.14 -33.43
C ASN J 720 -56.15 7.79 -32.01
N MET J 721 -55.78 8.64 -31.07
CA MET J 721 -56.11 8.43 -29.66
C MET J 721 -57.47 9.04 -29.34
N THR J 722 -58.34 8.26 -28.73
CA THR J 722 -59.67 8.74 -28.37
C THR J 722 -59.61 9.95 -27.46
N LYS J 723 -60.74 10.62 -27.31
CA LYS J 723 -60.82 11.81 -26.46
C LYS J 723 -60.93 11.35 -25.01
N ASP J 724 -61.60 10.23 -24.81
CA ASP J 724 -61.79 9.67 -23.47
C ASP J 724 -60.45 9.28 -22.85
N TRP J 725 -59.65 8.55 -23.60
CA TRP J 725 -58.35 8.10 -23.11
C TRP J 725 -57.45 9.29 -22.79
N PHE J 726 -57.30 10.19 -23.75
CA PHE J 726 -56.46 11.37 -23.56
C PHE J 726 -56.83 12.08 -22.26
N LEU J 727 -58.13 12.25 -22.03
CA LEU J 727 -58.60 12.91 -20.82
C LEU J 727 -58.14 12.16 -19.58
N VAL J 728 -58.37 10.85 -19.56
CA VAL J 728 -57.98 10.02 -18.43
C VAL J 728 -56.50 10.20 -18.10
N GLN J 729 -55.65 10.06 -19.11
CA GLN J 729 -54.21 10.19 -18.92
C GLN J 729 -53.83 11.55 -18.33
N MET J 730 -54.45 12.60 -18.86
CA MET J 730 -54.16 13.95 -18.39
C MET J 730 -54.52 14.13 -16.92
N LEU J 731 -55.65 13.56 -16.51
CA LEU J 731 -56.10 13.67 -15.13
C LEU J 731 -55.24 12.86 -14.17
N ALA J 732 -54.94 11.62 -14.55
CA ALA J 732 -54.13 10.74 -13.72
C ALA J 732 -52.68 11.17 -13.61
N ASN J 733 -52.27 12.12 -14.43
CA ASN J 733 -50.88 12.57 -14.41
C ASN J 733 -50.71 14.02 -13.95
N TYR J 734 -51.60 14.90 -14.40
CA TYR J 734 -51.50 16.31 -14.03
C TYR J 734 -52.81 16.90 -13.51
N ASN J 735 -53.81 16.04 -13.30
CA ASN J 735 -55.11 16.51 -12.82
C ASN J 735 -55.64 17.60 -13.74
N ILE J 736 -55.20 17.58 -15.00
CA ILE J 736 -55.62 18.57 -15.98
C ILE J 736 -56.64 17.97 -16.94
N GLY J 737 -57.77 18.65 -17.10
CA GLY J 737 -58.80 18.15 -18.00
C GLY J 737 -60.17 18.72 -17.72
N TYR J 738 -60.47 18.93 -16.44
CA TYR J 738 -61.76 19.48 -16.04
C TYR J 738 -61.83 20.98 -16.24
N GLN J 739 -60.68 21.60 -16.46
CA GLN J 739 -60.64 23.04 -16.65
C GLN J 739 -59.66 23.45 -17.74
N GLY J 740 -59.82 22.86 -18.92
CA GLY J 740 -58.95 23.18 -20.04
C GLY J 740 -57.71 22.32 -20.14
N TYR J 741 -57.28 22.05 -21.37
CA TYR J 741 -56.09 21.24 -21.62
C TYR J 741 -54.91 22.16 -21.92
N HIS J 742 -53.88 22.10 -21.06
CA HIS J 742 -52.70 22.92 -21.25
C HIS J 742 -51.43 22.18 -20.83
N LEU J 743 -50.32 22.54 -21.47
CA LEU J 743 -49.04 21.92 -21.15
C LEU J 743 -48.74 22.10 -19.67
N PRO J 744 -48.74 20.99 -18.91
CA PRO J 744 -48.47 21.05 -17.48
C PRO J 744 -47.08 21.62 -17.19
N PRO J 745 -46.85 22.06 -15.94
CA PRO J 745 -45.56 22.64 -15.56
C PRO J 745 -44.41 21.63 -15.72
N ASP J 746 -43.25 22.14 -16.10
CA ASP J 746 -42.07 21.31 -16.33
C ASP J 746 -41.70 20.33 -15.22
N TYR J 747 -41.70 20.78 -13.98
CA TYR J 747 -41.34 19.90 -12.87
C TYR J 747 -42.17 18.63 -12.81
N LYS J 748 -43.37 18.66 -13.40
CA LYS J 748 -44.22 17.48 -13.41
C LYS J 748 -44.06 16.64 -14.67
N ASP J 749 -43.26 17.12 -15.60
CA ASP J 749 -43.01 16.40 -16.84
C ASP J 749 -41.65 15.71 -16.82
N ARG J 750 -41.60 14.53 -16.22
CA ARG J 750 -40.36 13.78 -16.14
C ARG J 750 -40.32 12.75 -17.26
N THR J 751 -39.21 12.03 -17.39
CA THR J 751 -39.06 11.03 -18.44
C THR J 751 -40.11 9.92 -18.35
N PHE J 752 -40.78 9.82 -17.22
CA PHE J 752 -41.81 8.78 -17.03
C PHE J 752 -43.22 9.35 -17.08
N SER J 753 -43.37 10.55 -17.63
CA SER J 753 -44.67 11.18 -17.74
C SER J 753 -45.32 10.83 -19.06
N PHE J 754 -46.60 11.15 -19.20
CA PHE J 754 -47.33 10.87 -20.43
C PHE J 754 -46.99 11.86 -21.55
N LEU J 755 -47.54 13.06 -21.43
CA LEU J 755 -47.33 14.11 -22.42
C LEU J 755 -45.88 14.22 -22.90
N HIS J 756 -44.94 14.09 -21.97
CA HIS J 756 -43.52 14.20 -22.30
C HIS J 756 -43.12 13.24 -23.42
N ASN J 757 -43.73 12.06 -23.45
CA ASN J 757 -43.40 11.07 -24.47
C ASN J 757 -44.43 10.95 -25.59
N PHE J 758 -45.56 11.61 -25.42
CA PHE J 758 -46.61 11.57 -26.44
C PHE J 758 -46.17 12.32 -27.69
N ILE J 759 -46.15 11.62 -28.82
CA ILE J 759 -45.73 12.23 -30.07
C ILE J 759 -46.57 11.76 -31.26
N PRO J 760 -47.62 12.52 -31.61
CA PRO J 760 -48.50 12.17 -32.72
C PRO J 760 -47.82 12.41 -34.07
N MET J 761 -48.23 11.66 -35.08
CA MET J 761 -47.66 11.81 -36.41
C MET J 761 -48.63 11.32 -37.48
N CYS J 762 -48.59 11.94 -38.64
CA CYS J 762 -49.46 11.59 -39.75
C CYS J 762 -48.67 11.55 -41.05
N ARG J 763 -49.31 11.04 -42.10
CA ARG J 763 -48.67 10.94 -43.40
C ARG J 763 -49.69 10.51 -44.42
N GLN J 764 -49.48 10.88 -45.68
CA GLN J 764 -50.38 10.48 -46.75
C GLN J 764 -49.66 9.44 -47.59
N VAL J 765 -50.43 8.51 -48.15
CA VAL J 765 -49.87 7.46 -48.98
C VAL J 765 -50.76 7.25 -50.20
N PRO J 766 -50.16 6.88 -51.34
CA PRO J 766 -50.95 6.65 -52.56
C PRO J 766 -52.03 5.59 -52.36
N ASN J 767 -53.27 6.04 -52.22
CA ASN J 767 -54.40 5.14 -52.03
C ASN J 767 -54.38 4.05 -53.10
N PRO J 768 -54.38 2.77 -52.68
CA PRO J 768 -54.37 1.59 -53.56
C PRO J 768 -55.59 1.40 -54.46
N ALA J 769 -56.72 1.98 -54.08
CA ALA J 769 -57.93 1.83 -54.88
C ALA J 769 -58.34 3.11 -55.59
N THR J 770 -57.34 3.88 -56.02
CA THR J 770 -57.58 5.12 -56.73
C THR J 770 -57.55 4.87 -58.23
N GLU J 771 -56.35 4.94 -58.82
CA GLU J 771 -56.18 4.70 -60.25
C GLU J 771 -55.12 3.65 -60.55
N GLY J 772 -54.93 3.37 -61.82
CA GLY J 772 -53.94 2.39 -62.24
C GLY J 772 -52.54 2.88 -61.96
N TYR J 773 -52.09 2.70 -60.72
CA TYR J 773 -50.76 3.12 -60.30
C TYR J 773 -49.92 1.86 -60.08
N PHE J 774 -50.61 0.72 -60.04
CA PHE J 774 -49.97 -0.57 -59.85
C PHE J 774 -49.21 -0.67 -58.52
N GLY J 775 -48.58 -1.81 -58.30
CA GLY J 775 -47.83 -2.02 -57.07
C GLY J 775 -46.34 -1.82 -57.28
N LEU J 776 -45.77 -0.83 -56.58
CA LEU J 776 -44.36 -0.55 -56.68
C LEU J 776 -43.55 -1.73 -56.12
N GLY J 777 -43.25 -2.70 -56.99
CA GLY J 777 -42.49 -3.85 -56.55
C GLY J 777 -41.11 -3.45 -56.06
N ILE J 778 -40.78 -3.83 -54.83
CA ILE J 778 -39.48 -3.50 -54.24
C ILE J 778 -38.33 -4.08 -55.07
N VAL J 779 -38.66 -5.03 -55.94
CA VAL J 779 -37.63 -5.66 -56.77
C VAL J 779 -37.47 -4.87 -58.06
N ASN J 780 -38.40 -3.96 -58.32
CA ASN J 780 -38.36 -3.13 -59.51
C ASN J 780 -38.11 -1.67 -59.15
N HIS J 781 -38.14 -1.39 -57.84
CA HIS J 781 -37.89 -0.04 -57.34
C HIS J 781 -36.55 0.47 -57.83
N ARG J 782 -36.57 1.51 -58.64
CA ARG J 782 -35.32 2.09 -59.14
C ARG J 782 -35.31 3.60 -58.88
N THR J 783 -34.29 4.04 -58.15
CA THR J 783 -34.13 5.45 -57.82
C THR J 783 -32.64 5.77 -57.77
N THR J 784 -32.24 6.84 -58.45
CA THR J 784 -30.84 7.22 -58.49
C THR J 784 -30.02 6.03 -59.00
N PRO J 785 -30.43 5.44 -60.14
CA PRO J 785 -29.72 4.30 -60.72
C PRO J 785 -28.28 4.62 -61.09
N ALA J 786 -27.48 3.58 -61.26
CA ALA J 786 -26.06 3.73 -61.62
C ALA J 786 -25.30 4.33 -60.44
N TYR J 787 -26.04 4.95 -59.51
CA TYR J 787 -25.45 5.54 -58.33
C TYR J 787 -26.02 4.76 -57.15
N TRP J 788 -27.06 3.98 -57.43
CA TRP J 788 -27.73 3.16 -56.43
C TRP J 788 -27.34 1.71 -56.67
N PHE J 789 -27.98 0.79 -55.96
CA PHE J 789 -27.73 -0.63 -56.12
C PHE J 789 -28.91 -1.45 -55.58
N ARG J 790 -29.26 -2.52 -56.28
CA ARG J 790 -30.36 -3.40 -55.89
C ARG J 790 -30.20 -3.98 -54.49
N PHE J 791 -28.99 -4.44 -54.17
CA PHE J 791 -28.67 -4.97 -52.85
C PHE J 791 -28.13 -3.83 -52.02
N CYS J 792 -28.38 -2.63 -52.52
CA CYS J 792 -27.96 -1.38 -51.89
C CYS J 792 -27.02 -1.49 -50.70
N ARG J 793 -25.74 -1.28 -51.01
CA ARG J 793 -24.62 -1.32 -50.08
C ARG J 793 -23.28 -1.32 -50.83
N ALA J 794 -23.18 -2.21 -51.82
CA ALA J 794 -21.99 -2.32 -52.65
C ALA J 794 -21.76 -1.00 -53.41
N PRO J 795 -20.91 -0.98 -54.46
CA PRO J 795 -20.75 0.30 -55.15
C PRO J 795 -21.95 0.71 -55.99
N ARG J 796 -21.69 1.56 -56.97
CA ARG J 796 -22.72 2.05 -57.85
C ARG J 796 -22.95 1.09 -58.99
N GLU J 797 -24.21 0.90 -59.38
CA GLU J 797 -24.53 -0.02 -60.46
C GLU J 797 -25.78 0.40 -61.21
N GLY J 798 -25.74 0.27 -62.52
CA GLY J 798 -26.90 0.64 -63.32
C GLY J 798 -26.61 1.64 -64.41
N HIS J 799 -27.52 2.59 -64.60
CA HIS J 799 -27.39 3.60 -65.63
C HIS J 799 -28.42 4.71 -65.41
N PRO J 800 -27.95 5.98 -65.34
CA PRO J 800 -28.83 7.13 -65.12
C PRO J 800 -30.13 7.00 -65.92
N TYR J 801 -31.25 7.01 -65.21
CA TYR J 801 -32.55 6.86 -65.85
C TYR J 801 -33.65 7.41 -64.96
N PRO J 802 -34.71 7.98 -65.55
CA PRO J 802 -35.80 8.53 -64.74
C PRO J 802 -36.38 7.44 -63.85
N GLN J 803 -36.15 7.56 -62.55
CA GLN J 803 -36.64 6.58 -61.58
C GLN J 803 -38.16 6.46 -61.60
N LEU J 804 -38.72 5.63 -60.71
CA LEU J 804 -40.16 5.39 -60.67
C LEU J 804 -40.72 5.17 -59.26
N ALA J 805 -39.94 4.54 -58.39
CA ALA J 805 -40.39 4.28 -57.04
C ALA J 805 -40.84 5.55 -56.33
N LEU J 806 -41.67 5.37 -55.31
CA LEU J 806 -42.17 6.49 -54.52
C LEU J 806 -42.95 7.48 -55.37
N PRO J 807 -44.28 7.38 -55.37
CA PRO J 807 -45.14 8.27 -56.13
C PRO J 807 -45.25 9.65 -55.49
N PRO J 808 -45.39 10.70 -56.32
CA PRO J 808 -45.51 12.07 -55.79
C PRO J 808 -46.69 12.26 -54.85
N HIS J 809 -46.47 13.10 -53.83
CA HIS J 809 -47.49 13.40 -52.83
C HIS J 809 -47.76 14.90 -52.80
N TRP J 810 -47.61 15.53 -53.95
CA TRP J 810 -47.83 16.96 -54.10
C TRP J 810 -47.58 17.33 -55.55
N ASP J 811 -47.69 18.62 -55.87
CA ASP J 811 -47.47 19.10 -57.23
C ASP J 811 -48.62 18.66 -58.14
N PRO J 812 -48.82 19.35 -59.27
CA PRO J 812 -49.91 18.99 -60.18
C PRO J 812 -49.89 17.52 -60.61
N ARG J 813 -48.73 16.87 -60.44
CA ARG J 813 -48.59 15.47 -60.82
C ARG J 813 -49.04 14.55 -59.69
N HIS J 814 -49.36 15.13 -58.53
CA HIS J 814 -49.79 14.38 -57.36
C HIS J 814 -50.95 13.44 -57.69
N ALA J 815 -50.86 12.20 -57.20
CA ALA J 815 -51.89 11.20 -57.40
C ALA J 815 -52.74 11.08 -56.14
N LEU J 816 -54.00 10.70 -56.29
CA LEU J 816 -54.90 10.54 -55.15
C LEU J 816 -54.29 9.66 -54.07
N ARG J 817 -54.25 10.18 -52.84
CA ARG J 817 -53.68 9.45 -51.71
C ARG J 817 -54.69 9.09 -50.63
N ASP J 818 -54.21 8.99 -49.39
CA ASP J 818 -55.04 8.65 -48.25
C ASP J 818 -54.28 8.90 -46.94
N PRO J 819 -54.92 9.60 -45.99
CA PRO J 819 -54.33 9.91 -44.68
C PRO J 819 -54.18 8.71 -43.77
N GLU J 820 -53.21 8.77 -42.86
CA GLU J 820 -52.95 7.68 -41.93
C GLU J 820 -52.36 8.25 -40.64
N ARG J 821 -53.07 8.06 -39.53
CA ARG J 821 -52.62 8.59 -38.25
C ARG J 821 -52.21 7.50 -37.24
N LYS J 822 -51.33 7.88 -36.32
CA LYS J 822 -50.85 6.98 -35.28
C LYS J 822 -50.04 7.78 -34.27
N PHE J 823 -49.47 7.11 -33.28
CA PHE J 823 -48.67 7.79 -32.26
C PHE J 823 -47.73 6.85 -31.52
N LEU J 824 -46.84 7.43 -30.74
CA LEU J 824 -45.88 6.66 -29.95
C LEU J 824 -45.75 7.28 -28.56
N CYS J 825 -45.58 6.42 -27.56
CA CYS J 825 -45.43 6.87 -26.18
C CYS J 825 -44.58 5.85 -25.45
N ASP J 826 -43.26 6.06 -25.47
CA ASP J 826 -42.32 5.15 -24.83
C ASP J 826 -42.02 5.48 -23.39
N ARG J 827 -41.20 4.64 -22.77
CA ARG J 827 -40.78 4.79 -21.37
C ARG J 827 -41.89 5.36 -20.50
N THR J 828 -43.12 4.90 -20.73
CA THR J 828 -44.28 5.37 -19.97
C THR J 828 -45.21 4.21 -19.63
N LEU J 829 -46.10 4.44 -18.68
CA LEU J 829 -47.06 3.42 -18.25
C LEU J 829 -48.48 3.96 -18.28
N TRP J 830 -49.37 3.20 -18.92
CA TRP J 830 -50.78 3.60 -19.00
C TRP J 830 -51.35 3.61 -17.58
N ARG J 831 -52.08 4.65 -17.24
CA ARG J 831 -52.67 4.76 -15.91
C ARG J 831 -54.19 4.80 -15.90
N ILE J 832 -54.77 4.24 -14.86
CA ILE J 832 -56.21 4.21 -14.69
C ILE J 832 -56.48 4.25 -13.19
N PRO J 833 -56.26 5.42 -12.56
CA PRO J 833 -56.47 5.58 -11.12
C PRO J 833 -57.84 5.10 -10.68
N PHE J 834 -57.92 4.58 -9.47
CA PHE J 834 -59.18 4.08 -8.93
C PHE J 834 -59.91 5.18 -8.17
N SER J 835 -60.10 6.32 -8.82
CA SER J 835 -60.80 7.44 -8.21
C SER J 835 -62.11 7.70 -8.94
N SER J 836 -63.06 8.32 -8.26
CA SER J 836 -64.35 8.62 -8.86
C SER J 836 -64.24 9.63 -9.99
N ASN J 837 -63.22 10.49 -9.91
CA ASN J 837 -63.00 11.50 -10.93
C ASN J 837 -61.65 11.36 -11.60
N PHE J 838 -60.98 10.24 -11.33
CA PHE J 838 -59.68 9.94 -11.91
C PHE J 838 -58.55 10.86 -11.44
N MET J 839 -58.89 11.88 -10.67
CA MET J 839 -57.88 12.81 -10.17
C MET J 839 -57.19 12.25 -8.92
N SER J 840 -56.03 12.80 -8.61
CA SER J 840 -55.26 12.36 -7.44
C SER J 840 -55.51 13.32 -6.28
N MET J 841 -56.32 12.88 -5.33
CA MET J 841 -56.64 13.70 -4.18
C MET J 841 -56.07 13.08 -2.91
N GLY J 842 -54.99 12.32 -3.08
CA GLY J 842 -54.36 11.68 -1.94
C GLY J 842 -53.97 10.26 -2.28
N SER J 843 -52.95 9.74 -1.60
CA SER J 843 -52.48 8.38 -1.84
C SER J 843 -53.65 7.41 -1.72
N LEU J 844 -54.38 7.51 -0.61
CA LEU J 844 -55.54 6.65 -0.37
C LEU J 844 -56.76 7.26 -1.04
N THR J 845 -57.02 6.85 -2.28
CA THR J 845 -58.14 7.35 -3.05
C THR J 845 -59.46 7.29 -2.28
N ASP J 846 -60.47 7.96 -2.82
CA ASP J 846 -61.79 7.98 -2.20
C ASP J 846 -62.48 6.63 -2.35
N LEU J 847 -62.43 6.09 -3.57
CA LEU J 847 -63.04 4.80 -3.85
C LEU J 847 -62.31 3.72 -3.06
N GLY J 848 -61.01 3.88 -2.90
CA GLY J 848 -60.24 2.90 -2.16
C GLY J 848 -60.59 2.93 -0.68
N GLN J 849 -61.52 3.80 -0.32
CA GLN J 849 -61.93 3.92 1.07
C GLN J 849 -63.44 3.81 1.19
N ASN J 850 -64.09 3.46 0.08
CA ASN J 850 -65.54 3.32 0.04
C ASN J 850 -65.95 1.99 0.68
N LEU J 851 -67.04 2.01 1.45
CA LEU J 851 -67.53 0.81 2.13
C LEU J 851 -67.84 -0.36 1.20
N LEU J 852 -68.38 -0.05 0.02
CA LEU J 852 -68.73 -1.08 -0.95
C LEU J 852 -67.59 -2.07 -1.21
N TYR J 853 -66.35 -1.64 -1.00
CA TYR J 853 -65.19 -2.49 -1.23
C TYR J 853 -64.55 -3.04 0.04
N ALA J 854 -64.53 -2.23 1.09
CA ALA J 854 -63.94 -2.65 2.36
C ALA J 854 -64.83 -3.63 3.12
N ASN J 855 -66.14 -3.53 2.88
CA ASN J 855 -67.10 -4.39 3.55
C ASN J 855 -67.14 -5.80 2.96
N ALA J 856 -67.43 -5.89 1.67
CA ALA J 856 -67.51 -7.19 1.01
C ALA J 856 -66.42 -7.35 -0.05
N ALA J 857 -66.15 -8.61 -0.40
CA ALA J 857 -65.13 -8.92 -1.41
C ALA J 857 -65.77 -9.10 -2.77
N HIS J 858 -65.03 -8.79 -3.82
CA HIS J 858 -65.53 -8.90 -5.18
C HIS J 858 -64.56 -9.66 -6.08
N ALA J 859 -64.93 -9.80 -7.34
CA ALA J 859 -64.10 -10.49 -8.33
C ALA J 859 -63.83 -9.52 -9.47
N LEU J 860 -62.60 -9.54 -9.99
CA LEU J 860 -62.23 -8.64 -11.08
C LEU J 860 -61.95 -9.40 -12.36
N ASP J 861 -62.27 -8.77 -13.49
CA ASP J 861 -62.06 -9.37 -14.80
C ASP J 861 -61.76 -8.29 -15.83
N MET J 862 -60.55 -8.32 -16.37
CA MET J 862 -60.15 -7.34 -17.37
C MET J 862 -59.92 -8.00 -18.73
N THR J 863 -60.25 -7.28 -19.79
CA THR J 863 -60.08 -7.79 -21.15
C THR J 863 -59.31 -6.78 -21.99
N PHE J 864 -58.06 -7.12 -22.34
CA PHE J 864 -57.23 -6.23 -23.12
C PHE J 864 -57.17 -6.63 -24.59
N GLU J 865 -57.58 -5.71 -25.46
CA GLU J 865 -57.56 -5.94 -26.89
C GLU J 865 -56.37 -5.16 -27.44
N MET J 866 -55.40 -5.87 -28.02
CA MET J 866 -54.21 -5.22 -28.55
C MET J 866 -53.86 -5.66 -29.96
N ASP J 867 -52.95 -4.92 -30.60
CA ASP J 867 -52.52 -5.23 -31.95
C ASP J 867 -51.73 -6.52 -31.98
N PRO J 868 -51.92 -7.34 -33.02
CA PRO J 868 -51.22 -8.62 -33.17
C PRO J 868 -49.74 -8.46 -33.52
N ILE J 869 -48.91 -9.24 -32.86
CA ILE J 869 -47.46 -9.21 -33.09
C ILE J 869 -46.97 -10.62 -33.40
N ASN J 870 -46.04 -10.74 -34.34
CA ASN J 870 -45.49 -12.03 -34.74
C ASN J 870 -44.45 -12.58 -33.78
N GLU J 871 -44.71 -12.47 -32.48
CA GLU J 871 -43.79 -12.98 -31.47
C GLU J 871 -44.41 -12.94 -30.07
N PRO J 872 -44.02 -13.88 -29.21
CA PRO J 872 -44.54 -13.97 -27.83
C PRO J 872 -44.30 -12.70 -27.03
N THR J 873 -45.36 -12.18 -26.42
CA THR J 873 -45.27 -10.98 -25.62
C THR J 873 -45.91 -11.20 -24.25
N LEU J 874 -45.94 -10.17 -23.42
CA LEU J 874 -46.52 -10.28 -22.08
C LEU J 874 -47.29 -9.03 -21.70
N LEU J 875 -48.34 -9.20 -20.92
CA LEU J 875 -49.18 -8.08 -20.47
C LEU J 875 -48.79 -7.69 -19.05
N TYR J 876 -47.85 -6.76 -18.93
CA TYR J 876 -47.37 -6.31 -17.63
C TYR J 876 -48.38 -5.41 -16.93
N VAL J 877 -49.05 -5.94 -15.91
CA VAL J 877 -50.04 -5.20 -15.15
C VAL J 877 -49.44 -4.74 -13.83
N LEU J 878 -49.97 -3.65 -13.28
CA LEU J 878 -49.46 -3.11 -12.01
C LEU J 878 -50.58 -2.67 -11.08
N PHE J 879 -51.02 -3.58 -10.20
CA PHE J 879 -52.07 -3.26 -9.26
C PHE J 879 -51.50 -2.37 -8.15
N GLU J 880 -51.54 -1.07 -8.39
CA GLU J 880 -51.02 -0.11 -7.42
C GLU J 880 -51.66 -0.37 -6.05
N VAL J 881 -50.81 -0.57 -5.05
CA VAL J 881 -51.28 -0.84 -3.69
C VAL J 881 -50.45 -0.10 -2.67
N PHE J 882 -50.56 -0.51 -1.41
CA PHE J 882 -49.83 0.10 -0.31
C PHE J 882 -48.82 -0.88 0.26
N ASP J 883 -47.58 -0.78 -0.19
CA ASP J 883 -46.51 -1.65 0.29
C ASP J 883 -45.73 -0.89 1.35
N VAL J 884 -46.22 -0.94 2.59
CA VAL J 884 -45.57 -0.23 3.69
C VAL J 884 -45.05 -1.19 4.75
N ALA J 885 -44.02 -0.76 5.46
CA ALA J 885 -43.41 -1.57 6.51
C ALA J 885 -42.85 -0.70 7.62
N ARG J 886 -43.17 -1.05 8.87
CA ARG J 886 -42.67 -0.32 10.03
C ARG J 886 -41.48 -1.05 10.64
N VAL J 887 -40.48 -0.28 11.05
CA VAL J 887 -39.29 -0.84 11.67
C VAL J 887 -39.22 -0.47 13.15
N HIS J 888 -39.19 -1.48 13.99
CA HIS J 888 -39.15 -1.27 15.43
C HIS J 888 -37.85 -1.78 16.03
N GLN J 889 -37.15 -0.91 16.74
CA GLN J 889 -35.88 -1.27 17.37
C GLN J 889 -35.94 -1.04 18.88
N PRO J 890 -36.38 -2.07 19.63
CA PRO J 890 -36.50 -1.99 21.09
C PRO J 890 -35.16 -1.95 21.82
N HIS J 891 -34.31 -2.95 21.57
CA HIS J 891 -33.01 -3.02 22.23
C HIS J 891 -31.81 -3.01 21.28
N ARG J 892 -30.62 -3.00 21.87
CA ARG J 892 -29.37 -2.99 21.12
C ARG J 892 -29.27 -4.25 20.25
N GLY J 893 -28.98 -4.05 18.97
CA GLY J 893 -28.85 -5.17 18.06
C GLY J 893 -30.11 -6.00 17.92
N VAL J 894 -31.25 -5.34 17.74
CA VAL J 894 -32.53 -6.03 17.58
C VAL J 894 -33.44 -5.26 16.63
N ILE J 895 -33.68 -5.84 15.46
CA ILE J 895 -34.54 -5.20 14.46
C ILE J 895 -35.80 -6.00 14.19
N GLU J 896 -36.94 -5.42 14.54
CA GLU J 896 -38.23 -6.06 14.33
C GLU J 896 -39.02 -5.24 13.31
N VAL J 897 -39.31 -5.83 12.16
CA VAL J 897 -40.05 -5.14 11.12
C VAL J 897 -41.40 -5.81 10.86
N VAL J 898 -42.37 -5.03 10.40
CA VAL J 898 -43.70 -5.55 10.10
C VAL J 898 -44.19 -5.03 8.76
N TYR J 899 -44.18 -5.90 7.75
CA TYR J 899 -44.63 -5.52 6.41
C TYR J 899 -46.14 -5.61 6.30
N LEU J 900 -46.68 -5.01 5.25
CA LEU J 900 -48.12 -5.03 5.01
C LEU J 900 -48.48 -4.44 3.66
N ARG J 901 -48.79 -5.29 2.70
CA ARG J 901 -49.16 -4.86 1.36
C ARG J 901 -50.63 -5.15 1.12
N THR J 902 -51.46 -4.12 1.20
CA THR J 902 -52.90 -4.27 0.98
C THR J 902 -53.38 -3.38 -0.15
N PRO J 903 -54.16 -3.93 -1.09
CA PRO J 903 -54.60 -5.33 -1.17
C PRO J 903 -53.46 -6.27 -1.52
N PHE J 904 -53.80 -7.50 -1.91
CA PHE J 904 -52.80 -8.49 -2.27
C PHE J 904 -51.79 -8.72 -1.15
N SER J 905 -52.28 -9.09 0.02
CA SER J 905 -51.41 -9.34 1.17
C SER J 905 -50.33 -10.36 0.85
N ALA J 906 -50.75 -11.56 0.47
CA ALA J 906 -49.81 -12.63 0.12
C ALA J 906 -50.37 -13.46 -1.02
N GLY J 907 -50.42 -12.86 -2.20
CA GLY J 907 -50.95 -13.56 -3.37
C GLY J 907 -52.46 -13.61 -3.31
N ASN J 908 -53.07 -14.28 -4.28
CA ASN J 908 -54.52 -14.40 -4.34
C ASN J 908 -54.96 -15.84 -4.55
N ALA J 909 -55.84 -16.32 -3.68
CA ALA J 909 -56.36 -17.68 -3.76
C ALA J 909 -57.65 -17.81 -2.96
N THR J 910 -57.61 -17.57 -1.73
N LEU K 7 -58.69 1.94 9.68
CA LEU K 7 -58.79 0.96 10.80
C LEU K 7 -57.41 0.70 11.41
N PRO K 8 -57.37 0.17 12.65
CA PRO K 8 -56.14 -0.13 13.38
C PRO K 8 -55.04 -0.78 12.55
N GLN K 9 -55.42 -1.37 11.42
CA GLN K 9 -54.45 -2.00 10.54
C GLN K 9 -53.70 -0.93 9.77
N TRP K 10 -54.42 0.08 9.30
CA TRP K 10 -53.81 1.17 8.56
C TRP K 10 -53.18 2.18 9.51
N SER K 11 -53.93 2.55 10.54
CA SER K 11 -53.46 3.51 11.54
C SER K 11 -52.08 3.14 12.05
N TYR K 12 -51.83 1.85 12.23
CA TYR K 12 -50.54 1.40 12.71
C TYR K 12 -49.48 1.58 11.64
N MET K 13 -49.82 1.17 10.41
CA MET K 13 -48.89 1.28 9.29
C MET K 13 -48.88 2.70 8.71
N HIS K 14 -49.63 3.59 9.34
CA HIS K 14 -49.71 4.98 8.91
C HIS K 14 -50.26 5.14 7.49
N ILE K 15 -51.00 4.14 7.03
CA ILE K 15 -51.59 4.21 5.69
C ILE K 15 -52.60 5.35 5.71
N ALA K 16 -53.12 5.64 6.89
CA ALA K 16 -54.09 6.71 7.09
C ALA K 16 -54.10 7.13 8.55
N GLY K 17 -54.36 8.40 8.79
CA GLY K 17 -54.39 8.90 10.16
C GLY K 17 -53.54 10.14 10.37
N GLN K 18 -53.09 10.35 11.60
CA GLN K 18 -52.25 11.50 11.94
C GLN K 18 -50.91 11.45 11.21
N ASP K 19 -50.22 12.59 11.19
CA ASP K 19 -48.92 12.70 10.53
C ASP K 19 -47.78 12.51 11.52
N ALA K 20 -46.57 12.39 10.98
CA ALA K 20 -45.38 12.21 11.81
C ALA K 20 -45.30 13.29 12.90
N SER K 21 -45.64 14.52 12.54
CA SER K 21 -45.62 15.63 13.48
C SER K 21 -46.68 15.50 14.55
N GLU K 22 -47.33 14.33 14.60
CA GLU K 22 -48.38 14.11 15.58
C GLU K 22 -48.26 12.74 16.25
N TYR K 23 -48.00 11.70 15.47
CA TYR K 23 -47.87 10.36 16.02
C TYR K 23 -46.49 10.13 16.62
N LEU K 24 -45.59 11.09 16.44
CA LEU K 24 -44.24 10.99 16.97
C LEU K 24 -44.15 11.76 18.28
N SER K 25 -43.12 11.43 19.08
CA SER K 25 -42.92 12.11 20.36
C SER K 25 -42.49 13.55 20.10
N PRO K 26 -43.17 14.50 20.75
CA PRO K 26 -42.88 15.94 20.60
C PRO K 26 -41.39 16.24 20.54
N GLY K 27 -40.62 15.60 21.41
CA GLY K 27 -39.18 15.83 21.42
C GLY K 27 -38.50 15.53 20.09
N LEU K 28 -38.74 14.34 19.57
CA LEU K 28 -38.15 13.92 18.30
C LEU K 28 -38.56 14.83 17.15
N VAL K 29 -39.80 15.31 17.19
CA VAL K 29 -40.31 16.18 16.13
C VAL K 29 -39.43 17.42 15.96
N GLN K 30 -39.42 18.27 16.97
CA GLN K 30 -38.62 19.50 16.93
C GLN K 30 -37.15 19.24 16.61
N PHE K 31 -36.63 18.11 17.10
CA PHE K 31 -35.23 17.76 16.85
C PHE K 31 -34.95 17.75 15.36
N ALA K 32 -35.79 17.06 14.60
CA ALA K 32 -35.64 16.97 13.16
C ALA K 32 -35.71 18.36 12.53
N GLN K 33 -36.70 19.13 12.97
CA GLN K 33 -36.88 20.48 12.46
C GLN K 33 -35.64 21.34 12.67
N ALA K 34 -34.96 21.10 13.78
CA ALA K 34 -33.74 21.85 14.11
C ALA K 34 -32.54 21.37 13.29
N THR K 35 -32.44 20.06 13.12
CA THR K 35 -31.34 19.47 12.37
C THR K 35 -31.66 19.39 10.88
N GLU K 36 -32.62 20.19 10.43
CA GLU K 36 -33.01 20.20 9.03
C GLU K 36 -31.92 20.82 8.15
N SER K 37 -30.69 20.73 8.62
CA SER K 37 -29.55 21.26 7.89
C SER K 37 -28.48 20.20 7.67
N TYR K 38 -27.92 19.71 8.77
CA TYR K 38 -26.89 18.69 8.72
C TYR K 38 -27.46 17.27 8.70
N PHE K 39 -28.11 16.87 9.78
CA PHE K 39 -28.68 15.52 9.85
C PHE K 39 -30.19 15.55 9.66
N ASN K 40 -30.65 14.88 8.61
CA ASN K 40 -32.08 14.83 8.30
C ASN K 40 -32.69 13.47 8.64
N ILE K 41 -33.88 13.49 9.20
CA ILE K 41 -34.58 12.27 9.57
C ILE K 41 -36.06 12.38 9.22
N GLY K 42 -36.37 13.30 8.31
CA GLY K 42 -37.75 13.51 7.90
C GLY K 42 -38.29 12.46 6.94
N ASN K 43 -37.39 11.79 6.24
CA ASN K 43 -37.78 10.76 5.28
C ASN K 43 -37.98 9.42 5.99
N LYS K 44 -37.46 9.34 7.22
CA LYS K 44 -37.56 8.13 8.01
C LYS K 44 -38.98 7.88 8.52
N PHE K 45 -39.77 8.95 8.59
CA PHE K 45 -41.15 8.84 9.05
C PHE K 45 -42.12 9.17 7.92
N ARG K 46 -43.06 8.27 7.67
CA ARG K 46 -44.05 8.46 6.62
C ARG K 46 -45.27 9.25 7.09
N ASN K 47 -45.78 10.10 6.20
CA ASN K 47 -46.94 10.93 6.47
C ASN K 47 -48.10 10.47 5.59
N PRO K 48 -49.19 9.97 6.19
CA PRO K 48 -50.35 9.51 5.42
C PRO K 48 -51.12 10.63 4.74
N THR K 49 -51.62 10.35 3.55
CA THR K 49 -52.39 11.32 2.78
C THR K 49 -53.69 10.67 2.30
N VAL K 50 -54.77 10.94 3.01
CA VAL K 50 -56.08 10.38 2.66
C VAL K 50 -56.90 11.37 1.85
N ALA K 51 -57.74 10.85 0.96
CA ALA K 51 -58.60 11.67 0.13
C ALA K 51 -60.01 11.71 0.71
N PRO K 52 -60.78 12.76 0.39
CA PRO K 52 -62.15 12.89 0.90
C PRO K 52 -63.09 11.82 0.35
N THR K 53 -64.05 11.39 1.17
CA THR K 53 -64.99 10.35 0.76
C THR K 53 -66.44 10.82 0.76
N HIS K 54 -66.65 12.12 0.53
CA HIS K 54 -67.99 12.68 0.51
C HIS K 54 -67.93 14.18 0.17
N ASP K 55 -69.00 14.68 -0.44
CA ASP K 55 -69.07 16.08 -0.82
C ASP K 55 -68.01 16.44 -1.84
N VAL K 56 -67.70 15.50 -2.73
CA VAL K 56 -66.70 15.72 -3.76
C VAL K 56 -67.22 15.21 -5.10
N THR K 57 -67.43 13.91 -5.19
CA THR K 57 -67.93 13.31 -6.43
C THR K 57 -69.34 12.76 -6.24
N THR K 58 -70.10 12.71 -7.33
CA THR K 58 -71.46 12.20 -7.28
C THR K 58 -71.50 10.69 -7.45
N GLU K 59 -72.53 10.07 -6.89
CA GLU K 59 -72.68 8.61 -6.98
C GLU K 59 -73.55 8.21 -8.16
N ARG K 60 -74.49 9.08 -8.54
CA ARG K 60 -75.37 8.79 -9.67
C ARG K 60 -74.68 8.93 -11.01
N SER K 61 -75.20 8.23 -12.01
CA SER K 61 -74.66 8.26 -13.36
C SER K 61 -74.59 9.69 -13.89
N GLN K 62 -73.57 9.96 -14.70
CA GLN K 62 -73.38 11.30 -15.28
C GLN K 62 -72.13 11.34 -16.16
N ARG K 63 -72.29 11.77 -17.40
CA ARG K 63 -71.17 11.88 -18.34
C ARG K 63 -70.09 12.83 -17.84
N LEU K 64 -68.87 12.62 -18.31
CA LEU K 64 -67.74 13.47 -17.92
C LEU K 64 -67.59 14.58 -18.96
N GLN K 65 -67.84 14.23 -20.21
CA GLN K 65 -67.74 15.19 -21.31
C GLN K 65 -68.82 14.92 -22.35
N LEU K 66 -69.71 15.89 -22.54
CA LEU K 66 -70.78 15.76 -23.51
C LEU K 66 -70.36 16.22 -24.89
N ARG K 67 -71.15 15.87 -25.89
CA ARG K 67 -70.88 16.25 -27.27
C ARG K 67 -72.14 16.87 -27.85
N PHE K 68 -72.01 18.08 -28.38
CA PHE K 68 -73.16 18.78 -28.95
C PHE K 68 -73.11 18.90 -30.47
N VAL K 69 -74.28 18.76 -31.09
CA VAL K 69 -74.38 18.86 -32.55
C VAL K 69 -75.06 20.16 -32.95
N PRO K 70 -74.59 20.77 -34.05
CA PRO K 70 -75.13 22.04 -34.55
C PRO K 70 -76.64 22.00 -34.79
N VAL K 71 -77.35 22.92 -34.16
CA VAL K 71 -78.81 23.00 -34.31
C VAL K 71 -79.11 23.77 -35.58
N ASP K 72 -78.08 24.41 -36.13
CA ASP K 72 -78.21 25.18 -37.36
C ASP K 72 -76.81 25.55 -37.85
N ARG K 73 -76.58 25.34 -39.15
CA ARG K 73 -75.29 25.64 -39.75
C ARG K 73 -75.43 26.20 -41.16
N GLU K 74 -74.74 27.31 -41.39
CA GLU K 74 -74.78 27.99 -42.69
C GLU K 74 -73.39 28.03 -43.33
N ASP K 75 -73.26 27.39 -44.48
CA ASP K 75 -71.98 27.37 -45.19
C ASP K 75 -71.95 28.47 -46.25
N THR K 76 -71.41 29.62 -45.86
CA THR K 76 -71.30 30.76 -46.77
C THR K 76 -70.08 30.58 -47.68
N GLN K 77 -70.05 31.35 -48.76
CA GLN K 77 -68.97 31.28 -49.73
C GLN K 77 -67.59 31.50 -49.12
N TYR K 78 -67.52 32.27 -48.04
CA TYR K 78 -66.25 32.56 -47.38
C TYR K 78 -66.32 32.54 -45.86
N SER K 79 -67.36 31.92 -45.32
CA SER K 79 -67.52 31.83 -43.87
C SER K 79 -68.42 30.67 -43.51
N TYR K 80 -68.25 30.16 -42.29
CA TYR K 80 -69.04 29.04 -41.82
C TYR K 80 -69.56 29.35 -40.42
N LYS K 81 -70.88 29.34 -40.26
CA LYS K 81 -71.49 29.65 -38.98
C LYS K 81 -72.33 28.49 -38.46
N THR K 82 -72.19 28.21 -37.16
CA THR K 82 -72.94 27.14 -36.52
C THR K 82 -73.36 27.55 -35.12
N ARG K 83 -74.59 27.19 -34.75
CA ARG K 83 -75.11 27.52 -33.43
C ARG K 83 -75.43 26.25 -32.64
N PHE K 84 -75.00 26.23 -31.39
CA PHE K 84 -75.24 25.09 -30.52
C PHE K 84 -76.08 25.52 -29.33
N GLN K 85 -76.77 24.56 -28.71
CA GLN K 85 -77.60 24.86 -27.55
C GLN K 85 -76.97 24.32 -26.28
N LEU K 86 -75.73 24.74 -26.03
CA LEU K 86 -74.98 24.32 -24.85
C LEU K 86 -75.88 24.29 -23.62
N ALA K 87 -76.24 23.09 -23.19
CA ALA K 87 -77.11 22.92 -22.02
C ALA K 87 -76.36 22.37 -20.82
N VAL K 88 -76.37 23.11 -19.73
CA VAL K 88 -75.70 22.71 -18.50
C VAL K 88 -76.72 22.12 -17.53
N GLY K 89 -76.77 20.79 -17.48
CA GLY K 89 -77.70 20.12 -16.59
C GLY K 89 -77.68 20.68 -15.18
N ASP K 90 -78.76 20.50 -14.45
CA ASP K 90 -78.86 21.00 -13.08
C ASP K 90 -77.82 20.32 -12.19
N ASN K 91 -77.48 20.98 -11.08
CA ASN K 91 -76.50 20.43 -10.15
C ASN K 91 -75.14 20.22 -10.80
N ARG K 92 -74.89 20.95 -11.88
CA ARG K 92 -73.62 20.84 -12.59
C ARG K 92 -73.00 22.21 -12.80
N VAL K 93 -71.70 22.23 -13.09
CA VAL K 93 -70.98 23.47 -13.34
C VAL K 93 -69.99 23.26 -14.48
N LEU K 94 -70.11 24.07 -15.52
CA LEU K 94 -69.22 23.95 -16.67
C LEU K 94 -68.18 25.07 -16.72
N ASP K 95 -66.93 24.68 -16.93
CA ASP K 95 -65.83 25.62 -17.02
C ASP K 95 -65.41 25.75 -18.47
N MET K 96 -65.91 26.79 -19.14
CA MET K 96 -65.61 27.05 -20.54
C MET K 96 -64.24 26.58 -20.99
N ALA K 97 -63.22 26.83 -20.18
CA ALA K 97 -61.86 26.44 -20.52
C ALA K 97 -61.77 25.00 -21.01
N SER K 98 -62.69 24.15 -20.56
CA SER K 98 -62.69 22.75 -20.94
C SER K 98 -63.50 22.48 -22.21
N THR K 99 -63.94 23.54 -22.87
CA THR K 99 -64.72 23.42 -24.09
C THR K 99 -63.89 23.81 -25.31
N TYR K 100 -64.18 23.16 -26.44
CA TYR K 100 -63.47 23.44 -27.68
C TYR K 100 -64.30 22.97 -28.87
N PHE K 101 -63.95 23.44 -30.06
CA PHE K 101 -64.67 23.06 -31.27
C PHE K 101 -63.96 21.99 -32.06
N ASP K 102 -64.56 20.81 -32.14
CA ASP K 102 -64.00 19.69 -32.88
C ASP K 102 -64.35 19.86 -34.35
N ILE K 103 -63.35 20.17 -35.16
CA ILE K 103 -63.56 20.37 -36.59
C ILE K 103 -63.00 19.24 -37.44
N ARG K 104 -63.75 18.86 -38.47
CA ARG K 104 -63.35 17.80 -39.39
C ARG K 104 -63.60 18.27 -40.83
N GLY K 105 -62.68 17.94 -41.73
CA GLY K 105 -62.85 18.35 -43.11
C GLY K 105 -61.70 17.96 -44.02
N THR K 106 -61.78 18.38 -45.27
CA THR K 106 -60.75 18.08 -46.26
C THR K 106 -59.91 19.32 -46.56
N LEU K 107 -58.62 19.11 -46.77
CA LEU K 107 -57.70 20.21 -47.06
C LEU K 107 -56.90 19.96 -48.33
N ASP K 108 -56.66 21.01 -49.09
CA ASP K 108 -55.90 20.92 -50.33
C ASP K 108 -54.77 21.95 -50.31
N ARG K 109 -53.61 21.55 -49.82
CA ARG K 109 -52.45 22.44 -49.74
C ARG K 109 -52.08 23.04 -51.08
N GLY K 110 -52.73 22.57 -52.15
CA GLY K 110 -52.43 23.08 -53.47
C GLY K 110 -51.20 22.42 -54.06
N ALA K 111 -50.79 22.87 -55.24
CA ALA K 111 -49.62 22.31 -55.90
C ALA K 111 -48.33 22.98 -55.43
N SER K 112 -48.49 24.08 -54.68
CA SER K 112 -47.35 24.82 -54.17
C SER K 112 -46.83 24.25 -52.86
N PHE K 113 -47.29 23.06 -52.50
CA PHE K 113 -46.88 22.43 -51.26
C PHE K 113 -45.70 21.47 -51.44
N LYS K 114 -44.54 21.86 -50.94
CA LYS K 114 -43.33 21.05 -51.03
C LYS K 114 -42.69 20.98 -49.64
N PRO K 115 -43.13 20.01 -48.82
CA PRO K 115 -42.61 19.83 -47.46
C PRO K 115 -41.19 19.29 -47.34
N TYR K 116 -40.27 19.81 -48.14
CA TYR K 116 -38.89 19.35 -48.08
C TYR K 116 -37.97 20.05 -49.06
N SER K 117 -36.67 19.93 -48.83
CA SER K 117 -35.66 20.54 -49.70
C SER K 117 -35.09 19.47 -50.62
N GLY K 118 -34.39 19.90 -51.66
CA GLY K 118 -33.79 18.96 -52.59
C GLY K 118 -34.80 18.24 -53.45
N THR K 119 -34.58 16.95 -53.67
CA THR K 119 -35.48 16.14 -54.48
C THR K 119 -35.59 14.73 -53.96
N ALA K 120 -36.54 13.99 -54.51
CA ALA K 120 -36.76 12.60 -54.13
C ALA K 120 -36.67 11.75 -55.39
N TYR K 121 -35.89 12.22 -56.35
CA TYR K 121 -35.72 11.53 -57.61
C TYR K 121 -34.28 11.70 -58.13
N ASN K 122 -33.46 10.67 -58.00
CA ASN K 122 -32.08 10.71 -58.46
C ASN K 122 -31.33 11.87 -57.78
N SER K 123 -31.41 11.92 -56.46
CA SER K 123 -30.76 12.97 -55.69
C SER K 123 -29.23 12.94 -55.78
N PHE K 124 -28.67 11.79 -56.15
CA PHE K 124 -27.22 11.67 -56.27
C PHE K 124 -26.79 11.89 -57.71
N ALA K 125 -27.77 12.05 -58.59
CA ALA K 125 -27.50 12.27 -60.00
C ALA K 125 -27.01 13.69 -60.23
N PRO K 126 -25.88 13.86 -60.91
CA PRO K 126 -25.33 15.20 -61.18
C PRO K 126 -26.42 16.10 -61.76
N LYS K 127 -26.51 17.32 -61.25
CA LYS K 127 -27.51 18.27 -61.71
C LYS K 127 -27.23 18.75 -63.13
N SER K 128 -26.54 17.92 -63.90
CA SER K 128 -26.19 18.25 -65.28
C SER K 128 -26.29 17.00 -66.15
N ALA K 129 -25.98 15.85 -65.55
CA ALA K 129 -26.02 14.58 -66.26
C ALA K 129 -27.44 14.23 -66.69
N PRO K 130 -27.65 14.04 -68.00
CA PRO K 130 -28.95 13.70 -68.57
C PRO K 130 -29.20 12.20 -68.56
N ASN K 131 -30.44 11.80 -68.86
CA ASN K 131 -30.79 10.39 -68.91
C ASN K 131 -30.46 9.86 -70.31
N ASN K 132 -31.02 8.70 -70.65
CA ASN K 132 -30.79 8.10 -71.96
C ASN K 132 -31.50 8.91 -73.04
N THR K 133 -30.90 10.02 -73.48
CA THR K 133 -31.53 10.83 -74.51
C THR K 133 -30.98 10.49 -75.88
N GLN K 134 -31.87 10.48 -76.86
CA GLN K 134 -31.50 10.18 -78.24
C GLN K 134 -31.71 11.46 -79.04
N PHE K 135 -30.81 12.42 -78.89
CA PHE K 135 -30.92 13.69 -79.60
C PHE K 135 -30.76 13.51 -81.11
N ARG K 136 -30.53 14.65 -81.76
CA ARG K 136 -30.34 14.74 -83.20
C ARG K 136 -29.06 15.51 -83.44
N GLN K 137 -28.31 15.10 -84.45
CA GLN K 137 -27.06 15.74 -84.77
C GLN K 137 -27.26 17.00 -85.60
N ALA K 138 -27.27 18.16 -84.93
CA ALA K 138 -27.44 19.47 -85.57
C ALA K 138 -28.25 19.51 -86.89
N ASN K 139 -29.17 18.57 -87.07
CA ASN K 139 -29.99 18.48 -88.28
C ASN K 139 -29.05 18.29 -89.48
N ASN K 140 -29.64 18.20 -90.67
CA ASN K 140 -28.93 18.00 -91.93
C ASN K 140 -29.60 16.77 -92.51
N GLY K 141 -28.89 15.65 -92.52
CA GLY K 141 -29.45 14.40 -93.01
C GLY K 141 -28.98 13.30 -92.09
N HIS K 142 -28.95 13.62 -90.80
CA HIS K 142 -28.49 12.74 -89.73
C HIS K 142 -29.60 12.44 -88.73
N PRO K 143 -30.51 11.51 -89.08
CA PRO K 143 -31.60 11.18 -88.17
C PRO K 143 -31.16 10.47 -86.89
N ALA K 144 -31.78 10.87 -85.78
CA ALA K 144 -31.49 10.27 -84.49
C ALA K 144 -30.03 10.29 -84.08
N GLN K 145 -29.75 9.83 -82.87
CA GLN K 145 -28.40 9.79 -82.32
C GLN K 145 -28.48 9.38 -80.85
N THR K 146 -27.92 8.23 -80.52
CA THR K 146 -27.97 7.75 -79.14
C THR K 146 -26.76 8.08 -78.26
N ILE K 147 -27.06 8.38 -77.01
CA ILE K 147 -26.06 8.70 -75.99
C ILE K 147 -26.55 8.01 -74.72
N ALA K 148 -25.84 6.96 -74.31
CA ALA K 148 -26.25 6.24 -73.12
C ALA K 148 -25.15 5.40 -72.46
N GLN K 149 -25.41 4.11 -72.31
CA GLN K 149 -24.49 3.20 -71.67
C GLN K 149 -25.16 1.85 -71.41
N ALA K 150 -24.57 0.78 -71.91
CA ALA K 150 -25.13 -0.55 -71.71
C ALA K 150 -24.42 -1.19 -70.52
N SER K 151 -25.07 -1.15 -69.35
CA SER K 151 -24.48 -1.71 -68.14
C SER K 151 -25.36 -2.80 -67.55
N TYR K 152 -25.26 -4.01 -68.10
CA TYR K 152 -26.04 -5.14 -67.61
C TYR K 152 -25.13 -6.31 -67.27
N VAL K 153 -25.51 -7.05 -66.22
CA VAL K 153 -24.74 -8.20 -65.77
C VAL K 153 -24.38 -9.14 -66.91
N ALA K 154 -23.10 -9.15 -67.28
CA ALA K 154 -22.60 -10.00 -68.34
C ALA K 154 -23.47 -10.05 -69.59
N THR K 155 -24.22 -11.16 -69.71
CA THR K 155 -25.11 -11.46 -70.84
C THR K 155 -24.48 -12.43 -71.82
N ILE K 156 -24.78 -13.71 -71.69
CA ILE K 156 -24.21 -14.72 -72.56
C ILE K 156 -24.03 -14.24 -74.00
N GLY K 157 -25.16 -13.95 -74.66
CA GLY K 157 -25.10 -13.49 -76.02
C GLY K 157 -26.13 -12.46 -76.40
N GLY K 158 -26.39 -12.35 -77.70
CA GLY K 158 -27.38 -11.40 -78.18
C GLY K 158 -27.77 -11.67 -79.63
N ALA K 159 -28.96 -12.23 -79.82
CA ALA K 159 -29.47 -12.55 -81.15
C ALA K 159 -30.64 -11.65 -81.54
N ASN K 160 -31.22 -11.93 -82.71
CA ASN K 160 -32.37 -11.18 -83.22
C ASN K 160 -33.43 -11.01 -82.14
N ASN K 161 -33.58 -12.05 -81.33
CA ASN K 161 -34.54 -12.05 -80.24
C ASN K 161 -34.25 -10.86 -79.33
N ASP K 162 -33.04 -10.85 -78.75
CA ASP K 162 -32.62 -9.78 -77.86
C ASP K 162 -31.44 -10.18 -76.98
N LEU K 163 -31.34 -9.54 -75.82
CA LEU K 163 -30.28 -9.79 -74.86
C LEU K 163 -30.55 -11.08 -74.09
N GLN K 164 -29.68 -12.07 -74.26
CA GLN K 164 -29.84 -13.35 -73.59
C GLN K 164 -29.45 -13.26 -72.11
N MET K 165 -30.39 -13.61 -71.23
CA MET K 165 -30.16 -13.56 -69.79
C MET K 165 -29.77 -14.93 -69.23
N GLY K 166 -29.64 -15.91 -70.12
CA GLY K 166 -29.28 -17.25 -69.68
C GLY K 166 -29.87 -18.32 -70.59
N VAL K 167 -30.25 -19.44 -70.01
CA VAL K 167 -30.82 -20.55 -70.76
C VAL K 167 -32.12 -21.07 -70.14
N ASP K 168 -32.93 -20.16 -69.62
CA ASP K 168 -34.20 -20.49 -68.99
C ASP K 168 -34.24 -21.94 -68.52
N GLU K 169 -33.35 -22.27 -67.60
CA GLU K 169 -33.24 -23.62 -67.04
C GLU K 169 -33.26 -24.72 -68.10
N ARG K 170 -32.08 -25.29 -68.37
CA ARG K 170 -31.87 -26.38 -69.32
C ARG K 170 -31.15 -25.95 -70.60
N GLN K 171 -31.66 -26.40 -71.74
CA GLN K 171 -31.05 -26.11 -73.04
C GLN K 171 -31.52 -24.83 -73.73
N LEU K 172 -32.82 -24.55 -73.66
CA LEU K 172 -33.38 -23.35 -74.30
C LEU K 172 -32.90 -22.03 -73.69
N PRO K 173 -32.18 -21.22 -74.50
CA PRO K 173 -31.66 -19.91 -74.08
C PRO K 173 -32.78 -18.90 -73.78
N VAL K 174 -32.76 -18.33 -72.59
CA VAL K 174 -33.77 -17.35 -72.20
C VAL K 174 -33.37 -15.93 -72.63
N TYR K 175 -34.37 -15.13 -72.96
CA TYR K 175 -34.16 -13.75 -73.40
C TYR K 175 -34.83 -12.75 -72.48
N ALA K 176 -34.18 -11.61 -72.27
CA ALA K 176 -34.70 -10.55 -71.42
C ALA K 176 -36.07 -10.07 -71.86
N ASN K 177 -36.96 -9.90 -70.90
CA ASN K 177 -38.32 -9.45 -71.18
C ASN K 177 -38.30 -7.94 -71.45
N THR K 178 -38.48 -7.59 -72.73
CA THR K 178 -38.48 -6.21 -73.19
C THR K 178 -39.12 -5.20 -72.23
N THR K 179 -40.28 -5.54 -71.69
CA THR K 179 -41.01 -4.65 -70.81
C THR K 179 -40.27 -4.11 -69.58
N TYR K 180 -39.22 -4.80 -69.14
CA TYR K 180 -38.48 -4.32 -67.97
C TYR K 180 -37.03 -4.75 -67.91
N GLN K 181 -36.63 -5.62 -68.83
CA GLN K 181 -35.25 -6.09 -68.86
C GLN K 181 -34.50 -5.57 -70.08
N PRO K 182 -33.24 -5.14 -69.89
CA PRO K 182 -32.54 -5.14 -68.60
C PRO K 182 -32.98 -4.00 -67.68
N GLU K 183 -32.79 -4.18 -66.38
CA GLU K 183 -33.18 -3.16 -65.41
C GLU K 183 -32.04 -2.20 -65.13
N PRO K 184 -32.29 -0.88 -65.25
CA PRO K 184 -31.29 0.18 -65.02
C PRO K 184 -30.72 0.16 -63.61
N GLN K 185 -30.95 -0.93 -62.89
CA GLN K 185 -30.45 -1.08 -61.52
C GLN K 185 -29.29 -2.06 -61.56
N LEU K 186 -29.48 -3.13 -62.32
CA LEU K 186 -28.48 -4.18 -62.47
C LEU K 186 -27.18 -3.72 -63.10
N GLY K 187 -26.19 -4.61 -63.10
CA GLY K 187 -24.89 -4.28 -63.67
C GLY K 187 -23.83 -5.19 -63.10
N ILE K 188 -22.62 -5.12 -63.65
CA ILE K 188 -21.50 -5.94 -63.19
C ILE K 188 -21.26 -5.68 -61.70
N GLU K 189 -20.66 -6.64 -61.02
CA GLU K 189 -20.39 -6.49 -59.59
C GLU K 189 -18.95 -6.03 -59.32
N GLY K 190 -18.05 -6.33 -60.24
CA GLY K 190 -16.66 -5.97 -60.06
C GLY K 190 -16.23 -4.60 -60.56
N TRP K 191 -15.53 -3.87 -59.70
CA TRP K 191 -15.03 -2.54 -60.04
C TRP K 191 -14.03 -2.65 -61.17
N THR K 192 -12.92 -3.36 -60.92
CA THR K 192 -11.91 -3.54 -61.95
C THR K 192 -12.16 -4.88 -62.62
N ALA K 193 -12.53 -5.88 -61.83
CA ALA K 193 -12.81 -7.20 -62.35
C ALA K 193 -13.89 -7.14 -63.42
N GLY K 194 -14.81 -6.20 -63.28
CA GLY K 194 -15.89 -6.06 -64.24
C GLY K 194 -15.48 -5.32 -65.50
N SER K 195 -14.68 -4.27 -65.33
CA SER K 195 -14.24 -3.46 -66.47
C SER K 195 -13.03 -4.07 -67.18
N MET K 196 -12.08 -4.57 -66.38
CA MET K 196 -10.86 -5.18 -66.91
C MET K 196 -11.17 -6.48 -67.66
N ALA K 197 -12.31 -7.08 -67.34
CA ALA K 197 -12.73 -8.32 -67.98
C ALA K 197 -13.36 -8.01 -69.33
N VAL K 198 -13.91 -6.80 -69.45
CA VAL K 198 -14.55 -6.36 -70.68
C VAL K 198 -15.87 -7.09 -70.90
N ILE K 199 -16.85 -6.40 -71.45
CA ILE K 199 -18.16 -6.99 -71.72
C ILE K 199 -18.38 -7.07 -73.23
N ASP K 200 -18.44 -8.28 -73.76
CA ASP K 200 -18.66 -8.47 -75.19
C ASP K 200 -20.11 -8.16 -75.53
N GLN K 201 -21.02 -8.68 -74.71
CA GLN K 201 -22.45 -8.46 -74.92
C GLN K 201 -23.01 -7.60 -73.78
N ALA K 202 -23.21 -6.31 -74.07
CA ALA K 202 -23.75 -5.38 -73.08
C ALA K 202 -25.18 -5.00 -73.46
N GLY K 203 -25.95 -4.56 -72.48
CA GLY K 203 -27.33 -4.18 -72.74
C GLY K 203 -27.80 -2.98 -71.94
N GLY K 204 -28.64 -2.15 -72.56
CA GLY K 204 -29.15 -0.98 -71.88
C GLY K 204 -30.56 -0.62 -72.32
N ARG K 205 -31.13 0.39 -71.67
CA ARG K 205 -32.48 0.84 -71.97
C ARG K 205 -32.40 2.34 -72.23
N VAL K 206 -33.00 2.80 -73.33
CA VAL K 206 -32.95 4.21 -73.67
C VAL K 206 -34.26 4.82 -74.19
N LEU K 207 -34.44 6.10 -73.94
CA LEU K 207 -35.62 6.83 -74.39
C LEU K 207 -35.36 7.34 -75.80
N ARG K 208 -36.39 7.41 -76.63
CA ARG K 208 -36.23 7.89 -78.00
C ARG K 208 -37.06 9.14 -78.29
N ASN K 209 -36.38 10.19 -78.75
CA ASN K 209 -36.98 11.47 -79.11
C ASN K 209 -37.80 12.22 -78.05
N PRO K 210 -37.49 12.05 -76.75
CA PRO K 210 -38.30 12.79 -75.77
C PRO K 210 -37.65 14.14 -75.48
N THR K 211 -38.37 15.02 -74.81
CA THR K 211 -37.83 16.34 -74.48
C THR K 211 -36.82 16.22 -73.34
N GLN K 212 -35.54 16.33 -73.69
CA GLN K 212 -34.46 16.23 -72.72
C GLN K 212 -34.72 16.99 -71.43
N THR K 213 -34.34 16.37 -70.32
CA THR K 213 -34.48 16.96 -69.00
C THR K 213 -33.40 16.33 -68.12
N PRO K 214 -32.70 17.16 -67.34
CA PRO K 214 -31.64 16.64 -66.48
C PRO K 214 -32.11 15.45 -65.65
N CYS K 215 -31.30 14.40 -65.61
CA CYS K 215 -31.64 13.20 -64.86
C CYS K 215 -32.04 13.55 -63.42
N TYR K 216 -31.54 14.69 -62.95
CA TYR K 216 -31.84 15.15 -61.60
C TYR K 216 -33.32 15.43 -61.41
N GLY K 217 -34.01 14.56 -60.70
CA GLY K 217 -35.42 14.74 -60.45
C GLY K 217 -36.33 14.23 -61.56
N SER K 218 -35.82 13.34 -62.39
CA SER K 218 -36.60 12.76 -63.48
C SER K 218 -37.51 11.67 -62.95
N TYR K 219 -38.79 11.75 -63.28
CA TYR K 219 -39.76 10.77 -62.82
C TYR K 219 -40.78 10.44 -63.90
N ALA K 220 -41.29 9.21 -63.85
CA ALA K 220 -42.28 8.74 -64.81
C ALA K 220 -43.20 7.76 -64.08
N LYS K 221 -44.38 7.51 -64.66
CA LYS K 221 -45.33 6.59 -64.05
C LYS K 221 -45.22 5.18 -64.62
N PRO K 222 -45.34 4.16 -63.77
CA PRO K 222 -45.26 2.75 -64.15
C PRO K 222 -46.42 2.30 -65.03
N THR K 223 -46.26 1.16 -65.69
CA THR K 223 -47.30 0.63 -66.56
C THR K 223 -47.48 -0.88 -66.43
N ASN K 224 -46.60 -1.54 -65.68
CA ASN K 224 -46.69 -2.98 -65.51
C ASN K 224 -46.27 -3.46 -64.14
N GLU K 225 -46.48 -4.76 -63.90
CA GLU K 225 -46.10 -5.40 -62.66
C GLU K 225 -44.58 -5.41 -62.62
N HIS K 226 -44.00 -5.20 -63.80
CA HIS K 226 -42.55 -5.17 -63.97
C HIS K 226 -42.05 -3.76 -63.66
N GLY K 227 -42.98 -2.85 -63.38
CA GLY K 227 -42.60 -1.49 -63.07
C GLY K 227 -42.31 -0.66 -64.30
N GLY K 228 -41.65 -1.25 -65.28
CA GLY K 228 -41.32 -0.56 -66.51
C GLY K 228 -42.26 0.57 -66.93
N ILE K 229 -41.69 1.61 -67.51
CA ILE K 229 -42.47 2.76 -67.97
C ILE K 229 -42.51 2.76 -69.50
N THR K 230 -43.12 1.71 -70.05
CA THR K 230 -43.23 1.56 -71.48
C THR K 230 -44.13 2.61 -72.13
N LYS K 231 -45.07 3.13 -71.35
CA LYS K 231 -46.01 4.15 -71.82
C LYS K 231 -47.10 3.62 -72.73
N ALA K 232 -48.00 4.52 -73.14
CA ALA K 232 -49.12 4.17 -74.01
C ALA K 232 -48.66 3.56 -75.32
N ASN K 233 -47.69 4.19 -75.98
CA ASN K 233 -47.18 3.68 -77.25
C ASN K 233 -46.61 2.28 -77.08
N THR K 234 -47.26 1.31 -77.73
CA THR K 234 -46.86 -0.08 -77.65
C THR K 234 -45.50 -0.36 -78.30
N GLN K 235 -45.07 0.51 -79.21
CA GLN K 235 -43.80 0.31 -79.89
C GLN K 235 -42.56 0.31 -79.00
N VAL K 236 -41.69 -0.65 -79.27
CA VAL K 236 -40.42 -0.82 -78.55
C VAL K 236 -39.44 -1.32 -79.60
N GLU K 237 -38.26 -0.71 -79.68
CA GLU K 237 -37.28 -1.12 -80.68
C GLU K 237 -35.94 -1.57 -80.12
N LYS K 238 -35.58 -2.82 -80.41
CA LYS K 238 -34.32 -3.39 -79.96
C LYS K 238 -33.26 -2.98 -80.97
N LYS K 239 -32.60 -1.85 -80.72
CA LYS K 239 -31.57 -1.35 -81.63
C LYS K 239 -30.21 -2.00 -81.37
N TYR K 240 -29.69 -2.67 -82.39
CA TYR K 240 -28.40 -3.37 -82.30
C TYR K 240 -27.26 -2.47 -82.78
N TYR K 241 -26.24 -2.34 -81.95
CA TYR K 241 -25.09 -1.51 -82.29
C TYR K 241 -23.80 -2.31 -82.36
N ARG K 242 -22.84 -1.81 -83.14
CA ARG K 242 -21.55 -2.48 -83.29
C ARG K 242 -20.47 -1.50 -82.86
N THR K 243 -19.24 -1.72 -83.33
CA THR K 243 -18.12 -0.86 -83.00
C THR K 243 -17.67 -0.11 -84.24
N GLY K 244 -18.07 -0.61 -85.40
CA GLY K 244 -17.70 0.03 -86.66
C GLY K 244 -17.08 -0.91 -87.68
N ASP K 245 -16.54 -2.03 -87.21
CA ASP K 245 -15.89 -2.99 -88.10
C ASP K 245 -16.20 -4.43 -87.72
N ASN K 246 -16.77 -4.61 -86.52
CA ASN K 246 -17.13 -5.94 -86.06
C ASN K 246 -18.57 -6.22 -86.47
N GLY K 247 -18.91 -7.50 -86.57
CA GLY K 247 -20.27 -7.84 -86.96
C GLY K 247 -20.95 -8.60 -85.85
N ASN K 248 -21.38 -7.89 -84.82
CA ASN K 248 -22.03 -8.54 -83.70
C ASN K 248 -22.61 -7.49 -82.76
N PRO K 249 -23.76 -7.78 -82.13
CA PRO K 249 -24.38 -6.83 -81.22
C PRO K 249 -23.66 -6.72 -79.87
N GLU K 250 -22.68 -5.82 -79.81
CA GLU K 250 -21.90 -5.61 -78.60
C GLU K 250 -22.74 -4.91 -77.54
N THR K 251 -23.78 -4.20 -78.00
CA THR K 251 -24.67 -3.47 -77.10
C THR K 251 -26.09 -3.38 -77.64
N VAL K 252 -27.03 -4.01 -76.93
CA VAL K 252 -28.43 -3.98 -77.32
C VAL K 252 -29.21 -2.96 -76.50
N PHE K 253 -30.00 -2.13 -77.17
CA PHE K 253 -30.79 -1.11 -76.49
C PHE K 253 -32.28 -1.24 -76.75
N TYR K 254 -33.07 -1.19 -75.68
CA TYR K 254 -34.52 -1.30 -75.79
C TYR K 254 -35.12 0.10 -75.65
N THR K 255 -35.20 0.81 -76.78
CA THR K 255 -35.76 2.16 -76.79
C THR K 255 -37.24 2.16 -76.40
N GLU K 256 -37.67 3.24 -75.75
CA GLU K 256 -39.04 3.37 -75.32
C GLU K 256 -39.37 4.82 -74.99
N GLU K 257 -40.67 5.11 -74.86
CA GLU K 257 -41.13 6.45 -74.52
C GLU K 257 -41.66 6.41 -73.10
N ALA K 258 -41.41 7.46 -72.34
CA ALA K 258 -41.86 7.52 -70.96
C ALA K 258 -42.65 8.78 -70.64
N ASP K 259 -43.48 8.70 -69.61
CA ASP K 259 -44.29 9.83 -69.17
C ASP K 259 -43.40 10.69 -68.30
N VAL K 260 -42.19 10.96 -68.79
CA VAL K 260 -41.21 11.76 -68.07
C VAL K 260 -41.71 13.15 -67.72
N LEU K 261 -41.50 13.54 -66.46
CA LEU K 261 -41.91 14.85 -65.96
C LEU K 261 -40.98 15.24 -64.81
N THR K 262 -41.26 16.36 -64.17
CA THR K 262 -40.43 16.83 -63.06
C THR K 262 -41.25 17.63 -62.04
N PRO K 263 -41.46 17.08 -60.85
CA PRO K 263 -42.23 17.74 -59.78
C PRO K 263 -41.43 18.72 -58.91
N ASP K 264 -40.46 18.18 -58.18
CA ASP K 264 -39.63 18.99 -57.28
C ASP K 264 -38.39 19.59 -57.95
N THR K 265 -38.45 19.78 -59.26
CA THR K 265 -37.31 20.34 -59.98
C THR K 265 -37.70 21.22 -61.16
N HIS K 266 -36.87 22.20 -61.46
CA HIS K 266 -37.10 23.13 -62.55
C HIS K 266 -35.77 23.38 -63.28
N LEU K 267 -35.85 23.93 -64.49
CA LEU K 267 -34.65 24.20 -65.27
C LEU K 267 -33.90 25.43 -64.75
N VAL K 268 -32.70 25.21 -64.22
CA VAL K 268 -31.88 26.30 -63.71
C VAL K 268 -31.13 26.95 -64.86
N HIS K 269 -30.79 26.14 -65.86
CA HIS K 269 -30.07 26.63 -67.03
C HIS K 269 -30.62 26.03 -68.32
N ALA K 270 -31.45 26.79 -69.01
CA ALA K 270 -32.04 26.34 -70.27
C ALA K 270 -31.24 26.95 -71.42
N VAL K 271 -30.42 26.13 -72.06
CA VAL K 271 -29.59 26.59 -73.16
C VAL K 271 -30.40 27.08 -74.37
N PRO K 272 -31.15 26.20 -75.04
CA PRO K 272 -31.88 26.74 -76.18
C PRO K 272 -33.41 26.76 -76.03
N ALA K 273 -34.03 27.86 -76.43
CA ALA K 273 -35.48 28.00 -76.40
C ALA K 273 -35.89 27.43 -77.76
N ALA K 274 -36.55 26.27 -77.74
CA ALA K 274 -36.96 25.59 -78.98
C ALA K 274 -35.67 25.00 -79.54
N ASP K 275 -35.78 23.97 -80.38
CA ASP K 275 -34.58 23.33 -80.92
C ASP K 275 -33.83 22.76 -79.72
N ARG K 276 -34.57 22.68 -78.62
CA ARG K 276 -34.08 22.17 -77.34
C ARG K 276 -33.59 20.73 -77.38
N ALA K 277 -34.41 19.85 -77.94
CA ALA K 277 -34.08 18.43 -78.03
C ALA K 277 -32.83 18.12 -78.86
N LYS K 278 -32.06 19.14 -79.20
CA LYS K 278 -30.84 18.92 -79.98
C LYS K 278 -29.63 18.76 -79.05
N VAL K 279 -28.51 18.33 -79.62
CA VAL K 279 -27.28 18.11 -78.86
C VAL K 279 -26.93 19.23 -77.87
N GLU K 280 -27.14 20.48 -78.28
CA GLU K 280 -26.84 21.63 -77.44
C GLU K 280 -27.82 21.77 -76.29
N GLY K 281 -28.88 20.97 -76.30
CA GLY K 281 -29.89 21.05 -75.25
C GLY K 281 -29.54 20.27 -74.00
N LEU K 282 -28.95 19.10 -74.15
CA LEU K 282 -28.59 18.27 -73.02
C LEU K 282 -27.74 19.03 -72.00
N SER K 283 -27.25 20.21 -72.41
CA SER K 283 -26.44 21.05 -71.55
C SER K 283 -27.27 21.69 -70.44
N GLN K 284 -28.58 21.53 -70.52
CA GLN K 284 -29.49 22.09 -69.52
C GLN K 284 -29.29 21.47 -68.15
N HIS K 285 -29.41 22.28 -67.12
CA HIS K 285 -29.26 21.81 -65.75
C HIS K 285 -30.55 21.96 -64.95
N ALA K 286 -30.62 21.25 -63.83
CA ALA K 286 -31.80 21.29 -62.99
C ALA K 286 -31.47 21.72 -61.57
N ALA K 287 -32.50 22.14 -60.84
CA ALA K 287 -32.34 22.58 -59.47
C ALA K 287 -33.64 22.31 -58.71
N PRO K 288 -33.53 21.85 -57.46
CA PRO K 288 -34.71 21.55 -56.64
C PRO K 288 -35.53 22.80 -56.33
N ASN K 289 -36.85 22.65 -56.31
CA ASN K 289 -37.74 23.77 -56.03
C ASN K 289 -37.66 24.14 -54.55
N ARG K 290 -37.77 25.43 -54.26
CA ARG K 290 -37.71 25.92 -52.88
C ARG K 290 -38.72 25.22 -51.99
N PRO K 291 -38.30 24.84 -50.78
CA PRO K 291 -39.19 24.16 -49.83
C PRO K 291 -40.29 25.09 -49.33
N ASN K 292 -41.53 24.62 -49.38
CA ASN K 292 -42.65 25.43 -48.94
C ASN K 292 -43.61 24.64 -48.06
N PHE K 293 -43.55 24.89 -46.76
CA PHE K 293 -44.43 24.20 -45.80
C PHE K 293 -45.76 24.93 -45.68
N ILE K 294 -46.84 24.15 -45.60
CA ILE K 294 -48.18 24.72 -45.48
C ILE K 294 -48.96 23.98 -44.39
N GLY K 295 -49.65 24.76 -43.54
CA GLY K 295 -50.43 24.16 -42.48
C GLY K 295 -51.18 25.20 -41.67
N PHE K 296 -51.96 24.74 -40.70
CA PHE K 296 -52.73 25.65 -39.85
C PHE K 296 -51.80 26.47 -38.97
N ARG K 297 -52.09 27.76 -38.87
CA ARG K 297 -51.27 28.67 -38.06
C ARG K 297 -51.14 28.21 -36.61
N ASP K 298 -50.35 28.93 -35.84
CA ASP K 298 -50.13 28.61 -34.43
C ASP K 298 -51.41 28.85 -33.64
N CYS K 299 -51.80 27.87 -32.83
CA CYS K 299 -53.01 27.97 -32.03
C CYS K 299 -54.23 28.21 -32.91
N PHE K 300 -54.13 27.80 -34.17
CA PHE K 300 -55.21 27.97 -35.13
C PHE K 300 -55.71 29.40 -35.19
N VAL K 301 -54.79 30.35 -35.06
CA VAL K 301 -55.15 31.77 -35.10
C VAL K 301 -55.73 32.12 -36.47
N GLY K 302 -56.87 32.80 -36.46
CA GLY K 302 -57.50 33.20 -37.71
C GLY K 302 -58.55 32.22 -38.22
N LEU K 303 -58.55 31.01 -37.67
CA LEU K 303 -59.51 30.00 -38.07
C LEU K 303 -60.88 30.37 -37.50
N MET K 304 -60.88 31.21 -36.48
CA MET K 304 -62.12 31.65 -35.85
C MET K 304 -62.19 33.17 -35.79
N TYR K 305 -63.37 33.71 -36.09
CA TYR K 305 -63.57 35.15 -36.09
C TYR K 305 -63.44 35.80 -34.72
N TYR K 306 -62.70 36.91 -34.68
CA TYR K 306 -62.48 37.68 -33.45
C TYR K 306 -62.36 39.15 -33.79
N ASN K 307 -62.87 39.99 -32.90
CA ASN K 307 -62.80 41.44 -33.09
C ASN K 307 -63.40 41.87 -34.43
N SER K 308 -64.54 41.29 -34.78
CA SER K 308 -65.21 41.62 -36.03
C SER K 308 -66.72 41.69 -35.80
N GLY K 309 -67.25 42.91 -35.73
CA GLY K 309 -68.67 43.08 -35.52
C GLY K 309 -69.50 42.42 -36.60
N GLY K 310 -68.88 42.13 -37.73
CA GLY K 310 -69.59 41.48 -38.82
C GLY K 310 -69.93 40.03 -38.51
N ASN K 311 -69.06 39.36 -37.77
CA ASN K 311 -69.27 37.96 -37.41
C ASN K 311 -69.04 37.75 -35.92
N LEU K 312 -69.64 38.61 -35.10
CA LEU K 312 -69.49 38.52 -33.64
C LEU K 312 -70.16 37.26 -33.10
N GLY K 313 -69.43 36.54 -32.25
CA GLY K 313 -69.96 35.32 -31.66
C GLY K 313 -71.05 35.55 -30.63
N VAL K 314 -71.96 34.59 -30.51
CA VAL K 314 -73.07 34.71 -29.57
C VAL K 314 -73.02 33.68 -28.45
N LEU K 315 -73.38 34.11 -27.24
CA LEU K 315 -73.39 33.23 -26.07
C LEU K 315 -74.31 33.81 -25.01
N ALA K 316 -75.61 33.55 -25.14
CA ALA K 316 -76.60 34.04 -24.19
C ALA K 316 -77.63 32.97 -23.85
N GLY K 317 -78.31 33.15 -22.73
CA GLY K 317 -79.33 32.19 -22.32
C GLY K 317 -80.56 32.34 -23.21
N GLN K 318 -81.18 31.21 -23.55
CA GLN K 318 -82.37 31.24 -24.39
C GLN K 318 -83.46 32.13 -23.81
N SER K 319 -83.56 32.15 -22.49
CA SER K 319 -84.56 32.97 -21.80
C SER K 319 -84.16 34.44 -21.80
N SER K 320 -82.87 34.70 -21.65
CA SER K 320 -82.36 36.07 -21.63
C SER K 320 -82.34 36.68 -23.02
N GLN K 321 -81.83 35.92 -23.99
CA GLN K 321 -81.76 36.36 -25.38
C GLN K 321 -80.77 37.51 -25.56
N LEU K 322 -80.23 38.01 -24.45
CA LEU K 322 -79.27 39.12 -24.49
C LEU K 322 -77.84 38.58 -24.60
N ASN K 323 -77.24 38.76 -25.77
CA ASN K 323 -75.88 38.30 -26.01
C ASN K 323 -74.90 38.83 -24.96
N ALA K 324 -74.12 37.93 -24.38
CA ALA K 324 -73.16 38.29 -23.35
C ALA K 324 -71.78 38.56 -23.94
N VAL K 325 -71.64 38.38 -25.25
CA VAL K 325 -70.37 38.61 -25.93
C VAL K 325 -70.37 39.92 -26.71
N VAL K 326 -69.71 40.93 -26.15
CA VAL K 326 -69.62 42.24 -26.78
C VAL K 326 -68.19 42.48 -27.24
N ASP K 327 -67.93 42.29 -28.52
CA ASP K 327 -66.58 42.48 -29.05
C ASP K 327 -66.46 43.81 -29.81
N LEU K 328 -65.22 44.27 -29.94
CA LEU K 328 -64.91 45.52 -30.64
C LEU K 328 -63.70 45.29 -31.54
N GLN K 329 -63.80 45.76 -32.79
CA GLN K 329 -62.69 45.60 -33.73
C GLN K 329 -61.48 46.41 -33.30
N ASP K 330 -61.55 46.98 -32.11
CA ASP K 330 -60.47 47.78 -31.57
C ASP K 330 -59.56 46.87 -30.74
N ARG K 331 -60.16 45.85 -30.13
CA ARG K 331 -59.42 44.89 -29.31
C ARG K 331 -58.74 43.87 -30.22
N ASN K 332 -57.78 43.13 -29.66
CA ASN K 332 -57.07 42.11 -30.43
C ASN K 332 -56.93 40.85 -29.58
N THR K 333 -57.88 39.94 -29.72
CA THR K 333 -57.87 38.69 -28.96
C THR K 333 -56.70 37.80 -29.35
N GLU K 334 -56.55 37.57 -30.65
CA GLU K 334 -55.48 36.72 -31.17
C GLU K 334 -54.13 36.96 -30.48
N LEU K 335 -53.58 38.15 -30.68
CA LEU K 335 -52.30 38.50 -30.07
C LEU K 335 -52.35 38.35 -28.56
N SER K 336 -53.43 38.80 -27.96
CA SER K 336 -53.61 38.72 -26.52
C SER K 336 -53.38 37.30 -26.01
N TYR K 337 -53.97 36.33 -26.70
CA TYR K 337 -53.84 34.93 -26.32
C TYR K 337 -52.38 34.50 -26.39
N GLN K 338 -51.70 34.87 -27.46
CA GLN K 338 -50.30 34.52 -27.64
C GLN K 338 -49.47 34.90 -26.42
N MET K 339 -49.39 36.19 -26.15
CA MET K 339 -48.63 36.70 -25.02
C MET K 339 -49.01 36.00 -23.72
N LEU K 340 -50.31 35.72 -23.54
CA LEU K 340 -50.77 35.07 -22.34
C LEU K 340 -50.08 33.74 -22.10
N LEU K 341 -49.97 32.92 -23.15
CA LEU K 341 -49.32 31.62 -23.03
C LEU K 341 -47.85 31.74 -22.67
N ALA K 342 -47.17 32.70 -23.30
CA ALA K 342 -45.74 32.91 -23.05
C ALA K 342 -45.45 33.41 -21.64
N ASN K 343 -46.51 33.63 -20.87
CA ASN K 343 -46.34 34.13 -19.50
C ASN K 343 -46.70 33.08 -18.45
N THR K 344 -47.50 32.10 -18.84
CA THR K 344 -47.92 31.05 -17.91
C THR K 344 -47.20 29.72 -18.13
N THR K 345 -46.65 29.53 -19.33
CA THR K 345 -45.95 28.29 -19.65
C THR K 345 -44.73 28.52 -20.52
N ASP K 346 -44.00 27.44 -20.77
CA ASP K 346 -42.80 27.50 -21.60
C ASP K 346 -43.21 27.42 -23.07
N ARG K 347 -43.23 28.55 -23.75
CA ARG K 347 -43.64 28.62 -25.14
C ARG K 347 -42.63 28.00 -26.11
N SER K 348 -41.90 26.99 -25.65
CA SER K 348 -40.92 26.33 -26.50
C SER K 348 -41.33 24.89 -26.79
N ARG K 349 -42.12 24.30 -25.90
CA ARG K 349 -42.59 22.93 -26.07
C ARG K 349 -43.74 22.91 -27.08
N TYR K 350 -44.12 21.72 -27.52
CA TYR K 350 -45.21 21.57 -28.47
C TYR K 350 -46.37 20.78 -27.90
N PHE K 351 -47.58 21.06 -28.39
CA PHE K 351 -48.79 20.40 -27.94
C PHE K 351 -49.78 20.26 -29.09
N SER K 352 -49.67 19.17 -29.83
CA SER K 352 -50.52 18.89 -30.99
C SER K 352 -51.99 19.30 -30.85
N MET K 353 -52.63 18.87 -29.77
CA MET K 353 -54.04 19.19 -29.56
C MET K 353 -54.42 20.61 -29.97
N TRP K 354 -53.69 21.59 -29.45
CA TRP K 354 -53.97 22.98 -29.77
C TRP K 354 -53.11 23.47 -30.95
N ASN K 355 -52.37 22.54 -31.55
CA ASN K 355 -51.50 22.88 -32.67
C ASN K 355 -50.59 24.01 -32.20
N GLN K 356 -50.41 24.05 -30.88
CA GLN K 356 -49.57 25.05 -30.23
C GLN K 356 -48.10 24.80 -30.49
N ALA K 357 -47.55 25.51 -31.47
CA ALA K 357 -46.15 25.37 -31.83
C ALA K 357 -45.61 26.71 -32.32
N MET K 358 -45.49 27.66 -31.41
CA MET K 358 -45.00 29.01 -31.71
C MET K 358 -43.97 29.04 -32.84
N ASP K 359 -44.06 30.08 -33.67
CA ASP K 359 -43.14 30.24 -34.77
C ASP K 359 -41.80 30.74 -34.26
N SER K 360 -40.72 30.36 -34.94
CA SER K 360 -39.38 30.76 -34.55
C SER K 360 -38.45 30.60 -35.74
N TYR K 361 -37.24 31.10 -35.61
CA TYR K 361 -36.26 31.00 -36.69
C TYR K 361 -34.92 30.50 -36.18
N ASP K 362 -34.09 29.99 -37.09
CA ASP K 362 -32.78 29.49 -36.72
C ASP K 362 -31.84 30.66 -36.45
N PRO K 363 -31.39 30.80 -35.20
CA PRO K 363 -30.49 31.87 -34.77
C PRO K 363 -29.33 32.13 -35.74
N GLU K 364 -28.76 31.06 -36.28
CA GLU K 364 -27.64 31.18 -37.20
C GLU K 364 -28.05 31.77 -38.55
N VAL K 365 -29.34 31.74 -38.83
CA VAL K 365 -29.85 32.28 -40.09
C VAL K 365 -30.12 33.78 -39.94
N ARG K 366 -30.79 34.14 -38.86
CA ARG K 366 -31.11 35.54 -38.60
C ARG K 366 -29.83 36.36 -38.53
N VAL K 367 -28.90 35.91 -37.71
CA VAL K 367 -27.61 36.59 -37.56
C VAL K 367 -26.46 35.69 -37.97
N ILE K 368 -25.89 35.96 -39.13
CA ILE K 368 -24.78 35.16 -39.65
C ILE K 368 -23.54 35.30 -38.79
N ASP K 369 -23.05 34.17 -38.27
CA ASP K 369 -21.85 34.16 -37.45
C ASP K 369 -20.73 33.47 -38.22
N ASN K 370 -20.28 34.12 -39.28
CA ASN K 370 -19.22 33.57 -40.11
C ASN K 370 -17.91 33.47 -39.33
N VAL K 371 -17.66 32.31 -38.74
CA VAL K 371 -16.45 32.09 -37.96
C VAL K 371 -15.38 31.46 -38.84
N GLY K 372 -15.71 31.27 -40.12
CA GLY K 372 -14.76 30.68 -41.04
C GLY K 372 -15.05 29.21 -41.27
N VAL K 373 -14.03 28.47 -41.71
CA VAL K 373 -14.18 27.04 -41.98
C VAL K 373 -12.92 26.29 -41.59
N GLU K 374 -13.10 25.16 -40.91
CA GLU K 374 -11.97 24.33 -40.48
C GLU K 374 -11.60 23.35 -41.58
N ASP K 375 -10.76 23.79 -42.51
CA ASP K 375 -10.33 22.95 -43.62
C ASP K 375 -8.82 22.84 -43.72
N GLU K 376 -8.16 22.78 -42.57
CA GLU K 376 -6.69 22.67 -42.55
C GLU K 376 -6.20 21.46 -43.33
N MET K 377 -6.98 20.38 -43.29
CA MET K 377 -6.61 19.16 -43.99
C MET K 377 -7.30 19.06 -45.34
N PRO K 378 -6.56 18.66 -46.38
CA PRO K 378 -7.13 18.53 -47.72
C PRO K 378 -7.88 17.21 -47.84
N ASN K 379 -9.01 17.22 -48.55
CA ASN K 379 -9.81 16.02 -48.73
C ASN K 379 -9.66 15.49 -50.15
N TYR K 380 -9.45 14.18 -50.27
CA TYR K 380 -9.27 13.56 -51.59
C TYR K 380 -10.21 12.39 -51.83
N CYS K 381 -10.47 12.14 -53.12
CA CYS K 381 -11.31 11.03 -53.55
C CYS K 381 -10.45 10.17 -54.47
N PHE K 382 -10.30 8.90 -54.12
CA PHE K 382 -9.46 7.99 -54.90
C PHE K 382 -10.28 6.98 -55.70
N PRO K 383 -9.75 6.56 -56.88
CA PRO K 383 -10.44 5.60 -57.73
C PRO K 383 -10.84 4.34 -56.96
N LEU K 384 -11.90 3.68 -57.43
CA LEU K 384 -12.37 2.47 -56.78
C LEU K 384 -11.34 1.35 -56.88
N SER K 385 -10.21 1.65 -57.53
CA SER K 385 -9.15 0.68 -57.69
C SER K 385 -7.99 0.92 -56.74
N GLY K 386 -7.76 2.18 -56.41
CA GLY K 386 -6.67 2.52 -55.51
C GLY K 386 -5.42 2.75 -56.34
N VAL K 387 -5.62 2.84 -57.65
CA VAL K 387 -4.54 3.07 -58.61
C VAL K 387 -5.04 2.76 -60.02
N GLN K 388 -4.97 3.76 -60.89
CA GLN K 388 -5.43 3.61 -62.27
C GLN K 388 -4.60 2.64 -63.09
N ILE K 389 -5.27 1.74 -63.79
CA ILE K 389 -4.61 0.75 -64.63
C ILE K 389 -4.54 1.21 -66.09
N GLY K 390 -3.33 1.19 -66.65
CA GLY K 390 -3.15 1.62 -68.02
C GLY K 390 -1.94 1.02 -68.71
N ASN K 391 -0.96 0.60 -67.92
CA ASN K 391 0.26 0.00 -68.46
C ASN K 391 0.64 -1.27 -67.72
N ARG K 392 1.38 -2.15 -68.40
CA ARG K 392 1.82 -3.41 -67.81
C ARG K 392 3.33 -3.43 -67.65
N SER K 393 3.80 -4.04 -66.57
CA SER K 393 5.23 -4.13 -66.29
C SER K 393 5.83 -5.39 -66.92
N HIS K 394 6.85 -5.95 -66.27
CA HIS K 394 7.54 -7.15 -66.75
C HIS K 394 8.78 -7.43 -65.90
N GLU K 395 8.63 -8.29 -64.91
CA GLU K 395 9.75 -8.65 -64.04
C GLU K 395 10.81 -9.37 -64.86
N VAL K 396 11.92 -8.68 -65.10
CA VAL K 396 13.01 -9.21 -65.91
C VAL K 396 14.35 -9.31 -65.18
N GLN K 397 15.14 -10.33 -65.53
CA GLN K 397 16.44 -10.55 -64.90
C GLN K 397 17.56 -9.86 -65.64
N ARG K 398 18.55 -9.41 -64.89
CA ARG K 398 19.71 -8.72 -65.44
C ARG K 398 20.81 -9.73 -65.74
N ASN K 399 21.98 -9.19 -66.08
CA ASN K 399 23.16 -10.00 -66.37
C ASN K 399 22.99 -10.91 -67.59
N GLN K 400 24.12 -11.16 -68.26
CA GLN K 400 24.17 -12.00 -69.47
C GLN K 400 23.74 -11.18 -70.67
N GLN K 401 23.00 -10.10 -70.39
CA GLN K 401 22.50 -9.23 -71.42
C GLN K 401 22.18 -7.84 -70.90
N GLN K 402 21.11 -7.26 -71.43
CA GLN K 402 20.63 -5.94 -71.06
C GLN K 402 19.51 -6.11 -70.03
N TRP K 403 18.94 -7.31 -70.02
CA TRP K 403 17.84 -7.70 -69.12
C TRP K 403 16.88 -8.61 -69.89
N GLN K 404 16.92 -9.91 -69.59
CA GLN K 404 16.06 -10.89 -70.27
C GLN K 404 14.68 -11.06 -69.68
N ASN K 405 13.70 -11.14 -70.57
CA ASN K 405 12.31 -11.32 -70.19
C ASN K 405 12.15 -12.39 -69.12
N VAL K 406 10.96 -12.48 -68.55
CA VAL K 406 10.68 -13.47 -67.52
C VAL K 406 9.93 -14.66 -68.10
N ALA K 407 9.06 -14.38 -69.06
CA ALA K 407 8.27 -15.41 -69.72
C ALA K 407 7.11 -15.89 -68.84
N ASN K 408 7.36 -15.96 -67.53
CA ASN K 408 6.35 -16.40 -66.57
C ASN K 408 5.14 -15.47 -66.54
N SER K 409 4.24 -15.64 -67.50
CA SER K 409 3.05 -14.81 -67.59
C SER K 409 3.46 -13.35 -67.77
N ASP K 410 2.60 -12.56 -68.42
CA ASP K 410 2.93 -11.17 -68.66
C ASP K 410 1.69 -10.28 -68.51
N ASN K 411 1.90 -8.98 -68.63
CA ASN K 411 0.83 -8.00 -68.52
C ASN K 411 0.33 -7.78 -67.11
N ASN K 412 1.09 -6.99 -66.35
CA ASN K 412 0.73 -6.68 -64.97
C ASN K 412 0.16 -5.27 -64.93
N TYR K 413 0.14 -4.66 -63.75
CA TYR K 413 -0.36 -3.31 -63.58
C TYR K 413 0.32 -2.60 -62.42
N ILE K 414 1.21 -1.66 -62.73
CA ILE K 414 1.93 -0.91 -61.71
C ILE K 414 1.99 0.58 -62.02
N GLY K 415 1.53 1.40 -61.09
CA GLY K 415 1.54 2.84 -61.28
C GLY K 415 2.76 3.51 -60.68
N LYS K 416 3.63 4.04 -61.54
CA LYS K 416 4.84 4.71 -61.10
C LYS K 416 4.48 6.09 -60.52
N GLY K 417 4.35 6.15 -59.19
CA GLY K 417 4.01 7.40 -58.54
C GLY K 417 2.90 7.20 -57.54
N ASN K 418 2.22 8.28 -57.16
CA ASN K 418 1.12 8.20 -56.21
C ASN K 418 -0.20 7.90 -56.91
N LEU K 419 -1.27 7.82 -56.13
CA LEU K 419 -2.59 7.53 -56.67
C LEU K 419 -3.24 8.80 -57.21
N PRO K 420 -3.78 8.75 -58.43
CA PRO K 420 -4.44 9.93 -59.03
C PRO K 420 -5.70 10.29 -58.24
N ALA K 421 -5.69 11.45 -57.60
CA ALA K 421 -6.82 11.88 -56.81
C ALA K 421 -7.31 13.28 -57.12
N MET K 422 -8.58 13.53 -56.80
CA MET K 422 -9.21 14.83 -57.01
C MET K 422 -9.45 15.44 -55.64
N GLU K 423 -9.17 16.73 -55.51
CA GLU K 423 -9.35 17.42 -54.24
C GLU K 423 -10.67 18.19 -54.16
N ILE K 424 -11.16 18.37 -52.94
CA ILE K 424 -12.41 19.10 -52.70
C ILE K 424 -12.45 19.58 -51.25
N ASN K 425 -12.63 20.87 -51.06
CA ASN K 425 -12.69 21.44 -49.72
C ASN K 425 -14.05 21.12 -49.09
N LEU K 426 -14.18 19.91 -48.57
CA LEU K 426 -15.41 19.46 -47.94
C LEU K 426 -16.08 20.53 -47.08
N ALA K 427 -15.52 20.76 -45.90
CA ALA K 427 -16.05 21.74 -44.96
C ALA K 427 -16.50 23.03 -45.64
N ALA K 428 -15.76 23.48 -46.64
CA ALA K 428 -16.09 24.70 -47.37
C ALA K 428 -17.47 24.61 -48.01
N ASN K 429 -17.66 23.58 -48.82
CA ASN K 429 -18.94 23.38 -49.52
C ASN K 429 -20.13 23.47 -48.56
N LEU K 430 -20.14 22.63 -47.54
CA LEU K 430 -21.23 22.62 -46.57
C LEU K 430 -21.58 24.02 -46.10
N TRP K 431 -20.57 24.82 -45.80
CA TRP K 431 -20.76 26.19 -45.33
C TRP K 431 -21.49 27.01 -46.40
N ARG K 432 -20.99 26.93 -47.63
CA ARG K 432 -21.55 27.67 -48.76
C ARG K 432 -22.98 27.22 -49.05
N SER K 433 -23.20 25.91 -49.07
CA SER K 433 -24.53 25.37 -49.33
C SER K 433 -25.50 25.86 -48.26
N PHE K 434 -25.02 25.95 -47.04
CA PHE K 434 -25.83 26.42 -45.93
C PHE K 434 -26.34 27.83 -46.22
N LEU K 435 -25.39 28.74 -46.44
CA LEU K 435 -25.73 30.13 -46.73
C LEU K 435 -26.74 30.27 -47.86
N TYR K 436 -26.31 29.92 -49.08
CA TYR K 436 -27.17 30.03 -50.25
C TYR K 436 -28.59 29.48 -50.06
N SER K 437 -28.74 28.41 -49.30
CA SER K 437 -30.04 27.79 -49.08
C SER K 437 -30.84 28.38 -47.93
N ASN K 438 -30.17 29.12 -47.04
CA ASN K 438 -30.85 29.71 -45.90
C ASN K 438 -30.93 31.23 -45.91
N VAL K 439 -30.18 31.87 -46.79
CA VAL K 439 -30.19 33.33 -46.85
C VAL K 439 -30.16 33.91 -48.25
N ALA K 440 -29.54 33.20 -49.19
CA ALA K 440 -29.45 33.67 -50.57
C ALA K 440 -30.79 33.61 -51.30
N LEU K 441 -31.49 32.49 -51.16
CA LEU K 441 -32.77 32.31 -51.81
C LEU K 441 -33.88 33.13 -51.15
N TYR K 442 -33.58 33.70 -49.99
CA TYR K 442 -34.57 34.49 -49.26
C TYR K 442 -34.34 36.00 -49.38
N LEU K 443 -33.34 36.39 -50.15
CA LEU K 443 -33.04 37.80 -50.34
C LEU K 443 -34.17 38.47 -51.11
N PRO K 444 -34.39 39.77 -50.86
CA PRO K 444 -35.45 40.53 -51.54
C PRO K 444 -35.44 40.29 -53.05
N ASP K 445 -36.63 40.18 -53.63
CA ASP K 445 -36.76 39.95 -55.06
C ASP K 445 -35.97 40.93 -55.91
N ASN K 446 -35.76 42.14 -55.37
CA ASN K 446 -35.02 43.18 -56.07
C ASN K 446 -33.57 42.78 -56.40
N LEU K 447 -33.01 41.89 -55.59
CA LEU K 447 -31.64 41.44 -55.79
C LEU K 447 -31.54 40.22 -56.70
N LYS K 448 -32.68 39.75 -57.18
CA LYS K 448 -32.71 38.59 -58.05
C LYS K 448 -32.97 39.01 -59.50
N PHE K 449 -32.88 38.05 -60.41
CA PHE K 449 -33.12 38.30 -61.82
C PHE K 449 -33.72 37.06 -62.47
N THR K 450 -34.74 37.26 -63.29
CA THR K 450 -35.40 36.15 -63.97
C THR K 450 -34.39 35.31 -64.73
N PRO K 451 -34.51 33.98 -64.65
CA PRO K 451 -33.59 33.08 -65.34
C PRO K 451 -33.63 33.31 -66.85
N HIS K 452 -32.76 32.63 -67.59
CA HIS K 452 -32.71 32.80 -69.02
C HIS K 452 -33.66 31.85 -69.75
N ASN K 453 -34.34 32.36 -70.78
CA ASN K 453 -35.29 31.58 -71.57
C ASN K 453 -36.27 30.80 -70.71
N ILE K 454 -37.09 31.50 -69.95
CA ILE K 454 -38.06 30.85 -69.08
C ILE K 454 -39.36 31.65 -68.91
N GLN K 455 -40.47 31.06 -69.33
CA GLN K 455 -41.78 31.71 -69.22
C GLN K 455 -42.10 31.87 -67.75
N LEU K 456 -42.47 33.08 -67.33
CA LEU K 456 -42.80 33.31 -65.93
C LEU K 456 -44.10 34.08 -65.76
N PRO K 457 -44.87 33.75 -64.71
CA PRO K 457 -46.15 34.40 -64.39
C PRO K 457 -45.97 35.84 -63.92
N PRO K 458 -47.00 36.68 -64.09
CA PRO K 458 -46.96 38.08 -63.68
C PRO K 458 -47.01 38.29 -62.16
N ASN K 459 -47.92 37.58 -61.50
CA ASN K 459 -48.06 37.69 -60.06
C ASN K 459 -46.77 37.36 -59.32
N THR K 460 -46.24 38.35 -58.59
CA THR K 460 -45.01 38.15 -57.84
C THR K 460 -45.35 37.48 -56.51
N ASN K 461 -46.61 37.10 -56.36
CA ASN K 461 -47.07 36.44 -55.13
C ASN K 461 -47.28 34.96 -55.37
N THR K 462 -46.96 34.51 -56.59
CA THR K 462 -47.10 33.10 -56.95
C THR K 462 -45.86 32.30 -56.60
N TYR K 463 -46.06 31.02 -56.33
CA TYR K 463 -44.96 30.13 -55.98
C TYR K 463 -43.98 29.99 -57.13
N GLU K 464 -44.50 29.84 -58.34
CA GLU K 464 -43.67 29.69 -59.54
C GLU K 464 -42.69 30.85 -59.67
N TYR K 465 -43.16 32.07 -59.43
CA TYR K 465 -42.32 33.24 -59.52
C TYR K 465 -41.19 33.19 -58.51
N MET K 466 -41.54 33.01 -57.24
CA MET K 466 -40.57 32.94 -56.16
C MET K 466 -39.64 31.74 -56.32
N ASN K 467 -40.05 30.78 -57.16
CA ASN K 467 -39.26 29.59 -57.40
C ASN K 467 -38.45 29.72 -58.68
N GLY K 468 -38.80 30.71 -59.50
CA GLY K 468 -38.10 30.93 -60.75
C GLY K 468 -36.99 31.97 -60.62
N ARG K 469 -37.27 33.05 -59.91
CA ARG K 469 -36.29 34.11 -59.71
C ARG K 469 -34.96 33.50 -59.27
N ILE K 470 -33.88 33.93 -59.91
CA ILE K 470 -32.54 33.41 -59.60
C ILE K 470 -31.68 34.39 -58.83
N PRO K 471 -31.31 34.07 -57.59
CA PRO K 471 -30.47 34.96 -56.80
C PRO K 471 -28.99 34.70 -57.07
N VAL K 472 -28.15 35.72 -56.88
CA VAL K 472 -26.72 35.59 -57.09
C VAL K 472 -25.99 35.13 -55.81
N SER K 473 -25.40 33.93 -55.86
CA SER K 473 -24.67 33.38 -54.72
C SER K 473 -23.50 34.28 -54.32
N GLY K 474 -23.21 35.27 -55.16
CA GLY K 474 -22.12 36.17 -54.88
C GLY K 474 -22.41 37.11 -53.72
N LEU K 475 -23.67 37.53 -53.62
CA LEU K 475 -24.10 38.44 -52.56
C LEU K 475 -23.97 37.87 -51.15
N ILE K 476 -23.82 36.56 -51.02
CA ILE K 476 -23.69 35.94 -49.71
C ILE K 476 -22.86 34.66 -49.79
N ASP K 477 -21.57 34.81 -50.10
CA ASP K 477 -20.68 33.67 -50.22
C ASP K 477 -19.92 33.44 -48.91
N THR K 478 -19.27 32.30 -48.80
CA THR K 478 -18.53 31.91 -47.60
C THR K 478 -17.52 32.95 -47.08
N TYR K 479 -17.36 34.05 -47.81
CA TYR K 479 -16.40 35.08 -47.41
C TYR K 479 -17.07 36.41 -47.04
N VAL K 480 -18.39 36.38 -46.89
CA VAL K 480 -19.12 37.60 -46.54
C VAL K 480 -18.92 37.97 -45.07
N ASN K 481 -18.44 39.20 -44.85
CA ASN K 481 -18.20 39.70 -43.49
C ASN K 481 -17.49 38.67 -42.63
N ILE K 482 -16.44 38.08 -43.18
CA ILE K 482 -15.66 37.08 -42.45
C ILE K 482 -15.20 37.56 -41.08
N GLY K 483 -15.58 36.83 -40.04
CA GLY K 483 -15.18 37.21 -38.69
C GLY K 483 -16.17 38.02 -37.90
N THR K 484 -17.42 38.04 -38.33
CA THR K 484 -18.44 38.81 -37.61
C THR K 484 -19.72 38.04 -37.32
N ARG K 485 -20.50 38.59 -36.39
CA ARG K 485 -21.77 38.01 -35.98
C ARG K 485 -22.82 38.99 -36.48
N TRP K 486 -22.52 39.58 -37.64
CA TRP K 486 -23.37 40.56 -38.29
C TRP K 486 -24.34 39.94 -39.29
N SER K 487 -25.53 40.52 -39.41
CA SER K 487 -26.54 40.03 -40.34
C SER K 487 -26.69 40.98 -41.51
N PRO K 488 -26.84 40.45 -42.73
CA PRO K 488 -26.99 41.26 -43.94
C PRO K 488 -28.06 42.35 -43.83
N ASP K 489 -27.65 43.59 -44.07
CA ASP K 489 -28.56 44.74 -43.99
C ASP K 489 -29.74 44.62 -44.94
N VAL K 490 -29.61 43.75 -45.94
CA VAL K 490 -30.67 43.55 -46.91
C VAL K 490 -31.73 42.58 -46.38
N MET K 491 -31.43 41.93 -45.26
CA MET K 491 -32.36 40.97 -44.67
C MET K 491 -32.98 41.47 -43.36
N ASP K 492 -32.49 42.60 -42.85
CA ASP K 492 -33.01 43.15 -41.60
C ASP K 492 -34.49 43.48 -41.72
N ASN K 493 -34.93 43.80 -42.93
CA ASN K 493 -36.32 44.14 -43.16
C ASN K 493 -37.06 43.03 -43.90
N VAL K 494 -36.66 41.79 -43.65
CA VAL K 494 -37.27 40.64 -44.28
C VAL K 494 -37.74 39.66 -43.21
N ASN K 495 -39.04 39.42 -43.15
CA ASN K 495 -39.61 38.52 -42.16
C ASN K 495 -38.80 37.24 -42.01
N PRO K 496 -38.07 37.10 -40.89
CA PRO K 496 -37.24 35.94 -40.60
C PRO K 496 -38.04 34.69 -40.26
N PHE K 497 -39.35 34.87 -40.03
CA PHE K 497 -40.21 33.76 -39.69
C PHE K 497 -40.69 33.01 -40.92
N ASN K 498 -40.68 33.68 -42.07
CA ASN K 498 -41.10 33.06 -43.31
C ASN K 498 -39.88 32.35 -43.88
N HIS K 499 -39.39 31.37 -43.15
CA HIS K 499 -38.20 30.60 -43.54
C HIS K 499 -38.51 29.10 -43.39
N HIS K 500 -37.88 28.28 -44.22
CA HIS K 500 -38.13 26.85 -44.16
C HIS K 500 -37.46 26.18 -42.96
N ARG K 501 -36.87 26.99 -42.08
CA ARG K 501 -36.23 26.45 -40.89
C ARG K 501 -37.05 26.83 -39.67
N ASN K 502 -38.28 27.29 -39.92
CA ASN K 502 -39.19 27.67 -38.85
C ASN K 502 -39.71 26.39 -38.21
N SER K 503 -38.98 25.90 -37.21
CA SER K 503 -39.36 24.68 -36.51
C SER K 503 -40.85 24.65 -36.19
N GLY K 504 -41.35 25.79 -35.71
CA GLY K 504 -42.75 25.89 -35.36
C GLY K 504 -43.68 25.51 -36.52
N LEU K 505 -43.59 26.26 -37.61
CA LEU K 505 -44.42 26.00 -38.78
C LEU K 505 -44.16 24.61 -39.35
N ARG K 506 -42.90 24.24 -39.50
CA ARG K 506 -42.53 22.95 -40.04
C ARG K 506 -43.17 21.81 -39.25
N TYR K 507 -43.31 22.00 -37.95
CA TYR K 507 -43.92 20.98 -37.09
C TYR K 507 -45.38 20.79 -37.44
N ARG K 508 -46.16 21.87 -37.38
CA ARG K 508 -47.58 21.81 -37.68
C ARG K 508 -47.81 21.24 -39.08
N SER K 509 -46.91 21.55 -40.00
CA SER K 509 -47.02 21.05 -41.36
C SER K 509 -47.04 19.53 -41.35
N GLN K 510 -45.94 18.94 -40.90
CA GLN K 510 -45.83 17.50 -40.82
C GLN K 510 -46.92 16.92 -39.92
N LEU K 511 -47.49 17.76 -39.07
CA LEU K 511 -48.54 17.33 -38.15
C LEU K 511 -49.79 16.95 -38.92
N LEU K 512 -49.84 17.33 -40.20
CA LEU K 512 -50.98 17.01 -41.06
C LEU K 512 -50.57 15.96 -42.08
N GLY K 513 -49.29 15.96 -42.45
CA GLY K 513 -48.80 15.00 -43.41
C GLY K 513 -47.92 15.61 -44.48
N ASN K 514 -47.54 14.81 -45.47
CA ASN K 514 -46.68 15.28 -46.56
C ASN K 514 -47.46 15.37 -47.86
N GLY K 515 -48.69 14.87 -47.85
CA GLY K 515 -49.50 14.89 -49.05
C GLY K 515 -50.27 16.19 -49.28
N ARG K 516 -50.48 16.52 -50.54
CA ARG K 516 -51.22 17.72 -50.92
C ARG K 516 -52.63 17.65 -50.34
N PHE K 517 -53.28 16.50 -50.54
CA PHE K 517 -54.62 16.28 -50.04
C PHE K 517 -54.50 15.67 -48.65
N CYS K 518 -55.38 16.07 -47.73
CA CYS K 518 -55.35 15.55 -46.38
C CYS K 518 -56.64 15.83 -45.63
N ASP K 519 -57.20 14.78 -45.03
CA ASP K 519 -58.43 14.91 -44.26
C ASP K 519 -58.02 15.21 -42.83
N PHE K 520 -58.06 16.49 -42.46
CA PHE K 520 -57.68 16.92 -41.13
C PHE K 520 -58.77 16.71 -40.09
N HIS K 521 -58.44 17.08 -38.85
CA HIS K 521 -59.36 16.96 -37.72
C HIS K 521 -58.67 17.61 -36.53
N ILE K 522 -59.14 18.79 -36.15
CA ILE K 522 -58.53 19.53 -35.05
C ILE K 522 -59.51 20.00 -33.98
N GLN K 523 -58.96 20.55 -32.91
CA GLN K 523 -59.76 21.06 -31.79
C GLN K 523 -59.39 22.53 -31.58
N VAL K 524 -60.35 23.43 -31.81
CA VAL K 524 -60.11 24.85 -31.63
C VAL K 524 -60.64 25.32 -30.28
N PRO K 525 -59.78 25.95 -29.46
CA PRO K 525 -60.16 26.45 -28.15
C PRO K 525 -60.80 27.84 -28.22
N GLN K 526 -61.38 28.28 -27.11
CA GLN K 526 -62.01 29.59 -27.02
C GLN K 526 -60.97 30.58 -26.52
N LYS K 527 -60.82 31.70 -27.22
CA LYS K 527 -59.84 32.70 -26.84
C LYS K 527 -60.40 34.00 -26.27
N PHE K 528 -61.69 34.24 -26.48
CA PHE K 528 -62.30 35.46 -25.96
C PHE K 528 -62.26 35.46 -24.43
N PHE K 529 -61.50 36.41 -23.88
CA PHE K 529 -61.33 36.52 -22.43
C PHE K 529 -62.62 36.55 -21.63
N ALA K 530 -63.60 37.33 -22.10
CA ALA K 530 -64.88 37.46 -21.41
C ALA K 530 -65.55 36.13 -21.12
N ILE K 531 -65.20 35.09 -21.88
CA ILE K 531 -65.81 33.78 -21.68
C ILE K 531 -64.83 32.62 -21.62
N ARG K 532 -63.53 32.91 -21.70
CA ARG K 532 -62.54 31.85 -21.66
C ARG K 532 -62.64 31.04 -20.38
N ASN K 533 -62.31 31.68 -19.26
CA ASN K 533 -62.34 31.02 -17.96
C ASN K 533 -63.65 31.22 -17.21
N LEU K 534 -64.71 31.55 -17.94
CA LEU K 534 -66.01 31.76 -17.31
C LEU K 534 -66.53 30.44 -16.74
N LEU K 535 -67.35 30.53 -15.70
CA LEU K 535 -67.91 29.35 -15.06
C LEU K 535 -69.44 29.38 -15.10
N LEU K 536 -70.02 28.97 -16.22
CA LEU K 536 -71.46 28.96 -16.39
C LEU K 536 -72.14 28.11 -15.33
N LEU K 537 -73.41 28.42 -15.07
CA LEU K 537 -74.21 27.69 -14.09
C LEU K 537 -75.33 26.95 -14.82
N PRO K 538 -76.09 26.10 -14.10
CA PRO K 538 -77.18 25.35 -14.71
C PRO K 538 -78.07 26.22 -15.60
N GLY K 539 -78.58 25.62 -16.67
CA GLY K 539 -79.44 26.34 -17.59
C GLY K 539 -79.04 26.08 -19.04
N THR K 540 -79.81 26.59 -19.98
CA THR K 540 -79.51 26.41 -21.39
C THR K 540 -79.06 27.72 -22.03
N TYR K 541 -78.05 27.64 -22.90
CA TYR K 541 -77.53 28.83 -23.56
C TYR K 541 -77.28 28.59 -25.03
N THR K 542 -77.44 29.64 -25.84
CA THR K 542 -77.20 29.55 -27.27
C THR K 542 -75.76 29.97 -27.53
N TYR K 543 -74.94 29.01 -27.95
CA TYR K 543 -73.53 29.27 -28.22
C TYR K 543 -73.24 29.13 -29.70
N GLU K 544 -73.15 30.27 -30.39
CA GLU K 544 -72.89 30.28 -31.82
C GLU K 544 -71.59 31.02 -32.13
N TRP K 545 -70.99 30.69 -33.26
CA TRP K 545 -69.74 31.33 -33.66
C TRP K 545 -69.42 31.02 -35.13
N SER K 546 -68.73 31.95 -35.78
CA SER K 546 -68.38 31.79 -37.19
C SER K 546 -66.92 31.36 -37.38
N PHE K 547 -66.63 30.80 -38.55
CA PHE K 547 -65.29 30.35 -38.88
C PHE K 547 -64.94 30.73 -40.32
N ARG K 548 -63.77 31.34 -40.50
CA ARG K 548 -63.33 31.75 -41.83
C ARG K 548 -63.08 30.53 -42.70
N LYS K 549 -62.74 30.77 -43.96
CA LYS K 549 -62.45 29.70 -44.91
C LYS K 549 -61.35 30.17 -45.85
N ASP K 550 -60.94 31.42 -45.68
CA ASP K 550 -59.89 32.00 -46.52
C ASP K 550 -58.58 31.29 -46.24
N VAL K 551 -58.11 30.54 -47.23
CA VAL K 551 -56.86 29.80 -47.10
C VAL K 551 -55.70 30.67 -46.64
N ASN K 552 -55.68 31.92 -47.09
CA ASN K 552 -54.62 32.85 -46.74
C ASN K 552 -54.66 33.34 -45.29
N MET K 553 -55.62 32.87 -44.52
CA MET K 553 -55.72 33.26 -43.12
C MET K 553 -55.78 32.06 -42.19
N ILE K 554 -56.32 30.96 -42.68
CA ILE K 554 -56.40 29.75 -41.88
C ILE K 554 -55.12 28.96 -42.07
N LEU K 555 -54.52 29.09 -43.25
CA LEU K 555 -53.29 28.39 -43.57
C LEU K 555 -52.09 29.32 -43.56
N GLN K 556 -50.90 28.75 -43.50
CA GLN K 556 -49.66 29.52 -43.49
C GLN K 556 -48.61 28.81 -44.34
N SER K 557 -47.78 29.59 -45.02
CA SER K 557 -46.73 29.02 -45.87
C SER K 557 -45.39 29.66 -45.55
N THR K 558 -44.32 28.93 -45.83
CA THR K 558 -42.97 29.43 -45.57
C THR K 558 -42.59 30.60 -46.49
N LEU K 559 -43.01 30.53 -47.75
CA LEU K 559 -42.70 31.58 -48.71
C LEU K 559 -43.71 32.72 -48.64
N GLY K 560 -44.90 32.43 -48.13
CA GLY K 560 -45.93 33.46 -48.04
C GLY K 560 -46.60 33.76 -49.36
N ASN K 561 -46.49 32.82 -50.30
CA ASN K 561 -47.09 32.99 -51.61
C ASN K 561 -48.61 33.01 -51.49
N ASP K 562 -49.28 33.67 -52.44
CA ASP K 562 -50.73 33.75 -52.42
C ASP K 562 -51.35 32.37 -52.66
N LEU K 563 -51.75 31.73 -51.57
CA LEU K 563 -52.37 30.41 -51.62
C LEU K 563 -53.66 30.40 -52.43
N ARG K 564 -54.40 31.49 -52.34
CA ARG K 564 -55.68 31.62 -53.05
C ARG K 564 -55.52 31.46 -54.56
N VAL K 565 -54.34 31.82 -55.08
CA VAL K 565 -54.09 31.71 -56.51
C VAL K 565 -53.36 30.42 -56.85
N ASP K 566 -52.73 29.81 -55.85
CA ASP K 566 -52.00 28.57 -56.08
C ASP K 566 -52.87 27.34 -55.83
N GLY K 567 -54.16 27.48 -56.09
CA GLY K 567 -55.08 26.38 -55.92
C GLY K 567 -55.20 25.84 -54.50
N ALA K 568 -55.19 26.73 -53.51
CA ALA K 568 -55.30 26.31 -52.13
C ALA K 568 -56.77 26.35 -51.72
N THR K 569 -57.30 25.21 -51.31
CA THR K 569 -58.70 25.13 -50.91
C THR K 569 -58.92 24.32 -49.64
N VAL K 570 -59.95 24.70 -48.89
CA VAL K 570 -60.29 24.02 -47.64
C VAL K 570 -61.79 23.75 -47.64
N ASN K 571 -62.20 22.73 -46.91
CA ASN K 571 -63.63 22.38 -46.84
C ASN K 571 -64.00 21.81 -45.49
N ILE K 572 -64.99 22.43 -44.85
CA ILE K 572 -65.46 21.98 -43.55
C ILE K 572 -66.67 21.05 -43.71
N THR K 573 -66.56 19.84 -43.20
CA THR K 573 -67.64 18.86 -43.30
C THR K 573 -68.57 18.92 -42.09
N SER K 574 -68.01 18.83 -40.89
CA SER K 574 -68.81 18.87 -39.67
C SER K 574 -68.06 19.57 -38.54
N VAL K 575 -68.82 20.10 -37.59
CA VAL K 575 -68.25 20.80 -36.44
C VAL K 575 -69.08 20.51 -35.20
N ASN K 576 -68.42 20.02 -34.16
CA ASN K 576 -69.10 19.70 -32.92
C ASN K 576 -68.51 20.48 -31.76
N LEU K 577 -69.23 20.51 -30.63
CA LEU K 577 -68.78 21.23 -29.45
C LEU K 577 -68.69 20.29 -28.25
N TYR K 578 -67.49 20.15 -27.69
CA TYR K 578 -67.28 19.30 -26.54
C TYR K 578 -67.11 20.12 -25.27
N ALA K 579 -67.56 19.58 -24.15
CA ALA K 579 -67.46 20.26 -22.86
C ALA K 579 -67.35 19.23 -21.75
N SER K 580 -66.32 19.38 -20.92
CA SER K 580 -66.10 18.45 -19.82
C SER K 580 -66.64 19.03 -18.51
N PHE K 581 -67.43 18.23 -17.80
CA PHE K 581 -68.01 18.64 -16.53
C PHE K 581 -67.41 17.83 -15.39
N PHE K 582 -67.06 18.51 -14.30
CA PHE K 582 -66.50 17.82 -13.14
C PHE K 582 -67.62 17.03 -12.48
N PRO K 583 -67.37 15.75 -12.19
CA PRO K 583 -68.39 14.89 -11.54
C PRO K 583 -68.58 15.30 -10.09
N MET K 584 -68.85 16.58 -9.88
CA MET K 584 -69.05 17.13 -8.54
C MET K 584 -70.38 16.69 -7.95
N SER K 585 -70.36 16.36 -6.66
CA SER K 585 -71.57 15.93 -5.97
C SER K 585 -72.68 16.97 -6.13
N HIS K 586 -73.89 16.49 -6.39
CA HIS K 586 -75.03 17.38 -6.57
C HIS K 586 -75.25 18.26 -5.34
N ASN K 587 -74.98 17.71 -4.17
CA ASN K 587 -75.15 18.46 -2.93
C ASN K 587 -74.21 19.66 -2.91
N THR K 588 -72.93 19.41 -3.19
CA THR K 588 -71.94 20.48 -3.22
C THR K 588 -72.21 21.42 -4.39
N ALA K 589 -72.37 20.85 -5.58
CA ALA K 589 -72.64 21.62 -6.78
C ALA K 589 -73.80 22.58 -6.57
N SER K 590 -74.81 22.14 -5.84
CA SER K 590 -75.98 22.97 -5.59
C SER K 590 -75.62 24.17 -4.71
N THR K 591 -74.81 23.92 -3.69
CA THR K 591 -74.38 24.98 -2.78
C THR K 591 -73.56 26.02 -3.53
N LEU K 592 -72.59 25.54 -4.31
CA LEU K 592 -71.72 26.41 -5.08
C LEU K 592 -72.54 27.37 -5.94
N GLU K 593 -73.53 26.83 -6.63
CA GLU K 593 -74.40 27.62 -7.50
C GLU K 593 -75.08 28.73 -6.71
N ALA K 594 -75.68 28.37 -5.59
CA ALA K 594 -76.38 29.33 -4.75
C ALA K 594 -75.53 30.55 -4.44
N MET K 595 -74.24 30.34 -4.21
CA MET K 595 -73.33 31.43 -3.89
C MET K 595 -72.93 32.23 -5.12
N LEU K 596 -72.56 31.54 -6.19
CA LEU K 596 -72.15 32.21 -7.43
C LEU K 596 -73.27 33.02 -8.08
N ARG K 597 -74.50 32.83 -7.60
CA ARG K 597 -75.63 33.56 -8.16
C ARG K 597 -75.90 34.87 -7.43
N ASN K 598 -74.99 35.24 -6.53
CA ASN K 598 -75.14 36.49 -5.77
C ASN K 598 -74.24 37.56 -6.35
N ASP K 599 -74.82 38.73 -6.63
CA ASP K 599 -74.08 39.85 -7.21
C ASP K 599 -72.78 40.16 -6.46
N THR K 600 -72.73 39.76 -5.19
CA THR K 600 -71.54 40.00 -4.38
C THR K 600 -70.41 39.05 -4.76
N ASN K 601 -70.72 38.03 -5.54
CA ASN K 601 -69.72 37.05 -5.96
C ASN K 601 -69.68 36.88 -7.47
N ASP K 602 -69.83 37.97 -8.21
CA ASP K 602 -69.80 37.91 -9.66
C ASP K 602 -68.38 37.70 -10.17
N GLN K 603 -68.24 36.82 -11.16
CA GLN K 603 -66.95 36.53 -11.74
C GLN K 603 -66.49 37.72 -12.58
N SER K 604 -65.18 37.95 -12.62
CA SER K 604 -64.64 39.06 -13.39
C SER K 604 -63.34 38.68 -14.08
N PHE K 605 -63.23 39.00 -15.37
CA PHE K 605 -62.04 38.69 -16.14
C PHE K 605 -61.53 39.96 -16.81
N ASN K 606 -60.38 39.87 -17.46
CA ASN K 606 -59.79 41.01 -18.15
C ASN K 606 -58.76 40.54 -19.16
N ASP K 607 -58.97 40.90 -20.42
CA ASP K 607 -58.05 40.52 -21.48
C ASP K 607 -56.62 40.71 -21.02
N TYR K 608 -55.76 39.74 -21.32
CA TYR K 608 -54.36 39.83 -20.90
C TYR K 608 -53.64 41.02 -21.52
N LEU K 609 -53.86 41.24 -22.81
CA LEU K 609 -53.21 42.35 -23.50
C LEU K 609 -53.72 43.69 -22.95
N SER K 610 -55.04 43.80 -22.83
CA SER K 610 -55.67 45.02 -22.33
C SER K 610 -55.07 46.27 -22.97
N ALA K 611 -55.53 46.57 -24.19
CA ALA K 611 -55.03 47.74 -24.89
C ALA K 611 -55.80 47.95 -26.20
N ALA K 612 -56.03 49.21 -26.53
CA ALA K 612 -56.74 49.57 -27.76
C ALA K 612 -55.75 49.49 -28.90
N ASN K 613 -56.08 48.71 -29.93
CA ASN K 613 -55.21 48.56 -31.08
C ASN K 613 -55.47 49.63 -32.13
N MET K 614 -54.42 50.34 -32.51
CA MET K 614 -54.52 51.39 -33.51
C MET K 614 -53.58 51.11 -34.66
N LEU K 615 -53.96 51.55 -35.86
CA LEU K 615 -53.13 51.34 -37.05
C LEU K 615 -53.09 52.58 -37.92
N TYR K 616 -51.90 53.14 -38.09
CA TYR K 616 -51.72 54.33 -38.90
C TYR K 616 -50.82 54.00 -40.08
N PRO K 617 -51.23 54.37 -41.29
CA PRO K 617 -50.44 54.10 -42.50
C PRO K 617 -49.14 54.89 -42.54
N ILE K 618 -48.09 54.25 -43.07
CA ILE K 618 -46.79 54.89 -43.18
C ILE K 618 -46.37 54.84 -44.65
N PRO K 619 -46.61 55.92 -45.39
CA PRO K 619 -46.25 55.99 -46.81
C PRO K 619 -44.82 55.50 -47.07
N PRO K 620 -44.58 54.92 -48.25
CA PRO K 620 -43.23 54.42 -48.57
C PRO K 620 -42.17 55.51 -48.52
N ASN K 621 -41.05 55.20 -47.88
CA ASN K 621 -39.92 56.12 -47.74
C ASN K 621 -40.20 57.24 -46.74
N ALA K 622 -41.38 57.22 -46.14
CA ALA K 622 -41.75 58.23 -45.15
C ALA K 622 -40.80 58.12 -43.96
N THR K 623 -40.59 59.23 -43.27
CA THR K 623 -39.69 59.24 -42.11
C THR K 623 -40.42 59.72 -40.86
N GLN K 624 -41.15 60.82 -40.98
CA GLN K 624 -41.88 61.38 -39.86
C GLN K 624 -43.33 60.90 -39.89
N LEU K 625 -43.92 60.69 -38.72
CA LEU K 625 -45.29 60.21 -38.64
C LEU K 625 -46.00 60.70 -37.39
N PRO K 626 -46.75 61.81 -37.50
CA PRO K 626 -47.48 62.39 -36.38
C PRO K 626 -48.85 61.72 -36.20
N ILE K 627 -49.32 61.64 -34.96
CA ILE K 627 -50.61 61.02 -34.68
C ILE K 627 -51.39 61.76 -33.59
N PRO K 628 -52.48 62.44 -33.97
CA PRO K 628 -53.31 63.19 -33.02
C PRO K 628 -54.45 62.35 -32.44
N SER K 629 -54.63 62.45 -31.13
CA SER K 629 -55.69 61.73 -30.41
C SER K 629 -55.74 62.31 -29.00
N ARG K 630 -56.86 62.11 -28.31
CA ARG K 630 -56.98 62.63 -26.95
C ARG K 630 -57.75 61.71 -25.99
N ASN K 631 -57.19 61.52 -24.80
CA ASN K 631 -57.78 60.68 -23.76
C ASN K 631 -58.37 61.56 -22.66
N TRP K 632 -59.57 61.23 -22.21
CA TRP K 632 -60.24 62.00 -21.17
C TRP K 632 -59.82 61.52 -19.77
N ALA K 633 -59.20 60.35 -19.72
CA ALA K 633 -58.77 59.79 -18.44
C ALA K 633 -57.30 59.41 -18.43
N ALA K 634 -56.95 58.48 -17.55
CA ALA K 634 -55.57 58.03 -17.45
C ALA K 634 -55.50 56.54 -17.61
N PHE K 635 -54.66 56.11 -18.54
CA PHE K 635 -54.48 54.71 -18.82
C PHE K 635 -53.34 54.06 -18.04
N ARG K 636 -52.62 53.15 -18.70
CA ARG K 636 -51.52 52.40 -18.09
C ARG K 636 -50.17 52.72 -18.74
N GLY K 637 -50.13 52.73 -20.06
CA GLY K 637 -48.89 53.03 -20.77
C GLY K 637 -48.98 52.82 -22.28
N TRP K 638 -47.86 53.01 -22.96
CA TRP K 638 -47.82 52.84 -24.41
C TRP K 638 -47.04 51.57 -24.78
N SER K 639 -47.27 51.10 -26.00
CA SER K 639 -46.62 49.90 -26.51
C SER K 639 -46.76 50.01 -28.02
N LEU K 640 -45.67 49.80 -28.75
CA LEU K 640 -45.75 49.92 -30.19
C LEU K 640 -44.67 49.18 -30.99
N THR K 641 -44.92 49.04 -32.29
CA THR K 641 -44.00 48.36 -33.19
C THR K 641 -44.25 48.88 -34.61
N ARG K 642 -43.89 48.07 -35.60
CA ARG K 642 -44.07 48.44 -37.00
C ARG K 642 -44.39 47.19 -37.82
N LEU K 643 -45.37 47.29 -38.70
CA LEU K 643 -45.78 46.16 -39.53
C LEU K 643 -45.86 46.51 -41.00
N LYS K 644 -45.76 45.50 -41.86
CA LYS K 644 -45.85 45.70 -43.31
C LYS K 644 -47.29 45.57 -43.75
N GLN K 645 -47.79 46.57 -44.47
CA GLN K 645 -49.16 46.57 -44.95
C GLN K 645 -49.56 45.27 -45.65
N ARG K 646 -48.69 44.78 -46.53
CA ARG K 646 -48.96 43.56 -47.27
C ARG K 646 -49.15 42.36 -46.34
N GLU K 647 -48.46 42.37 -45.21
CA GLU K 647 -48.56 41.28 -44.25
C GLU K 647 -49.61 41.52 -43.18
N THR K 648 -50.41 42.57 -43.36
CA THR K 648 -51.46 42.89 -42.39
C THR K 648 -52.84 42.88 -43.04
N PRO K 649 -53.63 41.82 -42.78
CA PRO K 649 -54.98 41.71 -43.35
C PRO K 649 -55.94 42.69 -42.71
N ALA K 650 -56.70 43.40 -43.55
CA ALA K 650 -57.67 44.37 -43.06
C ALA K 650 -58.79 43.65 -42.31
N LEU K 651 -58.76 43.72 -40.99
CA LEU K 651 -59.78 43.07 -40.17
C LEU K 651 -61.06 43.91 -40.09
N GLY K 652 -62.08 43.34 -39.46
CA GLY K 652 -63.35 44.04 -39.33
C GLY K 652 -64.33 43.56 -40.39
N SER K 653 -63.82 43.41 -41.62
CA SER K 653 -64.65 42.95 -42.72
C SER K 653 -64.53 41.43 -42.85
N PRO K 654 -65.64 40.75 -43.15
CA PRO K 654 -65.66 39.29 -43.29
C PRO K 654 -64.83 38.74 -44.44
N PHE K 655 -64.08 39.62 -45.12
CA PHE K 655 -63.26 39.19 -46.24
C PHE K 655 -62.37 40.29 -46.79
N ASP K 656 -61.13 39.96 -47.08
CA ASP K 656 -60.17 40.92 -47.63
C ASP K 656 -59.80 40.51 -49.05
N PRO K 657 -60.24 41.29 -50.05
CA PRO K 657 -59.94 40.98 -51.45
C PRO K 657 -58.52 41.36 -51.88
N TYR K 658 -57.87 42.22 -51.10
CA TYR K 658 -56.52 42.67 -51.41
C TYR K 658 -55.46 42.00 -50.54
N PHE K 659 -55.82 40.90 -49.89
CA PHE K 659 -54.88 40.19 -49.03
C PHE K 659 -54.22 39.03 -49.75
N THR K 660 -53.12 39.30 -50.44
CA THR K 660 -52.40 38.28 -51.18
C THR K 660 -51.13 37.86 -50.44
N TYR K 661 -51.30 37.37 -49.21
CA TYR K 661 -50.18 36.95 -48.38
C TYR K 661 -50.60 35.77 -47.52
N SER K 662 -49.67 34.87 -47.24
CA SER K 662 -49.97 33.70 -46.42
C SER K 662 -48.90 33.40 -45.38
N GLY K 663 -47.95 34.32 -45.22
CA GLY K 663 -46.90 34.12 -44.25
C GLY K 663 -47.40 34.46 -42.86
N THR K 664 -46.49 34.54 -41.90
CA THR K 664 -46.88 34.86 -40.52
C THR K 664 -47.42 36.28 -40.45
N ILE K 665 -48.46 36.47 -39.64
CA ILE K 665 -49.08 37.78 -39.48
C ILE K 665 -48.68 38.37 -38.12
N PRO K 666 -47.63 39.20 -38.11
CA PRO K 666 -47.15 39.83 -36.87
C PRO K 666 -48.26 40.45 -36.05
N TYR K 667 -49.31 40.91 -36.72
CA TYR K 667 -50.44 41.54 -36.06
C TYR K 667 -51.26 40.55 -35.22
N LEU K 668 -51.10 39.26 -35.49
CA LEU K 668 -51.84 38.25 -34.74
C LEU K 668 -50.94 37.34 -33.91
N ASP K 669 -50.09 36.57 -34.58
CA ASP K 669 -49.19 35.65 -33.88
C ASP K 669 -48.13 36.40 -33.07
N GLY K 670 -47.94 37.67 -33.37
CA GLY K 670 -46.96 38.46 -32.65
C GLY K 670 -45.52 38.19 -33.08
N THR K 671 -45.30 38.04 -34.38
CA THR K 671 -43.98 37.78 -34.92
C THR K 671 -43.36 39.06 -35.47
N PHE K 672 -43.34 40.10 -34.64
CA PHE K 672 -42.79 41.40 -35.01
C PHE K 672 -41.30 41.25 -35.31
N TYR K 673 -40.76 42.17 -36.10
CA TYR K 673 -39.34 42.13 -36.44
C TYR K 673 -38.87 43.42 -37.09
N LEU K 674 -39.53 44.53 -36.76
CA LEU K 674 -39.16 45.82 -37.32
C LEU K 674 -39.11 46.90 -36.26
N SER K 675 -38.68 46.51 -35.06
CA SER K 675 -38.57 47.45 -33.94
C SER K 675 -37.24 48.18 -34.01
N HIS K 676 -36.33 47.65 -34.82
CA HIS K 676 -35.01 48.25 -34.98
C HIS K 676 -35.02 49.32 -36.07
N THR K 677 -36.22 49.71 -36.50
CA THR K 677 -36.35 50.72 -37.53
C THR K 677 -36.90 52.04 -37.01
N PHE K 678 -36.83 52.22 -35.69
CA PHE K 678 -37.31 53.46 -35.08
C PHE K 678 -36.16 54.34 -34.63
N ARG K 679 -36.33 55.64 -34.77
CA ARG K 679 -35.30 56.60 -34.38
C ARG K 679 -35.64 57.27 -33.05
N LYS K 680 -36.76 57.97 -33.02
CA LYS K 680 -37.18 58.67 -31.81
C LYS K 680 -38.69 58.80 -31.70
N VAL K 681 -39.17 59.05 -30.49
CA VAL K 681 -40.59 59.22 -30.23
C VAL K 681 -40.80 60.43 -29.33
N ALA K 682 -41.74 61.29 -29.68
CA ALA K 682 -42.03 62.48 -28.90
C ALA K 682 -43.48 62.52 -28.45
N ILE K 683 -43.69 62.60 -27.14
CA ILE K 683 -45.04 62.64 -26.58
C ILE K 683 -45.29 64.00 -25.94
N GLN K 684 -46.49 64.54 -26.18
CA GLN K 684 -46.85 65.84 -25.63
C GLN K 684 -48.34 65.95 -25.36
N PHE K 685 -48.69 66.53 -24.21
CA PHE K 685 -50.08 66.70 -23.82
C PHE K 685 -50.55 68.14 -24.04
N ASP K 686 -51.74 68.29 -24.58
CA ASP K 686 -52.31 69.61 -24.85
C ASP K 686 -51.42 70.36 -25.83
N SER K 687 -50.70 69.62 -26.66
CA SER K 687 -49.81 70.20 -27.67
C SER K 687 -48.92 71.30 -27.10
N SER K 688 -48.25 71.00 -25.99
CA SER K 688 -47.36 71.96 -25.35
C SER K 688 -46.54 71.29 -24.26
N VAL K 689 -47.23 70.68 -23.30
CA VAL K 689 -46.57 69.99 -22.19
C VAL K 689 -45.98 68.67 -22.65
N THR K 690 -44.66 68.62 -22.80
CA THR K 690 -43.99 67.40 -23.24
C THR K 690 -43.94 66.41 -22.08
N TRP K 691 -44.01 65.13 -22.41
CA TRP K 691 -43.97 64.09 -21.39
C TRP K 691 -42.73 63.22 -21.61
N PRO K 692 -42.08 62.77 -20.52
CA PRO K 692 -42.45 63.05 -19.12
C PRO K 692 -41.99 64.42 -18.66
N GLY K 693 -41.14 65.06 -19.46
CA GLY K 693 -40.64 66.36 -19.11
C GLY K 693 -39.86 66.31 -17.81
N ASN K 694 -39.96 67.38 -17.02
CA ASN K 694 -39.27 67.44 -15.73
C ASN K 694 -37.79 67.11 -15.88
N ASP K 695 -37.28 67.20 -17.10
CA ASP K 695 -35.88 66.91 -17.38
C ASP K 695 -35.48 65.56 -16.81
N ARG K 696 -36.26 64.54 -17.16
CA ARG K 696 -35.99 63.17 -16.69
C ARG K 696 -34.88 62.50 -17.48
N LEU K 697 -34.98 62.55 -18.80
CA LEU K 697 -34.00 61.92 -19.68
C LEU K 697 -32.86 62.86 -20.08
N LEU K 698 -31.78 62.27 -20.59
CA LEU K 698 -30.63 63.06 -21.04
C LEU K 698 -31.12 63.99 -22.15
N THR K 699 -32.15 63.55 -22.85
CA THR K 699 -32.77 64.32 -23.92
C THR K 699 -34.24 64.47 -23.51
N PRO K 700 -34.51 65.32 -22.52
CA PRO K 700 -35.84 65.62 -21.96
C PRO K 700 -36.96 65.94 -22.95
N ASN K 701 -36.61 66.28 -24.18
CA ASN K 701 -37.62 66.62 -25.17
C ASN K 701 -38.08 65.44 -26.03
N GLU K 702 -37.57 64.25 -25.75
CA GLU K 702 -37.94 63.07 -26.53
C GLU K 702 -37.22 61.80 -26.11
N PHE K 703 -37.67 60.67 -26.65
CA PHE K 703 -37.07 59.38 -26.36
C PHE K 703 -36.30 58.93 -27.59
N GLU K 704 -34.99 59.11 -27.59
CA GLU K 704 -34.16 58.69 -28.72
C GLU K 704 -33.87 57.22 -28.59
N ILE K 705 -34.48 56.41 -29.46
CA ILE K 705 -34.26 54.96 -29.41
C ILE K 705 -32.86 54.59 -29.88
N LYS K 706 -32.35 55.33 -30.86
CA LYS K 706 -31.01 55.08 -31.38
C LYS K 706 -30.45 56.32 -32.07
N ILE K 707 -29.13 56.48 -31.97
CA ILE K 707 -28.45 57.62 -32.59
C ILE K 707 -27.47 57.14 -33.67
N SER K 708 -27.41 57.87 -34.77
CA SER K 708 -26.52 57.53 -35.87
C SER K 708 -25.11 58.08 -35.61
N VAL K 709 -25.03 59.38 -35.34
CA VAL K 709 -23.77 60.03 -35.05
C VAL K 709 -23.51 60.01 -33.55
N ASP K 710 -22.48 59.28 -33.13
CA ASP K 710 -22.17 59.17 -31.70
C ASP K 710 -22.12 60.51 -30.96
N GLY K 711 -21.31 61.45 -31.46
CA GLY K 711 -21.20 62.74 -30.79
C GLY K 711 -20.70 62.60 -29.38
N GLU K 712 -21.63 62.42 -28.44
CA GLU K 712 -21.27 62.24 -27.03
C GLU K 712 -21.10 60.76 -26.72
N GLY K 713 -21.90 59.93 -27.40
CA GLY K 713 -21.83 58.50 -27.18
C GLY K 713 -22.88 58.04 -26.20
N TYR K 714 -24.11 58.53 -26.39
CA TYR K 714 -25.21 58.14 -25.53
C TYR K 714 -25.65 56.72 -25.86
N ASN K 715 -24.78 56.00 -26.57
CA ASN K 715 -25.04 54.62 -26.96
C ASN K 715 -24.45 53.68 -25.93
N VAL K 716 -25.13 52.55 -25.70
CA VAL K 716 -24.65 51.56 -24.72
C VAL K 716 -24.69 50.15 -25.29
N ALA K 717 -24.37 49.18 -24.45
CA ALA K 717 -24.35 47.78 -24.85
C ALA K 717 -23.52 47.58 -26.11
N GLN K 718 -22.61 48.52 -26.37
CA GLN K 718 -21.75 48.46 -27.54
C GLN K 718 -22.59 48.40 -28.81
N SER K 719 -23.67 49.16 -28.84
CA SER K 719 -24.56 49.21 -30.00
C SER K 719 -24.88 50.66 -30.34
N ASN K 720 -25.96 50.86 -31.09
CA ASN K 720 -26.37 52.21 -31.48
C ASN K 720 -27.58 52.64 -30.68
N MET K 721 -27.88 51.91 -29.61
CA MET K 721 -29.03 52.23 -28.76
C MET K 721 -28.62 53.20 -27.67
N THR K 722 -29.39 54.27 -27.51
CA THR K 722 -29.11 55.28 -26.51
C THR K 722 -29.14 54.68 -25.11
N LYS K 723 -28.61 55.43 -24.14
CA LYS K 723 -28.57 54.98 -22.76
C LYS K 723 -29.97 55.16 -22.16
N ASP K 724 -30.63 56.25 -22.55
CA ASP K 724 -31.96 56.55 -22.05
C ASP K 724 -32.95 55.46 -22.41
N TRP K 725 -32.98 55.08 -23.68
CA TRP K 725 -33.90 54.04 -24.13
C TRP K 725 -33.63 52.72 -23.43
N PHE K 726 -32.37 52.31 -23.39
CA PHE K 726 -32.00 51.05 -22.75
C PHE K 726 -32.53 51.02 -21.31
N LEU K 727 -32.34 52.12 -20.59
CA LEU K 727 -32.80 52.22 -19.22
C LEU K 727 -34.30 52.02 -19.13
N VAL K 728 -35.04 52.79 -19.92
CA VAL K 728 -36.49 52.70 -19.95
C VAL K 728 -36.96 51.27 -20.15
N GLN K 729 -36.44 50.62 -21.18
CA GLN K 729 -36.81 49.24 -21.49
C GLN K 729 -36.55 48.31 -20.32
N MET K 730 -35.40 48.48 -19.67
CA MET K 730 -35.04 47.65 -18.53
C MET K 730 -36.01 47.81 -17.37
N LEU K 731 -36.40 49.04 -17.10
CA LEU K 731 -37.33 49.33 -16.00
C LEU K 731 -38.74 48.81 -16.29
N ALA K 732 -39.22 49.06 -17.49
CA ALA K 732 -40.56 48.63 -17.88
C ALA K 732 -40.70 47.12 -18.01
N ASN K 733 -39.59 46.41 -18.03
CA ASN K 733 -39.62 44.96 -18.16
C ASN K 733 -39.19 44.20 -16.92
N TYR K 734 -38.13 44.68 -16.27
CA TYR K 734 -37.63 43.99 -15.08
C TYR K 734 -37.40 44.92 -13.89
N ASN K 735 -37.86 46.16 -14.00
CA ASN K 735 -37.68 47.14 -12.93
C ASN K 735 -36.20 47.22 -12.54
N ILE K 736 -35.33 46.94 -13.50
CA ILE K 736 -33.90 46.96 -13.26
C ILE K 736 -33.27 48.18 -13.93
N GLY K 737 -32.49 48.94 -13.16
CA GLY K 737 -31.85 50.12 -13.71
C GLY K 737 -31.45 51.13 -12.64
N TYR K 738 -32.27 51.25 -11.60
CA TYR K 738 -31.98 52.19 -10.53
C TYR K 738 -30.94 51.65 -9.56
N GLN K 739 -30.60 50.37 -9.70
CA GLN K 739 -29.61 49.77 -8.82
C GLN K 739 -28.73 48.77 -9.57
N GLY K 740 -28.17 49.20 -10.69
CA GLY K 740 -27.30 48.34 -11.46
C GLY K 740 -27.99 47.56 -12.57
N TYR K 741 -27.28 47.35 -13.67
CA TYR K 741 -27.82 46.61 -14.81
C TYR K 741 -27.30 45.17 -14.79
N HIS K 742 -28.21 44.22 -14.61
CA HIS K 742 -27.84 42.81 -14.57
C HIS K 742 -28.87 41.93 -15.26
N LEU K 743 -28.42 40.80 -15.79
CA LEU K 743 -29.31 39.86 -16.46
C LEU K 743 -30.41 39.43 -15.52
N PRO K 744 -31.66 39.83 -15.79
CA PRO K 744 -32.79 39.49 -14.95
C PRO K 744 -32.99 37.97 -14.85
N PRO K 745 -33.77 37.52 -13.85
CA PRO K 745 -34.02 36.10 -13.66
C PRO K 745 -34.74 35.46 -14.85
N ASP K 746 -34.39 34.21 -15.14
CA ASP K 746 -34.96 33.48 -16.27
C ASP K 746 -36.48 33.50 -16.40
N TYR K 747 -37.19 33.25 -15.30
CA TYR K 747 -38.65 33.21 -15.35
C TYR K 747 -39.25 34.50 -15.92
N LYS K 748 -38.50 35.59 -15.87
CA LYS K 748 -39.00 36.86 -16.40
C LYS K 748 -38.55 37.11 -17.83
N ASP K 749 -37.69 36.24 -18.35
CA ASP K 749 -37.20 36.37 -19.72
C ASP K 749 -37.93 35.40 -20.65
N ARG K 750 -39.10 35.81 -21.14
CA ARG K 750 -39.88 34.98 -22.03
C ARG K 750 -39.63 35.44 -23.47
N THR K 751 -40.14 34.68 -24.43
CA THR K 751 -39.95 35.01 -25.84
C THR K 751 -40.44 36.40 -26.21
N PHE K 752 -41.27 37.00 -25.35
CA PHE K 752 -41.79 38.34 -25.61
C PHE K 752 -41.13 39.41 -24.75
N SER K 753 -39.98 39.08 -24.17
CA SER K 753 -39.25 40.03 -23.34
C SER K 753 -38.29 40.85 -24.20
N PHE K 754 -37.69 41.87 -23.59
CA PHE K 754 -36.75 42.72 -24.31
C PHE K 754 -35.37 42.08 -24.44
N LEU K 755 -34.63 42.07 -23.32
CA LEU K 755 -33.28 41.51 -23.28
C LEU K 755 -33.16 40.18 -24.02
N HIS K 756 -34.16 39.32 -23.84
CA HIS K 756 -34.14 38.00 -24.48
C HIS K 756 -33.92 38.09 -25.99
N ASN K 757 -34.46 39.14 -26.61
CA ASN K 757 -34.33 39.29 -28.05
C ASN K 757 -33.29 40.32 -28.48
N PHE K 758 -32.80 41.10 -27.51
CA PHE K 758 -31.80 42.12 -27.81
C PHE K 758 -30.47 41.48 -28.22
N ILE K 759 -30.00 41.80 -29.42
CA ILE K 759 -28.75 41.24 -29.92
C ILE K 759 -27.92 42.27 -30.69
N PRO K 760 -26.96 42.91 -30.02
CA PRO K 760 -26.09 43.91 -30.63
C PRO K 760 -25.04 43.28 -31.53
N MET K 761 -24.64 43.99 -32.57
CA MET K 761 -23.63 43.48 -33.49
C MET K 761 -22.87 44.62 -34.14
N CYS K 762 -21.61 44.37 -34.47
CA CYS K 762 -20.76 45.38 -35.10
C CYS K 762 -19.94 44.74 -36.22
N ARG K 763 -19.29 45.58 -37.01
CA ARG K 763 -18.46 45.11 -38.10
C ARG K 763 -17.69 46.27 -38.69
N GLN K 764 -16.57 45.98 -39.32
CA GLN K 764 -15.75 47.01 -39.94
C GLN K 764 -15.85 46.83 -41.45
N VAL K 765 -15.83 47.94 -42.17
CA VAL K 765 -15.91 47.91 -43.62
C VAL K 765 -14.90 48.88 -44.21
N PRO K 766 -14.35 48.55 -45.39
CA PRO K 766 -13.36 49.43 -46.03
C PRO K 766 -13.91 50.82 -46.28
N ASN K 767 -13.47 51.78 -45.47
CA ASN K 767 -13.92 53.16 -45.61
C ASN K 767 -13.75 53.64 -47.05
N PRO K 768 -14.84 54.12 -47.68
CA PRO K 768 -14.85 54.63 -49.06
C PRO K 768 -14.01 55.86 -49.35
N ALA K 769 -13.70 56.64 -48.31
CA ALA K 769 -12.92 57.87 -48.50
C ALA K 769 -11.51 57.75 -47.91
N THR K 770 -10.94 56.57 -47.97
CA THR K 770 -9.60 56.32 -47.46
C THR K 770 -8.58 56.46 -48.59
N GLU K 771 -8.38 55.37 -49.32
CA GLU K 771 -7.44 55.36 -50.43
C GLU K 771 -8.05 54.84 -51.73
N GLY K 772 -7.24 54.85 -52.79
CA GLY K 772 -7.71 54.36 -54.07
C GLY K 772 -7.95 52.87 -54.04
N TYR K 773 -9.10 52.48 -53.52
CA TYR K 773 -9.48 51.08 -53.42
C TYR K 773 -10.58 50.83 -54.46
N PHE K 774 -11.13 51.91 -54.98
CA PHE K 774 -12.17 51.85 -55.99
C PHE K 774 -13.43 51.15 -55.50
N GLY K 775 -14.39 50.98 -56.40
CA GLY K 775 -15.63 50.32 -56.05
C GLY K 775 -15.68 48.88 -56.54
N LEU K 776 -15.76 47.94 -55.60
CA LEU K 776 -15.83 46.53 -55.94
C LEU K 776 -17.13 46.24 -56.70
N GLY K 777 -17.09 46.40 -58.01
CA GLY K 777 -18.27 46.15 -58.82
C GLY K 777 -18.70 44.69 -58.73
N ILE K 778 -19.94 44.48 -58.31
CA ILE K 778 -20.47 43.12 -58.18
C ILE K 778 -20.42 42.36 -59.49
N VAL K 779 -20.23 43.08 -60.59
CA VAL K 779 -20.15 42.45 -61.91
C VAL K 779 -18.71 42.07 -62.22
N ASN K 780 -17.78 42.56 -61.40
CA ASN K 780 -16.36 42.26 -61.59
C ASN K 780 -15.85 41.40 -60.43
N HIS K 781 -16.69 41.25 -59.41
CA HIS K 781 -16.33 40.46 -58.24
C HIS K 781 -15.94 39.04 -58.65
N ARG K 782 -14.69 38.67 -58.39
CA ARG K 782 -14.22 37.33 -58.72
C ARG K 782 -13.54 36.71 -57.51
N THR K 783 -14.04 35.55 -57.11
CA THR K 783 -13.50 34.81 -55.97
C THR K 783 -13.69 33.32 -56.25
N THR K 784 -12.64 32.54 -56.06
CA THR K 784 -12.73 31.11 -56.30
C THR K 784 -13.20 30.88 -57.75
N PRO K 785 -12.54 31.53 -58.72
CA PRO K 785 -12.91 31.38 -60.13
C PRO K 785 -12.77 29.94 -60.63
N ALA K 786 -13.42 29.65 -61.75
CA ALA K 786 -13.39 28.32 -62.35
C ALA K 786 -14.13 27.33 -61.45
N TYR K 787 -14.27 27.70 -60.18
CA TYR K 787 -14.99 26.88 -59.21
C TYR K 787 -16.23 27.68 -58.84
N TRP K 788 -16.27 28.93 -59.25
CA TRP K 788 -17.38 29.83 -58.96
C TRP K 788 -18.12 30.06 -60.28
N PHE K 789 -19.11 30.94 -60.26
CA PHE K 789 -19.89 31.28 -61.44
C PHE K 789 -20.53 32.67 -61.27
N ARG K 790 -20.56 33.46 -62.34
CA ARG K 790 -21.13 34.80 -62.34
C ARG K 790 -22.60 34.82 -61.94
N PHE K 791 -23.36 33.88 -62.48
CA PHE K 791 -24.77 33.75 -62.14
C PHE K 791 -24.86 32.75 -61.01
N CYS K 792 -23.71 32.52 -60.38
CA CYS K 792 -23.55 31.63 -59.24
C CYS K 792 -24.72 30.71 -58.92
N ARG K 793 -24.66 29.51 -59.47
CA ARG K 793 -25.68 28.50 -59.28
C ARG K 793 -25.36 27.30 -60.18
N ALA K 794 -25.08 27.61 -61.42
CA ALA K 794 -24.77 26.61 -62.42
C ALA K 794 -23.45 25.93 -62.08
N PRO K 795 -22.88 25.15 -63.02
CA PRO K 795 -21.62 24.52 -62.61
C PRO K 795 -20.45 25.49 -62.46
N ARG K 796 -19.26 24.93 -62.47
CA ARG K 796 -18.05 25.69 -62.31
C ARG K 796 -17.68 26.38 -63.61
N GLU K 797 -17.23 27.63 -63.52
CA GLU K 797 -16.84 28.38 -64.70
C GLU K 797 -15.76 29.40 -64.42
N GLY K 798 -14.83 29.53 -65.34
CA GLY K 798 -13.77 30.50 -65.15
C GLY K 798 -12.38 29.93 -65.31
N HIS K 799 -11.48 30.35 -64.42
CA HIS K 799 -10.09 29.91 -64.46
C HIS K 799 -9.37 30.34 -63.19
N PRO K 800 -8.76 29.37 -62.46
CA PRO K 800 -8.03 29.67 -61.23
C PRO K 800 -7.22 30.97 -61.35
N TYR K 801 -7.50 31.92 -60.47
CA TYR K 801 -6.80 33.20 -60.50
C TYR K 801 -6.94 33.90 -59.17
N PRO K 802 -5.92 34.69 -58.78
CA PRO K 802 -5.99 35.42 -57.51
C PRO K 802 -7.19 36.36 -57.49
N GLN K 803 -8.20 36.03 -56.69
CA GLN K 803 -9.41 36.83 -56.59
C GLN K 803 -9.12 38.26 -56.15
N LEU K 804 -10.16 39.09 -56.05
CA LEU K 804 -10.01 40.50 -55.70
C LEU K 804 -11.13 41.05 -54.81
N ALA K 805 -12.34 40.52 -54.98
CA ALA K 805 -13.47 40.98 -54.18
C ALA K 805 -13.20 40.86 -52.68
N LEU K 806 -13.97 41.62 -51.91
CA LEU K 806 -13.85 41.60 -50.45
C LEU K 806 -12.44 41.95 -50.00
N PRO K 807 -12.23 43.21 -49.61
CA PRO K 807 -10.92 43.69 -49.15
C PRO K 807 -10.57 43.18 -47.76
N PRO K 808 -9.27 42.98 -47.48
CA PRO K 808 -8.84 42.50 -46.16
C PRO K 808 -9.22 43.42 -45.02
N HIS K 809 -9.57 42.83 -43.88
CA HIS K 809 -9.95 43.57 -42.69
C HIS K 809 -9.06 43.19 -41.52
N TRP K 810 -7.81 42.87 -41.84
CA TRP K 810 -6.82 42.48 -40.84
C TRP K 810 -5.52 42.17 -41.57
N ASP K 811 -4.50 41.79 -40.80
CA ASP K 811 -3.20 41.46 -41.38
C ASP K 811 -2.51 42.72 -41.90
N PRO K 812 -1.16 42.68 -42.05
CA PRO K 812 -0.44 43.86 -42.55
C PRO K 812 -0.99 44.41 -43.87
N ARG K 813 -1.73 43.58 -44.60
CA ARG K 813 -2.30 44.00 -45.87
C ARG K 813 -3.65 44.70 -45.66
N HIS K 814 -4.04 44.85 -44.40
CA HIS K 814 -5.30 45.48 -44.03
C HIS K 814 -5.35 46.93 -44.48
N ALA K 815 -6.47 47.33 -45.07
CA ALA K 815 -6.67 48.70 -45.53
C ALA K 815 -7.54 49.45 -44.52
N LEU K 816 -7.44 50.77 -44.52
CA LEU K 816 -8.22 51.58 -43.58
C LEU K 816 -9.72 51.30 -43.73
N ARG K 817 -10.37 51.02 -42.61
CA ARG K 817 -11.80 50.72 -42.59
C ARG K 817 -12.63 51.73 -41.78
N ASP K 818 -13.79 51.28 -41.31
CA ASP K 818 -14.69 52.13 -40.54
C ASP K 818 -15.73 51.27 -39.81
N PRO K 819 -15.93 51.51 -38.50
CA PRO K 819 -16.89 50.78 -37.67
C PRO K 819 -18.34 51.09 -37.99
N GLU K 820 -19.22 50.12 -37.75
CA GLU K 820 -20.64 50.29 -38.02
C GLU K 820 -21.43 49.46 -37.01
N ARG K 821 -22.27 50.13 -36.21
CA ARG K 821 -23.05 49.44 -35.19
C ARG K 821 -24.56 49.45 -35.46
N LYS K 822 -25.24 48.44 -34.93
CA LYS K 822 -26.69 48.30 -35.07
C LYS K 822 -27.16 47.17 -34.16
N PHE K 823 -28.45 46.86 -34.23
CA PHE K 823 -29.00 45.80 -33.39
C PHE K 823 -30.34 45.30 -33.92
N LEU K 824 -30.81 44.20 -33.33
CA LEU K 824 -32.08 43.60 -33.71
C LEU K 824 -32.84 43.16 -32.47
N CYS K 825 -34.16 43.32 -32.50
CA CYS K 825 -35.01 42.93 -31.38
C CYS K 825 -36.36 42.53 -31.94
N ASP K 826 -36.50 41.24 -32.24
CA ASP K 826 -37.73 40.71 -32.81
C ASP K 826 -38.73 40.24 -31.77
N ARG K 827 -39.89 39.78 -32.26
CA ARG K 827 -40.97 39.28 -31.42
C ARG K 827 -41.07 40.02 -30.09
N THR K 828 -40.91 41.34 -30.15
CA THR K 828 -40.97 42.17 -28.95
C THR K 828 -41.72 43.47 -29.23
N LEU K 829 -42.14 44.14 -28.17
CA LEU K 829 -42.86 45.41 -28.28
C LEU K 829 -42.22 46.49 -27.43
N TRP K 830 -41.96 47.64 -28.04
CA TRP K 830 -41.36 48.76 -27.32
C TRP K 830 -42.34 49.21 -26.24
N ARG K 831 -41.82 49.41 -25.03
CA ARG K 831 -42.66 49.83 -23.92
C ARG K 831 -42.30 51.20 -23.36
N ILE K 832 -43.32 51.91 -22.90
CA ILE K 832 -43.15 53.24 -22.31
C ILE K 832 -44.24 53.38 -21.26
N PRO K 833 -44.08 52.69 -20.12
CA PRO K 833 -45.06 52.74 -19.02
C PRO K 833 -45.40 54.17 -18.61
N PHE K 834 -46.65 54.39 -18.24
CA PHE K 834 -47.10 55.71 -17.84
C PHE K 834 -46.91 55.90 -16.33
N SER K 835 -45.70 55.63 -15.85
CA SER K 835 -45.39 55.78 -14.44
C SER K 835 -44.38 56.91 -14.25
N SER K 836 -44.31 57.45 -13.04
CA SER K 836 -43.41 58.55 -12.75
C SER K 836 -41.95 58.11 -12.79
N ASN K 837 -41.71 56.82 -12.52
CA ASN K 837 -40.36 56.29 -12.52
C ASN K 837 -40.20 55.15 -13.53
N PHE K 838 -41.21 54.97 -14.37
CA PHE K 838 -41.18 53.92 -15.39
C PHE K 838 -41.23 52.50 -14.84
N MET K 839 -41.29 52.36 -13.53
CA MET K 839 -41.34 51.04 -12.92
C MET K 839 -42.77 50.57 -12.75
N SER K 840 -42.96 49.26 -12.61
CA SER K 840 -44.28 48.69 -12.43
C SER K 840 -44.57 48.47 -10.95
N MET K 841 -45.38 49.33 -10.38
CA MET K 841 -45.72 49.23 -8.96
C MET K 841 -47.18 48.83 -8.79
N GLY K 842 -47.76 48.29 -9.86
CA GLY K 842 -49.14 47.87 -9.82
C GLY K 842 -49.83 48.10 -11.16
N SER K 843 -50.85 47.31 -11.45
CA SER K 843 -51.58 47.44 -12.70
C SER K 843 -52.00 48.89 -12.90
N LEU K 844 -52.62 49.46 -11.87
CA LEU K 844 -53.07 50.85 -11.92
C LEU K 844 -51.93 51.76 -11.49
N THR K 845 -51.14 52.22 -12.46
CA THR K 845 -49.99 53.09 -12.19
C THR K 845 -50.38 54.28 -11.32
N ASP K 846 -49.36 54.98 -10.80
CA ASP K 846 -49.59 56.14 -9.97
C ASP K 846 -50.12 57.30 -10.79
N LEU K 847 -49.44 57.59 -11.90
CA LEU K 847 -49.86 58.67 -12.78
C LEU K 847 -51.27 58.41 -13.30
N GLY K 848 -51.56 57.14 -13.57
CA GLY K 848 -52.87 56.78 -14.05
C GLY K 848 -53.94 57.01 -12.99
N GLN K 849 -53.52 57.52 -11.85
CA GLN K 849 -54.43 57.77 -10.74
C GLN K 849 -54.24 59.19 -10.22
N ASN K 850 -53.49 59.99 -10.96
CA ASN K 850 -53.23 61.37 -10.59
C ASN K 850 -54.40 62.27 -10.99
N LEU K 851 -54.78 63.17 -10.10
CA LEU K 851 -55.91 64.07 -10.34
C LEU K 851 -55.80 64.87 -11.64
N LEU K 852 -54.59 65.34 -11.96
CA LEU K 852 -54.36 66.11 -13.17
C LEU K 852 -55.00 65.48 -14.42
N TYR K 853 -55.17 64.16 -14.40
CA TYR K 853 -55.74 63.46 -15.53
C TYR K 853 -57.20 63.04 -15.35
N ALA K 854 -57.54 62.58 -14.14
CA ALA K 854 -58.90 62.15 -13.85
C ALA K 854 -59.86 63.34 -13.75
N ASN K 855 -59.33 64.50 -13.40
CA ASN K 855 -60.12 65.71 -13.26
C ASN K 855 -60.50 66.33 -14.60
N ALA K 856 -59.49 66.73 -15.37
CA ALA K 856 -59.72 67.36 -16.66
C ALA K 856 -59.23 66.48 -17.80
N ALA K 857 -59.77 66.73 -19.00
CA ALA K 857 -59.39 65.97 -20.19
C ALA K 857 -58.28 66.70 -20.93
N HIS K 858 -57.44 65.94 -21.65
CA HIS K 858 -56.33 66.52 -22.40
C HIS K 858 -56.29 65.99 -23.82
N ALA K 859 -55.30 66.46 -24.57
CA ALA K 859 -55.10 66.05 -25.95
C ALA K 859 -53.69 65.47 -26.07
N LEU K 860 -53.56 64.39 -26.84
CA LEU K 860 -52.26 63.75 -27.01
C LEU K 860 -51.76 63.87 -28.44
N ASP K 861 -50.44 63.98 -28.58
CA ASP K 861 -49.81 64.10 -29.89
C ASP K 861 -48.44 63.44 -29.87
N MET K 862 -48.29 62.38 -30.66
CA MET K 862 -47.02 61.67 -30.72
C MET K 862 -46.40 61.80 -32.11
N THR K 863 -45.07 61.86 -32.16
CA THR K 863 -44.36 61.98 -33.42
C THR K 863 -43.27 60.92 -33.51
N PHE K 864 -43.48 59.92 -34.35
CA PHE K 864 -42.53 58.84 -34.51
C PHE K 864 -41.64 59.03 -35.74
N GLU K 865 -40.33 59.02 -35.51
CA GLU K 865 -39.37 59.17 -36.60
C GLU K 865 -38.73 57.79 -36.80
N MET K 866 -38.89 57.25 -38.00
CA MET K 866 -38.34 55.92 -38.28
C MET K 866 -37.58 55.86 -39.60
N ASP K 867 -36.83 54.77 -39.79
CA ASP K 867 -36.05 54.58 -41.01
C ASP K 867 -36.97 54.38 -42.21
N PRO K 868 -36.58 54.93 -43.37
CA PRO K 868 -37.37 54.81 -44.59
C PRO K 868 -37.32 53.42 -45.21
N ILE K 869 -38.48 52.94 -45.67
CA ILE K 869 -38.58 51.63 -46.30
C ILE K 869 -39.28 51.76 -47.65
N ASN K 870 -38.83 50.99 -48.63
CA ASN K 870 -39.41 51.03 -49.97
C ASN K 870 -40.71 50.25 -50.11
N GLU K 871 -41.61 50.40 -49.14
CA GLU K 871 -42.89 49.71 -49.17
C GLU K 871 -43.81 50.20 -48.07
N PRO K 872 -45.13 50.21 -48.33
CA PRO K 872 -46.12 50.66 -47.35
C PRO K 872 -46.06 49.87 -46.05
N THR K 873 -46.03 50.59 -44.93
CA THR K 873 -45.96 49.96 -43.61
C THR K 873 -47.04 50.55 -42.71
N LEU K 874 -47.05 50.13 -41.45
CA LEU K 874 -48.03 50.62 -40.49
C LEU K 874 -47.41 50.79 -39.10
N LEU K 875 -47.91 51.79 -38.36
CA LEU K 875 -47.42 52.07 -37.02
C LEU K 875 -48.40 51.48 -36.01
N TYR K 876 -48.11 50.26 -35.55
CA TYR K 876 -48.96 49.58 -34.59
C TYR K 876 -48.77 50.10 -33.16
N VAL K 877 -49.73 50.89 -32.70
CA VAL K 877 -49.67 51.45 -31.35
C VAL K 877 -50.57 50.64 -30.42
N LEU K 878 -50.25 50.66 -29.13
CA LEU K 878 -51.03 49.92 -28.15
C LEU K 878 -51.28 50.70 -26.86
N PHE K 879 -52.38 51.44 -26.81
CA PHE K 879 -52.71 52.22 -25.64
C PHE K 879 -53.18 51.29 -24.53
N GLU K 880 -52.24 50.80 -23.74
CA GLU K 880 -52.55 49.90 -22.64
C GLU K 880 -53.63 50.50 -21.76
N VAL K 881 -54.70 49.76 -21.54
CA VAL K 881 -55.81 50.22 -20.72
C VAL K 881 -56.36 49.11 -19.85
N PHE K 882 -57.58 49.29 -19.36
CA PHE K 882 -58.24 48.30 -18.51
C PHE K 882 -59.49 47.74 -19.19
N ASP K 883 -59.33 46.60 -19.85
CA ASP K 883 -60.44 45.96 -20.54
C ASP K 883 -61.00 44.89 -19.62
N VAL K 884 -61.83 45.30 -18.66
CA VAL K 884 -62.42 44.37 -17.70
C VAL K 884 -63.93 44.22 -17.89
N ALA K 885 -64.46 43.08 -17.48
CA ALA K 885 -65.88 42.80 -17.61
C ALA K 885 -66.37 41.87 -16.51
N ARG K 886 -67.47 42.23 -15.87
CA ARG K 886 -68.06 41.41 -14.82
C ARG K 886 -69.21 40.57 -15.36
N VAL K 887 -69.32 39.35 -14.87
CA VAL K 887 -70.39 38.45 -15.30
C VAL K 887 -71.34 38.17 -14.15
N HIS K 888 -72.61 38.53 -14.33
CA HIS K 888 -73.62 38.33 -13.31
C HIS K 888 -74.65 37.30 -13.75
N GLN K 889 -74.86 36.28 -12.94
CA GLN K 889 -75.82 35.23 -13.24
C GLN K 889 -76.87 35.12 -12.13
N PRO K 890 -77.96 35.89 -12.23
CA PRO K 890 -79.04 35.89 -11.25
C PRO K 890 -79.86 34.60 -11.22
N HIS K 891 -80.44 34.24 -12.36
CA HIS K 891 -81.27 33.05 -12.45
C HIS K 891 -80.79 32.00 -13.44
N ARG K 892 -81.49 30.88 -13.48
CA ARG K 892 -81.16 29.77 -14.37
C ARG K 892 -81.22 30.23 -15.82
N GLY K 893 -80.16 29.96 -16.57
CA GLY K 893 -80.10 30.34 -17.97
C GLY K 893 -80.23 31.84 -18.19
N VAL K 894 -79.46 32.62 -17.45
CA VAL K 894 -79.49 34.07 -17.57
C VAL K 894 -78.10 34.65 -17.32
N ILE K 895 -77.47 35.17 -18.38
CA ILE K 895 -76.14 35.75 -18.26
C ILE K 895 -76.13 37.24 -18.56
N GLU K 896 -75.79 38.04 -17.55
CA GLU K 896 -75.72 39.49 -17.70
C GLU K 896 -74.28 39.93 -17.47
N VAL K 897 -73.65 40.45 -18.51
CA VAL K 897 -72.27 40.91 -18.42
C VAL K 897 -72.18 42.42 -18.58
N VAL K 898 -71.16 43.02 -17.96
CA VAL K 898 -70.96 44.46 -18.04
C VAL K 898 -69.50 44.78 -18.35
N TYR K 899 -69.22 45.11 -19.61
CA TYR K 899 -67.86 45.44 -20.02
C TYR K 899 -67.51 46.87 -19.63
N LEU K 900 -66.23 47.20 -19.71
CA LEU K 900 -65.74 48.54 -19.37
C LEU K 900 -64.27 48.71 -19.66
N ARG K 901 -63.96 49.39 -20.76
CA ARG K 901 -62.58 49.63 -21.14
C ARG K 901 -62.27 51.11 -20.98
N THR K 902 -61.49 51.44 -19.95
CA THR K 902 -61.12 52.82 -19.69
C THR K 902 -59.61 52.99 -19.59
N PRO K 903 -59.04 53.97 -20.31
CA PRO K 903 -59.71 54.93 -21.18
C PRO K 903 -60.25 54.28 -22.46
N PHE K 904 -60.59 55.10 -23.45
CA PHE K 904 -61.11 54.60 -24.72
C PHE K 904 -62.32 53.71 -24.52
N SER K 905 -63.35 54.24 -23.88
CA SER K 905 -64.58 53.48 -23.64
C SER K 905 -65.17 52.94 -24.93
N ALA K 906 -65.51 53.84 -25.84
CA ALA K 906 -66.08 53.45 -27.13
C ALA K 906 -65.53 54.34 -28.23
N GLY K 907 -64.24 54.19 -28.53
CA GLY K 907 -63.62 54.99 -29.55
C GLY K 907 -63.35 56.40 -29.05
N ASN K 908 -62.89 57.28 -29.93
CA ASN K 908 -62.62 58.66 -29.56
C ASN K 908 -63.23 59.64 -30.55
N ALA K 909 -63.95 60.62 -30.02
CA ALA K 909 -64.60 61.63 -30.85
C ALA K 909 -65.00 62.84 -29.99
N LEU L 7 -62.87 55.11 -7.80
CA LEU L 7 -64.30 55.52 -7.77
C LEU L 7 -65.23 54.34 -8.02
N PRO L 8 -66.51 54.45 -7.64
CA PRO L 8 -67.53 53.41 -7.81
C PRO L 8 -67.48 52.71 -9.16
N GLN L 9 -66.88 53.36 -10.16
CA GLN L 9 -66.78 52.77 -11.48
C GLN L 9 -65.72 51.68 -11.46
N TRP L 10 -64.59 51.98 -10.83
CA TRP L 10 -63.50 51.00 -10.73
C TRP L 10 -63.80 49.98 -9.65
N SER L 11 -64.26 50.47 -8.49
CA SER L 11 -64.59 49.61 -7.36
C SER L 11 -65.50 48.46 -7.78
N TYR L 12 -66.42 48.75 -8.70
CA TYR L 12 -67.36 47.73 -9.17
C TYR L 12 -66.63 46.73 -10.07
N MET L 13 -65.84 47.26 -11.00
CA MET L 13 -65.10 46.42 -11.94
C MET L 13 -63.84 45.86 -11.29
N HIS L 14 -63.65 46.17 -10.01
CA HIS L 14 -62.48 45.71 -9.27
C HIS L 14 -61.17 46.22 -9.84
N ILE L 15 -61.22 47.33 -10.56
CA ILE L 15 -60.00 47.91 -11.13
C ILE L 15 -59.13 48.35 -9.96
N ALA L 16 -59.78 48.64 -8.84
CA ALA L 16 -59.10 49.07 -7.63
C ALA L 16 -60.00 48.81 -6.43
N GLY L 17 -59.39 48.55 -5.27
CA GLY L 17 -60.17 48.29 -4.07
C GLY L 17 -59.78 47.01 -3.37
N GLN L 18 -60.73 46.41 -2.65
CA GLN L 18 -60.48 45.18 -1.91
C GLN L 18 -60.22 44.02 -2.86
N ASP L 19 -59.65 42.94 -2.31
CA ASP L 19 -59.35 41.75 -3.10
C ASP L 19 -60.47 40.72 -3.01
N ALA L 20 -60.39 39.70 -3.86
CA ALA L 20 -61.40 38.65 -3.89
C ALA L 20 -61.64 38.09 -2.49
N SER L 21 -60.56 37.91 -1.73
CA SER L 21 -60.65 37.38 -0.39
C SER L 21 -61.33 38.35 0.57
N GLU L 22 -61.91 39.41 0.02
CA GLU L 22 -62.59 40.41 0.82
C GLU L 22 -63.93 40.84 0.25
N TYR L 23 -63.99 41.05 -1.07
CA TYR L 23 -65.24 41.46 -1.70
C TYR L 23 -66.15 40.27 -1.98
N LEU L 24 -65.64 39.07 -1.73
CA LEU L 24 -66.41 37.85 -1.95
C LEU L 24 -67.02 37.38 -0.63
N SER L 25 -68.04 36.53 -0.73
CA SER L 25 -68.69 36.00 0.46
C SER L 25 -67.73 35.05 1.19
N PRO L 26 -67.56 35.24 2.50
CA PRO L 26 -66.68 34.41 3.33
C PRO L 26 -66.74 32.92 2.98
N GLY L 27 -67.96 32.42 2.79
CA GLY L 27 -68.13 31.01 2.47
C GLY L 27 -67.41 30.59 1.20
N LEU L 28 -67.67 31.32 0.12
CA LEU L 28 -67.06 31.02 -1.18
C LEU L 28 -65.54 31.09 -1.11
N VAL L 29 -65.02 32.02 -0.32
CA VAL L 29 -63.57 32.19 -0.19
C VAL L 29 -62.90 30.89 0.26
N GLN L 30 -63.18 30.49 1.49
CA GLN L 30 -62.60 29.27 2.06
C GLN L 30 -62.83 28.04 1.17
N PHE L 31 -63.98 28.00 0.50
CA PHE L 31 -64.30 26.88 -0.38
C PHE L 31 -63.21 26.70 -1.42
N ALA L 32 -62.83 27.80 -2.07
CA ALA L 32 -61.79 27.77 -3.09
C ALA L 32 -60.47 27.31 -2.48
N GLN L 33 -60.15 27.85 -1.31
CA GLN L 33 -58.92 27.51 -0.62
C GLN L 33 -58.85 26.02 -0.32
N ALA L 34 -60.01 25.42 -0.06
CA ALA L 34 -60.09 23.99 0.24
C ALA L 34 -60.01 23.14 -1.01
N THR L 35 -60.63 23.60 -2.09
CA THR L 35 -60.62 22.87 -3.35
C THR L 35 -59.44 23.28 -4.22
N GLU L 36 -58.41 23.86 -3.61
CA GLU L 36 -57.22 24.29 -4.33
C GLU L 36 -56.44 23.09 -4.84
N SER L 37 -57.11 21.95 -4.98
CA SER L 37 -56.47 20.73 -5.46
C SER L 37 -57.16 20.23 -6.72
N TYR L 38 -58.42 19.85 -6.58
CA TYR L 38 -59.21 19.34 -7.70
C TYR L 38 -59.89 20.44 -8.50
N PHE L 39 -60.83 21.14 -7.89
CA PHE L 39 -61.55 22.20 -8.57
C PHE L 39 -61.04 23.58 -8.18
N ASN L 40 -60.52 24.32 -9.15
CA ASN L 40 -59.99 25.66 -8.89
C ASN L 40 -60.92 26.75 -9.43
N ILE L 41 -61.12 27.79 -8.62
CA ILE L 41 -61.99 28.90 -9.00
C ILE L 41 -61.32 30.21 -8.64
N GLY L 42 -60.00 30.18 -8.44
CA GLY L 42 -59.26 31.37 -8.08
C GLY L 42 -59.02 32.34 -9.22
N ASN L 43 -59.05 31.83 -10.45
CA ASN L 43 -58.81 32.66 -11.63
C ASN L 43 -60.11 33.34 -12.07
N LYS L 44 -61.22 32.86 -11.54
CA LYS L 44 -62.53 33.39 -11.87
C LYS L 44 -62.77 34.75 -11.23
N PHE L 45 -62.03 35.04 -10.17
CA PHE L 45 -62.17 36.32 -9.48
C PHE L 45 -60.88 37.12 -9.60
N ARG L 46 -61.01 38.37 -10.05
CA ARG L 46 -59.85 39.24 -10.22
C ARG L 46 -59.49 40.00 -8.95
N ASN L 47 -58.19 40.18 -8.74
CA ASN L 47 -57.67 40.90 -7.59
C ASN L 47 -57.01 42.19 -8.05
N PRO L 48 -57.53 43.35 -7.62
CA PRO L 48 -56.97 44.65 -8.03
C PRO L 48 -55.60 44.94 -7.42
N THR L 49 -54.73 45.54 -8.22
CA THR L 49 -53.39 45.89 -7.76
C THR L 49 -53.11 47.37 -8.05
N VAL L 50 -53.27 48.20 -7.03
CA VAL L 50 -53.04 49.63 -7.16
C VAL L 50 -51.66 50.03 -6.69
N ALA L 51 -51.09 51.05 -7.32
CA ALA L 51 -49.76 51.54 -6.96
C ALA L 51 -49.89 52.79 -6.09
N PRO L 52 -48.87 53.09 -5.28
CA PRO L 52 -48.87 54.25 -4.40
C PRO L 52 -48.90 55.58 -5.18
N THR L 53 -49.53 56.59 -4.60
CA THR L 53 -49.63 57.90 -5.24
C THR L 53 -49.05 59.02 -4.40
N HIS L 54 -48.04 58.70 -3.60
CA HIS L 54 -47.39 59.70 -2.74
C HIS L 54 -46.28 59.05 -1.92
N ASP L 55 -45.26 59.84 -1.60
CA ASP L 55 -44.13 59.36 -0.82
C ASP L 55 -43.35 58.29 -1.57
N VAL L 56 -43.28 58.43 -2.89
CA VAL L 56 -42.57 57.48 -3.73
C VAL L 56 -41.73 58.23 -4.75
N THR L 57 -42.42 58.94 -5.65
CA THR L 57 -41.73 59.69 -6.70
C THR L 57 -41.88 61.19 -6.45
N THR L 58 -40.86 61.95 -6.85
CA THR L 58 -40.87 63.40 -6.68
C THR L 58 -41.61 64.07 -7.84
N GLU L 59 -42.19 65.23 -7.56
CA GLU L 59 -42.93 65.98 -8.58
C GLU L 59 -42.07 67.00 -9.29
N ARG L 60 -41.06 67.53 -8.59
CA ARG L 60 -40.16 68.51 -9.18
C ARG L 60 -39.19 67.89 -10.17
N SER L 61 -38.71 68.71 -11.12
CA SER L 61 -37.77 68.26 -12.13
C SER L 61 -36.54 67.65 -11.50
N GLN L 62 -35.97 66.64 -12.15
CA GLN L 62 -34.78 65.95 -11.66
C GLN L 62 -34.34 64.85 -12.61
N ARG L 63 -33.09 64.92 -13.05
CA ARG L 63 -32.54 63.91 -13.96
C ARG L 63 -32.57 62.51 -13.35
N LEU L 64 -32.59 61.49 -14.21
CA LEU L 64 -32.61 60.11 -13.76
C LEU L 64 -31.18 59.58 -13.71
N GLN L 65 -30.37 60.01 -14.67
CA GLN L 65 -28.98 59.58 -14.74
C GLN L 65 -28.10 60.74 -15.16
N LEU L 66 -27.23 61.17 -14.25
CA LEU L 66 -26.32 62.27 -14.53
C LEU L 66 -25.06 61.79 -15.22
N ARG L 67 -24.29 62.73 -15.74
CA ARG L 67 -23.04 62.40 -16.43
C ARG L 67 -21.96 63.30 -15.88
N PHE L 68 -20.81 62.73 -15.54
CA PHE L 68 -19.71 63.51 -14.98
C PHE L 68 -18.46 63.49 -15.85
N VAL L 69 -17.82 64.64 -15.96
CA VAL L 69 -16.60 64.78 -16.75
C VAL L 69 -15.37 64.88 -15.84
N PRO L 70 -14.26 64.24 -16.25
CA PRO L 70 -13.01 64.25 -15.49
C PRO L 70 -12.52 65.66 -15.14
N VAL L 71 -12.29 65.89 -13.85
CA VAL L 71 -11.81 67.19 -13.39
C VAL L 71 -10.29 67.21 -13.53
N ASP L 72 -9.72 66.05 -13.80
CA ASP L 72 -8.29 65.90 -13.97
C ASP L 72 -7.99 64.51 -14.53
N ARG L 73 -7.13 64.46 -15.54
CA ARG L 73 -6.77 63.18 -16.16
C ARG L 73 -5.31 63.14 -16.59
N GLU L 74 -4.62 62.08 -16.19
CA GLU L 74 -3.21 61.90 -16.51
C GLU L 74 -3.00 60.65 -17.36
N ASP L 75 -2.49 60.84 -18.57
CA ASP L 75 -2.23 59.72 -19.46
C ASP L 75 -0.77 59.29 -19.36
N THR L 76 -0.51 58.31 -18.51
CA THR L 76 0.84 57.80 -18.30
C THR L 76 1.18 56.80 -19.40
N GLN L 77 2.47 56.55 -19.58
CA GLN L 77 2.95 55.63 -20.61
C GLN L 77 2.29 54.26 -20.56
N TYR L 78 1.91 53.80 -19.38
CA TYR L 78 1.28 52.49 -19.21
C TYR L 78 0.09 52.49 -18.27
N SER L 79 -0.45 53.67 -17.99
CA SER L 79 -1.60 53.78 -17.10
C SER L 79 -2.38 55.04 -17.38
N TYR L 80 -3.66 55.04 -17.01
CA TYR L 80 -4.51 56.20 -17.22
C TYR L 80 -5.32 56.47 -15.95
N LYS L 81 -5.17 57.68 -15.40
CA LYS L 81 -5.88 58.04 -14.18
C LYS L 81 -6.78 59.25 -14.38
N THR L 82 -7.97 59.17 -13.82
CA THR L 82 -8.94 60.26 -13.93
C THR L 82 -9.69 60.42 -12.60
N ARG L 83 -9.96 61.66 -12.21
CA ARG L 83 -10.68 61.92 -10.97
C ARG L 83 -11.96 62.69 -11.25
N PHE L 84 -13.06 62.23 -10.65
CA PHE L 84 -14.36 62.88 -10.83
C PHE L 84 -14.84 63.41 -9.49
N GLN L 85 -15.74 64.37 -9.52
CA GLN L 85 -16.29 64.94 -8.30
C GLN L 85 -17.75 64.52 -8.11
N LEU L 86 -17.96 63.21 -8.05
CA LEU L 86 -19.29 62.63 -7.87
C LEU L 86 -20.08 63.41 -6.82
N ALA L 87 -21.04 64.21 -7.28
CA ALA L 87 -21.86 65.02 -6.38
C ALA L 87 -23.28 64.50 -6.29
N VAL L 88 -23.69 64.11 -5.08
CA VAL L 88 -25.03 63.61 -4.85
C VAL L 88 -25.92 64.72 -4.30
N GLY L 89 -26.73 65.31 -5.17
CA GLY L 89 -27.62 66.38 -4.77
C GLY L 89 -28.39 66.06 -3.51
N ASP L 90 -28.84 67.09 -2.80
CA ASP L 90 -29.59 66.91 -1.58
C ASP L 90 -30.91 66.19 -1.85
N ASN L 91 -31.46 65.55 -0.81
CA ASN L 91 -32.71 64.82 -0.93
C ASN L 91 -32.63 63.69 -1.95
N ARG L 92 -31.41 63.23 -2.24
CA ARG L 92 -31.21 62.14 -3.18
C ARG L 92 -30.39 61.02 -2.56
N VAL L 93 -30.39 59.87 -3.21
CA VAL L 93 -29.65 58.71 -2.75
C VAL L 93 -29.08 57.97 -3.95
N LEU L 94 -27.76 57.82 -3.99
CA LEU L 94 -27.12 57.13 -5.09
C LEU L 94 -26.67 55.72 -4.72
N ASP L 95 -27.02 54.76 -5.57
CA ASP L 95 -26.65 53.37 -5.35
C ASP L 95 -25.51 53.01 -6.29
N MET L 96 -24.29 53.07 -5.79
CA MET L 96 -23.10 52.77 -6.58
C MET L 96 -23.30 51.72 -7.65
N ALA L 97 -24.01 50.65 -7.33
CA ALA L 97 -24.26 49.58 -8.28
C ALA L 97 -24.77 50.09 -9.63
N SER L 98 -25.37 51.28 -9.62
CA SER L 98 -25.91 51.86 -10.84
C SER L 98 -24.90 52.77 -11.55
N THR L 99 -23.68 52.81 -11.04
CA THR L 99 -22.64 53.65 -11.64
C THR L 99 -21.64 52.81 -12.42
N TYR L 100 -21.07 53.40 -13.46
CA TYR L 100 -20.08 52.72 -14.29
C TYR L 100 -19.26 53.73 -15.07
N PHE L 101 -18.13 53.28 -15.60
CA PHE L 101 -17.26 54.17 -16.37
C PHE L 101 -17.41 53.97 -17.87
N ASP L 102 -17.91 55.00 -18.54
CA ASP L 102 -18.10 54.95 -19.98
C ASP L 102 -16.78 55.28 -20.67
N ILE L 103 -16.19 54.28 -21.32
CA ILE L 103 -14.92 54.47 -22.00
C ILE L 103 -15.04 54.47 -23.52
N ARG L 104 -14.26 55.32 -24.17
CA ARG L 104 -14.26 55.43 -25.62
C ARG L 104 -12.82 55.55 -26.10
N GLY L 105 -12.50 54.91 -27.22
CA GLY L 105 -11.15 54.97 -27.74
C GLY L 105 -10.91 54.12 -28.97
N THR L 106 -9.66 54.10 -29.42
CA THR L 106 -9.28 53.33 -30.60
C THR L 106 -8.52 52.06 -30.19
N LEU L 107 -8.75 50.98 -30.93
CA LEU L 107 -8.08 49.72 -30.64
C LEU L 107 -7.42 49.15 -31.89
N ASP L 108 -6.26 48.52 -31.71
CA ASP L 108 -5.53 47.92 -32.81
C ASP L 108 -5.16 46.48 -32.48
N ARG L 109 -6.02 45.55 -32.88
CA ARG L 109 -5.80 44.13 -32.63
C ARG L 109 -4.48 43.62 -33.21
N GLY L 110 -3.77 44.49 -33.92
CA GLY L 110 -2.51 44.09 -34.50
C GLY L 110 -2.72 43.27 -35.76
N ALA L 111 -1.63 42.73 -36.31
CA ALA L 111 -1.70 41.92 -37.52
C ALA L 111 -1.98 40.46 -37.18
N SER L 112 -1.81 40.10 -35.91
CA SER L 112 -2.03 38.74 -35.46
C SER L 112 -3.51 38.43 -35.25
N PHE L 113 -4.38 39.35 -35.67
CA PHE L 113 -5.81 39.16 -35.50
C PHE L 113 -6.49 38.51 -36.70
N LYS L 114 -6.94 37.27 -36.51
CA LYS L 114 -7.62 36.52 -37.57
C LYS L 114 -8.87 35.88 -36.98
N PRO L 115 -9.99 36.62 -36.97
CA PRO L 115 -11.27 36.14 -36.43
C PRO L 115 -11.99 35.06 -37.23
N TYR L 116 -11.28 34.03 -37.66
CA TYR L 116 -11.91 32.94 -38.42
C TYR L 116 -10.92 31.88 -38.89
N SER L 117 -11.45 30.72 -39.23
CA SER L 117 -10.65 29.61 -39.72
C SER L 117 -10.67 29.60 -41.24
N GLY L 118 -9.78 28.83 -41.84
CA GLY L 118 -9.73 28.75 -43.28
C GLY L 118 -9.29 30.04 -43.94
N THR L 119 -9.79 30.29 -45.13
CA THR L 119 -9.45 31.50 -45.87
C THR L 119 -10.68 32.16 -46.48
N ALA L 120 -10.47 33.33 -47.05
CA ALA L 120 -11.54 34.09 -47.68
C ALA L 120 -11.08 34.43 -49.10
N TYR L 121 -10.25 33.56 -49.66
CA TYR L 121 -9.72 33.77 -51.01
C TYR L 121 -9.53 32.42 -51.72
N ASN L 122 -10.46 32.09 -52.61
CA ASN L 122 -10.39 30.84 -53.36
C ASN L 122 -10.34 29.65 -52.41
N SER L 123 -11.28 29.63 -51.46
CA SER L 123 -11.36 28.55 -50.47
C SER L 123 -11.66 27.19 -51.09
N PHE L 124 -12.15 27.17 -52.32
CA PHE L 124 -12.46 25.93 -52.99
C PHE L 124 -11.30 25.48 -53.88
N ALA L 125 -10.34 26.36 -54.06
CA ALA L 125 -9.17 26.07 -54.88
C ALA L 125 -8.27 25.08 -54.17
N PRO L 126 -7.86 24.01 -54.88
CA PRO L 126 -6.99 23.01 -54.28
C PRO L 126 -5.78 23.67 -53.61
N LYS L 127 -5.47 23.23 -52.40
CA LYS L 127 -4.34 23.78 -51.65
C LYS L 127 -3.00 23.43 -52.30
N SER L 128 -3.05 23.07 -53.57
CA SER L 128 -1.85 22.73 -54.32
C SER L 128 -1.89 23.38 -55.70
N ALA L 129 -3.09 23.53 -56.23
CA ALA L 129 -3.29 24.13 -57.54
C ALA L 129 -2.84 25.59 -57.55
N PRO L 130 -1.88 25.94 -58.41
CA PRO L 130 -1.33 27.28 -58.55
C PRO L 130 -2.13 28.12 -59.54
N ASN L 131 -1.94 29.44 -59.51
CA ASN L 131 -2.63 30.33 -60.42
C ASN L 131 -1.90 30.30 -61.76
N ASN L 132 -2.18 31.28 -62.62
CA ASN L 132 -1.53 31.34 -63.93
C ASN L 132 -0.07 31.75 -63.77
N THR L 133 0.81 30.78 -63.53
CA THR L 133 2.22 31.09 -63.39
C THR L 133 2.98 30.81 -64.69
N GLN L 134 3.95 31.64 -64.97
CA GLN L 134 4.76 31.50 -66.17
C GLN L 134 6.19 31.22 -65.72
N PHE L 135 6.43 29.99 -65.26
CA PHE L 135 7.75 29.60 -64.80
C PHE L 135 8.80 29.61 -65.91
N ARG L 136 9.93 28.98 -65.60
CA ARG L 136 11.05 28.86 -66.51
C ARG L 136 11.39 27.38 -66.58
N GLN L 137 11.78 26.92 -67.76
CA GLN L 137 12.11 25.53 -67.96
C GLN L 137 13.53 25.22 -67.50
N ALA L 138 13.67 24.72 -66.28
CA ALA L 138 14.98 24.38 -65.69
C ALA L 138 16.21 25.14 -66.20
N ASN L 139 16.00 26.39 -66.64
CA ASN L 139 17.08 27.24 -67.14
C ASN L 139 17.69 26.53 -68.36
N ASN L 140 18.72 27.14 -68.94
CA ASN L 140 19.43 26.64 -70.12
C ASN L 140 19.30 27.79 -71.10
N GLY L 141 18.51 27.59 -72.15
CA GLY L 141 18.28 28.64 -73.13
C GLY L 141 16.82 28.61 -73.51
N HIS L 142 15.97 28.40 -72.50
CA HIS L 142 14.52 28.28 -72.62
C HIS L 142 13.82 29.38 -71.82
N PRO L 143 13.73 30.60 -72.39
CA PRO L 143 13.07 31.69 -71.66
C PRO L 143 11.57 31.52 -71.50
N ALA L 144 11.08 31.83 -70.30
CA ALA L 144 9.66 31.75 -70.00
C ALA L 144 9.04 30.38 -70.27
N GLN L 145 7.76 30.26 -69.94
CA GLN L 145 7.00 29.03 -70.12
C GLN L 145 5.64 29.22 -69.46
N THR L 146 4.57 29.10 -70.23
CA THR L 146 3.24 29.29 -69.69
C THR L 146 2.43 28.05 -69.34
N ILE L 147 1.79 28.10 -68.19
CA ILE L 147 0.95 27.02 -67.68
C ILE L 147 -0.35 27.71 -67.22
N ALA L 148 -1.43 27.47 -67.94
CA ALA L 148 -2.69 28.10 -67.59
C ALA L 148 -3.92 27.41 -68.17
N GLN L 149 -4.78 28.20 -68.81
CA GLN L 149 -6.01 27.71 -69.40
C GLN L 149 -6.81 28.84 -70.03
N ALA L 150 -7.29 28.62 -71.24
CA ALA L 150 -8.09 29.62 -71.94
C ALA L 150 -9.55 29.21 -71.88
N SER L 151 -10.27 29.71 -70.88
CA SER L 151 -11.68 29.40 -70.73
C SER L 151 -12.56 30.63 -70.78
N TYR L 152 -12.89 31.05 -72.00
CA TYR L 152 -13.75 32.21 -72.20
C TYR L 152 -14.91 31.86 -73.14
N VAL L 153 -16.08 32.41 -72.85
CA VAL L 153 -17.28 32.16 -73.65
C VAL L 153 -17.00 32.27 -75.15
N ALA L 154 -16.99 31.12 -75.81
CA ALA L 154 -16.76 31.05 -77.25
C ALA L 154 -15.63 31.94 -77.75
N THR L 155 -16.02 33.06 -78.36
CA THR L 155 -15.13 34.07 -78.96
C THR L 155 -15.06 33.93 -80.48
N ILE L 156 -15.85 34.74 -81.18
CA ILE L 156 -15.87 34.67 -82.64
C ILE L 156 -14.51 34.40 -83.25
N GLY L 157 -13.58 35.33 -83.06
CA GLY L 157 -12.25 35.15 -83.61
C GLY L 157 -11.13 35.71 -82.75
N GLY L 158 -9.99 35.96 -83.39
CA GLY L 158 -8.85 36.49 -82.67
C GLY L 158 -7.79 37.04 -83.62
N ALA L 159 -7.75 38.36 -83.76
CA ALA L 159 -6.78 39.01 -84.63
C ALA L 159 -5.70 39.75 -83.84
N ASN L 160 -4.81 40.45 -84.55
CA ASN L 160 -3.73 41.22 -83.93
C ASN L 160 -4.26 42.06 -82.79
N ASN L 161 -5.46 42.60 -82.98
CA ASN L 161 -6.10 43.43 -81.96
C ASN L 161 -6.19 42.62 -80.66
N ASP L 162 -6.89 41.50 -80.72
CA ASP L 162 -7.05 40.61 -79.56
C ASP L 162 -8.24 39.68 -79.69
N LEU L 163 -8.75 39.23 -78.55
CA LEU L 163 -9.89 38.32 -78.49
C LEU L 163 -11.18 39.06 -78.83
N GLN L 164 -11.80 38.70 -79.95
CA GLN L 164 -13.05 39.34 -80.38
C GLN L 164 -14.23 38.86 -79.53
N MET L 165 -14.90 39.82 -78.89
CA MET L 165 -16.05 39.51 -78.04
C MET L 165 -17.37 39.70 -78.78
N GLY L 166 -17.28 39.98 -80.08
CA GLY L 166 -18.48 40.17 -80.88
C GLY L 166 -18.28 41.18 -81.99
N VAL L 167 -19.32 41.95 -82.28
CA VAL L 167 -19.26 42.96 -83.33
C VAL L 167 -19.76 44.32 -82.86
N ASP L 168 -19.44 44.67 -81.62
CA ASP L 168 -19.84 45.94 -81.02
C ASP L 168 -21.06 46.54 -81.72
N GLU L 169 -22.17 45.81 -81.68
CA GLU L 169 -23.43 46.23 -82.30
C GLU L 169 -23.25 46.76 -83.73
N ARG L 170 -23.63 45.93 -84.69
CA ARG L 170 -23.58 46.23 -86.13
C ARG L 170 -22.49 45.47 -86.88
N GLN L 171 -21.74 46.18 -87.73
CA GLN L 171 -20.70 45.58 -88.55
C GLN L 171 -19.31 45.52 -87.92
N LEU L 172 -18.91 46.57 -87.23
CA LEU L 172 -17.59 46.63 -86.61
C LEU L 172 -17.39 45.63 -85.47
N PRO L 173 -16.44 44.69 -85.64
CA PRO L 173 -16.12 43.66 -84.64
C PRO L 173 -15.51 44.25 -83.37
N VAL L 174 -16.12 43.95 -82.22
CA VAL L 174 -15.63 44.45 -80.95
C VAL L 174 -14.54 43.55 -80.37
N TYR L 175 -13.60 44.16 -79.65
CA TYR L 175 -12.51 43.41 -79.04
C TYR L 175 -12.47 43.58 -77.54
N ALA L 176 -12.13 42.51 -76.84
CA ALA L 176 -12.07 42.50 -75.38
C ALA L 176 -11.14 43.59 -74.85
N ASN L 177 -11.58 44.26 -73.79
CA ASN L 177 -10.81 45.33 -73.18
C ASN L 177 -9.72 44.72 -72.30
N THR L 178 -8.48 44.83 -72.77
CA THR L 178 -7.31 44.28 -72.08
C THR L 178 -7.34 44.41 -70.55
N THR L 179 -7.68 45.60 -70.06
CA THR L 179 -7.70 45.85 -68.62
C THR L 179 -8.52 44.89 -67.75
N TYR L 180 -9.43 44.13 -68.34
CA TYR L 180 -10.23 43.22 -67.53
C TYR L 180 -10.84 42.06 -68.31
N GLN L 181 -10.75 42.11 -69.64
CA GLN L 181 -11.31 41.06 -70.47
C GLN L 181 -10.21 40.21 -71.11
N PRO L 182 -10.39 38.88 -71.12
CA PRO L 182 -11.55 38.17 -70.56
C PRO L 182 -11.49 38.08 -69.05
N GLU L 183 -12.65 37.87 -68.42
CA GLU L 183 -12.73 37.76 -66.97
C GLU L 183 -12.63 36.31 -66.52
N PRO L 184 -11.72 36.01 -65.58
CA PRO L 184 -11.49 34.67 -65.02
C PRO L 184 -12.74 34.07 -64.36
N GLN L 185 -13.90 34.67 -64.62
CA GLN L 185 -15.15 34.20 -64.05
C GLN L 185 -16.04 33.65 -65.16
N LEU L 186 -15.87 34.18 -66.37
CA LEU L 186 -16.64 33.76 -67.53
C LEU L 186 -16.18 32.42 -68.08
N GLY L 187 -16.97 31.86 -68.99
CA GLY L 187 -16.62 30.58 -69.58
C GLY L 187 -17.84 29.93 -70.24
N ILE L 188 -17.61 28.82 -70.93
CA ILE L 188 -18.68 28.10 -71.61
C ILE L 188 -19.74 27.66 -70.60
N GLU L 189 -20.99 27.60 -71.03
CA GLU L 189 -22.08 27.21 -70.15
C GLU L 189 -22.31 25.69 -70.14
N GLY L 190 -22.01 25.06 -71.27
CA GLY L 190 -22.22 23.62 -71.38
C GLY L 190 -21.12 22.72 -70.86
N TRP L 191 -21.52 21.71 -70.09
CA TRP L 191 -20.58 20.74 -69.53
C TRP L 191 -19.97 19.92 -70.66
N THR L 192 -20.80 19.15 -71.35
CA THR L 192 -20.32 18.34 -72.46
C THR L 192 -20.50 19.15 -73.72
N ALA L 193 -21.62 19.86 -73.82
CA ALA L 193 -21.91 20.68 -74.98
C ALA L 193 -20.79 21.68 -75.23
N GLY L 194 -20.18 22.16 -74.15
CA GLY L 194 -19.10 23.12 -74.29
C GLY L 194 -17.78 22.50 -74.70
N SER L 195 -17.46 21.33 -74.13
CA SER L 195 -16.21 20.65 -74.44
C SER L 195 -16.29 19.85 -75.73
N MET L 196 -17.41 19.15 -75.92
CA MET L 196 -17.64 18.32 -77.10
C MET L 196 -17.73 19.18 -78.36
N ALA L 197 -18.09 20.45 -78.18
CA ALA L 197 -18.22 21.38 -79.29
C ALA L 197 -16.83 21.89 -79.70
N VAL L 198 -15.91 21.89 -78.75
CA VAL L 198 -14.55 22.36 -78.99
C VAL L 198 -14.53 23.87 -79.19
N ILE L 199 -13.48 24.51 -78.68
CA ILE L 199 -13.34 25.95 -78.81
C ILE L 199 -12.16 26.27 -79.73
N ASP L 200 -12.44 26.86 -80.88
CA ASP L 200 -11.39 27.20 -81.84
C ASP L 200 -10.63 28.42 -81.33
N GLN L 201 -11.37 29.44 -80.89
CA GLN L 201 -10.77 30.66 -80.38
C GLN L 201 -11.03 30.78 -78.88
N ALA L 202 -10.02 30.45 -78.08
CA ALA L 202 -10.15 30.52 -76.63
C ALA L 202 -9.31 31.68 -76.10
N GLY L 203 -9.66 32.16 -74.90
CA GLY L 203 -8.92 33.27 -74.31
C GLY L 203 -8.74 33.15 -72.81
N GLY L 204 -7.59 33.63 -72.34
CA GLY L 204 -7.31 33.58 -70.91
C GLY L 204 -6.46 34.74 -70.42
N ARG L 205 -6.24 34.80 -69.12
CA ARG L 205 -5.43 35.85 -68.51
C ARG L 205 -4.37 35.18 -67.67
N VAL L 206 -3.12 35.65 -67.75
CA VAL L 206 -2.04 35.03 -67.00
C VAL L 206 -1.00 36.01 -66.44
N LEU L 207 -0.39 35.63 -65.33
CA LEU L 207 0.64 36.44 -64.68
C LEU L 207 1.99 36.05 -65.29
N ARG L 208 2.90 37.02 -65.41
CA ARG L 208 4.21 36.74 -65.97
C ARG L 208 5.34 37.01 -64.99
N ASN L 209 6.17 35.99 -64.77
CA ASN L 209 7.34 36.04 -63.88
C ASN L 209 7.13 36.43 -62.41
N PRO L 210 5.95 36.16 -61.83
CA PRO L 210 5.79 36.54 -60.43
C PRO L 210 6.21 35.37 -59.52
N THR L 211 6.39 35.63 -58.23
CA THR L 211 6.77 34.58 -57.31
C THR L 211 5.59 33.64 -57.05
N GLN L 212 5.66 32.45 -57.63
CA GLN L 212 4.61 31.45 -57.49
C GLN L 212 4.09 31.30 -56.07
N THR L 213 2.78 31.17 -55.95
CA THR L 213 2.11 31.00 -54.68
C THR L 213 0.84 30.22 -54.95
N PRO L 214 0.55 29.21 -54.12
CA PRO L 214 -0.66 28.40 -54.31
C PRO L 214 -1.90 29.28 -54.45
N CYS L 215 -2.72 28.98 -55.45
CA CYS L 215 -3.94 29.75 -55.69
C CYS L 215 -4.76 29.87 -54.42
N TYR L 216 -4.59 28.93 -53.51
CA TYR L 216 -5.32 28.93 -52.25
C TYR L 216 -4.99 30.16 -51.41
N GLY L 217 -5.92 31.11 -51.37
CA GLY L 217 -5.71 32.32 -50.59
C GLY L 217 -4.97 33.41 -51.32
N SER L 218 -4.93 33.32 -52.64
CA SER L 218 -4.24 34.33 -53.45
C SER L 218 -5.11 35.57 -53.59
N TYR L 219 -4.54 36.74 -53.32
CA TYR L 219 -5.26 37.99 -53.40
C TYR L 219 -4.37 39.12 -53.91
N ALA L 220 -5.00 40.10 -54.55
CA ALA L 220 -4.29 41.27 -55.08
C ALA L 220 -5.22 42.46 -55.00
N LYS L 221 -4.66 43.66 -55.14
CA LYS L 221 -5.47 44.87 -55.07
C LYS L 221 -5.87 45.38 -56.45
N PRO L 222 -7.12 45.85 -56.59
CA PRO L 222 -7.66 46.38 -57.84
C PRO L 222 -6.98 47.67 -58.30
N THR L 223 -7.13 47.99 -59.58
CA THR L 223 -6.54 49.19 -60.14
C THR L 223 -7.48 49.96 -61.07
N ASN L 224 -8.66 49.40 -61.33
CA ASN L 224 -9.62 50.06 -62.22
C ASN L 224 -11.07 49.81 -61.82
N GLU L 225 -11.96 50.49 -62.53
CA GLU L 225 -13.40 50.36 -62.31
C GLU L 225 -13.77 48.96 -62.80
N HIS L 226 -12.89 48.40 -63.63
CA HIS L 226 -13.08 47.08 -64.19
C HIS L 226 -12.61 46.03 -63.20
N GLY L 227 -12.04 46.49 -62.09
CA GLY L 227 -11.54 45.58 -61.08
C GLY L 227 -10.13 45.11 -61.36
N GLY L 228 -9.88 44.71 -62.60
CA GLY L 228 -8.57 44.23 -63.01
C GLY L 228 -7.39 44.66 -62.16
N ILE L 229 -6.47 43.73 -61.93
CA ILE L 229 -5.28 43.99 -61.14
C ILE L 229 -4.07 44.11 -62.07
N THR L 230 -4.14 45.11 -62.95
CA THR L 230 -3.07 45.34 -63.92
C THR L 230 -1.77 45.78 -63.26
N LYS L 231 -1.88 46.39 -62.09
CA LYS L 231 -0.72 46.86 -61.33
C LYS L 231 -0.08 48.12 -61.90
N ALA L 232 0.99 48.57 -61.25
CA ALA L 232 1.72 49.77 -61.65
C ALA L 232 2.27 49.66 -63.07
N ASN L 233 2.98 48.58 -63.36
CA ASN L 233 3.56 48.37 -64.68
C ASN L 233 2.48 48.41 -65.75
N THR L 234 2.54 49.44 -66.59
CA THR L 234 1.57 49.62 -67.66
C THR L 234 1.61 48.54 -68.73
N GLN L 235 2.74 47.84 -68.85
CA GLN L 235 2.87 46.80 -69.86
C GLN L 235 1.90 45.63 -69.74
N VAL L 236 1.35 45.24 -70.88
CA VAL L 236 0.42 44.13 -71.01
C VAL L 236 0.72 43.50 -72.36
N GLU L 237 0.92 42.18 -72.38
CA GLU L 237 1.27 41.51 -73.63
C GLU L 237 0.27 40.43 -74.06
N LYS L 238 -0.31 40.62 -75.24
CA LYS L 238 -1.27 39.67 -75.79
C LYS L 238 -0.47 38.59 -76.53
N LYS L 239 -0.14 37.51 -75.81
CA LYS L 239 0.63 36.42 -76.37
C LYS L 239 -0.26 35.44 -77.15
N TYR L 240 0.04 35.30 -78.43
CA TYR L 240 -0.72 34.40 -79.31
C TYR L 240 -0.08 33.02 -79.39
N TYR L 241 -0.86 32.00 -79.08
CA TYR L 241 -0.38 30.62 -79.10
C TYR L 241 -1.06 29.79 -80.18
N ARG L 242 -0.36 28.76 -80.65
CA ARG L 242 -0.89 27.86 -81.66
C ARG L 242 -0.89 26.45 -81.09
N THR L 243 -0.95 25.45 -81.97
CA THR L 243 -0.93 24.06 -81.54
C THR L 243 0.38 23.41 -81.95
N GLY L 244 1.08 24.05 -82.88
CA GLY L 244 2.36 23.53 -83.34
C GLY L 244 2.46 23.38 -84.84
N ASP L 245 1.33 23.28 -85.52
CA ASP L 245 1.31 23.11 -86.97
C ASP L 245 0.26 23.98 -87.65
N ASN L 246 -0.65 24.52 -86.84
CA ASN L 246 -1.70 25.38 -87.38
C ASN L 246 -1.22 26.82 -87.33
N GLY L 247 -1.78 27.66 -88.18
CA GLY L 247 -1.38 29.06 -88.19
C GLY L 247 -2.53 29.94 -87.78
N ASN L 248 -2.85 29.94 -86.49
CA ASN L 248 -3.97 30.74 -86.01
C ASN L 248 -3.95 30.77 -84.49
N PRO L 249 -4.38 31.90 -83.89
CA PRO L 249 -4.38 32.01 -82.43
C PRO L 249 -5.55 31.25 -81.79
N GLU L 250 -5.30 29.99 -81.45
CA GLU L 250 -6.32 29.16 -80.82
C GLU L 250 -6.57 29.61 -79.40
N THR L 251 -5.58 30.29 -78.81
CA THR L 251 -5.68 30.79 -77.44
C THR L 251 -4.89 32.07 -77.22
N VAL L 252 -5.59 33.14 -76.87
CA VAL L 252 -4.96 34.43 -76.63
C VAL L 252 -4.83 34.68 -75.13
N PHE L 253 -3.66 35.13 -74.69
CA PHE L 253 -3.44 35.41 -73.28
C PHE L 253 -3.00 36.84 -73.01
N TYR L 254 -3.59 37.45 -72.00
CA TYR L 254 -3.27 38.83 -71.62
C TYR L 254 -2.42 38.80 -70.36
N THR L 255 -1.12 38.63 -70.53
CA THR L 255 -0.19 38.59 -69.40
C THR L 255 -0.18 39.91 -68.64
N GLU L 256 0.01 39.82 -67.32
CA GLU L 256 0.05 41.01 -66.48
C GLU L 256 0.71 40.70 -65.15
N GLU L 257 1.11 41.76 -64.43
CA GLU L 257 1.73 41.61 -63.13
C GLU L 257 0.71 42.04 -62.07
N ALA L 258 0.68 41.34 -60.94
CA ALA L 258 -0.27 41.66 -59.89
C ALA L 258 0.41 41.86 -58.54
N ASP L 259 -0.27 42.60 -57.67
CA ASP L 259 0.24 42.87 -56.32
C ASP L 259 -0.14 41.65 -55.47
N VAL L 260 0.11 40.46 -56.01
CA VAL L 260 -0.21 39.21 -55.33
C VAL L 260 0.43 39.10 -53.94
N LEU L 261 -0.37 38.65 -52.98
CA LEU L 261 0.09 38.47 -51.61
C LEU L 261 -0.75 37.39 -50.95
N THR L 262 -0.53 37.15 -49.66
CA THR L 262 -1.29 36.13 -48.93
C THR L 262 -1.42 36.51 -47.46
N PRO L 263 -2.63 36.91 -47.04
CA PRO L 263 -2.90 37.30 -45.65
C PRO L 263 -3.20 36.15 -44.70
N ASP L 264 -4.28 35.43 -44.99
CA ASP L 264 -4.71 34.31 -44.15
C ASP L 264 -4.12 32.97 -44.58
N THR L 265 -2.95 33.00 -45.23
CA THR L 265 -2.32 31.76 -45.68
C THR L 265 -0.80 31.83 -45.67
N HIS L 266 -0.18 30.68 -45.44
CA HIS L 266 1.28 30.56 -45.41
C HIS L 266 1.69 29.30 -46.17
N LEU L 267 2.99 29.16 -46.44
CA LEU L 267 3.47 27.99 -47.17
C LEU L 267 3.65 26.78 -46.25
N VAL L 268 2.83 25.77 -46.49
CA VAL L 268 2.89 24.53 -45.70
C VAL L 268 4.02 23.66 -46.23
N HIS L 269 4.23 23.71 -47.55
CA HIS L 269 5.26 22.92 -48.19
C HIS L 269 6.02 23.75 -49.22
N ALA L 270 7.22 24.20 -48.85
CA ALA L 270 8.06 24.99 -49.74
C ALA L 270 9.13 24.08 -50.33
N VAL L 271 8.97 23.69 -51.58
CA VAL L 271 9.93 22.80 -52.23
C VAL L 271 11.34 23.40 -52.34
N PRO L 272 11.51 24.49 -53.10
CA PRO L 272 12.88 24.99 -53.16
C PRO L 272 13.11 26.36 -52.51
N ALA L 273 14.22 26.49 -51.79
CA ALA L 273 14.59 27.75 -51.16
C ALA L 273 15.39 28.45 -52.25
N ALA L 274 14.84 29.52 -52.81
CA ALA L 274 15.49 30.24 -53.91
C ALA L 274 15.30 29.35 -55.13
N ASP L 275 15.41 29.91 -56.33
CA ASP L 275 15.22 29.11 -57.54
C ASP L 275 13.78 28.60 -57.47
N ARG L 276 13.01 29.25 -56.60
CA ARG L 276 11.61 28.93 -56.33
C ARG L 276 10.71 29.08 -57.56
N ALA L 277 10.80 30.22 -58.24
CA ALA L 277 9.98 30.49 -59.41
C ALA L 277 10.15 29.52 -60.56
N LYS L 278 10.86 28.42 -60.34
CA LYS L 278 11.05 27.43 -61.41
C LYS L 278 9.97 26.36 -61.34
N VAL L 279 9.91 25.53 -62.38
CA VAL L 279 8.92 24.46 -62.48
C VAL L 279 8.73 23.64 -61.20
N GLU L 280 9.83 23.33 -60.53
CA GLU L 280 9.78 22.54 -59.30
C GLU L 280 9.20 23.34 -58.13
N GLY L 281 8.97 24.62 -58.36
CA GLY L 281 8.42 25.47 -57.30
C GLY L 281 6.91 25.42 -57.17
N LEU L 282 6.22 25.35 -58.30
CA LEU L 282 4.76 25.30 -58.29
C LEU L 282 4.24 24.17 -57.41
N SER L 283 5.13 23.26 -57.03
CA SER L 283 4.78 22.13 -56.18
C SER L 283 4.46 22.57 -54.76
N GLN L 284 4.71 23.84 -54.46
CA GLN L 284 4.46 24.38 -53.13
C GLN L 284 2.97 24.39 -52.79
N HIS L 285 2.67 24.10 -51.53
CA HIS L 285 1.28 24.07 -51.07
C HIS L 285 1.05 25.15 -50.02
N ALA L 286 -0.23 25.47 -49.79
CA ALA L 286 -0.58 26.49 -48.82
C ALA L 286 -1.54 25.95 -47.77
N ALA L 287 -1.69 26.70 -46.68
CA ALA L 287 -2.58 26.31 -45.60
C ALA L 287 -3.02 27.57 -44.85
N PRO L 288 -4.29 27.60 -44.39
CA PRO L 288 -4.82 28.75 -43.66
C PRO L 288 -4.14 28.95 -42.32
N ASN L 289 -3.95 30.22 -41.94
CA ASN L 289 -3.32 30.55 -40.67
C ASN L 289 -4.27 30.25 -39.52
N ARG L 290 -3.71 29.82 -38.38
CA ARG L 290 -4.52 29.51 -37.21
C ARG L 290 -5.41 30.67 -36.81
N PRO L 291 -6.68 30.38 -36.48
CA PRO L 291 -7.64 31.41 -36.07
C PRO L 291 -7.27 32.00 -34.71
N ASN L 292 -7.17 33.32 -34.65
CA ASN L 292 -6.81 33.99 -33.40
C ASN L 292 -7.76 35.14 -33.08
N PHE L 293 -8.66 34.92 -32.13
CA PHE L 293 -9.61 35.95 -31.72
C PHE L 293 -8.98 36.87 -30.67
N ILE L 294 -9.28 38.16 -30.77
CA ILE L 294 -8.74 39.14 -29.85
C ILE L 294 -9.84 40.11 -29.40
N GLY L 295 -9.89 40.38 -28.10
CA GLY L 295 -10.90 41.29 -27.58
C GLY L 295 -10.74 41.53 -26.10
N PHE L 296 -11.67 42.28 -25.52
CA PHE L 296 -11.63 42.57 -24.09
C PHE L 296 -12.05 41.36 -23.28
N ARG L 297 -11.28 41.07 -22.23
CA ARG L 297 -11.55 39.94 -21.36
C ARG L 297 -12.98 39.93 -20.83
N ASP L 298 -13.33 38.86 -20.14
CA ASP L 298 -14.67 38.72 -19.57
C ASP L 298 -14.88 39.75 -18.47
N CYS L 299 -16.00 40.46 -18.51
CA CYS L 299 -16.32 41.48 -17.52
C CYS L 299 -15.23 42.54 -17.46
N PHE L 300 -14.48 42.68 -18.55
CA PHE L 300 -13.41 43.66 -18.64
C PHE L 300 -12.42 43.54 -17.48
N VAL L 301 -12.15 42.31 -17.07
CA VAL L 301 -11.21 42.06 -15.98
C VAL L 301 -9.81 42.50 -16.38
N GLY L 302 -9.18 43.32 -15.53
CA GLY L 302 -7.83 43.78 -15.81
C GLY L 302 -7.78 45.15 -16.45
N LEU L 303 -8.91 45.65 -16.93
CA LEU L 303 -8.96 46.96 -17.56
C LEU L 303 -8.90 48.03 -16.47
N MET L 304 -9.20 47.61 -15.24
CA MET L 304 -9.18 48.53 -14.11
C MET L 304 -8.32 47.98 -12.98
N TYR L 305 -7.51 48.84 -12.38
CA TYR L 305 -6.62 48.45 -11.28
C TYR L 305 -7.34 48.00 -10.02
N TYR L 306 -6.88 46.87 -9.47
CA TYR L 306 -7.45 46.30 -8.26
C TYR L 306 -6.35 45.60 -7.47
N ASN L 307 -6.45 45.64 -6.15
CA ASN L 307 -5.47 45.00 -5.28
C ASN L 307 -4.04 45.44 -5.59
N SER L 308 -3.87 46.72 -5.85
CA SER L 308 -2.55 47.27 -6.15
C SER L 308 -2.35 48.59 -5.42
N GLY L 309 -1.56 48.56 -4.35
CA GLY L 309 -1.30 49.76 -3.59
C GLY L 309 -0.66 50.85 -4.43
N GLY L 310 -0.12 50.46 -5.58
CA GLY L 310 0.52 51.43 -6.46
C GLY L 310 -0.49 52.33 -7.14
N ASN L 311 -1.65 51.78 -7.49
CA ASN L 311 -2.70 52.54 -8.15
C ASN L 311 -4.05 52.33 -7.46
N LEU L 312 -4.06 52.49 -6.14
CA LEU L 312 -5.27 52.31 -5.36
C LEU L 312 -6.30 53.41 -5.66
N GLY L 313 -7.54 52.99 -5.90
CA GLY L 313 -8.59 53.94 -6.20
C GLY L 313 -9.03 54.78 -5.02
N VAL L 314 -9.49 56.00 -5.28
CA VAL L 314 -9.91 56.91 -4.22
C VAL L 314 -11.40 57.24 -4.27
N LEU L 315 -12.01 57.34 -3.09
CA LEU L 315 -13.42 57.65 -2.97
C LEU L 315 -13.71 58.20 -1.57
N ALA L 316 -13.52 59.51 -1.40
CA ALA L 316 -13.76 60.14 -0.11
C ALA L 316 -14.42 61.50 -0.28
N GLY L 317 -15.08 61.97 0.78
CA GLY L 317 -15.73 63.27 0.71
C GLY L 317 -14.70 64.38 0.72
N GLN L 318 -14.92 65.39 -0.11
CA GLN L 318 -13.98 66.51 -0.19
C GLN L 318 -13.67 67.11 1.17
N SER L 319 -14.67 67.12 2.06
CA SER L 319 -14.50 67.66 3.40
C SER L 319 -13.72 66.70 4.28
N SER L 320 -13.95 65.40 4.08
CA SER L 320 -13.27 64.37 4.86
C SER L 320 -11.82 64.18 4.41
N GLN L 321 -11.62 64.10 3.10
CA GLN L 321 -10.29 63.92 2.52
C GLN L 321 -9.70 62.56 2.89
N LEU L 322 -10.40 61.81 3.73
CA LEU L 322 -9.94 60.49 4.16
C LEU L 322 -10.49 59.42 3.23
N ASN L 323 -9.62 58.88 2.38
CA ASN L 323 -9.99 57.84 1.43
C ASN L 323 -10.70 56.68 2.12
N ALA L 324 -11.86 56.30 1.59
CA ALA L 324 -12.65 55.21 2.15
C ALA L 324 -12.33 53.88 1.48
N VAL L 325 -11.43 53.90 0.51
CA VAL L 325 -11.04 52.68 -0.20
C VAL L 325 -9.67 52.18 0.24
N VAL L 326 -9.66 51.15 1.07
CA VAL L 326 -8.42 50.57 1.57
C VAL L 326 -8.23 49.18 0.95
N ASP L 327 -7.39 49.09 -0.07
CA ASP L 327 -7.14 47.81 -0.74
C ASP L 327 -5.82 47.19 -0.32
N LEU L 328 -5.72 45.87 -0.50
CA LEU L 328 -4.52 45.12 -0.15
C LEU L 328 -4.20 44.15 -1.28
N GLN L 329 -2.96 44.12 -1.72
CA GLN L 329 -2.56 43.23 -2.81
C GLN L 329 -2.68 41.77 -2.40
N ASP L 330 -3.24 41.53 -1.22
CA ASP L 330 -3.42 40.18 -0.72
C ASP L 330 -4.79 39.68 -1.14
N ARG L 331 -5.72 40.62 -1.30
CA ARG L 331 -7.08 40.31 -1.72
C ARG L 331 -7.13 40.15 -3.25
N ASN L 332 -8.20 39.54 -3.75
CA ASN L 332 -8.37 39.34 -5.19
C ASN L 332 -9.79 39.69 -5.58
N THR L 333 -10.00 40.94 -5.98
CA THR L 333 -11.32 41.40 -6.37
C THR L 333 -11.82 40.73 -7.65
N GLU L 334 -10.97 40.73 -8.68
CA GLU L 334 -11.32 40.13 -9.96
C GLU L 334 -12.01 38.78 -9.82
N LEU L 335 -11.27 37.79 -9.33
CA LEU L 335 -11.82 36.45 -9.15
C LEU L 335 -13.09 36.49 -8.29
N SER L 336 -13.03 37.26 -7.20
CA SER L 336 -14.17 37.37 -6.29
C SER L 336 -15.43 37.73 -7.04
N TYR L 337 -15.33 38.69 -7.97
CA TYR L 337 -16.47 39.12 -8.75
C TYR L 337 -17.02 37.97 -9.59
N GLN L 338 -16.12 37.26 -10.27
CA GLN L 338 -16.51 36.13 -11.11
C GLN L 338 -17.41 35.18 -10.35
N MET L 339 -16.85 34.54 -9.34
CA MET L 339 -17.59 33.58 -8.53
C MET L 339 -18.91 34.15 -8.04
N LEU L 340 -18.93 35.44 -7.73
CA LEU L 340 -20.16 36.08 -7.25
C LEU L 340 -21.28 35.98 -8.26
N LEU L 341 -20.97 36.22 -9.53
CA LEU L 341 -21.98 36.16 -10.60
C LEU L 341 -22.51 34.75 -10.79
N ALA L 342 -21.60 33.77 -10.78
CA ALA L 342 -21.98 32.38 -10.98
C ALA L 342 -22.84 31.83 -9.85
N ASN L 343 -23.10 32.67 -8.84
CA ASN L 343 -23.91 32.23 -7.71
C ASN L 343 -25.26 32.94 -7.64
N THR L 344 -25.37 34.08 -8.32
CA THR L 344 -26.61 34.84 -8.31
C THR L 344 -27.37 34.75 -9.63
N THR L 345 -26.69 34.41 -10.70
CA THR L 345 -27.32 34.30 -12.01
C THR L 345 -26.78 33.12 -12.81
N ASP L 346 -27.36 32.91 -13.99
CA ASP L 346 -26.94 31.83 -14.87
C ASP L 346 -25.76 32.32 -15.71
N ARG L 347 -24.56 31.94 -15.31
CA ARG L 347 -23.34 32.35 -15.99
C ARG L 347 -23.17 31.76 -17.39
N SER L 348 -24.28 31.41 -18.03
CA SER L 348 -24.23 30.83 -19.38
C SER L 348 -24.75 31.81 -20.42
N ARG L 349 -25.61 32.74 -20.00
CA ARG L 349 -26.16 33.73 -20.91
C ARG L 349 -25.15 34.85 -21.15
N TYR L 350 -25.41 35.68 -22.15
CA TYR L 350 -24.52 36.78 -22.48
C TYR L 350 -25.18 38.14 -22.26
N PHE L 351 -24.37 39.16 -22.00
CA PHE L 351 -24.86 40.50 -21.76
C PHE L 351 -23.81 41.51 -22.23
N SER L 352 -23.94 41.95 -23.48
CA SER L 352 -23.02 42.90 -24.09
C SER L 352 -22.55 44.04 -23.20
N MET L 353 -23.49 44.77 -22.59
CA MET L 353 -23.14 45.90 -21.74
C MET L 353 -21.91 45.67 -20.87
N TRP L 354 -21.91 44.58 -20.12
CA TRP L 354 -20.78 44.26 -19.25
C TRP L 354 -19.76 43.36 -19.95
N ASN L 355 -19.99 43.09 -21.23
CA ASN L 355 -19.10 42.22 -22.00
C ASN L 355 -19.02 40.91 -21.23
N GLN L 356 -20.06 40.64 -20.45
CA GLN L 356 -20.15 39.45 -19.64
C GLN L 356 -20.40 38.21 -20.50
N ALA L 357 -19.34 37.47 -20.76
CA ALA L 357 -19.43 36.26 -21.58
C ALA L 357 -18.37 35.26 -21.13
N MET L 358 -18.57 34.71 -19.92
CA MET L 358 -17.65 33.74 -19.34
C MET L 358 -16.99 32.84 -20.37
N ASP L 359 -15.71 32.56 -20.15
CA ASP L 359 -14.95 31.71 -21.06
C ASP L 359 -15.35 30.25 -20.84
N SER L 360 -15.33 29.48 -21.92
CA SER L 360 -15.67 28.06 -21.85
C SER L 360 -15.02 27.34 -23.03
N TYR L 361 -15.09 26.01 -23.02
CA TYR L 361 -14.51 25.21 -24.08
C TYR L 361 -15.50 24.17 -24.58
N ASP L 362 -15.27 23.68 -25.79
CA ASP L 362 -16.14 22.67 -26.38
C ASP L 362 -15.86 21.33 -25.72
N PRO L 363 -16.86 20.79 -24.99
CA PRO L 363 -16.76 19.51 -24.29
C PRO L 363 -16.10 18.39 -25.10
N GLU L 364 -16.43 18.33 -26.38
CA GLU L 364 -15.89 17.30 -27.27
C GLU L 364 -14.41 17.52 -27.57
N VAL L 365 -13.92 18.72 -27.29
CA VAL L 365 -12.51 19.05 -27.53
C VAL L 365 -11.69 18.69 -26.31
N ARG L 366 -12.17 19.06 -25.13
CA ARG L 366 -11.48 18.78 -23.88
C ARG L 366 -11.33 17.27 -23.71
N VAL L 367 -12.44 16.55 -23.85
CA VAL L 367 -12.43 15.10 -23.73
C VAL L 367 -12.90 14.43 -25.01
N ILE L 368 -11.95 13.92 -25.78
CA ILE L 368 -12.26 13.25 -27.05
C ILE L 368 -13.12 12.02 -26.84
N ASP L 369 -14.28 12.01 -27.50
CA ASP L 369 -15.20 10.89 -27.41
C ASP L 369 -15.24 10.18 -28.76
N ASN L 370 -14.12 9.56 -29.12
CA ASN L 370 -14.02 8.85 -30.39
C ASN L 370 -14.98 7.68 -30.42
N VAL L 371 -16.18 7.91 -30.95
CA VAL L 371 -17.20 6.88 -31.05
C VAL L 371 -17.13 6.21 -32.43
N GLY L 372 -16.13 6.60 -33.20
CA GLY L 372 -15.97 6.03 -34.54
C GLY L 372 -16.59 6.90 -35.60
N VAL L 373 -16.87 6.31 -36.77
CA VAL L 373 -17.47 7.04 -37.88
C VAL L 373 -18.49 6.18 -38.61
N GLU L 374 -19.66 6.75 -38.87
CA GLU L 374 -20.73 6.03 -39.57
C GLU L 374 -20.52 6.15 -41.07
N ASP L 375 -19.73 5.25 -41.64
CA ASP L 375 -19.45 5.27 -43.08
C ASP L 375 -19.76 3.94 -43.74
N GLU L 376 -20.82 3.27 -43.27
CA GLU L 376 -21.21 1.98 -43.83
C GLU L 376 -21.43 2.07 -45.34
N MET L 377 -21.88 3.24 -45.79
CA MET L 377 -22.13 3.46 -47.21
C MET L 377 -20.98 4.18 -47.88
N PRO L 378 -20.56 3.71 -49.07
CA PRO L 378 -19.47 4.35 -49.80
C PRO L 378 -20.00 5.57 -50.56
N ASN L 379 -19.22 6.64 -50.59
CA ASN L 379 -19.63 7.86 -51.28
C ASN L 379 -18.86 8.02 -52.58
N TYR L 380 -19.57 8.33 -53.66
CA TYR L 380 -18.95 8.49 -54.96
C TYR L 380 -19.25 9.82 -55.63
N CYS L 381 -18.33 10.25 -56.49
CA CYS L 381 -18.46 11.49 -57.24
C CYS L 381 -18.44 11.10 -58.72
N PHE L 382 -19.50 11.46 -59.44
CA PHE L 382 -19.61 11.12 -60.85
C PHE L 382 -19.40 12.31 -61.78
N PRO L 383 -18.83 12.07 -62.96
CA PRO L 383 -18.56 13.12 -63.94
C PRO L 383 -19.80 13.97 -64.21
N LEU L 384 -19.58 15.22 -64.64
CA LEU L 384 -20.68 16.13 -64.92
C LEU L 384 -21.48 15.63 -66.12
N SER L 385 -21.06 14.51 -66.68
CA SER L 385 -21.73 13.93 -67.84
C SER L 385 -22.59 12.75 -67.48
N GLY L 386 -22.14 11.96 -66.51
CA GLY L 386 -22.89 10.79 -66.10
C GLY L 386 -22.39 9.60 -66.88
N VAL L 387 -21.28 9.80 -67.57
CA VAL L 387 -20.64 8.77 -68.38
C VAL L 387 -19.61 9.41 -69.30
N GLN L 388 -18.34 9.01 -69.14
CA GLN L 388 -17.25 9.55 -69.94
C GLN L 388 -17.38 9.24 -71.42
N ILE L 389 -17.18 10.25 -72.25
CA ILE L 389 -17.25 10.11 -73.70
C ILE L 389 -15.87 9.92 -74.31
N GLY L 390 -15.71 8.87 -75.12
CA GLY L 390 -14.42 8.60 -75.74
C GLY L 390 -14.51 7.75 -76.99
N ASN L 391 -15.59 6.98 -77.12
CA ASN L 391 -15.78 6.12 -78.29
C ASN L 391 -17.18 6.28 -78.86
N ARG L 392 -17.34 5.93 -80.13
CA ARG L 392 -18.63 6.03 -80.80
C ARG L 392 -19.12 4.66 -81.26
N SER L 393 -20.44 4.44 -81.15
CA SER L 393 -21.05 3.17 -81.54
C SER L 393 -21.40 3.17 -83.03
N HIS L 394 -22.44 2.42 -83.39
CA HIS L 394 -22.90 2.31 -84.77
C HIS L 394 -24.01 1.26 -84.89
N GLU L 395 -25.26 1.69 -84.84
CA GLU L 395 -26.38 0.78 -84.95
C GLU L 395 -26.39 0.13 -86.34
N VAL L 396 -26.05 -1.15 -86.39
CA VAL L 396 -25.98 -1.88 -87.64
C VAL L 396 -26.90 -3.10 -87.71
N GLN L 397 -27.41 -3.39 -88.92
CA GLN L 397 -28.30 -4.51 -89.13
C GLN L 397 -27.55 -5.78 -89.50
N ARG L 398 -28.08 -6.91 -89.05
CA ARG L 398 -27.49 -8.21 -89.30
C ARG L 398 -28.08 -8.81 -90.57
N ASN L 399 -27.72 -10.07 -90.83
CA ASN L 399 -28.22 -10.80 -91.98
C ASN L 399 -27.77 -10.21 -93.31
N GLN L 400 -27.63 -11.09 -94.31
CA GLN L 400 -27.20 -10.73 -95.66
C GLN L 400 -25.68 -10.61 -95.68
N GLN L 401 -25.11 -10.38 -94.50
CA GLN L 401 -23.67 -10.22 -94.37
C GLN L 401 -23.20 -10.52 -92.95
N GLN L 402 -22.22 -9.75 -92.50
CA GLN L 402 -21.63 -9.86 -91.17
C GLN L 402 -22.28 -8.83 -90.26
N TRP L 403 -22.88 -7.82 -90.89
CA TRP L 403 -23.57 -6.71 -90.22
C TRP L 403 -23.30 -5.42 -91.00
N GLN L 404 -24.30 -4.95 -91.76
CA GLN L 404 -24.17 -3.75 -92.57
C GLN L 404 -24.43 -2.44 -91.85
N ASN L 405 -23.56 -1.46 -92.14
CA ASN L 405 -23.68 -0.15 -91.54
C ASN L 405 -25.10 0.38 -91.56
N VAL L 406 -25.33 1.47 -90.84
CA VAL L 406 -26.64 2.08 -90.78
C VAL L 406 -26.75 3.26 -91.73
N ALA L 407 -25.66 4.01 -91.83
CA ALA L 407 -25.59 5.18 -92.70
C ALA L 407 -26.30 6.38 -92.09
N ASN L 408 -27.39 6.12 -91.36
CA ASN L 408 -28.18 7.18 -90.72
C ASN L 408 -27.36 7.90 -89.64
N SER L 409 -26.51 8.84 -90.07
CA SER L 409 -25.68 9.59 -89.13
C SER L 409 -24.80 8.62 -88.35
N ASP L 410 -23.65 9.12 -87.89
CA ASP L 410 -22.73 8.27 -87.16
C ASP L 410 -22.09 9.03 -86.01
N ASN L 411 -21.27 8.32 -85.24
CA ASN L 411 -20.56 8.91 -84.12
C ASN L 411 -21.45 9.19 -82.92
N ASN L 412 -21.67 8.16 -82.10
CA ASN L 412 -22.49 8.29 -80.90
C ASN L 412 -21.56 8.19 -79.69
N TYR L 413 -22.13 7.91 -78.52
CA TYR L 413 -21.33 7.78 -77.31
C TYR L 413 -22.00 6.82 -76.32
N ILE L 414 -21.44 5.63 -76.18
CA ILE L 414 -21.98 4.63 -75.27
C ILE L 414 -20.88 3.97 -74.43
N GLY L 415 -21.03 4.06 -73.11
CA GLY L 415 -20.04 3.47 -72.22
C GLY L 415 -20.36 2.04 -71.84
N LYS L 416 -19.53 1.10 -72.30
CA LYS L 416 -19.73 -0.30 -72.00
C LYS L 416 -19.33 -0.60 -70.56
N GLY L 417 -20.30 -0.56 -69.65
CA GLY L 417 -20.02 -0.80 -68.25
C GLY L 417 -20.69 0.23 -67.37
N ASN L 418 -20.15 0.45 -66.18
CA ASN L 418 -20.71 1.44 -65.26
C ASN L 418 -20.08 2.80 -65.45
N LEU L 419 -20.49 3.76 -64.63
CA LEU L 419 -19.95 5.12 -64.71
C LEU L 419 -18.65 5.23 -63.93
N PRO L 420 -17.61 5.80 -64.54
CA PRO L 420 -16.31 5.95 -63.86
C PRO L 420 -16.47 6.91 -62.68
N ALA L 421 -16.25 6.40 -61.46
CA ALA L 421 -16.39 7.23 -60.28
C ALA L 421 -15.22 7.12 -59.31
N MET L 422 -15.07 8.14 -58.47
CA MET L 422 -14.01 8.19 -57.47
C MET L 422 -14.66 8.11 -56.10
N GLU L 423 -14.08 7.31 -55.21
CA GLU L 423 -14.63 7.14 -53.88
C GLU L 423 -13.95 8.02 -52.84
N ILE L 424 -14.67 8.33 -51.77
CA ILE L 424 -14.16 9.16 -50.69
C ILE L 424 -15.00 8.96 -49.43
N ASN L 425 -14.35 8.53 -48.35
CA ASN L 425 -15.05 8.30 -47.08
C ASN L 425 -15.41 9.63 -46.47
N LEU L 426 -16.49 10.22 -46.97
CA LEU L 426 -16.97 11.52 -46.50
C LEU L 426 -16.90 11.67 -44.99
N ALA L 427 -17.80 10.99 -44.28
CA ALA L 427 -17.86 11.05 -42.83
C ALA L 427 -16.49 10.96 -42.16
N ALA L 428 -15.60 10.15 -42.74
CA ALA L 428 -14.25 9.98 -42.20
C ALA L 428 -13.49 11.29 -42.19
N ASN L 429 -13.43 11.95 -43.34
CA ASN L 429 -12.73 13.21 -43.46
C ASN L 429 -13.13 14.21 -42.38
N LEU L 430 -14.42 14.53 -42.33
CA LEU L 430 -14.94 15.48 -41.34
C LEU L 430 -14.40 15.19 -39.94
N TRP L 431 -14.41 13.92 -39.55
CA TRP L 431 -13.92 13.51 -38.24
C TRP L 431 -12.45 13.87 -38.07
N ARG L 432 -11.66 13.56 -39.09
CA ARG L 432 -10.23 13.82 -39.07
C ARG L 432 -9.94 15.32 -39.08
N SER L 433 -10.66 16.06 -39.90
CA SER L 433 -10.49 17.50 -39.99
C SER L 433 -10.82 18.13 -38.65
N PHE L 434 -11.83 17.59 -37.98
CA PHE L 434 -12.24 18.08 -36.67
C PHE L 434 -11.08 17.96 -35.70
N LEU L 435 -10.59 16.74 -35.51
CA LEU L 435 -9.48 16.48 -34.61
C LEU L 435 -8.28 17.39 -34.85
N TYR L 436 -7.66 17.25 -36.02
CA TYR L 436 -6.48 18.05 -36.36
C TYR L 436 -6.62 19.56 -36.11
N SER L 437 -7.79 20.11 -36.40
CA SER L 437 -8.04 21.54 -36.23
C SER L 437 -8.42 21.97 -34.80
N ASN L 438 -8.81 21.02 -33.97
CA ASN L 438 -9.23 21.34 -32.61
C ASN L 438 -8.31 20.80 -31.52
N VAL L 439 -7.44 19.85 -31.86
CA VAL L 439 -6.54 19.28 -30.86
C VAL L 439 -5.11 19.08 -31.35
N ALA L 440 -4.94 18.91 -32.66
CA ALA L 440 -3.60 18.69 -33.21
C ALA L 440 -2.77 19.98 -33.23
N LEU L 441 -3.36 21.06 -33.73
CA LEU L 441 -2.67 22.34 -33.81
C LEU L 441 -2.47 22.98 -32.44
N TYR L 442 -3.09 22.41 -31.41
CA TYR L 442 -2.96 22.95 -30.06
C TYR L 442 -2.04 22.13 -29.16
N LEU L 443 -1.46 21.06 -29.70
CA LEU L 443 -0.55 20.22 -28.92
C LEU L 443 0.67 21.04 -28.53
N PRO L 444 1.30 20.69 -27.41
CA PRO L 444 2.50 21.40 -26.93
C PRO L 444 3.53 21.56 -28.05
N ASP L 445 4.20 22.71 -28.06
CA ASP L 445 5.21 23.00 -29.07
C ASP L 445 6.27 21.90 -29.18
N ASN L 446 6.51 21.21 -28.08
CA ASN L 446 7.51 20.14 -28.04
C ASN L 446 7.20 19.01 -29.03
N LEU L 447 5.92 18.81 -29.32
CA LEU L 447 5.52 17.75 -30.24
C LEU L 447 5.48 18.21 -31.69
N LYS L 448 5.85 19.46 -31.93
CA LYS L 448 5.86 20.00 -33.29
C LYS L 448 7.29 20.15 -33.80
N PHE L 449 7.41 20.51 -35.08
CA PHE L 449 8.71 20.70 -35.70
C PHE L 449 8.61 21.79 -36.75
N THR L 450 9.60 22.67 -36.78
CA THR L 450 9.62 23.77 -37.75
C THR L 450 9.51 23.22 -39.16
N PRO L 451 8.67 23.87 -40.01
CA PRO L 451 8.50 23.42 -41.39
C PRO L 451 9.83 23.45 -42.15
N HIS L 452 9.82 22.98 -43.39
CA HIS L 452 11.03 22.93 -44.19
C HIS L 452 11.25 24.22 -44.97
N ASN L 453 12.50 24.67 -45.02
CA ASN L 453 12.87 25.89 -45.73
C ASN L 453 11.95 27.06 -45.42
N ILE L 454 11.94 27.49 -44.15
CA ILE L 454 11.10 28.61 -43.75
C ILE L 454 11.71 29.45 -42.63
N GLN L 455 11.93 30.73 -42.91
CA GLN L 455 12.50 31.65 -41.92
C GLN L 455 11.50 31.80 -40.78
N LEU L 456 11.97 31.65 -39.55
CA LEU L 456 11.09 31.78 -38.40
C LEU L 456 11.69 32.64 -37.30
N PRO L 457 10.84 33.42 -36.60
CA PRO L 457 11.26 34.31 -35.51
C PRO L 457 11.70 33.54 -34.27
N PRO L 458 12.55 34.15 -33.44
CA PRO L 458 13.06 33.52 -32.21
C PRO L 458 12.01 33.40 -31.10
N ASN L 459 11.25 34.47 -30.89
CA ASN L 459 10.23 34.48 -29.85
C ASN L 459 9.19 33.38 -30.07
N THR L 460 9.09 32.48 -29.10
CA THR L 460 8.12 31.40 -29.19
C THR L 460 6.77 31.89 -28.69
N ASN L 461 6.69 33.20 -28.46
CA ASN L 461 5.46 33.81 -27.98
C ASN L 461 4.80 34.64 -29.09
N THR L 462 5.41 34.60 -30.27
CA THR L 462 4.89 35.34 -31.41
C THR L 462 3.88 34.52 -32.20
N TYR L 463 2.96 35.20 -32.85
CA TYR L 463 1.93 34.54 -33.65
C TYR L 463 2.54 33.75 -34.80
N GLU L 464 3.49 34.35 -35.48
CA GLU L 464 4.17 33.70 -36.61
C GLU L 464 4.73 32.34 -36.23
N TYR L 465 5.38 32.28 -35.07
CA TYR L 465 5.96 31.03 -34.60
C TYR L 465 4.88 29.97 -34.40
N MET L 466 3.87 30.31 -33.60
CA MET L 466 2.77 29.38 -33.32
C MET L 466 1.99 29.04 -34.58
N ASN L 467 2.19 29.85 -35.63
CA ASN L 467 1.50 29.63 -36.90
C ASN L 467 2.41 28.90 -37.89
N GLY L 468 3.71 28.85 -37.58
CA GLY L 468 4.66 28.19 -38.45
C GLY L 468 4.92 26.75 -38.04
N ARG L 469 5.04 26.51 -36.74
CA ARG L 469 5.28 25.17 -36.21
C ARG L 469 4.30 24.20 -36.84
N ILE L 470 4.80 23.05 -37.27
CA ILE L 470 3.96 22.05 -37.92
C ILE L 470 3.76 20.80 -37.06
N PRO L 471 2.53 20.52 -36.62
CA PRO L 471 2.28 19.34 -35.81
C PRO L 471 2.01 18.12 -36.70
N VAL L 472 2.28 16.93 -36.16
CA VAL L 472 2.06 15.69 -36.90
C VAL L 472 0.64 15.14 -36.67
N SER L 473 -0.17 15.12 -37.74
CA SER L 473 -1.54 14.62 -37.65
C SER L 473 -1.59 13.17 -37.19
N GLY L 474 -0.42 12.54 -37.12
CA GLY L 474 -0.35 11.16 -36.68
C GLY L 474 -0.66 11.01 -35.19
N LEU L 475 -0.17 11.96 -34.40
CA LEU L 475 -0.37 11.95 -32.96
C LEU L 475 -1.84 12.01 -32.51
N ILE L 476 -2.74 12.35 -33.43
CA ILE L 476 -4.15 12.42 -33.11
C ILE L 476 -5.03 12.20 -34.35
N ASP L 477 -4.97 10.98 -34.88
CA ASP L 477 -5.75 10.63 -36.06
C ASP L 477 -7.07 9.97 -35.68
N THR L 478 -7.96 9.82 -36.64
CA THR L 478 -9.27 9.23 -36.42
C THR L 478 -9.29 7.86 -35.74
N TYR L 479 -8.11 7.32 -35.44
CA TYR L 479 -8.02 6.01 -34.80
C TYR L 479 -7.40 6.06 -33.42
N VAL L 480 -7.22 7.26 -32.88
CA VAL L 480 -6.63 7.41 -31.56
C VAL L 480 -7.61 7.01 -30.46
N ASN L 481 -7.20 6.06 -29.62
CA ASN L 481 -8.02 5.58 -28.52
C ASN L 481 -9.46 5.34 -28.95
N ILE L 482 -9.61 4.60 -30.06
CA ILE L 482 -10.92 4.28 -30.59
C ILE L 482 -11.81 3.58 -29.57
N GLY L 483 -12.96 4.18 -29.27
CA GLY L 483 -13.88 3.58 -28.32
C GLY L 483 -13.86 4.15 -26.91
N THR L 484 -13.13 5.23 -26.70
CA THR L 484 -13.06 5.83 -25.37
C THR L 484 -13.43 7.30 -25.31
N ARG L 485 -13.71 7.75 -24.09
CA ARG L 485 -14.08 9.13 -23.81
C ARG L 485 -12.88 9.71 -23.06
N TRP L 486 -11.70 9.26 -23.48
CA TRP L 486 -10.42 9.66 -22.88
C TRP L 486 -9.79 10.85 -23.60
N SER L 487 -9.12 11.72 -22.85
CA SER L 487 -8.47 12.89 -23.42
C SER L 487 -6.95 12.69 -23.42
N PRO L 488 -6.27 13.11 -24.50
CA PRO L 488 -4.82 12.98 -24.62
C PRO L 488 -4.04 13.51 -23.42
N ASP L 489 -3.22 12.64 -22.83
CA ASP L 489 -2.41 12.99 -21.66
C ASP L 489 -1.47 14.15 -21.93
N VAL L 490 -1.27 14.47 -23.21
CA VAL L 490 -0.39 15.56 -23.59
C VAL L 490 -1.13 16.89 -23.56
N MET L 491 -2.45 16.84 -23.39
CA MET L 491 -3.27 18.04 -23.36
C MET L 491 -3.87 18.33 -21.99
N ASP L 492 -3.75 17.38 -21.07
CA ASP L 492 -4.28 17.56 -19.72
C ASP L 492 -3.69 18.78 -19.04
N ASN L 493 -2.46 19.12 -19.41
CA ASN L 493 -1.77 20.26 -18.83
C ASN L 493 -1.70 21.44 -19.79
N VAL L 494 -2.65 21.50 -20.71
CA VAL L 494 -2.70 22.57 -21.69
C VAL L 494 -4.01 23.34 -21.55
N ASN L 495 -3.91 24.63 -21.24
CA ASN L 495 -5.08 25.48 -21.06
C ASN L 495 -6.12 25.26 -22.15
N PRO L 496 -7.24 24.61 -21.81
CA PRO L 496 -8.33 24.31 -22.74
C PRO L 496 -9.16 25.54 -23.10
N PHE L 497 -8.92 26.64 -22.40
CA PHE L 497 -9.66 27.87 -22.66
C PHE L 497 -9.03 28.70 -23.77
N ASN L 498 -7.75 28.47 -24.03
CA ASN L 498 -7.07 29.18 -25.11
C ASN L 498 -7.31 28.39 -26.38
N HIS L 499 -8.57 28.26 -26.76
CA HIS L 499 -8.97 27.53 -27.95
C HIS L 499 -9.89 28.41 -28.80
N HIS L 500 -9.86 28.23 -30.12
CA HIS L 500 -10.69 29.05 -30.99
C HIS L 500 -12.16 28.67 -30.93
N ARG L 501 -12.49 27.70 -30.09
CA ARG L 501 -13.89 27.29 -29.94
C ARG L 501 -14.45 27.83 -28.62
N ASN L 502 -13.72 28.76 -28.03
CA ASN L 502 -14.13 29.38 -26.79
C ASN L 502 -15.27 30.34 -27.10
N SER L 503 -16.49 29.83 -27.05
CA SER L 503 -17.68 30.63 -27.34
C SER L 503 -17.62 31.98 -26.62
N GLY L 504 -17.22 31.94 -25.36
CA GLY L 504 -17.13 33.17 -24.59
C GLY L 504 -16.26 34.22 -25.25
N LEU L 505 -14.98 33.90 -25.43
CA LEU L 505 -14.04 34.82 -26.06
C LEU L 505 -14.46 35.18 -27.48
N ARG L 506 -14.85 34.16 -28.25
CA ARG L 506 -15.27 34.38 -29.63
C ARG L 506 -16.41 35.40 -29.72
N TYR L 507 -17.28 35.39 -28.72
CA TYR L 507 -18.40 36.31 -28.68
C TYR L 507 -17.92 37.75 -28.53
N ARG L 508 -17.18 38.02 -27.46
CA ARG L 508 -16.67 39.36 -27.21
C ARG L 508 -15.86 39.85 -28.40
N SER L 509 -15.16 38.94 -29.07
CA SER L 509 -14.37 39.30 -30.23
C SER L 509 -15.24 39.95 -31.28
N GLN L 510 -16.21 39.18 -31.78
CA GLN L 510 -17.13 39.69 -32.79
C GLN L 510 -17.92 40.88 -32.26
N LEU L 511 -17.99 40.99 -30.94
CA LEU L 511 -18.73 42.08 -30.31
C LEU L 511 -18.07 43.43 -30.61
N LEU L 512 -16.84 43.38 -31.10
CA LEU L 512 -16.10 44.59 -31.45
C LEU L 512 -16.00 44.70 -32.97
N GLY L 513 -16.06 43.57 -33.65
CA GLY L 513 -15.97 43.57 -35.10
C GLY L 513 -14.96 42.57 -35.63
N ASN L 514 -14.72 42.61 -36.93
CA ASN L 514 -13.76 41.70 -37.55
C ASN L 514 -12.53 42.45 -38.07
N GLY L 515 -12.60 43.77 -38.01
CA GLY L 515 -11.48 44.57 -38.48
C GLY L 515 -10.38 44.77 -37.48
N ARG L 516 -9.14 44.86 -37.97
CA ARG L 516 -7.97 45.06 -37.11
C ARG L 516 -8.17 46.34 -36.30
N PHE L 517 -8.54 47.41 -37.00
CA PHE L 517 -8.80 48.70 -36.37
C PHE L 517 -10.26 48.78 -35.96
N CYS L 518 -10.53 49.29 -34.76
CA CYS L 518 -11.89 49.40 -34.29
C CYS L 518 -12.03 50.43 -33.18
N ASP L 519 -13.01 51.31 -33.32
CA ASP L 519 -13.26 52.33 -32.31
C ASP L 519 -14.30 51.77 -31.34
N PHE L 520 -13.82 51.33 -30.19
CA PHE L 520 -14.69 50.74 -29.18
C PHE L 520 -15.41 51.78 -28.31
N HIS L 521 -16.28 51.28 -27.45
CA HIS L 521 -17.04 52.11 -26.54
C HIS L 521 -17.73 51.17 -25.56
N ILE L 522 -17.17 51.04 -24.37
CA ILE L 522 -17.71 50.14 -23.37
C ILE L 522 -18.04 50.78 -22.02
N GLN L 523 -18.68 50.01 -21.16
CA GLN L 523 -19.06 50.47 -19.83
C GLN L 523 -18.45 49.54 -18.79
N VAL L 524 -17.55 50.07 -17.96
CA VAL L 524 -16.90 49.26 -16.94
C VAL L 524 -17.54 49.50 -15.58
N PRO L 525 -18.05 48.43 -14.94
CA PRO L 525 -18.69 48.51 -13.63
C PRO L 525 -17.68 48.53 -12.49
N GLN L 526 -18.17 48.79 -11.28
CA GLN L 526 -17.33 48.81 -10.10
C GLN L 526 -17.36 47.43 -9.45
N LYS L 527 -16.19 46.88 -9.15
CA LYS L 527 -16.13 45.55 -8.55
C LYS L 527 -15.69 45.51 -7.09
N PHE L 528 -15.08 46.58 -6.60
CA PHE L 528 -14.63 46.60 -5.21
C PHE L 528 -15.84 46.48 -4.27
N PHE L 529 -15.88 45.38 -3.53
CA PHE L 529 -16.99 45.11 -2.60
C PHE L 529 -17.31 46.24 -1.64
N ALA L 530 -16.28 46.84 -1.05
CA ALA L 530 -16.47 47.91 -0.08
C ALA L 530 -17.34 49.05 -0.60
N ILE L 531 -17.43 49.20 -1.92
CA ILE L 531 -18.23 50.28 -2.49
C ILE L 531 -19.17 49.85 -3.61
N ARG L 532 -19.19 48.55 -3.94
CA ARG L 532 -20.06 48.07 -5.00
C ARG L 532 -21.53 48.42 -4.74
N ASN L 533 -22.08 47.81 -3.69
CA ASN L 533 -23.47 48.03 -3.34
C ASN L 533 -23.66 49.10 -2.27
N LEU L 534 -22.68 49.99 -2.13
CA LEU L 534 -22.78 51.05 -1.14
C LEU L 534 -23.88 52.02 -1.52
N LEU L 535 -24.44 52.70 -0.53
CA LEU L 535 -25.52 53.65 -0.76
C LEU L 535 -25.15 55.03 -0.23
N LEU L 536 -24.39 55.78 -1.03
CA LEU L 536 -23.96 57.12 -0.66
C LEU L 536 -25.12 58.04 -0.36
N LEU L 537 -24.88 59.02 0.49
CA LEU L 537 -25.90 59.99 0.87
C LEU L 537 -25.52 61.36 0.29
N PRO L 538 -26.41 62.36 0.40
CA PRO L 538 -26.12 63.69 -0.13
C PRO L 538 -24.73 64.20 0.24
N GLY L 539 -24.12 64.95 -0.67
CA GLY L 539 -22.79 65.48 -0.43
C GLY L 539 -21.91 65.31 -1.65
N THR L 540 -20.70 65.88 -1.61
CA THR L 540 -19.77 65.78 -2.73
C THR L 540 -18.60 64.86 -2.37
N TYR L 541 -18.19 64.03 -3.32
CA TYR L 541 -17.10 63.10 -3.08
C TYR L 541 -16.13 63.05 -4.26
N THR L 542 -14.87 62.77 -3.97
CA THR L 542 -13.86 62.67 -5.01
C THR L 542 -13.71 61.19 -5.40
N TYR L 543 -14.16 60.86 -6.59
CA TYR L 543 -14.10 59.49 -7.08
C TYR L 543 -13.06 59.37 -8.19
N GLU L 544 -11.89 58.84 -7.84
CA GLU L 544 -10.80 58.66 -8.79
C GLU L 544 -10.43 57.20 -8.94
N TRP L 545 -9.85 56.85 -10.09
CA TRP L 545 -9.44 55.47 -10.34
C TRP L 545 -8.56 55.39 -11.58
N SER L 546 -7.62 54.43 -11.57
CA SER L 546 -6.71 54.26 -12.68
C SER L 546 -7.11 53.12 -13.61
N PHE L 547 -6.59 53.13 -14.83
CA PHE L 547 -6.89 52.10 -15.82
C PHE L 547 -5.62 51.69 -16.55
N ARG L 548 -5.38 50.39 -16.63
CA ARG L 548 -4.20 49.88 -17.33
C ARG L 548 -4.28 50.19 -18.81
N LYS L 549 -3.23 49.83 -19.54
CA LYS L 549 -3.17 50.04 -20.98
C LYS L 549 -2.39 48.89 -21.62
N ASP L 550 -1.86 48.02 -20.77
CA ASP L 550 -1.10 46.87 -21.24
C ASP L 550 -2.03 45.94 -22.03
N VAL L 551 -1.82 45.88 -23.34
CA VAL L 551 -2.64 45.04 -24.21
C VAL L 551 -2.75 43.61 -23.70
N ASN L 552 -1.65 43.10 -23.15
CA ASN L 552 -1.61 41.73 -22.64
C ASN L 552 -2.45 41.50 -21.40
N MET L 553 -3.09 42.55 -20.89
CA MET L 553 -3.93 42.41 -19.70
C MET L 553 -5.34 42.91 -19.94
N ILE L 554 -5.49 43.86 -20.86
CA ILE L 554 -6.81 44.38 -21.18
C ILE L 554 -7.42 43.55 -22.30
N LEU L 555 -6.56 42.99 -23.14
CA LEU L 555 -7.00 42.17 -24.26
C LEU L 555 -6.71 40.70 -24.02
N GLN L 556 -7.36 39.85 -24.81
CA GLN L 556 -7.18 38.40 -24.70
C GLN L 556 -7.16 37.78 -26.09
N SER L 557 -6.35 36.75 -26.27
CA SER L 557 -6.25 36.07 -27.56
C SER L 557 -6.42 34.56 -27.37
N THR L 558 -6.84 33.88 -28.42
CA THR L 558 -7.04 32.44 -28.37
C THR L 558 -5.72 31.67 -28.27
N LEU L 559 -4.69 32.16 -28.93
CA LEU L 559 -3.39 31.51 -28.91
C LEU L 559 -2.54 31.96 -27.73
N GLY L 560 -2.89 33.11 -27.17
CA GLY L 560 -2.14 33.63 -26.03
C GLY L 560 -0.79 34.19 -26.41
N ASN L 561 -0.63 34.52 -27.69
CA ASN L 561 0.61 35.07 -28.18
C ASN L 561 0.87 36.45 -27.58
N ASP L 562 2.14 36.82 -27.46
CA ASP L 562 2.50 38.11 -26.90
C ASP L 562 2.02 39.23 -27.80
N LEU L 563 0.90 39.85 -27.43
CA LEU L 563 0.30 40.94 -28.18
C LEU L 563 1.22 42.16 -28.25
N ARG L 564 1.95 42.41 -27.17
CA ARG L 564 2.85 43.54 -27.08
C ARG L 564 3.92 43.53 -28.18
N VAL L 565 4.26 42.34 -28.65
CA VAL L 565 5.27 42.20 -29.70
C VAL L 565 4.62 42.07 -31.07
N ASP L 566 3.35 41.68 -31.10
CA ASP L 566 2.63 41.52 -32.35
C ASP L 566 1.91 42.80 -32.77
N GLY L 567 2.47 43.94 -32.38
CA GLY L 567 1.89 45.22 -32.74
C GLY L 567 0.49 45.48 -32.21
N ALA L 568 0.25 45.09 -30.95
CA ALA L 568 -1.05 45.29 -30.34
C ALA L 568 -1.02 46.61 -29.56
N THR L 569 -1.92 47.53 -29.92
CA THR L 569 -1.96 48.83 -29.25
C THR L 569 -3.37 49.29 -28.96
N VAL L 570 -3.53 50.01 -27.85
CA VAL L 570 -4.83 50.54 -27.43
C VAL L 570 -4.66 52.01 -27.11
N ASN L 571 -5.74 52.77 -27.20
CA ASN L 571 -5.69 54.20 -26.91
C ASN L 571 -7.01 54.71 -26.34
N ILE L 572 -6.92 55.33 -25.17
CA ILE L 572 -8.10 55.89 -24.51
C ILE L 572 -8.24 57.36 -24.85
N THR L 573 -9.40 57.73 -25.40
CA THR L 573 -9.65 59.13 -25.78
C THR L 573 -10.35 59.90 -24.67
N SER L 574 -11.45 59.36 -24.18
CA SER L 574 -12.22 60.01 -23.12
C SER L 574 -12.88 59.01 -22.18
N VAL L 575 -13.12 59.43 -20.95
CA VAL L 575 -13.74 58.58 -19.95
C VAL L 575 -14.71 59.40 -19.10
N ASN L 576 -15.95 58.93 -19.00
CA ASN L 576 -16.95 59.64 -18.22
C ASN L 576 -17.54 58.71 -17.16
N LEU L 577 -18.23 59.29 -16.18
CA LEU L 577 -18.83 58.53 -15.11
C LEU L 577 -20.34 58.76 -15.06
N TYR L 578 -21.10 57.68 -15.21
CA TYR L 578 -22.56 57.77 -15.17
C TYR L 578 -23.10 57.21 -13.87
N ALA L 579 -24.22 57.78 -13.41
CA ALA L 579 -24.85 57.34 -12.18
C ALA L 579 -26.35 57.60 -12.25
N SER L 580 -27.14 56.56 -11.99
CA SER L 580 -28.59 56.67 -12.03
C SER L 580 -29.17 56.85 -10.62
N PHE L 581 -30.00 57.87 -10.47
CA PHE L 581 -30.63 58.16 -9.18
C PHE L 581 -32.13 57.88 -9.25
N PHE L 582 -32.65 57.23 -8.22
CA PHE L 582 -34.08 56.93 -8.17
C PHE L 582 -34.83 58.23 -7.91
N PRO L 583 -35.87 58.52 -8.72
CA PRO L 583 -36.66 59.74 -8.55
C PRO L 583 -37.51 59.68 -7.29
N MET L 584 -36.86 59.39 -6.17
CA MET L 584 -37.53 59.28 -4.88
C MET L 584 -37.95 60.64 -4.35
N SER L 585 -39.15 60.70 -3.79
CA SER L 585 -39.68 61.95 -3.23
C SER L 585 -38.70 62.54 -2.23
N HIS L 586 -38.52 63.86 -2.28
CA HIS L 586 -37.62 64.55 -1.38
C HIS L 586 -38.02 64.34 0.08
N ASN L 587 -39.32 64.22 0.32
CA ASN L 587 -39.82 64.00 1.67
C ASN L 587 -39.32 62.65 2.20
N THR L 588 -39.52 61.61 1.41
CA THR L 588 -39.09 60.27 1.80
C THR L 588 -37.57 60.21 1.83
N ALA L 589 -36.95 60.64 0.75
CA ALA L 589 -35.50 60.63 0.63
C ALA L 589 -34.85 61.29 1.85
N SER L 590 -35.43 62.39 2.31
CA SER L 590 -34.90 63.10 3.46
C SER L 590 -34.94 62.23 4.71
N THR L 591 -36.08 61.57 4.93
CA THR L 591 -36.24 60.71 6.09
C THR L 591 -35.24 59.56 6.06
N LEU L 592 -35.15 58.90 4.90
CA LEU L 592 -34.22 57.80 4.72
C LEU L 592 -32.81 58.19 5.13
N GLU L 593 -32.39 59.38 4.71
CA GLU L 593 -31.06 59.89 5.02
C GLU L 593 -30.86 60.00 6.54
N ALA L 594 -31.80 60.66 7.20
CA ALA L 594 -31.73 60.85 8.64
C ALA L 594 -31.45 59.55 9.38
N MET L 595 -32.05 58.46 8.92
CA MET L 595 -31.85 57.16 9.55
C MET L 595 -30.51 56.53 9.20
N LEU L 596 -30.16 56.55 7.92
CA LEU L 596 -28.91 55.97 7.46
C LEU L 596 -27.68 56.69 8.00
N ARG L 597 -27.89 57.84 8.65
CA ARG L 597 -26.77 58.60 9.20
C ARG L 597 -26.50 58.27 10.67
N ASN L 598 -27.19 57.26 11.18
CA ASN L 598 -27.01 56.85 12.57
C ASN L 598 -26.12 55.62 12.62
N ASP L 599 -25.09 55.68 13.47
CA ASP L 599 -24.14 54.58 13.63
C ASP L 599 -24.83 53.23 13.84
N THR L 600 -26.06 53.28 14.33
CA THR L 600 -26.82 52.05 14.58
C THR L 600 -27.35 51.45 13.29
N ASN L 601 -27.22 52.19 12.18
CA ASN L 601 -27.69 51.72 10.89
C ASN L 601 -26.62 51.78 9.82
N ASP L 602 -25.37 51.59 10.22
CA ASP L 602 -24.27 51.64 9.26
C ASP L 602 -24.32 50.43 8.32
N GLN L 603 -24.09 50.70 7.04
CA GLN L 603 -24.11 49.64 6.03
C GLN L 603 -22.85 48.79 6.17
N SER L 604 -22.97 47.51 5.83
CA SER L 604 -21.85 46.60 5.93
C SER L 604 -21.82 45.61 4.77
N PHE L 605 -20.64 45.42 4.19
CA PHE L 605 -20.48 44.50 3.07
C PHE L 605 -19.32 43.56 3.34
N ASN L 606 -19.12 42.60 2.46
CA ASN L 606 -18.03 41.64 2.62
C ASN L 606 -17.73 40.96 1.29
N ASP L 607 -16.48 41.05 0.86
CA ASP L 607 -16.05 40.44 -0.39
C ASP L 607 -16.59 39.02 -0.47
N TYR L 608 -17.20 38.67 -1.59
CA TYR L 608 -17.76 37.34 -1.76
C TYR L 608 -16.73 36.23 -1.55
N LEU L 609 -15.54 36.40 -2.12
CA LEU L 609 -14.49 35.40 -1.98
C LEU L 609 -14.04 35.30 -0.53
N SER L 610 -13.75 36.45 0.09
CA SER L 610 -13.29 36.49 1.47
C SER L 610 -12.18 35.49 1.75
N ALA L 611 -10.97 35.82 1.31
CA ALA L 611 -9.83 34.94 1.51
C ALA L 611 -8.53 35.62 1.12
N ALA L 612 -7.48 35.34 1.89
CA ALA L 612 -6.17 35.92 1.61
C ALA L 612 -5.52 35.10 0.50
N ASN L 613 -5.10 35.77 -0.56
CA ASN L 613 -4.48 35.11 -1.69
C ASN L 613 -2.97 34.96 -1.51
N MET L 614 -2.49 33.73 -1.62
CA MET L 614 -1.07 33.46 -1.45
C MET L 614 -0.53 32.76 -2.71
N LEU L 615 0.73 32.99 -3.01
CA LEU L 615 1.36 32.38 -4.18
C LEU L 615 2.76 31.88 -3.86
N TYR L 616 2.96 30.57 -4.00
CA TYR L 616 4.26 29.97 -3.74
C TYR L 616 4.78 29.34 -5.02
N PRO L 617 6.03 29.63 -5.38
CA PRO L 617 6.64 29.08 -6.59
C PRO L 617 6.86 27.58 -6.53
N ILE L 618 6.67 26.91 -7.66
CA ILE L 618 6.85 25.47 -7.75
C ILE L 618 7.87 25.18 -8.85
N PRO L 619 9.15 25.02 -8.48
CA PRO L 619 10.21 24.73 -9.44
C PRO L 619 9.81 23.64 -10.42
N PRO L 620 10.34 23.70 -11.67
CA PRO L 620 10.01 22.69 -12.67
C PRO L 620 10.38 21.27 -12.24
N ASN L 621 9.45 20.34 -12.44
CA ASN L 621 9.64 18.94 -12.10
C ASN L 621 9.57 18.69 -10.60
N ALA L 622 9.32 19.74 -9.83
CA ALA L 622 9.21 19.61 -8.38
C ALA L 622 8.03 18.72 -8.03
N THR L 623 8.09 18.05 -6.89
CA THR L 623 7.02 17.17 -6.46
C THR L 623 6.47 17.58 -5.10
N GLN L 624 7.38 17.78 -4.15
CA GLN L 624 6.99 18.17 -2.79
C GLN L 624 7.05 19.68 -2.66
N LEU L 625 6.14 20.25 -1.88
CA LEU L 625 6.11 21.70 -1.70
C LEU L 625 5.57 22.08 -0.32
N PRO L 626 6.47 22.32 0.64
CA PRO L 626 6.08 22.71 2.01
C PRO L 626 5.86 24.21 2.12
N ILE L 627 4.95 24.61 3.00
CA ILE L 627 4.64 26.03 3.20
C ILE L 627 4.39 26.37 4.66
N PRO L 628 5.33 27.10 5.29
CA PRO L 628 5.20 27.51 6.69
C PRO L 628 4.50 28.85 6.88
N SER L 629 3.56 28.89 7.81
CA SER L 629 2.80 30.10 8.13
C SER L 629 2.05 29.84 9.43
N ARG L 630 1.65 30.91 10.12
CA ARG L 630 0.91 30.73 11.38
C ARG L 630 -0.21 31.76 11.60
N ASN L 631 -1.38 31.25 11.99
CA ASN L 631 -2.55 32.09 12.25
C ASN L 631 -2.78 32.20 13.76
N TRP L 632 -3.00 33.42 14.23
CA TRP L 632 -3.24 33.67 15.65
C TRP L 632 -4.70 33.42 16.02
N ALA L 633 -5.56 33.32 15.00
CA ALA L 633 -6.98 33.11 15.25
C ALA L 633 -7.53 31.93 14.46
N ALA L 634 -8.84 31.91 14.27
CA ALA L 634 -9.48 30.84 13.53
C ALA L 634 -10.26 31.40 12.36
N PHE L 635 -9.97 30.85 11.19
CA PHE L 635 -10.62 31.27 9.97
C PHE L 635 -11.86 30.46 9.61
N ARG L 636 -12.05 30.22 8.31
CA ARG L 636 -13.19 29.49 7.78
C ARG L 636 -12.79 28.17 7.13
N GLY L 637 -11.73 28.19 6.32
CA GLY L 637 -11.28 26.99 5.65
C GLY L 637 -10.20 27.24 4.61
N TRP L 638 -9.79 26.18 3.92
CA TRP L 638 -8.78 26.28 2.86
C TRP L 638 -9.41 26.12 1.48
N SER L 639 -8.69 26.57 0.47
CA SER L 639 -9.13 26.48 -0.91
C SER L 639 -7.86 26.65 -1.73
N LEU L 640 -7.64 25.76 -2.70
CA LEU L 640 -6.42 25.86 -3.48
C LEU L 640 -6.47 25.23 -4.87
N THR L 641 -5.48 25.58 -5.68
CA THR L 641 -5.36 25.08 -7.05
C THR L 641 -3.91 25.19 -7.49
N ARG L 642 -3.68 25.17 -8.80
CA ARG L 642 -2.34 25.25 -9.35
C ARG L 642 -2.37 26.11 -10.61
N LEU L 643 -1.41 27.02 -10.74
CA LEU L 643 -1.35 27.90 -11.91
C LEU L 643 0.03 27.91 -12.55
N LYS L 644 0.09 28.28 -13.82
CA LYS L 644 1.35 28.36 -14.55
C LYS L 644 1.93 29.75 -14.40
N GLN L 645 3.20 29.83 -13.99
CA GLN L 645 3.86 31.11 -13.80
C GLN L 645 3.74 32.04 -15.01
N ARG L 646 3.95 31.49 -16.21
CA ARG L 646 3.86 32.29 -17.42
C ARG L 646 2.47 32.90 -17.62
N GLU L 647 1.44 32.17 -17.19
CA GLU L 647 0.07 32.64 -17.33
C GLU L 647 -0.40 33.46 -16.13
N THR L 648 0.52 33.77 -15.23
CA THR L 648 0.18 34.56 -14.05
C THR L 648 1.00 35.84 -13.98
N PRO L 649 0.36 36.98 -14.28
CA PRO L 649 1.04 38.28 -14.25
C PRO L 649 1.32 38.73 -12.82
N ALA L 650 2.56 39.17 -12.58
CA ALA L 650 2.95 39.64 -11.25
C ALA L 650 2.19 40.91 -10.91
N LEU L 651 1.21 40.79 -10.01
CA LEU L 651 0.42 41.93 -9.60
C LEU L 651 1.11 42.76 -8.53
N GLY L 652 0.50 43.87 -8.15
CA GLY L 652 1.09 44.73 -7.14
C GLY L 652 1.82 45.89 -7.80
N SER L 653 2.59 45.57 -8.84
CA SER L 653 3.35 46.57 -9.56
C SER L 653 2.52 47.08 -10.74
N PRO L 654 2.61 48.38 -11.05
CA PRO L 654 1.86 49.00 -12.14
C PRO L 654 2.28 48.52 -13.53
N PHE L 655 3.14 47.52 -13.59
CA PHE L 655 3.59 47.00 -14.89
C PHE L 655 4.49 45.77 -14.76
N ASP L 656 4.25 44.78 -15.60
CA ASP L 656 5.04 43.55 -15.61
C ASP L 656 5.83 43.45 -16.91
N PRO L 657 7.15 43.61 -16.83
CA PRO L 657 8.00 43.54 -18.03
C PRO L 657 8.26 42.10 -18.51
N TYR L 658 7.99 41.13 -17.66
CA TYR L 658 8.22 39.73 -18.01
C TYR L 658 6.91 38.99 -18.28
N PHE L 659 5.84 39.72 -18.57
CA PHE L 659 4.55 39.11 -18.85
C PHE L 659 4.28 39.03 -20.35
N THR L 660 4.76 37.95 -20.97
CA THR L 660 4.58 37.74 -22.40
C THR L 660 3.46 36.73 -22.66
N TYR L 661 2.28 37.00 -22.13
CA TYR L 661 1.14 36.11 -22.31
C TYR L 661 -0.13 36.93 -22.45
N SER L 662 -1.09 36.43 -23.22
CA SER L 662 -2.34 37.15 -23.43
C SER L 662 -3.56 36.25 -23.36
N GLY L 663 -3.35 34.99 -22.98
CA GLY L 663 -4.45 34.06 -22.88
C GLY L 663 -5.23 34.29 -21.60
N THR L 664 -6.17 33.41 -21.29
CA THR L 664 -6.96 33.54 -20.08
C THR L 664 -6.07 33.45 -18.85
N ILE L 665 -6.37 34.30 -17.85
CA ILE L 665 -5.60 34.32 -16.61
C ILE L 665 -6.38 33.66 -15.50
N PRO L 666 -6.15 32.35 -15.27
CA PRO L 666 -6.85 31.59 -14.23
C PRO L 666 -6.88 32.32 -12.89
N TYR L 667 -5.87 33.13 -12.64
CA TYR L 667 -5.77 33.87 -11.39
C TYR L 667 -6.82 34.98 -11.27
N LEU L 668 -7.41 35.37 -12.39
CA LEU L 668 -8.43 36.42 -12.37
C LEU L 668 -9.80 35.93 -12.79
N ASP L 669 -9.92 35.46 -14.03
CA ASP L 669 -11.19 34.96 -14.54
C ASP L 669 -11.62 33.66 -13.88
N GLY L 670 -10.66 32.96 -13.27
CA GLY L 670 -10.97 31.71 -12.60
C GLY L 670 -11.10 30.54 -13.55
N THR L 671 -10.26 30.49 -14.57
CA THR L 671 -10.28 29.40 -15.54
C THR L 671 -9.22 28.36 -15.21
N PHE L 672 -9.24 27.88 -13.97
CA PHE L 672 -8.30 26.87 -13.50
C PHE L 672 -8.47 25.59 -14.30
N TYR L 673 -7.44 24.75 -14.31
CA TYR L 673 -7.49 23.50 -15.06
C TYR L 673 -6.32 22.59 -14.72
N LEU L 674 -5.81 22.69 -13.50
CA LEU L 674 -4.69 21.85 -13.08
C LEU L 674 -4.92 21.29 -11.69
N SER L 675 -6.17 21.08 -11.33
CA SER L 675 -6.51 20.53 -10.02
C SER L 675 -6.32 19.02 -10.03
N HIS L 676 -6.18 18.46 -11.23
CA HIS L 676 -5.99 17.02 -11.37
C HIS L 676 -4.52 16.66 -11.29
N THR L 677 -3.70 17.60 -10.85
CA THR L 677 -2.26 17.36 -10.74
C THR L 677 -1.79 17.30 -9.29
N PHE L 678 -2.72 17.03 -8.38
CA PHE L 678 -2.38 16.94 -6.96
C PHE L 678 -2.47 15.51 -6.47
N ARG L 679 -1.53 15.13 -5.60
CA ARG L 679 -1.50 13.79 -5.05
C ARG L 679 -2.06 13.74 -3.64
N LYS L 680 -1.47 14.53 -2.74
CA LYS L 680 -1.92 14.56 -1.36
C LYS L 680 -1.60 15.89 -0.68
N VAL L 681 -2.29 16.15 0.43
CA VAL L 681 -2.08 17.36 1.21
C VAL L 681 -2.02 17.02 2.69
N ALA L 682 -1.02 17.55 3.39
CA ALA L 682 -0.85 17.28 4.81
C ALA L 682 -0.88 18.59 5.60
N ILE L 683 -1.81 18.66 6.56
CA ILE L 683 -1.95 19.84 7.40
C ILE L 683 -1.59 19.50 8.84
N GLN L 684 -0.84 20.37 9.50
CA GLN L 684 -0.43 20.15 10.87
C GLN L 684 -0.27 21.46 11.63
N PHE L 685 -0.72 21.47 12.88
CA PHE L 685 -0.62 22.65 13.72
C PHE L 685 0.49 22.50 14.77
N ASP L 686 1.26 23.56 14.95
CA ASP L 686 2.36 23.56 15.91
C ASP L 686 3.37 22.49 15.52
N SER L 687 3.43 22.17 14.23
CA SER L 687 4.34 21.17 13.69
C SER L 687 4.35 19.88 14.50
N SER L 688 3.18 19.35 14.78
CA SER L 688 3.05 18.11 15.54
C SER L 688 1.63 17.57 15.47
N VAL L 689 0.67 18.39 15.87
CA VAL L 689 -0.74 18.01 15.85
C VAL L 689 -1.29 18.04 14.43
N THR L 690 -1.48 16.85 13.85
CA THR L 690 -2.01 16.75 12.50
C THR L 690 -3.50 17.06 12.52
N TRP L 691 -3.98 17.65 11.42
CA TRP L 691 -5.39 18.00 11.31
C TRP L 691 -6.01 17.25 10.14
N PRO L 692 -7.25 16.79 10.28
CA PRO L 692 -8.10 16.94 11.47
C PRO L 692 -7.75 15.91 12.56
N GLY L 693 -6.93 14.94 12.19
CA GLY L 693 -6.54 13.91 13.14
C GLY L 693 -7.77 13.16 13.64
N ASN L 694 -7.75 12.79 14.92
CA ASN L 694 -8.86 12.08 15.52
C ASN L 694 -9.27 10.86 14.69
N ASP L 695 -8.36 10.41 13.82
CA ASP L 695 -8.62 9.27 12.97
C ASP L 695 -9.95 9.43 12.24
N ARG L 696 -10.10 10.56 11.56
CA ARG L 696 -11.32 10.86 10.81
C ARG L 696 -11.34 10.15 9.45
N LEU L 697 -10.27 10.32 8.69
CA LEU L 697 -10.17 9.71 7.37
C LEU L 697 -9.56 8.32 7.39
N LEU L 698 -9.72 7.60 6.28
CA LEU L 698 -9.17 6.25 6.14
C LEU L 698 -7.65 6.37 6.28
N THR L 699 -7.14 7.53 5.91
CA THR L 699 -5.71 7.84 6.00
C THR L 699 -5.63 9.10 6.86
N PRO L 700 -5.85 8.94 8.18
CA PRO L 700 -5.82 10.01 9.18
C PRO L 700 -4.62 10.94 9.19
N ASN L 701 -3.54 10.54 8.53
CA ASN L 701 -2.34 11.37 8.50
C ASN L 701 -2.25 12.32 7.31
N GLU L 702 -3.29 12.33 6.47
CA GLU L 702 -3.29 13.21 5.30
C GLU L 702 -4.53 13.06 4.43
N PHE L 703 -4.64 13.94 3.44
CA PHE L 703 -5.76 13.93 2.51
C PHE L 703 -5.26 13.47 1.14
N GLU L 704 -5.38 12.18 0.87
CA GLU L 704 -4.94 11.66 -0.42
C GLU L 704 -5.98 11.98 -1.48
N ILE L 705 -5.64 12.88 -2.40
CA ILE L 705 -6.57 13.27 -3.45
C ILE L 705 -6.72 12.17 -4.49
N LYS L 706 -5.64 11.44 -4.76
CA LYS L 706 -5.68 10.36 -5.74
C LYS L 706 -4.54 9.38 -5.51
N ILE L 707 -4.80 8.10 -5.77
CA ILE L 707 -3.79 7.05 -5.60
C ILE L 707 -3.47 6.40 -6.95
N SER L 708 -2.20 6.10 -7.16
CA SER L 708 -1.75 5.47 -8.40
C SER L 708 -1.93 3.96 -8.32
N VAL L 709 -1.38 3.36 -7.28
CA VAL L 709 -1.49 1.91 -7.06
C VAL L 709 -2.73 1.63 -6.23
N ASP L 710 -3.72 0.96 -6.82
CA ASP L 710 -4.95 0.65 -6.12
C ASP L 710 -4.77 0.04 -4.72
N GLY L 711 -4.00 -1.04 -4.64
CA GLY L 711 -3.79 -1.68 -3.35
C GLY L 711 -5.11 -2.18 -2.80
N GLU L 712 -5.77 -1.35 -1.99
CA GLU L 712 -7.06 -1.68 -1.39
C GLU L 712 -8.17 -1.23 -2.34
N GLY L 713 -7.92 -0.13 -3.04
CA GLY L 713 -8.90 0.39 -3.96
C GLY L 713 -9.69 1.50 -3.30
N TYR L 714 -8.99 2.41 -2.64
CA TYR L 714 -9.64 3.52 -1.98
C TYR L 714 -10.14 4.53 -3.01
N ASN L 715 -10.23 4.11 -4.26
CA ASN L 715 -10.71 4.97 -5.33
C ASN L 715 -12.19 4.75 -5.57
N VAL L 716 -12.89 5.79 -6.00
CA VAL L 716 -14.32 5.72 -6.27
C VAL L 716 -14.67 6.36 -7.60
N ALA L 717 -15.98 6.44 -7.88
CA ALA L 717 -16.47 7.03 -9.11
C ALA L 717 -15.79 6.40 -10.33
N GLN L 718 -15.27 5.20 -10.15
CA GLN L 718 -14.60 4.49 -11.22
C GLN L 718 -13.44 5.31 -11.77
N SER L 719 -12.73 5.99 -10.87
CA SER L 719 -11.59 6.81 -11.26
C SER L 719 -10.41 6.53 -10.35
N ASN L 720 -9.48 7.48 -10.27
CA ASN L 720 -8.30 7.31 -9.43
C ASN L 720 -8.40 8.21 -8.20
N MET L 721 -9.60 8.73 -7.95
CA MET L 721 -9.83 9.61 -6.80
C MET L 721 -10.20 8.79 -5.58
N THR L 722 -9.52 9.05 -4.46
CA THR L 722 -9.78 8.33 -3.22
C THR L 722 -11.23 8.51 -2.76
N LYS L 723 -11.64 7.68 -1.82
CA LYS L 723 -13.00 7.74 -1.28
C LYS L 723 -13.06 8.88 -0.28
N ASP L 724 -11.95 9.07 0.44
CA ASP L 724 -11.87 10.12 1.46
C ASP L 724 -12.02 11.50 0.83
N TRP L 725 -11.28 11.75 -0.25
CA TRP L 725 -11.33 13.04 -0.92
C TRP L 725 -12.71 13.32 -1.49
N PHE L 726 -13.24 12.37 -2.24
CA PHE L 726 -14.56 12.53 -2.83
C PHE L 726 -15.58 12.93 -1.78
N LEU L 727 -15.54 12.24 -0.65
CA LEU L 727 -16.46 12.54 0.45
C LEU L 727 -16.33 13.98 0.90
N VAL L 728 -15.10 14.39 1.18
CA VAL L 728 -14.83 15.75 1.63
C VAL L 728 -15.40 16.78 0.65
N GLN L 729 -15.09 16.61 -0.63
CA GLN L 729 -15.58 17.53 -1.65
C GLN L 729 -17.09 17.61 -1.67
N MET L 730 -17.75 16.47 -1.53
CA MET L 730 -19.21 16.42 -1.54
C MET L 730 -19.80 17.17 -0.35
N LEU L 731 -19.20 17.00 0.82
CA LEU L 731 -19.69 17.66 2.03
C LEU L 731 -19.46 19.16 2.00
N ALA L 732 -18.28 19.57 1.55
CA ALA L 732 -17.94 20.99 1.49
C ALA L 732 -18.68 21.76 0.41
N ASN L 733 -19.35 21.04 -0.49
CA ASN L 733 -20.08 21.69 -1.57
C ASN L 733 -21.60 21.53 -1.48
N TYR L 734 -22.06 20.34 -1.12
CA TYR L 734 -23.49 20.09 -1.04
C TYR L 734 -23.92 19.44 0.27
N ASN L 735 -23.00 19.35 1.23
CA ASN L 735 -23.31 18.73 2.52
C ASN L 735 -23.88 17.34 2.30
N ILE L 736 -23.47 16.70 1.19
CA ILE L 736 -23.95 15.37 0.86
C ILE L 736 -22.84 14.34 1.09
N GLY L 737 -23.16 13.28 1.83
CA GLY L 737 -22.17 12.25 2.09
C GLY L 737 -22.50 11.43 3.32
N TYR L 738 -23.09 12.06 4.32
CA TYR L 738 -23.45 11.37 5.56
C TYR L 738 -24.74 10.58 5.42
N GLN L 739 -25.49 10.86 4.35
CA GLN L 739 -26.74 10.17 4.14
C GLN L 739 -26.95 9.80 2.67
N GLY L 740 -25.95 9.16 2.08
CA GLY L 740 -26.04 8.74 0.69
C GLY L 740 -25.50 9.75 -0.30
N TYR L 741 -24.86 9.24 -1.36
CA TYR L 741 -24.30 10.08 -2.40
C TYR L 741 -25.28 10.18 -3.56
N HIS L 742 -25.76 11.40 -3.83
CA HIS L 742 -26.71 11.62 -4.92
C HIS L 742 -26.46 12.95 -5.61
N LEU L 743 -26.79 13.00 -6.90
CA LEU L 743 -26.62 14.23 -7.67
C LEU L 743 -27.37 15.36 -7.01
N PRO L 744 -26.64 16.34 -6.48
CA PRO L 744 -27.25 17.50 -5.81
C PRO L 744 -28.17 18.28 -6.75
N PRO L 745 -29.05 19.11 -6.18
CA PRO L 745 -29.98 19.91 -6.97
C PRO L 745 -29.26 20.87 -7.91
N ASP L 746 -29.86 21.12 -9.07
CA ASP L 746 -29.28 21.99 -10.08
C ASP L 746 -28.85 23.38 -9.63
N TYR L 747 -29.69 24.06 -8.87
CA TYR L 747 -29.35 25.40 -8.41
C TYR L 747 -28.03 25.46 -7.65
N LYS L 748 -27.59 24.34 -7.10
CA LYS L 748 -26.33 24.30 -6.36
C LYS L 748 -25.16 23.87 -7.24
N ASP L 749 -25.45 23.48 -8.47
CA ASP L 749 -24.42 23.05 -9.41
C ASP L 749 -24.11 24.16 -10.41
N ARG L 750 -23.21 25.06 -10.04
CA ARG L 750 -22.82 26.16 -10.92
C ARG L 750 -21.49 25.83 -11.57
N THR L 751 -21.06 26.66 -12.51
CA THR L 751 -19.80 26.43 -13.23
C THR L 751 -18.60 26.32 -12.29
N PHE L 752 -18.76 26.76 -11.05
CA PHE L 752 -17.67 26.70 -10.09
C PHE L 752 -17.86 25.61 -9.04
N SER L 753 -18.73 24.66 -9.34
CA SER L 753 -18.98 23.56 -8.42
C SER L 753 -18.05 22.39 -8.72
N PHE L 754 -18.03 21.41 -7.82
CA PHE L 754 -17.18 20.24 -8.00
C PHE L 754 -17.77 19.24 -8.99
N LEU L 755 -18.80 18.54 -8.57
CA LEU L 755 -19.46 17.53 -9.40
C LEU L 755 -19.70 18.01 -10.83
N HIS L 756 -20.10 19.26 -10.98
CA HIS L 756 -20.38 19.82 -12.30
C HIS L 756 -19.20 19.66 -13.26
N ASN L 757 -17.98 19.75 -12.74
CA ASN L 757 -16.79 19.64 -13.57
C ASN L 757 -16.07 18.30 -13.45
N PHE L 758 -16.53 17.46 -12.52
CA PHE L 758 -15.90 16.16 -12.33
C PHE L 758 -16.25 15.23 -13.49
N ILE L 759 -15.22 14.74 -14.18
CA ILE L 759 -15.43 13.85 -15.32
C ILE L 759 -14.40 12.72 -15.36
N PRO L 760 -14.77 11.55 -14.83
CA PRO L 760 -13.89 10.38 -14.81
C PRO L 760 -13.79 9.74 -16.19
N MET L 761 -12.65 9.11 -16.47
CA MET L 761 -12.44 8.46 -17.75
C MET L 761 -11.41 7.33 -17.62
N CYS L 762 -11.58 6.30 -18.44
CA CYS L 762 -10.68 5.15 -18.42
C CYS L 762 -10.35 4.74 -19.84
N ARG L 763 -9.39 3.83 -19.98
CA ARG L 763 -8.99 3.33 -21.28
C ARG L 763 -8.02 2.17 -21.08
N GLN L 764 -7.95 1.31 -22.08
CA GLN L 764 -7.03 0.18 -22.02
C GLN L 764 -5.93 0.41 -23.04
N VAL L 765 -4.72 -0.03 -22.73
CA VAL L 765 -3.58 0.13 -23.62
C VAL L 765 -2.78 -1.16 -23.66
N PRO L 766 -2.15 -1.46 -24.81
CA PRO L 766 -1.35 -2.67 -24.96
C PRO L 766 -0.22 -2.73 -23.95
N ASN L 767 -0.40 -3.55 -22.91
CA ASN L 767 0.62 -3.70 -21.87
C ASN L 767 1.99 -3.99 -22.50
N PRO L 768 3.00 -3.17 -22.17
CA PRO L 768 4.36 -3.29 -22.68
C PRO L 768 5.15 -4.54 -22.27
N ALA L 769 4.70 -5.22 -21.22
CA ALA L 769 5.39 -6.42 -20.74
C ALA L 769 4.57 -7.68 -20.94
N THR L 770 3.77 -7.70 -22.01
CA THR L 770 2.95 -8.85 -22.33
C THR L 770 3.69 -9.78 -23.28
N GLU L 771 3.58 -9.50 -24.57
CA GLU L 771 4.25 -10.30 -25.59
C GLU L 771 5.08 -9.47 -26.56
N GLY L 772 5.75 -10.15 -27.48
CA GLY L 772 6.57 -9.47 -28.47
C GLY L 772 5.71 -8.64 -29.40
N TYR L 773 5.34 -7.44 -28.96
CA TYR L 773 4.52 -6.54 -29.75
C TYR L 773 5.41 -5.39 -30.20
N PHE L 774 6.58 -5.29 -29.59
CA PHE L 774 7.56 -4.26 -29.90
C PHE L 774 7.03 -2.85 -29.65
N GLY L 775 7.85 -1.86 -29.96
CA GLY L 775 7.46 -0.48 -29.77
C GLY L 775 7.02 0.18 -31.06
N LEU L 776 5.76 0.61 -31.10
CA LEU L 776 5.21 1.27 -32.27
C LEU L 776 5.92 2.61 -32.48
N GLY L 777 7.01 2.58 -33.25
CA GLY L 777 7.76 3.80 -33.50
C GLY L 777 6.93 4.78 -34.31
N ILE L 778 6.76 5.99 -33.79
CA ILE L 778 5.98 7.02 -34.46
C ILE L 778 6.55 7.35 -35.84
N VAL L 779 7.79 6.93 -36.08
CA VAL L 779 8.43 7.19 -37.37
C VAL L 779 8.13 6.05 -38.34
N ASN L 780 7.57 4.96 -37.82
CA ASN L 780 7.22 3.81 -38.62
C ASN L 780 5.70 3.63 -38.67
N HIS L 781 5.01 4.39 -37.84
CA HIS L 781 3.55 4.34 -37.79
C HIS L 781 2.95 4.59 -39.16
N ARG L 782 2.26 3.58 -39.70
CA ARG L 782 1.63 3.72 -41.00
C ARG L 782 0.17 3.30 -40.93
N THR L 783 -0.71 4.20 -41.35
CA THR L 783 -2.15 3.95 -41.34
C THR L 783 -2.76 4.74 -42.49
N THR L 784 -3.60 4.07 -43.29
CA THR L 784 -4.23 4.74 -44.42
C THR L 784 -3.14 5.34 -45.30
N PRO L 785 -2.13 4.54 -45.68
CA PRO L 785 -1.03 5.02 -46.53
C PRO L 785 -1.51 5.49 -47.89
N ALA L 786 -0.67 6.27 -48.57
CA ALA L 786 -1.00 6.81 -49.89
C ALA L 786 -2.12 7.83 -49.78
N TYR L 787 -2.85 7.77 -48.66
CA TYR L 787 -3.93 8.70 -48.39
C TYR L 787 -3.50 9.50 -47.17
N TRP L 788 -2.44 9.03 -46.52
CA TRP L 788 -1.89 9.67 -45.34
C TRP L 788 -0.57 10.33 -45.72
N PHE L 789 0.18 10.79 -44.73
CA PHE L 789 1.47 11.42 -44.97
C PHE L 789 2.28 11.43 -43.67
N ARG L 790 3.59 11.15 -43.79
CA ARG L 790 4.49 11.13 -42.63
C ARG L 790 4.50 12.44 -41.85
N PHE L 791 4.54 13.55 -42.58
CA PHE L 791 4.50 14.89 -41.98
C PHE L 791 3.06 15.33 -41.94
N CYS L 792 2.18 14.35 -42.15
CA CYS L 792 0.74 14.53 -42.13
C CYS L 792 0.22 15.96 -42.11
N ARG L 793 -0.17 16.41 -43.29
CA ARG L 793 -0.72 17.74 -43.57
C ARG L 793 -0.77 18.01 -45.08
N ALA L 794 0.35 17.81 -45.75
CA ALA L 794 0.45 18.02 -47.19
C ALA L 794 -0.52 17.07 -47.91
N PRO L 795 -0.31 16.78 -49.21
CA PRO L 795 -1.30 15.87 -49.78
C PRO L 795 -1.09 14.41 -49.40
N ARG L 796 -1.61 13.54 -50.23
CA ARG L 796 -1.53 12.12 -50.03
C ARG L 796 -0.16 11.62 -50.47
N GLU L 797 0.34 10.60 -49.79
CA GLU L 797 1.64 10.02 -50.13
C GLU L 797 1.78 8.61 -49.61
N GLY L 798 2.40 7.76 -50.42
CA GLY L 798 2.59 6.38 -49.99
C GLY L 798 2.08 5.36 -50.97
N HIS L 799 1.40 4.34 -50.45
CA HIS L 799 0.87 3.26 -51.28
C HIS L 799 -0.02 2.35 -50.43
N PRO L 800 -1.28 2.16 -50.86
CA PRO L 800 -2.22 1.30 -50.12
C PRO L 800 -1.53 0.05 -49.58
N TYR L 801 -1.61 -0.13 -48.27
CA TYR L 801 -0.97 -1.28 -47.64
C TYR L 801 -1.56 -1.52 -46.26
N PRO L 802 -1.63 -2.78 -45.82
CA PRO L 802 -2.18 -3.07 -44.49
C PRO L 802 -1.38 -2.35 -43.42
N GLN L 803 -1.99 -1.35 -42.79
CA GLN L 803 -1.33 -0.55 -41.75
C GLN L 803 -0.88 -1.42 -40.58
N LEU L 804 -0.28 -0.79 -39.56
CA LEU L 804 0.25 -1.51 -38.40
C LEU L 804 0.11 -0.77 -37.07
N ALA L 805 0.18 0.56 -37.11
CA ALA L 805 0.07 1.35 -35.88
C ALA L 805 -1.24 1.07 -35.15
N LEU L 806 -1.24 1.38 -33.86
CA LEU L 806 -2.41 1.20 -33.02
C LEU L 806 -2.86 -0.26 -32.98
N PRO L 807 -2.47 -0.99 -31.92
CA PRO L 807 -2.82 -2.39 -31.76
C PRO L 807 -4.29 -2.58 -31.36
N PRO L 808 -4.94 -3.64 -31.85
CA PRO L 808 -6.35 -3.90 -31.53
C PRO L 808 -6.61 -4.02 -30.04
N HIS L 809 -7.76 -3.53 -29.62
CA HIS L 809 -8.17 -3.56 -28.21
C HIS L 809 -9.50 -4.29 -28.05
N TRP L 810 -9.71 -5.29 -28.91
CA TRP L 810 -10.93 -6.09 -28.90
C TRP L 810 -10.82 -7.12 -30.01
N ASP L 811 -11.86 -7.93 -30.16
CA ASP L 811 -11.89 -8.96 -31.20
C ASP L 811 -10.89 -10.08 -30.87
N PRO L 812 -11.07 -11.27 -31.45
CA PRO L 812 -10.15 -12.38 -31.19
C PRO L 812 -8.68 -12.04 -31.44
N ARG L 813 -8.44 -10.97 -32.20
CA ARG L 813 -7.08 -10.56 -32.51
C ARG L 813 -6.55 -9.61 -31.43
N HIS L 814 -7.36 -9.38 -30.40
CA HIS L 814 -6.99 -8.50 -29.30
C HIS L 814 -5.78 -9.03 -28.54
N ALA L 815 -4.84 -8.13 -28.23
CA ALA L 815 -3.64 -8.49 -27.49
C ALA L 815 -3.80 -8.06 -26.03
N LEU L 816 -3.06 -8.71 -25.13
CA LEU L 816 -3.15 -8.38 -23.72
C LEU L 816 -2.86 -6.90 -23.48
N ARG L 817 -3.77 -6.25 -22.75
CA ARG L 817 -3.63 -4.83 -22.46
C ARG L 817 -3.49 -4.52 -20.96
N ASP L 818 -3.86 -3.30 -20.58
CA ASP L 818 -3.76 -2.85 -19.20
C ASP L 818 -4.62 -1.60 -18.99
N PRO L 819 -5.46 -1.59 -17.93
CA PRO L 819 -6.34 -0.47 -17.61
C PRO L 819 -5.59 0.76 -17.08
N GLU L 820 -6.18 1.94 -17.29
CA GLU L 820 -5.56 3.18 -16.85
C GLU L 820 -6.67 4.19 -16.54
N ARG L 821 -6.72 4.63 -15.29
CA ARG L 821 -7.76 5.57 -14.86
C ARG L 821 -7.21 6.97 -14.52
N LYS L 822 -8.08 7.96 -14.63
CA LYS L 822 -7.73 9.35 -14.32
C LYS L 822 -8.99 10.20 -14.38
N PHE L 823 -8.85 11.51 -14.14
CA PHE L 823 -10.00 12.40 -14.17
C PHE L 823 -9.60 13.85 -14.41
N LEU L 824 -10.59 14.68 -14.65
CA LEU L 824 -10.36 16.11 -14.87
C LEU L 824 -11.43 16.93 -14.14
N CYS L 825 -11.01 18.06 -13.59
CA CYS L 825 -11.92 18.94 -12.87
C CYS L 825 -11.43 20.36 -13.03
N ASP L 826 -11.92 21.03 -14.07
CA ASP L 826 -11.52 22.39 -14.38
C ASP L 826 -12.40 23.45 -13.71
N ARG L 827 -12.03 24.72 -13.92
CA ARG L 827 -12.74 25.86 -13.37
C ARG L 827 -13.32 25.57 -11.99
N THR L 828 -12.52 24.92 -11.14
CA THR L 828 -12.95 24.58 -9.80
C THR L 828 -11.83 24.74 -8.79
N LEU L 829 -12.17 24.79 -7.51
CA LEU L 829 -11.18 24.94 -6.45
C LEU L 829 -11.35 23.87 -5.39
N TRP L 830 -10.27 23.20 -5.05
CA TRP L 830 -10.30 22.16 -4.02
C TRP L 830 -10.67 22.80 -2.70
N ARG L 831 -11.62 22.21 -1.98
CA ARG L 831 -12.07 22.75 -0.70
C ARG L 831 -11.78 21.84 0.48
N ILE L 832 -11.47 22.45 1.62
CA ILE L 832 -11.19 21.74 2.85
C ILE L 832 -11.70 22.62 3.99
N PRO L 833 -13.03 22.70 4.15
CA PRO L 833 -13.65 23.52 5.21
C PRO L 833 -13.07 23.23 6.58
N PHE L 834 -12.96 24.26 7.40
CA PHE L 834 -12.41 24.10 8.74
C PHE L 834 -13.52 23.78 9.74
N SER L 835 -14.30 22.74 9.43
CA SER L 835 -15.38 22.31 10.30
C SER L 835 -15.07 20.95 10.89
N SER L 836 -15.73 20.60 11.98
CA SER L 836 -15.51 19.32 12.64
C SER L 836 -16.06 18.17 11.80
N ASN L 837 -17.04 18.46 10.95
CA ASN L 837 -17.64 17.44 10.11
C ASN L 837 -17.56 17.81 8.63
N PHE L 838 -16.80 18.85 8.33
CA PHE L 838 -16.62 19.31 6.95
C PHE L 838 -17.86 19.92 6.31
N MET L 839 -18.98 19.91 7.04
CA MET L 839 -20.22 20.47 6.51
C MET L 839 -20.30 21.95 6.79
N SER L 840 -21.15 22.65 6.03
CA SER L 840 -21.33 24.09 6.20
C SER L 840 -22.56 24.36 7.07
N MET L 841 -22.32 24.71 8.33
CA MET L 841 -23.42 24.99 9.26
C MET L 841 -23.48 26.47 9.58
N GLY L 842 -22.86 27.28 8.72
CA GLY L 842 -22.84 28.71 8.93
C GLY L 842 -21.51 29.31 8.51
N SER L 843 -21.52 30.58 8.15
CA SER L 843 -20.30 31.26 7.72
C SER L 843 -19.20 31.05 8.76
N LEU L 844 -19.52 31.36 10.01
CA LEU L 844 -18.57 31.19 11.11
C LEU L 844 -18.63 29.76 11.61
N THR L 845 -17.76 28.91 11.06
CA THR L 845 -17.69 27.51 11.43
C THR L 845 -17.60 27.31 12.95
N ASP L 846 -17.82 26.07 13.38
CA ASP L 846 -17.76 25.73 14.80
C ASP L 846 -16.31 25.78 15.29
N LEU L 847 -15.42 25.14 14.55
CA LEU L 847 -14.00 25.12 14.91
C LEU L 847 -13.45 26.54 14.90
N GLY L 848 -13.94 27.34 13.96
CA GLY L 848 -13.48 28.71 13.86
C GLY L 848 -13.94 29.53 15.05
N GLN L 849 -14.62 28.88 15.98
CA GLN L 849 -15.12 29.56 17.16
C GLN L 849 -14.74 28.78 18.42
N ASN L 850 -13.87 27.80 18.26
CA ASN L 850 -13.41 26.97 19.37
C ASN L 850 -12.33 27.70 20.16
N LEU L 851 -12.41 27.63 21.48
CA LEU L 851 -11.44 28.29 22.36
C LEU L 851 -9.99 27.94 22.07
N LEU L 852 -9.74 26.67 21.74
CA LEU L 852 -8.38 26.21 21.46
C LEU L 852 -7.65 27.10 20.46
N TYR L 853 -8.40 27.81 19.63
CA TYR L 853 -7.80 28.69 18.61
C TYR L 853 -7.88 30.17 18.94
N ALA L 854 -9.00 30.60 19.53
CA ALA L 854 -9.18 32.00 19.88
C ALA L 854 -8.35 32.40 21.09
N ASN L 855 -8.04 31.42 21.93
CA ASN L 855 -7.27 31.66 23.15
C ASN L 855 -5.77 31.81 22.87
N ALA L 856 -5.17 30.77 22.31
CA ALA L 856 -3.75 30.78 22.02
C ALA L 856 -3.48 30.75 20.51
N ALA L 857 -2.29 31.21 20.13
CA ALA L 857 -1.90 31.23 18.72
C ALA L 857 -1.14 29.95 18.38
N HIS L 858 -1.22 29.54 17.13
CA HIS L 858 -0.54 28.33 16.68
C HIS L 858 0.26 28.57 15.40
N ALA L 859 0.92 27.51 14.93
CA ALA L 859 1.71 27.59 13.71
C ALA L 859 1.16 26.55 12.74
N LEU L 860 1.12 26.90 11.46
CA LEU L 860 0.61 25.99 10.44
C LEU L 860 1.67 25.57 9.45
N ASP L 861 1.59 24.32 9.00
CA ASP L 861 2.54 23.78 8.05
C ASP L 861 1.84 22.79 7.11
N MET L 862 1.81 23.12 5.84
CA MET L 862 1.18 22.26 4.84
C MET L 862 2.21 21.71 3.86
N THR L 863 1.97 20.48 3.41
CA THR L 863 2.88 19.84 2.45
C THR L 863 2.07 19.29 1.29
N PHE L 864 2.20 19.91 0.12
CA PHE L 864 1.48 19.48 -1.06
C PHE L 864 2.36 18.66 -2.00
N GLU L 865 1.90 17.46 -2.31
CA GLU L 865 2.61 16.56 -3.22
C GLU L 865 1.83 16.57 -4.53
N MET L 866 2.47 17.00 -5.61
CA MET L 866 1.80 17.07 -6.89
C MET L 866 2.63 16.48 -8.03
N ASP L 867 1.98 16.24 -9.16
CA ASP L 867 2.62 15.67 -10.33
C ASP L 867 3.64 16.65 -10.91
N PRO L 868 4.81 16.14 -11.33
CA PRO L 868 5.86 16.98 -11.91
C PRO L 868 5.51 17.53 -13.29
N ILE L 869 5.86 18.80 -13.51
CA ILE L 869 5.60 19.45 -14.79
C ILE L 869 6.89 20.12 -15.29
N ASN L 870 7.10 20.07 -16.60
CA ASN L 870 8.30 20.64 -17.21
C ASN L 870 8.23 22.16 -17.39
N GLU L 871 7.77 22.86 -16.36
CA GLU L 871 7.66 24.32 -16.43
C GLU L 871 7.28 24.90 -15.08
N PRO L 872 7.74 26.13 -14.78
CA PRO L 872 7.45 26.81 -13.51
C PRO L 872 5.96 26.98 -13.27
N THR L 873 5.50 26.61 -12.08
CA THR L 873 4.10 26.73 -11.72
C THR L 873 3.97 27.42 -10.37
N LEU L 874 2.74 27.55 -9.88
CA LEU L 874 2.50 28.19 -8.60
C LEU L 874 1.37 27.50 -7.82
N LEU L 875 1.51 27.46 -6.49
CA LEU L 875 0.52 26.84 -5.63
C LEU L 875 -0.40 27.92 -5.08
N TYR L 876 -1.54 28.12 -5.74
CA TYR L 876 -2.50 29.14 -5.33
C TYR L 876 -3.36 28.69 -4.16
N VAL L 877 -3.05 29.20 -2.97
CA VAL L 877 -3.79 28.86 -1.77
C VAL L 877 -4.80 29.96 -1.44
N LEU L 878 -5.86 29.61 -0.73
CA LEU L 878 -6.89 30.58 -0.38
C LEU L 878 -7.38 30.41 1.06
N PHE L 879 -6.75 31.11 1.98
CA PHE L 879 -7.13 31.04 3.38
C PHE L 879 -8.45 31.78 3.58
N GLU L 880 -9.56 31.07 3.39
CA GLU L 880 -10.88 31.66 3.55
C GLU L 880 -10.97 32.37 4.90
N VAL L 881 -11.37 33.63 4.86
CA VAL L 881 -11.50 34.42 6.08
C VAL L 881 -12.72 35.34 6.04
N PHE L 882 -12.73 36.33 6.92
CA PHE L 882 -13.82 37.29 6.99
C PHE L 882 -13.35 38.68 6.60
N ASP L 883 -13.55 39.04 5.34
CA ASP L 883 -13.14 40.35 4.85
C ASP L 883 -14.37 41.26 4.86
N VAL L 884 -14.69 41.80 6.03
CA VAL L 884 -15.85 42.66 6.18
C VAL L 884 -15.46 44.10 6.51
N ALA L 885 -16.31 45.04 6.13
CA ALA L 885 -16.07 46.45 6.38
C ALA L 885 -17.37 47.22 6.54
N ARG L 886 -17.46 48.02 7.60
CA ARG L 886 -18.64 48.83 7.87
C ARG L 886 -18.44 50.25 7.34
N VAL L 887 -19.51 50.84 6.83
CA VAL L 887 -19.46 52.20 6.31
C VAL L 887 -20.32 53.12 7.15
N HIS L 888 -19.68 54.13 7.74
CA HIS L 888 -20.39 55.08 8.59
C HIS L 888 -20.42 56.47 7.95
N GLN L 889 -21.61 57.04 7.85
CA GLN L 889 -21.79 58.36 7.26
C GLN L 889 -22.49 59.29 8.23
N PRO L 890 -21.72 59.99 9.08
CA PRO L 890 -22.26 60.92 10.07
C PRO L 890 -22.86 62.19 9.47
N HIS L 891 -22.05 62.93 8.73
CA HIS L 891 -22.51 64.18 8.12
C HIS L 891 -22.44 64.21 6.60
N ARG L 892 -22.92 65.31 6.04
CA ARG L 892 -22.93 65.51 4.59
C ARG L 892 -21.52 65.47 4.03
N GLY L 893 -21.31 64.64 3.01
CA GLY L 893 -20.00 64.53 2.39
C GLY L 893 -18.92 64.03 3.33
N VAL L 894 -19.21 62.98 4.08
CA VAL L 894 -18.25 62.40 5.02
C VAL L 894 -18.42 60.89 5.09
N ILE L 895 -17.43 60.16 4.58
CA ILE L 895 -17.47 58.70 4.59
C ILE L 895 -16.38 58.10 5.45
N GLU L 896 -16.78 57.43 6.53
CA GLU L 896 -15.83 56.78 7.44
C GLU L 896 -16.07 55.28 7.40
N VAL L 897 -15.10 54.54 6.87
CA VAL L 897 -15.21 53.09 6.78
C VAL L 897 -14.21 52.40 7.68
N VAL L 898 -14.55 51.20 8.14
CA VAL L 898 -13.68 50.43 9.01
C VAL L 898 -13.57 48.99 8.52
N TYR L 899 -12.43 48.64 7.93
CA TYR L 899 -12.21 47.29 7.43
C TYR L 899 -11.77 46.37 8.55
N LEU L 900 -11.79 45.06 8.27
CA LEU L 900 -11.38 44.06 9.25
C LEU L 900 -11.37 42.66 8.64
N ARG L 901 -10.17 42.16 8.34
CA ARG L 901 -10.04 40.83 7.78
C ARG L 901 -9.37 39.92 8.80
N THR L 902 -10.14 39.06 9.44
CA THR L 902 -9.61 38.14 10.44
C THR L 902 -9.94 36.70 10.07
N PRO L 903 -8.93 35.80 10.12
CA PRO L 903 -7.54 36.07 10.49
C PRO L 903 -6.81 36.88 9.42
N PHE L 904 -5.48 36.90 9.51
CA PHE L 904 -4.66 37.64 8.55
C PHE L 904 -5.06 39.11 8.46
N SER L 905 -5.05 39.79 9.60
CA SER L 905 -5.41 41.20 9.65
C SER L 905 -4.58 42.03 8.67
N ALA L 906 -3.27 41.98 8.83
CA ALA L 906 -2.37 42.72 7.95
C ALA L 906 -1.09 41.92 7.74
N GLY L 907 -1.20 40.83 6.99
CA GLY L 907 -0.05 39.97 6.72
C GLY L 907 0.33 39.18 7.95
N ASN L 908 1.40 38.39 7.85
CA ASN L 908 1.87 37.58 8.96
C ASN L 908 3.35 37.80 9.24
N ALA L 909 3.68 38.05 10.50
CA ALA L 909 5.06 38.29 10.91
C ALA L 909 5.19 38.14 12.42
N ASP M 31 -124.47 -45.80 11.14
CA ASP M 31 -124.87 -46.64 9.99
C ASP M 31 -123.99 -46.40 8.75
N GLU M 32 -122.75 -46.89 8.85
CA GLU M 32 -121.77 -46.79 7.75
C GLU M 32 -122.14 -47.76 6.61
N ILE M 33 -121.45 -47.57 5.48
CA ILE M 33 -121.61 -48.44 4.29
C ILE M 33 -121.03 -49.85 4.47
N HIS M 34 -120.70 -50.21 5.71
CA HIS M 34 -120.16 -51.53 6.09
C HIS M 34 -118.96 -51.92 5.20
N VAL M 35 -118.92 -53.21 4.88
CA VAL M 35 -117.93 -53.83 3.97
C VAL M 35 -116.59 -53.95 4.72
N PRO M 36 -116.38 -55.16 5.29
CA PRO M 36 -115.13 -55.50 5.98
C PRO M 36 -113.97 -55.59 4.97
N PRO M 37 -112.81 -55.03 5.36
CA PRO M 37 -111.59 -55.08 4.55
C PRO M 37 -111.17 -56.54 4.32
N ARG M 38 -110.63 -56.80 3.13
CA ARG M 38 -110.11 -58.13 2.76
C ARG M 38 -108.59 -58.08 2.65
N TYR M 39 -107.97 -59.18 3.09
CA TYR M 39 -106.51 -59.31 3.05
C TYR M 39 -106.12 -60.55 2.23
N ALA M 40 -105.22 -60.32 1.27
CA ALA M 40 -104.72 -61.42 0.40
C ALA M 40 -104.01 -62.49 1.24
N ALA M 41 -104.13 -63.73 0.77
CA ALA M 41 -103.47 -64.89 1.38
C ALA M 41 -101.94 -64.75 1.24
N ALA M 42 -101.23 -65.24 2.26
CA ALA M 42 -99.76 -65.23 2.26
C ALA M 42 -99.24 -66.08 1.10
N SER M 43 -98.22 -65.54 0.42
CA SER M 43 -97.65 -66.20 -0.77
C SER M 43 -96.21 -66.66 -0.45
N ALA M 44 -96.13 -67.69 0.39
CA ALA M 44 -94.89 -68.32 0.94
C ALA M 44 -95.07 -68.67 2.42
N GLY M 45 -95.66 -69.84 2.65
CA GLY M 45 -95.94 -70.30 4.02
C GLY M 45 -96.81 -71.55 4.03
N ARG M 46 -98.02 -71.42 4.54
CA ARG M 46 -98.95 -72.56 4.68
C ARG M 46 -99.18 -73.30 3.35
N ASN M 47 -99.45 -72.53 2.31
CA ASN M 47 -99.68 -73.07 0.95
C ASN M 47 -98.90 -72.29 -0.11
N SER M 48 -97.68 -72.76 -0.34
CA SER M 48 -96.76 -72.14 -1.32
C SER M 48 -95.46 -72.95 -1.39
N ILE M 49 -95.12 -73.30 -2.63
CA ILE M 49 -93.90 -74.04 -2.96
C ILE M 49 -92.94 -73.09 -3.71
N ARG M 50 -91.89 -72.71 -2.98
CA ARG M 50 -90.91 -71.77 -3.53
C ARG M 50 -90.03 -72.49 -4.54
N TYR M 51 -89.74 -71.75 -5.61
CA TYR M 51 -88.85 -72.23 -6.67
C TYR M 51 -87.55 -71.40 -6.65
N SER M 52 -87.29 -70.82 -5.48
CA SER M 52 -86.19 -69.87 -5.22
C SER M 52 -86.38 -68.55 -5.98
N MET M 53 -86.65 -68.68 -7.28
CA MET M 53 -86.92 -67.56 -8.19
C MET M 53 -88.37 -67.68 -8.67
N LEU M 54 -88.64 -67.08 -9.84
CA LEU M 54 -89.99 -67.08 -10.42
C LEU M 54 -90.99 -66.62 -9.33
N PRO M 55 -92.29 -66.99 -9.50
CA PRO M 55 -93.23 -66.88 -8.37
C PRO M 55 -93.61 -68.28 -7.84
N PRO M 56 -93.69 -68.40 -6.50
CA PRO M 56 -94.18 -69.64 -5.84
C PRO M 56 -95.62 -69.95 -6.25
N LEU M 57 -95.94 -71.25 -6.19
CA LEU M 57 -97.29 -71.76 -6.53
C LEU M 57 -97.95 -72.36 -5.29
N TYR M 58 -99.29 -72.36 -5.32
CA TYR M 58 -100.10 -72.84 -4.19
C TYR M 58 -100.11 -74.37 -4.18
N ASP M 59 -101.07 -74.92 -3.45
CA ASP M 59 -101.27 -76.38 -3.35
C ASP M 59 -101.53 -77.04 -4.72
N THR M 60 -101.24 -78.34 -4.75
CA THR M 60 -101.40 -79.21 -5.94
C THR M 60 -100.41 -78.77 -7.03
N THR M 61 -99.17 -79.22 -6.81
CA THR M 61 -98.07 -78.99 -7.75
C THR M 61 -97.47 -80.32 -8.16
N LYS M 62 -96.63 -80.27 -9.18
CA LYS M 62 -96.05 -81.50 -9.74
C LYS M 62 -94.53 -81.38 -9.95
N ILE M 63 -93.80 -82.37 -9.42
CA ILE M 63 -92.33 -82.45 -9.50
C ILE M 63 -91.88 -83.76 -10.17
N TYR M 64 -91.47 -83.64 -11.44
CA TYR M 64 -91.25 -84.82 -12.30
C TYR M 64 -89.79 -85.25 -12.22
N LEU M 65 -89.60 -86.56 -12.18
CA LEU M 65 -88.25 -87.16 -12.04
C LEU M 65 -87.90 -88.08 -13.20
N ILE M 66 -87.56 -87.60 -14.23
CA ILE M 66 -87.34 -88.27 -15.60
C ILE M 66 -86.00 -88.99 -15.66
N ASP M 67 -85.94 -89.97 -16.56
CA ASP M 67 -84.69 -90.65 -16.89
C ASP M 67 -83.98 -89.98 -18.09
N ASN M 68 -84.73 -89.16 -18.83
CA ASN M 68 -84.20 -88.38 -19.96
C ASN M 68 -83.31 -87.21 -19.53
N LYS M 69 -83.05 -87.11 -18.24
CA LYS M 69 -82.26 -86.00 -17.68
C LYS M 69 -80.84 -86.41 -17.26
N SER M 70 -80.61 -87.73 -17.26
CA SER M 70 -79.31 -88.30 -16.88
C SER M 70 -78.17 -87.93 -17.84
N SER M 71 -78.48 -87.84 -19.12
CA SER M 71 -77.48 -87.46 -20.15
C SER M 71 -76.93 -86.04 -19.92
N ASP M 72 -77.83 -85.15 -19.54
CA ASP M 72 -77.50 -83.74 -19.26
C ASP M 72 -76.70 -83.53 -17.97
N ILE M 73 -76.97 -84.36 -16.97
CA ILE M 73 -76.25 -84.33 -15.68
C ILE M 73 -74.82 -84.86 -15.79
N GLN M 74 -74.34 -85.14 -17.02
CA GLN M 74 -73.00 -85.67 -17.31
C GLN M 74 -71.92 -85.17 -16.33
N THR M 75 -71.75 -85.99 -15.22
CA THR M 75 -70.96 -85.64 -14.04
C THR M 75 -71.36 -86.53 -12.82
N LEU M 76 -72.55 -87.08 -12.85
CA LEU M 76 -73.10 -87.88 -11.73
C LEU M 76 -73.40 -89.34 -12.04
N ASN M 77 -73.96 -89.56 -13.23
CA ASN M 77 -74.30 -90.91 -13.70
C ASN M 77 -73.24 -91.44 -14.67
N TYR M 78 -72.04 -90.90 -14.58
CA TYR M 78 -70.89 -91.32 -15.41
C TYR M 78 -70.29 -92.66 -14.94
N GLN M 79 -71.17 -93.57 -14.53
CA GLN M 79 -70.80 -94.90 -13.98
C GLN M 79 -72.00 -95.83 -13.78
N ASN M 80 -73.17 -95.25 -13.54
CA ASN M 80 -74.39 -96.03 -13.27
C ASN M 80 -75.37 -95.88 -14.42
N ASP M 81 -76.05 -96.97 -14.73
CA ASP M 81 -76.94 -97.03 -15.90
C ASP M 81 -78.39 -97.28 -15.49
N HIS M 82 -79.15 -96.19 -15.37
CA HIS M 82 -80.62 -96.23 -15.18
C HIS M 82 -81.14 -96.99 -13.95
N SER M 83 -80.25 -97.30 -13.02
CA SER M 83 -80.64 -98.06 -11.83
C SER M 83 -80.56 -97.19 -10.57
N ASP M 84 -79.60 -96.27 -10.55
CA ASP M 84 -79.40 -95.33 -9.44
C ASP M 84 -78.70 -94.05 -9.93
N TYR M 85 -79.36 -93.41 -10.89
CA TYR M 85 -78.86 -92.16 -11.47
C TYR M 85 -79.49 -90.94 -10.77
N LEU M 86 -78.81 -89.81 -10.93
CA LEU M 86 -79.26 -88.52 -10.37
C LEU M 86 -79.91 -87.66 -11.47
N THR M 87 -80.98 -86.99 -11.05
CA THR M 87 -81.77 -86.14 -11.97
C THR M 87 -82.06 -84.77 -11.34
N THR M 88 -82.26 -83.79 -12.21
CA THR M 88 -82.60 -82.41 -11.81
C THR M 88 -84.09 -82.17 -12.00
N ILE M 89 -84.76 -82.05 -10.87
CA ILE M 89 -86.22 -81.84 -10.85
C ILE M 89 -86.59 -80.34 -10.88
N VAL M 90 -85.80 -79.62 -11.67
CA VAL M 90 -85.95 -78.17 -11.81
C VAL M 90 -86.84 -77.88 -13.03
N GLN M 91 -86.26 -78.04 -14.20
CA GLN M 91 -86.89 -77.79 -15.51
C GLN M 91 -87.33 -76.33 -15.56
N ASN M 92 -86.38 -75.48 -15.93
CA ASN M 92 -86.66 -74.06 -16.06
C ASN M 92 -86.86 -73.72 -17.53
N SER M 93 -85.88 -74.17 -18.36
CA SER M 93 -85.92 -74.24 -19.84
C SER M 93 -84.91 -73.35 -20.59
N ASP M 94 -84.10 -72.57 -19.88
CA ASP M 94 -83.14 -71.66 -20.53
C ASP M 94 -81.75 -71.66 -19.90
N PHE M 95 -81.54 -72.54 -18.93
CA PHE M 95 -80.29 -72.55 -18.15
C PHE M 95 -79.36 -73.70 -18.54
N THR M 96 -79.38 -74.08 -19.84
CA THR M 96 -78.48 -75.14 -20.31
C THR M 96 -78.81 -76.50 -19.64
N PRO M 97 -78.39 -77.61 -20.10
CA PRO M 97 -78.56 -78.96 -19.51
C PRO M 97 -78.58 -78.97 -17.98
N LEU M 98 -77.40 -79.23 -17.41
CA LEU M 98 -77.27 -79.35 -15.97
C LEU M 98 -77.02 -77.99 -15.31
N GLU M 99 -77.73 -77.77 -14.20
CA GLU M 99 -77.65 -76.52 -13.42
C GLU M 99 -78.63 -76.62 -12.24
N ALA M 100 -78.54 -75.66 -11.32
CA ALA M 100 -79.42 -75.56 -10.14
C ALA M 100 -79.18 -76.72 -9.18
N SER M 101 -77.89 -77.04 -9.01
CA SER M 101 -77.45 -78.11 -8.09
C SER M 101 -77.51 -77.66 -6.62
N ASN M 102 -77.27 -76.36 -6.42
CA ASN M 102 -77.28 -75.73 -5.09
C ASN M 102 -78.70 -75.32 -4.68
N HIS M 103 -79.49 -74.88 -5.66
CA HIS M 103 -80.88 -74.46 -5.43
C HIS M 103 -81.73 -75.63 -4.94
N SER M 104 -82.57 -75.32 -3.97
CA SER M 104 -83.49 -76.31 -3.37
C SER M 104 -84.94 -75.81 -3.50
N ILE M 105 -85.81 -76.78 -3.82
CA ILE M 105 -87.26 -76.53 -3.94
C ILE M 105 -87.87 -76.52 -2.52
N GLU M 106 -87.99 -75.31 -1.98
CA GLU M 106 -88.49 -75.09 -0.62
C GLU M 106 -89.96 -75.52 -0.44
N LEU M 107 -90.21 -75.97 0.79
CA LEU M 107 -91.56 -76.27 1.30
C LEU M 107 -91.64 -75.66 2.71
N ASP M 108 -92.81 -75.14 3.03
CA ASP M 108 -92.96 -74.40 4.29
C ASP M 108 -92.64 -75.22 5.54
N GLU M 109 -92.30 -74.48 6.59
CA GLU M 109 -91.97 -75.02 7.91
C GLU M 109 -93.22 -75.37 8.73
N ARG M 110 -94.27 -74.62 8.45
CA ARG M 110 -95.56 -74.68 9.18
C ARG M 110 -96.30 -76.02 8.99
N SER M 111 -96.29 -76.53 7.76
CA SER M 111 -97.00 -77.77 7.40
C SER M 111 -96.15 -78.63 6.47
N ARG M 112 -96.32 -79.94 6.64
CA ARG M 112 -95.63 -80.94 5.80
C ARG M 112 -96.54 -81.41 4.66
N TRP M 113 -95.89 -81.67 3.52
CA TRP M 113 -96.60 -82.14 2.32
C TRP M 113 -96.66 -83.68 2.33
N GLY M 114 -96.87 -84.24 1.13
CA GLY M 114 -96.97 -85.70 0.94
C GLY M 114 -97.89 -86.02 -0.23
N GLY M 115 -97.27 -86.15 -1.40
CA GLY M 115 -98.00 -86.40 -2.64
C GLY M 115 -97.93 -87.86 -3.09
N ASN M 116 -98.67 -88.14 -4.17
CA ASN M 116 -98.67 -89.45 -4.83
C ASN M 116 -97.29 -89.72 -5.46
N LEU M 117 -97.24 -90.78 -6.29
CA LEU M 117 -96.02 -91.19 -7.00
C LEU M 117 -96.40 -92.25 -8.04
N LYS M 118 -96.82 -91.74 -9.21
CA LYS M 118 -97.24 -92.63 -10.31
C LYS M 118 -96.11 -92.79 -11.33
N THR M 119 -95.21 -93.72 -11.01
CA THR M 119 -94.05 -94.04 -11.87
C THR M 119 -94.43 -94.83 -13.12
N ILE M 120 -93.49 -94.87 -14.06
CA ILE M 120 -93.62 -95.58 -15.34
C ILE M 120 -92.33 -96.39 -15.59
N LEU M 121 -92.35 -97.62 -15.04
CA LEU M 121 -91.21 -98.54 -15.21
C LEU M 121 -91.34 -99.35 -16.51
N TYR M 122 -90.19 -99.84 -16.98
CA TYR M 122 -90.10 -100.62 -18.23
C TYR M 122 -88.68 -101.20 -18.40
N THR M 123 -88.62 -102.51 -18.17
CA THR M 123 -87.35 -103.26 -18.25
C THR M 123 -87.26 -104.01 -19.58
N ASN M 124 -86.24 -104.86 -19.68
CA ASN M 124 -86.01 -105.72 -20.86
C ASN M 124 -85.15 -106.95 -20.52
N LEU M 125 -85.27 -107.36 -19.26
CA LEU M 125 -84.54 -108.51 -18.72
C LEU M 125 -84.84 -109.79 -19.52
N PRO M 126 -83.72 -110.41 -20.05
CA PRO M 126 -83.81 -111.69 -20.73
C PRO M 126 -84.38 -112.81 -19.90
N ASN M 127 -84.63 -113.91 -20.39
CA ASN M 127 -85.26 -115.08 -19.72
C ASN M 127 -84.21 -115.70 -18.81
N ILE M 128 -83.01 -115.75 -19.38
CA ILE M 128 -81.87 -116.37 -18.70
C ILE M 128 -80.71 -115.39 -18.78
N THR M 129 -80.04 -115.25 -17.62
CA THR M 129 -78.90 -114.34 -17.45
C THR M 129 -78.21 -114.64 -16.10
N GLN M 130 -76.94 -114.22 -16.03
CA GLN M 130 -76.10 -114.36 -14.83
C GLN M 130 -76.69 -113.62 -13.61
N HIS M 131 -77.43 -112.57 -13.88
CA HIS M 131 -78.03 -111.71 -12.84
C HIS M 131 -79.03 -112.47 -11.96
N MET M 132 -80.06 -113.02 -12.58
CA MET M 132 -81.16 -113.70 -11.88
C MET M 132 -80.83 -115.15 -11.49
N PHE M 133 -79.64 -115.61 -11.85
CA PHE M 133 -79.10 -116.94 -11.43
C PHE M 133 -79.92 -118.05 -12.08
N SER M 134 -80.05 -117.89 -13.38
CA SER M 134 -80.84 -118.82 -14.21
C SER M 134 -79.98 -119.52 -15.28
N ASN M 135 -78.73 -119.10 -15.40
CA ASN M 135 -77.82 -119.66 -16.41
C ASN M 135 -77.09 -120.92 -15.92
N SER M 136 -76.83 -120.97 -14.63
CA SER M 136 -76.08 -122.07 -14.01
C SER M 136 -77.01 -123.01 -13.23
N PHE M 137 -76.61 -124.27 -13.18
CA PHE M 137 -77.36 -125.34 -12.49
C PHE M 137 -76.49 -126.60 -12.39
N ARG M 138 -76.12 -126.92 -11.16
CA ARG M 138 -75.29 -128.10 -10.88
C ARG M 138 -76.05 -129.40 -11.17
N VAL M 139 -75.28 -130.46 -11.28
CA VAL M 139 -75.83 -131.78 -11.64
C VAL M 139 -74.75 -132.86 -11.67
N LYS M 140 -74.70 -133.72 -10.69
CA LYS M 140 -73.71 -134.81 -10.65
C LYS M 140 -73.96 -135.84 -11.76
N MET M 141 -73.03 -135.87 -12.71
CA MET M 141 -73.07 -136.87 -13.80
C MET M 141 -71.79 -137.70 -13.75
N MET M 142 -71.89 -138.88 -14.38
CA MET M 142 -70.75 -139.81 -14.43
C MET M 142 -69.55 -139.14 -15.11
N ALA M 143 -68.37 -139.50 -14.61
CA ALA M 143 -67.13 -138.93 -15.13
C ALA M 143 -66.37 -139.94 -16.02
N SER M 144 -66.07 -141.10 -15.45
CA SER M 144 -65.41 -142.20 -16.16
C SER M 144 -66.03 -143.53 -15.76
N LYS M 145 -65.55 -144.59 -16.43
CA LYS M 145 -66.01 -145.98 -16.20
C LYS M 145 -65.19 -146.95 -17.06
N LYS M 146 -64.03 -147.33 -16.51
CA LYS M 146 -63.14 -148.28 -17.21
C LYS M 146 -62.74 -149.41 -16.26
N ASP M 147 -62.83 -150.65 -16.74
CA ASP M 147 -62.52 -151.85 -15.91
C ASP M 147 -63.41 -151.89 -14.65
N GLY M 148 -64.62 -151.39 -14.79
CA GLY M 148 -65.57 -151.24 -13.66
C GLY M 148 -65.04 -150.26 -12.60
N VAL M 149 -64.25 -149.29 -13.05
CA VAL M 149 -63.73 -148.18 -12.23
C VAL M 149 -64.34 -146.87 -12.75
N PRO M 150 -65.59 -146.60 -12.28
CA PRO M 150 -66.27 -145.34 -12.57
C PRO M 150 -66.04 -144.34 -11.41
N GLN M 151 -66.92 -143.35 -11.36
CA GLN M 151 -66.83 -142.19 -10.46
C GLN M 151 -67.90 -141.17 -10.88
N TYR M 152 -68.34 -140.39 -9.88
CA TYR M 152 -69.32 -139.31 -10.13
C TYR M 152 -68.86 -138.05 -9.39
N GLU M 153 -68.96 -136.91 -10.07
CA GLU M 153 -68.60 -135.62 -9.46
C GLU M 153 -69.53 -134.51 -9.96
N TRP M 154 -69.96 -133.68 -9.01
CA TRP M 154 -70.83 -132.53 -9.31
C TRP M 154 -70.06 -131.52 -10.18
N PHE M 155 -70.75 -131.07 -11.22
CA PHE M 155 -70.20 -130.06 -12.13
C PHE M 155 -71.24 -128.96 -12.42
N PRO M 156 -70.83 -127.70 -12.22
CA PRO M 156 -71.65 -126.54 -12.55
C PRO M 156 -71.68 -126.33 -14.07
N LEU M 157 -72.89 -126.20 -14.59
CA LEU M 157 -73.11 -125.93 -16.03
C LEU M 157 -73.51 -124.47 -16.24
N ARG M 158 -73.23 -124.00 -17.47
CA ARG M 158 -73.59 -122.63 -17.86
C ARG M 158 -74.37 -122.62 -19.18
N LEU M 159 -75.33 -121.71 -19.23
CA LEU M 159 -76.20 -121.51 -20.40
C LEU M 159 -76.00 -120.10 -20.97
N PRO M 160 -76.09 -119.97 -22.35
CA PRO M 160 -75.95 -118.70 -23.05
C PRO M 160 -77.06 -117.72 -22.70
N GLU M 161 -76.75 -116.45 -22.85
CA GLU M 161 -77.70 -115.35 -22.63
C GLU M 161 -78.60 -115.21 -23.86
N GLY M 162 -79.90 -115.04 -23.62
CA GLY M 162 -80.83 -114.72 -24.72
C GLY M 162 -82.01 -115.67 -24.79
N ASN M 163 -81.85 -116.73 -25.59
CA ASN M 163 -82.88 -117.78 -25.81
C ASN M 163 -83.91 -117.90 -24.69
N PHE M 164 -85.16 -117.96 -25.13
CA PHE M 164 -86.28 -117.99 -24.21
C PHE M 164 -87.07 -119.31 -24.45
N SER M 165 -88.36 -119.29 -24.11
CA SER M 165 -89.29 -120.42 -24.32
C SER M 165 -88.88 -121.55 -23.37
N GLU M 166 -89.89 -122.10 -22.71
CA GLU M 166 -89.67 -123.16 -21.71
C GLU M 166 -89.09 -124.44 -22.35
N THR M 167 -89.54 -124.76 -23.54
CA THR M 167 -89.08 -125.98 -24.24
C THR M 167 -87.62 -125.85 -24.67
N MET M 168 -87.29 -124.67 -25.18
CA MET M 168 -85.94 -124.35 -25.66
C MET M 168 -84.91 -124.39 -24.53
N VAL M 169 -85.32 -123.93 -23.35
CA VAL M 169 -84.43 -123.93 -22.17
C VAL M 169 -84.11 -125.36 -21.72
N ILE M 170 -85.10 -126.24 -21.79
CA ILE M 170 -84.92 -127.66 -21.40
C ILE M 170 -83.88 -128.32 -22.29
N ASP M 171 -84.03 -128.11 -23.60
CA ASP M 171 -83.09 -128.66 -24.59
C ASP M 171 -81.67 -128.12 -24.37
N LEU M 172 -81.59 -126.90 -23.88
CA LEU M 172 -80.32 -126.27 -23.53
C LEU M 172 -79.67 -126.84 -22.25
N MET M 173 -80.53 -127.22 -21.31
CA MET M 173 -80.10 -127.84 -20.04
C MET M 173 -79.47 -129.22 -20.30
N ASN M 174 -80.04 -129.95 -21.26
CA ASN M 174 -79.48 -131.23 -21.72
C ASN M 174 -78.31 -131.05 -22.70
N ASN M 175 -78.31 -129.95 -23.43
CA ASN M 175 -77.22 -129.60 -24.36
C ASN M 175 -75.91 -129.36 -23.58
N ALA M 176 -76.07 -128.79 -22.38
CA ALA M 176 -74.96 -128.57 -21.44
C ALA M 176 -74.42 -129.89 -20.88
N ILE M 177 -75.33 -130.85 -20.70
CA ILE M 177 -75.02 -132.21 -20.26
C ILE M 177 -74.14 -132.92 -21.31
N VAL M 178 -74.45 -132.64 -22.57
CA VAL M 178 -73.77 -133.25 -23.74
C VAL M 178 -72.37 -132.67 -23.92
N GLU M 179 -72.26 -131.34 -23.90
CA GLU M 179 -70.93 -130.69 -24.03
C GLU M 179 -69.97 -131.09 -22.91
N LEU M 180 -70.52 -131.40 -21.75
CA LEU M 180 -69.72 -131.90 -20.63
C LEU M 180 -69.13 -133.29 -20.94
N TYR M 181 -69.97 -134.12 -21.57
CA TYR M 181 -69.58 -135.45 -22.04
C TYR M 181 -68.60 -135.40 -23.22
N LEU M 182 -68.75 -134.39 -24.07
CA LEU M 182 -67.87 -134.19 -25.23
C LEU M 182 -66.54 -133.51 -24.88
N ALA M 183 -66.20 -133.54 -23.59
CA ALA M 183 -64.98 -132.92 -23.07
C ALA M 183 -64.31 -133.76 -21.98
N LEU M 184 -65.12 -134.54 -21.27
CA LEU M 184 -64.65 -135.38 -20.15
C LEU M 184 -65.14 -136.82 -20.28
N GLY M 185 -66.37 -136.96 -20.75
CA GLY M 185 -67.07 -138.26 -20.87
C GLY M 185 -66.34 -139.27 -21.76
N ARG M 186 -66.59 -139.14 -23.07
CA ARG M 186 -66.12 -140.11 -24.07
C ARG M 186 -64.59 -140.33 -24.10
N GLN M 187 -63.84 -139.34 -23.62
CA GLN M 187 -62.37 -139.43 -23.54
C GLN M 187 -61.87 -140.36 -22.42
N GLU M 188 -62.63 -140.45 -21.34
CA GLU M 188 -62.21 -141.23 -20.16
C GLU M 188 -62.69 -142.69 -20.18
N GLY M 189 -64.00 -142.89 -20.36
CA GLY M 189 -64.54 -144.26 -20.33
C GLY M 189 -66.05 -144.39 -20.54
N VAL M 190 -66.83 -143.56 -19.86
CA VAL M 190 -68.31 -143.63 -19.97
C VAL M 190 -68.78 -143.61 -21.43
N LYS M 191 -69.72 -144.50 -21.71
CA LYS M 191 -70.36 -144.63 -23.02
C LYS M 191 -71.45 -143.56 -23.21
N GLU M 192 -72.00 -143.54 -24.41
CA GLU M 192 -73.17 -142.71 -24.77
C GLU M 192 -74.46 -143.23 -24.13
N GLU M 193 -74.46 -144.49 -23.72
CA GLU M 193 -75.64 -145.15 -23.12
C GLU M 193 -75.93 -144.64 -21.70
N ASP M 194 -74.98 -144.83 -20.79
CA ASP M 194 -75.13 -144.48 -19.36
C ASP M 194 -74.84 -142.98 -19.07
N ILE M 195 -75.49 -142.11 -19.84
CA ILE M 195 -75.38 -140.66 -19.58
C ILE M 195 -76.36 -140.27 -18.47
N GLY M 196 -75.79 -139.97 -17.29
CA GLY M 196 -76.57 -139.52 -16.12
C GLY M 196 -77.29 -138.20 -16.42
N VAL M 197 -78.45 -138.02 -15.81
CA VAL M 197 -79.25 -136.78 -15.89
C VAL M 197 -79.75 -136.53 -17.32
N LYS M 198 -81.05 -136.18 -17.37
CA LYS M 198 -81.72 -135.93 -18.65
C LYS M 198 -83.18 -135.41 -18.35
N ILE M 199 -83.37 -134.13 -18.79
CA ILE M 199 -84.71 -133.54 -18.55
C ILE M 199 -85.67 -134.00 -19.65
N ASP M 200 -86.85 -134.46 -19.22
CA ASP M 200 -87.90 -134.86 -20.17
C ASP M 200 -89.21 -134.09 -19.87
N THR M 201 -90.30 -134.55 -20.47
CA THR M 201 -91.62 -133.89 -20.36
C THR M 201 -92.82 -134.86 -20.42
N ARG M 202 -92.63 -136.00 -21.08
CA ARG M 202 -93.70 -136.99 -21.27
C ARG M 202 -93.79 -138.02 -20.12
N ASN M 203 -94.97 -138.60 -20.05
CA ASN M 203 -95.28 -139.65 -19.07
C ASN M 203 -94.86 -141.02 -19.62
N PHE M 204 -94.05 -141.71 -18.83
CA PHE M 204 -93.49 -143.03 -19.21
C PHE M 204 -94.24 -144.20 -18.54
N SER M 205 -95.56 -144.18 -18.64
CA SER M 205 -96.42 -145.21 -18.01
C SER M 205 -97.89 -145.12 -18.47
N LEU M 206 -98.10 -144.59 -19.66
CA LEU M 206 -99.46 -144.51 -20.24
C LEU M 206 -99.85 -145.80 -20.99
N GLY M 207 -98.85 -146.42 -21.59
CA GLY M 207 -99.02 -147.68 -22.35
C GLY M 207 -98.76 -148.92 -21.50
N TYR M 208 -98.30 -148.70 -20.27
CA TYR M 208 -98.01 -149.79 -19.32
C TYR M 208 -99.28 -150.57 -19.00
N ASP M 209 -99.13 -151.89 -19.07
CA ASP M 209 -100.22 -152.80 -18.73
C ASP M 209 -99.89 -153.46 -17.38
N PRO M 210 -100.90 -153.57 -16.48
CA PRO M 210 -100.75 -154.14 -15.14
C PRO M 210 -100.52 -155.66 -15.09
N GLN M 211 -100.44 -156.30 -16.26
CA GLN M 211 -100.25 -157.76 -16.34
C GLN M 211 -98.81 -158.11 -16.76
N THR M 212 -98.47 -157.71 -17.98
CA THR M 212 -97.18 -158.01 -18.59
C THR M 212 -96.10 -157.22 -17.86
N GLN M 213 -96.41 -155.95 -17.58
CA GLN M 213 -95.50 -155.00 -16.92
C GLN M 213 -94.57 -154.33 -17.94
N LEU M 214 -94.93 -154.35 -19.20
CA LEU M 214 -94.16 -153.65 -20.25
C LEU M 214 -95.08 -152.73 -21.04
N VAL M 215 -94.46 -151.67 -21.58
CA VAL M 215 -95.16 -150.70 -22.45
C VAL M 215 -95.52 -151.45 -23.75
N THR M 216 -96.78 -151.92 -23.77
CA THR M 216 -97.34 -152.69 -24.90
C THR M 216 -97.22 -152.01 -26.28
N PRO M 217 -97.36 -150.67 -26.39
CA PRO M 217 -97.18 -149.93 -27.64
C PRO M 217 -95.82 -150.21 -28.30
N GLY M 218 -94.85 -150.64 -27.50
CA GLY M 218 -93.47 -150.90 -27.98
C GLY M 218 -92.66 -149.59 -28.07
N VAL M 219 -93.38 -148.47 -28.01
CA VAL M 219 -92.83 -147.11 -28.02
C VAL M 219 -93.58 -146.30 -26.95
N TYR M 220 -92.82 -145.49 -26.22
CA TYR M 220 -93.42 -144.58 -25.25
C TYR M 220 -94.32 -143.57 -25.97
N THR M 221 -95.50 -143.33 -25.38
CA THR M 221 -96.47 -142.37 -25.95
C THR M 221 -95.78 -141.02 -26.17
N ASN M 222 -95.89 -140.56 -27.41
CA ASN M 222 -95.31 -139.28 -27.84
C ASN M 222 -96.33 -138.14 -27.62
N GLU M 223 -96.31 -137.62 -26.39
CA GLU M 223 -97.24 -136.56 -25.96
C GLU M 223 -96.83 -136.06 -24.56
N ALA M 224 -96.15 -134.92 -24.57
CA ALA M 224 -95.66 -134.28 -23.33
C ALA M 224 -96.81 -133.91 -22.38
N MET M 225 -96.49 -133.99 -21.09
CA MET M 225 -97.45 -133.66 -20.02
C MET M 225 -96.91 -132.56 -19.10
N HIS M 226 -95.70 -132.77 -18.60
CA HIS M 226 -95.04 -131.85 -17.65
C HIS M 226 -93.58 -132.29 -17.45
N ALA M 227 -92.72 -131.27 -17.49
CA ALA M 227 -91.26 -131.43 -17.33
C ALA M 227 -90.87 -132.02 -15.97
N ASP M 228 -89.75 -132.72 -15.97
CA ASP M 228 -89.21 -133.38 -14.76
C ASP M 228 -87.68 -133.57 -14.88
N ILE M 229 -87.17 -134.57 -14.19
CA ILE M 229 -85.72 -134.85 -14.10
C ILE M 229 -85.43 -136.36 -13.96
N VAL M 230 -85.18 -137.01 -15.10
CA VAL M 230 -84.75 -138.42 -15.07
C VAL M 230 -83.31 -138.52 -14.53
N LEU M 231 -83.08 -139.55 -13.72
CA LEU M 231 -81.77 -139.81 -13.12
C LEU M 231 -81.36 -141.27 -13.27
N LEU M 232 -80.03 -141.44 -13.33
CA LEU M 232 -79.37 -142.76 -13.39
C LEU M 232 -78.74 -143.07 -12.01
N PRO M 233 -78.42 -144.34 -11.71
CA PRO M 233 -77.74 -144.73 -10.46
C PRO M 233 -76.58 -143.81 -10.08
N GLY M 234 -76.71 -143.25 -8.88
CA GLY M 234 -75.69 -142.36 -8.28
C GLY M 234 -75.44 -141.10 -9.10
N CYS M 235 -76.49 -140.27 -9.20
CA CYS M 235 -76.43 -138.97 -9.88
C CYS M 235 -77.73 -138.20 -9.67
N ALA M 236 -77.57 -136.90 -9.46
CA ALA M 236 -78.70 -136.00 -9.15
C ALA M 236 -78.51 -134.62 -9.79
N ILE M 237 -79.34 -133.68 -9.33
CA ILE M 237 -79.25 -132.27 -9.73
C ILE M 237 -79.38 -131.37 -8.49
N ASP M 238 -78.52 -130.35 -8.49
CA ASP M 238 -78.56 -129.33 -7.42
C ASP M 238 -79.29 -128.09 -7.95
N PHE M 239 -80.09 -127.51 -7.05
CA PHE M 239 -80.88 -126.30 -7.34
C PHE M 239 -80.92 -125.30 -6.18
N THR M 240 -79.89 -125.32 -5.35
CA THR M 240 -79.77 -124.38 -4.22
C THR M 240 -79.49 -122.96 -4.75
N HIS M 241 -78.72 -122.91 -5.84
CA HIS M 241 -78.28 -121.66 -6.45
C HIS M 241 -78.82 -121.51 -7.89
N SER M 242 -80.02 -122.02 -8.10
CA SER M 242 -80.67 -121.97 -9.42
C SER M 242 -82.18 -121.77 -9.27
N ARG M 243 -82.72 -120.95 -10.17
CA ARG M 243 -84.17 -120.69 -10.23
C ARG M 243 -84.84 -121.46 -11.38
N LEU M 244 -84.02 -122.27 -12.06
CA LEU M 244 -84.48 -123.15 -13.14
C LEU M 244 -85.40 -124.28 -12.66
N ASN M 245 -85.33 -124.52 -11.37
CA ASN M 245 -86.15 -125.57 -10.72
C ASN M 245 -87.65 -125.24 -10.75
N ASN M 246 -87.97 -123.98 -10.51
CA ASN M 246 -89.36 -123.46 -10.62
C ASN M 246 -89.88 -123.51 -12.05
N LEU M 247 -88.98 -123.33 -13.00
CA LEU M 247 -89.29 -123.38 -14.43
C LEU M 247 -89.82 -124.77 -14.84
N LEU M 248 -89.18 -125.80 -14.31
CA LEU M 248 -89.58 -127.20 -14.54
C LEU M 248 -90.97 -127.49 -13.95
N GLY M 249 -91.27 -126.79 -12.86
CA GLY M 249 -92.56 -126.92 -12.14
C GLY M 249 -92.39 -127.84 -10.92
N ILE M 250 -91.23 -127.73 -10.28
CA ILE M 250 -90.89 -128.58 -9.14
C ILE M 250 -90.54 -127.70 -7.95
N ARG M 251 -91.48 -127.41 -7.08
CA ARG M 251 -91.18 -126.65 -5.84
C ARG M 251 -91.29 -127.54 -4.62
N LYS M 252 -90.52 -127.20 -3.59
CA LYS M 252 -90.62 -127.86 -2.29
C LYS M 252 -91.83 -127.28 -1.54
N ARG M 253 -92.50 -128.15 -0.78
CA ARG M 253 -93.60 -127.68 0.09
C ARG M 253 -93.08 -126.64 1.10
N PHE M 254 -91.82 -126.79 1.51
CA PHE M 254 -91.17 -125.94 2.51
C PHE M 254 -89.95 -125.23 1.88
N PRO M 255 -90.26 -124.19 1.07
CA PRO M 255 -89.25 -123.40 0.37
C PRO M 255 -88.27 -122.69 1.33
N TYR M 256 -88.70 -122.48 2.58
CA TYR M 256 -87.90 -121.77 3.60
C TYR M 256 -86.58 -122.46 3.97
N GLN M 257 -86.45 -123.75 3.62
CA GLN M 257 -85.23 -124.51 3.94
C GLN M 257 -84.31 -124.59 2.72
N GLU M 258 -83.17 -123.91 2.87
CA GLU M 258 -82.13 -123.88 1.83
C GLU M 258 -81.51 -125.26 1.59
N GLY M 259 -81.36 -125.58 0.31
CA GLY M 259 -80.82 -126.89 -0.10
C GLY M 259 -81.90 -127.69 -0.84
N PHE M 260 -81.88 -127.55 -2.16
CA PHE M 260 -82.85 -128.22 -3.03
C PHE M 260 -82.17 -129.40 -3.78
N VAL M 261 -81.48 -130.21 -2.96
CA VAL M 261 -80.86 -131.44 -3.48
C VAL M 261 -81.93 -132.52 -3.70
N ILE M 262 -81.77 -133.24 -4.81
CA ILE M 262 -82.67 -134.35 -5.16
C ILE M 262 -81.90 -135.45 -5.91
N SER M 263 -81.32 -136.34 -5.09
CA SER M 263 -80.54 -137.48 -5.60
C SER M 263 -81.42 -138.59 -6.20
N TYR M 264 -80.74 -139.53 -6.85
CA TYR M 264 -81.32 -140.79 -7.35
C TYR M 264 -81.89 -141.65 -6.21
N GLU M 265 -81.24 -141.59 -5.05
CA GLU M 265 -81.65 -142.36 -3.86
C GLU M 265 -83.05 -141.97 -3.36
N ASP M 266 -83.41 -140.71 -3.56
CA ASP M 266 -84.71 -140.16 -3.11
C ASP M 266 -85.90 -140.49 -4.02
N LEU M 267 -85.62 -140.97 -5.23
CA LEU M 267 -86.67 -141.27 -6.23
C LEU M 267 -87.13 -142.75 -6.22
N LYS M 268 -87.15 -143.33 -5.02
CA LYS M 268 -87.63 -144.72 -4.85
C LYS M 268 -89.08 -144.85 -5.30
N GLY M 269 -89.35 -145.97 -5.97
CA GLY M 269 -90.71 -146.34 -6.44
C GLY M 269 -91.19 -145.43 -7.58
N GLY M 270 -90.42 -145.46 -8.67
CA GLY M 270 -90.73 -144.66 -9.87
C GLY M 270 -89.92 -145.12 -11.08
N ASN M 271 -89.68 -146.43 -11.11
CA ASN M 271 -88.87 -147.04 -12.19
C ASN M 271 -89.66 -146.93 -13.50
N ILE M 272 -88.94 -146.54 -14.55
CA ILE M 272 -89.50 -146.45 -15.92
C ILE M 272 -89.69 -147.85 -16.51
N PRO M 273 -90.96 -148.23 -16.75
CA PRO M 273 -91.31 -149.52 -17.38
C PRO M 273 -90.66 -149.63 -18.77
N ALA M 274 -89.93 -150.73 -18.95
CA ALA M 274 -89.27 -151.03 -20.24
C ALA M 274 -90.30 -151.30 -21.35
N LEU M 275 -89.87 -151.05 -22.58
CA LEU M 275 -90.67 -151.32 -23.78
C LEU M 275 -90.87 -152.81 -24.02
N MET M 276 -91.82 -153.10 -24.90
CA MET M 276 -92.13 -154.48 -25.31
C MET M 276 -91.50 -154.74 -26.67
N ASP M 277 -90.95 -155.94 -26.81
CA ASP M 277 -90.36 -156.34 -28.08
C ASP M 277 -91.44 -156.65 -29.13
N VAL M 278 -91.69 -155.62 -29.93
CA VAL M 278 -92.77 -155.62 -30.94
C VAL M 278 -92.48 -156.55 -32.12
N GLU M 279 -91.25 -156.47 -32.61
CA GLU M 279 -90.82 -157.26 -33.78
C GLU M 279 -90.82 -158.78 -33.54
N GLU M 280 -90.96 -159.15 -32.27
CA GLU M 280 -90.94 -160.56 -31.86
C GLU M 280 -92.27 -161.06 -31.28
N PHE M 281 -93.35 -160.41 -31.72
CA PHE M 281 -94.69 -160.74 -31.23
C PHE M 281 -95.46 -161.53 -32.31
N ASN M 282 -95.41 -162.86 -32.21
CA ASN M 282 -96.13 -163.72 -33.18
C ASN M 282 -97.28 -164.53 -32.57
N LYS M 283 -97.03 -165.31 -31.53
CA LYS M 283 -98.04 -165.44 -30.47
C LYS M 283 -97.44 -165.25 -29.08
N SER M 284 -96.38 -166.00 -28.78
CA SER M 284 -95.70 -165.91 -27.50
C SER M 284 -94.47 -165.01 -27.59
N LYS M 285 -94.24 -164.33 -26.47
CA LYS M 285 -93.02 -163.57 -26.19
C LYS M 285 -93.27 -162.72 -24.95
N THR M 286 -94.12 -161.72 -25.10
CA THR M 286 -94.62 -160.80 -24.05
C THR M 286 -93.55 -160.44 -23.01
N VAL M 287 -93.38 -161.30 -22.03
CA VAL M 287 -92.43 -161.13 -20.91
C VAL M 287 -91.08 -160.52 -21.30
N ARG M 288 -90.54 -160.94 -22.44
CA ARG M 288 -89.25 -160.46 -22.95
C ARG M 288 -89.29 -158.97 -23.32
N ALA M 289 -88.66 -158.19 -22.44
CA ALA M 289 -88.49 -156.74 -22.63
C ALA M 289 -87.42 -156.47 -23.70
N LEU M 290 -87.53 -155.31 -24.33
CA LEU M 290 -86.52 -154.85 -25.30
C LEU M 290 -85.24 -154.45 -24.56
N ARG M 291 -84.11 -154.98 -25.04
CA ARG M 291 -82.79 -154.70 -24.46
C ARG M 291 -82.01 -153.68 -25.31
N GLU M 292 -81.75 -154.07 -26.55
CA GLU M 292 -81.03 -153.27 -27.54
C GLU M 292 -82.04 -152.74 -28.54
N ASP M 293 -81.50 -152.07 -29.55
CA ASP M 293 -82.29 -151.40 -30.57
C ASP M 293 -81.36 -151.07 -31.77
N PRO M 294 -81.66 -150.21 -32.67
CA PRO M 294 -80.74 -149.72 -33.75
C PRO M 294 -79.52 -149.06 -33.11
N LYS M 295 -78.37 -149.35 -33.74
CA LYS M 295 -77.04 -148.89 -33.26
C LYS M 295 -76.57 -149.62 -31.98
N GLY M 296 -77.51 -150.28 -31.32
CA GLY M 296 -77.26 -151.09 -30.10
C GLY M 296 -76.90 -150.20 -28.90
N ARG M 297 -77.92 -149.94 -28.09
CA ARG M 297 -77.82 -149.11 -26.88
C ARG M 297 -78.70 -149.68 -25.77
N SER M 298 -78.11 -150.53 -24.93
CA SER M 298 -78.86 -151.19 -23.84
C SER M 298 -79.49 -150.17 -22.88
N TYR M 299 -80.76 -150.43 -22.54
CA TYR M 299 -81.56 -149.57 -21.65
C TYR M 299 -81.17 -149.60 -20.17
N HIS M 300 -80.17 -150.42 -19.86
CA HIS M 300 -79.66 -150.61 -18.49
C HIS M 300 -80.74 -151.22 -17.58
N VAL M 301 -81.11 -152.46 -17.90
CA VAL M 301 -82.04 -153.23 -17.07
C VAL M 301 -81.38 -153.60 -15.73
N GLY M 302 -82.22 -153.65 -14.69
CA GLY M 302 -81.79 -154.03 -13.33
C GLY M 302 -81.23 -155.46 -13.26
N GLU M 303 -81.79 -156.34 -14.09
CA GLU M 303 -81.36 -157.76 -14.19
C GLU M 303 -82.06 -158.45 -15.38
N ASP M 304 -81.66 -159.67 -15.62
CA ASP M 304 -82.25 -160.50 -16.70
C ASP M 304 -83.74 -160.88 -16.46
N PRO M 305 -84.13 -161.24 -15.20
CA PRO M 305 -85.52 -161.59 -14.89
C PRO M 305 -86.52 -160.48 -15.23
N GLU M 306 -87.78 -160.89 -15.24
CA GLU M 306 -88.92 -159.99 -15.50
C GLU M 306 -89.68 -159.67 -14.19
N ALA M 307 -89.62 -160.58 -13.24
CA ALA M 307 -90.26 -160.45 -11.93
C ALA M 307 -89.46 -159.46 -11.08
N ARG M 308 -90.16 -158.40 -10.63
CA ARG M 308 -89.57 -157.30 -9.83
C ARG M 308 -88.48 -156.56 -10.62
N GLU M 309 -88.47 -156.78 -11.93
CA GLU M 309 -87.34 -156.32 -12.73
C GLU M 309 -87.62 -155.61 -13.98
N ASN M 310 -88.53 -156.20 -14.78
CA ASN M 310 -89.05 -155.56 -16.01
C ASN M 310 -88.73 -154.08 -16.14
N GLU M 311 -88.83 -153.34 -15.10
CA GLU M 311 -88.19 -152.04 -14.85
C GLU M 311 -86.70 -151.92 -15.27
N THR M 312 -86.30 -150.69 -15.45
CA THR M 312 -84.90 -150.35 -15.78
C THR M 312 -84.26 -149.60 -14.60
N ALA M 313 -83.10 -149.00 -14.86
CA ALA M 313 -82.39 -148.19 -13.85
C ALA M 313 -82.59 -146.67 -14.08
N TYR M 314 -83.74 -146.35 -14.67
CA TYR M 314 -84.14 -144.96 -14.94
C TYR M 314 -85.26 -144.49 -14.01
N ARG M 315 -84.86 -143.91 -12.88
CA ARG M 315 -85.82 -143.27 -11.97
C ARG M 315 -86.35 -141.98 -12.58
N SER M 316 -87.68 -141.89 -12.57
CA SER M 316 -88.38 -140.71 -13.10
C SER M 316 -89.02 -139.94 -11.94
N TRP M 317 -89.07 -138.63 -12.11
CA TRP M 317 -89.65 -137.72 -11.10
C TRP M 317 -91.18 -137.67 -11.19
N TYR M 318 -91.68 -137.65 -12.42
CA TYR M 318 -93.14 -137.57 -12.70
C TYR M 318 -93.86 -138.84 -12.22
N LEU M 319 -93.19 -139.98 -12.38
CA LEU M 319 -93.69 -141.28 -11.91
C LEU M 319 -93.64 -141.43 -10.38
N ALA M 320 -92.62 -140.82 -9.79
CA ALA M 320 -92.43 -140.84 -8.34
C ALA M 320 -93.49 -140.00 -7.60
N TYR M 321 -94.06 -139.03 -8.30
CA TYR M 321 -95.04 -138.08 -7.74
C TYR M 321 -96.39 -138.74 -7.40
N ASN M 322 -97.22 -138.94 -8.42
CA ASN M 322 -98.59 -139.45 -8.21
C ASN M 322 -98.77 -140.93 -8.60
N TYR M 323 -97.66 -141.63 -8.72
CA TYR M 323 -97.66 -143.08 -8.95
C TYR M 323 -96.96 -143.87 -7.82
N GLY M 324 -96.04 -143.19 -7.14
CA GLY M 324 -95.32 -143.76 -5.98
C GLY M 324 -96.26 -143.95 -4.78
N ASP M 325 -95.63 -143.97 -3.62
CA ASP M 325 -96.34 -144.12 -2.34
C ASP M 325 -96.37 -142.75 -1.64
N PRO M 326 -97.56 -142.09 -1.68
CA PRO M 326 -97.77 -140.73 -1.16
C PRO M 326 -97.57 -140.53 0.35
N GLU M 327 -96.89 -141.46 1.01
CA GLU M 327 -96.63 -141.37 2.47
C GLU M 327 -95.15 -141.16 2.80
N LYS M 328 -94.27 -141.76 2.00
CA LYS M 328 -92.81 -141.67 2.19
C LYS M 328 -92.05 -141.40 0.88
N GLY M 329 -92.80 -141.13 -0.17
CA GLY M 329 -92.22 -140.87 -1.51
C GLY M 329 -91.70 -139.43 -1.59
N VAL M 330 -91.58 -139.00 -2.85
CA VAL M 330 -91.19 -137.63 -3.19
C VAL M 330 -92.33 -136.63 -2.97
N ARG M 331 -93.55 -137.14 -3.12
CA ARG M 331 -94.79 -136.36 -2.99
C ARG M 331 -95.01 -135.86 -1.54
N ALA M 332 -93.99 -136.03 -0.71
CA ALA M 332 -93.99 -135.58 0.69
C ALA M 332 -93.35 -134.20 0.86
N THR M 333 -92.35 -133.90 0.02
CA THR M 333 -91.58 -132.65 0.14
C THR M 333 -91.66 -131.75 -1.10
N THR M 334 -92.11 -132.32 -2.23
CA THR M 334 -92.20 -131.56 -3.49
C THR M 334 -93.66 -131.19 -3.77
N LEU M 335 -93.92 -130.74 -5.00
CA LEU M 335 -95.25 -130.25 -5.41
C LEU M 335 -95.23 -130.01 -6.92
N LEU M 336 -96.28 -130.53 -7.55
CA LEU M 336 -96.51 -130.39 -9.00
C LEU M 336 -97.20 -129.05 -9.33
N THR M 337 -96.37 -128.06 -9.63
CA THR M 337 -96.85 -126.69 -9.91
C THR M 337 -96.75 -126.38 -11.40
N THR M 338 -97.43 -125.31 -11.81
CA THR M 338 -97.34 -124.78 -13.19
C THR M 338 -95.90 -124.35 -13.47
N GLY M 339 -95.48 -124.54 -14.72
CA GLY M 339 -94.12 -124.23 -15.21
C GLY M 339 -93.69 -122.81 -14.82
N ASP M 340 -94.33 -121.82 -15.43
CA ASP M 340 -94.03 -120.38 -15.21
C ASP M 340 -92.57 -120.09 -15.60
N VAL M 341 -92.44 -119.51 -16.79
CA VAL M 341 -91.14 -119.18 -17.40
C VAL M 341 -90.34 -118.11 -16.65
N THR M 342 -91.08 -117.14 -16.11
CA THR M 342 -90.49 -115.98 -15.40
C THR M 342 -89.66 -116.39 -14.18
N CYS M 343 -89.83 -117.65 -13.73
CA CYS M 343 -89.08 -118.27 -12.62
C CYS M 343 -89.54 -117.80 -11.23
N GLY M 344 -90.19 -116.63 -11.17
CA GLY M 344 -90.67 -116.07 -9.89
C GLY M 344 -91.26 -114.67 -10.05
N VAL M 345 -92.19 -114.40 -9.14
CA VAL M 345 -92.89 -113.11 -9.02
C VAL M 345 -92.16 -112.17 -8.02
N GLU M 346 -90.83 -112.16 -8.12
CA GLU M 346 -90.01 -111.31 -7.24
C GLU M 346 -90.33 -109.83 -7.49
N GLN M 347 -90.54 -109.10 -6.39
CA GLN M 347 -90.90 -107.68 -6.46
C GLN M 347 -89.78 -106.74 -6.01
N ILE M 348 -89.49 -105.79 -6.91
CA ILE M 348 -88.47 -104.73 -6.75
C ILE M 348 -88.93 -103.70 -5.68
N TYR M 349 -87.96 -102.90 -5.26
CA TYR M 349 -88.18 -101.75 -4.37
C TYR M 349 -87.84 -100.41 -5.06
N TRP M 350 -88.61 -99.40 -4.67
CA TRP M 350 -88.40 -98.01 -5.08
C TRP M 350 -88.04 -97.18 -3.84
N SER M 351 -87.32 -96.08 -4.10
CA SER M 351 -86.86 -95.18 -3.03
C SER M 351 -86.38 -93.85 -3.61
N LEU M 352 -86.55 -92.84 -2.77
CA LEU M 352 -86.11 -91.47 -3.09
C LEU M 352 -85.69 -90.77 -1.79
N PRO M 353 -84.43 -91.06 -1.39
CA PRO M 353 -83.88 -90.61 -0.10
C PRO M 353 -83.93 -89.10 0.11
N ASP M 354 -83.47 -88.35 -0.89
CA ASP M 354 -83.38 -86.88 -0.81
C ASP M 354 -84.71 -86.13 -1.06
N MET M 355 -85.82 -86.81 -0.77
CA MET M 355 -87.14 -86.22 -1.00
C MET M 355 -88.22 -86.81 -0.07
N ALA M 356 -88.34 -88.16 -0.07
CA ALA M 356 -89.36 -88.79 0.76
C ALA M 356 -88.83 -89.11 2.16
N LEU M 357 -89.67 -88.86 3.16
CA LEU M 357 -89.34 -89.12 4.57
C LEU M 357 -89.15 -90.63 4.81
N ASP M 358 -88.34 -90.94 5.81
CA ASP M 358 -88.09 -92.33 6.28
C ASP M 358 -89.37 -93.07 6.68
N PRO M 359 -89.78 -94.05 5.85
CA PRO M 359 -91.01 -94.84 6.07
C PRO M 359 -90.95 -95.63 7.39
N VAL M 360 -91.52 -95.04 8.43
CA VAL M 360 -91.70 -95.70 9.76
C VAL M 360 -90.36 -96.07 10.43
N THR M 361 -89.83 -97.25 10.12
CA THR M 361 -88.66 -97.81 10.81
C THR M 361 -87.35 -97.74 10.02
N PHE M 362 -87.41 -97.32 8.76
CA PHE M 362 -86.19 -97.09 7.95
C PHE M 362 -85.34 -95.96 8.54
N LYS M 363 -84.02 -96.10 8.36
CA LYS M 363 -83.05 -95.11 8.85
C LYS M 363 -82.20 -94.56 7.69
N ALA M 364 -81.74 -93.33 7.90
CA ALA M 364 -80.88 -92.62 6.91
C ALA M 364 -79.48 -93.24 6.84
N SER M 365 -78.95 -93.27 5.60
CA SER M 365 -77.63 -93.82 5.27
C SER M 365 -77.35 -93.61 3.78
N LEU M 366 -76.08 -93.78 3.41
CA LEU M 366 -75.63 -93.64 2.02
C LEU M 366 -75.00 -94.93 1.47
N LYS M 367 -75.87 -95.82 1.01
CA LYS M 367 -75.45 -97.09 0.38
C LYS M 367 -76.60 -97.68 -0.43
N THR M 368 -76.25 -98.14 -1.63
CA THR M 368 -77.24 -98.67 -2.61
C THR M 368 -77.81 -100.04 -2.20
N SER M 369 -77.59 -100.40 -0.94
CA SER M 369 -77.97 -101.72 -0.42
C SER M 369 -78.81 -101.64 0.86
N ASN M 370 -79.42 -100.48 1.08
CA ASN M 370 -80.22 -100.24 2.31
C ASN M 370 -80.97 -98.90 2.28
N TYR M 371 -81.31 -98.46 1.08
CA TYR M 371 -82.09 -97.23 0.88
C TYR M 371 -83.53 -97.38 1.40
N PRO M 372 -84.04 -96.30 2.04
CA PRO M 372 -85.41 -96.24 2.58
C PRO M 372 -86.45 -96.41 1.47
N VAL M 373 -87.00 -97.63 1.40
CA VAL M 373 -88.03 -97.96 0.40
C VAL M 373 -89.28 -97.11 0.64
N VAL M 374 -89.85 -96.61 -0.45
CA VAL M 374 -91.10 -95.81 -0.40
C VAL M 374 -92.32 -96.65 -0.82
N GLY M 375 -92.08 -97.59 -1.75
CA GLY M 375 -93.15 -98.45 -2.28
C GLY M 375 -92.57 -99.50 -3.21
N THR M 376 -93.18 -100.68 -3.14
CA THR M 376 -92.73 -101.86 -3.89
C THR M 376 -93.68 -102.14 -5.05
N GLU M 377 -93.06 -102.51 -6.16
CA GLU M 377 -93.80 -102.95 -7.35
C GLU M 377 -93.29 -104.32 -7.80
N LEU M 378 -94.15 -105.02 -8.50
CA LEU M 378 -93.79 -106.27 -9.16
C LEU M 378 -93.06 -106.00 -10.48
N LEU M 379 -91.99 -106.77 -10.69
CA LEU M 379 -91.16 -106.65 -11.90
C LEU M 379 -92.04 -106.83 -13.16
N PRO M 380 -91.95 -105.84 -14.08
CA PRO M 380 -92.70 -105.78 -15.35
C PRO M 380 -92.43 -106.94 -16.36
N LEU M 381 -92.43 -108.16 -15.84
CA LEU M 381 -92.31 -109.38 -16.67
C LEU M 381 -93.60 -110.18 -16.57
N VAL M 382 -94.11 -110.52 -17.75
CA VAL M 382 -95.40 -111.22 -17.90
C VAL M 382 -95.21 -112.56 -18.63
N PRO M 383 -96.17 -113.49 -18.40
CA PRO M 383 -96.31 -114.70 -19.22
C PRO M 383 -97.33 -114.47 -20.35
N ARG M 384 -96.96 -114.94 -21.55
CA ARG M 384 -97.82 -114.81 -22.74
C ARG M 384 -98.21 -116.20 -23.27
N SER M 385 -99.41 -116.62 -22.88
CA SER M 385 -99.96 -117.92 -23.30
C SER M 385 -100.18 -117.95 -24.82
N PHE M 386 -99.65 -118.99 -25.44
CA PHE M 386 -99.84 -119.24 -26.89
C PHE M 386 -100.63 -120.53 -27.11
N TYR M 387 -100.41 -121.14 -28.28
CA TYR M 387 -101.11 -122.38 -28.70
C TYR M 387 -100.55 -122.85 -30.04
N ASN M 388 -99.66 -123.84 -29.95
CA ASN M 388 -99.02 -124.41 -31.15
C ASN M 388 -99.46 -125.87 -31.32
N ALA M 389 -100.55 -126.03 -32.05
CA ALA M 389 -101.05 -127.37 -32.45
C ALA M 389 -100.03 -128.10 -33.34
N GLN M 390 -99.13 -127.33 -33.91
CA GLN M 390 -98.00 -127.81 -34.72
C GLN M 390 -97.10 -128.74 -33.89
N ALA M 391 -97.03 -128.50 -32.59
CA ALA M 391 -96.16 -129.23 -31.64
C ALA M 391 -96.15 -130.74 -31.88
N VAL M 392 -94.97 -131.32 -31.67
CA VAL M 392 -94.69 -132.76 -31.90
C VAL M 392 -94.61 -133.09 -33.41
N TYR M 393 -95.51 -132.46 -34.17
CA TYR M 393 -95.55 -132.58 -35.64
C TYR M 393 -94.53 -131.63 -36.28
N SER M 394 -94.28 -130.52 -35.59
CA SER M 394 -93.29 -129.50 -35.98
C SER M 394 -91.90 -130.01 -35.59
N GLN M 395 -91.83 -130.86 -34.57
CA GLN M 395 -90.60 -131.53 -34.13
C GLN M 395 -90.03 -132.41 -35.26
N TRP M 396 -90.93 -133.15 -35.89
CA TRP M 396 -90.60 -134.02 -37.04
C TRP M 396 -90.18 -133.22 -38.28
N ILE M 397 -90.45 -131.92 -38.27
CA ILE M 397 -90.15 -131.01 -39.39
C ILE M 397 -88.95 -130.10 -39.07
N GLN M 398 -88.82 -129.73 -37.79
CA GLN M 398 -87.73 -128.84 -37.33
C GLN M 398 -86.37 -129.52 -37.53
N GLU M 399 -86.39 -130.85 -37.50
CA GLU M 399 -85.22 -131.67 -37.80
C GLU M 399 -84.73 -131.50 -39.27
N LYS M 400 -85.57 -130.87 -40.09
CA LYS M 400 -85.25 -130.59 -41.50
C LYS M 400 -85.04 -129.09 -41.75
N THR M 401 -85.71 -128.25 -40.97
CA THR M 401 -85.53 -126.78 -41.04
C THR M 401 -84.08 -126.43 -40.66
N ASN M 402 -83.63 -127.04 -39.57
CA ASN M 402 -82.25 -126.88 -39.11
C ASN M 402 -81.35 -127.89 -39.84
N GLN M 403 -80.11 -127.47 -40.05
CA GLN M 403 -79.13 -128.29 -40.79
C GLN M 403 -78.52 -129.45 -39.97
N THR M 404 -78.44 -129.26 -38.66
CA THR M 404 -77.78 -130.25 -37.77
C THR M 404 -78.65 -130.60 -36.57
N HIS M 405 -78.88 -131.89 -36.34
CA HIS M 405 -79.58 -132.34 -35.13
C HIS M 405 -78.69 -132.21 -33.89
N VAL M 406 -78.73 -131.02 -33.28
CA VAL M 406 -77.91 -130.72 -32.10
C VAL M 406 -78.55 -131.36 -30.87
N PHE M 407 -79.78 -130.96 -30.61
CA PHE M 407 -80.56 -131.44 -29.46
C PHE M 407 -80.88 -132.93 -29.57
N ASN M 408 -81.27 -133.33 -30.77
CA ASN M 408 -81.64 -134.72 -31.09
C ASN M 408 -80.43 -135.47 -31.68
N ARG M 409 -79.42 -135.67 -30.83
CA ARG M 409 -78.24 -136.48 -31.22
C ARG M 409 -78.52 -137.99 -31.18
N PHE M 410 -79.51 -138.37 -30.38
CA PHE M 410 -79.90 -139.79 -30.21
C PHE M 410 -81.37 -139.95 -30.64
N PRO M 411 -81.61 -139.99 -31.97
CA PRO M 411 -82.96 -140.18 -32.53
C PRO M 411 -83.43 -141.66 -32.49
N GLU M 412 -82.61 -142.51 -31.88
CA GLU M 412 -82.87 -143.96 -31.80
C GLU M 412 -83.40 -144.36 -30.43
N ASN M 413 -82.65 -143.98 -29.41
CA ASN M 413 -82.99 -144.29 -28.01
C ASN M 413 -84.31 -143.61 -27.65
N GLN M 414 -85.16 -144.38 -26.97
CA GLN M 414 -86.48 -143.93 -26.52
C GLN M 414 -86.47 -143.17 -25.18
N ILE M 415 -85.27 -142.86 -24.70
CA ILE M 415 -85.07 -142.19 -23.39
C ILE M 415 -84.16 -140.97 -23.54
N LEU M 416 -83.12 -141.12 -24.35
CA LEU M 416 -82.14 -140.04 -24.59
C LEU M 416 -82.47 -139.22 -25.84
N VAL M 417 -83.71 -139.35 -26.30
CA VAL M 417 -84.21 -138.58 -27.45
C VAL M 417 -84.38 -137.09 -27.07
N ARG M 418 -85.11 -136.40 -27.92
CA ARG M 418 -85.51 -135.00 -27.74
C ARG M 418 -86.90 -134.97 -27.08
N PRO M 419 -87.00 -134.23 -25.96
CA PRO M 419 -88.24 -134.05 -25.20
C PRO M 419 -89.37 -133.53 -26.11
N PRO M 420 -90.50 -134.25 -26.13
CA PRO M 420 -91.69 -133.87 -26.92
C PRO M 420 -92.16 -132.47 -26.53
N ALA M 421 -92.29 -131.62 -27.55
CA ALA M 421 -92.74 -130.23 -27.40
C ALA M 421 -94.20 -130.16 -26.89
N PRO M 422 -94.36 -129.77 -25.61
CA PRO M 422 -95.68 -129.64 -24.97
C PRO M 422 -96.48 -128.50 -25.61
N THR M 423 -97.80 -128.70 -25.62
CA THR M 423 -98.75 -127.72 -26.16
C THR M 423 -98.80 -126.46 -25.28
N ILE M 424 -99.13 -125.34 -25.92
CA ILE M 424 -99.25 -124.01 -25.26
C ILE M 424 -97.86 -123.63 -24.70
N THR M 425 -97.10 -123.00 -25.59
CA THR M 425 -95.78 -122.46 -25.20
C THR M 425 -95.96 -121.08 -24.56
N SER M 426 -95.27 -120.89 -23.44
CA SER M 426 -95.29 -119.62 -22.70
C SER M 426 -93.93 -118.95 -22.82
N ILE M 427 -94.00 -117.67 -23.23
CA ILE M 427 -92.81 -116.83 -23.38
C ILE M 427 -92.99 -115.54 -22.55
N SER M 428 -91.85 -115.07 -22.03
CA SER M 428 -91.80 -113.76 -21.36
C SER M 428 -91.99 -112.60 -22.35
N GLU M 429 -92.64 -111.55 -21.84
CA GLU M 429 -92.91 -110.34 -22.62
C GLU M 429 -92.84 -109.09 -21.73
N ASN M 430 -91.77 -108.33 -21.88
CA ASN M 430 -91.57 -107.09 -21.10
C ASN M 430 -92.65 -106.04 -21.43
N LYS M 431 -93.61 -105.92 -20.51
CA LYS M 431 -94.71 -104.95 -20.65
C LYS M 431 -94.50 -103.75 -19.71
N PRO M 432 -94.52 -102.52 -20.29
CA PRO M 432 -94.40 -101.26 -19.54
C PRO M 432 -95.57 -101.03 -18.60
N SER M 433 -95.31 -101.36 -17.34
CA SER M 433 -96.34 -101.21 -16.28
C SER M 433 -96.60 -99.73 -15.94
N LEU M 434 -97.80 -99.52 -15.40
CA LEU M 434 -98.24 -98.20 -14.88
C LEU M 434 -98.93 -98.37 -13.53
N THR M 435 -98.11 -98.57 -12.51
CA THR M 435 -98.59 -98.78 -11.12
C THR M 435 -99.24 -97.51 -10.54
N ASP M 436 -99.83 -97.68 -9.36
CA ASP M 436 -100.45 -96.59 -8.60
C ASP M 436 -99.99 -96.63 -7.12
N HIS M 437 -98.88 -95.95 -6.85
CA HIS M 437 -98.33 -95.86 -5.48
C HIS M 437 -99.14 -94.90 -4.59
N GLY M 438 -99.22 -95.29 -3.31
CA GLY M 438 -99.92 -94.52 -2.27
C GLY M 438 -99.15 -93.24 -1.88
N ILE M 439 -99.85 -92.39 -1.13
CA ILE M 439 -99.31 -91.11 -0.64
C ILE M 439 -98.06 -91.34 0.24
N VAL M 440 -97.08 -90.47 0.01
CA VAL M 440 -95.80 -90.51 0.75
C VAL M 440 -95.42 -89.09 1.19
N PRO M 441 -95.10 -88.94 2.50
CA PRO M 441 -94.60 -87.68 3.06
C PRO M 441 -93.30 -87.24 2.38
N LEU M 442 -93.09 -85.93 2.39
CA LEU M 442 -91.92 -85.28 1.80
C LEU M 442 -91.05 -84.57 2.86
N ARG M 443 -89.82 -84.27 2.49
CA ARG M 443 -88.88 -83.48 3.32
C ARG M 443 -89.36 -82.03 3.51
N ASN M 444 -88.63 -81.36 4.38
CA ASN M 444 -88.83 -79.94 4.71
C ASN M 444 -88.27 -79.00 3.62
N ARG M 445 -87.40 -79.56 2.78
CA ARG M 445 -86.69 -78.82 1.72
C ARG M 445 -86.08 -79.80 0.71
N LEU M 446 -86.85 -80.03 -0.33
CA LEU M 446 -86.45 -80.96 -1.37
C LEU M 446 -85.17 -80.46 -2.07
N GLY M 447 -84.30 -81.43 -2.36
CA GLY M 447 -83.02 -81.19 -3.07
C GLY M 447 -83.16 -80.84 -4.57
N GLY M 448 -82.14 -80.21 -5.12
CA GLY M 448 -82.11 -79.87 -6.57
C GLY M 448 -81.89 -81.11 -7.46
N VAL M 449 -81.00 -81.99 -6.97
CA VAL M 449 -80.58 -83.21 -7.69
C VAL M 449 -80.98 -84.48 -6.93
N GLN M 450 -82.20 -84.94 -7.26
CA GLN M 450 -82.76 -86.18 -6.71
C GLN M 450 -81.95 -87.42 -7.10
N ARG M 451 -82.21 -88.51 -6.36
CA ARG M 451 -81.55 -89.80 -6.56
C ARG M 451 -82.61 -90.91 -6.74
N VAL M 452 -82.90 -91.23 -8.00
CA VAL M 452 -83.88 -92.28 -8.32
C VAL M 452 -83.18 -93.64 -8.31
N THR M 453 -83.60 -94.48 -7.35
CA THR M 453 -83.04 -95.83 -7.20
C THR M 453 -84.12 -96.89 -7.38
N LEU M 454 -83.70 -98.03 -7.95
CA LEU M 454 -84.55 -99.21 -8.15
C LEU M 454 -83.86 -100.48 -7.65
N THR M 455 -83.99 -100.68 -6.34
CA THR M 455 -83.38 -101.85 -5.66
C THR M 455 -84.10 -103.14 -6.07
N ASP M 456 -83.45 -104.28 -5.95
CA ASP M 456 -84.06 -105.59 -6.24
C ASP M 456 -84.35 -106.33 -4.92
N ALA M 457 -84.61 -107.64 -5.01
CA ALA M 457 -84.91 -108.52 -3.87
C ALA M 457 -83.70 -108.74 -2.96
N ARG M 458 -82.54 -109.01 -3.54
CA ARG M 458 -81.28 -109.17 -2.79
C ARG M 458 -80.58 -107.83 -2.50
N ARG M 459 -81.30 -106.74 -2.68
CA ARG M 459 -80.77 -105.37 -2.43
C ARG M 459 -79.55 -105.09 -3.31
N ARG M 460 -79.82 -104.75 -4.57
CA ARG M 460 -78.78 -104.44 -5.57
C ARG M 460 -79.38 -103.97 -6.89
N SER M 461 -78.52 -103.31 -7.67
CA SER M 461 -78.88 -102.73 -8.98
C SER M 461 -79.40 -103.80 -9.95
N CYS M 462 -80.33 -103.36 -10.80
CA CYS M 462 -80.93 -104.20 -11.84
C CYS M 462 -80.56 -103.61 -13.21
N PRO M 463 -79.40 -104.03 -13.77
CA PRO M 463 -78.85 -103.52 -15.04
C PRO M 463 -79.73 -103.81 -16.29
N TYR M 464 -81.03 -103.99 -16.10
CA TYR M 464 -81.98 -104.22 -17.19
C TYR M 464 -83.16 -103.24 -17.19
N VAL M 465 -82.87 -101.99 -16.81
CA VAL M 465 -83.90 -100.94 -16.78
C VAL M 465 -83.70 -100.06 -18.02
N TYR M 466 -84.79 -99.93 -18.77
CA TYR M 466 -84.80 -99.14 -20.02
C TYR M 466 -85.50 -97.79 -19.84
N LYS M 467 -86.53 -97.79 -18.99
CA LYS M 467 -87.32 -96.58 -18.68
C LYS M 467 -87.69 -96.60 -17.21
N SER M 468 -87.56 -95.44 -16.58
CA SER M 468 -87.85 -95.28 -15.14
C SER M 468 -88.06 -93.81 -14.77
N LEU M 469 -89.29 -93.37 -14.93
CA LEU M 469 -89.69 -91.99 -14.61
C LEU M 469 -90.80 -92.01 -13.54
N GLY M 470 -90.82 -90.93 -12.71
CA GLY M 470 -91.86 -90.74 -11.69
C GLY M 470 -92.49 -89.34 -11.74
N ILE M 471 -93.78 -89.33 -11.36
CA ILE M 471 -94.55 -88.08 -11.21
C ILE M 471 -95.06 -88.00 -9.76
N VAL M 472 -94.80 -86.84 -9.14
CA VAL M 472 -95.26 -86.60 -7.76
C VAL M 472 -96.13 -85.33 -7.74
N THR M 473 -97.26 -85.47 -7.06
CA THR M 473 -98.24 -84.38 -6.88
C THR M 473 -98.47 -84.11 -5.38
N PRO M 474 -97.57 -83.32 -4.76
CA PRO M 474 -97.62 -83.01 -3.33
C PRO M 474 -98.88 -82.23 -2.95
N GLN M 475 -99.30 -82.45 -1.71
CA GLN M 475 -100.49 -81.81 -1.12
C GLN M 475 -100.34 -81.80 0.41
N VAL M 476 -100.95 -80.79 1.02
CA VAL M 476 -100.96 -80.62 2.49
C VAL M 476 -101.70 -81.79 3.16
N LEU M 477 -101.15 -82.17 4.31
CA LEU M 477 -101.74 -83.24 5.14
C LEU M 477 -102.33 -82.68 6.43
N SER M 478 -101.43 -82.23 7.31
CA SER M 478 -101.82 -81.68 8.63
C SER M 478 -100.72 -80.81 9.24
N SER M 479 -101.20 -79.73 9.85
CA SER M 479 -100.37 -78.72 10.51
C SER M 479 -99.75 -79.23 11.82
N ARG M 480 -98.78 -78.46 12.31
CA ARG M 480 -98.13 -78.72 13.61
C ARG M 480 -98.70 -77.82 14.74
N GLU N 4 -49.20 50.43 -56.23
CA GLU N 4 -48.55 51.36 -55.25
C GLU N 4 -49.20 51.23 -53.88
N GLY N 5 -50.46 50.83 -53.86
CA GLY N 5 -51.17 50.67 -52.61
C GLY N 5 -51.22 51.96 -51.79
N ARG N 6 -51.37 53.08 -52.50
CA ARG N 6 -51.43 54.40 -51.87
C ARG N 6 -52.84 54.98 -51.90
N ILE N 7 -53.47 54.74 -50.77
CA ILE N 7 -54.80 55.04 -50.29
C ILE N 7 -55.31 56.52 -50.24
N TYR N 8 -55.32 57.30 -51.32
CA TYR N 8 -55.87 58.67 -51.17
C TYR N 8 -57.27 58.51 -50.53
N VAL N 9 -57.63 59.49 -49.74
CA VAL N 9 -56.65 60.38 -49.20
C VAL N 9 -56.59 60.36 -47.64
N PRO N 10 -55.42 59.95 -47.06
CA PRO N 10 -55.24 59.88 -45.59
C PRO N 10 -55.39 61.17 -44.83
N TYR N 11 -54.61 62.17 -45.22
CA TYR N 11 -54.69 63.45 -44.54
C TYR N 11 -56.10 63.92 -44.27
N VAL N 12 -56.34 64.25 -43.00
CA VAL N 12 -57.64 64.75 -42.63
C VAL N 12 -57.87 65.93 -43.56
N THR N 13 -59.08 66.02 -44.11
CA THR N 13 -59.40 67.08 -45.04
C THR N 13 -59.60 68.46 -44.42
N ALA N 14 -59.38 69.47 -45.26
CA ALA N 14 -59.46 70.87 -44.89
C ALA N 14 -60.74 71.46 -44.33
N ARG N 15 -61.88 71.13 -44.92
CA ARG N 15 -63.16 71.67 -44.50
C ARG N 15 -63.48 72.80 -45.47
N LEU N 16 -62.54 73.04 -46.39
CA LEU N 16 -62.67 74.05 -47.41
C LEU N 16 -62.28 75.48 -47.04
N PRO N 17 -61.95 76.28 -48.07
CA PRO N 17 -61.52 77.66 -47.94
C PRO N 17 -62.61 78.66 -47.59
N LYS N 18 -63.77 78.52 -48.23
CA LYS N 18 -64.90 79.45 -48.08
C LYS N 18 -64.33 80.51 -48.99
N TRP N 19 -64.04 81.72 -48.47
CA TRP N 19 -63.48 82.77 -49.30
C TRP N 19 -62.73 82.12 -50.42
N SER N 20 -63.06 82.62 -51.60
CA SER N 20 -62.50 81.99 -52.71
C SER N 20 -61.73 82.62 -53.72
N GLY N 21 -61.16 81.52 -54.16
CA GLY N 21 -60.12 81.41 -55.13
C GLY N 21 -59.32 80.23 -54.62
N SER N 22 -59.80 79.08 -54.10
CA SER N 22 -58.78 78.07 -53.62
C SER N 22 -57.93 77.29 -54.61
N VAL N 23 -58.60 76.82 -55.66
CA VAL N 23 -57.99 76.04 -56.72
C VAL N 23 -56.92 76.76 -57.54
N GLN N 24 -56.09 76.01 -58.24
CA GLN N 24 -55.01 76.59 -59.00
C GLN N 24 -55.05 76.38 -60.51
N ASP N 25 -54.73 77.45 -61.24
CA ASP N 25 -54.73 77.41 -62.72
C ASP N 25 -56.10 76.95 -63.12
N LYS N 26 -57.16 77.55 -62.66
CA LYS N 26 -58.53 77.04 -62.92
C LYS N 26 -58.94 77.42 -64.28
N THR N 27 -58.13 78.47 -64.19
CA THR N 27 -58.04 79.76 -64.82
C THR N 27 -59.29 80.45 -64.38
N GLY N 28 -60.45 80.45 -65.03
CA GLY N 28 -61.54 81.23 -64.49
C GLY N 28 -61.54 82.43 -65.42
N SER N 29 -62.66 83.16 -65.50
CA SER N 29 -62.77 84.30 -66.40
C SER N 29 -63.53 85.44 -65.74
N ASN N 30 -63.41 86.66 -66.26
CA ASN N 30 -64.11 87.78 -65.65
C ASN N 30 -65.17 88.45 -66.50
N MET N 31 -66.31 88.70 -65.85
CA MET N 31 -67.47 89.41 -66.43
C MET N 31 -67.84 88.97 -67.83
N LEU N 32 -67.33 90.01 -68.43
CA LEU N 32 -67.23 90.33 -69.79
C LEU N 32 -65.94 89.67 -69.72
N GLY N 33 -65.03 90.40 -69.11
CA GLY N 33 -63.64 89.98 -68.95
C GLY N 33 -63.06 88.75 -69.62
N GLY N 34 -62.87 87.69 -68.86
CA GLY N 34 -62.35 86.48 -69.42
C GLY N 34 -60.92 86.48 -69.00
N VAL N 35 -60.25 85.33 -69.05
CA VAL N 35 -58.86 85.27 -68.64
C VAL N 35 -58.36 85.82 -67.26
N VAL N 36 -59.01 85.70 -66.08
CA VAL N 36 -58.23 86.18 -64.96
C VAL N 36 -57.48 84.98 -64.51
N LEU N 37 -56.19 85.20 -64.43
CA LEU N 37 -55.25 84.21 -64.07
C LEU N 37 -55.41 83.36 -62.84
N PRO N 38 -55.07 82.08 -63.02
CA PRO N 38 -55.16 81.09 -61.97
C PRO N 38 -54.55 81.65 -60.69
N PRO N 39 -55.24 81.44 -59.55
CA PRO N 39 -54.72 81.95 -58.29
C PRO N 39 -53.33 81.42 -58.20
N ASN N 40 -52.41 82.32 -57.84
CA ASN N 40 -50.98 82.07 -57.71
C ASN N 40 -50.47 82.66 -59.01
N SER N 41 -49.16 82.76 -59.16
CA SER N 41 -48.54 83.35 -60.35
C SER N 41 -48.30 84.80 -59.93
N GLN N 42 -47.38 85.45 -60.61
CA GLN N 42 -47.02 86.83 -60.29
C GLN N 42 -48.13 87.84 -60.48
N ALA N 43 -48.87 87.69 -61.56
CA ALA N 43 -49.97 88.61 -61.84
C ALA N 43 -50.88 88.80 -60.64
N HIS N 44 -51.22 87.71 -59.96
CA HIS N 44 -52.10 87.80 -58.80
C HIS N 44 -51.50 88.53 -57.61
N ARG N 45 -50.22 88.31 -57.35
CA ARG N 45 -49.56 88.95 -56.22
C ARG N 45 -49.60 90.46 -56.27
N THR N 46 -49.22 91.03 -57.41
CA THR N 46 -49.22 92.47 -57.57
C THR N 46 -50.61 93.05 -57.44
N GLU N 47 -50.75 94.06 -56.58
CA GLU N 47 -52.04 94.70 -56.45
C GLU N 47 -52.14 95.34 -57.83
N THR N 48 -53.30 95.27 -58.47
CA THR N 48 -53.43 95.84 -59.81
C THR N 48 -54.75 96.55 -60.02
N VAL N 49 -54.78 97.44 -61.01
CA VAL N 49 -55.99 98.19 -61.29
C VAL N 49 -56.35 98.19 -62.78
N GLY N 50 -57.65 98.20 -63.04
CA GLY N 50 -58.13 98.22 -64.41
C GLY N 50 -58.77 96.91 -64.83
N THR N 51 -58.67 95.89 -63.98
CA THR N 51 -59.22 94.58 -64.28
C THR N 51 -60.63 94.35 -63.76
N GLU N 52 -61.09 95.20 -62.86
CA GLU N 52 -62.43 95.02 -62.31
C GLU N 52 -63.54 95.08 -63.34
N ALA N 53 -63.46 96.03 -64.26
CA ALA N 53 -64.50 96.19 -65.25
C ALA N 53 -64.09 96.21 -66.71
N THR N 54 -63.14 95.38 -67.12
CA THR N 54 -62.77 95.38 -68.52
C THR N 54 -62.12 94.09 -69.01
N ARG N 55 -62.51 93.68 -70.21
CA ARG N 55 -62.01 92.44 -70.81
C ARG N 55 -60.67 92.58 -71.48
N ASP N 56 -60.16 91.46 -71.97
CA ASP N 56 -58.87 91.36 -72.67
C ASP N 56 -57.83 90.99 -71.65
N ASN N 57 -56.60 90.80 -72.10
CA ASN N 57 -55.54 90.43 -71.16
C ASN N 57 -54.57 91.57 -70.86
N LEU N 58 -54.38 91.83 -69.56
CA LEU N 58 -53.45 92.84 -69.08
C LEU N 58 -52.68 92.02 -68.08
N HIS N 59 -52.02 91.00 -68.61
CA HIS N 59 -51.23 90.07 -67.79
C HIS N 59 -50.36 89.36 -68.80
N ALA N 60 -49.46 88.53 -68.30
CA ALA N 60 -48.58 87.80 -69.18
C ALA N 60 -49.41 86.85 -70.03
N GLU N 61 -50.40 86.19 -69.43
CA GLU N 61 -51.25 85.27 -70.16
C GLU N 61 -52.60 85.83 -70.57
N GLY N 62 -52.98 85.71 -71.85
CA GLY N 62 -54.29 86.24 -72.21
C GLY N 62 -55.04 86.01 -73.51
N ALA N 63 -56.00 86.91 -73.72
CA ALA N 63 -56.91 86.97 -74.87
C ALA N 63 -58.32 86.43 -74.68
N ARG N 64 -58.54 85.65 -73.63
CA ARG N 64 -59.86 85.12 -73.38
C ARG N 64 -60.31 84.03 -74.33
N ARG N 65 -59.40 83.70 -75.22
CA ARG N 65 -59.65 82.69 -76.24
C ARG N 65 -59.16 81.36 -75.69
N PRO N 66 -57.98 81.38 -75.05
CA PRO N 66 -57.39 80.19 -74.46
C PRO N 66 -57.26 79.99 -72.98
N GLU N 67 -57.84 78.84 -72.66
CA GLU N 67 -57.86 78.32 -71.40
C GLU N 67 -57.76 76.91 -71.38
N ASP N 68 -58.49 76.89 -70.29
CA ASP N 68 -58.19 75.96 -69.39
C ASP N 68 -57.71 74.82 -68.64
N GLN N 69 -57.38 75.61 -67.56
CA GLN N 69 -56.36 75.51 -66.52
C GLN N 69 -55.09 75.35 -67.29
N THR N 70 -54.53 76.53 -67.40
CA THR N 70 -53.26 76.73 -68.05
C THR N 70 -52.23 75.86 -67.35
N PRO N 71 -51.41 75.15 -68.13
CA PRO N 71 -50.37 74.28 -67.58
C PRO N 71 -49.19 75.18 -67.20
N TYR N 72 -49.16 75.71 -65.97
CA TYR N 72 -48.06 76.60 -65.62
C TYR N 72 -47.02 76.13 -64.59
N MET N 73 -45.81 76.70 -64.72
CA MET N 73 -44.66 76.40 -63.88
C MET N 73 -44.30 74.93 -64.07
N ILE N 74 -43.98 74.25 -62.97
CA ILE N 74 -43.60 72.85 -63.02
C ILE N 74 -44.29 72.02 -61.95
N LEU N 75 -45.12 71.05 -62.37
CA LEU N 75 -45.75 70.16 -61.42
C LEU N 75 -45.45 68.77 -61.93
N VAL N 76 -46.42 67.88 -61.87
CA VAL N 76 -46.27 66.53 -62.35
C VAL N 76 -46.57 66.82 -63.81
N GLU N 77 -47.45 67.82 -64.01
CA GLU N 77 -47.92 68.22 -65.33
C GLU N 77 -46.81 68.76 -66.16
N ASP N 78 -45.92 69.51 -65.52
CA ASP N 78 -44.79 70.01 -66.24
C ASP N 78 -44.05 68.77 -66.72
N SER N 79 -44.03 67.75 -65.87
CA SER N 79 -43.37 66.51 -66.24
C SER N 79 -44.35 65.95 -67.27
N LEU N 80 -45.64 66.16 -67.02
CA LEU N 80 -46.67 65.70 -67.94
C LEU N 80 -46.53 66.49 -69.24
N GLY N 81 -46.17 67.76 -69.12
CA GLY N 81 -45.99 68.61 -70.28
C GLY N 81 -44.63 68.28 -70.83
N GLY N 82 -43.66 68.13 -69.93
CA GLY N 82 -42.31 67.81 -70.34
C GLY N 82 -42.27 66.46 -71.03
N LEU N 83 -42.99 65.50 -70.47
CA LEU N 83 -43.07 64.15 -71.02
C LEU N 83 -43.66 64.23 -72.43
N LYS N 84 -44.71 65.01 -72.58
CA LYS N 84 -45.37 65.20 -73.88
C LYS N 84 -44.38 65.76 -74.89
N ARG N 85 -43.62 66.77 -74.47
CA ARG N 85 -42.62 67.41 -75.31
C ARG N 85 -41.59 66.38 -75.77
N ARG N 86 -41.13 65.57 -74.83
CA ARG N 86 -40.15 64.52 -75.11
C ARG N 86 -40.69 63.56 -76.16
N MET N 87 -41.94 63.16 -75.98
CA MET N 87 -42.61 62.25 -76.90
C MET N 87 -42.64 62.85 -78.30
N ASP N 88 -43.02 64.13 -78.37
CA ASP N 88 -43.09 64.85 -79.63
C ASP N 88 -41.73 64.85 -80.33
N LEU N 89 -40.68 65.13 -79.54
CA LEU N 89 -39.32 65.16 -80.05
C LEU N 89 -38.95 63.80 -80.64
N LEU N 90 -39.29 62.74 -79.90
CA LEU N 90 -39.01 61.38 -80.33
C LEU N 90 -39.71 61.09 -81.66
N GLU N 91 -40.97 61.51 -81.76
CA GLU N 91 -41.75 61.30 -82.97
C GLU N 91 -41.07 62.01 -84.15
N GLU N 92 -40.64 63.25 -83.91
CA GLU N 92 -39.97 64.04 -84.94
C GLU N 92 -38.71 63.32 -85.41
N SER N 93 -37.93 62.81 -84.46
CA SER N 93 -36.70 62.09 -84.76
C SER N 93 -37.01 60.88 -85.65
N ASN N 94 -38.06 60.15 -85.27
CA ASN N 94 -38.48 58.97 -86.02
C ASN N 94 -38.82 59.33 -87.45
N GLN N 95 -39.57 60.41 -87.63
CA GLN N 95 -39.93 60.82 -88.96
C GLN N 95 -38.62 61.00 -89.71
N GLN N 96 -37.79 61.97 -89.33
CA GLN N 96 -36.54 62.20 -90.02
C GLN N 96 -35.97 60.85 -90.44
N LEU N 97 -35.52 60.00 -89.50
CA LEU N 97 -34.96 58.72 -89.87
C LEU N 97 -35.74 58.16 -91.07
N LEU N 98 -37.00 57.76 -90.91
CA LEU N 98 -37.76 57.23 -92.03
C LEU N 98 -37.36 57.98 -93.31
N ALA N 99 -37.71 59.25 -93.47
CA ALA N 99 -37.35 59.99 -94.67
C ALA N 99 -35.99 59.51 -95.16
N THR N 100 -34.91 59.84 -94.43
CA THR N 100 -33.59 59.43 -94.84
C THR N 100 -33.67 58.05 -95.50
N LEU N 101 -33.94 56.98 -94.74
CA LEU N 101 -34.01 55.66 -95.33
C LEU N 101 -34.62 55.77 -96.72
N ASN N 102 -35.91 56.08 -96.84
CA ASN N 102 -36.52 56.18 -98.16
C ASN N 102 -35.53 56.75 -99.16
N ARG N 103 -35.15 58.03 -99.04
CA ARG N 103 -34.20 58.61 -99.97
C ARG N 103 -33.16 57.55 -100.35
N LEU N 104 -32.28 57.15 -99.43
CA LEU N 104 -31.28 56.16 -99.75
C LEU N 104 -31.87 55.13 -100.72
N ARG N 105 -32.81 54.28 -100.28
CA ARG N 105 -33.40 53.29 -101.17
C ARG N 105 -33.52 53.89 -102.58
N THR N 106 -34.40 54.85 -102.79
CA THR N 106 -34.56 55.45 -104.11
C THR N 106 -33.18 55.50 -104.79
N GLY N 107 -32.26 56.33 -104.31
CA GLY N 107 -30.95 56.42 -104.91
C GLY N 107 -30.54 55.04 -105.43
N LEU N 108 -30.20 54.12 -104.53
CA LEU N 108 -29.79 52.79 -104.92
C LEU N 108 -30.56 52.38 -106.17
N ALA N 109 -31.88 52.12 -106.08
CA ALA N 109 -32.64 51.73 -107.25
C ALA N 109 -32.09 52.47 -108.48
N ALA N 110 -32.30 53.78 -108.59
CA ALA N 110 -31.81 54.52 -109.74
C ALA N 110 -30.48 53.92 -110.19
N GLU O 4 -55.80 71.09 -63.16
CA GLU O 4 -56.03 69.94 -62.22
C GLU O 4 -56.92 70.35 -61.05
N GLY O 5 -56.90 71.65 -60.73
CA GLY O 5 -57.72 72.15 -59.66
C GLY O 5 -57.42 71.47 -58.33
N ARG O 6 -56.14 71.18 -58.10
CA ARG O 6 -55.67 70.53 -56.88
C ARG O 6 -54.93 71.50 -55.95
N ILE O 7 -55.74 71.99 -55.04
CA ILE O 7 -55.57 72.94 -53.96
C ILE O 7 -54.50 72.69 -52.85
N TYR O 8 -53.22 72.50 -53.15
CA TYR O 8 -52.27 72.32 -52.02
C TYR O 8 -52.50 73.52 -51.07
N VAL O 9 -52.32 73.27 -49.80
CA VAL O 9 -52.33 71.91 -49.32
C VAL O 9 -53.45 71.64 -48.28
N PRO O 10 -54.41 70.71 -48.62
CA PRO O 10 -55.54 70.37 -47.71
C PRO O 10 -55.17 69.77 -46.37
N TYR O 11 -54.40 68.70 -46.39
CA TYR O 11 -54.00 68.07 -45.15
C TYR O 11 -53.55 69.04 -44.08
N VAL O 12 -54.16 68.90 -42.92
CA VAL O 12 -53.79 69.75 -41.82
C VAL O 12 -52.28 69.55 -41.69
N THR O 13 -51.56 70.65 -41.49
CA THR O 13 -50.11 70.58 -41.39
C THR O 13 -49.57 70.01 -40.08
N ALA O 14 -48.36 69.49 -40.17
CA ALA O 14 -47.65 68.84 -39.06
C ALA O 14 -47.36 69.60 -37.79
N ARG O 15 -46.89 70.84 -37.91
CA ARG O 15 -46.53 71.65 -36.74
C ARG O 15 -45.01 71.55 -36.63
N LEU O 16 -44.43 70.77 -37.53
CA LEU O 16 -43.00 70.57 -37.60
C LEU O 16 -42.38 69.51 -36.69
N PRO O 17 -41.20 69.00 -37.08
CA PRO O 17 -40.47 67.97 -36.37
C PRO O 17 -39.78 68.41 -35.09
N LYS O 18 -39.17 69.59 -35.12
CA LYS O 18 -38.39 70.12 -34.00
C LYS O 18 -37.16 69.27 -34.24
N TRP O 19 -36.79 68.38 -33.32
CA TRP O 19 -35.62 67.52 -33.53
C TRP O 19 -35.44 67.34 -35.00
N SER O 20 -34.21 67.58 -35.39
CA SER O 20 -33.97 67.55 -36.77
C SER O 20 -33.03 66.74 -37.43
N GLY O 21 -33.59 66.82 -38.61
CA GLY O 21 -33.22 66.12 -39.80
C GLY O 21 -34.56 65.89 -40.47
N SER O 22 -35.59 66.75 -40.57
CA SER O 22 -36.84 66.26 -41.26
C SER O 22 -36.86 66.04 -42.76
N VAL O 23 -36.28 66.99 -43.47
CA VAL O 23 -36.21 66.98 -44.92
C VAL O 23 -35.39 65.84 -45.53
N GLN O 24 -35.61 65.58 -46.81
CA GLN O 24 -34.92 64.47 -47.47
C GLN O 24 -34.00 64.85 -48.61
N ASP O 25 -32.84 64.17 -48.66
CA ASP O 25 -31.83 64.42 -49.69
C ASP O 25 -31.54 65.89 -49.65
N LYS O 26 -31.21 66.47 -48.53
CA LYS O 26 -31.06 67.95 -48.42
C LYS O 26 -29.73 68.34 -48.96
N THR O 27 -29.29 67.12 -48.65
CA THR O 27 -27.99 66.54 -48.38
C THR O 27 -27.56 67.25 -47.13
N GLY O 28 -26.82 68.37 -47.09
CA GLY O 28 -26.43 68.88 -45.79
C GLY O 28 -24.96 68.46 -45.75
N SER O 29 -24.17 69.11 -44.91
CA SER O 29 -22.74 68.82 -44.83
C SER O 29 -22.26 68.85 -43.37
N ASN O 30 -21.11 68.26 -43.08
CA ASN O 30 -20.62 68.25 -41.71
C ASN O 30 -19.32 69.01 -41.46
N MET O 31 -19.35 69.79 -40.39
CA MET O 31 -18.19 70.56 -39.87
C MET O 31 -17.42 71.30 -40.94
N LEU O 32 -16.41 70.47 -40.98
CA LEU O 32 -15.25 70.44 -41.78
C LEU O 32 -16.05 69.61 -42.66
N GLY O 33 -16.20 68.38 -42.21
CA GLY O 33 -16.93 67.33 -42.93
C GLY O 33 -17.41 67.50 -44.37
N GLY O 34 -18.72 67.71 -44.52
CA GLY O 34 -19.25 67.90 -45.84
C GLY O 34 -19.87 66.59 -46.16
N VAL O 35 -20.77 66.54 -47.15
CA VAL O 35 -21.42 65.29 -47.48
C VAL O 35 -22.14 64.39 -46.42
N VAL O 36 -22.89 64.84 -45.40
CA VAL O 36 -23.54 63.76 -44.67
C VAL O 36 -24.84 63.59 -45.38
N LEU O 37 -25.05 62.35 -45.74
CA LEU O 37 -26.19 61.93 -46.48
C LEU O 37 -27.59 62.27 -46.04
N PRO O 38 -28.40 62.60 -47.05
CA PRO O 38 -29.79 62.97 -46.86
C PRO O 38 -30.44 62.00 -45.90
N PRO O 39 -31.22 62.51 -44.95
CA PRO O 39 -31.90 61.63 -43.99
C PRO O 39 -32.64 60.65 -44.83
N ASN O 40 -32.50 59.37 -44.46
CA ASN O 40 -33.09 58.22 -45.13
C ASN O 40 -31.90 57.70 -45.91
N SER O 41 -32.03 56.54 -46.52
CA SER O 41 -30.95 55.90 -47.26
C SER O 41 -30.32 54.96 -46.24
N GLN O 42 -29.62 53.95 -46.73
CA GLN O 42 -29.00 52.96 -45.85
C GLN O 42 -27.93 53.49 -44.93
N ALA O 43 -27.10 54.37 -45.45
CA ALA O 43 -26.03 54.93 -44.64
C ALA O 43 -26.53 55.47 -43.31
N HIS O 44 -27.67 56.17 -43.32
CA HIS O 44 -28.22 56.72 -42.09
C HIS O 44 -28.70 55.67 -41.10
N ARG O 45 -29.34 54.62 -41.59
CA ARG O 45 -29.85 53.58 -40.72
C ARG O 45 -28.79 52.92 -39.86
N THR O 46 -27.70 52.50 -40.49
CA THR O 46 -26.61 51.85 -39.77
C THR O 46 -26.00 52.77 -38.74
N GLU O 47 -25.88 52.29 -37.51
CA GLU O 47 -25.24 53.12 -36.49
C GLU O 47 -23.82 53.11 -37.05
N THR O 48 -23.15 54.25 -37.03
CA THR O 48 -21.80 54.31 -37.59
C THR O 48 -20.86 55.16 -36.74
N VAL O 49 -19.56 54.93 -36.90
CA VAL O 49 -18.58 55.68 -36.14
C VAL O 49 -17.45 56.22 -37.01
N GLY O 50 -16.95 57.39 -36.64
CA GLY O 50 -15.87 58.01 -37.38
C GLY O 50 -16.31 59.24 -38.15
N THR O 51 -17.61 59.50 -38.19
CA THR O 51 -18.14 60.64 -38.92
C THR O 51 -18.34 61.89 -38.10
N GLU O 52 -18.30 61.77 -36.78
CA GLU O 52 -18.49 62.92 -35.92
C GLU O 52 -17.47 64.02 -36.13
N ALA O 53 -16.20 63.65 -36.26
CA ALA O 53 -15.16 64.64 -36.40
C ALA O 53 -14.20 64.51 -37.59
N THR O 54 -14.70 64.12 -38.75
CA THR O 54 -13.81 64.00 -39.89
C THR O 54 -14.48 64.10 -41.25
N ARG O 55 -13.82 64.83 -42.16
CA ARG O 55 -14.34 65.07 -43.50
C ARG O 55 -14.08 63.92 -44.46
N ASP O 56 -14.62 64.08 -45.67
CA ASP O 56 -14.49 63.10 -46.76
C ASP O 56 -15.70 62.20 -46.71
N ASN O 57 -15.81 61.29 -47.66
CA ASN O 57 -16.96 60.39 -47.68
C ASN O 57 -16.63 58.97 -47.22
N LEU O 58 -17.41 58.49 -46.27
CA LEU O 58 -17.29 57.13 -45.73
C LEU O 58 -18.72 56.69 -45.86
N HIS O 59 -19.19 56.67 -47.08
CA HIS O 59 -20.57 56.28 -47.40
C HIS O 59 -20.54 56.00 -48.87
N ALA O 60 -21.66 55.53 -49.39
CA ALA O 60 -21.73 55.23 -50.80
C ALA O 60 -21.59 56.53 -51.59
N GLU O 61 -22.21 57.60 -51.12
CA GLU O 61 -22.13 58.89 -51.81
C GLU O 61 -21.14 59.86 -51.19
N GLY O 62 -20.24 60.45 -51.98
CA GLY O 62 -19.34 61.40 -51.37
C GLY O 62 -18.38 62.36 -52.09
N ALA O 63 -17.40 62.82 -51.30
CA ALA O 63 -16.35 63.76 -51.67
C ALA O 63 -16.52 65.21 -51.23
N ARG O 64 -17.73 65.61 -50.88
CA ARG O 64 -17.96 66.97 -50.45
C ARG O 64 -17.92 68.00 -51.54
N ARG O 65 -17.73 67.50 -52.74
CA ARG O 65 -17.62 68.34 -53.92
C ARG O 65 -19.02 68.45 -54.53
N PRO O 66 -19.73 67.31 -54.56
CA PRO O 66 -21.08 67.24 -55.09
C PRO O 66 -22.29 67.01 -54.24
N GLU O 67 -23.16 67.99 -54.44
CA GLU O 67 -24.39 68.06 -53.86
C GLU O 67 -25.38 68.62 -54.70
N ASP O 68 -25.98 69.10 -53.64
CA ASP O 68 -27.31 69.13 -53.69
C ASP O 68 -28.71 69.12 -54.03
N GLN O 69 -29.01 68.31 -52.96
CA GLN O 69 -30.05 67.30 -52.72
C GLN O 69 -29.92 66.39 -53.90
N THR O 70 -29.16 65.37 -53.53
CA THR O 70 -28.88 64.27 -54.42
C THR O 70 -30.20 63.67 -54.87
N PRO O 71 -30.33 63.40 -56.17
CA PRO O 71 -31.53 62.80 -56.74
C PRO O 71 -31.47 61.30 -56.47
N TYR O 72 -31.98 60.85 -55.32
CA TYR O 72 -31.88 59.42 -55.04
C TYR O 72 -33.17 58.57 -55.03
N MET O 73 -32.98 57.27 -55.31
CA MET O 73 -34.04 56.27 -55.40
C MET O 73 -34.97 56.67 -56.52
N ILE O 74 -36.28 56.54 -56.30
CA ILE O 74 -37.27 56.86 -57.31
C ILE O 74 -38.42 57.70 -56.75
N LEU O 75 -38.58 58.92 -57.24
CA LEU O 75 -39.71 59.74 -56.83
C LEU O 75 -40.34 60.20 -58.12
N VAL O 76 -40.76 61.46 -58.17
CA VAL O 76 -41.37 62.01 -59.35
C VAL O 76 -40.07 62.37 -60.06
N GLU O 77 -39.06 62.71 -59.25
CA GLU O 77 -37.74 63.14 -59.73
C GLU O 77 -37.07 62.03 -60.47
N ASP O 78 -37.22 60.82 -59.99
CA ASP O 78 -36.63 59.71 -60.68
C ASP O 78 -37.31 59.70 -62.04
N SER O 79 -38.59 60.03 -62.05
CA SER O 79 -39.33 60.10 -63.31
C SER O 79 -38.74 61.35 -63.92
N LEU O 80 -38.49 62.36 -63.09
CA LEU O 80 -37.90 63.61 -63.54
C LEU O 80 -36.49 63.32 -64.05
N GLY O 81 -35.81 62.40 -63.38
CA GLY O 81 -34.47 62.03 -63.76
C GLY O 81 -34.62 61.07 -64.93
N GLY O 82 -35.56 60.15 -64.81
CA GLY O 82 -35.81 59.18 -65.86
C GLY O 82 -36.25 59.89 -67.13
N LEU O 83 -37.12 60.88 -66.99
CA LEU O 83 -37.61 61.65 -68.12
C LEU O 83 -36.43 62.34 -68.81
N LYS O 84 -35.55 62.92 -68.00
CA LYS O 84 -34.37 63.61 -68.51
C LYS O 84 -33.51 62.64 -69.31
N ARG O 85 -33.31 61.44 -68.76
CA ARG O 85 -32.52 60.40 -69.40
C ARG O 85 -33.13 60.05 -70.75
N ARG O 86 -34.44 59.89 -70.78
CA ARG O 86 -35.17 59.56 -71.99
C ARG O 86 -34.95 60.63 -73.04
N MET O 87 -35.06 61.89 -72.61
CA MET O 87 -34.87 63.03 -73.50
C MET O 87 -33.47 63.00 -74.10
N ASP O 88 -32.47 62.74 -73.26
CA ASP O 88 -31.09 62.66 -73.68
C ASP O 88 -30.92 61.57 -74.75
N LEU O 89 -31.52 60.42 -74.49
CA LEU O 89 -31.47 59.29 -75.41
C LEU O 89 -32.05 59.70 -76.77
N LEU O 90 -33.20 60.36 -76.72
CA LEU O 90 -33.88 60.81 -77.93
C LEU O 90 -32.97 61.76 -78.72
N GLU O 91 -32.33 62.69 -78.00
CA GLU O 91 -31.43 63.64 -78.63
C GLU O 91 -30.29 62.91 -79.33
N GLU O 92 -29.73 61.92 -78.64
CA GLU O 92 -28.63 61.11 -79.17
C GLU O 92 -29.07 60.43 -80.46
N SER O 93 -30.27 59.84 -80.43
CA SER O 93 -30.82 59.15 -81.58
C SER O 93 -30.94 60.12 -82.76
N ASN O 94 -31.45 61.31 -82.47
CA ASN O 94 -31.63 62.34 -83.50
C ASN O 94 -30.29 62.68 -84.13
N GLN O 95 -29.26 62.87 -83.32
CA GLN O 95 -27.97 63.20 -83.84
C GLN O 95 -27.63 62.08 -84.82
N GLN O 96 -27.43 60.85 -84.35
CA GLN O 96 -27.10 59.76 -85.24
C GLN O 96 -27.84 59.96 -86.55
N LEU O 97 -29.17 59.80 -86.59
CA LEU O 97 -29.90 59.98 -87.82
C LEU O 97 -29.25 61.09 -88.65
N LEU O 98 -29.34 62.35 -88.22
CA LEU O 98 -28.73 63.43 -88.98
C LEU O 98 -27.43 62.93 -89.62
N ALA O 99 -26.38 62.67 -88.83
CA ALA O 99 -25.11 62.21 -89.39
C ALA O 99 -25.41 61.31 -90.59
N THR O 100 -25.96 60.10 -90.36
CA THR O 100 -26.25 59.20 -91.44
C THR O 100 -26.69 60.01 -92.67
N LEU O 101 -27.87 60.62 -92.65
CA LEU O 101 -28.34 61.39 -93.78
C LEU O 101 -27.15 62.09 -94.43
N ASN O 102 -26.55 63.09 -93.78
CA ASN O 102 -25.42 63.79 -94.37
C ASN O 102 -24.56 62.79 -95.16
N ARG O 103 -23.87 61.86 -94.51
CA ARG O 103 -23.05 60.91 -95.23
C ARG O 103 -23.74 60.55 -96.54
N LEU O 104 -24.86 59.82 -96.51
CA LEU O 104 -25.54 59.45 -97.74
C LEU O 104 -25.40 60.59 -98.76
N ARG O 105 -26.05 61.74 -98.54
CA ARG O 105 -25.97 62.85 -99.47
C ARG O 105 -24.56 62.89 -100.06
N THR O 106 -23.54 63.25 -99.27
CA THR O 106 -22.18 63.32 -99.77
C THR O 106 -21.99 62.19 -100.80
N GLY O 107 -21.98 60.93 -100.37
CA GLY O 107 -21.82 59.83 -101.31
C GLY O 107 -22.46 60.19 -102.64
N LEU O 108 -23.79 60.19 -102.69
CA LEU O 108 -24.51 60.50 -103.92
C LEU O 108 -23.72 61.56 -104.69
N ALA O 109 -23.66 62.81 -104.21
CA ALA O 109 -22.91 63.84 -104.92
C ALA O 109 -21.69 63.21 -105.58
N ALA O 110 -20.68 62.80 -104.81
CA ALA O 110 -19.49 62.21 -105.40
C ALA O 110 -19.89 61.39 -106.63
N GLU P 4 -35.29 68.36 -53.07
CA GLU P 4 -36.68 68.94 -52.98
C GLU P 4 -37.00 69.35 -51.55
N GLY P 5 -36.37 68.69 -50.59
CA GLY P 5 -36.60 69.01 -49.19
C GLY P 5 -38.06 68.86 -48.80
N ARG P 6 -38.71 67.84 -49.36
CA ARG P 6 -40.13 67.55 -49.09
C ARG P 6 -40.30 66.31 -48.20
N ILE P 7 -40.43 66.66 -46.94
CA ILE P 7 -40.59 65.90 -45.72
C ILE P 7 -41.80 64.92 -45.55
N TYR P 8 -42.01 63.94 -46.42
CA TYR P 8 -43.16 63.03 -46.15
C TYR P 8 -42.97 62.52 -44.70
N VAL P 9 -44.08 62.28 -44.04
CA VAL P 9 -45.31 62.86 -44.49
C VAL P 9 -45.97 63.81 -43.45
N PRO P 10 -46.13 65.12 -43.81
CA PRO P 10 -46.73 66.13 -42.89
C PRO P 10 -48.16 65.88 -42.46
N TYR P 11 -49.04 65.72 -43.44
CA TYR P 11 -50.43 65.47 -43.12
C TYR P 11 -50.64 64.46 -42.01
N VAL P 12 -51.42 64.89 -41.01
CA VAL P 12 -51.72 63.99 -39.91
C VAL P 12 -52.29 62.76 -40.59
N THR P 13 -51.86 61.59 -40.13
CA THR P 13 -52.32 60.35 -40.72
C THR P 13 -53.75 59.94 -40.36
N ALA P 14 -54.33 59.14 -41.26
CA ALA P 14 -55.70 58.66 -41.17
C ALA P 14 -56.17 57.85 -39.97
N ARG P 15 -55.36 56.89 -39.53
CA ARG P 15 -55.72 56.02 -38.41
C ARG P 15 -56.23 54.72 -39.04
N LEU P 16 -56.25 54.72 -40.36
CA LEU P 16 -56.68 53.58 -41.15
C LEU P 16 -58.17 53.39 -41.40
N PRO P 17 -58.51 52.67 -42.47
CA PRO P 17 -59.88 52.39 -42.88
C PRO P 17 -60.65 51.40 -42.04
N LYS P 18 -59.98 50.31 -41.65
CA LYS P 18 -60.59 49.22 -40.89
C LYS P 18 -61.27 48.58 -42.08
N TRP P 19 -62.61 48.53 -42.11
CA TRP P 19 -63.32 47.94 -43.26
C TRP P 19 -62.44 48.09 -44.45
N SER P 20 -62.30 46.97 -45.13
CA SER P 20 -61.40 46.99 -46.19
C SER P 20 -61.70 46.63 -47.52
N GLY P 21 -60.68 47.27 -48.06
CA GLY P 21 -60.40 47.44 -49.45
C GLY P 21 -59.76 48.83 -49.47
N SER P 22 -58.87 49.33 -48.59
CA SER P 22 -58.43 50.76 -48.82
C SER P 22 -57.51 51.11 -49.98
N VAL P 23 -56.51 50.26 -50.17
CA VAL P 23 -55.51 50.43 -51.21
C VAL P 23 -56.04 50.33 -52.65
N GLN P 24 -55.25 50.83 -53.60
CA GLN P 24 -55.68 50.86 -54.98
C GLN P 24 -54.85 50.05 -55.95
N ASP P 25 -55.54 49.35 -56.87
CA ASP P 25 -54.88 48.52 -57.88
C ASP P 25 -54.00 47.58 -57.13
N LYS P 26 -54.48 46.84 -56.16
CA LYS P 26 -53.61 46.01 -55.28
C LYS P 26 -53.27 44.76 -56.00
N THR P 27 -54.41 44.88 -56.68
CA THR P 27 -55.30 43.99 -57.38
C THR P 27 -55.80 43.08 -56.30
N GLY P 28 -55.26 41.93 -55.94
CA GLY P 28 -55.92 41.14 -54.92
C GLY P 28 -56.58 40.05 -55.75
N SER P 29 -56.93 38.93 -55.14
CA SER P 29 -57.52 37.81 -55.86
C SER P 29 -58.63 37.15 -55.04
N ASN P 30 -59.50 36.38 -55.68
CA ASN P 30 -60.58 35.76 -54.93
C ASN P 30 -60.57 34.23 -54.89
N MET P 31 -60.79 33.73 -53.68
CA MET P 31 -60.91 32.28 -53.37
C MET P 31 -59.84 31.42 -54.01
N LEU P 32 -60.62 30.94 -54.95
CA LEU P 32 -60.34 30.07 -56.03
C LEU P 32 -60.09 31.28 -56.76
N GLY P 33 -61.18 31.93 -57.11
CA GLY P 33 -61.21 33.14 -57.91
C GLY P 33 -59.97 33.71 -58.59
N GLY P 34 -59.42 34.77 -58.02
CA GLY P 34 -58.23 35.34 -58.58
C GLY P 34 -58.73 36.55 -59.31
N VAL P 35 -57.87 37.49 -59.63
CA VAL P 35 -58.31 38.70 -60.31
C VAL P 35 -59.49 39.59 -59.80
N VAL P 36 -59.74 39.88 -58.49
CA VAL P 36 -60.81 40.84 -58.34
C VAL P 36 -60.12 42.16 -58.37
N LEU P 37 -60.65 42.97 -59.25
CA LEU P 37 -60.14 44.28 -59.52
C LEU P 37 -59.89 45.27 -58.41
N PRO P 38 -58.77 45.97 -58.57
CA PRO P 38 -58.33 46.98 -57.63
C PRO P 38 -59.51 47.87 -57.25
N PRO P 39 -59.65 48.16 -55.96
CA PRO P 39 -60.75 49.01 -55.51
C PRO P 39 -60.65 50.25 -56.35
N ASN P 40 -61.80 50.66 -56.89
CA ASN P 40 -61.95 51.82 -57.78
C ASN P 40 -62.03 51.14 -59.12
N SER P 41 -62.35 51.88 -60.16
CA SER P 41 -62.50 51.34 -61.51
C SER P 41 -64.00 51.08 -61.61
N GLN P 42 -64.50 51.02 -62.84
CA GLN P 42 -65.92 50.81 -63.08
C GLN P 42 -66.47 49.49 -62.59
N ALA P 43 -65.71 48.42 -62.79
CA ALA P 43 -66.15 47.11 -62.36
C ALA P 43 -66.61 47.10 -60.92
N HIS P 44 -65.88 47.77 -60.04
CA HIS P 44 -66.24 47.80 -58.64
C HIS P 44 -67.53 48.56 -58.34
N ARG P 45 -67.73 49.68 -59.01
CA ARG P 45 -68.93 50.49 -58.80
C ARG P 45 -70.23 49.74 -59.05
N THR P 46 -70.32 49.08 -60.19
CA THR P 46 -71.51 48.33 -60.53
C THR P 46 -71.76 47.20 -59.55
N GLU P 47 -72.99 47.13 -59.01
CA GLU P 47 -73.30 46.05 -58.12
C GLU P 47 -73.25 44.89 -59.11
N THR P 48 -72.66 43.77 -58.73
CA THR P 48 -72.55 42.65 -59.65
C THR P 48 -72.79 41.31 -58.98
N VAL P 49 -73.14 40.31 -59.78
CA VAL P 49 -73.40 38.98 -59.25
C VAL P 49 -72.69 37.89 -60.02
N GLY P 50 -72.29 36.84 -59.29
CA GLY P 50 -71.60 35.72 -59.91
C GLY P 50 -70.14 35.64 -59.55
N THR P 51 -69.63 36.67 -58.87
CA THR P 51 -68.23 36.72 -58.48
C THR P 51 -67.92 36.19 -57.09
N GLU P 52 -68.95 36.00 -56.28
CA GLU P 52 -68.73 35.50 -54.93
C GLU P 52 -68.09 34.14 -54.87
N ALA P 53 -68.55 33.22 -55.72
CA ALA P 53 -68.03 31.86 -55.70
C ALA P 53 -67.51 31.28 -57.01
N THR P 54 -66.83 32.07 -57.82
CA THR P 54 -66.32 31.51 -59.06
C THR P 54 -65.13 32.26 -59.65
N ARG P 55 -64.16 31.48 -60.15
CA ARG P 55 -62.93 32.03 -60.71
C ARG P 55 -63.08 32.48 -62.15
N ASP P 56 -62.00 33.06 -62.68
CA ASP P 56 -61.91 33.57 -64.05
C ASP P 56 -62.27 35.04 -64.01
N ASN P 57 -62.17 35.69 -65.16
CA ASN P 57 -62.50 37.11 -65.20
C ASN P 57 -63.85 37.42 -65.85
N LEU P 58 -64.66 38.18 -65.12
CA LEU P 58 -65.97 38.63 -65.60
C LEU P 58 -65.84 40.11 -65.32
N HIS P 59 -64.88 40.71 -65.99
CA HIS P 59 -64.60 42.14 -65.84
C HIS P 59 -63.75 42.46 -67.03
N ALA P 60 -63.44 43.74 -67.18
CA ALA P 60 -62.62 44.16 -68.30
C ALA P 60 -61.23 43.54 -68.16
N GLU P 61 -60.71 43.52 -66.95
CA GLU P 61 -59.37 42.95 -66.72
C GLU P 61 -59.39 41.54 -66.14
N GLY P 62 -58.65 40.60 -66.74
CA GLY P 62 -58.66 39.28 -66.15
C GLY P 62 -57.73 38.12 -66.50
N ALA P 63 -58.21 36.92 -66.11
CA ALA P 63 -57.57 35.63 -66.28
C ALA P 63 -56.87 35.03 -65.06
N ARG P 64 -56.58 35.85 -64.06
CA ARG P 64 -55.91 35.34 -62.88
C ARG P 64 -54.45 34.99 -63.05
N ARG P 65 -54.00 35.25 -64.26
CA ARG P 65 -52.62 34.94 -64.63
C ARG P 65 -51.80 36.20 -64.38
N PRO P 66 -52.36 37.35 -64.76
CA PRO P 66 -51.71 38.65 -64.59
C PRO P 66 -52.19 39.68 -63.63
N GLU P 67 -51.19 40.00 -62.81
CA GLU P 67 -51.27 40.96 -61.84
C GLU P 67 -50.07 41.68 -61.68
N ASP P 68 -50.35 41.83 -60.41
CA ASP P 68 -49.98 42.98 -59.85
C ASP P 68 -49.42 44.27 -59.49
N GLN P 69 -50.65 44.74 -59.10
CA GLN P 69 -51.24 46.07 -59.07
C GLN P 69 -51.05 46.56 -60.47
N THR P 70 -52.17 46.33 -61.13
CA THR P 70 -52.35 46.72 -62.51
C THR P 70 -52.11 48.23 -62.61
N PRO P 71 -51.35 48.65 -63.60
CA PRO P 71 -51.07 50.07 -63.83
C PRO P 71 -52.28 50.68 -64.54
N TYR P 72 -53.27 51.16 -63.78
CA TYR P 72 -54.45 51.70 -64.46
C TYR P 72 -54.72 53.21 -64.40
N MET P 73 -55.44 53.69 -65.42
CA MET P 73 -55.79 55.10 -65.61
C MET P 73 -54.51 55.90 -65.76
N ILE P 74 -54.45 57.06 -65.12
CA ILE P 74 -53.30 57.93 -65.20
C ILE P 74 -52.86 58.46 -63.84
N LEU P 75 -51.66 58.11 -63.40
CA LEU P 75 -51.13 58.64 -62.16
C LEU P 75 -49.77 59.18 -62.52
N VAL P 76 -48.80 58.97 -61.65
CA VAL P 76 -47.44 59.40 -61.88
C VAL P 76 -47.01 58.22 -62.72
N GLU P 77 -47.59 57.06 -62.40
CA GLU P 77 -47.27 55.79 -63.04
C GLU P 77 -47.65 55.82 -64.48
N ASP P 78 -48.76 56.44 -64.79
CA ASP P 78 -49.16 56.56 -66.17
C ASP P 78 -48.04 57.34 -66.82
N SER P 79 -47.51 58.32 -66.08
CA SER P 79 -46.42 59.11 -66.61
C SER P 79 -45.27 58.11 -66.54
N LEU P 80 -45.26 57.29 -65.50
CA LEU P 80 -44.23 56.27 -65.35
C LEU P 80 -44.40 55.26 -66.47
N GLY P 81 -45.65 54.99 -66.83
CA GLY P 81 -45.94 54.04 -67.89
C GLY P 81 -45.73 54.80 -69.19
N GLY P 82 -46.21 56.04 -69.23
CA GLY P 82 -46.05 56.87 -70.40
C GLY P 82 -44.58 57.10 -70.70
N LEU P 83 -43.82 57.38 -69.65
CA LEU P 83 -42.38 57.62 -69.77
C LEU P 83 -41.71 56.38 -70.36
N LYS P 84 -42.10 55.21 -69.84
CA LYS P 84 -41.56 53.94 -70.30
C LYS P 84 -41.85 53.77 -71.79
N ARG P 85 -43.08 54.06 -72.18
CA ARG P 85 -43.51 53.95 -73.57
C ARG P 85 -42.65 54.85 -74.45
N ARG P 86 -42.44 56.08 -74.00
CA ARG P 86 -41.63 57.05 -74.72
C ARG P 86 -40.22 56.52 -74.92
N MET P 87 -39.65 55.96 -73.84
CA MET P 87 -38.31 55.40 -73.88
C MET P 87 -38.24 54.28 -74.92
N ASP P 88 -39.24 53.41 -74.91
CA ASP P 88 -39.32 52.30 -75.84
C ASP P 88 -39.33 52.82 -77.28
N LEU P 89 -40.14 53.84 -77.52
CA LEU P 89 -40.27 54.46 -78.83
C LEU P 89 -38.91 54.99 -79.28
N LEU P 90 -38.21 55.67 -78.38
CA LEU P 90 -36.90 56.23 -78.65
C LEU P 90 -35.93 55.13 -79.04
N GLU P 91 -35.96 54.03 -78.28
CA GLU P 91 -35.10 52.89 -78.55
C GLU P 91 -35.36 52.34 -79.96
N GLU P 92 -36.64 52.21 -80.29
CA GLU P 92 -37.05 51.70 -81.59
C GLU P 92 -36.51 52.60 -82.70
N SER P 93 -36.64 53.91 -82.50
CA SER P 93 -36.15 54.89 -83.46
C SER P 93 -34.66 54.72 -83.67
N ASN P 94 -33.94 54.56 -82.56
CA ASN P 94 -32.49 54.40 -82.60
C ASN P 94 -32.13 53.17 -83.41
N GLN P 95 -32.81 52.06 -83.18
CA GLN P 95 -32.53 50.86 -83.91
C GLN P 95 -32.66 51.22 -85.39
N GLN P 96 -33.87 51.56 -85.84
CA GLN P 96 -34.05 51.91 -87.23
C GLN P 96 -32.82 52.66 -87.72
N LEU P 97 -32.58 53.89 -87.25
CA LEU P 97 -31.43 54.65 -87.71
C LEU P 97 -30.25 53.68 -87.91
N LEU P 98 -29.68 53.10 -86.85
CA LEU P 98 -28.56 52.19 -87.00
C LEU P 98 -28.76 51.38 -88.29
N ALA P 99 -29.74 50.46 -88.35
CA ALA P 99 -29.95 49.67 -89.55
C ALA P 99 -29.64 50.53 -90.78
N THR P 100 -30.47 51.52 -91.07
CA THR P 100 -30.25 52.36 -92.23
C THR P 100 -28.74 52.56 -92.42
N LEU P 101 -28.06 53.31 -91.55
CA LEU P 101 -26.64 53.52 -91.68
C LEU P 101 -25.99 52.26 -92.24
N ASN P 102 -25.93 51.17 -91.46
CA ASN P 102 -25.31 49.95 -91.95
C ASN P 102 -25.62 49.78 -93.45
N ARG P 103 -26.87 49.51 -93.83
CA ARG P 103 -27.19 49.35 -95.23
C ARG P 103 -26.34 50.32 -96.06
N LEU P 104 -26.58 51.63 -95.98
CA LEU P 104 -25.80 52.58 -96.75
C LEU P 104 -24.36 52.07 -96.84
N ARG P 105 -23.60 52.08 -95.75
CA ARG P 105 -22.21 51.63 -95.80
C ARG P 105 -22.10 50.47 -96.78
N THR P 106 -22.67 49.30 -96.46
CA THR P 106 -22.59 48.16 -97.36
C THR P 106 -22.65 48.67 -98.81
N GLY P 107 -23.80 49.18 -99.25
CA GLY P 107 -23.91 49.69 -100.60
C GLY P 107 -22.58 50.29 -101.04
N LEU P 108 -22.23 51.46 -100.51
CA LEU P 108 -20.99 52.13 -100.86
C LEU P 108 -19.92 51.06 -101.12
N ALA P 109 -19.44 50.35 -100.09
CA ALA P 109 -18.42 49.33 -100.31
C ALA P 109 -18.67 48.65 -101.66
N ALA P 110 -19.72 47.85 -101.80
CA ALA P 110 -19.99 47.17 -103.05
C ALA P 110 -19.57 48.09 -104.21
N GLU Q 4 14.92 122.05 -30.39
CA GLU Q 4 14.57 120.89 -29.52
C GLU Q 4 13.48 121.26 -28.51
N GLY Q 5 13.42 122.54 -28.17
CA GLY Q 5 12.42 123.00 -27.23
C GLY Q 5 12.51 122.31 -25.89
N ARG Q 6 13.75 122.05 -25.46
CA ARG Q 6 14.01 121.38 -24.18
C ARG Q 6 14.57 122.35 -23.13
N ILE Q 7 13.61 122.79 -22.37
CA ILE Q 7 13.58 123.73 -21.26
C ILE Q 7 14.45 123.48 -19.98
N TYR Q 8 15.77 123.33 -20.07
CA TYR Q 8 16.51 123.15 -18.80
C TYR Q 8 16.10 124.32 -17.89
N VAL Q 9 16.08 124.05 -16.60
CA VAL Q 9 16.03 122.68 -16.17
C VAL Q 9 14.76 122.36 -15.33
N PRO Q 10 13.90 121.42 -15.82
CA PRO Q 10 12.65 121.03 -15.12
C PRO Q 10 12.80 120.42 -13.75
N TYR Q 11 13.60 119.36 -13.67
CA TYR Q 11 13.80 118.71 -12.39
C TYR Q 11 14.04 119.67 -11.24
N VAL Q 12 13.25 119.49 -10.19
CA VAL Q 12 13.41 120.33 -9.03
C VAL Q 12 14.88 120.17 -8.66
N THR Q 13 15.53 121.28 -8.33
CA THR Q 13 16.94 121.23 -7.99
C THR Q 13 17.27 120.67 -6.62
N ALA Q 14 18.50 120.17 -6.51
CA ALA Q 14 19.02 119.52 -5.32
C ALA Q 14 19.09 120.26 -3.99
N ARG Q 15 19.54 121.51 -4.01
CA ARG Q 15 19.68 122.30 -2.79
C ARG Q 15 21.16 122.23 -2.43
N LEU Q 16 21.90 121.49 -3.24
CA LEU Q 16 23.33 121.32 -3.06
C LEU Q 16 23.81 120.26 -2.08
N PRO Q 17 25.05 119.78 -2.29
CA PRO Q 17 25.69 118.77 -1.48
C PRO Q 17 26.14 119.19 -0.10
N LYS Q 18 26.72 120.38 0.00
CA LYS Q 18 27.29 120.91 1.23
C LYS Q 18 28.56 120.10 1.17
N TRP Q 19 28.80 119.20 2.14
CA TRP Q 19 30.01 118.37 2.12
C TRP Q 19 30.43 118.23 0.70
N SER Q 20 31.71 118.50 0.52
CA SER Q 20 32.17 118.51 -0.81
C SER Q 20 33.23 117.73 -1.31
N GLY Q 21 32.87 117.83 -2.58
CA GLY Q 21 33.45 117.15 -3.69
C GLY Q 21 32.24 116.91 -4.58
N SER Q 22 31.22 117.75 -4.83
CA SER Q 22 30.12 117.24 -5.73
C SER Q 22 30.36 117.04 -7.22
N VAL Q 23 31.02 118.04 -7.80
CA VAL Q 23 31.33 118.05 -9.22
C VAL Q 23 32.26 116.95 -9.70
N GLN Q 24 32.27 116.71 -11.01
CA GLN Q 24 33.08 115.64 -11.57
C GLN Q 24 34.18 116.05 -12.53
N ASP Q 25 35.35 115.41 -12.39
CA ASP Q 25 36.51 115.71 -13.24
C ASP Q 25 36.74 117.18 -13.13
N LYS Q 26 36.88 117.74 -11.96
CA LYS Q 26 36.96 119.22 -11.80
C LYS Q 26 38.34 119.65 -12.11
N THR Q 27 38.76 118.45 -11.75
CA THR Q 27 40.01 117.89 -11.28
C THR Q 27 40.21 118.58 -9.96
N GLY Q 28 40.90 119.71 -9.78
CA GLY Q 28 41.07 120.20 -8.44
C GLY Q 28 42.51 119.82 -8.14
N SER Q 29 43.14 120.47 -7.17
CA SER Q 29 44.54 120.21 -6.86
C SER Q 29 44.78 120.23 -5.34
N ASN Q 30 45.88 119.66 -4.88
CA ASN Q 30 46.13 119.64 -3.45
C ASN Q 30 47.35 120.42 -2.97
N MET Q 31 47.13 121.18 -1.91
CA MET Q 31 48.15 121.97 -1.20
C MET Q 31 49.08 122.75 -2.11
N LEU Q 32 50.10 121.93 -2.00
CA LEU Q 32 51.37 121.95 -2.60
C LEU Q 32 50.74 121.12 -3.61
N GLY Q 33 50.56 119.88 -3.22
CA GLY Q 33 50.01 118.82 -4.06
C GLY Q 33 49.75 119.02 -5.54
N GLY Q 34 48.48 119.19 -5.91
CA GLY Q 34 48.17 119.40 -7.30
C GLY Q 34 47.65 118.09 -7.74
N VAL Q 35 46.94 118.03 -8.86
CA VAL Q 35 46.38 116.77 -9.33
C VAL Q 35 45.52 115.83 -8.41
N VAL Q 36 44.59 116.25 -7.52
CA VAL Q 36 43.86 115.14 -6.93
C VAL Q 36 42.71 114.95 -7.85
N LEU Q 37 42.59 113.72 -8.26
CA LEU Q 37 41.60 113.28 -9.19
C LEU Q 37 40.14 113.59 -8.99
N PRO Q 38 39.51 113.92 -10.10
CA PRO Q 38 38.10 114.24 -10.13
C PRO Q 38 37.31 113.23 -9.31
N PRO Q 39 36.37 113.71 -8.49
CA PRO Q 39 35.58 112.80 -7.68
C PRO Q 39 35.01 111.81 -8.64
N ASN Q 40 35.12 110.53 -8.28
CA ASN Q 40 34.68 109.38 -9.06
C ASN Q 40 35.99 108.91 -9.63
N SER Q 41 35.99 107.75 -10.28
CA SER Q 41 37.21 107.16 -10.83
C SER Q 41 37.69 106.21 -9.75
N GLN Q 42 38.48 105.23 -10.12
CA GLN Q 42 38.98 104.24 -9.19
C GLN Q 42 39.86 104.77 -8.09
N ALA Q 43 40.75 105.68 -8.44
CA ALA Q 43 41.65 106.26 -7.46
C ALA Q 43 40.92 106.75 -6.22
N HIS Q 44 39.78 107.42 -6.41
CA HIS Q 44 39.03 107.93 -5.28
C HIS Q 44 38.41 106.86 -4.40
N ARG Q 45 37.90 105.80 -5.00
CA ARG Q 45 37.27 104.72 -4.25
C ARG Q 45 38.19 104.07 -3.23
N THR Q 46 39.38 103.70 -3.68
CA THR Q 46 40.35 103.05 -2.80
C THR Q 46 40.77 103.96 -1.67
N GLU Q 47 40.69 103.48 -0.44
CA GLU Q 47 41.13 104.28 0.68
C GLU Q 47 42.62 104.33 0.37
N THR Q 48 43.24 105.49 0.51
CA THR Q 48 44.66 105.59 0.20
C THR Q 48 45.43 106.44 1.20
N VAL Q 49 46.74 106.25 1.25
CA VAL Q 49 47.57 107.01 2.16
C VAL Q 49 48.81 107.59 1.51
N GLY Q 50 49.20 108.77 1.98
CA GLY Q 50 50.38 109.43 1.44
C GLY Q 50 50.05 110.66 0.62
N THR Q 51 48.75 110.88 0.38
CA THR Q 51 48.32 112.03 -0.42
C THR Q 51 47.95 113.26 0.39
N GLU Q 52 47.78 113.10 1.70
CA GLU Q 52 47.42 114.25 2.51
C GLU Q 52 48.43 115.37 2.50
N ALA Q 53 49.71 115.03 2.59
CA ALA Q 53 50.74 116.06 2.63
C ALA Q 53 51.88 115.95 1.62
N THR Q 54 51.59 115.58 0.38
CA THR Q 54 52.66 115.52 -0.60
C THR Q 54 52.22 115.64 -2.05
N ARG Q 55 53.00 116.39 -2.81
CA ARG Q 55 52.70 116.63 -4.22
C ARG Q 55 53.14 115.53 -5.15
N ASP Q 56 52.82 115.69 -6.43
CA ASP Q 56 53.15 114.74 -7.50
C ASP Q 56 51.97 113.81 -7.67
N ASN Q 57 52.05 112.92 -8.63
CA ASN Q 57 50.95 111.99 -8.86
C ASN Q 57 51.23 110.57 -8.38
N LEU Q 58 50.32 110.05 -7.56
CA LEU Q 58 50.39 108.69 -7.04
C LEU Q 58 49.00 108.21 -7.41
N HIS Q 59 48.75 108.21 -8.71
CA HIS Q 59 47.45 107.79 -9.25
C HIS Q 59 47.73 107.54 -10.70
N ALA Q 60 46.73 107.05 -11.40
CA ALA Q 60 46.89 106.79 -12.82
C ALA Q 60 47.14 108.10 -13.55
N GLU Q 61 46.41 109.15 -13.17
CA GLU Q 61 46.57 110.44 -13.81
C GLU Q 61 47.42 111.43 -13.02
N GLY Q 62 48.42 112.06 -13.65
CA GLY Q 62 49.18 113.02 -12.87
C GLY Q 62 50.21 114.02 -13.41
N ALA Q 63 51.03 114.48 -12.46
CA ALA Q 63 52.11 115.46 -12.64
C ALA Q 63 51.83 116.90 -12.22
N ARG Q 64 50.57 117.25 -12.05
CA ARG Q 64 50.23 118.60 -11.63
C ARG Q 64 50.43 119.66 -12.70
N ARG Q 65 50.83 119.18 -13.86
CA ARG Q 65 51.10 120.05 -14.99
C ARG Q 65 49.82 120.13 -15.82
N PRO Q 66 49.16 118.98 -16.00
CA PRO Q 66 47.91 118.90 -16.74
C PRO Q 66 46.59 118.61 -16.11
N GLU Q 67 45.74 119.58 -16.42
CA GLU Q 67 44.43 119.60 -16.05
C GLU Q 67 43.58 120.16 -17.03
N ASP Q 68 42.80 120.60 -16.08
CA ASP Q 68 41.49 120.60 -16.34
C ASP Q 68 40.17 120.56 -16.92
N GLN Q 69 39.72 119.73 -15.93
CA GLN Q 69 38.69 118.69 -15.88
C GLN Q 69 39.04 117.80 -17.04
N THR Q 70 39.74 116.80 -16.58
CA THR Q 70 40.20 115.72 -17.41
C THR Q 70 38.99 115.10 -18.10
N PRO Q 71 39.09 114.86 -19.40
CA PRO Q 71 38.01 114.24 -20.17
C PRO Q 71 38.07 112.74 -19.91
N TYR Q 72 37.38 112.24 -18.88
CA TYR Q 72 37.48 110.81 -18.61
C TYR Q 72 36.23 109.94 -18.83
N MET Q 73 36.50 108.64 -19.09
CA MET Q 73 35.49 107.62 -19.37
C MET Q 73 34.75 108.02 -20.63
N ILE Q 74 33.42 107.85 -20.63
CA ILE Q 74 32.60 108.17 -21.78
C ILE Q 74 31.36 108.97 -21.40
N LEU Q 75 31.25 110.19 -21.89
CA LEU Q 75 30.05 110.98 -21.67
C LEU Q 75 29.62 111.44 -23.03
N VAL Q 76 29.18 112.69 -23.13
CA VAL Q 76 28.77 113.26 -24.39
C VAL Q 76 30.15 113.67 -24.87
N GLU Q 77 31.01 114.00 -23.90
CA GLU Q 77 32.37 114.49 -24.15
C GLU Q 77 33.19 113.41 -24.78
N ASP Q 78 32.99 112.18 -24.35
CA ASP Q 78 33.72 111.10 -24.95
C ASP Q 78 33.28 111.11 -26.40
N SER Q 79 32.00 111.41 -26.63
CA SER Q 79 31.49 111.48 -27.98
C SER Q 79 32.13 112.77 -28.47
N LEU Q 80 32.22 113.76 -27.59
CA LEU Q 80 32.83 115.03 -27.93
C LEU Q 80 34.32 114.79 -28.19
N GLY Q 81 34.90 113.87 -27.43
CA GLY Q 81 36.30 113.54 -27.60
C GLY Q 81 36.37 112.60 -28.79
N GLY Q 82 35.43 111.65 -28.84
CA GLY Q 82 35.39 110.71 -29.94
C GLY Q 82 35.16 111.42 -31.24
N LEU Q 83 34.25 112.39 -31.24
CA LEU Q 83 33.92 113.18 -32.41
C LEU Q 83 35.19 113.91 -32.89
N LYS Q 84 35.91 114.49 -31.94
CA LYS Q 84 37.13 115.22 -32.23
C LYS Q 84 38.15 114.29 -32.90
N ARG Q 85 38.29 113.09 -32.33
CA ARG Q 85 39.21 112.08 -32.86
C ARG Q 85 38.83 111.74 -34.30
N ARG Q 86 37.54 111.54 -34.53
CA ARG Q 86 37.03 111.21 -35.87
C ARG Q 86 37.40 112.32 -36.85
N MET Q 87 37.18 113.57 -36.42
CA MET Q 87 37.49 114.74 -37.24
C MET Q 87 38.97 114.75 -37.61
N ASP Q 88 39.81 114.49 -36.62
CA ASP Q 88 41.25 114.46 -36.80
C ASP Q 88 41.63 113.41 -37.85
N LEU Q 89 41.02 112.23 -37.71
CA LEU Q 89 41.27 111.12 -38.63
C LEU Q 89 40.90 111.53 -40.05
N LEU Q 90 39.74 112.17 -40.19
CA LEU Q 90 39.25 112.64 -41.48
C LEU Q 90 40.25 113.62 -42.09
N GLU Q 91 40.74 114.55 -41.27
CA GLU Q 91 41.71 115.54 -41.72
C GLU Q 91 42.97 114.84 -42.24
N GLU Q 92 43.43 113.85 -41.47
CA GLU Q 92 44.63 113.10 -41.84
C GLU Q 92 44.43 112.42 -43.19
N SER Q 93 43.26 111.81 -43.37
CA SER Q 93 42.92 111.12 -44.61
C SER Q 93 42.97 112.10 -45.77
N ASN Q 94 42.38 113.29 -45.56
CA ASN Q 94 42.36 114.33 -46.58
C ASN Q 94 43.76 114.72 -46.98
N GLN Q 95 44.64 114.91 -46.00
CA GLN Q 95 46.00 115.28 -46.30
C GLN Q 95 46.52 114.19 -47.23
N GLN Q 96 46.67 112.96 -46.74
CA GLN Q 96 47.18 111.90 -47.58
C GLN Q 96 46.66 112.11 -49.00
N LEU Q 97 45.37 111.92 -49.25
CA LEU Q 97 44.83 112.10 -50.59
C LEU Q 97 45.59 113.24 -51.28
N LEU Q 98 45.39 114.49 -50.86
CA LEU Q 98 46.09 115.61 -51.49
C LEU Q 98 47.49 115.15 -51.91
N ALA Q 99 48.41 114.90 -50.96
CA ALA Q 99 49.76 114.48 -51.31
C ALA Q 99 49.68 113.60 -52.55
N THR Q 100 49.14 112.38 -52.43
CA THR Q 100 49.06 111.50 -53.57
C THR Q 100 48.80 112.31 -54.84
N LEU Q 101 47.61 112.89 -55.00
CA LEU Q 101 47.32 113.68 -56.18
C LEU Q 101 48.59 114.42 -56.62
N ASN Q 102 49.04 115.42 -55.85
CA ASN Q 102 50.24 116.15 -56.25
C ASN Q 102 51.24 115.20 -56.90
N ARG Q 103 51.83 114.27 -56.15
CA ARG Q 103 52.79 113.35 -56.74
C ARG Q 103 52.33 113.00 -58.16
N LEU Q 104 51.25 112.25 -58.33
CA LEU Q 104 50.80 111.89 -59.66
C LEU Q 104 51.06 113.06 -60.62
N ARG Q 105 50.35 114.18 -60.49
CA ARG Q 105 50.56 115.30 -61.38
C ARG Q 105 52.05 115.40 -61.73
N THR Q 106 52.91 115.76 -60.76
CA THR Q 106 54.33 115.87 -61.04
C THR Q 106 54.72 114.78 -62.04
N GLY Q 107 54.70 113.50 -61.65
CA GLY Q 107 55.05 112.43 -62.55
C GLY Q 107 54.61 112.80 -63.97
N LEU Q 108 53.31 112.78 -64.25
CA LEU Q 108 52.80 113.09 -65.57
C LEU Q 108 53.68 114.19 -66.18
N ALA Q 109 53.63 115.43 -65.68
CA ALA Q 109 54.44 116.49 -66.23
C ALA Q 109 55.78 115.90 -66.70
N ALA Q 110 56.66 115.50 -65.77
CA ALA Q 110 57.95 114.94 -66.15
C ALA Q 110 57.78 114.15 -67.45
N GLU R 4 -0.34 32.27 51.33
CA GLU R 4 0.46 33.47 51.68
C GLU R 4 0.20 34.63 50.71
N ILE R 5 1.26 35.25 50.21
CA ILE R 5 1.13 36.37 49.29
C ILE R 5 1.65 36.00 47.89
N PRO R 6 0.73 35.61 46.98
CA PRO R 6 1.10 35.23 45.62
C PRO R 6 1.08 36.43 44.67
N THR R 7 1.06 36.14 43.36
CA THR R 7 1.02 37.18 42.35
C THR R 7 -0.28 37.05 41.55
N PRO R 8 -1.06 38.14 41.48
CA PRO R 8 -2.34 38.15 40.75
C PRO R 8 -2.22 37.73 39.29
N TYR R 9 -3.35 37.38 38.68
CA TYR R 9 -3.38 36.96 37.29
C TYR R 9 -3.69 38.13 36.36
N VAL R 10 -3.38 37.95 35.08
CA VAL R 10 -3.63 38.99 34.08
C VAL R 10 -4.63 38.46 33.04
N TRP R 11 -5.62 39.28 32.72
CA TRP R 11 -6.64 38.90 31.75
C TRP R 11 -6.44 39.61 30.42
N THR R 12 -6.22 38.84 29.36
CA THR R 12 -6.01 39.39 28.04
C THR R 12 -7.34 39.50 27.30
N PHE R 13 -7.68 40.72 26.88
CA PHE R 13 -8.92 40.97 26.17
C PHE R 13 -8.88 40.36 24.76
N GLN R 14 -9.93 39.63 24.41
CA GLN R 14 -10.03 39.00 23.11
C GLN R 14 -10.82 39.89 22.17
N PRO R 15 -10.14 40.53 21.20
CA PRO R 15 -10.77 41.43 20.22
C PRO R 15 -12.11 40.94 19.69
N GLN R 16 -12.27 39.62 19.60
CA GLN R 16 -13.51 39.03 19.12
C GLN R 16 -14.25 38.36 20.26
N MET R 17 -15.56 38.19 20.10
CA MET R 17 -16.41 37.57 21.12
C MET R 17 -16.53 38.46 22.35
N GLY R 18 -15.41 38.96 22.85
CA GLY R 18 -15.43 39.82 24.02
C GLY R 18 -15.58 39.04 25.30
N ALA R 19 -15.24 37.75 25.25
CA ALA R 19 -15.34 36.88 26.41
C ALA R 19 -13.98 36.72 27.09
N ALA R 20 -13.09 37.67 26.85
CA ALA R 20 -11.75 37.65 27.42
C ALA R 20 -11.04 36.34 27.08
N ALA R 21 -10.13 35.92 27.97
CA ALA R 21 -9.38 34.70 27.77
C ALA R 21 -8.86 34.15 29.09
N GLY R 22 -7.92 33.22 29.02
CA GLY R 22 -7.36 32.63 30.22
C GLY R 22 -6.38 33.57 30.91
N ALA R 23 -6.50 33.67 32.24
CA ALA R 23 -5.62 34.53 33.02
C ALA R 23 -4.39 33.77 33.49
N SER R 24 -3.25 34.44 33.51
CA SER R 24 -2.00 33.83 33.93
C SER R 24 -1.20 34.78 34.81
N GLN R 25 -0.43 34.22 35.74
CA GLN R 25 0.40 35.03 36.64
C GLN R 25 1.35 35.91 35.84
N ASP R 26 1.23 37.23 36.03
CA ASP R 26 2.08 38.18 35.34
C ASP R 26 3.55 37.87 35.60
N TYR R 27 4.42 38.27 34.67
CA TYR R 27 5.84 38.03 34.80
C TYR R 27 6.65 39.12 34.09
N SER R 28 5.93 40.03 33.43
CA SER R 28 6.57 41.12 32.71
C SER R 28 6.96 42.25 33.67
N THR R 29 6.34 42.25 34.85
CA THR R 29 6.61 43.26 35.86
C THR R 29 7.15 42.66 37.15
N ARG R 30 7.55 41.39 37.10
CA ARG R 30 8.09 40.72 38.28
C ARG R 30 9.25 41.50 38.87
N MET R 31 9.08 41.97 40.10
CA MET R 31 10.11 42.73 40.80
C MET R 31 11.20 41.82 41.34
N ASN R 32 12.20 41.52 40.51
CA ASN R 32 13.31 40.66 40.92
C ASN R 32 13.97 41.28 42.15
N TRP R 33 14.48 40.43 43.04
CA TRP R 33 15.11 40.95 44.25
C TRP R 33 15.84 39.89 45.06
N PHE R 34 15.82 38.63 44.61
CA PHE R 34 16.48 37.56 45.34
C PHE R 34 17.96 37.85 45.57
N SER R 35 18.43 38.97 45.03
CA SER R 35 19.83 39.38 45.18
C SER R 35 19.93 40.57 46.13
N ALA R 36 18.99 40.65 47.07
CA ALA R 36 18.97 41.74 48.04
C ALA R 36 19.28 41.23 49.45
N GLY R 37 18.90 42.00 50.46
CA GLY R 37 19.16 41.61 51.84
C GLY R 37 17.95 41.08 52.57
N PRO R 38 18.06 40.87 53.89
CA PRO R 38 16.97 40.36 54.73
C PRO R 38 15.84 41.36 54.93
N ASP R 39 16.19 42.55 55.43
CA ASP R 39 15.19 43.59 55.67
C ASP R 39 14.57 44.01 54.33
N MET R 40 15.34 43.86 53.27
CA MET R 40 14.90 44.21 51.92
C MET R 40 13.88 43.19 51.43
N ILE R 41 14.22 41.92 51.60
CA ILE R 41 13.35 40.81 51.20
C ILE R 41 12.07 40.88 52.03
N HIS R 42 12.17 41.53 53.18
CA HIS R 42 11.04 41.68 54.09
C HIS R 42 10.11 42.82 53.64
N ASP R 43 10.71 43.91 53.19
CA ASP R 43 9.94 45.07 52.73
C ASP R 43 9.34 44.87 51.35
N VAL R 44 9.99 44.05 50.53
CA VAL R 44 9.50 43.80 49.17
C VAL R 44 8.15 43.08 49.18
N ASN R 45 8.01 42.11 50.08
CA ASN R 45 6.76 41.35 50.18
C ASN R 45 5.69 42.20 50.86
N ASN R 46 6.13 43.27 51.52
CA ASN R 46 5.21 44.17 52.21
C ASN R 46 4.51 45.08 51.20
N ILE R 47 5.30 45.73 50.36
CA ILE R 47 4.75 46.63 49.35
C ILE R 47 3.91 45.85 48.34
N ARG R 48 4.31 44.61 48.08
CA ARG R 48 3.58 43.77 47.14
C ARG R 48 2.26 43.35 47.76
N ASP R 49 2.25 43.17 49.08
CA ASP R 49 1.05 42.78 49.80
C ASP R 49 0.05 43.93 49.72
N ALA R 50 0.56 45.15 49.84
CA ALA R 50 -0.29 46.34 49.77
C ALA R 50 -0.90 46.41 48.38
N GLN R 51 -0.16 45.92 47.38
CA GLN R 51 -0.63 45.91 46.01
C GLN R 51 -1.87 45.02 45.93
N ASN R 52 -1.71 43.76 46.29
CA ASN R 52 -2.82 42.81 46.27
C ASN R 52 -3.96 43.36 47.12
N ARG R 53 -3.60 44.20 48.09
CA ARG R 53 -4.58 44.80 48.99
C ARG R 53 -5.44 45.82 48.23
N ILE R 54 -4.79 46.60 47.37
CA ILE R 54 -5.49 47.61 46.58
C ILE R 54 -6.33 46.91 45.51
N LEU R 55 -5.70 46.01 44.77
CA LEU R 55 -6.38 45.27 43.72
C LEU R 55 -7.52 44.46 44.31
N MET R 56 -7.52 44.34 45.64
CA MET R 56 -8.56 43.59 46.33
C MET R 56 -9.82 44.45 46.42
N THR R 57 -9.64 45.71 46.79
CA THR R 57 -10.75 46.65 46.90
C THR R 57 -11.18 47.10 45.52
N GLN R 58 -10.22 47.23 44.62
CA GLN R 58 -10.48 47.65 43.25
C GLN R 58 -11.27 46.56 42.52
N SER R 59 -11.15 45.32 43.01
CA SER R 59 -11.85 44.20 42.41
C SER R 59 -13.31 44.16 42.85
N ALA R 60 -13.53 44.30 44.15
CA ALA R 60 -14.88 44.28 44.70
C ALA R 60 -15.74 45.36 44.06
N ILE R 61 -15.11 46.47 43.71
CA ILE R 61 -15.82 47.59 43.08
C ILE R 61 -15.36 47.76 41.64
N GLY R 170 -23.89 39.70 24.74
CA GLY R 170 -22.70 39.29 24.03
C GLY R 170 -21.44 39.49 24.86
N GLY R 171 -20.41 40.07 24.23
CA GLY R 171 -19.16 40.30 24.93
C GLY R 171 -18.99 41.74 25.36
N ILE R 172 -18.27 41.95 26.46
CA ILE R 172 -18.03 43.28 26.99
C ILE R 172 -16.90 43.97 26.24
N GLY R 173 -17.07 45.27 25.98
CA GLY R 173 -16.06 46.03 25.28
C GLY R 173 -14.80 46.20 26.11
N SER R 174 -13.78 46.83 25.53
CA SER R 174 -12.52 47.07 26.22
C SER R 174 -12.66 48.09 27.33
N ARG R 175 -13.34 49.20 27.04
CA ARG R 175 -13.53 50.26 28.03
C ARG R 175 -14.20 49.73 29.29
N GLN R 176 -15.15 48.81 29.12
CA GLN R 176 -15.85 48.22 30.25
C GLN R 176 -15.13 46.96 30.72
N PHE R 177 -14.06 46.62 30.02
CA PHE R 177 -13.27 45.44 30.35
C PHE R 177 -12.22 45.78 31.41
N VAL R 178 -11.74 47.02 31.36
CA VAL R 178 -10.74 47.47 32.32
C VAL R 178 -11.37 47.67 33.70
N GLU R 179 -12.65 48.02 33.72
CA GLU R 179 -13.36 48.24 34.97
C GLU R 179 -13.69 46.90 35.62
N GLU R 180 -13.88 45.88 34.79
CA GLU R 180 -14.19 44.54 35.27
C GLU R 180 -13.01 43.60 34.98
N PHE R 181 -13.21 42.31 35.24
CA PHE R 181 -12.18 41.31 35.00
C PHE R 181 -10.82 41.77 35.52
N VAL R 182 -10.83 42.60 36.55
CA VAL R 182 -9.60 43.12 37.14
C VAL R 182 -8.73 41.97 37.65
N PRO R 183 -7.43 42.23 37.84
CA PRO R 183 -6.52 41.19 38.32
C PRO R 183 -6.98 40.65 39.68
N ALA R 184 -7.32 39.36 39.71
CA ALA R 184 -7.78 38.72 40.93
C ALA R 184 -6.67 37.89 41.57
N VAL R 185 -6.48 38.06 42.86
CA VAL R 185 -5.45 37.32 43.61
C VAL R 185 -6.07 36.01 44.10
N TYR R 186 -5.41 34.90 43.81
CA TYR R 186 -5.92 33.60 44.24
C TYR R 186 -5.19 33.08 45.47
N LEU R 187 -5.09 33.92 46.50
CA LEU R 187 -4.42 33.58 47.76
C LEU R 187 -3.49 32.36 47.66
N ASN R 188 -3.64 31.43 48.59
CA ASN R 188 -2.81 30.23 48.58
C ASN R 188 -3.05 29.45 47.29
N PRO R 189 -2.18 28.46 46.99
CA PRO R 189 -2.33 27.65 45.78
C PRO R 189 -3.65 26.89 45.67
N TYR R 190 -3.63 25.80 44.92
CA TYR R 190 -4.83 24.97 44.71
C TYR R 190 -5.61 24.67 45.98
N SER R 191 -4.99 24.89 47.13
CA SER R 191 -5.60 24.67 48.44
C SER R 191 -6.87 23.82 48.43
N GLY R 192 -7.98 24.44 48.02
CA GLY R 192 -9.25 23.74 47.99
C GLY R 192 -9.24 22.37 47.33
N PRO R 193 -10.36 21.63 47.39
CA PRO R 193 -10.50 20.29 46.82
C PRO R 193 -10.42 20.27 45.29
N PRO R 194 -10.38 19.07 44.69
CA PRO R 194 -10.30 18.94 43.23
C PRO R 194 -11.59 19.39 42.53
N ASP R 195 -12.55 19.86 43.30
CA ASP R 195 -13.82 20.32 42.76
C ASP R 195 -13.77 21.81 42.45
N SER R 196 -13.29 22.58 43.42
CA SER R 196 -13.19 24.04 43.25
C SER R 196 -11.77 24.48 42.91
N TYR R 197 -11.50 24.60 41.61
CA TYR R 197 -10.18 25.03 41.13
C TYR R 197 -10.34 26.28 40.27
N PRO R 198 -9.21 26.86 39.81
CA PRO R 198 -9.29 28.06 38.98
C PRO R 198 -10.21 27.87 37.77
N ASP R 199 -9.96 26.81 37.00
CA ASP R 199 -10.75 26.48 35.82
C ASP R 199 -10.89 27.65 34.85
N GLN R 200 -11.76 28.60 35.19
CA GLN R 200 -12.00 29.77 34.35
C GLN R 200 -10.69 30.48 34.01
N PHE R 201 -9.66 30.24 34.82
CA PHE R 201 -8.36 30.87 34.61
C PHE R 201 -7.57 30.18 33.49
N ILE R 202 -8.14 29.12 32.93
CA ILE R 202 -7.50 28.38 31.85
C ILE R 202 -7.92 28.95 30.50
N ARG R 203 -6.95 29.16 29.62
CA ARG R 203 -7.21 29.71 28.29
C ARG R 203 -8.18 28.88 27.47
N HIS R 204 -7.83 27.60 27.26
CA HIS R 204 -8.68 26.71 26.47
C HIS R 204 -9.69 25.99 27.36
N TYR R 205 -10.60 26.75 27.95
CA TYR R 205 -11.61 26.18 28.84
C TYR R 205 -12.98 26.82 28.67
N ASN R 206 -14.01 25.99 28.57
CA ASN R 206 -15.37 26.47 28.42
C ASN R 206 -16.20 26.08 29.65
N VAL R 207 -17.36 26.72 29.79
CA VAL R 207 -18.23 26.47 30.94
C VAL R 207 -19.12 25.22 30.81
N TYR R 208 -19.96 25.19 29.78
CA TYR R 208 -20.87 24.08 29.56
C TYR R 208 -20.20 22.71 29.59
N SER R 209 -18.91 22.67 29.24
CA SER R 209 -18.18 21.40 29.22
C SER R 209 -16.76 21.58 29.76
N ASN R 210 -16.00 20.49 29.75
CA ASN R 210 -14.62 20.53 30.24
C ASN R 210 -13.68 21.03 29.15
N SER R 211 -12.51 21.50 29.57
CA SER R 211 -11.52 22.03 28.63
C SER R 211 -11.17 21.01 27.55
N VAL R 212 -11.62 21.27 26.32
CA VAL R 212 -11.34 20.39 25.19
C VAL R 212 -11.10 21.20 23.93
N SER R 213 -10.16 20.74 23.10
CA SER R 213 -9.84 21.43 21.86
C SER R 213 -9.54 20.43 20.74
N GLY R 214 -9.82 20.83 19.51
CA GLY R 214 -9.59 19.96 18.37
C GLY R 214 -8.11 19.85 18.02
#